data_8J4I
#
_entry.id   8J4I
#
_entity_poly.entity_id   1
_entity_poly.type   'polypeptide(L)'
_entity_poly.pdbx_seq_one_letter_code
;MAQNLKDLAGRLPAGPRGMGTALKLLLGAGAVAYGVRESVFTVEGGHRAIFFNRIGGVQQDTILAEGLHFRIPWFQYPII
YDIRARPRKISSPTGSKDLQMVNISLRVLSRPNAQELPSMYQRLGLDYEERVLPSIVNEVLKSVVAKFNASQLITQRAQV
SLLIRRELTERAKDFSLILDDVAITELSFS
;
_entity_poly.pdbx_strand_id   A,B,C,D,E,F
#
# COMPACT_ATOMS: atom_id res chain seq x y z
N MET A 1 -11.53 32.70 63.90
CA MET A 1 -11.25 31.31 63.40
C MET A 1 -10.10 31.33 62.39
N ALA A 2 -10.34 31.85 61.21
CA ALA A 2 -9.26 31.89 60.18
C ALA A 2 -9.66 32.83 59.04
N GLN A 3 -8.93 33.90 58.84
CA GLN A 3 -9.27 34.85 57.75
C GLN A 3 -8.60 34.40 56.44
N ASN A 4 -7.54 33.67 56.53
CA ASN A 4 -6.85 33.19 55.28
C ASN A 4 -7.80 32.35 54.43
N LEU A 5 -8.77 31.73 55.04
CA LEU A 5 -9.74 30.90 54.27
C LEU A 5 -10.63 31.80 53.40
N LYS A 6 -11.07 32.91 53.93
CA LYS A 6 -11.93 33.83 53.13
C LYS A 6 -11.12 34.50 52.03
N ASP A 7 -9.85 34.71 52.25
CA ASP A 7 -9.00 35.36 51.22
C ASP A 7 -8.76 34.40 50.05
N LEU A 8 -8.80 33.12 50.31
CA LEU A 8 -8.58 32.13 49.22
C LEU A 8 -9.82 32.05 48.32
N ALA A 9 -10.98 32.31 48.86
CA ALA A 9 -12.23 32.25 48.05
C ALA A 9 -12.30 33.44 47.09
N GLY A 10 -11.63 34.51 47.41
CA GLY A 10 -11.65 35.72 46.53
C GLY A 10 -10.87 35.42 45.25
N ARG A 11 -10.01 34.43 45.27
CA ARG A 11 -9.21 34.11 44.04
C ARG A 11 -10.14 33.76 42.88
N LEU A 12 -11.31 33.24 43.15
CA LEU A 12 -12.24 32.88 42.05
C LEU A 12 -12.84 34.14 41.41
N PRO A 13 -13.54 34.92 42.21
CA PRO A 13 -14.16 36.17 41.69
C PRO A 13 -13.09 37.22 41.39
N ALA A 14 -12.47 37.13 40.24
CA ALA A 14 -11.40 38.13 39.89
C ALA A 14 -11.13 38.08 38.38
N GLY A 15 -10.61 39.15 37.84
CA GLY A 15 -10.31 39.18 36.37
C GLY A 15 -8.90 39.71 36.15
N PRO A 16 -7.94 39.04 36.73
CA PRO A 16 -6.52 39.45 36.59
C PRO A 16 -6.00 39.13 35.19
N ARG A 17 -4.71 39.16 35.00
CA ARG A 17 -4.15 38.86 33.65
C ARG A 17 -4.13 37.34 33.42
N GLY A 18 -4.07 36.57 34.46
CA GLY A 18 -4.05 35.08 34.30
C GLY A 18 -5.36 34.62 33.64
N MET A 19 -6.43 35.31 33.90
CA MET A 19 -7.74 34.90 33.31
C MET A 19 -7.73 35.14 31.80
N GLY A 20 -7.17 36.23 31.36
CA GLY A 20 -7.13 36.52 29.90
C GLY A 20 -6.27 35.48 29.19
N THR A 21 -5.22 35.02 29.83
CA THR A 21 -4.33 34.00 29.19
C THR A 21 -4.86 32.59 29.47
N ALA A 22 -5.59 32.41 30.54
CA ALA A 22 -6.14 31.06 30.88
C ALA A 22 -6.92 30.50 29.69
N LEU A 23 -7.58 31.34 28.94
CA LEU A 23 -8.37 30.84 27.77
C LEU A 23 -7.41 30.30 26.70
N LYS A 24 -6.32 30.97 26.47
CA LYS A 24 -5.35 30.50 25.43
C LYS A 24 -4.97 29.04 25.69
N LEU A 25 -4.99 28.62 26.94
CA LEU A 25 -4.63 27.22 27.27
C LEU A 25 -5.75 26.26 26.83
N LEU A 26 -6.98 26.63 27.08
CA LEU A 26 -8.12 25.74 26.69
C LEU A 26 -8.12 25.52 25.17
N LEU A 27 -7.67 26.49 24.42
CA LEU A 27 -7.66 26.34 22.94
C LEU A 27 -6.48 25.45 22.51
N GLY A 28 -5.30 25.74 22.98
CA GLY A 28 -4.11 24.92 22.60
C GLY A 28 -4.31 23.48 23.08
N ALA A 29 -5.08 23.29 24.12
CA ALA A 29 -5.31 21.90 24.63
C ALA A 29 -5.96 21.03 23.54
N GLY A 30 -6.86 21.60 22.77
CA GLY A 30 -7.53 20.82 21.69
C GLY A 30 -6.51 20.48 20.61
N ALA A 31 -5.53 21.33 20.41
CA ALA A 31 -4.51 21.06 19.36
C ALA A 31 -3.59 19.92 19.79
N VAL A 32 -3.29 19.85 21.07
CA VAL A 32 -2.40 18.76 21.56
C VAL A 32 -3.09 17.40 21.44
N ALA A 33 -4.40 17.39 21.49
CA ALA A 33 -5.14 16.10 21.38
C ALA A 33 -4.86 15.45 20.01
N TYR A 34 -4.59 16.25 19.01
CA TYR A 34 -4.30 15.68 17.66
C TYR A 34 -3.05 14.79 17.71
N GLY A 35 -2.01 15.26 18.34
CA GLY A 35 -0.76 14.45 18.43
C GLY A 35 -1.06 13.13 19.15
N VAL A 36 -1.97 13.15 20.10
CA VAL A 36 -2.31 11.90 20.84
C VAL A 36 -3.26 11.05 20.01
N ARG A 37 -4.07 11.66 19.20
CA ARG A 37 -5.03 10.87 18.36
C ARG A 37 -4.28 9.90 17.45
N GLU A 38 -3.08 10.24 17.05
CA GLU A 38 -2.30 9.33 16.17
C GLU A 38 -1.68 8.18 16.98
N SER A 39 -1.40 8.39 18.26
CA SER A 39 -0.79 7.28 19.09
C SER A 39 -1.26 7.35 20.56
N VAL A 40 -1.34 6.21 21.22
CA VAL A 40 -1.78 6.17 22.67
C VAL A 40 -1.20 4.93 23.39
N PHE A 41 -1.61 4.69 24.62
CA PHE A 41 -1.08 3.49 25.37
C PHE A 41 -2.21 2.52 25.72
N THR A 42 -3.33 3.00 26.24
CA THR A 42 -4.45 2.08 26.61
C THR A 42 -4.82 1.19 25.41
N VAL A 43 -4.69 -0.11 25.55
CA VAL A 43 -5.03 -1.02 24.42
C VAL A 43 -6.44 -0.71 23.90
N GLU A 44 -6.60 -0.61 22.60
CA GLU A 44 -7.94 -0.29 22.03
C GLU A 44 -8.54 -1.49 21.30
N GLY A 45 -8.11 -1.75 20.09
CA GLY A 45 -8.66 -2.91 19.33
C GLY A 45 -8.44 -4.20 20.11
N GLY A 46 -8.73 -5.32 19.51
CA GLY A 46 -8.54 -6.62 20.22
C GLY A 46 -7.04 -6.91 20.33
N HIS A 47 -6.33 -6.10 21.06
CA HIS A 47 -4.86 -6.32 21.20
C HIS A 47 -4.46 -6.27 22.69
N ARG A 48 -3.39 -6.94 23.03
CA ARG A 48 -2.95 -7.02 24.45
C ARG A 48 -1.76 -6.06 24.74
N ALA A 49 -1.58 -5.67 25.99
CA ALA A 49 -0.47 -4.70 26.34
C ALA A 49 0.78 -5.39 26.90
N ILE A 50 1.91 -4.74 26.72
CA ILE A 50 3.21 -5.30 27.19
C ILE A 50 4.07 -4.15 27.77
N PHE A 51 4.98 -4.41 28.70
CA PHE A 51 5.76 -3.28 29.32
C PHE A 51 7.29 -3.45 29.24
N PHE A 52 7.99 -2.32 29.13
CA PHE A 52 9.48 -2.33 29.09
C PHE A 52 10.00 -0.90 29.41
N ASN A 53 11.20 -0.77 29.94
CA ASN A 53 11.72 0.60 30.29
C ASN A 53 13.03 0.92 29.53
N ARG A 54 13.30 2.19 29.29
CA ARG A 54 14.57 2.58 28.56
C ARG A 54 15.79 1.90 29.21
N ILE A 55 16.19 0.77 28.69
CA ILE A 55 17.37 0.06 29.27
C ILE A 55 17.76 -1.12 28.38
N GLY A 56 18.86 -1.77 28.66
CA GLY A 56 19.29 -2.93 27.83
C GLY A 56 18.13 -3.92 27.68
N GLY A 57 17.25 -3.96 28.65
CA GLY A 57 16.10 -4.90 28.56
C GLY A 57 14.98 -4.26 27.73
N VAL A 58 14.19 -5.05 27.05
CA VAL A 58 13.09 -4.47 26.23
C VAL A 58 11.92 -5.45 26.14
N GLN A 59 10.83 -5.03 25.54
CA GLN A 59 9.64 -5.93 25.43
C GLN A 59 8.83 -5.56 24.18
N GLN A 60 9.16 -6.12 23.05
CA GLN A 60 8.40 -5.81 21.81
C GLN A 60 7.81 -7.08 21.20
N ASP A 61 6.86 -6.93 20.31
CA ASP A 61 6.22 -8.13 19.67
C ASP A 61 5.66 -9.07 20.73
N THR A 62 4.66 -8.64 21.46
CA THR A 62 4.07 -9.52 22.51
C THR A 62 2.75 -8.91 23.05
N ILE A 63 1.70 -9.70 23.14
CA ILE A 63 0.40 -9.19 23.66
C ILE A 63 -0.24 -10.19 24.67
N LEU A 64 -0.66 -9.69 25.82
CA LEU A 64 -1.31 -10.57 26.87
C LEU A 64 -2.87 -10.45 26.85
N ALA A 65 -3.45 -9.45 27.51
CA ALA A 65 -4.96 -9.30 27.53
C ALA A 65 -5.36 -7.79 27.64
N GLU A 66 -6.64 -7.48 27.72
CA GLU A 66 -7.05 -6.01 27.82
C GLU A 66 -7.17 -5.53 29.27
N GLY A 67 -6.95 -4.26 29.48
CA GLY A 67 -7.05 -3.66 30.84
C GLY A 67 -7.21 -2.15 30.68
N LEU A 68 -7.80 -1.47 31.65
CA LEU A 68 -7.94 0.01 31.49
C LEU A 68 -6.78 0.68 32.26
N HIS A 69 -5.81 1.17 31.53
CA HIS A 69 -4.62 1.81 32.17
C HIS A 69 -3.90 2.71 31.15
N PHE A 70 -3.22 3.73 31.60
CA PHE A 70 -2.49 4.62 30.65
C PHE A 70 -0.98 4.56 30.93
N ARG A 71 -0.16 4.70 29.91
CA ARG A 71 1.31 4.65 30.12
C ARG A 71 1.77 5.94 30.79
N ILE A 72 1.29 6.21 31.98
CA ILE A 72 1.70 7.45 32.68
C ILE A 72 2.29 7.16 34.08
N PRO A 73 2.99 6.04 34.22
CA PRO A 73 3.59 5.71 35.52
C PRO A 73 4.88 6.51 35.75
N TRP A 74 5.98 6.09 35.17
CA TRP A 74 7.26 6.83 35.34
C TRP A 74 8.33 6.23 34.42
N PHE A 75 8.27 4.95 34.14
CA PHE A 75 9.29 4.32 33.25
C PHE A 75 8.69 3.17 32.44
N GLN A 76 7.58 3.40 31.76
CA GLN A 76 6.97 2.32 30.93
C GLN A 76 6.96 2.73 29.45
N TYR A 77 6.99 1.79 28.55
CA TYR A 77 7.02 2.13 27.10
C TYR A 77 5.87 1.48 26.35
N PRO A 78 5.48 2.08 25.25
CA PRO A 78 4.41 1.54 24.43
C PRO A 78 4.98 0.75 23.24
N ILE A 79 4.86 -0.55 23.29
CA ILE A 79 5.33 -1.44 22.18
C ILE A 79 4.49 -2.71 22.29
N ILE A 80 3.55 -2.92 21.39
CA ILE A 80 2.67 -4.12 21.51
C ILE A 80 2.55 -4.87 20.16
N TYR A 81 2.21 -6.13 20.21
CA TYR A 81 2.09 -6.95 18.96
C TYR A 81 0.62 -7.03 18.51
N ASP A 82 0.39 -7.19 17.23
CA ASP A 82 -1.01 -7.28 16.73
C ASP A 82 -1.23 -8.60 16.00
N ILE A 83 -2.44 -9.09 16.00
CA ILE A 83 -2.72 -10.39 15.31
C ILE A 83 -3.27 -10.15 13.90
N ARG A 84 -3.07 -11.07 13.01
CA ARG A 84 -3.58 -10.91 11.61
C ARG A 84 -3.35 -12.19 10.81
N ALA A 85 -3.87 -12.27 9.62
CA ALA A 85 -3.68 -13.49 8.79
C ALA A 85 -2.19 -13.77 8.62
N ARG A 86 -1.81 -15.02 8.43
CA ARG A 86 -0.37 -15.34 8.27
C ARG A 86 -0.15 -16.31 7.11
N PRO A 87 0.43 -15.83 6.05
CA PRO A 87 0.73 -16.65 4.87
C PRO A 87 2.20 -17.09 4.89
N ARG A 88 2.46 -18.36 5.10
CA ARG A 88 3.87 -18.81 5.15
C ARG A 88 3.95 -20.34 4.85
N LYS A 89 4.44 -20.71 3.67
CA LYS A 89 4.54 -22.17 3.29
C LYS A 89 5.55 -22.38 2.12
N ILE A 90 6.14 -23.56 2.00
CA ILE A 90 7.13 -23.80 0.88
C ILE A 90 7.06 -25.23 0.33
N SER A 91 7.46 -25.40 -0.91
CA SER A 91 7.49 -26.75 -1.52
C SER A 91 8.95 -27.24 -1.53
N SER A 92 9.27 -28.23 -0.74
CA SER A 92 10.69 -28.72 -0.70
C SER A 92 10.80 -30.13 -1.28
N PRO A 93 11.78 -30.32 -2.13
CA PRO A 93 12.02 -31.64 -2.76
C PRO A 93 13.14 -32.40 -2.01
N THR A 94 12.80 -33.47 -1.35
CA THR A 94 13.83 -34.25 -0.61
C THR A 94 13.37 -35.70 -0.42
N GLY A 95 14.04 -36.64 -1.04
CA GLY A 95 13.62 -38.06 -0.89
C GLY A 95 14.85 -38.94 -0.66
N SER A 96 14.68 -40.04 0.03
CA SER A 96 15.84 -40.95 0.29
C SER A 96 15.34 -42.31 0.77
N LYS A 97 14.36 -42.32 1.64
CA LYS A 97 13.82 -43.61 2.15
C LYS A 97 13.29 -44.47 1.00
N ASP A 98 12.97 -43.87 -0.12
CA ASP A 98 12.45 -44.67 -1.27
C ASP A 98 13.17 -44.27 -2.56
N LEU A 99 12.78 -43.18 -3.17
CA LEU A 99 13.44 -42.74 -4.43
C LEU A 99 14.29 -41.49 -4.17
N GLN A 100 14.67 -40.79 -5.21
CA GLN A 100 15.50 -39.57 -5.02
C GLN A 100 14.70 -38.31 -5.36
N MET A 101 13.40 -38.39 -5.34
CA MET A 101 12.57 -37.20 -5.67
C MET A 101 11.27 -37.22 -4.85
N VAL A 102 11.14 -36.31 -3.93
CA VAL A 102 9.90 -36.24 -3.09
C VAL A 102 9.65 -34.79 -2.69
N ASN A 103 8.54 -34.23 -3.11
CA ASN A 103 8.26 -32.81 -2.76
C ASN A 103 7.25 -32.72 -1.62
N ILE A 104 7.57 -31.97 -0.61
CA ILE A 104 6.64 -31.82 0.55
C ILE A 104 6.41 -30.33 0.83
N SER A 105 5.27 -29.99 1.37
CA SER A 105 5.00 -28.55 1.66
C SER A 105 3.99 -28.41 2.80
N LEU A 106 4.39 -27.85 3.90
CA LEU A 106 3.45 -27.68 5.05
C LEU A 106 3.30 -26.20 5.41
N ARG A 107 2.18 -25.81 5.95
CA ARG A 107 1.97 -24.38 6.31
C ARG A 107 1.67 -24.27 7.81
N VAL A 108 2.05 -23.19 8.43
CA VAL A 108 1.79 -23.03 9.90
C VAL A 108 0.72 -21.96 10.13
N LEU A 109 -0.02 -22.09 11.21
CA LEU A 109 -1.09 -21.09 11.51
C LEU A 109 -0.76 -20.37 12.82
N SER A 110 -1.21 -19.15 12.97
CA SER A 110 -0.93 -18.39 14.22
C SER A 110 -2.23 -18.14 15.00
N ARG A 111 -2.26 -18.51 16.25
CA ARG A 111 -3.49 -18.30 17.07
C ARG A 111 -3.11 -17.81 18.48
N PRO A 112 -3.54 -16.63 18.81
CA PRO A 112 -3.23 -16.06 20.15
C PRO A 112 -4.04 -16.78 21.23
N ASN A 113 -3.81 -18.05 21.40
CA ASN A 113 -4.56 -18.82 22.44
C ASN A 113 -4.22 -18.28 23.84
N ALA A 114 -5.21 -17.98 24.63
CA ALA A 114 -4.95 -17.44 25.99
C ALA A 114 -4.00 -16.24 25.92
N GLN A 115 -3.22 -16.01 26.94
CA GLN A 115 -2.29 -14.84 26.92
C GLN A 115 -0.96 -15.21 27.60
N GLU A 116 0.14 -15.04 26.92
CA GLU A 116 1.46 -15.37 27.52
C GLU A 116 2.59 -14.82 26.64
N LEU A 117 2.38 -13.66 26.07
CA LEU A 117 3.44 -13.06 25.19
C LEU A 117 4.54 -12.36 26.01
N PRO A 118 4.22 -11.86 27.19
CA PRO A 118 5.26 -11.19 28.01
C PRO A 118 6.27 -12.22 28.54
N SER A 119 5.79 -13.32 29.05
CA SER A 119 6.72 -14.38 29.56
C SER A 119 7.36 -15.08 28.37
N MET A 120 6.62 -15.26 27.31
CA MET A 120 7.16 -15.94 26.10
C MET A 120 8.01 -14.96 25.27
N TYR A 121 7.82 -13.68 25.45
CA TYR A 121 8.61 -12.69 24.66
C TYR A 121 10.11 -12.98 24.75
N GLN A 122 10.69 -12.81 25.90
CA GLN A 122 12.16 -13.06 26.06
C GLN A 122 12.45 -14.56 26.00
N ARG A 123 11.48 -15.39 26.30
CA ARG A 123 11.70 -16.86 26.24
C ARG A 123 11.60 -17.35 24.79
N LEU A 124 10.89 -16.64 23.97
CA LEU A 124 10.75 -17.04 22.54
C LEU A 124 12.10 -16.92 21.82
N GLY A 125 13.00 -16.13 22.36
CA GLY A 125 14.33 -15.98 21.72
C GLY A 125 14.35 -14.69 20.89
N LEU A 126 15.43 -14.43 20.20
CA LEU A 126 15.51 -13.19 19.37
C LEU A 126 14.39 -13.19 18.32
N ASP A 127 14.11 -12.06 17.74
CA ASP A 127 13.02 -11.98 16.71
C ASP A 127 11.71 -12.54 17.29
N TYR A 128 10.79 -12.90 16.44
CA TYR A 128 9.49 -13.44 16.95
C TYR A 128 9.21 -14.80 16.29
N GLU A 129 8.20 -14.89 15.45
CA GLU A 129 7.88 -16.19 14.80
C GLU A 129 8.81 -16.44 13.60
N GLU A 130 9.27 -15.39 12.97
CA GLU A 130 10.17 -15.55 11.78
C GLU A 130 11.27 -16.57 12.05
N ARG A 131 11.75 -16.64 13.27
CA ARG A 131 12.84 -17.61 13.58
C ARG A 131 12.28 -19.02 13.82
N VAL A 132 11.24 -19.13 14.61
CA VAL A 132 10.66 -20.48 14.91
C VAL A 132 9.75 -20.97 13.78
N LEU A 133 9.27 -20.09 12.94
CA LEU A 133 8.37 -20.52 11.84
C LEU A 133 9.09 -21.48 10.87
N PRO A 134 10.14 -20.99 10.24
CA PRO A 134 10.89 -21.83 9.28
C PRO A 134 11.73 -22.89 10.00
N SER A 135 12.44 -22.50 11.03
CA SER A 135 13.29 -23.48 11.77
C SER A 135 12.48 -24.72 12.20
N ILE A 136 11.26 -24.52 12.64
CA ILE A 136 10.44 -25.68 13.08
C ILE A 136 9.81 -26.39 11.88
N VAL A 137 9.06 -25.69 11.07
CA VAL A 137 8.41 -26.34 9.89
C VAL A 137 9.46 -27.01 8.99
N ASN A 138 10.64 -26.47 8.93
CA ASN A 138 11.71 -27.08 8.07
C ASN A 138 12.35 -28.27 8.77
N GLU A 139 12.57 -28.17 10.06
CA GLU A 139 13.21 -29.31 10.81
C GLU A 139 12.22 -30.48 10.93
N VAL A 140 11.04 -30.22 11.41
CA VAL A 140 10.03 -31.32 11.57
C VAL A 140 9.77 -31.99 10.22
N LEU A 141 9.93 -31.27 9.15
CA LEU A 141 9.68 -31.87 7.80
C LEU A 141 10.89 -32.70 7.36
N LYS A 142 12.05 -32.11 7.31
CA LYS A 142 13.27 -32.86 6.88
C LYS A 142 13.47 -34.10 7.78
N SER A 143 13.07 -34.03 9.01
CA SER A 143 13.25 -35.18 9.93
C SER A 143 12.15 -36.23 9.69
N VAL A 144 10.93 -35.80 9.51
CA VAL A 144 9.82 -36.77 9.29
C VAL A 144 9.80 -37.25 7.83
N VAL A 145 10.02 -36.37 6.89
CA VAL A 145 10.02 -36.79 5.46
C VAL A 145 11.06 -37.88 5.21
N ALA A 146 12.04 -38.00 6.08
CA ALA A 146 13.08 -39.04 5.89
C ALA A 146 12.56 -40.41 6.37
N LYS A 147 11.75 -40.42 7.39
CA LYS A 147 11.21 -41.71 7.89
C LYS A 147 10.04 -42.20 7.02
N PHE A 148 9.17 -41.31 6.64
CA PHE A 148 8.00 -41.72 5.79
C PHE A 148 8.49 -42.42 4.52
N ASN A 149 7.59 -42.76 3.64
CA ASN A 149 8.00 -43.45 2.38
C ASN A 149 7.45 -42.69 1.17
N ALA A 150 8.06 -42.86 0.02
CA ALA A 150 7.57 -42.14 -1.19
C ALA A 150 6.33 -42.84 -1.76
N SER A 151 6.32 -44.15 -1.76
CA SER A 151 5.13 -44.89 -2.29
C SER A 151 3.87 -44.51 -1.51
N GLN A 152 4.00 -44.29 -0.24
CA GLN A 152 2.80 -43.90 0.58
C GLN A 152 2.48 -42.42 0.40
N LEU A 153 3.46 -41.62 0.02
CA LEU A 153 3.20 -40.16 -0.18
C LEU A 153 2.15 -39.95 -1.27
N ILE A 154 2.25 -40.69 -2.35
CA ILE A 154 1.26 -40.51 -3.46
C ILE A 154 -0.12 -41.01 -3.01
N THR A 155 -0.17 -41.93 -2.08
CA THR A 155 -1.48 -42.45 -1.60
C THR A 155 -2.32 -41.31 -1.02
N GLN A 156 -1.71 -40.46 -0.23
CA GLN A 156 -2.46 -39.31 0.38
C GLN A 156 -1.50 -38.34 1.04
N ARG A 157 -1.33 -37.17 0.47
CA ARG A 157 -0.39 -36.17 1.07
C ARG A 157 -0.83 -35.83 2.50
N ALA A 158 -2.08 -36.06 2.81
CA ALA A 158 -2.58 -35.75 4.19
C ALA A 158 -2.18 -36.87 5.17
N GLN A 159 -1.99 -38.06 4.68
CA GLN A 159 -1.60 -39.18 5.59
C GLN A 159 -0.36 -38.81 6.41
N VAL A 160 0.53 -38.03 5.85
CA VAL A 160 1.75 -37.62 6.60
C VAL A 160 1.39 -36.60 7.68
N SER A 161 0.30 -35.89 7.49
CA SER A 161 -0.11 -34.87 8.51
C SER A 161 -0.38 -35.55 9.86
N LEU A 162 -0.88 -36.75 9.84
CA LEU A 162 -1.17 -37.46 11.12
C LEU A 162 0.14 -37.70 11.90
N LEU A 163 1.21 -37.97 11.21
CA LEU A 163 2.50 -38.22 11.91
C LEU A 163 3.10 -36.90 12.41
N ILE A 164 3.26 -35.93 11.53
CA ILE A 164 3.85 -34.63 11.95
C ILE A 164 2.93 -33.93 12.98
N ARG A 165 1.66 -34.19 12.93
CA ARG A 165 0.72 -33.55 13.90
C ARG A 165 1.14 -33.88 15.34
N ARG A 166 1.70 -35.04 15.55
CA ARG A 166 2.13 -35.41 16.93
C ARG A 166 3.48 -34.77 17.28
N GLU A 167 4.38 -34.72 16.33
CA GLU A 167 5.71 -34.10 16.61
C GLU A 167 5.63 -32.58 16.53
N LEU A 168 4.73 -32.07 15.74
CA LEU A 168 4.60 -30.59 15.61
C LEU A 168 4.04 -30.00 16.90
N THR A 169 3.04 -30.62 17.47
CA THR A 169 2.45 -30.09 18.73
C THR A 169 3.50 -30.07 19.85
N GLU A 170 4.50 -30.91 19.76
CA GLU A 170 5.55 -30.93 20.82
C GLU A 170 6.50 -29.74 20.64
N ARG A 171 6.87 -29.42 19.43
CA ARG A 171 7.79 -28.28 19.20
C ARG A 171 7.01 -26.95 19.26
N ALA A 172 5.80 -26.94 18.77
CA ALA A 172 5.00 -25.69 18.80
C ALA A 172 4.79 -25.22 20.24
N LYS A 173 4.55 -26.12 21.14
CA LYS A 173 4.33 -25.73 22.57
C LYS A 173 5.67 -25.49 23.26
N ASP A 174 6.73 -26.04 22.75
CA ASP A 174 8.07 -25.85 23.38
C ASP A 174 8.38 -24.36 23.55
N PHE A 175 7.85 -23.53 22.68
CA PHE A 175 8.12 -22.07 22.79
C PHE A 175 7.08 -21.42 23.70
N SER A 176 5.87 -21.91 23.70
CA SER A 176 4.81 -21.32 24.57
C SER A 176 3.54 -22.18 24.53
N LEU A 177 2.41 -21.60 24.84
CA LEU A 177 1.15 -22.39 24.81
C LEU A 177 0.21 -21.85 23.72
N ILE A 178 0.01 -22.60 22.68
CA ILE A 178 -0.89 -22.13 21.58
C ILE A 178 -1.53 -23.33 20.87
N LEU A 179 -2.70 -23.14 20.31
CA LEU A 179 -3.37 -24.27 19.59
C LEU A 179 -3.19 -24.11 18.08
N ASP A 180 -2.43 -24.97 17.48
CA ASP A 180 -2.19 -24.87 16.00
C ASP A 180 -2.79 -26.09 15.28
N ASP A 181 -3.16 -25.93 14.04
CA ASP A 181 -3.74 -27.07 13.28
C ASP A 181 -2.67 -27.66 12.36
N VAL A 182 -2.62 -28.96 12.24
CA VAL A 182 -1.59 -29.59 11.37
C VAL A 182 -2.20 -30.04 10.04
N ALA A 183 -1.66 -29.56 8.95
CA ALA A 183 -2.17 -29.95 7.61
C ALA A 183 -1.07 -29.69 6.58
N ILE A 184 -1.06 -30.42 5.50
CA ILE A 184 0.02 -30.19 4.49
C ILE A 184 -0.52 -30.18 3.05
N THR A 185 -0.28 -29.10 2.36
CA THR A 185 -0.70 -29.01 0.93
C THR A 185 0.57 -29.27 0.11
N GLU A 186 0.67 -30.39 -0.56
CA GLU A 186 1.95 -30.67 -1.28
C GLU A 186 1.79 -31.65 -2.44
N LEU A 187 2.65 -31.51 -3.41
CA LEU A 187 2.65 -32.44 -4.57
C LEU A 187 4.02 -33.13 -4.59
N SER A 188 4.06 -34.43 -4.79
CA SER A 188 5.37 -35.13 -4.77
C SER A 188 5.88 -35.45 -6.19
N PHE A 189 7.18 -35.56 -6.33
CA PHE A 189 7.77 -35.86 -7.68
C PHE A 189 8.14 -37.35 -7.75
N SER A 190 7.99 -37.95 -8.91
CA SER A 190 8.33 -39.39 -9.05
C SER A 190 8.38 -39.78 -10.53
N MET B 1 26.61 38.66 54.61
CA MET B 1 25.53 38.11 53.74
C MET B 1 25.34 38.97 52.50
N ALA B 2 25.36 38.38 51.34
CA ALA B 2 25.19 39.17 50.09
C ALA B 2 23.71 39.55 49.90
N GLN B 3 23.44 40.81 49.69
CA GLN B 3 22.02 41.25 49.51
C GLN B 3 21.57 40.96 48.08
N ASN B 4 22.48 40.97 47.14
CA ASN B 4 22.09 40.70 45.72
C ASN B 4 21.48 39.29 45.60
N LEU B 5 21.81 38.42 46.51
CA LEU B 5 21.25 37.03 46.45
C LEU B 5 19.73 37.07 46.63
N LYS B 6 19.25 37.96 47.45
CA LYS B 6 17.77 38.05 47.67
C LYS B 6 17.10 38.75 46.49
N ASP B 7 17.77 39.72 45.91
CA ASP B 7 17.18 40.46 44.76
C ASP B 7 16.98 39.51 43.57
N LEU B 8 17.88 38.58 43.39
CA LEU B 8 17.75 37.63 42.25
C LEU B 8 16.60 36.65 42.51
N ALA B 9 16.53 36.11 43.70
CA ALA B 9 15.44 35.14 44.02
C ALA B 9 14.08 35.83 43.90
N GLY B 10 13.99 37.07 44.32
CA GLY B 10 12.70 37.80 44.24
C GLY B 10 12.26 37.93 42.78
N ARG B 11 13.19 37.78 41.86
CA ARG B 11 12.84 37.90 40.42
C ARG B 11 12.03 36.68 39.96
N LEU B 12 12.18 35.56 40.63
CA LEU B 12 11.41 34.34 40.22
C LEU B 12 9.90 34.60 40.35
N PRO B 13 9.47 34.94 41.55
CA PRO B 13 8.03 35.20 41.78
C PRO B 13 7.62 36.53 41.13
N ALA B 14 8.51 37.48 41.12
CA ALA B 14 8.18 38.81 40.50
C ALA B 14 8.91 38.96 39.17
N GLY B 15 8.43 38.31 38.13
CA GLY B 15 9.09 38.42 36.81
C GLY B 15 8.41 39.50 35.97
N PRO B 16 9.06 39.91 34.92
CA PRO B 16 8.51 40.94 34.02
C PRO B 16 7.35 40.38 33.19
N ARG B 17 6.99 41.04 32.12
CA ARG B 17 5.87 40.54 31.27
C ARG B 17 6.19 39.14 30.73
N GLY B 18 7.45 38.78 30.71
CA GLY B 18 7.85 37.44 30.18
C GLY B 18 7.02 36.35 30.89
N MET B 19 6.68 36.55 32.13
CA MET B 19 5.88 35.53 32.86
C MET B 19 4.48 35.40 32.23
N GLY B 20 3.89 36.51 31.87
CA GLY B 20 2.53 36.45 31.25
C GLY B 20 2.64 35.89 29.84
N THR B 21 3.61 36.33 29.08
CA THR B 21 3.78 35.82 27.70
C THR B 21 4.29 34.38 27.72
N ALA B 22 4.96 34.00 28.77
CA ALA B 22 5.50 32.60 28.86
C ALA B 22 4.39 31.59 28.58
N LEU B 23 3.16 31.95 28.83
CA LEU B 23 2.03 31.01 28.57
C LEU B 23 1.98 30.66 27.08
N LYS B 24 2.11 31.63 26.22
CA LYS B 24 2.07 31.35 24.76
C LYS B 24 3.14 30.30 24.40
N LEU B 25 4.22 30.27 25.14
CA LEU B 25 5.30 29.28 24.86
C LEU B 25 4.84 27.87 25.22
N LEU B 26 4.26 27.71 26.39
CA LEU B 26 3.78 26.36 26.81
C LEU B 26 2.74 25.83 25.82
N LEU B 27 1.90 26.70 25.31
CA LEU B 27 0.86 26.25 24.33
C LEU B 27 1.49 25.98 22.96
N GLY B 28 2.57 26.66 22.65
CA GLY B 28 3.23 26.45 21.34
C GLY B 28 4.08 25.17 21.40
N ALA B 29 4.65 24.88 22.53
CA ALA B 29 5.49 23.66 22.66
C ALA B 29 4.65 22.40 22.39
N GLY B 30 3.39 22.43 22.75
CA GLY B 30 2.51 21.25 22.52
C GLY B 30 2.38 21.01 21.02
N ALA B 31 2.41 22.05 20.23
CA ALA B 31 2.29 21.89 18.76
C ALA B 31 3.60 21.33 18.18
N VAL B 32 4.71 21.81 18.66
CA VAL B 32 6.03 21.32 18.16
C VAL B 32 6.21 19.84 18.51
N ALA B 33 5.64 19.42 19.61
CA ALA B 33 5.76 18.00 20.03
C ALA B 33 5.18 17.08 18.95
N TYR B 34 4.21 17.56 18.22
CA TYR B 34 3.59 16.71 17.15
C TYR B 34 4.63 16.39 16.07
N GLY B 35 5.38 17.37 15.63
CA GLY B 35 6.42 17.13 14.59
C GLY B 35 7.42 16.09 15.10
N VAL B 36 7.67 16.08 16.38
CA VAL B 36 8.65 15.09 16.94
C VAL B 36 8.00 13.71 17.03
N ARG B 37 6.70 13.66 17.22
CA ARG B 37 6.00 12.35 17.31
C ARG B 37 6.16 11.57 16.01
N GLU B 38 6.27 12.25 14.91
CA GLU B 38 6.42 11.54 13.60
C GLU B 38 7.87 11.04 13.42
N SER B 39 8.84 11.68 14.03
CA SER B 39 10.26 11.21 13.87
C SER B 39 11.09 11.44 15.16
N VAL B 40 12.05 10.57 15.43
CA VAL B 40 12.90 10.72 16.66
C VAL B 40 14.27 10.06 16.46
N PHE B 41 15.08 9.96 17.50
CA PHE B 41 16.43 9.30 17.35
C PHE B 41 16.58 8.12 18.33
N THR B 42 16.21 8.27 19.57
CA THR B 42 16.35 7.11 20.55
C THR B 42 15.71 5.85 19.97
N VAL B 43 16.50 4.81 19.78
CA VAL B 43 15.93 3.54 19.23
C VAL B 43 14.80 3.04 20.14
N GLU B 44 13.68 2.70 19.58
CA GLU B 44 12.53 2.21 20.39
C GLU B 44 12.98 1.05 21.30
N GLY B 45 13.32 -0.07 20.73
CA GLY B 45 13.76 -1.22 21.57
C GLY B 45 13.89 -2.48 20.71
N GLY B 46 13.09 -2.61 19.69
CA GLY B 46 13.18 -3.81 18.81
C GLY B 46 14.05 -3.50 17.60
N HIS B 47 14.92 -2.54 17.70
CA HIS B 47 15.80 -2.19 16.54
C HIS B 47 17.16 -1.68 17.05
N ARG B 48 18.19 -1.83 16.27
CA ARG B 48 19.56 -1.42 16.69
C ARG B 48 19.98 -0.08 16.04
N ALA B 49 20.92 0.62 16.66
CA ALA B 49 21.35 1.97 16.12
C ALA B 49 22.67 1.96 15.33
N ILE B 50 22.81 2.93 14.45
CA ILE B 50 24.01 3.07 13.59
C ILE B 50 24.43 4.56 13.55
N PHE B 51 25.69 4.90 13.35
CA PHE B 51 26.10 6.36 13.40
C PHE B 51 26.83 6.87 12.13
N PHE B 52 26.59 8.11 11.77
CA PHE B 52 27.27 8.73 10.58
C PHE B 52 27.16 10.27 10.63
N ASN B 53 28.08 10.97 10.02
CA ASN B 53 28.05 12.48 10.04
C ASN B 53 27.73 13.05 8.65
N ARG B 54 27.15 14.24 8.58
CA ARG B 54 26.80 14.86 7.24
C ARG B 54 27.90 14.59 6.21
N ILE B 55 29.13 14.51 6.63
CA ILE B 55 30.24 14.25 5.67
C ILE B 55 29.99 12.93 4.93
N GLY B 56 30.85 12.59 3.99
CA GLY B 56 30.65 11.33 3.23
C GLY B 56 30.86 10.13 4.16
N GLY B 57 30.18 9.04 3.90
CA GLY B 57 30.34 7.83 4.76
C GLY B 57 28.98 7.39 5.32
N VAL B 58 27.94 7.56 4.56
CA VAL B 58 26.58 7.16 5.04
C VAL B 58 26.57 5.67 5.42
N GLN B 59 25.69 5.26 6.29
CA GLN B 59 25.64 3.82 6.69
C GLN B 59 24.24 3.24 6.46
N GLN B 60 24.14 1.95 6.43
CA GLN B 60 22.81 1.30 6.21
C GLN B 60 22.92 -0.20 6.44
N ASP B 61 21.81 -0.90 6.45
CA ASP B 61 21.85 -2.38 6.67
C ASP B 61 22.61 -2.70 7.96
N THR B 62 22.63 -1.79 8.90
CA THR B 62 23.37 -2.04 10.18
C THR B 62 22.48 -1.89 11.42
N ILE B 63 22.68 -2.73 12.40
CA ILE B 63 21.88 -2.66 13.66
C ILE B 63 22.58 -3.48 14.79
N LEU B 64 22.96 -2.83 15.87
CA LEU B 64 23.61 -3.53 17.03
C LEU B 64 22.57 -3.90 18.14
N ALA B 65 22.38 -3.05 19.15
CA ALA B 65 21.39 -3.36 20.24
C ALA B 65 20.61 -2.08 20.69
N GLU B 66 19.97 -2.09 21.85
CA GLU B 66 19.20 -0.86 22.30
C GLU B 66 19.83 -0.19 23.52
N GLY B 67 19.79 1.12 23.53
CA GLY B 67 20.35 1.93 24.65
C GLY B 67 19.74 3.33 24.54
N LEU B 68 19.67 4.14 25.57
CA LEU B 68 19.06 5.47 25.33
C LEU B 68 20.19 6.45 24.98
N HIS B 69 20.39 6.62 23.69
CA HIS B 69 21.44 7.53 23.14
C HIS B 69 21.21 7.69 21.63
N PHE B 70 21.01 8.87 21.11
CA PHE B 70 20.82 8.96 19.63
C PHE B 70 20.67 10.40 19.15
N ARG B 71 21.29 10.71 18.04
CA ARG B 71 21.20 12.08 17.46
C ARG B 71 21.38 13.16 18.54
N ILE B 72 22.12 12.86 19.58
CA ILE B 72 22.32 13.87 20.67
C ILE B 72 23.40 14.90 20.27
N PRO B 73 24.53 14.43 19.79
CA PRO B 73 25.61 15.37 19.39
C PRO B 73 25.24 16.11 18.11
N TRP B 74 26.19 16.72 17.46
CA TRP B 74 25.90 17.47 16.21
C TRP B 74 26.32 16.65 14.99
N PHE B 75 27.47 16.04 15.03
CA PHE B 75 27.94 15.24 13.86
C PHE B 75 27.36 13.81 13.93
N GLN B 76 26.06 13.70 14.04
CA GLN B 76 25.42 12.35 14.09
C GLN B 76 24.17 12.34 13.20
N TYR B 77 23.81 11.21 12.67
CA TYR B 77 22.61 11.15 11.77
C TYR B 77 21.75 9.94 12.08
N PRO B 78 20.48 10.04 11.76
CA PRO B 78 19.55 8.94 11.99
C PRO B 78 19.33 8.12 10.72
N ILE B 79 19.89 6.94 10.69
CA ILE B 79 19.72 6.00 9.53
C ILE B 79 20.00 4.60 10.10
N ILE B 80 19.00 3.77 10.22
CA ILE B 80 19.22 2.42 10.84
C ILE B 80 18.64 1.30 9.97
N TYR B 81 19.13 0.10 10.16
CA TYR B 81 18.65 -1.06 9.34
C TYR B 81 17.59 -1.86 10.11
N ASP B 82 16.44 -2.06 9.52
CA ASP B 82 15.36 -2.83 10.20
C ASP B 82 15.29 -4.25 9.63
N ILE B 83 15.00 -5.23 10.45
CA ILE B 83 14.92 -6.63 9.95
C ILE B 83 13.74 -6.78 8.98
N ARG B 84 13.83 -7.71 8.07
CA ARG B 84 12.72 -7.92 7.08
C ARG B 84 12.97 -9.18 6.27
N ALA B 85 11.93 -9.81 5.80
CA ALA B 85 12.11 -11.06 4.99
C ALA B 85 12.96 -10.76 3.76
N ARG B 86 13.59 -11.77 3.21
CA ARG B 86 14.44 -11.55 2.00
C ARG B 86 14.18 -12.62 0.94
N PRO B 87 13.55 -12.24 -0.14
CA PRO B 87 13.27 -13.18 -1.23
C PRO B 87 14.31 -13.03 -2.35
N ARG B 88 15.16 -14.00 -2.52
CA ARG B 88 16.21 -13.90 -3.58
C ARG B 88 16.73 -15.33 -3.91
N LYS B 89 16.38 -15.88 -5.07
CA LYS B 89 16.86 -17.28 -5.43
C LYS B 89 16.75 -17.58 -6.94
N ILE B 90 17.57 -18.49 -7.46
CA ILE B 90 17.50 -18.86 -8.92
C ILE B 90 18.00 -20.29 -9.15
N SER B 91 17.51 -20.90 -10.20
CA SER B 91 17.97 -22.28 -10.54
C SER B 91 18.97 -22.20 -11.71
N SER B 92 20.22 -22.51 -11.48
CA SER B 92 21.23 -22.41 -12.57
C SER B 92 21.55 -23.80 -13.16
N PRO B 93 21.29 -23.95 -14.44
CA PRO B 93 21.58 -25.22 -15.13
C PRO B 93 22.91 -25.12 -15.89
N THR B 94 23.90 -25.88 -15.48
CA THR B 94 25.22 -25.81 -16.17
C THR B 94 25.72 -27.23 -16.49
N GLY B 95 26.40 -27.38 -17.59
CA GLY B 95 26.93 -28.74 -17.96
C GLY B 95 28.45 -28.68 -18.08
N SER B 96 29.14 -29.45 -17.30
CA SER B 96 30.63 -29.45 -17.36
C SER B 96 31.21 -30.72 -16.74
N LYS B 97 30.68 -31.12 -15.61
CA LYS B 97 31.20 -32.36 -14.94
C LYS B 97 30.16 -33.47 -15.03
N ASP B 98 29.75 -33.82 -16.21
CA ASP B 98 28.73 -34.90 -16.37
C ASP B 98 28.58 -35.29 -17.84
N LEU B 99 27.54 -35.99 -18.18
CA LEU B 99 27.33 -36.40 -19.60
C LEU B 99 26.56 -35.33 -20.36
N GLN B 100 25.42 -34.94 -19.85
CA GLN B 100 24.63 -33.88 -20.56
C GLN B 100 24.75 -32.54 -19.83
N MET B 101 23.99 -32.33 -18.79
CA MET B 101 24.07 -31.03 -18.05
C MET B 101 23.53 -31.19 -16.63
N VAL B 102 24.17 -30.56 -15.67
CA VAL B 102 23.68 -30.66 -14.26
C VAL B 102 23.13 -29.31 -13.80
N ASN B 103 22.19 -29.31 -12.89
CA ASN B 103 21.63 -28.03 -12.40
C ASN B 103 21.98 -27.82 -10.93
N ILE B 104 22.82 -26.88 -10.64
CA ILE B 104 23.20 -26.62 -9.22
C ILE B 104 23.00 -25.14 -8.88
N SER B 105 22.29 -24.86 -7.83
CA SER B 105 22.04 -23.44 -7.45
C SER B 105 21.95 -23.32 -5.92
N LEU B 106 22.30 -22.18 -5.38
CA LEU B 106 22.24 -22.02 -3.90
C LEU B 106 21.78 -20.61 -3.53
N ARG B 107 21.14 -20.46 -2.41
CA ARG B 107 20.66 -19.11 -1.99
C ARG B 107 21.37 -18.67 -0.70
N VAL B 108 21.68 -17.41 -0.58
CA VAL B 108 22.37 -16.93 0.65
C VAL B 108 21.39 -16.21 1.58
N LEU B 109 21.61 -16.28 2.87
CA LEU B 109 20.69 -15.62 3.83
C LEU B 109 21.49 -14.75 4.81
N SER B 110 21.03 -13.55 5.07
CA SER B 110 21.76 -12.67 6.03
C SER B 110 20.89 -12.36 7.25
N ARG B 111 21.39 -12.65 8.43
CA ARG B 111 20.60 -12.37 9.66
C ARG B 111 21.45 -11.61 10.68
N PRO B 112 21.11 -10.36 10.90
CA PRO B 112 21.88 -9.54 11.88
C PRO B 112 21.55 -9.98 13.31
N ASN B 113 22.25 -10.96 13.82
CA ASN B 113 21.98 -11.43 15.21
C ASN B 113 22.66 -10.50 16.22
N ALA B 114 23.96 -10.51 16.27
CA ALA B 114 24.68 -9.64 17.23
C ALA B 114 26.19 -9.66 16.95
N GLN B 115 26.69 -8.65 16.29
CA GLN B 115 28.16 -8.61 15.98
C GLN B 115 28.57 -7.21 15.53
N GLU B 116 27.95 -6.19 16.07
CA GLU B 116 28.29 -4.80 15.68
C GLU B 116 28.14 -4.61 14.16
N LEU B 117 27.05 -4.00 13.74
CA LEU B 117 26.84 -3.79 12.29
C LEU B 117 27.60 -2.57 11.74
N PRO B 118 27.92 -1.59 12.58
CA PRO B 118 28.65 -0.40 12.07
C PRO B 118 30.05 -0.78 11.59
N SER B 119 30.74 -1.64 12.28
CA SER B 119 32.10 -2.04 11.80
C SER B 119 31.98 -2.65 10.41
N MET B 120 30.97 -3.44 10.19
CA MET B 120 30.76 -4.09 8.86
C MET B 120 30.07 -3.12 7.89
N TYR B 121 29.42 -2.10 8.39
CA TYR B 121 28.71 -1.15 7.47
C TYR B 121 29.60 -0.74 6.28
N GLN B 122 30.77 -0.19 6.54
CA GLN B 122 31.66 0.22 5.40
C GLN B 122 32.40 -1.00 4.84
N ARG B 123 32.77 -1.93 5.68
CA ARG B 123 33.50 -3.14 5.18
C ARG B 123 32.57 -3.98 4.30
N LEU B 124 31.43 -4.36 4.81
CA LEU B 124 30.47 -5.17 3.99
C LEU B 124 30.14 -4.47 2.68
N GLY B 125 29.89 -3.19 2.74
CA GLY B 125 29.57 -2.44 1.49
C GLY B 125 28.19 -1.78 1.63
N LEU B 126 28.11 -0.50 1.37
CA LEU B 126 26.80 0.21 1.49
C LEU B 126 25.77 -0.43 0.53
N ASP B 127 24.78 -1.09 1.06
CA ASP B 127 23.75 -1.73 0.18
C ASP B 127 24.43 -2.61 -0.87
N TYR B 128 25.42 -3.36 -0.49
CA TYR B 128 26.12 -4.24 -1.47
C TYR B 128 25.50 -5.65 -1.46
N GLU B 129 24.31 -5.79 -0.92
CA GLU B 129 23.67 -7.13 -0.89
C GLU B 129 23.38 -7.60 -2.32
N GLU B 130 22.77 -6.77 -3.12
CA GLU B 130 22.46 -7.17 -4.52
C GLU B 130 23.75 -7.56 -5.25
N ARG B 131 24.87 -7.05 -4.81
CA ARG B 131 26.16 -7.39 -5.48
C ARG B 131 26.69 -8.73 -4.99
N VAL B 132 26.78 -8.92 -3.70
CA VAL B 132 27.32 -10.21 -3.16
C VAL B 132 26.29 -11.35 -3.25
N LEU B 133 25.02 -11.03 -3.29
CA LEU B 133 24.00 -12.12 -3.38
C LEU B 133 24.22 -12.97 -4.63
N PRO B 134 24.18 -12.33 -5.78
CA PRO B 134 24.38 -13.07 -7.06
C PRO B 134 25.86 -13.40 -7.25
N SER B 135 26.73 -12.46 -6.98
CA SER B 135 28.19 -12.72 -7.15
C SER B 135 28.62 -13.98 -6.41
N ILE B 136 28.31 -14.08 -5.14
CA ILE B 136 28.70 -15.30 -4.37
C ILE B 136 27.89 -16.51 -4.85
N VAL B 137 26.59 -16.40 -4.89
CA VAL B 137 25.75 -17.54 -5.35
C VAL B 137 26.14 -17.95 -6.78
N ASN B 138 26.00 -17.05 -7.71
CA ASN B 138 26.35 -17.36 -9.13
C ASN B 138 27.76 -17.93 -9.24
N GLU B 139 28.64 -17.55 -8.35
CA GLU B 139 30.04 -18.06 -8.41
C GLU B 139 30.13 -19.46 -7.79
N VAL B 140 29.55 -19.65 -6.64
CA VAL B 140 29.61 -20.99 -5.98
C VAL B 140 29.08 -22.09 -6.91
N LEU B 141 27.85 -21.97 -7.37
CA LEU B 141 27.29 -23.01 -8.27
C LEU B 141 28.16 -23.19 -9.51
N LYS B 142 28.95 -22.21 -9.84
CA LYS B 142 29.82 -22.32 -11.04
C LYS B 142 31.08 -23.14 -10.73
N SER B 143 31.57 -23.04 -9.52
CA SER B 143 32.79 -23.82 -9.13
C SER B 143 32.42 -25.26 -8.77
N VAL B 144 31.47 -25.44 -7.89
CA VAL B 144 31.08 -26.82 -7.47
C VAL B 144 30.57 -27.64 -8.66
N VAL B 145 29.80 -27.04 -9.53
CA VAL B 145 29.27 -27.80 -10.70
C VAL B 145 30.40 -28.44 -11.51
N ALA B 146 31.50 -27.74 -11.65
CA ALA B 146 32.64 -28.31 -12.44
C ALA B 146 33.44 -29.29 -11.58
N LYS B 147 33.34 -29.21 -10.28
CA LYS B 147 34.11 -30.14 -9.40
C LYS B 147 33.76 -31.60 -9.75
N PHE B 148 32.52 -31.97 -9.57
CA PHE B 148 32.12 -33.38 -9.89
C PHE B 148 30.60 -33.53 -9.76
N ASN B 149 29.94 -34.00 -10.79
CA ASN B 149 28.45 -34.15 -10.70
C ASN B 149 27.91 -34.94 -11.90
N ALA B 150 28.55 -36.02 -12.27
CA ALA B 150 28.04 -36.82 -13.43
C ALA B 150 26.79 -37.58 -13.00
N SER B 151 26.93 -38.56 -12.14
CA SER B 151 25.75 -39.31 -11.65
C SER B 151 25.08 -38.53 -10.52
N GLN B 152 25.86 -37.75 -9.81
CA GLN B 152 25.33 -36.93 -8.69
C GLN B 152 24.26 -35.94 -9.18
N LEU B 153 24.17 -35.70 -10.46
CA LEU B 153 23.18 -34.72 -10.98
C LEU B 153 21.81 -34.88 -10.31
N ILE B 154 21.37 -36.10 -10.09
CA ILE B 154 20.05 -36.30 -9.43
C ILE B 154 20.20 -36.15 -7.91
N THR B 155 21.04 -36.94 -7.31
CA THR B 155 21.25 -36.85 -5.83
C THR B 155 21.79 -35.47 -5.44
N GLN B 156 22.32 -34.73 -6.40
CA GLN B 156 22.89 -33.37 -6.11
C GLN B 156 22.10 -32.61 -5.05
N ARG B 157 20.98 -32.01 -5.41
CA ARG B 157 20.18 -31.23 -4.42
C ARG B 157 20.06 -31.99 -3.09
N ALA B 158 20.13 -33.29 -3.13
CA ALA B 158 20.04 -34.07 -1.86
C ALA B 158 21.38 -34.09 -1.13
N GLN B 159 22.39 -34.65 -1.74
CA GLN B 159 23.73 -34.71 -1.08
C GLN B 159 24.49 -33.40 -1.24
N VAL B 160 24.65 -32.91 -2.45
CA VAL B 160 25.40 -31.64 -2.66
C VAL B 160 24.84 -30.51 -1.79
N SER B 161 23.63 -30.63 -1.32
CA SER B 161 23.04 -29.56 -0.46
C SER B 161 24.01 -29.20 0.67
N LEU B 162 24.71 -30.16 1.20
CA LEU B 162 25.68 -29.89 2.29
C LEU B 162 26.99 -29.33 1.72
N LEU B 163 27.45 -29.88 0.63
CA LEU B 163 28.71 -29.40 0.02
C LEU B 163 28.61 -27.91 -0.34
N ILE B 164 27.51 -27.50 -0.89
CA ILE B 164 27.34 -26.06 -1.25
C ILE B 164 27.37 -25.19 0.01
N ARG B 165 26.92 -25.72 1.11
CA ARG B 165 26.92 -24.93 2.37
C ARG B 165 28.34 -24.83 2.93
N ARG B 166 29.11 -25.89 2.84
CA ARG B 166 30.51 -25.85 3.36
C ARG B 166 31.28 -24.69 2.74
N GLU B 167 31.19 -24.53 1.45
CA GLU B 167 31.93 -23.41 0.78
C GLU B 167 31.17 -22.10 0.96
N LEU B 168 29.87 -22.17 1.14
CA LEU B 168 29.08 -20.92 1.32
C LEU B 168 29.21 -20.39 2.75
N THR B 169 29.36 -21.27 3.70
CA THR B 169 29.51 -20.83 5.12
C THR B 169 30.71 -19.90 5.27
N GLU B 170 31.80 -20.23 4.64
CA GLU B 170 33.02 -19.36 4.74
C GLU B 170 32.83 -18.10 3.89
N ARG B 171 32.05 -18.19 2.84
CA ARG B 171 31.83 -16.99 1.97
C ARG B 171 30.81 -16.06 2.62
N ALA B 172 29.77 -16.61 3.19
CA ALA B 172 28.73 -15.76 3.85
C ALA B 172 29.34 -14.99 5.02
N LYS B 173 30.15 -15.64 5.81
CA LYS B 173 30.78 -14.96 6.96
C LYS B 173 31.93 -14.05 6.49
N ASP B 174 32.44 -14.29 5.31
CA ASP B 174 33.57 -13.46 4.79
C ASP B 174 33.20 -11.97 4.78
N PHE B 175 32.07 -11.62 4.21
CA PHE B 175 31.67 -10.18 4.17
C PHE B 175 31.29 -9.68 5.56
N SER B 176 30.90 -10.55 6.45
CA SER B 176 30.53 -10.12 7.83
C SER B 176 30.30 -11.33 8.73
N LEU B 177 30.18 -11.11 10.02
CA LEU B 177 29.96 -12.26 10.95
C LEU B 177 28.50 -12.32 11.37
N ILE B 178 27.78 -13.33 10.92
CA ILE B 178 26.34 -13.44 11.29
C ILE B 178 25.90 -14.91 11.27
N LEU B 179 24.90 -15.25 12.03
CA LEU B 179 24.42 -16.66 12.06
C LEU B 179 23.15 -16.79 11.21
N ASP B 180 23.23 -17.50 10.12
CA ASP B 180 22.04 -17.65 9.23
C ASP B 180 22.07 -19.01 8.53
N ASP B 181 20.93 -19.51 8.15
CA ASP B 181 20.88 -20.83 7.46
C ASP B 181 20.73 -20.61 5.95
N VAL B 182 21.28 -21.49 5.16
CA VAL B 182 21.18 -21.30 3.68
C VAL B 182 20.80 -22.60 2.97
N ALA B 183 19.72 -22.59 2.23
CA ALA B 183 19.28 -23.79 1.49
C ALA B 183 18.57 -23.35 0.21
N ILE B 184 18.59 -24.16 -0.81
CA ILE B 184 17.98 -23.75 -2.10
C ILE B 184 17.09 -24.87 -2.68
N THR B 185 16.16 -24.51 -3.52
CA THR B 185 15.29 -25.53 -4.15
C THR B 185 15.89 -25.84 -5.52
N GLU B 186 16.45 -27.01 -5.67
CA GLU B 186 17.14 -27.36 -6.94
C GLU B 186 16.31 -28.27 -7.85
N LEU B 187 16.55 -28.17 -9.13
CA LEU B 187 15.85 -29.02 -10.12
C LEU B 187 16.85 -29.35 -11.23
N SER B 188 17.05 -30.60 -11.54
CA SER B 188 18.04 -30.97 -12.58
C SER B 188 17.36 -31.32 -13.92
N PHE B 189 18.05 -31.09 -15.01
CA PHE B 189 17.47 -31.40 -16.34
C PHE B 189 18.06 -32.71 -16.88
N SER B 190 17.22 -33.57 -17.38
CA SER B 190 17.72 -34.87 -17.92
C SER B 190 16.70 -35.49 -18.88
N MET C 1 35.50 57.20 19.70
CA MET C 1 34.86 58.51 19.98
C MET C 1 33.78 58.80 18.93
N ALA C 2 32.55 58.47 19.22
CA ALA C 2 31.45 58.73 18.24
C ALA C 2 30.09 58.61 18.94
N GLN C 3 29.26 59.61 18.80
CA GLN C 3 27.92 59.56 19.45
C GLN C 3 26.96 58.68 18.64
N ASN C 4 27.20 58.56 17.36
CA ASN C 4 26.31 57.70 16.52
C ASN C 4 26.32 56.25 17.02
N LEU C 5 27.48 55.73 17.32
CA LEU C 5 27.57 54.33 17.82
C LEU C 5 26.89 54.21 19.19
N LYS C 6 27.14 55.14 20.07
CA LYS C 6 26.50 55.08 21.42
C LYS C 6 25.00 55.34 21.31
N ASP C 7 24.59 56.11 20.35
CA ASP C 7 23.14 56.40 20.18
C ASP C 7 22.39 55.15 19.72
N LEU C 8 22.99 54.37 18.86
CA LEU C 8 22.32 53.14 18.37
C LEU C 8 22.05 52.18 19.55
N ALA C 9 22.93 52.15 20.50
CA ALA C 9 22.72 51.26 21.68
C ALA C 9 21.45 51.66 22.44
N GLY C 10 21.09 52.92 22.37
CA GLY C 10 19.86 53.38 23.08
C GLY C 10 18.62 52.93 22.32
N ARG C 11 18.75 52.62 21.06
CA ARG C 11 17.57 52.17 20.26
C ARG C 11 17.21 50.71 20.61
N LEU C 12 18.17 49.95 21.04
CA LEU C 12 17.89 48.52 21.39
C LEU C 12 16.87 48.45 22.54
N PRO C 13 17.19 49.07 23.65
CA PRO C 13 16.27 49.06 24.80
C PRO C 13 15.07 49.96 24.55
N ALA C 14 15.24 50.98 23.75
CA ALA C 14 14.11 51.90 23.44
C ALA C 14 13.01 51.15 22.69
N GLY C 15 11.83 51.06 23.28
CA GLY C 15 10.72 50.34 22.59
C GLY C 15 10.83 48.85 22.87
N PRO C 16 10.69 48.49 24.13
CA PRO C 16 10.78 47.06 24.52
C PRO C 16 9.53 46.29 24.07
N ARG C 17 8.53 46.98 23.61
CA ARG C 17 7.28 46.29 23.16
C ARG C 17 7.60 45.38 21.96
N GLY C 18 8.50 45.81 21.12
CA GLY C 18 8.86 44.98 19.92
C GLY C 18 9.48 43.65 20.38
N MET C 19 10.18 43.68 21.47
CA MET C 19 10.82 42.41 21.96
C MET C 19 9.74 41.43 22.42
N GLY C 20 8.66 41.93 22.97
CA GLY C 20 7.57 41.02 23.43
C GLY C 20 6.97 40.28 22.24
N THR C 21 6.71 40.99 21.16
CA THR C 21 6.12 40.32 19.96
C THR C 21 7.12 39.32 19.38
N ALA C 22 8.39 39.53 19.59
CA ALA C 22 9.41 38.59 19.05
C ALA C 22 9.10 37.16 19.50
N LEU C 23 8.49 37.01 20.64
CA LEU C 23 8.16 35.64 21.13
C LEU C 23 7.13 34.98 20.21
N LYS C 24 6.10 35.70 19.86
CA LYS C 24 5.05 35.13 18.96
C LYS C 24 5.70 34.57 17.69
N LEU C 25 6.77 35.19 17.25
CA LEU C 25 7.46 34.71 16.02
C LEU C 25 8.13 33.36 16.30
N LEU C 26 8.70 33.20 17.46
CA LEU C 26 9.37 31.91 17.80
C LEU C 26 8.37 30.75 17.73
N LEU C 27 7.18 30.97 18.22
CA LEU C 27 6.15 29.88 18.18
C LEU C 27 5.76 29.58 16.73
N GLY C 28 5.77 30.57 15.88
CA GLY C 28 5.40 30.34 14.46
C GLY C 28 6.47 29.47 13.78
N ALA C 29 7.71 29.65 14.15
CA ALA C 29 8.79 28.83 13.54
C ALA C 29 8.60 27.35 13.88
N GLY C 30 8.17 27.07 15.09
CA GLY C 30 7.96 25.65 15.49
C GLY C 30 6.85 25.04 14.63
N ALA C 31 5.82 25.78 14.36
CA ALA C 31 4.70 25.25 13.53
C ALA C 31 5.15 25.09 12.08
N VAL C 32 5.93 26.01 11.58
CA VAL C 32 6.41 25.91 10.17
C VAL C 32 7.44 24.77 10.04
N ALA C 33 8.15 24.49 11.10
CA ALA C 33 9.16 23.40 11.04
C ALA C 33 8.49 22.07 10.72
N TYR C 34 7.27 21.89 11.16
CA TYR C 34 6.55 20.61 10.89
C TYR C 34 6.39 20.41 9.38
N GLY C 35 5.93 21.42 8.69
CA GLY C 35 5.76 21.30 7.20
C GLY C 35 7.09 20.91 6.56
N VAL C 36 8.18 21.36 7.12
CA VAL C 36 9.51 21.02 6.55
C VAL C 36 9.93 19.62 6.98
N ARG C 37 9.49 19.18 8.13
CA ARG C 37 9.85 17.81 8.61
C ARG C 37 9.43 16.74 7.60
N GLU C 38 8.40 16.99 6.84
CA GLU C 38 7.93 15.98 5.84
C GLU C 38 8.83 16.02 4.58
N SER C 39 9.45 17.13 4.26
CA SER C 39 10.32 17.19 3.03
C SER C 39 11.72 17.79 3.34
N VAL C 40 12.63 17.75 2.39
CA VAL C 40 14.01 18.32 2.61
C VAL C 40 14.86 18.21 1.33
N PHE C 41 16.01 18.87 1.29
CA PHE C 41 16.88 18.79 0.05
C PHE C 41 18.20 18.05 0.35
N THR C 42 18.82 18.32 1.47
CA THR C 42 20.11 17.62 1.79
C THR C 42 19.97 16.11 1.63
N VAL C 43 20.71 15.52 0.73
CA VAL C 43 20.62 14.05 0.51
C VAL C 43 20.87 13.30 1.84
N GLU C 44 19.86 12.67 2.37
CA GLU C 44 20.03 11.94 3.65
C GLU C 44 21.12 10.87 3.51
N GLY C 45 20.81 9.76 2.90
CA GLY C 45 21.83 8.68 2.74
C GLY C 45 21.30 7.62 1.77
N GLY C 46 22.16 6.80 1.24
CA GLY C 46 21.72 5.74 0.29
C GLY C 46 21.02 6.39 -0.90
N HIS C 47 21.29 7.63 -1.16
CA HIS C 47 20.65 8.32 -2.31
C HIS C 47 21.54 9.44 -2.84
N ARG C 48 21.40 9.76 -4.10
CA ARG C 48 22.28 10.80 -4.74
C ARG C 48 21.46 12.04 -5.16
N ALA C 49 22.12 13.19 -5.29
CA ALA C 49 21.37 14.45 -5.66
C ALA C 49 21.50 14.81 -7.15
N ILE C 50 20.51 15.52 -7.65
CA ILE C 50 20.49 15.94 -9.09
C ILE C 50 19.97 17.39 -9.16
N PHE C 51 20.36 18.17 -10.17
CA PHE C 51 19.90 19.62 -10.20
C PHE C 51 19.11 20.03 -11.46
N PHE C 52 18.14 20.90 -11.28
CA PHE C 52 17.33 21.43 -12.41
C PHE C 52 16.60 22.73 -11.97
N ASN C 53 16.27 23.61 -12.90
CA ASN C 53 15.58 24.89 -12.52
C ASN C 53 14.18 25.00 -13.15
N ARG C 54 13.27 25.73 -12.53
CA ARG C 54 11.88 25.88 -13.10
C ARG C 54 11.93 26.05 -14.63
N ILE C 55 12.43 27.17 -15.09
CA ILE C 55 12.51 27.39 -16.56
C ILE C 55 13.56 26.46 -17.18
N GLY C 56 13.13 25.49 -17.94
CA GLY C 56 14.09 24.54 -18.57
C GLY C 56 13.50 23.14 -18.60
N GLY C 57 14.28 22.16 -18.99
CA GLY C 57 13.76 20.75 -19.04
C GLY C 57 13.96 20.10 -17.66
N VAL C 58 12.91 19.56 -17.11
CA VAL C 58 13.03 18.89 -15.77
C VAL C 58 13.96 17.67 -15.86
N GLN C 59 14.55 17.29 -14.76
CA GLN C 59 15.46 16.11 -14.77
C GLN C 59 14.69 14.86 -15.19
N GLN C 60 15.21 13.68 -14.89
CA GLN C 60 14.50 12.43 -15.27
C GLN C 60 15.05 11.23 -14.49
N ASP C 61 14.75 11.16 -13.22
CA ASP C 61 15.24 10.01 -12.39
C ASP C 61 16.75 9.81 -12.57
N THR C 62 17.55 10.38 -11.70
CA THR C 62 19.03 10.21 -11.81
C THR C 62 19.73 10.50 -10.46
N ILE C 63 20.58 9.61 -10.01
CA ILE C 63 21.30 9.83 -8.70
C ILE C 63 22.84 9.71 -8.86
N LEU C 64 23.59 10.69 -8.35
CA LEU C 64 25.09 10.64 -8.42
C LEU C 64 25.70 10.14 -7.07
N ALA C 65 26.07 11.03 -6.16
CA ALA C 65 26.67 10.58 -4.84
C ALA C 65 26.19 11.51 -3.68
N GLU C 66 26.68 11.30 -2.45
CA GLU C 66 26.23 12.17 -1.30
C GLU C 66 27.13 13.40 -1.12
N GLY C 67 26.58 14.46 -0.58
CA GLY C 67 27.36 15.71 -0.36
C GLY C 67 26.62 16.55 0.69
N LEU C 68 27.29 17.44 1.39
CA LEU C 68 26.54 18.27 2.40
C LEU C 68 26.19 19.60 1.74
N HIS C 69 24.93 19.76 1.37
CA HIS C 69 24.47 21.01 0.71
C HIS C 69 22.93 21.11 0.83
N PHE C 70 22.40 22.31 0.83
CA PHE C 70 20.92 22.45 0.93
C PHE C 70 20.38 23.20 -0.30
N ARG C 71 19.17 22.92 -0.71
CA ARG C 71 18.59 23.62 -1.90
C ARG C 71 18.26 25.06 -1.52
N ILE C 72 19.24 25.83 -1.13
CA ILE C 72 18.97 27.23 -0.75
C ILE C 72 19.78 28.23 -1.61
N PRO C 73 20.09 27.86 -2.84
CA PRO C 73 20.85 28.78 -3.73
C PRO C 73 19.92 29.89 -4.26
N TRP C 74 19.23 29.65 -5.34
CA TRP C 74 18.31 30.69 -5.90
C TRP C 74 17.43 30.09 -7.00
N PHE C 75 17.94 29.14 -7.75
CA PHE C 75 17.11 28.53 -8.84
C PHE C 75 17.37 27.02 -8.96
N GLN C 76 17.34 26.30 -7.85
CA GLN C 76 17.56 24.82 -7.93
C GLN C 76 16.26 24.08 -7.59
N TYR C 77 16.09 22.89 -8.11
CA TYR C 77 14.84 22.13 -7.85
C TYR C 77 15.12 20.80 -7.16
N PRO C 78 14.15 20.31 -6.43
CA PRO C 78 14.30 19.04 -5.72
C PRO C 78 13.64 17.90 -6.51
N ILE C 79 14.45 17.05 -7.08
CA ILE C 79 13.93 15.85 -7.83
C ILE C 79 15.09 14.84 -7.86
N ILE C 80 14.98 13.76 -7.12
CA ILE C 80 16.09 12.77 -7.07
C ILE C 80 15.58 11.35 -7.38
N TYR C 81 16.45 10.49 -7.85
CA TYR C 81 16.03 9.10 -8.20
C TYR C 81 16.42 8.13 -7.07
N ASP C 82 15.48 7.33 -6.62
CA ASP C 82 15.78 6.36 -5.52
C ASP C 82 15.95 4.95 -6.10
N ILE C 83 16.77 4.14 -5.48
CA ILE C 83 16.99 2.76 -5.97
C ILE C 83 16.05 1.78 -5.25
N ARG C 84 15.74 0.67 -5.88
CA ARG C 84 14.85 -0.33 -5.23
C ARG C 84 14.81 -1.63 -6.06
N ALA C 85 14.23 -2.66 -5.54
CA ALA C 85 14.16 -3.95 -6.30
C ALA C 85 13.49 -3.71 -7.66
N ARG C 86 13.86 -4.49 -8.65
CA ARG C 86 13.25 -4.29 -10.00
C ARG C 86 12.75 -5.62 -10.58
N PRO C 87 11.45 -5.79 -10.64
CA PRO C 87 10.85 -7.00 -11.20
C PRO C 87 10.39 -6.75 -12.64
N ARG C 88 11.06 -7.33 -13.60
CA ARG C 88 10.66 -7.12 -15.02
C ARG C 88 11.21 -8.25 -15.92
N LYS C 89 10.35 -9.15 -16.40
CA LYS C 89 10.84 -10.30 -17.25
C LYS C 89 9.68 -10.94 -18.06
N ILE C 90 9.99 -11.57 -19.20
CA ILE C 90 8.89 -12.22 -20.02
C ILE C 90 9.39 -13.48 -20.75
N SER C 91 8.47 -14.38 -21.05
CA SER C 91 8.84 -15.60 -21.80
C SER C 91 8.42 -15.41 -23.26
N SER C 92 9.36 -15.27 -24.16
CA SER C 92 8.99 -15.04 -25.59
C SER C 92 9.26 -16.30 -26.43
N PRO C 93 8.27 -16.71 -27.19
CA PRO C 93 8.39 -17.90 -28.05
C PRO C 93 8.69 -17.46 -29.49
N THR C 94 9.88 -17.71 -29.97
CA THR C 94 10.23 -17.31 -31.36
C THR C 94 11.34 -18.21 -31.91
N GLY C 95 11.30 -18.53 -33.18
CA GLY C 95 12.35 -19.40 -33.76
C GLY C 95 12.61 -18.98 -35.21
N SER C 96 13.86 -18.83 -35.58
CA SER C 96 14.18 -18.44 -36.98
C SER C 96 15.52 -19.04 -37.41
N LYS C 97 15.95 -20.10 -36.76
CA LYS C 97 17.24 -20.73 -37.14
C LYS C 97 17.16 -22.26 -36.96
N ASP C 98 15.97 -22.79 -36.82
CA ASP C 98 15.85 -24.28 -36.64
C ASP C 98 14.39 -24.72 -36.80
N LEU C 99 13.58 -23.95 -37.49
CA LEU C 99 12.14 -24.33 -37.68
C LEU C 99 11.50 -24.69 -36.34
N GLN C 100 10.44 -25.45 -36.35
CA GLN C 100 9.77 -25.85 -35.07
C GLN C 100 9.47 -24.62 -34.22
N MET C 101 9.18 -24.82 -32.96
CA MET C 101 8.89 -23.65 -32.08
C MET C 101 10.03 -23.43 -31.09
N VAL C 102 10.76 -22.34 -31.25
CA VAL C 102 11.89 -22.06 -30.31
C VAL C 102 11.49 -20.93 -29.37
N ASN C 103 12.05 -20.90 -28.19
CA ASN C 103 11.69 -19.82 -27.22
C ASN C 103 12.95 -19.10 -26.73
N ILE C 104 12.81 -17.85 -26.37
CA ILE C 104 13.99 -17.08 -25.88
C ILE C 104 13.54 -15.98 -24.92
N SER C 105 13.89 -16.09 -23.66
CA SER C 105 13.49 -15.05 -22.66
C SER C 105 14.72 -14.30 -22.16
N LEU C 106 14.60 -13.02 -21.94
CA LEU C 106 15.78 -12.24 -21.45
C LEU C 106 15.34 -11.11 -20.51
N ARG C 107 16.19 -10.76 -19.59
CA ARG C 107 15.84 -9.68 -18.62
C ARG C 107 17.11 -8.93 -18.18
N VAL C 108 16.98 -7.68 -17.84
CA VAL C 108 18.18 -6.90 -17.41
C VAL C 108 18.03 -6.44 -15.96
N LEU C 109 19.13 -6.28 -15.26
CA LEU C 109 19.05 -5.83 -13.84
C LEU C 109 19.65 -4.43 -13.70
N SER C 110 19.09 -3.62 -12.84
CA SER C 110 19.64 -2.25 -12.65
C SER C 110 20.35 -2.13 -11.31
N ARG C 111 21.61 -1.79 -11.32
CA ARG C 111 22.37 -1.66 -10.04
C ARG C 111 23.02 -0.28 -9.93
N PRO C 112 22.91 0.32 -8.77
CA PRO C 112 23.50 1.67 -8.57
C PRO C 112 25.03 1.56 -8.45
N ASN C 113 25.72 1.57 -9.54
CA ASN C 113 27.21 1.49 -9.50
C ASN C 113 27.84 2.79 -9.98
N ALA C 114 28.99 3.14 -9.47
CA ALA C 114 29.66 4.40 -9.90
C ALA C 114 28.70 5.59 -9.77
N GLN C 115 29.07 6.72 -10.33
CA GLN C 115 28.18 7.92 -10.23
C GLN C 115 28.19 8.69 -11.56
N GLU C 116 27.06 8.76 -12.22
CA GLU C 116 27.00 9.50 -13.51
C GLU C 116 25.54 9.64 -13.96
N LEU C 117 24.64 9.88 -13.04
CA LEU C 117 23.20 10.03 -13.41
C LEU C 117 22.89 11.44 -13.95
N PRO C 118 23.60 12.45 -13.49
CA PRO C 118 23.34 13.82 -13.99
C PRO C 118 23.75 13.94 -15.47
N SER C 119 24.80 13.27 -15.87
CA SER C 119 25.23 13.33 -17.29
C SER C 119 24.35 12.38 -18.12
N MET C 120 23.98 11.28 -17.55
CA MET C 120 23.13 10.30 -18.28
C MET C 120 21.65 10.74 -18.25
N TYR C 121 21.31 11.61 -17.33
CA TYR C 121 19.88 12.07 -17.23
C TYR C 121 19.33 12.44 -18.62
N GLN C 122 19.84 13.48 -19.23
CA GLN C 122 19.33 13.89 -20.58
C GLN C 122 19.97 13.02 -21.67
N ARG C 123 21.11 12.45 -21.41
CA ARG C 123 21.78 11.60 -22.45
C ARG C 123 21.10 10.23 -22.53
N LEU C 124 20.47 9.81 -21.45
CA LEU C 124 19.79 8.48 -21.46
C LEU C 124 18.65 8.47 -22.50
N GLY C 125 18.07 9.61 -22.75
CA GLY C 125 16.97 9.68 -23.75
C GLY C 125 15.67 10.07 -23.05
N LEU C 126 14.56 10.01 -23.76
CA LEU C 126 13.26 10.37 -23.13
C LEU C 126 12.87 9.34 -22.08
N ASP C 127 11.92 9.65 -21.24
CA ASP C 127 11.49 8.69 -20.17
C ASP C 127 12.71 8.22 -19.37
N TYR C 128 12.62 7.08 -18.74
CA TYR C 128 13.78 6.59 -17.93
C TYR C 128 14.08 5.13 -18.31
N GLU C 129 13.89 4.19 -17.42
CA GLU C 129 14.17 2.77 -17.76
C GLU C 129 13.01 2.15 -18.54
N GLU C 130 11.79 2.46 -18.16
CA GLU C 130 10.60 1.89 -18.87
C GLU C 130 10.76 2.02 -20.40
N ARG C 131 11.52 2.97 -20.85
CA ARG C 131 11.71 3.16 -22.32
C ARG C 131 12.74 2.18 -22.87
N VAL C 132 13.99 2.32 -22.46
CA VAL C 132 15.06 1.42 -22.99
C VAL C 132 15.07 0.05 -22.28
N LEU C 133 14.60 -0.02 -21.06
CA LEU C 133 14.61 -1.33 -20.33
C LEU C 133 13.95 -2.44 -21.16
N PRO C 134 12.77 -2.17 -21.67
CA PRO C 134 12.07 -3.20 -22.48
C PRO C 134 12.69 -3.30 -23.87
N SER C 135 13.14 -2.20 -24.41
CA SER C 135 13.77 -2.24 -25.76
C SER C 135 15.07 -3.04 -25.72
N ILE C 136 15.96 -2.71 -24.83
CA ILE C 136 17.24 -3.47 -24.74
C ILE C 136 16.98 -4.94 -24.43
N VAL C 137 15.92 -5.23 -23.72
CA VAL C 137 15.60 -6.64 -23.37
C VAL C 137 14.93 -7.35 -24.56
N ASN C 138 14.01 -6.69 -25.20
CA ASN C 138 13.32 -7.32 -26.37
C ASN C 138 14.19 -7.23 -27.63
N GLU C 139 14.99 -6.21 -27.74
CA GLU C 139 15.86 -6.07 -28.94
C GLU C 139 16.86 -7.22 -29.01
N VAL C 140 17.76 -7.29 -28.06
CA VAL C 140 18.77 -8.40 -28.07
C VAL C 140 18.07 -9.76 -28.03
N LEU C 141 16.89 -9.81 -27.48
CA LEU C 141 16.16 -11.10 -27.39
C LEU C 141 15.64 -11.52 -28.78
N LYS C 142 15.21 -10.56 -29.57
CA LYS C 142 14.68 -10.89 -30.92
C LYS C 142 15.84 -11.11 -31.91
N SER C 143 16.97 -10.51 -31.67
CA SER C 143 18.12 -10.69 -32.60
C SER C 143 18.85 -12.00 -32.31
N VAL C 144 19.00 -12.36 -31.07
CA VAL C 144 19.74 -13.62 -30.72
C VAL C 144 18.91 -14.86 -31.09
N VAL C 145 17.62 -14.83 -30.87
CA VAL C 145 16.77 -16.01 -31.19
C VAL C 145 16.94 -16.39 -32.68
N ALA C 146 17.24 -15.44 -33.51
CA ALA C 146 17.43 -15.75 -34.96
C ALA C 146 18.82 -16.35 -35.20
N LYS C 147 19.80 -15.89 -34.46
CA LYS C 147 21.18 -16.42 -34.64
C LYS C 147 21.33 -17.75 -33.90
N PHE C 148 20.89 -17.82 -32.67
CA PHE C 148 21.01 -19.08 -31.89
C PHE C 148 20.22 -20.21 -32.58
N ASN C 149 20.39 -21.43 -32.13
CA ASN C 149 19.66 -22.56 -32.75
C ASN C 149 18.69 -23.17 -31.73
N ALA C 150 17.75 -23.95 -32.19
CA ALA C 150 16.77 -24.58 -31.25
C ALA C 150 17.38 -25.81 -30.59
N SER C 151 18.19 -26.55 -31.31
CA SER C 151 18.82 -27.77 -30.71
C SER C 151 19.64 -27.38 -29.47
N GLN C 152 20.52 -26.44 -29.61
CA GLN C 152 21.35 -26.01 -28.44
C GLN C 152 20.48 -25.30 -27.41
N LEU C 153 19.40 -24.69 -27.83
CA LEU C 153 18.51 -23.98 -26.87
C LEU C 153 17.87 -24.98 -25.91
N ILE C 154 17.32 -26.06 -26.44
CA ILE C 154 16.68 -27.07 -25.56
C ILE C 154 17.73 -27.74 -24.66
N THR C 155 18.96 -27.76 -25.09
CA THR C 155 20.02 -28.39 -24.26
C THR C 155 20.18 -27.64 -22.94
N GLN C 156 20.16 -26.34 -22.98
CA GLN C 156 20.30 -25.54 -21.73
C GLN C 156 19.89 -24.09 -21.96
N ARG C 157 18.92 -23.61 -21.24
CA ARG C 157 18.47 -22.20 -21.42
C ARG C 157 19.55 -21.22 -20.93
N ALA C 158 20.44 -21.68 -20.08
CA ALA C 158 21.51 -20.78 -19.56
C ALA C 158 22.60 -20.60 -20.62
N GLN C 159 22.82 -21.59 -21.44
CA GLN C 159 23.87 -21.47 -22.50
C GLN C 159 23.52 -20.37 -23.49
N VAL C 160 22.25 -20.04 -23.61
CA VAL C 160 21.83 -18.97 -24.56
C VAL C 160 22.26 -17.60 -24.02
N SER C 161 22.21 -17.41 -22.73
CA SER C 161 22.61 -16.10 -22.14
C SER C 161 24.12 -15.89 -22.29
N LEU C 162 24.86 -16.95 -22.47
CA LEU C 162 26.34 -16.81 -22.61
C LEU C 162 26.68 -15.91 -23.80
N LEU C 163 26.10 -16.16 -24.93
CA LEU C 163 26.40 -15.32 -26.14
C LEU C 163 25.72 -13.95 -26.01
N ILE C 164 24.57 -13.91 -25.37
CA ILE C 164 23.86 -12.61 -25.22
C ILE C 164 24.52 -11.76 -24.13
N ARG C 165 25.25 -12.39 -23.23
CA ARG C 165 25.92 -11.62 -22.14
C ARG C 165 26.87 -10.57 -22.73
N ARG C 166 27.48 -10.86 -23.85
CA ARG C 166 28.41 -9.86 -24.46
C ARG C 166 27.63 -8.78 -25.21
N GLU C 167 26.47 -9.11 -25.72
CA GLU C 167 25.67 -8.11 -26.47
C GLU C 167 24.90 -7.20 -25.50
N LEU C 168 24.56 -7.71 -24.35
CA LEU C 168 23.81 -6.88 -23.35
C LEU C 168 24.76 -5.95 -22.60
N THR C 169 25.98 -6.37 -22.40
CA THR C 169 26.95 -5.51 -21.66
C THR C 169 27.22 -4.22 -22.45
N GLU C 170 27.32 -4.32 -23.75
CA GLU C 170 27.59 -3.10 -24.57
C GLU C 170 26.30 -2.30 -24.79
N ARG C 171 25.16 -2.93 -24.64
CA ARG C 171 23.87 -2.21 -24.85
C ARG C 171 23.53 -1.37 -23.61
N ALA C 172 23.37 -2.01 -22.47
CA ALA C 172 23.02 -1.25 -21.23
C ALA C 172 24.12 -0.23 -20.92
N LYS C 173 25.32 -0.48 -21.33
CA LYS C 173 26.44 0.47 -21.04
C LYS C 173 26.38 1.66 -22.01
N ASP C 174 25.91 1.43 -23.21
CA ASP C 174 25.83 2.54 -24.20
C ASP C 174 24.91 3.65 -23.69
N PHE C 175 23.95 3.31 -22.88
CA PHE C 175 23.01 4.34 -22.33
C PHE C 175 23.60 4.98 -21.07
N SER C 176 24.17 4.19 -20.20
CA SER C 176 24.75 4.75 -18.95
C SER C 176 25.79 3.78 -18.37
N LEU C 177 26.38 4.12 -17.25
CA LEU C 177 27.39 3.22 -16.64
C LEU C 177 26.78 2.46 -15.45
N ILE C 178 26.59 1.19 -15.59
CA ILE C 178 25.99 0.39 -14.48
C ILE C 178 26.46 -1.07 -14.57
N LEU C 179 26.52 -1.75 -13.46
CA LEU C 179 26.96 -3.18 -13.47
C LEU C 179 25.75 -4.10 -13.37
N ASP C 180 25.50 -4.88 -14.37
CA ASP C 180 24.33 -5.80 -14.36
C ASP C 180 24.77 -7.24 -14.63
N ASP C 181 24.03 -8.20 -14.14
CA ASP C 181 24.40 -9.62 -14.37
C ASP C 181 23.55 -10.20 -15.51
N VAL C 182 24.11 -11.06 -16.32
CA VAL C 182 23.32 -11.62 -17.45
C VAL C 182 22.86 -13.06 -17.16
N ALA C 183 21.59 -13.23 -16.96
CA ALA C 183 21.02 -14.58 -16.68
C ALA C 183 19.53 -14.55 -16.99
N ILE C 184 18.94 -15.64 -17.40
CA ILE C 184 17.49 -15.58 -17.73
C ILE C 184 16.78 -16.92 -17.48
N THR C 185 15.52 -16.85 -17.17
CA THR C 185 14.72 -18.10 -16.95
C THR C 185 13.89 -18.31 -18.21
N GLU C 186 14.20 -19.31 -18.99
CA GLU C 186 13.44 -19.52 -20.27
C GLU C 186 12.86 -20.92 -20.39
N LEU C 187 11.77 -21.02 -21.10
CA LEU C 187 11.13 -22.33 -21.35
C LEU C 187 11.03 -22.51 -22.86
N SER C 188 11.39 -23.66 -23.37
CA SER C 188 11.35 -23.85 -24.86
C SER C 188 10.11 -24.63 -25.29
N PHE C 189 9.65 -24.39 -26.49
CA PHE C 189 8.45 -25.11 -27.00
C PHE C 189 8.86 -26.22 -27.96
N SER C 190 8.10 -27.28 -28.02
CA SER C 190 8.46 -28.41 -28.93
C SER C 190 7.19 -28.96 -29.60
N MET D 1 7.54 66.89 -3.42
CA MET D 1 7.17 68.34 -3.42
C MET D 1 5.66 68.50 -3.21
N ALA D 2 4.86 67.75 -3.91
CA ALA D 2 3.38 67.86 -3.75
C ALA D 2 2.98 67.45 -2.32
N GLN D 3 1.86 67.95 -1.86
CA GLN D 3 1.41 67.60 -0.48
C GLN D 3 0.86 66.17 -0.46
N ASN D 4 0.37 65.69 -1.56
CA ASN D 4 -0.19 64.30 -1.60
C ASN D 4 0.95 63.28 -1.46
N LEU D 5 2.07 63.53 -2.08
CA LEU D 5 3.21 62.57 -1.98
C LEU D 5 3.83 62.65 -0.58
N LYS D 6 3.73 63.76 0.08
CA LYS D 6 4.32 63.90 1.44
C LYS D 6 3.36 63.33 2.48
N ASP D 7 2.09 63.63 2.37
CA ASP D 7 1.10 63.11 3.35
C ASP D 7 1.00 61.59 3.25
N LEU D 8 1.25 61.05 2.09
CA LEU D 8 1.17 59.56 1.93
C LEU D 8 2.19 58.88 2.84
N ALA D 9 3.32 59.50 3.07
CA ALA D 9 4.35 58.88 3.94
C ALA D 9 3.84 58.80 5.38
N GLY D 10 3.02 59.73 5.78
CA GLY D 10 2.48 59.70 7.17
C GLY D 10 1.32 58.69 7.26
N ARG D 11 0.68 58.42 6.16
CA ARG D 11 -0.46 57.44 6.18
C ARG D 11 0.07 56.01 6.15
N LEU D 12 1.27 55.82 5.66
CA LEU D 12 1.84 54.44 5.60
C LEU D 12 1.92 53.83 7.02
N PRO D 13 2.59 54.53 7.91
CA PRO D 13 2.73 54.02 9.30
C PRO D 13 1.40 54.18 10.05
N ALA D 14 1.15 53.34 11.02
CA ALA D 14 -0.12 53.43 11.78
C ALA D 14 0.16 53.33 13.29
N GLY D 15 1.05 54.15 13.79
CA GLY D 15 1.37 54.10 15.24
C GLY D 15 2.04 52.77 15.57
N PRO D 16 2.46 52.63 16.81
CA PRO D 16 3.14 51.39 17.24
C PRO D 16 2.11 50.25 17.38
N ARG D 17 0.88 50.58 17.67
CA ARG D 17 -0.17 49.52 17.81
C ARG D 17 -0.45 48.88 16.45
N GLY D 18 -0.38 49.65 15.40
CA GLY D 18 -0.65 49.07 14.04
C GLY D 18 0.52 48.18 13.62
N MET D 19 1.71 48.71 13.62
CA MET D 19 2.89 47.89 13.21
C MET D 19 3.06 46.70 14.15
N GLY D 20 2.56 46.79 15.35
CA GLY D 20 2.70 45.67 16.32
C GLY D 20 1.75 44.53 15.93
N THR D 21 0.55 44.87 15.54
CA THR D 21 -0.42 43.80 15.14
C THR D 21 -0.01 43.18 13.80
N ALA D 22 0.71 43.92 12.99
CA ALA D 22 1.14 43.37 11.66
C ALA D 22 1.96 42.09 11.85
N LEU D 23 2.60 41.95 12.99
CA LEU D 23 3.42 40.73 13.23
C LEU D 23 2.53 39.49 13.24
N LYS D 24 1.40 39.56 13.89
CA LYS D 24 0.48 38.38 13.94
C LYS D 24 0.13 37.92 12.52
N LEU D 25 0.12 38.83 11.58
CA LEU D 25 -0.20 38.45 10.16
C LEU D 25 0.92 37.61 9.57
N LEU D 26 2.15 38.03 9.73
CA LEU D 26 3.29 37.25 9.17
C LEU D 26 3.30 35.83 9.76
N LEU D 27 2.79 35.68 10.94
CA LEU D 27 2.76 34.33 11.57
C LEU D 27 1.69 33.45 10.93
N GLY D 28 0.56 34.03 10.62
CA GLY D 28 -0.54 33.23 10.00
C GLY D 28 -0.08 32.71 8.63
N ALA D 29 0.74 33.47 7.94
CA ALA D 29 1.22 33.01 6.61
C ALA D 29 2.08 31.75 6.75
N GLY D 30 2.76 31.60 7.85
CA GLY D 30 3.61 30.39 8.04
C GLY D 30 2.72 29.15 8.17
N ALA D 31 1.53 29.32 8.67
CA ALA D 31 0.61 28.15 8.82
C ALA D 31 -0.05 27.82 7.48
N VAL D 32 -0.47 28.81 6.75
CA VAL D 32 -1.13 28.56 5.44
C VAL D 32 -0.13 27.89 4.48
N ALA D 33 1.13 28.01 4.73
CA ALA D 33 2.15 27.38 3.83
C ALA D 33 2.13 25.85 3.99
N TYR D 34 1.96 25.37 5.19
CA TYR D 34 1.92 23.90 5.40
C TYR D 34 0.79 23.26 4.57
N GLY D 35 -0.37 23.86 4.60
CA GLY D 35 -1.51 23.29 3.81
C GLY D 35 -1.11 23.21 2.34
N VAL D 36 -0.27 24.12 1.89
CA VAL D 36 0.16 24.09 0.47
C VAL D 36 1.28 23.07 0.28
N ARG D 37 2.06 22.82 1.29
CA ARG D 37 3.17 21.82 1.17
C ARG D 37 2.63 20.46 0.72
N GLU D 38 1.41 20.14 1.08
CA GLU D 38 0.83 18.82 0.67
C GLU D 38 0.31 18.86 -0.79
N SER D 39 -0.09 20.02 -1.29
CA SER D 39 -0.61 20.09 -2.70
C SER D 39 -0.08 21.32 -3.45
N VAL D 40 -0.21 21.35 -4.76
CA VAL D 40 0.28 22.53 -5.56
C VAL D 40 -0.15 22.40 -7.03
N PHE D 41 0.02 23.44 -7.83
CA PHE D 41 -0.39 23.36 -9.27
C PHE D 41 0.84 23.20 -10.19
N THR D 42 1.89 23.97 -10.01
CA THR D 42 3.10 23.82 -10.90
C THR D 42 3.52 22.35 -10.96
N VAL D 43 3.41 21.73 -12.10
CA VAL D 43 3.81 20.29 -12.23
C VAL D 43 5.25 20.09 -11.77
N GLU D 44 5.65 18.87 -11.57
CA GLU D 44 7.05 18.59 -11.11
C GLU D 44 7.56 17.28 -11.69
N GLY D 45 8.83 17.02 -11.58
CA GLY D 45 9.39 15.75 -12.14
C GLY D 45 9.14 15.70 -13.65
N GLY D 46 8.98 14.52 -14.18
CA GLY D 46 8.73 14.40 -15.65
C GLY D 46 7.22 14.31 -15.91
N HIS D 47 6.46 15.23 -15.39
CA HIS D 47 4.99 15.19 -15.61
C HIS D 47 4.54 16.36 -16.48
N ARG D 48 3.47 16.19 -17.19
CA ARG D 48 2.97 17.25 -18.11
C ARG D 48 1.64 17.85 -17.58
N ALA D 49 1.29 19.06 -17.98
CA ALA D 49 0.04 19.72 -17.44
C ALA D 49 -1.17 19.64 -18.37
N ILE D 50 -2.34 19.70 -17.78
CA ILE D 50 -3.63 19.63 -18.54
C ILE D 50 -4.58 20.75 -18.03
N PHE D 51 -5.49 21.25 -18.84
CA PHE D 51 -6.37 22.38 -18.34
C PHE D 51 -7.88 22.12 -18.48
N PHE D 52 -8.65 22.56 -17.50
CA PHE D 52 -10.15 22.41 -17.55
C PHE D 52 -10.82 23.37 -16.55
N ASN D 53 -12.05 23.77 -16.80
CA ASN D 53 -12.73 24.72 -15.86
C ASN D 53 -13.99 24.08 -15.22
N ARG D 54 -14.37 24.54 -14.03
CA ARG D 54 -15.58 23.95 -13.35
C ARG D 54 -16.78 23.94 -14.31
N ILE D 55 -17.22 22.78 -14.71
CA ILE D 55 -18.41 22.69 -15.63
C ILE D 55 -18.83 21.23 -15.83
N GLY D 56 -17.87 20.32 -15.88
CA GLY D 56 -18.22 18.88 -16.07
C GLY D 56 -17.01 18.02 -15.71
N GLY D 57 -16.72 17.02 -16.50
CA GLY D 57 -15.55 16.15 -16.21
C GLY D 57 -14.79 15.85 -17.50
N VAL D 58 -13.80 16.64 -17.81
CA VAL D 58 -13.02 16.42 -19.06
C VAL D 58 -11.55 16.83 -18.85
N GLN D 59 -10.70 16.49 -19.77
CA GLN D 59 -9.25 16.86 -19.62
C GLN D 59 -8.66 16.23 -18.36
N GLN D 60 -8.39 14.95 -18.40
CA GLN D 60 -7.82 14.27 -17.19
C GLN D 60 -6.63 13.40 -17.61
N ASP D 61 -6.86 12.40 -18.42
CA ASP D 61 -5.75 11.50 -18.85
C ASP D 61 -4.89 12.21 -19.92
N THR D 62 -4.21 13.26 -19.55
CA THR D 62 -3.38 13.99 -20.55
C THR D 62 -2.09 14.56 -19.93
N ILE D 63 -1.09 14.82 -20.75
CA ILE D 63 0.19 15.38 -20.26
C ILE D 63 1.01 15.95 -21.47
N LEU D 64 1.33 17.23 -21.46
CA LEU D 64 2.14 17.84 -22.57
C LEU D 64 3.64 17.95 -22.17
N ALA D 65 4.07 19.05 -21.56
CA ALA D 65 5.51 19.19 -21.14
C ALA D 65 5.62 20.07 -19.86
N GLU D 66 6.81 20.48 -19.46
CA GLU D 66 6.94 21.31 -18.21
C GLU D 66 7.20 22.80 -18.52
N GLY D 67 6.60 23.65 -17.75
CA GLY D 67 6.75 25.13 -17.90
C GLY D 67 6.30 25.75 -16.57
N LEU D 68 6.70 26.95 -16.22
CA LEU D 68 6.20 27.44 -14.90
C LEU D 68 4.90 28.20 -15.13
N HIS D 69 3.81 27.50 -14.95
CA HIS D 69 2.43 28.06 -15.12
C HIS D 69 1.44 27.04 -14.56
N PHE D 70 0.47 27.42 -13.77
CA PHE D 70 -0.49 26.39 -13.27
C PHE D 70 -1.56 26.98 -12.35
N ARG D 71 -2.80 26.64 -12.62
CA ARG D 71 -3.93 27.12 -11.77
C ARG D 71 -3.76 28.61 -11.43
N ILE D 72 -3.35 29.41 -12.37
CA ILE D 72 -3.17 30.87 -12.10
C ILE D 72 -4.53 31.60 -12.15
N PRO D 73 -5.28 31.38 -13.22
CA PRO D 73 -6.60 32.06 -13.34
C PRO D 73 -7.62 31.42 -12.39
N TRP D 74 -8.89 31.64 -12.62
CA TRP D 74 -9.92 31.04 -11.72
C TRP D 74 -10.67 29.92 -12.43
N PHE D 75 -10.71 29.93 -13.74
CA PHE D 75 -11.45 28.85 -14.46
C PHE D 75 -10.51 27.68 -14.80
N GLN D 76 -9.36 27.62 -14.17
CA GLN D 76 -8.42 26.49 -14.44
C GLN D 76 -8.46 25.50 -13.28
N TYR D 77 -8.17 24.25 -13.55
CA TYR D 77 -8.22 23.22 -12.48
C TYR D 77 -7.00 22.30 -12.54
N PRO D 78 -6.67 21.71 -11.42
CA PRO D 78 -5.51 20.81 -11.36
C PRO D 78 -5.95 19.35 -11.48
N ILE D 79 -5.67 18.76 -12.61
CA ILE D 79 -5.97 17.31 -12.86
C ILE D 79 -5.03 16.89 -14.00
N ILE D 80 -4.04 16.08 -13.71
CA ILE D 80 -3.05 15.69 -14.78
C ILE D 80 -2.86 14.17 -14.87
N TYR D 81 -2.40 13.70 -16.00
CA TYR D 81 -2.21 12.23 -16.20
C TYR D 81 -0.74 11.85 -15.95
N ASP D 82 -0.50 10.89 -15.10
CA ASP D 82 0.92 10.49 -14.81
C ASP D 82 1.26 9.19 -15.54
N ILE D 83 2.36 9.16 -16.23
CA ILE D 83 2.76 7.93 -16.97
C ILE D 83 2.95 6.76 -16.01
N ARG D 84 2.77 5.55 -16.49
CA ARG D 84 2.94 4.36 -15.59
C ARG D 84 2.87 3.08 -16.42
N ALA D 85 3.32 1.98 -15.88
CA ALA D 85 3.27 0.69 -16.63
C ALA D 85 1.84 0.37 -17.06
N ARG D 86 1.68 -0.45 -18.05
CA ARG D 86 0.29 -0.78 -18.51
C ARG D 86 0.18 -2.29 -18.81
N PRO D 87 -0.56 -2.99 -17.98
CA PRO D 87 -0.76 -4.43 -18.16
C PRO D 87 -2.11 -4.69 -18.84
N ARG D 88 -2.07 -5.13 -20.07
CA ARG D 88 -3.35 -5.40 -20.80
C ARG D 88 -3.06 -6.36 -21.98
N LYS D 89 -3.49 -7.63 -21.89
CA LYS D 89 -3.21 -8.62 -22.99
C LYS D 89 -4.15 -9.85 -22.93
N ILE D 90 -4.40 -10.51 -24.05
CA ILE D 90 -5.29 -11.74 -24.03
C ILE D 90 -4.91 -12.72 -25.15
N SER D 91 -5.19 -13.97 -24.94
CA SER D 91 -4.93 -14.99 -25.99
C SER D 91 -6.27 -15.38 -26.64
N SER D 92 -6.48 -15.03 -27.87
CA SER D 92 -7.79 -15.35 -28.52
C SER D 92 -7.65 -16.56 -29.46
N PRO D 93 -8.27 -17.66 -29.06
CA PRO D 93 -8.24 -18.89 -29.87
C PRO D 93 -9.53 -19.00 -30.69
N THR D 94 -9.45 -18.86 -31.98
CA THR D 94 -10.68 -18.96 -32.83
C THR D 94 -10.32 -19.50 -34.23
N GLY D 95 -11.12 -20.40 -34.74
CA GLY D 95 -10.83 -20.96 -36.09
C GLY D 95 -11.93 -20.54 -37.06
N SER D 96 -11.56 -20.05 -38.22
CA SER D 96 -12.59 -19.61 -39.21
C SER D 96 -12.03 -19.70 -40.63
N LYS D 97 -10.81 -19.26 -40.83
CA LYS D 97 -10.21 -19.32 -42.20
C LYS D 97 -9.60 -20.70 -42.45
N ASP D 98 -9.73 -21.61 -41.53
CA ASP D 98 -9.16 -22.97 -41.74
C ASP D 98 -10.10 -24.03 -41.15
N LEU D 99 -9.66 -25.27 -41.10
CA LEU D 99 -10.53 -26.34 -40.55
C LEU D 99 -10.12 -26.65 -39.10
N GLN D 100 -8.84 -26.66 -38.82
CA GLN D 100 -8.38 -26.95 -37.43
C GLN D 100 -8.67 -25.76 -36.53
N MET D 101 -7.96 -25.64 -35.43
CA MET D 101 -8.20 -24.50 -34.51
C MET D 101 -6.97 -23.58 -34.47
N VAL D 102 -7.09 -22.40 -35.01
CA VAL D 102 -5.93 -21.45 -35.00
C VAL D 102 -6.17 -20.35 -33.97
N ASN D 103 -5.12 -19.84 -33.37
CA ASN D 103 -5.29 -18.77 -32.35
C ASN D 103 -4.73 -17.44 -32.86
N ILE D 104 -5.29 -16.34 -32.41
CA ILE D 104 -4.79 -15.02 -32.85
C ILE D 104 -4.83 -14.03 -31.67
N SER D 105 -3.69 -13.62 -31.20
CA SER D 105 -3.67 -12.66 -30.05
C SER D 105 -3.05 -11.33 -30.49
N LEU D 106 -3.47 -10.25 -29.90
CA LEU D 106 -2.92 -8.92 -30.29
C LEU D 106 -3.03 -7.95 -29.10
N ARG D 107 -2.11 -7.03 -28.99
CA ARG D 107 -2.18 -6.06 -27.86
C ARG D 107 -1.85 -4.64 -28.35
N VAL D 108 -2.41 -3.64 -27.72
CA VAL D 108 -2.12 -2.24 -28.15
C VAL D 108 -1.48 -1.46 -27.01
N LEU D 109 -0.46 -0.68 -27.29
CA LEU D 109 0.20 0.11 -26.22
C LEU D 109 0.04 1.60 -26.49
N SER D 110 -0.01 2.40 -25.46
CA SER D 110 -0.17 3.87 -25.65
C SER D 110 0.87 4.63 -24.83
N ARG D 111 1.64 5.47 -25.47
CA ARG D 111 2.69 6.24 -24.73
C ARG D 111 2.67 7.71 -25.16
N PRO D 112 2.81 8.60 -24.20
CA PRO D 112 2.81 10.04 -24.52
C PRO D 112 4.12 10.45 -25.19
N ASN D 113 4.05 11.34 -26.15
CA ASN D 113 5.29 11.78 -26.86
C ASN D 113 5.55 13.27 -26.59
N ALA D 114 4.79 14.13 -27.22
CA ALA D 114 4.99 15.60 -27.01
C ALA D 114 3.83 16.38 -27.63
N GLN D 115 3.16 17.19 -26.85
CA GLN D 115 2.01 17.99 -27.38
C GLN D 115 1.01 17.07 -28.09
N GLU D 116 0.12 16.47 -27.35
CA GLU D 116 -0.89 15.57 -27.98
C GLU D 116 -2.01 15.20 -26.99
N LEU D 117 -1.74 15.25 -25.71
CA LEU D 117 -2.80 14.90 -24.71
C LEU D 117 -3.81 16.04 -24.51
N PRO D 118 -3.37 17.28 -24.64
CA PRO D 118 -4.32 18.42 -24.44
C PRO D 118 -5.31 18.51 -25.60
N SER D 119 -4.94 18.10 -26.77
CA SER D 119 -5.87 18.15 -27.94
C SER D 119 -6.76 16.91 -27.98
N MET D 120 -6.19 15.76 -27.73
CA MET D 120 -6.95 14.47 -27.80
C MET D 120 -7.78 14.20 -26.52
N TYR D 121 -7.51 14.88 -25.44
CA TYR D 121 -8.26 14.60 -24.17
C TYR D 121 -9.77 14.43 -24.42
N GLN D 122 -10.37 15.28 -25.20
CA GLN D 122 -11.83 15.14 -25.48
C GLN D 122 -12.07 14.11 -26.60
N ARG D 123 -11.41 14.29 -27.72
CA ARG D 123 -11.59 13.34 -28.85
C ARG D 123 -11.29 11.90 -28.40
N LEU D 124 -10.18 11.70 -27.73
CA LEU D 124 -9.83 10.34 -27.25
C LEU D 124 -10.88 9.85 -26.25
N GLY D 125 -11.39 10.72 -25.44
CA GLY D 125 -12.42 10.30 -24.44
C GLY D 125 -11.82 10.33 -23.03
N LEU D 126 -12.58 10.76 -22.06
CA LEU D 126 -12.04 10.81 -20.66
C LEU D 126 -11.65 9.41 -20.19
N ASP D 127 -10.39 9.09 -20.22
CA ASP D 127 -9.93 7.73 -19.79
C ASP D 127 -10.74 6.64 -20.50
N TYR D 128 -10.75 6.66 -21.81
CA TYR D 128 -11.51 5.63 -22.56
C TYR D 128 -10.57 4.51 -23.03
N GLU D 129 -9.42 4.39 -22.42
CA GLU D 129 -8.47 3.31 -22.83
C GLU D 129 -9.08 1.94 -22.54
N GLU D 130 -9.77 1.82 -21.43
CA GLU D 130 -10.39 0.51 -21.09
C GLU D 130 -11.37 0.07 -22.19
N ARG D 131 -12.05 1.01 -22.78
CA ARG D 131 -13.02 0.64 -23.87
C ARG D 131 -12.28 0.45 -25.20
N VAL D 132 -11.43 1.38 -25.56
CA VAL D 132 -10.69 1.28 -26.86
C VAL D 132 -9.64 0.15 -26.81
N LEU D 133 -9.24 -0.26 -25.64
CA LEU D 133 -8.21 -1.33 -25.57
C LEU D 133 -8.76 -2.65 -26.15
N PRO D 134 -9.82 -3.16 -25.58
CA PRO D 134 -10.42 -4.42 -26.08
C PRO D 134 -11.15 -4.17 -27.41
N SER D 135 -11.76 -3.03 -27.56
CA SER D 135 -12.51 -2.72 -28.82
C SER D 135 -11.60 -2.92 -30.04
N ILE D 136 -10.45 -2.30 -30.04
CA ILE D 136 -9.54 -2.45 -31.22
C ILE D 136 -8.79 -3.79 -31.15
N VAL D 137 -8.32 -4.16 -29.99
CA VAL D 137 -7.58 -5.45 -29.86
C VAL D 137 -8.50 -6.62 -30.25
N ASN D 138 -9.74 -6.56 -29.87
CA ASN D 138 -10.68 -7.69 -30.22
C ASN D 138 -11.17 -7.55 -31.66
N GLU D 139 -11.22 -6.35 -32.18
CA GLU D 139 -11.70 -6.16 -33.58
C GLU D 139 -10.63 -6.63 -34.57
N VAL D 140 -9.50 -5.98 -34.60
CA VAL D 140 -8.42 -6.39 -35.55
C VAL D 140 -8.06 -7.88 -35.35
N LEU D 141 -8.35 -8.42 -34.19
CA LEU D 141 -8.03 -9.85 -33.94
C LEU D 141 -8.98 -10.76 -34.73
N LYS D 142 -10.25 -10.44 -34.73
CA LYS D 142 -11.23 -11.29 -35.48
C LYS D 142 -11.17 -11.00 -36.98
N SER D 143 -10.76 -9.83 -37.35
CA SER D 143 -10.70 -9.49 -38.81
C SER D 143 -9.45 -10.13 -39.45
N VAL D 144 -8.37 -10.19 -38.73
CA VAL D 144 -7.12 -10.79 -39.30
C VAL D 144 -7.18 -12.32 -39.22
N VAL D 145 -7.59 -12.86 -38.09
CA VAL D 145 -7.65 -14.35 -37.96
C VAL D 145 -8.58 -14.94 -39.03
N ALA D 146 -9.67 -14.28 -39.31
CA ALA D 146 -10.61 -14.80 -40.34
C ALA D 146 -10.05 -14.56 -41.75
N LYS D 147 -9.16 -13.60 -41.87
CA LYS D 147 -8.56 -13.31 -43.21
C LYS D 147 -7.44 -14.30 -43.53
N PHE D 148 -6.42 -14.33 -42.72
CA PHE D 148 -5.28 -15.28 -42.97
C PHE D 148 -5.69 -16.71 -42.58
N ASN D 149 -4.86 -17.67 -42.90
CA ASN D 149 -5.18 -19.08 -42.55
C ASN D 149 -4.33 -19.56 -41.37
N ALA D 150 -4.57 -20.75 -40.89
CA ALA D 150 -3.78 -21.28 -39.74
C ALA D 150 -2.42 -21.81 -40.21
N SER D 151 -2.36 -22.33 -41.41
CA SER D 151 -1.07 -22.88 -41.93
C SER D 151 0.04 -21.83 -41.83
N GLN D 152 -0.22 -20.63 -42.25
CA GLN D 152 0.81 -19.56 -42.19
C GLN D 152 0.92 -18.98 -40.77
N LEU D 153 -0.15 -19.03 -40.02
CA LEU D 153 -0.13 -18.47 -38.63
C LEU D 153 0.66 -19.39 -37.70
N ILE D 154 0.33 -20.66 -37.67
CA ILE D 154 1.05 -21.61 -36.77
C ILE D 154 2.55 -21.60 -37.10
N THR D 155 2.91 -21.33 -38.32
CA THR D 155 4.36 -21.31 -38.69
C THR D 155 5.15 -20.43 -37.71
N GLN D 156 4.58 -19.32 -37.31
CA GLN D 156 5.29 -18.42 -36.35
C GLN D 156 4.33 -17.34 -35.84
N ARG D 157 4.17 -17.24 -34.56
CA ARG D 157 3.24 -16.21 -34.00
C ARG D 157 3.74 -14.80 -34.38
N ALA D 158 4.97 -14.68 -34.79
CA ALA D 158 5.51 -13.34 -35.17
C ALA D 158 5.07 -12.96 -36.59
N GLN D 159 5.07 -13.90 -37.49
CA GLN D 159 4.65 -13.58 -38.90
C GLN D 159 3.28 -12.90 -38.92
N VAL D 160 2.30 -13.49 -38.29
CA VAL D 160 0.94 -12.87 -38.26
C VAL D 160 0.99 -11.51 -37.56
N SER D 161 1.94 -11.31 -36.69
CA SER D 161 2.04 -10.00 -35.97
C SER D 161 2.57 -8.92 -36.92
N LEU D 162 3.34 -9.30 -37.91
CA LEU D 162 3.89 -8.29 -38.86
C LEU D 162 2.77 -7.71 -39.74
N LEU D 163 1.90 -8.56 -40.23
CA LEU D 163 0.78 -8.07 -41.09
C LEU D 163 -0.18 -7.20 -40.26
N ILE D 164 -0.45 -7.59 -39.05
CA ILE D 164 -1.38 -6.79 -38.19
C ILE D 164 -0.70 -5.49 -37.74
N ARG D 165 0.60 -5.46 -37.74
CA ARG D 165 1.32 -4.22 -37.31
C ARG D 165 0.90 -3.03 -38.17
N ARG D 166 0.63 -3.26 -39.43
CA ARG D 166 0.22 -2.14 -40.33
C ARG D 166 -1.23 -1.74 -40.04
N GLU D 167 -2.07 -2.69 -39.73
CA GLU D 167 -3.49 -2.39 -39.44
C GLU D 167 -3.63 -1.78 -38.04
N LEU D 168 -2.74 -2.13 -37.15
CA LEU D 168 -2.82 -1.57 -35.77
C LEU D 168 -2.23 -0.15 -35.73
N THR D 169 -1.20 0.09 -36.49
CA THR D 169 -0.58 1.45 -36.51
C THR D 169 -1.61 2.49 -36.96
N GLU D 170 -2.48 2.12 -37.87
CA GLU D 170 -3.51 3.08 -38.36
C GLU D 170 -4.65 3.20 -37.34
N ARG D 171 -4.93 2.13 -36.63
CA ARG D 171 -6.03 2.18 -35.63
C ARG D 171 -5.54 2.86 -34.34
N ALA D 172 -4.35 2.54 -33.90
CA ALA D 172 -3.82 3.16 -32.66
C ALA D 172 -3.70 4.68 -32.84
N LYS D 173 -3.02 5.11 -33.88
CA LYS D 173 -2.88 6.58 -34.11
C LYS D 173 -4.25 7.21 -34.37
N ASP D 174 -5.21 6.42 -34.74
CA ASP D 174 -6.57 6.97 -35.01
C ASP D 174 -7.15 7.64 -33.75
N PHE D 175 -7.07 6.99 -32.62
CA PHE D 175 -7.61 7.60 -31.37
C PHE D 175 -6.77 8.81 -30.96
N SER D 176 -5.51 8.81 -31.31
CA SER D 176 -4.64 9.96 -30.92
C SER D 176 -3.26 9.81 -31.58
N LEU D 177 -2.40 10.78 -31.41
CA LEU D 177 -1.05 10.69 -32.02
C LEU D 177 -0.01 10.30 -30.96
N ILE D 178 0.53 9.11 -31.06
CA ILE D 178 1.52 8.66 -30.05
C ILE D 178 2.47 7.62 -30.66
N LEU D 179 3.68 7.54 -30.16
CA LEU D 179 4.65 6.55 -30.70
C LEU D 179 4.73 5.35 -29.74
N ASP D 180 4.24 4.22 -30.16
CA ASP D 180 4.27 3.02 -29.26
C ASP D 180 4.41 1.73 -30.09
N ASP D 181 4.96 0.70 -29.51
CA ASP D 181 5.12 -0.58 -30.25
C ASP D 181 4.02 -1.55 -29.83
N VAL D 182 3.53 -2.34 -30.75
CA VAL D 182 2.44 -3.29 -30.40
C VAL D 182 2.84 -4.74 -30.72
N ALA D 183 3.04 -5.54 -29.72
CA ALA D 183 3.40 -6.97 -29.93
C ALA D 183 2.64 -7.83 -28.92
N ILE D 184 2.36 -9.05 -29.25
CA ILE D 184 1.58 -9.91 -28.32
C ILE D 184 2.17 -11.32 -28.23
N THR D 185 1.93 -12.01 -27.15
CA THR D 185 2.43 -13.39 -27.01
C THR D 185 1.29 -14.33 -27.40
N GLU D 186 1.42 -14.98 -28.52
CA GLU D 186 0.31 -15.86 -29.00
C GLU D 186 0.59 -17.34 -28.81
N LEU D 187 -0.46 -18.10 -28.66
CA LEU D 187 -0.34 -19.57 -28.51
C LEU D 187 -1.42 -20.22 -29.38
N SER D 188 -1.06 -21.17 -30.20
CA SER D 188 -2.08 -21.79 -31.09
C SER D 188 -2.54 -23.14 -30.55
N PHE D 189 -3.75 -23.53 -30.86
CA PHE D 189 -4.28 -24.84 -30.38
C PHE D 189 -4.23 -25.87 -31.50
N SER D 190 -3.77 -27.06 -31.21
CA SER D 190 -3.69 -28.11 -32.26
C SER D 190 -5.02 -28.87 -32.35
N MET E 1 -34.47 61.50 10.61
CA MET E 1 -34.42 61.66 9.12
C MET E 1 -33.31 60.78 8.53
N ALA E 2 -33.68 59.77 7.79
CA ALA E 2 -32.66 58.86 7.18
C ALA E 2 -31.69 58.35 8.26
N GLN E 3 -32.21 57.94 9.39
CA GLN E 3 -31.32 57.43 10.47
C GLN E 3 -30.60 56.16 10.02
N ASN E 4 -31.19 55.44 9.10
CA ASN E 4 -30.54 54.19 8.60
C ASN E 4 -29.18 54.49 7.98
N LEU E 5 -29.03 55.67 7.43
CA LEU E 5 -27.72 56.03 6.80
C LEU E 5 -26.73 56.51 7.87
N LYS E 6 -27.22 57.16 8.89
CA LYS E 6 -26.31 57.65 9.97
C LYS E 6 -25.81 56.48 10.81
N ASP E 7 -26.62 55.47 10.97
CA ASP E 7 -26.19 54.29 11.78
C ASP E 7 -25.17 53.45 11.00
N LEU E 8 -25.23 53.49 9.70
CA LEU E 8 -24.27 52.70 8.88
C LEU E 8 -22.86 53.25 9.04
N ALA E 9 -22.74 54.54 9.26
CA ALA E 9 -21.39 55.16 9.42
C ALA E 9 -20.85 54.88 10.83
N GLY E 10 -21.73 54.71 11.78
CA GLY E 10 -21.27 54.43 13.17
C GLY E 10 -20.89 52.94 13.31
N ARG E 11 -21.37 52.11 12.42
CA ARG E 11 -21.04 50.66 12.50
C ARG E 11 -19.60 50.42 12.05
N LEU E 12 -19.07 51.27 11.20
CA LEU E 12 -17.67 51.08 10.74
C LEU E 12 -16.69 51.15 11.92
N PRO E 13 -16.71 52.26 12.62
CA PRO E 13 -15.81 52.44 13.79
C PRO E 13 -16.28 51.57 14.96
N ALA E 14 -15.64 50.44 15.17
CA ALA E 14 -16.04 49.55 16.30
C ALA E 14 -14.99 49.59 17.40
N GLY E 15 -14.40 50.74 17.64
CA GLY E 15 -13.36 50.84 18.70
C GLY E 15 -11.98 50.56 18.10
N PRO E 16 -10.96 50.90 18.84
CA PRO E 16 -9.57 50.67 18.37
C PRO E 16 -9.23 49.19 18.41
N ARG E 17 -9.64 48.49 19.44
CA ARG E 17 -9.35 47.04 19.55
C ARG E 17 -10.23 46.24 18.58
N GLY E 18 -11.32 46.81 18.14
CA GLY E 18 -12.22 46.10 17.20
C GLY E 18 -11.46 45.77 15.91
N MET E 19 -10.81 46.75 15.34
CA MET E 19 -10.05 46.51 14.07
C MET E 19 -8.76 45.75 14.38
N GLY E 20 -8.24 45.88 15.56
CA GLY E 20 -6.98 45.16 15.92
C GLY E 20 -7.30 43.68 16.17
N THR E 21 -8.42 43.40 16.76
CA THR E 21 -8.78 41.98 17.03
C THR E 21 -9.35 41.32 15.77
N ALA E 22 -9.91 42.10 14.88
CA ALA E 22 -10.48 41.52 13.63
C ALA E 22 -9.40 40.76 12.85
N LEU E 23 -8.16 41.12 13.02
CA LEU E 23 -7.07 40.42 12.29
C LEU E 23 -6.95 38.98 12.78
N LYS E 24 -7.07 38.76 14.07
CA LYS E 24 -6.96 37.37 14.60
C LYS E 24 -7.98 36.46 13.91
N LEU E 25 -9.09 37.02 13.49
CA LEU E 25 -10.14 36.20 12.80
C LEU E 25 -9.63 35.75 11.43
N LEU E 26 -9.04 36.64 10.67
CA LEU E 26 -8.54 36.27 9.32
C LEU E 26 -7.47 35.17 9.43
N LEU E 27 -6.58 35.30 10.38
CA LEU E 27 -5.51 34.28 10.54
C LEU E 27 -6.13 32.92 10.91
N GLY E 28 -7.26 32.93 11.56
CA GLY E 28 -7.92 31.65 11.95
C GLY E 28 -8.59 31.03 10.72
N ALA E 29 -9.07 31.84 9.82
CA ALA E 29 -9.74 31.30 8.60
C ALA E 29 -8.75 30.46 7.78
N GLY E 30 -7.53 30.90 7.67
CA GLY E 30 -6.52 30.13 6.88
C GLY E 30 -6.27 28.79 7.56
N ALA E 31 -6.40 28.73 8.86
CA ALA E 31 -6.18 27.44 9.58
C ALA E 31 -7.30 26.45 9.28
N VAL E 32 -8.53 26.91 9.33
CA VAL E 32 -9.68 26.01 9.04
C VAL E 32 -9.58 25.44 7.61
N ALA E 33 -8.89 26.14 6.74
CA ALA E 33 -8.76 25.66 5.33
C ALA E 33 -7.88 24.40 5.29
N TYR E 34 -6.93 24.30 6.18
CA TYR E 34 -6.03 23.10 6.19
C TYR E 34 -6.86 21.83 6.39
N GLY E 35 -7.64 21.77 7.43
CA GLY E 35 -8.47 20.55 7.68
C GLY E 35 -9.32 20.26 6.44
N VAL E 36 -9.71 21.27 5.72
CA VAL E 36 -10.54 21.06 4.50
C VAL E 36 -9.65 20.58 3.34
N ARG E 37 -8.41 20.97 3.33
CA ARG E 37 -7.49 20.54 2.23
C ARG E 37 -7.50 19.01 2.07
N GLU E 38 -7.74 18.29 3.13
CA GLU E 38 -7.76 16.80 3.04
C GLU E 38 -9.12 16.30 2.50
N SER E 39 -10.20 17.04 2.69
CA SER E 39 -11.53 16.57 2.17
C SER E 39 -12.25 17.66 1.35
N VAL E 40 -13.38 17.33 0.75
CA VAL E 40 -14.15 18.34 -0.07
C VAL E 40 -15.46 17.73 -0.60
N PHE E 41 -16.34 18.55 -1.15
CA PHE E 41 -17.64 17.99 -1.69
C PHE E 41 -17.71 18.13 -3.23
N THR E 42 -17.26 19.23 -3.79
CA THR E 42 -17.32 19.38 -5.28
C THR E 42 -16.57 18.23 -5.96
N VAL E 43 -17.27 17.34 -6.59
CA VAL E 43 -16.59 16.18 -7.27
C VAL E 43 -15.57 16.69 -8.28
N GLU E 44 -14.34 16.25 -8.16
CA GLU E 44 -13.30 16.70 -9.14
C GLU E 44 -13.54 16.03 -10.49
N GLY E 45 -12.94 16.53 -11.53
CA GLY E 45 -13.13 15.93 -12.88
C GLY E 45 -12.68 14.46 -12.87
N GLY E 46 -13.59 13.55 -13.16
CA GLY E 46 -13.20 12.11 -13.17
C GLY E 46 -14.05 11.33 -12.17
N HIS E 47 -15.10 11.91 -11.66
CA HIS E 47 -15.97 11.19 -10.67
C HIS E 47 -17.38 11.77 -10.66
N ARG E 48 -18.35 10.98 -10.30
CA ARG E 48 -19.77 11.44 -10.28
C ARG E 48 -20.26 11.67 -8.82
N ALA E 49 -21.25 12.53 -8.61
CA ALA E 49 -21.74 12.84 -7.21
C ALA E 49 -23.02 12.08 -6.82
N ILE E 50 -23.19 11.89 -5.52
CA ILE E 50 -24.37 11.14 -4.99
C ILE E 50 -24.98 11.93 -3.79
N PHE E 51 -26.25 11.77 -3.49
CA PHE E 51 -26.87 12.57 -2.35
C PHE E 51 -27.60 11.71 -1.30
N PHE E 52 -27.42 12.07 -0.04
CA PHE E 52 -28.11 11.35 1.09
C PHE E 52 -28.09 12.23 2.36
N ASN E 53 -29.04 12.05 3.25
CA ASN E 53 -29.07 12.88 4.50
C ASN E 53 -29.12 11.98 5.76
N ARG E 54 -28.63 12.45 6.89
CA ARG E 54 -28.64 11.62 8.14
C ARG E 54 -30.07 11.21 8.49
N ILE E 55 -30.58 10.18 7.87
CA ILE E 55 -31.97 9.73 8.17
C ILE E 55 -32.05 8.19 8.08
N GLY E 56 -32.02 7.67 6.88
CA GLY E 56 -32.09 6.18 6.72
C GLY E 56 -31.62 5.80 5.32
N GLY E 57 -30.93 4.69 5.19
CA GLY E 57 -30.44 4.27 3.85
C GLY E 57 -29.35 5.23 3.38
N VAL E 58 -28.13 5.00 3.81
CA VAL E 58 -27.01 5.92 3.40
C VAL E 58 -26.51 5.55 2.01
N GLN E 59 -26.57 6.48 1.09
CA GLN E 59 -26.08 6.20 -0.29
C GLN E 59 -24.55 6.18 -0.30
N GLN E 60 -23.95 5.52 -1.26
CA GLN E 60 -22.46 5.48 -1.32
C GLN E 60 -21.98 4.85 -2.63
N ASP E 61 -22.55 3.74 -3.00
CA ASP E 61 -22.12 3.06 -4.26
C ASP E 61 -22.83 3.67 -5.48
N THR E 62 -22.75 4.97 -5.66
CA THR E 62 -23.42 5.59 -6.83
C THR E 62 -22.52 6.67 -7.46
N ILE E 63 -23.00 7.37 -8.47
CA ILE E 63 -22.17 8.42 -9.14
C ILE E 63 -23.01 9.19 -10.20
N LEU E 64 -23.07 10.51 -10.08
CA LEU E 64 -23.84 11.34 -11.08
C LEU E 64 -22.88 12.29 -11.84
N ALA E 65 -23.17 12.59 -13.10
CA ALA E 65 -22.26 13.49 -13.92
C ALA E 65 -21.67 14.65 -13.10
N GLU E 66 -20.59 15.24 -13.58
CA GLU E 66 -19.93 16.38 -12.85
C GLU E 66 -20.82 17.62 -12.86
N GLY E 67 -20.70 18.42 -11.84
CA GLY E 67 -21.52 19.67 -11.74
C GLY E 67 -20.82 20.61 -10.76
N LEU E 68 -21.06 21.90 -10.84
CA LEU E 68 -20.38 22.81 -9.86
C LEU E 68 -21.36 23.04 -8.70
N HIS E 69 -21.09 22.42 -7.59
CA HIS E 69 -21.97 22.55 -6.40
C HIS E 69 -21.20 22.12 -5.13
N PHE E 70 -21.54 22.66 -4.01
CA PHE E 70 -20.83 22.27 -2.75
C PHE E 70 -21.81 21.67 -1.74
N ARG E 71 -21.35 20.83 -0.86
CA ARG E 71 -22.27 20.25 0.16
C ARG E 71 -22.59 21.30 1.21
N ILE E 72 -23.13 22.41 0.79
CA ILE E 72 -23.46 23.49 1.76
C ILE E 72 -24.96 23.87 1.71
N PRO E 73 -25.81 22.94 1.33
CA PRO E 73 -27.27 23.24 1.28
C PRO E 73 -27.85 23.29 2.70
N TRP E 74 -28.30 22.16 3.22
CA TRP E 74 -28.87 22.13 4.60
C TRP E 74 -28.85 20.71 5.15
N PHE E 75 -29.05 19.71 4.32
CA PHE E 75 -29.04 18.30 4.82
C PHE E 75 -28.50 17.33 3.76
N GLN E 76 -27.27 17.52 3.33
CA GLN E 76 -26.68 16.59 2.31
C GLN E 76 -25.39 15.99 2.87
N TYR E 77 -25.04 14.81 2.43
CA TYR E 77 -23.81 14.14 2.94
C TYR E 77 -22.84 13.82 1.80
N PRO E 78 -21.58 13.74 2.13
CA PRO E 78 -20.56 13.43 1.13
C PRO E 78 -20.19 11.94 1.14
N ILE E 79 -20.61 11.23 0.12
CA ILE E 79 -20.29 9.78 -0.03
C ILE E 79 -20.46 9.45 -1.52
N ILE E 80 -19.39 9.21 -2.22
CA ILE E 80 -19.49 8.96 -3.70
C ILE E 80 -18.75 7.68 -4.11
N TYR E 81 -19.13 7.09 -5.22
CA TYR E 81 -18.46 5.84 -5.69
C TYR E 81 -17.40 6.18 -6.75
N ASP E 82 -16.31 5.46 -6.75
CA ASP E 82 -15.24 5.75 -7.75
C ASP E 82 -15.10 4.61 -8.75
N ILE E 83 -14.65 4.92 -9.95
CA ILE E 83 -14.49 3.86 -10.99
C ILE E 83 -13.01 3.52 -11.16
N ARG E 84 -12.71 2.29 -11.50
CA ARG E 84 -11.28 1.89 -11.69
C ARG E 84 -11.20 0.49 -12.30
N ALA E 85 -10.01 -0.02 -12.49
CA ALA E 85 -9.85 -1.38 -13.07
C ALA E 85 -10.51 -2.41 -12.15
N ARG E 86 -10.92 -3.54 -12.68
CA ARG E 86 -11.58 -4.57 -11.83
C ARG E 86 -11.27 -5.99 -12.36
N PRO E 87 -10.49 -6.72 -11.60
CA PRO E 87 -10.13 -8.10 -11.98
C PRO E 87 -11.01 -9.08 -11.21
N ARG E 88 -11.90 -9.77 -11.88
CA ARG E 88 -12.78 -10.73 -11.17
C ARG E 88 -13.18 -11.89 -12.13
N LYS E 89 -12.65 -13.08 -11.91
CA LYS E 89 -12.97 -14.26 -12.82
C LYS E 89 -12.64 -15.61 -12.14
N ILE E 90 -13.31 -16.69 -12.53
CA ILE E 90 -13.04 -18.03 -11.90
C ILE E 90 -12.66 -19.10 -12.92
N SER E 91 -11.91 -20.08 -12.50
CA SER E 91 -11.54 -21.21 -13.40
C SER E 91 -11.99 -22.52 -12.75
N SER E 92 -13.00 -23.17 -13.29
CA SER E 92 -13.48 -24.44 -12.66
C SER E 92 -14.24 -25.29 -13.69
N PRO E 93 -14.12 -26.59 -13.55
CA PRO E 93 -14.79 -27.52 -14.47
C PRO E 93 -16.11 -28.03 -13.86
N THR E 94 -17.09 -28.28 -14.67
CA THR E 94 -18.40 -28.78 -14.16
C THR E 94 -18.99 -29.79 -15.15
N GLY E 95 -19.57 -30.85 -14.65
CA GLY E 95 -20.17 -31.86 -15.56
C GLY E 95 -21.70 -31.88 -15.39
N SER E 96 -22.43 -32.03 -16.47
CA SER E 96 -23.91 -32.05 -16.36
C SER E 96 -24.54 -32.53 -17.67
N LYS E 97 -24.41 -31.77 -18.73
CA LYS E 97 -25.00 -32.19 -20.03
C LYS E 97 -24.26 -33.42 -20.57
N ASP E 98 -22.99 -33.53 -20.30
CA ASP E 98 -22.22 -34.70 -20.79
C ASP E 98 -21.47 -35.37 -19.64
N LEU E 99 -21.30 -36.66 -19.70
CA LEU E 99 -20.58 -37.38 -18.60
C LEU E 99 -19.17 -36.81 -18.45
N GLN E 100 -18.62 -36.27 -19.50
CA GLN E 100 -17.24 -35.70 -19.43
C GLN E 100 -17.20 -34.52 -18.45
N MET E 101 -16.29 -33.61 -18.64
CA MET E 101 -16.21 -32.43 -17.72
C MET E 101 -16.31 -31.12 -18.52
N VAL E 102 -17.32 -30.33 -18.27
CA VAL E 102 -17.48 -29.05 -19.01
C VAL E 102 -17.03 -27.87 -18.13
N ASN E 103 -16.02 -27.15 -18.55
CA ASN E 103 -15.54 -25.99 -17.74
C ASN E 103 -15.92 -24.67 -18.39
N ILE E 104 -16.21 -23.67 -17.61
CA ILE E 104 -16.59 -22.34 -18.18
C ILE E 104 -16.11 -21.22 -17.25
N SER E 105 -15.35 -20.30 -17.78
CA SER E 105 -14.84 -19.18 -16.94
C SER E 105 -15.00 -17.85 -17.68
N LEU E 106 -15.80 -16.95 -17.16
CA LEU E 106 -16.01 -15.64 -17.85
C LEU E 106 -15.71 -14.49 -16.88
N ARG E 107 -15.30 -13.37 -17.41
CA ARG E 107 -14.99 -12.20 -16.54
C ARG E 107 -15.79 -10.98 -17.00
N VAL E 108 -16.26 -10.18 -16.07
CA VAL E 108 -17.05 -8.97 -16.45
C VAL E 108 -16.21 -7.71 -16.28
N LEU E 109 -16.47 -6.70 -17.07
CA LEU E 109 -15.69 -5.44 -16.97
C LEU E 109 -16.61 -4.28 -16.62
N SER E 110 -16.12 -3.31 -15.89
CA SER E 110 -16.98 -2.15 -15.51
C SER E 110 -16.66 -0.93 -16.37
N ARG E 111 -17.66 -0.30 -16.93
CA ARG E 111 -17.41 0.89 -17.79
C ARG E 111 -17.84 2.17 -17.04
N PRO E 112 -17.13 3.24 -17.30
CA PRO E 112 -17.46 4.53 -16.63
C PRO E 112 -18.73 5.15 -17.25
N ASN E 113 -19.84 4.46 -17.16
CA ASN E 113 -21.10 5.01 -17.72
C ASN E 113 -21.90 5.75 -16.65
N ALA E 114 -22.11 7.03 -16.82
CA ALA E 114 -22.88 7.80 -15.80
C ALA E 114 -24.31 7.27 -15.70
N GLN E 115 -25.13 7.52 -16.70
CA GLN E 115 -26.54 7.03 -16.68
C GLN E 115 -27.23 7.46 -15.37
N GLU E 116 -27.20 6.63 -14.36
CA GLU E 116 -27.86 7.00 -13.07
C GLU E 116 -27.55 5.95 -11.99
N LEU E 117 -26.53 6.17 -11.21
CA LEU E 117 -26.19 5.18 -10.14
C LEU E 117 -27.14 5.29 -8.94
N PRO E 118 -27.57 6.49 -8.60
CA PRO E 118 -28.48 6.65 -7.43
C PRO E 118 -29.85 6.04 -7.69
N SER E 119 -30.44 6.27 -8.85
CA SER E 119 -31.78 5.68 -9.13
C SER E 119 -31.72 4.17 -8.93
N MET E 120 -30.76 3.53 -9.54
CA MET E 120 -30.63 2.05 -9.40
C MET E 120 -29.93 1.69 -8.09
N TYR E 121 -29.22 2.60 -7.48
CA TYR E 121 -28.50 2.28 -6.21
C TYR E 121 -29.43 1.57 -5.21
N GLN E 122 -30.43 2.26 -4.70
CA GLN E 122 -31.36 1.60 -3.73
C GLN E 122 -31.99 0.37 -4.37
N ARG E 123 -32.14 0.37 -5.67
CA ARG E 123 -32.73 -0.81 -6.37
C ARG E 123 -31.66 -1.89 -6.52
N LEU E 124 -30.41 -1.52 -6.44
CA LEU E 124 -29.31 -2.51 -6.56
C LEU E 124 -29.11 -3.26 -5.24
N GLY E 125 -28.99 -2.55 -4.16
CA GLY E 125 -28.80 -3.22 -2.84
C GLY E 125 -27.31 -3.17 -2.45
N LEU E 126 -27.00 -3.50 -1.23
CA LEU E 126 -25.58 -3.48 -0.79
C LEU E 126 -24.77 -4.55 -1.52
N ASP E 127 -23.47 -4.48 -1.45
CA ASP E 127 -22.62 -5.50 -2.14
C ASP E 127 -23.02 -5.63 -3.62
N TYR E 128 -22.80 -4.60 -4.39
CA TYR E 128 -23.17 -4.66 -5.83
C TYR E 128 -22.12 -5.45 -6.62
N GLU E 129 -21.02 -4.84 -6.95
CA GLU E 129 -19.96 -5.55 -7.72
C GLU E 129 -19.52 -6.83 -7.00
N GLU E 130 -19.79 -6.94 -5.73
CA GLU E 130 -19.37 -8.16 -4.98
C GLU E 130 -20.35 -9.32 -5.21
N ARG E 131 -21.59 -9.17 -4.83
CA ARG E 131 -22.57 -10.27 -5.01
C ARG E 131 -23.12 -10.32 -6.45
N VAL E 132 -23.36 -9.19 -7.05
CA VAL E 132 -23.91 -9.19 -8.44
C VAL E 132 -22.89 -9.76 -9.44
N LEU E 133 -21.64 -9.80 -9.09
CA LEU E 133 -20.62 -10.35 -10.04
C LEU E 133 -20.80 -11.87 -10.22
N PRO E 134 -20.70 -12.60 -9.14
CA PRO E 134 -20.86 -14.07 -9.21
C PRO E 134 -22.32 -14.45 -9.48
N SER E 135 -23.25 -13.77 -8.86
CA SER E 135 -24.69 -14.09 -9.08
C SER E 135 -25.01 -14.09 -10.59
N ILE E 136 -24.53 -13.11 -11.30
CA ILE E 136 -24.80 -13.04 -12.77
C ILE E 136 -23.84 -13.97 -13.53
N VAL E 137 -22.58 -13.95 -13.20
CA VAL E 137 -21.61 -14.81 -13.92
C VAL E 137 -21.65 -16.25 -13.40
N ASN E 138 -21.31 -16.46 -12.16
CA ASN E 138 -21.31 -17.85 -11.58
C ASN E 138 -22.62 -18.58 -11.93
N GLU E 139 -23.72 -17.88 -11.94
CA GLU E 139 -25.01 -18.55 -12.26
C GLU E 139 -25.05 -18.95 -13.74
N VAL E 140 -25.06 -17.98 -14.62
CA VAL E 140 -25.10 -18.30 -16.08
C VAL E 140 -23.86 -19.09 -16.48
N LEU E 141 -22.80 -19.01 -15.72
CA LEU E 141 -21.56 -19.77 -16.08
C LEU E 141 -21.69 -21.23 -15.64
N LYS E 142 -22.05 -21.46 -14.42
CA LYS E 142 -22.19 -22.87 -13.93
C LYS E 142 -23.52 -23.48 -14.37
N SER E 143 -24.50 -22.67 -14.64
CA SER E 143 -25.83 -23.21 -15.07
C SER E 143 -25.81 -23.57 -16.55
N VAL E 144 -25.20 -22.74 -17.38
CA VAL E 144 -25.16 -23.04 -18.84
C VAL E 144 -24.39 -24.35 -19.10
N VAL E 145 -23.52 -24.72 -18.21
CA VAL E 145 -22.74 -25.98 -18.40
C VAL E 145 -23.70 -27.15 -18.66
N ALA E 146 -24.82 -27.16 -17.99
CA ALA E 146 -25.80 -28.26 -18.20
C ALA E 146 -26.55 -28.07 -19.53
N LYS E 147 -26.54 -26.87 -20.05
CA LYS E 147 -27.25 -26.61 -21.33
C LYS E 147 -26.39 -27.06 -22.52
N PHE E 148 -25.15 -26.64 -22.55
CA PHE E 148 -24.26 -27.04 -23.68
C PHE E 148 -23.54 -28.35 -23.35
N ASN E 149 -22.81 -28.88 -24.29
CA ASN E 149 -22.07 -30.16 -24.05
C ASN E 149 -20.58 -29.90 -23.89
N ALA E 150 -19.84 -30.88 -23.45
CA ALA E 150 -18.36 -30.69 -23.26
C ALA E 150 -17.64 -30.84 -24.60
N SER E 151 -18.01 -31.80 -25.40
CA SER E 151 -17.33 -32.00 -26.72
C SER E 151 -17.37 -30.71 -27.54
N GLN E 152 -18.45 -29.98 -27.46
CA GLN E 152 -18.54 -28.71 -28.24
C GLN E 152 -17.79 -27.58 -27.51
N LEU E 153 -17.67 -27.68 -26.21
CA LEU E 153 -16.96 -26.63 -25.44
C LEU E 153 -15.45 -26.78 -25.61
N ILE E 154 -14.96 -27.99 -25.51
CA ILE E 154 -13.48 -28.22 -25.66
C ILE E 154 -13.01 -27.76 -27.05
N THR E 155 -13.89 -27.80 -28.02
CA THR E 155 -13.50 -27.37 -29.40
C THR E 155 -13.07 -25.91 -29.38
N GLN E 156 -13.69 -25.10 -28.57
CA GLN E 156 -13.32 -23.66 -28.51
C GLN E 156 -14.03 -22.99 -27.33
N ARG E 157 -13.30 -22.62 -26.31
CA ARG E 157 -13.94 -21.96 -25.13
C ARG E 157 -14.68 -20.69 -25.57
N ALA E 158 -14.30 -20.13 -26.69
CA ALA E 158 -14.98 -18.88 -27.17
C ALA E 158 -16.31 -19.22 -27.87
N GLN E 159 -16.43 -20.40 -28.41
CA GLN E 159 -17.70 -20.78 -29.11
C GLN E 159 -18.90 -20.60 -28.16
N VAL E 160 -18.87 -21.20 -27.01
CA VAL E 160 -20.00 -21.06 -26.04
C VAL E 160 -20.20 -19.58 -25.68
N SER E 161 -19.20 -18.76 -25.88
CA SER E 161 -19.33 -17.32 -25.54
C SER E 161 -20.37 -16.65 -26.45
N LEU E 162 -20.66 -17.24 -27.58
CA LEU E 162 -21.66 -16.64 -28.51
C LEU E 162 -23.07 -16.76 -27.93
N LEU E 163 -23.35 -17.82 -27.21
CA LEU E 163 -24.70 -17.98 -26.62
C LEU E 163 -24.83 -17.16 -25.33
N ILE E 164 -23.97 -17.39 -24.38
CA ILE E 164 -24.05 -16.63 -23.10
C ILE E 164 -23.95 -15.12 -23.38
N ARG E 165 -23.33 -14.75 -24.47
CA ARG E 165 -23.20 -13.29 -24.80
C ARG E 165 -24.58 -12.64 -24.88
N ARG E 166 -25.58 -13.41 -25.25
CA ARG E 166 -26.96 -12.83 -25.35
C ARG E 166 -27.60 -12.75 -23.96
N GLU E 167 -27.29 -13.68 -23.10
CA GLU E 167 -27.88 -13.67 -21.73
C GLU E 167 -27.13 -12.67 -20.84
N LEU E 168 -25.87 -12.47 -21.07
CA LEU E 168 -25.08 -11.51 -20.23
C LEU E 168 -25.59 -10.09 -20.44
N THR E 169 -26.17 -9.81 -21.57
CA THR E 169 -26.69 -8.43 -21.83
C THR E 169 -28.00 -8.21 -21.06
N GLU E 170 -28.76 -9.24 -20.85
CA GLU E 170 -30.05 -9.09 -20.12
C GLU E 170 -29.79 -9.01 -18.61
N ARG E 171 -28.77 -9.68 -18.14
CA ARG E 171 -28.46 -9.64 -16.68
C ARG E 171 -27.72 -8.35 -16.32
N ALA E 172 -26.81 -7.93 -17.16
CA ALA E 172 -26.05 -6.67 -16.88
C ALA E 172 -27.02 -5.48 -16.75
N LYS E 173 -28.00 -5.41 -17.60
CA LYS E 173 -28.97 -4.29 -17.53
C LYS E 173 -29.93 -4.49 -16.35
N ASP E 174 -30.15 -5.71 -15.96
CA ASP E 174 -31.07 -5.98 -14.82
C ASP E 174 -30.61 -5.21 -13.57
N PHE E 175 -29.36 -4.89 -13.49
CA PHE E 175 -28.85 -4.13 -12.29
C PHE E 175 -28.09 -2.89 -12.74
N SER E 176 -28.61 -1.72 -12.45
CA SER E 176 -27.92 -0.46 -12.85
C SER E 176 -27.66 -0.44 -14.36
N LEU E 177 -27.17 0.66 -14.86
CA LEU E 177 -26.89 0.75 -16.33
C LEU E 177 -25.38 0.63 -16.58
N ILE E 178 -24.98 -0.36 -17.33
CA ILE E 178 -23.52 -0.54 -17.62
C ILE E 178 -23.33 -1.36 -18.89
N LEU E 179 -22.24 -1.16 -19.58
CA LEU E 179 -21.99 -1.94 -20.83
C LEU E 179 -20.98 -3.06 -20.55
N ASP E 180 -21.40 -4.29 -20.70
CA ASP E 180 -20.48 -5.44 -20.45
C ASP E 180 -19.97 -6.02 -21.77
N ASP E 181 -18.80 -6.62 -21.75
CA ASP E 181 -18.24 -7.21 -23.00
C ASP E 181 -18.43 -8.73 -22.97
N VAL E 182 -18.54 -9.35 -24.13
CA VAL E 182 -18.73 -10.82 -24.17
C VAL E 182 -17.42 -11.53 -24.51
N ALA E 183 -16.86 -12.22 -23.56
CA ALA E 183 -15.57 -12.95 -23.79
C ALA E 183 -15.39 -14.04 -22.74
N ILE E 184 -14.67 -15.08 -23.06
CA ILE E 184 -14.50 -16.17 -22.06
C ILE E 184 -13.09 -16.76 -22.10
N THR E 185 -12.31 -16.55 -21.06
CA THR E 185 -10.96 -17.16 -21.00
C THR E 185 -11.10 -18.37 -20.09
N GLU E 186 -11.02 -19.57 -20.61
CA GLU E 186 -11.23 -20.77 -19.75
C GLU E 186 -10.52 -22.01 -20.25
N LEU E 187 -10.18 -22.88 -19.33
CA LEU E 187 -9.52 -24.17 -19.70
C LEU E 187 -10.51 -25.28 -19.34
N SER E 188 -10.51 -26.38 -20.05
CA SER E 188 -11.50 -27.46 -19.75
C SER E 188 -10.82 -28.81 -19.46
N PHE E 189 -11.47 -29.65 -18.70
CA PHE E 189 -10.89 -30.98 -18.37
C PHE E 189 -11.53 -32.06 -19.25
N SER E 190 -10.77 -33.07 -19.59
CA SER E 190 -11.31 -34.16 -20.46
C SER E 190 -11.80 -35.32 -19.59
N MET F 1 -42.77 44.35 38.37
CA MET F 1 -41.53 45.11 38.00
C MET F 1 -40.31 44.53 38.69
N ALA F 2 -39.44 43.91 37.95
CA ALA F 2 -38.22 43.31 38.57
C ALA F 2 -36.97 44.07 38.12
N GLN F 3 -36.16 44.49 39.06
CA GLN F 3 -34.93 45.25 38.69
C GLN F 3 -33.80 44.27 38.34
N ASN F 4 -33.84 43.08 38.87
CA ASN F 4 -32.78 42.08 38.58
C ASN F 4 -32.71 41.80 37.07
N LEU F 5 -33.85 41.74 36.43
CA LEU F 5 -33.86 41.47 34.96
C LEU F 5 -33.15 42.60 34.20
N LYS F 6 -33.20 43.80 34.73
CA LYS F 6 -32.53 44.94 34.04
C LYS F 6 -31.01 44.88 34.28
N ASP F 7 -30.60 44.33 35.39
CA ASP F 7 -29.14 44.24 35.69
C ASP F 7 -28.49 43.21 34.77
N LEU F 8 -29.22 42.21 34.36
CA LEU F 8 -28.63 41.17 33.47
C LEU F 8 -28.29 41.77 32.11
N ALA F 9 -29.20 42.53 31.55
CA ALA F 9 -28.93 43.14 30.21
C ALA F 9 -27.90 44.27 30.35
N GLY F 10 -27.80 44.86 31.52
CA GLY F 10 -26.80 45.96 31.71
C GLY F 10 -25.39 45.37 31.74
N ARG F 11 -25.26 44.09 31.99
CA ARG F 11 -23.90 43.47 32.04
C ARG F 11 -23.37 43.25 30.62
N LEU F 12 -24.24 43.23 29.64
CA LEU F 12 -23.77 43.01 28.23
C LEU F 12 -22.76 44.10 27.82
N PRO F 13 -23.16 45.34 27.92
CA PRO F 13 -22.26 46.46 27.56
C PRO F 13 -21.16 46.63 28.61
N ALA F 14 -20.34 45.64 28.80
CA ALA F 14 -19.25 45.75 29.81
C ALA F 14 -18.30 44.55 29.69
N GLY F 15 -17.98 44.16 28.48
CA GLY F 15 -17.06 43.00 28.29
C GLY F 15 -15.79 43.47 27.58
N PRO F 16 -14.78 43.79 28.36
CA PRO F 16 -13.50 44.26 27.77
C PRO F 16 -12.76 43.09 27.10
N ARG F 17 -12.06 42.29 27.85
CA ARG F 17 -11.33 41.14 27.22
C ARG F 17 -12.30 39.99 26.94
N GLY F 18 -13.39 39.94 27.65
CA GLY F 18 -14.38 38.84 27.42
C GLY F 18 -14.81 38.83 25.95
N MET F 19 -15.16 39.98 25.41
CA MET F 19 -15.59 40.04 23.99
C MET F 19 -14.37 39.90 23.07
N GLY F 20 -13.23 40.35 23.51
CA GLY F 20 -12.00 40.24 22.66
C GLY F 20 -11.51 38.80 22.67
N THR F 21 -11.18 38.28 23.82
CA THR F 21 -10.70 36.87 23.90
C THR F 21 -11.77 35.91 23.39
N ALA F 22 -13.02 36.31 23.48
CA ALA F 22 -14.13 35.43 23.00
C ALA F 22 -13.86 34.98 21.56
N LEU F 23 -13.26 35.82 20.77
CA LEU F 23 -12.96 35.44 19.36
C LEU F 23 -11.92 34.31 19.34
N LYS F 24 -10.94 34.39 20.19
CA LYS F 24 -9.89 33.33 20.24
C LYS F 24 -10.56 31.96 20.40
N LEU F 25 -11.69 31.91 21.04
CA LEU F 25 -12.39 30.62 21.25
C LEU F 25 -13.03 30.16 19.93
N LEU F 26 -13.68 31.04 19.23
CA LEU F 26 -14.32 30.66 17.94
C LEU F 26 -13.26 30.14 16.96
N LEU F 27 -12.13 30.79 16.91
CA LEU F 27 -11.05 30.34 15.98
C LEU F 27 -10.48 29.00 16.45
N GLY F 28 -10.42 28.79 17.73
CA GLY F 28 -9.88 27.50 18.25
C GLY F 28 -10.84 26.37 17.92
N ALA F 29 -12.11 26.66 17.83
CA ALA F 29 -13.11 25.60 17.51
C ALA F 29 -12.80 25.00 16.12
N GLY F 30 -12.42 25.81 15.18
CA GLY F 30 -12.10 25.29 13.82
C GLY F 30 -10.85 24.41 13.90
N ALA F 31 -9.95 24.72 14.81
CA ALA F 31 -8.71 23.91 14.94
C ALA F 31 -9.05 22.54 15.54
N VAL F 32 -9.87 22.51 16.54
CA VAL F 32 -10.25 21.21 17.16
C VAL F 32 -10.96 20.32 16.14
N ALA F 33 -11.67 20.92 15.23
CA ALA F 33 -12.39 20.12 14.19
C ALA F 33 -11.40 19.33 13.35
N TYR F 34 -10.20 19.84 13.19
CA TYR F 34 -9.18 19.12 12.39
C TYR F 34 -8.90 17.73 12.97
N GLY F 35 -8.61 17.67 14.25
CA GLY F 35 -8.35 16.35 14.89
C GLY F 35 -9.56 15.43 14.69
N VAL F 36 -10.72 16.00 14.63
CA VAL F 36 -11.95 15.17 14.43
C VAL F 36 -12.07 14.76 12.97
N ARG F 37 -11.58 15.57 12.07
CA ARG F 37 -11.67 15.23 10.62
C ARG F 37 -11.04 13.87 10.34
N GLU F 38 -10.04 13.49 11.10
CA GLU F 38 -9.39 12.17 10.87
C GLU F 38 -10.21 11.04 11.52
N SER F 39 -10.96 11.31 12.58
CA SER F 39 -11.77 10.22 13.22
C SER F 39 -13.14 10.75 13.72
N VAL F 40 -14.12 9.88 13.83
CA VAL F 40 -15.48 10.32 14.30
C VAL F 40 -16.31 9.10 14.78
N PHE F 41 -17.46 9.33 15.38
CA PHE F 41 -18.30 8.17 15.85
C PHE F 41 -19.48 7.91 14.90
N THR F 42 -20.19 8.93 14.47
CA THR F 42 -21.35 8.70 13.55
C THR F 42 -20.91 7.85 12.35
N VAL F 43 -21.31 6.61 12.33
CA VAL F 43 -20.90 5.71 11.20
C VAL F 43 -21.16 6.38 9.85
N GLU F 44 -20.40 6.05 8.85
CA GLU F 44 -20.59 6.67 7.51
C GLU F 44 -20.57 5.59 6.42
N GLY F 45 -21.09 5.90 5.25
CA GLY F 45 -21.10 4.90 4.15
C GLY F 45 -21.95 3.70 4.56
N GLY F 46 -21.63 2.54 4.05
CA GLY F 46 -22.42 1.33 4.41
C GLY F 46 -21.75 0.59 5.57
N HIS F 47 -21.76 1.18 6.74
CA HIS F 47 -21.12 0.53 7.92
C HIS F 47 -22.06 0.58 9.13
N ARG F 48 -21.91 -0.37 10.01
CA ARG F 48 -22.80 -0.45 11.21
C ARG F 48 -22.04 -0.07 12.50
N ALA F 49 -22.74 0.35 13.53
CA ALA F 49 -22.05 0.77 14.81
C ALA F 49 -22.11 -0.30 15.91
N ILE F 50 -21.14 -0.27 16.79
CA ILE F 50 -21.07 -1.27 17.92
C ILE F 50 -20.72 -0.51 19.23
N PHE F 51 -21.11 -1.02 20.38
CA PHE F 51 -20.83 -0.27 21.67
C PHE F 51 -20.06 -1.10 22.71
N PHE F 52 -19.18 -0.44 23.44
CA PHE F 52 -18.40 -1.14 24.51
C PHE F 52 -17.81 -0.11 25.50
N ASN F 53 -17.57 -0.50 26.73
CA ASN F 53 -17.00 0.47 27.74
C ASN F 53 -15.59 0.01 28.20
N ARG F 54 -14.75 0.94 28.61
CA ARG F 54 -13.37 0.56 29.06
C ARG F 54 -13.45 -0.59 30.08
N ILE F 55 -14.17 -0.40 31.16
CA ILE F 55 -14.28 -1.48 32.17
C ILE F 55 -15.56 -2.30 31.93
N GLY F 56 -15.71 -2.84 30.75
CA GLY F 56 -16.94 -3.65 30.46
C GLY F 56 -16.70 -4.50 29.21
N GLY F 57 -15.63 -5.25 29.19
CA GLY F 57 -15.34 -6.12 28.01
C GLY F 57 -14.95 -5.23 26.82
N VAL F 58 -14.91 -5.80 25.64
CA VAL F 58 -14.54 -5.00 24.44
C VAL F 58 -15.28 -5.51 23.21
N GLN F 59 -15.90 -4.63 22.48
CA GLN F 59 -16.65 -5.06 21.26
C GLN F 59 -15.81 -4.81 20.01
N GLN F 60 -15.90 -5.67 19.03
CA GLN F 60 -15.10 -5.48 17.78
C GLN F 60 -15.53 -6.49 16.71
N ASP F 61 -15.17 -6.23 15.48
CA ASP F 61 -15.52 -7.18 14.37
C ASP F 61 -17.04 -7.42 14.33
N THR F 62 -17.83 -6.39 14.53
CA THR F 62 -19.31 -6.58 14.49
C THR F 62 -20.04 -5.31 14.03
N ILE F 63 -20.86 -5.42 13.02
CA ILE F 63 -21.62 -4.23 12.52
C ILE F 63 -23.15 -4.50 12.48
N LEU F 64 -23.95 -3.60 13.04
CA LEU F 64 -25.45 -3.75 13.04
C LEU F 64 -26.09 -2.94 11.86
N ALA F 65 -26.57 -1.72 12.11
CA ALA F 65 -27.19 -0.89 11.01
C ALA F 65 -26.82 0.60 11.16
N GLU F 66 -27.32 1.47 10.30
CA GLU F 66 -26.97 2.94 10.40
C GLU F 66 -27.95 3.70 11.30
N GLY F 67 -27.47 4.73 11.95
CA GLY F 67 -28.34 5.55 12.85
C GLY F 67 -27.67 6.91 13.07
N LEU F 68 -28.42 7.94 13.41
CA LEU F 68 -27.75 9.26 13.65
C LEU F 68 -27.52 9.41 15.15
N HIS F 69 -26.29 9.28 15.57
CA HIS F 69 -25.93 9.39 17.02
C HIS F 69 -24.43 9.69 17.17
N PHE F 70 -24.04 10.34 18.23
CA PHE F 70 -22.59 10.64 18.42
C PHE F 70 -22.07 9.97 19.70
N ARG F 71 -20.84 9.55 19.71
CA ARG F 71 -20.28 8.90 20.94
C ARG F 71 -20.00 9.96 22.00
N ILE F 72 -21.01 10.70 22.40
CA ILE F 72 -20.81 11.75 23.43
C ILE F 72 -21.71 11.51 24.66
N PRO F 73 -22.03 10.27 24.95
CA PRO F 73 -22.88 9.98 26.13
C PRO F 73 -22.07 10.11 27.42
N TRP F 74 -21.33 9.08 27.79
CA TRP F 74 -20.52 9.15 29.03
C TRP F 74 -19.57 7.94 29.11
N PHE F 75 -20.02 6.80 28.66
CA PHE F 75 -19.14 5.58 28.71
C PHE F 75 -19.31 4.73 27.45
N GLN F 76 -18.91 5.24 26.31
CA GLN F 76 -19.03 4.45 25.04
C GLN F 76 -17.72 4.55 24.26
N TYR F 77 -17.42 3.56 23.45
CA TYR F 77 -16.14 3.59 22.68
C TYR F 77 -16.37 3.38 21.18
N PRO F 78 -15.44 3.87 20.39
CA PRO F 78 -15.54 3.74 18.93
C PRO F 78 -14.68 2.56 18.43
N ILE F 79 -15.34 1.52 18.00
CA ILE F 79 -14.65 0.32 17.45
C ILE F 79 -15.69 -0.41 16.59
N ILE F 80 -15.55 -0.37 15.28
CA ILE F 80 -16.59 -0.99 14.40
C ILE F 80 -15.98 -1.90 13.32
N TYR F 81 -16.78 -2.82 12.82
CA TYR F 81 -16.29 -3.78 11.79
C TYR F 81 -16.69 -3.30 10.38
N ASP F 82 -15.87 -3.55 9.40
CA ASP F 82 -16.21 -3.09 8.01
C ASP F 82 -16.42 -4.30 7.09
N ILE F 83 -17.24 -4.15 6.08
CA ILE F 83 -17.49 -5.28 5.15
C ILE F 83 -16.46 -5.27 4.01
N ARG F 84 -16.20 -6.42 3.43
CA ARG F 84 -15.21 -6.49 2.31
C ARG F 84 -15.21 -7.90 1.70
N ALA F 85 -14.69 -8.05 0.52
CA ALA F 85 -14.65 -9.40 -0.13
C ALA F 85 -13.91 -10.38 0.78
N ARG F 86 -14.09 -11.66 0.57
CA ARG F 86 -13.39 -12.66 1.42
C ARG F 86 -12.87 -13.84 0.59
N PRO F 87 -11.57 -13.90 0.44
CA PRO F 87 -10.94 -15.00 -0.31
C PRO F 87 -10.41 -16.04 0.66
N ARG F 88 -11.00 -17.20 0.71
CA ARG F 88 -10.52 -18.26 1.65
C ARG F 88 -11.01 -19.65 1.18
N LYS F 89 -10.11 -20.49 0.66
CA LYS F 89 -10.52 -21.87 0.16
C LYS F 89 -9.31 -22.83 0.03
N ILE F 90 -9.52 -24.14 0.12
CA ILE F 90 -8.38 -25.11 -0.01
C ILE F 90 -8.80 -26.43 -0.68
N SER F 91 -7.85 -27.09 -1.30
CA SER F 91 -8.13 -28.41 -1.94
C SER F 91 -7.61 -29.52 -1.01
N SER F 92 -8.49 -30.28 -0.41
CA SER F 92 -8.02 -31.36 0.52
C SER F 92 -8.38 -32.75 -0.02
N PRO F 93 -7.41 -33.63 -0.05
CA PRO F 93 -7.63 -35.01 -0.52
C PRO F 93 -7.85 -35.96 0.66
N THR F 94 -9.04 -36.46 0.82
CA THR F 94 -9.31 -37.39 1.95
C THR F 94 -10.15 -38.58 1.48
N GLY F 95 -9.64 -39.78 1.61
CA GLY F 95 -10.40 -40.97 1.16
C GLY F 95 -10.54 -41.95 2.32
N SER F 96 -11.75 -42.29 2.68
CA SER F 96 -11.95 -43.25 3.80
C SER F 96 -13.18 -44.13 3.55
N LYS F 97 -14.28 -43.53 3.17
CA LYS F 97 -15.51 -44.33 2.89
C LYS F 97 -15.26 -45.33 1.75
N ASP F 98 -14.32 -45.04 0.90
CA ASP F 98 -14.02 -45.97 -0.22
C ASP F 98 -12.57 -46.45 -0.14
N LEU F 99 -12.23 -47.48 -0.89
CA LEU F 99 -10.83 -47.98 -0.86
C LEU F 99 -9.91 -47.06 -1.67
N GLN F 100 -10.48 -46.22 -2.48
CA GLN F 100 -9.64 -45.30 -3.31
C GLN F 100 -9.38 -43.99 -2.53
N MET F 101 -9.16 -42.90 -3.23
CA MET F 101 -8.91 -41.61 -2.54
C MET F 101 -9.75 -40.48 -3.17
N VAL F 102 -10.66 -39.92 -2.44
CA VAL F 102 -11.50 -38.83 -3.00
C VAL F 102 -11.11 -37.49 -2.37
N ASN F 103 -11.29 -36.40 -3.08
CA ASN F 103 -10.93 -35.07 -2.52
C ASN F 103 -12.17 -34.28 -2.15
N ILE F 104 -12.08 -33.44 -1.15
CA ILE F 104 -13.26 -32.63 -0.73
C ILE F 104 -12.82 -31.20 -0.39
N SER F 105 -13.21 -30.24 -1.19
CA SER F 105 -12.81 -28.83 -0.92
C SER F 105 -14.05 -27.98 -0.64
N LEU F 106 -13.96 -27.03 0.25
CA LEU F 106 -15.15 -26.18 0.55
C LEU F 106 -14.74 -24.85 1.18
N ARG F 107 -15.52 -23.83 0.97
CA ARG F 107 -15.19 -22.49 1.55
C ARG F 107 -16.46 -21.84 2.10
N VAL F 108 -16.34 -21.00 3.09
CA VAL F 108 -17.55 -20.33 3.66
C VAL F 108 -17.65 -18.89 3.17
N LEU F 109 -18.85 -18.38 3.03
CA LEU F 109 -19.02 -16.98 2.55
C LEU F 109 -19.56 -16.10 3.69
N SER F 110 -19.25 -14.84 3.67
CA SER F 110 -19.74 -13.93 4.75
C SER F 110 -20.59 -12.81 4.15
N ARG F 111 -21.62 -12.39 4.84
CA ARG F 111 -22.49 -11.30 4.31
C ARG F 111 -22.94 -10.38 5.45
N PRO F 112 -22.88 -9.09 5.22
CA PRO F 112 -23.30 -8.11 6.26
C PRO F 112 -24.83 -8.04 6.37
N ASN F 113 -25.54 -8.75 5.53
CA ASN F 113 -27.03 -8.72 5.59
C ASN F 113 -27.52 -8.98 7.02
N ALA F 114 -28.78 -8.77 7.28
CA ALA F 114 -29.33 -9.00 8.64
C ALA F 114 -28.59 -8.12 9.66
N GLN F 115 -29.10 -8.02 10.85
CA GLN F 115 -28.43 -7.19 11.90
C GLN F 115 -28.29 -7.97 13.20
N GLU F 116 -27.12 -8.52 13.45
CA GLU F 116 -26.92 -9.31 14.69
C GLU F 116 -25.42 -9.38 15.04
N LEU F 117 -24.69 -8.34 14.76
CA LEU F 117 -23.23 -8.35 15.08
C LEU F 117 -22.98 -8.04 16.56
N PRO F 118 -23.82 -7.22 17.17
CA PRO F 118 -23.63 -6.91 18.60
C PRO F 118 -23.99 -8.13 19.46
N SER F 119 -24.99 -8.87 19.07
CA SER F 119 -25.37 -10.09 19.84
C SER F 119 -24.36 -11.20 19.54
N MET F 120 -23.89 -11.25 18.32
CA MET F 120 -22.89 -12.29 17.93
C MET F 120 -21.49 -11.89 18.41
N TYR F 121 -21.27 -10.63 18.67
CA TYR F 121 -19.93 -10.16 19.12
C TYR F 121 -19.39 -11.09 20.23
N GLN F 122 -20.09 -11.18 21.34
CA GLN F 122 -19.61 -12.06 22.45
C GLN F 122 -19.98 -13.52 22.16
N ARG F 123 -20.95 -13.76 21.31
CA ARG F 123 -21.33 -15.17 20.98
C ARG F 123 -20.28 -15.80 20.08
N LEU F 124 -19.75 -15.04 19.16
CA LEU F 124 -18.71 -15.58 18.24
C LEU F 124 -17.48 -16.05 19.02
N GLY F 125 -17.29 -15.56 20.21
CA GLY F 125 -16.12 -15.97 21.03
C GLY F 125 -15.02 -14.92 20.93
N LEU F 126 -13.84 -15.24 21.42
CA LEU F 126 -12.72 -14.26 21.36
C LEU F 126 -12.32 -14.00 19.91
N ASP F 127 -11.85 -15.00 19.23
CA ASP F 127 -11.44 -14.81 17.80
C ASP F 127 -12.63 -14.33 16.97
N TYR F 128 -12.50 -14.31 15.67
CA TYR F 128 -13.63 -13.83 14.82
C TYR F 128 -13.85 -14.80 13.65
N GLU F 129 -13.57 -14.39 12.44
CA GLU F 129 -13.77 -15.30 11.27
C GLU F 129 -12.60 -16.28 11.15
N GLU F 130 -11.40 -15.81 11.39
CA GLU F 130 -10.21 -16.70 11.28
C GLU F 130 -10.44 -18.03 12.01
N ARG F 131 -11.18 -18.00 13.09
CA ARG F 131 -11.44 -19.26 13.85
C ARG F 131 -12.58 -20.06 13.21
N VAL F 132 -13.65 -19.40 12.85
CA VAL F 132 -14.82 -20.11 12.25
C VAL F 132 -14.60 -20.43 10.76
N LEU F 133 -13.69 -19.75 10.10
CA LEU F 133 -13.48 -20.02 8.64
C LEU F 133 -12.86 -21.40 8.41
N PRO F 134 -11.69 -21.63 8.97
CA PRO F 134 -11.00 -22.93 8.79
C PRO F 134 -11.69 -24.05 9.58
N SER F 135 -12.37 -23.71 10.64
CA SER F 135 -13.04 -24.76 11.47
C SER F 135 -14.25 -25.35 10.72
N ILE F 136 -15.27 -24.58 10.49
CA ILE F 136 -16.48 -25.10 9.79
C ILE F 136 -16.09 -25.67 8.42
N VAL F 137 -15.12 -25.08 7.76
CA VAL F 137 -14.70 -25.59 6.43
C VAL F 137 -13.90 -26.89 6.57
N ASN F 138 -12.98 -26.93 7.50
CA ASN F 138 -12.17 -28.17 7.69
C ASN F 138 -12.96 -29.22 8.48
N GLU F 139 -13.97 -28.80 9.21
CA GLU F 139 -14.77 -29.78 10.00
C GLU F 139 -15.74 -30.53 9.09
N VAL F 140 -16.65 -29.82 8.47
CA VAL F 140 -17.63 -30.50 7.57
C VAL F 140 -16.91 -31.25 6.45
N LEU F 141 -15.86 -30.68 5.92
CA LEU F 141 -15.10 -31.36 4.81
C LEU F 141 -14.63 -32.74 5.27
N LYS F 142 -14.10 -32.85 6.46
CA LYS F 142 -13.60 -34.16 6.94
C LYS F 142 -14.75 -35.03 7.46
N SER F 143 -15.80 -34.42 7.95
CA SER F 143 -16.95 -35.22 8.48
C SER F 143 -17.84 -35.71 7.33
N VAL F 144 -17.90 -34.98 6.25
CA VAL F 144 -18.76 -35.41 5.10
C VAL F 144 -18.06 -36.50 4.29
N VAL F 145 -16.80 -36.31 3.96
CA VAL F 145 -16.06 -37.33 3.17
C VAL F 145 -16.18 -38.71 3.82
N ALA F 146 -16.11 -38.77 5.13
CA ALA F 146 -16.22 -40.08 5.82
C ALA F 146 -17.57 -40.73 5.51
N LYS F 147 -18.62 -39.96 5.49
CA LYS F 147 -19.96 -40.52 5.18
C LYS F 147 -20.13 -40.72 3.68
N PHE F 148 -19.87 -39.69 2.90
CA PHE F 148 -20.03 -39.82 1.42
C PHE F 148 -19.02 -40.84 0.87
N ASN F 149 -19.25 -41.32 -0.32
CA ASN F 149 -18.31 -42.32 -0.91
C ASN F 149 -17.43 -41.65 -1.96
N ALA F 150 -16.42 -42.35 -2.43
CA ALA F 150 -15.51 -41.76 -3.46
C ALA F 150 -16.16 -41.85 -4.85
N SER F 151 -16.61 -43.01 -5.24
CA SER F 151 -17.23 -43.17 -6.59
C SER F 151 -18.43 -42.21 -6.73
N GLN F 152 -19.08 -41.88 -5.64
CA GLN F 152 -20.25 -40.96 -5.72
C GLN F 152 -19.77 -39.51 -5.81
N LEU F 153 -18.65 -39.20 -5.21
CA LEU F 153 -18.14 -37.80 -5.26
C LEU F 153 -17.43 -37.54 -6.60
N ILE F 154 -16.71 -38.50 -7.09
CA ILE F 154 -15.99 -38.31 -8.39
C ILE F 154 -17.00 -38.08 -9.51
N THR F 155 -18.18 -38.61 -9.38
CA THR F 155 -19.21 -38.41 -10.45
C THR F 155 -19.48 -36.92 -10.65
N GLN F 156 -19.47 -36.15 -9.59
CA GLN F 156 -19.72 -34.68 -9.72
C GLN F 156 -19.41 -33.97 -8.39
N ARG F 157 -18.40 -33.16 -8.37
CA ARG F 157 -18.03 -32.43 -7.11
C ARG F 157 -19.24 -31.64 -6.57
N ALA F 158 -20.19 -31.35 -7.42
CA ALA F 158 -21.39 -30.59 -6.96
C ALA F 158 -22.38 -31.51 -6.25
N GLN F 159 -22.51 -32.73 -6.70
CA GLN F 159 -23.47 -33.68 -6.05
C GLN F 159 -23.14 -33.82 -4.56
N VAL F 160 -21.90 -34.07 -4.24
CA VAL F 160 -21.50 -34.22 -2.81
C VAL F 160 -21.77 -32.91 -2.05
N SER F 161 -21.78 -31.80 -2.74
CA SER F 161 -22.04 -30.50 -2.05
C SER F 161 -23.52 -30.35 -1.71
N LEU F 162 -24.37 -31.05 -2.43
CA LEU F 162 -25.84 -30.95 -2.15
C LEU F 162 -26.13 -31.41 -0.71
N LEU F 163 -25.41 -32.37 -0.21
CA LEU F 163 -25.65 -32.86 1.18
C LEU F 163 -25.10 -31.86 2.19
N ILE F 164 -23.94 -31.31 1.91
CA ILE F 164 -23.34 -30.32 2.86
C ILE F 164 -24.20 -29.06 2.92
N ARG F 165 -24.88 -28.74 1.85
CA ARG F 165 -25.74 -27.52 1.83
C ARG F 165 -26.76 -27.58 2.97
N ARG F 166 -27.13 -28.76 3.39
CA ARG F 166 -28.12 -28.88 4.50
C ARG F 166 -27.42 -28.68 5.86
N GLU F 167 -26.23 -29.18 6.00
CA GLU F 167 -25.51 -29.02 7.30
C GLU F 167 -24.87 -27.62 7.39
N LEU F 168 -24.41 -27.10 6.28
CA LEU F 168 -23.78 -25.74 6.31
C LEU F 168 -24.77 -24.70 6.84
N THR F 169 -26.03 -24.85 6.51
CA THR F 169 -27.05 -23.87 6.99
C THR F 169 -27.15 -23.93 8.51
N GLU F 170 -26.91 -25.08 9.10
CA GLU F 170 -26.99 -25.20 10.57
C GLU F 170 -25.72 -24.66 11.23
N ARG F 171 -24.58 -24.96 10.66
CA ARG F 171 -23.30 -24.46 11.26
C ARG F 171 -23.19 -22.94 11.08
N ALA F 172 -23.40 -22.46 9.88
CA ALA F 172 -23.30 -20.98 9.63
C ALA F 172 -24.31 -20.23 10.50
N LYS F 173 -25.38 -20.88 10.88
CA LYS F 173 -26.40 -20.20 11.72
C LYS F 173 -25.79 -19.75 13.05
N ASP F 174 -24.81 -20.48 13.53
CA ASP F 174 -24.17 -20.10 14.83
C ASP F 174 -23.63 -18.67 14.74
N PHE F 175 -22.80 -18.39 13.78
CA PHE F 175 -22.25 -17.01 13.64
C PHE F 175 -23.36 -16.02 13.33
N SER F 176 -24.00 -15.49 14.34
CA SER F 176 -25.11 -14.51 14.13
C SER F 176 -26.14 -15.07 13.14
N LEU F 177 -27.06 -14.24 12.71
CA LEU F 177 -28.09 -14.71 11.75
C LEU F 177 -27.75 -14.23 10.34
N ILE F 178 -27.42 -15.14 9.46
CA ILE F 178 -27.05 -14.74 8.07
C ILE F 178 -27.23 -15.92 7.11
N LEU F 179 -27.48 -15.66 5.86
CA LEU F 179 -27.66 -16.76 4.87
C LEU F 179 -26.39 -16.96 4.06
N ASP F 180 -25.92 -18.18 3.98
CA ASP F 180 -24.68 -18.46 3.21
C ASP F 180 -24.98 -19.33 1.98
N ASP F 181 -24.16 -19.24 0.97
CA ASP F 181 -24.40 -20.07 -0.25
C ASP F 181 -23.47 -21.28 -0.22
N VAL F 182 -23.97 -22.43 -0.56
CA VAL F 182 -23.12 -23.65 -0.52
C VAL F 182 -22.65 -24.06 -1.92
N ALA F 183 -21.39 -23.88 -2.18
CA ALA F 183 -20.80 -24.27 -3.50
C ALA F 183 -19.30 -24.42 -3.33
N ILE F 184 -18.66 -25.29 -4.05
CA ILE F 184 -17.20 -25.46 -3.87
C ILE F 184 -16.49 -25.90 -5.15
N THR F 185 -15.25 -25.52 -5.30
CA THR F 185 -14.47 -25.94 -6.49
C THR F 185 -13.53 -27.07 -6.03
N GLU F 186 -13.77 -28.28 -6.47
CA GLU F 186 -12.92 -29.41 -6.00
C GLU F 186 -12.44 -30.31 -7.13
N LEU F 187 -11.30 -30.92 -6.92
CA LEU F 187 -10.74 -31.87 -7.92
C LEU F 187 -10.46 -33.17 -7.18
N SER F 188 -10.83 -34.29 -7.73
CA SER F 188 -10.61 -35.58 -7.00
C SER F 188 -9.39 -36.33 -7.53
N PHE F 189 -8.78 -37.11 -6.68
CA PHE F 189 -7.56 -37.88 -7.09
C PHE F 189 -7.94 -39.34 -7.37
N SER F 190 -7.25 -39.97 -8.29
CA SER F 190 -7.57 -41.39 -8.60
C SER F 190 -6.43 -42.03 -9.40
N MET A 1 -12.65 32.82 62.54
CA MET A 1 -11.80 33.04 61.34
C MET A 1 -10.55 32.15 61.39
N ALA A 2 -9.94 31.92 60.26
CA ALA A 2 -8.72 31.07 60.24
C ALA A 2 -7.66 31.68 59.33
N GLN A 3 -6.43 31.24 59.44
CA GLN A 3 -5.35 31.80 58.58
C GLN A 3 -5.24 31.02 57.27
N ASN A 4 -5.65 29.78 57.26
CA ASN A 4 -5.57 28.97 56.01
C ASN A 4 -6.68 29.40 55.03
N LEU A 5 -7.90 29.43 55.50
CA LEU A 5 -9.02 29.84 54.60
C LEU A 5 -8.90 31.32 54.23
N LYS A 6 -8.24 32.10 55.05
CA LYS A 6 -8.09 33.56 54.74
C LYS A 6 -7.39 33.74 53.40
N ASP A 7 -6.56 32.82 53.01
CA ASP A 7 -5.85 32.93 51.71
C ASP A 7 -6.77 32.51 50.56
N LEU A 8 -7.67 31.58 50.81
CA LEU A 8 -8.59 31.12 49.73
C LEU A 8 -9.50 32.27 49.29
N ALA A 9 -9.98 33.06 50.21
CA ALA A 9 -10.87 34.20 49.84
C ALA A 9 -10.03 35.36 49.32
N GLY A 10 -8.83 35.52 49.81
CA GLY A 10 -7.96 36.64 49.35
C GLY A 10 -7.30 36.27 48.01
N ARG A 11 -7.25 35.01 47.68
CA ARG A 11 -6.62 34.59 46.40
C ARG A 11 -7.40 35.16 45.21
N LEU A 12 -8.70 35.09 45.26
CA LEU A 12 -9.52 35.61 44.12
C LEU A 12 -9.22 37.10 43.88
N PRO A 13 -9.44 37.91 44.89
CA PRO A 13 -9.18 39.37 44.75
C PRO A 13 -7.67 39.64 44.70
N ALA A 14 -7.03 39.30 43.62
CA ALA A 14 -5.56 39.54 43.50
C ALA A 14 -5.10 39.30 42.07
N GLY A 15 -5.61 38.28 41.42
CA GLY A 15 -5.20 37.98 40.02
C GLY A 15 -6.37 38.26 39.08
N PRO A 16 -6.45 39.48 38.60
CA PRO A 16 -7.54 39.85 37.67
C PRO A 16 -7.32 39.22 36.30
N ARG A 17 -6.10 39.21 35.82
CA ARG A 17 -5.81 38.61 34.49
C ARG A 17 -5.92 37.08 34.56
N GLY A 18 -5.84 36.52 35.74
CA GLY A 18 -5.94 35.03 35.87
C GLY A 18 -7.17 34.50 35.12
N MET A 19 -8.26 35.22 35.17
CA MET A 19 -9.48 34.77 34.46
C MET A 19 -9.38 35.12 32.97
N GLY A 20 -8.86 36.27 32.66
CA GLY A 20 -8.73 36.68 31.23
C GLY A 20 -7.70 35.80 30.54
N THR A 21 -6.53 35.68 31.11
CA THR A 21 -5.48 34.83 30.48
C THR A 21 -5.95 33.38 30.39
N ALA A 22 -6.83 32.98 31.27
CA ALA A 22 -7.33 31.57 31.24
C ALA A 22 -7.98 31.27 29.89
N LEU A 23 -8.48 32.28 29.21
CA LEU A 23 -9.13 32.05 27.89
C LEU A 23 -8.11 31.48 26.89
N LYS A 24 -6.92 31.99 26.90
CA LYS A 24 -5.88 31.48 25.95
C LYS A 24 -5.53 30.03 26.30
N LEU A 25 -5.64 29.66 27.55
CA LEU A 25 -5.31 28.27 27.97
C LEU A 25 -6.26 27.25 27.32
N LEU A 26 -7.54 27.36 27.59
CA LEU A 26 -8.51 26.40 26.99
C LEU A 26 -8.44 26.44 25.46
N LEU A 27 -7.92 27.51 24.90
CA LEU A 27 -7.83 27.62 23.42
C LEU A 27 -6.60 26.86 22.91
N GLY A 28 -5.55 26.83 23.68
CA GLY A 28 -4.32 26.11 23.25
C GLY A 28 -4.47 24.61 23.48
N ALA A 29 -5.30 24.22 24.42
CA ALA A 29 -5.49 22.77 24.71
C ALA A 29 -6.08 22.05 23.49
N GLY A 30 -6.83 22.75 22.68
CA GLY A 30 -7.43 22.11 21.47
C GLY A 30 -6.32 21.72 20.48
N ALA A 31 -5.22 22.43 20.50
CA ALA A 31 -4.11 22.10 19.55
C ALA A 31 -3.28 20.92 20.08
N VAL A 32 -3.29 20.71 21.38
CA VAL A 32 -2.51 19.58 21.95
C VAL A 32 -3.27 18.26 21.79
N ALA A 33 -4.54 18.32 21.48
CA ALA A 33 -5.33 17.07 21.32
C ALA A 33 -5.04 16.42 19.96
N TYR A 34 -4.70 17.21 18.98
CA TYR A 34 -4.40 16.64 17.63
C TYR A 34 -3.22 15.68 17.71
N GLY A 35 -2.15 16.08 18.34
CA GLY A 35 -0.96 15.18 18.44
C GLY A 35 -1.36 13.89 19.16
N VAL A 36 -2.26 13.98 20.11
CA VAL A 36 -2.68 12.75 20.85
C VAL A 36 -3.71 11.96 20.02
N ARG A 37 -4.47 12.63 19.21
CA ARG A 37 -5.49 11.92 18.37
C ARG A 37 -4.83 10.88 17.47
N GLU A 38 -3.60 11.13 17.06
CA GLU A 38 -2.91 10.15 16.17
C GLU A 38 -2.39 8.94 16.97
N SER A 39 -2.09 9.10 18.24
CA SER A 39 -1.58 7.92 19.04
C SER A 39 -2.08 7.96 20.50
N VAL A 40 -2.20 6.80 21.13
CA VAL A 40 -2.66 6.74 22.57
C VAL A 40 -2.16 5.46 23.25
N PHE A 41 -2.63 5.14 24.43
CA PHE A 41 -2.16 3.89 25.13
C PHE A 41 -3.34 2.96 25.47
N THR A 42 -4.48 3.48 25.87
CA THR A 42 -5.63 2.57 26.21
C THR A 42 -5.94 1.64 25.04
N VAL A 43 -5.83 0.35 25.25
CA VAL A 43 -6.12 -0.62 24.15
C VAL A 43 -7.55 -0.42 23.64
N GLU A 44 -7.71 -0.24 22.35
CA GLU A 44 -9.07 -0.01 21.79
C GLU A 44 -9.88 -1.32 21.78
N GLY A 45 -9.70 -2.14 20.78
CA GLY A 45 -10.47 -3.43 20.73
C GLY A 45 -9.77 -4.39 19.76
N GLY A 46 -10.14 -5.65 19.79
CA GLY A 46 -9.50 -6.64 18.87
C GLY A 46 -8.00 -6.62 19.07
N HIS A 47 -7.54 -6.19 20.22
CA HIS A 47 -6.07 -6.15 20.48
C HIS A 47 -5.79 -6.29 21.98
N ARG A 48 -4.64 -6.80 22.32
CA ARG A 48 -4.28 -7.02 23.75
C ARG A 48 -3.03 -6.18 24.13
N ALA A 49 -2.84 -5.87 25.40
CA ALA A 49 -1.69 -4.98 25.81
C ALA A 49 -0.45 -5.74 26.33
N ILE A 50 0.69 -5.09 26.19
CA ILE A 50 2.01 -5.67 26.63
C ILE A 50 2.79 -4.55 27.38
N PHE A 51 3.69 -4.88 28.29
CA PHE A 51 4.39 -3.78 29.07
C PHE A 51 5.94 -3.85 29.04
N PHE A 52 6.58 -2.71 28.92
CA PHE A 52 8.08 -2.64 28.92
C PHE A 52 8.55 -1.18 29.21
N ASN A 53 9.74 -1.00 29.75
CA ASN A 53 10.22 0.39 30.05
C ASN A 53 11.63 0.65 29.45
N ARG A 54 11.96 1.89 29.14
CA ARG A 54 13.32 2.21 28.55
C ARG A 54 14.42 1.48 29.32
N ILE A 55 15.14 0.61 28.67
CA ILE A 55 16.25 -0.13 29.34
C ILE A 55 15.75 -0.75 30.66
N GLY A 56 15.29 -1.97 30.61
CA GLY A 56 14.80 -2.64 31.85
C GLY A 56 14.30 -4.04 31.52
N GLY A 57 13.60 -4.19 30.44
CA GLY A 57 13.09 -5.54 30.06
C GLY A 57 12.95 -5.62 28.53
N VAL A 58 11.81 -6.01 28.04
CA VAL A 58 11.61 -6.12 26.57
C VAL A 58 10.12 -6.25 26.24
N GLN A 59 9.73 -5.91 25.03
CA GLN A 59 8.29 -6.02 24.67
C GLN A 59 8.13 -6.04 23.15
N GLN A 60 7.47 -7.04 22.61
CA GLN A 60 7.27 -7.12 21.13
C GLN A 60 6.44 -8.36 20.77
N ASP A 61 5.58 -8.23 19.80
CA ASP A 61 4.73 -9.40 19.38
C ASP A 61 4.01 -10.01 20.59
N THR A 62 3.21 -9.24 21.28
CA THR A 62 2.49 -9.79 22.47
C THR A 62 1.07 -9.18 22.59
N ILE A 63 0.19 -9.87 23.28
CA ILE A 63 -1.21 -9.37 23.45
C ILE A 63 -1.95 -10.18 24.55
N LEU A 64 -2.40 -9.52 25.61
CA LEU A 64 -3.16 -10.22 26.72
C LEU A 64 -4.70 -10.09 26.51
N ALA A 65 -5.32 -9.03 27.01
CA ALA A 65 -6.82 -8.84 26.82
C ALA A 65 -7.15 -7.32 26.86
N GLU A 66 -8.40 -6.93 27.07
CA GLU A 66 -8.72 -5.45 27.07
C GLU A 66 -9.16 -4.94 28.45
N GLY A 67 -8.66 -3.80 28.83
CA GLY A 67 -8.99 -3.16 30.13
C GLY A 67 -8.59 -1.68 30.00
N LEU A 68 -9.12 -0.76 30.79
CA LEU A 68 -8.64 0.64 30.59
C LEU A 68 -7.47 0.86 31.54
N HIS A 69 -6.28 0.69 31.01
CA HIS A 69 -5.02 0.86 31.78
C HIS A 69 -3.84 0.85 30.79
N PHE A 70 -3.11 1.92 30.63
CA PHE A 70 -1.97 1.86 29.66
C PHE A 70 -1.12 3.13 29.67
N ARG A 71 0.18 2.96 29.62
CA ARG A 71 1.11 4.12 29.60
C ARG A 71 0.68 5.19 30.60
N ILE A 72 0.06 4.81 31.68
CA ILE A 72 -0.39 5.81 32.69
C ILE A 72 0.74 6.11 33.69
N PRO A 73 1.22 5.08 34.36
CA PRO A 73 2.31 5.28 35.35
C PRO A 73 3.64 5.52 34.64
N TRP A 74 4.73 5.46 35.36
CA TRP A 74 6.07 5.68 34.72
C TRP A 74 6.72 4.33 34.41
N PHE A 75 7.79 4.34 33.67
CA PHE A 75 8.51 3.06 33.32
C PHE A 75 7.57 2.13 32.53
N GLN A 76 7.02 2.60 31.45
CA GLN A 76 6.11 1.75 30.61
C GLN A 76 6.14 2.25 29.17
N TYR A 77 5.90 1.38 28.22
CA TYR A 77 5.95 1.81 26.79
C TYR A 77 4.82 1.18 25.98
N PRO A 78 4.46 1.83 24.90
CA PRO A 78 3.40 1.31 24.04
C PRO A 78 3.98 0.53 22.86
N ILE A 79 3.83 -0.76 22.92
CA ILE A 79 4.30 -1.67 21.82
C ILE A 79 3.44 -2.94 21.96
N ILE A 80 2.55 -3.16 21.03
CA ILE A 80 1.62 -4.34 21.15
C ILE A 80 1.50 -5.12 19.84
N TYR A 81 1.09 -6.36 19.93
CA TYR A 81 0.96 -7.22 18.71
C TYR A 81 -0.50 -7.23 18.23
N ASP A 82 -0.71 -7.41 16.95
CA ASP A 82 -2.10 -7.42 16.42
C ASP A 82 -2.35 -8.69 15.60
N ILE A 83 -3.58 -9.14 15.53
CA ILE A 83 -3.89 -10.37 14.74
C ILE A 83 -3.91 -10.04 13.25
N ARG A 84 -3.46 -10.94 12.42
CA ARG A 84 -3.45 -10.68 10.95
C ARG A 84 -3.15 -11.97 10.19
N ALA A 85 -3.48 -12.02 8.92
CA ALA A 85 -3.21 -13.24 8.11
C ALA A 85 -1.71 -13.45 7.98
N ARG A 86 -1.29 -14.61 7.53
CA ARG A 86 0.17 -14.88 7.38
C ARG A 86 0.41 -16.01 6.39
N PRO A 87 0.98 -15.66 5.25
CA PRO A 87 1.28 -16.66 4.21
C PRO A 87 2.75 -17.08 4.29
N ARG A 88 3.01 -18.29 4.68
CA ARG A 88 4.42 -18.76 4.79
C ARG A 88 4.49 -20.29 4.56
N LYS A 89 5.02 -20.73 3.42
CA LYS A 89 5.09 -22.21 3.12
C LYS A 89 6.14 -22.52 2.02
N ILE A 90 6.71 -23.72 2.00
CA ILE A 90 7.73 -24.06 0.93
C ILE A 90 7.53 -25.46 0.34
N SER A 91 7.96 -25.63 -0.88
CA SER A 91 7.90 -26.97 -1.54
C SER A 91 9.32 -27.52 -1.64
N SER A 92 9.64 -28.54 -0.88
CA SER A 92 11.05 -29.08 -0.93
C SER A 92 11.07 -30.56 -1.34
N PRO A 93 11.95 -30.88 -2.26
CA PRO A 93 12.10 -32.27 -2.72
C PRO A 93 13.29 -32.93 -2.01
N THR A 94 13.03 -33.88 -1.15
CA THR A 94 14.14 -34.55 -0.42
C THR A 94 14.01 -36.07 -0.54
N GLY A 95 15.12 -36.77 -0.48
CA GLY A 95 15.06 -38.26 -0.58
C GLY A 95 16.07 -38.87 0.40
N SER A 96 15.60 -39.77 1.23
CA SER A 96 16.53 -40.41 2.23
C SER A 96 16.03 -41.82 2.58
N LYS A 97 14.76 -41.96 2.86
CA LYS A 97 14.21 -43.31 3.21
C LYS A 97 14.12 -44.17 1.96
N ASP A 98 13.81 -43.59 0.83
CA ASP A 98 13.71 -44.39 -0.42
C ASP A 98 14.81 -43.97 -1.41
N LEU A 99 15.05 -44.78 -2.41
CA LEU A 99 16.10 -44.43 -3.41
C LEU A 99 15.71 -43.15 -4.16
N GLN A 100 14.49 -43.09 -4.62
CA GLN A 100 14.03 -41.87 -5.37
C GLN A 100 14.00 -40.66 -4.43
N MET A 101 13.29 -39.63 -4.80
CA MET A 101 13.23 -38.41 -3.94
C MET A 101 11.77 -38.03 -3.67
N VAL A 102 11.44 -37.75 -2.43
CA VAL A 102 10.04 -37.36 -2.10
C VAL A 102 9.97 -35.89 -1.73
N ASN A 103 8.88 -35.23 -2.04
CA ASN A 103 8.77 -33.78 -1.70
C ASN A 103 7.81 -33.58 -0.52
N ILE A 104 8.12 -32.65 0.34
CA ILE A 104 7.23 -32.39 1.51
C ILE A 104 7.09 -30.89 1.74
N SER A 105 5.89 -30.38 1.75
CA SER A 105 5.69 -28.91 1.97
C SER A 105 4.77 -28.70 3.16
N LEU A 106 5.29 -28.19 4.25
CA LEU A 106 4.44 -27.96 5.45
C LEU A 106 4.96 -26.78 6.27
N ARG A 107 4.09 -26.13 6.98
CA ARG A 107 4.51 -24.96 7.82
C ARG A 107 3.57 -24.81 9.01
N VAL A 108 4.05 -24.25 10.09
CA VAL A 108 3.18 -24.08 11.29
C VAL A 108 2.68 -22.64 11.39
N LEU A 109 1.48 -22.46 11.88
CA LEU A 109 0.91 -21.08 12.00
C LEU A 109 1.01 -20.60 13.45
N SER A 110 1.10 -19.32 13.65
CA SER A 110 1.19 -18.78 15.04
C SER A 110 -0.17 -18.22 15.48
N ARG A 111 -0.75 -18.79 16.50
CA ARG A 111 -2.07 -18.30 16.98
C ARG A 111 -1.89 -17.45 18.24
N PRO A 112 -2.55 -16.31 18.26
CA PRO A 112 -2.44 -15.41 19.43
C PRO A 112 -3.25 -15.96 20.61
N ASN A 113 -2.61 -16.16 21.73
CA ASN A 113 -3.35 -16.70 22.91
C ASN A 113 -3.73 -15.55 23.86
N ALA A 114 -4.68 -15.78 24.72
CA ALA A 114 -5.11 -14.71 25.67
C ALA A 114 -4.32 -14.82 26.98
N GLN A 115 -3.84 -13.72 27.49
CA GLN A 115 -3.07 -13.76 28.78
C GLN A 115 -1.92 -14.78 28.69
N GLU A 116 -0.92 -14.48 27.90
CA GLU A 116 0.23 -15.43 27.77
C GLU A 116 1.33 -14.85 26.87
N LEU A 117 0.99 -13.99 25.96
CA LEU A 117 2.02 -13.40 25.05
C LEU A 117 3.20 -12.80 25.85
N PRO A 118 2.90 -12.01 26.86
CA PRO A 118 3.98 -11.37 27.66
C PRO A 118 4.80 -12.39 28.45
N SER A 119 4.18 -13.39 29.02
CA SER A 119 4.95 -14.41 29.80
C SER A 119 5.87 -15.20 28.89
N MET A 120 5.33 -15.73 27.81
CA MET A 120 6.15 -16.54 26.87
C MET A 120 6.95 -15.65 25.91
N TYR A 121 6.58 -14.41 25.76
CA TYR A 121 7.31 -13.52 24.80
C TYR A 121 8.84 -13.63 25.00
N GLN A 122 9.35 -13.20 26.12
CA GLN A 122 10.83 -13.27 26.33
C GLN A 122 11.32 -14.71 26.11
N ARG A 123 10.50 -15.69 26.44
CA ARG A 123 10.91 -17.10 26.23
C ARG A 123 10.70 -17.50 24.76
N LEU A 124 9.87 -16.76 24.06
CA LEU A 124 9.61 -17.07 22.62
C LEU A 124 10.79 -16.62 21.76
N GLY A 125 11.42 -15.54 22.12
CA GLY A 125 12.58 -15.05 21.33
C GLY A 125 12.23 -13.70 20.68
N LEU A 126 13.14 -12.78 20.69
CA LEU A 126 12.87 -11.45 20.08
C LEU A 126 12.58 -11.59 18.59
N ASP A 127 11.33 -11.74 18.23
CA ASP A 127 10.97 -11.91 16.79
C ASP A 127 11.80 -13.04 16.17
N TYR A 128 11.87 -14.16 16.82
CA TYR A 128 12.67 -15.30 16.29
C TYR A 128 11.78 -16.24 15.46
N GLU A 129 10.55 -15.87 15.22
CA GLU A 129 9.64 -16.75 14.41
C GLU A 129 10.26 -17.01 13.04
N GLU A 130 11.05 -16.10 12.54
CA GLU A 130 11.68 -16.30 11.21
C GLU A 130 12.55 -17.56 11.22
N ARG A 131 13.45 -17.66 12.17
CA ARG A 131 14.33 -18.86 12.23
C ARG A 131 13.60 -20.02 12.93
N VAL A 132 12.72 -19.73 13.84
CA VAL A 132 11.98 -20.80 14.56
C VAL A 132 10.93 -21.46 13.66
N LEU A 133 10.21 -20.69 12.89
CA LEU A 133 9.17 -21.27 12.00
C LEU A 133 9.75 -22.43 11.16
N PRO A 134 10.81 -22.16 10.43
CA PRO A 134 11.44 -23.21 9.60
C PRO A 134 12.19 -24.20 10.49
N SER A 135 12.88 -23.71 11.49
CA SER A 135 13.64 -24.63 12.40
C SER A 135 12.74 -25.77 12.89
N ILE A 136 11.53 -25.46 13.26
CA ILE A 136 10.60 -26.52 13.76
C ILE A 136 9.98 -27.28 12.57
N VAL A 137 9.72 -26.59 11.50
CA VAL A 137 9.10 -27.27 10.31
C VAL A 137 10.17 -28.00 9.50
N ASN A 138 11.13 -27.29 8.96
CA ASN A 138 12.19 -27.94 8.13
C ASN A 138 12.79 -29.14 8.88
N GLU A 139 12.89 -29.07 10.18
CA GLU A 139 13.46 -30.22 10.95
C GLU A 139 12.49 -31.40 10.92
N VAL A 140 11.32 -31.23 11.47
CA VAL A 140 10.32 -32.34 11.47
C VAL A 140 9.97 -32.72 10.02
N LEU A 141 10.01 -31.77 9.14
CA LEU A 141 9.70 -32.06 7.71
C LEU A 141 10.70 -33.07 7.14
N LYS A 142 11.96 -32.81 7.30
CA LYS A 142 13.00 -33.74 6.77
C LYS A 142 13.20 -34.92 7.74
N SER A 143 12.86 -34.74 8.99
CA SER A 143 13.04 -35.85 9.97
C SER A 143 11.89 -36.85 9.87
N VAL A 144 10.69 -36.39 9.63
CA VAL A 144 9.53 -37.32 9.52
C VAL A 144 9.51 -37.99 8.13
N VAL A 145 9.72 -37.22 7.09
CA VAL A 145 9.71 -37.82 5.72
C VAL A 145 10.75 -38.93 5.62
N ALA A 146 11.83 -38.83 6.36
CA ALA A 146 12.88 -39.88 6.31
C ALA A 146 12.35 -41.18 6.93
N LYS A 147 11.34 -41.10 7.75
CA LYS A 147 10.78 -42.33 8.37
C LYS A 147 9.92 -43.09 7.36
N PHE A 148 9.08 -42.38 6.64
CA PHE A 148 8.21 -43.05 5.63
C PHE A 148 8.94 -43.15 4.28
N ASN A 149 8.29 -43.69 3.29
CA ASN A 149 8.94 -43.81 1.95
C ASN A 149 8.16 -43.00 0.90
N ALA A 150 8.55 -43.09 -0.34
CA ALA A 150 7.85 -42.33 -1.41
C ALA A 150 6.55 -43.04 -1.81
N SER A 151 6.59 -44.33 -1.95
CA SER A 151 5.36 -45.08 -2.35
C SER A 151 4.19 -44.74 -1.43
N GLN A 152 4.45 -44.56 -0.16
CA GLN A 152 3.34 -44.23 0.79
C GLN A 152 3.00 -42.74 0.71
N LEU A 153 3.97 -41.92 0.36
CA LEU A 153 3.70 -40.46 0.27
C LEU A 153 2.81 -40.15 -0.93
N ILE A 154 3.15 -40.67 -2.08
CA ILE A 154 2.32 -40.40 -3.30
C ILE A 154 0.89 -40.89 -3.06
N THR A 155 0.70 -41.83 -2.18
CA THR A 155 -0.67 -42.34 -1.90
C THR A 155 -1.56 -41.23 -1.35
N GLN A 156 -1.01 -40.39 -0.50
CA GLN A 156 -1.82 -39.28 0.09
C GLN A 156 -0.91 -38.31 0.84
N ARG A 157 -0.86 -37.08 0.42
CA ARG A 157 0.00 -36.09 1.12
C ARG A 157 -0.53 -35.82 2.54
N ALA A 158 -1.80 -36.01 2.75
CA ALA A 158 -2.39 -35.77 4.10
C ALA A 158 -2.12 -36.96 5.03
N GLN A 159 -1.91 -38.13 4.47
CA GLN A 159 -1.65 -39.34 5.33
C GLN A 159 -0.49 -39.06 6.28
N VAL A 160 0.47 -38.28 5.86
CA VAL A 160 1.63 -37.97 6.75
C VAL A 160 1.26 -36.88 7.76
N SER A 161 0.31 -36.04 7.43
CA SER A 161 -0.10 -34.95 8.36
C SER A 161 -0.59 -35.54 9.70
N LEU A 162 -1.03 -36.77 9.68
CA LEU A 162 -1.53 -37.39 10.95
C LEU A 162 -0.35 -37.83 11.83
N LEU A 163 0.71 -38.30 11.21
CA LEU A 163 1.89 -38.76 12.01
C LEU A 163 2.75 -37.56 12.46
N ILE A 164 2.80 -36.53 11.65
CA ILE A 164 3.64 -35.35 12.02
C ILE A 164 2.90 -34.44 13.03
N ARG A 165 1.59 -34.38 12.96
CA ARG A 165 0.85 -33.51 13.92
C ARG A 165 1.16 -33.90 15.37
N ARG A 166 1.65 -35.09 15.58
CA ARG A 166 1.98 -35.52 16.97
C ARG A 166 3.26 -34.83 17.46
N GLU A 167 4.28 -34.83 16.65
CA GLU A 167 5.56 -34.18 17.06
C GLU A 167 5.47 -32.66 16.87
N LEU A 168 4.80 -32.22 15.85
CA LEU A 168 4.68 -30.75 15.62
C LEU A 168 4.01 -30.06 16.81
N THR A 169 2.99 -30.67 17.36
CA THR A 169 2.30 -30.05 18.53
C THR A 169 3.26 -29.93 19.72
N GLU A 170 4.16 -30.85 19.85
CA GLU A 170 5.14 -30.79 20.98
C GLU A 170 6.26 -29.79 20.67
N ARG A 171 6.55 -29.58 19.41
CA ARG A 171 7.63 -28.63 19.04
C ARG A 171 7.14 -27.19 19.15
N ALA A 172 6.06 -26.87 18.49
CA ALA A 172 5.52 -25.48 18.56
C ALA A 172 5.22 -25.09 20.00
N LYS A 173 4.89 -26.04 20.83
CA LYS A 173 4.59 -25.72 22.26
C LYS A 173 5.89 -25.56 23.06
N ASP A 174 6.98 -26.07 22.55
CA ASP A 174 8.28 -25.95 23.28
C ASP A 174 8.75 -24.49 23.34
N PHE A 175 9.07 -23.91 22.21
CA PHE A 175 9.55 -22.50 22.21
C PHE A 175 8.52 -21.56 22.86
N SER A 176 7.28 -21.98 22.92
CA SER A 176 6.22 -21.12 23.54
C SER A 176 4.90 -21.88 23.62
N LEU A 177 3.90 -21.28 24.21
CA LEU A 177 2.57 -21.97 24.31
C LEU A 177 1.61 -21.41 23.27
N ILE A 178 1.28 -22.19 22.29
CA ILE A 178 0.35 -21.72 21.21
C ILE A 178 -0.34 -22.92 20.56
N LEU A 179 -1.52 -22.73 20.02
CA LEU A 179 -2.24 -23.85 19.36
C LEU A 179 -2.05 -23.76 17.84
N ASP A 180 -1.32 -24.68 17.28
CA ASP A 180 -1.07 -24.65 15.81
C ASP A 180 -1.89 -25.74 15.10
N ASP A 181 -2.21 -25.51 13.85
CA ASP A 181 -2.99 -26.53 13.09
C ASP A 181 -2.05 -27.32 12.19
N VAL A 182 -2.24 -28.61 12.09
CA VAL A 182 -1.32 -29.42 11.24
C VAL A 182 -1.97 -29.78 9.89
N ALA A 183 -1.44 -29.24 8.84
CA ALA A 183 -1.98 -29.52 7.47
C ALA A 183 -0.89 -29.19 6.45
N ILE A 184 -0.88 -29.84 5.32
CA ILE A 184 0.20 -29.53 4.34
C ILE A 184 -0.26 -29.68 2.89
N THR A 185 0.06 -28.70 2.08
CA THR A 185 -0.28 -28.77 0.63
C THR A 185 1.01 -29.15 -0.10
N GLU A 186 1.11 -30.35 -0.63
CA GLU A 186 2.40 -30.74 -1.27
C GLU A 186 2.23 -31.70 -2.45
N LEU A 187 3.16 -31.63 -3.36
CA LEU A 187 3.16 -32.54 -4.54
C LEU A 187 4.51 -33.27 -4.55
N SER A 188 4.53 -34.56 -4.71
CA SER A 188 5.82 -35.31 -4.67
C SER A 188 6.33 -35.66 -6.06
N PHE A 189 7.62 -35.81 -6.20
CA PHE A 189 8.22 -36.15 -7.52
C PHE A 189 8.57 -37.64 -7.57
N SER A 190 8.52 -38.24 -8.73
CA SER A 190 8.85 -39.70 -8.85
C SER A 190 10.00 -39.90 -9.83
N MET B 1 28.92 40.21 52.12
CA MET B 1 28.19 41.46 51.76
C MET B 1 27.42 41.26 50.44
N ALA B 2 26.42 40.43 50.44
CA ALA B 2 25.64 40.19 49.19
C ALA B 2 24.41 41.09 49.16
N GLN B 3 24.59 42.38 49.21
CA GLN B 3 23.42 43.31 49.18
C GLN B 3 22.83 43.36 47.78
N ASN B 4 23.64 43.21 46.77
CA ASN B 4 23.12 43.27 45.37
C ASN B 4 22.73 41.86 44.90
N LEU B 5 23.31 40.84 45.45
CA LEU B 5 22.98 39.45 45.04
C LEU B 5 21.49 39.16 45.29
N LYS B 6 20.98 39.56 46.42
CA LYS B 6 19.54 39.29 46.72
C LYS B 6 18.65 39.91 45.63
N ASP B 7 19.13 40.89 44.93
CA ASP B 7 18.32 41.53 43.86
C ASP B 7 18.08 40.54 42.71
N LEU B 8 19.02 39.67 42.47
CA LEU B 8 18.85 38.67 41.38
C LEU B 8 17.66 37.75 41.67
N ALA B 9 17.64 37.15 42.83
CA ALA B 9 16.51 36.25 43.18
C ALA B 9 15.19 37.02 43.16
N GLY B 10 15.19 38.24 43.63
CA GLY B 10 13.93 39.04 43.62
C GLY B 10 13.58 39.44 42.18
N ARG B 11 14.53 39.42 41.30
CA ARG B 11 14.26 39.80 39.88
C ARG B 11 13.55 38.65 39.15
N LEU B 12 13.73 37.45 39.60
CA LEU B 12 13.07 36.28 38.93
C LEU B 12 11.54 36.43 39.00
N PRO B 13 11.02 36.55 40.19
CA PRO B 13 9.56 36.69 40.37
C PRO B 13 9.10 38.09 39.93
N ALA B 14 10.02 39.02 39.84
CA ALA B 14 9.63 40.40 39.41
C ALA B 14 8.98 40.38 38.03
N GLY B 15 8.69 41.52 37.48
CA GLY B 15 8.06 41.57 36.13
C GLY B 15 6.69 40.88 36.19
N PRO B 16 5.68 41.64 36.52
CA PRO B 16 4.30 41.09 36.61
C PRO B 16 3.75 40.80 35.21
N ARG B 17 4.21 41.52 34.22
CA ARG B 17 3.71 41.27 32.83
C ARG B 17 4.42 40.07 32.21
N GLY B 18 5.62 39.79 32.63
CA GLY B 18 6.37 38.63 32.06
C GLY B 18 5.72 37.32 32.51
N MET B 19 5.06 37.33 33.64
CA MET B 19 4.41 36.07 34.13
C MET B 19 3.11 35.82 33.39
N GLY B 20 2.46 36.87 32.93
CA GLY B 20 1.17 36.68 32.19
C GLY B 20 1.45 36.09 30.81
N THR B 21 2.20 36.78 30.00
CA THR B 21 2.49 36.25 28.63
C THR B 21 3.23 34.91 28.73
N ALA B 22 3.90 34.66 29.81
CA ALA B 22 4.65 33.37 29.97
C ALA B 22 3.75 32.17 29.64
N LEU B 23 2.46 32.31 29.79
CA LEU B 23 1.55 31.17 29.49
C LEU B 23 1.54 30.89 27.98
N LYS B 24 1.67 31.90 27.17
CA LYS B 24 1.67 31.69 25.69
C LYS B 24 2.72 30.64 25.32
N LEU B 25 3.77 30.55 26.09
CA LEU B 25 4.83 29.54 25.80
C LEU B 25 4.35 28.14 26.15
N LEU B 26 3.80 27.97 27.33
CA LEU B 26 3.30 26.62 27.75
C LEU B 26 2.27 26.10 26.75
N LEU B 27 1.52 26.99 26.15
CA LEU B 27 0.48 26.54 25.17
C LEU B 27 1.13 26.29 23.81
N GLY B 28 2.07 27.11 23.42
CA GLY B 28 2.75 26.91 22.11
C GLY B 28 3.64 25.67 22.16
N ALA B 29 4.08 25.29 23.33
CA ALA B 29 4.95 24.09 23.45
C ALA B 29 4.21 22.85 22.93
N GLY B 30 2.92 22.84 23.02
CA GLY B 30 2.14 21.66 22.54
C GLY B 30 2.26 21.56 21.01
N ALA B 31 2.38 22.68 20.34
CA ALA B 31 2.49 22.65 18.85
C ALA B 31 3.86 22.11 18.45
N VAL B 32 4.86 22.30 19.27
CA VAL B 32 6.23 21.80 18.93
C VAL B 32 6.32 20.29 19.20
N ALA B 33 5.65 19.81 20.21
CA ALA B 33 5.70 18.36 20.52
C ALA B 33 5.09 17.55 19.37
N TYR B 34 4.15 18.12 18.66
CA TYR B 34 3.52 17.38 17.53
C TYR B 34 4.57 17.06 16.45
N GLY B 35 5.39 18.01 16.10
CA GLY B 35 6.42 17.76 15.06
C GLY B 35 7.35 16.63 15.53
N VAL B 36 7.58 16.54 16.81
CA VAL B 36 8.46 15.46 17.35
C VAL B 36 7.70 14.14 17.43
N ARG B 37 6.42 14.20 17.64
CA ARG B 37 5.61 12.95 17.74
C ARG B 37 5.68 12.15 16.43
N GLU B 38 5.84 12.82 15.32
CA GLU B 38 5.91 12.09 14.02
C GLU B 38 7.29 11.44 13.84
N SER B 39 8.33 12.00 14.42
CA SER B 39 9.69 11.39 14.26
C SER B 39 10.57 11.64 15.50
N VAL B 40 11.43 10.69 15.85
CA VAL B 40 12.33 10.86 17.03
C VAL B 40 13.59 9.98 16.88
N PHE B 41 14.45 9.96 17.86
CA PHE B 41 15.68 9.11 17.75
C PHE B 41 15.56 7.83 18.62
N THR B 42 14.52 7.72 19.42
CA THR B 42 14.35 6.48 20.26
C THR B 42 13.39 5.51 19.54
N VAL B 43 13.82 5.02 18.40
CA VAL B 43 12.99 4.07 17.57
C VAL B 43 11.97 3.25 18.38
N GLU B 44 12.39 2.14 18.97
CA GLU B 44 11.41 1.30 19.69
C GLU B 44 12.08 0.21 20.56
N GLY B 45 11.85 -1.06 20.27
CA GLY B 45 12.46 -2.14 21.10
C GLY B 45 12.73 -3.39 20.25
N GLY B 46 13.77 -4.12 20.59
CA GLY B 46 14.11 -5.37 19.84
C GLY B 46 15.00 -5.03 18.64
N HIS B 47 15.87 -4.05 18.77
CA HIS B 47 16.76 -3.68 17.63
C HIS B 47 18.02 -2.96 18.14
N ARG B 48 19.07 -3.01 17.38
CA ARG B 48 20.37 -2.38 17.79
C ARG B 48 20.55 -1.03 17.07
N ALA B 49 21.22 -0.07 17.67
CA ALA B 49 21.37 1.27 16.98
C ALA B 49 22.72 1.46 16.27
N ILE B 50 22.72 2.33 15.29
CA ILE B 50 23.93 2.58 14.44
C ILE B 50 24.31 4.08 14.50
N PHE B 51 25.57 4.42 14.30
CA PHE B 51 26.00 5.86 14.41
C PHE B 51 26.73 6.38 13.14
N PHE B 52 26.45 7.60 12.76
CA PHE B 52 27.11 8.22 11.55
C PHE B 52 27.00 9.76 11.62
N ASN B 53 27.93 10.48 11.01
CA ASN B 53 27.89 11.99 11.08
C ASN B 53 28.08 12.64 9.69
N ARG B 54 27.55 13.84 9.48
CA ARG B 54 27.73 14.53 8.16
C ARG B 54 29.21 14.82 7.91
N ILE B 55 29.95 13.85 7.46
CA ILE B 55 31.41 14.07 7.22
C ILE B 55 31.84 13.36 5.92
N GLY B 56 32.09 12.08 5.99
CA GLY B 56 32.52 11.34 4.76
C GLY B 56 32.23 9.85 4.93
N GLY B 57 31.01 9.51 5.22
CA GLY B 57 30.66 8.07 5.41
C GLY B 57 29.21 7.97 5.90
N VAL B 58 28.56 6.86 5.64
CA VAL B 58 27.15 6.70 6.09
C VAL B 58 26.79 5.22 6.21
N GLN B 59 25.67 4.93 6.82
CA GLN B 59 25.26 3.50 6.98
C GLN B 59 23.79 3.35 6.58
N GLN B 60 23.37 2.15 6.24
CA GLN B 60 21.96 1.95 5.82
C GLN B 60 21.40 0.64 6.39
N ASP B 61 21.93 -0.49 5.96
CA ASP B 61 21.43 -1.80 6.46
C ASP B 61 21.85 -2.01 7.92
N THR B 62 21.44 -1.14 8.80
CA THR B 62 21.81 -1.27 10.24
C THR B 62 20.59 -0.91 11.11
N ILE B 63 19.92 -1.90 11.67
CA ILE B 63 18.62 -1.70 12.48
C ILE B 63 18.79 -0.89 13.79
N LEU B 64 17.70 -0.77 14.60
CA LEU B 64 17.77 -0.01 15.92
C LEU B 64 16.38 0.16 16.62
N ALA B 65 16.32 -0.13 17.92
CA ALA B 65 15.04 0.04 18.74
C ALA B 65 15.09 -0.78 20.04
N GLU B 66 15.13 -0.12 21.20
CA GLU B 66 15.14 -0.86 22.53
C GLU B 66 15.39 0.10 23.71
N GLY B 67 15.83 1.30 23.46
CA GLY B 67 16.11 2.24 24.59
C GLY B 67 16.09 3.67 24.05
N LEU B 68 15.86 4.67 24.87
CA LEU B 68 15.85 6.05 24.30
C LEU B 68 17.24 6.66 24.50
N HIS B 69 18.01 6.64 23.45
CA HIS B 69 19.38 7.24 23.48
C HIS B 69 19.90 7.36 22.05
N PHE B 70 19.99 8.54 21.49
CA PHE B 70 20.50 8.70 20.09
C PHE B 70 20.17 10.09 19.54
N ARG B 71 20.80 10.47 18.46
CA ARG B 71 20.52 11.80 17.86
C ARG B 71 20.46 12.89 18.93
N ILE B 72 21.20 12.73 20.01
CA ILE B 72 21.18 13.75 21.09
C ILE B 72 22.06 14.96 20.72
N PRO B 73 23.25 14.70 20.21
CA PRO B 73 24.15 15.82 19.83
C PRO B 73 23.67 16.48 18.53
N TRP B 74 24.52 17.21 17.87
CA TRP B 74 24.08 17.89 16.61
C TRP B 74 24.66 17.17 15.38
N PHE B 75 25.79 16.52 15.51
CA PHE B 75 26.38 15.82 14.33
C PHE B 75 25.97 14.35 14.31
N GLN B 76 24.85 14.01 14.91
CA GLN B 76 24.40 12.59 14.92
C GLN B 76 23.30 12.38 13.89
N TYR B 77 23.17 11.19 13.37
CA TYR B 77 22.11 10.95 12.34
C TYR B 77 21.29 9.69 12.65
N PRO B 78 20.04 9.73 12.27
CA PRO B 78 19.15 8.57 12.48
C PRO B 78 18.98 7.77 11.18
N ILE B 79 19.57 6.61 11.10
CA ILE B 79 19.42 5.75 9.89
C ILE B 79 19.54 4.29 10.35
N ILE B 80 18.46 3.56 10.35
CA ILE B 80 18.52 2.15 10.81
C ILE B 80 17.77 1.23 9.84
N TYR B 81 18.11 -0.02 9.84
CA TYR B 81 17.47 -1.01 8.92
C TYR B 81 16.38 -1.79 9.68
N ASP B 82 15.15 -1.73 9.23
CA ASP B 82 14.05 -2.44 9.96
C ASP B 82 13.61 -3.72 9.24
N ILE B 83 13.11 -4.67 9.99
CA ILE B 83 12.63 -5.96 9.40
C ILE B 83 13.76 -6.67 8.64
N ARG B 84 13.67 -7.97 8.51
CA ARG B 84 14.76 -8.73 7.81
C ARG B 84 14.15 -9.77 6.84
N ALA B 85 14.64 -10.99 6.86
CA ALA B 85 14.11 -12.04 5.92
C ALA B 85 14.41 -11.64 4.48
N ARG B 86 14.69 -12.59 3.63
CA ARG B 86 14.99 -12.26 2.21
C ARG B 86 14.77 -13.48 1.31
N PRO B 87 13.75 -13.40 0.48
CA PRO B 87 13.44 -14.50 -0.44
C PRO B 87 14.01 -14.19 -1.83
N ARG B 88 15.04 -14.90 -2.22
CA ARG B 88 15.65 -14.66 -3.56
C ARG B 88 16.45 -15.92 -3.97
N LYS B 89 15.96 -16.68 -4.95
CA LYS B 89 16.69 -17.94 -5.38
C LYS B 89 16.26 -18.42 -6.79
N ILE B 90 17.13 -19.13 -7.49
CA ILE B 90 16.77 -19.66 -8.86
C ILE B 90 17.42 -21.01 -9.13
N SER B 91 16.83 -21.79 -10.00
CA SER B 91 17.42 -23.11 -10.36
C SER B 91 18.13 -22.96 -11.71
N SER B 92 19.44 -23.04 -11.72
CA SER B 92 20.18 -22.87 -13.01
C SER B 92 20.62 -24.23 -13.57
N PRO B 93 20.58 -24.34 -14.88
CA PRO B 93 20.99 -25.59 -15.56
C PRO B 93 22.42 -25.46 -16.08
N THR B 94 23.33 -26.22 -15.53
CA THR B 94 24.75 -26.14 -16.01
C THR B 94 25.41 -27.52 -15.93
N GLY B 95 25.71 -28.10 -17.07
CA GLY B 95 26.35 -29.44 -17.08
C GLY B 95 27.78 -29.32 -17.58
N SER B 96 28.72 -29.90 -16.88
CA SER B 96 30.15 -29.81 -17.32
C SER B 96 30.94 -31.02 -16.80
N LYS B 97 30.79 -31.34 -15.54
CA LYS B 97 31.54 -32.50 -14.98
C LYS B 97 30.85 -33.81 -15.35
N ASP B 98 29.61 -33.75 -15.78
CA ASP B 98 28.89 -35.01 -16.16
C ASP B 98 27.74 -34.70 -17.12
N LEU B 99 27.48 -35.58 -18.05
CA LEU B 99 26.38 -35.34 -19.03
C LEU B 99 26.49 -33.95 -19.65
N GLN B 100 25.47 -33.52 -20.35
CA GLN B 100 25.51 -32.17 -20.99
C GLN B 100 24.36 -31.30 -20.48
N MET B 101 23.71 -31.71 -19.42
CA MET B 101 22.58 -30.90 -18.88
C MET B 101 22.33 -31.25 -17.41
N VAL B 102 22.62 -30.34 -16.51
CA VAL B 102 22.39 -30.60 -15.07
C VAL B 102 21.68 -29.41 -14.43
N ASN B 103 20.67 -29.64 -13.64
CA ASN B 103 19.94 -28.50 -13.02
C ASN B 103 20.35 -28.35 -11.54
N ILE B 104 20.77 -27.17 -11.16
CA ILE B 104 21.19 -26.94 -9.75
C ILE B 104 20.66 -25.58 -9.27
N SER B 105 20.28 -25.49 -8.03
CA SER B 105 19.75 -24.20 -7.50
C SER B 105 20.60 -23.75 -6.31
N LEU B 106 20.83 -22.47 -6.18
CA LEU B 106 21.66 -21.97 -5.04
C LEU B 106 21.00 -20.73 -4.42
N ARG B 107 21.19 -20.53 -3.14
CA ARG B 107 20.58 -19.35 -2.46
C ARG B 107 21.40 -18.97 -1.22
N VAL B 108 21.39 -17.73 -0.85
CA VAL B 108 22.18 -17.29 0.35
C VAL B 108 21.26 -16.57 1.34
N LEU B 109 21.43 -16.82 2.61
CA LEU B 109 20.58 -16.15 3.63
C LEU B 109 21.40 -15.12 4.41
N SER B 110 20.93 -13.91 4.51
CA SER B 110 21.69 -12.86 5.26
C SER B 110 20.77 -12.18 6.28
N ARG B 111 21.02 -12.40 7.55
CA ARG B 111 20.17 -11.76 8.60
C ARG B 111 21.04 -10.84 9.47
N PRO B 112 20.72 -9.57 9.47
CA PRO B 112 21.48 -8.60 10.28
C PRO B 112 21.19 -8.80 11.77
N ASN B 113 21.99 -9.59 12.44
CA ASN B 113 21.76 -9.83 13.89
C ASN B 113 21.79 -8.49 14.66
N ALA B 114 20.90 -8.32 15.61
CA ALA B 114 20.89 -7.05 16.40
C ALA B 114 22.09 -6.99 17.33
N GLN B 115 23.28 -6.95 16.79
CA GLN B 115 24.50 -6.90 17.65
C GLN B 115 25.49 -5.87 17.09
N GLU B 116 25.69 -5.85 15.80
CA GLU B 116 26.65 -4.87 15.21
C GLU B 116 26.42 -4.75 13.69
N LEU B 117 25.53 -3.88 13.29
CA LEU B 117 25.26 -3.70 11.83
C LEU B 117 26.31 -2.78 11.17
N PRO B 118 26.88 -1.84 11.91
CA PRO B 118 27.87 -0.92 11.31
C PRO B 118 29.18 -1.63 10.95
N SER B 119 29.81 -2.29 11.89
CA SER B 119 31.09 -3.00 11.57
C SER B 119 30.92 -3.87 10.32
N MET B 120 29.81 -4.54 10.22
CA MET B 120 29.57 -5.42 9.04
C MET B 120 29.07 -4.61 7.83
N TYR B 121 28.48 -3.46 8.05
CA TYR B 121 27.97 -2.66 6.89
C TYR B 121 29.11 -2.12 6.02
N GLN B 122 29.92 -1.23 6.52
CA GLN B 122 31.04 -0.68 5.68
C GLN B 122 31.83 -1.84 5.09
N ARG B 123 31.90 -2.95 5.78
CA ARG B 123 32.62 -4.14 5.24
C ARG B 123 31.70 -4.88 4.26
N LEU B 124 30.41 -4.80 4.49
CA LEU B 124 29.43 -5.48 3.58
C LEU B 124 29.28 -4.69 2.29
N GLY B 125 29.35 -3.38 2.37
CA GLY B 125 29.20 -2.54 1.14
C GLY B 125 27.82 -1.89 1.13
N LEU B 126 27.52 -1.14 0.11
CA LEU B 126 26.18 -0.48 0.04
C LEU B 126 25.17 -1.38 -0.67
N ASP B 127 24.00 -1.54 -0.10
CA ASP B 127 22.97 -2.41 -0.74
C ASP B 127 23.54 -3.79 -1.06
N TYR B 128 23.60 -4.65 -0.08
CA TYR B 128 24.15 -6.02 -0.33
C TYR B 128 23.09 -6.91 -0.99
N GLU B 129 21.85 -6.73 -0.63
CA GLU B 129 20.77 -7.57 -1.23
C GLU B 129 20.70 -7.34 -2.74
N GLU B 130 21.21 -6.23 -3.22
CA GLU B 130 21.15 -5.96 -4.68
C GLU B 130 22.29 -6.70 -5.41
N ARG B 131 23.51 -6.31 -5.18
CA ARG B 131 24.66 -6.97 -5.87
C ARG B 131 25.10 -8.26 -5.17
N VAL B 132 25.61 -8.15 -3.98
CA VAL B 132 26.11 -9.36 -3.24
C VAL B 132 25.11 -10.52 -3.25
N LEU B 133 23.86 -10.27 -2.98
CA LEU B 133 22.86 -11.39 -2.94
C LEU B 133 22.92 -12.24 -4.23
N PRO B 134 22.60 -11.64 -5.36
CA PRO B 134 22.62 -12.40 -6.64
C PRO B 134 24.06 -12.71 -7.06
N SER B 135 25.01 -11.92 -6.62
CA SER B 135 26.42 -12.16 -7.01
C SER B 135 26.90 -13.53 -6.47
N ILE B 136 26.97 -13.67 -5.18
CA ILE B 136 27.42 -14.96 -4.58
C ILE B 136 26.48 -16.10 -4.97
N VAL B 137 25.21 -15.84 -5.04
CA VAL B 137 24.24 -16.91 -5.41
C VAL B 137 24.64 -17.58 -6.74
N ASN B 138 24.88 -16.80 -7.75
CA ASN B 138 25.27 -17.38 -9.07
C ASN B 138 26.77 -17.75 -9.09
N GLU B 139 27.55 -17.18 -8.20
CA GLU B 139 29.01 -17.49 -8.19
C GLU B 139 29.24 -18.94 -7.71
N VAL B 140 28.94 -19.22 -6.48
CA VAL B 140 29.17 -20.60 -5.95
C VAL B 140 28.33 -21.62 -6.74
N LEU B 141 27.27 -21.16 -7.37
CA LEU B 141 26.42 -22.11 -8.16
C LEU B 141 27.18 -22.63 -9.37
N LYS B 142 27.99 -21.81 -9.99
CA LYS B 142 28.76 -22.25 -11.19
C LYS B 142 30.01 -23.03 -10.78
N SER B 143 30.84 -22.46 -9.94
CA SER B 143 32.10 -23.15 -9.53
C SER B 143 31.81 -24.52 -8.88
N VAL B 144 30.67 -24.68 -8.26
CA VAL B 144 30.35 -25.99 -7.62
C VAL B 144 29.92 -27.04 -8.65
N VAL B 145 29.22 -26.63 -9.68
CA VAL B 145 28.76 -27.60 -10.71
C VAL B 145 29.95 -28.34 -11.32
N ALA B 146 30.89 -27.63 -11.87
CA ALA B 146 32.09 -28.29 -12.49
C ALA B 146 32.85 -29.13 -11.44
N LYS B 147 32.64 -28.87 -10.18
CA LYS B 147 33.37 -29.64 -9.13
C LYS B 147 32.80 -31.05 -8.97
N PHE B 148 31.59 -31.17 -8.48
CA PHE B 148 30.99 -32.53 -8.27
C PHE B 148 30.41 -33.09 -9.57
N ASN B 149 29.82 -34.26 -9.50
CA ASN B 149 29.23 -34.88 -10.73
C ASN B 149 27.71 -34.94 -10.61
N ALA B 150 27.03 -35.03 -11.73
CA ALA B 150 25.54 -35.08 -11.69
C ALA B 150 25.06 -36.45 -11.20
N SER B 151 25.71 -37.51 -11.59
CA SER B 151 25.29 -38.87 -11.15
C SER B 151 25.25 -38.95 -9.62
N GLN B 152 26.18 -38.31 -8.97
CA GLN B 152 26.20 -38.34 -7.48
C GLN B 152 25.20 -37.33 -6.91
N LEU B 153 24.83 -36.34 -7.68
CA LEU B 153 23.86 -35.31 -7.18
C LEU B 153 22.42 -35.83 -7.27
N ILE B 154 22.07 -36.49 -8.35
CA ILE B 154 20.67 -37.01 -8.49
C ILE B 154 20.31 -37.90 -7.31
N THR B 155 21.27 -38.53 -6.68
CA THR B 155 20.97 -39.40 -5.52
C THR B 155 20.34 -38.59 -4.40
N GLN B 156 20.77 -37.36 -4.23
CA GLN B 156 20.19 -36.50 -3.16
C GLN B 156 20.68 -35.05 -3.35
N ARG B 157 19.78 -34.13 -3.56
CA ARG B 157 20.18 -32.71 -3.74
C ARG B 157 20.70 -32.12 -2.43
N ALA B 158 20.55 -32.82 -1.34
CA ALA B 158 21.03 -32.29 -0.03
C ALA B 158 22.55 -32.50 0.12
N GLN B 159 23.09 -33.47 -0.58
CA GLN B 159 24.56 -33.72 -0.47
C GLN B 159 25.35 -32.46 -0.86
N VAL B 160 24.97 -31.81 -1.92
CA VAL B 160 25.70 -30.58 -2.34
C VAL B 160 25.50 -29.45 -1.32
N SER B 161 24.47 -29.52 -0.53
CA SER B 161 24.22 -28.46 0.49
C SER B 161 25.32 -28.47 1.56
N LEU B 162 25.83 -29.64 1.88
CA LEU B 162 26.89 -29.73 2.92
C LEU B 162 28.18 -29.08 2.41
N LEU B 163 28.63 -29.45 1.24
CA LEU B 163 29.88 -28.85 0.70
C LEU B 163 29.70 -27.34 0.50
N ILE B 164 28.60 -26.93 -0.03
CA ILE B 164 28.37 -25.47 -0.25
C ILE B 164 28.17 -24.76 1.10
N ARG B 165 27.71 -25.46 2.10
CA ARG B 165 27.50 -24.82 3.44
C ARG B 165 28.82 -24.24 3.94
N ARG B 166 29.89 -24.97 3.84
CA ARG B 166 31.20 -24.45 4.33
C ARG B 166 31.67 -23.29 3.45
N GLU B 167 31.32 -23.31 2.19
CA GLU B 167 31.75 -22.21 1.28
C GLU B 167 30.83 -20.99 1.45
N LEU B 168 29.55 -21.21 1.49
CA LEU B 168 28.60 -20.07 1.66
C LEU B 168 28.80 -19.41 3.03
N THR B 169 28.96 -20.19 4.06
CA THR B 169 29.17 -19.61 5.42
C THR B 169 30.42 -18.73 5.42
N GLU B 170 31.39 -19.07 4.62
CA GLU B 170 32.64 -18.25 4.57
C GLU B 170 32.41 -17.00 3.72
N ARG B 171 31.57 -17.10 2.72
CA ARG B 171 31.30 -15.91 1.86
C ARG B 171 30.39 -14.93 2.59
N ALA B 172 29.35 -15.42 3.20
CA ALA B 172 28.41 -14.51 3.94
C ALA B 172 29.13 -13.89 5.13
N LYS B 173 30.00 -14.62 5.77
CA LYS B 173 30.74 -14.07 6.95
C LYS B 173 31.67 -12.95 6.49
N ASP B 174 32.29 -13.10 5.35
CA ASP B 174 33.23 -12.05 4.85
C ASP B 174 32.47 -10.73 4.65
N PHE B 175 31.41 -10.76 3.88
CA PHE B 175 30.63 -9.52 3.64
C PHE B 175 30.10 -8.96 4.96
N SER B 176 29.86 -9.81 5.93
CA SER B 176 29.36 -9.33 7.25
C SER B 176 29.34 -10.48 8.24
N LEU B 177 29.24 -10.19 9.51
CA LEU B 177 29.22 -11.29 10.53
C LEU B 177 27.78 -11.53 11.00
N ILE B 178 27.21 -12.64 10.62
CA ILE B 178 25.80 -12.96 11.03
C ILE B 178 25.59 -14.48 11.00
N LEU B 179 24.67 -14.97 11.80
CA LEU B 179 24.41 -16.44 11.80
C LEU B 179 23.15 -16.72 10.98
N ASP B 180 23.31 -17.36 9.85
CA ASP B 180 22.14 -17.64 8.98
C ASP B 180 22.21 -19.06 8.40
N ASP B 181 21.09 -19.63 8.08
CA ASP B 181 21.09 -21.01 7.51
C ASP B 181 20.94 -20.93 5.99
N VAL B 182 21.58 -21.80 5.26
CA VAL B 182 21.49 -21.72 3.77
C VAL B 182 21.21 -23.09 3.15
N ALA B 183 20.04 -23.26 2.59
CA ALA B 183 19.69 -24.54 1.91
C ALA B 183 19.05 -24.21 0.57
N ILE B 184 19.14 -25.10 -0.38
CA ILE B 184 18.57 -24.80 -1.72
C ILE B 184 17.54 -25.84 -2.17
N THR B 185 16.62 -25.43 -3.00
CA THR B 185 15.61 -26.39 -3.54
C THR B 185 16.10 -26.78 -4.94
N GLU B 186 16.55 -28.00 -5.10
CA GLU B 186 17.11 -28.40 -6.42
C GLU B 186 16.30 -29.47 -7.13
N LEU B 187 16.39 -29.45 -8.43
CA LEU B 187 15.71 -30.46 -9.27
C LEU B 187 16.71 -30.88 -10.35
N SER B 188 16.87 -32.15 -10.59
CA SER B 188 17.88 -32.57 -11.59
C SER B 188 17.22 -32.94 -12.93
N PHE B 189 17.88 -32.62 -14.01
CA PHE B 189 17.32 -32.93 -15.36
C PHE B 189 18.00 -34.16 -15.95
N SER B 190 17.23 -35.11 -16.41
CA SER B 190 17.84 -36.34 -17.00
C SER B 190 17.19 -36.66 -18.34
N MET C 1 34.67 53.71 18.75
CA MET C 1 35.21 55.08 19.03
C MET C 1 34.32 56.14 18.37
N ALA C 2 33.05 56.13 18.68
CA ALA C 2 32.13 57.13 18.08
C ALA C 2 30.92 57.37 19.00
N GLN C 3 30.14 58.38 18.73
CA GLN C 3 28.95 58.66 19.58
C GLN C 3 27.76 57.80 19.14
N ASN C 4 27.73 57.43 17.88
CA ASN C 4 26.59 56.60 17.38
C ASN C 4 26.57 55.25 18.11
N LEU C 5 27.70 54.77 18.53
CA LEU C 5 27.74 53.46 19.25
C LEU C 5 26.93 53.53 20.53
N LYS C 6 26.88 54.69 21.15
CA LYS C 6 26.10 54.84 22.41
C LYS C 6 24.63 55.13 22.09
N ASP C 7 24.37 55.75 20.96
CA ASP C 7 22.95 56.07 20.60
C ASP C 7 22.24 54.80 20.11
N LEU C 8 22.95 53.93 19.44
CA LEU C 8 22.31 52.68 18.94
C LEU C 8 21.96 51.75 20.12
N ALA C 9 22.83 51.69 21.10
CA ALA C 9 22.55 50.81 22.27
C ALA C 9 21.59 51.50 23.25
N GLY C 10 21.53 52.81 23.20
CA GLY C 10 20.62 53.54 24.13
C GLY C 10 19.19 53.52 23.58
N ARG C 11 19.03 53.39 22.29
CA ARG C 11 17.64 53.37 21.72
C ARG C 11 17.02 51.98 21.88
N LEU C 12 17.81 50.97 22.11
CA LEU C 12 17.25 49.59 22.28
C LEU C 12 16.18 49.58 23.38
N PRO C 13 16.56 50.03 24.56
CA PRO C 13 15.60 50.07 25.69
C PRO C 13 14.59 51.19 25.49
N ALA C 14 13.78 51.10 24.47
CA ALA C 14 12.77 52.17 24.23
C ALA C 14 11.35 51.61 24.39
N GLY C 15 11.07 50.48 23.79
CA GLY C 15 9.72 49.88 23.92
C GLY C 15 9.84 48.42 24.39
N PRO C 16 9.30 48.15 25.56
CA PRO C 16 9.36 46.78 26.11
C PRO C 16 8.39 45.86 25.36
N ARG C 17 7.33 46.40 24.85
CA ARG C 17 6.34 45.56 24.10
C ARG C 17 7.02 44.87 22.92
N GLY C 18 8.10 45.43 22.42
CA GLY C 18 8.80 44.82 21.26
C GLY C 18 9.40 43.48 21.68
N MET C 19 9.78 43.35 22.93
CA MET C 19 10.38 42.07 23.40
C MET C 19 9.29 41.03 23.66
N GLY C 20 8.15 41.47 24.14
CA GLY C 20 7.04 40.50 24.43
C GLY C 20 6.60 39.83 23.12
N THR C 21 6.29 40.61 22.11
CA THR C 21 5.86 40.01 20.82
C THR C 21 6.96 39.10 20.26
N ALA C 22 8.19 39.35 20.62
CA ALA C 22 9.31 38.50 20.11
C ALA C 22 9.08 37.04 20.52
N LEU C 23 8.47 36.81 21.64
CA LEU C 23 8.22 35.40 22.09
C LEU C 23 7.20 34.73 21.17
N LYS C 24 6.19 35.45 20.75
CA LYS C 24 5.17 34.85 19.85
C LYS C 24 5.85 34.20 18.64
N LEU C 25 6.98 34.71 18.24
CA LEU C 25 7.70 34.13 17.08
C LEU C 25 8.35 32.80 17.47
N LEU C 26 8.88 32.71 18.66
CA LEU C 26 9.52 31.44 19.10
C LEU C 26 8.50 30.29 19.08
N LEU C 27 7.27 30.58 19.40
CA LEU C 27 6.23 29.51 19.40
C LEU C 27 5.83 29.16 17.96
N GLY C 28 5.92 30.11 17.07
CA GLY C 28 5.55 29.82 15.64
C GLY C 28 6.71 29.12 14.94
N ALA C 29 7.92 29.34 15.41
CA ALA C 29 9.10 28.68 14.76
C ALA C 29 8.94 27.16 14.81
N GLY C 30 8.30 26.65 15.81
CA GLY C 30 8.11 25.17 15.92
C GLY C 30 7.18 24.69 14.79
N ALA C 31 6.31 25.55 14.33
CA ALA C 31 5.37 25.15 13.24
C ALA C 31 6.12 25.07 11.91
N VAL C 32 7.01 26.01 11.66
CA VAL C 32 7.77 25.99 10.37
C VAL C 32 8.61 24.70 10.28
N ALA C 33 9.00 24.17 11.40
CA ALA C 33 9.82 22.91 11.38
C ALA C 33 8.94 21.71 11.00
N TYR C 34 7.67 21.78 11.33
CA TYR C 34 6.76 20.65 10.99
C TYR C 34 6.67 20.48 9.47
N GLY C 35 6.47 21.56 8.75
CA GLY C 35 6.38 21.47 7.27
C GLY C 35 7.68 20.90 6.71
N VAL C 36 8.78 21.18 7.35
CA VAL C 36 10.09 20.66 6.87
C VAL C 36 10.28 19.21 7.32
N ARG C 37 9.70 18.84 8.43
CA ARG C 37 9.83 17.44 8.93
C ARG C 37 9.38 16.44 7.87
N GLU C 38 8.42 16.83 7.05
CA GLU C 38 7.93 15.89 6.00
C GLU C 38 8.90 15.88 4.79
N SER C 39 9.61 16.96 4.55
CA SER C 39 10.56 16.98 3.38
C SER C 39 11.76 17.90 3.64
N VAL C 40 12.90 17.61 3.03
CA VAL C 40 14.12 18.47 3.22
C VAL C 40 15.06 18.35 2.00
N PHE C 41 16.26 18.86 2.08
CA PHE C 41 17.20 18.76 0.90
C PHE C 41 18.49 18.00 1.28
N THR C 42 18.93 18.08 2.52
CA THR C 42 20.19 17.34 2.91
C THR C 42 20.05 15.87 2.54
N VAL C 43 20.97 15.34 1.78
CA VAL C 43 20.85 13.90 1.38
C VAL C 43 20.95 13.02 2.64
N GLU C 44 20.21 11.93 2.68
CA GLU C 44 20.23 11.07 3.89
C GLU C 44 20.40 9.57 3.54
N GLY C 45 21.55 9.00 3.80
CA GLY C 45 21.76 7.55 3.50
C GLY C 45 22.99 7.37 2.61
N GLY C 46 23.05 6.29 1.86
CA GLY C 46 24.21 6.04 0.96
C GLY C 46 23.77 6.24 -0.48
N HIS C 47 23.82 7.47 -0.95
CA HIS C 47 23.37 7.76 -2.34
C HIS C 47 24.00 9.07 -2.84
N ARG C 48 24.06 9.23 -4.13
CA ARG C 48 24.68 10.45 -4.71
C ARG C 48 23.60 11.48 -5.09
N ALA C 49 23.91 12.75 -5.07
CA ALA C 49 22.85 13.79 -5.36
C ALA C 49 22.91 14.35 -6.79
N ILE C 50 21.79 14.91 -7.21
CA ILE C 50 21.64 15.43 -8.60
C ILE C 50 21.29 16.94 -8.60
N PHE C 51 21.64 17.66 -9.65
CA PHE C 51 21.34 19.14 -9.69
C PHE C 51 20.56 19.56 -10.94
N PHE C 52 19.58 20.42 -10.76
CA PHE C 52 18.77 20.92 -11.93
C PHE C 52 18.08 22.25 -11.56
N ASN C 53 17.81 23.10 -12.52
CA ASN C 53 17.17 24.43 -12.20
C ASN C 53 15.78 24.56 -12.86
N ARG C 54 14.91 25.36 -12.28
CA ARG C 54 13.54 25.56 -12.87
C ARG C 54 13.62 25.77 -14.38
N ILE C 55 14.53 26.58 -14.83
CA ILE C 55 14.66 26.83 -16.30
C ILE C 55 15.25 25.58 -16.98
N GLY C 56 14.52 24.50 -16.97
CA GLY C 56 15.04 23.26 -17.62
C GLY C 56 14.01 22.13 -17.45
N GLY C 57 13.65 21.83 -16.23
CA GLY C 57 12.66 20.74 -15.99
C GLY C 57 13.23 19.40 -16.45
N VAL C 58 14.30 18.95 -15.83
CA VAL C 58 14.90 17.66 -16.23
C VAL C 58 15.59 16.98 -15.03
N GLN C 59 15.07 15.86 -14.60
CA GLN C 59 15.68 15.16 -13.43
C GLN C 59 14.95 13.83 -13.17
N GLN C 60 15.64 12.72 -13.33
CA GLN C 60 14.99 11.40 -13.09
C GLN C 60 16.03 10.28 -13.08
N ASP C 61 15.70 9.14 -12.51
CA ASP C 61 16.66 8.00 -12.46
C ASP C 61 18.01 8.47 -11.89
N THR C 62 17.98 9.40 -10.97
CA THR C 62 19.24 9.90 -10.36
C THR C 62 19.06 10.03 -8.83
N ILE C 63 19.64 9.10 -8.09
CA ILE C 63 19.47 8.99 -6.56
C ILE C 63 20.18 10.08 -5.71
N LEU C 64 20.14 9.92 -4.36
CA LEU C 64 20.79 10.93 -3.41
C LEU C 64 20.60 10.56 -1.91
N ALA C 65 21.66 10.73 -1.11
CA ALA C 65 21.58 10.48 0.40
C ALA C 65 22.99 10.27 1.02
N GLU C 66 23.34 11.04 2.05
CA GLU C 66 24.68 10.90 2.74
C GLU C 66 25.08 12.19 3.51
N GLY C 67 25.53 13.20 2.81
CA GLY C 67 25.98 14.49 3.45
C GLY C 67 24.91 15.58 3.34
N LEU C 68 24.97 16.61 4.16
CA LEU C 68 23.89 17.64 4.06
C LEU C 68 24.34 18.81 3.15
N HIS C 69 23.85 18.78 1.93
CA HIS C 69 24.13 19.85 0.92
C HIS C 69 23.18 19.65 -0.25
N PHE C 70 22.22 20.52 -0.47
CA PHE C 70 21.31 20.28 -1.63
C PHE C 70 20.42 21.50 -1.91
N ARG C 71 19.13 21.30 -2.03
CA ARG C 71 18.21 22.45 -2.34
C ARG C 71 18.39 23.61 -1.36
N ILE C 72 19.47 24.34 -1.48
CA ILE C 72 19.71 25.50 -0.57
C ILE C 72 19.34 26.83 -1.26
N PRO C 73 19.80 27.01 -2.49
CA PRO C 73 19.50 28.27 -3.21
C PRO C 73 18.09 28.22 -3.79
N TRP C 74 17.79 29.06 -4.75
CA TRP C 74 16.42 29.07 -5.34
C TRP C 74 16.44 28.52 -6.77
N PHE C 75 17.53 28.68 -7.47
CA PHE C 75 17.60 28.16 -8.87
C PHE C 75 17.97 26.67 -8.88
N GLN C 76 18.09 26.06 -7.73
CA GLN C 76 18.43 24.61 -7.68
C GLN C 76 17.22 23.80 -7.21
N TYR C 77 17.11 22.56 -7.62
CA TYR C 77 15.94 21.74 -7.20
C TYR C 77 16.38 20.37 -6.69
N PRO C 78 15.59 19.81 -5.81
CA PRO C 78 15.89 18.50 -5.26
C PRO C 78 15.04 17.41 -5.93
N ILE C 79 15.65 16.60 -6.75
CA ILE C 79 14.90 15.47 -7.40
C ILE C 79 15.89 14.29 -7.48
N ILE C 80 15.71 13.28 -6.67
CA ILE C 80 16.67 12.12 -6.70
C ILE C 80 15.89 10.81 -6.86
N TYR C 81 16.55 9.80 -7.39
CA TYR C 81 15.90 8.48 -7.64
C TYR C 81 16.24 7.49 -6.52
N ASP C 82 15.26 6.88 -5.92
CA ASP C 82 15.55 5.91 -4.81
C ASP C 82 15.45 4.48 -5.34
N ILE C 83 16.19 3.57 -4.72
CA ILE C 83 16.18 2.14 -5.18
C ILE C 83 14.75 1.65 -5.43
N ARG C 84 14.58 0.81 -6.41
CA ARG C 84 13.22 0.28 -6.72
C ARG C 84 13.34 -0.92 -7.67
N ALA C 85 13.08 -2.10 -7.19
CA ALA C 85 13.19 -3.32 -8.06
C ALA C 85 12.37 -3.14 -9.34
N ARG C 86 12.90 -3.56 -10.46
CA ARG C 86 12.14 -3.42 -11.74
C ARG C 86 11.94 -4.78 -12.40
N PRO C 87 10.72 -5.25 -12.40
CA PRO C 87 10.39 -6.55 -13.02
C PRO C 87 9.81 -6.33 -14.42
N ARG C 88 10.54 -6.70 -15.44
CA ARG C 88 10.01 -6.52 -16.83
C ARG C 88 10.77 -7.48 -17.78
N LYS C 89 10.14 -8.57 -18.21
CA LYS C 89 10.82 -9.56 -19.12
C LYS C 89 9.82 -10.53 -19.80
N ILE C 90 10.15 -11.07 -20.97
CA ILE C 90 9.23 -12.06 -21.63
C ILE C 90 10.01 -13.15 -22.38
N SER C 91 9.41 -14.31 -22.51
CA SER C 91 10.06 -15.42 -23.26
C SER C 91 9.39 -15.48 -24.65
N SER C 92 10.08 -15.12 -25.69
CA SER C 92 9.44 -15.11 -27.04
C SER C 92 9.87 -16.33 -27.88
N PRO C 93 8.97 -16.75 -28.75
CA PRO C 93 9.23 -17.90 -29.63
C PRO C 93 9.66 -17.41 -31.03
N THR C 94 10.89 -17.62 -31.39
CA THR C 94 11.36 -17.17 -32.74
C THR C 94 12.57 -18.00 -33.18
N GLY C 95 12.68 -18.27 -34.45
CA GLY C 95 13.84 -19.07 -34.94
C GLY C 95 14.05 -18.80 -36.44
N SER C 96 15.27 -18.91 -36.91
CA SER C 96 15.53 -18.66 -38.36
C SER C 96 16.75 -19.45 -38.82
N LYS C 97 16.94 -20.64 -38.29
CA LYS C 97 18.12 -21.46 -38.70
C LYS C 97 17.68 -22.91 -38.96
N ASP C 98 17.05 -23.52 -38.00
CA ASP C 98 16.59 -24.93 -38.18
C ASP C 98 15.33 -24.96 -39.04
N LEU C 99 14.70 -26.11 -39.16
CA LEU C 99 13.48 -26.21 -40.00
C LEU C 99 12.23 -26.22 -39.10
N GLN C 100 12.32 -25.61 -37.94
CA GLN C 100 11.16 -25.58 -37.01
C GLN C 100 11.10 -24.25 -36.26
N MET C 101 10.52 -24.24 -35.09
CA MET C 101 10.44 -22.97 -34.30
C MET C 101 11.33 -23.07 -33.06
N VAL C 102 11.83 -21.96 -32.59
CA VAL C 102 12.71 -21.98 -31.37
C VAL C 102 12.21 -20.94 -30.35
N ASN C 103 12.44 -21.19 -29.09
CA ASN C 103 11.99 -20.22 -28.04
C ASN C 103 13.19 -19.60 -27.32
N ILE C 104 13.07 -18.37 -26.88
CA ILE C 104 14.20 -17.71 -26.17
C ILE C 104 13.68 -16.77 -25.08
N SER C 105 14.45 -16.56 -24.04
CA SER C 105 14.01 -15.67 -22.94
C SER C 105 15.17 -14.79 -22.46
N LEU C 106 14.86 -13.62 -21.94
CA LEU C 106 15.94 -12.71 -21.46
C LEU C 106 15.38 -11.75 -20.41
N ARG C 107 16.15 -11.46 -19.38
CA ARG C 107 15.65 -10.53 -18.32
C ARG C 107 16.48 -9.25 -18.31
N VAL C 108 15.88 -8.17 -17.89
CA VAL C 108 16.62 -6.88 -17.83
C VAL C 108 16.63 -6.35 -16.40
N LEU C 109 17.78 -6.34 -15.76
CA LEU C 109 17.85 -5.86 -14.36
C LEU C 109 18.63 -4.54 -14.30
N SER C 110 18.16 -3.59 -13.53
CA SER C 110 18.87 -2.28 -13.44
C SER C 110 19.67 -2.22 -12.13
N ARG C 111 20.89 -1.73 -12.19
CA ARG C 111 21.73 -1.67 -10.96
C ARG C 111 22.31 -0.25 -10.76
N PRO C 112 22.42 0.14 -9.52
CA PRO C 112 22.98 1.47 -9.20
C PRO C 112 24.50 1.44 -9.33
N ASN C 113 25.19 2.41 -8.80
CA ASN C 113 26.68 2.42 -8.89
C ASN C 113 27.26 3.56 -8.03
N ALA C 114 27.23 4.77 -8.54
CA ALA C 114 27.77 5.92 -7.76
C ALA C 114 27.40 7.24 -8.47
N GLN C 115 28.29 8.18 -8.52
CA GLN C 115 27.96 9.48 -9.20
C GLN C 115 27.87 9.27 -10.71
N GLU C 116 26.90 8.51 -11.16
CA GLU C 116 26.75 8.26 -12.62
C GLU C 116 25.33 8.57 -13.08
N LEU C 117 24.48 9.01 -12.19
CA LEU C 117 23.08 9.33 -12.60
C LEU C 117 22.97 10.71 -13.28
N PRO C 118 23.82 11.64 -12.91
CA PRO C 118 23.76 12.99 -13.54
C PRO C 118 24.28 12.95 -14.98
N SER C 119 25.51 12.56 -15.19
CA SER C 119 26.03 12.51 -16.59
C SER C 119 25.15 11.58 -17.43
N MET C 120 24.71 10.51 -16.86
CA MET C 120 23.84 9.55 -17.61
C MET C 120 22.39 10.04 -17.64
N TYR C 121 22.02 10.92 -16.74
CA TYR C 121 20.61 11.42 -16.73
C TYR C 121 20.20 11.94 -18.13
N GLN C 122 21.00 12.80 -18.70
CA GLN C 122 20.66 13.33 -20.05
C GLN C 122 21.05 12.33 -21.14
N ARG C 123 22.13 11.62 -20.95
CA ARG C 123 22.55 10.62 -21.97
C ARG C 123 21.55 9.46 -21.99
N LEU C 124 20.94 9.20 -20.86
CA LEU C 124 19.95 8.08 -20.80
C LEU C 124 18.64 8.50 -21.48
N GLY C 125 18.42 9.79 -21.62
CA GLY C 125 17.17 10.27 -22.28
C GLY C 125 16.12 10.59 -21.22
N LEU C 126 16.54 11.15 -20.11
CA LEU C 126 15.57 11.50 -19.03
C LEU C 126 14.74 10.26 -18.65
N ASP C 127 15.38 9.26 -18.09
CA ASP C 127 14.65 8.02 -17.70
C ASP C 127 13.87 7.46 -18.90
N TYR C 128 14.53 7.26 -20.00
CA TYR C 128 13.83 6.72 -21.21
C TYR C 128 13.97 5.20 -21.28
N GLU C 129 14.21 4.57 -20.17
CA GLU C 129 14.36 3.07 -20.18
C GLU C 129 13.08 2.42 -20.70
N GLU C 130 11.98 3.13 -20.66
CA GLU C 130 10.69 2.54 -21.15
C GLU C 130 10.86 1.99 -22.58
N ARG C 131 11.14 2.84 -23.52
CA ARG C 131 11.30 2.36 -24.93
C ARG C 131 12.70 1.77 -25.14
N VAL C 132 13.67 2.23 -24.41
CA VAL C 132 15.06 1.69 -24.58
C VAL C 132 15.20 0.32 -23.91
N LEU C 133 14.33 0.00 -22.98
CA LEU C 133 14.44 -1.32 -22.28
C LEU C 133 14.29 -2.47 -23.28
N PRO C 134 13.17 -2.50 -23.98
CA PRO C 134 12.94 -3.57 -24.98
C PRO C 134 13.81 -3.37 -26.21
N SER C 135 13.95 -2.16 -26.67
CA SER C 135 14.78 -1.90 -27.88
C SER C 135 16.17 -2.56 -27.75
N ILE C 136 16.76 -2.50 -26.59
CA ILE C 136 18.11 -3.10 -26.41
C ILE C 136 18.04 -4.62 -26.17
N VAL C 137 17.25 -5.05 -25.23
CA VAL C 137 17.16 -6.51 -24.93
C VAL C 137 16.27 -7.26 -25.93
N ASN C 138 15.21 -6.65 -26.38
CA ASN C 138 14.31 -7.35 -27.35
C ASN C 138 14.92 -7.38 -28.75
N GLU C 139 15.67 -6.37 -29.11
CA GLU C 139 16.29 -6.34 -30.47
C GLU C 139 17.55 -7.21 -30.50
N VAL C 140 18.53 -6.89 -29.69
CA VAL C 140 19.80 -7.69 -29.67
C VAL C 140 19.49 -9.17 -29.49
N LEU C 141 18.39 -9.49 -28.85
CA LEU C 141 18.04 -10.93 -28.65
C LEU C 141 17.55 -11.54 -29.97
N LYS C 142 16.64 -10.89 -30.63
CA LYS C 142 16.12 -11.43 -31.92
C LYS C 142 17.26 -11.60 -32.93
N SER C 143 18.36 -10.93 -32.73
CA SER C 143 19.50 -11.05 -33.68
C SER C 143 20.23 -12.38 -33.47
N VAL C 144 20.42 -12.79 -32.25
CA VAL C 144 21.12 -14.07 -31.98
C VAL C 144 20.17 -15.26 -32.17
N VAL C 145 18.89 -15.04 -32.07
CA VAL C 145 17.92 -16.16 -32.25
C VAL C 145 18.02 -16.74 -33.67
N ALA C 146 18.37 -15.92 -34.63
CA ALA C 146 18.47 -16.41 -36.03
C ALA C 146 19.78 -17.16 -36.24
N LYS C 147 20.81 -16.82 -35.50
CA LYS C 147 22.11 -17.53 -35.65
C LYS C 147 22.08 -18.87 -34.91
N PHE C 148 21.62 -18.87 -33.69
CA PHE C 148 21.57 -20.15 -32.91
C PHE C 148 20.66 -21.16 -33.61
N ASN C 149 20.74 -22.41 -33.22
CA ASN C 149 19.88 -23.45 -33.86
C ASN C 149 18.76 -23.86 -32.90
N ALA C 150 17.81 -24.62 -33.38
CA ALA C 150 16.69 -25.06 -32.50
C ALA C 150 17.18 -26.11 -31.50
N SER C 151 17.84 -27.13 -31.98
CA SER C 151 18.34 -28.19 -31.06
C SER C 151 19.34 -27.59 -30.05
N GLN C 152 20.01 -26.53 -30.42
CA GLN C 152 20.99 -25.91 -29.50
C GLN C 152 20.27 -25.32 -28.28
N LEU C 153 19.02 -24.93 -28.45
CA LEU C 153 18.27 -24.35 -27.30
C LEU C 153 17.82 -25.45 -26.34
N ILE C 154 17.40 -26.58 -26.87
CA ILE C 154 16.96 -27.69 -26.00
C ILE C 154 18.12 -28.17 -25.12
N THR C 155 19.33 -28.03 -25.60
CA THR C 155 20.50 -28.47 -24.79
C THR C 155 20.69 -27.53 -23.60
N GLN C 156 20.91 -26.26 -23.86
CA GLN C 156 21.09 -25.29 -22.75
C GLN C 156 20.54 -23.91 -23.15
N ARG C 157 19.35 -23.58 -22.73
CA ARG C 157 18.78 -22.24 -23.09
C ARG C 157 19.70 -21.12 -22.60
N ALA C 158 20.52 -21.40 -21.61
CA ALA C 158 21.44 -20.35 -21.07
C ALA C 158 22.68 -20.22 -21.97
N GLN C 159 23.04 -21.25 -22.68
CA GLN C 159 24.25 -21.17 -23.56
C GLN C 159 24.16 -19.95 -24.48
N VAL C 160 22.98 -19.53 -24.83
CA VAL C 160 22.83 -18.35 -25.72
C VAL C 160 23.08 -17.05 -24.94
N SER C 161 22.90 -17.08 -23.64
CA SER C 161 23.12 -15.86 -22.82
C SER C 161 24.57 -15.38 -22.97
N LEU C 162 25.49 -16.29 -23.16
CA LEU C 162 26.92 -15.90 -23.31
C LEU C 162 27.10 -14.99 -24.54
N LEU C 163 26.36 -15.27 -25.60
CA LEU C 163 26.49 -14.43 -26.82
C LEU C 163 25.69 -13.13 -26.67
N ILE C 164 24.55 -13.19 -26.02
CA ILE C 164 23.73 -11.96 -25.84
C ILE C 164 24.36 -11.05 -24.77
N ARG C 165 24.82 -11.62 -23.69
CA ARG C 165 25.45 -10.80 -22.61
C ARG C 165 26.60 -9.96 -23.18
N ARG C 166 27.23 -10.43 -24.22
CA ARG C 166 28.35 -9.67 -24.82
C ARG C 166 27.82 -8.55 -25.72
N GLU C 167 26.77 -8.82 -26.45
CA GLU C 167 26.20 -7.78 -27.35
C GLU C 167 25.35 -6.79 -26.54
N LEU C 168 24.74 -7.25 -25.49
CA LEU C 168 23.89 -6.34 -24.66
C LEU C 168 24.78 -5.32 -23.92
N THR C 169 25.96 -5.73 -23.53
CA THR C 169 26.87 -4.80 -22.81
C THR C 169 27.27 -3.64 -23.73
N GLU C 170 27.37 -3.88 -25.01
CA GLU C 170 27.75 -2.79 -25.95
C GLU C 170 26.61 -1.77 -26.05
N ARG C 171 25.40 -2.23 -26.19
CA ARG C 171 24.25 -1.28 -26.30
C ARG C 171 23.84 -0.79 -24.91
N ALA C 172 23.88 -1.66 -23.93
CA ALA C 172 23.49 -1.25 -22.54
C ALA C 172 24.43 -0.14 -22.04
N LYS C 173 25.70 -0.33 -22.19
CA LYS C 173 26.67 0.71 -21.73
C LYS C 173 26.64 1.93 -22.67
N ASP C 174 26.13 1.75 -23.86
CA ASP C 174 26.08 2.88 -24.83
C ASP C 174 25.07 3.96 -24.38
N PHE C 175 23.81 3.62 -24.28
CA PHE C 175 22.80 4.64 -23.87
C PHE C 175 22.99 5.05 -22.40
N SER C 176 23.83 4.37 -21.66
CA SER C 176 24.06 4.74 -20.24
C SER C 176 25.12 3.83 -19.62
N LEU C 177 25.70 4.25 -18.51
CA LEU C 177 26.75 3.41 -17.87
C LEU C 177 26.17 2.68 -16.65
N ILE C 178 26.02 1.39 -16.73
CA ILE C 178 25.44 0.62 -15.58
C ILE C 178 25.83 -0.85 -15.69
N LEU C 179 25.91 -1.54 -14.58
CA LEU C 179 26.27 -2.98 -14.62
C LEU C 179 24.99 -3.82 -14.47
N ASP C 180 24.58 -4.47 -15.52
CA ASP C 180 23.33 -5.28 -15.46
C ASP C 180 23.65 -6.78 -15.54
N ASP C 181 22.80 -7.58 -14.95
CA ASP C 181 23.00 -9.06 -14.99
C ASP C 181 22.08 -9.65 -16.05
N VAL C 182 22.64 -10.20 -17.11
CA VAL C 182 21.78 -10.76 -18.20
C VAL C 182 21.71 -12.28 -18.13
N ALA C 183 20.52 -12.81 -18.16
CA ALA C 183 20.32 -14.29 -18.13
C ALA C 183 18.95 -14.62 -18.70
N ILE C 184 18.79 -15.80 -19.23
CA ILE C 184 17.48 -16.17 -19.84
C ILE C 184 16.65 -17.09 -18.92
N THR C 185 15.36 -17.05 -19.09
CA THR C 185 14.44 -17.92 -18.30
C THR C 185 14.14 -19.13 -19.18
N GLU C 186 13.69 -20.23 -18.63
CA GLU C 186 13.51 -21.43 -19.49
C GLU C 186 12.08 -21.56 -20.02
N LEU C 187 11.98 -21.65 -21.33
CA LEU C 187 10.68 -21.81 -22.03
C LEU C 187 10.94 -22.42 -23.40
N SER C 188 10.08 -23.29 -23.87
CA SER C 188 10.34 -23.92 -25.21
C SER C 188 9.03 -24.29 -25.92
N PHE C 189 9.05 -24.33 -27.22
CA PHE C 189 7.81 -24.68 -28.00
C PHE C 189 7.89 -26.13 -28.48
N SER C 190 7.04 -26.98 -27.96
CA SER C 190 7.06 -28.40 -28.38
C SER C 190 5.94 -28.69 -29.39
N MET D 1 -1.39 64.88 -4.95
CA MET D 1 -0.10 64.48 -4.31
C MET D 1 0.53 65.66 -3.57
N ALA D 2 1.76 65.52 -3.15
CA ALA D 2 2.44 66.63 -2.42
C ALA D 2 1.71 66.95 -1.10
N GLN D 3 0.60 67.63 -1.17
CA GLN D 3 -0.16 67.96 0.07
C GLN D 3 -0.54 66.68 0.82
N ASN D 4 -0.62 65.58 0.13
CA ASN D 4 -1.00 64.30 0.80
C ASN D 4 0.26 63.57 1.31
N LEU D 5 1.39 63.84 0.71
CA LEU D 5 2.65 63.16 1.16
C LEU D 5 2.90 63.42 2.65
N LYS D 6 2.37 64.49 3.18
CA LYS D 6 2.57 64.80 4.62
C LYS D 6 1.88 63.75 5.48
N ASP D 7 0.71 63.31 5.08
CA ASP D 7 -0.02 62.28 5.89
C ASP D 7 0.54 60.89 5.58
N LEU D 8 1.06 60.69 4.40
CA LEU D 8 1.62 59.35 4.05
C LEU D 8 2.80 59.01 4.96
N ALA D 9 3.62 59.97 5.28
CA ALA D 9 4.78 59.71 6.18
C ALA D 9 4.33 59.67 7.65
N GLY D 10 3.25 60.35 7.96
CA GLY D 10 2.76 60.35 9.37
C GLY D 10 2.10 59.01 9.70
N ARG D 11 1.70 58.27 8.70
CA ARG D 11 1.05 56.95 8.95
C ARG D 11 2.09 55.91 9.32
N LEU D 12 3.32 56.09 8.90
CA LEU D 12 4.38 55.09 9.22
C LEU D 12 4.61 55.02 10.74
N PRO D 13 4.92 56.15 11.33
CA PRO D 13 5.17 56.19 12.79
C PRO D 13 3.84 56.05 13.55
N ALA D 14 2.79 56.65 13.04
CA ALA D 14 1.47 56.56 13.73
C ALA D 14 0.93 55.13 13.65
N GLY D 15 0.27 54.68 14.68
CA GLY D 15 -0.29 53.30 14.67
C GLY D 15 0.67 52.35 15.40
N PRO D 16 0.68 52.45 16.71
CA PRO D 16 1.57 51.58 17.53
C PRO D 16 1.04 50.14 17.54
N ARG D 17 -0.21 49.96 17.87
CA ARG D 17 -0.80 48.59 17.90
C ARG D 17 -0.79 47.99 16.49
N GLY D 18 -0.88 48.82 15.48
CA GLY D 18 -0.88 48.31 14.08
C GLY D 18 0.45 47.61 13.78
N MET D 19 1.52 48.15 14.30
CA MET D 19 2.85 47.52 14.05
C MET D 19 3.06 46.31 14.95
N GLY D 20 2.57 46.38 16.16
CA GLY D 20 2.73 45.23 17.11
C GLY D 20 1.93 44.04 16.59
N THR D 21 0.65 44.21 16.39
CA THR D 21 -0.19 43.08 15.89
C THR D 21 0.32 42.59 14.53
N ALA D 22 0.99 43.44 13.79
CA ALA D 22 1.52 43.03 12.46
C ALA D 22 2.38 41.76 12.61
N LEU D 23 3.04 41.60 13.72
CA LEU D 23 3.89 40.38 13.91
C LEU D 23 3.01 39.13 13.90
N LYS D 24 1.85 39.20 14.50
CA LYS D 24 0.94 38.02 14.53
C LYS D 24 0.71 37.51 13.10
N LEU D 25 0.77 38.39 12.14
CA LEU D 25 0.55 37.98 10.72
C LEU D 25 1.79 37.22 10.20
N LEU D 26 2.97 37.68 10.53
CA LEU D 26 4.20 36.99 10.05
C LEU D 26 4.17 35.52 10.46
N LEU D 27 3.62 35.22 11.61
CA LEU D 27 3.57 33.80 12.06
C LEU D 27 2.53 33.02 11.25
N GLY D 28 1.48 33.67 10.83
CA GLY D 28 0.43 32.97 10.03
C GLY D 28 0.99 32.62 8.66
N ALA D 29 1.90 33.41 8.15
CA ALA D 29 2.49 33.13 6.81
C ALA D 29 3.20 31.77 6.83
N GLY D 30 3.75 31.41 7.95
CA GLY D 30 4.47 30.10 8.04
C GLY D 30 3.45 28.96 8.03
N ALA D 31 2.30 29.18 8.61
CA ALA D 31 1.26 28.11 8.63
C ALA D 31 0.68 27.91 7.22
N VAL D 32 0.46 28.99 6.51
CA VAL D 32 -0.10 28.87 5.13
C VAL D 32 0.87 28.07 4.24
N ALA D 33 2.14 28.12 4.55
CA ALA D 33 3.13 27.36 3.72
C ALA D 33 2.93 25.85 3.89
N TYR D 34 2.46 25.44 5.04
CA TYR D 34 2.24 23.98 5.26
C TYR D 34 1.24 23.43 4.25
N GLY D 35 0.15 24.12 4.05
CA GLY D 35 -0.87 23.63 3.07
C GLY D 35 -0.24 23.55 1.68
N VAL D 36 0.72 24.41 1.41
CA VAL D 36 1.39 24.38 0.07
C VAL D 36 2.42 23.25 0.03
N ARG D 37 2.99 22.92 1.16
CA ARG D 37 4.01 21.83 1.18
C ARG D 37 3.39 20.50 0.73
N GLU D 38 2.13 20.29 1.02
CA GLU D 38 1.47 19.02 0.60
C GLU D 38 1.04 19.08 -0.88
N SER D 39 0.76 20.25 -1.41
CA SER D 39 0.34 20.34 -2.86
C SER D 39 0.96 21.57 -3.55
N VAL D 40 1.05 21.54 -4.87
CA VAL D 40 1.65 22.70 -5.62
C VAL D 40 1.27 22.62 -7.11
N PHE D 41 1.54 23.66 -7.89
CA PHE D 41 1.19 23.62 -9.34
C PHE D 41 2.45 23.51 -10.22
N THR D 42 3.53 24.19 -9.88
CA THR D 42 4.76 24.09 -10.72
C THR D 42 5.13 22.63 -10.94
N VAL D 43 5.03 22.15 -12.15
CA VAL D 43 5.35 20.72 -12.44
C VAL D 43 6.74 20.37 -11.89
N GLU D 44 6.82 19.36 -11.09
CA GLU D 44 8.13 18.95 -10.51
C GLU D 44 8.65 17.69 -11.21
N GLY D 45 9.93 17.45 -11.14
CA GLY D 45 10.51 16.24 -11.80
C GLY D 45 10.27 16.32 -13.30
N GLY D 46 10.49 15.23 -14.01
CA GLY D 46 10.27 15.25 -15.48
C GLY D 46 8.80 14.99 -15.80
N HIS D 47 7.95 15.96 -15.56
CA HIS D 47 6.50 15.78 -15.85
C HIS D 47 5.96 16.94 -16.68
N ARG D 48 4.92 16.68 -17.43
CA ARG D 48 4.32 17.73 -18.30
C ARG D 48 3.03 18.30 -17.66
N ALA D 49 2.65 19.54 -17.97
CA ALA D 49 1.43 20.17 -17.32
C ALA D 49 0.22 20.27 -18.26
N ILE D 50 -0.95 20.33 -17.68
CA ILE D 50 -2.22 20.42 -18.47
C ILE D 50 -3.16 21.48 -17.84
N PHE D 51 -4.03 22.11 -18.63
CA PHE D 51 -4.92 23.18 -18.06
C PHE D 51 -6.42 22.90 -18.29
N PHE D 52 -7.25 23.35 -17.37
CA PHE D 52 -8.74 23.18 -17.50
C PHE D 52 -9.48 24.17 -16.57
N ASN D 53 -10.69 24.55 -16.93
CA ASN D 53 -11.47 25.51 -16.09
C ASN D 53 -12.59 24.78 -15.33
N ARG D 54 -13.02 25.30 -14.19
CA ARG D 54 -14.11 24.64 -13.41
C ARG D 54 -15.27 24.24 -14.33
N ILE D 55 -16.19 23.44 -13.84
CA ILE D 55 -17.35 22.99 -14.67
C ILE D 55 -16.87 22.46 -16.03
N GLY D 56 -17.77 21.99 -16.85
CA GLY D 56 -17.36 21.46 -18.19
C GLY D 56 -16.59 20.15 -18.00
N GLY D 57 -15.50 19.98 -18.70
CA GLY D 57 -14.70 18.73 -18.56
C GLY D 57 -13.87 18.49 -19.81
N VAL D 58 -12.57 18.62 -19.71
CA VAL D 58 -11.69 18.40 -20.90
C VAL D 58 -10.23 18.26 -20.47
N GLN D 59 -9.99 17.60 -19.36
CA GLN D 59 -8.58 17.42 -18.88
C GLN D 59 -8.55 16.46 -17.69
N GLN D 60 -7.74 15.45 -17.76
CA GLN D 60 -7.66 14.47 -16.63
C GLN D 60 -6.45 13.56 -16.81
N ASP D 61 -6.20 13.14 -18.04
CA ASP D 61 -5.03 12.26 -18.29
C ASP D 61 -4.16 12.86 -19.40
N THR D 62 -3.40 13.87 -19.09
CA THR D 62 -2.54 14.50 -20.12
C THR D 62 -1.21 15.01 -19.51
N ILE D 63 -0.28 15.38 -20.36
CA ILE D 63 1.05 15.87 -19.92
C ILE D 63 1.79 16.46 -21.17
N LEU D 64 2.12 17.75 -21.17
CA LEU D 64 2.84 18.38 -22.34
C LEU D 64 4.39 18.42 -22.13
N ALA D 65 4.90 19.37 -21.35
CA ALA D 65 6.38 19.46 -21.11
C ALA D 65 6.66 20.35 -19.86
N GLU D 66 7.89 20.44 -19.39
CA GLU D 66 8.17 21.27 -18.15
C GLU D 66 8.31 22.77 -18.47
N GLY D 67 7.89 23.58 -17.54
CA GLY D 67 7.97 25.06 -17.70
C GLY D 67 7.87 25.70 -16.31
N LEU D 68 8.37 26.90 -16.11
CA LEU D 68 8.25 27.49 -14.74
C LEU D 68 7.01 28.39 -14.73
N HIS D 69 5.97 27.91 -14.09
CA HIS D 69 4.68 28.66 -14.01
C HIS D 69 3.85 28.12 -12.84
N PHE D 70 3.01 28.91 -12.26
CA PHE D 70 2.19 28.41 -11.11
C PHE D 70 0.69 28.58 -11.39
N ARG D 71 -0.14 27.93 -10.62
CA ARG D 71 -1.61 28.05 -10.81
C ARG D 71 -2.18 29.11 -9.86
N ILE D 72 -1.41 30.12 -9.58
CA ILE D 72 -1.87 31.20 -8.67
C ILE D 72 -3.17 31.86 -9.16
N PRO D 73 -3.26 32.14 -10.45
CA PRO D 73 -4.49 32.78 -10.99
C PRO D 73 -5.68 31.80 -10.92
N TRP D 74 -6.85 32.26 -11.34
CA TRP D 74 -8.06 31.38 -11.29
C TRP D 74 -8.39 30.81 -12.68
N PHE D 75 -9.57 30.28 -12.82
CA PHE D 75 -9.99 29.71 -14.15
C PHE D 75 -8.99 28.65 -14.64
N GLN D 76 -8.26 28.06 -13.73
CA GLN D 76 -7.27 27.00 -14.12
C GLN D 76 -7.25 25.92 -13.04
N TYR D 77 -6.92 24.70 -13.40
CA TYR D 77 -6.93 23.61 -12.38
C TYR D 77 -5.70 22.71 -12.52
N PRO D 78 -5.32 22.11 -11.42
CA PRO D 78 -4.16 21.21 -11.42
C PRO D 78 -4.60 19.74 -11.53
N ILE D 79 -4.37 19.16 -12.67
CA ILE D 79 -4.73 17.72 -12.90
C ILE D 79 -3.78 17.24 -14.02
N ILE D 80 -2.81 16.42 -13.71
CA ILE D 80 -1.84 15.99 -14.77
C ILE D 80 -1.69 14.45 -14.85
N TYR D 81 -1.29 13.97 -15.98
CA TYR D 81 -1.13 12.49 -16.19
C TYR D 81 0.33 12.05 -16.00
N ASP D 82 0.57 11.09 -15.15
CA ASP D 82 1.97 10.61 -14.93
C ASP D 82 2.23 9.31 -15.69
N ILE D 83 3.41 9.13 -16.19
CA ILE D 83 3.73 7.89 -16.95
C ILE D 83 3.87 6.70 -16.01
N ARG D 84 3.81 5.50 -16.53
CA ARG D 84 3.93 4.28 -15.67
C ARG D 84 3.91 3.03 -16.55
N ALA D 85 4.50 1.95 -16.10
CA ALA D 85 4.51 0.70 -16.91
C ALA D 85 3.07 0.29 -17.25
N ARG D 86 2.84 -0.21 -18.44
CA ARG D 86 1.45 -0.61 -18.80
C ARG D 86 1.37 -2.11 -19.07
N PRO D 87 0.73 -2.82 -18.18
CA PRO D 87 0.54 -4.26 -18.33
C PRO D 87 -0.86 -4.55 -18.86
N ARG D 88 -0.97 -4.98 -20.10
CA ARG D 88 -2.32 -5.28 -20.66
C ARG D 88 -2.18 -6.22 -21.88
N LYS D 89 -2.57 -7.49 -21.75
CA LYS D 89 -2.45 -8.46 -22.90
C LYS D 89 -3.35 -9.71 -22.72
N ILE D 90 -3.77 -10.36 -23.79
CA ILE D 90 -4.61 -11.60 -23.66
C ILE D 90 -4.50 -12.52 -24.88
N SER D 91 -4.73 -13.79 -24.68
CA SER D 91 -4.70 -14.76 -25.81
C SER D 91 -6.13 -15.13 -26.17
N SER D 92 -6.61 -14.71 -27.32
CA SER D 92 -8.02 -15.03 -27.70
C SER D 92 -8.07 -15.97 -28.91
N PRO D 93 -8.91 -16.97 -28.83
CA PRO D 93 -9.07 -17.94 -29.93
C PRO D 93 -10.29 -17.59 -30.78
N THR D 94 -10.09 -17.26 -32.03
CA THR D 94 -11.24 -16.90 -32.92
C THR D 94 -11.30 -17.83 -34.12
N GLY D 95 -12.43 -18.43 -34.36
CA GLY D 95 -12.56 -19.36 -35.52
C GLY D 95 -13.33 -18.67 -36.65
N SER D 96 -12.69 -18.43 -37.76
CA SER D 96 -13.39 -17.76 -38.90
C SER D 96 -12.85 -18.27 -40.24
N LYS D 97 -11.55 -18.25 -40.40
CA LYS D 97 -10.95 -18.73 -41.69
C LYS D 97 -10.91 -20.26 -41.71
N ASP D 98 -10.85 -20.88 -40.57
CA ASP D 98 -10.81 -22.38 -40.53
C ASP D 98 -11.97 -22.91 -39.68
N LEU D 99 -11.89 -24.15 -39.25
CA LEU D 99 -12.98 -24.72 -38.43
C LEU D 99 -12.39 -25.58 -37.30
N GLN D 100 -11.18 -25.31 -36.91
CA GLN D 100 -10.55 -26.11 -35.81
C GLN D 100 -10.17 -25.18 -34.65
N MET D 101 -9.06 -25.44 -33.98
CA MET D 101 -8.67 -24.56 -32.85
C MET D 101 -7.55 -23.62 -33.28
N VAL D 102 -7.75 -22.34 -33.11
CA VAL D 102 -6.70 -21.35 -33.51
C VAL D 102 -6.64 -20.24 -32.47
N ASN D 103 -5.50 -20.04 -31.85
CA ASN D 103 -5.38 -18.98 -30.82
C ASN D 103 -4.44 -17.87 -31.30
N ILE D 104 -4.97 -16.71 -31.57
CA ILE D 104 -4.13 -15.57 -32.02
C ILE D 104 -4.52 -14.32 -31.23
N SER D 105 -3.61 -13.40 -31.04
CA SER D 105 -3.95 -12.17 -30.25
C SER D 105 -3.04 -11.01 -30.61
N LEU D 106 -3.54 -9.81 -30.48
CA LEU D 106 -2.72 -8.60 -30.78
C LEU D 106 -2.96 -7.55 -29.69
N ARG D 107 -1.98 -6.70 -29.42
CA ARG D 107 -2.18 -5.68 -28.36
C ARG D 107 -1.60 -4.32 -28.79
N VAL D 108 -2.16 -3.26 -28.29
CA VAL D 108 -1.65 -1.90 -28.65
C VAL D 108 -1.03 -1.25 -27.42
N LEU D 109 0.02 -0.48 -27.60
CA LEU D 109 0.68 0.17 -26.44
C LEU D 109 0.27 1.64 -26.37
N SER D 110 -0.23 2.08 -25.25
CA SER D 110 -0.64 3.51 -25.12
C SER D 110 0.41 4.29 -24.33
N ARG D 111 1.09 5.18 -24.99
CA ARG D 111 2.14 5.99 -24.30
C ARG D 111 1.82 7.49 -24.46
N PRO D 112 1.99 8.23 -23.39
CA PRO D 112 1.71 9.68 -23.44
C PRO D 112 2.73 10.38 -24.33
N ASN D 113 2.29 10.92 -25.43
CA ASN D 113 3.23 11.62 -26.37
C ASN D 113 4.13 12.58 -25.59
N ALA D 114 5.30 12.86 -26.11
CA ALA D 114 6.23 13.79 -25.40
C ALA D 114 5.50 15.08 -25.05
N GLN D 115 4.72 15.61 -25.97
CA GLN D 115 3.97 16.86 -25.70
C GLN D 115 2.60 16.81 -26.41
N GLU D 116 1.82 17.85 -26.27
CA GLU D 116 0.49 17.91 -26.95
C GLU D 116 -0.46 16.80 -26.44
N LEU D 117 -0.48 16.55 -25.15
CA LEU D 117 -1.41 15.51 -24.63
C LEU D 117 -2.87 16.01 -24.65
N PRO D 118 -3.08 17.27 -24.33
CA PRO D 118 -4.46 17.81 -24.31
C PRO D 118 -5.04 17.93 -25.73
N SER D 119 -4.22 18.26 -26.71
CA SER D 119 -4.77 18.37 -28.10
C SER D 119 -5.50 17.08 -28.47
N MET D 120 -4.83 15.97 -28.36
CA MET D 120 -5.45 14.67 -28.70
C MET D 120 -6.30 14.16 -27.52
N TYR D 121 -6.08 14.65 -26.34
CA TYR D 121 -6.87 14.16 -25.17
C TYR D 121 -8.38 14.27 -25.42
N GLN D 122 -8.91 15.46 -25.55
CA GLN D 122 -10.38 15.60 -25.80
C GLN D 122 -10.79 14.72 -26.99
N ARG D 123 -9.91 14.58 -27.95
CA ARG D 123 -10.22 13.71 -29.13
C ARG D 123 -9.95 12.25 -28.74
N LEU D 124 -9.11 12.05 -27.77
CA LEU D 124 -8.77 10.66 -27.30
C LEU D 124 -9.87 10.15 -26.37
N GLY D 125 -10.16 10.87 -25.31
CA GLY D 125 -11.22 10.41 -24.37
C GLY D 125 -11.10 11.21 -23.07
N LEU D 126 -11.45 10.60 -21.96
CA LEU D 126 -11.37 11.32 -20.65
C LEU D 126 -10.60 10.48 -19.63
N ASP D 127 -11.20 9.42 -19.15
CA ASP D 127 -10.51 8.55 -18.16
C ASP D 127 -11.13 7.14 -18.17
N TYR D 128 -10.89 6.39 -19.21
CA TYR D 128 -11.46 5.01 -19.28
C TYR D 128 -10.77 4.23 -20.40
N GLU D 129 -9.46 4.24 -20.42
CA GLU D 129 -8.73 3.48 -21.49
C GLU D 129 -9.20 2.02 -21.55
N GLU D 130 -9.71 1.51 -20.46
CA GLU D 130 -10.19 0.09 -20.46
C GLU D 130 -11.16 -0.14 -21.62
N ARG D 131 -11.81 0.89 -22.08
CA ARG D 131 -12.77 0.73 -23.22
C ARG D 131 -12.06 0.71 -24.57
N VAL D 132 -11.17 1.65 -24.81
CA VAL D 132 -10.46 1.71 -26.13
C VAL D 132 -9.30 0.71 -26.19
N LEU D 133 -8.72 0.35 -25.09
CA LEU D 133 -7.57 -0.61 -25.14
C LEU D 133 -7.99 -1.95 -25.76
N PRO D 134 -8.97 -2.60 -25.16
CA PRO D 134 -9.44 -3.90 -25.68
C PRO D 134 -10.27 -3.71 -26.96
N SER D 135 -11.05 -2.66 -27.01
CA SER D 135 -11.91 -2.43 -28.21
C SER D 135 -11.07 -2.42 -29.49
N ILE D 136 -9.91 -1.83 -29.46
CA ILE D 136 -9.06 -1.78 -30.69
C ILE D 136 -8.31 -3.11 -30.90
N VAL D 137 -7.61 -3.56 -29.90
CA VAL D 137 -6.83 -4.83 -30.04
C VAL D 137 -7.77 -6.02 -30.28
N ASN D 138 -8.91 -6.04 -29.67
CA ASN D 138 -9.85 -7.19 -29.87
C ASN D 138 -10.59 -7.05 -31.21
N GLU D 139 -10.63 -5.85 -31.75
CA GLU D 139 -11.34 -5.66 -33.06
C GLU D 139 -10.45 -6.10 -34.22
N VAL D 140 -9.33 -5.45 -34.40
CA VAL D 140 -8.41 -5.82 -35.53
C VAL D 140 -8.10 -7.33 -35.49
N LEU D 141 -7.88 -7.86 -34.32
CA LEU D 141 -7.57 -9.31 -34.20
C LEU D 141 -8.74 -10.14 -34.76
N LYS D 142 -9.91 -9.95 -34.22
CA LYS D 142 -11.09 -10.72 -34.71
C LYS D 142 -11.24 -10.58 -36.22
N SER D 143 -10.87 -9.46 -36.77
CA SER D 143 -10.99 -9.28 -38.25
C SER D 143 -9.80 -9.94 -38.97
N VAL D 144 -8.68 -10.05 -38.31
CA VAL D 144 -7.48 -10.67 -38.97
C VAL D 144 -7.58 -12.20 -38.92
N VAL D 145 -8.13 -12.75 -37.87
CA VAL D 145 -8.23 -14.25 -37.78
C VAL D 145 -8.92 -14.81 -39.03
N ALA D 146 -9.71 -14.01 -39.70
CA ALA D 146 -10.40 -14.48 -40.94
C ALA D 146 -9.44 -14.44 -42.12
N LYS D 147 -8.39 -13.68 -42.02
CA LYS D 147 -7.41 -13.59 -43.16
C LYS D 147 -6.48 -14.80 -43.16
N PHE D 148 -6.02 -15.21 -42.01
CA PHE D 148 -5.09 -16.39 -41.95
C PHE D 148 -5.86 -17.66 -41.58
N ASN D 149 -5.29 -18.81 -41.86
CA ASN D 149 -5.98 -20.09 -41.52
C ASN D 149 -5.23 -20.82 -40.40
N ALA D 150 -5.51 -22.08 -40.21
CA ALA D 150 -4.82 -22.85 -39.13
C ALA D 150 -3.43 -23.28 -39.59
N SER D 151 -3.26 -23.56 -40.85
CA SER D 151 -1.91 -23.99 -41.36
C SER D 151 -0.88 -22.89 -41.10
N GLN D 152 -1.19 -21.68 -41.46
CA GLN D 152 -0.23 -20.56 -41.23
C GLN D 152 -0.23 -20.14 -39.76
N LEU D 153 -1.27 -20.49 -39.03
CA LEU D 153 -1.33 -20.13 -37.58
C LEU D 153 -0.02 -20.47 -36.86
N ILE D 154 0.46 -21.67 -37.03
CA ILE D 154 1.74 -22.06 -36.35
C ILE D 154 2.86 -21.07 -36.73
N THR D 155 2.93 -20.68 -37.98
CA THR D 155 3.99 -19.71 -38.40
C THR D 155 3.56 -18.29 -38.05
N GLN D 156 2.28 -18.08 -37.83
CA GLN D 156 1.78 -16.72 -37.48
C GLN D 156 2.41 -16.22 -36.17
N ARG D 157 1.70 -15.39 -35.44
CA ARG D 157 2.25 -14.84 -34.15
C ARG D 157 3.44 -13.92 -34.43
N ALA D 158 4.51 -14.46 -34.93
CA ALA D 158 5.71 -13.61 -35.24
C ALA D 158 5.54 -12.87 -36.56
N GLN D 159 4.91 -13.49 -37.53
CA GLN D 159 4.72 -12.82 -38.85
C GLN D 159 3.54 -11.83 -38.78
N VAL D 160 2.40 -12.27 -38.34
CA VAL D 160 1.22 -11.35 -38.26
C VAL D 160 1.57 -10.07 -37.50
N SER D 161 2.51 -10.16 -36.57
CA SER D 161 2.90 -8.96 -35.79
C SER D 161 3.22 -7.78 -36.72
N LEU D 162 3.84 -8.06 -37.84
CA LEU D 162 4.17 -6.96 -38.79
C LEU D 162 2.94 -6.58 -39.63
N LEU D 163 2.24 -7.56 -40.14
CA LEU D 163 1.02 -7.26 -40.97
C LEU D 163 0.01 -6.45 -40.16
N ILE D 164 -0.25 -6.85 -38.95
CA ILE D 164 -1.23 -6.10 -38.11
C ILE D 164 -0.63 -4.76 -37.66
N ARG D 165 0.67 -4.65 -37.64
CA ARG D 165 1.31 -3.37 -37.21
C ARG D 165 0.76 -2.20 -38.03
N ARG D 166 0.67 -2.37 -39.32
CA ARG D 166 0.13 -1.26 -40.17
C ARG D 166 -1.32 -0.97 -39.80
N GLU D 167 -2.07 -1.98 -39.46
CA GLU D 167 -3.50 -1.77 -39.07
C GLU D 167 -3.59 -1.23 -37.64
N LEU D 168 -2.87 -1.83 -36.73
CA LEU D 168 -2.91 -1.36 -35.32
C LEU D 168 -2.33 0.05 -35.21
N THR D 169 -1.22 0.30 -35.85
CA THR D 169 -0.61 1.66 -35.80
C THR D 169 -1.59 2.69 -36.37
N GLU D 170 -2.40 2.29 -37.31
CA GLU D 170 -3.39 3.24 -37.91
C GLU D 170 -4.55 3.44 -36.94
N ARG D 171 -5.13 2.38 -36.46
CA ARG D 171 -6.27 2.51 -35.50
C ARG D 171 -5.78 3.12 -34.19
N ALA D 172 -4.62 2.74 -33.74
CA ALA D 172 -4.07 3.29 -32.48
C ALA D 172 -3.80 4.79 -32.64
N LYS D 173 -3.48 5.22 -33.83
CA LYS D 173 -3.19 6.66 -34.07
C LYS D 173 -4.43 7.51 -33.69
N ASP D 174 -5.59 6.92 -33.78
CA ASP D 174 -6.84 7.67 -33.42
C ASP D 174 -6.69 8.30 -32.04
N PHE D 175 -6.39 7.50 -31.05
CA PHE D 175 -6.23 8.04 -29.67
C PHE D 175 -4.80 8.56 -29.49
N SER D 176 -4.62 9.85 -29.56
CA SER D 176 -3.25 10.44 -29.41
C SER D 176 -2.32 9.98 -30.54
N LEU D 177 -1.48 10.85 -31.01
CA LEU D 177 -0.55 10.48 -32.11
C LEU D 177 0.85 10.19 -31.54
N ILE D 178 1.26 8.96 -31.55
CA ILE D 178 2.60 8.60 -31.00
C ILE D 178 3.13 7.33 -31.66
N LEU D 179 4.42 7.16 -31.69
CA LEU D 179 4.99 5.93 -32.32
C LEU D 179 5.35 4.93 -31.21
N ASP D 180 4.63 3.85 -31.14
CA ASP D 180 4.88 2.84 -30.08
C ASP D 180 5.12 1.46 -30.72
N ASP D 181 5.82 0.60 -30.03
CA ASP D 181 6.09 -0.75 -30.58
C ASP D 181 5.09 -1.76 -29.98
N VAL D 182 4.19 -2.25 -30.79
CA VAL D 182 3.17 -3.21 -30.27
C VAL D 182 3.48 -4.65 -30.69
N ALA D 183 3.55 -5.53 -29.74
CA ALA D 183 3.82 -6.97 -30.06
C ALA D 183 3.32 -7.84 -28.91
N ILE D 184 2.38 -8.70 -29.20
CA ILE D 184 1.81 -9.59 -28.15
C ILE D 184 2.40 -10.99 -28.27
N THR D 185 2.36 -11.75 -27.20
CA THR D 185 2.90 -13.13 -27.25
C THR D 185 1.75 -14.09 -27.55
N GLU D 186 1.76 -14.67 -28.73
CA GLU D 186 0.64 -15.56 -29.13
C GLU D 186 0.98 -17.05 -29.02
N LEU D 187 -0.02 -17.84 -28.81
CA LEU D 187 0.15 -19.31 -28.72
C LEU D 187 -1.01 -19.95 -29.48
N SER D 188 -0.74 -20.88 -30.36
CA SER D 188 -1.84 -21.50 -31.15
C SER D 188 -2.23 -22.87 -30.60
N PHE D 189 -3.46 -23.26 -30.79
CA PHE D 189 -3.93 -24.58 -30.27
C PHE D 189 -3.98 -25.60 -31.42
N SER D 190 -3.56 -26.81 -31.17
CA SER D 190 -3.59 -27.85 -32.23
C SER D 190 -4.86 -28.68 -32.14
N MET E 1 -31.99 64.86 7.58
CA MET E 1 -31.57 63.92 6.50
C MET E 1 -31.42 62.51 7.06
N ALA E 2 -32.47 61.96 7.61
CA ALA E 2 -32.39 60.58 8.17
C ALA E 2 -31.22 60.47 9.16
N GLN E 3 -31.47 60.66 10.42
CA GLN E 3 -30.38 60.56 11.44
C GLN E 3 -29.96 59.11 11.63
N ASN E 4 -30.84 58.18 11.35
CA ASN E 4 -30.50 56.75 11.52
C ASN E 4 -29.30 56.37 10.64
N LEU E 5 -29.29 56.84 9.42
CA LEU E 5 -28.15 56.53 8.51
C LEU E 5 -26.84 57.10 9.08
N LYS E 6 -26.94 58.17 9.82
CA LYS E 6 -25.72 58.79 10.41
C LYS E 6 -25.24 57.98 11.62
N ASP E 7 -26.15 57.36 12.32
CA ASP E 7 -25.75 56.56 13.51
C ASP E 7 -25.01 55.29 13.07
N LEU E 8 -25.33 54.78 11.91
CA LEU E 8 -24.64 53.56 11.41
C LEU E 8 -23.17 53.84 11.16
N ALA E 9 -22.84 55.03 10.73
CA ALA E 9 -21.42 55.37 10.47
C ALA E 9 -20.60 55.27 11.75
N GLY E 10 -21.13 55.73 12.85
CA GLY E 10 -20.39 55.65 14.14
C GLY E 10 -20.48 54.23 14.70
N ARG E 11 -21.46 53.48 14.30
CA ARG E 11 -21.60 52.08 14.81
C ARG E 11 -20.57 51.16 14.14
N LEU E 12 -20.09 51.53 12.98
CA LEU E 12 -19.09 50.67 12.29
C LEU E 12 -17.78 50.62 13.08
N PRO E 13 -17.20 51.77 13.34
CA PRO E 13 -15.93 51.82 14.10
C PRO E 13 -16.19 51.51 15.58
N ALA E 14 -17.13 52.19 16.19
CA ALA E 14 -17.45 51.95 17.64
C ALA E 14 -16.18 52.12 18.50
N GLY E 15 -15.40 51.07 18.65
CA GLY E 15 -14.16 51.19 19.48
C GLY E 15 -12.95 50.76 18.64
N PRO E 16 -11.78 51.12 19.12
CA PRO E 16 -10.54 50.77 18.40
C PRO E 16 -10.25 49.26 18.54
N ARG E 17 -10.52 48.70 19.68
CA ARG E 17 -10.26 47.23 19.88
C ARG E 17 -11.04 46.41 18.85
N GLY E 18 -12.07 46.98 18.26
CA GLY E 18 -12.86 46.21 17.25
C GLY E 18 -11.96 45.82 16.08
N MET E 19 -11.50 46.78 15.33
CA MET E 19 -10.62 46.46 14.16
C MET E 19 -9.33 45.77 14.63
N GLY E 20 -8.99 45.91 15.88
CA GLY E 20 -7.74 45.26 16.40
C GLY E 20 -7.91 43.74 16.40
N THR E 21 -9.12 43.26 16.54
CA THR E 21 -9.34 41.78 16.56
C THR E 21 -9.51 41.25 15.14
N ALA E 22 -9.95 42.08 14.22
CA ALA E 22 -10.13 41.61 12.82
C ALA E 22 -8.86 40.94 12.29
N LEU E 23 -7.73 41.30 12.83
CA LEU E 23 -6.45 40.67 12.37
C LEU E 23 -6.36 39.21 12.82
N LYS E 24 -6.63 38.94 14.07
CA LYS E 24 -6.57 37.54 14.58
C LYS E 24 -7.50 36.65 13.76
N LEU E 25 -8.57 37.21 13.23
CA LEU E 25 -9.52 36.40 12.42
C LEU E 25 -8.90 36.04 11.07
N LEU E 26 -8.15 36.94 10.50
CA LEU E 26 -7.51 36.65 9.18
C LEU E 26 -6.44 35.58 9.33
N LEU E 27 -5.87 35.44 10.50
CA LEU E 27 -4.80 34.42 10.70
C LEU E 27 -5.41 33.01 10.75
N GLY E 28 -6.66 32.91 11.13
CA GLY E 28 -7.30 31.56 11.21
C GLY E 28 -7.74 31.13 9.80
N ALA E 29 -8.05 32.06 8.95
CA ALA E 29 -8.48 31.70 7.57
C ALA E 29 -7.43 30.84 6.88
N GLY E 30 -6.18 31.06 7.18
CA GLY E 30 -5.09 30.26 6.54
C GLY E 30 -5.12 28.83 7.11
N ALA E 31 -5.55 28.69 8.33
CA ALA E 31 -5.59 27.32 8.95
C ALA E 31 -6.83 26.56 8.47
N VAL E 32 -7.96 27.22 8.44
CA VAL E 32 -9.22 26.53 7.99
C VAL E 32 -9.06 26.02 6.55
N ALA E 33 -8.28 26.71 5.75
CA ALA E 33 -8.08 26.27 4.33
C ALA E 33 -7.39 24.91 4.30
N TYR E 34 -6.58 24.62 5.28
CA TYR E 34 -5.87 23.30 5.31
C TYR E 34 -6.88 22.16 5.45
N GLY E 35 -7.81 22.28 6.36
CA GLY E 35 -8.83 21.20 6.53
C GLY E 35 -9.57 20.97 5.22
N VAL E 36 -9.72 21.99 4.43
CA VAL E 36 -10.44 21.84 3.12
C VAL E 36 -9.51 21.19 2.09
N ARG E 37 -8.24 21.40 2.20
CA ARG E 37 -7.28 20.81 1.22
C ARG E 37 -7.35 19.27 1.26
N GLU E 38 -7.47 18.71 2.43
CA GLU E 38 -7.54 17.21 2.53
C GLU E 38 -8.92 16.70 2.07
N SER E 39 -9.96 17.50 2.22
CA SER E 39 -11.32 17.03 1.79
C SER E 39 -12.14 18.17 1.14
N VAL E 40 -12.90 17.86 0.11
CA VAL E 40 -13.73 18.91 -0.57
C VAL E 40 -14.97 18.27 -1.23
N PHE E 41 -15.91 19.06 -1.71
CA PHE E 41 -17.13 18.47 -2.35
C PHE E 41 -17.04 18.56 -3.89
N THR E 42 -16.54 19.65 -4.44
CA THR E 42 -16.43 19.75 -5.93
C THR E 42 -15.59 18.58 -6.45
N VAL E 43 -16.21 17.66 -7.16
CA VAL E 43 -15.46 16.48 -7.70
C VAL E 43 -14.18 16.92 -8.40
N GLU E 44 -13.23 16.02 -8.55
CA GLU E 44 -11.95 16.37 -9.22
C GLU E 44 -11.19 15.09 -9.60
N GLY E 45 -10.35 15.17 -10.60
CA GLY E 45 -9.58 13.97 -11.02
C GLY E 45 -10.46 13.06 -11.89
N GLY E 46 -11.32 13.63 -12.69
CA GLY E 46 -12.20 12.80 -13.56
C GLY E 46 -13.14 11.95 -12.69
N HIS E 47 -14.20 12.54 -12.20
CA HIS E 47 -15.15 11.78 -11.35
C HIS E 47 -16.53 12.44 -11.35
N ARG E 48 -17.56 11.67 -11.14
CA ARG E 48 -18.96 12.21 -11.17
C ARG E 48 -19.53 12.42 -9.74
N ALA E 49 -20.50 13.30 -9.56
CA ALA E 49 -21.05 13.59 -8.19
C ALA E 49 -22.37 12.87 -7.89
N ILE E 50 -22.63 12.64 -6.61
CA ILE E 50 -23.89 11.93 -6.17
C ILE E 50 -24.53 12.71 -5.00
N PHE E 51 -25.83 12.62 -4.78
CA PHE E 51 -26.46 13.41 -3.66
C PHE E 51 -27.29 12.57 -2.68
N PHE E 52 -27.13 12.84 -1.39
CA PHE E 52 -27.93 12.12 -0.34
C PHE E 52 -27.90 12.91 0.98
N ASN E 53 -28.91 12.77 1.82
CA ASN E 53 -28.93 13.53 3.11
C ASN E 53 -28.85 12.57 4.33
N ARG E 54 -28.34 13.05 5.45
CA ARG E 54 -28.22 12.18 6.67
C ARG E 54 -29.50 11.36 6.88
N ILE E 55 -30.65 11.92 6.56
CA ILE E 55 -31.92 11.16 6.73
C ILE E 55 -31.91 9.90 5.86
N GLY E 56 -31.31 8.84 6.32
CA GLY E 56 -31.26 7.59 5.52
C GLY E 56 -29.81 7.09 5.44
N GLY E 57 -28.91 7.94 5.00
CA GLY E 57 -27.48 7.53 4.90
C GLY E 57 -27.36 6.32 3.96
N VAL E 58 -27.03 6.56 2.72
CA VAL E 58 -26.88 5.43 1.76
C VAL E 58 -25.79 5.74 0.73
N GLN E 59 -26.15 6.13 -0.48
CA GLN E 59 -25.12 6.43 -1.52
C GLN E 59 -24.10 5.30 -1.60
N GLN E 60 -24.44 4.22 -2.25
CA GLN E 60 -23.50 3.07 -2.36
C GLN E 60 -22.41 3.35 -3.39
N ASP E 61 -22.77 3.41 -4.65
CA ASP E 61 -21.74 3.67 -5.70
C ASP E 61 -22.38 4.35 -6.92
N THR E 62 -22.39 5.66 -6.95
CA THR E 62 -22.99 6.37 -8.12
C THR E 62 -22.03 7.45 -8.64
N ILE E 63 -22.42 8.19 -9.66
CA ILE E 63 -21.53 9.24 -10.22
C ILE E 63 -22.28 10.09 -11.29
N LEU E 64 -22.33 11.40 -11.09
CA LEU E 64 -23.00 12.31 -12.09
C LEU E 64 -21.95 13.20 -12.80
N ALA E 65 -22.13 13.48 -14.08
CA ALA E 65 -21.14 14.32 -14.85
C ALA E 65 -20.55 15.48 -14.02
N GLU E 66 -19.42 16.01 -14.44
CA GLU E 66 -18.76 17.13 -13.68
C GLU E 66 -19.61 18.41 -13.75
N GLY E 67 -19.55 19.19 -12.70
CA GLY E 67 -20.34 20.46 -12.64
C GLY E 67 -19.70 21.35 -11.59
N LEU E 68 -19.88 22.65 -11.65
CA LEU E 68 -19.25 23.50 -10.59
C LEU E 68 -20.31 23.75 -9.51
N HIS E 69 -20.14 23.11 -8.39
CA HIS E 69 -21.10 23.25 -7.26
C HIS E 69 -20.42 22.81 -5.96
N PHE E 70 -20.82 23.35 -4.84
CA PHE E 70 -20.19 22.94 -3.56
C PHE E 70 -21.24 22.37 -2.61
N ARG E 71 -20.87 21.44 -1.77
CA ARG E 71 -21.86 20.85 -0.82
C ARG E 71 -22.17 21.87 0.28
N ILE E 72 -22.61 23.04 -0.10
CA ILE E 72 -22.91 24.09 0.90
C ILE E 72 -24.37 24.61 0.76
N PRO E 73 -25.28 23.74 0.34
CA PRO E 73 -26.69 24.17 0.18
C PRO E 73 -27.39 24.22 1.56
N TRP E 74 -27.96 23.12 1.98
CA TRP E 74 -28.65 23.10 3.31
C TRP E 74 -28.65 21.67 3.88
N PHE E 75 -28.91 20.68 3.04
CA PHE E 75 -28.93 19.27 3.54
C PHE E 75 -28.46 18.31 2.44
N GLN E 76 -27.17 18.10 2.34
CA GLN E 76 -26.64 17.14 1.31
C GLN E 76 -25.35 16.51 1.84
N TYR E 77 -25.04 15.32 1.39
CA TYR E 77 -23.81 14.63 1.88
C TYR E 77 -22.84 14.34 0.75
N PRO E 78 -21.57 14.25 1.10
CA PRO E 78 -20.53 13.97 0.10
C PRO E 78 -20.14 12.48 0.11
N ILE E 79 -20.54 11.77 -0.91
CA ILE E 79 -20.19 10.33 -1.06
C ILE E 79 -20.24 10.03 -2.57
N ILE E 80 -19.10 9.85 -3.19
CA ILE E 80 -19.07 9.62 -4.67
C ILE E 80 -18.39 8.31 -5.04
N TYR E 81 -18.71 7.77 -6.19
CA TYR E 81 -18.10 6.49 -6.65
C TYR E 81 -16.94 6.77 -7.62
N ASP E 82 -15.86 6.05 -7.49
CA ASP E 82 -14.70 6.29 -8.41
C ASP E 82 -14.31 5.00 -9.13
N ILE E 83 -13.79 5.11 -10.31
CA ILE E 83 -13.37 3.89 -11.07
C ILE E 83 -12.07 3.33 -10.49
N ARG E 84 -11.89 2.03 -10.55
CA ARG E 84 -10.65 1.42 -10.01
C ARG E 84 -10.52 -0.03 -10.46
N ALA E 85 -9.44 -0.68 -10.11
CA ALA E 85 -9.25 -2.10 -10.52
C ALA E 85 -10.33 -2.99 -9.87
N ARG E 86 -10.89 -3.89 -10.62
CA ARG E 86 -11.95 -4.77 -10.05
C ARG E 86 -11.83 -6.19 -10.65
N PRO E 87 -11.42 -7.12 -9.83
CA PRO E 87 -11.27 -8.52 -10.29
C PRO E 87 -12.49 -9.35 -9.90
N ARG E 88 -13.08 -10.05 -10.83
CA ARG E 88 -14.28 -10.88 -10.52
C ARG E 88 -14.44 -11.98 -11.60
N LYS E 89 -14.21 -13.23 -11.25
CA LYS E 89 -14.31 -14.36 -12.26
C LYS E 89 -14.67 -15.69 -11.56
N ILE E 90 -15.27 -16.62 -12.27
CA ILE E 90 -15.67 -17.93 -11.64
C ILE E 90 -14.69 -19.06 -11.97
N SER E 91 -14.60 -20.02 -11.10
CA SER E 91 -13.72 -21.19 -11.35
C SER E 91 -14.38 -22.43 -10.77
N SER E 92 -14.89 -23.30 -11.60
CA SER E 92 -15.59 -24.52 -11.08
C SER E 92 -15.65 -25.60 -12.17
N PRO E 93 -15.71 -26.84 -11.75
CA PRO E 93 -15.79 -27.97 -12.69
C PRO E 93 -17.26 -28.41 -12.81
N THR E 94 -17.88 -28.19 -13.93
CA THR E 94 -19.31 -28.58 -14.09
C THR E 94 -19.46 -29.68 -15.15
N GLY E 95 -20.43 -30.54 -14.98
CA GLY E 95 -20.65 -31.63 -15.97
C GLY E 95 -22.09 -32.13 -15.86
N SER E 96 -22.90 -31.88 -16.85
CA SER E 96 -24.32 -32.34 -16.79
C SER E 96 -24.91 -32.46 -18.20
N LYS E 97 -24.07 -32.68 -19.19
CA LYS E 97 -24.58 -32.81 -20.58
C LYS E 97 -23.80 -33.90 -21.33
N ASP E 98 -23.09 -34.74 -20.62
CA ASP E 98 -22.30 -35.81 -21.28
C ASP E 98 -21.80 -36.82 -20.23
N LEU E 99 -20.72 -37.50 -20.51
CA LEU E 99 -20.18 -38.49 -19.54
C LEU E 99 -18.95 -37.93 -18.83
N GLN E 100 -18.93 -36.64 -18.57
CA GLN E 100 -17.76 -36.03 -17.88
C GLN E 100 -18.07 -34.60 -17.45
N MET E 101 -17.06 -33.81 -17.20
CA MET E 101 -17.30 -32.39 -16.77
C MET E 101 -16.19 -31.49 -17.32
N VAL E 102 -16.50 -30.23 -17.56
CA VAL E 102 -15.48 -29.29 -18.08
C VAL E 102 -15.38 -28.06 -17.18
N ASN E 103 -14.23 -27.44 -17.12
CA ASN E 103 -14.07 -26.23 -16.24
C ASN E 103 -14.10 -24.96 -17.09
N ILE E 104 -14.74 -23.92 -16.61
CA ILE E 104 -14.80 -22.65 -17.37
C ILE E 104 -14.82 -21.45 -16.42
N SER E 105 -14.22 -20.35 -16.80
CA SER E 105 -14.21 -19.16 -15.91
C SER E 105 -14.49 -17.88 -16.71
N LEU E 106 -15.62 -17.28 -16.50
CA LEU E 106 -15.96 -16.03 -17.24
C LEU E 106 -15.73 -14.81 -16.34
N ARG E 107 -15.05 -13.81 -16.83
CA ARG E 107 -14.80 -12.60 -16.00
C ARG E 107 -15.73 -11.46 -16.42
N VAL E 108 -16.40 -10.85 -15.48
CA VAL E 108 -17.33 -9.74 -15.83
C VAL E 108 -16.80 -8.41 -15.27
N LEU E 109 -16.83 -7.37 -16.06
CA LEU E 109 -16.34 -6.05 -15.57
C LEU E 109 -17.51 -5.09 -15.37
N SER E 110 -17.47 -4.28 -14.35
CA SER E 110 -18.59 -3.32 -14.11
C SER E 110 -18.19 -1.91 -14.51
N ARG E 111 -19.12 -1.15 -15.05
CA ARG E 111 -18.80 0.26 -15.45
C ARG E 111 -20.09 1.09 -15.47
N PRO E 112 -19.94 2.37 -15.23
CA PRO E 112 -21.11 3.27 -15.22
C PRO E 112 -21.61 3.51 -16.65
N ASN E 113 -22.84 3.14 -16.92
CA ASN E 113 -23.39 3.33 -18.30
C ASN E 113 -23.41 4.82 -18.65
N ALA E 114 -23.98 5.16 -19.77
CA ALA E 114 -24.04 6.59 -20.18
C ALA E 114 -25.27 7.27 -19.56
N GLN E 115 -26.25 6.51 -19.16
CA GLN E 115 -27.47 7.11 -18.55
C GLN E 115 -27.09 7.89 -17.28
N GLU E 116 -27.04 7.24 -16.14
CA GLU E 116 -26.67 7.96 -14.89
C GLU E 116 -26.61 6.98 -13.71
N LEU E 117 -25.70 7.20 -12.80
CA LEU E 117 -25.59 6.29 -11.62
C LEU E 117 -26.61 6.64 -10.52
N PRO E 118 -27.03 7.89 -10.43
CA PRO E 118 -28.00 8.28 -9.37
C PRO E 118 -29.38 7.66 -9.63
N SER E 119 -29.78 7.52 -10.87
CA SER E 119 -31.11 6.91 -11.15
C SER E 119 -31.07 5.43 -10.74
N MET E 120 -30.03 4.75 -11.14
CA MET E 120 -29.89 3.31 -10.78
C MET E 120 -29.35 3.17 -9.35
N TYR E 121 -28.78 4.21 -8.81
CA TYR E 121 -28.22 4.13 -7.42
C TYR E 121 -29.22 3.45 -6.46
N GLN E 122 -30.46 3.82 -6.50
CA GLN E 122 -31.46 3.16 -5.59
C GLN E 122 -31.82 1.79 -6.17
N ARG E 123 -32.02 1.71 -7.47
CA ARG E 123 -32.35 0.41 -8.09
C ARG E 123 -31.28 -0.62 -7.70
N LEU E 124 -30.04 -0.28 -7.91
CA LEU E 124 -28.93 -1.20 -7.53
C LEU E 124 -28.67 -1.07 -6.01
N GLY E 125 -28.19 0.08 -5.59
CA GLY E 125 -27.92 0.31 -4.13
C GLY E 125 -27.45 -0.95 -3.43
N LEU E 126 -28.21 -1.44 -2.49
CA LEU E 126 -27.82 -2.68 -1.76
C LEU E 126 -28.01 -3.90 -2.68
N ASP E 127 -27.29 -3.94 -3.77
CA ASP E 127 -27.42 -5.09 -4.71
C ASP E 127 -26.33 -6.14 -4.45
N TYR E 128 -25.42 -5.87 -3.54
CA TYR E 128 -24.34 -6.86 -3.26
C TYR E 128 -23.64 -7.26 -4.57
N GLU E 129 -22.90 -6.36 -5.19
CA GLU E 129 -22.21 -6.71 -6.47
C GLU E 129 -21.51 -8.06 -6.37
N GLU E 130 -21.13 -8.46 -5.19
CA GLU E 130 -20.45 -9.77 -5.02
C GLU E 130 -21.45 -10.92 -5.23
N ARG E 131 -22.66 -10.73 -4.79
CA ARG E 131 -23.70 -11.79 -4.94
C ARG E 131 -24.32 -11.78 -6.35
N VAL E 132 -24.73 -10.64 -6.82
CA VAL E 132 -25.37 -10.55 -8.17
C VAL E 132 -24.40 -10.98 -9.28
N LEU E 133 -23.15 -10.59 -9.21
CA LEU E 133 -22.19 -10.97 -10.28
C LEU E 133 -22.26 -12.48 -10.58
N PRO E 134 -22.03 -13.28 -9.56
CA PRO E 134 -22.09 -14.75 -9.75
C PRO E 134 -23.55 -15.20 -9.91
N SER E 135 -24.45 -14.61 -9.17
CA SER E 135 -25.89 -15.01 -9.27
C SER E 135 -26.34 -15.04 -10.73
N ILE E 136 -25.82 -14.15 -11.55
CA ILE E 136 -26.22 -14.13 -12.98
C ILE E 136 -25.53 -15.26 -13.74
N VAL E 137 -24.22 -15.25 -13.80
CA VAL E 137 -23.50 -16.32 -14.53
C VAL E 137 -23.78 -17.69 -13.89
N ASN E 138 -23.78 -17.76 -12.59
CA ASN E 138 -24.05 -19.07 -11.92
C ASN E 138 -25.33 -19.70 -12.45
N GLU E 139 -26.34 -18.91 -12.70
CA GLU E 139 -27.62 -19.47 -13.22
C GLU E 139 -27.54 -19.70 -14.73
N VAL E 140 -27.17 -18.69 -15.48
CA VAL E 140 -27.09 -18.84 -16.97
C VAL E 140 -25.86 -19.67 -17.37
N LEU E 141 -24.70 -19.26 -16.97
CA LEU E 141 -23.46 -20.00 -17.33
C LEU E 141 -23.61 -21.49 -16.99
N LYS E 142 -23.70 -21.81 -15.72
CA LYS E 142 -23.84 -23.24 -15.32
C LYS E 142 -25.01 -23.89 -16.08
N SER E 143 -25.96 -23.12 -16.50
CA SER E 143 -27.13 -23.69 -17.25
C SER E 143 -26.76 -23.92 -18.71
N VAL E 144 -26.08 -22.98 -19.31
CA VAL E 144 -25.68 -23.13 -20.75
C VAL E 144 -24.85 -24.40 -20.93
N VAL E 145 -24.09 -24.76 -19.94
CA VAL E 145 -23.25 -25.99 -20.06
C VAL E 145 -24.14 -27.22 -20.26
N ALA E 146 -25.06 -27.45 -19.36
CA ALA E 146 -25.97 -28.63 -19.49
C ALA E 146 -26.65 -28.63 -20.86
N LYS E 147 -26.76 -27.49 -21.49
CA LYS E 147 -27.42 -27.44 -22.83
C LYS E 147 -26.47 -27.97 -23.90
N PHE E 148 -25.29 -27.41 -23.99
CA PHE E 148 -24.32 -27.89 -25.02
C PHE E 148 -23.63 -29.17 -24.54
N ASN E 149 -22.65 -29.65 -25.26
CA ASN E 149 -21.94 -30.89 -24.84
C ASN E 149 -20.49 -30.57 -24.46
N ALA E 150 -19.74 -31.58 -24.08
CA ALA E 150 -18.32 -31.33 -23.70
C ALA E 150 -17.45 -31.22 -24.95
N SER E 151 -17.65 -32.08 -25.91
CA SER E 151 -16.84 -32.02 -27.16
C SER E 151 -17.02 -30.66 -27.85
N GLN E 152 -18.18 -30.07 -27.71
CA GLN E 152 -18.43 -28.76 -28.35
C GLN E 152 -17.82 -27.63 -27.52
N LEU E 153 -17.75 -27.81 -26.22
CA LEU E 153 -17.17 -26.76 -25.35
C LEU E 153 -15.64 -26.80 -25.41
N ILE E 154 -15.07 -27.96 -25.60
CA ILE E 154 -13.59 -28.06 -25.67
C ILE E 154 -13.09 -27.61 -27.06
N THR E 155 -13.95 -27.62 -28.04
CA THR E 155 -13.52 -27.19 -29.41
C THR E 155 -13.05 -25.73 -29.37
N GLN E 156 -13.79 -24.87 -28.74
CA GLN E 156 -13.40 -23.44 -28.65
C GLN E 156 -14.13 -22.76 -27.48
N ARG E 157 -13.39 -22.13 -26.61
CA ARG E 157 -14.04 -21.44 -25.45
C ARG E 157 -14.78 -20.19 -25.91
N ALA E 158 -14.37 -19.62 -27.02
CA ALA E 158 -15.05 -18.39 -27.52
C ALA E 158 -16.40 -18.76 -28.15
N GLN E 159 -16.53 -19.94 -28.65
CA GLN E 159 -17.83 -20.36 -29.28
C GLN E 159 -18.95 -20.33 -28.22
N VAL E 160 -18.63 -20.62 -26.99
CA VAL E 160 -19.67 -20.61 -25.93
C VAL E 160 -19.95 -19.17 -25.48
N SER E 161 -18.93 -18.35 -25.42
CA SER E 161 -19.13 -16.94 -25.01
C SER E 161 -20.21 -16.26 -25.87
N LEU E 162 -20.42 -16.77 -27.06
CA LEU E 162 -21.46 -16.17 -27.95
C LEU E 162 -22.86 -16.41 -27.38
N LEU E 163 -23.11 -17.59 -26.89
CA LEU E 163 -24.44 -17.90 -26.32
C LEU E 163 -24.58 -17.28 -24.92
N ILE E 164 -23.50 -17.07 -24.24
CA ILE E 164 -23.57 -16.47 -22.87
C ILE E 164 -23.78 -14.96 -22.96
N ARG E 165 -23.02 -14.28 -23.78
CA ARG E 165 -23.18 -12.80 -23.91
C ARG E 165 -24.61 -12.45 -24.35
N ARG E 166 -25.28 -13.37 -25.01
CA ARG E 166 -26.68 -13.08 -25.46
C ARG E 166 -27.61 -12.93 -24.25
N GLU E 167 -27.64 -13.90 -23.39
CA GLU E 167 -28.53 -13.80 -22.19
C GLU E 167 -27.88 -12.94 -21.11
N LEU E 168 -26.58 -12.87 -21.09
CA LEU E 168 -25.87 -12.05 -20.07
C LEU E 168 -26.26 -10.57 -20.22
N THR E 169 -26.19 -10.04 -21.40
CA THR E 169 -26.55 -8.62 -21.62
C THR E 169 -28.00 -8.36 -21.21
N GLU E 170 -28.82 -9.39 -21.26
CA GLU E 170 -30.26 -9.22 -20.87
C GLU E 170 -30.41 -9.23 -19.34
N ARG E 171 -29.83 -10.21 -18.69
CA ARG E 171 -29.95 -10.30 -17.20
C ARG E 171 -28.98 -9.31 -16.53
N ALA E 172 -27.89 -8.99 -17.19
CA ALA E 172 -26.91 -8.04 -16.59
C ALA E 172 -27.59 -6.70 -16.27
N LYS E 173 -28.23 -6.10 -17.23
CA LYS E 173 -28.91 -4.81 -16.99
C LYS E 173 -30.25 -5.02 -16.28
N ASP E 174 -30.79 -6.22 -16.35
CA ASP E 174 -32.09 -6.50 -15.68
C ASP E 174 -32.02 -6.10 -14.20
N PHE E 175 -30.86 -6.10 -13.61
CA PHE E 175 -30.73 -5.72 -12.17
C PHE E 175 -30.34 -4.23 -12.06
N SER E 176 -29.68 -3.71 -13.06
CA SER E 176 -29.27 -2.27 -13.01
C SER E 176 -28.75 -1.83 -14.39
N LEU E 177 -27.88 -0.85 -14.42
CA LEU E 177 -27.34 -0.38 -15.72
C LEU E 177 -25.81 -0.28 -15.64
N ILE E 178 -25.11 -1.13 -16.33
CA ILE E 178 -23.62 -1.10 -16.29
C ILE E 178 -23.05 -1.70 -17.59
N LEU E 179 -21.88 -1.29 -17.97
CA LEU E 179 -21.27 -1.84 -19.21
C LEU E 179 -20.23 -2.90 -18.86
N ASP E 180 -20.40 -4.09 -19.36
CA ASP E 180 -19.43 -5.19 -19.04
C ASP E 180 -19.06 -5.96 -20.31
N ASP E 181 -17.90 -6.54 -20.34
CA ASP E 181 -17.47 -7.32 -21.53
C ASP E 181 -17.66 -8.82 -21.27
N VAL E 182 -18.05 -9.58 -22.27
CA VAL E 182 -18.26 -11.04 -22.05
C VAL E 182 -17.09 -11.86 -22.60
N ALA E 183 -16.34 -12.46 -21.73
CA ALA E 183 -15.18 -13.29 -22.17
C ALA E 183 -14.81 -14.26 -21.05
N ILE E 184 -14.23 -15.39 -21.38
CA ILE E 184 -13.88 -16.38 -20.32
C ILE E 184 -12.43 -16.85 -20.43
N THR E 185 -11.83 -17.16 -19.32
CA THR E 185 -10.43 -17.67 -19.33
C THR E 185 -10.33 -18.90 -18.44
N GLU E 186 -10.31 -20.08 -19.01
CA GLU E 186 -10.21 -21.30 -18.16
C GLU E 186 -9.88 -22.55 -18.98
N LEU E 187 -9.05 -23.42 -18.47
CA LEU E 187 -8.78 -24.68 -19.21
C LEU E 187 -8.25 -25.76 -18.25
N SER E 188 -9.10 -26.66 -17.84
CA SER E 188 -8.66 -27.76 -16.93
C SER E 188 -9.75 -28.82 -16.84
N PHE E 189 -9.56 -29.98 -17.40
CA PHE E 189 -10.61 -31.03 -17.30
C PHE E 189 -10.03 -32.42 -17.59
N SER E 190 -10.19 -33.35 -16.68
CA SER E 190 -9.64 -34.72 -16.92
C SER E 190 -10.32 -35.72 -15.97
N MET F 1 -40.00 45.64 39.09
CA MET F 1 -39.97 44.71 40.26
C MET F 1 -38.81 43.72 40.12
N ALA F 2 -38.79 42.98 39.04
CA ALA F 2 -37.68 42.00 38.83
C ALA F 2 -36.62 42.58 37.91
N GLN F 3 -35.58 43.13 38.46
CA GLN F 3 -34.50 43.71 37.62
C GLN F 3 -33.59 42.60 37.08
N ASN F 4 -33.53 41.48 37.75
CA ASN F 4 -32.67 40.36 37.29
C ASN F 4 -33.05 39.94 35.86
N LEU F 5 -34.25 40.22 35.46
CA LEU F 5 -34.69 39.83 34.08
C LEU F 5 -34.19 40.85 33.06
N LYS F 6 -34.16 42.11 33.42
CA LYS F 6 -33.69 43.16 32.48
C LYS F 6 -32.17 43.33 32.59
N ASP F 7 -31.65 43.33 33.78
CA ASP F 7 -30.17 43.49 33.96
C ASP F 7 -29.43 42.28 33.39
N LEU F 8 -29.95 41.10 33.62
CA LEU F 8 -29.28 39.87 33.09
C LEU F 8 -29.35 39.85 31.57
N ALA F 9 -30.45 40.26 31.00
CA ALA F 9 -30.57 40.26 29.51
C ALA F 9 -29.57 41.22 28.90
N GLY F 10 -29.24 42.28 29.59
CA GLY F 10 -28.25 43.26 29.06
C GLY F 10 -26.82 42.74 29.26
N ARG F 11 -26.64 41.82 30.16
CA ARG F 11 -25.27 41.28 30.41
C ARG F 11 -24.89 40.28 29.30
N LEU F 12 -25.86 39.67 28.67
CA LEU F 12 -25.55 38.69 27.59
C LEU F 12 -24.79 39.37 26.45
N PRO F 13 -25.37 40.40 25.89
CA PRO F 13 -24.72 41.13 24.78
C PRO F 13 -23.57 41.99 25.31
N ALA F 14 -22.91 42.72 24.44
CA ALA F 14 -21.77 43.59 24.89
C ALA F 14 -20.75 42.77 25.69
N GLY F 15 -19.89 43.43 26.41
CA GLY F 15 -18.87 42.70 27.21
C GLY F 15 -17.51 43.40 27.06
N PRO F 16 -16.81 43.55 28.15
CA PRO F 16 -15.48 44.22 28.12
C PRO F 16 -14.44 43.30 27.45
N ARG F 17 -13.74 42.51 28.22
CA ARG F 17 -12.71 41.61 27.63
C ARG F 17 -13.38 40.36 27.04
N GLY F 18 -14.51 39.97 27.59
CA GLY F 18 -15.21 38.75 27.07
C GLY F 18 -15.51 38.92 25.57
N MET F 19 -16.09 40.02 25.19
CA MET F 19 -16.42 40.23 23.75
C MET F 19 -15.14 40.33 22.92
N GLY F 20 -14.09 40.86 23.49
CA GLY F 20 -12.80 40.99 22.73
C GLY F 20 -12.10 39.63 22.70
N THR F 21 -12.12 38.91 23.79
CA THR F 21 -11.45 37.58 23.83
C THR F 21 -12.35 36.51 23.22
N ALA F 22 -13.65 36.72 23.25
CA ALA F 22 -14.59 35.73 22.67
C ALA F 22 -14.17 35.35 21.25
N LEU F 23 -13.51 36.24 20.56
CA LEU F 23 -13.07 35.94 19.16
C LEU F 23 -12.00 34.84 19.17
N LYS F 24 -11.07 34.92 20.09
CA LYS F 24 -10.00 33.88 20.16
C LYS F 24 -10.63 32.48 20.22
N LEU F 25 -11.80 32.38 20.80
CA LEU F 25 -12.48 31.07 20.89
C LEU F 25 -13.01 30.64 19.52
N LEU F 26 -13.49 31.59 18.75
CA LEU F 26 -14.02 31.24 17.40
C LEU F 26 -12.90 30.75 16.49
N LEU F 27 -11.76 31.39 16.54
CA LEU F 27 -10.62 30.97 15.67
C LEU F 27 -10.11 29.58 16.11
N GLY F 28 -10.01 29.35 17.39
CA GLY F 28 -9.53 28.03 17.88
C GLY F 28 -10.46 26.92 17.40
N ALA F 29 -11.72 27.22 17.23
CA ALA F 29 -12.69 26.18 16.76
C ALA F 29 -12.28 25.68 15.37
N GLY F 30 -11.73 26.53 14.56
CA GLY F 30 -11.32 26.10 13.19
C GLY F 30 -10.14 25.13 13.30
N ALA F 31 -9.26 25.34 14.24
CA ALA F 31 -8.10 24.43 14.41
C ALA F 31 -8.55 23.08 14.98
N VAL F 32 -9.57 23.09 15.81
CA VAL F 32 -10.06 21.81 16.40
C VAL F 32 -10.87 21.03 15.36
N ALA F 33 -11.50 21.72 14.45
CA ALA F 33 -12.30 21.01 13.40
C ALA F 33 -11.40 20.09 12.57
N TYR F 34 -10.14 20.42 12.45
CA TYR F 34 -9.22 19.56 11.66
C TYR F 34 -9.07 18.19 12.32
N GLY F 35 -8.91 18.15 13.62
CA GLY F 35 -8.76 16.85 14.33
C GLY F 35 -10.02 16.00 14.10
N VAL F 36 -11.14 16.65 13.96
CA VAL F 36 -12.41 15.89 13.74
C VAL F 36 -12.50 15.43 12.28
N ARG F 37 -11.91 16.16 11.39
CA ARG F 37 -11.96 15.76 9.95
C ARG F 37 -11.30 14.40 9.74
N GLU F 38 -10.33 14.06 10.55
CA GLU F 38 -9.64 12.75 10.40
C GLU F 38 -10.47 11.61 11.03
N SER F 39 -11.27 11.90 12.05
CA SER F 39 -12.08 10.80 12.68
C SER F 39 -13.50 11.28 13.07
N VAL F 40 -14.42 10.36 13.24
CA VAL F 40 -15.84 10.74 13.63
C VAL F 40 -16.67 9.48 13.91
N PHE F 41 -17.88 9.63 14.45
CA PHE F 41 -18.73 8.42 14.73
C PHE F 41 -19.87 8.28 13.71
N THR F 42 -20.40 9.36 13.20
CA THR F 42 -21.52 9.25 12.20
C THR F 42 -21.15 8.27 11.09
N VAL F 43 -21.74 7.10 11.08
CA VAL F 43 -21.42 6.09 10.03
C VAL F 43 -21.56 6.70 8.64
N GLU F 44 -20.69 6.36 7.73
CA GLU F 44 -20.77 6.92 6.35
C GLU F 44 -20.73 5.79 5.32
N GLY F 45 -21.21 6.05 4.13
CA GLY F 45 -21.20 4.99 3.08
C GLY F 45 -22.11 3.84 3.49
N GLY F 46 -21.93 2.69 2.91
CA GLY F 46 -22.78 1.51 3.28
C GLY F 46 -22.16 0.77 4.45
N HIS F 47 -22.22 1.35 5.64
CA HIS F 47 -21.64 0.67 6.83
C HIS F 47 -22.60 0.79 8.02
N ARG F 48 -22.56 -0.15 8.91
CA ARG F 48 -23.48 -0.14 10.09
C ARG F 48 -22.73 0.20 11.38
N ALA F 49 -23.43 0.71 12.37
CA ALA F 49 -22.75 1.09 13.64
C ALA F 49 -22.89 0.03 14.74
N ILE F 50 -21.94 -0.01 15.63
CA ILE F 50 -21.94 -1.02 16.73
C ILE F 50 -21.68 -0.30 18.07
N PHE F 51 -22.14 -0.82 19.19
CA PHE F 51 -21.95 -0.08 20.49
C PHE F 51 -21.22 -0.91 21.58
N PHE F 52 -20.31 -0.27 22.29
CA PHE F 52 -19.56 -0.95 23.39
C PHE F 52 -18.94 0.13 24.32
N ASN F 53 -18.71 -0.18 25.58
CA ASN F 53 -18.12 0.84 26.51
C ASN F 53 -16.93 0.26 27.31
N ARG F 54 -16.00 1.10 27.72
CA ARG F 54 -14.81 0.61 28.51
C ARG F 54 -15.28 -0.15 29.76
N ILE F 55 -15.44 -1.44 29.67
CA ILE F 55 -15.88 -2.23 30.86
C ILE F 55 -15.23 -3.61 30.85
N GLY F 56 -15.12 -4.22 29.70
CA GLY F 56 -14.51 -5.58 29.61
C GLY F 56 -15.15 -6.38 28.48
N GLY F 57 -14.73 -6.14 27.27
CA GLY F 57 -15.32 -6.89 26.11
C GLY F 57 -15.11 -6.09 24.83
N VAL F 58 -15.75 -6.47 23.76
CA VAL F 58 -15.58 -5.73 22.47
C VAL F 58 -16.55 -6.29 21.41
N GLN F 59 -16.68 -5.61 20.31
CA GLN F 59 -17.62 -6.10 19.24
C GLN F 59 -16.94 -6.05 17.87
N GLN F 60 -17.25 -6.99 17.01
CA GLN F 60 -16.64 -7.01 15.65
C GLN F 60 -17.19 -8.19 14.83
N ASP F 61 -18.33 -8.02 14.21
CA ASP F 61 -18.92 -9.13 13.40
C ASP F 61 -20.17 -8.64 12.67
N THR F 62 -20.10 -8.54 11.36
CA THR F 62 -21.29 -8.06 10.57
C THR F 62 -21.55 -6.57 10.88
N ILE F 63 -22.71 -6.07 10.53
CA ILE F 63 -23.01 -4.62 10.80
C ILE F 63 -24.55 -4.36 10.68
N LEU F 64 -25.09 -3.52 11.54
CA LEU F 64 -26.58 -3.23 11.52
C LEU F 64 -27.01 -2.36 10.31
N ALA F 65 -27.41 -1.11 10.52
CA ALA F 65 -27.85 -0.23 9.38
C ALA F 65 -27.35 1.21 9.58
N GLU F 66 -27.77 2.14 8.75
CA GLU F 66 -27.31 3.57 8.90
C GLU F 66 -28.31 4.37 9.77
N GLY F 67 -27.82 5.34 10.49
CA GLY F 67 -28.69 6.17 11.37
C GLY F 67 -28.00 7.50 11.67
N LEU F 68 -28.74 8.54 11.99
CA LEU F 68 -28.05 9.84 12.29
C LEU F 68 -27.91 9.96 13.82
N HIS F 69 -26.70 9.80 14.29
CA HIS F 69 -26.42 9.88 15.75
C HIS F 69 -24.92 10.14 15.97
N PHE F 70 -24.56 10.77 17.05
CA PHE F 70 -23.11 11.04 17.31
C PHE F 70 -22.65 10.32 18.59
N ARG F 71 -21.43 9.86 18.62
CA ARG F 71 -20.93 9.16 19.85
C ARG F 71 -20.69 10.18 20.96
N ILE F 72 -21.68 10.96 21.30
CA ILE F 72 -21.49 11.98 22.37
C ILE F 72 -22.49 11.81 23.53
N PRO F 73 -22.80 10.58 23.88
CA PRO F 73 -23.74 10.35 25.01
C PRO F 73 -23.02 10.54 26.35
N TRP F 74 -22.12 9.64 26.69
CA TRP F 74 -21.39 9.76 27.99
C TRP F 74 -20.19 8.81 27.98
N PHE F 75 -20.37 7.60 27.50
CA PHE F 75 -19.26 6.62 27.44
C PHE F 75 -19.43 5.70 26.23
N GLN F 76 -19.42 6.26 25.04
CA GLN F 76 -19.60 5.44 23.81
C GLN F 76 -18.25 5.24 23.11
N TYR F 77 -18.09 4.17 22.38
CA TYR F 77 -16.80 3.90 21.69
C TYR F 77 -16.99 3.73 20.18
N PRO F 78 -15.96 4.07 19.44
CA PRO F 78 -16.02 3.93 17.96
C PRO F 78 -15.30 2.65 17.50
N ILE F 79 -16.04 1.67 17.08
CA ILE F 79 -15.45 0.40 16.54
C ILE F 79 -16.54 -0.24 15.66
N ILE F 80 -16.35 -0.23 14.35
CA ILE F 80 -17.41 -0.79 13.44
C ILE F 80 -16.82 -1.79 12.45
N TYR F 81 -17.63 -2.70 11.96
CA TYR F 81 -17.15 -3.71 10.99
C TYR F 81 -17.55 -3.31 9.56
N ASP F 82 -16.78 -3.73 8.59
CA ASP F 82 -17.10 -3.38 7.17
C ASP F 82 -17.26 -4.65 6.33
N ILE F 83 -18.05 -4.58 5.28
CA ILE F 83 -18.29 -5.77 4.41
C ILE F 83 -16.99 -6.55 4.16
N ARG F 84 -17.11 -7.82 3.87
CA ARG F 84 -15.90 -8.66 3.59
C ARG F 84 -15.63 -8.73 2.08
N ALA F 85 -15.09 -9.83 1.59
CA ALA F 85 -14.81 -9.92 0.14
C ALA F 85 -14.47 -11.35 -0.30
N ARG F 86 -13.35 -11.87 0.14
CA ARG F 86 -12.95 -13.25 -0.29
C ARG F 86 -12.92 -14.23 0.90
N PRO F 87 -13.13 -15.50 0.59
CA PRO F 87 -13.13 -16.55 1.62
C PRO F 87 -11.78 -17.28 1.67
N ARG F 88 -11.43 -17.83 2.80
CA ARG F 88 -10.14 -18.55 2.95
C ARG F 88 -10.39 -20.09 2.90
N LYS F 89 -9.72 -20.82 2.01
CA LYS F 89 -9.98 -22.31 1.89
C LYS F 89 -8.82 -23.10 1.24
N ILE F 90 -8.71 -24.39 1.54
CA ILE F 90 -7.60 -25.26 0.95
C ILE F 90 -8.15 -26.42 0.13
N SER F 91 -7.36 -26.94 -0.79
CA SER F 91 -7.79 -28.11 -1.60
C SER F 91 -7.14 -29.37 -1.01
N SER F 92 -7.92 -30.24 -0.42
CA SER F 92 -7.33 -31.48 0.18
C SER F 92 -8.15 -32.71 -0.21
N PRO F 93 -7.47 -33.81 -0.44
CA PRO F 93 -8.14 -35.07 -0.81
C PRO F 93 -8.27 -35.97 0.42
N THR F 94 -9.46 -36.44 0.71
CA THR F 94 -9.64 -37.32 1.90
C THR F 94 -10.45 -38.56 1.50
N GLY F 95 -9.91 -39.72 1.73
CA GLY F 95 -10.64 -40.97 1.37
C GLY F 95 -11.21 -41.62 2.63
N SER F 96 -12.48 -41.93 2.63
CA SER F 96 -13.10 -42.57 3.84
C SER F 96 -14.32 -43.40 3.41
N LYS F 97 -14.33 -43.88 2.21
CA LYS F 97 -15.48 -44.70 1.73
C LYS F 97 -15.13 -45.44 0.44
N ASP F 98 -13.87 -45.69 0.20
CA ASP F 98 -13.47 -46.40 -1.05
C ASP F 98 -11.97 -46.72 -1.00
N LEU F 99 -11.49 -47.44 -1.98
CA LEU F 99 -10.04 -47.78 -2.01
C LEU F 99 -9.25 -46.69 -2.74
N GLN F 100 -9.72 -46.27 -3.88
CA GLN F 100 -9.01 -45.21 -4.65
C GLN F 100 -9.00 -43.90 -3.85
N MET F 101 -8.25 -42.92 -4.31
CA MET F 101 -8.20 -41.62 -3.58
C MET F 101 -9.06 -40.59 -4.31
N VAL F 102 -9.59 -39.62 -3.59
CA VAL F 102 -10.43 -38.59 -4.24
C VAL F 102 -10.03 -37.19 -3.75
N ASN F 103 -10.06 -36.22 -4.62
CA ASN F 103 -9.69 -34.83 -4.22
C ASN F 103 -10.93 -33.94 -4.23
N ILE F 104 -11.33 -33.45 -3.10
CA ILE F 104 -12.54 -32.56 -3.06
C ILE F 104 -12.50 -31.65 -1.82
N SER F 105 -12.95 -30.43 -1.96
CA SER F 105 -12.95 -29.50 -0.80
C SER F 105 -14.04 -28.43 -1.00
N LEU F 106 -14.59 -27.93 0.06
CA LEU F 106 -15.67 -26.90 -0.08
C LEU F 106 -15.48 -25.76 0.92
N ARG F 107 -15.93 -24.59 0.58
CA ARG F 107 -15.80 -23.43 1.50
C ARG F 107 -16.98 -22.47 1.29
N VAL F 108 -17.39 -21.78 2.32
CA VAL F 108 -18.53 -20.83 2.17
C VAL F 108 -18.07 -19.39 2.38
N LEU F 109 -18.70 -18.46 1.74
CA LEU F 109 -18.32 -17.03 1.90
C LEU F 109 -19.31 -16.32 2.82
N SER F 110 -18.87 -15.30 3.51
CA SER F 110 -19.80 -14.59 4.44
C SER F 110 -20.29 -13.29 3.81
N ARG F 111 -21.52 -12.94 4.06
CA ARG F 111 -22.08 -11.68 3.48
C ARG F 111 -22.65 -10.79 4.60
N PRO F 112 -22.65 -9.50 4.35
CA PRO F 112 -23.16 -8.54 5.35
C PRO F 112 -24.69 -8.67 5.46
N ASN F 113 -25.22 -8.51 6.65
CA ASN F 113 -26.70 -8.63 6.82
C ASN F 113 -27.20 -7.53 7.78
N ALA F 114 -28.43 -7.13 7.63
CA ALA F 114 -28.99 -6.07 8.52
C ALA F 114 -29.46 -6.69 9.84
N GLN F 115 -29.30 -5.99 10.93
CA GLN F 115 -29.73 -6.52 12.25
C GLN F 115 -29.12 -7.90 12.50
N GLU F 116 -27.82 -7.98 12.54
CA GLU F 116 -27.15 -9.30 12.78
C GLU F 116 -25.92 -9.13 13.66
N LEU F 117 -25.14 -8.11 13.41
CA LEU F 117 -23.92 -7.89 14.25
C LEU F 117 -24.28 -7.69 15.73
N PRO F 118 -25.31 -6.93 16.02
CA PRO F 118 -25.69 -6.69 17.44
C PRO F 118 -26.06 -7.99 18.15
N SER F 119 -26.76 -8.86 17.48
CA SER F 119 -27.14 -10.15 18.12
C SER F 119 -25.96 -11.14 18.06
N MET F 120 -25.29 -11.16 16.93
CA MET F 120 -24.12 -12.09 16.78
C MET F 120 -22.85 -11.52 17.42
N TYR F 121 -22.83 -10.23 17.67
CA TYR F 121 -21.60 -9.59 18.27
C TYR F 121 -21.08 -10.43 19.45
N GLN F 122 -21.88 -10.65 20.46
CA GLN F 122 -21.41 -11.45 21.63
C GLN F 122 -21.47 -12.95 21.31
N ARG F 123 -22.47 -13.38 20.59
CA ARG F 123 -22.58 -14.83 20.24
C ARG F 123 -21.31 -15.29 19.52
N LEU F 124 -21.03 -14.74 18.37
CA LEU F 124 -19.80 -15.13 17.63
C LEU F 124 -18.56 -14.86 18.50
N GLY F 125 -18.60 -13.81 19.27
CA GLY F 125 -17.45 -13.49 20.16
C GLY F 125 -16.21 -13.14 19.33
N LEU F 126 -15.60 -12.02 19.60
CA LEU F 126 -14.38 -11.60 18.85
C LEU F 126 -14.61 -11.72 17.33
N ASP F 127 -13.56 -11.93 16.58
CA ASP F 127 -13.72 -12.04 15.10
C ASP F 127 -12.74 -13.07 14.54
N TYR F 128 -13.05 -14.33 14.66
CA TYR F 128 -12.13 -15.39 14.16
C TYR F 128 -12.70 -16.03 12.89
N GLU F 129 -13.31 -15.25 12.03
CA GLU F 129 -13.88 -15.81 10.78
C GLU F 129 -12.81 -16.59 10.00
N GLU F 130 -11.58 -16.17 10.11
CA GLU F 130 -10.48 -16.87 9.37
C GLU F 130 -10.43 -18.34 9.79
N ARG F 131 -10.32 -18.61 11.07
CA ARG F 131 -10.25 -20.02 11.55
C ARG F 131 -11.65 -20.65 11.62
N VAL F 132 -12.61 -19.91 12.12
CA VAL F 132 -14.00 -20.47 12.25
C VAL F 132 -14.53 -21.02 10.92
N LEU F 133 -14.46 -20.25 9.87
CA LEU F 133 -14.98 -20.73 8.55
C LEU F 133 -14.43 -22.12 8.20
N PRO F 134 -13.13 -22.22 8.12
CA PRO F 134 -12.50 -23.53 7.78
C PRO F 134 -12.61 -24.51 8.95
N SER F 135 -12.56 -24.02 10.17
CA SER F 135 -12.66 -24.92 11.35
C SER F 135 -13.88 -25.84 11.24
N ILE F 136 -15.04 -25.28 11.02
CA ILE F 136 -16.27 -26.12 10.91
C ILE F 136 -16.37 -26.76 9.52
N VAL F 137 -16.05 -26.02 8.48
CA VAL F 137 -16.15 -26.60 7.10
C VAL F 137 -15.12 -27.72 6.93
N ASN F 138 -13.95 -27.56 7.50
CA ASN F 138 -12.91 -28.61 7.37
C ASN F 138 -13.41 -29.93 7.96
N GLU F 139 -14.14 -29.86 9.05
CA GLU F 139 -14.65 -31.12 9.68
C GLU F 139 -15.91 -31.59 8.95
N VAL F 140 -16.80 -30.70 8.61
CA VAL F 140 -18.05 -31.11 7.91
C VAL F 140 -17.72 -31.78 6.57
N LEU F 141 -17.00 -31.10 5.71
CA LEU F 141 -16.64 -31.70 4.38
C LEU F 141 -15.96 -33.05 4.58
N LYS F 142 -14.87 -33.07 5.29
CA LYS F 142 -14.14 -34.37 5.51
C LYS F 142 -15.08 -35.39 6.17
N SER F 143 -16.05 -34.93 6.91
CA SER F 143 -17.00 -35.87 7.58
C SER F 143 -18.05 -36.37 6.60
N VAL F 144 -18.48 -35.52 5.69
CA VAL F 144 -19.52 -35.95 4.71
C VAL F 144 -18.93 -36.91 3.67
N VAL F 145 -17.78 -36.58 3.13
CA VAL F 145 -17.17 -37.48 2.11
C VAL F 145 -16.98 -38.90 2.66
N ALA F 146 -16.98 -39.05 3.96
CA ALA F 146 -16.81 -40.42 4.54
C ALA F 146 -18.09 -41.24 4.35
N LYS F 147 -19.21 -40.61 4.24
CA LYS F 147 -20.48 -41.36 4.05
C LYS F 147 -20.65 -41.78 2.58
N PHE F 148 -20.65 -40.83 1.68
CA PHE F 148 -20.81 -41.19 0.24
C PHE F 148 -19.64 -42.09 -0.20
N ASN F 149 -19.42 -42.22 -1.48
CA ASN F 149 -18.31 -43.09 -1.97
C ASN F 149 -17.37 -42.29 -2.87
N ALA F 150 -16.31 -42.91 -3.32
CA ALA F 150 -15.35 -42.18 -4.21
C ALA F 150 -15.89 -42.14 -5.66
N SER F 151 -16.32 -43.26 -6.16
CA SER F 151 -16.86 -43.29 -7.56
C SER F 151 -18.03 -42.31 -7.70
N GLN F 152 -18.80 -42.13 -6.66
CA GLN F 152 -19.96 -41.20 -6.72
C GLN F 152 -19.47 -39.75 -6.55
N LEU F 153 -18.36 -39.56 -5.89
CA LEU F 153 -17.85 -38.17 -5.68
C LEU F 153 -17.20 -37.65 -6.97
N ILE F 154 -16.27 -38.39 -7.52
CA ILE F 154 -15.59 -37.93 -8.76
C ILE F 154 -16.63 -37.67 -9.87
N THR F 155 -17.76 -38.31 -9.79
CA THR F 155 -18.82 -38.10 -10.83
C THR F 155 -19.13 -36.60 -10.96
N GLN F 156 -19.36 -35.94 -9.86
CA GLN F 156 -19.66 -34.49 -9.91
C GLN F 156 -19.39 -33.86 -8.54
N ARG F 157 -18.37 -33.05 -8.44
CA ARG F 157 -18.05 -32.41 -7.13
C ARG F 157 -19.26 -31.59 -6.64
N ALA F 158 -20.16 -31.25 -7.51
CA ALA F 158 -21.36 -30.47 -7.10
C ALA F 158 -22.36 -31.38 -6.39
N GLN F 159 -22.52 -32.59 -6.85
CA GLN F 159 -23.48 -33.53 -6.20
C GLN F 159 -23.09 -33.75 -4.73
N VAL F 160 -21.88 -34.19 -4.48
CA VAL F 160 -21.45 -34.41 -3.08
C VAL F 160 -21.49 -33.09 -2.29
N SER F 161 -21.29 -31.99 -2.96
CA SER F 161 -21.33 -30.67 -2.27
C SER F 161 -22.74 -30.38 -1.77
N LEU F 162 -23.74 -30.80 -2.51
CA LEU F 162 -25.15 -30.55 -2.09
C LEU F 162 -25.38 -31.09 -0.68
N LEU F 163 -24.85 -32.27 -0.40
CA LEU F 163 -25.02 -32.85 0.96
C LEU F 163 -24.10 -32.14 1.95
N ILE F 164 -22.91 -31.81 1.53
CA ILE F 164 -21.96 -31.09 2.43
C ILE F 164 -22.49 -29.70 2.74
N ARG F 165 -23.13 -29.08 1.78
CA ARG F 165 -23.69 -27.72 2.00
C ARG F 165 -24.88 -27.80 2.97
N ARG F 166 -25.60 -28.89 2.94
CA ARG F 166 -26.77 -29.04 3.86
C ARG F 166 -26.31 -28.89 5.32
N GLU F 167 -25.20 -29.48 5.66
CA GLU F 167 -24.69 -29.37 7.06
C GLU F 167 -23.98 -28.03 7.25
N LEU F 168 -23.44 -27.47 6.19
CA LEU F 168 -22.74 -26.17 6.30
C LEU F 168 -23.76 -25.05 6.51
N THR F 169 -24.89 -25.13 5.87
CA THR F 169 -25.94 -24.07 6.03
C THR F 169 -26.41 -24.04 7.49
N GLU F 170 -26.41 -25.16 8.15
CA GLU F 170 -26.86 -25.20 9.57
C GLU F 170 -25.74 -24.71 10.49
N ARG F 171 -24.59 -25.34 10.42
CA ARG F 171 -23.46 -24.92 11.30
C ARG F 171 -23.04 -23.47 10.98
N ALA F 172 -23.37 -22.99 9.81
CA ALA F 172 -22.99 -21.59 9.45
C ALA F 172 -23.49 -20.62 10.51
N LYS F 173 -24.76 -20.62 10.78
CA LYS F 173 -25.32 -19.70 11.81
C LYS F 173 -25.05 -20.26 13.22
N ASP F 174 -24.78 -21.53 13.31
CA ASP F 174 -24.50 -22.14 14.65
C ASP F 174 -23.42 -21.35 15.39
N PHE F 175 -22.40 -20.91 14.69
CA PHE F 175 -21.33 -20.12 15.36
C PHE F 175 -21.61 -18.62 15.22
N SER F 176 -22.86 -18.25 15.07
CA SER F 176 -23.20 -16.80 14.93
C SER F 176 -22.42 -16.18 13.76
N LEU F 177 -22.73 -16.58 12.56
CA LEU F 177 -22.01 -16.02 11.38
C LEU F 177 -22.92 -16.10 10.15
N ILE F 178 -22.86 -15.11 9.29
CA ILE F 178 -23.73 -15.14 8.08
C ILE F 178 -22.92 -15.55 6.85
N LEU F 179 -23.15 -16.74 6.35
CA LEU F 179 -22.42 -17.20 5.14
C LEU F 179 -23.16 -18.36 4.48
N ASP F 180 -23.74 -18.12 3.33
CA ASP F 180 -24.47 -19.22 2.63
C ASP F 180 -24.05 -19.27 1.16
N ASP F 181 -23.30 -20.28 0.80
CA ASP F 181 -22.85 -20.40 -0.61
C ASP F 181 -22.42 -21.84 -0.91
N VAL F 182 -23.06 -22.48 -1.86
CA VAL F 182 -22.67 -23.88 -2.19
C VAL F 182 -21.79 -23.88 -3.44
N ALA F 183 -20.52 -24.17 -3.28
CA ALA F 183 -19.61 -24.14 -4.45
C ALA F 183 -18.34 -24.93 -4.20
N ILE F 184 -17.71 -25.41 -5.24
CA ILE F 184 -16.45 -26.16 -5.06
C ILE F 184 -15.36 -25.64 -5.99
N THR F 185 -14.14 -25.76 -5.58
CA THR F 185 -12.98 -25.35 -6.42
C THR F 185 -12.46 -26.64 -7.05
N GLU F 186 -11.66 -26.57 -8.09
CA GLU F 186 -11.29 -27.86 -8.76
C GLU F 186 -10.04 -28.51 -8.15
N LEU F 187 -10.22 -29.71 -7.69
CA LEU F 187 -9.13 -30.50 -7.05
C LEU F 187 -9.01 -31.87 -7.74
N SER F 188 -7.84 -32.45 -7.74
CA SER F 188 -7.69 -33.79 -8.40
C SER F 188 -6.52 -34.56 -7.76
N PHE F 189 -6.66 -35.85 -7.62
CA PHE F 189 -5.56 -36.66 -7.01
C PHE F 189 -4.77 -37.39 -8.10
N SER F 190 -3.48 -37.50 -7.94
CA SER F 190 -2.66 -38.20 -8.96
C SER F 190 -2.56 -39.70 -8.64
N MET A 1 -13.23 26.38 60.46
CA MET A 1 -12.43 26.95 61.58
C MET A 1 -11.92 28.34 61.23
N ALA A 2 -11.62 28.58 59.97
CA ALA A 2 -11.12 29.93 59.56
C ALA A 2 -11.59 30.25 58.14
N GLN A 3 -12.31 31.33 57.98
CA GLN A 3 -12.80 31.70 56.62
C GLN A 3 -11.72 32.48 55.87
N ASN A 4 -10.86 33.17 56.58
CA ASN A 4 -9.79 33.96 55.92
C ASN A 4 -8.88 33.03 55.10
N LEU A 5 -8.77 31.79 55.50
CA LEU A 5 -7.91 30.83 54.75
C LEU A 5 -8.53 30.50 53.39
N LYS A 6 -9.84 30.37 53.34
CA LYS A 6 -10.50 30.05 52.05
C LYS A 6 -10.23 31.16 51.02
N ASP A 7 -9.92 32.33 51.47
CA ASP A 7 -9.64 33.46 50.52
C ASP A 7 -8.48 33.08 49.59
N LEU A 8 -7.53 32.33 50.08
CA LEU A 8 -6.38 31.92 49.22
C LEU A 8 -6.84 30.97 48.13
N ALA A 9 -7.64 30.00 48.48
CA ALA A 9 -8.13 29.02 47.45
C ALA A 9 -9.08 29.72 46.48
N GLY A 10 -9.76 30.73 46.93
CA GLY A 10 -10.71 31.46 46.04
C GLY A 10 -9.93 32.41 45.13
N ARG A 11 -8.75 32.80 45.53
CA ARG A 11 -7.94 33.74 44.69
C ARG A 11 -7.27 32.98 43.54
N LEU A 12 -7.11 31.69 43.67
CA LEU A 12 -6.46 30.90 42.59
C LEU A 12 -7.20 31.10 41.26
N PRO A 13 -8.48 30.82 41.25
CA PRO A 13 -9.28 30.98 40.01
C PRO A 13 -9.52 32.48 39.72
N ALA A 14 -9.58 33.28 40.75
CA ALA A 14 -9.82 34.74 40.54
C ALA A 14 -8.55 35.41 39.99
N GLY A 15 -8.68 36.59 39.45
CA GLY A 15 -7.48 37.29 38.90
C GLY A 15 -7.92 38.24 37.78
N PRO A 16 -7.25 39.37 37.70
CA PRO A 16 -7.59 40.37 36.65
C PRO A 16 -7.10 39.89 35.27
N ARG A 17 -5.83 40.06 34.98
CA ARG A 17 -5.31 39.63 33.66
C ARG A 17 -5.05 38.13 33.65
N GLY A 18 -4.92 37.52 34.80
CA GLY A 18 -4.66 36.05 34.86
C GLY A 18 -5.82 35.30 34.21
N MET A 19 -7.03 35.55 34.64
CA MET A 19 -8.20 34.84 34.04
C MET A 19 -8.31 35.15 32.55
N GLY A 20 -7.79 36.28 32.12
CA GLY A 20 -7.87 36.62 30.68
C GLY A 20 -6.94 35.71 29.87
N THR A 21 -5.77 35.44 30.40
CA THR A 21 -4.82 34.55 29.67
C THR A 21 -5.28 33.09 29.72
N ALA A 22 -6.05 32.75 30.73
CA ALA A 22 -6.53 31.33 30.84
C ALA A 22 -7.22 30.90 29.54
N LEU A 23 -7.74 31.82 28.79
CA LEU A 23 -8.42 31.46 27.51
C LEU A 23 -7.40 30.84 26.54
N LYS A 24 -6.25 31.45 26.39
CA LYS A 24 -5.22 30.90 25.46
C LYS A 24 -4.90 29.45 25.83
N LEU A 25 -5.01 29.11 27.09
CA LEU A 25 -4.71 27.72 27.53
C LEU A 25 -5.75 26.75 26.97
N LEU A 26 -7.01 27.05 27.17
CA LEU A 26 -8.09 26.15 26.67
C LEU A 26 -7.98 25.95 25.15
N LEU A 27 -7.31 26.86 24.47
CA LEU A 27 -7.17 26.72 23.00
C LEU A 27 -6.07 25.72 22.65
N GLY A 28 -4.89 25.91 23.17
CA GLY A 28 -3.76 24.98 22.87
C GLY A 28 -4.13 23.56 23.33
N ALA A 29 -4.92 23.45 24.37
CA ALA A 29 -5.32 22.10 24.87
C ALA A 29 -5.98 21.30 23.74
N GLY A 30 -6.66 21.95 22.85
CA GLY A 30 -7.33 21.23 21.73
C GLY A 30 -6.28 20.77 20.72
N ALA A 31 -5.20 21.50 20.60
CA ALA A 31 -4.13 21.11 19.63
C ALA A 31 -3.32 19.93 20.17
N VAL A 32 -3.19 19.83 21.47
CA VAL A 32 -2.41 18.71 22.05
C VAL A 32 -3.16 17.38 21.87
N ALA A 33 -4.46 17.44 21.78
CA ALA A 33 -5.26 16.18 21.60
C ALA A 33 -5.03 15.60 20.20
N TYR A 34 -4.75 16.43 19.24
CA TYR A 34 -4.52 15.92 17.85
C TYR A 34 -3.31 14.97 17.83
N GLY A 35 -2.22 15.37 18.43
CA GLY A 35 -1.02 14.50 18.45
C GLY A 35 -1.36 13.17 19.12
N VAL A 36 -2.26 13.19 20.06
CA VAL A 36 -2.64 11.92 20.77
C VAL A 36 -3.64 11.13 19.91
N ARG A 37 -4.43 11.80 19.12
CA ARG A 37 -5.43 11.09 18.28
C ARG A 37 -4.73 10.07 17.35
N GLU A 38 -3.52 10.34 16.96
CA GLU A 38 -2.79 9.39 16.07
C GLU A 38 -2.28 8.17 16.86
N SER A 39 -2.00 8.32 18.15
CA SER A 39 -1.50 7.14 18.95
C SER A 39 -1.96 7.21 20.41
N VAL A 40 -2.10 6.07 21.07
CA VAL A 40 -2.54 6.05 22.51
C VAL A 40 -2.02 4.77 23.20
N PHE A 41 -2.46 4.50 24.42
CA PHE A 41 -1.98 3.26 25.14
C PHE A 41 -3.14 2.27 25.36
N THR A 42 -4.33 2.72 25.68
CA THR A 42 -5.46 1.76 25.89
C THR A 42 -5.68 0.95 24.60
N VAL A 43 -5.45 -0.33 24.64
CA VAL A 43 -5.63 -1.18 23.43
C VAL A 43 -7.01 -0.95 22.80
N GLU A 44 -7.12 -1.16 21.51
CA GLU A 44 -8.43 -0.97 20.83
C GLU A 44 -8.49 -1.78 19.54
N GLY A 45 -9.64 -2.28 19.19
CA GLY A 45 -9.76 -3.08 17.93
C GLY A 45 -9.47 -4.56 18.23
N GLY A 46 -9.88 -5.04 19.37
CA GLY A 46 -9.62 -6.46 19.71
C GLY A 46 -8.12 -6.72 19.78
N HIS A 47 -7.48 -6.31 20.85
CA HIS A 47 -6.01 -6.52 20.97
C HIS A 47 -5.61 -6.60 22.45
N ARG A 48 -4.52 -7.27 22.73
CA ARG A 48 -4.06 -7.45 24.15
C ARG A 48 -2.88 -6.47 24.47
N ALA A 49 -2.69 -6.09 25.72
CA ALA A 49 -1.58 -5.09 26.06
C ALA A 49 -0.31 -5.74 26.61
N ILE A 50 0.83 -5.08 26.42
CA ILE A 50 2.15 -5.62 26.90
C ILE A 50 2.99 -4.48 27.52
N PHE A 51 3.87 -4.77 28.46
CA PHE A 51 4.68 -3.68 29.11
C PHE A 51 6.19 -3.93 29.06
N PHE A 52 6.95 -2.86 29.07
CA PHE A 52 8.45 -2.97 29.06
C PHE A 52 9.07 -1.65 29.56
N ASN A 53 10.25 -1.71 30.14
CA ASN A 53 10.90 -0.46 30.66
C ASN A 53 12.12 -0.06 29.80
N ARG A 54 12.44 1.21 29.76
CA ARG A 54 13.62 1.66 28.95
C ARG A 54 14.92 1.11 29.54
N ILE A 55 15.15 -0.17 29.43
CA ILE A 55 16.39 -0.77 29.99
C ILE A 55 16.51 -2.24 29.55
N GLY A 56 16.56 -2.48 28.27
CA GLY A 56 16.67 -3.89 27.78
C GLY A 56 15.28 -4.53 27.77
N GLY A 57 15.10 -5.57 27.01
CA GLY A 57 13.76 -6.24 26.95
C GLY A 57 12.74 -5.27 26.36
N VAL A 58 12.24 -5.55 25.18
CA VAL A 58 11.24 -4.65 24.55
C VAL A 58 9.83 -5.20 24.76
N GLN A 59 9.70 -6.46 25.10
CA GLN A 59 8.33 -7.04 25.31
C GLN A 59 7.45 -6.78 24.09
N GLN A 60 7.98 -6.94 22.91
CA GLN A 60 7.17 -6.70 21.68
C GLN A 60 6.57 -8.02 21.19
N ASP A 61 5.81 -7.97 20.11
CA ASP A 61 5.20 -9.23 19.58
C ASP A 61 4.47 -9.98 20.70
N THR A 62 3.75 -9.27 21.54
CA THR A 62 3.02 -9.94 22.65
C THR A 62 1.60 -9.38 22.77
N ILE A 63 0.85 -9.80 23.77
CA ILE A 63 -0.57 -9.30 23.93
C ILE A 63 -1.22 -9.86 25.23
N LEU A 64 -1.73 -8.99 26.09
CA LEU A 64 -2.40 -9.45 27.37
C LEU A 64 -3.91 -9.06 27.37
N ALA A 65 -4.75 -9.80 28.06
CA ALA A 65 -6.25 -9.50 28.08
C ALA A 65 -6.56 -7.98 28.11
N GLU A 66 -7.79 -7.62 27.77
CA GLU A 66 -8.18 -6.17 27.75
C GLU A 66 -8.45 -5.63 29.16
N GLY A 67 -8.18 -4.37 29.36
CA GLY A 67 -8.40 -3.74 30.69
C GLY A 67 -8.46 -2.22 30.50
N LEU A 68 -9.09 -1.48 31.38
CA LEU A 68 -9.12 0.00 31.18
C LEU A 68 -7.96 0.61 31.97
N HIS A 69 -6.94 1.02 31.27
CA HIS A 69 -5.73 1.60 31.93
C HIS A 69 -4.93 2.41 30.90
N PHE A 70 -4.21 3.41 31.32
CA PHE A 70 -3.42 4.22 30.35
C PHE A 70 -1.93 4.19 30.69
N ARG A 71 -1.07 4.42 29.71
CA ARG A 71 0.39 4.43 29.99
C ARG A 71 0.80 5.82 30.49
N ILE A 72 0.15 6.28 31.51
CA ILE A 72 0.47 7.63 32.06
C ILE A 72 1.61 7.60 33.12
N PRO A 73 1.84 6.45 33.73
CA PRO A 73 2.92 6.37 34.75
C PRO A 73 4.29 6.25 34.07
N TRP A 74 5.30 5.85 34.81
CA TRP A 74 6.65 5.73 34.21
C TRP A 74 7.11 4.26 34.19
N PHE A 75 8.28 4.00 33.68
CA PHE A 75 8.81 2.60 33.63
C PHE A 75 7.86 1.67 32.86
N GLN A 76 7.27 2.16 31.80
CA GLN A 76 6.34 1.32 30.99
C GLN A 76 6.27 1.87 29.56
N TYR A 77 6.00 1.03 28.60
CA TYR A 77 5.95 1.51 27.18
C TYR A 77 4.87 0.78 26.40
N PRO A 78 4.38 1.43 25.36
CA PRO A 78 3.34 0.82 24.53
C PRO A 78 3.93 0.16 23.28
N ILE A 79 3.92 -1.14 23.26
CA ILE A 79 4.40 -1.92 22.07
C ILE A 79 3.60 -3.23 22.12
N ILE A 80 2.64 -3.40 21.24
CA ILE A 80 1.77 -4.64 21.31
C ILE A 80 1.68 -5.37 19.98
N TYR A 81 1.37 -6.64 20.04
CA TYR A 81 1.25 -7.46 18.79
C TYR A 81 -0.22 -7.57 18.38
N ASP A 82 -0.48 -7.72 17.11
CA ASP A 82 -1.89 -7.82 16.64
C ASP A 82 -2.03 -8.91 15.57
N ILE A 83 -3.19 -9.51 15.47
CA ILE A 83 -3.41 -10.58 14.45
C ILE A 83 -3.24 -10.01 13.04
N ARG A 84 -2.99 -10.85 12.07
CA ARG A 84 -2.81 -10.36 10.67
C ARG A 84 -2.74 -11.54 9.70
N ALA A 85 -3.56 -12.54 9.90
CA ALA A 85 -3.53 -13.73 9.00
C ALA A 85 -2.11 -14.30 8.92
N ARG A 86 -1.91 -15.35 8.15
CA ARG A 86 -0.55 -15.95 8.04
C ARG A 86 -0.43 -16.75 6.74
N PRO A 87 0.36 -16.25 5.81
CA PRO A 87 0.57 -16.93 4.53
C PRO A 87 1.90 -17.71 4.59
N ARG A 88 1.83 -19.00 4.62
CA ARG A 88 3.09 -19.82 4.67
C ARG A 88 2.78 -21.28 4.21
N LYS A 89 3.39 -21.72 3.12
CA LYS A 89 3.13 -23.11 2.56
C LYS A 89 4.43 -23.91 2.36
N ILE A 90 4.33 -25.22 2.23
CA ILE A 90 5.57 -26.09 2.12
C ILE A 90 5.97 -26.43 0.68
N SER A 91 7.26 -26.51 0.45
CA SER A 91 7.81 -26.92 -0.88
C SER A 91 9.27 -27.35 -0.70
N SER A 92 9.55 -28.62 -0.81
CA SER A 92 10.97 -29.09 -0.63
C SER A 92 11.19 -30.45 -1.28
N PRO A 93 12.35 -30.64 -1.84
CA PRO A 93 12.69 -31.93 -2.49
C PRO A 93 13.54 -32.78 -1.55
N THR A 94 13.15 -34.02 -1.33
CA THR A 94 13.94 -34.89 -0.41
C THR A 94 13.73 -36.37 -0.77
N GLY A 95 14.80 -37.09 -0.96
CA GLY A 95 14.66 -38.54 -1.30
C GLY A 95 15.76 -39.35 -0.61
N SER A 96 15.40 -40.17 0.34
CA SER A 96 16.43 -40.97 1.06
C SER A 96 15.82 -42.26 1.61
N LYS A 97 14.77 -42.15 2.39
CA LYS A 97 14.13 -43.38 2.96
C LYS A 97 13.64 -44.29 1.83
N ASP A 98 13.48 -43.77 0.64
CA ASP A 98 13.02 -44.62 -0.50
C ASP A 98 13.55 -44.08 -1.82
N LEU A 99 12.90 -44.37 -2.92
CA LEU A 99 13.38 -43.88 -4.24
C LEU A 99 12.35 -42.91 -4.84
N GLN A 100 12.41 -42.70 -6.14
CA GLN A 100 11.44 -41.77 -6.80
C GLN A 100 11.62 -40.34 -6.27
N MET A 101 10.94 -39.39 -6.84
CA MET A 101 11.08 -37.99 -6.36
C MET A 101 9.88 -37.58 -5.51
N VAL A 102 10.09 -37.40 -4.23
CA VAL A 102 8.98 -36.99 -3.34
C VAL A 102 9.30 -35.65 -2.68
N ASN A 103 8.34 -34.78 -2.55
CA ASN A 103 8.61 -33.45 -1.93
C ASN A 103 8.11 -33.43 -0.48
N ILE A 104 9.00 -33.25 0.46
CA ILE A 104 8.56 -33.21 1.89
C ILE A 104 8.91 -31.85 2.51
N SER A 105 7.91 -31.06 2.80
CA SER A 105 8.14 -29.73 3.41
C SER A 105 7.01 -29.45 4.39
N LEU A 106 7.29 -28.88 5.54
CA LEU A 106 6.18 -28.62 6.51
C LEU A 106 6.54 -27.52 7.53
N ARG A 107 5.92 -26.38 7.43
CA ARG A 107 6.19 -25.28 8.42
C ARG A 107 5.05 -24.25 8.42
N VAL A 108 4.23 -24.23 9.44
CA VAL A 108 3.11 -23.24 9.48
C VAL A 108 2.56 -23.06 10.91
N LEU A 109 2.57 -21.87 11.44
CA LEU A 109 2.03 -21.66 12.81
C LEU A 109 1.67 -20.18 13.03
N SER A 110 0.43 -19.90 13.30
CA SER A 110 0.01 -18.48 13.53
C SER A 110 -1.30 -18.46 14.32
N ARG A 111 -1.29 -17.89 15.50
CA ARG A 111 -2.53 -17.85 16.32
C ARG A 111 -3.18 -16.46 16.25
N PRO A 112 -4.47 -16.44 16.05
CA PRO A 112 -5.21 -15.16 15.95
C PRO A 112 -5.36 -14.52 17.34
N ASN A 113 -6.40 -14.85 18.07
CA ASN A 113 -6.58 -14.26 19.42
C ASN A 113 -6.10 -15.23 20.49
N ALA A 114 -5.34 -14.75 21.44
CA ALA A 114 -4.84 -15.65 22.53
C ALA A 114 -4.40 -14.82 23.73
N GLN A 115 -3.48 -15.33 24.52
CA GLN A 115 -3.02 -14.56 25.72
C GLN A 115 -1.67 -15.09 26.20
N GLU A 116 -1.21 -14.61 27.33
CA GLU A 116 0.10 -15.09 27.88
C GLU A 116 1.22 -14.90 26.86
N LEU A 117 1.17 -13.86 26.07
CA LEU A 117 2.25 -13.63 25.07
C LEU A 117 3.56 -13.21 25.74
N PRO A 118 3.48 -12.35 26.73
CA PRO A 118 4.71 -11.86 27.41
C PRO A 118 5.39 -12.98 28.23
N SER A 119 4.64 -13.84 28.85
CA SER A 119 5.29 -14.94 29.66
C SER A 119 6.27 -15.71 28.78
N MET A 120 5.79 -16.32 27.74
CA MET A 120 6.69 -17.11 26.86
C MET A 120 7.43 -16.21 25.86
N TYR A 121 6.96 -15.00 25.63
CA TYR A 121 7.64 -14.10 24.65
C TYR A 121 9.17 -14.09 24.88
N GLN A 122 9.62 -13.64 26.02
CA GLN A 122 11.10 -13.62 26.28
C GLN A 122 11.67 -15.02 26.02
N ARG A 123 10.89 -16.04 26.26
CA ARG A 123 11.35 -17.44 26.01
C ARG A 123 11.19 -17.75 24.51
N LEU A 124 10.31 -17.04 23.86
CA LEU A 124 10.08 -17.27 22.40
C LEU A 124 11.22 -16.65 21.59
N GLY A 125 11.45 -15.37 21.76
CA GLY A 125 12.55 -14.70 21.01
C GLY A 125 12.16 -13.25 20.72
N LEU A 126 12.06 -12.89 19.47
CA LEU A 126 11.67 -11.49 19.12
C LEU A 126 11.36 -11.39 17.62
N ASP A 127 10.12 -11.60 17.26
CA ASP A 127 9.73 -11.52 15.81
C ASP A 127 10.61 -12.46 14.98
N TYR A 128 10.33 -13.73 15.01
CA TYR A 128 11.15 -14.70 14.22
C TYR A 128 10.35 -15.97 13.95
N GLU A 129 9.12 -15.83 13.53
CA GLU A 129 8.28 -17.03 13.24
C GLU A 129 8.94 -17.88 12.15
N GLU A 130 9.40 -17.27 11.09
CA GLU A 130 10.06 -18.03 9.99
C GLU A 130 11.16 -18.93 10.54
N ARG A 131 11.72 -18.60 11.66
CA ARG A 131 12.82 -19.43 12.25
C ARG A 131 12.25 -20.65 12.98
N VAL A 132 11.29 -20.45 13.84
CA VAL A 132 10.71 -21.60 14.61
C VAL A 132 9.69 -22.38 13.77
N LEU A 133 8.92 -21.71 12.95
CA LEU A 133 7.89 -22.44 12.13
C LEU A 133 8.47 -23.69 11.46
N PRO A 134 9.51 -23.50 10.69
CA PRO A 134 10.14 -24.64 9.98
C PRO A 134 11.03 -25.45 10.93
N SER A 135 11.43 -24.90 12.03
CA SER A 135 12.32 -25.65 12.96
C SER A 135 11.54 -26.64 13.84
N ILE A 136 10.36 -26.28 14.29
CA ILE A 136 9.60 -27.20 15.19
C ILE A 136 8.83 -28.30 14.42
N VAL A 137 7.92 -27.95 13.55
CA VAL A 137 7.14 -29.00 12.83
C VAL A 137 7.93 -29.62 11.67
N ASN A 138 8.63 -28.84 10.90
CA ASN A 138 9.40 -29.42 9.75
C ASN A 138 10.45 -30.41 10.26
N GLU A 139 11.25 -29.99 11.21
CA GLU A 139 12.31 -30.90 11.74
C GLU A 139 11.70 -32.24 12.18
N VAL A 140 10.45 -32.26 12.52
CA VAL A 140 9.79 -33.53 12.95
C VAL A 140 9.41 -34.39 11.74
N LEU A 141 8.61 -33.85 10.85
CA LEU A 141 8.19 -34.63 9.65
C LEU A 141 9.41 -35.14 8.88
N LYS A 142 10.20 -34.24 8.34
CA LYS A 142 11.41 -34.67 7.56
C LYS A 142 12.19 -35.74 8.35
N SER A 143 12.18 -35.65 9.64
CA SER A 143 12.91 -36.66 10.47
C SER A 143 12.06 -37.93 10.62
N VAL A 144 10.76 -37.78 10.70
CA VAL A 144 9.87 -38.97 10.84
C VAL A 144 9.65 -39.64 9.47
N VAL A 145 9.25 -38.88 8.48
CA VAL A 145 9.02 -39.46 7.13
C VAL A 145 10.25 -40.26 6.67
N ALA A 146 11.41 -39.88 7.15
CA ALA A 146 12.65 -40.61 6.75
C ALA A 146 12.71 -41.97 7.43
N LYS A 147 11.96 -42.15 8.50
CA LYS A 147 11.96 -43.46 9.22
C LYS A 147 11.72 -44.61 8.23
N PHE A 148 10.67 -44.52 7.44
CA PHE A 148 10.37 -45.61 6.46
C PHE A 148 9.19 -45.22 5.57
N ASN A 149 9.35 -45.30 4.28
CA ASN A 149 8.22 -44.92 3.36
C ASN A 149 8.56 -45.25 1.91
N ALA A 150 8.47 -46.49 1.52
CA ALA A 150 8.78 -46.86 0.11
C ALA A 150 7.57 -46.54 -0.79
N SER A 151 6.50 -47.28 -0.62
CA SER A 151 5.28 -47.01 -1.45
C SER A 151 4.47 -45.87 -0.81
N GLN A 152 4.57 -45.74 0.48
CA GLN A 152 3.82 -44.66 1.20
C GLN A 152 4.14 -43.28 0.63
N LEU A 153 5.21 -43.14 -0.11
CA LEU A 153 5.58 -41.79 -0.67
C LEU A 153 4.35 -41.06 -1.25
N ILE A 154 3.36 -41.78 -1.70
CA ILE A 154 2.16 -41.11 -2.26
C ILE A 154 1.24 -40.64 -1.12
N THR A 155 1.06 -41.46 -0.11
CA THR A 155 0.18 -41.04 1.03
C THR A 155 0.77 -39.79 1.68
N GLN A 156 2.01 -39.86 2.08
CA GLN A 156 2.69 -38.68 2.71
C GLN A 156 1.81 -38.05 3.81
N ARG A 157 1.00 -37.09 3.46
CA ARG A 157 0.15 -36.43 4.51
C ARG A 157 -1.12 -37.25 4.78
N ALA A 158 -1.24 -38.43 4.20
CA ALA A 158 -2.46 -39.24 4.47
C ALA A 158 -2.35 -39.98 5.80
N GLN A 159 -1.47 -40.96 5.88
CA GLN A 159 -1.31 -41.72 7.15
C GLN A 159 -0.39 -40.98 8.12
N VAL A 160 0.81 -40.65 7.68
CA VAL A 160 1.78 -39.95 8.58
C VAL A 160 1.16 -38.69 9.20
N SER A 161 0.17 -38.11 8.56
CA SER A 161 -0.46 -36.88 9.13
C SER A 161 -0.84 -37.11 10.59
N LEU A 162 -1.13 -38.34 10.95
CA LEU A 162 -1.50 -38.64 12.36
C LEU A 162 -0.24 -38.75 13.22
N LEU A 163 0.77 -39.44 12.72
CA LEU A 163 2.03 -39.58 13.50
C LEU A 163 2.65 -38.21 13.76
N ILE A 164 2.63 -37.34 12.79
CA ILE A 164 3.21 -35.99 12.98
C ILE A 164 2.38 -35.18 13.98
N ARG A 165 1.08 -35.23 13.86
CA ARG A 165 0.21 -34.47 14.80
C ARG A 165 0.58 -34.78 16.25
N ARG A 166 1.16 -35.93 16.50
CA ARG A 166 1.54 -36.28 17.89
C ARG A 166 2.84 -35.58 18.28
N GLU A 167 3.92 -35.87 17.59
CA GLU A 167 5.22 -35.22 17.91
C GLU A 167 5.17 -33.72 17.60
N LEU A 168 4.40 -33.35 16.61
CA LEU A 168 4.30 -31.90 16.24
C LEU A 168 3.70 -31.11 17.40
N THR A 169 2.52 -31.47 17.83
CA THR A 169 1.87 -30.73 18.96
C THR A 169 2.78 -30.75 20.19
N GLU A 170 3.66 -31.71 20.29
CA GLU A 170 4.57 -31.77 21.48
C GLU A 170 5.60 -30.64 21.41
N ARG A 171 6.10 -30.33 20.25
CA ARG A 171 7.10 -29.24 20.12
C ARG A 171 6.41 -27.87 20.11
N ALA A 172 5.17 -27.83 19.72
CA ALA A 172 4.44 -26.52 19.68
C ALA A 172 4.44 -25.88 21.07
N LYS A 173 3.77 -26.50 22.02
CA LYS A 173 3.73 -25.92 23.40
C LYS A 173 5.15 -25.78 23.97
N ASP A 174 6.08 -26.51 23.42
CA ASP A 174 7.48 -26.43 23.94
C ASP A 174 8.04 -25.00 23.83
N PHE A 175 8.20 -24.50 22.63
CA PHE A 175 8.75 -23.12 22.46
C PHE A 175 7.92 -22.11 23.28
N SER A 176 6.63 -22.27 23.31
CA SER A 176 5.78 -21.31 24.08
C SER A 176 4.42 -21.95 24.39
N LEU A 177 3.57 -21.25 25.10
CA LEU A 177 2.24 -21.82 25.42
C LEU A 177 1.14 -21.06 24.68
N ILE A 178 0.53 -21.69 23.71
CA ILE A 178 -0.54 -21.03 22.93
C ILE A 178 -1.43 -22.10 22.28
N LEU A 179 -2.67 -21.79 22.02
CA LEU A 179 -3.57 -22.80 21.39
C LEU A 179 -3.70 -22.51 19.89
N ASP A 180 -3.12 -23.34 19.07
CA ASP A 180 -3.19 -23.14 17.60
C ASP A 180 -2.89 -24.45 16.88
N ASP A 181 -3.42 -24.64 15.70
CA ASP A 181 -3.14 -25.90 14.96
C ASP A 181 -2.09 -25.64 13.86
N VAL A 182 -1.06 -26.42 13.83
CA VAL A 182 -0.02 -26.25 12.78
C VAL A 182 -0.23 -27.30 11.70
N ALA A 183 -0.43 -26.88 10.47
CA ALA A 183 -0.67 -27.86 9.38
C ALA A 183 -0.36 -27.27 8.01
N ILE A 184 0.01 -28.10 7.08
CA ILE A 184 0.35 -27.61 5.72
C ILE A 184 -0.15 -28.59 4.64
N THR A 185 -0.41 -28.10 3.47
CA THR A 185 -0.93 -29.00 2.38
C THR A 185 0.15 -29.25 1.31
N GLU A 186 0.40 -30.50 0.97
CA GLU A 186 1.40 -30.81 -0.09
C GLU A 186 1.02 -32.09 -0.83
N LEU A 187 1.40 -32.20 -2.07
CA LEU A 187 1.09 -33.43 -2.84
C LEU A 187 2.05 -33.56 -4.03
N SER A 188 2.93 -34.51 -3.97
CA SER A 188 3.90 -34.71 -5.10
C SER A 188 4.47 -36.12 -5.04
N PHE A 189 4.11 -36.95 -5.98
CA PHE A 189 4.65 -38.35 -5.99
C PHE A 189 4.52 -38.96 -7.39
N SER A 190 5.54 -39.63 -7.84
CA SER A 190 5.49 -40.25 -9.20
C SER A 190 6.66 -41.22 -9.39
N MET B 1 27.49 36.77 54.60
CA MET B 1 27.35 38.15 54.08
C MET B 1 27.20 38.13 52.56
N ALA B 2 26.00 37.95 52.08
CA ALA B 2 25.77 37.92 50.60
C ALA B 2 24.52 38.73 50.24
N GLN B 3 24.69 39.87 49.65
CA GLN B 3 23.51 40.71 49.26
C GLN B 3 22.94 40.25 47.92
N ASN B 4 23.77 39.67 47.09
CA ASN B 4 23.28 39.20 45.76
C ASN B 4 22.17 38.16 45.94
N LEU B 5 22.19 37.43 47.01
CA LEU B 5 21.14 36.40 47.26
C LEU B 5 19.79 37.07 47.50
N LYS B 6 19.80 38.24 48.06
CA LYS B 6 18.51 38.95 48.34
C LYS B 6 18.03 39.67 47.07
N ASP B 7 18.93 40.04 46.21
CA ASP B 7 18.53 40.73 44.95
C ASP B 7 18.02 39.72 43.93
N LEU B 8 18.50 38.50 43.99
CA LEU B 8 18.05 37.47 43.01
C LEU B 8 16.61 37.03 43.34
N ALA B 9 16.37 36.62 44.55
CA ALA B 9 15.00 36.17 44.93
C ALA B 9 14.09 37.37 45.14
N GLY B 10 14.62 38.47 45.61
CA GLY B 10 13.78 39.68 45.84
C GLY B 10 13.32 40.25 44.50
N ARG B 11 14.09 40.06 43.47
CA ARG B 11 13.70 40.58 42.13
C ARG B 11 12.68 39.65 41.46
N LEU B 12 12.63 38.42 41.88
CA LEU B 12 11.65 37.45 41.27
C LEU B 12 10.23 38.03 41.32
N PRO B 13 9.78 38.37 42.50
CA PRO B 13 8.41 38.93 42.65
C PRO B 13 8.37 40.36 42.12
N ALA B 14 8.60 40.55 40.84
CA ALA B 14 8.56 41.92 40.27
C ALA B 14 8.61 41.85 38.74
N GLY B 15 7.48 41.64 38.10
CA GLY B 15 7.46 41.56 36.62
C GLY B 15 6.25 40.73 36.17
N PRO B 16 5.09 41.34 36.27
CA PRO B 16 3.85 40.64 35.86
C PRO B 16 3.76 40.54 34.34
N ARG B 17 4.27 41.51 33.64
CA ARG B 17 4.22 41.48 32.15
C ARG B 17 5.02 40.29 31.62
N GLY B 18 6.19 40.07 32.15
CA GLY B 18 7.02 38.92 31.69
C GLY B 18 6.30 37.61 31.98
N MET B 19 5.51 37.58 33.02
CA MET B 19 4.77 36.33 33.35
C MET B 19 3.54 36.17 32.45
N GLY B 20 2.99 37.25 31.99
CA GLY B 20 1.79 37.16 31.11
C GLY B 20 2.19 36.56 29.76
N THR B 21 3.35 36.91 29.26
CA THR B 21 3.79 36.36 27.95
C THR B 21 4.35 34.94 28.14
N ALA B 22 4.86 34.65 29.31
CA ALA B 22 5.42 33.29 29.56
C ALA B 22 4.35 32.22 29.30
N LEU B 23 3.10 32.57 29.42
CA LEU B 23 2.01 31.58 29.19
C LEU B 23 2.00 31.16 27.72
N LYS B 24 2.25 32.08 26.82
CA LYS B 24 2.24 31.73 25.37
C LYS B 24 3.28 30.64 25.09
N LEU B 25 4.33 30.60 25.86
CA LEU B 25 5.39 29.58 25.64
C LEU B 25 4.88 28.16 25.95
N LEU B 26 4.44 27.91 27.15
CA LEU B 26 3.94 26.54 27.50
C LEU B 26 2.86 26.10 26.51
N LEU B 27 2.20 27.03 25.87
CA LEU B 27 1.13 26.66 24.91
C LEU B 27 1.74 26.27 23.56
N GLY B 28 2.81 26.91 23.18
CA GLY B 28 3.46 26.58 21.88
C GLY B 28 4.32 25.33 22.03
N ALA B 29 4.82 25.09 23.22
CA ALA B 29 5.67 23.88 23.43
C ALA B 29 4.85 22.60 23.19
N GLY B 30 3.59 22.63 23.49
CA GLY B 30 2.74 21.42 23.28
C GLY B 30 2.55 21.20 21.78
N ALA B 31 2.61 22.25 21.00
CA ALA B 31 2.42 22.10 19.52
C ALA B 31 3.70 21.55 18.88
N VAL B 32 4.84 21.93 19.39
CA VAL B 32 6.13 21.43 18.82
C VAL B 32 6.27 19.92 19.05
N ALA B 33 5.56 19.39 20.02
CA ALA B 33 5.66 17.93 20.29
C ALA B 33 4.98 17.12 19.18
N TYR B 34 3.98 17.67 18.56
CA TYR B 34 3.27 16.94 17.47
C TYR B 34 4.23 16.64 16.32
N GLY B 35 4.97 17.62 15.86
CA GLY B 35 5.92 17.39 14.74
C GLY B 35 6.94 16.32 15.14
N VAL B 36 7.29 16.26 16.39
CA VAL B 36 8.28 15.25 16.86
C VAL B 36 7.60 13.88 17.02
N ARG B 37 6.33 13.87 17.34
CA ARG B 37 5.62 12.58 17.54
C ARG B 37 5.80 11.66 16.31
N GLU B 38 5.87 12.22 15.14
CA GLU B 38 6.02 11.38 13.91
C GLU B 38 7.45 10.78 13.85
N SER B 39 8.44 11.42 14.41
CA SER B 39 9.84 10.86 14.35
C SER B 39 10.47 10.74 15.76
N VAL B 40 11.65 10.16 15.86
CA VAL B 40 12.34 10.00 17.20
C VAL B 40 13.70 9.28 17.04
N PHE B 41 14.51 9.26 18.09
CA PHE B 41 15.84 8.57 17.97
C PHE B 41 16.04 7.55 19.13
N THR B 42 15.32 7.67 20.21
CA THR B 42 15.51 6.70 21.34
C THR B 42 15.06 5.30 20.93
N VAL B 43 16.00 4.45 20.57
CA VAL B 43 15.66 3.03 20.16
C VAL B 43 14.28 2.62 20.72
N GLU B 44 13.32 2.38 19.85
CA GLU B 44 11.95 2.00 20.33
C GLU B 44 11.72 0.47 20.34
N GLY B 45 11.26 -0.09 19.23
CA GLY B 45 11.01 -1.57 19.19
C GLY B 45 12.28 -2.36 19.54
N GLY B 46 12.37 -3.59 19.12
CA GLY B 46 13.58 -4.41 19.44
C GLY B 46 14.58 -4.37 18.27
N HIS B 47 15.55 -3.50 18.34
CA HIS B 47 16.56 -3.39 17.24
C HIS B 47 17.84 -2.73 17.78
N ARG B 48 18.94 -2.91 17.11
CA ARG B 48 20.23 -2.32 17.61
C ARG B 48 20.51 -0.98 16.91
N ALA B 49 21.22 -0.07 17.57
CA ALA B 49 21.44 1.30 16.98
C ALA B 49 22.82 1.50 16.31
N ILE B 50 22.87 2.47 15.41
CA ILE B 50 24.11 2.79 14.62
C ILE B 50 24.52 4.27 14.84
N PHE B 51 25.78 4.60 14.70
CA PHE B 51 26.22 6.03 14.93
C PHE B 51 26.99 6.62 13.72
N PHE B 52 26.63 7.80 13.28
CA PHE B 52 27.35 8.45 12.13
C PHE B 52 27.10 9.97 12.11
N ASN B 53 28.04 10.73 11.57
CA ASN B 53 27.89 12.23 11.54
C ASN B 53 27.82 12.77 10.09
N ARG B 54 27.19 13.92 9.90
CA ARG B 54 27.07 14.52 8.53
C ARG B 54 28.40 14.40 7.77
N ILE B 55 29.36 15.25 8.06
CA ILE B 55 30.67 15.17 7.35
C ILE B 55 31.68 14.37 8.17
N GLY B 56 31.26 13.79 9.27
CA GLY B 56 32.21 13.00 10.11
C GLY B 56 31.98 11.51 9.86
N GLY B 57 30.81 11.14 9.40
CA GLY B 57 30.53 9.70 9.13
C GLY B 57 29.72 9.57 7.84
N VAL B 58 28.76 8.68 7.82
CA VAL B 58 27.94 8.50 6.59
C VAL B 58 26.50 8.14 6.97
N GLN B 59 26.32 7.25 7.91
CA GLN B 59 24.96 6.83 8.35
C GLN B 59 24.26 6.04 7.23
N GLN B 60 23.70 4.90 7.56
CA GLN B 60 23.01 4.08 6.50
C GLN B 60 22.00 3.11 7.14
N ASP B 61 21.14 2.54 6.33
CA ASP B 61 20.11 1.57 6.85
C ASP B 61 20.76 0.49 7.73
N THR B 62 20.57 0.54 9.03
CA THR B 62 21.21 -0.49 9.93
C THR B 62 20.45 -0.63 11.31
N ILE B 63 19.19 -1.03 11.26
CA ILE B 63 18.30 -1.25 12.48
C ILE B 63 18.58 -0.36 13.72
N LEU B 64 17.57 -0.24 14.60
CA LEU B 64 17.72 0.57 15.87
C LEU B 64 16.41 0.63 16.68
N ALA B 65 16.39 0.05 17.86
CA ALA B 65 15.19 0.12 18.74
C ALA B 65 15.47 -0.53 20.11
N GLU B 66 14.73 -0.15 21.13
CA GLU B 66 14.91 -0.73 22.51
C GLU B 66 16.22 -0.32 23.20
N GLY B 67 16.38 0.94 23.53
CA GLY B 67 17.62 1.37 24.25
C GLY B 67 17.38 2.74 24.90
N LEU B 68 18.07 3.06 25.97
CA LEU B 68 17.84 4.42 26.57
C LEU B 68 19.00 5.34 26.22
N HIS B 69 18.79 6.20 25.26
CA HIS B 69 19.84 7.18 24.85
C HIS B 69 19.18 8.23 23.93
N PHE B 70 19.70 9.43 23.86
CA PHE B 70 19.04 10.45 22.98
C PHE B 70 20.00 10.98 21.90
N ARG B 71 19.50 11.21 20.70
CA ARG B 71 20.36 11.75 19.60
C ARG B 71 20.32 13.28 19.62
N ILE B 72 20.37 13.87 20.77
CA ILE B 72 20.31 15.35 20.87
C ILE B 72 21.66 16.00 21.28
N PRO B 73 22.72 15.22 21.38
CA PRO B 73 24.03 15.81 21.78
C PRO B 73 24.64 16.58 20.60
N TRP B 74 25.47 15.96 19.80
CA TRP B 74 26.09 16.66 18.64
C TRP B 74 27.00 15.70 17.85
N PHE B 75 27.27 16.01 16.61
CA PHE B 75 28.14 15.13 15.77
C PHE B 75 27.64 13.68 15.80
N GLN B 76 26.37 13.48 15.57
CA GLN B 76 25.81 12.09 15.56
C GLN B 76 24.48 12.08 14.78
N TYR B 77 24.13 10.97 14.18
CA TYR B 77 22.86 10.92 13.40
C TYR B 77 22.16 9.58 13.57
N PRO B 78 20.85 9.60 13.48
CA PRO B 78 20.06 8.38 13.61
C PRO B 78 19.63 7.84 12.24
N ILE B 79 20.21 6.74 11.82
CA ILE B 79 19.81 6.11 10.52
C ILE B 79 19.73 4.60 10.79
N ILE B 80 18.55 4.03 10.80
CA ILE B 80 18.44 2.57 11.11
C ILE B 80 17.48 1.88 10.12
N TYR B 81 17.78 0.65 9.80
CA TYR B 81 16.96 -0.16 8.85
C TYR B 81 16.04 -1.12 9.62
N ASP B 82 14.84 -1.35 9.14
CA ASP B 82 13.93 -2.29 9.86
C ASP B 82 13.90 -3.64 9.15
N ILE B 83 13.64 -4.70 9.89
CA ILE B 83 13.62 -6.06 9.28
C ILE B 83 12.38 -6.24 8.37
N ARG B 84 12.39 -7.27 7.57
CA ARG B 84 11.23 -7.54 6.66
C ARG B 84 11.45 -8.88 5.93
N ALA B 85 10.40 -9.59 5.62
CA ALA B 85 10.56 -10.90 4.91
C ALA B 85 11.39 -10.70 3.65
N ARG B 86 12.41 -11.50 3.46
CA ARG B 86 13.27 -11.36 2.24
C ARG B 86 13.00 -12.48 1.25
N PRO B 87 12.37 -12.14 0.15
CA PRO B 87 12.07 -13.12 -0.91
C PRO B 87 13.11 -12.99 -2.02
N ARG B 88 13.97 -13.96 -2.18
CA ARG B 88 15.01 -13.86 -3.24
C ARG B 88 15.53 -15.28 -3.62
N LYS B 89 15.15 -15.78 -4.79
CA LYS B 89 15.62 -17.16 -5.23
C LYS B 89 15.45 -17.35 -6.76
N ILE B 90 16.27 -18.20 -7.37
CA ILE B 90 16.14 -18.44 -8.85
C ILE B 90 16.51 -19.87 -9.23
N SER B 91 15.97 -20.36 -10.33
CA SER B 91 16.31 -21.72 -10.80
C SER B 91 17.30 -21.59 -11.96
N SER B 92 18.53 -21.97 -11.77
CA SER B 92 19.54 -21.82 -12.86
C SER B 92 19.84 -23.17 -13.52
N PRO B 93 19.60 -23.25 -14.81
CA PRO B 93 19.87 -24.48 -15.57
C PRO B 93 21.21 -24.36 -16.29
N THR B 94 22.19 -25.12 -15.86
CA THR B 94 23.54 -25.06 -16.52
C THR B 94 24.07 -26.46 -16.78
N GLY B 95 24.82 -26.64 -17.83
CA GLY B 95 25.37 -27.99 -18.15
C GLY B 95 26.86 -27.88 -18.46
N SER B 96 27.67 -28.62 -17.75
CA SER B 96 29.15 -28.55 -18.00
C SER B 96 29.80 -29.88 -17.59
N LYS B 97 29.44 -30.39 -16.43
CA LYS B 97 30.05 -31.67 -15.97
C LYS B 97 29.35 -32.87 -16.65
N ASP B 98 28.10 -32.73 -16.97
CA ASP B 98 27.36 -33.83 -17.64
C ASP B 98 27.01 -33.45 -19.08
N LEU B 99 26.74 -34.43 -19.91
CA LEU B 99 26.38 -34.12 -21.32
C LEU B 99 24.92 -33.69 -21.42
N GLN B 100 24.07 -34.25 -20.59
CA GLN B 100 22.62 -33.89 -20.63
C GLN B 100 22.43 -32.49 -20.03
N MET B 101 21.26 -32.19 -19.55
CA MET B 101 21.00 -30.84 -18.95
C MET B 101 20.78 -30.96 -17.44
N VAL B 102 21.47 -30.17 -16.67
CA VAL B 102 21.29 -30.23 -15.19
C VAL B 102 21.07 -28.81 -14.64
N ASN B 103 20.37 -28.69 -13.56
CA ASN B 103 20.10 -27.33 -13.00
C ASN B 103 20.63 -27.21 -11.57
N ILE B 104 21.25 -26.11 -11.24
CA ILE B 104 21.78 -25.91 -9.85
C ILE B 104 21.41 -24.52 -9.35
N SER B 105 20.64 -24.44 -8.30
CA SER B 105 20.24 -23.12 -7.75
C SER B 105 20.38 -23.12 -6.23
N LEU B 106 20.65 -21.98 -5.65
CA LEU B 106 20.80 -21.92 -4.17
C LEU B 106 20.56 -20.49 -3.66
N ARG B 107 19.64 -20.31 -2.75
CA ARG B 107 19.36 -18.94 -2.22
C ARG B 107 19.93 -18.81 -0.80
N VAL B 108 20.39 -17.63 -0.45
CA VAL B 108 20.96 -17.43 0.92
C VAL B 108 20.04 -16.53 1.74
N LEU B 109 19.80 -16.86 2.98
CA LEU B 109 18.92 -16.02 3.83
C LEU B 109 19.74 -15.24 4.86
N SER B 110 19.49 -13.97 5.01
CA SER B 110 20.26 -13.16 5.99
C SER B 110 19.37 -12.81 7.19
N ARG B 111 19.89 -12.95 8.39
CA ARG B 111 19.09 -12.62 9.59
C ARG B 111 19.98 -12.00 10.67
N PRO B 112 19.46 -11.00 11.35
CA PRO B 112 20.23 -10.33 12.42
C PRO B 112 20.30 -11.21 13.67
N ASN B 113 21.48 -11.44 14.17
CA ASN B 113 21.61 -12.29 15.39
C ASN B 113 22.01 -11.43 16.60
N ALA B 114 23.09 -10.72 16.49
CA ALA B 114 23.54 -9.85 17.63
C ALA B 114 24.32 -8.64 17.11
N GLN B 115 23.65 -7.55 16.85
CA GLN B 115 24.36 -6.33 16.33
C GLN B 115 25.19 -6.69 15.09
N GLU B 116 24.61 -6.61 13.93
CA GLU B 116 25.36 -6.95 12.68
C GLU B 116 25.30 -5.81 11.66
N LEU B 117 24.46 -4.84 11.88
CA LEU B 117 24.36 -3.70 10.90
C LEU B 117 25.47 -2.65 11.09
N PRO B 118 26.12 -2.62 12.26
CA PRO B 118 27.18 -1.60 12.48
C PRO B 118 28.50 -1.99 11.78
N SER B 119 29.16 -3.04 12.21
CA SER B 119 30.45 -3.41 11.55
C SER B 119 30.21 -3.83 10.10
N MET B 120 29.10 -4.47 9.84
CA MET B 120 28.81 -4.90 8.43
C MET B 120 28.45 -3.69 7.56
N TYR B 121 28.06 -2.60 8.14
CA TYR B 121 27.70 -1.41 7.31
C TYR B 121 28.87 -1.07 6.36
N GLN B 122 30.01 -0.74 6.89
CA GLN B 122 31.18 -0.40 6.00
C GLN B 122 31.77 -1.68 5.40
N ARG B 123 31.52 -2.82 6.02
CA ARG B 123 32.05 -4.11 5.47
C ARG B 123 31.17 -4.58 4.31
N LEU B 124 29.88 -4.68 4.56
CA LEU B 124 28.94 -5.11 3.47
C LEU B 124 29.11 -4.23 2.24
N GLY B 125 29.21 -2.94 2.44
CA GLY B 125 29.35 -2.01 1.28
C GLY B 125 28.13 -1.10 1.22
N LEU B 126 27.86 -0.40 2.28
CA LEU B 126 26.67 0.52 2.31
C LEU B 126 25.39 -0.28 2.08
N ASP B 127 25.13 -1.26 2.90
CA ASP B 127 23.88 -2.08 2.74
C ASP B 127 23.77 -2.60 1.30
N TYR B 128 22.70 -2.31 0.60
CA TYR B 128 22.54 -2.80 -0.80
C TYR B 128 22.70 -4.33 -0.86
N GLU B 129 21.91 -5.05 -0.10
CA GLU B 129 22.01 -6.55 -0.11
C GLU B 129 22.02 -7.09 -1.54
N GLU B 130 21.43 -6.38 -2.46
CA GLU B 130 21.39 -6.86 -3.88
C GLU B 130 22.80 -7.27 -4.35
N ARG B 131 23.82 -6.76 -3.73
CA ARG B 131 25.21 -7.11 -4.15
C ARG B 131 25.64 -8.45 -3.53
N VAL B 132 25.53 -8.59 -2.24
CA VAL B 132 25.97 -9.85 -1.56
C VAL B 132 24.91 -10.97 -1.67
N LEU B 133 23.68 -10.63 -1.93
CA LEU B 133 22.63 -11.70 -2.00
C LEU B 133 22.80 -12.59 -3.25
N PRO B 134 22.64 -12.03 -4.42
CA PRO B 134 22.77 -12.83 -5.67
C PRO B 134 24.23 -13.18 -5.95
N SER B 135 25.16 -12.36 -5.52
CA SER B 135 26.59 -12.66 -5.78
C SER B 135 26.96 -14.08 -5.30
N ILE B 136 26.92 -14.29 -4.01
CA ILE B 136 27.27 -15.64 -3.47
C ILE B 136 26.32 -16.70 -4.03
N VAL B 137 25.12 -16.31 -4.39
CA VAL B 137 24.15 -17.30 -4.95
C VAL B 137 24.55 -17.69 -6.37
N ASN B 138 24.71 -16.73 -7.23
CA ASN B 138 25.09 -17.04 -8.64
C ASN B 138 26.53 -17.56 -8.72
N GLU B 139 27.33 -17.29 -7.72
CA GLU B 139 28.75 -17.75 -7.74
C GLU B 139 28.82 -19.27 -7.54
N VAL B 140 28.46 -19.75 -6.37
CA VAL B 140 28.52 -21.21 -6.10
C VAL B 140 27.62 -21.98 -7.09
N LEU B 141 26.54 -21.39 -7.51
CA LEU B 141 25.62 -22.07 -8.46
C LEU B 141 26.38 -22.53 -9.71
N LYS B 142 27.28 -21.73 -10.21
CA LYS B 142 28.04 -22.11 -11.43
C LYS B 142 29.19 -23.06 -11.07
N SER B 143 29.70 -22.98 -9.87
CA SER B 143 30.83 -23.87 -9.48
C SER B 143 30.30 -25.27 -9.09
N VAL B 144 29.05 -25.37 -8.75
CA VAL B 144 28.48 -26.70 -8.38
C VAL B 144 28.16 -27.53 -9.62
N VAL B 145 27.46 -26.96 -10.57
CA VAL B 145 27.10 -27.70 -11.81
C VAL B 145 28.36 -28.33 -12.44
N ALA B 146 29.47 -27.66 -12.35
CA ALA B 146 30.72 -28.21 -12.94
C ALA B 146 31.33 -29.25 -12.01
N LYS B 147 31.10 -29.12 -10.73
CA LYS B 147 31.67 -30.11 -9.76
C LYS B 147 30.80 -31.38 -9.72
N PHE B 148 29.58 -31.26 -9.28
CA PHE B 148 28.68 -32.44 -9.21
C PHE B 148 28.16 -32.81 -10.60
N ASN B 149 27.37 -33.84 -10.68
CA ASN B 149 26.81 -34.26 -12.01
C ASN B 149 25.28 -34.28 -11.95
N ALA B 150 24.64 -34.52 -13.07
CA ALA B 150 23.15 -34.55 -13.09
C ALA B 150 22.63 -35.90 -12.58
N SER B 151 23.40 -36.94 -12.73
CA SER B 151 22.94 -38.28 -12.25
C SER B 151 22.66 -38.25 -10.75
N GLN B 152 23.63 -37.89 -9.96
CA GLN B 152 23.42 -37.84 -8.48
C GLN B 152 22.48 -36.68 -8.12
N LEU B 153 22.45 -35.66 -8.92
CA LEU B 153 21.55 -34.50 -8.62
C LEU B 153 20.09 -34.95 -8.62
N ILE B 154 19.78 -36.03 -9.31
CA ILE B 154 18.37 -36.52 -9.34
C ILE B 154 18.04 -37.25 -8.03
N THR B 155 19.03 -37.82 -7.39
CA THR B 155 18.76 -38.56 -6.12
C THR B 155 18.01 -37.65 -5.13
N GLN B 156 18.37 -36.39 -5.08
CA GLN B 156 17.68 -35.45 -4.15
C GLN B 156 18.19 -34.02 -4.40
N ARG B 157 17.36 -33.15 -4.91
CA ARG B 157 17.79 -31.75 -5.17
C ARG B 157 18.33 -31.10 -3.89
N ALA B 158 17.93 -31.60 -2.75
CA ALA B 158 18.42 -31.01 -1.47
C ALA B 158 19.82 -31.55 -1.13
N GLN B 159 20.19 -32.67 -1.72
CA GLN B 159 21.55 -33.24 -1.42
C GLN B 159 22.65 -32.23 -1.75
N VAL B 160 22.53 -31.56 -2.87
CA VAL B 160 23.58 -30.56 -3.25
C VAL B 160 23.66 -29.46 -2.18
N SER B 161 22.54 -28.99 -1.71
CA SER B 161 22.55 -27.92 -0.66
C SER B 161 23.28 -28.41 0.59
N LEU B 162 23.32 -29.70 0.80
CA LEU B 162 24.02 -30.24 2.01
C LEU B 162 25.51 -29.91 1.95
N LEU B 163 26.15 -30.17 0.84
CA LEU B 163 27.60 -29.86 0.72
C LEU B 163 27.81 -28.35 0.61
N ILE B 164 26.87 -27.65 0.02
CA ILE B 164 27.02 -26.18 -0.12
C ILE B 164 26.92 -25.51 1.25
N ARG B 165 26.20 -26.11 2.16
CA ARG B 165 26.07 -25.52 3.53
C ARG B 165 27.45 -25.24 4.13
N ARG B 166 28.43 -26.02 3.75
CA ARG B 166 29.80 -25.80 4.29
C ARG B 166 30.51 -24.66 3.55
N GLU B 167 30.31 -24.58 2.25
CA GLU B 167 30.96 -23.49 1.47
C GLU B 167 30.18 -22.18 1.61
N LEU B 168 28.88 -22.27 1.72
CA LEU B 168 28.06 -21.02 1.85
C LEU B 168 28.28 -20.37 3.22
N THR B 169 28.37 -21.17 4.26
CA THR B 169 28.58 -20.60 5.63
C THR B 169 29.89 -19.79 5.68
N GLU B 170 30.79 -20.05 4.77
CA GLU B 170 32.08 -19.30 4.77
C GLU B 170 31.89 -17.93 4.11
N ARG B 171 31.58 -17.90 2.84
CA ARG B 171 31.38 -16.60 2.13
C ARG B 171 30.24 -15.82 2.79
N ALA B 172 29.21 -16.51 3.21
CA ALA B 172 28.06 -15.81 3.85
C ALA B 172 28.49 -15.20 5.19
N LYS B 173 29.51 -15.74 5.80
CA LYS B 173 29.97 -15.20 7.10
C LYS B 173 30.46 -13.75 6.93
N ASP B 174 30.95 -13.42 5.77
CA ASP B 174 31.44 -12.02 5.53
C ASP B 174 30.33 -11.02 5.87
N PHE B 175 29.10 -11.40 5.64
CA PHE B 175 27.96 -10.49 5.95
C PHE B 175 27.76 -10.43 7.47
N SER B 176 28.67 -9.80 8.18
CA SER B 176 28.56 -9.71 9.66
C SER B 176 28.52 -11.12 10.28
N LEU B 177 28.21 -11.22 11.54
CA LEU B 177 28.15 -12.57 12.18
C LEU B 177 26.70 -13.02 12.32
N ILE B 178 26.29 -13.99 11.55
CA ILE B 178 24.89 -14.49 11.62
C ILE B 178 24.82 -15.92 11.10
N LEU B 179 23.87 -16.69 11.56
CA LEU B 179 23.75 -18.10 11.07
C LEU B 179 22.62 -18.19 10.04
N ASP B 180 22.98 -18.42 8.80
CA ASP B 180 21.96 -18.51 7.72
C ASP B 180 21.70 -19.97 7.34
N ASP B 181 20.52 -20.26 6.85
CA ASP B 181 20.20 -21.66 6.45
C ASP B 181 20.33 -21.80 4.93
N VAL B 182 21.00 -22.83 4.48
CA VAL B 182 21.19 -23.00 3.00
C VAL B 182 20.23 -24.06 2.44
N ALA B 183 19.27 -23.63 1.67
CA ALA B 183 18.31 -24.58 1.04
C ALA B 183 17.65 -23.91 -0.15
N ILE B 184 17.23 -24.66 -1.13
CA ILE B 184 16.62 -24.04 -2.34
C ILE B 184 15.75 -25.03 -3.10
N THR B 185 14.81 -24.54 -3.87
CA THR B 185 13.94 -25.47 -4.65
C THR B 185 14.54 -25.58 -6.05
N GLU B 186 15.10 -26.73 -6.36
CA GLU B 186 15.77 -26.90 -7.68
C GLU B 186 14.95 -27.77 -8.64
N LEU B 187 15.12 -27.53 -9.90
CA LEU B 187 14.42 -28.31 -10.95
C LEU B 187 15.40 -28.53 -12.10
N SER B 188 15.63 -29.76 -12.48
CA SER B 188 16.61 -30.03 -13.57
C SER B 188 15.92 -30.31 -14.90
N PHE B 189 16.58 -30.02 -15.99
CA PHE B 189 15.99 -30.24 -17.34
C PHE B 189 16.57 -31.53 -17.95
N SER B 190 15.73 -32.45 -18.33
CA SER B 190 16.24 -33.72 -18.94
C SER B 190 16.74 -33.46 -20.36
N MET C 1 36.38 60.96 19.90
CA MET C 1 35.81 60.01 20.90
C MET C 1 34.43 59.52 20.44
N ALA C 2 34.06 58.33 20.81
CA ALA C 2 32.74 57.79 20.39
C ALA C 2 32.14 56.91 21.50
N GLN C 3 31.68 57.51 22.56
CA GLN C 3 31.10 56.73 23.68
C GLN C 3 29.65 56.34 23.34
N ASN C 4 28.99 57.12 22.52
CA ASN C 4 27.58 56.80 22.15
C ASN C 4 27.50 55.42 21.48
N LEU C 5 28.59 54.95 20.94
CA LEU C 5 28.59 53.62 20.27
C LEU C 5 28.12 52.53 21.24
N LYS C 6 28.38 52.70 22.52
CA LYS C 6 27.95 51.68 23.51
C LYS C 6 26.42 51.73 23.69
N ASP C 7 25.82 52.84 23.39
CA ASP C 7 24.34 52.96 23.54
C ASP C 7 23.64 52.32 22.34
N LEU C 8 24.19 52.49 21.16
CA LEU C 8 23.55 51.89 19.95
C LEU C 8 23.49 50.37 20.08
N ALA C 9 24.60 49.74 20.32
CA ALA C 9 24.60 48.25 20.46
C ALA C 9 23.72 47.83 21.64
N GLY C 10 23.64 48.64 22.66
CA GLY C 10 22.79 48.30 23.83
C GLY C 10 21.32 48.61 23.53
N ARG C 11 21.07 49.45 22.55
CA ARG C 11 19.66 49.79 22.21
C ARG C 11 19.01 48.64 21.42
N LEU C 12 19.79 47.80 20.81
CA LEU C 12 19.21 46.67 20.02
C LEU C 12 18.36 45.77 20.93
N PRO C 13 18.96 45.26 21.98
CA PRO C 13 18.22 44.38 22.92
C PRO C 13 17.25 45.20 23.77
N ALA C 14 17.53 46.46 23.96
CA ALA C 14 16.61 47.32 24.78
C ALA C 14 15.22 47.35 24.13
N GLY C 15 14.21 47.64 24.91
CA GLY C 15 12.83 47.70 24.36
C GLY C 15 11.96 46.63 25.02
N PRO C 16 11.23 47.02 26.04
CA PRO C 16 10.36 46.07 26.77
C PRO C 16 9.15 45.69 25.90
N ARG C 17 8.65 46.62 25.13
CA ARG C 17 7.47 46.31 24.26
C ARG C 17 7.92 45.58 23.00
N GLY C 18 8.97 46.06 22.37
CA GLY C 18 9.46 45.40 21.14
C GLY C 18 9.99 44.01 21.46
N MET C 19 10.81 43.89 22.48
CA MET C 19 11.36 42.55 22.85
C MET C 19 10.22 41.60 23.25
N GLY C 20 9.11 42.15 23.69
CA GLY C 20 7.97 41.28 24.09
C GLY C 20 7.39 40.58 22.86
N THR C 21 7.09 41.32 21.83
CA THR C 21 6.53 40.71 20.59
C THR C 21 7.50 39.67 20.02
N ALA C 22 8.77 39.83 20.30
CA ALA C 22 9.76 38.85 19.77
C ALA C 22 9.46 37.45 20.29
N LEU C 23 8.83 37.34 21.43
CA LEU C 23 8.51 36.00 21.99
C LEU C 23 7.57 35.25 21.04
N LYS C 24 6.59 35.92 20.50
CA LYS C 24 5.64 35.23 19.56
C LYS C 24 6.42 34.64 18.39
N LEU C 25 7.52 35.24 18.02
CA LEU C 25 8.33 34.72 16.88
C LEU C 25 8.94 33.36 17.23
N LEU C 26 9.65 33.28 18.33
CA LEU C 26 10.28 31.98 18.73
C LEU C 26 9.24 30.86 18.75
N LEU C 27 8.07 31.13 19.26
CA LEU C 27 7.03 30.07 19.30
C LEU C 27 6.56 29.72 17.88
N GLY C 28 6.71 30.63 16.96
CA GLY C 28 6.28 30.35 15.56
C GLY C 28 7.34 29.49 14.87
N ALA C 29 8.58 29.65 15.22
CA ALA C 29 9.66 28.83 14.59
C ALA C 29 9.42 27.35 14.85
N GLY C 30 9.03 27.00 16.05
CA GLY C 30 8.77 25.56 16.37
C GLY C 30 7.63 25.05 15.51
N ALA C 31 6.71 25.90 15.15
CA ALA C 31 5.56 25.47 14.30
C ALA C 31 5.99 25.34 12.84
N VAL C 32 6.70 26.32 12.34
CA VAL C 32 7.15 26.26 10.91
C VAL C 32 8.04 25.02 10.70
N ALA C 33 8.72 24.59 11.73
CA ALA C 33 9.61 23.40 11.60
C ALA C 33 8.78 22.15 11.27
N TYR C 34 7.56 22.11 11.72
CA TYR C 34 6.70 20.92 11.43
C TYR C 34 6.51 20.76 9.92
N GLY C 35 6.19 21.82 9.22
CA GLY C 35 6.00 21.72 7.74
C GLY C 35 7.29 21.20 7.10
N VAL C 36 8.42 21.58 7.64
CA VAL C 36 9.71 21.11 7.07
C VAL C 36 10.03 19.69 7.57
N ARG C 37 9.58 19.37 8.76
CA ARG C 37 9.86 18.00 9.30
C ARG C 37 9.39 16.92 8.31
N GLU C 38 8.39 17.19 7.53
CA GLU C 38 7.90 16.17 6.56
C GLU C 38 8.85 16.08 5.35
N SER C 39 9.54 17.14 5.00
CA SER C 39 10.48 17.08 3.82
C SER C 39 11.78 17.87 4.08
N VAL C 40 12.87 17.48 3.46
CA VAL C 40 14.17 18.22 3.66
C VAL C 40 15.06 18.09 2.40
N PHE C 41 16.17 18.82 2.34
CA PHE C 41 17.06 18.74 1.13
C PHE C 41 18.32 17.89 1.42
N THR C 42 18.92 18.04 2.59
CA THR C 42 20.15 17.22 2.88
C THR C 42 19.86 15.73 2.66
N VAL C 43 20.42 15.16 1.63
CA VAL C 43 20.17 13.70 1.35
C VAL C 43 20.42 12.85 2.60
N GLU C 44 19.74 11.75 2.71
CA GLU C 44 19.94 10.87 3.90
C GLU C 44 19.92 9.39 3.49
N GLY C 45 20.79 8.60 4.06
CA GLY C 45 20.82 7.16 3.69
C GLY C 45 21.57 6.97 2.38
N GLY C 46 21.50 5.80 1.81
CA GLY C 46 22.21 5.54 0.52
C GLY C 46 21.50 6.30 -0.60
N HIS C 47 21.69 7.60 -0.64
CA HIS C 47 21.03 8.41 -1.71
C HIS C 47 21.94 9.57 -2.13
N ARG C 48 21.81 10.02 -3.35
CA ARG C 48 22.69 11.11 -3.86
C ARG C 48 21.87 12.37 -4.23
N ALA C 49 22.49 13.53 -4.23
CA ALA C 49 21.74 14.80 -4.54
C ALA C 49 21.90 15.25 -5.99
N ILE C 50 20.91 15.96 -6.49
CA ILE C 50 20.92 16.44 -7.91
C ILE C 50 20.43 17.92 -7.94
N PHE C 51 20.86 18.71 -8.91
CA PHE C 51 20.43 20.16 -8.93
C PHE C 51 19.70 20.56 -10.21
N PHE C 52 18.70 21.41 -10.08
CA PHE C 52 17.94 21.91 -11.26
C PHE C 52 17.17 23.20 -10.88
N ASN C 53 16.90 24.07 -11.84
CA ASN C 53 16.18 25.36 -11.50
C ASN C 53 14.80 25.44 -12.18
N ARG C 54 13.88 26.17 -11.58
CA ARG C 54 12.51 26.32 -12.16
C ARG C 54 12.59 26.78 -13.63
N ILE C 55 13.64 27.48 -13.98
CA ILE C 55 13.77 27.96 -15.39
C ILE C 55 14.49 26.93 -16.25
N GLY C 56 15.27 26.06 -15.65
CA GLY C 56 15.99 25.02 -16.45
C GLY C 56 15.41 23.64 -16.14
N GLY C 57 14.25 23.34 -16.67
CA GLY C 57 13.63 22.00 -16.41
C GLY C 57 14.63 20.89 -16.73
N VAL C 58 15.24 20.33 -15.71
CA VAL C 58 16.24 19.24 -15.93
C VAL C 58 16.58 18.56 -14.60
N GLN C 59 17.51 17.64 -14.60
CA GLN C 59 17.89 16.94 -13.34
C GLN C 59 16.65 16.38 -12.62
N GLN C 60 16.40 15.10 -12.77
CA GLN C 60 15.22 14.49 -12.09
C GLN C 60 15.63 13.13 -11.48
N ASP C 61 15.61 12.08 -12.25
CA ASP C 61 16.01 10.75 -11.71
C ASP C 61 17.53 10.57 -11.83
N THR C 62 18.26 11.10 -10.89
CA THR C 62 19.75 10.98 -10.94
C THR C 62 20.36 11.14 -9.53
N ILE C 63 21.35 10.35 -9.21
CA ILE C 63 21.99 10.42 -7.86
C ILE C 63 23.39 11.11 -7.93
N LEU C 64 24.44 10.49 -7.38
CA LEU C 64 25.83 11.08 -7.35
C LEU C 64 26.58 10.62 -6.06
N ALA C 65 26.43 11.31 -4.95
CA ALA C 65 27.12 10.91 -3.67
C ALA C 65 26.55 11.73 -2.48
N GLU C 66 27.08 11.55 -1.28
CA GLU C 66 26.56 12.33 -0.09
C GLU C 66 27.41 13.57 0.21
N GLY C 67 26.80 14.60 0.75
CA GLY C 67 27.52 15.86 1.08
C GLY C 67 26.71 16.66 2.11
N LEU C 68 27.32 17.52 2.89
CA LEU C 68 26.51 18.30 3.88
C LEU C 68 26.16 19.66 3.26
N HIS C 69 24.93 19.83 2.85
CA HIS C 69 24.48 21.11 2.23
C HIS C 69 22.96 21.22 2.27
N PHE C 70 22.42 22.40 2.30
CA PHE C 70 20.94 22.55 2.32
C PHE C 70 20.45 23.29 1.06
N ARG C 71 19.27 22.97 0.59
CA ARG C 71 18.75 23.67 -0.63
C ARG C 71 18.36 25.11 -0.27
N ILE C 72 19.32 25.89 0.15
CA ILE C 72 19.00 27.30 0.51
C ILE C 72 19.86 28.30 -0.28
N PRO C 73 20.21 27.95 -1.52
CA PRO C 73 21.04 28.88 -2.33
C PRO C 73 20.17 30.03 -2.85
N TRP C 74 19.59 29.90 -4.04
CA TRP C 74 18.73 30.99 -4.58
C TRP C 74 18.05 30.56 -5.89
N PHE C 75 18.11 29.29 -6.23
CA PHE C 75 17.47 28.82 -7.50
C PHE C 75 17.66 27.30 -7.69
N GLN C 76 17.68 26.55 -6.62
CA GLN C 76 17.86 25.07 -6.74
C GLN C 76 16.58 24.33 -6.36
N TYR C 77 16.37 23.17 -6.91
CA TYR C 77 15.13 22.39 -6.60
C TYR C 77 15.45 21.02 -5.99
N PRO C 78 14.51 20.50 -5.24
CA PRO C 78 14.69 19.20 -4.60
C PRO C 78 14.03 18.07 -5.43
N ILE C 79 14.84 17.25 -6.04
CA ILE C 79 14.34 16.09 -6.84
C ILE C 79 15.49 15.10 -6.93
N ILE C 80 15.41 13.97 -6.24
CA ILE C 80 16.56 13.01 -6.27
C ILE C 80 16.12 11.58 -6.61
N TYR C 81 17.03 10.80 -7.13
CA TYR C 81 16.70 9.39 -7.51
C TYR C 81 17.17 8.40 -6.44
N ASP C 82 16.44 7.33 -6.26
CA ASP C 82 16.84 6.31 -5.26
C ASP C 82 17.22 5.01 -5.98
N ILE C 83 18.11 4.24 -5.42
CA ILE C 83 18.53 2.97 -6.09
C ILE C 83 17.38 1.95 -6.12
N ARG C 84 17.20 1.20 -5.06
CA ARG C 84 16.11 0.18 -5.03
C ARG C 84 16.37 -0.90 -6.08
N ALA C 85 15.98 -2.11 -5.82
CA ALA C 85 16.21 -3.21 -6.81
C ALA C 85 15.46 -2.92 -8.12
N ARG C 86 15.51 -3.84 -9.05
CA ARG C 86 14.81 -3.61 -10.35
C ARG C 86 14.45 -4.95 -11.02
N PRO C 87 13.17 -5.25 -11.07
CA PRO C 87 12.70 -6.49 -11.70
C PRO C 87 12.20 -6.18 -13.12
N ARG C 88 12.82 -6.74 -14.12
CA ARG C 88 12.38 -6.44 -15.51
C ARG C 88 12.85 -7.58 -16.48
N LYS C 89 11.92 -8.40 -16.97
CA LYS C 89 12.31 -9.53 -17.91
C LYS C 89 11.07 -10.03 -18.71
N ILE C 90 11.28 -10.60 -19.89
CA ILE C 90 10.10 -11.09 -20.70
C ILE C 90 10.42 -12.33 -21.55
N SER C 91 9.40 -13.10 -21.86
CA SER C 91 9.59 -14.30 -22.73
C SER C 91 9.12 -13.96 -24.15
N SER C 92 10.02 -13.84 -25.09
CA SER C 92 9.60 -13.48 -26.48
C SER C 92 10.20 -14.45 -27.51
N PRO C 93 9.37 -14.90 -28.42
CA PRO C 93 9.82 -15.83 -29.47
C PRO C 93 10.11 -15.07 -30.78
N THR C 94 11.20 -15.38 -31.42
CA THR C 94 11.53 -14.69 -32.71
C THR C 94 11.94 -15.72 -33.77
N GLY C 95 11.23 -15.76 -34.87
CA GLY C 95 11.57 -16.74 -35.94
C GLY C 95 12.33 -16.04 -37.07
N SER C 96 13.54 -16.47 -37.33
CA SER C 96 14.35 -15.84 -38.43
C SER C 96 15.66 -16.60 -38.61
N LYS C 97 15.62 -17.91 -38.49
CA LYS C 97 16.87 -18.72 -38.64
C LYS C 97 16.54 -20.21 -38.57
N ASP C 98 16.02 -20.67 -37.46
CA ASP C 98 15.69 -22.12 -37.34
C ASP C 98 14.46 -22.46 -38.20
N LEU C 99 13.83 -23.57 -37.95
CA LEU C 99 12.63 -23.95 -38.75
C LEU C 99 11.51 -24.46 -37.84
N GLN C 100 11.55 -24.11 -36.58
CA GLN C 100 10.49 -24.58 -35.64
C GLN C 100 10.09 -23.43 -34.70
N MET C 101 9.90 -23.70 -33.43
CA MET C 101 9.51 -22.61 -32.49
C MET C 101 10.73 -22.17 -31.67
N VAL C 102 10.75 -20.95 -31.24
CA VAL C 102 11.92 -20.46 -30.45
C VAL C 102 11.48 -19.38 -29.46
N ASN C 103 12.04 -19.37 -28.28
CA ASN C 103 11.67 -18.35 -27.26
C ASN C 103 12.93 -17.82 -26.58
N ILE C 104 13.15 -16.53 -26.62
CA ILE C 104 14.37 -15.97 -25.98
C ILE C 104 14.00 -14.86 -24.98
N SER C 105 14.58 -14.91 -23.82
CA SER C 105 14.29 -13.86 -22.79
C SER C 105 15.60 -13.28 -22.27
N LEU C 106 15.61 -12.05 -21.85
CA LEU C 106 16.87 -11.45 -21.34
C LEU C 106 16.56 -10.35 -20.31
N ARG C 107 17.06 -10.48 -19.12
CA ARG C 107 16.82 -9.45 -18.08
C ARG C 107 18.07 -8.58 -17.93
N VAL C 108 17.91 -7.33 -17.61
CA VAL C 108 19.09 -6.44 -17.44
C VAL C 108 19.11 -5.81 -16.05
N LEU C 109 20.24 -5.86 -15.40
CA LEU C 109 20.34 -5.27 -14.03
C LEU C 109 21.03 -3.91 -14.09
N SER C 110 20.50 -2.94 -13.39
CA SER C 110 21.13 -1.58 -13.42
C SER C 110 21.86 -1.31 -12.11
N ARG C 111 23.08 -0.83 -12.18
CA ARG C 111 23.85 -0.54 -10.94
C ARG C 111 24.64 0.77 -11.10
N PRO C 112 24.82 1.46 -10.00
CA PRO C 112 25.57 2.74 -10.04
C PRO C 112 27.08 2.49 -10.17
N ASN C 113 27.63 1.70 -9.30
CA ASN C 113 29.10 1.40 -9.37
C ASN C 113 29.91 2.69 -9.46
N ALA C 114 29.66 3.63 -8.57
CA ALA C 114 30.41 4.92 -8.60
C ALA C 114 30.34 5.55 -10.00
N GLN C 115 29.42 6.46 -10.20
CA GLN C 115 29.30 7.10 -11.53
C GLN C 115 28.71 8.51 -11.39
N GLU C 116 28.24 9.08 -12.47
CA GLU C 116 27.64 10.44 -12.41
C GLU C 116 26.24 10.43 -13.02
N LEU C 117 25.23 10.54 -12.20
CA LEU C 117 23.83 10.53 -12.73
C LEU C 117 23.41 11.89 -13.31
N PRO C 118 23.93 12.98 -12.79
CA PRO C 118 23.54 14.31 -13.32
C PRO C 118 24.12 14.54 -14.72
N SER C 119 25.24 13.93 -15.04
CA SER C 119 25.83 14.12 -16.40
C SER C 119 25.11 13.23 -17.42
N MET C 120 24.93 11.98 -17.08
CA MET C 120 24.24 11.05 -18.01
C MET C 120 22.72 11.21 -17.97
N TYR C 121 22.19 11.80 -16.93
CA TYR C 121 20.70 11.96 -16.84
C TYR C 121 20.14 12.61 -18.12
N GLN C 122 20.47 13.85 -18.39
CA GLN C 122 19.93 14.50 -19.62
C GLN C 122 20.26 13.66 -20.86
N ARG C 123 21.45 13.13 -20.93
CA ARG C 123 21.81 12.28 -22.10
C ARG C 123 21.01 10.97 -22.06
N LEU C 124 20.62 10.55 -20.88
CA LEU C 124 19.84 9.30 -20.75
C LEU C 124 18.36 9.57 -21.07
N GLY C 125 17.91 10.78 -20.89
CA GLY C 125 16.49 11.11 -21.19
C GLY C 125 15.85 11.75 -19.95
N LEU C 126 14.64 12.23 -20.09
CA LEU C 126 13.96 12.87 -18.92
C LEU C 126 13.90 11.89 -17.74
N ASP C 127 13.00 10.95 -17.77
CA ASP C 127 12.90 9.97 -16.66
C ASP C 127 11.96 8.82 -17.05
N TYR C 128 12.48 7.79 -17.67
CA TYR C 128 11.62 6.65 -18.08
C TYR C 128 12.48 5.49 -18.62
N GLU C 129 13.32 4.90 -17.79
CA GLU C 129 14.17 3.76 -18.28
C GLU C 129 13.33 2.76 -19.09
N GLU C 130 12.06 2.69 -18.81
CA GLU C 130 11.17 1.74 -19.56
C GLU C 130 11.34 1.92 -21.08
N ARG C 131 11.88 3.03 -21.51
CA ARG C 131 12.04 3.26 -22.97
C ARG C 131 13.27 2.54 -23.51
N VAL C 132 14.44 2.83 -22.98
CA VAL C 132 15.69 2.17 -23.49
C VAL C 132 15.87 0.76 -22.91
N LEU C 133 15.23 0.46 -21.81
CA LEU C 133 15.43 -0.90 -21.20
C LEU C 133 14.89 -2.01 -22.11
N PRO C 134 13.59 -2.01 -22.36
CA PRO C 134 12.99 -3.06 -23.22
C PRO C 134 13.32 -2.83 -24.70
N SER C 135 13.26 -1.60 -25.16
CA SER C 135 13.57 -1.33 -26.60
C SER C 135 14.92 -1.92 -27.00
N ILE C 136 15.97 -1.58 -26.29
CA ILE C 136 17.31 -2.11 -26.64
C ILE C 136 17.37 -3.62 -26.38
N VAL C 137 16.92 -4.05 -25.23
CA VAL C 137 16.96 -5.52 -24.93
C VAL C 137 16.10 -6.29 -25.93
N ASN C 138 15.00 -5.71 -26.35
CA ASN C 138 14.13 -6.40 -27.34
C ASN C 138 14.87 -6.59 -28.66
N GLU C 139 15.78 -5.71 -28.96
CA GLU C 139 16.54 -5.84 -30.25
C GLU C 139 17.64 -6.90 -30.10
N VAL C 140 18.30 -6.94 -28.97
CA VAL C 140 19.38 -7.95 -28.77
C VAL C 140 18.83 -9.36 -28.99
N LEU C 141 17.78 -9.71 -28.30
CA LEU C 141 17.19 -11.08 -28.47
C LEU C 141 16.65 -11.25 -29.89
N LYS C 142 16.25 -10.17 -30.51
CA LYS C 142 15.70 -10.27 -31.89
C LYS C 142 16.82 -10.39 -32.93
N SER C 143 17.88 -9.63 -32.76
CA SER C 143 19.01 -9.69 -33.73
C SER C 143 19.90 -10.90 -33.44
N VAL C 144 20.27 -11.10 -32.20
CA VAL C 144 21.16 -12.25 -31.85
C VAL C 144 20.50 -13.57 -32.24
N VAL C 145 19.27 -13.78 -31.85
CA VAL C 145 18.57 -15.06 -32.18
C VAL C 145 18.49 -15.25 -33.71
N ALA C 146 18.63 -14.19 -34.46
CA ALA C 146 18.53 -14.32 -35.95
C ALA C 146 19.82 -14.93 -36.53
N LYS C 147 20.94 -14.69 -35.92
CA LYS C 147 22.23 -15.26 -36.44
C LYS C 147 22.08 -16.77 -36.65
N PHE C 148 21.81 -17.51 -35.61
CA PHE C 148 21.65 -18.99 -35.74
C PHE C 148 21.17 -19.58 -34.42
N ASN C 149 20.14 -20.40 -34.45
CA ASN C 149 19.64 -20.99 -33.18
C ASN C 149 18.69 -22.17 -33.46
N ALA C 150 19.04 -23.03 -34.37
CA ALA C 150 18.16 -24.20 -34.66
C ALA C 150 18.36 -25.28 -33.60
N SER C 151 19.51 -25.88 -33.58
CA SER C 151 19.80 -26.95 -32.57
C SER C 151 20.21 -26.32 -31.23
N GLN C 152 21.05 -25.32 -31.28
CA GLN C 152 21.52 -24.67 -30.02
C GLN C 152 20.35 -24.14 -29.19
N LEU C 153 19.22 -23.96 -29.80
CA LEU C 153 18.03 -23.44 -29.05
C LEU C 153 17.77 -24.29 -27.80
N ILE C 154 17.42 -25.54 -27.98
CA ILE C 154 17.15 -26.41 -26.80
C ILE C 154 18.46 -26.96 -26.21
N THR C 155 19.52 -26.96 -26.97
CA THR C 155 20.82 -27.49 -26.44
C THR C 155 21.15 -26.84 -25.09
N GLN C 156 21.18 -25.54 -25.04
CA GLN C 156 21.50 -24.85 -23.75
C GLN C 156 21.18 -23.35 -23.86
N ARG C 157 20.19 -22.90 -23.16
CA ARG C 157 19.82 -21.44 -23.22
C ARG C 157 20.92 -20.59 -22.60
N ALA C 158 21.77 -21.18 -21.78
CA ALA C 158 22.86 -20.38 -21.13
C ALA C 158 24.03 -20.18 -22.10
N GLN C 159 24.17 -21.01 -23.09
CA GLN C 159 25.30 -20.85 -24.04
C GLN C 159 25.19 -19.52 -24.79
N VAL C 160 24.00 -19.15 -25.21
CA VAL C 160 23.83 -17.87 -25.94
C VAL C 160 24.29 -16.69 -25.08
N SER C 161 24.29 -16.86 -23.79
CA SER C 161 24.73 -15.74 -22.89
C SER C 161 26.18 -15.34 -23.20
N LEU C 162 26.97 -16.26 -23.70
CA LEU C 162 28.39 -15.91 -24.03
C LEU C 162 28.43 -14.82 -25.10
N LEU C 163 27.70 -15.00 -26.18
CA LEU C 163 27.70 -13.96 -27.25
C LEU C 163 26.90 -12.74 -26.81
N ILE C 164 25.92 -12.93 -25.98
CA ILE C 164 25.10 -11.77 -25.51
C ILE C 164 25.84 -11.01 -24.41
N ARG C 165 26.60 -11.70 -23.61
CA ARG C 165 27.36 -11.02 -22.52
C ARG C 165 28.28 -9.94 -23.09
N ARG C 166 28.71 -10.11 -24.31
CA ARG C 166 29.60 -9.09 -24.94
C ARG C 166 28.77 -7.91 -25.45
N GLU C 167 27.70 -8.19 -26.12
CA GLU C 167 26.84 -7.08 -26.65
C GLU C 167 26.15 -6.35 -25.49
N LEU C 168 25.86 -7.06 -24.42
CA LEU C 168 25.18 -6.40 -23.26
C LEU C 168 26.05 -5.27 -22.72
N THR C 169 27.34 -5.50 -22.61
CA THR C 169 28.24 -4.43 -22.09
C THR C 169 28.22 -3.21 -23.02
N GLU C 170 27.98 -3.44 -24.29
CA GLU C 170 27.95 -2.30 -25.26
C GLU C 170 26.69 -1.46 -25.03
N ARG C 171 25.54 -2.04 -25.23
CA ARG C 171 24.27 -1.27 -25.03
C ARG C 171 24.16 -0.79 -23.58
N ALA C 172 24.83 -1.45 -22.66
CA ALA C 172 24.76 -1.04 -21.23
C ALA C 172 25.46 0.32 -21.04
N LYS C 173 26.52 0.53 -21.76
CA LYS C 173 27.26 1.84 -21.62
C LYS C 173 26.56 2.94 -22.42
N ASP C 174 25.75 2.57 -23.37
CA ASP C 174 25.04 3.60 -24.20
C ASP C 174 24.27 4.59 -23.32
N PHE C 175 23.55 4.10 -22.35
CA PHE C 175 22.77 5.02 -21.46
C PHE C 175 23.72 5.78 -20.54
N SER C 176 24.67 5.10 -19.96
CA SER C 176 25.63 5.77 -19.04
C SER C 176 26.80 4.82 -18.75
N LEU C 177 27.64 5.16 -17.80
CA LEU C 177 28.79 4.26 -17.48
C LEU C 177 28.49 3.46 -16.21
N ILE C 178 28.26 2.18 -16.35
CA ILE C 178 27.96 1.33 -15.16
C ILE C 178 28.27 -0.14 -15.47
N LEU C 179 28.60 -0.91 -14.47
CA LEU C 179 28.91 -2.35 -14.71
C LEU C 179 27.70 -3.21 -14.29
N ASP C 180 27.07 -3.86 -15.23
CA ASP C 180 25.89 -4.70 -14.90
C ASP C 180 26.10 -6.15 -15.30
N ASP C 181 25.45 -7.06 -14.61
CA ASP C 181 25.61 -8.51 -14.94
C ASP C 181 24.41 -8.98 -15.77
N VAL C 182 24.63 -9.83 -16.73
CA VAL C 182 23.49 -10.31 -17.59
C VAL C 182 23.43 -11.84 -17.62
N ALA C 183 22.25 -12.38 -17.76
CA ALA C 183 22.08 -13.86 -17.82
C ALA C 183 20.75 -14.17 -18.50
N ILE C 184 20.64 -15.32 -19.11
CA ILE C 184 19.36 -15.63 -19.82
C ILE C 184 18.56 -16.75 -19.13
N THR C 185 17.43 -16.40 -18.57
CA THR C 185 16.54 -17.45 -17.97
C THR C 185 15.42 -17.64 -18.98
N GLU C 186 15.38 -18.76 -19.67
CA GLU C 186 14.34 -18.92 -20.72
C GLU C 186 14.06 -20.37 -21.08
N LEU C 187 12.85 -20.63 -21.53
CA LEU C 187 12.47 -21.99 -21.99
C LEU C 187 12.13 -21.87 -23.47
N SER C 188 12.59 -22.78 -24.29
CA SER C 188 12.30 -22.67 -25.75
C SER C 188 11.18 -23.61 -26.19
N PHE C 189 10.49 -23.26 -27.25
CA PHE C 189 9.38 -24.11 -27.75
C PHE C 189 9.85 -24.94 -28.95
N SER C 190 9.45 -26.18 -29.03
CA SER C 190 9.86 -27.04 -30.17
C SER C 190 8.97 -28.28 -30.26
N MET D 1 9.28 69.15 -5.08
CA MET D 1 8.92 69.87 -3.82
C MET D 1 7.43 69.65 -3.50
N ALA D 2 7.03 68.42 -3.30
CA ALA D 2 5.61 68.14 -2.98
C ALA D 2 5.43 67.95 -1.46
N GLN D 3 4.40 68.52 -0.90
CA GLN D 3 4.18 68.38 0.57
C GLN D 3 3.34 67.13 0.85
N ASN D 4 2.47 66.77 -0.06
CA ASN D 4 1.62 65.56 0.15
C ASN D 4 2.50 64.31 0.26
N LEU D 5 3.61 64.29 -0.44
CA LEU D 5 4.50 63.10 -0.38
C LEU D 5 5.13 62.98 1.01
N LYS D 6 5.46 64.09 1.62
CA LYS D 6 6.08 64.05 2.98
C LYS D 6 5.03 63.67 4.03
N ASP D 7 3.78 63.98 3.77
CA ASP D 7 2.70 63.65 4.75
C ASP D 7 2.43 62.15 4.74
N LEU D 8 2.46 61.54 3.58
CA LEU D 8 2.20 60.07 3.50
C LEU D 8 3.43 59.29 3.94
N ALA D 9 4.60 59.69 3.48
CA ALA D 9 5.84 58.96 3.87
C ALA D 9 6.06 59.06 5.38
N GLY D 10 5.65 60.14 5.98
CA GLY D 10 5.84 60.29 7.46
C GLY D 10 4.89 59.35 8.20
N ARG D 11 3.85 58.89 7.54
CA ARG D 11 2.89 57.97 8.21
C ARG D 11 3.49 56.56 8.33
N LEU D 12 4.48 56.25 7.53
CA LEU D 12 5.10 54.89 7.60
C LEU D 12 5.58 54.59 9.03
N PRO D 13 6.44 55.43 9.55
CA PRO D 13 6.96 55.23 10.92
C PRO D 13 5.88 55.56 11.95
N ALA D 14 6.26 55.71 13.19
CA ALA D 14 5.25 56.04 14.25
C ALA D 14 4.11 55.04 14.22
N GLY D 15 4.39 53.81 13.89
CA GLY D 15 3.31 52.78 13.84
C GLY D 15 3.77 51.51 14.56
N PRO D 16 4.07 51.64 15.82
CA PRO D 16 4.54 50.48 16.62
C PRO D 16 3.37 49.53 16.91
N ARG D 17 2.22 50.07 17.22
CA ARG D 17 1.04 49.20 17.53
C ARG D 17 0.55 48.51 16.24
N GLY D 18 0.53 49.22 15.15
CA GLY D 18 0.08 48.60 13.87
C GLY D 18 1.15 47.66 13.34
N MET D 19 2.41 48.00 13.52
CA MET D 19 3.50 47.12 13.02
C MET D 19 3.74 45.96 13.98
N GLY D 20 3.46 46.16 15.24
CA GLY D 20 3.66 45.06 16.23
C GLY D 20 2.70 43.91 15.94
N THR D 21 1.54 44.20 15.42
CA THR D 21 0.56 43.12 15.11
C THR D 21 0.92 42.45 13.78
N ALA D 22 1.59 43.15 12.91
CA ALA D 22 1.97 42.54 11.59
C ALA D 22 2.84 41.31 11.81
N LEU D 23 3.55 41.24 12.91
CA LEU D 23 4.42 40.06 13.17
C LEU D 23 3.59 38.78 13.16
N LYS D 24 2.40 38.84 13.70
CA LYS D 24 1.53 37.62 13.73
C LYS D 24 1.36 37.07 12.30
N LEU D 25 1.41 37.93 11.32
CA LEU D 25 1.24 37.47 9.91
C LEU D 25 2.45 36.63 9.48
N LEU D 26 3.64 37.14 9.65
CA LEU D 26 4.85 36.36 9.25
C LEU D 26 4.86 34.99 9.92
N LEU D 27 4.23 34.88 11.06
CA LEU D 27 4.20 33.57 11.78
C LEU D 27 3.15 32.65 11.17
N GLY D 28 2.05 33.21 10.71
CA GLY D 28 0.98 32.38 10.10
C GLY D 28 1.39 31.97 8.68
N ALA D 29 2.22 32.75 8.04
CA ALA D 29 2.65 32.42 6.65
C ALA D 29 3.34 31.04 6.62
N GLY D 30 4.03 30.69 7.68
CA GLY D 30 4.72 29.38 7.71
C GLY D 30 3.68 28.26 7.89
N ALA D 31 2.66 28.50 8.66
CA ALA D 31 1.62 27.46 8.86
C ALA D 31 0.79 27.28 7.58
N VAL D 32 0.53 28.35 6.88
CA VAL D 32 -0.27 28.23 5.62
C VAL D 32 0.51 27.45 4.57
N ALA D 33 1.82 27.45 4.66
CA ALA D 33 2.65 26.72 3.66
C ALA D 33 2.57 25.20 3.95
N TYR D 34 2.37 24.83 5.17
CA TYR D 34 2.29 23.37 5.51
C TYR D 34 1.14 22.71 4.73
N GLY D 35 -0.05 23.24 4.84
CA GLY D 35 -1.20 22.65 4.10
C GLY D 35 -0.89 22.62 2.61
N VAL D 36 -0.13 23.56 2.12
CA VAL D 36 0.21 23.59 0.67
C VAL D 36 1.36 22.61 0.38
N ARG D 37 2.23 22.39 1.33
CA ARG D 37 3.37 21.45 1.10
C ARG D 37 2.88 20.10 0.59
N GLU D 38 1.69 19.70 0.97
CA GLU D 38 1.16 18.38 0.51
C GLU D 38 0.74 18.45 -0.97
N SER D 39 0.36 19.62 -1.47
CA SER D 39 -0.05 19.72 -2.92
C SER D 39 0.66 20.90 -3.62
N VAL D 40 0.41 21.09 -4.90
CA VAL D 40 1.08 22.21 -5.64
C VAL D 40 0.52 22.32 -7.08
N PHE D 41 0.84 23.39 -7.79
CA PHE D 41 0.33 23.55 -9.19
C PHE D 41 1.47 23.93 -10.17
N THR D 42 2.65 23.39 -9.96
CA THR D 42 3.78 23.73 -10.90
C THR D 42 4.48 22.44 -11.38
N VAL D 43 3.82 21.31 -11.28
CA VAL D 43 4.45 20.03 -11.74
C VAL D 43 5.85 19.89 -11.11
N GLU D 44 6.79 19.30 -11.80
CA GLU D 44 8.15 19.16 -11.23
C GLU D 44 9.15 18.77 -12.32
N GLY D 45 9.15 17.53 -12.74
CA GLY D 45 10.10 17.10 -13.80
C GLY D 45 9.56 15.87 -14.53
N GLY D 46 9.79 15.78 -15.81
CA GLY D 46 9.29 14.61 -16.59
C GLY D 46 7.76 14.58 -16.57
N HIS D 47 7.15 15.74 -16.51
CA HIS D 47 5.65 15.78 -16.50
C HIS D 47 5.16 17.10 -17.09
N ARG D 48 4.12 17.05 -17.88
CA ARG D 48 3.58 18.31 -18.49
C ARG D 48 2.29 18.70 -17.81
N ALA D 49 1.95 19.93 -17.95
CA ALA D 49 0.74 20.45 -17.27
C ALA D 49 -0.47 20.51 -18.22
N ILE D 50 -1.64 20.40 -17.66
CA ILE D 50 -2.90 20.40 -18.47
C ILE D 50 -3.84 21.49 -17.95
N PHE D 51 -4.69 22.04 -18.80
CA PHE D 51 -5.61 23.13 -18.34
C PHE D 51 -7.09 22.76 -18.53
N PHE D 52 -7.93 23.17 -17.61
CA PHE D 52 -9.40 22.85 -17.73
C PHE D 52 -10.22 23.80 -16.84
N ASN D 53 -11.46 24.05 -17.19
CA ASN D 53 -12.31 25.01 -16.37
C ASN D 53 -13.38 24.25 -15.55
N ARG D 54 -13.80 24.83 -14.44
CA ARG D 54 -14.85 24.18 -13.57
C ARG D 54 -16.04 23.70 -14.42
N ILE D 55 -16.26 24.32 -15.54
CA ILE D 55 -17.42 23.90 -16.40
C ILE D 55 -16.91 23.08 -17.59
N GLY D 56 -17.57 21.98 -17.89
CA GLY D 56 -17.14 21.13 -19.03
C GLY D 56 -16.98 19.69 -18.56
N GLY D 57 -15.91 19.03 -18.95
CA GLY D 57 -15.70 17.62 -18.53
C GLY D 57 -14.60 17.00 -19.39
N VAL D 58 -13.41 17.51 -19.31
CA VAL D 58 -12.30 16.95 -20.13
C VAL D 58 -11.03 16.85 -19.28
N GLN D 59 -9.87 16.98 -19.89
CA GLN D 59 -8.59 16.89 -19.11
C GLN D 59 -8.57 15.59 -18.29
N GLN D 60 -8.16 14.51 -18.89
CA GLN D 60 -8.12 13.21 -18.16
C GLN D 60 -6.69 12.68 -18.08
N ASP D 61 -6.00 12.62 -19.18
CA ASP D 61 -4.60 12.10 -19.16
C ASP D 61 -3.70 12.92 -20.10
N THR D 62 -2.89 13.83 -19.58
CA THR D 62 -2.03 14.65 -20.48
C THR D 62 -0.73 15.11 -19.77
N ILE D 63 0.44 14.70 -20.26
CA ILE D 63 1.74 15.15 -19.64
C ILE D 63 2.93 15.11 -20.66
N LEU D 64 4.09 15.61 -20.29
CA LEU D 64 5.27 15.65 -21.22
C LEU D 64 6.54 16.17 -20.49
N ALA D 65 6.67 17.47 -20.31
CA ALA D 65 7.89 18.03 -19.63
C ALA D 65 7.53 19.12 -18.62
N GLU D 66 8.47 19.54 -17.81
CA GLU D 66 8.20 20.58 -16.76
C GLU D 66 8.23 22.02 -17.33
N GLY D 67 7.68 22.95 -16.60
CA GLY D 67 7.65 24.39 -17.04
C GLY D 67 7.43 25.29 -15.81
N LEU D 68 7.83 26.54 -15.84
CA LEU D 68 7.61 27.41 -14.63
C LEU D 68 6.34 28.26 -14.82
N HIS D 69 5.28 27.89 -14.14
CA HIS D 69 3.99 28.65 -14.21
C HIS D 69 3.08 28.27 -13.04
N PHE D 70 2.21 29.14 -12.62
CA PHE D 70 1.29 28.82 -11.48
C PHE D 70 0.17 27.86 -11.94
N ARG D 71 -0.90 27.74 -11.18
CA ARG D 71 -2.02 26.82 -11.60
C ARG D 71 -2.90 27.51 -12.65
N ILE D 72 -2.33 28.25 -13.56
CA ILE D 72 -3.15 28.94 -14.60
C ILE D 72 -4.12 29.93 -13.90
N PRO D 73 -4.40 31.03 -14.56
CA PRO D 73 -5.29 32.08 -13.97
C PRO D 73 -6.72 31.56 -13.72
N TRP D 74 -7.58 32.43 -13.27
CA TRP D 74 -9.00 32.04 -12.97
C TRP D 74 -9.61 31.23 -14.12
N PHE D 75 -10.64 30.48 -13.83
CA PHE D 75 -11.32 29.66 -14.88
C PHE D 75 -10.38 28.59 -15.45
N GLN D 76 -9.55 28.00 -14.63
CA GLN D 76 -8.63 26.93 -15.14
C GLN D 76 -8.14 26.03 -14.00
N TYR D 77 -7.98 24.76 -14.28
CA TYR D 77 -7.50 23.80 -13.24
C TYR D 77 -6.63 22.74 -13.90
N PRO D 78 -5.51 22.44 -13.29
CA PRO D 78 -4.60 21.45 -13.86
C PRO D 78 -4.73 20.07 -13.22
N ILE D 79 -5.25 19.14 -13.96
CA ILE D 79 -5.33 17.72 -13.48
C ILE D 79 -4.37 16.98 -14.44
N ILE D 80 -3.23 16.56 -13.96
CA ILE D 80 -2.21 15.95 -14.89
C ILE D 80 -2.16 14.42 -14.86
N TYR D 81 -1.63 13.87 -15.92
CA TYR D 81 -1.51 12.39 -16.07
C TYR D 81 -0.10 11.91 -15.69
N ASP D 82 0.00 11.08 -14.67
CA ASP D 82 1.34 10.58 -14.26
C ASP D 82 1.56 9.15 -14.78
N ILE D 83 2.78 8.78 -15.01
CA ILE D 83 3.08 7.40 -15.53
C ILE D 83 2.32 6.32 -14.73
N ARG D 84 1.99 5.24 -15.37
CA ARG D 84 1.25 4.14 -14.67
C ARG D 84 1.13 2.92 -15.60
N ALA D 85 1.64 1.80 -15.17
CA ALA D 85 1.56 0.57 -16.03
C ALA D 85 0.10 0.26 -16.37
N ARG D 86 -0.14 -0.82 -17.09
CA ARG D 86 -1.54 -1.17 -17.45
C ARG D 86 -1.65 -2.67 -17.79
N PRO D 87 -2.31 -3.41 -16.93
CA PRO D 87 -2.50 -4.86 -17.14
C PRO D 87 -3.89 -5.14 -17.72
N ARG D 88 -3.95 -5.58 -18.96
CA ARG D 88 -5.29 -5.88 -19.57
C ARG D 88 -5.09 -6.86 -20.77
N LYS D 89 -5.50 -8.13 -20.64
CA LYS D 89 -5.30 -9.15 -21.75
C LYS D 89 -6.24 -10.40 -21.62
N ILE D 90 -6.53 -11.10 -22.72
CA ILE D 90 -7.44 -12.32 -22.65
C ILE D 90 -7.12 -13.38 -23.72
N SER D 91 -7.50 -14.62 -23.47
CA SER D 91 -7.29 -15.70 -24.49
C SER D 91 -8.62 -15.92 -25.25
N SER D 92 -8.67 -15.56 -26.50
CA SER D 92 -9.94 -15.72 -27.27
C SER D 92 -9.81 -16.82 -28.33
N PRO D 93 -10.83 -17.63 -28.44
CA PRO D 93 -10.84 -18.71 -29.44
C PRO D 93 -11.64 -18.29 -30.67
N THR D 94 -10.98 -18.08 -31.78
CA THR D 94 -11.71 -17.66 -33.02
C THR D 94 -10.94 -18.10 -34.27
N GLY D 95 -11.56 -18.90 -35.10
CA GLY D 95 -10.87 -19.36 -36.34
C GLY D 95 -11.86 -19.37 -37.50
N SER D 96 -11.70 -18.51 -38.46
CA SER D 96 -12.64 -18.47 -39.61
C SER D 96 -11.87 -18.62 -40.93
N LYS D 97 -10.72 -19.23 -40.90
CA LYS D 97 -9.92 -19.42 -42.15
C LYS D 97 -9.62 -20.90 -42.37
N ASP D 98 -9.32 -21.62 -41.32
CA ASP D 98 -9.01 -23.06 -41.47
C ASP D 98 -10.27 -23.91 -41.22
N LEU D 99 -10.09 -25.19 -40.98
CA LEU D 99 -11.27 -26.07 -40.73
C LEU D 99 -11.42 -26.33 -39.22
N GLN D 100 -10.35 -26.21 -38.48
CA GLN D 100 -10.43 -26.46 -37.01
C GLN D 100 -10.59 -25.13 -36.26
N MET D 101 -10.22 -25.10 -35.01
CA MET D 101 -10.36 -23.84 -34.22
C MET D 101 -8.98 -23.27 -33.88
N VAL D 102 -8.89 -21.98 -33.72
CA VAL D 102 -7.57 -21.36 -33.38
C VAL D 102 -7.76 -20.28 -32.31
N ASN D 103 -6.87 -20.23 -31.36
CA ASN D 103 -7.01 -19.20 -30.28
C ASN D 103 -6.03 -18.04 -30.53
N ILE D 104 -6.45 -16.84 -30.23
CA ILE D 104 -5.55 -15.68 -30.44
C ILE D 104 -5.77 -14.63 -29.34
N SER D 105 -4.71 -14.24 -28.67
CA SER D 105 -4.85 -13.23 -27.58
C SER D 105 -4.06 -11.97 -27.97
N LEU D 106 -4.49 -10.81 -27.53
CA LEU D 106 -3.75 -9.58 -27.90
C LEU D 106 -3.70 -8.60 -26.73
N ARG D 107 -2.68 -7.78 -26.69
CA ARG D 107 -2.54 -6.78 -25.59
C ARG D 107 -1.78 -5.56 -26.10
N VAL D 108 -2.16 -4.38 -25.69
CA VAL D 108 -1.46 -3.15 -26.18
C VAL D 108 -0.96 -2.30 -25.01
N LEU D 109 0.11 -1.56 -25.21
CA LEU D 109 0.65 -0.70 -24.13
C LEU D 109 0.52 0.79 -24.50
N SER D 110 0.40 1.65 -23.53
CA SER D 110 0.27 3.11 -23.84
C SER D 110 1.53 3.86 -23.37
N ARG D 111 1.87 4.93 -24.03
CA ARG D 111 3.08 5.71 -23.62
C ARG D 111 2.88 7.21 -23.92
N PRO D 112 2.75 7.99 -22.88
CA PRO D 112 2.54 9.45 -23.04
C PRO D 112 3.88 10.14 -23.37
N ASN D 113 4.22 10.25 -24.63
CA ASN D 113 5.51 10.91 -24.99
C ASN D 113 5.61 11.10 -26.50
N ALA D 114 4.77 11.92 -27.08
CA ALA D 114 4.83 12.14 -28.55
C ALA D 114 3.87 13.27 -28.98
N GLN D 115 3.72 14.27 -28.14
CA GLN D 115 2.81 15.40 -28.49
C GLN D 115 1.39 14.89 -28.81
N GLU D 116 0.49 15.01 -27.88
CA GLU D 116 -0.91 14.54 -28.12
C GLU D 116 -1.79 14.87 -26.91
N LEU D 117 -1.27 14.68 -25.73
CA LEU D 117 -2.06 14.99 -24.49
C LEU D 117 -2.76 16.36 -24.53
N PRO D 118 -2.09 17.40 -25.01
CA PRO D 118 -2.73 18.74 -25.05
C PRO D 118 -3.93 18.79 -26.00
N SER D 119 -3.74 18.44 -27.25
CA SER D 119 -4.87 18.50 -28.22
C SER D 119 -5.78 17.26 -28.14
N MET D 120 -5.23 16.13 -27.79
CA MET D 120 -6.05 14.87 -27.73
C MET D 120 -6.86 14.77 -26.43
N TYR D 121 -6.53 15.53 -25.42
CA TYR D 121 -7.28 15.41 -24.12
C TYR D 121 -8.80 15.32 -24.34
N GLN D 122 -9.34 16.11 -25.23
CA GLN D 122 -10.81 16.05 -25.48
C GLN D 122 -11.13 14.92 -26.47
N ARG D 123 -10.46 14.91 -27.60
CA ARG D 123 -10.71 13.85 -28.62
C ARG D 123 -10.54 12.46 -28.00
N LEU D 124 -9.46 12.25 -27.29
CA LEU D 124 -9.23 10.92 -26.65
C LEU D 124 -10.04 10.79 -25.36
N GLY D 125 -10.47 11.89 -24.80
CA GLY D 125 -11.25 11.83 -23.54
C GLY D 125 -12.51 10.99 -23.73
N LEU D 126 -13.53 11.22 -22.95
CA LEU D 126 -14.81 10.44 -23.07
C LEU D 126 -14.58 8.99 -22.63
N ASP D 127 -13.75 8.26 -23.33
CA ASP D 127 -13.50 6.83 -22.94
C ASP D 127 -12.33 6.26 -23.75
N TYR D 128 -11.11 6.53 -23.34
CA TYR D 128 -9.94 6.01 -24.08
C TYR D 128 -9.59 4.59 -23.60
N GLU D 129 -8.88 4.46 -22.52
CA GLU D 129 -8.51 3.11 -22.01
C GLU D 129 -9.76 2.26 -21.73
N GLU D 130 -10.90 2.90 -21.58
CA GLU D 130 -12.14 2.13 -21.30
C GLU D 130 -12.71 1.53 -22.60
N ARG D 131 -13.16 2.37 -23.50
CA ARG D 131 -13.76 1.84 -24.78
C ARG D 131 -12.68 1.52 -25.81
N VAL D 132 -11.95 2.51 -26.26
CA VAL D 132 -10.91 2.29 -27.31
C VAL D 132 -9.99 1.09 -27.01
N LEU D 133 -9.41 1.03 -25.84
CA LEU D 133 -8.48 -0.10 -25.52
C LEU D 133 -9.09 -1.47 -25.87
N PRO D 134 -10.17 -1.83 -25.23
CA PRO D 134 -10.81 -3.14 -25.50
C PRO D 134 -11.53 -3.14 -26.86
N SER D 135 -11.84 -1.99 -27.38
CA SER D 135 -12.55 -1.93 -28.69
C SER D 135 -11.59 -2.18 -29.86
N ILE D 136 -10.49 -1.47 -29.90
CA ILE D 136 -9.52 -1.66 -31.03
C ILE D 136 -8.66 -2.91 -30.83
N VAL D 137 -8.45 -3.31 -29.60
CA VAL D 137 -7.61 -4.52 -29.36
C VAL D 137 -8.38 -5.80 -29.71
N ASN D 138 -9.64 -5.86 -29.34
CA ASN D 138 -10.45 -7.07 -29.65
C ASN D 138 -10.95 -7.03 -31.10
N GLU D 139 -11.16 -5.86 -31.65
CA GLU D 139 -11.66 -5.75 -33.05
C GLU D 139 -10.63 -6.32 -34.03
N VAL D 140 -9.49 -5.68 -34.15
CA VAL D 140 -8.45 -6.17 -35.10
C VAL D 140 -8.09 -7.62 -34.77
N LEU D 141 -8.24 -8.03 -33.55
CA LEU D 141 -7.90 -9.44 -33.17
C LEU D 141 -8.71 -10.43 -34.02
N LYS D 142 -9.98 -10.17 -34.19
CA LYS D 142 -10.82 -11.11 -34.99
C LYS D 142 -10.63 -10.87 -36.49
N SER D 143 -10.64 -9.64 -36.91
CA SER D 143 -10.47 -9.35 -38.38
C SER D 143 -9.15 -9.91 -38.89
N VAL D 144 -8.16 -10.07 -38.04
CA VAL D 144 -6.86 -10.63 -38.50
C VAL D 144 -6.93 -12.16 -38.60
N VAL D 145 -7.21 -12.81 -37.51
CA VAL D 145 -7.30 -14.31 -37.54
C VAL D 145 -8.28 -14.77 -38.62
N ALA D 146 -9.27 -13.97 -38.90
CA ALA D 146 -10.28 -14.36 -39.94
C ALA D 146 -9.58 -14.54 -41.29
N LYS D 147 -8.69 -13.65 -41.63
CA LYS D 147 -7.97 -13.76 -42.94
C LYS D 147 -6.82 -14.77 -42.81
N PHE D 148 -5.97 -14.60 -41.83
CA PHE D 148 -4.83 -15.54 -41.65
C PHE D 148 -5.35 -16.97 -41.41
N ASN D 149 -4.53 -17.95 -41.66
CA ASN D 149 -4.98 -19.37 -41.45
C ASN D 149 -4.41 -19.91 -40.13
N ALA D 150 -4.98 -20.96 -39.62
CA ALA D 150 -4.47 -21.54 -38.35
C ALA D 150 -3.10 -22.18 -38.56
N SER D 151 -2.88 -22.78 -39.70
CA SER D 151 -1.56 -23.42 -39.97
C SER D 151 -0.43 -22.37 -39.89
N GLN D 152 -0.69 -21.18 -40.39
CA GLN D 152 0.36 -20.13 -40.34
C GLN D 152 0.45 -19.52 -38.93
N LEU D 153 -0.58 -19.68 -38.14
CA LEU D 153 -0.54 -19.10 -36.76
C LEU D 153 0.24 -20.03 -35.83
N ILE D 154 0.10 -21.32 -35.98
CA ILE D 154 0.84 -22.26 -35.10
C ILE D 154 2.33 -22.31 -35.48
N THR D 155 2.64 -22.02 -36.71
CA THR D 155 4.08 -22.05 -37.13
C THR D 155 4.88 -21.04 -36.31
N GLN D 156 4.25 -19.97 -35.90
CA GLN D 156 4.96 -18.94 -35.09
C GLN D 156 3.96 -17.85 -34.68
N ARG D 157 3.54 -17.85 -33.44
CA ARG D 157 2.58 -16.81 -32.97
C ARG D 157 3.14 -15.40 -33.23
N ALA D 158 4.43 -15.29 -33.41
CA ALA D 158 5.04 -13.95 -33.67
C ALA D 158 4.85 -13.54 -35.13
N GLN D 159 4.87 -14.48 -36.04
CA GLN D 159 4.70 -14.12 -37.48
C GLN D 159 3.35 -13.45 -37.72
N VAL D 160 2.28 -14.05 -37.24
CA VAL D 160 0.94 -13.44 -37.43
C VAL D 160 0.85 -12.11 -36.68
N SER D 161 1.58 -11.98 -35.60
CA SER D 161 1.54 -10.71 -34.82
C SER D 161 2.05 -9.55 -35.69
N LEU D 162 2.88 -9.84 -36.65
CA LEU D 162 3.41 -8.75 -37.53
C LEU D 162 2.26 -8.02 -38.23
N LEU D 163 1.22 -8.75 -38.59
CA LEU D 163 0.07 -8.10 -39.27
C LEU D 163 -0.68 -7.20 -38.29
N ILE D 164 -0.63 -7.52 -37.02
CA ILE D 164 -1.33 -6.68 -36.00
C ILE D 164 -0.61 -5.33 -35.87
N ARG D 165 0.69 -5.35 -35.87
CA ARG D 165 1.45 -4.07 -35.74
C ARG D 165 1.16 -3.16 -36.94
N ARG D 166 0.89 -3.74 -38.09
CA ARG D 166 0.60 -2.92 -39.30
C ARG D 166 -0.85 -2.40 -39.24
N GLU D 167 -1.77 -3.23 -38.83
CA GLU D 167 -3.19 -2.80 -38.76
C GLU D 167 -3.43 -1.98 -37.49
N LEU D 168 -2.69 -2.24 -36.45
CA LEU D 168 -2.87 -1.47 -35.18
C LEU D 168 -2.28 -0.07 -35.31
N THR D 169 -1.10 0.04 -35.84
CA THR D 169 -0.45 1.37 -36.00
C THR D 169 -1.39 2.35 -36.72
N GLU D 170 -2.30 1.83 -37.51
CA GLU D 170 -3.25 2.73 -38.24
C GLU D 170 -4.38 3.17 -37.31
N ARG D 171 -5.16 2.25 -36.82
CA ARG D 171 -6.28 2.63 -35.91
C ARG D 171 -5.75 3.18 -34.59
N ALA D 172 -4.71 2.57 -34.06
CA ALA D 172 -4.14 3.06 -32.77
C ALA D 172 -3.71 4.52 -32.90
N LYS D 173 -2.91 4.83 -33.89
CA LYS D 173 -2.46 6.24 -34.08
C LYS D 173 -3.64 7.12 -34.50
N ASP D 174 -4.61 6.55 -35.16
CA ASP D 174 -5.79 7.35 -35.60
C ASP D 174 -6.45 8.04 -34.41
N PHE D 175 -6.69 7.31 -33.36
CA PHE D 175 -7.32 7.94 -32.15
C PHE D 175 -6.42 9.04 -31.61
N SER D 176 -5.14 8.79 -31.52
CA SER D 176 -4.20 9.82 -30.99
C SER D 176 -2.76 9.47 -31.38
N LEU D 177 -1.81 10.26 -30.96
CA LEU D 177 -0.39 9.97 -31.30
C LEU D 177 0.31 9.36 -30.09
N ILE D 178 0.64 8.10 -30.16
CA ILE D 178 1.31 7.43 -29.01
C ILE D 178 2.25 6.34 -29.51
N LEU D 179 3.29 6.04 -28.78
CA LEU D 179 4.24 4.98 -29.21
C LEU D 179 3.94 3.70 -28.44
N ASP D 180 3.43 2.70 -29.11
CA ASP D 180 3.09 1.43 -28.43
C ASP D 180 3.85 0.26 -29.05
N ASP D 181 4.08 -0.78 -28.29
CA ASP D 181 4.81 -1.96 -28.83
C ASP D 181 3.81 -3.05 -29.21
N VAL D 182 4.00 -3.71 -30.32
CA VAL D 182 3.03 -4.76 -30.73
C VAL D 182 3.56 -6.17 -30.43
N ALA D 183 2.98 -6.81 -29.46
CA ALA D 183 3.39 -8.19 -29.08
C ALA D 183 2.25 -8.85 -28.32
N ILE D 184 2.13 -10.15 -28.38
CA ILE D 184 1.00 -10.79 -27.65
C ILE D 184 1.36 -12.19 -27.15
N THR D 185 0.81 -12.57 -26.02
CA THR D 185 1.07 -13.93 -25.48
C THR D 185 -0.15 -14.80 -25.80
N GLU D 186 -0.01 -15.74 -26.69
CA GLU D 186 -1.19 -16.57 -27.06
C GLU D 186 -0.81 -17.99 -27.48
N LEU D 187 -1.72 -18.90 -27.26
CA LEU D 187 -1.52 -20.30 -27.67
C LEU D 187 -2.76 -20.71 -28.47
N SER D 188 -2.59 -21.47 -29.52
CA SER D 188 -3.78 -21.84 -30.33
C SER D 188 -4.24 -23.26 -30.01
N PHE D 189 -5.51 -23.52 -30.18
CA PHE D 189 -6.05 -24.89 -29.88
C PHE D 189 -6.26 -25.68 -31.17
N SER D 190 -5.47 -26.69 -31.39
CA SER D 190 -5.63 -27.50 -32.63
C SER D 190 -6.63 -28.63 -32.42
N MET E 1 -26.90 62.77 3.57
CA MET E 1 -28.27 62.95 4.16
C MET E 1 -28.58 61.83 5.14
N ALA E 2 -29.63 61.96 5.90
CA ALA E 2 -30.01 60.89 6.88
C ALA E 2 -28.88 60.69 7.90
N GLN E 3 -29.20 60.21 9.07
CA GLN E 3 -28.16 59.99 10.12
C GLN E 3 -27.59 58.58 9.99
N ASN E 4 -28.36 57.65 9.49
CA ASN E 4 -27.85 56.25 9.35
C ASN E 4 -26.76 56.18 8.28
N LEU E 5 -26.90 56.94 7.22
CA LEU E 5 -25.86 56.93 6.14
C LEU E 5 -24.51 57.39 6.70
N LYS E 6 -24.49 58.49 7.41
CA LYS E 6 -23.21 58.98 7.99
C LYS E 6 -22.59 57.92 8.90
N ASP E 7 -23.41 57.09 9.48
CA ASP E 7 -22.88 56.02 10.38
C ASP E 7 -22.06 55.01 9.57
N LEU E 8 -22.39 54.82 8.32
CA LEU E 8 -21.64 53.85 7.48
C LEU E 8 -20.15 54.25 7.40
N ALA E 9 -19.88 55.42 6.90
CA ALA E 9 -18.46 55.88 6.79
C ALA E 9 -17.93 56.25 8.19
N GLY E 10 -18.80 56.67 9.07
CA GLY E 10 -18.36 57.04 10.44
C GLY E 10 -18.00 55.78 11.23
N ARG E 11 -18.48 54.65 10.81
CA ARG E 11 -18.18 53.38 11.54
C ARG E 11 -16.74 52.94 11.26
N LEU E 12 -16.18 53.34 10.15
CA LEU E 12 -14.77 52.95 9.83
C LEU E 12 -13.80 53.51 10.89
N PRO E 13 -13.82 54.81 11.05
CA PRO E 13 -12.92 55.45 12.04
C PRO E 13 -13.43 55.19 13.46
N ALA E 14 -13.47 53.95 13.87
CA ALA E 14 -13.96 53.64 15.25
C ALA E 14 -12.77 53.38 16.18
N GLY E 15 -12.14 52.24 16.06
CA GLY E 15 -10.98 51.92 16.93
C GLY E 15 -10.09 50.87 16.25
N PRO E 16 -8.81 50.98 16.46
CA PRO E 16 -7.86 50.02 15.86
C PRO E 16 -7.92 48.67 16.59
N ARG E 17 -8.31 48.69 17.84
CA ARG E 17 -8.39 47.41 18.61
C ARG E 17 -9.38 46.45 17.93
N GLY E 18 -10.53 46.93 17.56
CA GLY E 18 -11.54 46.05 16.90
C GLY E 18 -10.98 45.53 15.58
N MET E 19 -10.24 46.35 14.88
CA MET E 19 -9.66 45.90 13.58
C MET E 19 -8.40 45.07 13.82
N GLY E 20 -7.73 45.27 14.93
CA GLY E 20 -6.50 44.49 15.22
C GLY E 20 -6.86 43.01 15.38
N THR E 21 -7.90 42.72 16.09
CA THR E 21 -8.30 41.29 16.28
C THR E 21 -8.69 40.66 14.95
N ALA E 22 -9.12 41.46 14.00
CA ALA E 22 -9.51 40.91 12.67
C ALA E 22 -8.31 40.22 12.01
N LEU E 23 -7.11 40.63 12.35
CA LEU E 23 -5.91 39.99 11.73
C LEU E 23 -5.80 38.53 12.20
N LYS E 24 -6.02 38.28 13.47
CA LYS E 24 -5.92 36.88 13.98
C LYS E 24 -6.81 35.96 13.14
N LEU E 25 -7.93 36.44 12.68
CA LEU E 25 -8.85 35.61 11.86
C LEU E 25 -8.16 35.21 10.55
N LEU E 26 -7.49 36.13 9.91
CA LEU E 26 -6.80 35.81 8.63
C LEU E 26 -5.83 34.65 8.83
N LEU E 27 -5.00 34.73 9.84
CA LEU E 27 -4.02 33.63 10.10
C LEU E 27 -4.77 32.35 10.51
N GLY E 28 -5.92 32.50 11.13
CA GLY E 28 -6.70 31.30 11.53
C GLY E 28 -7.40 30.71 10.32
N ALA E 29 -7.83 31.54 9.41
CA ALA E 29 -8.51 31.03 8.18
C ALA E 29 -7.55 30.16 7.37
N GLY E 30 -6.33 30.59 7.22
CA GLY E 30 -5.33 29.79 6.46
C GLY E 30 -5.13 28.44 7.14
N ALA E 31 -5.23 28.41 8.45
CA ALA E 31 -5.05 27.13 9.18
C ALA E 31 -6.21 26.18 8.87
N VAL E 32 -7.41 26.70 8.84
CA VAL E 32 -8.59 25.82 8.52
C VAL E 32 -8.45 25.24 7.12
N ALA E 33 -7.94 26.02 6.20
CA ALA E 33 -7.78 25.51 4.80
C ALA E 33 -7.00 24.19 4.80
N TYR E 34 -6.12 24.01 5.75
CA TYR E 34 -5.33 22.75 5.81
C TYR E 34 -6.26 21.55 6.04
N GLY E 35 -7.12 21.64 7.02
CA GLY E 35 -8.06 20.50 7.28
C GLY E 35 -8.93 20.27 6.04
N VAL E 36 -9.57 21.29 5.55
CA VAL E 36 -10.43 21.14 4.34
C VAL E 36 -9.59 20.68 3.14
N ARG E 37 -8.34 21.05 3.09
CA ARG E 37 -7.48 20.64 1.95
C ARG E 37 -7.47 19.12 1.77
N GLU E 38 -7.63 18.38 2.84
CA GLU E 38 -7.63 16.89 2.73
C GLU E 38 -8.94 16.38 2.08
N SER E 39 -10.04 17.10 2.21
CA SER E 39 -11.33 16.62 1.60
C SER E 39 -12.09 17.77 0.89
N VAL E 40 -13.19 17.47 0.22
CA VAL E 40 -13.98 18.53 -0.49
C VAL E 40 -15.26 17.93 -1.12
N PHE E 41 -16.16 18.76 -1.62
CA PHE E 41 -17.42 18.20 -2.25
C PHE E 41 -17.39 18.37 -3.79
N THR E 42 -16.95 19.50 -4.31
CA THR E 42 -16.93 19.67 -5.81
C THR E 42 -16.12 18.53 -6.44
N VAL E 43 -16.79 17.63 -7.13
CA VAL E 43 -16.06 16.48 -7.77
C VAL E 43 -14.86 16.98 -8.57
N GLU E 44 -13.80 16.20 -8.61
CA GLU E 44 -12.59 16.63 -9.38
C GLU E 44 -12.14 15.50 -10.31
N GLY E 45 -11.38 15.83 -11.31
CA GLY E 45 -10.89 14.77 -12.26
C GLY E 45 -12.06 14.30 -13.13
N GLY E 46 -12.17 13.01 -13.34
CA GLY E 46 -13.29 12.48 -14.18
C GLY E 46 -14.23 11.65 -13.30
N HIS E 47 -14.59 12.16 -12.15
CA HIS E 47 -15.51 11.40 -11.27
C HIS E 47 -16.91 12.03 -11.28
N ARG E 48 -17.91 11.25 -11.02
CA ARG E 48 -19.32 11.76 -11.06
C ARG E 48 -19.86 11.95 -9.60
N ALA E 49 -20.83 12.85 -9.38
CA ALA E 49 -21.35 13.13 -7.97
C ALA E 49 -22.66 12.41 -7.63
N ILE E 50 -22.89 12.22 -6.35
CA ILE E 50 -24.10 11.50 -5.86
C ILE E 50 -24.70 12.25 -4.62
N PHE E 51 -25.99 12.12 -4.35
CA PHE E 51 -26.59 12.89 -3.20
C PHE E 51 -27.36 12.03 -2.17
N PHE E 52 -27.23 12.35 -0.90
CA PHE E 52 -27.98 11.61 0.18
C PHE E 52 -28.00 12.46 1.48
N ASN E 53 -28.98 12.28 2.33
CA ASN E 53 -29.06 13.08 3.59
C ASN E 53 -29.00 12.17 4.84
N ARG E 54 -28.50 12.68 5.95
CA ARG E 54 -28.39 11.84 7.21
C ARG E 54 -29.67 11.00 7.44
N ILE E 55 -30.82 11.59 7.24
CA ILE E 55 -32.08 10.82 7.46
C ILE E 55 -32.77 10.51 6.12
N GLY E 56 -32.38 9.44 5.49
CA GLY E 56 -33.00 9.08 4.18
C GLY E 56 -32.41 7.75 3.69
N GLY E 57 -32.06 7.68 2.43
CA GLY E 57 -31.47 6.42 1.89
C GLY E 57 -30.02 6.68 1.47
N VAL E 58 -29.08 6.12 2.20
CA VAL E 58 -27.63 6.32 1.86
C VAL E 58 -27.38 6.13 0.36
N GLN E 59 -26.22 6.49 -0.10
CA GLN E 59 -25.91 6.33 -1.56
C GLN E 59 -24.47 5.83 -1.74
N GLN E 60 -24.29 4.62 -2.18
CA GLN E 60 -22.91 4.09 -2.38
C GLN E 60 -22.75 3.53 -3.80
N ASP E 61 -21.54 3.40 -4.26
CA ASP E 61 -21.29 2.85 -5.63
C ASP E 61 -22.07 3.64 -6.69
N THR E 62 -21.99 4.95 -6.67
CA THR E 62 -22.73 5.76 -7.69
C THR E 62 -21.91 6.98 -8.11
N ILE E 63 -22.14 7.47 -9.32
CA ILE E 63 -21.39 8.67 -9.83
C ILE E 63 -22.26 9.41 -10.89
N LEU E 64 -22.44 10.72 -10.74
CA LEU E 64 -23.24 11.52 -11.76
C LEU E 64 -22.34 12.56 -12.48
N ALA E 65 -22.56 12.79 -13.77
CA ALA E 65 -21.71 13.75 -14.59
C ALA E 65 -21.14 14.94 -13.76
N GLU E 66 -20.06 15.54 -14.24
CA GLU E 66 -19.42 16.68 -13.51
C GLU E 66 -20.30 17.94 -13.52
N GLY E 67 -20.18 18.73 -12.50
CA GLY E 67 -20.98 19.98 -12.39
C GLY E 67 -20.29 20.89 -11.37
N LEU E 68 -20.48 22.19 -11.44
CA LEU E 68 -19.82 23.06 -10.43
C LEU E 68 -20.83 23.34 -9.31
N HIS E 69 -20.62 22.71 -8.18
CA HIS E 69 -21.55 22.86 -7.03
C HIS E 69 -20.84 22.46 -5.73
N PHE E 70 -21.24 23.02 -4.62
CA PHE E 70 -20.58 22.67 -3.33
C PHE E 70 -21.60 22.02 -2.38
N ARG E 71 -21.15 21.18 -1.48
CA ARG E 71 -22.10 20.53 -0.52
C ARG E 71 -22.41 21.50 0.62
N ILE E 72 -22.89 22.67 0.29
CA ILE E 72 -23.19 23.66 1.35
C ILE E 72 -24.72 23.91 1.53
N PRO E 73 -25.56 23.18 0.82
CA PRO E 73 -27.03 23.39 0.98
C PRO E 73 -27.58 22.67 2.23
N TRP E 74 -26.72 22.15 3.07
CA TRP E 74 -27.19 21.44 4.30
C TRP E 74 -28.09 20.25 3.93
N PHE E 75 -28.23 19.30 4.81
CA PHE E 75 -29.09 18.10 4.53
C PHE E 75 -28.56 17.32 3.31
N GLN E 76 -27.27 17.24 3.17
CA GLN E 76 -26.67 16.49 2.02
C GLN E 76 -25.35 15.84 2.45
N TYR E 77 -24.97 14.75 1.84
CA TYR E 77 -23.71 14.07 2.26
C TYR E 77 -22.77 13.82 1.07
N PRO E 78 -21.50 13.75 1.37
CA PRO E 78 -20.49 13.49 0.33
C PRO E 78 -20.11 12.01 0.30
N ILE E 79 -20.52 11.32 -0.74
CA ILE E 79 -20.18 9.88 -0.90
C ILE E 79 -20.30 9.56 -2.39
N ILE E 80 -19.19 9.34 -3.07
CA ILE E 80 -19.25 9.09 -4.54
C ILE E 80 -18.45 7.83 -4.94
N TYR E 81 -18.81 7.24 -6.04
CA TYR E 81 -18.10 6.02 -6.52
C TYR E 81 -17.08 6.40 -7.61
N ASP E 82 -16.01 5.66 -7.71
CA ASP E 82 -14.97 5.99 -8.75
C ASP E 82 -14.84 4.85 -9.76
N ILE E 83 -14.55 5.17 -10.99
CA ILE E 83 -14.40 4.11 -12.03
C ILE E 83 -12.99 3.50 -11.99
N ARG E 84 -12.86 2.25 -12.36
CA ARG E 84 -11.52 1.60 -12.34
C ARG E 84 -11.61 0.22 -13.00
N ALA E 85 -10.49 -0.33 -13.41
CA ALA E 85 -10.50 -1.67 -14.06
C ALA E 85 -11.11 -2.70 -13.10
N ARG E 86 -11.56 -3.82 -13.62
CA ARG E 86 -12.15 -4.85 -12.72
C ARG E 86 -11.78 -6.27 -13.17
N PRO E 87 -10.94 -6.91 -12.40
CA PRO E 87 -10.52 -8.29 -12.70
C PRO E 87 -11.33 -9.27 -11.85
N ARG E 88 -12.21 -10.02 -12.45
CA ARG E 88 -13.03 -10.98 -11.65
C ARG E 88 -13.58 -12.11 -12.57
N LYS E 89 -13.06 -13.32 -12.44
CA LYS E 89 -13.54 -14.46 -13.30
C LYS E 89 -13.16 -15.83 -12.67
N ILE E 90 -13.92 -16.89 -12.95
CA ILE E 90 -13.60 -18.24 -12.37
C ILE E 90 -13.84 -19.37 -13.36
N SER E 91 -13.15 -20.46 -13.20
CA SER E 91 -13.36 -21.64 -14.09
C SER E 91 -14.20 -22.66 -13.33
N SER E 92 -15.43 -22.87 -13.73
CA SER E 92 -16.29 -23.85 -12.99
C SER E 92 -16.73 -25.00 -13.91
N PRO E 93 -16.78 -26.19 -13.34
CA PRO E 93 -17.20 -27.37 -14.11
C PRO E 93 -18.67 -27.70 -13.84
N THR E 94 -19.52 -27.52 -14.80
CA THR E 94 -20.96 -27.82 -14.60
C THR E 94 -21.50 -28.62 -15.80
N GLY E 95 -21.83 -29.86 -15.59
CA GLY E 95 -22.35 -30.69 -16.72
C GLY E 95 -23.85 -30.93 -16.54
N SER E 96 -24.61 -30.79 -17.59
CA SER E 96 -26.08 -31.01 -17.50
C SER E 96 -26.66 -31.32 -18.88
N LYS E 97 -25.85 -31.85 -19.77
CA LYS E 97 -26.35 -32.18 -21.14
C LYS E 97 -25.32 -33.01 -21.90
N ASP E 98 -24.58 -33.83 -21.21
CA ASP E 98 -23.54 -34.65 -21.89
C ASP E 98 -23.06 -35.78 -20.97
N LEU E 99 -21.86 -36.25 -21.15
CA LEU E 99 -21.35 -37.36 -20.28
C LEU E 99 -21.45 -36.96 -18.80
N GLN E 100 -20.48 -36.23 -18.30
CA GLN E 100 -20.54 -35.81 -16.87
C GLN E 100 -19.40 -34.83 -16.56
N MET E 101 -19.00 -34.05 -17.53
CA MET E 101 -17.90 -33.07 -17.29
C MET E 101 -17.96 -31.94 -18.31
N VAL E 102 -18.30 -30.75 -17.87
CA VAL E 102 -18.37 -29.59 -18.81
C VAL E 102 -17.92 -28.33 -18.08
N ASN E 103 -16.96 -27.63 -18.61
CA ASN E 103 -16.48 -26.39 -17.94
C ASN E 103 -17.04 -25.15 -18.61
N ILE E 104 -17.72 -24.32 -17.86
CA ILE E 104 -18.29 -23.07 -18.44
C ILE E 104 -18.00 -21.89 -17.49
N SER E 105 -17.51 -20.80 -18.03
CA SER E 105 -17.19 -19.63 -17.16
C SER E 105 -17.16 -18.34 -17.98
N LEU E 106 -18.09 -17.46 -17.76
CA LEU E 106 -18.11 -16.19 -18.53
C LEU E 106 -17.90 -14.99 -17.59
N ARG E 107 -17.34 -13.92 -18.08
CA ARG E 107 -17.12 -12.72 -17.23
C ARG E 107 -17.90 -11.52 -17.79
N VAL E 108 -18.35 -10.65 -16.92
CA VAL E 108 -19.12 -9.47 -17.40
C VAL E 108 -18.34 -8.18 -17.13
N LEU E 109 -18.54 -7.17 -17.94
CA LEU E 109 -17.81 -5.89 -17.74
C LEU E 109 -18.79 -4.79 -17.28
N SER E 110 -18.33 -3.89 -16.44
CA SER E 110 -19.22 -2.80 -15.96
C SER E 110 -18.81 -1.47 -16.59
N ARG E 111 -19.76 -0.61 -16.86
CA ARG E 111 -19.42 0.71 -17.47
C ARG E 111 -20.50 1.75 -17.14
N PRO E 112 -20.13 2.71 -16.32
CA PRO E 112 -21.09 3.77 -15.93
C PRO E 112 -21.26 4.77 -17.08
N ASN E 113 -22.46 4.93 -17.56
CA ASN E 113 -22.70 5.89 -18.69
C ASN E 113 -22.75 7.33 -18.15
N ALA E 114 -23.88 7.74 -17.62
CA ALA E 114 -23.98 9.14 -17.08
C ALA E 114 -25.33 9.33 -16.39
N GLN E 115 -25.32 9.92 -15.21
CA GLN E 115 -26.60 10.15 -14.48
C GLN E 115 -27.41 8.86 -14.37
N GLU E 116 -26.75 7.73 -14.25
CA GLU E 116 -27.48 6.44 -14.13
C GLU E 116 -27.14 5.74 -12.82
N LEU E 117 -26.14 6.20 -12.11
CA LEU E 117 -25.78 5.55 -10.81
C LEU E 117 -26.78 5.88 -9.70
N PRO E 118 -27.30 7.10 -9.68
CA PRO E 118 -28.27 7.47 -8.62
C PRO E 118 -29.59 6.73 -8.80
N SER E 119 -30.17 6.77 -9.98
CA SER E 119 -31.46 6.05 -10.19
C SER E 119 -31.25 4.54 -10.06
N MET E 120 -30.17 4.04 -10.60
CA MET E 120 -29.91 2.58 -10.53
C MET E 120 -29.30 2.19 -9.17
N TYR E 121 -28.75 3.13 -8.44
CA TYR E 121 -28.13 2.76 -7.12
C TYR E 121 -29.14 2.01 -6.23
N GLN E 122 -30.18 2.67 -5.77
CA GLN E 122 -31.17 1.98 -4.88
C GLN E 122 -31.81 0.80 -5.62
N ARG E 123 -31.89 0.87 -6.92
CA ARG E 123 -32.49 -0.25 -7.69
C ARG E 123 -31.45 -1.36 -7.88
N LEU E 124 -30.19 -1.03 -7.75
CA LEU E 124 -29.12 -2.06 -7.92
C LEU E 124 -29.12 -3.01 -6.72
N GLY E 125 -29.50 -2.54 -5.57
CA GLY E 125 -29.54 -3.41 -4.36
C GLY E 125 -28.36 -3.07 -3.43
N LEU E 126 -28.38 -3.60 -2.24
CA LEU E 126 -27.27 -3.31 -1.28
C LEU E 126 -25.97 -3.94 -1.79
N ASP E 127 -25.16 -4.50 -0.91
CA ASP E 127 -23.87 -5.13 -1.34
C ASP E 127 -23.20 -4.31 -2.45
N TYR E 128 -22.38 -4.94 -3.26
CA TYR E 128 -21.69 -4.19 -4.34
C TYR E 128 -21.57 -5.07 -5.59
N GLU E 129 -20.37 -5.32 -6.05
CA GLU E 129 -20.18 -6.17 -7.27
C GLU E 129 -20.20 -7.66 -6.92
N GLU E 130 -19.41 -8.06 -5.96
CA GLU E 130 -19.34 -9.51 -5.58
C GLU E 130 -20.73 -10.13 -5.45
N ARG E 131 -21.74 -9.36 -5.18
CA ARG E 131 -23.10 -9.92 -5.03
C ARG E 131 -23.75 -10.17 -6.40
N VAL E 132 -23.85 -9.15 -7.21
CA VAL E 132 -24.51 -9.30 -8.54
C VAL E 132 -23.55 -9.91 -9.59
N LEU E 133 -22.26 -9.71 -9.44
CA LEU E 133 -21.32 -10.26 -10.47
C LEU E 133 -21.46 -11.79 -10.62
N PRO E 134 -21.20 -12.52 -9.57
CA PRO E 134 -21.30 -14.00 -9.63
C PRO E 134 -22.76 -14.46 -9.66
N SER E 135 -23.58 -13.88 -8.82
CA SER E 135 -25.02 -14.30 -8.79
C SER E 135 -25.69 -14.12 -10.15
N ILE E 136 -25.38 -13.08 -10.86
CA ILE E 136 -26.02 -12.88 -12.20
C ILE E 136 -25.33 -13.73 -13.28
N VAL E 137 -24.03 -13.85 -13.21
CA VAL E 137 -23.30 -14.67 -14.22
C VAL E 137 -23.39 -16.16 -13.88
N ASN E 138 -22.95 -16.53 -12.71
CA ASN E 138 -22.98 -17.97 -12.30
C ASN E 138 -24.40 -18.55 -12.47
N GLU E 139 -25.40 -17.71 -12.49
CA GLU E 139 -26.80 -18.22 -12.64
C GLU E 139 -27.07 -18.64 -14.09
N VAL E 140 -27.06 -17.72 -15.00
CA VAL E 140 -27.32 -18.06 -16.44
C VAL E 140 -26.15 -18.88 -17.00
N LEU E 141 -24.99 -18.80 -16.39
CA LEU E 141 -23.83 -19.57 -16.90
C LEU E 141 -24.15 -21.06 -16.93
N LYS E 142 -24.67 -21.60 -15.85
CA LYS E 142 -25.00 -23.05 -15.82
C LYS E 142 -26.34 -23.32 -16.51
N SER E 143 -27.22 -22.36 -16.55
CA SER E 143 -28.53 -22.56 -17.22
C SER E 143 -28.34 -22.77 -18.72
N VAL E 144 -27.38 -22.10 -19.30
CA VAL E 144 -27.14 -22.25 -20.77
C VAL E 144 -26.33 -23.53 -21.06
N VAL E 145 -25.48 -23.91 -20.14
CA VAL E 145 -24.66 -25.14 -20.35
C VAL E 145 -25.56 -26.37 -20.52
N ALA E 146 -26.53 -26.52 -19.66
CA ALA E 146 -27.44 -27.70 -19.76
C ALA E 146 -28.16 -27.71 -21.13
N LYS E 147 -28.20 -26.58 -21.79
CA LYS E 147 -28.89 -26.53 -23.12
C LYS E 147 -28.00 -27.15 -24.21
N PHE E 148 -26.80 -26.66 -24.36
CA PHE E 148 -25.90 -27.21 -25.41
C PHE E 148 -25.21 -28.49 -24.91
N ASN E 149 -24.43 -29.12 -25.75
CA ASN E 149 -23.73 -30.37 -25.34
C ASN E 149 -22.26 -30.08 -25.04
N ALA E 150 -21.55 -31.05 -24.52
CA ALA E 150 -20.11 -30.85 -24.19
C ALA E 150 -19.26 -30.96 -25.46
N SER E 151 -19.53 -31.93 -26.29
CA SER E 151 -18.74 -32.09 -27.55
C SER E 151 -18.83 -30.81 -28.39
N GLN E 152 -19.96 -30.18 -28.39
CA GLN E 152 -20.12 -28.92 -29.19
C GLN E 152 -19.53 -27.73 -28.42
N LEU E 153 -19.41 -27.85 -27.13
CA LEU E 153 -18.85 -26.73 -26.32
C LEU E 153 -17.33 -26.63 -26.50
N ILE E 154 -16.63 -27.73 -26.35
CA ILE E 154 -15.16 -27.70 -26.51
C ILE E 154 -14.78 -27.08 -27.86
N THR E 155 -15.54 -27.36 -28.89
CA THR E 155 -15.24 -26.78 -30.23
C THR E 155 -15.76 -25.34 -30.32
N GLN E 156 -16.67 -24.98 -29.46
CA GLN E 156 -17.23 -23.60 -29.52
C GLN E 156 -16.58 -22.67 -28.49
N ARG E 157 -16.89 -22.85 -27.23
CA ARG E 157 -16.32 -21.97 -26.16
C ARG E 157 -16.81 -20.54 -26.35
N ALA E 158 -16.38 -19.88 -27.38
CA ALA E 158 -16.84 -18.48 -27.64
C ALA E 158 -18.21 -18.50 -28.32
N GLN E 159 -18.54 -19.57 -29.00
CA GLN E 159 -19.86 -19.66 -29.69
C GLN E 159 -20.99 -19.47 -28.67
N VAL E 160 -20.95 -20.21 -27.58
CA VAL E 160 -22.02 -20.08 -26.56
C VAL E 160 -22.14 -18.62 -26.09
N SER E 161 -21.05 -17.91 -26.09
CA SER E 161 -21.09 -16.47 -25.65
C SER E 161 -22.16 -15.71 -26.45
N LEU E 162 -22.34 -16.06 -27.70
CA LEU E 162 -23.36 -15.36 -28.53
C LEU E 162 -24.73 -15.45 -27.85
N LEU E 163 -25.07 -16.59 -27.31
CA LEU E 163 -26.38 -16.74 -26.62
C LEU E 163 -26.31 -16.16 -25.21
N ILE E 164 -25.21 -16.33 -24.54
CA ILE E 164 -25.08 -15.78 -23.16
C ILE E 164 -25.23 -14.25 -23.17
N ARG E 165 -24.66 -13.60 -24.14
CA ARG E 165 -24.79 -12.11 -24.21
C ARG E 165 -26.26 -11.71 -24.32
N ARG E 166 -27.02 -12.42 -25.12
CA ARG E 166 -28.47 -12.09 -25.26
C ARG E 166 -29.16 -12.17 -23.91
N GLU E 167 -28.89 -13.20 -23.15
CA GLU E 167 -29.53 -13.33 -21.80
C GLU E 167 -28.79 -12.46 -20.78
N LEU E 168 -27.52 -12.22 -21.00
CA LEU E 168 -26.73 -11.38 -20.04
C LEU E 168 -27.07 -9.90 -20.24
N THR E 169 -27.04 -9.42 -21.45
CA THR E 169 -27.36 -7.98 -21.70
C THR E 169 -28.73 -7.65 -21.12
N GLU E 170 -29.60 -8.62 -21.00
CA GLU E 170 -30.95 -8.35 -20.43
C GLU E 170 -30.85 -8.16 -18.92
N ARG E 171 -30.09 -8.98 -18.25
CA ARG E 171 -29.93 -8.84 -16.77
C ARG E 171 -28.92 -7.73 -16.44
N ALA E 172 -27.94 -7.56 -17.29
CA ALA E 172 -26.92 -6.50 -17.03
C ALA E 172 -27.59 -5.13 -16.95
N LYS E 173 -28.42 -4.81 -17.91
CA LYS E 173 -29.13 -3.50 -17.89
C LYS E 173 -29.97 -3.37 -16.62
N ASP E 174 -30.34 -4.48 -16.03
CA ASP E 174 -31.17 -4.42 -14.79
C ASP E 174 -30.48 -3.58 -13.71
N PHE E 175 -29.35 -4.02 -13.23
CA PHE E 175 -28.63 -3.25 -12.18
C PHE E 175 -27.92 -2.04 -12.80
N SER E 176 -27.28 -1.24 -11.99
CA SER E 176 -26.57 -0.04 -12.54
C SER E 176 -25.35 -0.48 -13.33
N LEU E 177 -25.55 -1.05 -14.49
CA LEU E 177 -24.40 -1.50 -15.32
C LEU E 177 -24.80 -1.58 -16.79
N ILE E 178 -24.05 -0.97 -17.66
CA ILE E 178 -24.41 -1.02 -19.11
C ILE E 178 -23.15 -1.16 -19.96
N LEU E 179 -22.97 -2.30 -20.57
CA LEU E 179 -21.75 -2.52 -21.42
C LEU E 179 -22.02 -3.66 -22.41
N ASP E 180 -21.66 -3.48 -23.65
CA ASP E 180 -21.89 -4.56 -24.65
C ASP E 180 -20.58 -5.31 -24.92
N ASP E 181 -20.48 -6.53 -24.47
CA ASP E 181 -19.23 -7.31 -24.69
C ASP E 181 -19.52 -8.81 -24.55
N VAL E 182 -19.48 -9.56 -25.62
CA VAL E 182 -19.75 -11.02 -25.50
C VAL E 182 -18.47 -11.82 -25.74
N ALA E 183 -17.93 -12.41 -24.69
CA ALA E 183 -16.69 -13.21 -24.84
C ALA E 183 -16.52 -14.14 -23.65
N ILE E 184 -15.84 -15.23 -23.82
CA ILE E 184 -15.64 -16.15 -22.68
C ILE E 184 -14.28 -16.85 -22.78
N THR E 185 -13.48 -16.77 -21.73
CA THR E 185 -12.17 -17.47 -21.75
C THR E 185 -12.38 -18.76 -20.96
N GLU E 186 -12.41 -19.87 -21.63
CA GLU E 186 -12.68 -21.14 -20.89
C GLU E 186 -12.23 -22.38 -21.66
N LEU E 187 -11.90 -23.40 -20.93
CA LEU E 187 -11.51 -24.70 -21.56
C LEU E 187 -12.38 -25.79 -20.93
N SER E 188 -12.91 -26.68 -21.71
CA SER E 188 -13.82 -27.72 -21.13
C SER E 188 -13.10 -29.06 -20.96
N PHE E 189 -13.54 -29.85 -20.02
CA PHE E 189 -12.90 -31.17 -19.76
C PHE E 189 -13.75 -32.29 -20.38
N SER E 190 -13.13 -33.38 -20.75
CA SER E 190 -13.88 -34.51 -21.36
C SER E 190 -13.01 -35.76 -21.44
N MET F 1 -37.95 36.72 39.46
CA MET F 1 -37.90 36.51 37.98
C MET F 1 -37.34 37.75 37.28
N ALA F 2 -37.64 38.92 37.79
CA ALA F 2 -37.12 40.16 37.16
C ALA F 2 -35.59 40.20 37.22
N GLN F 3 -35.02 39.54 38.20
CA GLN F 3 -33.53 39.52 38.31
C GLN F 3 -32.91 38.79 37.12
N ASN F 4 -33.55 37.75 36.65
CA ASN F 4 -32.99 36.99 35.49
C ASN F 4 -33.17 37.80 34.20
N LEU F 5 -34.27 38.48 34.07
CA LEU F 5 -34.50 39.30 32.83
C LEU F 5 -33.57 40.51 32.83
N LYS F 6 -33.23 41.03 33.98
CA LYS F 6 -32.33 42.21 34.04
C LYS F 6 -30.89 41.79 33.72
N ASP F 7 -30.47 40.67 34.25
CA ASP F 7 -29.07 40.20 33.99
C ASP F 7 -28.89 39.90 32.51
N LEU F 8 -29.96 39.56 31.82
CA LEU F 8 -29.84 39.24 30.37
C LEU F 8 -29.35 40.48 29.60
N ALA F 9 -29.90 41.62 29.89
CA ALA F 9 -29.47 42.87 29.18
C ALA F 9 -28.00 43.17 29.48
N GLY F 10 -27.47 42.62 30.54
CA GLY F 10 -26.05 42.89 30.90
C GLY F 10 -25.13 42.00 30.05
N ARG F 11 -25.66 40.93 29.51
CA ARG F 11 -24.81 40.00 28.69
C ARG F 11 -24.07 40.77 27.58
N LEU F 12 -24.79 41.36 26.66
CA LEU F 12 -24.11 42.10 25.55
C LEU F 12 -23.15 43.17 26.10
N PRO F 13 -23.68 44.08 26.87
CA PRO F 13 -22.83 45.16 27.45
C PRO F 13 -21.97 44.60 28.59
N ALA F 14 -20.87 43.96 28.24
CA ALA F 14 -19.98 43.39 29.30
C ALA F 14 -18.63 44.09 29.28
N GLY F 15 -17.84 43.86 28.26
CA GLY F 15 -16.50 44.50 28.19
C GLY F 15 -15.87 44.23 26.83
N PRO F 16 -15.01 45.13 26.41
CA PRO F 16 -14.33 44.97 25.09
C PRO F 16 -13.27 43.87 25.17
N ARG F 17 -12.63 43.73 26.31
CA ARG F 17 -11.59 42.67 26.45
C ARG F 17 -12.23 41.29 26.48
N GLY F 18 -13.32 41.14 27.18
CA GLY F 18 -14.00 39.83 27.25
C GLY F 18 -14.51 39.44 25.86
N MET F 19 -15.01 40.39 25.12
CA MET F 19 -15.52 40.09 23.76
C MET F 19 -14.36 39.98 22.77
N GLY F 20 -13.32 40.74 22.98
CA GLY F 20 -12.15 40.68 22.06
C GLY F 20 -11.44 39.34 22.20
N THR F 21 -11.21 38.90 23.41
CA THR F 21 -10.53 37.59 23.62
C THR F 21 -11.43 36.45 23.14
N ALA F 22 -12.72 36.65 23.15
CA ALA F 22 -13.65 35.58 22.69
C ALA F 22 -13.33 35.15 21.26
N LEU F 23 -12.89 36.07 20.44
CA LEU F 23 -12.54 35.72 19.03
C LEU F 23 -11.43 34.67 19.01
N LYS F 24 -10.47 34.78 19.89
CA LYS F 24 -9.36 33.79 19.92
C LYS F 24 -9.93 32.37 20.02
N LEU F 25 -11.07 32.23 20.62
CA LEU F 25 -11.70 30.88 20.75
C LEU F 25 -12.27 30.42 19.41
N LEU F 26 -12.80 31.33 18.63
CA LEU F 26 -13.37 30.94 17.30
C LEU F 26 -12.30 30.32 16.42
N LEU F 27 -11.08 30.78 16.53
CA LEU F 27 -9.98 30.20 15.69
C LEU F 27 -9.63 28.79 16.17
N GLY F 28 -9.65 28.57 17.46
CA GLY F 28 -9.32 27.22 17.99
C GLY F 28 -10.35 26.20 17.48
N ALA F 29 -11.57 26.62 17.29
CA ALA F 29 -12.61 25.67 16.80
C ALA F 29 -12.23 25.13 15.42
N GLY F 30 -11.62 25.94 14.61
CA GLY F 30 -11.21 25.47 13.24
C GLY F 30 -10.06 24.47 13.37
N ALA F 31 -9.13 24.73 14.25
CA ALA F 31 -7.98 23.80 14.42
C ALA F 31 -8.46 22.50 15.08
N VAL F 32 -9.30 22.60 16.07
CA VAL F 32 -9.80 21.36 16.76
C VAL F 32 -10.57 20.48 15.77
N ALA F 33 -11.14 21.07 14.75
CA ALA F 33 -11.90 20.29 13.75
C ALA F 33 -10.95 19.39 12.94
N TYR F 34 -9.73 19.81 12.76
CA TYR F 34 -8.76 18.99 11.98
C TYR F 34 -8.55 17.64 12.66
N GLY F 35 -8.30 17.64 13.94
CA GLY F 35 -8.08 16.35 14.66
C GLY F 35 -9.34 15.48 14.53
N VAL F 36 -10.49 16.09 14.59
CA VAL F 36 -11.75 15.31 14.46
C VAL F 36 -12.01 14.93 13.01
N ARG F 37 -11.56 15.75 12.09
CA ARG F 37 -11.77 15.45 10.63
C ARG F 37 -11.22 14.07 10.28
N GLU F 38 -10.20 13.63 10.97
CA GLU F 38 -9.61 12.29 10.66
C GLU F 38 -10.48 11.16 11.26
N SER F 39 -11.19 11.42 12.33
CA SER F 39 -12.05 10.33 12.94
C SER F 39 -13.52 10.77 13.04
N VAL F 40 -14.40 9.87 13.47
CA VAL F 40 -15.86 10.22 13.61
C VAL F 40 -16.65 9.04 14.19
N PHE F 41 -17.88 9.25 14.59
CA PHE F 41 -18.71 8.12 15.16
C PHE F 41 -19.95 7.86 14.28
N THR F 42 -20.63 8.90 13.84
CA THR F 42 -21.85 8.69 12.99
C THR F 42 -21.48 7.85 11.76
N VAL F 43 -22.01 6.66 11.65
CA VAL F 43 -21.69 5.79 10.49
C VAL F 43 -21.98 6.54 9.18
N GLU F 44 -20.97 6.74 8.36
CA GLU F 44 -21.17 7.46 7.08
C GLU F 44 -22.19 6.73 6.21
N GLY F 45 -21.80 5.66 5.57
CA GLY F 45 -22.74 4.90 4.71
C GLY F 45 -22.12 3.56 4.32
N GLY F 46 -22.90 2.65 3.81
CA GLY F 46 -22.36 1.32 3.42
C GLY F 46 -21.72 0.64 4.63
N HIS F 47 -22.13 1.02 5.81
CA HIS F 47 -21.55 0.41 7.04
C HIS F 47 -22.54 0.51 8.21
N ARG F 48 -22.48 -0.42 9.13
CA ARG F 48 -23.43 -0.41 10.29
C ARG F 48 -22.69 -0.12 11.60
N ALA F 49 -23.39 0.37 12.60
CA ALA F 49 -22.72 0.74 13.88
C ALA F 49 -22.84 -0.33 14.96
N ILE F 50 -21.88 -0.36 15.85
CA ILE F 50 -21.84 -1.36 16.97
C ILE F 50 -21.61 -0.63 18.31
N PHE F 51 -22.05 -1.16 19.43
CA PHE F 51 -21.87 -0.44 20.73
C PHE F 51 -21.13 -1.26 21.80
N PHE F 52 -20.20 -0.63 22.49
CA PHE F 52 -19.46 -1.33 23.59
C PHE F 52 -18.82 -0.30 24.54
N ASN F 53 -18.60 -0.66 25.78
CA ASN F 53 -18.01 0.32 26.76
C ASN F 53 -16.72 -0.24 27.41
N ARG F 54 -15.83 0.63 27.82
CA ARG F 54 -14.55 0.17 28.47
C ARG F 54 -14.86 -0.80 29.62
N ILE F 55 -14.72 -2.08 29.39
CA ILE F 55 -14.99 -3.08 30.46
C ILE F 55 -14.45 -4.45 30.07
N GLY F 56 -13.39 -4.48 29.29
CA GLY F 56 -12.81 -5.78 28.87
C GLY F 56 -13.62 -6.36 27.71
N GLY F 57 -13.00 -6.57 26.58
CA GLY F 57 -13.73 -7.14 25.41
C GLY F 57 -14.04 -6.02 24.41
N VAL F 58 -14.37 -6.38 23.20
CA VAL F 58 -14.69 -5.34 22.17
C VAL F 58 -15.89 -5.81 21.33
N GLN F 59 -15.93 -5.51 20.06
CA GLN F 59 -17.08 -5.95 19.23
C GLN F 59 -16.80 -5.71 17.74
N GLN F 60 -17.22 -6.62 16.90
CA GLN F 60 -16.99 -6.45 15.44
C GLN F 60 -17.73 -7.55 14.66
N ASP F 61 -17.30 -7.84 13.46
CA ASP F 61 -17.96 -8.91 12.64
C ASP F 61 -19.41 -8.52 12.32
N THR F 62 -19.81 -8.62 11.08
CA THR F 62 -21.22 -8.28 10.69
C THR F 62 -21.54 -6.83 11.09
N ILE F 63 -22.58 -6.26 10.53
CA ILE F 63 -22.94 -4.85 10.89
C ILE F 63 -24.48 -4.62 10.68
N LEU F 64 -25.11 -3.80 11.51
CA LEU F 64 -26.60 -3.54 11.39
C LEU F 64 -26.96 -2.61 10.20
N ALA F 65 -27.30 -1.36 10.46
CA ALA F 65 -27.70 -0.41 9.36
C ALA F 65 -27.22 1.02 9.66
N GLU F 66 -27.63 1.99 8.87
CA GLU F 66 -27.19 3.41 9.12
C GLU F 66 -28.22 4.16 9.98
N GLY F 67 -27.76 5.12 10.74
CA GLY F 67 -28.67 5.90 11.63
C GLY F 67 -27.99 7.22 11.97
N LEU F 68 -28.73 8.26 12.33
CA LEU F 68 -28.05 9.54 12.67
C LEU F 68 -27.87 9.61 14.19
N HIS F 69 -26.66 9.42 14.63
CA HIS F 69 -26.34 9.46 16.09
C HIS F 69 -24.83 9.67 16.27
N PHE F 70 -24.41 10.27 17.36
CA PHE F 70 -22.96 10.49 17.55
C PHE F 70 -22.47 9.84 18.86
N ARG F 71 -21.20 9.53 18.95
CA ARG F 71 -20.66 8.91 20.19
C ARG F 71 -20.27 10.02 21.18
N ILE F 72 -21.14 10.99 21.36
CA ILE F 72 -20.85 12.11 22.28
C ILE F 72 -21.04 11.71 23.76
N PRO F 73 -22.02 10.88 24.05
CA PRO F 73 -22.25 10.48 25.46
C PRO F 73 -21.14 9.55 25.95
N TRP F 74 -21.09 9.30 27.23
CA TRP F 74 -20.02 8.41 27.78
C TRP F 74 -20.46 6.94 27.75
N PHE F 75 -19.67 6.07 28.31
CA PHE F 75 -20.01 4.61 28.32
C PHE F 75 -20.37 4.14 26.91
N GLN F 76 -19.55 4.49 25.94
CA GLN F 76 -19.81 4.07 24.53
C GLN F 76 -18.49 4.15 23.76
N TYR F 77 -18.34 3.35 22.73
CA TYR F 77 -17.06 3.38 21.96
C TYR F 77 -17.29 3.13 20.47
N PRO F 78 -16.39 3.66 19.66
CA PRO F 78 -16.49 3.49 18.21
C PRO F 78 -15.59 2.35 17.71
N ILE F 79 -16.19 1.27 17.33
CA ILE F 79 -15.44 0.11 16.76
C ILE F 79 -16.44 -0.63 15.86
N ILE F 80 -16.26 -0.55 14.56
CA ILE F 80 -17.24 -1.19 13.61
C ILE F 80 -16.56 -2.16 12.65
N TYR F 81 -17.31 -3.08 12.11
CA TYR F 81 -16.74 -4.10 11.18
C TYR F 81 -16.96 -3.67 9.72
N ASP F 82 -15.89 -3.43 9.00
CA ASP F 82 -16.01 -3.00 7.57
C ASP F 82 -15.74 -4.19 6.63
N ILE F 83 -16.32 -4.18 5.47
CA ILE F 83 -16.10 -5.30 4.50
C ILE F 83 -14.75 -5.16 3.82
N ARG F 84 -14.28 -6.22 3.20
CA ARG F 84 -12.95 -6.17 2.50
C ARG F 84 -12.70 -7.48 1.75
N ALA F 85 -11.76 -7.50 0.84
CA ALA F 85 -11.48 -8.76 0.09
C ALA F 85 -11.01 -9.86 1.06
N ARG F 86 -11.77 -10.92 1.15
CA ARG F 86 -11.38 -12.03 2.07
C ARG F 86 -10.87 -13.24 1.25
N PRO F 87 -9.59 -13.52 1.38
CA PRO F 87 -8.97 -14.64 0.63
C PRO F 87 -8.86 -15.90 1.51
N ARG F 88 -9.42 -16.99 1.05
CA ARG F 88 -9.36 -18.28 1.80
C ARG F 88 -9.61 -19.44 0.79
N LYS F 89 -8.75 -20.47 0.77
CA LYS F 89 -8.91 -21.57 -0.27
C LYS F 89 -8.45 -22.97 0.24
N ILE F 90 -8.95 -24.04 -0.38
CA ILE F 90 -8.58 -25.44 0.05
C ILE F 90 -7.51 -26.10 -0.82
N SER F 91 -6.75 -27.00 -0.23
CA SER F 91 -5.73 -27.78 -0.99
C SER F 91 -5.76 -29.20 -0.43
N SER F 92 -6.31 -30.14 -1.15
CA SER F 92 -6.36 -31.53 -0.61
C SER F 92 -6.64 -32.57 -1.70
N PRO F 93 -5.66 -33.36 -2.01
CA PRO F 93 -5.83 -34.44 -2.99
C PRO F 93 -6.05 -35.74 -2.23
N THR F 94 -7.25 -36.26 -2.24
CA THR F 94 -7.50 -37.52 -1.47
C THR F 94 -8.74 -38.26 -1.98
N GLY F 95 -8.76 -39.55 -1.83
CA GLY F 95 -9.93 -40.36 -2.26
C GLY F 95 -10.19 -41.43 -1.20
N SER F 96 -11.28 -41.34 -0.48
CA SER F 96 -11.55 -42.35 0.59
C SER F 96 -12.63 -43.33 0.15
N LYS F 97 -13.29 -43.95 1.09
CA LYS F 97 -14.37 -44.94 0.75
C LYS F 97 -13.82 -45.98 -0.23
N ASP F 98 -12.53 -46.22 -0.18
CA ASP F 98 -11.91 -47.22 -1.09
C ASP F 98 -10.45 -47.47 -0.66
N LEU F 99 -9.76 -46.43 -0.29
CA LEU F 99 -8.34 -46.59 0.15
C LEU F 99 -8.09 -45.77 1.42
N GLN F 100 -7.01 -45.02 1.50
CA GLN F 100 -6.75 -44.21 2.73
C GLN F 100 -6.10 -42.87 2.37
N MET F 101 -6.84 -41.80 2.46
CA MET F 101 -6.28 -40.46 2.12
C MET F 101 -6.95 -39.38 3.00
N VAL F 102 -6.17 -38.63 3.75
CA VAL F 102 -6.76 -37.59 4.62
C VAL F 102 -6.51 -36.18 4.04
N ASN F 103 -7.38 -35.25 4.32
CA ASN F 103 -7.20 -33.86 3.79
C ASN F 103 -7.60 -32.82 4.83
N ILE F 104 -7.01 -31.65 4.78
CA ILE F 104 -7.37 -30.58 5.76
C ILE F 104 -7.22 -29.19 5.11
N SER F 105 -8.31 -28.53 4.86
CA SER F 105 -8.26 -27.17 4.24
C SER F 105 -9.59 -26.44 4.52
N LEU F 106 -9.57 -25.12 4.55
CA LEU F 106 -10.84 -24.39 4.85
C LEU F 106 -11.20 -23.36 3.75
N ARG F 107 -12.48 -23.09 3.59
CA ARG F 107 -12.92 -22.10 2.56
C ARG F 107 -14.34 -21.60 2.89
N VAL F 108 -14.47 -20.33 3.22
CA VAL F 108 -15.82 -19.78 3.55
C VAL F 108 -15.88 -18.28 3.24
N LEU F 109 -17.03 -17.77 2.92
CA LEU F 109 -17.16 -16.31 2.60
C LEU F 109 -17.97 -15.61 3.68
N SER F 110 -17.52 -14.48 4.14
CA SER F 110 -18.28 -13.73 5.19
C SER F 110 -18.81 -12.41 4.62
N ARG F 111 -20.12 -12.31 4.47
CA ARG F 111 -20.70 -11.06 3.92
C ARG F 111 -21.74 -10.49 4.88
N PRO F 112 -21.52 -9.27 5.31
CA PRO F 112 -22.46 -8.61 6.25
C PRO F 112 -23.76 -8.23 5.54
N ASN F 113 -24.78 -9.02 5.67
CA ASN F 113 -26.08 -8.70 5.00
C ASN F 113 -27.03 -8.04 5.99
N ALA F 114 -26.51 -7.22 6.87
CA ALA F 114 -27.39 -6.53 7.87
C ALA F 114 -28.24 -7.56 8.64
N GLN F 115 -27.63 -8.28 9.54
CA GLN F 115 -28.40 -9.29 10.33
C GLN F 115 -28.06 -9.17 11.81
N GLU F 116 -28.14 -7.99 12.36
CA GLU F 116 -27.84 -7.80 13.81
C GLU F 116 -26.44 -8.32 14.15
N LEU F 117 -25.45 -7.48 14.08
CA LEU F 117 -24.06 -7.92 14.42
C LEU F 117 -23.79 -7.91 15.94
N PRO F 118 -24.61 -7.24 16.74
CA PRO F 118 -24.34 -7.18 18.19
C PRO F 118 -24.78 -8.47 18.90
N SER F 119 -26.00 -8.90 18.69
CA SER F 119 -26.48 -10.14 19.35
C SER F 119 -25.52 -11.30 19.07
N MET F 120 -25.17 -11.48 17.82
CA MET F 120 -24.25 -12.60 17.46
C MET F 120 -22.78 -12.20 17.71
N TYR F 121 -22.50 -10.93 17.81
CA TYR F 121 -21.07 -10.49 18.04
C TYR F 121 -20.43 -11.31 19.18
N GLN F 122 -21.04 -11.33 20.33
CA GLN F 122 -20.45 -12.08 21.47
C GLN F 122 -20.63 -13.59 21.27
N ARG F 123 -21.81 -14.03 20.91
CA ARG F 123 -22.03 -15.49 20.70
C ARG F 123 -21.12 -16.01 19.58
N LEU F 124 -20.82 -15.18 18.62
CA LEU F 124 -19.94 -15.60 17.49
C LEU F 124 -18.48 -15.63 17.94
N GLY F 125 -18.13 -14.80 18.89
CA GLY F 125 -16.73 -14.76 19.38
C GLY F 125 -16.02 -13.52 18.82
N LEU F 126 -14.85 -13.22 19.32
CA LEU F 126 -14.12 -12.02 18.81
C LEU F 126 -13.30 -12.40 17.57
N ASP F 127 -13.86 -12.20 16.40
CA ASP F 127 -13.12 -12.55 15.14
C ASP F 127 -12.57 -13.97 15.22
N TYR F 128 -13.44 -14.94 15.39
CA TYR F 128 -12.98 -16.36 15.47
C TYR F 128 -13.08 -17.03 14.10
N GLU F 129 -13.06 -16.26 13.04
CA GLU F 129 -13.16 -16.87 11.68
C GLU F 129 -11.99 -17.82 11.44
N GLU F 130 -10.86 -17.56 12.04
CA GLU F 130 -9.68 -18.44 11.86
C GLU F 130 -9.97 -19.85 12.39
N ARG F 131 -10.50 -19.94 13.58
CA ARG F 131 -10.81 -21.28 14.15
C ARG F 131 -12.11 -21.83 13.55
N VAL F 132 -13.05 -20.97 13.27
CA VAL F 132 -14.34 -21.44 12.68
C VAL F 132 -14.18 -21.67 11.18
N LEU F 133 -13.18 -21.10 10.57
CA LEU F 133 -12.99 -21.30 9.09
C LEU F 133 -12.99 -22.79 8.75
N PRO F 134 -12.10 -23.54 9.35
CA PRO F 134 -12.03 -24.99 9.08
C PRO F 134 -13.09 -25.74 9.88
N SER F 135 -13.28 -25.39 11.13
CA SER F 135 -14.29 -26.10 11.97
C SER F 135 -15.61 -26.26 11.21
N ILE F 136 -15.94 -25.32 10.36
CA ILE F 136 -17.21 -25.43 9.59
C ILE F 136 -17.04 -26.37 8.39
N VAL F 137 -16.23 -25.97 7.43
CA VAL F 137 -16.03 -26.83 6.22
C VAL F 137 -15.02 -27.96 6.49
N ASN F 138 -13.78 -27.62 6.74
CA ASN F 138 -12.74 -28.66 6.98
C ASN F 138 -13.22 -29.75 7.95
N GLU F 139 -13.89 -29.38 9.01
CA GLU F 139 -14.36 -30.41 9.98
C GLU F 139 -15.14 -31.51 9.26
N VAL F 140 -16.24 -31.17 8.64
CA VAL F 140 -17.04 -32.19 7.90
C VAL F 140 -16.42 -32.49 6.53
N LEU F 141 -15.59 -31.61 6.05
CA LEU F 141 -14.95 -31.82 4.71
C LEU F 141 -14.39 -33.23 4.56
N LYS F 142 -13.38 -33.56 5.32
CA LYS F 142 -12.79 -34.93 5.21
C LYS F 142 -13.83 -35.99 5.59
N SER F 143 -14.87 -35.59 6.28
CA SER F 143 -15.92 -36.58 6.68
C SER F 143 -16.80 -36.91 5.47
N VAL F 144 -17.47 -35.94 4.92
CA VAL F 144 -18.34 -36.19 3.73
C VAL F 144 -17.49 -36.67 2.55
N VAL F 145 -16.45 -35.95 2.23
CA VAL F 145 -15.58 -36.37 1.08
C VAL F 145 -15.13 -37.82 1.27
N ALA F 146 -15.02 -38.25 2.49
CA ALA F 146 -14.58 -39.66 2.75
C ALA F 146 -15.76 -40.61 2.58
N LYS F 147 -16.96 -40.12 2.70
CA LYS F 147 -18.16 -40.99 2.55
C LYS F 147 -18.37 -41.34 1.07
N PHE F 148 -17.83 -40.56 0.17
CA PHE F 148 -18.01 -40.85 -1.28
C PHE F 148 -16.75 -41.48 -1.86
N ASN F 149 -16.85 -42.11 -3.00
CA ASN F 149 -15.65 -42.75 -3.62
C ASN F 149 -14.95 -41.77 -4.55
N ALA F 150 -13.76 -42.09 -4.99
CA ALA F 150 -13.01 -41.17 -5.90
C ALA F 150 -13.77 -41.01 -7.23
N SER F 151 -14.01 -42.09 -7.91
CA SER F 151 -14.75 -42.01 -9.22
C SER F 151 -16.09 -41.31 -9.04
N GLN F 152 -16.62 -41.32 -7.84
CA GLN F 152 -17.94 -40.65 -7.60
C GLN F 152 -17.75 -39.13 -7.47
N LEU F 153 -16.61 -38.71 -7.01
CA LEU F 153 -16.35 -37.24 -6.86
C LEU F 153 -16.00 -36.62 -8.20
N ILE F 154 -15.33 -37.36 -9.06
CA ILE F 154 -14.95 -36.81 -10.39
C ILE F 154 -16.14 -36.86 -11.35
N THR F 155 -17.13 -37.67 -11.06
CA THR F 155 -18.31 -37.77 -11.96
C THR F 155 -18.89 -36.39 -12.28
N GLN F 156 -18.75 -35.45 -11.37
CA GLN F 156 -19.29 -34.08 -11.64
C GLN F 156 -18.85 -33.09 -10.54
N ARG F 157 -18.50 -33.58 -9.37
CA ARG F 157 -18.06 -32.67 -8.26
C ARG F 157 -19.24 -31.85 -7.72
N ALA F 158 -19.93 -31.14 -8.57
CA ALA F 158 -21.10 -30.33 -8.11
C ALA F 158 -22.04 -31.18 -7.23
N GLN F 159 -22.04 -32.47 -7.44
CA GLN F 159 -22.93 -33.34 -6.61
C GLN F 159 -22.43 -33.39 -5.17
N VAL F 160 -21.15 -33.57 -4.97
CA VAL F 160 -20.60 -33.61 -3.59
C VAL F 160 -20.64 -32.22 -2.96
N SER F 161 -20.27 -31.21 -3.70
CA SER F 161 -20.29 -29.82 -3.15
C SER F 161 -21.70 -29.48 -2.66
N LEU F 162 -22.71 -29.96 -3.34
CA LEU F 162 -24.11 -29.68 -2.91
C LEU F 162 -24.45 -30.52 -1.68
N LEU F 163 -23.93 -31.72 -1.61
CA LEU F 163 -24.21 -32.59 -0.44
C LEU F 163 -23.63 -31.96 0.83
N ILE F 164 -22.37 -31.63 0.81
CA ILE F 164 -21.74 -31.00 2.01
C ILE F 164 -22.41 -29.66 2.31
N ARG F 165 -22.92 -29.00 1.30
CA ARG F 165 -23.60 -27.70 1.50
C ARG F 165 -24.80 -27.89 2.44
N ARG F 166 -25.43 -29.03 2.39
CA ARG F 166 -26.60 -29.29 3.28
C ARG F 166 -26.15 -29.20 4.74
N GLU F 167 -25.02 -29.78 5.06
CA GLU F 167 -24.52 -29.73 6.46
C GLU F 167 -23.84 -28.38 6.71
N LEU F 168 -23.33 -27.77 5.67
CA LEU F 168 -22.64 -26.45 5.84
C LEU F 168 -23.67 -25.37 6.19
N THR F 169 -24.71 -25.25 5.42
CA THR F 169 -25.75 -24.21 5.71
C THR F 169 -26.26 -24.36 7.16
N GLU F 170 -26.16 -25.53 7.71
CA GLU F 170 -26.63 -25.75 9.10
C GLU F 170 -25.63 -25.15 10.10
N ARG F 171 -24.38 -25.48 9.96
CA ARG F 171 -23.34 -24.93 10.89
C ARG F 171 -22.96 -23.50 10.48
N ALA F 172 -23.13 -23.16 9.23
CA ALA F 172 -22.77 -21.79 8.77
C ALA F 172 -23.61 -20.75 9.51
N LYS F 173 -24.90 -20.95 9.58
CA LYS F 173 -25.77 -19.97 10.29
C LYS F 173 -25.38 -19.87 11.76
N ASP F 174 -24.67 -20.85 12.26
CA ASP F 174 -24.24 -20.83 13.70
C ASP F 174 -23.62 -19.48 14.06
N PHE F 175 -22.54 -19.12 13.43
CA PHE F 175 -21.89 -17.81 13.76
C PHE F 175 -22.58 -16.67 13.00
N SER F 176 -23.22 -15.78 13.73
CA SER F 176 -23.93 -14.63 13.07
C SER F 176 -24.91 -15.12 12.00
N LEU F 177 -25.72 -14.24 11.49
CA LEU F 177 -26.68 -14.65 10.43
C LEU F 177 -26.30 -13.97 9.12
N ILE F 178 -25.84 -14.73 8.16
CA ILE F 178 -25.43 -14.13 6.85
C ILE F 178 -25.53 -15.18 5.75
N LEU F 179 -25.72 -14.74 4.53
CA LEU F 179 -25.83 -15.72 3.40
C LEU F 179 -24.50 -15.78 2.65
N ASP F 180 -23.81 -16.90 2.75
CA ASP F 180 -22.50 -17.04 2.07
C ASP F 180 -22.54 -18.21 1.08
N ASP F 181 -21.72 -18.17 0.07
CA ASP F 181 -21.70 -19.28 -0.93
C ASP F 181 -20.54 -20.22 -0.64
N VAL F 182 -20.81 -21.49 -0.53
CA VAL F 182 -19.71 -22.46 -0.24
C VAL F 182 -19.30 -23.24 -1.49
N ALA F 183 -18.13 -22.99 -1.99
CA ALA F 183 -17.63 -23.72 -3.19
C ALA F 183 -16.11 -23.62 -3.23
N ILE F 184 -15.43 -24.71 -3.44
CA ILE F 184 -13.94 -24.67 -3.47
C ILE F 184 -13.39 -25.18 -4.79
N THR F 185 -12.23 -24.71 -5.16
CA THR F 185 -11.61 -25.16 -6.43
C THR F 185 -10.51 -26.18 -6.12
N GLU F 186 -10.71 -27.43 -6.41
CA GLU F 186 -9.66 -28.43 -6.11
C GLU F 186 -9.86 -29.70 -6.94
N LEU F 187 -8.97 -29.97 -7.86
CA LEU F 187 -9.10 -31.21 -8.66
C LEU F 187 -7.71 -31.79 -8.92
N SER F 188 -7.37 -32.85 -8.24
CA SER F 188 -6.04 -33.48 -8.46
C SER F 188 -6.05 -34.90 -7.88
N PHE F 189 -6.02 -35.91 -8.70
CA PHE F 189 -6.03 -37.29 -8.16
C PHE F 189 -5.49 -38.28 -9.21
N SER F 190 -4.58 -39.13 -8.80
CA SER F 190 -4.00 -40.12 -9.77
C SER F 190 -3.64 -41.41 -9.04
N MET A 1 -10.11 33.25 64.43
CA MET A 1 -10.37 33.57 63.00
C MET A 1 -9.21 33.08 62.12
N ALA A 2 -9.49 32.24 61.16
CA ALA A 2 -8.40 31.73 60.27
C ALA A 2 -8.02 32.79 59.23
N GLN A 3 -6.79 33.21 59.23
CA GLN A 3 -6.36 34.24 58.24
C GLN A 3 -6.00 33.58 56.91
N ASN A 4 -5.35 32.46 56.95
CA ASN A 4 -4.96 31.75 55.69
C ASN A 4 -6.21 31.37 54.90
N LEU A 5 -7.32 31.21 55.56
CA LEU A 5 -8.58 30.84 54.84
C LEU A 5 -9.18 32.07 54.14
N LYS A 6 -9.14 33.20 54.78
CA LYS A 6 -9.72 34.43 54.15
C LYS A 6 -8.89 34.84 52.93
N ASP A 7 -7.63 34.49 52.91
CA ASP A 7 -6.77 34.86 51.76
C ASP A 7 -7.13 34.02 50.53
N LEU A 8 -7.72 32.87 50.74
CA LEU A 8 -8.10 32.00 49.59
C LEU A 8 -9.07 32.73 48.66
N ALA A 9 -10.18 33.16 49.17
CA ALA A 9 -11.18 33.89 48.32
C ALA A 9 -10.66 35.30 47.99
N GLY A 10 -9.83 35.85 48.85
CA GLY A 10 -9.30 37.22 48.59
C GLY A 10 -8.22 37.15 47.49
N ARG A 11 -7.62 36.02 47.30
CA ARG A 11 -6.56 35.89 46.25
C ARG A 11 -7.20 35.72 44.87
N LEU A 12 -8.41 35.24 44.82
CA LEU A 12 -9.08 35.04 43.50
C LEU A 12 -9.21 36.37 42.75
N PRO A 13 -9.82 37.34 43.39
CA PRO A 13 -9.98 38.67 42.75
C PRO A 13 -8.64 39.42 42.72
N ALA A 14 -8.68 40.71 42.49
CA ALA A 14 -7.41 41.50 42.45
C ALA A 14 -6.47 40.97 41.36
N GLY A 15 -6.31 41.70 40.30
CA GLY A 15 -5.40 41.24 39.20
C GLY A 15 -6.15 40.27 38.28
N PRO A 16 -7.23 40.75 37.71
CA PRO A 16 -8.04 39.91 36.80
C PRO A 16 -7.31 39.69 35.47
N ARG A 17 -6.32 40.50 35.18
CA ARG A 17 -5.58 40.36 33.90
C ARG A 17 -4.98 38.95 33.79
N GLY A 18 -4.64 38.36 34.91
CA GLY A 18 -4.05 36.98 34.87
C GLY A 18 -5.07 35.99 34.32
N MET A 19 -6.34 36.27 34.53
CA MET A 19 -7.39 35.33 34.02
C MET A 19 -7.54 35.47 32.50
N GLY A 20 -7.20 36.61 31.97
CA GLY A 20 -7.33 36.81 30.49
C GLY A 20 -6.30 35.93 29.78
N THR A 21 -5.13 35.78 30.33
CA THR A 21 -4.09 34.93 29.67
C THR A 21 -4.43 33.44 29.85
N ALA A 22 -5.16 33.10 30.88
CA ALA A 22 -5.52 31.68 31.10
C ALA A 22 -6.29 31.12 29.90
N LEU A 23 -6.99 31.96 29.19
CA LEU A 23 -7.75 31.49 28.00
C LEU A 23 -6.80 30.92 26.95
N LYS A 24 -5.71 31.59 26.69
CA LYS A 24 -4.72 31.08 25.69
C LYS A 24 -4.30 29.66 26.03
N LEU A 25 -4.30 29.32 27.29
CA LEU A 25 -3.90 27.94 27.71
C LEU A 25 -4.97 26.93 27.30
N LEU A 26 -6.22 27.29 27.43
CA LEU A 26 -7.31 26.34 27.05
C LEU A 26 -7.22 25.99 25.57
N LEU A 27 -7.06 26.96 24.72
CA LEU A 27 -6.96 26.69 23.26
C LEU A 27 -5.73 25.81 22.97
N GLY A 28 -4.72 25.91 23.77
CA GLY A 28 -3.50 25.09 23.54
C GLY A 28 -3.77 23.64 23.94
N ALA A 29 -4.53 23.43 24.99
CA ALA A 29 -4.83 22.04 25.43
C ALA A 29 -5.58 21.28 24.33
N GLY A 30 -6.37 21.97 23.56
CA GLY A 30 -7.12 21.29 22.46
C GLY A 30 -6.15 20.88 21.35
N ALA A 31 -5.11 21.66 21.14
CA ALA A 31 -4.13 21.32 20.07
C ALA A 31 -3.31 20.09 20.46
N VAL A 32 -2.98 19.96 21.72
CA VAL A 32 -2.19 18.78 22.17
C VAL A 32 -2.99 17.48 21.94
N ALA A 33 -4.29 17.57 21.92
CA ALA A 33 -5.11 16.35 21.70
C ALA A 33 -4.89 15.80 20.30
N TYR A 34 -4.57 16.65 19.35
CA TYR A 34 -4.34 16.18 17.97
C TYR A 34 -3.17 15.20 17.92
N GLY A 35 -2.08 15.53 18.54
CA GLY A 35 -0.90 14.62 18.55
C GLY A 35 -1.29 13.27 19.17
N VAL A 36 -2.19 13.29 20.11
CA VAL A 36 -2.61 12.01 20.75
C VAL A 36 -3.61 11.27 19.86
N ARG A 37 -4.37 11.99 19.08
CA ARG A 37 -5.37 11.34 18.19
C ARG A 37 -4.68 10.30 17.28
N GLU A 38 -3.45 10.51 16.95
CA GLU A 38 -2.73 9.54 16.07
C GLU A 38 -2.24 8.32 16.89
N SER A 39 -1.95 8.49 18.17
CA SER A 39 -1.47 7.31 18.99
C SER A 39 -2.02 7.35 20.43
N VAL A 40 -2.15 6.20 21.07
CA VAL A 40 -2.67 6.15 22.47
C VAL A 40 -2.13 4.91 23.22
N PHE A 41 -2.65 4.63 24.40
CA PHE A 41 -2.15 3.43 25.17
C PHE A 41 -3.31 2.47 25.51
N THR A 42 -4.44 2.98 25.93
CA THR A 42 -5.59 2.07 26.26
C THR A 42 -5.90 1.15 25.08
N VAL A 43 -5.76 -0.14 25.27
CA VAL A 43 -6.04 -1.10 24.15
C VAL A 43 -7.46 -0.86 23.61
N GLU A 44 -7.57 -0.43 22.39
CA GLU A 44 -8.91 -0.17 21.79
C GLU A 44 -9.80 -1.42 21.91
N GLY A 45 -9.41 -2.49 21.28
CA GLY A 45 -10.24 -3.73 21.36
C GLY A 45 -9.65 -4.81 20.43
N GLY A 46 -9.97 -6.04 20.67
CA GLY A 46 -9.44 -7.13 19.80
C GLY A 46 -7.91 -7.18 19.91
N HIS A 47 -7.37 -6.66 20.97
CA HIS A 47 -5.88 -6.67 21.14
C HIS A 47 -5.51 -6.66 22.63
N ARG A 48 -4.37 -7.19 22.96
CA ARG A 48 -3.93 -7.27 24.38
C ARG A 48 -2.77 -6.26 24.65
N ALA A 49 -2.59 -5.83 25.89
CA ALA A 49 -1.51 -4.82 26.19
C ALA A 49 -0.25 -5.48 26.78
N ILE A 50 0.88 -4.87 26.55
CA ILE A 50 2.19 -5.40 27.06
C ILE A 50 2.94 -4.27 27.79
N PHE A 51 3.80 -4.58 28.75
CA PHE A 51 4.50 -3.47 29.50
C PHE A 51 6.04 -3.58 29.48
N PHE A 52 6.72 -2.46 29.34
CA PHE A 52 8.22 -2.46 29.35
C PHE A 52 8.76 -1.04 29.60
N ASN A 53 9.95 -0.90 30.17
CA ASN A 53 10.51 0.46 30.47
C ASN A 53 11.87 0.69 29.78
N ARG A 54 12.22 1.93 29.51
CA ARG A 54 13.53 2.25 28.85
C ARG A 54 14.68 1.52 29.57
N ILE A 55 14.52 1.24 30.83
CA ILE A 55 15.60 0.55 31.59
C ILE A 55 15.94 -0.79 30.93
N GLY A 56 15.13 -1.80 31.12
CA GLY A 56 15.42 -3.12 30.50
C GLY A 56 14.13 -3.93 30.39
N GLY A 57 14.24 -5.21 30.12
CA GLY A 57 13.02 -6.06 30.00
C GLY A 57 12.14 -5.50 28.88
N VAL A 58 12.74 -4.93 27.87
CA VAL A 58 11.93 -4.37 26.74
C VAL A 58 11.06 -5.46 26.11
N GLN A 59 9.95 -5.09 25.53
CA GLN A 59 9.07 -6.11 24.89
C GLN A 59 8.78 -5.73 23.44
N GLN A 60 8.12 -6.59 22.71
CA GLN A 60 7.81 -6.26 21.28
C GLN A 60 6.54 -7.00 20.83
N ASP A 61 6.64 -8.27 20.58
CA ASP A 61 5.44 -9.04 20.13
C ASP A 61 4.76 -9.73 21.32
N THR A 62 3.86 -9.06 21.98
CA THR A 62 3.16 -9.68 23.15
C THR A 62 1.70 -9.22 23.22
N ILE A 63 0.94 -9.74 24.15
CA ILE A 63 -0.51 -9.36 24.29
C ILE A 63 -1.16 -10.14 25.47
N LEU A 64 -1.75 -9.43 26.41
CA LEU A 64 -2.42 -10.12 27.58
C LEU A 64 -3.96 -10.17 27.35
N ALA A 65 -4.68 -9.14 27.74
CA ALA A 65 -6.18 -9.11 27.55
C ALA A 65 -6.69 -7.66 27.65
N GLU A 66 -7.85 -7.35 27.09
CA GLU A 66 -8.35 -5.94 27.15
C GLU A 66 -8.62 -5.51 28.60
N GLY A 67 -8.36 -4.26 28.89
CA GLY A 67 -8.58 -3.73 30.27
C GLY A 67 -8.68 -2.20 30.19
N LEU A 68 -9.31 -1.56 31.14
CA LEU A 68 -9.39 -0.06 31.04
C LEU A 68 -8.25 0.52 31.88
N HIS A 69 -7.26 1.04 31.20
CA HIS A 69 -6.08 1.62 31.90
C HIS A 69 -5.31 2.54 30.94
N PHE A 70 -4.64 3.53 31.45
CA PHE A 70 -3.86 4.45 30.56
C PHE A 70 -2.37 4.41 30.93
N ARG A 71 -1.51 4.36 29.95
CA ARG A 71 -0.04 4.33 30.25
C ARG A 71 0.34 5.62 31.00
N ILE A 72 1.00 6.55 30.35
CA ILE A 72 1.39 7.84 31.02
C ILE A 72 1.61 7.67 32.54
N PRO A 73 2.39 6.69 32.93
CA PRO A 73 2.66 6.44 34.36
C PRO A 73 4.00 7.07 34.76
N TRP A 74 5.09 6.46 34.38
CA TRP A 74 6.43 7.00 34.73
C TRP A 74 7.52 6.12 34.12
N PHE A 75 7.26 4.84 33.95
CA PHE A 75 8.29 3.94 33.35
C PHE A 75 7.65 2.86 32.46
N GLN A 76 6.43 3.05 32.03
CA GLN A 76 5.78 2.01 31.16
C GLN A 76 5.79 2.50 29.71
N TYR A 77 5.81 1.59 28.77
CA TYR A 77 5.84 1.99 27.33
C TYR A 77 4.81 1.23 26.52
N PRO A 78 4.40 1.83 25.42
CA PRO A 78 3.39 1.20 24.56
C PRO A 78 4.01 0.48 23.36
N ILE A 79 3.96 -0.83 23.39
CA ILE A 79 4.46 -1.69 22.27
C ILE A 79 3.65 -2.99 22.37
N ILE A 80 2.73 -3.21 21.45
CA ILE A 80 1.85 -4.41 21.56
C ILE A 80 1.82 -5.22 20.25
N TYR A 81 1.48 -6.49 20.35
CA TYR A 81 1.44 -7.36 19.13
C TYR A 81 -0.01 -7.46 18.62
N ASP A 82 -0.19 -7.33 17.33
CA ASP A 82 -1.56 -7.40 16.76
C ASP A 82 -1.67 -8.60 15.81
N ILE A 83 -2.84 -9.16 15.68
CA ILE A 83 -3.00 -10.34 14.76
C ILE A 83 -3.03 -9.87 13.30
N ARG A 84 -2.56 -10.69 12.40
CA ARG A 84 -2.54 -10.30 10.96
C ARG A 84 -2.24 -11.51 10.08
N ALA A 85 -2.49 -11.40 8.80
CA ALA A 85 -2.20 -12.55 7.89
C ALA A 85 -0.73 -12.95 7.98
N ARG A 86 -0.40 -14.15 7.58
CA ARG A 86 1.03 -14.59 7.65
C ARG A 86 1.35 -15.54 6.48
N PRO A 87 2.33 -15.16 5.69
CA PRO A 87 2.76 -16.00 4.55
C PRO A 87 3.98 -16.83 4.95
N ARG A 88 3.82 -18.12 5.05
CA ARG A 88 4.96 -18.98 5.45
C ARG A 88 4.70 -20.44 4.98
N LYS A 89 5.46 -20.92 4.02
CA LYS A 89 5.26 -22.32 3.49
C LYS A 89 6.61 -22.97 3.11
N ILE A 90 6.68 -24.29 3.09
CA ILE A 90 7.97 -24.99 2.77
C ILE A 90 8.04 -25.47 1.31
N SER A 91 9.24 -25.59 0.83
CA SER A 91 9.47 -26.11 -0.55
C SER A 91 10.93 -26.57 -0.65
N SER A 92 11.17 -27.86 -0.70
CA SER A 92 12.58 -28.33 -0.78
C SER A 92 12.66 -29.76 -1.33
N PRO A 93 13.77 -30.06 -1.96
CA PRO A 93 13.99 -31.39 -2.54
C PRO A 93 14.85 -32.23 -1.58
N THR A 94 14.38 -33.37 -1.17
CA THR A 94 15.18 -34.22 -0.23
C THR A 94 14.89 -35.71 -0.46
N GLY A 95 15.89 -36.53 -0.38
CA GLY A 95 15.68 -38.00 -0.58
C GLY A 95 16.83 -38.76 0.08
N SER A 96 16.53 -39.57 1.06
CA SER A 96 17.62 -40.34 1.74
C SER A 96 17.09 -41.70 2.23
N LYS A 97 16.01 -41.72 2.95
CA LYS A 97 15.46 -43.02 3.45
C LYS A 97 15.22 -43.98 2.29
N ASP A 98 15.05 -43.47 1.10
CA ASP A 98 14.82 -44.35 -0.08
C ASP A 98 15.69 -43.93 -1.25
N LEU A 99 15.45 -44.46 -2.42
CA LEU A 99 16.28 -44.09 -3.60
C LEU A 99 15.48 -43.19 -4.54
N GLN A 100 14.54 -42.44 -4.01
CA GLN A 100 13.72 -41.55 -4.87
C GLN A 100 13.73 -40.12 -4.29
N MET A 101 13.07 -39.20 -4.96
CA MET A 101 13.05 -37.80 -4.44
C MET A 101 11.70 -37.50 -3.79
N VAL A 102 11.68 -37.34 -2.50
CA VAL A 102 10.39 -37.04 -1.80
C VAL A 102 10.48 -35.66 -1.11
N ASN A 103 9.72 -34.72 -1.59
CA ASN A 103 9.76 -33.35 -0.98
C ASN A 103 8.54 -33.13 -0.08
N ILE A 104 8.76 -32.98 1.20
CA ILE A 104 7.61 -32.76 2.13
C ILE A 104 7.68 -31.33 2.68
N SER A 105 6.76 -30.49 2.28
CA SER A 105 6.77 -29.09 2.78
C SER A 105 5.56 -28.84 3.69
N LEU A 106 5.80 -28.43 4.91
CA LEU A 106 4.66 -28.19 5.86
C LEU A 106 4.46 -26.69 6.11
N ARG A 107 3.26 -26.27 6.41
CA ARG A 107 3.00 -24.83 6.66
C ARG A 107 2.64 -24.61 8.14
N VAL A 108 2.92 -23.45 8.67
CA VAL A 108 2.59 -23.16 10.09
C VAL A 108 1.64 -21.97 10.18
N LEU A 109 0.83 -21.92 11.20
CA LEU A 109 -0.13 -20.78 11.34
C LEU A 109 0.25 -19.91 12.55
N SER A 110 -0.06 -18.65 12.51
CA SER A 110 0.27 -17.76 13.65
C SER A 110 -1.00 -17.34 14.39
N ARG A 111 -0.99 -17.37 15.69
CA ARG A 111 -2.20 -16.98 16.46
C ARG A 111 -1.82 -16.44 17.84
N PRO A 112 -2.65 -15.57 18.38
CA PRO A 112 -2.38 -14.99 19.71
C PRO A 112 -2.59 -16.05 20.80
N ASN A 113 -2.67 -15.63 22.04
CA ASN A 113 -2.87 -16.61 23.14
C ASN A 113 -3.63 -15.96 24.30
N ALA A 114 -4.70 -16.56 24.73
CA ALA A 114 -5.49 -15.97 25.86
C ALA A 114 -4.70 -16.08 27.16
N GLN A 115 -3.81 -17.04 27.25
CA GLN A 115 -3.00 -17.19 28.50
C GLN A 115 -2.18 -15.93 28.76
N GLU A 116 -1.07 -15.78 28.09
CA GLU A 116 -0.22 -14.57 28.29
C GLU A 116 0.96 -14.57 27.32
N LEU A 117 1.08 -13.55 26.51
CA LEU A 117 2.20 -13.48 25.54
C LEU A 117 3.53 -13.08 26.24
N PRO A 118 3.45 -12.21 27.23
CA PRO A 118 4.70 -11.77 27.93
C PRO A 118 5.36 -12.90 28.71
N SER A 119 4.60 -13.75 29.35
CA SER A 119 5.23 -14.87 30.11
C SER A 119 6.17 -15.66 29.20
N MET A 120 5.66 -16.12 28.09
CA MET A 120 6.52 -16.89 27.13
C MET A 120 7.33 -15.93 26.25
N TYR A 121 6.92 -14.68 26.16
CA TYR A 121 7.68 -13.71 25.29
C TYR A 121 9.18 -13.74 25.59
N GLN A 122 9.59 -13.32 26.76
CA GLN A 122 11.06 -13.33 27.08
C GLN A 122 11.62 -14.73 26.84
N ARG A 123 10.83 -15.75 27.05
CA ARG A 123 11.31 -17.14 26.82
C ARG A 123 11.24 -17.46 25.32
N LEU A 124 10.46 -16.71 24.59
CA LEU A 124 10.32 -16.94 23.12
C LEU A 124 11.55 -16.40 22.39
N GLY A 125 11.78 -15.11 22.49
CA GLY A 125 12.97 -14.51 21.80
C GLY A 125 12.54 -13.23 21.08
N LEU A 126 13.38 -12.71 20.23
CA LEU A 126 13.02 -11.45 19.49
C LEU A 126 12.56 -11.79 18.07
N ASP A 127 13.05 -12.86 17.52
CA ASP A 127 12.65 -13.25 16.13
C ASP A 127 12.06 -14.66 16.12
N TYR A 128 10.77 -14.77 16.29
CA TYR A 128 10.14 -16.12 16.30
C TYR A 128 9.67 -16.49 14.89
N GLU A 129 8.64 -15.84 14.40
CA GLU A 129 8.14 -16.17 13.03
C GLU A 129 9.27 -16.09 12.00
N GLU A 130 10.31 -15.35 12.30
CA GLU A 130 11.44 -15.23 11.33
C GLU A 130 12.39 -16.44 11.44
N ARG A 131 13.09 -16.55 12.55
CA ARG A 131 14.05 -17.69 12.72
C ARG A 131 13.35 -18.96 13.23
N VAL A 132 12.71 -18.89 14.36
CA VAL A 132 12.04 -20.10 14.94
C VAL A 132 11.10 -20.77 13.93
N LEU A 133 10.24 -20.03 13.29
CA LEU A 133 9.28 -20.66 12.32
C LEU A 133 9.98 -21.62 11.36
N PRO A 134 10.91 -21.12 10.59
CA PRO A 134 11.65 -21.99 9.64
C PRO A 134 12.58 -22.95 10.38
N SER A 135 12.92 -22.64 11.60
CA SER A 135 13.83 -23.54 12.37
C SER A 135 13.12 -24.85 12.74
N ILE A 136 12.12 -24.77 13.59
CA ILE A 136 11.39 -26.02 13.99
C ILE A 136 10.85 -26.75 12.77
N VAL A 137 10.59 -26.06 11.70
CA VAL A 137 10.06 -26.72 10.48
C VAL A 137 11.21 -27.41 9.72
N ASN A 138 12.14 -26.64 9.21
CA ASN A 138 13.28 -27.25 8.45
C ASN A 138 13.95 -28.37 9.27
N GLU A 139 14.00 -28.21 10.57
CA GLU A 139 14.65 -29.25 11.41
C GLU A 139 13.82 -30.55 11.40
N VAL A 140 12.55 -30.45 11.69
CA VAL A 140 11.68 -31.66 11.69
C VAL A 140 11.40 -32.11 10.26
N LEU A 141 11.31 -31.18 9.34
CA LEU A 141 11.03 -31.55 7.93
C LEU A 141 12.20 -32.33 7.34
N LYS A 142 13.41 -31.90 7.59
CA LYS A 142 14.59 -32.63 7.05
C LYS A 142 14.84 -33.92 7.82
N SER A 143 14.44 -33.96 9.08
CA SER A 143 14.66 -35.19 9.89
C SER A 143 13.58 -36.24 9.59
N VAL A 144 12.34 -35.83 9.57
CA VAL A 144 11.24 -36.80 9.30
C VAL A 144 11.42 -37.47 7.93
N VAL A 145 11.86 -36.73 6.95
CA VAL A 145 12.05 -37.32 5.58
C VAL A 145 12.97 -38.55 5.67
N ALA A 146 14.11 -38.41 6.27
CA ALA A 146 15.05 -39.57 6.39
C ALA A 146 14.40 -40.68 7.21
N LYS A 147 13.44 -40.35 8.03
CA LYS A 147 12.76 -41.40 8.86
C LYS A 147 11.73 -42.15 8.01
N PHE A 148 10.85 -41.43 7.36
CA PHE A 148 9.82 -42.10 6.52
C PHE A 148 10.40 -42.48 5.15
N ASN A 149 9.84 -43.46 4.51
CA ASN A 149 10.37 -43.88 3.17
C ASN A 149 9.75 -43.01 2.07
N ALA A 150 10.14 -43.22 0.84
CA ALA A 150 9.59 -42.42 -0.28
C ALA A 150 8.21 -42.96 -0.69
N SER A 151 8.13 -44.23 -0.99
CA SER A 151 6.83 -44.82 -1.40
C SER A 151 5.81 -44.67 -0.28
N GLN A 152 6.24 -44.75 0.96
CA GLN A 152 5.29 -44.61 2.09
C GLN A 152 4.79 -43.16 2.19
N LEU A 153 5.57 -42.22 1.73
CA LEU A 153 5.15 -40.80 1.79
C LEU A 153 4.16 -40.50 0.67
N ILE A 154 4.42 -40.98 -0.51
CA ILE A 154 3.49 -40.73 -1.65
C ILE A 154 2.14 -41.39 -1.39
N THR A 155 2.11 -42.39 -0.55
CA THR A 155 0.81 -43.07 -0.25
C THR A 155 -0.26 -42.05 0.15
N GLN A 156 0.04 -41.23 1.12
CA GLN A 156 -0.96 -40.20 1.56
C GLN A 156 -0.25 -39.06 2.27
N ARG A 157 -0.73 -37.85 2.10
CA ARG A 157 -0.10 -36.68 2.76
C ARG A 157 -0.61 -36.55 4.21
N ALA A 158 -1.68 -37.21 4.54
CA ALA A 158 -2.23 -37.13 5.93
C ALA A 158 -1.44 -38.05 6.86
N GLN A 159 -0.96 -39.16 6.37
CA GLN A 159 -0.19 -40.10 7.23
C GLN A 159 1.06 -39.40 7.78
N VAL A 160 1.85 -38.82 6.93
CA VAL A 160 3.08 -38.12 7.40
C VAL A 160 2.70 -36.90 8.24
N SER A 161 1.55 -36.33 7.99
CA SER A 161 1.12 -35.14 8.78
C SER A 161 0.89 -35.52 10.25
N LEU A 162 0.37 -36.71 10.49
CA LEU A 162 0.13 -37.15 11.89
C LEU A 162 1.46 -37.23 12.65
N LEU A 163 2.46 -37.81 12.04
CA LEU A 163 3.78 -37.93 12.72
C LEU A 163 4.37 -36.53 13.00
N ILE A 164 4.19 -35.62 12.07
CA ILE A 164 4.73 -34.24 12.27
C ILE A 164 3.81 -33.45 13.20
N ARG A 165 2.53 -33.74 13.18
CA ARG A 165 1.58 -33.00 14.06
C ARG A 165 1.97 -33.21 15.53
N ARG A 166 2.35 -34.40 15.89
CA ARG A 166 2.74 -34.66 17.31
C ARG A 166 4.17 -34.18 17.58
N GLU A 167 4.99 -34.14 16.57
CA GLU A 167 6.40 -33.67 16.76
C GLU A 167 6.45 -32.15 16.83
N LEU A 168 5.63 -31.47 16.06
CA LEU A 168 5.64 -29.98 16.09
C LEU A 168 4.88 -29.47 17.32
N THR A 169 3.91 -30.20 17.78
CA THR A 169 3.13 -29.76 18.97
C THR A 169 4.04 -29.67 20.20
N GLU A 170 5.08 -30.47 20.23
CA GLU A 170 6.01 -30.44 21.40
C GLU A 170 6.99 -29.27 21.26
N ARG A 171 7.53 -29.08 20.09
CA ARG A 171 8.50 -27.96 19.89
C ARG A 171 7.76 -26.63 19.72
N ALA A 172 6.56 -26.67 19.22
CA ALA A 172 5.78 -25.41 19.02
C ALA A 172 5.58 -24.69 20.35
N LYS A 173 4.96 -25.34 21.30
CA LYS A 173 4.74 -24.69 22.64
C LYS A 173 6.07 -24.53 23.38
N ASP A 174 7.06 -25.29 23.00
CA ASP A 174 8.39 -25.19 23.69
C ASP A 174 8.92 -23.76 23.64
N PHE A 175 8.73 -23.07 22.54
CA PHE A 175 9.24 -21.67 22.42
C PHE A 175 8.30 -20.71 23.15
N SER A 176 7.02 -20.90 23.03
CA SER A 176 6.05 -19.99 23.72
C SER A 176 4.65 -20.61 23.72
N LEU A 177 3.66 -19.85 24.11
CA LEU A 177 2.27 -20.40 24.13
C LEU A 177 1.49 -19.90 22.91
N ILE A 178 1.15 -20.78 22.01
CA ILE A 178 0.39 -20.36 20.80
C ILE A 178 -0.36 -21.55 20.21
N LEU A 179 -1.47 -21.30 19.56
CA LEU A 179 -2.26 -22.42 18.96
C LEU A 179 -2.00 -22.48 17.45
N ASP A 180 -1.33 -23.50 16.99
CA ASP A 180 -1.04 -23.61 15.53
C ASP A 180 -1.58 -24.93 14.99
N ASP A 181 -1.93 -24.96 13.73
CA ASP A 181 -2.46 -26.22 13.12
C ASP A 181 -1.37 -26.92 12.31
N VAL A 182 -1.40 -28.22 12.24
CA VAL A 182 -0.36 -28.94 11.46
C VAL A 182 -0.91 -29.41 10.11
N ALA A 183 -0.34 -28.93 9.04
CA ALA A 183 -0.81 -29.32 7.69
C ALA A 183 0.30 -29.07 6.68
N ILE A 184 0.33 -29.82 5.60
CA ILE A 184 1.42 -29.62 4.60
C ILE A 184 0.87 -29.66 3.17
N THR A 185 1.14 -28.66 2.37
CA THR A 185 0.66 -28.68 0.96
C THR A 185 1.86 -28.80 0.03
N GLU A 186 2.11 -29.95 -0.52
CA GLU A 186 3.27 -30.10 -1.44
C GLU A 186 3.18 -31.42 -2.22
N LEU A 187 3.45 -31.39 -3.51
CA LEU A 187 3.42 -32.68 -4.27
C LEU A 187 4.25 -32.55 -5.55
N SER A 188 5.43 -33.12 -5.56
CA SER A 188 6.30 -33.09 -6.76
C SER A 188 7.42 -34.11 -6.62
N PHE A 189 7.40 -35.17 -7.37
CA PHE A 189 8.50 -36.17 -7.25
C PHE A 189 8.57 -37.05 -8.50
N SER A 190 9.75 -37.37 -8.96
CA SER A 190 9.90 -38.21 -10.18
C SER A 190 9.76 -39.69 -9.80
N MET B 1 24.21 40.64 53.68
CA MET B 1 25.21 39.59 53.33
C MET B 1 25.79 39.88 51.93
N ALA B 2 24.95 40.00 50.95
CA ALA B 2 25.47 40.27 49.56
C ALA B 2 24.37 40.90 48.70
N GLN B 3 24.65 42.02 48.09
CA GLN B 3 23.62 42.68 47.24
C GLN B 3 23.51 41.96 45.89
N ASN B 4 24.58 41.37 45.44
CA ASN B 4 24.55 40.65 44.12
C ASN B 4 23.56 39.49 44.18
N LEU B 5 23.35 38.93 45.34
CA LEU B 5 22.39 37.78 45.45
C LEU B 5 20.95 38.30 45.47
N LYS B 6 20.71 39.41 46.13
CA LYS B 6 19.33 39.96 46.18
C LYS B 6 18.97 40.59 44.84
N ASP B 7 19.88 41.33 44.25
CA ASP B 7 19.58 41.98 42.94
C ASP B 7 19.30 40.92 41.87
N LEU B 8 19.87 39.74 42.02
CA LEU B 8 19.65 38.67 41.02
C LEU B 8 18.25 38.07 41.19
N ALA B 9 17.86 37.79 42.40
CA ALA B 9 16.50 37.21 42.64
C ALA B 9 15.42 38.17 42.17
N GLY B 10 15.63 39.45 42.33
CA GLY B 10 14.61 40.45 41.89
C GLY B 10 14.63 40.55 40.35
N ARG B 11 15.70 40.15 39.73
CA ARG B 11 15.78 40.24 38.25
C ARG B 11 15.00 39.09 37.61
N LEU B 12 14.84 38.00 38.31
CA LEU B 12 14.09 36.84 37.75
C LEU B 12 12.64 37.24 37.40
N PRO B 13 11.93 37.75 38.37
CA PRO B 13 10.53 38.17 38.14
C PRO B 13 10.50 39.47 37.33
N ALA B 14 9.46 39.67 36.57
CA ALA B 14 9.36 40.93 35.76
C ALA B 14 8.01 41.60 35.98
N GLY B 15 6.93 40.89 35.70
CA GLY B 15 5.58 41.49 35.89
C GLY B 15 4.55 40.71 35.05
N PRO B 16 3.36 41.23 34.99
CA PRO B 16 2.29 40.58 34.22
C PRO B 16 2.53 40.73 32.71
N ARG B 17 3.34 41.69 32.33
CA ARG B 17 3.62 41.89 30.88
C ARG B 17 4.66 40.88 30.39
N GLY B 18 5.71 40.70 31.14
CA GLY B 18 6.78 39.74 30.73
C GLY B 18 6.33 38.32 31.05
N MET B 19 5.96 38.07 32.29
CA MET B 19 5.52 36.70 32.67
C MET B 19 4.28 36.30 31.87
N GLY B 20 3.49 37.25 31.45
CA GLY B 20 2.27 36.92 30.66
C GLY B 20 2.68 36.32 29.31
N THR B 21 3.56 36.97 28.61
CA THR B 21 4.01 36.44 27.28
C THR B 21 4.70 35.09 27.45
N ALA B 22 5.28 34.86 28.60
CA ALA B 22 5.99 33.55 28.84
C ALA B 22 5.02 32.39 28.62
N LEU B 23 3.75 32.60 28.83
CA LEU B 23 2.76 31.51 28.64
C LEU B 23 2.70 31.11 27.16
N LYS B 24 2.75 32.08 26.28
CA LYS B 24 2.70 31.77 24.81
C LYS B 24 3.78 30.74 24.46
N LEU B 25 4.87 30.74 25.18
CA LEU B 25 5.97 29.77 24.90
C LEU B 25 5.55 28.37 25.33
N LEU B 26 4.93 28.24 26.47
CA LEU B 26 4.51 26.90 26.95
C LEU B 26 3.57 26.24 25.94
N LEU B 27 2.59 26.96 25.48
CA LEU B 27 1.64 26.37 24.48
C LEU B 27 2.39 25.96 23.22
N GLY B 28 3.36 26.72 22.82
CA GLY B 28 4.14 26.37 21.59
C GLY B 28 4.92 25.08 21.82
N ALA B 29 5.37 24.87 23.03
CA ALA B 29 6.14 23.62 23.33
C ALA B 29 5.25 22.39 23.15
N GLY B 30 3.98 22.52 23.45
CA GLY B 30 3.05 21.38 23.29
C GLY B 30 2.85 21.09 21.80
N ALA B 31 2.91 22.09 20.98
CA ALA B 31 2.72 21.88 19.51
C ALA B 31 3.97 21.23 18.91
N VAL B 32 5.13 21.63 19.35
CA VAL B 32 6.40 21.03 18.80
C VAL B 32 6.43 19.53 19.09
N ALA B 33 5.69 19.08 20.07
CA ALA B 33 5.70 17.62 20.40
C ALA B 33 5.04 16.83 19.27
N TYR B 34 4.12 17.42 18.56
CA TYR B 34 3.46 16.70 17.44
C TYR B 34 4.49 16.25 16.41
N GLY B 35 5.36 17.14 16.00
CA GLY B 35 6.40 16.76 15.00
C GLY B 35 7.27 15.64 15.55
N VAL B 36 7.54 15.66 16.83
CA VAL B 36 8.39 14.59 17.44
C VAL B 36 7.64 13.25 17.41
N ARG B 37 6.34 13.29 17.49
CA ARG B 37 5.55 12.03 17.47
C ARG B 37 5.74 11.30 16.14
N GLU B 38 5.95 12.02 15.07
CA GLU B 38 6.14 11.35 13.75
C GLU B 38 7.58 10.82 13.62
N SER B 39 8.54 11.43 14.28
CA SER B 39 9.95 10.94 14.18
C SER B 39 10.74 11.20 15.48
N VAL B 40 11.65 10.31 15.83
CA VAL B 40 12.47 10.50 17.09
C VAL B 40 13.81 9.74 16.97
N PHE B 41 14.65 9.80 17.98
CA PHE B 41 15.95 9.07 17.92
C PHE B 41 16.01 7.95 18.97
N THR B 42 15.23 8.03 20.03
CA THR B 42 15.25 6.94 21.06
C THR B 42 14.88 5.61 20.40
N VAL B 43 15.65 4.58 20.63
CA VAL B 43 15.33 3.27 19.99
C VAL B 43 14.17 2.60 20.74
N GLU B 44 13.26 1.99 20.01
CA GLU B 44 12.09 1.34 20.68
C GLU B 44 12.50 0.03 21.38
N GLY B 45 12.47 -1.09 20.70
CA GLY B 45 12.87 -2.37 21.37
C GLY B 45 12.92 -3.51 20.36
N GLY B 46 13.98 -4.28 20.39
CA GLY B 46 14.10 -5.44 19.44
C GLY B 46 15.15 -5.15 18.36
N HIS B 47 15.89 -4.08 18.48
CA HIS B 47 16.92 -3.77 17.44
C HIS B 47 18.09 -2.97 18.03
N ARG B 48 19.22 -3.05 17.39
CA ARG B 48 20.45 -2.34 17.88
C ARG B 48 20.67 -1.03 17.11
N ALA B 49 21.32 -0.04 17.69
CA ALA B 49 21.47 1.29 16.99
C ALA B 49 22.81 1.48 16.25
N ILE B 50 22.79 2.39 15.29
CA ILE B 50 23.99 2.68 14.42
C ILE B 50 24.38 4.16 14.52
N PHE B 51 25.65 4.49 14.31
CA PHE B 51 26.07 5.93 14.42
C PHE B 51 26.84 6.42 13.17
N PHE B 52 26.61 7.65 12.77
CA PHE B 52 27.31 8.23 11.57
C PHE B 52 27.24 9.78 11.62
N ASN B 53 28.20 10.45 11.02
CA ASN B 53 28.21 11.96 11.06
C ASN B 53 28.09 12.57 9.64
N ARG B 54 27.57 13.77 9.53
CA ARG B 54 27.44 14.43 8.18
C ARG B 54 28.78 14.45 7.44
N ILE B 55 29.88 14.24 8.13
CA ILE B 55 31.22 14.26 7.47
C ILE B 55 31.18 13.47 6.15
N GLY B 56 31.11 12.17 6.22
CA GLY B 56 31.07 11.36 4.97
C GLY B 56 31.03 9.86 5.32
N GLY B 57 30.32 9.09 4.54
CA GLY B 57 30.23 7.63 4.81
C GLY B 57 28.93 7.32 5.56
N VAL B 58 27.81 7.54 4.93
CA VAL B 58 26.50 7.26 5.60
C VAL B 58 26.42 5.78 5.99
N GLN B 59 25.44 5.43 6.79
CA GLN B 59 25.30 4.00 7.21
C GLN B 59 23.94 3.45 6.78
N GLN B 60 23.90 2.20 6.40
CA GLN B 60 22.59 1.59 5.98
C GLN B 60 22.58 0.11 6.34
N ASP B 61 21.42 -0.51 6.31
CA ASP B 61 21.33 -1.97 6.65
C ASP B 61 21.74 -2.18 8.11
N THR B 62 21.52 -1.21 8.94
CA THR B 62 21.89 -1.34 10.38
C THR B 62 20.68 -0.90 11.25
N ILE B 63 20.02 -1.85 11.88
CA ILE B 63 18.74 -1.58 12.68
C ILE B 63 18.88 -0.76 13.98
N LEU B 64 17.81 -0.69 14.79
CA LEU B 64 17.83 0.09 16.09
C LEU B 64 16.48 0.08 16.88
N ALA B 65 16.50 -0.28 18.17
CA ALA B 65 15.25 -0.26 19.04
C ALA B 65 15.49 -0.92 20.42
N GLU B 66 15.21 -0.21 21.51
CA GLU B 66 15.38 -0.76 22.92
C GLU B 66 15.49 0.38 23.97
N GLY B 67 16.65 1.00 24.08
CA GLY B 67 16.87 2.09 25.11
C GLY B 67 16.79 3.48 24.47
N LEU B 68 16.55 4.53 25.23
CA LEU B 68 16.44 5.88 24.60
C LEU B 68 17.80 6.60 24.65
N HIS B 69 18.49 6.62 23.53
CA HIS B 69 19.82 7.32 23.44
C HIS B 69 20.24 7.46 21.98
N PHE B 70 20.23 8.65 21.42
CA PHE B 70 20.67 8.81 19.99
C PHE B 70 20.30 10.19 19.43
N ARG B 71 20.91 10.56 18.33
CA ARG B 71 20.61 11.87 17.68
C ARG B 71 20.59 13.00 18.73
N ILE B 72 21.33 12.85 19.79
CA ILE B 72 21.35 13.90 20.85
C ILE B 72 22.33 15.03 20.47
N PRO B 73 23.55 14.68 20.14
CA PRO B 73 24.56 15.71 19.77
C PRO B 73 24.25 16.29 18.39
N TRP B 74 25.21 16.92 17.76
CA TRP B 74 24.96 17.51 16.42
C TRP B 74 25.69 16.71 15.32
N PHE B 75 26.80 16.11 15.64
CA PHE B 75 27.55 15.32 14.62
C PHE B 75 27.02 13.89 14.51
N GLN B 76 25.94 13.59 15.19
CA GLN B 76 25.37 12.21 15.12
C GLN B 76 24.15 12.21 14.19
N TYR B 77 23.86 11.08 13.58
CA TYR B 77 22.70 11.03 12.64
C TYR B 77 21.81 9.82 12.93
N PRO B 78 20.55 9.95 12.59
CA PRO B 78 19.59 8.86 12.80
C PRO B 78 19.35 8.08 11.50
N ILE B 79 19.84 6.87 11.44
CA ILE B 79 19.62 6.01 10.25
C ILE B 79 19.72 4.55 10.69
N ILE B 80 18.61 3.85 10.76
CA ILE B 80 18.65 2.43 11.22
C ILE B 80 17.82 1.54 10.28
N TYR B 81 18.13 0.28 10.26
CA TYR B 81 17.43 -0.68 9.36
C TYR B 81 16.35 -1.46 10.14
N ASP B 82 15.31 -1.90 9.48
CA ASP B 82 14.25 -2.65 10.21
C ASP B 82 14.16 -4.09 9.68
N ILE B 83 13.93 -5.04 10.55
CA ILE B 83 13.85 -6.46 10.11
C ILE B 83 12.78 -6.64 9.03
N ARG B 84 12.93 -7.62 8.18
CA ARG B 84 11.93 -7.87 7.11
C ARG B 84 12.29 -9.15 6.34
N ALA B 85 11.31 -9.92 5.96
CA ALA B 85 11.59 -11.19 5.21
C ALA B 85 12.31 -10.87 3.90
N ARG B 86 13.16 -11.75 3.44
CA ARG B 86 13.89 -11.48 2.16
C ARG B 86 13.63 -12.60 1.15
N PRO B 87 12.87 -12.28 0.13
CA PRO B 87 12.56 -13.26 -0.93
C PRO B 87 13.47 -13.00 -2.14
N ARG B 88 14.40 -13.88 -2.39
CA ARG B 88 15.30 -13.68 -3.56
C ARG B 88 15.95 -15.03 -3.97
N LYS B 89 15.52 -15.64 -5.07
CA LYS B 89 16.11 -16.98 -5.48
C LYS B 89 15.81 -17.32 -6.97
N ILE B 90 16.66 -18.12 -7.60
CA ILE B 90 16.40 -18.54 -9.04
C ILE B 90 16.95 -19.93 -9.32
N SER B 91 16.37 -20.62 -10.26
CA SER B 91 16.87 -21.97 -10.65
C SER B 91 17.51 -21.87 -12.04
N SER B 92 18.81 -21.98 -12.13
CA SER B 92 19.48 -21.85 -13.46
C SER B 92 20.32 -23.09 -13.78
N PRO B 93 20.16 -23.61 -14.98
CA PRO B 93 20.92 -24.79 -15.41
C PRO B 93 22.11 -24.35 -16.28
N THR B 94 23.31 -24.69 -15.88
CA THR B 94 24.50 -24.30 -16.68
C THR B 94 25.25 -25.55 -17.17
N GLY B 95 25.80 -25.49 -18.35
CA GLY B 95 26.54 -26.67 -18.89
C GLY B 95 28.04 -26.42 -18.79
N SER B 96 28.79 -27.40 -18.36
CA SER B 96 30.26 -27.23 -18.23
C SER B 96 30.94 -28.58 -17.99
N LYS B 97 30.38 -29.38 -17.12
CA LYS B 97 30.99 -30.72 -16.83
C LYS B 97 30.36 -31.78 -17.73
N ASP B 98 29.04 -31.80 -17.81
CA ASP B 98 28.36 -32.81 -18.67
C ASP B 98 28.27 -32.31 -20.12
N LEU B 99 28.79 -31.13 -20.40
CA LEU B 99 28.74 -30.58 -21.79
C LEU B 99 27.30 -30.29 -22.21
N GLN B 100 26.47 -31.30 -22.30
CA GLN B 100 25.04 -31.08 -22.71
C GLN B 100 24.40 -29.99 -21.83
N MET B 101 23.79 -30.36 -20.74
CA MET B 101 23.14 -29.33 -19.87
C MET B 101 22.97 -29.86 -18.44
N VAL B 102 23.08 -28.99 -17.47
CA VAL B 102 22.93 -29.42 -16.05
C VAL B 102 22.09 -28.40 -15.29
N ASN B 103 21.29 -28.83 -14.36
CA ASN B 103 20.44 -27.86 -13.59
C ASN B 103 21.05 -27.62 -12.20
N ILE B 104 20.99 -26.40 -11.73
CA ILE B 104 21.55 -26.09 -10.38
C ILE B 104 20.87 -24.85 -9.80
N SER B 105 20.78 -24.77 -8.50
CA SER B 105 20.14 -23.58 -7.87
C SER B 105 20.81 -23.28 -6.53
N LEU B 106 20.83 -22.03 -6.13
CA LEU B 106 21.47 -21.67 -4.83
C LEU B 106 20.93 -20.32 -4.35
N ARG B 107 20.62 -20.20 -3.08
CA ARG B 107 20.10 -18.91 -2.57
C ARG B 107 20.89 -18.45 -1.35
N VAL B 108 20.96 -17.16 -1.13
CA VAL B 108 21.69 -16.63 0.05
C VAL B 108 20.70 -15.99 1.03
N LEU B 109 20.57 -16.55 2.20
CA LEU B 109 19.61 -15.98 3.19
C LEU B 109 20.38 -15.19 4.26
N SER B 110 20.05 -13.93 4.43
CA SER B 110 20.75 -13.10 5.45
C SER B 110 19.89 -12.94 6.70
N ARG B 111 20.48 -13.01 7.86
CA ARG B 111 19.69 -12.87 9.12
C ARG B 111 20.51 -12.13 10.19
N PRO B 112 19.83 -11.34 10.99
CA PRO B 112 20.52 -10.58 12.05
C PRO B 112 20.90 -11.51 13.21
N ASN B 113 21.58 -10.99 14.21
CA ASN B 113 21.98 -11.86 15.36
C ASN B 113 22.50 -10.98 16.50
N ALA B 114 23.66 -10.39 16.33
CA ALA B 114 24.23 -9.53 17.40
C ALA B 114 25.06 -8.40 16.79
N GLN B 115 26.12 -7.99 17.43
CA GLN B 115 26.97 -6.90 16.87
C GLN B 115 27.35 -7.21 15.41
N GLU B 116 26.67 -6.61 14.47
CA GLU B 116 26.97 -6.87 13.04
C GLU B 116 26.71 -5.61 12.20
N LEU B 117 25.49 -5.13 12.20
CA LEU B 117 25.15 -3.92 11.39
C LEU B 117 26.18 -2.78 11.57
N PRO B 118 26.58 -2.49 12.79
CA PRO B 118 27.55 -1.38 13.00
C PRO B 118 28.94 -1.69 12.40
N SER B 119 29.58 -2.74 12.83
CA SER B 119 30.94 -3.06 12.28
C SER B 119 30.85 -3.57 10.84
N MET B 120 29.86 -4.38 10.54
CA MET B 120 29.73 -4.91 9.15
C MET B 120 29.21 -3.82 8.20
N TYR B 121 28.62 -2.78 8.70
CA TYR B 121 28.08 -1.71 7.81
C TYR B 121 29.12 -1.31 6.75
N GLN B 122 30.28 -0.87 7.17
CA GLN B 122 31.34 -0.47 6.19
C GLN B 122 32.05 -1.70 5.63
N ARG B 123 32.24 -2.72 6.44
CA ARG B 123 32.93 -3.94 5.94
C ARG B 123 32.06 -4.64 4.90
N LEU B 124 30.76 -4.58 5.06
CA LEU B 124 29.84 -5.23 4.09
C LEU B 124 29.67 -4.35 2.86
N GLY B 125 29.66 -3.05 3.04
CA GLY B 125 29.49 -2.12 1.89
C GLY B 125 28.70 -0.89 2.34
N LEU B 126 27.52 -0.72 1.81
CA LEU B 126 26.70 0.47 2.22
C LEU B 126 25.21 0.14 2.10
N ASP B 127 24.64 0.27 0.92
CA ASP B 127 23.19 -0.04 0.75
C ASP B 127 22.91 -0.56 -0.66
N TYR B 128 23.22 -1.80 -0.93
CA TYR B 128 22.96 -2.36 -2.29
C TYR B 128 23.13 -3.89 -2.28
N GLU B 129 22.53 -4.56 -1.33
CA GLU B 129 22.65 -6.06 -1.29
C GLU B 129 22.30 -6.66 -2.65
N GLU B 130 21.49 -5.99 -3.41
CA GLU B 130 21.09 -6.52 -4.75
C GLU B 130 22.33 -6.84 -5.58
N ARG B 131 23.43 -6.20 -5.29
CA ARG B 131 24.68 -6.47 -6.06
C ARG B 131 25.38 -7.73 -5.53
N VAL B 132 25.57 -7.80 -4.23
CA VAL B 132 26.27 -8.98 -3.64
C VAL B 132 25.33 -10.19 -3.55
N LEU B 133 24.05 -9.96 -3.47
CA LEU B 133 23.10 -11.11 -3.36
C LEU B 133 23.27 -12.07 -4.55
N PRO B 134 23.07 -11.55 -5.75
CA PRO B 134 23.22 -12.40 -6.97
C PRO B 134 24.70 -12.64 -7.27
N SER B 135 25.54 -11.65 -7.05
CA SER B 135 27.00 -11.82 -7.35
C SER B 135 27.55 -13.09 -6.68
N ILE B 136 27.55 -13.14 -5.37
CA ILE B 136 28.08 -14.34 -4.68
C ILE B 136 27.28 -15.60 -5.08
N VAL B 137 25.98 -15.50 -5.12
CA VAL B 137 25.15 -16.68 -5.49
C VAL B 137 25.34 -17.02 -6.97
N ASN B 138 24.94 -16.13 -7.84
CA ASN B 138 25.10 -16.38 -9.31
C ASN B 138 26.52 -16.84 -9.65
N GLU B 139 27.49 -16.41 -8.89
CA GLU B 139 28.90 -16.80 -9.18
C GLU B 139 29.18 -18.21 -8.63
N VAL B 140 29.04 -18.42 -7.36
CA VAL B 140 29.31 -19.76 -6.78
C VAL B 140 28.36 -20.80 -7.39
N LEU B 141 27.22 -20.38 -7.87
CA LEU B 141 26.25 -21.34 -8.47
C LEU B 141 26.86 -21.97 -9.73
N LYS B 142 27.44 -21.17 -10.58
CA LYS B 142 28.04 -21.71 -11.84
C LYS B 142 29.42 -22.31 -11.57
N SER B 143 30.14 -21.79 -10.63
CA SER B 143 31.51 -22.33 -10.33
C SER B 143 31.40 -23.75 -9.75
N VAL B 144 30.33 -24.04 -9.04
CA VAL B 144 30.19 -25.41 -8.44
C VAL B 144 29.70 -26.40 -9.50
N VAL B 145 29.00 -25.93 -10.51
CA VAL B 145 28.49 -26.86 -11.56
C VAL B 145 29.65 -27.37 -12.42
N ALA B 146 30.61 -26.54 -12.70
CA ALA B 146 31.77 -26.99 -13.54
C ALA B 146 32.42 -28.23 -12.94
N LYS B 147 32.48 -28.32 -11.64
CA LYS B 147 33.10 -29.51 -10.99
C LYS B 147 32.11 -30.67 -10.96
N PHE B 148 30.90 -30.43 -10.56
CA PHE B 148 29.88 -31.52 -10.50
C PHE B 148 29.36 -31.84 -11.90
N ASN B 149 28.67 -32.93 -12.06
CA ASN B 149 28.13 -33.31 -13.40
C ASN B 149 26.60 -33.35 -13.37
N ALA B 150 25.99 -33.60 -14.50
CA ALA B 150 24.50 -33.66 -14.55
C ALA B 150 24.01 -35.00 -14.01
N SER B 151 24.73 -36.06 -14.27
CA SER B 151 24.30 -37.40 -13.77
C SER B 151 24.11 -37.37 -12.25
N GLN B 152 25.00 -36.70 -11.55
CA GLN B 152 24.88 -36.63 -10.08
C GLN B 152 23.85 -35.57 -9.69
N LEU B 153 23.68 -34.56 -10.50
CA LEU B 153 22.70 -33.49 -10.18
C LEU B 153 21.27 -34.04 -10.27
N ILE B 154 20.99 -34.82 -11.28
CA ILE B 154 19.62 -35.40 -11.41
C ILE B 154 19.32 -36.32 -10.23
N THR B 155 20.33 -36.91 -9.65
CA THR B 155 20.10 -37.82 -8.48
C THR B 155 19.40 -37.06 -7.35
N GLN B 156 19.93 -35.92 -6.99
CA GLN B 156 19.30 -35.13 -5.89
C GLN B 156 19.94 -33.74 -5.81
N ARG B 157 19.15 -32.71 -5.96
CA ARG B 157 19.71 -31.32 -5.90
C ARG B 157 20.20 -31.01 -4.48
N ALA B 158 19.84 -31.81 -3.52
CA ALA B 158 20.28 -31.55 -2.12
C ALA B 158 21.72 -32.04 -1.91
N GLN B 159 22.08 -33.12 -2.55
CA GLN B 159 23.48 -33.65 -2.39
C GLN B 159 24.51 -32.58 -2.75
N VAL B 160 24.22 -31.78 -3.74
CA VAL B 160 25.18 -30.71 -4.14
C VAL B 160 25.07 -29.52 -3.20
N SER B 161 23.92 -29.35 -2.57
CA SER B 161 23.74 -28.20 -1.63
C SER B 161 24.75 -28.29 -0.48
N LEU B 162 25.30 -29.44 -0.23
CA LEU B 162 26.27 -29.59 0.89
C LEU B 162 27.61 -28.95 0.51
N LEU B 163 28.21 -29.38 -0.57
CA LEU B 163 29.53 -28.82 -0.98
C LEU B 163 29.42 -27.31 -1.22
N ILE B 164 28.47 -26.89 -2.01
CA ILE B 164 28.32 -25.43 -2.29
C ILE B 164 28.10 -24.64 -0.99
N ARG B 165 27.43 -25.22 -0.03
CA ARG B 165 27.20 -24.50 1.25
C ARG B 165 28.53 -24.13 1.89
N ARG B 166 29.53 -24.96 1.73
CA ARG B 166 30.86 -24.65 2.33
C ARG B 166 31.44 -23.38 1.70
N GLU B 167 31.28 -23.23 0.41
CA GLU B 167 31.81 -22.02 -0.28
C GLU B 167 30.87 -20.83 -0.06
N LEU B 168 29.61 -21.10 0.21
CA LEU B 168 28.64 -19.99 0.44
C LEU B 168 28.78 -19.45 1.86
N THR B 169 28.90 -20.32 2.83
CA THR B 169 29.04 -19.85 4.24
C THR B 169 30.34 -19.04 4.40
N GLU B 170 31.35 -19.38 3.65
CA GLU B 170 32.65 -18.63 3.76
C GLU B 170 32.56 -17.32 2.97
N ARG B 171 31.81 -17.32 1.90
CA ARG B 171 31.68 -16.08 1.08
C ARG B 171 30.72 -15.10 1.75
N ALA B 172 29.59 -15.57 2.20
CA ALA B 172 28.60 -14.67 2.87
C ALA B 172 29.20 -14.10 4.15
N LYS B 173 29.94 -14.89 4.89
CA LYS B 173 30.55 -14.40 6.15
C LYS B 173 31.49 -13.24 5.85
N ASP B 174 32.06 -13.21 4.68
CA ASP B 174 33.01 -12.11 4.33
C ASP B 174 32.30 -10.75 4.40
N PHE B 175 31.32 -10.54 3.56
CA PHE B 175 30.60 -9.23 3.57
C PHE B 175 30.08 -8.91 4.98
N SER B 176 29.84 -9.93 5.77
CA SER B 176 29.33 -9.68 7.15
C SER B 176 29.31 -10.99 7.95
N LEU B 177 29.31 -10.91 9.25
CA LEU B 177 29.29 -12.15 10.07
C LEU B 177 27.88 -12.40 10.62
N ILE B 178 27.22 -13.40 10.14
CA ILE B 178 25.83 -13.70 10.61
C ILE B 178 25.51 -15.19 10.45
N LEU B 179 24.63 -15.71 11.27
CA LEU B 179 24.28 -17.15 11.15
C LEU B 179 22.92 -17.27 10.44
N ASP B 180 22.93 -17.78 9.24
CA ASP B 180 21.65 -17.90 8.46
C ASP B 180 21.53 -19.29 7.83
N ASP B 181 20.32 -19.74 7.60
CA ASP B 181 20.12 -21.07 6.97
C ASP B 181 19.83 -20.91 5.49
N VAL B 182 20.34 -21.78 4.65
CA VAL B 182 20.10 -21.64 3.19
C VAL B 182 19.95 -23.01 2.51
N ALA B 183 19.11 -23.08 1.52
CA ALA B 183 18.92 -24.35 0.77
C ALA B 183 18.32 -24.04 -0.60
N ILE B 184 18.56 -24.88 -1.56
CA ILE B 184 18.06 -24.62 -2.94
C ILE B 184 16.81 -25.45 -3.27
N THR B 185 16.01 -24.98 -4.19
CA THR B 185 14.80 -25.75 -4.62
C THR B 185 15.23 -26.54 -5.85
N GLU B 186 14.59 -27.63 -6.15
CA GLU B 186 15.08 -28.45 -7.30
C GLU B 186 14.32 -28.19 -8.60
N LEU B 187 15.07 -28.19 -9.68
CA LEU B 187 14.50 -27.97 -11.04
C LEU B 187 15.41 -28.69 -12.03
N SER B 188 14.90 -29.13 -13.15
CA SER B 188 15.78 -29.87 -14.11
C SER B 188 15.30 -29.68 -15.56
N PHE B 189 16.21 -29.79 -16.49
CA PHE B 189 15.84 -29.61 -17.94
C PHE B 189 15.73 -30.99 -18.61
N SER B 190 14.58 -31.31 -19.13
CA SER B 190 14.40 -32.62 -19.81
C SER B 190 13.21 -32.57 -20.78
N MET C 1 33.16 53.52 17.55
CA MET C 1 34.16 54.61 17.41
C MET C 1 33.67 55.89 18.08
N ALA C 2 32.45 56.29 17.79
CA ALA C 2 31.91 57.53 18.42
C ALA C 2 31.18 57.19 19.72
N GLN C 3 30.65 58.18 20.39
CA GLN C 3 29.93 57.91 21.67
C GLN C 3 28.53 57.34 21.38
N ASN C 4 28.01 57.60 20.21
CA ASN C 4 26.65 57.08 19.87
C ASN C 4 26.61 55.55 20.03
N LEU C 5 27.75 54.90 19.98
CA LEU C 5 27.77 53.42 20.14
C LEU C 5 27.15 53.02 21.48
N LYS C 6 27.26 53.86 22.47
CA LYS C 6 26.67 53.52 23.81
C LYS C 6 25.14 53.56 23.73
N ASP C 7 24.60 54.45 22.95
CA ASP C 7 23.12 54.55 22.82
C ASP C 7 22.59 53.41 21.95
N LEU C 8 23.40 52.92 21.04
CA LEU C 8 22.95 51.80 20.16
C LEU C 8 22.93 50.49 20.94
N ALA C 9 23.95 50.23 21.70
CA ALA C 9 23.98 48.95 22.49
C ALA C 9 22.94 49.01 23.61
N GLY C 10 22.60 50.18 24.06
CA GLY C 10 21.59 50.30 25.15
C GLY C 10 20.24 49.76 24.67
N ARG C 11 20.05 49.69 23.38
CA ARG C 11 18.75 49.17 22.85
C ARG C 11 18.66 47.65 23.01
N LEU C 12 19.78 46.99 23.11
CA LEU C 12 19.76 45.50 23.27
C LEU C 12 19.10 45.10 24.60
N PRO C 13 19.64 45.61 25.68
CA PRO C 13 19.08 45.29 27.03
C PRO C 13 17.74 46.01 27.23
N ALA C 14 17.41 46.95 26.39
CA ALA C 14 16.11 47.67 26.55
C ALA C 14 14.94 46.69 26.54
N GLY C 15 13.74 47.18 26.59
CA GLY C 15 12.55 46.27 26.58
C GLY C 15 11.34 47.01 26.02
N PRO C 16 11.43 47.40 24.78
CA PRO C 16 10.32 48.12 24.12
C PRO C 16 9.16 47.16 23.82
N ARG C 17 8.04 47.68 23.40
CA ARG C 17 6.87 46.80 23.10
C ARG C 17 7.22 45.83 21.97
N GLY C 18 8.15 46.19 21.12
CA GLY C 18 8.54 45.29 20.00
C GLY C 18 9.16 44.01 20.57
N MET C 19 9.84 44.11 21.68
CA MET C 19 10.47 42.90 22.28
C MET C 19 9.40 41.91 22.74
N GLY C 20 8.33 42.40 23.30
CA GLY C 20 7.25 41.49 23.76
C GLY C 20 6.62 40.79 22.56
N THR C 21 6.47 41.49 21.46
CA THR C 21 5.86 40.86 20.25
C THR C 21 6.88 39.96 19.57
N ALA C 22 8.15 40.22 19.74
CA ALA C 22 9.19 39.38 19.09
C ALA C 22 9.04 37.92 19.53
N LEU C 23 8.55 37.70 20.71
CA LEU C 23 8.37 36.30 21.20
C LEU C 23 7.44 35.52 20.27
N LYS C 24 6.40 36.15 19.80
CA LYS C 24 5.46 35.46 18.87
C LYS C 24 6.21 34.91 17.66
N LEU C 25 7.28 35.56 17.28
CA LEU C 25 8.08 35.08 16.12
C LEU C 25 8.79 33.77 16.45
N LEU C 26 9.40 33.68 17.60
CA LEU C 26 10.11 32.43 17.99
C LEU C 26 9.13 31.24 17.99
N LEU C 27 7.93 31.47 18.44
CA LEU C 27 6.93 30.37 18.46
C LEU C 27 6.56 29.93 17.04
N GLY C 28 6.57 30.85 16.11
CA GLY C 28 6.23 30.48 14.70
C GLY C 28 7.32 29.56 14.14
N ALA C 29 8.54 29.77 14.54
CA ALA C 29 9.65 28.90 14.03
C ALA C 29 9.44 27.46 14.47
N GLY C 30 8.99 27.26 15.68
CA GLY C 30 8.77 25.87 16.18
C GLY C 30 7.61 25.24 15.42
N ALA C 31 6.65 26.03 15.00
CA ALA C 31 5.48 25.48 14.25
C ALA C 31 5.85 25.23 12.79
N VAL C 32 6.69 26.07 12.23
CA VAL C 32 7.09 25.87 10.80
C VAL C 32 8.02 24.66 10.67
N ALA C 33 8.71 24.32 11.72
CA ALA C 33 9.64 23.15 11.66
C ALA C 33 8.87 21.88 11.31
N TYR C 34 7.62 21.80 11.67
CA TYR C 34 6.81 20.58 11.36
C TYR C 34 6.72 20.39 9.84
N GLY C 35 6.44 21.45 9.11
CA GLY C 35 6.34 21.33 7.62
C GLY C 35 7.67 20.82 7.06
N VAL C 36 8.77 21.18 7.69
CA VAL C 36 10.09 20.72 7.18
C VAL C 36 10.34 19.26 7.59
N ARG C 37 9.78 18.85 8.70
CA ARG C 37 9.98 17.43 9.15
C ARG C 37 9.51 16.45 8.07
N GLU C 38 8.54 16.83 7.28
CA GLU C 38 8.04 15.92 6.22
C GLU C 38 8.97 15.95 4.99
N SER C 39 9.65 17.05 4.74
CA SER C 39 10.56 17.10 3.54
C SER C 39 11.87 17.86 3.85
N VAL C 40 12.96 17.47 3.20
CA VAL C 40 14.28 18.15 3.44
C VAL C 40 15.17 18.03 2.18
N PHE C 41 16.30 18.70 2.13
CA PHE C 41 17.20 18.60 0.92
C PHE C 41 18.47 17.81 1.23
N THR C 42 19.07 17.97 2.40
CA THR C 42 20.32 17.19 2.70
C THR C 42 20.05 15.69 2.54
N VAL C 43 20.65 15.08 1.54
CA VAL C 43 20.43 13.63 1.30
C VAL C 43 20.63 12.82 2.60
N GLU C 44 19.80 11.85 2.84
CA GLU C 44 19.93 11.02 4.07
C GLU C 44 19.98 9.53 3.72
N GLY C 45 20.94 8.83 4.24
CA GLY C 45 21.05 7.36 3.94
C GLY C 45 22.02 7.15 2.79
N GLY C 46 21.93 6.03 2.12
CA GLY C 46 22.85 5.75 0.98
C GLY C 46 22.23 6.27 -0.32
N HIS C 47 21.98 7.56 -0.39
CA HIS C 47 21.37 8.12 -1.62
C HIS C 47 22.22 9.29 -2.15
N ARG C 48 22.17 9.54 -3.42
CA ARG C 48 22.98 10.62 -4.04
C ARG C 48 22.08 11.83 -4.39
N ALA C 49 22.64 13.03 -4.46
CA ALA C 49 21.79 14.25 -4.76
C ALA C 49 21.89 14.69 -6.24
N ILE C 50 20.87 15.34 -6.69
CA ILE C 50 20.80 15.80 -8.12
C ILE C 50 20.39 17.29 -8.17
N PHE C 51 20.77 18.03 -9.21
CA PHE C 51 20.42 19.51 -9.23
C PHE C 51 19.69 19.94 -10.52
N PHE C 52 18.70 20.82 -10.36
CA PHE C 52 17.94 21.35 -11.55
C PHE C 52 17.21 22.65 -11.15
N ASN C 53 16.94 23.53 -12.08
CA ASN C 53 16.23 24.82 -11.75
C ASN C 53 14.88 24.91 -12.46
N ARG C 54 13.93 25.64 -11.89
CA ARG C 54 12.57 25.78 -12.52
C ARG C 54 12.69 25.95 -14.04
N ILE C 55 13.77 26.54 -14.51
CA ILE C 55 13.94 26.72 -15.98
C ILE C 55 15.32 26.24 -16.42
N GLY C 56 15.48 24.96 -16.62
CA GLY C 56 16.79 24.42 -17.06
C GLY C 56 16.63 22.99 -17.58
N GLY C 57 17.49 22.10 -17.18
CA GLY C 57 17.39 20.68 -17.64
C GLY C 57 16.88 19.80 -16.50
N VAL C 58 15.72 19.21 -16.66
CA VAL C 58 15.15 18.34 -15.58
C VAL C 58 16.19 17.31 -15.12
N GLN C 59 16.04 16.80 -13.93
CA GLN C 59 17.01 15.79 -13.41
C GLN C 59 16.38 14.99 -12.27
N GLN C 60 15.59 14.00 -12.60
CA GLN C 60 14.93 13.18 -11.53
C GLN C 60 15.69 11.88 -11.30
N ASP C 61 15.71 11.01 -12.27
CA ASP C 61 16.42 9.70 -12.11
C ASP C 61 17.95 9.92 -12.06
N THR C 62 18.42 10.61 -11.07
CA THR C 62 19.89 10.87 -10.97
C THR C 62 20.39 10.64 -9.53
N ILE C 63 21.69 10.69 -9.32
CA ILE C 63 22.27 10.48 -7.96
C ILE C 63 23.82 10.56 -8.04
N LEU C 64 24.42 11.50 -7.31
CA LEU C 64 25.92 11.64 -7.32
C LEU C 64 26.55 10.96 -6.07
N ALA C 65 26.71 11.67 -4.98
CA ALA C 65 27.29 11.06 -3.73
C ALA C 65 26.83 11.87 -2.50
N GLU C 66 26.95 11.34 -1.30
CA GLU C 66 26.48 12.09 -0.09
C GLU C 66 27.36 13.31 0.20
N GLY C 67 26.76 14.38 0.66
CA GLY C 67 27.51 15.63 0.98
C GLY C 67 26.66 16.47 1.93
N LEU C 68 27.25 17.36 2.70
CA LEU C 68 26.40 18.18 3.62
C LEU C 68 26.12 19.52 2.93
N HIS C 69 24.90 19.68 2.48
CA HIS C 69 24.49 20.94 1.78
C HIS C 69 22.97 21.07 1.84
N PHE C 70 22.46 22.28 1.81
CA PHE C 70 20.98 22.45 1.85
C PHE C 70 20.48 23.11 0.56
N ARG C 71 19.27 22.82 0.16
CA ARG C 71 18.73 23.44 -1.09
C ARG C 71 18.28 24.87 -0.78
N ILE C 72 19.15 25.66 -0.22
CA ILE C 72 18.78 27.06 0.13
C ILE C 72 19.73 28.07 -0.54
N PRO C 73 20.23 27.75 -1.72
CA PRO C 73 21.14 28.70 -2.41
C PRO C 73 20.33 29.84 -3.04
N TRP C 74 19.89 29.68 -4.27
CA TRP C 74 19.10 30.76 -4.93
C TRP C 74 18.09 30.16 -5.91
N PHE C 75 18.43 29.07 -6.57
CA PHE C 75 17.47 28.46 -7.53
C PHE C 75 17.75 26.96 -7.73
N GLN C 76 17.74 26.19 -6.68
CA GLN C 76 17.98 24.71 -6.82
C GLN C 76 16.70 23.96 -6.44
N TYR C 77 16.51 22.79 -7.00
CA TYR C 77 15.27 22.01 -6.69
C TYR C 77 15.60 20.64 -6.10
N PRO C 78 14.67 20.11 -5.35
CA PRO C 78 14.86 18.79 -4.72
C PRO C 78 14.17 17.68 -5.54
N ILE C 79 14.95 16.87 -6.19
CA ILE C 79 14.41 15.71 -6.98
C ILE C 79 15.57 14.71 -7.14
N ILE C 80 15.50 13.59 -6.48
CA ILE C 80 16.63 12.60 -6.53
C ILE C 80 16.14 11.18 -6.86
N TYR C 81 17.02 10.34 -7.36
CA TYR C 81 16.62 8.95 -7.72
C TYR C 81 16.96 7.98 -6.59
N ASP C 82 16.06 7.09 -6.26
CA ASP C 82 16.31 6.11 -5.17
C ASP C 82 16.24 4.69 -5.70
N ILE C 83 16.95 3.78 -5.09
CA ILE C 83 16.92 2.36 -5.57
C ILE C 83 15.66 1.66 -5.05
N ARG C 84 15.17 0.69 -5.77
CA ARG C 84 13.95 -0.05 -5.33
C ARG C 84 13.72 -1.28 -6.21
N ALA C 85 12.69 -2.03 -5.93
CA ALA C 85 12.41 -3.25 -6.75
C ALA C 85 12.15 -2.85 -8.21
N ARG C 86 12.10 -3.79 -9.10
CA ARG C 86 11.86 -3.45 -10.53
C ARG C 86 11.31 -4.67 -11.29
N PRO C 87 10.15 -4.52 -11.89
CA PRO C 87 9.54 -5.62 -12.65
C PRO C 87 9.82 -5.43 -14.15
N ARG C 88 10.62 -6.29 -14.71
CA ARG C 88 10.95 -6.16 -16.17
C ARG C 88 11.43 -7.52 -16.72
N LYS C 89 10.65 -8.17 -17.57
CA LYS C 89 11.04 -9.51 -18.13
C LYS C 89 10.39 -9.76 -19.51
N ILE C 90 10.97 -10.63 -20.31
CA ILE C 90 10.41 -10.89 -21.69
C ILE C 90 9.57 -12.16 -21.76
N SER C 91 8.66 -12.20 -22.69
CA SER C 91 7.83 -13.42 -22.90
C SER C 91 7.24 -13.36 -24.31
N SER C 92 7.72 -14.17 -25.22
CA SER C 92 7.17 -14.13 -26.60
C SER C 92 7.53 -15.40 -27.38
N PRO C 93 6.69 -15.76 -28.31
CA PRO C 93 6.93 -16.95 -29.16
C PRO C 93 7.51 -16.50 -30.50
N THR C 94 8.76 -16.80 -30.78
CA THR C 94 9.36 -16.36 -32.07
C THR C 94 10.02 -17.53 -32.80
N GLY C 95 9.99 -17.51 -34.10
CA GLY C 95 10.62 -18.61 -34.89
C GLY C 95 10.90 -18.09 -36.31
N SER C 96 12.15 -17.93 -36.66
CA SER C 96 12.48 -17.41 -38.03
C SER C 96 13.71 -18.11 -38.60
N LYS C 97 14.66 -18.46 -37.77
CA LYS C 97 15.89 -19.14 -38.28
C LYS C 97 15.70 -20.66 -38.29
N ASP C 98 14.48 -21.13 -38.46
CA ASP C 98 14.24 -22.60 -38.48
C ASP C 98 12.77 -22.88 -38.80
N LEU C 99 12.34 -24.09 -38.63
CA LEU C 99 10.91 -24.44 -38.93
C LEU C 99 10.15 -24.72 -37.63
N GLN C 100 10.26 -23.83 -36.67
CA GLN C 100 9.55 -24.05 -35.38
C GLN C 100 9.47 -22.73 -34.60
N MET C 101 8.68 -22.69 -33.56
CA MET C 101 8.56 -21.44 -32.75
C MET C 101 9.23 -21.64 -31.38
N VAL C 102 10.33 -20.97 -31.16
CA VAL C 102 11.02 -21.10 -29.85
C VAL C 102 10.73 -19.89 -28.96
N ASN C 103 10.71 -20.08 -27.67
CA ASN C 103 10.43 -18.93 -26.75
C ASN C 103 11.73 -18.44 -26.12
N ILE C 104 12.15 -17.25 -26.49
CA ILE C 104 13.41 -16.71 -25.91
C ILE C 104 13.13 -15.36 -25.22
N SER C 105 13.25 -15.30 -23.93
CA SER C 105 12.98 -14.03 -23.21
C SER C 105 14.18 -13.65 -22.32
N LEU C 106 14.67 -12.44 -22.44
CA LEU C 106 15.84 -12.01 -21.61
C LEU C 106 15.45 -10.92 -20.62
N ARG C 107 16.11 -10.84 -19.50
CA ARG C 107 15.79 -9.79 -18.50
C ARG C 107 16.99 -8.84 -18.33
N VAL C 108 16.75 -7.61 -17.97
CA VAL C 108 17.87 -6.65 -17.80
C VAL C 108 17.64 -5.78 -16.55
N LEU C 109 18.71 -5.35 -15.93
CA LEU C 109 18.56 -4.49 -14.70
C LEU C 109 19.48 -3.28 -14.79
N SER C 110 19.08 -2.18 -14.21
CA SER C 110 19.94 -0.96 -14.25
C SER C 110 20.52 -0.67 -12.87
N ARG C 111 21.79 -0.36 -12.80
CA ARG C 111 22.42 -0.08 -11.48
C ARG C 111 23.47 1.04 -11.63
N PRO C 112 23.35 2.05 -10.81
CA PRO C 112 24.31 3.18 -10.86
C PRO C 112 25.66 2.77 -10.28
N ASN C 113 26.69 2.77 -11.09
CA ASN C 113 28.03 2.37 -10.59
C ASN C 113 28.82 3.62 -10.16
N ALA C 114 28.19 4.50 -9.43
CA ALA C 114 28.90 5.74 -8.98
C ALA C 114 29.55 6.46 -10.17
N GLN C 115 28.96 6.33 -11.34
CA GLN C 115 29.53 7.00 -12.54
C GLN C 115 28.78 8.31 -12.82
N GLU C 116 28.40 9.01 -11.79
CA GLU C 116 27.67 10.31 -11.98
C GLU C 116 26.37 10.07 -12.76
N LEU C 117 25.24 10.19 -12.11
CA LEU C 117 23.95 9.98 -12.80
C LEU C 117 23.56 11.20 -13.67
N PRO C 118 23.87 12.41 -13.21
CA PRO C 118 23.49 13.62 -13.98
C PRO C 118 24.26 13.73 -15.30
N SER C 119 25.53 13.43 -15.30
CA SER C 119 26.30 13.52 -16.58
C SER C 119 25.59 12.71 -17.67
N MET C 120 25.36 11.45 -17.40
CA MET C 120 24.67 10.57 -18.39
C MET C 120 23.14 10.75 -18.33
N TYR C 121 22.62 11.28 -17.26
CA TYR C 121 21.13 11.44 -17.15
C TYR C 121 20.54 12.09 -18.42
N GLN C 122 20.86 13.33 -18.68
CA GLN C 122 20.29 13.99 -19.90
C GLN C 122 20.64 13.17 -21.14
N ARG C 123 21.74 12.47 -21.11
CA ARG C 123 22.14 11.62 -22.27
C ARG C 123 21.35 10.30 -22.24
N LEU C 124 20.83 9.96 -21.08
CA LEU C 124 20.05 8.69 -20.95
C LEU C 124 18.72 8.82 -21.70
N GLY C 125 18.12 9.98 -21.65
CA GLY C 125 16.82 10.17 -22.35
C GLY C 125 15.80 10.80 -21.40
N LEU C 126 16.23 11.69 -20.54
CA LEU C 126 15.29 12.34 -19.58
C LEU C 126 14.44 11.29 -18.85
N ASP C 127 15.07 10.37 -18.17
CA ASP C 127 14.31 9.31 -17.44
C ASP C 127 13.32 8.62 -18.39
N TYR C 128 13.73 7.52 -18.97
CA TYR C 128 12.82 6.79 -19.91
C TYR C 128 13.29 5.34 -20.08
N GLU C 129 13.55 4.66 -18.99
CA GLU C 129 14.01 3.24 -19.08
C GLU C 129 12.99 2.40 -19.86
N GLU C 130 11.73 2.61 -19.60
CA GLU C 130 10.67 1.82 -20.32
C GLU C 130 10.86 1.94 -21.83
N ARG C 131 11.41 3.03 -22.29
CA ARG C 131 11.61 3.20 -23.76
C ARG C 131 12.86 2.46 -24.23
N VAL C 132 13.97 2.65 -23.56
CA VAL C 132 15.23 1.96 -23.98
C VAL C 132 15.26 0.51 -23.49
N LEU C 133 14.49 0.17 -22.50
CA LEU C 133 14.50 -1.22 -21.98
C LEU C 133 14.16 -2.22 -23.10
N PRO C 134 12.99 -2.07 -23.69
CA PRO C 134 12.58 -2.98 -24.78
C PRO C 134 13.36 -2.67 -26.06
N SER C 135 13.60 -1.41 -26.31
CA SER C 135 14.35 -1.02 -27.56
C SER C 135 15.72 -1.72 -27.60
N ILE C 136 16.41 -1.75 -26.49
CA ILE C 136 17.74 -2.42 -26.47
C ILE C 136 17.58 -3.94 -26.35
N VAL C 137 16.62 -4.38 -25.58
CA VAL C 137 16.42 -5.86 -25.41
C VAL C 137 15.65 -6.44 -26.60
N ASN C 138 14.43 -6.03 -26.80
CA ASN C 138 13.61 -6.56 -27.94
C ASN C 138 14.38 -6.50 -29.26
N GLU C 139 14.98 -5.37 -29.56
CA GLU C 139 15.74 -5.25 -30.84
C GLU C 139 16.79 -6.36 -30.95
N VAL C 140 17.76 -6.37 -30.08
CA VAL C 140 18.81 -7.42 -30.14
C VAL C 140 18.19 -8.81 -29.88
N LEU C 141 17.21 -8.88 -29.03
CA LEU C 141 16.57 -10.19 -28.73
C LEU C 141 15.99 -10.82 -30.00
N LYS C 142 14.99 -10.22 -30.57
CA LYS C 142 14.38 -10.79 -31.81
C LYS C 142 15.39 -10.76 -32.97
N SER C 143 16.36 -9.91 -32.90
CA SER C 143 17.37 -9.84 -34.00
C SER C 143 18.41 -10.96 -33.84
N VAL C 144 18.84 -11.21 -32.63
CA VAL C 144 19.86 -12.29 -32.41
C VAL C 144 19.23 -13.67 -32.61
N VAL C 145 18.09 -13.91 -32.01
CA VAL C 145 17.43 -15.24 -32.17
C VAL C 145 17.25 -15.57 -33.65
N ALA C 146 17.13 -14.57 -34.48
CA ALA C 146 16.97 -14.83 -35.95
C ALA C 146 18.28 -15.32 -36.56
N LYS C 147 19.38 -15.07 -35.89
CA LYS C 147 20.70 -15.52 -36.44
C LYS C 147 20.90 -17.01 -36.17
N PHE C 148 20.82 -17.43 -34.93
CA PHE C 148 21.00 -18.87 -34.60
C PHE C 148 19.69 -19.63 -34.78
N ASN C 149 19.73 -20.93 -34.72
CA ASN C 149 18.48 -21.73 -34.90
C ASN C 149 17.98 -22.24 -33.54
N ALA C 150 16.97 -23.06 -33.54
CA ALA C 150 16.44 -23.59 -32.25
C ALA C 150 17.30 -24.75 -31.75
N SER C 151 17.86 -25.52 -32.64
CA SER C 151 18.71 -26.67 -32.22
C SER C 151 19.86 -26.18 -31.34
N GLN C 152 20.48 -25.09 -31.71
CA GLN C 152 21.62 -24.56 -30.89
C GLN C 152 21.09 -23.79 -29.68
N LEU C 153 19.88 -23.29 -29.76
CA LEU C 153 19.30 -22.53 -28.61
C LEU C 153 18.85 -23.49 -27.50
N ILE C 154 18.04 -24.46 -27.85
CA ILE C 154 17.57 -25.44 -26.81
C ILE C 154 18.76 -26.15 -26.16
N THR C 155 19.89 -26.15 -26.81
CA THR C 155 21.09 -26.83 -26.22
C THR C 155 21.43 -26.20 -24.87
N GLN C 156 21.84 -24.96 -24.87
CA GLN C 156 22.20 -24.29 -23.59
C GLN C 156 21.66 -22.86 -23.58
N ARG C 157 20.72 -22.58 -22.73
CA ARG C 157 20.15 -21.20 -22.66
C ARG C 157 21.27 -20.18 -22.40
N ALA C 158 22.37 -20.62 -21.85
CA ALA C 158 23.50 -19.68 -21.57
C ALA C 158 24.30 -19.44 -22.85
N GLN C 159 24.31 -20.39 -23.75
CA GLN C 159 25.09 -20.21 -25.02
C GLN C 159 24.58 -18.98 -25.78
N VAL C 160 23.35 -18.99 -26.20
CA VAL C 160 22.80 -17.81 -26.94
C VAL C 160 22.85 -16.56 -26.04
N SER C 161 22.93 -16.74 -24.76
CA SER C 161 22.97 -15.56 -23.84
C SER C 161 24.36 -14.89 -23.91
N LEU C 162 25.40 -15.67 -23.98
CA LEU C 162 26.77 -15.08 -24.05
C LEU C 162 26.89 -14.14 -25.25
N LEU C 163 26.29 -14.49 -26.35
CA LEU C 163 26.36 -13.62 -27.56
C LEU C 163 25.56 -12.33 -27.32
N ILE C 164 24.28 -12.46 -27.03
CA ILE C 164 23.45 -11.24 -26.78
C ILE C 164 23.97 -10.49 -25.56
N ARG C 165 24.53 -11.19 -24.60
CA ARG C 165 25.05 -10.51 -23.38
C ARG C 165 26.08 -9.43 -23.78
N ARG C 166 27.04 -9.79 -24.59
CA ARG C 166 28.06 -8.79 -25.01
C ARG C 166 27.44 -7.74 -25.93
N GLU C 167 26.44 -8.12 -26.69
CA GLU C 167 25.78 -7.14 -27.60
C GLU C 167 24.95 -6.14 -26.78
N LEU C 168 24.27 -6.61 -25.78
CA LEU C 168 23.45 -5.68 -24.94
C LEU C 168 24.36 -4.74 -24.15
N THR C 169 25.52 -5.21 -23.78
CA THR C 169 26.46 -4.34 -22.99
C THR C 169 26.82 -3.09 -23.79
N GLU C 170 26.84 -3.20 -25.10
CA GLU C 170 27.18 -2.01 -25.94
C GLU C 170 26.04 -0.99 -25.89
N ARG C 171 24.87 -1.37 -26.34
CA ARG C 171 23.72 -0.42 -26.31
C ARG C 171 23.37 -0.04 -24.87
N ALA C 172 23.63 -0.93 -23.95
CA ALA C 172 23.32 -0.63 -22.51
C ALA C 172 24.15 0.58 -22.04
N LYS C 173 25.43 0.56 -22.28
CA LYS C 173 26.28 1.70 -21.84
C LYS C 173 26.16 2.86 -22.84
N ASP C 174 25.82 2.57 -24.06
CA ASP C 174 25.69 3.65 -25.08
C ASP C 174 24.74 4.74 -24.58
N PHE C 175 23.83 4.40 -23.70
CA PHE C 175 22.88 5.42 -23.19
C PHE C 175 23.46 6.10 -21.93
N SER C 176 24.20 5.36 -21.15
CA SER C 176 24.80 5.95 -19.91
C SER C 176 25.79 4.97 -19.28
N LEU C 177 26.33 5.29 -18.14
CA LEU C 177 27.30 4.35 -17.49
C LEU C 177 26.60 3.61 -16.34
N ILE C 178 26.38 2.33 -16.51
CA ILE C 178 25.71 1.54 -15.44
C ILE C 178 26.11 0.07 -15.53
N LEU C 179 26.10 -0.64 -14.44
CA LEU C 179 26.47 -2.08 -14.48
C LEU C 179 25.20 -2.94 -14.43
N ASP C 180 24.89 -3.61 -15.51
CA ASP C 180 23.66 -4.44 -15.55
C ASP C 180 24.04 -5.92 -15.74
N ASP C 181 23.22 -6.81 -15.27
CA ASP C 181 23.52 -8.27 -15.43
C ASP C 181 22.67 -8.84 -16.57
N VAL C 182 23.24 -9.70 -17.38
CA VAL C 182 22.47 -10.29 -18.51
C VAL C 182 22.03 -11.71 -18.18
N ALA C 183 20.74 -11.97 -18.25
CA ALA C 183 20.23 -13.34 -17.95
C ALA C 183 18.86 -13.52 -18.60
N ILE C 184 18.51 -14.73 -18.94
CA ILE C 184 17.18 -14.95 -19.60
C ILE C 184 16.43 -16.13 -18.98
N THR C 185 15.26 -15.90 -18.45
CA THR C 185 14.48 -17.04 -17.87
C THR C 185 13.27 -17.31 -18.77
N GLU C 186 13.33 -18.34 -19.57
CA GLU C 186 12.18 -18.65 -20.46
C GLU C 186 12.31 -20.06 -21.05
N LEU C 187 11.26 -20.83 -21.07
CA LEU C 187 11.36 -22.18 -21.70
C LEU C 187 9.98 -22.69 -22.10
N SER C 188 9.67 -22.63 -23.37
CA SER C 188 8.36 -23.13 -23.87
C SER C 188 8.39 -23.27 -25.38
N PHE C 189 8.43 -24.46 -25.90
CA PHE C 189 8.46 -24.61 -27.39
C PHE C 189 8.02 -26.03 -27.80
N SER C 190 7.03 -26.13 -28.63
CA SER C 190 6.57 -27.49 -29.07
C SER C 190 6.60 -27.60 -30.59
N MET D 1 5.10 67.55 -8.14
CA MET D 1 5.43 67.72 -6.70
C MET D 1 4.20 68.23 -5.93
N ALA D 2 3.94 67.68 -4.78
CA ALA D 2 2.76 68.13 -3.98
C ALA D 2 2.92 67.71 -2.53
N GLN D 3 2.14 68.28 -1.65
CA GLN D 3 2.23 67.92 -0.20
C GLN D 3 1.64 66.53 0.03
N ASN D 4 0.76 66.09 -0.84
CA ASN D 4 0.13 64.75 -0.68
C ASN D 4 1.21 63.66 -0.54
N LEU D 5 2.36 63.89 -1.13
CA LEU D 5 3.45 62.87 -1.03
C LEU D 5 3.81 62.60 0.43
N LYS D 6 3.65 63.59 1.28
CA LYS D 6 3.99 63.40 2.72
C LYS D 6 2.86 62.63 3.43
N ASP D 7 1.65 63.14 3.36
CA ASP D 7 0.51 62.45 4.02
C ASP D 7 0.32 61.05 3.43
N LEU D 8 0.69 60.86 2.19
CA LEU D 8 0.53 59.52 1.56
C LEU D 8 1.40 58.49 2.26
N ALA D 9 2.47 58.92 2.86
CA ALA D 9 3.37 57.97 3.58
C ALA D 9 2.74 57.51 4.90
N GLY D 10 2.26 58.44 5.67
CA GLY D 10 1.62 58.06 6.97
C GLY D 10 0.24 57.46 6.72
N ARG D 11 -0.34 57.72 5.57
CA ARG D 11 -1.69 57.16 5.26
C ARG D 11 -1.63 55.63 5.19
N LEU D 12 -0.49 55.07 4.89
CA LEU D 12 -0.39 53.59 4.80
C LEU D 12 -0.45 52.96 6.20
N PRO D 13 0.48 53.34 7.05
CA PRO D 13 0.51 52.79 8.43
C PRO D 13 -0.64 53.39 9.25
N ALA D 14 -1.68 52.63 9.46
CA ALA D 14 -2.83 53.15 10.25
C ALA D 14 -2.51 53.12 11.75
N GLY D 15 -1.50 53.84 12.16
CA GLY D 15 -1.14 53.86 13.60
C GLY D 15 -0.01 52.85 13.86
N PRO D 16 0.70 53.05 14.94
CA PRO D 16 1.82 52.14 15.30
C PRO D 16 1.28 50.78 15.78
N ARG D 17 0.10 50.78 16.34
CA ARG D 17 -0.49 49.49 16.83
C ARG D 17 -0.77 48.55 15.65
N GLY D 18 -0.97 49.10 14.48
CA GLY D 18 -1.25 48.24 13.30
C GLY D 18 0.02 47.48 12.91
N MET D 19 1.17 48.12 13.00
CA MET D 19 2.44 47.43 12.63
C MET D 19 2.71 46.28 13.60
N GLY D 20 2.24 46.38 14.81
CA GLY D 20 2.48 45.30 15.81
C GLY D 20 1.66 44.07 15.43
N THR D 21 0.47 44.26 14.94
CA THR D 21 -0.39 43.11 14.55
C THR D 21 0.11 42.50 13.23
N ALA D 22 0.76 43.29 12.41
CA ALA D 22 1.26 42.77 11.11
C ALA D 22 2.15 41.53 11.32
N LEU D 23 2.76 41.42 12.47
CA LEU D 23 3.63 40.24 12.75
C LEU D 23 2.78 38.97 12.81
N LYS D 24 1.64 39.03 13.46
CA LYS D 24 0.77 37.83 13.56
C LYS D 24 0.50 37.25 12.17
N LEU D 25 0.50 38.09 11.17
CA LEU D 25 0.24 37.61 9.78
C LEU D 25 1.46 36.83 9.25
N LEU D 26 2.64 37.38 9.43
CA LEU D 26 3.86 36.68 8.95
C LEU D 26 3.98 35.29 9.60
N LEU D 27 3.57 35.18 10.83
CA LEU D 27 3.65 33.86 11.52
C LEU D 27 2.58 32.90 10.98
N GLY D 28 1.41 33.41 10.68
CA GLY D 28 0.33 32.53 10.14
C GLY D 28 0.75 32.00 8.77
N ALA D 29 1.54 32.75 8.05
CA ALA D 29 1.98 32.28 6.70
C ALA D 29 2.76 30.97 6.82
N GLY D 30 3.53 30.82 7.87
CA GLY D 30 4.32 29.56 8.05
C GLY D 30 3.36 28.38 8.22
N ALA D 31 2.27 28.58 8.91
CA ALA D 31 1.29 27.47 9.12
C ALA D 31 0.53 27.18 7.82
N VAL D 32 0.13 28.20 7.12
CA VAL D 32 -0.62 27.99 5.85
C VAL D 32 0.29 27.31 4.82
N ALA D 33 1.57 27.53 4.91
CA ALA D 33 2.50 26.89 3.93
C ALA D 33 2.48 25.36 4.10
N TYR D 34 2.22 24.90 5.29
CA TYR D 34 2.19 23.43 5.53
C TYR D 34 1.07 22.79 4.70
N GLY D 35 -0.11 23.34 4.75
CA GLY D 35 -1.25 22.76 3.97
C GLY D 35 -0.89 22.77 2.48
N VAL D 36 -0.17 23.76 2.03
CA VAL D 36 0.22 23.82 0.60
C VAL D 36 1.37 22.85 0.32
N ARG D 37 2.20 22.61 1.30
CA ARG D 37 3.35 21.68 1.10
C ARG D 37 2.85 20.31 0.60
N GLU D 38 1.66 19.92 0.95
CA GLU D 38 1.14 18.60 0.51
C GLU D 38 0.67 18.66 -0.97
N SER D 39 0.25 19.81 -1.45
CA SER D 39 -0.22 19.90 -2.88
C SER D 39 0.50 21.04 -3.63
N VAL D 40 0.29 21.14 -4.93
CA VAL D 40 0.95 22.23 -5.72
C VAL D 40 0.46 22.22 -7.18
N PHE D 41 0.76 23.25 -7.96
CA PHE D 41 0.31 23.28 -9.39
C PHE D 41 1.52 23.25 -10.33
N THR D 42 2.55 24.01 -10.06
CA THR D 42 3.74 24.02 -10.96
C THR D 42 4.29 22.59 -11.13
N VAL D 43 4.23 22.06 -12.32
CA VAL D 43 4.73 20.66 -12.55
C VAL D 43 6.17 20.53 -12.01
N GLU D 44 6.40 19.57 -11.17
CA GLU D 44 7.77 19.39 -10.59
C GLU D 44 8.82 19.35 -11.72
N GLY D 45 8.84 18.30 -12.50
CA GLY D 45 9.84 18.22 -13.60
C GLY D 45 9.64 16.92 -14.38
N GLY D 46 9.31 15.85 -13.71
CA GLY D 46 9.10 14.54 -14.42
C GLY D 46 7.62 14.35 -14.72
N HIS D 47 6.92 15.42 -15.02
CA HIS D 47 5.47 15.30 -15.33
C HIS D 47 5.00 16.51 -16.16
N ARG D 48 3.97 16.32 -16.94
CA ARG D 48 3.47 17.41 -17.83
C ARG D 48 2.16 18.05 -17.30
N ALA D 49 1.87 19.29 -17.67
CA ALA D 49 0.63 19.99 -17.14
C ALA D 49 -0.54 20.01 -18.14
N ILE D 50 -1.75 20.08 -17.62
CA ILE D 50 -2.99 20.10 -18.46
C ILE D 50 -3.95 21.18 -17.89
N PHE D 51 -4.81 21.78 -18.70
CA PHE D 51 -5.71 22.88 -18.17
C PHE D 51 -7.21 22.61 -18.33
N PHE D 52 -8.00 23.05 -17.37
CA PHE D 52 -9.49 22.88 -17.44
C PHE D 52 -10.19 23.83 -16.44
N ASN D 53 -11.42 24.20 -16.70
CA ASN D 53 -12.15 25.13 -15.77
C ASN D 53 -13.43 24.46 -15.20
N ARG D 54 -13.88 24.87 -14.03
CA ARG D 54 -15.11 24.25 -13.41
C ARG D 54 -16.24 24.14 -14.46
N ILE D 55 -16.33 25.09 -15.34
CA ILE D 55 -17.40 25.04 -16.38
C ILE D 55 -16.91 24.32 -17.65
N GLY D 56 -17.45 23.18 -17.95
CA GLY D 56 -17.01 22.44 -19.17
C GLY D 56 -16.63 21.01 -18.79
N GLY D 57 -16.04 20.28 -19.70
CA GLY D 57 -15.64 18.87 -19.40
C GLY D 57 -14.24 18.86 -18.79
N VAL D 58 -14.04 18.13 -17.73
CA VAL D 58 -12.70 18.08 -17.09
C VAL D 58 -11.70 17.37 -18.01
N GLN D 59 -10.43 17.55 -17.76
CA GLN D 59 -9.40 16.90 -18.63
C GLN D 59 -8.69 15.77 -17.87
N GLN D 60 -7.63 16.08 -17.16
CA GLN D 60 -6.90 15.02 -16.40
C GLN D 60 -6.50 13.88 -17.34
N ASP D 61 -5.78 12.90 -16.84
CA ASP D 61 -5.34 11.76 -17.70
C ASP D 61 -4.60 12.27 -18.95
N THR D 62 -3.86 13.34 -18.82
CA THR D 62 -3.12 13.87 -20.02
C THR D 62 -1.92 14.74 -19.59
N ILE D 63 -0.76 14.47 -20.13
CA ILE D 63 0.47 15.27 -19.77
C ILE D 63 1.18 15.82 -21.04
N LEU D 64 1.52 17.10 -21.04
CA LEU D 64 2.25 17.73 -22.22
C LEU D 64 3.79 17.81 -21.98
N ALA D 65 4.26 18.79 -21.23
CA ALA D 65 5.74 18.92 -20.95
C ALA D 65 5.97 19.87 -19.74
N GLU D 66 7.20 20.02 -19.26
CA GLU D 66 7.44 20.91 -18.06
C GLU D 66 7.50 22.40 -18.45
N GLY D 67 7.12 23.24 -17.54
CA GLY D 67 7.14 24.71 -17.79
C GLY D 67 7.12 25.44 -16.44
N LEU D 68 7.60 26.65 -16.35
CA LEU D 68 7.56 27.34 -15.03
C LEU D 68 6.32 28.24 -14.98
N HIS D 69 5.33 27.82 -14.23
CA HIS D 69 4.06 28.59 -14.14
C HIS D 69 3.28 28.18 -12.88
N PHE D 70 2.48 29.07 -12.33
CA PHE D 70 1.68 28.71 -11.12
C PHE D 70 0.19 28.86 -11.43
N ARG D 71 -0.62 27.87 -11.09
CA ARG D 71 -2.07 27.98 -11.40
C ARG D 71 -2.63 29.29 -10.83
N ILE D 72 -3.05 29.28 -9.57
CA ILE D 72 -3.62 30.53 -8.95
C ILE D 72 -4.31 31.41 -10.02
N PRO D 73 -5.16 30.80 -10.80
CA PRO D 73 -5.85 31.50 -11.90
C PRO D 73 -7.27 31.90 -11.49
N TRP D 74 -8.12 32.14 -12.45
CA TRP D 74 -9.52 32.52 -12.15
C TRP D 74 -10.47 31.43 -12.64
N PHE D 75 -9.97 30.48 -13.41
CA PHE D 75 -10.87 29.38 -13.92
C PHE D 75 -10.04 28.17 -14.37
N GLN D 76 -8.85 27.99 -13.85
CA GLN D 76 -8.02 26.82 -14.26
C GLN D 76 -8.07 25.75 -13.16
N TYR D 77 -7.89 24.51 -13.52
CA TYR D 77 -7.95 23.41 -12.51
C TYR D 77 -6.70 22.55 -12.53
N PRO D 78 -6.41 21.94 -11.40
CA PRO D 78 -5.23 21.06 -11.28
C PRO D 78 -5.63 19.58 -11.44
N ILE D 79 -5.25 19.00 -12.54
CA ILE D 79 -5.52 17.55 -12.80
C ILE D 79 -4.52 17.10 -13.86
N ILE D 80 -3.55 16.29 -13.49
CA ILE D 80 -2.50 15.88 -14.49
C ILE D 80 -2.29 14.37 -14.50
N TYR D 81 -1.81 13.85 -15.60
CA TYR D 81 -1.56 12.38 -15.72
C TYR D 81 -0.08 12.06 -15.46
N ASP D 82 0.21 10.91 -14.92
CA ASP D 82 1.63 10.57 -14.64
C ASP D 82 2.08 9.41 -15.54
N ILE D 83 3.31 9.44 -15.99
CA ILE D 83 3.81 8.34 -16.88
C ILE D 83 3.98 7.05 -16.08
N ARG D 84 3.73 5.93 -16.70
CA ARG D 84 3.87 4.62 -15.98
C ARG D 84 3.70 3.46 -16.98
N ALA D 85 4.40 2.37 -16.75
CA ALA D 85 4.26 1.21 -17.68
C ALA D 85 2.81 0.75 -17.75
N ARG D 86 2.46 -0.05 -18.72
CA ARG D 86 1.05 -0.51 -18.84
C ARG D 86 1.00 -2.01 -19.15
N PRO D 87 0.57 -2.79 -18.17
CA PRO D 87 0.46 -4.25 -18.35
C PRO D 87 -0.99 -4.62 -18.66
N ARG D 88 -1.27 -5.03 -19.87
CA ARG D 88 -2.68 -5.40 -20.22
C ARG D 88 -2.67 -6.32 -21.47
N LYS D 89 -2.97 -7.60 -21.31
CA LYS D 89 -2.94 -8.56 -22.48
C LYS D 89 -3.73 -9.87 -22.20
N ILE D 90 -4.25 -10.52 -23.24
CA ILE D 90 -5.02 -11.81 -23.02
C ILE D 90 -4.86 -12.77 -24.20
N SER D 91 -5.04 -14.04 -23.94
CA SER D 91 -4.97 -15.06 -25.04
C SER D 91 -6.41 -15.43 -25.43
N SER D 92 -6.83 -15.04 -26.60
CA SER D 92 -8.24 -15.35 -27.02
C SER D 92 -8.27 -16.47 -28.07
N PRO D 93 -8.98 -17.53 -27.73
CA PRO D 93 -9.11 -18.67 -28.66
C PRO D 93 -10.45 -18.57 -29.40
N THR D 94 -10.43 -18.31 -30.67
CA THR D 94 -11.71 -18.20 -31.44
C THR D 94 -11.52 -18.71 -32.87
N GLY D 95 -12.30 -19.67 -33.27
CA GLY D 95 -12.18 -20.21 -34.66
C GLY D 95 -13.30 -19.65 -35.52
N SER D 96 -13.00 -19.32 -36.75
CA SER D 96 -14.06 -18.77 -37.66
C SER D 96 -13.63 -18.93 -39.12
N LYS D 97 -12.40 -18.64 -39.43
CA LYS D 97 -11.91 -18.78 -40.82
C LYS D 97 -11.63 -20.25 -41.14
N ASP D 98 -11.22 -21.01 -40.17
CA ASP D 98 -10.93 -22.45 -40.41
C ASP D 98 -11.88 -23.33 -39.59
N LEU D 99 -12.17 -24.51 -40.06
CA LEU D 99 -13.09 -25.41 -39.31
C LEU D 99 -12.45 -25.83 -37.98
N GLN D 100 -11.15 -25.83 -37.91
CA GLN D 100 -10.48 -26.22 -36.64
C GLN D 100 -10.53 -25.08 -35.63
N MET D 101 -9.75 -25.15 -34.59
CA MET D 101 -9.75 -24.06 -33.56
C MET D 101 -8.47 -23.22 -33.67
N VAL D 102 -8.60 -21.96 -33.94
CA VAL D 102 -7.38 -21.09 -34.06
C VAL D 102 -7.39 -20.05 -32.93
N ASN D 103 -6.25 -19.78 -32.36
CA ASN D 103 -6.18 -18.77 -31.26
C ASN D 103 -5.60 -17.46 -31.78
N ILE D 104 -5.99 -16.36 -31.18
CA ILE D 104 -5.46 -15.04 -31.63
C ILE D 104 -5.39 -14.07 -30.44
N SER D 105 -4.38 -13.25 -30.39
CA SER D 105 -4.25 -12.28 -29.26
C SER D 105 -3.34 -11.12 -29.67
N LEU D 106 -3.59 -9.95 -29.13
CA LEU D 106 -2.74 -8.77 -29.48
C LEU D 106 -2.73 -7.76 -28.32
N ARG D 107 -1.67 -7.01 -28.19
CA ARG D 107 -1.60 -6.01 -27.09
C ARG D 107 -1.29 -4.62 -27.64
N VAL D 108 -1.87 -3.59 -27.07
CA VAL D 108 -1.60 -2.21 -27.56
C VAL D 108 -0.78 -1.44 -26.52
N LEU D 109 0.25 -0.76 -26.94
CA LEU D 109 1.10 0.01 -25.98
C LEU D 109 0.85 1.51 -26.15
N SER D 110 0.65 2.22 -25.07
CA SER D 110 0.42 3.69 -25.15
C SER D 110 1.63 4.44 -24.60
N ARG D 111 2.25 5.27 -25.40
CA ARG D 111 3.44 6.03 -24.91
C ARG D 111 3.38 7.48 -25.42
N PRO D 112 3.19 8.40 -24.50
CA PRO D 112 3.13 9.84 -24.87
C PRO D 112 4.52 10.35 -25.23
N ASN D 113 5.10 9.84 -26.30
CA ASN D 113 6.47 10.30 -26.71
C ASN D 113 6.48 11.81 -26.88
N ALA D 114 5.77 12.32 -27.85
CA ALA D 114 5.75 13.79 -28.08
C ALA D 114 4.78 14.46 -27.09
N GLN D 115 4.53 15.74 -27.27
CA GLN D 115 3.61 16.45 -26.34
C GLN D 115 2.25 16.64 -27.02
N GLU D 116 1.26 15.86 -26.66
CA GLU D 116 -0.07 16.01 -27.30
C GLU D 116 -1.17 15.41 -26.41
N LEU D 117 -1.01 15.48 -25.12
CA LEU D 117 -2.05 14.92 -24.21
C LEU D 117 -3.25 15.88 -24.06
N PRO D 118 -3.01 17.18 -24.15
CA PRO D 118 -4.14 18.13 -24.04
C PRO D 118 -5.00 18.09 -25.31
N SER D 119 -4.44 17.67 -26.41
CA SER D 119 -5.24 17.59 -27.68
C SER D 119 -6.08 16.31 -27.67
N MET D 120 -5.50 15.22 -27.22
CA MET D 120 -6.24 13.93 -27.19
C MET D 120 -7.16 13.86 -25.97
N TYR D 121 -6.93 14.70 -24.98
CA TYR D 121 -7.78 14.67 -23.75
C TYR D 121 -9.27 14.58 -24.13
N GLN D 122 -9.77 15.50 -24.92
CA GLN D 122 -11.20 15.45 -25.32
C GLN D 122 -11.40 14.46 -26.47
N ARG D 123 -10.40 14.29 -27.29
CA ARG D 123 -10.52 13.34 -28.44
C ARG D 123 -10.46 11.89 -27.94
N LEU D 124 -9.35 11.51 -27.36
CA LEU D 124 -9.20 10.11 -26.84
C LEU D 124 -10.37 9.77 -25.91
N GLY D 125 -10.64 10.60 -24.95
CA GLY D 125 -11.75 10.33 -24.00
C GLY D 125 -11.42 10.90 -22.63
N LEU D 126 -12.40 11.01 -21.77
CA LEU D 126 -12.14 11.56 -20.40
C LEU D 126 -11.62 10.45 -19.47
N ASP D 127 -10.38 10.08 -19.61
CA ASP D 127 -9.82 9.00 -18.73
C ASP D 127 -10.70 7.76 -18.80
N TYR D 128 -10.50 6.92 -19.79
CA TYR D 128 -11.33 5.69 -19.90
C TYR D 128 -10.62 4.65 -20.77
N GLU D 129 -9.33 4.51 -20.63
CA GLU D 129 -8.58 3.51 -21.45
C GLU D 129 -9.12 2.11 -21.19
N GLU D 130 -9.66 1.87 -20.01
CA GLU D 130 -10.21 0.52 -19.69
C GLU D 130 -11.17 0.07 -20.79
N ARG D 131 -11.93 0.98 -21.34
CA ARG D 131 -12.90 0.60 -22.42
C ARG D 131 -12.21 0.50 -23.78
N VAL D 132 -11.29 1.39 -24.06
CA VAL D 132 -10.60 1.37 -25.39
C VAL D 132 -9.48 0.31 -25.42
N LEU D 133 -8.74 0.17 -24.36
CA LEU D 133 -7.63 -0.83 -24.35
C LEU D 133 -8.10 -2.21 -24.85
N PRO D 134 -9.07 -2.77 -24.19
CA PRO D 134 -9.59 -4.10 -24.60
C PRO D 134 -10.43 -3.98 -25.88
N SER D 135 -11.19 -2.93 -26.01
CA SER D 135 -12.04 -2.77 -27.23
C SER D 135 -11.17 -2.67 -28.49
N ILE D 136 -10.28 -1.72 -28.55
CA ILE D 136 -9.41 -1.57 -29.75
C ILE D 136 -8.64 -2.88 -30.02
N VAL D 137 -8.27 -3.58 -28.98
CA VAL D 137 -7.52 -4.85 -29.17
C VAL D 137 -8.50 -5.99 -29.50
N ASN D 138 -9.41 -6.28 -28.61
CA ASN D 138 -10.40 -7.37 -28.85
C ASN D 138 -11.09 -7.18 -30.19
N GLU D 139 -11.38 -5.96 -30.57
CA GLU D 139 -12.06 -5.72 -31.87
C GLU D 139 -11.17 -6.15 -33.04
N VAL D 140 -10.04 -5.52 -33.20
CA VAL D 140 -9.13 -5.88 -34.32
C VAL D 140 -8.70 -7.35 -34.20
N LEU D 141 -8.71 -7.89 -33.01
CA LEU D 141 -8.30 -9.31 -32.84
C LEU D 141 -9.36 -10.26 -33.41
N LYS D 142 -10.61 -9.89 -33.28
CA LYS D 142 -11.70 -10.77 -33.81
C LYS D 142 -11.85 -10.57 -35.32
N SER D 143 -11.52 -9.41 -35.82
CA SER D 143 -11.65 -9.17 -37.29
C SER D 143 -10.48 -9.79 -38.05
N VAL D 144 -9.32 -9.85 -37.44
CA VAL D 144 -8.14 -10.45 -38.13
C VAL D 144 -8.20 -11.98 -38.06
N VAL D 145 -8.40 -12.52 -36.89
CA VAL D 145 -8.46 -14.00 -36.76
C VAL D 145 -9.55 -14.58 -37.67
N ALA D 146 -10.56 -13.82 -37.98
CA ALA D 146 -11.64 -14.33 -38.87
C ALA D 146 -11.15 -14.36 -40.32
N LYS D 147 -10.34 -13.41 -40.70
CA LYS D 147 -9.83 -13.39 -42.11
C LYS D 147 -8.67 -14.37 -42.27
N PHE D 148 -7.87 -14.53 -41.24
CA PHE D 148 -6.72 -15.48 -41.34
C PHE D 148 -7.13 -16.88 -40.90
N ASN D 149 -6.36 -17.89 -41.25
CA ASN D 149 -6.72 -19.27 -40.85
C ASN D 149 -5.74 -19.78 -39.79
N ALA D 150 -6.00 -20.94 -39.23
CA ALA D 150 -5.09 -21.50 -38.18
C ALA D 150 -3.88 -22.16 -38.83
N SER D 151 -4.04 -22.72 -40.00
CA SER D 151 -2.89 -23.39 -40.69
C SER D 151 -1.68 -22.46 -40.73
N GLN D 152 -1.86 -21.25 -41.20
CA GLN D 152 -0.71 -20.30 -41.28
C GLN D 152 -0.44 -19.68 -39.89
N LEU D 153 -1.42 -19.65 -39.03
CA LEU D 153 -1.22 -19.05 -37.68
C LEU D 153 -0.32 -19.96 -36.83
N ILE D 154 -0.62 -21.23 -36.80
CA ILE D 154 0.21 -22.18 -35.98
C ILE D 154 1.66 -22.16 -36.46
N THR D 155 1.91 -21.71 -37.67
CA THR D 155 3.30 -21.67 -38.18
C THR D 155 4.15 -20.74 -37.32
N GLN D 156 3.64 -19.58 -36.99
CA GLN D 156 4.42 -18.63 -36.15
C GLN D 156 3.52 -17.49 -35.68
N ARG D 157 3.40 -17.30 -34.38
CA ARG D 157 2.54 -16.20 -33.85
C ARG D 157 3.02 -14.84 -34.41
N ALA D 158 4.25 -14.77 -34.85
CA ALA D 158 4.77 -13.46 -35.38
C ALA D 158 4.22 -13.20 -36.78
N GLN D 159 4.00 -14.23 -37.56
CA GLN D 159 3.48 -14.03 -38.94
C GLN D 159 2.13 -13.29 -38.90
N VAL D 160 1.27 -13.64 -37.98
CA VAL D 160 -0.05 -12.95 -37.90
C VAL D 160 0.10 -11.58 -37.23
N SER D 161 1.09 -11.43 -36.38
CA SER D 161 1.29 -10.12 -35.69
C SER D 161 1.66 -9.03 -36.70
N LEU D 162 2.17 -9.41 -37.85
CA LEU D 162 2.55 -8.39 -38.87
C LEU D 162 1.31 -7.90 -39.62
N LEU D 163 0.50 -8.81 -40.09
CA LEU D 163 -0.72 -8.40 -40.85
C LEU D 163 -1.63 -7.54 -39.96
N ILE D 164 -1.80 -7.92 -38.72
CA ILE D 164 -2.68 -7.14 -37.81
C ILE D 164 -2.00 -5.82 -37.41
N ARG D 165 -0.69 -5.75 -37.54
CA ARG D 165 0.02 -4.49 -37.17
C ARG D 165 -0.49 -3.31 -38.01
N ARG D 166 -0.70 -3.53 -39.29
CA ARG D 166 -1.19 -2.43 -40.16
C ARG D 166 -2.59 -2.00 -39.72
N GLU D 167 -3.36 -2.90 -39.18
CA GLU D 167 -4.74 -2.53 -38.73
C GLU D 167 -4.69 -1.84 -37.37
N LEU D 168 -3.68 -2.10 -36.60
CA LEU D 168 -3.58 -1.45 -35.25
C LEU D 168 -3.05 -0.02 -35.39
N THR D 169 -2.13 0.20 -36.29
CA THR D 169 -1.56 1.57 -36.46
C THR D 169 -2.67 2.55 -36.84
N GLU D 170 -3.68 2.09 -37.54
CA GLU D 170 -4.79 3.00 -37.93
C GLU D 170 -5.75 3.20 -36.75
N ARG D 171 -5.98 2.19 -35.98
CA ARG D 171 -6.90 2.32 -34.81
C ARG D 171 -6.19 3.03 -33.65
N ALA D 172 -4.98 2.61 -33.34
CA ALA D 172 -4.24 3.25 -32.22
C ALA D 172 -4.03 4.74 -32.52
N LYS D 173 -3.93 5.09 -33.77
CA LYS D 173 -3.73 6.53 -34.14
C LYS D 173 -4.96 7.34 -33.74
N ASP D 174 -6.11 6.73 -33.75
CA ASP D 174 -7.37 7.46 -33.39
C ASP D 174 -7.25 8.03 -31.97
N PHE D 175 -7.14 7.17 -31.00
CA PHE D 175 -7.02 7.65 -29.58
C PHE D 175 -5.70 8.42 -29.40
N SER D 176 -5.74 9.72 -29.48
CA SER D 176 -4.49 10.53 -29.31
C SER D 176 -3.45 10.15 -30.37
N LEU D 177 -2.46 10.99 -30.55
CA LEU D 177 -1.40 10.69 -31.55
C LEU D 177 -0.14 10.19 -30.84
N ILE D 178 0.17 8.94 -31.00
CA ILE D 178 1.37 8.36 -30.32
C ILE D 178 1.92 7.20 -31.13
N LEU D 179 3.19 6.92 -30.99
CA LEU D 179 3.79 5.79 -31.75
C LEU D 179 3.89 4.56 -30.85
N ASP D 180 3.09 3.56 -31.14
CA ASP D 180 3.09 2.32 -30.30
C ASP D 180 3.59 1.13 -31.11
N ASP D 181 4.13 0.14 -30.45
CA ASP D 181 4.63 -1.06 -31.19
C ASP D 181 3.60 -2.18 -31.10
N VAL D 182 3.43 -2.94 -32.16
CA VAL D 182 2.42 -4.03 -32.13
C VAL D 182 3.09 -5.40 -31.94
N ALA D 183 2.88 -5.99 -30.80
CA ALA D 183 3.47 -7.33 -30.51
C ALA D 183 2.68 -8.01 -29.40
N ILE D 184 2.62 -9.30 -29.40
CA ILE D 184 1.83 -10.01 -28.35
C ILE D 184 2.29 -11.46 -28.21
N THR D 185 2.06 -12.06 -27.07
CA THR D 185 2.45 -13.48 -26.88
C THR D 185 1.22 -14.34 -27.14
N GLU D 186 1.23 -15.07 -28.23
CA GLU D 186 0.03 -15.89 -28.59
C GLU D 186 0.31 -17.39 -28.51
N LEU D 187 -0.72 -18.14 -28.25
CA LEU D 187 -0.60 -19.62 -28.17
C LEU D 187 -1.79 -20.21 -28.93
N SER D 188 -1.54 -21.14 -29.82
CA SER D 188 -2.68 -21.71 -30.61
C SER D 188 -3.08 -23.09 -30.06
N PHE D 189 -4.34 -23.43 -30.23
CA PHE D 189 -4.83 -24.76 -29.72
C PHE D 189 -4.94 -25.76 -30.88
N SER D 190 -4.26 -26.87 -30.78
CA SER D 190 -4.32 -27.90 -31.86
C SER D 190 -4.01 -27.26 -33.23
N MET E 1 -31.03 59.50 2.90
CA MET E 1 -31.04 60.78 3.67
C MET E 1 -31.90 60.64 4.92
N ALA E 2 -31.37 60.02 5.95
CA ALA E 2 -32.15 59.84 7.21
C ALA E 2 -31.25 60.03 8.43
N GLN E 3 -31.81 59.93 9.61
CA GLN E 3 -30.98 60.09 10.84
C GLN E 3 -30.31 58.77 11.22
N ASN E 4 -31.02 57.68 11.05
CA ASN E 4 -30.43 56.35 11.40
C ASN E 4 -29.21 56.07 10.52
N LEU E 5 -29.17 56.62 9.34
CA LEU E 5 -28.01 56.37 8.43
C LEU E 5 -26.72 56.90 9.07
N LYS E 6 -26.79 58.02 9.73
CA LYS E 6 -25.57 58.59 10.38
C LYS E 6 -25.23 57.80 11.65
N ASP E 7 -26.22 57.28 12.32
CA ASP E 7 -25.96 56.51 13.56
C ASP E 7 -25.16 55.24 13.24
N LEU E 8 -25.32 54.73 12.05
CA LEU E 8 -24.57 53.49 11.67
C LEU E 8 -23.13 53.84 11.32
N ALA E 9 -22.92 54.88 10.56
CA ALA E 9 -21.54 55.27 10.18
C ALA E 9 -20.84 55.95 11.36
N GLY E 10 -21.59 56.65 12.18
CA GLY E 10 -20.98 57.34 13.36
C GLY E 10 -20.45 56.30 14.34
N ARG E 11 -20.92 55.09 14.26
CA ARG E 11 -20.43 54.03 15.20
C ARG E 11 -19.01 53.59 14.82
N LEU E 12 -18.64 53.76 13.58
CA LEU E 12 -17.26 53.35 13.15
C LEU E 12 -16.20 54.13 13.92
N PRO E 13 -16.26 55.44 13.82
CA PRO E 13 -15.27 56.30 14.53
C PRO E 13 -15.56 56.30 16.04
N ALA E 14 -15.36 55.19 16.69
CA ALA E 14 -15.61 55.12 18.16
C ALA E 14 -14.85 53.95 18.78
N GLY E 15 -15.12 52.75 18.34
CA GLY E 15 -14.41 51.57 18.91
C GLY E 15 -13.59 50.90 17.81
N PRO E 16 -12.47 51.51 17.48
CA PRO E 16 -11.59 50.96 16.42
C PRO E 16 -10.86 49.71 16.94
N ARG E 17 -10.87 49.48 18.22
CA ARG E 17 -10.17 48.28 18.78
C ARG E 17 -10.70 47.00 18.13
N GLY E 18 -11.93 47.01 17.67
CA GLY E 18 -12.49 45.80 17.03
C GLY E 18 -11.71 45.48 15.76
N MET E 19 -11.27 46.49 15.06
CA MET E 19 -10.50 46.27 13.80
C MET E 19 -9.18 45.54 14.12
N GLY E 20 -8.64 45.79 15.28
CA GLY E 20 -7.36 45.13 15.66
C GLY E 20 -7.59 43.63 15.84
N THR E 21 -8.66 43.25 16.48
CA THR E 21 -8.95 41.80 16.68
C THR E 21 -9.37 41.15 15.36
N ALA E 22 -9.93 41.92 14.47
CA ALA E 22 -10.36 41.34 13.15
C ALA E 22 -9.18 40.66 12.46
N LEU E 23 -7.99 41.07 12.75
CA LEU E 23 -6.79 40.44 12.11
C LEU E 23 -6.64 39.00 12.59
N LYS E 24 -6.82 38.76 13.87
CA LYS E 24 -6.68 37.38 14.40
C LYS E 24 -7.64 36.44 13.67
N LEU E 25 -8.75 36.95 13.22
CA LEU E 25 -9.73 36.10 12.50
C LEU E 25 -9.16 35.65 11.15
N LEU E 26 -8.66 36.58 10.37
CA LEU E 26 -8.08 36.21 9.04
C LEU E 26 -6.93 35.20 9.23
N LEU E 27 -6.30 35.22 10.36
CA LEU E 27 -5.17 34.27 10.61
C LEU E 27 -5.73 32.88 10.94
N GLY E 28 -6.83 32.81 11.64
CA GLY E 28 -7.42 31.49 11.98
C GLY E 28 -7.99 30.84 10.72
N ALA E 29 -8.45 31.63 9.79
CA ALA E 29 -9.03 31.06 8.54
C ALA E 29 -7.96 30.31 7.76
N GLY E 30 -6.72 30.74 7.86
CA GLY E 30 -5.63 30.05 7.13
C GLY E 30 -5.35 28.69 7.76
N ALA E 31 -5.55 28.58 9.05
CA ALA E 31 -5.30 27.27 9.73
C ALA E 31 -6.47 26.32 9.51
N VAL E 32 -7.65 26.85 9.32
CA VAL E 32 -8.84 25.97 9.11
C VAL E 32 -8.86 25.46 7.65
N ALA E 33 -8.26 26.19 6.75
CA ALA E 33 -8.24 25.75 5.33
C ALA E 33 -7.43 24.45 5.19
N TYR E 34 -6.46 24.25 6.04
CA TYR E 34 -5.63 23.01 5.95
C TYR E 34 -6.52 21.78 6.19
N GLY E 35 -7.29 21.78 7.25
CA GLY E 35 -8.17 20.61 7.54
C GLY E 35 -9.07 20.34 6.34
N VAL E 36 -9.45 21.38 5.63
CA VAL E 36 -10.33 21.18 4.44
C VAL E 36 -9.51 20.72 3.24
N ARG E 37 -8.26 21.11 3.17
CA ARG E 37 -7.40 20.70 2.02
C ARG E 37 -7.40 19.17 1.86
N GLU E 38 -7.56 18.45 2.94
CA GLU E 38 -7.55 16.96 2.83
C GLU E 38 -8.89 16.44 2.25
N SER E 39 -9.99 17.15 2.42
CA SER E 39 -11.30 16.66 1.85
C SER E 39 -12.04 17.77 1.09
N VAL E 40 -13.15 17.43 0.44
CA VAL E 40 -13.93 18.46 -0.34
C VAL E 40 -15.22 17.83 -0.91
N PHE E 41 -16.13 18.63 -1.43
CA PHE E 41 -17.40 18.05 -2.00
C PHE E 41 -17.56 18.40 -3.50
N THR E 42 -16.90 19.42 -4.00
CA THR E 42 -17.06 19.74 -5.47
C THR E 42 -16.46 18.62 -6.32
N VAL E 43 -17.20 18.12 -7.27
CA VAL E 43 -16.67 17.02 -8.12
C VAL E 43 -15.43 17.49 -8.89
N GLU E 44 -14.39 16.70 -8.91
CA GLU E 44 -13.15 17.10 -9.64
C GLU E 44 -13.29 16.79 -11.13
N GLY E 45 -13.36 15.53 -11.47
CA GLY E 45 -13.48 15.17 -12.92
C GLY E 45 -13.34 13.66 -13.09
N GLY E 46 -13.84 13.12 -14.17
CA GLY E 46 -13.72 11.64 -14.39
C GLY E 46 -14.65 10.89 -13.43
N HIS E 47 -15.52 11.59 -12.75
CA HIS E 47 -16.44 10.91 -11.81
C HIS E 47 -17.75 11.69 -11.67
N ARG E 48 -18.83 11.01 -11.39
CA ARG E 48 -20.16 11.68 -11.24
C ARG E 48 -20.57 11.77 -9.78
N ALA E 49 -21.44 12.67 -9.48
CA ALA E 49 -21.87 12.87 -8.07
C ALA E 49 -23.19 12.17 -7.77
N ILE E 50 -23.38 11.80 -6.53
CA ILE E 50 -24.62 11.09 -6.09
C ILE E 50 -25.19 11.83 -4.86
N PHE E 51 -26.49 11.78 -4.64
CA PHE E 51 -27.07 12.54 -3.47
C PHE E 51 -27.78 11.62 -2.46
N PHE E 52 -27.56 11.89 -1.19
CA PHE E 52 -28.23 11.10 -0.10
C PHE E 52 -28.18 11.90 1.22
N ASN E 53 -29.12 11.71 2.12
CA ASN E 53 -29.13 12.50 3.39
C ASN E 53 -29.14 11.58 4.63
N ARG E 54 -28.62 12.08 5.75
CA ARG E 54 -28.58 11.26 7.02
C ARG E 54 -29.88 10.46 7.19
N ILE E 55 -29.83 9.38 7.93
CA ILE E 55 -31.06 8.56 8.14
C ILE E 55 -31.69 8.17 6.80
N GLY E 56 -31.11 7.23 6.11
CA GLY E 56 -31.67 6.81 4.80
C GLY E 56 -30.83 5.66 4.22
N GLY E 57 -30.46 5.75 2.97
CA GLY E 57 -29.65 4.66 2.36
C GLY E 57 -28.46 5.27 1.61
N VAL E 58 -27.30 4.68 1.73
CA VAL E 58 -26.10 5.22 1.01
C VAL E 58 -26.12 4.79 -0.46
N GLN E 59 -25.40 5.47 -1.30
CA GLN E 59 -25.40 5.12 -2.76
C GLN E 59 -23.95 5.06 -3.28
N GLN E 60 -23.65 4.14 -4.16
CA GLN E 60 -22.26 4.05 -4.70
C GLN E 60 -22.16 2.98 -5.81
N ASP E 61 -22.17 3.42 -7.05
CA ASP E 61 -22.08 2.47 -8.21
C ASP E 61 -22.34 3.22 -9.52
N THR E 62 -21.50 3.07 -10.51
CA THR E 62 -21.72 3.78 -11.81
C THR E 62 -21.63 5.31 -11.60
N ILE E 63 -21.22 6.06 -12.59
CA ILE E 63 -21.11 7.55 -12.40
C ILE E 63 -21.39 8.30 -13.74
N LEU E 64 -20.62 9.33 -14.08
CA LEU E 64 -20.90 10.09 -15.37
C LEU E 64 -19.87 11.23 -15.62
N ALA E 65 -20.25 12.49 -15.46
CA ALA E 65 -19.30 13.62 -15.75
C ALA E 65 -19.04 14.49 -14.49
N GLU E 66 -18.71 15.77 -14.69
CA GLU E 66 -18.41 16.66 -13.52
C GLU E 66 -19.11 18.03 -13.61
N GLY E 67 -19.35 18.64 -12.48
CA GLY E 67 -20.03 19.98 -12.41
C GLY E 67 -19.73 20.62 -11.04
N LEU E 68 -19.86 21.93 -10.86
CA LEU E 68 -19.54 22.46 -9.49
C LEU E 68 -20.85 22.55 -8.68
N HIS E 69 -21.10 21.53 -7.90
CA HIS E 69 -22.31 21.47 -7.01
C HIS E 69 -22.20 20.26 -6.08
N PHE E 70 -22.36 20.40 -4.78
CA PHE E 70 -22.28 19.20 -3.90
C PHE E 70 -22.48 19.57 -2.41
N ARG E 71 -21.92 18.77 -1.53
CA ARG E 71 -22.05 19.02 -0.06
C ARG E 71 -22.05 20.52 0.26
N ILE E 72 -23.19 21.07 0.52
CA ILE E 72 -23.29 22.52 0.85
C ILE E 72 -24.47 22.77 1.81
N PRO E 73 -25.67 22.45 1.37
CA PRO E 73 -26.86 22.66 2.24
C PRO E 73 -26.83 21.69 3.43
N TRP E 74 -27.96 21.47 4.06
CA TRP E 74 -27.99 20.55 5.24
C TRP E 74 -28.23 19.10 4.79
N PHE E 75 -29.41 18.80 4.31
CA PHE E 75 -29.71 17.40 3.88
C PHE E 75 -28.89 17.03 2.63
N GLN E 76 -27.62 16.76 2.81
CA GLN E 76 -26.75 16.38 1.66
C GLN E 76 -25.53 15.59 2.18
N TYR E 77 -24.97 14.74 1.38
CA TYR E 77 -23.80 13.94 1.86
C TYR E 77 -22.84 13.61 0.72
N PRO E 78 -21.59 13.42 1.08
CA PRO E 78 -20.56 13.09 0.08
C PRO E 78 -20.26 11.58 0.04
N ILE E 79 -20.68 10.93 -1.02
CA ILE E 79 -20.40 9.48 -1.20
C ILE E 79 -20.53 9.20 -2.71
N ILE E 80 -19.42 8.96 -3.38
CA ILE E 80 -19.48 8.73 -4.86
C ILE E 80 -18.74 7.45 -5.26
N TYR E 81 -19.13 6.88 -6.37
CA TYR E 81 -18.47 5.62 -6.84
C TYR E 81 -17.45 5.94 -7.93
N ASP E 82 -16.26 5.39 -7.84
CA ASP E 82 -15.22 5.67 -8.86
C ASP E 82 -14.88 4.40 -9.66
N ILE E 83 -14.45 4.56 -10.89
CA ILE E 83 -14.09 3.37 -11.72
C ILE E 83 -12.94 2.61 -11.08
N ARG E 84 -12.84 1.33 -11.34
CA ARG E 84 -11.73 0.53 -10.74
C ARG E 84 -11.72 -0.88 -11.35
N ALA E 85 -10.55 -1.44 -11.57
CA ALA E 85 -10.47 -2.81 -12.15
C ALA E 85 -11.17 -3.81 -11.22
N ARG E 86 -11.32 -5.04 -11.65
CA ARG E 86 -12.00 -6.05 -10.79
C ARG E 86 -11.60 -7.47 -11.20
N PRO E 87 -10.84 -8.12 -10.36
CA PRO E 87 -10.40 -9.50 -10.62
C PRO E 87 -11.29 -10.48 -9.86
N ARG E 88 -12.11 -11.24 -10.55
CA ARG E 88 -13.00 -12.20 -9.85
C ARG E 88 -13.47 -13.31 -10.85
N LYS E 89 -12.96 -14.53 -10.73
CA LYS E 89 -13.36 -15.64 -11.69
C LYS E 89 -13.04 -17.05 -11.11
N ILE E 90 -13.74 -18.09 -11.56
CA ILE E 90 -13.48 -19.49 -11.03
C ILE E 90 -13.61 -20.58 -12.10
N SER E 91 -12.96 -21.70 -11.88
CA SER E 91 -13.08 -22.85 -12.83
C SER E 91 -14.04 -23.87 -12.23
N SER E 92 -15.21 -24.03 -12.81
CA SER E 92 -16.20 -24.99 -12.24
C SER E 92 -16.46 -26.16 -13.20
N PRO E 93 -16.20 -27.35 -12.72
CA PRO E 93 -16.44 -28.56 -13.53
C PRO E 93 -17.78 -29.20 -13.15
N THR E 94 -18.74 -29.15 -14.03
CA THR E 94 -20.07 -29.75 -13.72
C THR E 94 -20.49 -30.72 -14.82
N GLY E 95 -21.06 -31.85 -14.44
CA GLY E 95 -21.50 -32.83 -15.47
C GLY E 95 -23.02 -32.89 -15.50
N SER E 96 -23.62 -32.43 -16.56
CA SER E 96 -25.11 -32.46 -16.66
C SER E 96 -25.55 -33.04 -18.00
N LYS E 97 -25.47 -32.27 -19.06
CA LYS E 97 -25.86 -32.79 -20.40
C LYS E 97 -24.80 -33.76 -20.92
N ASP E 98 -24.95 -34.24 -22.13
CA ASP E 98 -23.96 -35.19 -22.69
C ASP E 98 -23.75 -36.38 -21.75
N LEU E 99 -22.70 -37.12 -21.92
CA LEU E 99 -22.45 -38.29 -21.04
C LEU E 99 -21.10 -38.13 -20.30
N GLN E 100 -20.25 -37.26 -20.76
CA GLN E 100 -18.94 -37.06 -20.08
C GLN E 100 -19.00 -35.87 -19.13
N MET E 101 -17.88 -35.36 -18.71
CA MET E 101 -17.87 -34.20 -17.77
C MET E 101 -17.56 -32.91 -18.53
N VAL E 102 -18.06 -31.80 -18.06
CA VAL E 102 -17.79 -30.50 -18.76
C VAL E 102 -17.59 -29.37 -17.74
N ASN E 103 -16.60 -28.55 -17.95
CA ASN E 103 -16.36 -27.42 -17.00
C ASN E 103 -16.56 -26.09 -17.71
N ILE E 104 -17.37 -25.23 -17.15
CA ILE E 104 -17.61 -23.91 -17.80
C ILE E 104 -17.44 -22.77 -16.79
N SER E 105 -16.42 -21.97 -16.96
CA SER E 105 -16.19 -20.83 -16.03
C SER E 105 -16.63 -19.53 -16.70
N LEU E 106 -17.04 -18.56 -15.93
CA LEU E 106 -17.49 -17.27 -16.54
C LEU E 106 -17.28 -16.12 -15.55
N ARG E 107 -17.07 -14.93 -16.07
CA ARG E 107 -16.86 -13.75 -15.18
C ARG E 107 -17.56 -12.52 -15.78
N VAL E 108 -17.99 -11.60 -14.95
CA VAL E 108 -18.68 -10.38 -15.47
C VAL E 108 -17.90 -9.12 -15.11
N LEU E 109 -18.02 -8.09 -15.91
CA LEU E 109 -17.29 -6.83 -15.62
C LEU E 109 -18.27 -5.73 -15.21
N SER E 110 -17.84 -4.80 -14.40
CA SER E 110 -18.75 -3.70 -13.98
C SER E 110 -18.40 -2.41 -14.70
N ARG E 111 -19.27 -1.94 -15.56
CA ARG E 111 -19.00 -0.68 -16.30
C ARG E 111 -19.98 0.42 -15.88
N PRO E 112 -19.44 1.58 -15.55
CA PRO E 112 -20.30 2.71 -15.12
C PRO E 112 -21.03 3.31 -16.32
N ASN E 113 -20.31 3.64 -17.36
CA ASN E 113 -20.96 4.23 -18.57
C ASN E 113 -21.81 5.45 -18.18
N ALA E 114 -22.65 5.92 -19.05
CA ALA E 114 -23.50 7.09 -18.73
C ALA E 114 -24.95 6.65 -18.50
N GLN E 115 -25.16 5.71 -17.62
CA GLN E 115 -26.55 5.24 -17.34
C GLN E 115 -27.20 6.11 -16.26
N GLU E 116 -27.15 5.70 -15.02
CA GLU E 116 -27.77 6.52 -13.93
C GLU E 116 -27.51 5.88 -12.57
N LEU E 117 -26.48 6.31 -11.88
CA LEU E 117 -26.19 5.73 -10.54
C LEU E 117 -27.22 6.17 -9.49
N PRO E 118 -27.66 7.40 -9.53
CA PRO E 118 -28.65 7.87 -8.51
C PRO E 118 -29.97 7.11 -8.65
N SER E 119 -30.38 6.79 -9.85
CA SER E 119 -31.64 6.04 -10.03
C SER E 119 -31.38 4.54 -9.81
N MET E 120 -30.29 4.05 -10.30
CA MET E 120 -29.96 2.60 -10.14
C MET E 120 -29.35 2.30 -8.76
N TYR E 121 -28.83 3.30 -8.09
CA TYR E 121 -28.20 3.05 -6.75
C TYR E 121 -29.11 2.16 -5.88
N GLN E 122 -30.32 2.57 -5.65
CA GLN E 122 -31.24 1.75 -4.81
C GLN E 122 -31.87 0.63 -5.65
N ARG E 123 -32.29 0.93 -6.86
CA ARG E 123 -32.90 -0.13 -7.72
C ARG E 123 -31.92 -1.29 -7.91
N LEU E 124 -30.65 -1.02 -7.93
CA LEU E 124 -29.64 -2.10 -8.11
C LEU E 124 -29.42 -2.83 -6.78
N GLY E 125 -29.62 -2.16 -5.68
CA GLY E 125 -29.41 -2.81 -4.35
C GLY E 125 -28.29 -2.08 -3.59
N LEU E 126 -28.14 -2.37 -2.33
CA LEU E 126 -27.08 -1.69 -1.53
C LEU E 126 -25.69 -2.11 -2.05
N ASP E 127 -24.66 -1.50 -1.54
CA ASP E 127 -23.28 -1.85 -2.01
C ASP E 127 -22.97 -3.31 -1.66
N TYR E 128 -23.13 -4.21 -2.59
CA TYR E 128 -22.85 -5.64 -2.32
C TYR E 128 -22.66 -6.42 -3.63
N GLU E 129 -21.79 -5.95 -4.50
CA GLU E 129 -21.58 -6.66 -5.79
C GLU E 129 -21.27 -8.14 -5.54
N GLU E 130 -20.63 -8.45 -4.45
CA GLU E 130 -20.30 -9.87 -4.14
C GLU E 130 -21.58 -10.73 -4.12
N ARG E 131 -22.72 -10.10 -3.96
CA ARG E 131 -23.99 -10.88 -3.93
C ARG E 131 -24.47 -11.20 -5.36
N VAL E 132 -24.60 -10.20 -6.18
CA VAL E 132 -25.08 -10.45 -7.58
C VAL E 132 -23.94 -10.94 -8.49
N LEU E 133 -22.71 -10.69 -8.14
CA LEU E 133 -21.58 -11.14 -9.01
C LEU E 133 -21.60 -12.66 -9.18
N PRO E 134 -21.47 -13.38 -8.08
CA PRO E 134 -21.47 -14.86 -8.15
C PRO E 134 -22.89 -15.38 -8.42
N SER E 135 -23.89 -14.69 -7.95
CA SER E 135 -25.30 -15.15 -8.18
C SER E 135 -25.55 -15.35 -9.67
N ILE E 136 -25.30 -14.35 -10.47
CA ILE E 136 -25.54 -14.48 -11.94
C ILE E 136 -24.46 -15.39 -12.56
N VAL E 137 -23.23 -15.17 -12.21
CA VAL E 137 -22.13 -16.01 -12.79
C VAL E 137 -22.30 -17.48 -12.38
N ASN E 138 -22.34 -17.75 -11.11
CA ASN E 138 -22.49 -19.16 -10.64
C ASN E 138 -23.80 -19.77 -11.17
N GLU E 139 -24.83 -18.98 -11.26
CA GLU E 139 -26.13 -19.52 -11.76
C GLU E 139 -26.04 -19.84 -13.25
N VAL E 140 -25.62 -18.89 -14.05
CA VAL E 140 -25.51 -19.13 -15.52
C VAL E 140 -24.64 -20.36 -15.79
N LEU E 141 -23.53 -20.47 -15.11
CA LEU E 141 -22.64 -21.64 -15.31
C LEU E 141 -23.35 -22.94 -14.94
N LYS E 142 -24.16 -22.90 -13.92
CA LYS E 142 -24.88 -24.14 -13.49
C LYS E 142 -26.11 -24.38 -14.38
N SER E 143 -26.80 -23.34 -14.76
CA SER E 143 -28.02 -23.52 -15.61
C SER E 143 -27.64 -23.74 -17.09
N VAL E 144 -26.72 -22.97 -17.60
CA VAL E 144 -26.31 -23.14 -19.02
C VAL E 144 -25.66 -24.51 -19.25
N VAL E 145 -24.73 -24.89 -18.42
CA VAL E 145 -24.06 -26.21 -18.60
C VAL E 145 -25.10 -27.33 -18.71
N ALA E 146 -26.19 -27.21 -18.01
CA ALA E 146 -27.24 -28.27 -18.06
C ALA E 146 -27.85 -28.34 -19.47
N LYS E 147 -28.10 -27.21 -20.08
CA LYS E 147 -28.69 -27.21 -21.44
C LYS E 147 -27.60 -27.47 -22.50
N PHE E 148 -26.50 -26.76 -22.41
CA PHE E 148 -25.40 -26.96 -23.41
C PHE E 148 -24.89 -28.40 -23.35
N ASN E 149 -24.16 -28.82 -24.34
CA ASN E 149 -23.62 -30.21 -24.35
C ASN E 149 -22.09 -30.19 -24.22
N ALA E 150 -21.48 -31.32 -24.05
CA ALA E 150 -20.00 -31.37 -23.92
C ALA E 150 -19.34 -31.31 -25.31
N SER E 151 -19.84 -32.08 -26.24
CA SER E 151 -19.25 -32.07 -27.61
C SER E 151 -19.23 -30.65 -28.18
N GLN E 152 -20.26 -29.88 -27.91
CA GLN E 152 -20.30 -28.49 -28.43
C GLN E 152 -19.43 -27.56 -27.57
N LEU E 153 -19.20 -27.92 -26.34
CA LEU E 153 -18.37 -27.06 -25.46
C LEU E 153 -16.89 -27.19 -25.82
N ILE E 154 -16.40 -28.41 -25.91
CA ILE E 154 -14.96 -28.60 -26.26
C ILE E 154 -14.66 -28.03 -27.65
N THR E 155 -15.65 -27.95 -28.51
CA THR E 155 -15.43 -27.40 -29.87
C THR E 155 -14.83 -25.99 -29.78
N GLN E 156 -15.26 -25.22 -28.81
CA GLN E 156 -14.72 -23.84 -28.66
C GLN E 156 -15.25 -23.22 -27.37
N ARG E 157 -14.39 -22.92 -26.45
CA ARG E 157 -14.85 -22.30 -25.16
C ARG E 157 -15.53 -20.96 -25.43
N ALA E 158 -15.19 -20.32 -26.52
CA ALA E 158 -15.82 -19.00 -26.85
C ALA E 158 -17.19 -19.22 -27.50
N GLN E 159 -17.39 -20.33 -28.16
CA GLN E 159 -18.71 -20.58 -28.81
C GLN E 159 -19.85 -20.45 -27.80
N VAL E 160 -19.70 -21.05 -26.64
CA VAL E 160 -20.77 -20.96 -25.62
C VAL E 160 -21.01 -19.50 -25.21
N SER E 161 -20.03 -18.66 -25.42
CA SER E 161 -20.20 -17.22 -25.05
C SER E 161 -21.32 -16.59 -25.89
N LEU E 162 -21.50 -17.06 -27.09
CA LEU E 162 -22.58 -16.49 -27.96
C LEU E 162 -23.94 -16.67 -27.29
N LEU E 163 -24.27 -17.88 -26.93
CA LEU E 163 -25.59 -18.14 -26.27
C LEU E 163 -25.64 -17.43 -24.91
N ILE E 164 -24.55 -17.46 -24.18
CA ILE E 164 -24.53 -16.78 -22.85
C ILE E 164 -24.67 -15.27 -23.03
N ARG E 165 -24.08 -14.73 -24.07
CA ARG E 165 -24.17 -13.26 -24.31
C ARG E 165 -25.65 -12.83 -24.38
N ARG E 166 -26.53 -13.74 -24.70
CA ARG E 166 -27.97 -13.38 -24.79
C ARG E 166 -28.59 -13.32 -23.39
N GLU E 167 -28.26 -14.27 -22.56
CA GLU E 167 -28.84 -14.29 -21.17
C GLU E 167 -28.08 -13.31 -20.27
N LEU E 168 -26.79 -13.18 -20.47
CA LEU E 168 -26.00 -12.24 -19.62
C LEU E 168 -26.48 -10.80 -19.82
N THR E 169 -26.95 -10.48 -21.00
CA THR E 169 -27.43 -9.09 -21.26
C THR E 169 -28.60 -8.75 -20.35
N GLU E 170 -29.61 -9.60 -20.31
CA GLU E 170 -30.78 -9.32 -19.44
C GLU E 170 -30.41 -9.50 -17.97
N ARG E 171 -29.63 -10.50 -17.66
CA ARG E 171 -29.23 -10.73 -16.24
C ARG E 171 -28.46 -9.53 -15.70
N ALA E 172 -27.57 -8.98 -16.50
CA ALA E 172 -26.78 -7.80 -16.03
C ALA E 172 -27.68 -6.58 -15.90
N LYS E 173 -28.44 -6.27 -16.92
CA LYS E 173 -29.33 -5.08 -16.86
C LYS E 173 -30.53 -5.35 -15.93
N ASP E 174 -30.81 -6.60 -15.67
CA ASP E 174 -31.97 -6.93 -14.77
C ASP E 174 -31.83 -6.22 -13.43
N PHE E 175 -30.63 -6.11 -12.93
CA PHE E 175 -30.43 -5.43 -11.61
C PHE E 175 -30.42 -3.91 -11.79
N SER E 176 -29.91 -3.44 -12.91
CA SER E 176 -29.87 -1.96 -13.14
C SER E 176 -29.45 -1.67 -14.59
N LEU E 177 -28.89 -0.52 -14.83
CA LEU E 177 -28.44 -0.18 -16.22
C LEU E 177 -26.91 -0.13 -16.27
N ILE E 178 -26.31 -1.07 -16.95
CA ILE E 178 -24.82 -1.09 -17.05
C ILE E 178 -24.38 -1.81 -18.32
N LEU E 179 -23.24 -1.47 -18.85
CA LEU E 179 -22.76 -2.14 -20.09
C LEU E 179 -21.68 -3.18 -19.73
N ASP E 180 -22.00 -4.44 -19.89
CA ASP E 180 -21.00 -5.50 -19.56
C ASP E 180 -20.61 -6.29 -20.81
N ASP E 181 -19.42 -6.84 -20.82
CA ASP E 181 -18.97 -7.62 -22.01
C ASP E 181 -19.12 -9.12 -21.72
N VAL E 182 -19.48 -9.90 -22.71
CA VAL E 182 -19.65 -11.36 -22.47
C VAL E 182 -18.45 -12.16 -23.00
N ALA E 183 -17.66 -12.69 -22.12
CA ALA E 183 -16.48 -13.50 -22.53
C ALA E 183 -16.03 -14.35 -21.34
N ILE E 184 -15.44 -15.49 -21.57
CA ILE E 184 -15.00 -16.32 -20.41
C ILE E 184 -13.77 -17.18 -20.72
N THR E 185 -12.89 -17.31 -19.76
CA THR E 185 -11.68 -18.17 -19.96
C THR E 185 -11.93 -19.48 -19.23
N GLU E 186 -12.10 -20.57 -19.94
CA GLU E 186 -12.41 -21.85 -19.24
C GLU E 186 -11.81 -23.08 -19.93
N LEU E 187 -11.51 -24.09 -19.16
CA LEU E 187 -10.98 -25.35 -19.72
C LEU E 187 -11.97 -26.47 -19.38
N SER E 188 -12.24 -27.35 -20.30
CA SER E 188 -13.23 -28.43 -20.03
C SER E 188 -12.54 -29.76 -19.73
N PHE E 189 -13.19 -30.61 -18.96
CA PHE E 189 -12.59 -31.93 -18.62
C PHE E 189 -13.21 -33.04 -19.48
N SER E 190 -12.40 -33.93 -19.99
CA SER E 190 -12.94 -35.03 -20.84
C SER E 190 -12.25 -36.35 -20.50
N MET F 1 -42.29 40.76 36.46
CA MET F 1 -41.96 41.77 37.51
C MET F 1 -40.92 41.21 38.49
N ALA F 2 -39.67 41.38 38.19
CA ALA F 2 -38.61 40.85 39.11
C ALA F 2 -37.28 41.59 38.85
N GLN F 3 -36.73 42.19 39.87
CA GLN F 3 -35.44 42.92 39.69
C GLN F 3 -34.31 41.94 39.38
N ASN F 4 -34.46 40.70 39.77
CA ASN F 4 -33.40 39.68 39.49
C ASN F 4 -33.08 39.64 37.99
N LEU F 5 -34.07 39.87 37.16
CA LEU F 5 -33.81 39.84 35.69
C LEU F 5 -32.83 40.95 35.31
N LYS F 6 -32.81 42.02 36.05
CA LYS F 6 -31.87 43.13 35.73
C LYS F 6 -30.41 42.64 35.87
N ASP F 7 -30.18 41.68 36.72
CA ASP F 7 -28.78 41.16 36.90
C ASP F 7 -28.36 40.39 35.65
N LEU F 8 -29.25 39.66 35.05
CA LEU F 8 -28.90 38.88 33.83
C LEU F 8 -28.45 39.82 32.71
N ALA F 9 -29.28 40.77 32.36
CA ALA F 9 -28.90 41.72 31.28
C ALA F 9 -27.79 42.65 31.76
N GLY F 10 -27.74 42.93 33.04
CA GLY F 10 -26.69 43.83 33.58
C GLY F 10 -25.32 43.12 33.52
N ARG F 11 -25.32 41.81 33.42
CA ARG F 11 -24.03 41.07 33.36
C ARG F 11 -23.42 41.18 31.96
N LEU F 12 -24.24 41.38 30.96
CA LEU F 12 -23.71 41.48 29.56
C LEU F 12 -22.71 42.63 29.47
N PRO F 13 -23.14 43.82 29.82
CA PRO F 13 -22.25 45.00 29.76
C PRO F 13 -21.22 44.95 30.89
N ALA F 14 -20.58 46.06 31.17
CA ALA F 14 -19.57 46.08 32.27
C ALA F 14 -18.46 45.05 31.99
N GLY F 15 -17.32 45.50 31.56
CA GLY F 15 -16.20 44.56 31.28
C GLY F 15 -16.29 44.06 29.82
N PRO F 16 -16.21 44.97 28.89
CA PRO F 16 -16.28 44.60 27.46
C PRO F 16 -14.99 43.90 27.02
N ARG F 17 -13.91 44.09 27.74
CA ARG F 17 -12.63 43.43 27.37
C ARG F 17 -12.79 41.92 27.35
N GLY F 18 -13.70 41.40 28.14
CA GLY F 18 -13.91 39.92 28.17
C GLY F 18 -14.43 39.45 26.81
N MET F 19 -15.15 40.30 26.11
CA MET F 19 -15.69 39.89 24.78
C MET F 19 -14.56 39.82 23.74
N GLY F 20 -13.63 40.73 23.80
CA GLY F 20 -12.51 40.71 22.82
C GLY F 20 -11.72 39.41 22.96
N THR F 21 -11.68 38.85 24.15
CA THR F 21 -10.93 37.59 24.35
C THR F 21 -11.73 36.40 23.80
N ALA F 22 -13.03 36.53 23.73
CA ALA F 22 -13.87 35.41 23.20
C ALA F 22 -13.47 35.09 21.75
N LEU F 23 -12.93 36.05 21.04
CA LEU F 23 -12.53 35.78 19.62
C LEU F 23 -11.46 34.69 19.57
N LYS F 24 -10.45 34.78 20.40
CA LYS F 24 -9.37 33.75 20.39
C LYS F 24 -9.98 32.35 20.54
N LEU F 25 -11.10 32.25 21.21
CA LEU F 25 -11.76 30.92 21.39
C LEU F 25 -12.38 30.44 20.07
N LEU F 26 -12.98 31.34 19.34
CA LEU F 26 -13.61 30.94 18.04
C LEU F 26 -12.54 30.43 17.07
N LEU F 27 -11.40 31.07 17.03
CA LEU F 27 -10.31 30.63 16.11
C LEU F 27 -9.76 29.29 16.57
N GLY F 28 -9.60 29.10 17.86
CA GLY F 28 -9.07 27.82 18.37
C GLY F 28 -10.08 26.69 18.11
N ALA F 29 -11.34 27.01 18.10
CA ALA F 29 -12.37 25.97 17.84
C ALA F 29 -12.18 25.36 16.45
N GLY F 30 -11.63 26.12 15.52
CA GLY F 30 -11.43 25.60 14.14
C GLY F 30 -10.23 24.63 14.14
N ALA F 31 -9.26 24.87 14.98
CA ALA F 31 -8.08 23.97 15.03
C ALA F 31 -8.47 22.61 15.61
N VAL F 32 -9.43 22.59 16.50
CA VAL F 32 -9.86 21.29 17.11
C VAL F 32 -10.62 20.45 16.08
N ALA F 33 -11.24 21.09 15.12
CA ALA F 33 -11.99 20.33 14.08
C ALA F 33 -11.04 19.52 13.21
N TYR F 34 -9.83 20.00 13.04
CA TYR F 34 -8.84 19.26 12.19
C TYR F 34 -8.60 17.86 12.77
N GLY F 35 -8.27 17.79 14.04
CA GLY F 35 -8.02 16.46 14.67
C GLY F 35 -9.25 15.56 14.51
N VAL F 36 -10.42 16.15 14.52
CA VAL F 36 -11.66 15.34 14.36
C VAL F 36 -11.88 15.01 12.88
N ARG F 37 -11.44 15.85 11.99
CA ARG F 37 -11.64 15.59 10.53
C ARG F 37 -11.09 14.21 10.15
N GLU F 38 -10.09 13.74 10.85
CA GLU F 38 -9.51 12.40 10.52
C GLU F 38 -10.38 11.26 11.09
N SER F 39 -11.09 11.49 12.17
CA SER F 39 -11.94 10.40 12.75
C SER F 39 -13.40 10.85 12.96
N VAL F 40 -14.28 9.94 13.31
CA VAL F 40 -15.72 10.30 13.54
C VAL F 40 -16.51 9.08 14.03
N PHE F 41 -17.73 9.26 14.49
CA PHE F 41 -18.53 8.08 14.98
C PHE F 41 -19.73 7.81 14.05
N THR F 42 -20.49 8.81 13.66
CA THR F 42 -21.66 8.55 12.75
C THR F 42 -21.21 7.72 11.54
N VAL F 43 -21.69 6.52 11.41
CA VAL F 43 -21.28 5.65 10.27
C VAL F 43 -21.43 6.38 8.94
N GLU F 44 -20.47 6.22 8.06
CA GLU F 44 -20.54 6.92 6.74
C GLU F 44 -20.30 5.92 5.60
N GLY F 45 -21.16 5.90 4.62
CA GLY F 45 -20.97 4.94 3.49
C GLY F 45 -21.78 3.67 3.77
N GLY F 46 -21.64 2.67 2.93
CA GLY F 46 -22.40 1.41 3.14
C GLY F 46 -21.78 0.64 4.31
N HIS F 47 -21.82 1.20 5.49
CA HIS F 47 -21.25 0.50 6.68
C HIS F 47 -22.27 0.44 7.82
N ARG F 48 -22.15 -0.55 8.66
CA ARG F 48 -23.12 -0.73 9.78
C ARG F 48 -22.43 -0.39 11.14
N ALA F 49 -23.20 -0.02 12.16
CA ALA F 49 -22.57 0.38 13.49
C ALA F 49 -22.60 -0.72 14.55
N ILE F 50 -21.68 -0.63 15.48
CA ILE F 50 -21.55 -1.64 16.56
C ILE F 50 -21.29 -0.93 17.91
N PHE F 51 -21.66 -1.52 19.05
CA PHE F 51 -21.44 -0.81 20.36
C PHE F 51 -20.70 -1.65 21.43
N PHE F 52 -19.89 -0.98 22.25
CA PHE F 52 -19.15 -1.70 23.35
C PHE F 52 -18.68 -0.68 24.42
N ASN F 53 -18.50 -1.12 25.64
CA ASN F 53 -18.05 -0.16 26.73
C ASN F 53 -16.63 -0.49 27.21
N ARG F 54 -15.89 0.50 27.69
CA ARG F 54 -14.49 0.25 28.17
C ARG F 54 -14.48 -0.86 29.22
N ILE F 55 -15.39 -0.82 30.15
CA ILE F 55 -15.41 -1.88 31.22
C ILE F 55 -15.48 -3.28 30.59
N GLY F 56 -16.64 -3.73 30.22
CA GLY F 56 -16.76 -5.09 29.61
C GLY F 56 -17.30 -4.97 28.19
N GLY F 57 -17.20 -6.03 27.43
CA GLY F 57 -17.71 -5.99 26.02
C GLY F 57 -16.56 -5.60 25.08
N VAL F 58 -16.56 -6.16 23.89
CA VAL F 58 -15.48 -5.82 22.92
C VAL F 58 -16.10 -5.35 21.60
N GLN F 59 -16.84 -6.21 20.95
CA GLN F 59 -17.50 -5.81 19.66
C GLN F 59 -16.47 -5.31 18.66
N GLN F 60 -16.15 -6.10 17.66
CA GLN F 60 -15.15 -5.67 16.64
C GLN F 60 -15.66 -5.99 15.23
N ASP F 61 -15.96 -7.25 14.98
CA ASP F 61 -16.46 -7.63 13.62
C ASP F 61 -17.99 -7.62 13.61
N THR F 62 -18.59 -6.47 13.78
CA THR F 62 -20.08 -6.39 13.79
C THR F 62 -20.58 -5.32 12.80
N ILE F 63 -21.88 -5.16 12.66
CA ILE F 63 -22.42 -4.13 11.71
C ILE F 63 -23.98 -4.03 11.83
N LEU F 64 -24.49 -2.83 12.06
CA LEU F 64 -25.99 -2.62 12.17
C LEU F 64 -26.45 -1.56 11.12
N ALA F 65 -27.72 -1.57 10.76
CA ALA F 65 -28.24 -0.58 9.72
C ALA F 65 -27.73 0.86 9.98
N GLU F 66 -27.97 1.76 9.05
CA GLU F 66 -27.49 3.18 9.22
C GLU F 66 -28.55 4.07 9.88
N GLY F 67 -28.10 4.94 10.73
CA GLY F 67 -29.01 5.88 11.46
C GLY F 67 -28.11 7.01 11.99
N LEU F 68 -28.61 8.18 12.31
CA LEU F 68 -27.63 9.19 12.80
C LEU F 68 -27.58 9.06 14.32
N HIS F 69 -26.58 8.31 14.76
CA HIS F 69 -26.34 8.06 16.22
C HIS F 69 -24.96 7.43 16.37
N PHE F 70 -24.11 7.89 17.24
CA PHE F 70 -22.78 7.19 17.37
C PHE F 70 -21.90 7.85 18.42
N ARG F 71 -21.34 7.04 19.29
CA ARG F 71 -20.44 7.57 20.35
C ARG F 71 -21.00 8.85 20.98
N ILE F 72 -21.92 8.71 21.89
CA ILE F 72 -22.51 9.91 22.54
C ILE F 72 -22.89 9.58 24.01
N PRO F 73 -23.80 8.66 24.19
CA PRO F 73 -24.20 8.28 25.57
C PRO F 73 -23.07 7.52 26.27
N TRP F 74 -23.18 7.29 27.55
CA TRP F 74 -22.11 6.57 28.28
C TRP F 74 -22.08 5.09 27.86
N PHE F 75 -21.03 4.39 28.20
CA PHE F 75 -20.93 2.95 27.83
C PHE F 75 -21.10 2.76 26.32
N GLN F 76 -20.22 3.35 25.54
CA GLN F 76 -20.30 3.20 24.06
C GLN F 76 -18.92 3.49 23.44
N TYR F 77 -18.63 2.91 22.32
CA TYR F 77 -17.30 3.14 21.68
C TYR F 77 -17.38 2.88 20.17
N PRO F 78 -16.47 3.48 19.44
CA PRO F 78 -16.46 3.32 17.98
C PRO F 78 -15.49 2.23 17.50
N ILE F 79 -16.05 1.14 17.06
CA ILE F 79 -15.27 -0.01 16.49
C ILE F 79 -16.27 -0.76 15.60
N ILE F 80 -16.11 -0.68 14.30
CA ILE F 80 -17.12 -1.32 13.39
C ILE F 80 -16.49 -2.26 12.34
N TYR F 81 -17.26 -3.20 11.85
CA TYR F 81 -16.74 -4.15 10.81
C TYR F 81 -17.16 -3.68 9.42
N ASP F 82 -16.30 -3.83 8.45
CA ASP F 82 -16.64 -3.39 7.07
C ASP F 82 -16.88 -4.61 6.16
N ILE F 83 -17.79 -4.50 5.24
CA ILE F 83 -18.07 -5.65 4.32
C ILE F 83 -16.97 -5.77 3.25
N ARG F 84 -16.70 -6.97 2.81
CA ARG F 84 -15.64 -7.16 1.77
C ARG F 84 -15.60 -8.63 1.33
N ALA F 85 -15.27 -8.87 0.09
CA ALA F 85 -15.20 -10.28 -0.40
C ALA F 85 -14.19 -11.08 0.43
N ARG F 86 -14.43 -12.35 0.64
CA ARG F 86 -13.47 -13.17 1.43
C ARG F 86 -13.00 -14.39 0.62
N PRO F 87 -11.75 -14.37 0.23
CA PRO F 87 -11.18 -15.48 -0.54
C PRO F 87 -10.39 -16.40 0.39
N ARG F 88 -10.88 -17.59 0.63
CA ARG F 88 -10.16 -18.53 1.53
C ARG F 88 -10.61 -19.98 1.24
N LYS F 89 -9.78 -20.79 0.60
CA LYS F 89 -10.17 -22.22 0.27
C LYS F 89 -8.94 -23.12 -0.03
N ILE F 90 -9.05 -24.42 0.19
CA ILE F 90 -7.90 -25.34 -0.11
C ILE F 90 -8.37 -26.70 -0.62
N SER F 91 -7.52 -27.36 -1.38
CA SER F 91 -7.86 -28.72 -1.88
C SER F 91 -7.11 -29.74 -1.02
N SER F 92 -7.80 -30.51 -0.22
CA SER F 92 -7.11 -31.50 0.66
C SER F 92 -7.20 -32.93 0.10
N PRO F 93 -6.14 -33.68 0.28
CA PRO F 93 -6.10 -35.07 -0.19
C PRO F 93 -6.39 -36.02 0.98
N THR F 94 -7.38 -36.88 0.84
CA THR F 94 -7.70 -37.83 1.94
C THR F 94 -8.28 -39.13 1.37
N GLY F 95 -7.70 -40.25 1.71
CA GLY F 95 -8.22 -41.55 1.20
C GLY F 95 -8.58 -42.45 2.38
N SER F 96 -9.84 -42.77 2.52
CA SER F 96 -10.26 -43.65 3.65
C SER F 96 -11.39 -44.59 3.21
N LYS F 97 -12.33 -44.08 2.45
CA LYS F 97 -13.46 -44.95 1.98
C LYS F 97 -13.15 -45.53 0.61
N ASP F 98 -11.91 -45.81 0.33
CA ASP F 98 -11.54 -46.39 -0.99
C ASP F 98 -10.07 -46.84 -0.99
N LEU F 99 -9.71 -47.73 -1.88
CA LEU F 99 -8.29 -48.20 -1.93
C LEU F 99 -7.39 -47.12 -2.53
N GLN F 100 -7.80 -46.55 -3.63
CA GLN F 100 -6.97 -45.48 -4.27
C GLN F 100 -6.99 -44.22 -3.41
N MET F 101 -6.63 -43.09 -3.98
CA MET F 101 -6.63 -41.82 -3.19
C MET F 101 -7.61 -40.82 -3.82
N VAL F 102 -8.27 -40.05 -2.99
CA VAL F 102 -9.23 -39.04 -3.53
C VAL F 102 -9.03 -37.69 -2.83
N ASN F 103 -9.07 -36.62 -3.56
CA ASN F 103 -8.88 -35.27 -2.94
C ASN F 103 -10.22 -34.56 -2.77
N ILE F 104 -10.53 -34.13 -1.58
CA ILE F 104 -11.82 -33.43 -1.33
C ILE F 104 -11.55 -31.97 -0.94
N SER F 105 -12.48 -31.09 -1.23
CA SER F 105 -12.29 -29.66 -0.88
C SER F 105 -13.60 -29.06 -0.36
N LEU F 106 -13.56 -28.41 0.77
CA LEU F 106 -14.81 -27.80 1.33
C LEU F 106 -14.52 -26.38 1.84
N ARG F 107 -15.49 -25.52 1.82
CA ARG F 107 -15.28 -24.13 2.30
C ARG F 107 -16.61 -23.47 2.68
N VAL F 108 -16.59 -22.55 3.62
CA VAL F 108 -17.84 -21.87 4.04
C VAL F 108 -17.74 -20.37 3.74
N LEU F 109 -18.81 -19.77 3.31
CA LEU F 109 -18.76 -18.30 3.00
C LEU F 109 -19.46 -17.50 4.11
N SER F 110 -19.05 -16.28 4.32
CA SER F 110 -19.68 -15.44 5.37
C SER F 110 -20.11 -14.09 4.77
N ARG F 111 -21.39 -13.81 4.75
CA ARG F 111 -21.86 -12.52 4.17
C ARG F 111 -22.20 -11.52 5.29
N PRO F 112 -21.40 -10.50 5.41
CA PRO F 112 -21.63 -9.47 6.45
C PRO F 112 -22.77 -8.54 6.03
N ASN F 113 -23.94 -9.08 5.80
CA ASN F 113 -25.09 -8.22 5.38
C ASN F 113 -26.13 -8.14 6.51
N ALA F 114 -27.30 -7.65 6.20
CA ALA F 114 -28.37 -7.55 7.25
C ALA F 114 -27.85 -6.76 8.47
N GLN F 115 -28.69 -6.55 9.44
CA GLN F 115 -28.25 -5.80 10.65
C GLN F 115 -28.37 -6.70 11.89
N GLU F 116 -27.56 -7.72 11.98
CA GLU F 116 -27.64 -8.62 13.16
C GLU F 116 -26.24 -9.15 13.52
N LEU F 117 -25.23 -8.32 13.38
CA LEU F 117 -23.85 -8.78 13.72
C LEU F 117 -23.59 -8.76 15.24
N PRO F 118 -24.19 -7.83 15.96
CA PRO F 118 -23.95 -7.74 17.43
C PRO F 118 -24.57 -8.92 18.19
N SER F 119 -25.83 -9.19 17.98
CA SER F 119 -26.46 -10.33 18.71
C SER F 119 -25.64 -11.60 18.55
N MET F 120 -25.29 -11.93 17.34
CA MET F 120 -24.48 -13.15 17.09
C MET F 120 -22.98 -12.90 17.32
N TYR F 121 -22.55 -11.67 17.32
CA TYR F 121 -21.09 -11.38 17.52
C TYR F 121 -20.53 -12.15 18.74
N GLN F 122 -20.95 -11.82 19.92
CA GLN F 122 -20.41 -12.53 21.13
C GLN F 122 -20.65 -14.04 20.99
N ARG F 123 -21.70 -14.43 20.32
CA ARG F 123 -21.98 -15.88 20.13
C ARG F 123 -21.12 -16.43 18.99
N LEU F 124 -20.63 -15.57 18.14
CA LEU F 124 -19.79 -16.04 17.00
C LEU F 124 -18.44 -16.54 17.51
N GLY F 125 -17.65 -15.68 18.10
CA GLY F 125 -16.33 -16.11 18.63
C GLY F 125 -15.30 -14.99 18.42
N LEU F 126 -15.58 -13.81 18.92
CA LEU F 126 -14.63 -12.67 18.73
C LEU F 126 -14.28 -12.49 17.26
N ASP F 127 -13.44 -11.53 16.96
CA ASP F 127 -13.06 -11.30 15.53
C ASP F 127 -11.93 -12.25 15.13
N TYR F 128 -12.16 -13.54 15.23
CA TYR F 128 -11.09 -14.51 14.87
C TYR F 128 -11.67 -15.59 13.94
N GLU F 129 -12.29 -15.21 12.85
CA GLU F 129 -12.87 -16.21 11.91
C GLU F 129 -11.81 -17.25 11.53
N GLU F 130 -10.57 -16.85 11.49
CA GLU F 130 -9.48 -17.82 11.12
C GLU F 130 -9.56 -19.08 11.98
N ARG F 131 -10.20 -19.00 13.13
CA ARG F 131 -10.31 -20.20 14.00
C ARG F 131 -11.44 -21.12 13.52
N VAL F 132 -12.62 -20.58 13.36
CA VAL F 132 -13.79 -21.41 12.92
C VAL F 132 -13.77 -21.66 11.40
N LEU F 133 -13.14 -20.80 10.64
CA LEU F 133 -13.12 -20.99 9.16
C LEU F 133 -12.52 -22.37 8.81
N PRO F 134 -11.29 -22.58 9.20
CA PRO F 134 -10.62 -23.87 8.90
C PRO F 134 -11.19 -25.00 9.76
N SER F 135 -11.61 -24.69 10.96
CA SER F 135 -12.17 -25.75 11.86
C SER F 135 -13.30 -26.51 11.15
N ILE F 136 -14.39 -25.84 10.85
CA ILE F 136 -15.53 -26.53 10.17
C ILE F 136 -15.13 -26.93 8.74
N VAL F 137 -14.53 -26.03 8.00
CA VAL F 137 -14.12 -26.36 6.60
C VAL F 137 -13.22 -27.59 6.58
N ASN F 138 -12.22 -27.62 7.43
CA ASN F 138 -11.29 -28.79 7.46
C ASN F 138 -11.94 -29.98 8.19
N GLU F 139 -12.94 -29.74 8.99
CA GLU F 139 -13.60 -30.86 9.73
C GLU F 139 -14.48 -31.68 8.78
N VAL F 140 -15.53 -31.10 8.28
CA VAL F 140 -16.43 -31.85 7.36
C VAL F 140 -15.62 -32.46 6.19
N LEU F 141 -14.66 -31.75 5.68
CA LEU F 141 -13.84 -32.29 4.56
C LEU F 141 -13.24 -33.65 4.93
N LYS F 142 -12.90 -33.82 6.18
CA LYS F 142 -12.31 -35.12 6.62
C LYS F 142 -13.41 -36.17 6.84
N SER F 143 -14.43 -35.81 7.57
CA SER F 143 -15.53 -36.79 7.84
C SER F 143 -16.24 -37.17 6.53
N VAL F 144 -16.37 -36.25 5.61
CA VAL F 144 -17.06 -36.57 4.32
C VAL F 144 -16.24 -37.61 3.53
N VAL F 145 -14.94 -37.52 3.57
CA VAL F 145 -14.10 -38.50 2.83
C VAL F 145 -14.38 -39.92 3.32
N ALA F 146 -14.35 -40.13 4.61
CA ALA F 146 -14.61 -41.49 5.15
C ALA F 146 -16.08 -41.89 4.89
N LYS F 147 -16.94 -40.93 4.72
CA LYS F 147 -18.37 -41.25 4.47
C LYS F 147 -18.58 -41.61 2.99
N PHE F 148 -18.28 -40.72 2.09
CA PHE F 148 -18.47 -41.01 0.64
C PHE F 148 -17.31 -41.86 0.11
N ASN F 149 -17.40 -42.31 -1.10
CA ASN F 149 -16.31 -43.15 -1.68
C ASN F 149 -15.52 -42.35 -2.72
N ALA F 150 -14.41 -42.89 -3.18
CA ALA F 150 -13.60 -42.16 -4.21
C ALA F 150 -14.21 -42.35 -5.60
N SER F 151 -14.76 -43.50 -5.87
CA SER F 151 -15.37 -43.74 -7.21
C SER F 151 -16.49 -42.73 -7.47
N GLN F 152 -17.26 -42.41 -6.47
CA GLN F 152 -18.36 -41.42 -6.65
C GLN F 152 -17.81 -40.00 -6.64
N LEU F 153 -16.78 -39.75 -5.87
CA LEU F 153 -16.20 -38.39 -5.81
C LEU F 153 -15.49 -38.05 -7.12
N ILE F 154 -14.67 -38.95 -7.61
CA ILE F 154 -13.95 -38.69 -8.90
C ILE F 154 -14.96 -38.50 -10.03
N THR F 155 -16.15 -39.02 -9.89
CA THR F 155 -17.17 -38.85 -10.96
C THR F 155 -17.47 -37.37 -11.18
N GLN F 156 -17.86 -36.66 -10.15
CA GLN F 156 -18.17 -35.22 -10.30
C GLN F 156 -17.90 -34.47 -8.99
N ARG F 157 -17.10 -33.44 -9.03
CA ARG F 157 -16.81 -32.68 -7.79
C ARG F 157 -18.09 -32.06 -7.23
N ALA F 158 -19.11 -31.92 -8.05
CA ALA F 158 -20.38 -31.32 -7.56
C ALA F 158 -21.22 -32.37 -6.82
N GLN F 159 -21.17 -33.60 -7.26
CA GLN F 159 -21.97 -34.67 -6.58
C GLN F 159 -21.61 -34.73 -5.09
N VAL F 160 -20.35 -34.88 -4.79
CA VAL F 160 -19.94 -34.95 -3.35
C VAL F 160 -20.31 -33.66 -2.62
N SER F 161 -20.47 -32.58 -3.34
CA SER F 161 -20.83 -31.29 -2.71
C SER F 161 -22.33 -31.24 -2.40
N LEU F 162 -23.11 -32.06 -3.07
CA LEU F 162 -24.58 -32.06 -2.82
C LEU F 162 -24.89 -32.62 -1.43
N LEU F 163 -24.11 -33.55 -0.96
CA LEU F 163 -24.36 -34.14 0.39
C LEU F 163 -23.90 -33.17 1.49
N ILE F 164 -22.66 -32.76 1.44
CA ILE F 164 -22.15 -31.82 2.48
C ILE F 164 -22.96 -30.51 2.48
N ARG F 165 -23.66 -30.24 1.40
CA ARG F 165 -24.48 -28.98 1.35
C ARG F 165 -25.45 -28.91 2.53
N ARG F 166 -25.98 -30.04 2.93
CA ARG F 166 -26.94 -30.05 4.07
C ARG F 166 -26.18 -30.00 5.39
N GLU F 167 -24.99 -30.53 5.43
CA GLU F 167 -24.21 -30.53 6.71
C GLU F 167 -23.66 -29.12 6.98
N LEU F 168 -23.41 -28.35 5.95
CA LEU F 168 -22.87 -26.98 6.16
C LEU F 168 -23.99 -26.04 6.63
N THR F 169 -25.17 -26.21 6.11
CA THR F 169 -26.31 -25.32 6.52
C THR F 169 -26.45 -25.31 8.04
N GLU F 170 -26.20 -26.42 8.68
CA GLU F 170 -26.34 -26.49 10.17
C GLU F 170 -25.10 -25.89 10.84
N ARG F 171 -23.93 -26.39 10.53
CA ARG F 171 -22.68 -25.85 11.16
C ARG F 171 -22.47 -24.39 10.77
N ALA F 172 -22.76 -24.03 9.55
CA ALA F 172 -22.54 -22.62 9.11
C ALA F 172 -23.28 -21.65 10.04
N LYS F 173 -24.54 -21.88 10.28
CA LYS F 173 -25.32 -20.98 11.16
C LYS F 173 -25.05 -21.31 12.64
N ASP F 174 -24.55 -22.49 12.92
CA ASP F 174 -24.27 -22.88 14.34
C ASP F 174 -23.41 -21.81 15.02
N PHE F 175 -22.63 -21.08 14.27
CA PHE F 175 -21.77 -20.03 14.87
C PHE F 175 -22.53 -18.69 14.95
N SER F 176 -23.44 -18.48 14.04
CA SER F 176 -24.22 -17.20 14.04
C SER F 176 -25.32 -17.25 12.98
N LEU F 177 -26.06 -16.19 12.82
CA LEU F 177 -27.14 -16.18 11.79
C LEU F 177 -26.67 -15.38 10.58
N ILE F 178 -26.42 -16.04 9.48
CA ILE F 178 -25.95 -15.34 8.25
C ILE F 178 -26.36 -16.12 7.00
N LEU F 179 -26.52 -15.46 5.89
CA LEU F 179 -26.90 -16.17 4.65
C LEU F 179 -25.66 -16.39 3.77
N ASP F 180 -25.23 -17.62 3.64
CA ASP F 180 -24.03 -17.92 2.83
C ASP F 180 -24.27 -19.11 1.90
N ASP F 181 -23.58 -19.17 0.81
CA ASP F 181 -23.76 -20.31 -0.15
C ASP F 181 -22.65 -21.34 0.06
N VAL F 182 -22.92 -22.60 -0.21
CA VAL F 182 -21.88 -23.64 0.00
C VAL F 182 -21.45 -24.28 -1.33
N ALA F 183 -20.24 -24.02 -1.74
CA ALA F 183 -19.71 -24.61 -3.01
C ALA F 183 -18.18 -24.58 -2.97
N ILE F 184 -17.54 -25.49 -3.66
CA ILE F 184 -16.05 -25.52 -3.64
C ILE F 184 -15.48 -26.08 -4.93
N THR F 185 -14.26 -25.73 -5.24
CA THR F 185 -13.64 -26.25 -6.49
C THR F 185 -12.77 -27.46 -6.10
N GLU F 186 -13.19 -28.64 -6.49
CA GLU F 186 -12.44 -29.87 -6.08
C GLU F 186 -11.58 -30.45 -7.21
N LEU F 187 -10.53 -31.11 -6.83
CA LEU F 187 -9.63 -31.76 -7.82
C LEU F 187 -9.33 -33.17 -7.31
N SER F 188 -9.49 -34.16 -8.14
CA SER F 188 -9.24 -35.57 -7.67
C SER F 188 -7.89 -36.08 -8.14
N PHE F 189 -7.31 -36.99 -7.40
CA PHE F 189 -5.98 -37.56 -7.78
C PHE F 189 -6.15 -38.94 -8.41
N SER F 190 -5.83 -39.07 -9.67
CA SER F 190 -5.98 -40.39 -10.34
C SER F 190 -4.68 -40.76 -11.08
N MET A 1 -10.03 32.71 62.18
CA MET A 1 -8.79 33.53 62.10
C MET A 1 -7.59 32.63 61.80
N ALA A 2 -7.69 31.80 60.79
CA ALA A 2 -6.55 30.89 60.45
C ALA A 2 -5.83 31.40 59.20
N GLN A 3 -4.53 31.57 59.28
CA GLN A 3 -3.77 32.07 58.11
C GLN A 3 -3.81 31.02 56.98
N ASN A 4 -3.95 29.77 57.32
CA ASN A 4 -3.99 28.71 56.27
C ASN A 4 -5.19 28.93 55.34
N LEU A 5 -6.35 29.13 55.91
CA LEU A 5 -7.57 29.34 55.06
C LEU A 5 -7.63 30.81 54.59
N LYS A 6 -7.07 31.70 55.36
CA LYS A 6 -7.09 33.14 54.96
C LYS A 6 -6.19 33.37 53.74
N ASP A 7 -5.16 32.58 53.61
CA ASP A 7 -4.25 32.75 52.43
C ASP A 7 -4.89 32.17 51.17
N LEU A 8 -5.74 31.20 51.32
CA LEU A 8 -6.40 30.60 50.12
C LEU A 8 -7.47 31.56 49.57
N ALA A 9 -8.19 32.22 50.43
CA ALA A 9 -9.24 33.17 49.95
C ALA A 9 -8.59 34.44 49.42
N GLY A 10 -7.53 34.89 50.04
CA GLY A 10 -6.84 36.12 49.56
C GLY A 10 -5.98 35.81 48.34
N ARG A 11 -5.63 34.55 48.15
CA ARG A 11 -4.79 34.18 46.98
C ARG A 11 -5.52 34.46 45.66
N LEU A 12 -6.82 34.43 45.68
CA LEU A 12 -7.60 34.69 44.44
C LEU A 12 -7.53 36.19 44.07
N PRO A 13 -8.00 37.02 44.96
CA PRO A 13 -7.98 38.49 44.70
C PRO A 13 -6.55 39.03 44.79
N ALA A 14 -5.87 39.11 43.67
CA ALA A 14 -4.47 39.63 43.69
C ALA A 14 -4.00 39.94 42.26
N GLY A 15 -4.03 38.98 41.38
CA GLY A 15 -3.60 39.22 39.98
C GLY A 15 -4.58 38.56 39.01
N PRO A 16 -5.57 39.31 38.61
CA PRO A 16 -6.58 38.79 37.66
C PRO A 16 -6.00 38.65 36.25
N ARG A 17 -4.87 39.27 36.00
CA ARG A 17 -4.25 39.19 34.65
C ARG A 17 -3.88 37.73 34.33
N GLY A 18 -3.61 36.95 35.35
CA GLY A 18 -3.24 35.53 35.12
C GLY A 18 -4.46 34.76 34.58
N MET A 19 -5.64 35.18 34.96
CA MET A 19 -6.87 34.49 34.46
C MET A 19 -7.05 34.73 32.96
N GLY A 20 -6.87 35.95 32.52
CA GLY A 20 -7.04 36.25 31.07
C GLY A 20 -5.97 35.50 30.27
N THR A 21 -4.82 35.28 30.85
CA THR A 21 -3.74 34.55 30.13
C THR A 21 -3.96 33.04 30.25
N ALA A 22 -4.61 32.60 31.29
CA ALA A 22 -4.86 31.14 31.46
C ALA A 22 -5.70 30.60 30.30
N LEU A 23 -6.49 31.44 29.67
CA LEU A 23 -7.32 30.98 28.54
C LEU A 23 -6.43 30.55 27.36
N LYS A 24 -5.37 31.28 27.12
CA LYS A 24 -4.46 30.92 25.99
C LYS A 24 -4.00 29.47 26.13
N LEU A 25 -3.91 29.00 27.35
CA LEU A 25 -3.47 27.59 27.57
C LEU A 25 -4.56 26.61 27.13
N LEU A 26 -5.80 26.93 27.38
CA LEU A 26 -6.91 26.01 26.98
C LEU A 26 -6.86 25.76 25.47
N LEU A 27 -6.76 26.79 24.68
CA LEU A 27 -6.71 26.60 23.20
C LEU A 27 -5.48 25.76 22.82
N GLY A 28 -4.36 26.00 23.45
CA GLY A 28 -3.14 25.21 23.12
C GLY A 28 -3.40 23.72 23.38
N ALA A 29 -4.26 23.41 24.29
CA ALA A 29 -4.55 21.97 24.59
C ALA A 29 -5.24 21.32 23.40
N GLY A 30 -6.00 22.06 22.64
CA GLY A 30 -6.71 21.47 21.47
C GLY A 30 -5.69 21.05 20.41
N ALA A 31 -4.55 21.70 20.37
CA ALA A 31 -3.52 21.33 19.36
C ALA A 31 -2.73 20.11 19.83
N VAL A 32 -2.40 20.04 21.09
CA VAL A 32 -1.63 18.88 21.61
C VAL A 32 -2.45 17.59 21.47
N ALA A 33 -3.74 17.70 21.40
CA ALA A 33 -4.59 16.48 21.25
C ALA A 33 -4.47 15.90 19.84
N TYR A 34 -4.23 16.74 18.88
CA TYR A 34 -4.11 16.23 17.47
C TYR A 34 -2.92 15.28 17.35
N GLY A 35 -1.77 15.67 17.86
CA GLY A 35 -0.58 14.78 17.77
C GLY A 35 -0.86 13.47 18.49
N VAL A 36 -1.66 13.50 19.52
CA VAL A 36 -1.99 12.25 20.27
C VAL A 36 -3.05 11.45 19.51
N ARG A 37 -3.90 12.12 18.77
CA ARG A 37 -4.96 11.41 18.01
C ARG A 37 -4.35 10.34 17.09
N GLU A 38 -3.14 10.55 16.63
CA GLU A 38 -2.50 9.55 15.73
C GLU A 38 -1.95 8.35 16.53
N SER A 39 -1.59 8.53 17.79
CA SER A 39 -1.04 7.38 18.59
C SER A 39 -1.75 7.24 19.95
N VAL A 40 -1.49 6.15 20.67
CA VAL A 40 -2.14 5.95 22.01
C VAL A 40 -1.60 4.66 22.69
N PHE A 41 -1.91 4.44 23.95
CA PHE A 41 -1.41 3.19 24.64
C PHE A 41 -2.57 2.23 24.95
N THR A 42 -3.70 2.71 25.41
CA THR A 42 -4.84 1.78 25.71
C THR A 42 -5.15 0.92 24.49
N VAL A 43 -4.91 -0.36 24.58
CA VAL A 43 -5.20 -1.27 23.42
C VAL A 43 -6.63 -1.07 22.91
N GLU A 44 -6.81 -1.09 21.63
CA GLU A 44 -8.18 -0.91 21.05
C GLU A 44 -8.54 -2.09 20.15
N GLY A 45 -9.80 -2.31 19.92
CA GLY A 45 -10.22 -3.45 19.05
C GLY A 45 -9.98 -4.77 19.78
N GLY A 46 -9.44 -5.74 19.09
CA GLY A 46 -9.17 -7.06 19.74
C GLY A 46 -7.66 -7.31 19.80
N HIS A 47 -6.92 -6.41 20.38
CA HIS A 47 -5.44 -6.59 20.46
C HIS A 47 -4.99 -6.63 21.93
N ARG A 48 -3.90 -7.30 22.20
CA ARG A 48 -3.41 -7.43 23.61
C ARG A 48 -2.23 -6.49 23.89
N ALA A 49 -1.98 -6.17 25.15
CA ALA A 49 -0.88 -5.22 25.50
C ALA A 49 0.39 -5.92 25.98
N ILE A 50 1.52 -5.27 25.79
CA ILE A 50 2.85 -5.85 26.18
C ILE A 50 3.65 -4.77 26.95
N PHE A 51 4.56 -5.16 27.84
CA PHE A 51 5.30 -4.12 28.64
C PHE A 51 6.84 -4.25 28.54
N PHE A 52 7.52 -3.11 28.46
CA PHE A 52 9.02 -3.12 28.41
C PHE A 52 9.56 -1.71 28.77
N ASN A 53 10.76 -1.63 29.30
CA ASN A 53 11.35 -0.29 29.66
C ASN A 53 12.53 0.08 28.75
N ARG A 54 12.80 1.36 28.58
CA ARG A 54 13.93 1.80 27.69
C ARG A 54 15.16 0.89 27.87
N ILE A 55 15.42 0.47 29.08
CA ILE A 55 16.60 -0.42 29.31
C ILE A 55 16.23 -1.57 30.26
N GLY A 56 16.09 -2.76 29.74
CA GLY A 56 15.75 -3.92 30.61
C GLY A 56 14.59 -4.71 29.99
N GLY A 57 14.87 -5.90 29.52
CA GLY A 57 13.78 -6.72 28.90
C GLY A 57 13.62 -6.36 27.42
N VAL A 58 12.48 -6.66 26.86
CA VAL A 58 12.24 -6.35 25.42
C VAL A 58 10.73 -6.33 25.12
N GLN A 59 10.13 -7.49 25.02
CA GLN A 59 8.66 -7.56 24.74
C GLN A 59 8.30 -6.85 23.43
N GLN A 60 7.60 -7.51 22.55
CA GLN A 60 7.21 -6.88 21.26
C GLN A 60 6.16 -7.73 20.54
N ASP A 61 6.54 -8.87 20.04
CA ASP A 61 5.57 -9.75 19.33
C ASP A 61 4.86 -10.68 20.32
N THR A 62 4.10 -10.13 21.24
CA THR A 62 3.41 -10.98 22.24
C THR A 62 2.09 -10.32 22.71
N ILE A 63 0.93 -10.84 22.32
CA ILE A 63 -0.35 -10.20 22.78
C ILE A 63 -1.18 -11.12 23.72
N LEU A 64 -1.49 -10.63 24.91
CA LEU A 64 -2.31 -11.42 25.91
C LEU A 64 -3.83 -11.10 25.81
N ALA A 65 -4.32 -10.11 26.56
CA ALA A 65 -5.80 -9.77 26.51
C ALA A 65 -6.05 -8.26 26.62
N GLU A 66 -7.31 -7.83 26.70
CA GLU A 66 -7.61 -6.35 26.81
C GLU A 66 -7.76 -5.91 28.27
N GLY A 67 -7.48 -4.66 28.54
CA GLY A 67 -7.60 -4.13 29.93
C GLY A 67 -7.70 -2.61 29.86
N LEU A 68 -8.26 -1.96 30.85
CA LEU A 68 -8.34 -0.46 30.78
C LEU A 68 -7.16 0.11 31.57
N HIS A 69 -6.17 0.61 30.86
CA HIS A 69 -4.95 1.18 31.51
C HIS A 69 -4.22 2.09 30.52
N PHE A 70 -3.51 3.07 30.97
CA PHE A 70 -2.77 3.98 30.04
C PHE A 70 -1.26 3.92 30.32
N ARG A 71 -0.45 4.09 29.30
CA ARG A 71 1.03 4.06 29.51
C ARG A 71 1.47 5.33 30.23
N ILE A 72 0.97 5.57 31.41
CA ILE A 72 1.35 6.80 32.15
C ILE A 72 1.91 6.47 33.55
N PRO A 73 2.56 5.32 33.69
CA PRO A 73 3.13 4.95 35.01
C PRO A 73 4.41 5.76 35.28
N TRP A 74 5.54 5.27 34.84
CA TRP A 74 6.82 6.01 35.06
C TRP A 74 7.86 5.62 34.00
N PHE A 75 7.85 4.39 33.55
CA PHE A 75 8.84 3.97 32.51
C PHE A 75 8.30 2.81 31.66
N GLN A 76 7.11 2.92 31.13
CA GLN A 76 6.55 1.82 30.28
C GLN A 76 6.66 2.22 28.81
N TYR A 77 6.77 1.26 27.92
CA TYR A 77 6.91 1.58 26.48
C TYR A 77 5.75 1.01 25.66
N PRO A 78 5.47 1.64 24.54
CA PRO A 78 4.38 1.18 23.67
C PRO A 78 4.91 0.33 22.51
N ILE A 79 4.68 -0.94 22.56
CA ILE A 79 5.09 -1.88 21.48
C ILE A 79 4.22 -3.13 21.64
N ILE A 80 3.28 -3.37 20.73
CA ILE A 80 2.37 -4.54 20.89
C ILE A 80 2.34 -5.43 19.64
N TYR A 81 1.95 -6.68 19.81
CA TYR A 81 1.91 -7.63 18.67
C TYR A 81 0.50 -7.73 18.08
N ASP A 82 0.35 -7.47 16.80
CA ASP A 82 -0.99 -7.54 16.18
C ASP A 82 -1.15 -8.84 15.37
N ILE A 83 -2.35 -9.33 15.26
CA ILE A 83 -2.58 -10.59 14.49
C ILE A 83 -2.93 -10.29 13.04
N ARG A 84 -2.68 -11.23 12.15
CA ARG A 84 -2.99 -11.01 10.70
C ARG A 84 -2.77 -12.31 9.92
N ALA A 85 -3.27 -12.37 8.70
CA ALA A 85 -3.09 -13.60 7.88
C ALA A 85 -1.60 -13.93 7.74
N ARG A 86 -1.27 -15.16 7.50
CA ARG A 86 0.18 -15.53 7.35
C ARG A 86 0.37 -16.56 6.24
N PRO A 87 0.97 -16.13 5.16
CA PRO A 87 1.24 -17.03 4.02
C PRO A 87 2.69 -17.48 4.06
N ARG A 88 2.94 -18.74 4.33
CA ARG A 88 4.35 -19.22 4.38
C ARG A 88 4.42 -20.74 4.09
N LYS A 89 4.92 -21.14 2.92
CA LYS A 89 5.00 -22.61 2.54
C LYS A 89 6.01 -22.84 1.38
N ILE A 90 6.60 -24.03 1.28
CA ILE A 90 7.60 -24.30 0.16
C ILE A 90 7.40 -25.66 -0.51
N SER A 91 7.79 -25.76 -1.75
CA SER A 91 7.72 -27.06 -2.48
C SER A 91 9.14 -27.59 -2.67
N SER A 92 9.50 -28.66 -1.99
CA SER A 92 10.90 -29.18 -2.13
C SER A 92 10.89 -30.71 -2.34
N PRO A 93 11.78 -31.16 -3.20
CA PRO A 93 11.91 -32.60 -3.49
C PRO A 93 13.07 -33.22 -2.70
N THR A 94 12.80 -34.19 -1.87
CA THR A 94 13.88 -34.83 -1.07
C THR A 94 13.84 -36.35 -1.26
N GLY A 95 14.97 -36.99 -1.26
CA GLY A 95 15.00 -38.48 -1.42
C GLY A 95 15.85 -39.11 -0.33
N SER A 96 15.47 -40.28 0.12
CA SER A 96 16.26 -40.96 1.20
C SER A 96 15.79 -42.39 1.40
N LYS A 97 14.58 -42.57 1.89
CA LYS A 97 14.07 -43.96 2.10
C LYS A 97 13.89 -44.69 0.77
N ASP A 98 13.00 -44.22 -0.06
CA ASP A 98 12.78 -44.90 -1.37
C ASP A 98 13.62 -44.24 -2.47
N LEU A 99 13.90 -44.95 -3.53
CA LEU A 99 14.72 -44.35 -4.63
C LEU A 99 14.00 -43.15 -5.22
N GLN A 100 14.39 -42.72 -6.39
CA GLN A 100 13.73 -41.54 -7.02
C GLN A 100 13.77 -40.33 -6.06
N MET A 101 12.84 -39.43 -6.18
CA MET A 101 12.84 -38.24 -5.28
C MET A 101 11.42 -37.90 -4.84
N VAL A 102 11.16 -37.90 -3.56
CA VAL A 102 9.80 -37.56 -3.06
C VAL A 102 9.77 -36.13 -2.53
N ASN A 103 8.71 -35.41 -2.75
CA ASN A 103 8.65 -33.99 -2.26
C ASN A 103 7.73 -33.89 -1.04
N ILE A 104 7.99 -32.95 -0.19
CA ILE A 104 7.14 -32.77 1.03
C ILE A 104 6.96 -31.28 1.33
N SER A 105 5.74 -30.80 1.27
CA SER A 105 5.50 -29.36 1.54
C SER A 105 4.37 -29.18 2.56
N LEU A 106 4.70 -28.74 3.74
CA LEU A 106 3.64 -28.54 4.78
C LEU A 106 3.66 -27.11 5.30
N ARG A 107 2.52 -26.52 5.49
CA ARG A 107 2.47 -25.12 6.00
C ARG A 107 1.82 -25.09 7.39
N VAL A 108 2.28 -24.23 8.25
CA VAL A 108 1.69 -24.15 9.62
C VAL A 108 0.93 -22.84 9.81
N LEU A 109 -0.12 -22.86 10.60
CA LEU A 109 -0.90 -21.60 10.82
C LEU A 109 -0.72 -21.13 12.26
N SER A 110 -0.63 -19.85 12.46
CA SER A 110 -0.45 -19.32 13.85
C SER A 110 -1.77 -18.73 14.37
N ARG A 111 -1.98 -18.79 15.66
CA ARG A 111 -3.25 -18.25 16.22
C ARG A 111 -3.01 -17.76 17.66
N PRO A 112 -3.66 -16.66 18.01
CA PRO A 112 -3.50 -16.10 19.37
C PRO A 112 -4.24 -16.96 20.40
N ASN A 113 -3.61 -17.23 21.51
CA ASN A 113 -4.28 -18.07 22.55
C ASN A 113 -4.69 -17.20 23.75
N ALA A 114 -4.19 -15.99 23.83
CA ALA A 114 -4.55 -15.09 24.97
C ALA A 114 -4.27 -15.77 26.31
N GLN A 115 -3.02 -16.11 26.56
CA GLN A 115 -2.67 -16.78 27.83
C GLN A 115 -1.43 -16.12 28.45
N GLU A 116 -0.37 -16.04 27.69
CA GLU A 116 0.88 -15.40 28.23
C GLU A 116 1.88 -15.18 27.08
N LEU A 117 1.74 -14.10 26.36
CA LEU A 117 2.68 -13.83 25.23
C LEU A 117 4.02 -13.26 25.72
N PRO A 118 4.01 -12.49 26.79
CA PRO A 118 5.27 -11.90 27.30
C PRO A 118 6.18 -12.98 27.91
N SER A 119 5.63 -13.87 28.70
CA SER A 119 6.48 -14.95 29.30
C SER A 119 7.11 -15.78 28.19
N MET A 120 6.35 -16.10 27.19
CA MET A 120 6.89 -16.91 26.06
C MET A 120 7.69 -16.05 25.07
N TYR A 121 7.50 -14.75 25.08
CA TYR A 121 8.25 -13.89 24.11
C TYR A 121 9.76 -14.03 24.31
N GLN A 122 10.29 -13.58 25.42
CA GLN A 122 11.77 -13.70 25.64
C GLN A 122 12.20 -15.17 25.52
N ARG A 123 11.31 -16.07 25.86
CA ARG A 123 11.64 -17.52 25.74
C ARG A 123 11.48 -17.96 24.28
N LEU A 124 10.71 -17.24 23.52
CA LEU A 124 10.50 -17.59 22.09
C LEU A 124 11.69 -17.14 21.24
N GLY A 125 12.39 -16.12 21.68
CA GLY A 125 13.56 -15.63 20.91
C GLY A 125 13.17 -14.37 20.14
N LEU A 126 12.50 -13.44 20.78
CA LEU A 126 12.08 -12.20 20.09
C LEU A 126 11.31 -12.52 18.81
N ASP A 127 10.89 -11.51 18.09
CA ASP A 127 10.13 -11.77 16.82
C ASP A 127 11.00 -12.55 15.83
N TYR A 128 10.98 -13.85 15.91
CA TYR A 128 11.81 -14.67 14.98
C TYR A 128 10.99 -15.84 14.43
N GLU A 129 9.71 -15.66 14.24
CA GLU A 129 8.86 -16.77 13.71
C GLU A 129 9.40 -17.24 12.36
N GLU A 130 10.12 -16.40 11.67
CA GLU A 130 10.66 -16.80 10.34
C GLU A 130 11.48 -18.08 10.46
N ARG A 131 12.39 -18.14 11.40
CA ARG A 131 13.23 -19.36 11.58
C ARG A 131 12.47 -20.43 12.37
N VAL A 132 11.65 -20.03 13.31
CA VAL A 132 10.90 -21.03 14.13
C VAL A 132 9.90 -21.81 13.26
N LEU A 133 9.20 -21.14 12.39
CA LEU A 133 8.19 -21.85 11.54
C LEU A 133 8.82 -23.08 10.85
N PRO A 134 9.85 -22.84 10.07
CA PRO A 134 10.53 -23.96 9.35
C PRO A 134 11.32 -24.83 10.34
N SER A 135 12.10 -24.23 11.19
CA SER A 135 12.92 -25.03 12.15
C SER A 135 12.03 -26.02 12.91
N ILE A 136 10.80 -25.66 13.17
CA ILE A 136 9.89 -26.59 13.91
C ILE A 136 9.32 -27.65 12.95
N VAL A 137 8.69 -27.21 11.89
CA VAL A 137 8.10 -28.19 10.93
C VAL A 137 9.16 -28.76 9.99
N ASN A 138 9.81 -27.90 9.23
CA ASN A 138 10.86 -28.38 8.27
C ASN A 138 11.84 -29.37 8.93
N GLU A 139 12.20 -29.13 10.17
CA GLU A 139 13.15 -30.05 10.85
C GLU A 139 12.57 -31.46 10.90
N VAL A 140 11.50 -31.66 11.63
CA VAL A 140 10.89 -33.03 11.71
C VAL A 140 10.26 -33.42 10.38
N LEU A 141 9.87 -32.45 9.60
CA LEU A 141 9.24 -32.75 8.27
C LEU A 141 10.23 -33.50 7.37
N LYS A 142 11.29 -32.85 6.98
CA LYS A 142 12.30 -33.51 6.10
C LYS A 142 12.87 -34.75 6.79
N SER A 143 12.76 -34.83 8.09
CA SER A 143 13.31 -36.02 8.82
C SER A 143 12.36 -37.21 8.69
N VAL A 144 11.08 -36.96 8.53
CA VAL A 144 10.10 -38.07 8.39
C VAL A 144 10.13 -38.63 6.96
N VAL A 145 10.54 -37.83 6.02
CA VAL A 145 10.59 -38.31 4.60
C VAL A 145 11.49 -39.55 4.50
N ALA A 146 12.60 -39.55 5.19
CA ALA A 146 13.51 -40.73 5.14
C ALA A 146 12.90 -41.90 5.90
N LYS A 147 12.10 -41.61 6.90
CA LYS A 147 11.47 -42.71 7.68
C LYS A 147 10.25 -43.26 6.94
N PHE A 148 9.61 -42.44 6.14
CA PHE A 148 8.41 -42.90 5.38
C PHE A 148 8.83 -43.41 4.00
N ASN A 149 7.94 -44.06 3.30
CA ASN A 149 8.27 -44.59 1.95
C ASN A 149 7.61 -43.73 0.87
N ALA A 150 8.01 -43.90 -0.37
CA ALA A 150 7.40 -43.10 -1.47
C ALA A 150 6.06 -43.71 -1.90
N SER A 151 5.98 -45.01 -1.96
CA SER A 151 4.70 -45.67 -2.37
C SER A 151 3.55 -45.21 -1.46
N GLN A 152 3.83 -45.04 -0.19
CA GLN A 152 2.75 -44.61 0.76
C GLN A 152 2.55 -43.10 0.66
N LEU A 153 3.54 -42.38 0.23
CA LEU A 153 3.41 -40.90 0.12
C LEU A 153 2.66 -40.53 -1.18
N ILE A 154 2.74 -41.37 -2.17
CA ILE A 154 2.03 -41.06 -3.45
C ILE A 154 0.55 -41.39 -3.33
N THR A 155 0.21 -42.41 -2.59
CA THR A 155 -1.23 -42.79 -2.42
C THR A 155 -2.04 -41.59 -1.94
N GLN A 156 -1.42 -40.72 -1.18
CA GLN A 156 -2.14 -39.52 -0.67
C GLN A 156 -1.16 -38.57 0.03
N ARG A 157 -0.88 -37.44 -0.57
CA ARG A 157 0.07 -36.47 0.06
C ARG A 157 -0.37 -36.15 1.49
N ALA A 158 -1.63 -36.27 1.77
CA ALA A 158 -2.14 -35.98 3.14
C ALA A 158 -1.89 -37.17 4.08
N GLN A 159 -1.72 -38.35 3.53
CA GLN A 159 -1.48 -39.54 4.39
C GLN A 159 -0.25 -39.33 5.28
N VAL A 160 0.70 -38.57 4.83
CA VAL A 160 1.92 -38.33 5.65
C VAL A 160 1.65 -37.27 6.72
N SER A 161 0.67 -36.43 6.50
CA SER A 161 0.35 -35.38 7.50
C SER A 161 -0.09 -36.00 8.83
N LEU A 162 -0.54 -37.23 8.80
CA LEU A 162 -0.98 -37.89 10.06
C LEU A 162 0.21 -38.08 11.01
N LEU A 163 1.40 -38.26 10.48
CA LEU A 163 2.58 -38.45 11.35
C LEU A 163 3.08 -37.10 11.89
N ILE A 164 3.33 -36.16 11.02
CA ILE A 164 3.82 -34.82 11.47
C ILE A 164 2.81 -34.19 12.43
N ARG A 165 1.55 -34.38 12.18
CA ARG A 165 0.50 -33.78 13.07
C ARG A 165 0.74 -34.19 14.53
N ARG A 166 1.27 -35.37 14.75
CA ARG A 166 1.53 -35.83 16.14
C ARG A 166 2.82 -35.21 16.68
N GLU A 167 3.80 -35.02 15.84
CA GLU A 167 5.09 -34.43 16.30
C GLU A 167 4.97 -32.91 16.40
N LEU A 168 4.34 -32.28 15.44
CA LEU A 168 4.20 -30.80 15.48
C LEU A 168 3.54 -30.36 16.79
N THR A 169 2.67 -31.17 17.33
CA THR A 169 1.98 -30.80 18.60
C THR A 169 3.01 -30.64 19.73
N GLU A 170 4.10 -31.37 19.66
CA GLU A 170 5.13 -31.27 20.73
C GLU A 170 6.02 -30.05 20.49
N ARG A 171 6.40 -29.80 19.27
CA ARG A 171 7.27 -28.62 18.96
C ARG A 171 6.43 -27.35 18.91
N ALA A 172 5.27 -27.40 18.30
CA ALA A 172 4.41 -26.18 18.22
C ALA A 172 4.09 -25.65 19.61
N LYS A 173 3.88 -26.52 20.55
CA LYS A 173 3.56 -26.07 21.95
C LYS A 173 4.84 -25.59 22.65
N ASP A 174 5.98 -26.07 22.22
CA ASP A 174 7.25 -25.64 22.86
C ASP A 174 7.41 -24.13 22.78
N PHE A 175 7.26 -23.55 21.61
CA PHE A 175 7.39 -22.08 21.48
C PHE A 175 6.05 -21.41 21.73
N SER A 176 5.86 -20.83 22.90
CA SER A 176 4.57 -20.15 23.22
C SER A 176 3.40 -21.12 23.07
N LEU A 177 2.24 -20.75 23.54
CA LEU A 177 1.06 -21.65 23.43
C LEU A 177 0.13 -21.18 22.31
N ILE A 178 0.05 -21.94 21.24
CA ILE A 178 -0.82 -21.54 20.10
C ILE A 178 -1.46 -22.77 19.47
N LEU A 179 -2.62 -22.62 18.88
CA LEU A 179 -3.29 -23.79 18.24
C LEU A 179 -3.10 -23.75 16.72
N ASP A 180 -2.34 -24.67 16.19
CA ASP A 180 -2.09 -24.69 14.73
C ASP A 180 -2.71 -25.93 14.10
N ASP A 181 -3.07 -25.87 12.84
CA ASP A 181 -3.68 -27.04 12.16
C ASP A 181 -2.64 -27.75 11.30
N VAL A 182 -2.71 -29.05 11.20
CA VAL A 182 -1.71 -29.80 10.39
C VAL A 182 -2.29 -30.20 9.03
N ALA A 183 -1.63 -29.83 7.97
CA ALA A 183 -2.10 -30.17 6.61
C ALA A 183 -0.92 -30.10 5.63
N ILE A 184 -0.96 -30.85 4.56
CA ILE A 184 0.20 -30.81 3.62
C ILE A 184 -0.25 -30.69 2.16
N THR A 185 0.04 -29.58 1.55
CA THR A 185 -0.29 -29.40 0.10
C THR A 185 1.03 -29.61 -0.64
N GLU A 186 1.17 -30.70 -1.35
CA GLU A 186 2.48 -30.96 -2.01
C GLU A 186 2.38 -31.89 -3.23
N LEU A 187 3.28 -31.72 -4.15
CA LEU A 187 3.33 -32.59 -5.35
C LEU A 187 4.66 -33.34 -5.33
N SER A 188 4.66 -34.63 -5.53
CA SER A 188 5.94 -35.40 -5.47
C SER A 188 6.48 -35.74 -6.85
N PHE A 189 7.77 -35.92 -6.96
CA PHE A 189 8.40 -36.25 -8.26
C PHE A 189 8.69 -37.75 -8.35
N SER A 190 8.64 -38.30 -9.54
CA SER A 190 8.90 -39.76 -9.69
C SER A 190 10.18 -39.98 -10.50
N MET B 1 23.66 37.13 53.22
CA MET B 1 23.79 37.12 51.74
C MET B 1 24.55 38.36 51.26
N ALA B 2 24.93 38.40 50.01
CA ALA B 2 25.67 39.59 49.49
C ALA B 2 24.74 40.46 48.63
N GLN B 3 25.18 41.64 48.29
CA GLN B 3 24.33 42.53 47.45
C GLN B 3 24.22 41.98 46.03
N ASN B 4 25.23 41.31 45.55
CA ASN B 4 25.18 40.75 44.18
C ASN B 4 24.35 39.46 44.16
N LEU B 5 24.34 38.73 45.25
CA LEU B 5 23.55 37.47 45.30
C LEU B 5 22.08 37.79 45.60
N LYS B 6 21.82 38.81 46.36
CA LYS B 6 20.42 39.18 46.68
C LYS B 6 19.71 39.72 45.44
N ASP B 7 20.43 40.41 44.59
CA ASP B 7 19.79 40.97 43.36
C ASP B 7 19.63 39.87 42.31
N LEU B 8 20.44 38.84 42.38
CA LEU B 8 20.32 37.73 41.38
C LEU B 8 18.92 37.11 41.42
N ALA B 9 18.26 37.20 42.55
CA ALA B 9 16.89 36.63 42.66
C ALA B 9 15.87 37.53 41.95
N GLY B 10 16.15 38.81 41.91
CA GLY B 10 15.21 39.75 41.23
C GLY B 10 15.42 39.70 39.71
N ARG B 11 16.58 39.28 39.28
CA ARG B 11 16.85 39.20 37.81
C ARG B 11 16.18 37.95 37.22
N LEU B 12 15.86 36.99 38.03
CA LEU B 12 15.20 35.75 37.50
C LEU B 12 13.94 36.10 36.72
N PRO B 13 13.02 36.79 37.37
CA PRO B 13 11.76 37.18 36.70
C PRO B 13 12.02 38.30 35.68
N ALA B 14 12.87 39.23 36.02
CA ALA B 14 13.17 40.35 35.08
C ALA B 14 11.88 41.03 34.62
N GLY B 15 11.07 41.48 35.55
CA GLY B 15 9.80 42.15 35.16
C GLY B 15 8.65 41.14 35.24
N PRO B 16 7.52 41.61 35.73
CA PRO B 16 6.33 40.72 35.85
C PRO B 16 5.69 40.50 34.47
N ARG B 17 5.75 41.48 33.61
CA ARG B 17 5.13 41.33 32.27
C ARG B 17 5.76 40.14 31.52
N GLY B 18 7.03 39.91 31.74
CA GLY B 18 7.71 38.77 31.05
C GLY B 18 7.07 37.45 31.49
N MET B 19 6.70 37.34 32.74
CA MET B 19 6.08 36.07 33.23
C MET B 19 4.78 35.79 32.47
N GLY B 20 4.12 36.81 31.99
CA GLY B 20 2.85 36.60 31.25
C GLY B 20 3.17 36.05 29.85
N THR B 21 4.10 36.65 29.17
CA THR B 21 4.46 36.15 27.80
C THR B 21 5.11 34.76 27.89
N ALA B 22 5.72 34.46 29.00
CA ALA B 22 6.38 33.12 29.14
C ALA B 22 5.37 31.99 28.88
N LEU B 23 4.11 32.25 29.11
CA LEU B 23 3.08 31.20 28.87
C LEU B 23 2.98 30.88 27.37
N LYS B 24 3.03 31.89 26.54
CA LYS B 24 2.94 31.65 25.07
C LYS B 24 4.01 30.64 24.64
N LEU B 25 5.11 30.60 25.33
CA LEU B 25 6.19 29.63 24.97
C LEU B 25 5.76 28.20 25.33
N LEU B 26 5.20 28.01 26.48
CA LEU B 26 4.76 26.65 26.90
C LEU B 26 3.71 26.11 25.93
N LEU B 27 2.90 26.97 25.36
CA LEU B 27 1.86 26.50 24.41
C LEU B 27 2.50 26.11 23.07
N GLY B 28 3.40 26.91 22.58
CA GLY B 28 4.07 26.59 21.29
C GLY B 28 4.82 25.27 21.40
N ALA B 29 5.23 24.90 22.59
CA ALA B 29 5.98 23.62 22.77
C ALA B 29 5.10 22.44 22.33
N GLY B 30 3.81 22.55 22.49
CA GLY B 30 2.90 21.44 22.09
C GLY B 30 2.98 21.24 20.57
N ALA B 31 3.01 22.31 19.82
CA ALA B 31 3.08 22.19 18.34
C ALA B 31 4.43 21.60 17.92
N VAL B 32 5.51 22.10 18.49
CA VAL B 32 6.85 21.56 18.12
C VAL B 32 6.94 20.07 18.43
N ALA B 33 6.15 19.60 19.36
CA ALA B 33 6.18 18.15 19.72
C ALA B 33 5.48 17.33 18.64
N TYR B 34 4.42 17.86 18.06
CA TYR B 34 3.69 17.10 17.01
C TYR B 34 4.62 16.81 15.82
N GLY B 35 5.26 17.82 15.31
CA GLY B 35 6.19 17.60 14.15
C GLY B 35 7.22 16.52 14.51
N VAL B 36 7.57 16.44 15.76
CA VAL B 36 8.56 15.42 16.20
C VAL B 36 7.88 14.06 16.38
N ARG B 37 6.61 14.07 16.72
CA ARG B 37 5.87 12.77 16.92
C ARG B 37 6.00 11.88 15.69
N GLU B 38 5.98 12.45 14.51
CA GLU B 38 6.10 11.62 13.27
C GLU B 38 7.52 11.00 13.16
N SER B 39 8.52 11.64 13.72
CA SER B 39 9.92 11.08 13.62
C SER B 39 10.56 10.89 15.01
N VAL B 40 11.77 10.38 15.08
CA VAL B 40 12.45 10.17 16.40
C VAL B 40 13.86 9.58 16.20
N PHE B 41 14.69 9.56 17.24
CA PHE B 41 16.07 9.00 17.09
C PHE B 41 16.26 7.77 18.01
N THR B 42 15.81 7.84 19.24
CA THR B 42 15.97 6.65 20.16
C THR B 42 15.32 5.42 19.53
N VAL B 43 16.11 4.42 19.17
CA VAL B 43 15.54 3.20 18.54
C VAL B 43 14.39 2.66 19.41
N GLU B 44 13.18 2.70 18.91
CA GLU B 44 12.01 2.21 19.68
C GLU B 44 12.27 0.81 20.24
N GLY B 45 12.18 -0.20 19.41
CA GLY B 45 12.42 -1.59 19.88
C GLY B 45 12.39 -2.56 18.71
N GLY B 46 13.20 -3.57 18.73
CA GLY B 46 13.22 -4.56 17.61
C GLY B 46 14.09 -4.03 16.47
N HIS B 47 14.85 -3.00 16.69
CA HIS B 47 15.71 -2.45 15.60
C HIS B 47 17.03 -1.90 16.18
N ARG B 48 18.06 -1.92 15.39
CA ARG B 48 19.40 -1.45 15.85
C ARG B 48 19.71 -0.04 15.29
N ALA B 49 20.57 0.73 15.96
CA ALA B 49 20.87 2.14 15.49
C ALA B 49 22.20 2.25 14.72
N ILE B 50 22.27 3.26 13.88
CA ILE B 50 23.48 3.50 13.04
C ILE B 50 23.93 4.98 13.15
N PHE B 51 25.20 5.29 12.94
CA PHE B 51 25.67 6.72 13.09
C PHE B 51 26.39 7.28 11.86
N PHE B 52 26.12 8.53 11.52
CA PHE B 52 26.81 9.20 10.36
C PHE B 52 26.66 10.73 10.48
N ASN B 53 27.60 11.49 9.92
CA ASN B 53 27.50 12.98 10.00
C ASN B 53 27.57 13.62 8.60
N ARG B 54 26.98 14.80 8.43
CA ARG B 54 27.02 15.47 7.08
C ARG B 54 28.48 15.73 6.66
N ILE B 55 28.99 14.92 5.77
CA ILE B 55 30.41 15.12 5.31
C ILE B 55 30.69 14.25 4.08
N GLY B 56 30.17 13.04 4.05
CA GLY B 56 30.42 12.15 2.88
C GLY B 56 30.34 10.69 3.32
N GLY B 57 29.62 9.88 2.60
CA GLY B 57 29.49 8.44 2.98
C GLY B 57 28.29 8.25 3.89
N VAL B 58 27.13 8.69 3.45
CA VAL B 58 25.90 8.53 4.30
C VAL B 58 25.67 7.06 4.65
N GLN B 59 24.63 6.79 5.39
CA GLN B 59 24.34 5.38 5.78
C GLN B 59 22.85 5.09 5.59
N GLN B 60 22.52 4.01 4.94
CA GLN B 60 21.08 3.67 4.71
C GLN B 60 20.88 2.16 4.69
N ASP B 61 21.62 1.44 5.50
CA ASP B 61 21.47 -0.04 5.52
C ASP B 61 22.30 -0.64 6.67
N THR B 62 22.09 -0.17 7.88
CA THR B 62 22.87 -0.70 9.03
C THR B 62 21.97 -0.95 10.25
N ILE B 63 22.55 -1.43 11.34
CA ILE B 63 21.76 -1.71 12.58
C ILE B 63 22.69 -2.40 13.63
N LEU B 64 22.80 -1.84 14.82
CA LEU B 64 23.66 -2.47 15.90
C LEU B 64 22.78 -3.13 17.00
N ALA B 65 22.56 -2.48 18.13
CA ALA B 65 21.68 -3.07 19.20
C ALA B 65 20.89 -1.93 19.89
N GLU B 66 19.86 -2.25 20.66
CA GLU B 66 19.04 -1.16 21.30
C GLU B 66 19.81 -0.48 22.45
N GLY B 67 19.57 0.80 22.61
CA GLY B 67 20.25 1.58 23.69
C GLY B 67 19.42 2.85 23.93
N LEU B 68 19.51 3.46 25.09
CA LEU B 68 18.71 4.70 25.29
C LEU B 68 19.60 5.90 24.98
N HIS B 69 19.36 6.52 23.85
CA HIS B 69 20.16 7.70 23.43
C HIS B 69 19.38 8.49 22.36
N PHE B 70 19.59 9.76 22.27
CA PHE B 70 18.86 10.56 21.23
C PHE B 70 19.52 10.34 19.86
N ARG B 71 19.38 11.27 18.95
CA ARG B 71 20.01 11.11 17.61
C ARG B 71 21.50 11.48 17.68
N ILE B 72 22.01 11.75 18.86
CA ILE B 72 23.45 12.12 18.99
C ILE B 72 23.70 13.39 18.16
N PRO B 73 23.65 14.52 18.81
CA PRO B 73 23.81 15.82 18.12
C PRO B 73 25.27 16.08 17.69
N TRP B 74 25.44 17.00 16.78
CA TRP B 74 26.81 17.37 16.28
C TRP B 74 27.57 16.13 15.76
N PHE B 75 27.82 16.08 14.48
CA PHE B 75 28.59 14.94 13.87
C PHE B 75 27.82 13.61 13.96
N GLN B 76 26.52 13.63 13.84
CA GLN B 76 25.75 12.35 13.91
C GLN B 76 24.37 12.52 13.26
N TYR B 77 23.81 11.46 12.74
CA TYR B 77 22.48 11.54 12.07
C TYR B 77 21.71 10.23 12.22
N PRO B 78 20.40 10.31 12.14
CA PRO B 78 19.56 9.11 12.29
C PRO B 78 19.14 8.53 10.93
N ILE B 79 19.69 7.40 10.58
CA ILE B 79 19.32 6.67 9.33
C ILE B 79 19.59 5.19 9.65
N ILE B 80 18.56 4.39 9.81
CA ILE B 80 18.77 2.97 10.22
C ILE B 80 18.11 1.96 9.27
N TYR B 81 18.61 0.75 9.25
CA TYR B 81 18.04 -0.31 8.38
C TYR B 81 17.11 -1.18 9.23
N ASP B 82 16.11 -1.78 8.63
CA ASP B 82 15.18 -2.63 9.44
C ASP B 82 15.37 -4.11 9.07
N ILE B 83 15.24 -4.98 10.04
CA ILE B 83 15.43 -6.44 9.77
C ILE B 83 14.11 -7.08 9.33
N ARG B 84 14.19 -8.13 8.57
CA ARG B 84 12.94 -8.82 8.08
C ARG B 84 13.31 -10.09 7.31
N ALA B 85 12.34 -10.91 6.98
CA ALA B 85 12.63 -12.16 6.22
C ALA B 85 13.33 -11.81 4.90
N ARG B 86 13.85 -12.81 4.21
CA ARG B 86 14.54 -12.52 2.92
C ARG B 86 14.31 -13.66 1.92
N PRO B 87 13.53 -13.36 0.90
CA PRO B 87 13.25 -14.35 -0.15
C PRO B 87 14.14 -14.09 -1.36
N ARG B 88 15.08 -14.96 -1.63
CA ARG B 88 15.99 -14.74 -2.79
C ARG B 88 16.63 -16.08 -3.23
N LYS B 89 16.22 -16.63 -4.36
CA LYS B 89 16.79 -17.95 -4.82
C LYS B 89 16.55 -18.19 -6.34
N ILE B 90 17.39 -18.98 -6.99
CA ILE B 90 17.21 -19.26 -8.46
C ILE B 90 17.67 -20.67 -8.83
N SER B 91 17.12 -21.21 -9.90
CA SER B 91 17.54 -22.55 -10.37
C SER B 91 18.52 -22.38 -11.54
N SER B 92 19.77 -22.69 -11.34
CA SER B 92 20.77 -22.52 -12.44
C SER B 92 21.11 -23.87 -13.09
N PRO B 93 20.93 -23.94 -14.39
CA PRO B 93 21.24 -25.18 -15.14
C PRO B 93 22.62 -25.06 -15.78
N THR B 94 23.57 -25.83 -15.31
CA THR B 94 24.94 -25.78 -15.90
C THR B 94 25.64 -27.12 -15.68
N GLY B 95 26.41 -27.56 -16.65
CA GLY B 95 27.12 -28.86 -16.50
C GLY B 95 28.55 -28.75 -17.02
N SER B 96 29.48 -29.39 -16.36
CA SER B 96 30.90 -29.34 -16.81
C SER B 96 31.59 -30.67 -16.51
N LYS B 97 31.36 -31.22 -15.34
CA LYS B 97 31.99 -32.52 -14.98
C LYS B 97 31.46 -33.63 -15.89
N ASP B 98 30.25 -33.48 -16.39
CA ASP B 98 29.68 -34.52 -17.28
C ASP B 98 29.11 -33.88 -18.55
N LEU B 99 29.08 -34.61 -19.63
CA LEU B 99 28.53 -34.03 -20.90
C LEU B 99 27.02 -33.88 -20.80
N GLN B 100 26.37 -34.66 -19.97
CA GLN B 100 24.89 -34.55 -19.82
C GLN B 100 24.52 -33.16 -19.29
N MET B 101 23.30 -33.00 -18.84
CA MET B 101 22.87 -31.67 -18.32
C MET B 101 22.85 -31.68 -16.79
N VAL B 102 23.45 -30.69 -16.17
CA VAL B 102 23.46 -30.64 -14.69
C VAL B 102 22.92 -29.30 -14.20
N ASN B 103 22.33 -29.27 -13.03
CA ASN B 103 21.79 -27.99 -12.50
C ASN B 103 21.96 -27.92 -10.98
N ILE B 104 22.81 -27.04 -10.51
CA ILE B 104 23.01 -26.91 -9.04
C ILE B 104 22.64 -25.51 -8.58
N SER B 105 21.60 -25.39 -7.79
CA SER B 105 21.17 -24.05 -7.30
C SER B 105 21.61 -23.85 -5.85
N LEU B 106 21.82 -22.63 -5.44
CA LEU B 106 22.26 -22.37 -4.03
C LEU B 106 21.76 -21.00 -3.57
N ARG B 107 21.55 -20.83 -2.30
CA ARG B 107 21.07 -19.50 -1.79
C ARG B 107 21.66 -19.22 -0.41
N VAL B 108 21.84 -17.97 -0.08
CA VAL B 108 22.40 -17.63 1.26
C VAL B 108 21.33 -16.94 2.12
N LEU B 109 21.35 -17.20 3.40
CA LEU B 109 20.33 -16.58 4.30
C LEU B 109 20.98 -15.49 5.17
N SER B 110 20.35 -14.36 5.29
CA SER B 110 20.93 -13.25 6.11
C SER B 110 20.11 -13.05 7.38
N ARG B 111 20.67 -13.35 8.52
CA ARG B 111 19.91 -13.17 9.80
C ARG B 111 20.69 -12.24 10.74
N PRO B 112 19.98 -11.34 11.38
CA PRO B 112 20.63 -10.40 12.33
C PRO B 112 21.04 -11.13 13.62
N ASN B 113 20.16 -11.20 14.59
CA ASN B 113 20.51 -11.89 15.87
C ASN B 113 21.84 -11.36 16.44
N ALA B 114 22.20 -10.16 16.09
CA ALA B 114 23.48 -9.59 16.62
C ALA B 114 23.55 -8.09 16.32
N GLN B 115 24.74 -7.53 16.33
CA GLN B 115 24.89 -6.07 16.06
C GLN B 115 26.24 -5.79 15.42
N GLU B 116 26.29 -5.62 14.13
CA GLU B 116 27.58 -5.34 13.45
C GLU B 116 27.35 -4.89 12.01
N LEU B 117 26.31 -4.13 11.77
CA LEU B 117 26.03 -3.65 10.39
C LEU B 117 26.89 -2.44 10.02
N PRO B 118 27.23 -1.60 10.97
CA PRO B 118 28.05 -0.40 10.66
C PRO B 118 29.50 -0.77 10.33
N SER B 119 30.13 -1.57 11.14
CA SER B 119 31.55 -1.97 10.85
C SER B 119 31.67 -2.50 9.42
N MET B 120 30.82 -3.41 9.05
CA MET B 120 30.86 -3.99 7.69
C MET B 120 30.16 -3.09 6.67
N TYR B 121 29.31 -2.19 7.12
CA TYR B 121 28.57 -1.31 6.15
C TYR B 121 29.54 -0.66 5.14
N GLN B 122 30.41 0.21 5.57
CA GLN B 122 31.35 0.87 4.62
C GLN B 122 32.10 -0.19 3.80
N ARG B 123 32.35 -1.33 4.39
CA ARG B 123 33.06 -2.42 3.64
C ARG B 123 32.06 -3.16 2.75
N LEU B 124 30.79 -3.10 3.09
CA LEU B 124 29.76 -3.79 2.28
C LEU B 124 29.40 -2.94 1.06
N GLY B 125 29.53 -1.64 1.17
CA GLY B 125 29.19 -0.75 0.03
C GLY B 125 27.75 -0.28 0.17
N LEU B 126 27.33 0.66 -0.64
CA LEU B 126 25.93 1.16 -0.56
C LEU B 126 24.94 0.01 -0.75
N ASP B 127 25.33 -1.02 -1.46
CA ASP B 127 24.41 -2.18 -1.67
C ASP B 127 24.86 -3.35 -0.80
N TYR B 128 23.95 -3.93 -0.06
CA TYR B 128 24.32 -5.08 0.82
C TYR B 128 23.80 -6.39 0.23
N GLU B 129 22.53 -6.66 0.38
CA GLU B 129 21.96 -7.92 -0.16
C GLU B 129 22.15 -7.99 -1.67
N GLU B 130 21.54 -7.09 -2.40
CA GLU B 130 21.69 -7.10 -3.89
C GLU B 130 23.16 -7.19 -4.30
N ARG B 131 24.06 -6.80 -3.44
CA ARG B 131 25.50 -6.86 -3.79
C ARG B 131 26.07 -8.27 -3.55
N VAL B 132 26.15 -8.69 -2.32
CA VAL B 132 26.74 -10.02 -2.00
C VAL B 132 25.74 -11.18 -2.19
N LEU B 133 24.52 -11.02 -1.75
CA LEU B 133 23.52 -12.13 -1.86
C LEU B 133 23.53 -12.80 -3.25
N PRO B 134 23.34 -12.01 -4.28
CA PRO B 134 23.30 -12.57 -5.65
C PRO B 134 24.69 -12.95 -6.15
N SER B 135 25.71 -12.25 -5.71
CA SER B 135 27.09 -12.57 -6.17
C SER B 135 27.65 -13.78 -5.41
N ILE B 136 27.61 -13.73 -4.10
CA ILE B 136 28.15 -14.87 -3.29
C ILE B 136 27.42 -16.18 -3.66
N VAL B 137 26.18 -16.09 -4.08
CA VAL B 137 25.43 -17.32 -4.45
C VAL B 137 25.82 -17.77 -5.86
N ASN B 138 25.74 -16.88 -6.82
CA ASN B 138 26.11 -17.26 -8.22
C ASN B 138 27.61 -17.58 -8.32
N GLU B 139 28.39 -17.13 -7.38
CA GLU B 139 29.86 -17.40 -7.43
C GLU B 139 30.14 -18.84 -7.00
N VAL B 140 29.90 -19.16 -5.76
CA VAL B 140 30.17 -20.55 -5.29
C VAL B 140 29.32 -21.56 -6.06
N LEU B 141 28.25 -21.10 -6.67
CA LEU B 141 27.38 -22.04 -7.46
C LEU B 141 28.03 -22.35 -8.81
N LYS B 142 28.73 -21.41 -9.38
CA LYS B 142 29.36 -21.65 -10.70
C LYS B 142 30.67 -22.43 -10.53
N SER B 143 31.29 -22.35 -9.38
CA SER B 143 32.57 -23.08 -9.16
C SER B 143 32.29 -24.54 -8.79
N VAL B 144 31.24 -24.80 -8.04
CA VAL B 144 30.94 -26.21 -7.64
C VAL B 144 30.22 -26.96 -8.77
N VAL B 145 29.42 -26.28 -9.55
CA VAL B 145 28.68 -26.98 -10.66
C VAL B 145 29.66 -27.70 -11.58
N ALA B 146 30.87 -27.19 -11.69
CA ALA B 146 31.87 -27.85 -12.58
C ALA B 146 32.51 -29.04 -11.86
N LYS B 147 32.61 -28.98 -10.57
CA LYS B 147 33.22 -30.11 -9.81
C LYS B 147 32.20 -31.23 -9.60
N PHE B 148 31.03 -30.91 -9.12
CA PHE B 148 30.00 -31.96 -8.89
C PHE B 148 29.62 -32.63 -10.22
N ASN B 149 28.76 -33.63 -10.16
CA ASN B 149 28.35 -34.34 -11.40
C ASN B 149 26.82 -34.43 -11.47
N ALA B 150 26.29 -34.82 -12.60
CA ALA B 150 24.81 -34.93 -12.74
C ALA B 150 24.32 -36.25 -12.12
N SER B 151 25.03 -37.33 -12.33
CA SER B 151 24.60 -38.64 -11.77
C SER B 151 24.39 -38.52 -10.25
N GLN B 152 25.26 -37.82 -9.57
CA GLN B 152 25.12 -37.68 -8.09
C GLN B 152 24.04 -36.63 -7.77
N LEU B 153 23.72 -35.77 -8.70
CA LEU B 153 22.69 -34.73 -8.44
C LEU B 153 21.28 -35.33 -8.58
N ILE B 154 21.11 -36.25 -9.50
CA ILE B 154 19.77 -36.87 -9.69
C ILE B 154 19.39 -37.70 -8.47
N THR B 155 20.36 -38.17 -7.71
CA THR B 155 20.04 -38.98 -6.51
C THR B 155 19.56 -38.09 -5.37
N GLN B 156 20.29 -37.05 -5.07
CA GLN B 156 19.88 -36.14 -3.96
C GLN B 156 20.37 -34.72 -4.23
N ARG B 157 19.46 -33.78 -4.34
CA ARG B 157 19.87 -32.36 -4.60
C ARG B 157 20.56 -31.78 -3.36
N ALA B 158 20.29 -32.32 -2.21
CA ALA B 158 20.93 -31.79 -0.96
C ALA B 158 22.36 -32.33 -0.83
N GLN B 159 22.62 -33.50 -1.36
CA GLN B 159 24.00 -34.08 -1.25
C GLN B 159 25.03 -33.11 -1.84
N VAL B 160 24.63 -32.28 -2.76
CA VAL B 160 25.58 -31.31 -3.36
C VAL B 160 25.81 -30.13 -2.41
N SER B 161 24.85 -29.82 -1.58
CA SER B 161 25.01 -28.68 -0.64
C SER B 161 25.87 -29.11 0.56
N LEU B 162 25.97 -30.39 0.80
CA LEU B 162 26.81 -30.87 1.95
C LEU B 162 28.23 -30.31 1.85
N LEU B 163 28.85 -30.45 0.71
CA LEU B 163 30.23 -29.93 0.54
C LEU B 163 30.20 -28.40 0.40
N ILE B 164 29.14 -27.87 -0.12
CA ILE B 164 29.04 -26.39 -0.28
C ILE B 164 28.74 -25.72 1.07
N ARG B 165 28.15 -26.45 1.98
CA ARG B 165 27.83 -25.87 3.32
C ARG B 165 29.10 -25.28 3.96
N ARG B 166 30.23 -25.86 3.68
CA ARG B 166 31.50 -25.34 4.26
C ARG B 166 31.99 -24.12 3.46
N GLU B 167 31.93 -24.20 2.15
CA GLU B 167 32.38 -23.05 1.31
C GLU B 167 31.44 -21.86 1.48
N LEU B 168 30.18 -22.12 1.74
CA LEU B 168 29.21 -20.99 1.93
C LEU B 168 29.49 -20.26 3.24
N THR B 169 29.85 -20.99 4.27
CA THR B 169 30.13 -20.33 5.58
C THR B 169 31.36 -19.43 5.45
N GLU B 170 32.41 -19.92 4.86
CA GLU B 170 33.64 -19.09 4.70
C GLU B 170 33.32 -17.81 3.93
N ARG B 171 32.49 -17.90 2.93
CA ARG B 171 32.13 -16.68 2.15
C ARG B 171 31.06 -15.87 2.88
N ALA B 172 30.06 -16.53 3.40
CA ALA B 172 28.98 -15.79 4.13
C ALA B 172 29.54 -15.15 5.40
N LYS B 173 30.23 -15.90 6.21
CA LYS B 173 30.80 -15.33 7.47
C LYS B 173 31.75 -14.18 7.14
N ASP B 174 32.26 -14.13 5.94
CA ASP B 174 33.19 -13.04 5.56
C ASP B 174 32.52 -11.68 5.75
N PHE B 175 31.25 -11.59 5.49
CA PHE B 175 30.53 -10.30 5.67
C PHE B 175 29.93 -10.21 7.07
N SER B 176 30.60 -9.52 7.97
CA SER B 176 30.08 -9.38 9.36
C SER B 176 29.88 -10.76 10.00
N LEU B 177 29.50 -10.80 11.24
CA LEU B 177 29.29 -12.12 11.92
C LEU B 177 27.79 -12.42 12.02
N ILE B 178 27.35 -13.47 11.38
CA ILE B 178 25.91 -13.82 11.43
C ILE B 178 25.72 -15.33 11.26
N LEU B 179 24.66 -15.87 11.79
CA LEU B 179 24.43 -17.34 11.66
C LEU B 179 23.38 -17.61 10.57
N ASP B 180 23.74 -18.36 9.56
CA ASP B 180 22.78 -18.65 8.46
C ASP B 180 22.87 -20.12 8.05
N ASP B 181 21.80 -20.67 7.54
CA ASP B 181 21.82 -22.10 7.12
C ASP B 181 21.97 -22.19 5.60
N VAL B 182 22.67 -23.20 5.12
CA VAL B 182 22.86 -23.33 3.65
C VAL B 182 21.97 -24.44 3.08
N ALA B 183 20.98 -24.07 2.32
CA ALA B 183 20.07 -25.08 1.71
C ALA B 183 19.36 -24.46 0.51
N ILE B 184 18.97 -25.25 -0.44
CA ILE B 184 18.30 -24.68 -1.66
C ILE B 184 17.47 -25.75 -2.37
N THR B 185 16.49 -25.33 -3.12
CA THR B 185 15.65 -26.30 -3.87
C THR B 185 16.20 -26.39 -5.30
N GLU B 186 16.80 -27.51 -5.64
CA GLU B 186 17.40 -27.64 -7.00
C GLU B 186 16.64 -28.63 -7.87
N LEU B 187 16.70 -28.43 -9.16
CA LEU B 187 16.04 -29.33 -10.12
C LEU B 187 17.05 -29.65 -11.24
N SER B 188 17.23 -30.90 -11.56
CA SER B 188 18.24 -31.24 -12.60
C SER B 188 17.57 -31.55 -13.94
N PHE B 189 18.27 -31.30 -15.02
CA PHE B 189 17.70 -31.56 -16.38
C PHE B 189 18.28 -32.86 -16.95
N SER B 190 17.44 -33.84 -17.17
CA SER B 190 17.92 -35.14 -17.72
C SER B 190 17.75 -35.16 -19.25
N MET C 1 34.79 54.53 19.55
CA MET C 1 35.20 55.86 20.07
C MET C 1 34.44 56.97 19.34
N ALA C 2 33.15 56.82 19.19
CA ALA C 2 32.35 57.87 18.48
C ALA C 2 30.89 57.80 18.92
N GLN C 3 30.13 58.83 18.66
CA GLN C 3 28.70 58.84 19.05
C GLN C 3 27.94 57.76 18.28
N ASN C 4 28.42 57.40 17.11
CA ASN C 4 27.72 56.36 16.31
C ASN C 4 27.69 55.03 17.07
N LEU C 5 28.80 54.63 17.62
CA LEU C 5 28.84 53.35 18.38
C LEU C 5 27.97 53.45 19.64
N LYS C 6 28.02 54.57 20.31
CA LYS C 6 27.20 54.74 21.54
C LYS C 6 25.71 54.66 21.18
N ASP C 7 25.34 55.15 20.04
CA ASP C 7 23.91 55.11 19.63
C ASP C 7 23.44 53.65 19.48
N LEU C 8 24.33 52.77 19.09
CA LEU C 8 23.95 51.34 18.93
C LEU C 8 23.50 50.76 20.27
N ALA C 9 24.13 51.19 21.34
CA ALA C 9 23.74 50.66 22.69
C ALA C 9 22.28 51.02 23.00
N GLY C 10 21.83 52.13 22.50
CA GLY C 10 20.42 52.54 22.74
C GLY C 10 19.47 51.78 21.81
N ARG C 11 20.00 51.24 20.74
CA ARG C 11 19.13 50.48 19.78
C ARG C 11 18.74 49.13 20.38
N LEU C 12 19.59 48.55 21.19
CA LEU C 12 19.26 47.24 21.81
C LEU C 12 17.99 47.34 22.67
N PRO C 13 18.03 48.22 23.65
CA PRO C 13 16.85 48.41 24.54
C PRO C 13 15.73 49.14 23.79
N ALA C 14 15.21 48.55 22.75
CA ALA C 14 14.12 49.21 21.99
C ALA C 14 12.76 48.88 22.61
N GLY C 15 12.55 49.28 23.84
CA GLY C 15 11.25 48.98 24.51
C GLY C 15 11.11 47.48 24.71
N PRO C 16 10.41 47.10 25.75
CA PRO C 16 10.21 45.66 26.05
C PRO C 16 9.21 45.04 25.07
N ARG C 17 8.37 45.85 24.48
CA ARG C 17 7.37 45.31 23.51
C ARG C 17 8.09 44.65 22.33
N GLY C 18 9.15 45.25 21.84
CA GLY C 18 9.89 44.67 20.69
C GLY C 18 10.45 43.31 21.10
N MET C 19 10.99 43.20 22.28
CA MET C 19 11.54 41.90 22.74
C MET C 19 10.42 40.92 23.08
N GLY C 20 9.28 41.43 23.46
CA GLY C 20 8.13 40.54 23.80
C GLY C 20 7.56 39.92 22.52
N THR C 21 7.40 40.72 21.49
CA THR C 21 6.86 40.18 20.21
C THR C 21 7.85 39.19 19.58
N ALA C 22 9.11 39.34 19.88
CA ALA C 22 10.13 38.40 19.30
C ALA C 22 9.78 36.96 19.66
N LEU C 23 9.12 36.76 20.77
CA LEU C 23 8.75 35.36 21.18
C LEU C 23 7.75 34.77 20.20
N LYS C 24 6.72 35.51 19.85
CA LYS C 24 5.70 34.99 18.89
C LYS C 24 6.40 34.51 17.62
N LEU C 25 7.50 35.11 17.27
CA LEU C 25 8.24 34.69 16.03
C LEU C 25 8.95 33.35 16.27
N LEU C 26 9.59 33.20 17.39
CA LEU C 26 10.30 31.92 17.68
C LEU C 26 9.33 30.74 17.59
N LEU C 27 8.21 30.82 18.25
CA LEU C 27 7.23 29.70 18.21
C LEU C 27 6.77 29.49 16.77
N GLY C 28 6.72 30.53 15.98
CA GLY C 28 6.28 30.38 14.56
C GLY C 28 7.29 29.51 13.80
N ALA C 29 8.53 29.56 14.20
CA ALA C 29 9.57 28.74 13.50
C ALA C 29 9.23 27.25 13.62
N GLY C 30 8.67 26.85 14.73
CA GLY C 30 8.31 25.41 14.91
C GLY C 30 7.22 25.04 13.93
N ALA C 31 6.25 25.91 13.75
CA ALA C 31 5.14 25.61 12.80
C ALA C 31 5.69 25.50 11.38
N VAL C 32 6.63 26.33 11.02
CA VAL C 32 7.22 26.27 9.66
C VAL C 32 8.09 25.03 9.52
N ALA C 33 8.71 24.60 10.58
CA ALA C 33 9.57 23.39 10.52
C ALA C 33 8.72 22.15 10.27
N TYR C 34 7.50 22.15 10.74
CA TYR C 34 6.62 20.96 10.52
C TYR C 34 6.38 20.75 9.03
N GLY C 35 6.03 21.79 8.32
CA GLY C 35 5.79 21.66 6.85
C GLY C 35 7.06 21.15 6.17
N VAL C 36 8.20 21.52 6.69
CA VAL C 36 9.48 21.07 6.08
C VAL C 36 9.80 19.63 6.52
N ARG C 37 9.36 19.25 7.70
CA ARG C 37 9.63 17.87 8.19
C ARG C 37 9.17 16.83 7.16
N GLU C 38 8.16 17.16 6.39
CA GLU C 38 7.66 16.19 5.37
C GLU C 38 8.55 16.24 4.11
N SER C 39 9.18 17.36 3.81
CA SER C 39 10.06 17.44 2.59
C SER C 39 11.27 18.38 2.80
N VAL C 40 12.38 18.12 2.14
CA VAL C 40 13.59 19.00 2.28
C VAL C 40 14.46 18.96 1.01
N PHE C 41 15.66 19.52 1.05
CA PHE C 41 16.54 19.50 -0.17
C PHE C 41 17.83 18.71 0.10
N THR C 42 18.50 18.97 1.20
CA THR C 42 19.77 18.23 1.50
C THR C 42 19.57 16.72 1.34
N VAL C 43 20.17 16.13 0.34
CA VAL C 43 20.00 14.66 0.13
C VAL C 43 20.34 13.89 1.43
N GLU C 44 19.41 13.15 1.94
CA GLU C 44 19.67 12.39 3.19
C GLU C 44 20.77 11.35 2.98
N GLY C 45 20.44 10.23 2.38
CA GLY C 45 21.47 9.17 2.14
C GLY C 45 20.94 8.15 1.13
N GLY C 46 21.82 7.41 0.51
CA GLY C 46 21.37 6.39 -0.49
C GLY C 46 20.65 7.09 -1.63
N HIS C 47 20.94 8.35 -1.86
CA HIS C 47 20.28 9.09 -2.96
C HIS C 47 21.18 10.24 -3.43
N ARG C 48 21.02 10.63 -4.68
CA ARG C 48 21.87 11.72 -5.24
C ARG C 48 21.02 12.97 -5.58
N ALA C 49 21.62 14.14 -5.63
CA ALA C 49 20.83 15.38 -5.91
C ALA C 49 20.92 15.84 -7.39
N ILE C 50 19.88 16.51 -7.84
CA ILE C 50 19.82 17.00 -9.25
C ILE C 50 19.24 18.45 -9.25
N PHE C 51 19.59 19.27 -10.23
CA PHE C 51 19.08 20.70 -10.20
C PHE C 51 18.32 21.12 -11.46
N PHE C 52 17.36 22.01 -11.31
CA PHE C 52 16.57 22.52 -12.47
C PHE C 52 15.86 23.85 -12.09
N ASN C 53 15.58 24.69 -13.05
CA ASN C 53 14.91 26.01 -12.74
C ASN C 53 13.48 26.07 -13.33
N ARG C 54 12.61 26.85 -12.73
CA ARG C 54 11.19 26.97 -13.25
C ARG C 54 11.19 27.19 -14.77
N ILE C 55 11.75 28.29 -15.21
CA ILE C 55 11.79 28.57 -16.68
C ILE C 55 12.61 27.49 -17.39
N GLY C 56 11.99 26.43 -17.81
CA GLY C 56 12.73 25.34 -18.51
C GLY C 56 12.09 23.99 -18.18
N GLY C 57 12.03 23.65 -16.93
CA GLY C 57 11.41 22.35 -16.53
C GLY C 57 12.18 21.20 -17.18
N VAL C 58 13.26 20.78 -16.57
CA VAL C 58 14.06 19.66 -17.16
C VAL C 58 14.70 18.82 -16.04
N GLN C 59 13.90 18.07 -15.33
CA GLN C 59 14.46 17.22 -14.23
C GLN C 59 13.37 16.27 -13.72
N GLN C 60 13.49 14.99 -13.99
CA GLN C 60 12.47 14.02 -13.52
C GLN C 60 13.12 12.92 -12.68
N ASP C 61 13.92 12.09 -13.30
CA ASP C 61 14.56 10.97 -12.55
C ASP C 61 16.08 10.97 -12.79
N THR C 62 16.86 11.40 -11.82
CA THR C 62 18.35 11.42 -12.02
C THR C 62 19.10 11.61 -10.68
N ILE C 63 20.06 10.75 -10.37
CA ILE C 63 20.82 10.91 -9.08
C ILE C 63 22.37 10.85 -9.34
N LEU C 64 23.10 11.85 -8.84
CA LEU C 64 24.60 11.86 -8.99
C LEU C 64 25.29 11.31 -7.72
N ALA C 65 25.63 12.16 -6.75
CA ALA C 65 26.29 11.67 -5.48
C ALA C 65 25.83 12.49 -4.25
N GLU C 66 26.37 12.25 -3.07
CA GLU C 66 25.92 13.03 -1.85
C GLU C 66 26.82 14.24 -1.59
N GLY C 67 26.27 15.26 -1.00
CA GLY C 67 27.03 16.49 -0.68
C GLY C 67 26.28 17.27 0.41
N LEU C 68 26.93 18.10 1.18
CA LEU C 68 26.17 18.85 2.22
C LEU C 68 25.81 20.22 1.65
N HIS C 69 24.56 20.38 1.28
CA HIS C 69 24.09 21.66 0.68
C HIS C 69 22.56 21.75 0.76
N PHE C 70 22.01 22.93 0.79
CA PHE C 70 20.53 23.07 0.86
C PHE C 70 20.01 23.90 -0.31
N ARG C 71 18.79 23.66 -0.73
CA ARG C 71 18.22 24.45 -1.88
C ARG C 71 17.85 25.84 -1.37
N ILE C 72 18.84 26.59 -0.94
CA ILE C 72 18.58 27.96 -0.41
C ILE C 72 18.57 29.04 -1.53
N PRO C 73 19.48 28.93 -2.48
CA PRO C 73 19.54 29.94 -3.56
C PRO C 73 18.36 29.80 -4.53
N TRP C 74 18.15 30.78 -5.37
CA TRP C 74 17.02 30.71 -6.35
C TRP C 74 17.46 29.99 -7.63
N PHE C 75 16.61 29.94 -8.62
CA PHE C 75 16.95 29.25 -9.90
C PHE C 75 17.38 27.79 -9.65
N GLN C 76 16.68 27.10 -8.80
CA GLN C 76 17.01 25.67 -8.50
C GLN C 76 15.78 24.96 -7.93
N TYR C 77 15.67 23.68 -8.13
CA TYR C 77 14.46 22.96 -7.61
C TYR C 77 14.83 21.57 -7.11
N PRO C 78 14.03 21.05 -6.21
CA PRO C 78 14.26 19.72 -5.66
C PRO C 78 13.41 18.65 -6.37
N ILE C 79 14.05 17.85 -7.16
CA ILE C 79 13.38 16.72 -7.87
C ILE C 79 14.46 15.67 -8.08
N ILE C 80 14.42 14.59 -7.34
CA ILE C 80 15.52 13.58 -7.45
C ILE C 80 14.98 12.17 -7.67
N TYR C 81 15.80 11.31 -8.22
CA TYR C 81 15.38 9.90 -8.49
C TYR C 81 15.85 8.99 -7.36
N ASP C 82 15.15 7.92 -7.11
CA ASP C 82 15.55 6.99 -6.01
C ASP C 82 15.67 5.55 -6.53
N ILE C 83 16.51 4.76 -5.92
CA ILE C 83 16.67 3.35 -6.37
C ILE C 83 15.67 2.44 -5.65
N ARG C 84 15.26 1.37 -6.29
CA ARG C 84 14.29 0.44 -5.64
C ARG C 84 14.18 -0.84 -6.46
N ALA C 85 13.42 -1.80 -5.98
CA ALA C 85 13.27 -3.09 -6.74
C ALA C 85 12.69 -2.79 -8.13
N ARG C 86 13.04 -3.60 -9.11
CA ARG C 86 12.52 -3.36 -10.48
C ARG C 86 12.14 -4.69 -11.15
N PRO C 87 10.86 -4.89 -11.33
CA PRO C 87 10.36 -6.13 -11.98
C PRO C 87 10.04 -5.84 -13.45
N ARG C 88 10.73 -6.48 -14.37
CA ARG C 88 10.45 -6.23 -15.81
C ARG C 88 10.97 -7.42 -16.67
N LYS C 89 10.06 -8.24 -17.20
CA LYS C 89 10.50 -9.45 -18.03
C LYS C 89 9.35 -9.97 -18.93
N ILE C 90 9.66 -10.63 -20.04
CA ILE C 90 8.56 -11.17 -20.95
C ILE C 90 8.74 -12.65 -21.29
N SER C 91 7.64 -13.31 -21.58
CA SER C 91 7.70 -14.75 -21.99
C SER C 91 7.03 -14.89 -23.37
N SER C 92 7.78 -15.16 -24.40
CA SER C 92 7.16 -15.28 -25.76
C SER C 92 8.05 -16.11 -26.70
N PRO C 93 7.42 -16.72 -27.67
CA PRO C 93 8.15 -17.56 -28.64
C PRO C 93 8.41 -16.78 -29.94
N THR C 94 9.47 -17.11 -30.63
CA THR C 94 9.79 -16.39 -31.90
C THR C 94 10.43 -17.36 -32.90
N GLY C 95 10.19 -17.19 -34.17
CA GLY C 95 10.78 -18.10 -35.18
C GLY C 95 11.57 -17.29 -36.20
N SER C 96 12.71 -17.79 -36.62
CA SER C 96 13.53 -17.06 -37.61
C SER C 96 14.67 -17.94 -38.14
N LYS C 97 15.63 -18.26 -37.31
CA LYS C 97 16.75 -19.12 -37.76
C LYS C 97 16.25 -20.52 -38.12
N ASP C 98 15.56 -21.16 -37.22
CA ASP C 98 15.04 -22.53 -37.50
C ASP C 98 13.54 -22.47 -37.82
N LEU C 99 13.06 -23.40 -38.61
CA LEU C 99 11.61 -23.40 -38.96
C LEU C 99 10.76 -23.52 -37.68
N GLN C 100 11.28 -24.16 -36.67
CA GLN C 100 10.51 -24.31 -35.40
C GLN C 100 10.38 -22.95 -34.71
N MET C 101 10.08 -22.95 -33.44
CA MET C 101 9.94 -21.65 -32.71
C MET C 101 10.72 -21.70 -31.39
N VAL C 102 11.28 -20.60 -30.99
CA VAL C 102 12.05 -20.57 -29.70
C VAL C 102 11.65 -19.33 -28.89
N ASN C 103 11.56 -19.47 -27.60
CA ASN C 103 11.18 -18.30 -26.75
C ASN C 103 12.41 -17.70 -26.07
N ILE C 104 12.37 -16.42 -25.80
CA ILE C 104 13.52 -15.75 -25.12
C ILE C 104 13.02 -14.79 -24.05
N SER C 105 13.32 -15.04 -22.81
CA SER C 105 12.84 -14.14 -21.72
C SER C 105 13.99 -13.78 -20.78
N LEU C 106 14.43 -12.54 -20.81
CA LEU C 106 15.54 -12.12 -19.92
C LEU C 106 15.11 -10.95 -19.03
N ARG C 107 15.67 -10.83 -17.86
CA ARG C 107 15.29 -9.72 -16.94
C ARG C 107 16.52 -8.83 -16.67
N VAL C 108 16.31 -7.55 -16.56
CA VAL C 108 17.46 -6.63 -16.29
C VAL C 108 17.39 -6.10 -14.86
N LEU C 109 18.51 -5.78 -14.27
CA LEU C 109 18.51 -5.26 -12.88
C LEU C 109 19.08 -3.85 -12.84
N SER C 110 18.66 -3.05 -11.89
CA SER C 110 19.19 -1.66 -11.79
C SER C 110 20.22 -1.55 -10.67
N ARG C 111 21.19 -0.69 -10.81
CA ARG C 111 22.22 -0.54 -9.75
C ARG C 111 22.89 0.85 -9.85
N PRO C 112 23.06 1.48 -8.71
CA PRO C 112 23.69 2.83 -8.69
C PRO C 112 25.19 2.72 -8.97
N ASN C 113 25.98 2.37 -7.98
CA ASN C 113 27.46 2.26 -8.19
C ASN C 113 28.04 3.58 -8.71
N ALA C 114 28.03 3.79 -10.01
CA ALA C 114 28.57 5.06 -10.57
C ALA C 114 27.70 6.24 -10.13
N GLN C 115 27.90 7.38 -10.73
CA GLN C 115 27.08 8.58 -10.37
C GLN C 115 27.15 9.63 -11.48
N GLU C 116 26.16 9.66 -12.33
CA GLU C 116 26.18 10.67 -13.44
C GLU C 116 24.80 10.75 -14.11
N LEU C 117 23.77 10.97 -13.34
CA LEU C 117 22.41 11.08 -13.95
C LEU C 117 22.14 12.48 -14.54
N PRO C 118 22.79 13.51 -14.03
CA PRO C 118 22.56 14.87 -14.59
C PRO C 118 23.08 14.98 -16.02
N SER C 119 24.32 14.65 -16.27
CA SER C 119 24.85 14.74 -17.67
C SER C 119 23.92 13.98 -18.62
N MET C 120 23.49 12.81 -18.22
CA MET C 120 22.58 11.99 -19.08
C MET C 120 21.12 12.45 -18.94
N TYR C 121 20.79 13.17 -17.89
CA TYR C 121 19.37 13.60 -17.68
C TYR C 121 18.75 14.16 -18.98
N GLN C 122 19.37 15.12 -19.61
CA GLN C 122 18.77 15.69 -20.86
C GLN C 122 19.08 14.78 -22.05
N ARG C 123 20.08 13.94 -21.93
CA ARG C 123 20.42 13.03 -23.06
C ARG C 123 19.48 11.82 -23.07
N LEU C 124 19.05 11.39 -21.92
CA LEU C 124 18.12 10.22 -21.86
C LEU C 124 16.69 10.66 -22.16
N GLY C 125 16.13 11.48 -21.31
CA GLY C 125 14.73 11.96 -21.54
C GLY C 125 13.87 11.61 -20.33
N LEU C 126 12.59 11.44 -20.52
CA LEU C 126 11.70 11.10 -19.38
C LEU C 126 12.05 9.72 -18.82
N ASP C 127 11.09 9.03 -18.25
CA ASP C 127 11.38 7.68 -17.69
C ASP C 127 12.03 6.79 -18.76
N TYR C 128 13.33 6.67 -18.72
CA TYR C 128 14.04 5.83 -19.73
C TYR C 128 13.88 4.34 -19.39
N GLU C 129 13.91 4.00 -18.13
CA GLU C 129 13.76 2.56 -17.73
C GLU C 129 12.51 1.95 -18.38
N GLU C 130 11.57 2.76 -18.77
CA GLU C 130 10.33 2.22 -19.40
C GLU C 130 10.63 1.72 -20.83
N ARG C 131 10.98 2.62 -21.71
CA ARG C 131 11.27 2.22 -23.12
C ARG C 131 12.69 1.66 -23.28
N VAL C 132 13.66 2.30 -22.68
CA VAL C 132 15.08 1.82 -22.82
C VAL C 132 15.21 0.35 -22.39
N LEU C 133 14.47 -0.08 -21.40
CA LEU C 133 14.60 -1.50 -20.95
C LEU C 133 14.27 -2.46 -22.10
N PRO C 134 13.04 -2.41 -22.58
CA PRO C 134 12.61 -3.30 -23.68
C PRO C 134 13.27 -2.87 -25.01
N SER C 135 13.29 -1.60 -25.29
CA SER C 135 13.90 -1.13 -26.57
C SER C 135 15.33 -1.66 -26.71
N ILE C 136 16.12 -1.59 -25.67
CA ILE C 136 17.51 -2.10 -25.76
C ILE C 136 17.55 -3.62 -25.59
N VAL C 137 16.77 -4.15 -24.70
CA VAL C 137 16.77 -5.63 -24.48
C VAL C 137 15.93 -6.34 -25.54
N ASN C 138 14.65 -6.07 -25.59
CA ASN C 138 13.76 -6.74 -26.59
C ASN C 138 14.38 -6.72 -27.99
N GLU C 139 15.06 -5.67 -28.34
CA GLU C 139 15.68 -5.60 -29.69
C GLU C 139 16.65 -6.77 -29.88
N VAL C 140 17.68 -6.84 -29.08
CA VAL C 140 18.66 -7.96 -29.21
C VAL C 140 18.05 -9.26 -28.66
N LEU C 141 17.13 -9.14 -27.75
CA LEU C 141 16.48 -10.36 -27.16
C LEU C 141 15.80 -11.19 -28.26
N LYS C 142 14.89 -10.60 -28.98
CA LYS C 142 14.18 -11.35 -30.05
C LYS C 142 15.04 -11.41 -31.32
N SER C 143 16.00 -10.54 -31.45
CA SER C 143 16.86 -10.56 -32.67
C SER C 143 17.82 -11.76 -32.62
N VAL C 144 18.41 -12.02 -31.49
CA VAL C 144 19.35 -13.18 -31.38
C VAL C 144 18.64 -14.48 -31.76
N VAL C 145 17.33 -14.50 -31.68
CA VAL C 145 16.58 -15.74 -32.03
C VAL C 145 16.88 -16.15 -33.48
N ALA C 146 17.05 -15.18 -34.34
CA ALA C 146 17.34 -15.50 -35.76
C ALA C 146 18.83 -15.84 -35.94
N LYS C 147 19.66 -15.41 -35.02
CA LYS C 147 21.12 -15.70 -35.12
C LYS C 147 21.40 -17.13 -34.65
N PHE C 148 20.99 -17.47 -33.46
CA PHE C 148 21.24 -18.85 -32.94
C PHE C 148 20.16 -19.81 -33.45
N ASN C 149 20.35 -21.09 -33.25
CA ASN C 149 19.35 -22.08 -33.72
C ASN C 149 18.41 -22.48 -32.57
N ALA C 150 17.37 -23.21 -32.86
CA ALA C 150 16.43 -23.64 -31.79
C ALA C 150 17.00 -24.83 -31.03
N SER C 151 17.55 -25.79 -31.72
CA SER C 151 18.13 -26.98 -31.04
C SER C 151 19.22 -26.57 -30.05
N GLN C 152 19.86 -25.45 -30.29
CA GLN C 152 20.93 -24.98 -29.38
C GLN C 152 20.32 -24.31 -28.14
N LEU C 153 19.10 -23.85 -28.24
CA LEU C 153 18.46 -23.18 -27.07
C LEU C 153 17.92 -24.22 -26.08
N ILE C 154 17.26 -25.23 -26.56
CA ILE C 154 16.70 -26.26 -25.65
C ILE C 154 17.80 -26.90 -24.80
N THR C 155 19.02 -26.93 -25.30
CA THR C 155 20.13 -27.55 -24.51
C THR C 155 20.22 -26.87 -23.14
N GLN C 156 20.10 -25.58 -23.09
CA GLN C 156 20.17 -24.85 -21.79
C GLN C 156 19.79 -23.39 -21.99
N ARG C 157 18.61 -23.02 -21.59
CA ARG C 157 18.17 -21.59 -21.76
C ARG C 157 19.21 -20.64 -21.15
N ALA C 158 19.98 -21.11 -20.20
CA ALA C 158 21.01 -20.23 -19.57
C ALA C 158 22.25 -20.12 -20.47
N GLN C 159 22.45 -21.06 -21.35
CA GLN C 159 23.65 -21.01 -22.24
C GLN C 159 23.65 -19.70 -23.05
N VAL C 160 22.50 -19.29 -23.54
CA VAL C 160 22.43 -18.04 -24.34
C VAL C 160 22.89 -16.84 -23.49
N SER C 161 22.88 -16.98 -22.19
CA SER C 161 23.32 -15.85 -21.32
C SER C 161 24.73 -15.38 -21.70
N LEU C 162 25.53 -16.27 -22.23
CA LEU C 162 26.91 -15.87 -22.63
C LEU C 162 26.88 -14.99 -23.87
N LEU C 163 25.98 -15.27 -24.79
CA LEU C 163 25.89 -14.44 -26.03
C LEU C 163 25.33 -13.05 -25.71
N ILE C 164 24.29 -12.99 -24.92
CA ILE C 164 23.69 -11.67 -24.57
C ILE C 164 24.57 -10.94 -23.55
N ARG C 165 25.32 -11.67 -22.76
CA ARG C 165 26.18 -11.01 -21.74
C ARG C 165 27.23 -10.12 -22.43
N ARG C 166 27.58 -10.44 -23.64
CA ARG C 166 28.59 -9.63 -24.37
C ARG C 166 27.96 -8.35 -24.94
N GLU C 167 26.77 -8.47 -25.48
CA GLU C 167 26.09 -7.28 -26.07
C GLU C 167 25.44 -6.43 -24.97
N LEU C 168 24.83 -7.05 -24.00
CA LEU C 168 24.17 -6.28 -22.91
C LEU C 168 25.20 -5.38 -22.19
N THR C 169 26.44 -5.75 -22.21
CA THR C 169 27.49 -4.93 -21.54
C THR C 169 27.61 -3.57 -22.22
N GLU C 170 27.63 -3.55 -23.53
CA GLU C 170 27.75 -2.26 -24.27
C GLU C 170 26.39 -1.55 -24.33
N ARG C 171 25.32 -2.29 -24.23
CA ARG C 171 23.96 -1.67 -24.29
C ARG C 171 23.65 -0.97 -22.96
N ALA C 172 23.84 -1.64 -21.86
CA ALA C 172 23.55 -1.02 -20.54
C ALA C 172 24.38 0.25 -20.35
N LYS C 173 25.64 0.20 -20.69
CA LYS C 173 26.50 1.40 -20.54
C LYS C 173 26.01 2.53 -21.45
N ASP C 174 25.24 2.21 -22.46
CA ASP C 174 24.75 3.26 -23.39
C ASP C 174 24.11 4.42 -22.62
N PHE C 175 23.15 4.13 -21.77
CA PHE C 175 22.50 5.23 -21.00
C PHE C 175 23.16 5.36 -19.61
N SER C 176 23.83 6.46 -19.38
CA SER C 176 24.51 6.67 -18.06
C SER C 176 25.36 5.45 -17.68
N LEU C 177 25.94 5.47 -16.52
CA LEU C 177 26.79 4.32 -16.09
C LEU C 177 26.02 3.46 -15.08
N ILE C 178 25.88 2.19 -15.35
CA ILE C 178 25.13 1.31 -14.41
C ILE C 178 25.61 -0.14 -14.55
N LEU C 179 25.52 -0.90 -13.49
CA LEU C 179 25.96 -2.32 -13.54
C LEU C 179 24.73 -3.24 -13.68
N ASP C 180 24.85 -4.31 -14.40
CA ASP C 180 23.69 -5.23 -14.56
C ASP C 180 24.16 -6.68 -14.66
N ASP C 181 23.33 -7.60 -14.27
CA ASP C 181 23.71 -9.05 -14.35
C ASP C 181 23.07 -9.69 -15.58
N VAL C 182 23.76 -10.56 -16.25
CA VAL C 182 23.17 -11.19 -17.47
C VAL C 182 22.69 -12.61 -17.17
N ALA C 183 21.41 -12.82 -17.26
CA ALA C 183 20.82 -14.17 -17.00
C ALA C 183 19.45 -14.24 -17.67
N ILE C 184 19.00 -15.40 -18.05
CA ILE C 184 17.70 -15.47 -18.76
C ILE C 184 16.78 -16.60 -18.23
N THR C 185 15.62 -16.23 -17.76
CA THR C 185 14.64 -17.26 -17.29
C THR C 185 13.60 -17.40 -18.40
N GLU C 186 13.58 -18.51 -19.09
CA GLU C 186 12.61 -18.61 -20.22
C GLU C 186 12.27 -20.06 -20.59
N LEU C 187 11.09 -20.25 -21.12
CA LEU C 187 10.65 -21.60 -21.56
C LEU C 187 10.40 -21.53 -23.07
N SER C 188 11.03 -22.39 -23.83
CA SER C 188 10.85 -22.33 -25.31
C SER C 188 9.90 -23.42 -25.82
N PHE C 189 9.27 -23.18 -26.94
CA PHE C 189 8.31 -24.16 -27.52
C PHE C 189 8.98 -24.96 -28.63
N SER C 190 8.55 -26.18 -28.84
CA SER C 190 9.17 -27.02 -29.91
C SER C 190 8.21 -28.15 -30.31
N MET D 1 2.01 71.97 -5.11
CA MET D 1 1.55 72.02 -3.69
C MET D 1 1.02 70.64 -3.27
N ALA D 2 1.90 69.75 -2.90
CA ALA D 2 1.45 68.39 -2.48
C ALA D 2 1.67 68.21 -0.97
N GLN D 3 0.75 68.68 -0.17
CA GLN D 3 0.90 68.54 1.31
C GLN D 3 0.42 67.15 1.75
N ASN D 4 -0.56 66.61 1.09
CA ASN D 4 -1.08 65.27 1.47
C ASN D 4 0.01 64.20 1.28
N LEU D 5 0.91 64.43 0.35
CA LEU D 5 2.00 63.44 0.10
C LEU D 5 2.94 63.39 1.31
N LYS D 6 3.06 64.47 2.03
CA LYS D 6 3.97 64.49 3.22
C LYS D 6 3.22 63.94 4.45
N ASP D 7 1.93 64.11 4.49
CA ASP D 7 1.15 63.60 5.67
C ASP D 7 1.06 62.08 5.61
N LEU D 8 0.60 61.54 4.51
CA LEU D 8 0.49 60.06 4.39
C LEU D 8 1.86 59.40 4.52
N ALA D 9 2.89 60.09 4.08
CA ALA D 9 4.26 59.51 4.17
C ALA D 9 4.71 59.42 5.64
N GLY D 10 4.15 60.25 6.49
CA GLY D 10 4.54 60.23 7.92
C GLY D 10 4.03 58.93 8.57
N ARG D 11 3.05 58.30 7.97
CA ARG D 11 2.51 57.04 8.56
C ARG D 11 3.58 55.94 8.56
N LEU D 12 4.54 56.02 7.68
CA LEU D 12 5.60 54.97 7.63
C LEU D 12 6.54 55.09 8.85
N PRO D 13 7.17 56.24 8.98
CA PRO D 13 8.10 56.45 10.11
C PRO D 13 7.31 56.58 11.43
N ALA D 14 6.79 55.50 11.92
CA ALA D 14 6.01 55.56 13.20
C ALA D 14 6.14 54.23 13.95
N GLY D 15 5.28 53.99 14.90
CA GLY D 15 5.35 52.72 15.67
C GLY D 15 4.06 52.53 16.48
N PRO D 16 2.94 52.57 15.80
CA PRO D 16 1.63 52.40 16.48
C PRO D 16 1.44 50.93 16.88
N ARG D 17 0.28 50.60 17.39
CA ARG D 17 0.04 49.18 17.80
C ARG D 17 -0.12 48.30 16.56
N GLY D 18 -0.43 48.88 15.43
CA GLY D 18 -0.58 48.07 14.19
C GLY D 18 0.74 47.37 13.86
N MET D 19 1.84 47.99 14.21
CA MET D 19 3.16 47.36 13.92
C MET D 19 3.32 46.05 14.72
N GLY D 20 2.82 46.03 15.93
CA GLY D 20 2.92 44.79 16.76
C GLY D 20 2.05 43.69 16.15
N THR D 21 0.82 44.01 15.85
CA THR D 21 -0.09 42.98 15.26
C THR D 21 0.42 42.56 13.88
N ALA D 22 1.15 43.42 13.22
CA ALA D 22 1.67 43.06 11.87
C ALA D 22 2.51 41.79 11.94
N LEU D 23 3.19 41.58 13.04
CA LEU D 23 4.01 40.34 13.18
C LEU D 23 3.12 39.10 13.15
N LYS D 24 1.99 39.15 13.83
CA LYS D 24 1.08 37.98 13.83
C LYS D 24 0.74 37.56 12.39
N LEU D 25 0.75 38.50 11.49
CA LEU D 25 0.44 38.17 10.07
C LEU D 25 1.59 37.39 9.43
N LEU D 26 2.81 37.85 9.63
CA LEU D 26 3.99 37.14 9.05
C LEU D 26 4.02 35.68 9.54
N LEU D 27 3.61 35.44 10.75
CA LEU D 27 3.61 34.05 11.28
C LEU D 27 2.56 33.21 10.56
N GLY D 28 1.47 33.81 10.18
CA GLY D 28 0.40 33.05 9.47
C GLY D 28 0.94 32.52 8.15
N ALA D 29 1.89 33.20 7.57
CA ALA D 29 2.46 32.74 6.27
C ALA D 29 3.05 31.33 6.43
N GLY D 30 3.56 31.03 7.58
CA GLY D 30 4.16 29.67 7.79
C GLY D 30 3.04 28.63 7.90
N ALA D 31 1.91 29.03 8.43
CA ALA D 31 0.78 28.07 8.57
C ALA D 31 0.06 27.90 7.23
N VAL D 32 0.02 28.93 6.43
CA VAL D 32 -0.66 28.83 5.10
C VAL D 32 0.21 28.04 4.14
N ALA D 33 1.50 28.21 4.20
CA ALA D 33 2.41 27.46 3.28
C ALA D 33 2.28 25.96 3.51
N TYR D 34 2.03 25.56 4.73
CA TYR D 34 1.90 24.10 5.02
C TYR D 34 0.75 23.50 4.20
N GLY D 35 -0.38 24.16 4.18
CA GLY D 35 -1.54 23.65 3.40
C GLY D 35 -1.14 23.54 1.92
N VAL D 36 -0.31 24.42 1.46
CA VAL D 36 0.13 24.38 0.04
C VAL D 36 1.18 23.27 -0.15
N ARG D 37 1.93 22.98 0.87
CA ARG D 37 2.97 21.92 0.76
C ARG D 37 2.34 20.61 0.26
N GLU D 38 1.12 20.34 0.66
CA GLU D 38 0.46 19.08 0.20
C GLU D 38 -0.11 19.24 -1.24
N SER D 39 -0.46 20.44 -1.65
CA SER D 39 -1.01 20.61 -3.05
C SER D 39 -0.55 21.94 -3.69
N VAL D 40 -0.58 22.03 -5.01
CA VAL D 40 -0.15 23.29 -5.71
C VAL D 40 -0.59 23.28 -7.19
N PHE D 41 -0.41 24.38 -7.91
CA PHE D 41 -0.83 24.39 -9.36
C PHE D 41 0.38 24.44 -10.31
N THR D 42 1.54 24.88 -9.85
CA THR D 42 2.73 24.92 -10.78
C THR D 42 2.97 23.53 -11.37
N VAL D 43 3.98 23.37 -12.19
CA VAL D 43 4.21 22.02 -12.80
C VAL D 43 5.70 21.62 -12.74
N GLU D 44 5.97 20.33 -12.78
CA GLU D 44 7.37 19.80 -12.68
C GLU D 44 8.24 20.12 -13.94
N GLY D 45 8.52 19.15 -14.79
CA GLY D 45 9.37 19.40 -16.02
C GLY D 45 8.60 19.03 -17.29
N GLY D 46 8.99 19.57 -18.44
CA GLY D 46 8.25 19.27 -19.71
C GLY D 46 6.83 19.81 -19.55
N HIS D 47 6.42 20.82 -20.29
CA HIS D 47 5.06 21.38 -20.02
C HIS D 47 3.96 20.84 -20.90
N ARG D 48 3.03 20.25 -20.23
CA ARG D 48 1.81 19.75 -20.87
C ARG D 48 0.74 20.01 -19.82
N ALA D 49 -0.08 21.01 -19.97
CA ALA D 49 -1.07 21.29 -18.90
C ALA D 49 -2.44 21.53 -19.48
N ILE D 50 -3.44 21.32 -18.69
CA ILE D 50 -4.84 21.45 -19.18
C ILE D 50 -5.61 22.53 -18.40
N PHE D 51 -6.50 23.22 -19.07
CA PHE D 51 -7.31 24.29 -18.40
C PHE D 51 -8.79 23.97 -18.49
N PHE D 52 -9.55 24.28 -17.46
CA PHE D 52 -11.01 23.98 -17.49
C PHE D 52 -11.75 24.84 -16.45
N ASN D 53 -13.01 25.14 -16.68
CA ASN D 53 -13.79 25.99 -15.71
C ASN D 53 -14.86 25.16 -14.99
N ARG D 54 -15.23 25.57 -13.78
CA ARG D 54 -16.28 24.81 -13.01
C ARG D 54 -17.53 24.58 -13.87
N ILE D 55 -17.56 23.51 -14.61
CA ILE D 55 -18.76 23.20 -15.46
C ILE D 55 -18.89 21.69 -15.65
N GLY D 56 -19.47 21.26 -16.74
CA GLY D 56 -19.64 19.79 -16.98
C GLY D 56 -18.30 19.16 -17.36
N GLY D 57 -18.11 17.90 -17.06
CA GLY D 57 -16.82 17.23 -17.40
C GLY D 57 -15.66 17.95 -16.70
N VAL D 58 -14.51 17.34 -16.66
CA VAL D 58 -13.34 18.00 -16.00
C VAL D 58 -12.02 17.54 -16.64
N GLN D 59 -12.01 17.37 -17.93
CA GLN D 59 -10.77 16.93 -18.63
C GLN D 59 -10.29 15.57 -18.10
N GLN D 60 -10.18 14.58 -18.97
CA GLN D 60 -9.72 13.24 -18.53
C GLN D 60 -8.22 13.06 -18.82
N ASP D 61 -7.87 12.42 -19.91
CA ASP D 61 -6.42 12.26 -20.24
C ASP D 61 -5.77 13.64 -20.37
N THR D 62 -5.13 14.10 -19.31
CA THR D 62 -4.50 15.45 -19.33
C THR D 62 -3.41 15.54 -18.24
N ILE D 63 -2.16 15.88 -18.57
CA ILE D 63 -1.07 15.95 -17.49
C ILE D 63 -0.34 17.31 -17.50
N LEU D 64 0.79 17.42 -16.80
CA LEU D 64 1.58 18.71 -16.79
C LEU D 64 2.90 18.61 -16.02
N ALA D 65 3.76 19.60 -16.19
CA ALA D 65 5.09 19.65 -15.47
C ALA D 65 6.09 20.55 -16.23
N GLU D 66 6.67 21.55 -15.58
CA GLU D 66 7.70 22.45 -16.26
C GLU D 66 7.67 23.90 -15.72
N GLY D 67 6.77 24.71 -16.20
CA GLY D 67 6.71 26.15 -15.77
C GLY D 67 5.61 26.37 -14.74
N LEU D 68 5.69 27.42 -13.95
CA LEU D 68 4.61 27.63 -12.93
C LEU D 68 3.55 28.58 -13.49
N HIS D 69 2.42 28.02 -13.90
CA HIS D 69 1.30 28.86 -14.43
C HIS D 69 0.00 28.05 -14.46
N PHE D 70 -0.95 28.32 -13.59
CA PHE D 70 -2.27 27.57 -13.62
C PHE D 70 -2.98 27.67 -12.27
N ARG D 71 -4.27 27.40 -12.26
CA ARG D 71 -5.06 27.47 -10.99
C ARG D 71 -4.84 28.81 -10.29
N ILE D 72 -4.45 29.83 -11.01
CA ILE D 72 -4.23 31.16 -10.39
C ILE D 72 -5.54 31.97 -10.33
N PRO D 73 -6.27 32.01 -11.44
CA PRO D 73 -7.54 32.77 -11.46
C PRO D 73 -8.64 31.98 -10.74
N TRP D 74 -9.88 32.36 -10.94
CA TRP D 74 -11.00 31.63 -10.27
C TRP D 74 -11.95 31.04 -11.30
N PHE D 75 -11.56 31.00 -12.55
CA PHE D 75 -12.46 30.43 -13.60
C PHE D 75 -11.78 29.26 -14.32
N GLN D 76 -10.51 29.05 -14.11
CA GLN D 76 -9.82 27.91 -14.79
C GLN D 76 -9.27 26.93 -13.76
N TYR D 77 -9.26 25.67 -14.10
CA TYR D 77 -8.74 24.64 -13.17
C TYR D 77 -7.94 23.60 -13.95
N PRO D 78 -6.75 23.30 -13.48
CA PRO D 78 -5.92 22.32 -14.18
C PRO D 78 -6.01 20.94 -13.54
N ILE D 79 -6.65 20.02 -14.21
CA ILE D 79 -6.71 18.62 -13.69
C ILE D 79 -5.74 17.81 -14.55
N ILE D 80 -4.60 17.43 -14.01
CA ILE D 80 -3.59 16.72 -14.85
C ILE D 80 -3.37 15.26 -14.41
N TYR D 81 -2.95 14.45 -15.35
CA TYR D 81 -2.71 13.00 -15.13
C TYR D 81 -1.22 12.72 -14.93
N ASP D 82 -0.87 11.68 -14.21
CA ASP D 82 0.57 11.36 -14.00
C ASP D 82 0.97 10.17 -14.89
N ILE D 83 2.22 10.10 -15.27
CA ILE D 83 2.67 8.96 -16.15
C ILE D 83 2.77 7.66 -15.35
N ARG D 84 2.76 6.54 -16.04
CA ARG D 84 2.86 5.21 -15.34
C ARG D 84 2.84 4.08 -16.38
N ALA D 85 3.40 2.94 -16.04
CA ALA D 85 3.39 1.80 -17.01
C ALA D 85 1.96 1.43 -17.39
N ARG D 86 1.79 0.33 -18.08
CA ARG D 86 0.40 -0.08 -18.47
C ARG D 86 0.34 -1.57 -18.77
N PRO D 87 -0.32 -2.31 -17.89
CA PRO D 87 -0.48 -3.76 -18.08
C PRO D 87 -1.85 -4.06 -18.64
N ARG D 88 -1.94 -4.48 -19.88
CA ARG D 88 -3.26 -4.78 -20.48
C ARG D 88 -3.09 -5.72 -21.70
N LYS D 89 -3.48 -6.99 -21.59
CA LYS D 89 -3.31 -7.95 -22.74
C LYS D 89 -4.22 -9.21 -22.61
N ILE D 90 -4.59 -9.82 -23.72
CA ILE D 90 -5.43 -11.08 -23.67
C ILE D 90 -5.19 -11.95 -24.90
N SER D 91 -5.40 -13.24 -24.77
CA SER D 91 -5.23 -14.14 -25.94
C SER D 91 -6.62 -14.50 -26.49
N SER D 92 -6.93 -14.08 -27.69
CA SER D 92 -8.27 -14.38 -28.27
C SER D 92 -8.20 -15.54 -29.27
N PRO D 93 -8.88 -16.62 -28.96
CA PRO D 93 -8.91 -17.79 -29.84
C PRO D 93 -10.19 -17.80 -30.68
N THR D 94 -10.08 -17.60 -31.97
CA THR D 94 -11.29 -17.59 -32.83
C THR D 94 -11.04 -18.39 -34.11
N GLY D 95 -12.05 -19.06 -34.62
CA GLY D 95 -11.86 -19.85 -35.87
C GLY D 95 -12.88 -19.42 -36.92
N SER D 96 -12.46 -19.25 -38.14
CA SER D 96 -13.41 -18.84 -39.21
C SER D 96 -12.77 -19.00 -40.59
N LYS D 97 -11.56 -18.52 -40.76
CA LYS D 97 -10.89 -18.66 -42.08
C LYS D 97 -10.42 -20.09 -42.30
N ASP D 98 -10.33 -20.88 -41.26
CA ASP D 98 -9.87 -22.29 -41.42
C ASP D 98 -10.80 -23.23 -40.65
N LEU D 99 -10.73 -24.51 -40.93
CA LEU D 99 -11.58 -25.49 -40.21
C LEU D 99 -11.01 -25.79 -38.82
N GLN D 100 -9.71 -25.75 -38.69
CA GLN D 100 -9.08 -26.02 -37.37
C GLN D 100 -9.34 -24.85 -36.41
N MET D 101 -8.52 -24.71 -35.41
CA MET D 101 -8.71 -23.59 -34.44
C MET D 101 -7.51 -22.64 -34.46
N VAL D 102 -7.73 -21.39 -34.76
CA VAL D 102 -6.61 -20.42 -34.80
C VAL D 102 -6.81 -19.35 -33.72
N ASN D 103 -5.75 -18.79 -33.22
CA ASN D 103 -5.88 -17.74 -32.16
C ASN D 103 -5.11 -16.49 -32.55
N ILE D 104 -5.74 -15.34 -32.47
CA ILE D 104 -5.05 -14.08 -32.83
C ILE D 104 -5.33 -13.02 -31.77
N SER D 105 -4.33 -12.36 -31.28
CA SER D 105 -4.55 -11.32 -30.24
C SER D 105 -3.69 -10.09 -30.55
N LEU D 106 -4.16 -8.92 -30.18
CA LEU D 106 -3.36 -7.68 -30.45
C LEU D 106 -3.64 -6.64 -29.37
N ARG D 107 -2.61 -6.16 -28.71
CA ARG D 107 -2.82 -5.15 -27.64
C ARG D 107 -2.47 -3.75 -28.16
N VAL D 108 -3.15 -2.74 -27.67
CA VAL D 108 -2.86 -1.36 -28.14
C VAL D 108 -2.10 -0.58 -27.06
N LEU D 109 -1.29 0.37 -27.44
CA LEU D 109 -0.53 1.16 -26.43
C LEU D 109 -0.39 2.61 -26.90
N SER D 110 -0.67 3.55 -26.04
CA SER D 110 -0.55 4.98 -26.43
C SER D 110 0.32 5.74 -25.42
N ARG D 111 1.48 6.18 -25.85
CA ARG D 111 2.39 6.93 -24.93
C ARG D 111 2.47 8.39 -25.37
N PRO D 112 2.26 9.29 -24.42
CA PRO D 112 2.31 10.74 -24.73
C PRO D 112 3.76 11.19 -24.96
N ASN D 113 3.94 12.28 -25.65
CA ASN D 113 5.32 12.77 -25.92
C ASN D 113 5.28 14.24 -26.34
N ALA D 114 4.49 14.57 -27.32
CA ALA D 114 4.40 15.98 -27.80
C ALA D 114 3.12 16.64 -27.28
N GLN D 115 2.81 16.45 -26.01
CA GLN D 115 1.57 17.05 -25.45
C GLN D 115 0.34 16.67 -26.29
N GLU D 116 -0.33 15.62 -25.93
CA GLU D 116 -1.52 15.19 -26.71
C GLU D 116 -2.71 14.93 -25.78
N LEU D 117 -2.58 15.24 -24.51
CA LEU D 117 -3.70 15.01 -23.56
C LEU D 117 -4.75 16.14 -23.61
N PRO D 118 -4.38 17.32 -24.08
CA PRO D 118 -5.34 18.45 -24.12
C PRO D 118 -6.30 18.36 -25.33
N SER D 119 -5.81 18.51 -26.54
CA SER D 119 -6.73 18.45 -27.72
C SER D 119 -7.42 17.09 -27.80
N MET D 120 -6.75 16.05 -27.42
CA MET D 120 -7.37 14.70 -27.49
C MET D 120 -8.29 14.46 -26.28
N TYR D 121 -8.14 15.22 -25.23
CA TYR D 121 -9.01 15.01 -24.04
C TYR D 121 -10.49 14.93 -24.44
N GLN D 122 -10.98 15.89 -25.17
CA GLN D 122 -12.41 15.86 -25.59
C GLN D 122 -12.59 14.92 -26.80
N ARG D 123 -11.58 14.78 -27.62
CA ARG D 123 -11.69 13.88 -28.80
C ARG D 123 -11.49 12.41 -28.37
N LEU D 124 -10.89 12.20 -27.23
CA LEU D 124 -10.65 10.80 -26.75
C LEU D 124 -12.00 10.08 -26.56
N GLY D 125 -12.79 10.52 -25.62
CA GLY D 125 -14.10 9.84 -25.39
C GLY D 125 -14.56 10.07 -23.94
N LEU D 126 -15.53 9.33 -23.50
CA LEU D 126 -16.02 9.50 -22.10
C LEU D 126 -15.03 8.90 -21.10
N ASP D 127 -14.92 7.59 -21.08
CA ASP D 127 -13.97 6.94 -20.13
C ASP D 127 -12.53 7.36 -20.47
N TYR D 128 -11.56 6.58 -20.08
CA TYR D 128 -10.15 6.94 -20.38
C TYR D 128 -9.54 5.89 -21.30
N GLU D 129 -8.56 5.14 -20.85
CA GLU D 129 -7.94 4.10 -21.72
C GLU D 129 -8.80 2.84 -21.73
N GLU D 130 -9.41 2.51 -20.63
CA GLU D 130 -10.26 1.28 -20.55
C GLU D 130 -11.30 1.26 -21.68
N ARG D 131 -11.59 2.39 -22.26
CA ARG D 131 -12.62 2.43 -23.35
C ARG D 131 -11.99 1.98 -24.68
N VAL D 132 -10.96 2.65 -25.11
CA VAL D 132 -10.31 2.29 -26.41
C VAL D 132 -9.36 1.10 -26.26
N LEU D 133 -8.93 0.79 -25.07
CA LEU D 133 -7.99 -0.36 -24.89
C LEU D 133 -8.64 -1.68 -25.33
N PRO D 134 -9.71 -2.07 -24.68
CA PRO D 134 -10.39 -3.35 -25.03
C PRO D 134 -11.16 -3.22 -26.35
N SER D 135 -11.90 -2.16 -26.51
CA SER D 135 -12.70 -1.99 -27.77
C SER D 135 -11.82 -2.12 -29.01
N ILE D 136 -10.61 -1.64 -28.96
CA ILE D 136 -9.71 -1.73 -30.16
C ILE D 136 -9.08 -3.12 -30.25
N VAL D 137 -8.30 -3.50 -29.26
CA VAL D 137 -7.63 -4.85 -29.31
C VAL D 137 -8.65 -5.95 -29.63
N ASN D 138 -9.83 -5.87 -29.08
CA ASN D 138 -10.85 -6.92 -29.36
C ASN D 138 -11.32 -6.86 -30.82
N GLU D 139 -11.31 -5.69 -31.40
CA GLU D 139 -11.75 -5.56 -32.81
C GLU D 139 -10.64 -5.98 -33.78
N VAL D 140 -9.40 -5.82 -33.38
CA VAL D 140 -8.27 -6.21 -34.28
C VAL D 140 -8.32 -7.71 -34.60
N LEU D 141 -8.11 -8.54 -33.60
CA LEU D 141 -8.14 -10.01 -33.85
C LEU D 141 -9.47 -10.45 -34.46
N LYS D 142 -10.52 -9.72 -34.21
CA LYS D 142 -11.85 -10.10 -34.77
C LYS D 142 -11.81 -10.07 -36.30
N SER D 143 -11.30 -9.02 -36.88
CA SER D 143 -11.24 -8.93 -38.37
C SER D 143 -10.04 -9.71 -38.90
N VAL D 144 -9.06 -9.98 -38.08
CA VAL D 144 -7.85 -10.73 -38.54
C VAL D 144 -8.14 -12.24 -38.62
N VAL D 145 -8.66 -12.80 -37.55
CA VAL D 145 -8.95 -14.27 -37.55
C VAL D 145 -9.78 -14.66 -38.78
N ALA D 146 -10.54 -13.74 -39.32
CA ALA D 146 -11.37 -14.06 -40.51
C ALA D 146 -10.51 -14.01 -41.78
N LYS D 147 -9.60 -13.09 -41.84
CA LYS D 147 -8.73 -12.99 -43.06
C LYS D 147 -7.59 -14.02 -42.99
N PHE D 148 -6.73 -13.90 -42.02
CA PHE D 148 -5.59 -14.86 -41.89
C PHE D 148 -6.11 -16.29 -41.77
N ASN D 149 -5.34 -17.25 -42.20
CA ASN D 149 -5.79 -18.68 -42.11
C ASN D 149 -5.05 -19.39 -40.98
N ALA D 150 -5.32 -20.66 -40.79
CA ALA D 150 -4.64 -21.41 -39.69
C ALA D 150 -3.23 -21.84 -40.11
N SER D 151 -3.10 -22.36 -41.30
CA SER D 151 -1.76 -22.80 -41.78
C SER D 151 -0.75 -21.66 -41.72
N GLN D 152 -1.15 -20.48 -42.11
CA GLN D 152 -0.22 -19.31 -42.08
C GLN D 152 -0.11 -18.74 -40.67
N LEU D 153 -1.10 -18.95 -39.85
CA LEU D 153 -1.06 -18.40 -38.46
C LEU D 153 -0.12 -19.24 -37.58
N ILE D 154 -0.37 -20.53 -37.49
CA ILE D 154 0.49 -21.41 -36.65
C ILE D 154 1.95 -21.32 -37.10
N THR D 155 2.19 -20.94 -38.33
CA THR D 155 3.60 -20.84 -38.82
C THR D 155 4.40 -19.90 -37.92
N GLN D 156 3.83 -18.79 -37.53
CA GLN D 156 4.55 -17.82 -36.66
C GLN D 156 3.60 -16.72 -36.19
N ARG D 157 3.44 -16.57 -34.90
CA ARG D 157 2.53 -15.50 -34.39
C ARG D 157 3.07 -14.11 -34.76
N ALA D 158 4.31 -14.03 -35.16
CA ALA D 158 4.88 -12.70 -35.55
C ALA D 158 4.42 -12.29 -36.95
N GLN D 159 4.56 -13.18 -37.90
CA GLN D 159 4.13 -12.84 -39.30
C GLN D 159 2.67 -12.38 -39.31
N VAL D 160 1.87 -12.88 -38.41
CA VAL D 160 0.44 -12.47 -38.36
C VAL D 160 0.32 -11.06 -37.80
N SER D 161 1.20 -10.70 -36.89
CA SER D 161 1.14 -9.34 -36.29
C SER D 161 1.78 -8.32 -37.24
N LEU D 162 2.64 -8.77 -38.12
CA LEU D 162 3.30 -7.82 -39.08
C LEU D 162 2.24 -7.07 -39.89
N LEU D 163 1.38 -7.79 -40.56
CA LEU D 163 0.33 -7.12 -41.38
C LEU D 163 -0.65 -6.39 -40.47
N ILE D 164 -0.84 -6.87 -39.26
CA ILE D 164 -1.78 -6.20 -38.33
C ILE D 164 -1.12 -4.97 -37.70
N ARG D 165 0.19 -4.94 -37.67
CA ARG D 165 0.91 -3.77 -37.08
C ARG D 165 0.49 -2.48 -37.80
N ARG D 166 0.33 -2.54 -39.10
CA ARG D 166 -0.07 -1.32 -39.86
C ARG D 166 -1.49 -0.91 -39.47
N GLU D 167 -2.35 -1.87 -39.19
CA GLU D 167 -3.74 -1.53 -38.79
C GLU D 167 -3.78 -1.07 -37.34
N LEU D 168 -2.97 -1.66 -36.50
CA LEU D 168 -2.96 -1.26 -35.06
C LEU D 168 -2.52 0.20 -34.93
N THR D 169 -1.37 0.53 -35.48
CA THR D 169 -0.89 1.94 -35.39
C THR D 169 -1.92 2.89 -36.00
N GLU D 170 -2.68 2.42 -36.96
CA GLU D 170 -3.72 3.29 -37.59
C GLU D 170 -4.80 3.62 -36.57
N ARG D 171 -5.16 2.69 -35.73
CA ARG D 171 -6.20 2.95 -34.71
C ARG D 171 -5.61 3.73 -33.53
N ALA D 172 -4.45 3.34 -33.08
CA ALA D 172 -3.81 4.07 -31.94
C ALA D 172 -3.59 5.53 -32.31
N LYS D 173 -3.10 5.79 -33.49
CA LYS D 173 -2.85 7.20 -33.92
C LYS D 173 -4.18 7.96 -33.98
N ASP D 174 -5.27 7.25 -34.16
CA ASP D 174 -6.61 7.92 -34.24
C ASP D 174 -6.87 8.74 -32.97
N PHE D 175 -6.92 8.10 -31.84
CA PHE D 175 -7.18 8.85 -30.56
C PHE D 175 -6.18 10.01 -30.41
N SER D 176 -4.95 9.79 -30.77
CA SER D 176 -3.92 10.87 -30.64
C SER D 176 -2.71 10.54 -31.52
N LEU D 177 -1.83 11.49 -31.70
CA LEU D 177 -0.63 11.23 -32.55
C LEU D 177 0.59 10.99 -31.67
N ILE D 178 1.08 9.77 -31.62
CA ILE D 178 2.26 9.45 -30.77
C ILE D 178 2.95 8.19 -31.27
N LEU D 179 4.23 8.05 -31.05
CA LEU D 179 4.95 6.84 -31.51
C LEU D 179 5.15 5.88 -30.34
N ASP D 180 4.77 4.64 -30.48
CA ASP D 180 4.93 3.66 -29.37
C ASP D 180 5.10 2.24 -29.91
N ASP D 181 5.75 1.40 -29.16
CA ASP D 181 5.96 -0.01 -29.61
C ASP D 181 4.95 -0.93 -28.92
N VAL D 182 4.27 -1.76 -29.66
CA VAL D 182 3.26 -2.65 -29.02
C VAL D 182 3.22 -4.03 -29.69
N ALA D 183 3.44 -5.07 -28.92
CA ALA D 183 3.38 -6.46 -29.48
C ALA D 183 2.68 -7.36 -28.47
N ILE D 184 2.04 -8.40 -28.93
CA ILE D 184 1.28 -9.29 -28.01
C ILE D 184 1.83 -10.73 -28.04
N THR D 185 1.59 -11.48 -26.99
CA THR D 185 2.07 -12.89 -26.96
C THR D 185 0.92 -13.78 -27.43
N GLU D 186 1.06 -14.38 -28.58
CA GLU D 186 -0.05 -15.20 -29.14
C GLU D 186 0.17 -16.70 -28.95
N LEU D 187 -0.91 -17.43 -28.86
CA LEU D 187 -0.85 -18.91 -28.70
C LEU D 187 -2.04 -19.51 -29.45
N SER D 188 -1.81 -20.42 -30.34
CA SER D 188 -2.94 -21.00 -31.12
C SER D 188 -3.33 -22.38 -30.59
N PHE D 189 -4.58 -22.74 -30.74
CA PHE D 189 -5.06 -24.06 -30.24
C PHE D 189 -5.20 -25.04 -31.42
N SER D 190 -4.53 -26.16 -31.34
CA SER D 190 -4.61 -27.17 -32.45
C SER D 190 -5.68 -28.22 -32.12
N MET E 1 -34.28 63.88 7.61
CA MET E 1 -33.01 63.41 8.21
C MET E 1 -33.16 61.98 8.74
N ALA E 2 -32.17 61.15 8.55
CA ALA E 2 -32.25 59.74 9.03
C ALA E 2 -31.24 59.51 10.16
N GLN E 3 -31.71 59.23 11.35
CA GLN E 3 -30.77 58.99 12.48
C GLN E 3 -30.22 57.56 12.42
N ASN E 4 -30.96 56.66 11.85
CA ASN E 4 -30.48 55.25 11.76
C ASN E 4 -29.23 55.18 10.90
N LEU E 5 -29.16 55.97 9.85
CA LEU E 5 -27.96 55.95 8.97
C LEU E 5 -26.73 56.45 9.73
N LYS E 6 -26.89 57.50 10.50
CA LYS E 6 -25.73 58.03 11.27
C LYS E 6 -25.47 57.17 12.51
N ASP E 7 -26.49 56.52 13.00
CA ASP E 7 -26.31 55.66 14.22
C ASP E 7 -25.38 54.48 13.89
N LEU E 8 -25.63 53.81 12.80
CA LEU E 8 -24.76 52.65 12.43
C LEU E 8 -23.37 53.14 12.03
N ALA E 9 -23.28 54.21 11.29
CA ALA E 9 -21.96 54.73 10.88
C ALA E 9 -21.13 55.10 12.11
N GLY E 10 -21.74 55.69 13.10
CA GLY E 10 -21.00 56.08 14.32
C GLY E 10 -20.44 54.82 15.00
N ARG E 11 -20.98 53.67 14.71
CA ARG E 11 -20.48 52.42 15.33
C ARG E 11 -19.07 52.09 14.82
N LEU E 12 -18.73 52.53 13.64
CA LEU E 12 -17.38 52.23 13.09
C LEU E 12 -16.29 52.89 13.96
N PRO E 13 -16.36 54.19 14.07
CA PRO E 13 -15.35 54.92 14.89
C PRO E 13 -15.59 54.67 16.38
N ALA E 14 -15.44 53.45 16.82
CA ALA E 14 -15.66 53.13 18.26
C ALA E 14 -15.09 51.75 18.59
N GLY E 15 -14.38 51.65 19.68
CA GLY E 15 -13.78 50.33 20.06
C GLY E 15 -12.76 49.90 19.01
N PRO E 16 -11.57 50.44 19.10
CA PRO E 16 -10.51 50.10 18.13
C PRO E 16 -9.98 48.69 18.40
N ARG E 17 -10.06 48.23 19.62
CA ARG E 17 -9.56 46.86 19.94
C ARG E 17 -10.29 45.82 19.10
N GLY E 18 -11.52 46.08 18.75
CA GLY E 18 -12.28 45.09 17.92
C GLY E 18 -11.62 44.95 16.55
N MET E 19 -11.01 45.99 16.07
CA MET E 19 -10.33 45.91 14.73
C MET E 19 -9.01 45.14 14.85
N GLY E 20 -8.31 45.32 15.94
CA GLY E 20 -7.01 44.60 16.12
C GLY E 20 -7.27 43.09 16.16
N THR E 21 -8.18 42.66 17.00
CA THR E 21 -8.47 41.20 17.09
C THR E 21 -8.93 40.66 15.73
N ALA E 22 -9.48 41.51 14.90
CA ALA E 22 -9.95 41.05 13.56
C ALA E 22 -8.81 40.37 12.80
N LEU E 23 -7.59 40.76 13.05
CA LEU E 23 -6.43 40.13 12.34
C LEU E 23 -6.31 38.66 12.73
N LYS E 24 -6.42 38.36 14.00
CA LYS E 24 -6.32 36.94 14.45
C LYS E 24 -7.30 36.07 13.67
N LEU E 25 -8.43 36.62 13.30
CA LEU E 25 -9.43 35.84 12.54
C LEU E 25 -8.91 35.53 11.13
N LEU E 26 -8.36 36.52 10.47
CA LEU E 26 -7.84 36.31 9.09
C LEU E 26 -6.74 35.23 9.11
N LEU E 27 -6.06 35.09 10.21
CA LEU E 27 -4.97 34.05 10.29
C LEU E 27 -5.59 32.67 10.50
N GLY E 28 -6.69 32.59 11.20
CA GLY E 28 -7.34 31.27 11.43
C GLY E 28 -7.90 30.73 10.13
N ALA E 29 -8.23 31.60 9.21
CA ALA E 29 -8.79 31.14 7.89
C ALA E 29 -7.80 30.20 7.20
N GLY E 30 -6.52 30.43 7.38
CA GLY E 30 -5.51 29.55 6.73
C GLY E 30 -5.51 28.18 7.41
N ALA E 31 -5.84 28.13 8.67
CA ALA E 31 -5.85 26.83 9.40
C ALA E 31 -7.14 26.06 9.07
N VAL E 32 -8.23 26.76 8.90
CA VAL E 32 -9.51 26.08 8.57
C VAL E 32 -9.47 25.52 7.15
N ALA E 33 -8.61 26.03 6.33
CA ALA E 33 -8.52 25.54 4.92
C ALA E 33 -7.69 24.24 4.87
N TYR E 34 -6.73 24.11 5.74
CA TYR E 34 -5.89 22.87 5.73
C TYR E 34 -6.76 21.64 6.01
N GLY E 35 -7.55 21.68 7.04
CA GLY E 35 -8.43 20.51 7.35
C GLY E 35 -9.37 20.24 6.18
N VAL E 36 -9.78 21.26 5.50
CA VAL E 36 -10.69 21.07 4.33
C VAL E 36 -9.90 20.61 3.11
N ARG E 37 -8.66 21.02 3.01
CA ARG E 37 -7.83 20.60 1.83
C ARG E 37 -7.85 19.08 1.66
N GLU E 38 -8.00 18.35 2.74
CA GLU E 38 -8.01 16.86 2.63
C GLU E 38 -9.38 16.36 2.11
N SER E 39 -10.46 17.09 2.34
CA SER E 39 -11.80 16.61 1.85
C SER E 39 -12.57 17.73 1.12
N VAL E 40 -13.67 17.40 0.45
CA VAL E 40 -14.47 18.44 -0.29
C VAL E 40 -15.74 17.81 -0.88
N PHE E 41 -16.67 18.61 -1.38
CA PHE E 41 -17.93 18.04 -1.98
C PHE E 41 -17.94 18.21 -3.50
N THR E 42 -17.53 19.35 -4.02
CA THR E 42 -17.53 19.53 -5.52
C THR E 42 -16.74 18.39 -6.18
N VAL E 43 -17.43 17.50 -6.85
CA VAL E 43 -16.74 16.35 -7.51
C VAL E 43 -15.55 16.83 -8.35
N GLU E 44 -14.56 16.00 -8.53
CA GLU E 44 -13.36 16.39 -9.33
C GLU E 44 -12.64 15.15 -9.84
N GLY E 45 -12.35 15.11 -11.11
CA GLY E 45 -11.64 13.92 -11.67
C GLY E 45 -12.59 13.11 -12.56
N GLY E 46 -13.47 13.78 -13.26
CA GLY E 46 -14.42 13.06 -14.15
C GLY E 46 -15.31 12.13 -13.31
N HIS E 47 -15.59 12.52 -12.10
CA HIS E 47 -16.45 11.68 -11.22
C HIS E 47 -17.83 12.31 -11.05
N ARG E 48 -18.83 11.52 -10.79
CA ARG E 48 -20.23 12.04 -10.67
C ARG E 48 -20.68 12.16 -9.19
N ALA E 49 -21.66 12.99 -8.92
CA ALA E 49 -22.13 13.20 -7.51
C ALA E 49 -23.42 12.43 -7.17
N ILE E 50 -23.58 12.11 -5.90
CA ILE E 50 -24.78 11.35 -5.44
C ILE E 50 -25.34 12.02 -4.16
N PHE E 51 -26.62 11.89 -3.88
CA PHE E 51 -27.20 12.59 -2.66
C PHE E 51 -27.88 11.66 -1.65
N PHE E 52 -27.73 11.96 -0.39
CA PHE E 52 -28.39 11.16 0.71
C PHE E 52 -28.42 11.98 2.02
N ASN E 53 -29.37 11.71 2.88
CA ASN E 53 -29.47 12.49 4.17
C ASN E 53 -29.18 11.59 5.39
N ARG E 54 -28.70 12.17 6.49
CA ARG E 54 -28.39 11.36 7.72
C ARG E 54 -29.48 10.30 7.97
N ILE E 55 -30.70 10.59 7.61
CA ILE E 55 -31.80 9.61 7.83
C ILE E 55 -32.00 8.74 6.57
N GLY E 56 -31.87 7.45 6.71
CA GLY E 56 -32.05 6.55 5.53
C GLY E 56 -30.86 5.59 5.42
N GLY E 57 -30.79 4.84 4.34
CA GLY E 57 -29.65 3.89 4.18
C GLY E 57 -28.37 4.68 3.88
N VAL E 58 -27.88 4.58 2.67
CA VAL E 58 -26.63 5.33 2.31
C VAL E 58 -26.30 5.12 0.83
N GLN E 59 -25.91 6.16 0.15
CA GLN E 59 -25.58 6.03 -1.30
C GLN E 59 -24.10 6.39 -1.54
N GLN E 60 -23.24 5.41 -1.50
CA GLN E 60 -21.79 5.68 -1.72
C GLN E 60 -21.24 4.79 -2.83
N ASP E 61 -22.08 4.37 -3.73
CA ASP E 61 -21.61 3.48 -4.85
C ASP E 61 -22.36 3.82 -6.13
N THR E 62 -22.51 5.09 -6.43
CA THR E 62 -23.24 5.48 -7.67
C THR E 62 -22.80 6.88 -8.15
N ILE E 63 -22.52 7.03 -9.42
CA ILE E 63 -22.08 8.37 -9.95
C ILE E 63 -22.91 8.80 -11.21
N LEU E 64 -23.43 10.02 -11.22
CA LEU E 64 -24.22 10.54 -12.40
C LEU E 64 -23.35 11.39 -13.36
N ALA E 65 -23.29 12.71 -13.18
CA ALA E 65 -22.44 13.58 -14.10
C ALA E 65 -21.82 14.75 -13.30
N GLU E 66 -21.10 15.65 -13.96
CA GLU E 66 -20.46 16.80 -13.21
C GLU E 66 -21.39 18.02 -13.14
N GLY E 67 -21.25 18.80 -12.10
CA GLY E 67 -22.10 20.02 -11.93
C GLY E 67 -21.40 20.96 -10.93
N LEU E 68 -21.67 22.25 -10.97
CA LEU E 68 -20.99 23.14 -9.98
C LEU E 68 -21.94 23.35 -8.80
N HIS E 69 -21.64 22.72 -7.70
CA HIS E 69 -22.51 22.83 -6.48
C HIS E 69 -21.71 22.39 -5.24
N PHE E 70 -22.04 22.91 -4.09
CA PHE E 70 -21.30 22.50 -2.85
C PHE E 70 -22.25 21.80 -1.87
N ARG E 71 -21.75 20.90 -1.06
CA ARG E 71 -22.64 20.20 -0.09
C ARG E 71 -23.04 21.16 1.03
N ILE E 72 -23.76 22.19 0.70
CA ILE E 72 -24.18 23.17 1.75
C ILE E 72 -25.72 23.33 1.78
N PRO E 73 -26.44 22.29 1.43
CA PRO E 73 -27.93 22.37 1.45
C PRO E 73 -28.44 22.29 2.90
N TRP E 74 -29.66 21.87 3.09
CA TRP E 74 -30.22 21.76 4.46
C TRP E 74 -29.83 20.40 5.07
N PHE E 75 -29.67 19.39 4.26
CA PHE E 75 -29.30 18.05 4.80
C PHE E 75 -28.82 17.13 3.67
N GLN E 76 -27.56 17.19 3.34
CA GLN E 76 -27.02 16.31 2.26
C GLN E 76 -25.69 15.68 2.71
N TYR E 77 -25.36 14.53 2.19
CA TYR E 77 -24.11 13.85 2.62
C TYR E 77 -23.15 13.64 1.44
N PRO E 78 -21.88 13.55 1.75
CA PRO E 78 -20.87 13.33 0.71
C PRO E 78 -20.47 11.84 0.64
N ILE E 79 -20.87 11.19 -0.42
CA ILE E 79 -20.52 9.75 -0.63
C ILE E 79 -20.66 9.49 -2.14
N ILE E 80 -19.57 9.32 -2.84
CA ILE E 80 -19.65 9.12 -4.33
C ILE E 80 -18.89 7.87 -4.78
N TYR E 81 -19.24 7.35 -5.94
CA TYR E 81 -18.58 6.11 -6.46
C TYR E 81 -17.47 6.46 -7.46
N ASP E 82 -16.40 5.71 -7.44
CA ASP E 82 -15.27 5.98 -8.37
C ASP E 82 -14.76 4.67 -8.98
N ILE E 83 -14.21 4.73 -10.17
CA ILE E 83 -13.70 3.49 -10.81
C ILE E 83 -12.48 2.96 -10.05
N ARG E 84 -12.21 1.68 -10.14
CA ARG E 84 -11.03 1.11 -9.42
C ARG E 84 -10.77 -0.32 -9.90
N ALA E 85 -9.61 -0.85 -9.62
CA ALA E 85 -9.29 -2.24 -10.05
C ALA E 85 -10.11 -3.24 -9.24
N ARG E 86 -10.17 -4.47 -9.66
CA ARG E 86 -10.96 -5.49 -8.90
C ARG E 86 -10.48 -6.91 -9.23
N PRO E 87 -10.28 -7.70 -8.21
CA PRO E 87 -9.83 -9.10 -8.40
C PRO E 87 -11.04 -10.04 -8.32
N ARG E 88 -11.41 -10.63 -9.43
CA ARG E 88 -12.58 -11.54 -9.42
C ARG E 88 -12.51 -12.49 -10.64
N LYS E 89 -12.29 -13.78 -10.41
CA LYS E 89 -12.18 -14.76 -11.56
C LYS E 89 -12.77 -16.14 -11.18
N ILE E 90 -13.15 -16.93 -12.17
CA ILE E 90 -13.78 -18.27 -11.87
C ILE E 90 -12.80 -19.44 -12.00
N SER E 91 -13.08 -20.49 -11.29
CA SER E 91 -12.25 -21.72 -11.37
C SER E 91 -13.09 -22.90 -10.85
N SER E 92 -13.55 -23.76 -11.72
CA SER E 92 -14.38 -24.92 -11.25
C SER E 92 -14.42 -26.04 -12.30
N PRO E 93 -14.58 -27.25 -11.83
CA PRO E 93 -14.67 -28.41 -12.73
C PRO E 93 -16.15 -28.78 -12.92
N THR E 94 -16.69 -28.59 -14.10
CA THR E 94 -18.12 -28.92 -14.33
C THR E 94 -18.26 -30.11 -15.29
N GLY E 95 -19.20 -30.98 -15.02
CA GLY E 95 -19.41 -32.16 -15.91
C GLY E 95 -20.83 -32.68 -15.71
N SER E 96 -21.68 -32.53 -16.70
CA SER E 96 -23.08 -33.02 -16.56
C SER E 96 -23.68 -33.32 -17.93
N LYS E 97 -23.79 -32.33 -18.78
CA LYS E 97 -24.38 -32.57 -20.13
C LYS E 97 -23.58 -33.63 -20.88
N ASP E 98 -22.35 -33.86 -20.48
CA ASP E 98 -21.51 -34.89 -21.16
C ASP E 98 -20.60 -35.58 -20.15
N LEU E 99 -20.03 -36.69 -20.51
CA LEU E 99 -19.12 -37.42 -19.57
C LEU E 99 -17.86 -36.59 -19.30
N GLN E 100 -16.86 -37.17 -18.70
CA GLN E 100 -15.60 -36.42 -18.41
C GLN E 100 -15.90 -35.16 -17.61
N MET E 101 -14.89 -34.44 -17.21
CA MET E 101 -15.11 -33.20 -16.42
C MET E 101 -14.38 -32.02 -17.07
N VAL E 102 -15.12 -31.03 -17.51
CA VAL E 102 -14.47 -29.84 -18.15
C VAL E 102 -14.42 -28.67 -17.16
N ASN E 103 -13.45 -27.80 -17.29
CA ASN E 103 -13.36 -26.64 -16.35
C ASN E 103 -13.72 -25.35 -17.08
N ILE E 104 -14.82 -24.74 -16.72
CA ILE E 104 -15.23 -23.48 -17.38
C ILE E 104 -15.18 -22.32 -16.37
N SER E 105 -14.50 -21.26 -16.71
CA SER E 105 -14.41 -20.10 -15.77
C SER E 105 -14.32 -18.79 -16.55
N LEU E 106 -15.03 -17.77 -16.14
CA LEU E 106 -14.98 -16.48 -16.86
C LEU E 106 -14.89 -15.29 -15.90
N ARG E 107 -14.23 -14.23 -16.30
CA ARG E 107 -14.10 -13.04 -15.42
C ARG E 107 -14.92 -11.88 -15.99
N VAL E 108 -15.39 -10.99 -15.14
CA VAL E 108 -16.20 -9.84 -15.63
C VAL E 108 -15.84 -8.56 -14.86
N LEU E 109 -15.80 -7.44 -15.53
CA LEU E 109 -15.46 -6.16 -14.84
C LEU E 109 -16.73 -5.32 -14.66
N SER E 110 -16.77 -4.50 -13.64
CA SER E 110 -17.97 -3.66 -13.41
C SER E 110 -17.62 -2.18 -13.54
N ARG E 111 -18.45 -1.42 -14.21
CA ARG E 111 -18.17 0.04 -14.37
C ARG E 111 -19.49 0.82 -14.39
N PRO E 112 -19.47 1.98 -13.78
CA PRO E 112 -20.69 2.83 -13.74
C PRO E 112 -20.93 3.49 -15.10
N ASN E 113 -22.14 3.46 -15.58
CA ASN E 113 -22.45 4.09 -16.89
C ASN E 113 -22.57 5.61 -16.76
N ALA E 114 -22.49 6.12 -15.55
CA ALA E 114 -22.60 7.60 -15.35
C ALA E 114 -23.86 8.14 -16.03
N GLN E 115 -24.88 7.32 -16.13
CA GLN E 115 -26.15 7.78 -16.79
C GLN E 115 -27.35 7.55 -15.88
N GLU E 116 -27.21 6.77 -14.84
CA GLU E 116 -28.36 6.51 -13.93
C GLU E 116 -27.89 5.83 -12.64
N LEU E 117 -26.89 6.37 -12.00
CA LEU E 117 -26.39 5.75 -10.74
C LEU E 117 -27.29 6.14 -9.54
N PRO E 118 -27.87 7.33 -9.56
CA PRO E 118 -28.75 7.74 -8.44
C PRO E 118 -30.07 6.97 -8.48
N SER E 119 -30.64 6.78 -9.65
CA SER E 119 -31.92 6.01 -9.74
C SER E 119 -31.63 4.52 -9.50
N MET E 120 -30.51 4.06 -9.98
CA MET E 120 -30.15 2.63 -9.81
C MET E 120 -29.57 2.39 -8.40
N TYR E 121 -29.13 3.42 -7.73
CA TYR E 121 -28.54 3.24 -6.37
C TYR E 121 -29.43 2.32 -5.51
N GLN E 122 -30.67 2.70 -5.29
CA GLN E 122 -31.56 1.84 -4.46
C GLN E 122 -32.11 0.69 -5.31
N ARG E 123 -32.19 0.87 -6.60
CA ARG E 123 -32.70 -0.23 -7.48
C ARG E 123 -31.70 -1.40 -7.49
N LEU E 124 -30.44 -1.08 -7.44
CA LEU E 124 -29.40 -2.15 -7.43
C LEU E 124 -29.42 -2.89 -6.10
N GLY E 125 -29.58 -2.18 -5.01
CA GLY E 125 -29.62 -2.83 -3.67
C GLY E 125 -28.45 -2.31 -2.82
N LEU E 126 -28.45 -1.03 -2.53
CA LEU E 126 -27.35 -0.45 -1.70
C LEU E 126 -25.98 -0.79 -2.29
N ASP E 127 -25.38 -1.87 -1.87
CA ASP E 127 -24.04 -2.26 -2.41
C ASP E 127 -23.67 -3.68 -1.98
N TYR E 128 -23.59 -4.60 -2.90
CA TYR E 128 -23.24 -6.00 -2.54
C TYR E 128 -22.96 -6.81 -3.80
N GLU E 129 -22.16 -6.28 -4.69
CA GLU E 129 -21.85 -7.02 -5.95
C GLU E 129 -21.26 -8.40 -5.65
N GLU E 130 -20.73 -8.59 -4.46
CA GLU E 130 -20.14 -9.91 -4.11
C GLU E 130 -21.13 -11.03 -4.41
N ARG E 131 -22.35 -10.91 -3.96
CA ARG E 131 -23.36 -11.97 -4.22
C ARG E 131 -23.95 -11.83 -5.63
N VAL E 132 -23.96 -10.65 -6.18
CA VAL E 132 -24.55 -10.44 -7.55
C VAL E 132 -23.55 -10.88 -8.64
N LEU E 133 -22.30 -10.58 -8.49
CA LEU E 133 -21.29 -10.96 -9.53
C LEU E 133 -21.43 -12.45 -9.91
N PRO E 134 -21.30 -13.31 -8.95
CA PRO E 134 -21.41 -14.76 -9.21
C PRO E 134 -22.87 -15.17 -9.46
N SER E 135 -23.79 -14.50 -8.83
CA SER E 135 -25.23 -14.84 -9.02
C SER E 135 -25.61 -14.76 -10.51
N ILE E 136 -25.18 -13.72 -11.18
CA ILE E 136 -25.53 -13.59 -12.63
C ILE E 136 -24.60 -14.46 -13.48
N VAL E 137 -23.36 -14.53 -13.12
CA VAL E 137 -22.40 -15.36 -13.91
C VAL E 137 -22.53 -16.84 -13.53
N ASN E 138 -22.20 -17.19 -12.33
CA ASN E 138 -22.28 -18.62 -11.89
C ASN E 138 -23.64 -19.25 -12.28
N GLU E 139 -24.71 -18.50 -12.17
CA GLU E 139 -26.04 -19.07 -12.53
C GLU E 139 -26.05 -19.51 -14.01
N VAL E 140 -25.94 -18.58 -14.91
CA VAL E 140 -25.96 -18.96 -16.36
C VAL E 140 -24.67 -19.71 -16.72
N LEU E 141 -23.61 -19.46 -16.02
CA LEU E 141 -22.32 -20.17 -16.32
C LEU E 141 -22.49 -21.67 -16.14
N LYS E 142 -22.99 -22.09 -15.01
CA LYS E 142 -23.18 -23.55 -14.77
C LYS E 142 -24.44 -24.04 -15.47
N SER E 143 -25.35 -23.15 -15.80
CA SER E 143 -26.60 -23.59 -16.48
C SER E 143 -26.35 -23.80 -17.98
N VAL E 144 -25.64 -22.90 -18.62
CA VAL E 144 -25.38 -23.05 -20.08
C VAL E 144 -24.51 -24.29 -20.35
N VAL E 145 -23.53 -24.53 -19.52
CA VAL E 145 -22.64 -25.71 -19.75
C VAL E 145 -23.48 -27.00 -19.70
N ALA E 146 -24.58 -26.99 -19.01
CA ALA E 146 -25.43 -28.21 -18.93
C ALA E 146 -26.29 -28.35 -20.18
N LYS E 147 -26.53 -27.26 -20.87
CA LYS E 147 -27.36 -27.32 -22.11
C LYS E 147 -26.53 -27.80 -23.31
N PHE E 148 -25.27 -27.42 -23.36
CA PHE E 148 -24.42 -27.86 -24.51
C PHE E 148 -23.42 -28.93 -24.05
N ASN E 149 -22.93 -29.73 -24.97
CA ASN E 149 -21.95 -30.79 -24.60
C ASN E 149 -20.54 -30.21 -24.45
N ALA E 150 -19.60 -31.00 -24.04
CA ALA E 150 -18.20 -30.50 -23.86
C ALA E 150 -17.47 -30.44 -25.21
N SER E 151 -17.66 -31.44 -26.05
CA SER E 151 -16.96 -31.45 -27.37
C SER E 151 -17.17 -30.12 -28.10
N GLN E 152 -18.35 -29.57 -28.05
CA GLN E 152 -18.62 -28.28 -28.74
C GLN E 152 -18.01 -27.12 -27.94
N LEU E 153 -17.87 -27.28 -26.66
CA LEU E 153 -17.28 -26.18 -25.83
C LEU E 153 -15.76 -26.14 -26.02
N ILE E 154 -15.12 -27.28 -26.06
CA ILE E 154 -13.65 -27.32 -26.24
C ILE E 154 -13.27 -26.84 -27.66
N THR E 155 -14.21 -26.90 -28.58
CA THR E 155 -13.90 -26.46 -29.97
C THR E 155 -13.40 -25.01 -29.97
N GLN E 156 -14.04 -24.16 -29.22
CA GLN E 156 -13.61 -22.73 -29.19
C GLN E 156 -14.18 -22.04 -27.95
N ARG E 157 -13.34 -21.59 -27.05
CA ARG E 157 -13.83 -20.91 -25.83
C ARG E 157 -14.63 -19.65 -26.20
N ALA E 158 -14.38 -19.10 -27.37
CA ALA E 158 -15.12 -17.88 -27.80
C ALA E 158 -16.51 -18.25 -28.31
N GLN E 159 -16.67 -19.41 -28.88
CA GLN E 159 -18.00 -19.81 -29.40
C GLN E 159 -19.03 -19.84 -28.27
N VAL E 160 -18.68 -20.38 -27.13
CA VAL E 160 -19.63 -20.44 -25.99
C VAL E 160 -19.80 -19.04 -25.38
N SER E 161 -18.79 -18.21 -25.46
CA SER E 161 -18.89 -16.84 -24.89
C SER E 161 -20.06 -16.08 -25.54
N LEU E 162 -20.30 -16.32 -26.80
CA LEU E 162 -21.42 -15.62 -27.49
C LEU E 162 -22.76 -16.02 -26.87
N LEU E 163 -22.82 -17.19 -26.28
CA LEU E 163 -24.10 -17.64 -25.65
C LEU E 163 -24.28 -16.96 -24.29
N ILE E 164 -23.30 -17.03 -23.44
CA ILE E 164 -23.40 -16.39 -22.10
C ILE E 164 -23.35 -14.86 -22.24
N ARG E 165 -22.60 -14.37 -23.19
CA ARG E 165 -22.51 -12.90 -23.38
C ARG E 165 -23.89 -12.34 -23.75
N ARG E 166 -24.68 -13.08 -24.48
CA ARG E 166 -26.03 -12.59 -24.87
C ARG E 166 -27.01 -12.79 -23.71
N GLU E 167 -26.82 -13.83 -22.93
CA GLU E 167 -27.73 -14.07 -21.77
C GLU E 167 -27.34 -13.19 -20.59
N LEU E 168 -26.06 -13.01 -20.37
CA LEU E 168 -25.61 -12.15 -19.23
C LEU E 168 -25.94 -10.68 -19.50
N THR E 169 -25.90 -10.27 -20.74
CA THR E 169 -26.22 -8.85 -21.08
C THR E 169 -27.64 -8.50 -20.60
N GLU E 170 -28.49 -9.48 -20.48
CA GLU E 170 -29.89 -9.21 -20.04
C GLU E 170 -29.94 -9.04 -18.51
N ARG E 171 -29.25 -9.88 -17.80
CA ARG E 171 -29.25 -9.78 -16.30
C ARG E 171 -28.29 -8.67 -15.84
N ALA E 172 -27.30 -8.38 -16.63
CA ALA E 172 -26.32 -7.31 -16.24
C ALA E 172 -27.05 -5.98 -16.05
N LYS E 173 -27.64 -5.45 -17.09
CA LYS E 173 -28.36 -4.16 -16.97
C LYS E 173 -29.55 -4.31 -16.02
N ASP E 174 -30.00 -5.51 -15.79
CA ASP E 174 -31.17 -5.72 -14.88
C ASP E 174 -30.88 -5.19 -13.47
N PHE E 175 -29.93 -5.76 -12.79
CA PHE E 175 -29.61 -5.30 -11.40
C PHE E 175 -29.28 -3.80 -11.40
N SER E 176 -28.61 -3.32 -12.42
CA SER E 176 -28.25 -1.88 -12.49
C SER E 176 -27.71 -1.53 -13.87
N LEU E 177 -27.34 -0.29 -14.07
CA LEU E 177 -26.79 0.11 -15.40
C LEU E 177 -25.27 0.21 -15.32
N ILE E 178 -24.58 -0.69 -15.97
CA ILE E 178 -23.09 -0.67 -15.93
C ILE E 178 -22.53 -1.32 -17.20
N LEU E 179 -21.35 -0.92 -17.61
CA LEU E 179 -20.74 -1.53 -18.83
C LEU E 179 -19.71 -2.57 -18.44
N ASP E 180 -19.99 -3.82 -18.69
CA ASP E 180 -19.03 -4.91 -18.31
C ASP E 180 -18.59 -5.68 -19.57
N ASP E 181 -17.43 -6.24 -19.53
CA ASP E 181 -16.93 -7.02 -20.71
C ASP E 181 -17.12 -8.52 -20.46
N VAL E 182 -17.53 -9.24 -21.47
CA VAL E 182 -17.75 -10.71 -21.28
C VAL E 182 -16.59 -11.51 -21.88
N ALA E 183 -15.96 -12.32 -21.07
CA ALA E 183 -14.82 -13.14 -21.57
C ALA E 183 -14.60 -14.34 -20.64
N ILE E 184 -14.10 -15.42 -21.15
CA ILE E 184 -13.90 -16.61 -20.28
C ILE E 184 -12.44 -17.09 -20.31
N THR E 185 -11.71 -16.93 -19.23
CA THR E 185 -10.30 -17.42 -19.23
C THR E 185 -10.22 -18.70 -18.40
N GLU E 186 -10.17 -19.83 -19.04
CA GLU E 186 -10.07 -21.12 -18.30
C GLU E 186 -9.71 -22.26 -19.26
N LEU E 187 -8.71 -23.04 -18.96
CA LEU E 187 -8.41 -24.18 -19.88
C LEU E 187 -7.92 -25.38 -19.09
N SER E 188 -8.77 -26.35 -18.88
CA SER E 188 -8.37 -27.59 -18.16
C SER E 188 -9.45 -28.66 -18.35
N PHE E 189 -9.18 -29.69 -19.10
CA PHE E 189 -10.23 -30.74 -19.29
C PHE E 189 -9.60 -32.04 -19.79
N SER E 190 -9.89 -33.14 -19.15
CA SER E 190 -9.30 -34.44 -19.59
C SER E 190 -10.30 -35.58 -19.34
N MET F 1 -39.97 44.76 37.98
CA MET F 1 -39.07 43.63 37.57
C MET F 1 -38.01 43.38 38.65
N ALA F 2 -37.47 42.20 38.70
CA ALA F 2 -36.43 41.89 39.73
C ALA F 2 -35.08 42.46 39.30
N GLN F 3 -34.18 42.66 40.23
CA GLN F 3 -32.84 43.20 39.88
C GLN F 3 -31.93 42.08 39.34
N ASN F 4 -32.21 40.86 39.68
CA ASN F 4 -31.37 39.73 39.19
C ASN F 4 -31.31 39.74 37.66
N LEU F 5 -32.29 40.31 37.01
CA LEU F 5 -32.28 40.35 35.51
C LEU F 5 -31.17 41.29 35.02
N LYS F 6 -30.84 42.30 35.79
CA LYS F 6 -29.78 43.24 35.36
C LYS F 6 -28.40 42.61 35.55
N ASP F 7 -28.19 41.93 36.65
CA ASP F 7 -26.86 41.28 36.88
C ASP F 7 -26.62 40.18 35.84
N LEU F 8 -27.68 39.61 35.31
CA LEU F 8 -27.51 38.54 34.29
C LEU F 8 -26.77 39.07 33.08
N ALA F 9 -26.88 40.35 32.81
CA ALA F 9 -26.17 40.94 31.64
C ALA F 9 -24.66 40.84 31.83
N GLY F 10 -24.20 41.00 33.03
CA GLY F 10 -22.73 40.93 33.29
C GLY F 10 -22.28 39.46 33.30
N ARG F 11 -23.20 38.55 33.53
CA ARG F 11 -22.83 37.10 33.56
C ARG F 11 -22.68 36.57 32.12
N LEU F 12 -23.35 37.17 31.19
CA LEU F 12 -23.24 36.69 29.77
C LEU F 12 -21.79 36.76 29.28
N PRO F 13 -21.21 37.93 29.36
CA PRO F 13 -19.80 38.11 28.92
C PRO F 13 -18.83 37.46 29.92
N ALA F 14 -19.27 37.26 31.13
CA ALA F 14 -18.38 36.64 32.15
C ALA F 14 -17.04 37.38 32.23
N GLY F 15 -17.03 38.64 31.92
CA GLY F 15 -15.77 39.43 31.98
C GLY F 15 -15.75 40.44 30.83
N PRO F 16 -15.16 41.59 31.10
CA PRO F 16 -15.07 42.65 30.06
C PRO F 16 -14.02 42.28 29.02
N ARG F 17 -12.86 41.85 29.44
CA ARG F 17 -11.80 41.48 28.47
C ARG F 17 -12.06 40.08 27.89
N GLY F 18 -12.84 39.29 28.58
CA GLY F 18 -13.14 37.92 28.08
C GLY F 18 -13.75 38.00 26.67
N MET F 19 -14.46 39.06 26.38
CA MET F 19 -15.07 39.20 25.03
C MET F 19 -13.98 39.28 23.95
N GLY F 20 -12.94 40.03 24.21
CA GLY F 20 -11.85 40.16 23.21
C GLY F 20 -11.08 38.85 23.13
N THR F 21 -10.76 38.26 24.25
CA THR F 21 -10.02 36.97 24.24
C THR F 21 -10.92 35.83 23.74
N ALA F 22 -12.21 35.98 23.90
CA ALA F 22 -13.15 34.91 23.43
C ALA F 22 -12.89 34.59 21.96
N LEU F 23 -12.43 35.53 21.20
CA LEU F 23 -12.15 35.28 19.76
C LEU F 23 -11.06 34.21 19.61
N LYS F 24 -10.06 34.26 20.44
CA LYS F 24 -8.96 33.24 20.36
C LYS F 24 -9.56 31.84 20.38
N LEU F 25 -10.67 31.66 21.04
CA LEU F 25 -11.31 30.32 21.11
C LEU F 25 -11.97 29.98 19.77
N LEU F 26 -12.69 30.91 19.20
CA LEU F 26 -13.36 30.65 17.88
C LEU F 26 -12.34 30.22 16.83
N LEU F 27 -11.11 30.60 17.00
CA LEU F 27 -10.06 30.22 15.99
C LEU F 27 -9.62 28.77 16.22
N GLY F 28 -9.30 28.42 17.44
CA GLY F 28 -8.86 27.03 17.72
C GLY F 28 -9.97 26.04 17.33
N ALA F 29 -11.20 26.49 17.33
CA ALA F 29 -12.33 25.59 16.96
C ALA F 29 -12.08 24.97 15.58
N GLY F 30 -11.42 25.69 14.71
CA GLY F 30 -11.13 25.15 13.35
C GLY F 30 -10.01 24.12 13.44
N ALA F 31 -9.09 24.31 14.36
CA ALA F 31 -7.97 23.34 14.50
C ALA F 31 -8.46 22.06 15.17
N VAL F 32 -9.35 22.17 16.13
CA VAL F 32 -9.87 20.96 16.81
C VAL F 32 -10.66 20.11 15.82
N ALA F 33 -11.30 20.73 14.86
CA ALA F 33 -12.08 19.96 13.85
C ALA F 33 -11.13 19.16 12.95
N TYR F 34 -9.94 19.67 12.74
CA TYR F 34 -8.97 18.95 11.87
C TYR F 34 -8.65 17.57 12.46
N GLY F 35 -8.26 17.51 13.70
CA GLY F 35 -7.94 16.21 14.34
C GLY F 35 -9.17 15.29 14.25
N VAL F 36 -10.34 15.86 14.30
CA VAL F 36 -11.58 15.04 14.21
C VAL F 36 -11.87 14.68 12.75
N ARG F 37 -11.49 15.53 11.84
CA ARG F 37 -11.74 15.24 10.39
C ARG F 37 -11.19 13.86 10.01
N GLU F 38 -10.16 13.41 10.68
CA GLU F 38 -9.57 12.08 10.34
C GLU F 38 -10.41 10.94 10.95
N SER F 39 -11.11 11.17 12.05
CA SER F 39 -11.94 10.07 12.67
C SER F 39 -13.37 10.54 12.96
N VAL F 40 -14.25 9.62 13.36
CA VAL F 40 -15.67 10.01 13.66
C VAL F 40 -16.46 8.79 14.19
N PHE F 41 -17.67 9.00 14.70
CA PHE F 41 -18.47 7.83 15.23
C PHE F 41 -19.71 7.57 14.35
N THR F 42 -20.38 8.59 13.87
CA THR F 42 -21.59 8.35 13.01
C THR F 42 -21.20 7.48 11.81
N VAL F 43 -21.73 6.29 11.74
CA VAL F 43 -21.41 5.37 10.60
C VAL F 43 -21.59 6.09 9.26
N GLU F 44 -20.55 6.17 8.47
CA GLU F 44 -20.67 6.85 7.15
C GLU F 44 -20.51 5.82 6.02
N GLY F 45 -21.31 5.95 4.98
CA GLY F 45 -21.21 4.99 3.85
C GLY F 45 -22.05 3.74 4.16
N GLY F 46 -21.89 2.70 3.39
CA GLY F 46 -22.68 1.46 3.64
C GLY F 46 -22.02 0.64 4.76
N HIS F 47 -22.16 1.09 5.98
CA HIS F 47 -21.54 0.34 7.12
C HIS F 47 -22.47 0.37 8.35
N ARG F 48 -22.38 -0.63 9.18
CA ARG F 48 -23.25 -0.73 10.39
C ARG F 48 -22.47 -0.40 11.67
N ALA F 49 -23.15 0.00 12.73
CA ALA F 49 -22.45 0.39 14.01
C ALA F 49 -22.48 -0.72 15.08
N ILE F 50 -21.50 -0.69 15.95
CA ILE F 50 -21.38 -1.72 17.04
C ILE F 50 -21.07 -1.00 18.38
N PHE F 51 -21.44 -1.57 19.52
CA PHE F 51 -21.19 -0.83 20.83
C PHE F 51 -20.38 -1.64 21.87
N PHE F 52 -19.50 -0.96 22.59
CA PHE F 52 -18.69 -1.61 23.67
C PHE F 52 -18.09 -0.53 24.60
N ASN F 53 -17.82 -0.86 25.84
CA ASN F 53 -17.23 0.17 26.78
C ASN F 53 -15.89 -0.32 27.35
N ARG F 54 -15.00 0.59 27.73
CA ARG F 54 -13.66 0.17 28.29
C ARG F 54 -13.82 -0.96 29.31
N ILE F 55 -14.97 -1.04 29.95
CA ILE F 55 -15.19 -2.11 30.96
C ILE F 55 -16.29 -3.06 30.50
N GLY F 56 -15.99 -3.95 29.58
CA GLY F 56 -17.02 -4.90 29.09
C GLY F 56 -16.41 -5.83 28.03
N GLY F 57 -17.20 -6.24 27.06
CA GLY F 57 -16.67 -7.14 26.00
C GLY F 57 -16.44 -6.34 24.71
N VAL F 58 -15.22 -6.30 24.24
CA VAL F 58 -14.92 -5.54 22.98
C VAL F 58 -15.91 -5.88 21.87
N GLN F 59 -15.86 -5.17 20.78
CA GLN F 59 -16.80 -5.45 19.65
C GLN F 59 -16.38 -4.66 18.41
N GLN F 60 -15.53 -5.22 17.58
CA GLN F 60 -15.09 -4.51 16.36
C GLN F 60 -15.54 -5.27 15.11
N ASP F 61 -15.63 -6.57 15.19
CA ASP F 61 -16.06 -7.37 14.00
C ASP F 61 -17.58 -7.48 13.97
N THR F 62 -18.27 -6.39 13.76
CA THR F 62 -19.77 -6.43 13.73
C THR F 62 -20.36 -5.27 12.93
N ILE F 63 -21.58 -5.43 12.47
CA ILE F 63 -22.28 -4.35 11.71
C ILE F 63 -23.80 -4.65 11.59
N LEU F 64 -24.63 -3.80 12.16
CA LEU F 64 -26.12 -3.99 12.07
C LEU F 64 -26.73 -3.15 10.92
N ALA F 65 -27.00 -1.88 11.16
CA ALA F 65 -27.58 -1.01 10.07
C ALA F 65 -27.21 0.47 10.32
N GLU F 66 -27.62 1.38 9.45
CA GLU F 66 -27.26 2.83 9.66
C GLU F 66 -28.27 3.54 10.57
N GLY F 67 -27.81 4.53 11.29
CA GLY F 67 -28.69 5.29 12.22
C GLY F 67 -28.05 6.65 12.51
N LEU F 68 -28.80 7.65 12.89
CA LEU F 68 -28.14 8.96 13.18
C LEU F 68 -27.89 9.06 14.69
N HIS F 69 -26.64 8.91 15.07
CA HIS F 69 -26.25 8.97 16.51
C HIS F 69 -24.75 9.23 16.62
N PHE F 70 -24.31 9.84 17.68
CA PHE F 70 -22.84 10.12 17.82
C PHE F 70 -22.29 9.44 19.08
N ARG F 71 -21.04 9.06 19.08
CA ARG F 71 -20.44 8.41 20.28
C ARG F 71 -20.21 9.46 21.37
N ILE F 72 -21.24 10.11 21.81
CA ILE F 72 -21.08 11.14 22.86
C ILE F 72 -21.94 10.84 24.11
N PRO F 73 -22.17 9.57 24.40
CA PRO F 73 -22.97 9.21 25.58
C PRO F 73 -22.14 9.34 26.86
N TRP F 74 -21.31 8.37 27.16
CA TRP F 74 -20.46 8.46 28.39
C TRP F 74 -19.43 7.31 28.41
N PHE F 75 -19.78 6.16 27.88
CA PHE F 75 -18.80 5.03 27.88
C PHE F 75 -18.95 4.18 26.60
N GLN F 76 -19.13 4.81 25.47
CA GLN F 76 -19.25 4.04 24.19
C GLN F 76 -17.94 4.12 23.41
N TYR F 77 -17.66 3.12 22.60
CA TYR F 77 -16.38 3.11 21.84
C TYR F 77 -16.62 2.90 20.34
N PRO F 78 -15.70 3.38 19.54
CA PRO F 78 -15.81 3.24 18.08
C PRO F 78 -15.00 2.04 17.57
N ILE F 79 -15.67 1.01 17.15
CA ILE F 79 -15.02 -0.21 16.58
C ILE F 79 -16.08 -0.92 15.74
N ILE F 80 -15.96 -0.89 14.43
CA ILE F 80 -17.02 -1.50 13.56
C ILE F 80 -16.41 -2.41 12.47
N TYR F 81 -17.20 -3.33 11.97
CA TYR F 81 -16.70 -4.27 10.91
C TYR F 81 -17.12 -3.76 9.52
N ASP F 82 -16.22 -3.76 8.58
CA ASP F 82 -16.57 -3.27 7.20
C ASP F 82 -16.78 -4.44 6.26
N ILE F 83 -17.70 -4.32 5.33
CA ILE F 83 -17.96 -5.43 4.36
C ILE F 83 -16.80 -5.55 3.37
N ARG F 84 -16.56 -6.74 2.86
CA ARG F 84 -15.45 -6.94 1.89
C ARG F 84 -15.49 -8.36 1.33
N ALA F 85 -15.07 -8.55 0.11
CA ALA F 85 -15.09 -9.92 -0.48
C ALA F 85 -14.29 -10.89 0.42
N ARG F 86 -14.49 -12.18 0.25
CA ARG F 86 -13.75 -13.16 1.10
C ARG F 86 -13.27 -14.34 0.26
N PRO F 87 -11.97 -14.41 0.04
CA PRO F 87 -11.37 -15.51 -0.73
C PRO F 87 -10.77 -16.54 0.23
N ARG F 88 -11.37 -17.71 0.31
CA ARG F 88 -10.82 -18.75 1.23
C ARG F 88 -11.31 -20.16 0.80
N LYS F 89 -10.44 -20.98 0.23
CA LYS F 89 -10.86 -22.36 -0.23
C LYS F 89 -9.65 -23.30 -0.45
N ILE F 90 -9.84 -24.61 -0.34
CA ILE F 90 -8.69 -25.57 -0.56
C ILE F 90 -9.13 -26.85 -1.27
N SER F 91 -8.22 -27.49 -1.96
CA SER F 91 -8.54 -28.79 -2.63
C SER F 91 -7.97 -29.91 -1.77
N SER F 92 -8.81 -30.70 -1.14
CA SER F 92 -8.29 -31.79 -0.27
C SER F 92 -8.60 -33.18 -0.87
N PRO F 93 -7.55 -33.94 -1.09
CA PRO F 93 -7.70 -35.30 -1.65
C PRO F 93 -7.63 -36.33 -0.53
N THR F 94 -8.73 -36.97 -0.23
CA THR F 94 -8.72 -38.00 0.86
C THR F 94 -9.79 -39.06 0.58
N GLY F 95 -9.39 -40.30 0.46
CA GLY F 95 -10.37 -41.38 0.18
C GLY F 95 -10.44 -42.33 1.37
N SER F 96 -11.63 -42.72 1.77
CA SER F 96 -11.76 -43.66 2.92
C SER F 96 -12.91 -44.64 2.68
N LYS F 97 -14.06 -44.13 2.28
CA LYS F 97 -15.22 -45.03 2.02
C LYS F 97 -14.90 -45.99 0.88
N ASP F 98 -14.03 -45.60 -0.02
CA ASP F 98 -13.66 -46.49 -1.16
C ASP F 98 -12.16 -46.75 -1.16
N LEU F 99 -11.76 -47.92 -1.60
CA LEU F 99 -10.29 -48.24 -1.62
C LEU F 99 -9.56 -47.27 -2.56
N GLN F 100 -10.26 -46.72 -3.52
CA GLN F 100 -9.61 -45.76 -4.46
C GLN F 100 -9.31 -44.44 -3.74
N MET F 101 -9.23 -43.36 -4.47
CA MET F 101 -8.95 -42.04 -3.84
C MET F 101 -10.12 -41.07 -4.08
N VAL F 102 -10.51 -40.35 -3.07
CA VAL F 102 -11.63 -39.38 -3.23
C VAL F 102 -11.21 -37.99 -2.76
N ASN F 103 -11.61 -36.97 -3.45
CA ASN F 103 -11.22 -35.59 -3.04
C ASN F 103 -12.46 -34.74 -2.77
N ILE F 104 -12.43 -33.95 -1.72
CA ILE F 104 -13.61 -33.10 -1.39
C ILE F 104 -13.15 -31.70 -0.94
N SER F 105 -13.41 -30.70 -1.74
CA SER F 105 -13.00 -29.32 -1.35
C SER F 105 -14.23 -28.52 -0.91
N LEU F 106 -14.06 -27.56 -0.05
CA LEU F 106 -15.24 -26.76 0.41
C LEU F 106 -14.81 -25.36 0.85
N ARG F 107 -15.65 -24.38 0.65
CA ARG F 107 -15.31 -22.99 1.06
C ARG F 107 -16.52 -22.32 1.72
N VAL F 108 -16.29 -21.41 2.61
CA VAL F 108 -17.43 -20.73 3.30
C VAL F 108 -17.60 -19.30 2.77
N LEU F 109 -18.83 -18.89 2.56
CA LEU F 109 -19.08 -17.50 2.05
C LEU F 109 -19.84 -16.69 3.10
N SER F 110 -19.27 -15.60 3.54
CA SER F 110 -19.97 -14.76 4.58
C SER F 110 -20.62 -13.54 3.93
N ARG F 111 -21.75 -13.12 4.43
CA ARG F 111 -22.43 -11.93 3.87
C ARG F 111 -22.94 -11.03 5.00
N PRO F 112 -22.33 -9.88 5.13
CA PRO F 112 -22.75 -8.93 6.20
C PRO F 112 -24.11 -8.30 5.86
N ASN F 113 -25.17 -8.85 6.37
CA ASN F 113 -26.52 -8.28 6.09
C ASN F 113 -26.93 -7.33 7.20
N ALA F 114 -28.19 -6.98 7.28
CA ALA F 114 -28.66 -6.06 8.33
C ALA F 114 -29.40 -6.84 9.42
N GLN F 115 -28.98 -8.05 9.68
CA GLN F 115 -29.67 -8.87 10.73
C GLN F 115 -29.20 -8.43 12.13
N GLU F 116 -28.06 -8.89 12.56
CA GLU F 116 -27.57 -8.50 13.92
C GLU F 116 -26.16 -9.05 14.16
N LEU F 117 -25.15 -8.24 13.99
CA LEU F 117 -23.76 -8.73 14.22
C LEU F 117 -23.40 -8.71 15.72
N PRO F 118 -23.95 -7.79 16.48
CA PRO F 118 -23.63 -7.73 17.94
C PRO F 118 -24.25 -8.92 18.69
N SER F 119 -25.48 -9.26 18.43
CA SER F 119 -26.09 -10.43 19.13
C SER F 119 -25.23 -11.66 18.89
N MET F 120 -24.88 -11.90 17.66
CA MET F 120 -24.04 -13.08 17.32
C MET F 120 -22.56 -12.80 17.60
N TYR F 121 -22.18 -11.56 17.72
CA TYR F 121 -20.72 -11.24 17.97
C TYR F 121 -20.15 -12.06 19.13
N GLN F 122 -20.60 -11.83 20.33
CA GLN F 122 -20.06 -12.60 21.50
C GLN F 122 -20.40 -14.09 21.34
N ARG F 123 -21.50 -14.39 20.70
CA ARG F 123 -21.88 -15.82 20.50
C ARG F 123 -21.12 -16.41 19.31
N LEU F 124 -20.61 -15.58 18.44
CA LEU F 124 -19.86 -16.08 17.25
C LEU F 124 -18.70 -16.98 17.69
N GLY F 125 -18.27 -16.85 18.92
CA GLY F 125 -17.14 -17.70 19.41
C GLY F 125 -15.85 -16.88 19.48
N LEU F 126 -14.80 -17.45 20.03
CA LEU F 126 -13.51 -16.71 20.12
C LEU F 126 -13.07 -16.25 18.74
N ASP F 127 -12.19 -15.29 18.67
CA ASP F 127 -11.71 -14.78 17.34
C ASP F 127 -12.92 -14.43 16.46
N TYR F 128 -12.72 -14.27 15.18
CA TYR F 128 -13.86 -13.92 14.29
C TYR F 128 -14.08 -15.05 13.27
N GLU F 129 -13.86 -14.81 12.01
CA GLU F 129 -14.06 -15.88 10.99
C GLU F 129 -12.86 -16.82 10.94
N GLU F 130 -11.67 -16.27 11.04
CA GLU F 130 -10.43 -17.11 10.97
C GLU F 130 -10.54 -18.33 11.89
N ARG F 131 -11.31 -18.25 12.93
CA ARG F 131 -11.44 -19.41 13.86
C ARG F 131 -12.42 -20.45 13.31
N VAL F 132 -13.62 -20.06 13.00
CA VAL F 132 -14.62 -21.03 12.46
C VAL F 132 -14.41 -21.29 10.97
N LEU F 133 -13.72 -20.41 10.28
CA LEU F 133 -13.52 -20.62 8.82
C LEU F 133 -12.83 -21.96 8.53
N PRO F 134 -11.65 -22.15 9.07
CA PRO F 134 -10.89 -23.41 8.83
C PRO F 134 -11.51 -24.59 9.60
N SER F 135 -12.25 -24.32 10.64
CA SER F 135 -12.86 -25.44 11.41
C SER F 135 -14.12 -25.97 10.73
N ILE F 136 -15.05 -25.12 10.40
CA ILE F 136 -16.30 -25.59 9.73
C ILE F 136 -16.03 -26.00 8.28
N VAL F 137 -15.02 -25.43 7.67
CA VAL F 137 -14.72 -25.80 6.25
C VAL F 137 -13.96 -27.14 6.20
N ASN F 138 -13.05 -27.35 7.11
CA ASN F 138 -12.27 -28.61 7.12
C ASN F 138 -13.09 -29.74 7.76
N GLU F 139 -13.83 -29.44 8.80
CA GLU F 139 -14.64 -30.49 9.47
C GLU F 139 -15.63 -31.11 8.49
N VAL F 140 -16.53 -30.32 7.95
CA VAL F 140 -17.52 -30.88 6.98
C VAL F 140 -16.79 -31.52 5.80
N LEU F 141 -15.61 -31.06 5.49
CA LEU F 141 -14.85 -31.64 4.35
C LEU F 141 -14.43 -33.08 4.67
N LYS F 142 -13.93 -33.30 5.86
CA LYS F 142 -13.50 -34.67 6.26
C LYS F 142 -14.70 -35.52 6.67
N SER F 143 -15.75 -34.89 7.14
CA SER F 143 -16.95 -35.67 7.56
C SER F 143 -17.76 -36.11 6.36
N VAL F 144 -17.85 -35.29 5.34
CA VAL F 144 -18.64 -35.66 4.12
C VAL F 144 -17.82 -36.60 3.23
N VAL F 145 -16.57 -36.30 3.01
CA VAL F 145 -15.73 -37.16 2.13
C VAL F 145 -15.71 -38.60 2.66
N ALA F 146 -15.76 -38.76 3.95
CA ALA F 146 -15.74 -40.14 4.54
C ALA F 146 -17.05 -40.86 4.24
N LYS F 147 -18.14 -40.14 4.21
CA LYS F 147 -19.46 -40.79 3.93
C LYS F 147 -19.63 -41.00 2.42
N PHE F 148 -19.30 -40.02 1.64
CA PHE F 148 -19.44 -40.17 0.15
C PHE F 148 -18.55 -41.29 -0.37
N ASN F 149 -18.77 -41.73 -1.58
CA ASN F 149 -17.94 -42.83 -2.15
C ASN F 149 -17.02 -42.27 -3.25
N ALA F 150 -16.11 -43.08 -3.73
CA ALA F 150 -15.17 -42.60 -4.78
C ALA F 150 -15.84 -42.64 -6.16
N SER F 151 -16.32 -43.79 -6.57
CA SER F 151 -16.98 -43.90 -7.90
C SER F 151 -18.11 -42.87 -8.02
N GLN F 152 -18.74 -42.53 -6.93
CA GLN F 152 -19.85 -41.53 -6.98
C GLN F 152 -19.28 -40.11 -7.03
N LEU F 153 -18.08 -39.91 -6.57
CA LEU F 153 -17.47 -38.55 -6.58
C LEU F 153 -16.93 -38.22 -7.97
N ILE F 154 -16.16 -39.10 -8.54
CA ILE F 154 -15.59 -38.83 -9.90
C ILE F 154 -16.72 -38.61 -10.91
N THR F 155 -17.87 -39.19 -10.68
CA THR F 155 -19.01 -39.00 -11.62
C THR F 155 -19.32 -37.51 -11.77
N GLN F 156 -19.28 -36.78 -10.69
CA GLN F 156 -19.57 -35.32 -10.76
C GLN F 156 -19.31 -34.67 -9.40
N ARG F 157 -18.51 -33.63 -9.36
CA ARG F 157 -18.22 -32.96 -8.06
C ARG F 157 -19.44 -32.14 -7.60
N ALA F 158 -20.46 -32.06 -8.39
CA ALA F 158 -21.67 -31.28 -8.00
C ALA F 158 -22.56 -32.10 -7.05
N GLN F 159 -22.74 -33.37 -7.33
CA GLN F 159 -23.60 -34.21 -6.44
C GLN F 159 -23.11 -34.13 -4.99
N VAL F 160 -21.87 -33.78 -4.79
CA VAL F 160 -21.33 -33.68 -3.40
C VAL F 160 -21.82 -32.38 -2.75
N SER F 161 -21.70 -31.28 -3.45
CA SER F 161 -22.15 -29.97 -2.87
C SER F 161 -23.63 -30.05 -2.48
N LEU F 162 -24.39 -30.88 -3.14
CA LEU F 162 -25.84 -31.01 -2.80
C LEU F 162 -26.00 -31.48 -1.36
N LEU F 163 -25.17 -32.40 -0.93
CA LEU F 163 -25.27 -32.91 0.46
C LEU F 163 -24.60 -31.93 1.44
N ILE F 164 -23.60 -31.23 0.99
CA ILE F 164 -22.91 -30.25 1.89
C ILE F 164 -23.86 -29.09 2.23
N ARG F 165 -24.72 -28.73 1.32
CA ARG F 165 -25.66 -27.61 1.59
C ARG F 165 -26.50 -27.91 2.84
N ARG F 166 -27.16 -29.03 2.87
CA ARG F 166 -28.00 -29.38 4.06
C ARG F 166 -27.15 -29.37 5.33
N GLU F 167 -25.90 -29.76 5.23
CA GLU F 167 -25.02 -29.78 6.44
C GLU F 167 -24.50 -28.38 6.74
N LEU F 168 -24.12 -27.64 5.73
CA LEU F 168 -23.60 -26.26 5.97
C LEU F 168 -24.72 -25.34 6.44
N THR F 169 -25.93 -25.57 5.98
CA THR F 169 -27.06 -24.69 6.41
C THR F 169 -27.23 -24.75 7.93
N GLU F 170 -27.02 -25.91 8.52
CA GLU F 170 -27.17 -26.03 10.00
C GLU F 170 -25.91 -25.49 10.70
N ARG F 171 -24.77 -25.65 10.09
CA ARG F 171 -23.50 -25.16 10.73
C ARG F 171 -23.36 -23.65 10.52
N ALA F 172 -23.56 -23.19 9.31
CA ALA F 172 -23.42 -21.72 9.04
C ALA F 172 -24.37 -20.92 9.93
N LYS F 173 -25.56 -21.42 10.13
CA LYS F 173 -26.54 -20.68 11.00
C LYS F 173 -26.23 -20.95 12.48
N ASP F 174 -25.56 -22.02 12.78
CA ASP F 174 -25.23 -22.33 14.20
C ASP F 174 -24.38 -21.20 14.80
N PHE F 175 -23.35 -20.79 14.12
CA PHE F 175 -22.47 -19.71 14.63
C PHE F 175 -23.26 -18.40 14.72
N SER F 176 -23.92 -18.01 13.67
CA SER F 176 -24.71 -16.75 13.68
C SER F 176 -25.76 -16.77 12.58
N LEU F 177 -26.39 -15.65 12.33
CA LEU F 177 -27.43 -15.62 11.25
C LEU F 177 -26.85 -14.95 10.00
N ILE F 178 -26.64 -15.71 8.96
CA ILE F 178 -26.06 -15.14 7.70
C ILE F 178 -26.51 -15.96 6.49
N LEU F 179 -26.59 -15.35 5.34
CA LEU F 179 -27.02 -16.10 4.13
C LEU F 179 -25.80 -16.46 3.28
N ASP F 180 -25.52 -17.72 3.14
CA ASP F 180 -24.33 -18.15 2.34
C ASP F 180 -24.73 -19.23 1.34
N ASP F 181 -24.01 -19.33 0.24
CA ASP F 181 -24.34 -20.36 -0.78
C ASP F 181 -23.40 -21.55 -0.64
N VAL F 182 -23.84 -22.73 -0.98
CA VAL F 182 -22.96 -23.93 -0.85
C VAL F 182 -22.50 -24.45 -2.21
N ALA F 183 -21.24 -24.28 -2.51
CA ALA F 183 -20.68 -24.78 -3.80
C ALA F 183 -19.17 -24.90 -3.65
N ILE F 184 -18.54 -25.80 -4.37
CA ILE F 184 -17.06 -25.95 -4.23
C ILE F 184 -16.41 -26.41 -5.54
N THR F 185 -15.17 -26.07 -5.73
CA THR F 185 -14.44 -26.51 -6.95
C THR F 185 -13.57 -27.71 -6.52
N GLU F 186 -13.92 -28.89 -6.96
CA GLU F 186 -13.15 -30.09 -6.51
C GLU F 186 -12.57 -30.90 -7.66
N LEU F 187 -11.48 -31.55 -7.38
CA LEU F 187 -10.82 -32.43 -8.38
C LEU F 187 -10.48 -33.74 -7.68
N SER F 188 -10.80 -34.85 -8.26
CA SER F 188 -10.53 -36.15 -7.57
C SER F 188 -9.26 -36.83 -8.11
N PHE F 189 -8.61 -37.60 -7.28
CA PHE F 189 -7.36 -38.30 -7.70
C PHE F 189 -7.66 -39.77 -8.01
N SER F 190 -7.21 -40.25 -9.14
CA SER F 190 -7.47 -41.67 -9.51
C SER F 190 -6.17 -42.35 -9.92
N MET A 1 -11.90 32.28 58.62
CA MET A 1 -11.95 31.44 59.84
C MET A 1 -10.60 31.47 60.57
N ALA A 2 -9.54 31.57 59.82
CA ALA A 2 -8.19 31.60 60.46
C ALA A 2 -7.28 32.61 59.74
N GLN A 3 -6.02 32.64 60.08
CA GLN A 3 -5.09 33.60 59.41
C GLN A 3 -4.56 33.02 58.11
N ASN A 4 -4.49 31.71 58.02
CA ASN A 4 -3.99 31.08 56.77
C ASN A 4 -5.11 30.96 55.73
N LEU A 5 -6.33 30.86 56.18
CA LEU A 5 -7.47 30.75 55.23
C LEU A 5 -7.87 32.13 54.72
N LYS A 6 -7.66 33.15 55.50
CA LYS A 6 -8.03 34.52 55.06
C LYS A 6 -7.12 34.97 53.90
N ASP A 7 -5.84 34.76 54.04
CA ASP A 7 -4.90 35.16 52.96
C ASP A 7 -5.10 34.28 51.72
N LEU A 8 -5.55 33.07 51.92
CA LEU A 8 -5.77 32.15 50.76
C LEU A 8 -6.91 32.68 49.89
N ALA A 9 -7.97 33.16 50.50
CA ALA A 9 -9.11 33.69 49.71
C ALA A 9 -8.77 35.06 49.12
N GLY A 10 -7.87 35.78 49.75
CA GLY A 10 -7.48 37.12 49.23
C GLY A 10 -6.50 36.96 48.07
N ARG A 11 -5.85 35.83 47.98
CA ARG A 11 -4.86 35.62 46.88
C ARG A 11 -5.59 35.53 45.53
N LEU A 12 -6.83 35.14 45.53
CA LEU A 12 -7.58 35.02 44.24
C LEU A 12 -7.90 36.42 43.67
N PRO A 13 -8.59 37.21 44.46
CA PRO A 13 -8.95 38.59 44.01
C PRO A 13 -7.71 39.49 44.03
N ALA A 14 -6.82 39.31 43.08
CA ALA A 14 -5.60 40.16 43.05
C ALA A 14 -5.17 40.41 41.60
N GLY A 15 -5.18 39.38 40.78
CA GLY A 15 -4.78 39.55 39.36
C GLY A 15 -5.81 38.88 38.45
N PRO A 16 -6.80 39.64 38.04
CA PRO A 16 -7.87 39.10 37.16
C PRO A 16 -7.33 38.87 35.75
N ARG A 17 -6.30 39.60 35.36
CA ARG A 17 -5.73 39.43 34.00
C ARG A 17 -5.18 38.01 33.83
N GLY A 18 -4.77 37.40 34.91
CA GLY A 18 -4.21 36.01 34.82
C GLY A 18 -5.28 35.06 34.30
N MET A 19 -6.50 35.22 34.72
CA MET A 19 -7.59 34.32 34.24
C MET A 19 -7.75 34.44 32.72
N GLY A 20 -7.51 35.59 32.17
CA GLY A 20 -7.64 35.77 30.69
C GLY A 20 -6.59 34.92 29.99
N THR A 21 -5.37 34.97 30.43
CA THR A 21 -4.29 34.16 29.78
C THR A 21 -4.58 32.67 29.96
N ALA A 22 -5.30 32.30 30.98
CA ALA A 22 -5.61 30.85 31.20
C ALA A 22 -6.33 30.27 29.98
N LEU A 23 -7.02 31.09 29.24
CA LEU A 23 -7.73 30.58 28.03
C LEU A 23 -6.73 30.05 27.00
N LYS A 24 -5.64 30.75 26.80
CA LYS A 24 -4.61 30.29 25.81
C LYS A 24 -4.22 28.84 26.09
N LEU A 25 -4.26 28.44 27.33
CA LEU A 25 -3.89 27.03 27.69
C LEU A 25 -4.96 26.06 27.18
N LEU A 26 -6.21 26.39 27.38
CA LEU A 26 -7.30 25.48 26.92
C LEU A 26 -7.21 25.26 25.40
N LEU A 27 -6.90 26.29 24.67
CA LEU A 27 -6.79 26.16 23.19
C LEU A 27 -5.53 25.37 22.83
N GLY A 28 -4.44 25.65 23.49
CA GLY A 28 -3.18 24.91 23.20
C GLY A 28 -3.36 23.44 23.55
N ALA A 29 -4.18 23.14 24.52
CA ALA A 29 -4.40 21.72 24.92
C ALA A 29 -4.95 20.92 23.73
N GLY A 30 -5.80 21.52 22.95
CA GLY A 30 -6.38 20.79 21.77
C GLY A 30 -5.27 20.50 20.77
N ALA A 31 -4.33 21.40 20.63
CA ALA A 31 -3.22 21.17 19.67
C ALA A 31 -2.37 19.98 20.12
N VAL A 32 -2.16 19.84 21.40
CA VAL A 32 -1.35 18.70 21.92
C VAL A 32 -2.13 17.39 21.73
N ALA A 33 -3.41 17.41 21.97
CA ALA A 33 -4.22 16.17 21.80
C ALA A 33 -4.10 15.64 20.37
N TYR A 34 -3.88 16.52 19.43
CA TYR A 34 -3.74 16.09 18.00
C TYR A 34 -2.55 15.14 17.86
N GLY A 35 -1.41 15.51 18.39
CA GLY A 35 -0.21 14.62 18.28
C GLY A 35 -0.51 13.29 18.96
N VAL A 36 -1.32 13.30 19.99
CA VAL A 36 -1.65 12.03 20.70
C VAL A 36 -2.73 11.27 19.93
N ARG A 37 -3.58 11.96 19.23
CA ARG A 37 -4.67 11.28 18.46
C ARG A 37 -4.07 10.22 17.52
N GLU A 38 -2.87 10.44 17.04
CA GLU A 38 -2.25 9.45 16.11
C GLU A 38 -1.65 8.28 16.91
N SER A 39 -1.24 8.50 18.15
CA SER A 39 -0.63 7.37 18.94
C SER A 39 -0.99 7.48 20.44
N VAL A 40 -1.11 6.35 21.12
CA VAL A 40 -1.46 6.37 22.59
C VAL A 40 -0.90 5.12 23.30
N PHE A 41 -1.25 4.92 24.55
CA PHE A 41 -0.74 3.70 25.28
C PHE A 41 -1.88 2.70 25.54
N THR A 42 -3.05 3.16 25.93
CA THR A 42 -4.17 2.21 26.19
C THR A 42 -4.45 1.38 24.93
N VAL A 43 -4.15 0.10 24.97
CA VAL A 43 -4.38 -0.77 23.78
C VAL A 43 -5.81 -0.60 23.24
N GLU A 44 -6.02 -0.96 22.00
CA GLU A 44 -7.38 -0.84 21.41
C GLU A 44 -7.52 -1.78 20.20
N GLY A 45 -8.60 -2.51 20.13
CA GLY A 45 -8.81 -3.44 18.98
C GLY A 45 -8.51 -4.87 19.42
N GLY A 46 -8.89 -5.22 20.63
CA GLY A 46 -8.64 -6.61 21.12
C GLY A 46 -7.13 -6.90 21.12
N HIS A 47 -6.34 -5.89 21.37
CA HIS A 47 -4.86 -6.10 21.39
C HIS A 47 -4.35 -6.14 22.83
N ARG A 48 -3.25 -6.81 23.06
CA ARG A 48 -2.69 -6.97 24.44
C ARG A 48 -1.50 -6.01 24.68
N ALA A 49 -1.22 -5.66 25.94
CA ALA A 49 -0.10 -4.69 26.23
C ALA A 49 1.19 -5.39 26.71
N ILE A 50 2.31 -4.75 26.45
CA ILE A 50 3.65 -5.30 26.85
C ILE A 50 4.46 -4.18 27.56
N PHE A 51 5.38 -4.50 28.44
CA PHE A 51 6.13 -3.40 29.17
C PHE A 51 7.66 -3.47 29.05
N PHE A 52 8.31 -2.32 28.93
CA PHE A 52 9.80 -2.27 28.84
C PHE A 52 10.32 -0.85 29.15
N ASN A 53 11.55 -0.72 29.61
CA ASN A 53 12.12 0.64 29.92
C ASN A 53 13.30 0.97 28.99
N ARG A 54 13.56 2.25 28.75
CA ARG A 54 14.69 2.65 27.83
C ARG A 54 15.94 1.80 28.09
N ILE A 55 16.12 1.35 29.31
CA ILE A 55 17.32 0.52 29.63
C ILE A 55 17.00 -0.98 29.46
N GLY A 56 17.78 -1.67 28.68
CA GLY A 56 17.53 -3.13 28.47
C GLY A 56 17.33 -3.40 26.98
N GLY A 57 16.84 -4.57 26.64
CA GLY A 57 16.61 -4.90 25.21
C GLY A 57 15.37 -4.16 24.72
N VAL A 58 14.25 -4.85 24.63
CA VAL A 58 13.00 -4.18 24.17
C VAL A 58 11.80 -5.15 24.31
N GLN A 59 10.68 -4.81 23.73
CA GLN A 59 9.49 -5.72 23.84
C GLN A 59 8.42 -5.29 22.83
N GLN A 60 8.74 -5.31 21.56
CA GLN A 60 7.74 -4.91 20.53
C GLN A 60 7.20 -6.13 19.79
N ASP A 61 7.15 -7.27 20.46
CA ASP A 61 6.64 -8.49 19.79
C ASP A 61 5.88 -9.37 20.79
N THR A 62 4.93 -8.80 21.49
CA THR A 62 4.16 -9.60 22.49
C THR A 62 2.77 -8.98 22.75
N ILE A 63 1.89 -9.73 23.38
CA ILE A 63 0.53 -9.25 23.71
C ILE A 63 -0.10 -10.19 24.78
N LEU A 64 -0.50 -9.65 25.91
CA LEU A 64 -1.14 -10.49 27.00
C LEU A 64 -2.70 -10.39 26.95
N ALA A 65 -3.27 -9.27 27.39
CA ALA A 65 -4.77 -9.12 27.35
C ALA A 65 -5.16 -7.64 27.54
N GLU A 66 -6.43 -7.29 27.41
CA GLU A 66 -6.84 -5.85 27.58
C GLU A 66 -6.99 -5.46 29.06
N GLY A 67 -6.75 -4.22 29.35
CA GLY A 67 -6.87 -3.72 30.75
C GLY A 67 -7.02 -2.20 30.69
N LEU A 68 -7.60 -1.56 31.69
CA LEU A 68 -7.71 -0.08 31.61
C LEU A 68 -6.53 0.53 32.36
N HIS A 69 -5.58 1.04 31.63
CA HIS A 69 -4.36 1.64 32.24
C HIS A 69 -3.64 2.52 31.20
N PHE A 70 -2.92 3.53 31.64
CA PHE A 70 -2.20 4.40 30.65
C PHE A 70 -0.69 4.41 30.95
N ARG A 71 0.13 4.60 29.94
CA ARG A 71 1.61 4.63 30.18
C ARG A 71 1.98 5.92 30.90
N ILE A 72 1.49 6.10 32.10
CA ILE A 72 1.82 7.35 32.84
C ILE A 72 2.53 7.06 34.18
N PRO A 73 3.28 5.97 34.24
CA PRO A 73 4.01 5.64 35.50
C PRO A 73 5.26 6.53 35.64
N TRP A 74 6.36 6.15 35.04
CA TRP A 74 7.60 6.97 35.13
C TRP A 74 8.66 6.46 34.15
N PHE A 75 8.70 5.17 33.91
CA PHE A 75 9.71 4.62 32.96
C PHE A 75 9.14 3.42 32.18
N GLN A 76 8.13 3.63 31.38
CA GLN A 76 7.55 2.51 30.59
C GLN A 76 7.54 2.89 29.10
N TYR A 77 7.59 1.92 28.24
CA TYR A 77 7.61 2.22 26.77
C TYR A 77 6.42 1.59 26.05
N PRO A 78 6.05 2.19 24.95
CA PRO A 78 4.93 1.67 24.15
C PRO A 78 5.44 0.84 22.96
N ILE A 79 5.25 -0.46 23.04
CA ILE A 79 5.66 -1.39 21.94
C ILE A 79 4.84 -2.66 22.13
N ILE A 80 3.88 -2.90 21.25
CA ILE A 80 3.01 -4.11 21.42
C ILE A 80 2.89 -4.91 20.11
N TYR A 81 2.59 -6.18 20.22
CA TYR A 81 2.47 -7.05 19.00
C TYR A 81 1.01 -7.20 18.60
N ASP A 82 0.73 -7.40 17.34
CA ASP A 82 -0.69 -7.54 16.92
C ASP A 82 -0.90 -8.88 16.19
N ILE A 83 -2.09 -9.41 16.24
CA ILE A 83 -2.36 -10.71 15.56
C ILE A 83 -2.94 -10.47 14.16
N ARG A 84 -2.71 -11.39 13.25
CA ARG A 84 -3.23 -11.23 11.86
C ARG A 84 -3.00 -12.51 11.05
N ALA A 85 -3.47 -12.57 9.84
CA ALA A 85 -3.27 -13.78 9.00
C ALA A 85 -1.77 -14.08 8.86
N ARG A 86 -1.42 -15.31 8.59
CA ARG A 86 0.03 -15.63 8.44
C ARG A 86 0.25 -16.59 7.26
N PRO A 87 0.85 -16.08 6.21
CA PRO A 87 1.14 -16.90 5.02
C PRO A 87 2.60 -17.35 5.03
N ARG A 88 2.84 -18.61 5.25
CA ARG A 88 4.25 -19.10 5.28
C ARG A 88 4.28 -20.64 5.04
N LYS A 89 4.74 -21.07 3.87
CA LYS A 89 4.77 -22.56 3.56
C LYS A 89 5.73 -22.89 2.40
N ILE A 90 6.28 -24.09 2.35
CA ILE A 90 7.22 -24.47 1.23
C ILE A 90 7.11 -25.94 0.82
N SER A 91 7.46 -26.24 -0.40
CA SER A 91 7.44 -27.65 -0.87
C SER A 91 8.87 -28.19 -0.83
N SER A 92 9.16 -29.10 0.06
CA SER A 92 10.55 -29.65 0.15
C SER A 92 10.62 -31.09 -0.36
N PRO A 93 11.60 -31.35 -1.20
CA PRO A 93 11.79 -32.69 -1.75
C PRO A 93 12.88 -33.44 -0.97
N THR A 94 12.51 -34.46 -0.24
CA THR A 94 13.53 -35.22 0.56
C THR A 94 13.05 -36.65 0.80
N GLY A 95 13.82 -37.62 0.37
CA GLY A 95 13.41 -39.05 0.57
C GLY A 95 14.58 -39.82 1.18
N SER A 96 14.31 -40.62 2.16
CA SER A 96 15.41 -41.41 2.80
C SER A 96 14.84 -42.67 3.47
N LYS A 97 13.71 -43.15 3.01
CA LYS A 97 13.12 -44.37 3.62
C LYS A 97 12.43 -45.23 2.55
N ASP A 98 12.77 -45.03 1.30
CA ASP A 98 12.14 -45.82 0.22
C ASP A 98 13.05 -45.86 -1.02
N LEU A 99 14.33 -45.64 -0.85
CA LEU A 99 15.26 -45.66 -2.01
C LEU A 99 14.74 -44.80 -3.16
N GLN A 100 13.95 -43.80 -2.85
CA GLN A 100 13.41 -42.92 -3.92
C GLN A 100 13.37 -41.46 -3.45
N MET A 101 12.71 -40.61 -4.18
CA MET A 101 12.63 -39.18 -3.77
C MET A 101 11.21 -38.83 -3.32
N VAL A 102 11.06 -38.37 -2.10
CA VAL A 102 9.70 -38.02 -1.59
C VAL A 102 9.68 -36.56 -1.15
N ASN A 103 8.68 -35.82 -1.54
CA ASN A 103 8.61 -34.38 -1.13
C ASN A 103 7.51 -34.19 -0.08
N ILE A 104 7.83 -33.55 1.01
CA ILE A 104 6.82 -33.33 2.07
C ILE A 104 6.79 -31.85 2.47
N SER A 105 5.66 -31.20 2.30
CA SER A 105 5.57 -29.76 2.66
C SER A 105 4.84 -29.62 4.00
N LEU A 106 5.24 -28.69 4.82
CA LEU A 106 4.56 -28.52 6.15
C LEU A 106 4.54 -27.06 6.57
N ARG A 107 3.55 -26.68 7.33
CA ARG A 107 3.45 -25.27 7.80
C ARG A 107 2.91 -25.24 9.23
N VAL A 108 3.37 -24.31 10.04
CA VAL A 108 2.88 -24.23 11.44
C VAL A 108 2.10 -22.94 11.66
N LEU A 109 1.03 -23.00 12.42
CA LEU A 109 0.22 -21.78 12.68
C LEU A 109 0.43 -21.30 14.11
N SER A 110 0.95 -20.12 14.29
CA SER A 110 1.18 -19.59 15.66
C SER A 110 0.10 -18.57 16.01
N ARG A 111 -0.40 -18.61 17.22
CA ARG A 111 -1.46 -17.64 17.62
C ARG A 111 -1.34 -17.32 19.11
N PRO A 112 -1.77 -16.13 19.47
CA PRO A 112 -1.71 -15.71 20.89
C PRO A 112 -2.77 -16.44 21.72
N ASN A 113 -4.00 -15.96 21.69
CA ASN A 113 -5.09 -16.63 22.48
C ASN A 113 -4.77 -16.60 23.97
N ALA A 114 -3.89 -17.47 24.42
CA ALA A 114 -3.54 -17.50 25.86
C ALA A 114 -2.70 -16.27 26.22
N GLN A 115 -2.31 -16.14 27.46
CA GLN A 115 -1.49 -14.95 27.87
C GLN A 115 -0.07 -15.41 28.25
N GLU A 116 0.88 -15.24 27.37
CA GLU A 116 2.27 -15.65 27.70
C GLU A 116 3.28 -14.95 26.77
N LEU A 117 2.93 -13.80 26.25
CA LEU A 117 3.88 -13.08 25.35
C LEU A 117 4.95 -12.32 26.17
N PRO A 118 4.60 -11.84 27.33
CA PRO A 118 5.60 -11.11 28.16
C PRO A 118 6.62 -12.08 28.74
N SER A 119 6.18 -13.23 29.20
CA SER A 119 7.14 -14.23 29.75
C SER A 119 7.90 -14.90 28.60
N MET A 120 7.20 -15.17 27.53
CA MET A 120 7.86 -15.82 26.36
C MET A 120 8.60 -14.77 25.52
N TYR A 121 8.28 -13.51 25.69
CA TYR A 121 8.97 -12.45 24.88
C TYR A 121 10.49 -12.68 24.87
N GLN A 122 11.13 -12.63 26.00
CA GLN A 122 12.61 -12.84 26.03
C GLN A 122 12.95 -14.34 25.98
N ARG A 123 12.02 -15.18 26.38
CA ARG A 123 12.29 -16.65 26.34
C ARG A 123 12.11 -17.21 24.94
N LEU A 124 11.30 -16.59 24.13
CA LEU A 124 11.07 -17.08 22.74
C LEU A 124 12.40 -17.09 21.97
N GLY A 125 13.17 -16.04 22.08
CA GLY A 125 14.47 -15.99 21.35
C GLY A 125 14.68 -14.61 20.74
N LEU A 126 15.63 -14.48 19.85
CA LEU A 126 15.88 -13.15 19.22
C LEU A 126 14.66 -12.71 18.41
N ASP A 127 14.44 -13.31 17.26
CA ASP A 127 13.27 -12.93 16.43
C ASP A 127 11.98 -13.52 17.02
N TYR A 128 10.97 -13.69 16.20
CA TYR A 128 9.69 -14.27 16.71
C TYR A 128 9.19 -15.37 15.77
N GLU A 129 8.63 -14.99 14.65
CA GLU A 129 8.11 -16.01 13.69
C GLU A 129 9.26 -16.60 12.87
N GLU A 130 10.00 -15.77 12.18
CA GLU A 130 11.13 -16.28 11.35
C GLU A 130 12.03 -17.21 12.17
N ARG A 131 12.02 -17.08 13.47
CA ARG A 131 12.89 -17.96 14.30
C ARG A 131 12.25 -19.33 14.56
N VAL A 132 11.18 -19.35 15.32
CA VAL A 132 10.51 -20.66 15.66
C VAL A 132 9.55 -21.15 14.56
N LEU A 133 9.04 -20.29 13.72
CA LEU A 133 8.08 -20.76 12.67
C LEU A 133 8.74 -21.65 11.61
N PRO A 134 9.79 -21.17 10.99
CA PRO A 134 10.46 -21.95 9.94
C PRO A 134 11.30 -23.09 10.55
N SER A 135 11.98 -22.82 11.63
CA SER A 135 12.82 -23.88 12.26
C SER A 135 11.98 -25.14 12.55
N ILE A 136 10.91 -25.00 13.28
CA ILE A 136 10.06 -26.19 13.57
C ILE A 136 9.55 -26.82 12.27
N VAL A 137 9.17 -26.00 11.32
CA VAL A 137 8.67 -26.54 10.03
C VAL A 137 9.78 -27.31 9.32
N ASN A 138 10.87 -26.67 9.00
CA ASN A 138 11.99 -27.36 8.32
C ASN A 138 12.53 -28.51 9.18
N GLU A 139 12.38 -28.39 10.48
CA GLU A 139 12.89 -29.47 11.38
C GLU A 139 11.99 -30.71 11.28
N VAL A 140 10.76 -30.61 11.71
CA VAL A 140 9.83 -31.78 11.65
C VAL A 140 9.74 -32.29 10.20
N LEU A 141 9.85 -31.41 9.24
CA LEU A 141 9.77 -31.84 7.81
C LEU A 141 11.04 -32.59 7.42
N LYS A 142 12.15 -32.25 8.02
CA LYS A 142 13.43 -32.94 7.68
C LYS A 142 13.52 -34.28 8.40
N SER A 143 13.03 -34.36 9.61
CA SER A 143 13.10 -35.64 10.37
C SER A 143 11.98 -36.60 9.92
N VAL A 144 10.80 -36.08 9.66
CA VAL A 144 9.68 -36.97 9.22
C VAL A 144 10.04 -37.67 7.91
N VAL A 145 10.80 -37.04 7.06
CA VAL A 145 11.18 -37.66 5.76
C VAL A 145 11.83 -39.03 6.00
N ALA A 146 12.98 -39.05 6.62
CA ALA A 146 13.67 -40.35 6.88
C ALA A 146 12.79 -41.26 7.75
N LYS A 147 11.82 -40.69 8.43
CA LYS A 147 10.93 -41.53 9.28
C LYS A 147 9.84 -42.21 8.44
N PHE A 148 8.96 -41.43 7.87
CA PHE A 148 7.87 -42.03 7.05
C PHE A 148 8.44 -42.65 5.77
N ASN A 149 7.59 -43.20 4.94
CA ASN A 149 8.08 -43.83 3.67
C ASN A 149 7.47 -43.13 2.46
N ALA A 150 7.91 -43.49 1.28
CA ALA A 150 7.36 -42.84 0.05
C ALA A 150 6.02 -43.46 -0.33
N SER A 151 5.96 -44.76 -0.45
CA SER A 151 4.67 -45.43 -0.82
C SER A 151 3.55 -45.04 0.15
N GLN A 152 3.90 -44.66 1.35
CA GLN A 152 2.85 -44.27 2.35
C GLN A 152 2.39 -42.83 2.09
N LEU A 153 3.23 -42.01 1.53
CA LEU A 153 2.84 -40.60 1.26
C LEU A 153 2.00 -40.52 -0.03
N ILE A 154 2.46 -41.13 -1.08
CA ILE A 154 1.69 -41.10 -2.36
C ILE A 154 0.28 -41.63 -2.17
N THR A 155 0.09 -42.52 -1.22
CA THR A 155 -1.28 -43.08 -0.99
C THR A 155 -2.17 -42.03 -0.33
N GLN A 156 -1.61 -41.17 0.47
CA GLN A 156 -2.43 -40.12 1.14
C GLN A 156 -1.52 -39.08 1.80
N ARG A 157 -1.38 -37.93 1.21
CA ARG A 157 -0.51 -36.87 1.80
C ARG A 157 -1.03 -36.47 3.18
N ALA A 158 -2.28 -36.73 3.46
CA ALA A 158 -2.84 -36.37 4.80
C ALA A 158 -2.47 -37.42 5.84
N GLN A 159 -2.21 -38.63 5.41
CA GLN A 159 -1.84 -39.70 6.39
C GLN A 159 -0.59 -39.30 7.17
N VAL A 160 0.41 -38.78 6.50
CA VAL A 160 1.66 -38.36 7.20
C VAL A 160 1.37 -37.18 8.13
N SER A 161 0.31 -36.44 7.87
CA SER A 161 -0.01 -35.27 8.74
C SER A 161 -0.66 -35.75 10.05
N LEU A 162 -1.26 -36.91 10.04
CA LEU A 162 -1.90 -37.43 11.28
C LEU A 162 -0.84 -37.75 12.33
N LEU A 163 0.21 -38.44 11.94
CA LEU A 163 1.29 -38.77 12.92
C LEU A 163 2.01 -37.51 13.36
N ILE A 164 2.39 -36.68 12.43
CA ILE A 164 3.11 -35.42 12.80
C ILE A 164 2.21 -34.52 13.65
N ARG A 165 0.91 -34.70 13.56
CA ARG A 165 -0.02 -33.85 14.36
C ARG A 165 0.30 -33.98 15.85
N ARG A 166 0.83 -35.09 16.26
CA ARG A 166 1.16 -35.27 17.70
C ARG A 166 2.47 -34.56 18.04
N GLU A 167 3.39 -34.52 17.12
CA GLU A 167 4.69 -33.84 17.39
C GLU A 167 4.53 -32.33 17.24
N LEU A 168 3.63 -31.90 16.40
CA LEU A 168 3.42 -30.43 16.21
C LEU A 168 2.73 -29.84 17.43
N THR A 169 1.82 -30.56 18.03
CA THR A 169 1.10 -30.04 19.23
C THR A 169 2.10 -29.76 20.36
N GLU A 170 3.06 -30.63 20.54
CA GLU A 170 4.06 -30.42 21.62
C GLU A 170 5.09 -29.36 21.19
N ARG A 171 5.48 -29.39 19.94
CA ARG A 171 6.49 -28.39 19.45
C ARG A 171 5.91 -26.97 19.54
N ALA A 172 4.71 -26.78 19.05
CA ALA A 172 4.09 -25.42 19.10
C ALA A 172 3.79 -25.04 20.55
N LYS A 173 3.37 -25.98 21.35
CA LYS A 173 3.07 -25.67 22.77
C LYS A 173 4.36 -25.53 23.59
N ASP A 174 5.45 -26.06 23.09
CA ASP A 174 6.73 -25.96 23.83
C ASP A 174 7.12 -24.50 24.04
N PHE A 175 6.82 -23.65 23.11
CA PHE A 175 7.18 -22.20 23.26
C PHE A 175 6.13 -21.48 24.10
N SER A 176 4.91 -21.94 24.08
CA SER A 176 3.84 -21.28 24.89
C SER A 176 2.56 -22.12 24.87
N LEU A 177 1.48 -21.57 25.35
CA LEU A 177 0.19 -22.33 25.37
C LEU A 177 -0.72 -21.84 24.23
N ILE A 178 -0.93 -22.66 23.23
CA ILE A 178 -1.80 -22.23 22.10
C ILE A 178 -2.33 -23.44 21.34
N LEU A 179 -3.48 -23.32 20.72
CA LEU A 179 -4.04 -24.47 19.96
C LEU A 179 -3.79 -24.27 18.46
N ASP A 180 -3.12 -25.21 17.84
CA ASP A 180 -2.81 -25.07 16.38
C ASP A 180 -3.40 -26.24 15.59
N ASP A 181 -3.67 -26.03 14.33
CA ASP A 181 -4.25 -27.13 13.49
C ASP A 181 -3.13 -27.76 12.65
N VAL A 182 -3.12 -29.05 12.52
CA VAL A 182 -2.04 -29.70 11.72
C VAL A 182 -2.55 -30.20 10.36
N ALA A 183 -2.13 -29.55 9.31
CA ALA A 183 -2.53 -29.96 7.93
C ALA A 183 -1.52 -29.37 6.96
N ILE A 184 -1.30 -29.98 5.83
CA ILE A 184 -0.30 -29.42 4.89
C ILE A 184 -0.64 -29.74 3.43
N THR A 185 -0.23 -28.89 2.54
CA THR A 185 -0.46 -29.13 1.08
C THR A 185 0.85 -29.64 0.49
N GLU A 186 0.93 -30.89 0.12
CA GLU A 186 2.22 -31.42 -0.41
C GLU A 186 2.05 -32.33 -1.62
N LEU A 187 3.04 -32.36 -2.45
CA LEU A 187 3.02 -33.24 -3.65
C LEU A 187 4.34 -34.03 -3.65
N SER A 188 4.29 -35.31 -3.89
CA SER A 188 5.55 -36.11 -3.86
C SER A 188 6.07 -36.40 -5.26
N PHE A 189 7.36 -36.58 -5.40
CA PHE A 189 7.95 -36.87 -6.73
C PHE A 189 8.26 -38.36 -6.86
N SER A 190 8.19 -38.90 -8.06
CA SER A 190 8.48 -40.35 -8.24
C SER A 190 9.78 -40.53 -9.02
N MET B 1 28.64 38.56 53.35
CA MET B 1 27.42 38.92 52.57
C MET B 1 27.78 39.16 51.10
N ALA B 2 27.49 38.22 50.25
CA ALA B 2 27.81 38.39 48.80
C ALA B 2 26.68 39.13 48.08
N GLN B 3 26.96 40.27 47.53
CA GLN B 3 25.89 41.03 46.81
C GLN B 3 25.36 40.22 45.61
N ASN B 4 26.16 39.32 45.10
CA ASN B 4 25.71 38.50 43.94
C ASN B 4 24.39 37.78 44.26
N LEU B 5 24.24 37.32 45.47
CA LEU B 5 22.98 36.62 45.85
C LEU B 5 21.81 37.62 45.90
N LYS B 6 22.04 38.78 46.46
CA LYS B 6 20.95 39.79 46.55
C LYS B 6 20.64 40.34 45.15
N ASP B 7 21.61 40.37 44.28
CA ASP B 7 21.36 40.89 42.91
C ASP B 7 20.69 39.81 42.05
N LEU B 8 20.92 38.57 42.35
CA LEU B 8 20.28 37.48 41.56
C LEU B 8 18.77 37.44 41.82
N ALA B 9 18.39 37.30 43.06
CA ALA B 9 16.93 37.26 43.38
C ALA B 9 16.29 38.63 43.13
N GLY B 10 17.07 39.68 43.15
CA GLY B 10 16.50 41.03 42.90
C GLY B 10 15.98 41.12 41.47
N ARG B 11 16.42 40.25 40.60
CA ARG B 11 15.95 40.30 39.19
C ARG B 11 14.57 39.63 39.06
N LEU B 12 14.25 38.74 39.95
CA LEU B 12 12.92 38.06 39.89
C LEU B 12 11.78 39.08 39.95
N PRO B 13 11.78 39.89 40.99
CA PRO B 13 10.73 40.92 41.13
C PRO B 13 10.93 42.06 40.13
N ALA B 14 10.30 43.18 40.33
CA ALA B 14 10.44 44.32 39.38
C ALA B 14 10.10 43.87 37.96
N GLY B 15 8.90 44.12 37.52
CA GLY B 15 8.50 43.71 36.14
C GLY B 15 7.99 42.27 36.17
N PRO B 16 6.93 42.05 36.89
CA PRO B 16 6.34 40.70 36.98
C PRO B 16 5.63 40.32 35.68
N ARG B 17 5.32 41.28 34.86
CA ARG B 17 4.63 40.97 33.57
C ARG B 17 5.45 39.98 32.75
N GLY B 18 6.73 39.89 33.00
CA GLY B 18 7.59 38.94 32.23
C GLY B 18 7.09 37.52 32.46
N MET B 19 6.51 37.25 33.59
CA MET B 19 5.99 35.87 33.86
C MET B 19 4.76 35.58 33.00
N GLY B 20 3.91 36.56 32.83
CA GLY B 20 2.69 36.35 31.99
C GLY B 20 3.08 35.94 30.59
N THR B 21 4.23 36.37 30.13
CA THR B 21 4.68 36.01 28.75
C THR B 21 5.16 34.55 28.73
N ALA B 22 5.61 34.04 29.84
CA ALA B 22 6.09 32.63 29.88
C ALA B 22 4.96 31.67 29.49
N LEU B 23 3.73 32.07 29.70
CA LEU B 23 2.59 31.18 29.33
C LEU B 23 2.60 30.88 27.83
N LYS B 24 2.75 31.89 27.02
CA LYS B 24 2.78 31.66 25.53
C LYS B 24 3.93 30.71 25.18
N LEU B 25 4.98 30.74 25.95
CA LEU B 25 6.14 29.84 25.65
C LEU B 25 5.76 28.38 25.95
N LEU B 26 5.03 28.15 27.00
CA LEU B 26 4.62 26.75 27.34
C LEU B 26 3.80 26.13 26.21
N LEU B 27 2.74 26.77 25.82
CA LEU B 27 1.89 26.22 24.72
C LEU B 27 2.75 25.96 23.48
N GLY B 28 3.83 26.67 23.33
CA GLY B 28 4.71 26.46 22.14
C GLY B 28 5.43 25.12 22.27
N ALA B 29 5.78 24.75 23.46
CA ALA B 29 6.48 23.44 23.66
C ALA B 29 5.59 22.28 23.20
N GLY B 30 4.32 22.39 23.43
CA GLY B 30 3.39 21.29 23.00
C GLY B 30 3.36 21.22 21.47
N ALA B 31 3.51 22.34 20.81
CA ALA B 31 3.48 22.35 19.32
C ALA B 31 4.79 21.77 18.78
N VAL B 32 5.90 22.11 19.39
CA VAL B 32 7.22 21.58 18.90
C VAL B 32 7.29 20.07 19.13
N ALA B 33 6.54 19.56 20.07
CA ALA B 33 6.57 18.09 20.33
C ALA B 33 5.87 17.33 19.20
N TYR B 34 4.85 17.90 18.62
CA TYR B 34 4.13 17.20 17.51
C TYR B 34 5.08 16.92 16.36
N GLY B 35 5.87 17.90 15.97
CA GLY B 35 6.83 17.69 14.85
C GLY B 35 7.78 16.54 15.20
N VAL B 36 8.08 16.37 16.45
CA VAL B 36 9.01 15.28 16.88
C VAL B 36 8.24 13.96 16.95
N ARG B 37 6.97 14.00 17.25
CA ARG B 37 6.16 12.75 17.34
C ARG B 37 6.22 11.99 16.01
N GLU B 38 6.32 12.70 14.92
CA GLU B 38 6.37 12.02 13.59
C GLU B 38 7.79 11.47 13.33
N SER B 39 8.80 12.07 13.90
CA SER B 39 10.20 11.58 13.68
C SER B 39 11.10 11.85 14.90
N VAL B 40 12.02 10.97 15.20
CA VAL B 40 12.94 11.17 16.36
C VAL B 40 14.27 10.42 16.15
N PHE B 41 15.14 10.41 17.14
CA PHE B 41 16.45 9.69 16.98
C PHE B 41 16.57 8.53 17.99
N THR B 42 15.91 8.60 19.13
CA THR B 42 16.01 7.47 20.12
C THR B 42 15.63 6.17 19.42
N VAL B 43 16.47 5.16 19.49
CA VAL B 43 16.12 3.88 18.82
C VAL B 43 14.89 3.26 19.49
N GLU B 44 14.03 2.65 18.71
CA GLU B 44 12.78 2.07 19.30
C GLU B 44 12.56 0.61 18.83
N GLY B 45 12.76 -0.34 19.70
CA GLY B 45 12.53 -1.77 19.30
C GLY B 45 13.79 -2.61 19.58
N GLY B 46 13.94 -3.70 18.87
CA GLY B 46 15.13 -4.57 19.07
C GLY B 46 16.06 -4.45 17.86
N HIS B 47 16.91 -3.46 17.86
CA HIS B 47 17.83 -3.25 16.70
C HIS B 47 19.05 -2.43 17.14
N ARG B 48 20.12 -2.53 16.41
CA ARG B 48 21.37 -1.80 16.77
C ARG B 48 21.47 -0.49 15.97
N ALA B 49 22.13 0.51 16.50
CA ALA B 49 22.18 1.84 15.77
C ALA B 49 23.47 2.07 14.98
N ILE B 50 23.39 2.96 14.02
CA ILE B 50 24.52 3.28 13.10
C ILE B 50 24.91 4.77 13.22
N PHE B 51 26.15 5.12 12.93
CA PHE B 51 26.56 6.57 13.06
C PHE B 51 27.21 7.14 11.77
N PHE B 52 26.81 8.32 11.37
CA PHE B 52 27.40 8.98 10.17
C PHE B 52 27.11 10.50 10.23
N ASN B 53 27.94 11.32 9.63
CA ASN B 53 27.72 12.81 9.68
C ASN B 53 27.83 13.45 8.29
N ARG B 54 27.17 14.57 8.08
CA ARG B 54 27.24 15.27 6.75
C ARG B 54 28.68 15.34 6.24
N ILE B 55 29.00 14.59 5.21
CA ILE B 55 30.40 14.62 4.67
C ILE B 55 30.43 14.01 3.26
N GLY B 56 29.70 12.95 3.04
CA GLY B 56 29.69 12.31 1.69
C GLY B 56 29.69 10.79 1.84
N GLY B 57 28.60 10.15 1.51
CA GLY B 57 28.53 8.67 1.64
C GLY B 57 27.67 8.30 2.85
N VAL B 58 26.41 8.63 2.82
CA VAL B 58 25.51 8.30 3.97
C VAL B 58 25.53 6.79 4.25
N GLN B 59 25.40 6.41 5.49
CA GLN B 59 25.40 4.95 5.82
C GLN B 59 24.09 4.29 5.38
N GLN B 60 24.05 2.98 5.36
CA GLN B 60 22.80 2.28 4.94
C GLN B 60 22.91 0.79 5.27
N ASP B 61 21.84 0.06 5.14
CA ASP B 61 21.87 -1.41 5.46
C ASP B 61 22.34 -1.62 6.90
N THR B 62 22.02 -0.71 7.77
CA THR B 62 22.44 -0.84 9.20
C THR B 62 21.24 -0.43 10.10
N ILE B 63 20.62 -1.39 10.77
CA ILE B 63 19.36 -1.14 11.60
C ILE B 63 19.53 -0.29 12.88
N LEU B 64 18.47 -0.23 13.71
CA LEU B 64 18.48 0.57 15.01
C LEU B 64 17.13 0.56 15.75
N ALA B 65 17.15 0.35 17.06
CA ALA B 65 15.88 0.38 17.91
C ALA B 65 16.11 -0.30 19.28
N GLU B 66 15.76 0.37 20.37
CA GLU B 66 15.93 -0.22 21.77
C GLU B 66 16.13 0.88 22.85
N GLY B 67 17.32 1.45 22.94
CA GLY B 67 17.64 2.49 24.00
C GLY B 67 17.58 3.90 23.41
N LEU B 68 17.44 4.92 24.23
CA LEU B 68 17.34 6.30 23.64
C LEU B 68 18.71 7.00 23.63
N HIS B 69 19.31 7.01 22.46
CA HIS B 69 20.63 7.71 22.25
C HIS B 69 20.87 7.82 20.74
N PHE B 70 20.78 9.00 20.16
CA PHE B 70 21.02 9.10 18.69
C PHE B 70 20.82 10.52 18.20
N ARG B 71 21.42 10.88 17.10
CA ARG B 71 21.25 12.25 16.54
C ARG B 71 21.41 13.31 17.64
N ILE B 72 22.17 13.01 18.66
CA ILE B 72 22.36 13.99 19.78
C ILE B 72 23.46 15.01 19.45
N PRO B 73 24.66 14.53 19.18
CA PRO B 73 25.78 15.45 18.88
C PRO B 73 25.58 16.14 17.53
N TRP B 74 26.54 16.87 17.07
CA TRP B 74 26.40 17.59 15.76
C TRP B 74 26.76 16.66 14.60
N PHE B 75 27.97 16.19 14.53
CA PHE B 75 28.37 15.28 13.42
C PHE B 75 27.70 13.91 13.59
N GLN B 76 26.39 13.87 13.51
CA GLN B 76 25.66 12.58 13.66
C GLN B 76 24.39 12.61 12.79
N TYR B 77 23.94 11.47 12.34
CA TYR B 77 22.73 11.45 11.47
C TYR B 77 21.89 10.20 11.72
N PRO B 78 20.62 10.31 11.44
CA PRO B 78 19.70 9.18 11.65
C PRO B 78 19.45 8.42 10.33
N ILE B 79 19.98 7.24 10.23
CA ILE B 79 19.76 6.39 9.02
C ILE B 79 19.97 4.93 9.46
N ILE B 80 18.91 4.16 9.57
CA ILE B 80 19.06 2.74 10.03
C ILE B 80 18.25 1.79 9.11
N TYR B 81 18.65 0.55 9.09
CA TYR B 81 18.00 -0.47 8.22
C TYR B 81 16.98 -1.30 9.03
N ASP B 82 15.97 -1.82 8.37
CA ASP B 82 14.95 -2.62 9.11
C ASP B 82 14.65 -3.93 8.34
N ILE B 83 14.27 -4.95 9.05
CA ILE B 83 13.98 -6.27 8.38
C ILE B 83 13.02 -6.10 7.19
N ARG B 84 13.03 -7.03 6.28
CA ARG B 84 12.12 -6.94 5.09
C ARG B 84 12.25 -8.21 4.24
N ALA B 85 11.16 -8.71 3.72
CA ALA B 85 11.23 -9.95 2.89
C ALA B 85 11.86 -9.64 1.52
N ARG B 86 12.13 -10.64 0.73
CA ARG B 86 12.74 -10.40 -0.61
C ARG B 86 12.49 -11.58 -1.55
N PRO B 87 12.09 -11.29 -2.76
CA PRO B 87 11.82 -12.34 -3.77
C PRO B 87 13.03 -12.48 -4.70
N ARG B 88 13.72 -13.59 -4.63
CA ARG B 88 14.92 -13.78 -5.49
C ARG B 88 15.25 -15.29 -5.62
N LYS B 89 15.05 -15.87 -6.82
CA LYS B 89 15.30 -17.34 -7.03
C LYS B 89 16.19 -17.60 -8.27
N ILE B 90 16.85 -18.74 -8.32
CA ILE B 90 17.77 -19.07 -9.47
C ILE B 90 17.14 -20.00 -10.51
N SER B 91 17.64 -19.93 -11.72
CA SER B 91 17.14 -20.82 -12.81
C SER B 91 18.22 -20.88 -13.89
N SER B 92 18.91 -22.00 -14.02
CA SER B 92 19.97 -22.10 -15.05
C SER B 92 20.29 -23.57 -15.36
N PRO B 93 20.59 -23.85 -16.61
CA PRO B 93 20.95 -25.22 -17.02
C PRO B 93 22.48 -25.34 -17.11
N THR B 94 23.08 -26.11 -16.24
CA THR B 94 24.57 -26.25 -16.28
C THR B 94 24.97 -27.72 -16.09
N GLY B 95 25.91 -28.19 -16.86
CA GLY B 95 26.36 -29.61 -16.73
C GLY B 95 27.76 -29.74 -17.33
N SER B 96 28.75 -29.97 -16.50
CA SER B 96 30.14 -30.10 -17.03
C SER B 96 30.88 -31.24 -16.31
N LYS B 97 30.82 -31.27 -15.01
CA LYS B 97 31.52 -32.35 -14.25
C LYS B 97 31.05 -33.73 -14.73
N ASP B 98 29.83 -33.83 -15.22
CA ASP B 98 29.32 -35.14 -15.69
C ASP B 98 28.54 -34.97 -17.00
N LEU B 99 28.92 -34.01 -17.81
CA LEU B 99 28.21 -33.80 -19.11
C LEU B 99 26.70 -33.66 -18.87
N GLN B 100 25.90 -33.91 -19.88
CA GLN B 100 24.42 -33.79 -19.73
C GLN B 100 24.04 -32.38 -19.29
N MET B 101 22.76 -32.10 -19.19
CA MET B 101 22.33 -30.73 -18.77
C MET B 101 21.41 -30.82 -17.56
N VAL B 102 21.87 -30.36 -16.42
CA VAL B 102 21.02 -30.39 -15.20
C VAL B 102 20.74 -28.96 -14.74
N ASN B 103 19.57 -28.72 -14.18
CA ASN B 103 19.23 -27.35 -13.73
C ASN B 103 19.29 -27.25 -12.19
N ILE B 104 20.23 -26.51 -11.68
CA ILE B 104 20.35 -26.35 -10.20
C ILE B 104 20.17 -24.88 -9.83
N SER B 105 19.21 -24.58 -8.98
CA SER B 105 18.99 -23.16 -8.59
C SER B 105 18.80 -23.04 -7.06
N LEU B 106 19.75 -22.45 -6.39
CA LEU B 106 19.63 -22.30 -4.90
C LEU B 106 19.59 -20.81 -4.52
N ARG B 107 18.56 -20.40 -3.82
CA ARG B 107 18.45 -18.97 -3.42
C ARG B 107 18.81 -18.80 -1.94
N VAL B 108 19.32 -17.65 -1.57
CA VAL B 108 19.70 -17.40 -0.15
C VAL B 108 19.04 -16.12 0.36
N LEU B 109 18.78 -16.04 1.64
CA LEU B 109 18.14 -14.81 2.19
C LEU B 109 19.17 -13.94 2.90
N SER B 110 18.96 -12.65 2.93
CA SER B 110 19.93 -11.73 3.61
C SER B 110 19.27 -11.09 4.83
N ARG B 111 19.86 -11.25 5.98
CA ARG B 111 19.27 -10.64 7.22
C ARG B 111 20.33 -9.81 7.97
N PRO B 112 19.90 -8.72 8.53
CA PRO B 112 20.82 -7.83 9.29
C PRO B 112 21.20 -8.48 10.62
N ASN B 113 20.24 -9.04 11.31
CA ASN B 113 20.53 -9.69 12.62
C ASN B 113 21.32 -8.74 13.54
N ALA B 114 22.01 -9.27 14.51
CA ALA B 114 22.79 -8.40 15.43
C ALA B 114 24.24 -8.25 14.93
N GLN B 115 24.50 -8.67 13.72
CA GLN B 115 25.90 -8.54 13.18
C GLN B 115 26.31 -7.06 13.13
N GLU B 116 27.56 -6.79 12.92
CA GLU B 116 28.03 -5.38 12.85
C GLU B 116 27.56 -4.72 11.55
N LEU B 117 26.36 -4.20 11.53
CA LEU B 117 25.85 -3.55 10.29
C LEU B 117 26.79 -2.44 9.81
N PRO B 118 27.27 -1.61 10.73
CA PRO B 118 28.18 -0.50 10.32
C PRO B 118 29.53 -1.03 9.82
N SER B 119 30.24 -1.79 10.62
CA SER B 119 31.57 -2.30 10.15
C SER B 119 31.40 -3.05 8.82
N MET B 120 30.35 -3.82 8.70
CA MET B 120 30.12 -4.57 7.44
C MET B 120 29.50 -3.67 6.36
N TYR B 121 28.91 -2.57 6.74
CA TYR B 121 28.28 -1.68 5.72
C TYR B 121 29.34 -1.19 4.71
N GLN B 122 30.26 -0.37 5.14
CA GLN B 122 31.30 0.13 4.20
C GLN B 122 32.04 -1.05 3.55
N ARG B 123 32.12 -2.15 4.25
CA ARG B 123 32.79 -3.35 3.68
C ARG B 123 31.83 -4.07 2.72
N LEU B 124 30.55 -3.94 2.97
CA LEU B 124 29.54 -4.60 2.09
C LEU B 124 29.33 -3.77 0.82
N GLY B 125 29.26 -2.48 0.96
CA GLY B 125 29.04 -1.61 -0.23
C GLY B 125 27.65 -0.96 -0.15
N LEU B 126 27.40 0.03 -0.98
CA LEU B 126 26.08 0.70 -0.94
C LEU B 126 24.96 -0.31 -1.22
N ASP B 127 23.74 0.14 -1.33
CA ASP B 127 22.61 -0.80 -1.60
C ASP B 127 22.85 -1.54 -2.93
N TYR B 128 23.48 -2.68 -2.88
CA TYR B 128 23.75 -3.44 -4.12
C TYR B 128 23.45 -4.93 -3.92
N GLU B 129 22.36 -5.24 -3.27
CA GLU B 129 22.01 -6.67 -3.04
C GLU B 129 21.83 -7.39 -4.38
N GLU B 130 21.58 -6.65 -5.44
CA GLU B 130 21.39 -7.28 -6.78
C GLU B 130 22.59 -8.20 -7.10
N ARG B 131 23.78 -7.71 -6.94
CA ARG B 131 24.98 -8.54 -7.25
C ARG B 131 25.32 -9.48 -6.08
N VAL B 132 25.39 -8.95 -4.89
CA VAL B 132 25.75 -9.80 -3.70
C VAL B 132 24.87 -11.07 -3.62
N LEU B 133 23.57 -10.93 -3.74
CA LEU B 133 22.68 -12.13 -3.65
C LEU B 133 23.16 -13.24 -4.59
N PRO B 134 23.15 -12.98 -5.87
CA PRO B 134 23.59 -13.99 -6.86
C PRO B 134 25.11 -14.17 -6.82
N SER B 135 25.83 -13.21 -6.31
CA SER B 135 27.31 -13.33 -6.25
C SER B 135 27.72 -14.55 -5.42
N ILE B 136 27.45 -14.52 -4.14
CA ILE B 136 27.83 -15.69 -3.28
C ILE B 136 27.08 -16.96 -3.74
N VAL B 137 25.93 -16.79 -4.33
CA VAL B 137 25.15 -17.99 -4.79
C VAL B 137 25.71 -18.50 -6.12
N ASN B 138 25.59 -17.74 -7.16
CA ASN B 138 26.11 -18.18 -8.50
C ASN B 138 27.58 -18.56 -8.41
N GLU B 139 28.39 -17.73 -7.79
CA GLU B 139 29.85 -18.04 -7.69
C GLU B 139 30.06 -19.41 -7.04
N VAL B 140 29.54 -19.61 -5.86
CA VAL B 140 29.73 -20.93 -5.17
C VAL B 140 28.90 -22.01 -5.87
N LEU B 141 27.67 -21.71 -6.20
CA LEU B 141 26.81 -22.72 -6.88
C LEU B 141 27.47 -23.21 -8.17
N LYS B 142 27.61 -22.34 -9.14
CA LYS B 142 28.25 -22.75 -10.42
C LYS B 142 29.62 -23.37 -10.17
N SER B 143 30.25 -23.00 -9.07
CA SER B 143 31.60 -23.57 -8.77
C SER B 143 31.45 -24.96 -8.15
N VAL B 144 30.52 -25.14 -7.24
CA VAL B 144 30.33 -26.47 -6.62
C VAL B 144 29.84 -27.48 -7.65
N VAL B 145 28.80 -27.14 -8.38
CA VAL B 145 28.27 -28.07 -9.41
C VAL B 145 29.39 -28.47 -10.38
N ALA B 146 30.33 -27.59 -10.60
CA ALA B 146 31.47 -27.92 -11.51
C ALA B 146 32.34 -29.01 -10.90
N LYS B 147 32.55 -28.95 -9.61
CA LYS B 147 33.38 -29.99 -8.93
C LYS B 147 32.57 -31.26 -8.65
N PHE B 148 31.32 -31.11 -8.32
CA PHE B 148 30.47 -32.30 -8.03
C PHE B 148 29.89 -32.90 -9.31
N ASN B 149 29.31 -34.07 -9.22
CA ASN B 149 28.72 -34.71 -10.43
C ASN B 149 27.20 -34.48 -10.48
N ALA B 150 26.63 -34.50 -11.66
CA ALA B 150 25.16 -34.26 -11.79
C ALA B 150 24.37 -35.53 -11.48
N SER B 151 24.92 -36.69 -11.76
CA SER B 151 24.19 -37.96 -11.48
C SER B 151 23.81 -38.04 -10.00
N GLN B 152 24.78 -37.98 -9.12
CA GLN B 152 24.47 -38.05 -7.66
C GLN B 152 23.53 -36.92 -7.25
N LEU B 153 23.49 -35.85 -7.99
CA LEU B 153 22.60 -34.71 -7.64
C LEU B 153 21.13 -35.09 -7.90
N ILE B 154 20.89 -35.92 -8.88
CA ILE B 154 19.48 -36.32 -9.19
C ILE B 154 18.92 -37.17 -8.04
N THR B 155 19.79 -37.84 -7.32
CA THR B 155 19.30 -38.69 -6.19
C THR B 155 18.52 -37.85 -5.18
N GLN B 156 19.07 -36.74 -4.77
CA GLN B 156 18.37 -35.87 -3.79
C GLN B 156 18.98 -34.46 -3.81
N ARG B 157 18.19 -33.46 -4.10
CA ARG B 157 18.73 -32.07 -4.12
C ARG B 157 19.36 -31.71 -2.78
N ALA B 158 18.99 -32.41 -1.74
CA ALA B 158 19.57 -32.11 -0.40
C ALA B 158 21.04 -32.56 -0.32
N GLN B 159 21.39 -33.58 -1.05
CA GLN B 159 22.80 -34.07 -1.02
C GLN B 159 23.76 -32.96 -1.50
N VAL B 160 23.64 -32.56 -2.73
CA VAL B 160 24.54 -31.48 -3.25
C VAL B 160 24.26 -30.16 -2.51
N SER B 161 23.05 -29.95 -2.08
CA SER B 161 22.71 -28.69 -1.36
C SER B 161 23.60 -28.55 -0.12
N LEU B 162 24.08 -29.64 0.41
CA LEU B 162 24.96 -29.56 1.61
C LEU B 162 26.28 -28.86 1.27
N LEU B 163 26.83 -29.15 0.13
CA LEU B 163 28.11 -28.49 -0.27
C LEU B 163 27.85 -27.04 -0.68
N ILE B 164 26.73 -26.78 -1.27
CA ILE B 164 26.41 -25.38 -1.69
C ILE B 164 26.29 -24.47 -0.45
N ARG B 165 25.63 -24.95 0.58
CA ARG B 165 25.48 -24.12 1.81
C ARG B 165 26.79 -24.14 2.62
N ARG B 166 27.53 -25.21 2.55
CA ARG B 166 28.81 -25.30 3.30
C ARG B 166 29.74 -24.15 2.88
N GLU B 167 29.93 -23.97 1.60
CA GLU B 167 30.83 -22.86 1.13
C GLU B 167 30.09 -21.53 1.17
N LEU B 168 28.77 -21.56 1.11
CA LEU B 168 28.00 -20.29 1.13
C LEU B 168 27.90 -19.77 2.58
N THR B 169 27.74 -20.65 3.53
CA THR B 169 27.65 -20.21 4.94
C THR B 169 28.96 -19.56 5.39
N GLU B 170 30.05 -19.95 4.78
CA GLU B 170 31.36 -19.36 5.17
C GLU B 170 31.44 -17.91 4.68
N ARG B 171 31.14 -17.67 3.43
CA ARG B 171 31.19 -16.29 2.89
C ARG B 171 29.93 -15.51 3.27
N ALA B 172 28.88 -16.20 3.63
CA ALA B 172 27.61 -15.50 4.00
C ALA B 172 27.88 -14.43 5.07
N LYS B 173 28.48 -14.81 6.17
CA LYS B 173 28.76 -13.81 7.24
C LYS B 173 29.67 -12.69 6.73
N ASP B 174 30.38 -12.94 5.66
CA ASP B 174 31.29 -11.88 5.10
C ASP B 174 30.52 -10.59 4.85
N PHE B 175 29.55 -10.63 3.96
CA PHE B 175 28.75 -9.40 3.67
C PHE B 175 28.03 -8.94 4.94
N SER B 176 27.25 -7.89 4.85
CA SER B 176 26.51 -7.40 6.05
C SER B 176 25.25 -8.23 6.29
N LEU B 177 25.02 -9.25 5.49
CA LEU B 177 23.80 -10.09 5.68
C LEU B 177 24.19 -11.41 6.36
N ILE B 178 23.38 -11.86 7.29
CA ILE B 178 23.71 -13.13 7.99
C ILE B 178 22.43 -13.94 8.23
N LEU B 179 22.33 -15.10 7.65
CA LEU B 179 21.11 -15.93 7.85
C LEU B 179 21.42 -17.40 7.54
N ASP B 180 20.91 -18.30 8.33
CA ASP B 180 21.17 -19.74 8.08
C ASP B 180 19.95 -20.39 7.39
N ASP B 181 20.09 -20.74 6.15
CA ASP B 181 18.94 -21.37 5.44
C ASP B 181 19.44 -22.17 4.22
N VAL B 182 19.34 -23.47 4.28
CA VAL B 182 19.81 -24.31 3.13
C VAL B 182 18.61 -24.82 2.33
N ALA B 183 18.44 -24.35 1.13
CA ALA B 183 17.27 -24.80 0.31
C ALA B 183 17.54 -24.59 -1.18
N ILE B 184 16.93 -25.38 -2.01
CA ILE B 184 17.13 -25.23 -3.48
C ILE B 184 15.95 -25.83 -4.24
N THR B 185 15.14 -25.01 -4.87
CA THR B 185 13.99 -25.57 -5.64
C THR B 185 14.32 -25.56 -7.13
N GLU B 186 14.64 -26.69 -7.68
CA GLU B 186 14.95 -26.75 -9.12
C GLU B 186 14.96 -28.20 -9.61
N LEU B 187 14.00 -28.60 -10.39
CA LEU B 187 14.04 -30.00 -10.89
C LEU B 187 13.87 -29.99 -12.41
N SER B 188 14.95 -30.15 -13.11
CA SER B 188 14.89 -30.19 -14.59
C SER B 188 16.21 -30.72 -15.13
N PHE B 189 16.24 -31.91 -15.66
CA PHE B 189 17.52 -32.44 -16.19
C PHE B 189 17.28 -33.61 -17.15
N SER B 190 17.75 -33.50 -18.36
CA SER B 190 17.54 -34.60 -19.34
C SER B 190 18.68 -35.62 -19.25
N MET C 1 35.69 53.78 17.29
CA MET C 1 35.44 54.02 18.73
C MET C 1 34.72 55.35 18.94
N ALA C 2 33.72 55.62 18.14
CA ALA C 2 32.97 56.90 18.29
C ALA C 2 32.03 56.83 19.49
N GLN C 3 31.69 57.95 20.06
CA GLN C 3 30.78 57.96 21.24
C GLN C 3 29.37 57.55 20.80
N ASN C 4 29.01 57.82 19.58
CA ASN C 4 27.65 57.45 19.08
C ASN C 4 27.51 55.93 19.01
N LEU C 5 28.59 55.24 18.83
CA LEU C 5 28.53 53.75 18.75
C LEU C 5 27.96 53.16 20.05
N LYS C 6 28.20 53.83 21.15
CA LYS C 6 27.67 53.31 22.45
C LYS C 6 26.14 53.39 22.47
N ASP C 7 25.58 54.35 21.78
CA ASP C 7 24.09 54.48 21.76
C ASP C 7 23.46 53.26 21.07
N LEU C 8 24.03 52.81 20.00
CA LEU C 8 23.46 51.62 19.29
C LEU C 8 23.50 50.40 20.21
N ALA C 9 24.62 50.14 20.84
CA ALA C 9 24.71 48.96 21.75
C ALA C 9 23.75 49.13 22.93
N GLY C 10 23.55 50.34 23.37
CA GLY C 10 22.62 50.57 24.51
C GLY C 10 21.17 50.37 24.05
N ARG C 11 20.92 50.43 22.77
CA ARG C 11 19.53 50.24 22.27
C ARG C 11 19.16 48.75 22.25
N LEU C 12 20.15 47.88 22.26
CA LEU C 12 19.86 46.41 22.25
C LEU C 12 18.96 46.04 23.44
N PRO C 13 19.42 46.34 24.63
CA PRO C 13 18.63 46.02 25.84
C PRO C 13 17.42 46.95 25.97
N ALA C 14 17.52 48.15 25.43
CA ALA C 14 16.39 49.11 25.52
C ALA C 14 15.13 48.52 24.87
N GLY C 15 13.99 49.09 25.13
CA GLY C 15 12.73 48.56 24.53
C GLY C 15 12.48 47.14 25.05
N PRO C 16 12.08 47.06 26.31
CA PRO C 16 11.80 45.75 26.93
C PRO C 16 10.50 45.16 26.37
N ARG C 17 9.59 45.98 25.94
CA ARG C 17 8.30 45.46 25.39
C ARG C 17 8.54 44.86 24.01
N GLY C 18 9.37 45.47 23.20
CA GLY C 18 9.64 44.93 21.84
C GLY C 18 10.29 43.54 21.96
N MET C 19 10.95 43.28 23.05
CA MET C 19 11.62 41.95 23.23
C MET C 19 10.57 40.89 23.57
N GLY C 20 9.46 41.28 24.12
CA GLY C 20 8.40 40.28 24.48
C GLY C 20 7.80 39.71 23.20
N THR C 21 7.43 40.54 22.27
CA THR C 21 6.83 40.04 21.00
C THR C 21 7.80 39.08 20.30
N ALA C 22 9.07 39.21 20.55
CA ALA C 22 10.06 38.31 19.89
C ALA C 22 9.75 36.84 20.24
N LEU C 23 9.16 36.61 21.38
CA LEU C 23 8.84 35.20 21.78
C LEU C 23 7.84 34.59 20.79
N LYS C 24 6.83 35.33 20.41
CA LYS C 24 5.83 34.80 19.44
C LYS C 24 6.55 34.28 18.18
N LEU C 25 7.68 34.85 17.86
CA LEU C 25 8.43 34.41 16.65
C LEU C 25 9.12 33.07 16.91
N LEU C 26 9.82 32.96 18.01
CA LEU C 26 10.52 31.68 18.33
C LEU C 26 9.53 30.51 18.33
N LEU C 27 8.30 30.77 18.71
CA LEU C 27 7.29 29.67 18.74
C LEU C 27 6.85 29.33 17.31
N GLY C 28 6.76 30.29 16.45
CA GLY C 28 6.35 30.02 15.04
C GLY C 28 7.38 29.14 14.37
N ALA C 29 8.62 29.22 14.79
CA ALA C 29 9.69 28.38 14.16
C ALA C 29 9.36 26.90 14.36
N GLY C 30 8.83 26.54 15.50
CA GLY C 30 8.48 25.11 15.74
C GLY C 30 7.37 24.67 14.79
N ALA C 31 6.50 25.58 14.42
CA ALA C 31 5.40 25.21 13.49
C ALA C 31 5.91 25.19 12.05
N VAL C 32 6.68 26.18 11.67
CA VAL C 32 7.22 26.20 10.28
C VAL C 32 8.12 25.00 10.03
N ALA C 33 8.77 24.51 11.06
CA ALA C 33 9.67 23.33 10.89
C ALA C 33 8.84 22.09 10.57
N TYR C 34 7.63 22.04 11.04
CA TYR C 34 6.76 20.85 10.78
C TYR C 34 6.51 20.71 9.27
N GLY C 35 6.08 21.76 8.62
CA GLY C 35 5.82 21.69 7.15
C GLY C 35 7.10 21.27 6.43
N VAL C 36 8.23 21.66 6.93
CA VAL C 36 9.52 21.29 6.27
C VAL C 36 9.91 19.86 6.66
N ARG C 37 9.53 19.43 7.84
CA ARG C 37 9.87 18.05 8.29
C ARG C 37 9.37 17.02 7.28
N GLU C 38 8.31 17.30 6.59
CA GLU C 38 7.77 16.33 5.60
C GLU C 38 8.61 16.36 4.30
N SER C 39 9.24 17.47 3.98
CA SER C 39 10.07 17.51 2.72
C SER C 39 11.32 18.41 2.89
N VAL C 40 12.41 18.06 2.22
CA VAL C 40 13.68 18.87 2.31
C VAL C 40 14.54 18.67 1.05
N PHE C 41 15.73 19.25 1.00
CA PHE C 41 16.60 19.05 -0.22
C PHE C 41 17.82 18.15 0.10
N THR C 42 18.51 18.38 1.21
CA THR C 42 19.71 17.52 1.51
C THR C 42 19.32 16.04 1.39
N VAL C 43 19.70 15.40 0.31
CA VAL C 43 19.35 13.96 0.10
C VAL C 43 19.63 13.14 1.36
N GLU C 44 19.07 11.97 1.44
CA GLU C 44 19.29 11.11 2.65
C GLU C 44 18.79 9.69 2.39
N GLY C 45 19.47 8.71 2.91
CA GLY C 45 19.04 7.30 2.69
C GLY C 45 19.79 6.70 1.50
N GLY C 46 21.03 7.06 1.33
CA GLY C 46 21.82 6.52 0.19
C GLY C 46 21.18 6.95 -1.13
N HIS C 47 21.17 8.23 -1.41
CA HIS C 47 20.56 8.72 -2.69
C HIS C 47 21.38 9.87 -3.26
N ARG C 48 21.33 10.04 -4.55
CA ARG C 48 22.12 11.11 -5.24
C ARG C 48 21.24 12.34 -5.60
N ALA C 49 21.82 13.54 -5.71
CA ALA C 49 20.99 14.78 -6.02
C ALA C 49 21.02 15.20 -7.50
N ILE C 50 19.97 15.88 -7.92
CA ILE C 50 19.85 16.32 -9.35
C ILE C 50 19.43 17.81 -9.38
N PHE C 51 19.75 18.56 -10.43
CA PHE C 51 19.38 20.03 -10.43
C PHE C 51 18.56 20.48 -11.67
N PHE C 52 17.56 21.31 -11.44
CA PHE C 52 16.73 21.87 -12.56
C PHE C 52 15.96 23.11 -12.06
N ASN C 53 15.62 24.03 -12.93
CA ASN C 53 14.88 25.26 -12.49
C ASN C 53 13.55 25.40 -13.27
N ARG C 54 12.56 26.03 -12.69
CA ARG C 54 11.24 26.20 -13.40
C ARG C 54 11.46 26.72 -14.82
N ILE C 55 10.87 26.07 -15.79
CA ILE C 55 11.04 26.51 -17.22
C ILE C 55 12.54 26.62 -17.56
N GLY C 56 13.11 25.55 -18.06
CA GLY C 56 14.56 25.59 -18.42
C GLY C 56 15.17 24.20 -18.20
N GLY C 57 14.75 23.23 -18.96
CA GLY C 57 15.30 21.85 -18.79
C GLY C 57 14.30 20.99 -18.04
N VAL C 58 14.75 19.90 -17.46
CA VAL C 58 13.82 19.02 -16.69
C VAL C 58 14.58 18.29 -15.58
N GLN C 59 13.87 17.65 -14.70
CA GLN C 59 14.53 16.92 -13.58
C GLN C 59 13.80 15.61 -13.29
N GLN C 60 14.38 14.49 -13.66
CA GLN C 60 13.71 13.18 -13.42
C GLN C 60 14.66 12.03 -13.75
N ASP C 61 14.50 10.91 -13.09
CA ASP C 61 15.38 9.73 -13.36
C ASP C 61 16.86 10.13 -13.29
N THR C 62 17.21 10.96 -12.34
CA THR C 62 18.64 11.39 -12.23
C THR C 62 19.16 11.14 -10.81
N ILE C 63 20.42 11.43 -10.54
CA ILE C 63 21.00 11.19 -9.18
C ILE C 63 22.53 11.50 -9.18
N LEU C 64 22.98 12.42 -8.35
CA LEU C 64 24.45 12.75 -8.27
C LEU C 64 25.00 12.40 -6.86
N ALA C 65 26.27 12.02 -6.78
CA ALA C 65 26.89 11.63 -5.45
C ALA C 65 26.41 12.48 -4.26
N GLU C 66 26.63 12.02 -3.04
CA GLU C 66 26.19 12.77 -1.82
C GLU C 66 27.07 14.00 -1.58
N GLY C 67 26.48 15.03 -1.03
CA GLY C 67 27.23 16.28 -0.73
C GLY C 67 26.43 17.06 0.32
N LEU C 68 27.06 17.92 1.09
CA LEU C 68 26.26 18.68 2.09
C LEU C 68 25.89 20.03 1.49
N HIS C 69 24.65 20.16 1.11
CA HIS C 69 24.17 21.43 0.46
C HIS C 69 22.65 21.52 0.57
N PHE C 70 22.10 22.71 0.60
CA PHE C 70 20.61 22.84 0.69
C PHE C 70 20.07 23.58 -0.53
N ARG C 71 18.85 23.27 -0.94
CA ARG C 71 18.27 23.97 -2.13
C ARG C 71 17.91 25.41 -1.73
N ILE C 72 18.88 26.19 -1.38
CA ILE C 72 18.60 27.60 -0.99
C ILE C 72 19.43 28.60 -1.81
N PRO C 73 19.74 28.25 -3.05
CA PRO C 73 20.53 29.18 -3.91
C PRO C 73 19.64 30.32 -4.43
N TRP C 74 18.95 30.12 -5.52
CA TRP C 74 18.06 31.18 -6.07
C TRP C 74 17.03 30.59 -7.03
N PHE C 75 17.40 29.57 -7.77
CA PHE C 75 16.43 28.95 -8.73
C PHE C 75 16.72 27.45 -8.92
N GLN C 76 16.68 26.68 -7.85
CA GLN C 76 16.93 25.21 -7.98
C GLN C 76 15.69 24.44 -7.52
N TYR C 77 15.48 23.26 -8.04
CA TYR C 77 14.27 22.47 -7.63
C TYR C 77 14.67 21.11 -7.08
N PRO C 78 13.81 20.56 -6.24
CA PRO C 78 14.07 19.25 -5.65
C PRO C 78 13.32 18.14 -6.39
N ILE C 79 14.05 17.33 -7.11
CA ILE C 79 13.46 16.17 -7.84
C ILE C 79 14.62 15.18 -8.03
N ILE C 80 14.59 14.07 -7.32
CA ILE C 80 15.73 13.09 -7.42
C ILE C 80 15.24 11.65 -7.65
N TYR C 81 16.07 10.82 -8.21
CA TYR C 81 15.68 9.41 -8.49
C TYR C 81 16.20 8.49 -7.37
N ASP C 82 15.44 7.49 -7.02
CA ASP C 82 15.89 6.56 -5.93
C ASP C 82 16.07 5.14 -6.46
N ILE C 83 16.94 4.38 -5.87
CA ILE C 83 17.16 2.98 -6.34
C ILE C 83 16.20 2.02 -5.64
N ARG C 84 15.83 0.96 -6.30
CA ARG C 84 14.88 -0.02 -5.68
C ARG C 84 14.78 -1.28 -6.54
N ALA C 85 15.90 -1.89 -6.83
CA ALA C 85 15.88 -3.13 -7.67
C ALA C 85 15.16 -2.87 -9.00
N ARG C 86 15.11 -3.83 -9.87
CA ARG C 86 14.42 -3.62 -11.18
C ARG C 86 14.01 -4.96 -11.79
N PRO C 87 12.73 -5.21 -11.83
CA PRO C 87 12.20 -6.46 -12.41
C PRO C 87 11.71 -6.19 -13.83
N ARG C 88 12.36 -6.77 -14.81
CA ARG C 88 11.92 -6.53 -16.23
C ARG C 88 12.44 -7.69 -17.14
N LYS C 89 11.55 -8.55 -17.60
CA LYS C 89 11.96 -9.71 -18.49
C LYS C 89 10.76 -10.27 -19.28
N ILE C 90 10.99 -10.89 -20.43
CA ILE C 90 9.83 -11.45 -21.23
C ILE C 90 10.10 -12.84 -21.78
N SER C 91 9.05 -13.60 -22.01
CA SER C 91 9.19 -14.95 -22.60
C SER C 91 8.69 -14.87 -24.05
N SER C 92 9.57 -14.96 -25.02
CA SER C 92 9.10 -14.86 -26.45
C SER C 92 9.66 -16.02 -27.29
N PRO C 93 8.84 -16.50 -28.20
CA PRO C 93 9.24 -17.61 -29.08
C PRO C 93 9.67 -17.06 -30.46
N THR C 94 10.93 -17.15 -30.78
CA THR C 94 11.42 -16.65 -32.10
C THR C 94 12.32 -17.69 -32.75
N GLY C 95 11.87 -18.31 -33.82
CA GLY C 95 12.70 -19.34 -34.50
C GLY C 95 12.94 -18.92 -35.94
N SER C 96 14.16 -19.05 -36.41
CA SER C 96 14.47 -18.67 -37.82
C SER C 96 15.86 -19.16 -38.21
N LYS C 97 16.30 -20.26 -37.65
CA LYS C 97 17.64 -20.80 -38.00
C LYS C 97 17.70 -22.32 -37.78
N ASP C 98 16.55 -22.96 -37.72
CA ASP C 98 16.55 -24.44 -37.51
C ASP C 98 15.23 -25.04 -38.02
N LEU C 99 14.57 -24.37 -38.93
CA LEU C 99 13.27 -24.90 -39.46
C LEU C 99 12.34 -25.27 -38.31
N GLN C 100 12.50 -24.63 -37.17
CA GLN C 100 11.63 -24.95 -36.01
C GLN C 100 11.34 -23.67 -35.21
N MET C 101 11.11 -23.79 -33.92
CA MET C 101 10.83 -22.58 -33.10
C MET C 101 11.74 -22.55 -31.87
N VAL C 102 12.20 -21.39 -31.49
CA VAL C 102 13.09 -21.28 -30.29
C VAL C 102 12.75 -20.01 -29.51
N ASN C 103 12.66 -20.10 -28.21
CA ASN C 103 12.32 -18.89 -27.41
C ASN C 103 13.58 -18.33 -26.73
N ILE C 104 13.61 -17.05 -26.50
CA ILE C 104 14.79 -16.42 -25.85
C ILE C 104 14.34 -15.37 -24.82
N SER C 105 14.66 -15.55 -23.58
CA SER C 105 14.25 -14.57 -22.54
C SER C 105 15.45 -14.19 -21.66
N LEU C 106 15.91 -12.98 -21.77
CA LEU C 106 17.09 -12.55 -20.95
C LEU C 106 16.74 -11.30 -20.13
N ARG C 107 17.07 -11.29 -18.87
CA ARG C 107 16.76 -10.10 -18.02
C ARG C 107 18.01 -9.26 -17.81
N VAL C 108 17.84 -7.97 -17.61
CA VAL C 108 19.03 -7.09 -17.40
C VAL C 108 18.95 -6.42 -16.03
N LEU C 109 20.08 -6.23 -15.40
CA LEU C 109 20.07 -5.57 -14.06
C LEU C 109 20.51 -4.11 -14.19
N SER C 110 19.62 -3.19 -13.93
CA SER C 110 19.97 -1.74 -14.05
C SER C 110 20.22 -1.13 -12.67
N ARG C 111 21.09 -0.17 -12.58
CA ARG C 111 21.38 0.47 -11.27
C ARG C 111 21.98 1.86 -11.48
N PRO C 112 21.75 2.73 -10.52
CA PRO C 112 22.27 4.11 -10.61
C PRO C 112 23.80 4.12 -10.40
N ASN C 113 24.46 5.18 -10.78
CA ASN C 113 25.93 5.24 -10.61
C ASN C 113 26.31 6.30 -9.57
N ALA C 114 27.53 6.74 -9.56
CA ALA C 114 27.96 7.77 -8.57
C ALA C 114 27.44 9.15 -8.99
N GLN C 115 27.69 9.56 -10.21
CA GLN C 115 27.21 10.89 -10.67
C GLN C 115 27.10 10.93 -12.19
N GLU C 116 26.37 10.01 -12.77
CA GLU C 116 26.24 9.99 -14.26
C GLU C 116 24.76 9.98 -14.66
N LEU C 117 23.87 10.21 -13.72
CA LEU C 117 22.42 10.22 -14.06
C LEU C 117 22.03 11.49 -14.82
N PRO C 118 22.53 12.64 -14.41
CA PRO C 118 22.18 13.92 -15.07
C PRO C 118 22.80 14.04 -16.48
N SER C 119 24.08 13.82 -16.62
CA SER C 119 24.72 13.95 -17.96
C SER C 119 23.91 13.18 -19.02
N MET C 120 23.69 11.92 -18.79
CA MET C 120 22.92 11.10 -19.77
C MET C 120 21.41 11.32 -19.63
N TYR C 121 20.98 11.82 -18.49
CA TYR C 121 19.50 12.04 -18.28
C TYR C 121 18.85 12.73 -19.48
N GLN C 122 19.27 13.91 -19.83
CA GLN C 122 18.63 14.60 -21.00
C GLN C 122 18.82 13.75 -22.26
N ARG C 123 19.90 13.01 -22.33
CA ARG C 123 20.13 12.14 -23.52
C ARG C 123 19.31 10.84 -23.37
N LEU C 124 18.93 10.51 -22.16
CA LEU C 124 18.13 9.27 -21.93
C LEU C 124 16.67 9.52 -22.30
N GLY C 125 16.22 10.74 -22.18
CA GLY C 125 14.81 11.05 -22.53
C GLY C 125 13.90 10.73 -21.34
N LEU C 126 14.10 11.40 -20.23
CA LEU C 126 13.25 11.13 -19.03
C LEU C 126 13.24 9.63 -18.71
N ASP C 127 12.20 9.13 -18.10
CA ASP C 127 12.15 7.69 -17.77
C ASP C 127 12.00 6.86 -19.05
N TYR C 128 13.04 6.79 -19.84
CA TYR C 128 12.97 6.01 -21.11
C TYR C 128 13.44 4.57 -20.89
N GLU C 129 13.87 4.24 -19.70
CA GLU C 129 14.35 2.85 -19.44
C GLU C 129 13.25 1.84 -19.80
N GLU C 130 12.02 2.27 -19.82
CA GLU C 130 10.90 1.34 -20.16
C GLU C 130 11.14 0.72 -21.54
N ARG C 131 11.25 1.54 -22.55
CA ARG C 131 11.48 1.01 -23.93
C ARG C 131 12.96 0.69 -24.15
N VAL C 132 13.84 1.53 -23.66
CA VAL C 132 15.31 1.30 -23.85
C VAL C 132 15.70 -0.13 -23.44
N LEU C 133 15.24 -0.60 -22.32
CA LEU C 133 15.61 -1.97 -21.86
C LEU C 133 15.22 -3.03 -22.90
N PRO C 134 13.94 -3.13 -23.19
CA PRO C 134 13.46 -4.13 -24.18
C PRO C 134 13.89 -3.75 -25.60
N SER C 135 13.67 -2.53 -26.00
CA SER C 135 14.06 -2.10 -27.39
C SER C 135 15.50 -2.51 -27.70
N ILE C 136 16.40 -2.26 -26.80
CA ILE C 136 17.83 -2.64 -27.05
C ILE C 136 18.07 -4.13 -26.79
N VAL C 137 17.68 -4.60 -25.64
CA VAL C 137 17.90 -6.05 -25.31
C VAL C 137 17.17 -6.95 -26.31
N ASN C 138 15.99 -6.57 -26.74
CA ASN C 138 15.23 -7.41 -27.71
C ASN C 138 16.02 -7.59 -29.00
N GLU C 139 16.44 -6.51 -29.62
CA GLU C 139 17.22 -6.62 -30.89
C GLU C 139 18.42 -7.55 -30.71
N VAL C 140 19.34 -7.19 -29.84
CA VAL C 140 20.54 -8.04 -29.61
C VAL C 140 20.11 -9.47 -29.25
N LEU C 141 18.92 -9.62 -28.71
CA LEU C 141 18.44 -10.98 -28.34
C LEU C 141 17.88 -11.71 -29.57
N LYS C 142 16.92 -11.13 -30.21
CA LYS C 142 16.32 -11.79 -31.41
C LYS C 142 17.36 -11.88 -32.54
N SER C 143 18.31 -10.99 -32.57
CA SER C 143 19.34 -11.03 -33.64
C SER C 143 20.27 -12.24 -33.45
N VAL C 144 20.61 -12.55 -32.23
CA VAL C 144 21.51 -13.72 -31.99
C VAL C 144 20.71 -15.03 -32.05
N VAL C 145 19.44 -14.96 -31.79
CA VAL C 145 18.61 -16.20 -31.84
C VAL C 145 18.68 -16.84 -33.24
N ALA C 146 18.80 -16.03 -34.25
CA ALA C 146 18.89 -16.57 -35.63
C ALA C 146 20.27 -17.21 -35.87
N LYS C 147 21.25 -16.81 -35.12
CA LYS C 147 22.61 -17.39 -35.29
C LYS C 147 22.70 -18.74 -34.57
N PHE C 148 22.09 -18.85 -33.42
CA PHE C 148 22.13 -20.15 -32.67
C PHE C 148 21.28 -21.20 -33.38
N ASN C 149 20.62 -22.06 -32.66
CA ASN C 149 19.78 -23.11 -33.32
C ASN C 149 18.88 -23.79 -32.28
N ALA C 150 17.84 -24.45 -32.72
CA ALA C 150 16.92 -25.14 -31.76
C ALA C 150 17.69 -26.19 -30.95
N SER C 151 18.21 -27.19 -31.59
CA SER C 151 18.96 -28.26 -30.86
C SER C 151 20.13 -27.62 -30.07
N GLN C 152 20.62 -26.50 -30.51
CA GLN C 152 21.74 -25.84 -29.79
C GLN C 152 21.21 -25.08 -28.57
N LEU C 153 20.00 -24.63 -28.63
CA LEU C 153 19.42 -23.88 -27.47
C LEU C 153 18.97 -24.85 -26.38
N ILE C 154 18.45 -25.98 -26.76
CA ILE C 154 17.98 -26.98 -25.75
C ILE C 154 19.18 -27.51 -24.94
N THR C 155 20.34 -27.55 -25.53
CA THR C 155 21.54 -28.06 -24.81
C THR C 155 21.78 -27.22 -23.55
N GLN C 156 21.59 -25.93 -23.63
CA GLN C 156 21.79 -25.06 -22.44
C GLN C 156 21.31 -23.64 -22.74
N ARG C 157 20.22 -23.24 -22.16
CA ARG C 157 19.71 -21.85 -22.42
C ARG C 157 20.75 -20.81 -22.00
N ALA C 158 21.63 -21.18 -21.09
CA ALA C 158 22.67 -20.22 -20.64
C ALA C 158 23.83 -20.16 -21.64
N GLN C 159 23.99 -21.19 -22.44
CA GLN C 159 25.12 -21.19 -23.43
C GLN C 159 25.03 -19.95 -24.32
N VAL C 160 23.87 -19.63 -24.81
CA VAL C 160 23.73 -18.42 -25.68
C VAL C 160 24.06 -17.16 -24.90
N SER C 161 24.01 -17.21 -23.59
CA SER C 161 24.33 -16.00 -22.77
C SER C 161 25.81 -15.64 -22.92
N LEU C 162 26.65 -16.62 -23.13
CA LEU C 162 28.11 -16.33 -23.28
C LEU C 162 28.34 -15.44 -24.50
N LEU C 163 27.70 -15.73 -25.60
CA LEU C 163 27.88 -14.90 -26.83
C LEU C 163 27.10 -13.59 -26.70
N ILE C 164 25.97 -13.62 -26.04
CA ILE C 164 25.16 -12.38 -25.88
C ILE C 164 25.74 -11.51 -24.76
N ARG C 165 26.47 -12.10 -23.85
CA ARG C 165 27.07 -11.31 -22.73
C ARG C 165 27.96 -10.20 -23.27
N ARG C 166 28.88 -10.53 -24.14
CA ARG C 166 29.79 -9.49 -24.71
C ARG C 166 28.96 -8.42 -25.45
N GLU C 167 27.81 -8.78 -25.94
CA GLU C 167 26.97 -7.79 -26.68
C GLU C 167 26.20 -6.91 -25.68
N LEU C 168 25.85 -7.46 -24.55
CA LEU C 168 25.09 -6.66 -23.53
C LEU C 168 26.00 -5.59 -22.91
N THR C 169 27.23 -5.92 -22.68
CA THR C 169 28.17 -4.93 -22.07
C THR C 169 28.33 -3.72 -22.99
N GLU C 170 28.19 -3.91 -24.28
CA GLU C 170 28.32 -2.78 -25.23
C GLU C 170 27.03 -1.96 -25.27
N ARG C 171 25.90 -2.61 -25.23
CA ARG C 171 24.60 -1.87 -25.28
C ARG C 171 24.28 -1.30 -23.90
N ALA C 172 24.76 -1.92 -22.86
CA ALA C 172 24.48 -1.40 -21.48
C ALA C 172 25.13 -0.03 -21.28
N LYS C 173 26.20 0.24 -21.97
CA LYS C 173 26.88 1.56 -21.82
C LYS C 173 26.17 2.63 -22.63
N ASP C 174 25.39 2.24 -23.61
CA ASP C 174 24.67 3.24 -24.46
C ASP C 174 23.85 4.20 -23.58
N PHE C 175 23.37 3.74 -22.46
CA PHE C 175 22.56 4.63 -21.57
C PHE C 175 23.21 4.72 -20.18
N SER C 176 23.69 5.88 -19.82
CA SER C 176 24.34 6.06 -18.48
C SER C 176 25.50 5.07 -18.31
N LEU C 177 26.31 5.28 -17.30
CA LEU C 177 27.46 4.34 -17.06
C LEU C 177 27.12 3.40 -15.91
N ILE C 178 27.03 2.13 -16.19
CA ILE C 178 26.70 1.15 -15.10
C ILE C 178 27.15 -0.26 -15.50
N LEU C 179 27.44 -1.09 -14.55
CA LEU C 179 27.89 -2.48 -14.86
C LEU C 179 26.73 -3.46 -14.68
N ASP C 180 26.30 -4.07 -15.75
CA ASP C 180 25.16 -5.04 -15.66
C ASP C 180 25.67 -6.47 -15.88
N ASP C 181 24.98 -7.44 -15.34
CA ASP C 181 25.41 -8.85 -15.51
C ASP C 181 24.56 -9.53 -16.59
N VAL C 182 25.10 -10.49 -17.28
CA VAL C 182 24.31 -11.15 -18.36
C VAL C 182 23.86 -12.56 -17.93
N ALA C 183 22.60 -12.85 -18.10
CA ALA C 183 22.06 -14.19 -17.72
C ALA C 183 20.76 -14.41 -18.48
N ILE C 184 20.40 -15.64 -18.74
CA ILE C 184 19.14 -15.86 -19.51
C ILE C 184 18.25 -16.95 -18.88
N THR C 185 17.12 -16.56 -18.36
CA THR C 185 16.16 -17.56 -17.81
C THR C 185 15.09 -17.75 -18.88
N GLU C 186 15.06 -18.86 -19.56
CA GLU C 186 14.06 -19.02 -20.65
C GLU C 186 13.78 -20.48 -21.02
N LEU C 187 12.60 -20.73 -21.52
CA LEU C 187 12.24 -22.10 -21.95
C LEU C 187 11.90 -22.05 -23.45
N SER C 188 12.45 -22.93 -24.24
CA SER C 188 12.19 -22.89 -25.71
C SER C 188 11.18 -23.97 -26.13
N PHE C 189 10.49 -23.72 -27.21
CA PHE C 189 9.48 -24.70 -27.71
C PHE C 189 10.05 -25.51 -28.87
N SER C 190 9.70 -26.77 -28.96
CA SER C 190 10.22 -27.61 -30.07
C SER C 190 9.16 -28.61 -30.52
N MET D 1 2.46 71.50 -0.90
CA MET D 1 3.63 70.61 -1.14
C MET D 1 3.16 69.20 -1.52
N ALA D 2 2.26 69.09 -2.46
CA ALA D 2 1.76 67.75 -2.88
C ALA D 2 1.27 66.96 -1.66
N GLN D 3 0.01 67.07 -1.33
CA GLN D 3 -0.52 66.33 -0.15
C GLN D 3 -0.50 64.82 -0.43
N ASN D 4 -0.55 64.43 -1.68
CA ASN D 4 -0.53 62.97 -2.01
C ASN D 4 0.77 62.34 -1.49
N LEU D 5 1.84 63.09 -1.44
CA LEU D 5 3.13 62.53 -0.96
C LEU D 5 3.19 62.59 0.57
N LYS D 6 2.53 63.55 1.16
CA LYS D 6 2.54 63.67 2.65
C LYS D 6 1.83 62.46 3.28
N ASP D 7 0.89 61.90 2.59
CA ASP D 7 0.16 60.72 3.14
C ASP D 7 1.04 59.47 3.08
N LEU D 8 1.94 59.41 2.13
CA LEU D 8 2.83 58.22 2.01
C LEU D 8 3.77 58.14 3.22
N ALA D 9 4.49 59.20 3.49
CA ALA D 9 5.43 59.20 4.64
C ALA D 9 4.65 59.33 5.95
N GLY D 10 3.49 59.92 5.91
CA GLY D 10 2.68 60.09 7.16
C GLY D 10 2.25 58.71 7.68
N ARG D 11 2.27 57.71 6.84
CA ARG D 11 1.85 56.35 7.29
C ARG D 11 2.72 55.87 8.45
N LEU D 12 3.93 56.37 8.56
CA LEU D 12 4.82 55.94 9.67
C LEU D 12 4.41 56.60 10.99
N PRO D 13 4.44 57.91 11.01
CA PRO D 13 4.07 58.65 12.25
C PRO D 13 2.55 58.57 12.47
N ALA D 14 2.04 57.40 12.71
CA ALA D 14 0.57 57.25 12.94
C ALA D 14 0.28 55.94 13.68
N GLY D 15 0.90 54.87 13.28
CA GLY D 15 0.66 53.57 13.97
C GLY D 15 1.99 53.00 14.47
N PRO D 16 2.42 53.48 15.61
CA PRO D 16 3.70 53.01 16.19
C PRO D 16 3.53 51.59 16.77
N ARG D 17 2.47 51.36 17.49
CA ARG D 17 2.25 50.00 18.07
C ARG D 17 1.68 49.06 17.01
N GLY D 18 1.08 49.59 15.98
CA GLY D 18 0.50 48.71 14.91
C GLY D 18 1.59 47.82 14.33
N MET D 19 2.81 48.30 14.28
CA MET D 19 3.91 47.47 13.72
C MET D 19 4.12 46.21 14.58
N GLY D 20 3.75 46.27 15.82
CA GLY D 20 3.93 45.07 16.71
C GLY D 20 2.95 43.97 16.29
N THR D 21 1.73 44.33 15.98
CA THR D 21 0.74 43.29 15.56
C THR D 21 1.14 42.68 14.21
N ALA D 22 1.88 43.41 13.41
CA ALA D 22 2.30 42.87 12.09
C ALA D 22 3.07 41.56 12.26
N LEU D 23 3.68 41.37 13.41
CA LEU D 23 4.43 40.10 13.64
C LEU D 23 3.51 38.89 13.56
N LYS D 24 2.37 38.97 14.21
CA LYS D 24 1.40 37.83 14.17
C LYS D 24 1.10 37.45 12.72
N LEU D 25 1.15 38.39 11.83
CA LEU D 25 0.86 38.10 10.39
C LEU D 25 2.00 37.30 9.76
N LEU D 26 3.22 37.56 10.18
CA LEU D 26 4.38 36.82 9.60
C LEU D 26 4.35 35.35 10.04
N LEU D 27 3.92 35.09 11.24
CA LEU D 27 3.87 33.67 11.72
C LEU D 27 2.75 32.90 11.02
N GLY D 28 1.65 33.55 10.74
CA GLY D 28 0.52 32.86 10.06
C GLY D 28 0.94 32.45 8.65
N ALA D 29 1.85 33.18 8.06
CA ALA D 29 2.30 32.83 6.68
C ALA D 29 2.93 31.43 6.66
N GLY D 30 3.69 31.10 7.68
CA GLY D 30 4.34 29.76 7.72
C GLY D 30 3.26 28.69 7.94
N ALA D 31 2.24 29.01 8.68
CA ALA D 31 1.17 28.01 8.94
C ALA D 31 0.30 27.83 7.68
N VAL D 32 0.14 28.87 6.92
CA VAL D 32 -0.70 28.75 5.67
C VAL D 32 0.07 27.99 4.59
N ALA D 33 1.38 27.97 4.67
CA ALA D 33 2.17 27.25 3.64
C ALA D 33 2.09 25.74 3.85
N TYR D 34 1.91 25.31 5.08
CA TYR D 34 1.83 23.85 5.36
C TYR D 34 0.65 23.23 4.59
N GLY D 35 -0.51 23.81 4.70
CA GLY D 35 -1.70 23.25 3.97
C GLY D 35 -1.41 23.25 2.46
N VAL D 36 -0.64 24.19 1.99
CA VAL D 36 -0.31 24.25 0.54
C VAL D 36 0.79 23.24 0.21
N ARG D 37 1.66 22.97 1.16
CA ARG D 37 2.76 22.00 0.90
C ARG D 37 2.20 20.64 0.47
N GLU D 38 1.02 20.30 0.93
CA GLU D 38 0.42 18.99 0.55
C GLU D 38 -0.17 19.03 -0.88
N SER D 39 -0.61 20.19 -1.35
CA SER D 39 -1.18 20.26 -2.73
C SER D 39 -0.83 21.58 -3.44
N VAL D 40 -0.87 21.60 -4.75
CA VAL D 40 -0.55 22.87 -5.50
C VAL D 40 -0.86 22.68 -7.01
N PHE D 41 -0.81 23.74 -7.80
CA PHE D 41 -1.11 23.60 -9.26
C PHE D 41 0.16 23.17 -10.04
N THR D 42 1.33 23.65 -9.67
CA THR D 42 2.57 23.20 -10.40
C THR D 42 2.95 21.81 -9.89
N VAL D 43 2.45 20.77 -10.51
CA VAL D 43 2.73 19.39 -10.05
C VAL D 43 4.24 19.10 -9.93
N GLU D 44 4.93 18.99 -11.05
CA GLU D 44 6.38 18.66 -10.96
C GLU D 44 7.10 18.84 -12.31
N GLY D 45 7.77 17.81 -12.81
CA GLY D 45 8.50 17.93 -14.10
C GLY D 45 8.38 16.63 -14.89
N GLY D 46 8.36 16.70 -16.19
CA GLY D 46 8.25 15.47 -17.03
C GLY D 46 6.78 15.16 -17.34
N HIS D 47 5.95 16.18 -17.46
CA HIS D 47 4.50 15.93 -17.76
C HIS D 47 3.86 17.15 -18.39
N ARG D 48 2.81 16.94 -19.14
CA ARG D 48 2.10 18.08 -19.81
C ARG D 48 0.84 18.45 -19.03
N ALA D 49 0.39 19.67 -19.07
CA ALA D 49 -0.81 20.09 -18.25
C ALA D 49 -2.14 20.17 -19.03
N ILE D 50 -3.23 20.10 -18.28
CA ILE D 50 -4.61 20.12 -18.86
C ILE D 50 -5.45 21.27 -18.24
N PHE D 51 -6.45 21.77 -18.94
CA PHE D 51 -7.25 22.92 -18.39
C PHE D 51 -8.79 22.65 -18.39
N PHE D 52 -9.47 23.01 -17.33
CA PHE D 52 -10.96 22.80 -17.28
C PHE D 52 -11.59 23.70 -16.17
N ASN D 53 -12.85 24.07 -16.32
CA ASN D 53 -13.50 24.95 -15.28
C ASN D 53 -14.80 24.33 -14.73
N ARG D 54 -15.19 24.67 -13.52
CA ARG D 54 -16.46 24.10 -12.91
C ARG D 54 -17.59 24.09 -13.94
N ILE D 55 -18.59 23.26 -13.72
CA ILE D 55 -19.74 23.21 -14.68
C ILE D 55 -19.24 22.96 -16.11
N GLY D 56 -19.13 21.71 -16.50
CA GLY D 56 -18.64 21.41 -17.87
C GLY D 56 -18.02 20.01 -17.90
N GLY D 57 -17.65 19.52 -19.06
CA GLY D 57 -17.05 18.16 -19.15
C GLY D 57 -15.69 18.17 -18.43
N VAL D 58 -15.64 17.65 -17.23
CA VAL D 58 -14.35 17.62 -16.48
C VAL D 58 -13.34 16.71 -17.19
N GLN D 59 -12.10 16.81 -16.81
CA GLN D 59 -11.05 15.96 -17.45
C GLN D 59 -10.54 14.91 -16.45
N GLN D 60 -9.66 14.04 -16.87
CA GLN D 60 -9.14 13.01 -15.93
C GLN D 60 -7.87 12.34 -16.51
N ASP D 61 -8.02 11.59 -17.56
CA ASP D 61 -6.83 10.89 -18.16
C ASP D 61 -5.93 11.91 -18.88
N THR D 62 -5.39 12.85 -18.16
CA THR D 62 -4.51 13.88 -18.80
C THR D 62 -3.44 14.34 -17.78
N ILE D 63 -2.18 13.98 -18.00
CA ILE D 63 -1.06 14.29 -17.01
C ILE D 63 -0.61 15.76 -16.89
N LEU D 64 0.45 16.02 -16.09
CA LEU D 64 0.99 17.43 -15.90
C LEU D 64 2.18 17.50 -14.90
N ALA D 65 3.18 18.31 -15.23
CA ALA D 65 4.38 18.54 -14.31
C ALA D 65 5.65 18.94 -15.09
N GLU D 66 6.02 20.21 -15.03
CA GLU D 66 7.29 20.71 -15.71
C GLU D 66 7.32 22.26 -15.80
N GLY D 67 6.32 22.94 -15.29
CA GLY D 67 6.33 24.44 -15.37
C GLY D 67 5.39 25.04 -14.32
N LEU D 68 5.62 26.26 -13.90
CA LEU D 68 4.70 26.88 -12.89
C LEU D 68 3.72 27.81 -13.63
N HIS D 69 2.50 27.37 -13.82
CA HIS D 69 1.49 28.21 -14.55
C HIS D 69 0.06 27.67 -14.33
N PHE D 70 -0.93 28.53 -14.45
CA PHE D 70 -2.37 28.10 -14.33
C PHE D 70 -2.83 27.96 -12.87
N ARG D 71 -4.14 27.86 -12.68
CA ARG D 71 -4.73 27.74 -11.31
C ARG D 71 -4.46 29.01 -10.50
N ILE D 72 -4.02 30.06 -11.15
CA ILE D 72 -3.74 31.33 -10.42
C ILE D 72 -4.96 32.26 -10.41
N PRO D 73 -5.66 32.36 -11.53
CA PRO D 73 -6.84 33.26 -11.59
C PRO D 73 -8.03 32.65 -10.83
N TRP D 74 -8.91 31.94 -11.49
CA TRP D 74 -10.08 31.34 -10.77
C TRP D 74 -10.92 30.47 -11.72
N PHE D 75 -11.29 30.99 -12.86
CA PHE D 75 -12.12 30.18 -13.80
C PHE D 75 -11.25 29.16 -14.56
N GLN D 76 -10.52 28.35 -13.86
CA GLN D 76 -9.67 27.33 -14.52
C GLN D 76 -9.33 26.20 -13.54
N TYR D 77 -9.12 25.01 -14.04
CA TYR D 77 -8.81 23.87 -13.14
C TYR D 77 -8.07 22.77 -13.92
N PRO D 78 -6.88 22.48 -13.50
CA PRO D 78 -6.10 21.43 -14.17
C PRO D 78 -6.17 20.10 -13.41
N ILE D 79 -6.87 19.14 -13.96
CA ILE D 79 -6.91 17.80 -13.30
C ILE D 79 -5.94 16.94 -14.11
N ILE D 80 -4.80 16.59 -13.54
CA ILE D 80 -3.81 15.85 -14.35
C ILE D 80 -3.67 14.37 -13.95
N TYR D 81 -3.26 13.58 -14.89
CA TYR D 81 -3.08 12.12 -14.71
C TYR D 81 -1.59 11.79 -14.51
N ASP D 82 -1.27 10.74 -13.81
CA ASP D 82 0.17 10.40 -13.61
C ASP D 82 0.54 9.14 -14.41
N ILE D 83 1.69 9.14 -15.02
CA ILE D 83 2.11 7.96 -15.84
C ILE D 83 2.33 6.72 -14.96
N ARG D 84 2.30 5.57 -15.55
CA ARG D 84 2.50 4.30 -14.78
C ARG D 84 2.49 3.10 -15.71
N ALA D 85 3.12 2.01 -15.34
CA ALA D 85 3.13 0.81 -16.22
C ALA D 85 1.70 0.37 -16.53
N ARG D 86 1.53 -0.56 -17.43
CA ARG D 86 0.15 -1.03 -17.76
C ARG D 86 0.15 -2.50 -18.18
N PRO D 87 -0.41 -3.34 -17.34
CA PRO D 87 -0.50 -4.77 -17.64
C PRO D 87 -1.90 -5.10 -18.17
N ARG D 88 -2.01 -5.43 -19.42
CA ARG D 88 -3.36 -5.74 -19.99
C ARG D 88 -3.19 -6.58 -21.28
N LYS D 89 -3.53 -7.87 -21.25
CA LYS D 89 -3.38 -8.75 -22.47
C LYS D 89 -4.23 -10.04 -22.37
N ILE D 90 -4.64 -10.60 -23.49
CA ILE D 90 -5.45 -11.88 -23.46
C ILE D 90 -5.16 -12.77 -24.67
N SER D 91 -5.35 -14.05 -24.51
CA SER D 91 -5.15 -15.00 -25.64
C SER D 91 -6.52 -15.38 -26.20
N SER D 92 -6.83 -14.95 -27.40
CA SER D 92 -8.17 -15.27 -27.97
C SER D 92 -8.09 -16.43 -28.98
N PRO D 93 -8.90 -17.44 -28.75
CA PRO D 93 -8.94 -18.61 -29.65
C PRO D 93 -10.09 -18.50 -30.65
N THR D 94 -9.79 -18.31 -31.91
CA THR D 94 -10.87 -18.19 -32.92
C THR D 94 -10.45 -18.86 -34.24
N GLY D 95 -11.39 -19.37 -34.98
CA GLY D 95 -11.05 -20.03 -36.27
C GLY D 95 -12.04 -19.60 -37.36
N SER D 96 -11.57 -18.85 -38.32
CA SER D 96 -12.49 -18.39 -39.42
C SER D 96 -11.74 -18.37 -40.75
N LYS D 97 -10.74 -19.19 -40.89
CA LYS D 97 -9.96 -19.22 -42.17
C LYS D 97 -9.25 -20.57 -42.32
N ASP D 98 -9.75 -21.60 -41.69
CA ASP D 98 -9.09 -22.94 -41.81
C ASP D 98 -9.96 -24.01 -41.14
N LEU D 99 -9.75 -25.25 -41.48
CA LEU D 99 -10.57 -26.35 -40.87
C LEU D 99 -10.36 -26.36 -39.35
N GLN D 100 -9.15 -26.50 -38.91
CA GLN D 100 -8.87 -26.52 -37.45
C GLN D 100 -9.11 -25.13 -36.85
N MET D 101 -8.80 -24.95 -35.59
CA MET D 101 -9.01 -23.63 -34.95
C MET D 101 -7.73 -23.15 -34.28
N VAL D 102 -7.18 -22.05 -34.74
CA VAL D 102 -5.93 -21.53 -34.12
C VAL D 102 -6.25 -20.36 -33.20
N ASN D 103 -5.46 -20.16 -32.19
CA ASN D 103 -5.71 -19.04 -31.24
C ASN D 103 -4.69 -17.92 -31.42
N ILE D 104 -5.13 -16.75 -31.78
CA ILE D 104 -4.19 -15.61 -31.98
C ILE D 104 -4.35 -14.59 -30.84
N SER D 105 -3.31 -13.89 -30.52
CA SER D 105 -3.39 -12.88 -29.42
C SER D 105 -3.05 -11.49 -29.96
N LEU D 106 -3.59 -10.46 -29.35
CA LEU D 106 -3.29 -9.08 -29.83
C LEU D 106 -3.48 -8.07 -28.70
N ARG D 107 -2.69 -7.02 -28.68
CA ARG D 107 -2.82 -6.01 -27.60
C ARG D 107 -2.29 -4.65 -28.08
N VAL D 108 -2.83 -3.58 -27.55
CA VAL D 108 -2.35 -2.23 -27.97
C VAL D 108 -1.92 -1.42 -26.75
N LEU D 109 -0.73 -0.88 -26.78
CA LEU D 109 -0.23 -0.08 -25.61
C LEU D 109 -0.33 1.41 -25.92
N SER D 110 -0.67 2.20 -24.94
CA SER D 110 -0.78 3.68 -25.17
C SER D 110 0.06 4.43 -24.14
N ARG D 111 0.99 5.24 -24.59
CA ARG D 111 1.84 6.01 -23.64
C ARG D 111 1.62 7.52 -23.84
N PRO D 112 1.33 8.21 -22.76
CA PRO D 112 1.10 9.67 -22.84
C PRO D 112 2.42 10.42 -23.07
N ASN D 113 3.06 10.18 -24.19
CA ASN D 113 4.34 10.88 -24.48
C ASN D 113 4.12 12.00 -25.49
N ALA D 114 3.14 11.86 -26.34
CA ALA D 114 2.87 12.94 -27.35
C ALA D 114 1.53 13.62 -27.05
N GLN D 115 1.01 14.36 -27.99
CA GLN D 115 -0.29 15.05 -27.76
C GLN D 115 -1.43 14.02 -27.63
N GLU D 116 -1.94 13.85 -26.44
CA GLU D 116 -3.04 12.86 -26.25
C GLU D 116 -3.97 13.32 -25.12
N LEU D 117 -3.42 13.83 -24.05
CA LEU D 117 -4.28 14.30 -22.92
C LEU D 117 -4.86 15.72 -23.16
N PRO D 118 -4.27 16.49 -24.06
CA PRO D 118 -4.80 17.87 -24.29
C PRO D 118 -6.01 17.86 -25.22
N SER D 119 -5.83 17.52 -26.47
CA SER D 119 -6.99 17.51 -27.42
C SER D 119 -7.81 16.23 -27.27
N MET D 120 -7.17 15.10 -27.39
CA MET D 120 -7.88 13.79 -27.29
C MET D 120 -8.69 13.70 -25.98
N TYR D 121 -8.39 14.52 -25.00
CA TYR D 121 -9.13 14.45 -23.71
C TYR D 121 -10.65 14.32 -23.94
N GLN D 122 -11.23 15.19 -24.72
CA GLN D 122 -12.69 15.10 -24.99
C GLN D 122 -12.95 14.03 -26.06
N ARG D 123 -12.06 13.88 -27.00
CA ARG D 123 -12.24 12.85 -28.07
C ARG D 123 -12.28 11.46 -27.43
N LEU D 124 -11.45 11.24 -26.44
CA LEU D 124 -11.43 9.91 -25.77
C LEU D 124 -12.58 9.83 -24.75
N GLY D 125 -12.95 10.95 -24.18
CA GLY D 125 -14.06 10.94 -23.18
C GLY D 125 -13.51 10.51 -21.82
N LEU D 126 -14.35 9.90 -21.01
CA LEU D 126 -13.88 9.46 -19.65
C LEU D 126 -12.79 8.38 -19.81
N ASP D 127 -12.69 7.48 -18.88
CA ASP D 127 -11.65 6.40 -18.99
C ASP D 127 -11.73 5.72 -20.36
N TYR D 128 -10.89 6.13 -21.28
CA TYR D 128 -10.92 5.53 -22.64
C TYR D 128 -9.99 4.31 -22.71
N GLU D 129 -9.04 4.22 -21.82
CA GLU D 129 -8.11 3.06 -21.84
C GLU D 129 -8.88 1.75 -21.63
N GLU D 130 -9.70 1.70 -20.61
CA GLU D 130 -10.47 0.46 -20.33
C GLU D 130 -11.36 0.09 -21.53
N ARG D 131 -11.98 1.07 -22.14
CA ARG D 131 -12.88 0.78 -23.30
C ARG D 131 -12.07 0.61 -24.59
N VAL D 132 -11.14 1.49 -24.84
CA VAL D 132 -10.33 1.39 -26.10
C VAL D 132 -9.34 0.22 -26.04
N LEU D 133 -9.02 -0.25 -24.86
CA LEU D 133 -8.05 -1.39 -24.77
C LEU D 133 -8.61 -2.64 -25.44
N PRO D 134 -9.72 -3.13 -24.95
CA PRO D 134 -10.35 -4.34 -25.54
C PRO D 134 -10.97 -4.03 -26.91
N SER D 135 -11.39 -2.81 -27.12
CA SER D 135 -12.01 -2.45 -28.42
C SER D 135 -11.04 -2.72 -29.58
N ILE D 136 -9.96 -1.99 -29.65
CA ILE D 136 -8.98 -2.20 -30.77
C ILE D 136 -8.29 -3.57 -30.64
N VAL D 137 -8.11 -4.05 -29.44
CA VAL D 137 -7.45 -5.37 -29.26
C VAL D 137 -8.40 -6.51 -29.64
N ASN D 138 -9.64 -6.43 -29.21
CA ASN D 138 -10.62 -7.51 -29.54
C ASN D 138 -11.17 -7.33 -30.95
N GLU D 139 -11.07 -6.14 -31.49
CA GLU D 139 -11.58 -5.90 -32.87
C GLU D 139 -10.57 -6.39 -33.91
N VAL D 140 -9.42 -5.78 -33.97
CA VAL D 140 -8.39 -6.21 -34.96
C VAL D 140 -8.10 -7.70 -34.83
N LEU D 141 -8.01 -8.19 -33.63
CA LEU D 141 -7.73 -9.65 -33.43
C LEU D 141 -8.83 -10.49 -34.09
N LYS D 142 -10.03 -9.98 -34.13
CA LYS D 142 -11.14 -10.75 -34.76
C LYS D 142 -11.05 -10.65 -36.30
N SER D 143 -10.63 -9.52 -36.80
CA SER D 143 -10.50 -9.36 -38.28
C SER D 143 -9.20 -10.00 -38.78
N VAL D 144 -8.19 -10.03 -37.95
CA VAL D 144 -6.89 -10.63 -38.38
C VAL D 144 -6.96 -12.16 -38.31
N VAL D 145 -7.46 -12.69 -37.21
CA VAL D 145 -7.55 -14.18 -37.09
C VAL D 145 -8.28 -14.77 -38.30
N ALA D 146 -9.25 -14.07 -38.81
CA ALA D 146 -10.00 -14.58 -39.99
C ALA D 146 -9.22 -14.32 -41.28
N LYS D 147 -8.29 -13.39 -41.25
CA LYS D 147 -7.50 -13.09 -42.47
C LYS D 147 -6.37 -14.10 -42.64
N PHE D 148 -5.41 -14.11 -41.76
CA PHE D 148 -4.28 -15.08 -41.87
C PHE D 148 -4.77 -16.52 -41.64
N ASN D 149 -4.28 -17.44 -42.42
CA ASN D 149 -4.72 -18.87 -42.25
C ASN D 149 -4.16 -19.45 -40.94
N ALA D 150 -4.60 -20.62 -40.57
CA ALA D 150 -4.10 -21.25 -39.32
C ALA D 150 -2.73 -21.88 -39.54
N SER D 151 -2.59 -22.69 -40.57
CA SER D 151 -1.28 -23.35 -40.83
C SER D 151 -0.16 -22.32 -40.86
N GLN D 152 -0.46 -21.12 -41.29
CA GLN D 152 0.60 -20.06 -41.34
C GLN D 152 0.79 -19.45 -39.95
N LEU D 153 -0.20 -19.55 -39.10
CA LEU D 153 -0.07 -18.98 -37.73
C LEU D 153 0.75 -19.92 -36.84
N ILE D 154 0.46 -21.20 -36.88
CA ILE D 154 1.23 -22.16 -36.03
C ILE D 154 2.72 -22.10 -36.37
N THR D 155 3.05 -21.67 -37.55
CA THR D 155 4.49 -21.59 -37.94
C THR D 155 5.24 -20.63 -37.02
N GLN D 156 4.75 -19.42 -36.89
CA GLN D 156 5.43 -18.44 -36.00
C GLN D 156 4.42 -17.37 -35.54
N ARG D 157 4.21 -17.27 -34.25
CA ARG D 157 3.24 -16.26 -33.73
C ARG D 157 3.72 -14.84 -34.06
N ALA D 158 4.97 -14.69 -34.43
CA ALA D 158 5.50 -13.33 -34.75
C ALA D 158 5.10 -12.92 -36.17
N GLN D 159 5.03 -13.87 -37.09
CA GLN D 159 4.66 -13.51 -38.49
C GLN D 159 3.30 -12.81 -38.53
N VAL D 160 2.34 -13.31 -37.78
CA VAL D 160 1.00 -12.67 -37.77
C VAL D 160 1.04 -11.33 -37.01
N SER D 161 2.02 -11.15 -36.17
CA SER D 161 2.12 -9.88 -35.40
C SER D 161 2.72 -8.77 -36.28
N LEU D 162 3.39 -9.14 -37.34
CA LEU D 162 4.00 -8.10 -38.24
C LEU D 162 2.92 -7.47 -39.13
N LEU D 163 2.20 -8.27 -39.86
CA LEU D 163 1.14 -7.72 -40.75
C LEU D 163 0.12 -6.92 -39.93
N ILE D 164 -0.33 -7.47 -38.84
CA ILE D 164 -1.33 -6.75 -37.99
C ILE D 164 -0.72 -5.44 -37.46
N ARG D 165 0.56 -5.41 -37.23
CA ARG D 165 1.21 -4.18 -36.71
C ARG D 165 0.87 -2.97 -37.61
N ARG D 166 0.55 -3.24 -38.85
CA ARG D 166 0.21 -2.12 -39.78
C ARG D 166 -1.18 -1.57 -39.47
N GLU D 167 -2.16 -2.44 -39.35
CA GLU D 167 -3.54 -1.97 -39.05
C GLU D 167 -3.62 -1.49 -37.60
N LEU D 168 -2.77 -2.00 -36.74
CA LEU D 168 -2.81 -1.56 -35.31
C LEU D 168 -2.29 -0.13 -35.19
N THR D 169 -1.25 0.20 -35.91
CA THR D 169 -0.69 1.58 -35.84
C THR D 169 -1.74 2.61 -36.27
N GLU D 170 -2.41 2.36 -37.37
CA GLU D 170 -3.44 3.33 -37.85
C GLU D 170 -4.65 3.32 -36.91
N ARG D 171 -5.03 2.17 -36.42
CA ARG D 171 -6.20 2.10 -35.49
C ARG D 171 -5.81 2.59 -34.09
N ALA D 172 -4.57 2.43 -33.73
CA ALA D 172 -4.13 2.88 -32.37
C ALA D 172 -3.88 4.39 -32.36
N LYS D 173 -3.33 4.93 -33.41
CA LYS D 173 -3.06 6.39 -33.46
C LYS D 173 -4.35 7.17 -33.77
N ASP D 174 -5.30 6.52 -34.42
CA ASP D 174 -6.57 7.21 -34.76
C ASP D 174 -7.26 7.73 -33.49
N PHE D 175 -7.13 7.03 -32.40
CA PHE D 175 -7.78 7.47 -31.14
C PHE D 175 -6.93 8.54 -30.43
N SER D 176 -5.65 8.56 -30.72
CA SER D 176 -4.76 9.58 -30.07
C SER D 176 -3.37 9.54 -30.71
N LEU D 177 -2.57 10.54 -30.45
CA LEU D 177 -1.19 10.55 -31.02
C LEU D 177 -0.18 10.14 -29.95
N ILE D 178 0.39 8.97 -30.09
CA ILE D 178 1.38 8.48 -29.09
C ILE D 178 2.29 7.42 -29.71
N LEU D 179 3.48 7.26 -29.21
CA LEU D 179 4.41 6.24 -29.77
C LEU D 179 4.38 5.00 -28.89
N ASP D 180 3.85 3.92 -29.40
CA ASP D 180 3.76 2.66 -28.60
C ASP D 180 4.16 1.45 -29.44
N ASP D 181 4.62 0.41 -28.80
CA ASP D 181 5.04 -0.80 -29.57
C ASP D 181 3.92 -1.85 -29.52
N VAL D 182 3.79 -2.65 -30.55
CA VAL D 182 2.70 -3.67 -30.57
C VAL D 182 3.26 -5.09 -30.66
N ALA D 183 3.07 -5.86 -29.62
CA ALA D 183 3.54 -7.27 -29.60
C ALA D 183 2.74 -8.05 -28.57
N ILE D 184 2.57 -9.33 -28.76
CA ILE D 184 1.75 -10.12 -27.81
C ILE D 184 2.24 -11.57 -27.71
N THR D 185 1.93 -12.24 -26.64
CA THR D 185 2.35 -13.65 -26.49
C THR D 185 1.20 -14.54 -26.96
N GLU D 186 1.37 -15.18 -28.08
CA GLU D 186 0.27 -16.01 -28.65
C GLU D 186 0.52 -17.51 -28.49
N LEU D 187 -0.54 -18.25 -28.42
CA LEU D 187 -0.44 -19.73 -28.31
C LEU D 187 -1.56 -20.32 -29.17
N SER D 188 -1.26 -21.25 -30.03
CA SER D 188 -2.32 -21.80 -30.91
C SER D 188 -2.82 -23.16 -30.41
N PHE D 189 -4.05 -23.49 -30.71
CA PHE D 189 -4.63 -24.79 -30.26
C PHE D 189 -4.65 -25.79 -31.43
N SER D 190 -4.47 -27.04 -31.14
CA SER D 190 -4.48 -28.08 -32.22
C SER D 190 -3.50 -27.70 -33.33
N MET E 1 -33.20 62.81 10.23
CA MET E 1 -33.91 61.51 10.31
C MET E 1 -32.92 60.36 10.12
N ALA E 2 -33.39 59.21 9.72
CA ALA E 2 -32.46 58.04 9.53
C ALA E 2 -31.63 57.81 10.78
N GLN E 3 -32.25 57.33 11.84
CA GLN E 3 -31.49 57.07 13.10
C GLN E 3 -30.72 55.77 12.99
N ASN E 4 -31.29 54.76 12.38
CA ASN E 4 -30.58 53.46 12.24
C ASN E 4 -29.34 53.62 11.36
N LEU E 5 -29.35 54.58 10.47
CA LEU E 5 -28.18 54.80 9.58
C LEU E 5 -27.16 55.71 10.27
N LYS E 6 -27.61 56.59 11.12
CA LYS E 6 -26.68 57.51 11.82
C LYS E 6 -26.03 56.80 13.01
N ASP E 7 -26.71 55.84 13.58
CA ASP E 7 -26.14 55.11 14.75
C ASP E 7 -25.09 54.11 14.27
N LEU E 8 -25.33 53.45 13.18
CA LEU E 8 -24.33 52.46 12.66
C LEU E 8 -23.03 53.17 12.29
N ALA E 9 -23.13 54.30 11.64
CA ALA E 9 -21.88 55.03 11.25
C ALA E 9 -21.11 55.47 12.50
N GLY E 10 -21.82 55.77 13.57
CA GLY E 10 -21.12 56.20 14.81
C GLY E 10 -20.59 54.98 15.56
N ARG E 11 -21.11 53.82 15.29
CA ARG E 11 -20.63 52.60 15.99
C ARG E 11 -19.25 52.17 15.46
N LEU E 12 -18.96 52.48 14.23
CA LEU E 12 -17.63 52.10 13.66
C LEU E 12 -16.50 52.81 14.42
N PRO E 13 -16.56 54.11 14.46
CA PRO E 13 -15.51 54.89 15.16
C PRO E 13 -15.69 54.77 16.68
N ALA E 14 -15.27 53.67 17.24
CA ALA E 14 -15.42 53.48 18.72
C ALA E 14 -14.30 52.58 19.25
N GLY E 15 -14.15 51.42 18.69
CA GLY E 15 -13.07 50.49 19.16
C GLY E 15 -12.07 50.26 18.04
N PRO E 16 -11.08 51.13 17.98
CA PRO E 16 -10.03 51.01 16.94
C PRO E 16 -9.10 49.83 17.23
N ARG E 17 -8.87 49.54 18.48
CA ARG E 17 -7.98 48.39 18.84
C ARG E 17 -8.62 47.06 18.41
N GLY E 18 -9.93 47.04 18.28
CA GLY E 18 -10.61 45.77 17.86
C GLY E 18 -10.06 45.30 16.52
N MET E 19 -9.59 46.22 15.71
CA MET E 19 -9.04 45.82 14.38
C MET E 19 -7.75 45.01 14.56
N GLY E 20 -7.03 45.26 15.63
CA GLY E 20 -5.77 44.50 15.87
C GLY E 20 -6.09 43.04 16.16
N THR E 21 -7.10 42.80 16.95
CA THR E 21 -7.47 41.39 17.28
C THR E 21 -8.12 40.72 16.05
N ALA E 22 -8.73 41.49 15.20
CA ALA E 22 -9.38 40.91 13.98
C ALA E 22 -8.34 40.18 13.13
N LEU E 23 -7.10 40.57 13.22
CA LEU E 23 -6.03 39.90 12.41
C LEU E 23 -5.93 38.42 12.80
N LYS E 24 -6.06 38.12 14.08
CA LYS E 24 -5.98 36.71 14.53
C LYS E 24 -6.93 35.83 13.71
N LEU E 25 -8.07 36.37 13.34
CA LEU E 25 -9.04 35.57 12.54
C LEU E 25 -8.42 35.17 11.20
N LEU E 26 -7.89 36.12 10.47
CA LEU E 26 -7.27 35.79 9.16
C LEU E 26 -6.15 34.77 9.35
N LEU E 27 -5.34 34.93 10.36
CA LEU E 27 -4.23 33.97 10.61
C LEU E 27 -4.80 32.62 11.07
N GLY E 28 -5.88 32.65 11.80
CA GLY E 28 -6.48 31.38 12.30
C GLY E 28 -7.23 30.70 11.14
N ALA E 29 -7.74 31.47 10.23
CA ALA E 29 -8.48 30.87 9.06
C ALA E 29 -7.54 29.93 8.29
N GLY E 30 -6.29 30.28 8.18
CA GLY E 30 -5.33 29.40 7.44
C GLY E 30 -5.24 28.05 8.14
N ALA E 31 -5.41 28.03 9.43
CA ALA E 31 -5.34 26.74 10.18
C ALA E 31 -6.61 25.92 9.94
N VAL E 32 -7.74 26.56 9.96
CA VAL E 32 -9.01 25.81 9.72
C VAL E 32 -9.08 25.33 8.27
N ALA E 33 -8.59 26.12 7.35
CA ALA E 33 -8.62 25.71 5.92
C ALA E 33 -7.78 24.44 5.73
N TYR E 34 -6.75 24.27 6.52
CA TYR E 34 -5.89 23.06 6.39
C TYR E 34 -6.72 21.79 6.64
N GLY E 35 -7.47 21.76 7.71
CA GLY E 35 -8.30 20.56 8.01
C GLY E 35 -9.30 20.34 6.86
N VAL E 36 -9.74 21.40 6.24
CA VAL E 36 -10.70 21.24 5.11
C VAL E 36 -9.96 20.87 3.83
N ARG E 37 -8.73 21.29 3.70
CA ARG E 37 -7.94 20.96 2.48
C ARG E 37 -7.90 19.44 2.26
N GLU E 38 -7.95 18.68 3.33
CA GLU E 38 -7.89 17.19 3.19
C GLU E 38 -9.25 16.65 2.69
N SER E 39 -10.34 17.32 2.98
CA SER E 39 -11.68 16.82 2.51
C SER E 39 -12.43 17.88 1.69
N VAL E 40 -13.56 17.52 1.11
CA VAL E 40 -14.36 18.50 0.30
C VAL E 40 -15.67 17.85 -0.20
N PHE E 41 -16.59 18.62 -0.74
CA PHE E 41 -17.87 18.02 -1.24
C PHE E 41 -17.92 18.02 -2.78
N THR E 42 -17.41 19.03 -3.45
CA THR E 42 -17.44 19.01 -4.96
C THR E 42 -16.68 17.77 -5.43
N VAL E 43 -17.37 16.84 -6.04
CA VAL E 43 -16.73 15.56 -6.51
C VAL E 43 -15.25 15.76 -6.91
N GLU E 44 -14.94 16.84 -7.58
CA GLU E 44 -13.51 17.08 -7.99
C GLU E 44 -12.93 15.87 -8.72
N GLY E 45 -12.92 15.89 -10.03
CA GLY E 45 -12.36 14.74 -10.78
C GLY E 45 -13.45 14.10 -11.65
N GLY E 46 -13.09 13.10 -12.42
CA GLY E 46 -14.09 12.44 -13.30
C GLY E 46 -14.93 11.47 -12.46
N HIS E 47 -15.66 11.99 -11.51
CA HIS E 47 -16.51 11.11 -10.65
C HIS E 47 -17.90 11.73 -10.47
N ARG E 48 -18.88 10.92 -10.21
CA ARG E 48 -20.29 11.42 -10.08
C ARG E 48 -20.74 11.53 -8.61
N ALA E 49 -21.74 12.35 -8.34
CA ALA E 49 -22.21 12.56 -6.93
C ALA E 49 -23.48 11.77 -6.56
N ILE E 50 -23.63 11.52 -5.28
CA ILE E 50 -24.81 10.75 -4.75
C ILE E 50 -25.36 11.48 -3.51
N PHE E 51 -26.63 11.36 -3.19
CA PHE E 51 -27.19 12.12 -2.01
C PHE E 51 -27.85 11.24 -0.93
N PHE E 52 -27.68 11.60 0.33
CA PHE E 52 -28.31 10.84 1.45
C PHE E 52 -28.35 11.69 2.74
N ASN E 53 -29.29 11.44 3.61
CA ASN E 53 -29.38 12.21 4.89
C ASN E 53 -29.14 11.29 6.11
N ARG E 54 -28.65 11.84 7.21
CA ARG E 54 -28.39 10.98 8.42
C ARG E 54 -29.57 10.03 8.70
N ILE E 55 -30.76 10.43 8.31
CA ILE E 55 -31.94 9.55 8.56
C ILE E 55 -32.20 8.66 7.35
N GLY E 56 -31.80 7.42 7.41
CA GLY E 56 -32.02 6.49 6.26
C GLY E 56 -30.81 5.59 6.09
N GLY E 57 -30.59 5.10 4.89
CA GLY E 57 -29.42 4.21 4.64
C GLY E 57 -28.40 4.92 3.74
N VAL E 58 -27.14 4.75 4.02
CA VAL E 58 -26.09 5.43 3.19
C VAL E 58 -26.32 5.17 1.70
N GLN E 59 -25.63 5.87 0.85
CA GLN E 59 -25.81 5.67 -0.62
C GLN E 59 -24.46 5.55 -1.32
N GLN E 60 -23.96 4.35 -1.47
CA GLN E 60 -22.64 4.17 -2.14
C GLN E 60 -22.82 3.37 -3.44
N ASP E 61 -21.76 3.17 -4.18
CA ASP E 61 -21.85 2.39 -5.45
C ASP E 61 -22.68 3.16 -6.50
N THR E 62 -22.87 4.43 -6.31
CA THR E 62 -23.66 5.22 -7.31
C THR E 62 -22.88 6.47 -7.79
N ILE E 63 -23.11 6.86 -9.02
CA ILE E 63 -22.42 8.06 -9.58
C ILE E 63 -23.18 8.60 -10.84
N LEU E 64 -23.60 9.85 -10.81
CA LEU E 64 -24.31 10.46 -11.99
C LEU E 64 -23.35 11.31 -12.87
N ALA E 65 -23.35 12.65 -12.75
CA ALA E 65 -22.43 13.49 -13.60
C ALA E 65 -21.68 14.54 -12.73
N GLU E 66 -21.08 15.56 -13.34
CA GLU E 66 -20.31 16.59 -12.53
C GLU E 66 -21.01 17.97 -12.54
N GLY E 67 -21.04 18.61 -11.40
CA GLY E 67 -21.66 19.96 -11.26
C GLY E 67 -21.11 20.57 -9.95
N LEU E 68 -21.13 21.88 -9.75
CA LEU E 68 -20.59 22.35 -8.44
C LEU E 68 -21.78 22.46 -7.48
N HIS E 69 -21.98 21.40 -6.71
CA HIS E 69 -23.09 21.34 -5.71
C HIS E 69 -22.88 20.12 -4.80
N PHE E 70 -22.59 20.28 -3.54
CA PHE E 70 -22.43 19.06 -2.68
C PHE E 70 -22.20 19.42 -1.22
N ARG E 71 -22.74 18.63 -0.33
CA ARG E 71 -22.57 18.87 1.14
C ARG E 71 -22.70 20.37 1.47
N ILE E 72 -23.91 20.86 1.52
CA ILE E 72 -24.13 22.29 1.85
C ILE E 72 -25.45 22.47 2.63
N PRO E 73 -26.56 22.13 2.02
CA PRO E 73 -27.87 22.25 2.71
C PRO E 73 -27.98 21.17 3.79
N TRP E 74 -29.17 20.90 4.26
CA TRP E 74 -29.34 19.85 5.31
C TRP E 74 -29.83 18.54 4.67
N PHE E 75 -29.92 17.49 5.45
CA PHE E 75 -30.39 16.18 4.92
C PHE E 75 -29.51 15.73 3.74
N GLN E 76 -28.27 16.15 3.71
CA GLN E 76 -27.35 15.75 2.61
C GLN E 76 -26.05 15.19 3.18
N TYR E 77 -25.38 14.33 2.47
CA TYR E 77 -24.12 13.72 2.99
C TYR E 77 -23.16 13.39 1.85
N PRO E 78 -21.89 13.33 2.16
CA PRO E 78 -20.88 13.03 1.15
C PRO E 78 -20.48 11.54 1.17
N ILE E 79 -20.91 10.83 0.17
CA ILE E 79 -20.56 9.38 0.02
C ILE E 79 -20.74 9.09 -1.49
N ILE E 80 -19.66 8.87 -2.20
CA ILE E 80 -19.77 8.67 -3.69
C ILE E 80 -19.09 7.37 -4.16
N TYR E 81 -19.50 6.88 -5.30
CA TYR E 81 -18.93 5.61 -5.85
C TYR E 81 -17.84 5.93 -6.89
N ASP E 82 -16.64 5.44 -6.68
CA ASP E 82 -15.53 5.71 -7.64
C ASP E 82 -15.27 4.47 -8.52
N ILE E 83 -14.80 4.68 -9.72
CA ILE E 83 -14.53 3.53 -10.63
C ILE E 83 -13.04 3.17 -10.59
N ARG E 84 -12.71 1.95 -10.92
CA ARG E 84 -11.27 1.52 -10.92
C ARG E 84 -11.12 0.12 -11.50
N ALA E 85 -11.61 -0.10 -12.71
CA ALA E 85 -11.49 -1.44 -13.34
C ALA E 85 -12.14 -2.51 -12.44
N ARG E 86 -12.32 -3.69 -12.96
CA ARG E 86 -12.95 -4.76 -12.12
C ARG E 86 -12.61 -6.16 -12.67
N PRO E 87 -11.80 -6.87 -11.92
CA PRO E 87 -11.39 -8.24 -12.31
C PRO E 87 -12.24 -9.27 -11.55
N ARG E 88 -13.02 -10.06 -12.23
CA ARG E 88 -13.86 -11.07 -11.53
C ARG E 88 -14.26 -12.20 -12.50
N LYS E 89 -13.70 -13.39 -12.36
CA LYS E 89 -14.04 -14.55 -13.29
C LYS E 89 -13.66 -15.92 -12.66
N ILE E 90 -14.33 -17.01 -13.04
CA ILE E 90 -14.00 -18.36 -12.46
C ILE E 90 -14.00 -19.48 -13.49
N SER E 91 -13.24 -20.51 -13.23
CA SER E 91 -13.21 -21.70 -14.14
C SER E 91 -13.91 -22.87 -13.44
N SER E 92 -15.06 -23.25 -13.91
CA SER E 92 -15.80 -24.37 -13.23
C SER E 92 -16.21 -25.45 -14.24
N PRO E 93 -16.31 -26.67 -13.78
CA PRO E 93 -16.71 -27.80 -14.64
C PRO E 93 -18.20 -28.10 -14.47
N THR E 94 -18.84 -28.56 -15.51
CA THR E 94 -20.30 -28.87 -15.41
C THR E 94 -20.69 -29.89 -16.49
N GLY E 95 -21.70 -30.67 -16.23
CA GLY E 95 -22.13 -31.68 -17.24
C GLY E 95 -23.64 -31.91 -17.11
N SER E 96 -24.38 -31.66 -18.16
CA SER E 96 -25.86 -31.87 -18.09
C SER E 96 -26.40 -32.28 -19.46
N LYS E 97 -26.21 -31.45 -20.45
CA LYS E 97 -26.72 -31.79 -21.82
C LYS E 97 -25.98 -33.01 -22.37
N ASP E 98 -24.77 -33.24 -21.93
CA ASP E 98 -24.01 -34.41 -22.44
C ASP E 98 -23.53 -35.28 -21.26
N LEU E 99 -22.97 -36.43 -21.55
CA LEU E 99 -22.48 -37.31 -20.46
C LEU E 99 -21.08 -36.87 -20.00
N GLN E 100 -20.29 -36.37 -20.91
CA GLN E 100 -18.91 -35.91 -20.52
C GLN E 100 -19.01 -34.62 -19.69
N MET E 101 -17.91 -34.20 -19.12
CA MET E 101 -17.94 -32.95 -18.30
C MET E 101 -17.31 -31.80 -19.09
N VAL E 102 -17.91 -30.63 -19.04
CA VAL E 102 -17.34 -29.47 -19.77
C VAL E 102 -17.15 -28.28 -18.82
N ASN E 103 -16.08 -27.56 -18.96
CA ASN E 103 -15.82 -26.39 -18.06
C ASN E 103 -16.14 -25.09 -18.80
N ILE E 104 -16.53 -24.07 -18.07
CA ILE E 104 -16.86 -22.77 -18.73
C ILE E 104 -16.42 -21.60 -17.84
N SER E 105 -16.09 -20.49 -18.43
CA SER E 105 -15.66 -19.30 -17.63
C SER E 105 -16.21 -18.02 -18.25
N LEU E 106 -16.75 -17.13 -17.45
CA LEU E 106 -17.32 -15.87 -18.00
C LEU E 106 -17.09 -14.71 -17.04
N ARG E 107 -16.98 -13.51 -17.56
CA ARG E 107 -16.75 -12.33 -16.68
C ARG E 107 -17.47 -11.10 -17.26
N VAL E 108 -18.10 -10.32 -16.42
CA VAL E 108 -18.82 -9.10 -16.92
C VAL E 108 -18.00 -7.84 -16.62
N LEU E 109 -18.13 -6.83 -17.44
CA LEU E 109 -17.36 -5.58 -17.21
C LEU E 109 -18.31 -4.42 -16.90
N SER E 110 -17.90 -3.52 -16.05
CA SER E 110 -18.79 -2.37 -15.70
C SER E 110 -18.33 -1.11 -16.45
N ARG E 111 -19.23 -0.47 -17.15
CA ARG E 111 -18.86 0.77 -17.90
C ARG E 111 -19.70 1.96 -17.41
N PRO E 112 -19.04 2.91 -16.78
CA PRO E 112 -19.75 4.10 -16.27
C PRO E 112 -20.15 5.03 -17.42
N ASN E 113 -20.98 4.55 -18.32
CA ASN E 113 -21.42 5.42 -19.46
C ASN E 113 -22.91 5.74 -19.34
N ALA E 114 -23.36 6.01 -18.15
CA ALA E 114 -24.81 6.34 -17.96
C ALA E 114 -25.00 7.15 -16.68
N GLN E 115 -26.17 7.08 -16.09
CA GLN E 115 -26.42 7.86 -14.83
C GLN E 115 -27.53 7.18 -14.02
N GLU E 116 -28.28 7.95 -13.27
CA GLU E 116 -29.38 7.36 -12.44
C GLU E 116 -28.84 6.29 -11.50
N LEU E 117 -27.72 6.55 -10.87
CA LEU E 117 -27.14 5.55 -9.93
C LEU E 117 -27.84 5.57 -8.55
N PRO E 118 -28.36 6.72 -8.13
CA PRO E 118 -29.03 6.78 -6.81
C PRO E 118 -30.36 6.02 -6.86
N SER E 119 -31.15 6.20 -7.88
CA SER E 119 -32.44 5.45 -7.98
C SER E 119 -32.14 3.96 -8.09
N MET E 120 -31.11 3.62 -8.80
CA MET E 120 -30.74 2.19 -8.97
C MET E 120 -29.97 1.69 -7.74
N TYR E 121 -29.41 2.57 -6.95
CA TYR E 121 -28.64 2.11 -5.76
C TYR E 121 -29.52 1.28 -4.82
N GLN E 122 -30.49 1.90 -4.20
CA GLN E 122 -31.38 1.13 -3.27
C GLN E 122 -32.13 0.04 -4.05
N ARG E 123 -32.36 0.25 -5.32
CA ARG E 123 -33.07 -0.77 -6.13
C ARG E 123 -32.09 -1.88 -6.55
N LEU E 124 -30.82 -1.57 -6.60
CA LEU E 124 -29.81 -2.59 -7.00
C LEU E 124 -29.72 -3.69 -5.94
N GLY E 125 -30.08 -3.39 -4.72
CA GLY E 125 -30.02 -4.43 -3.64
C GLY E 125 -29.21 -3.91 -2.46
N LEU E 126 -29.29 -4.56 -1.34
CA LEU E 126 -28.52 -4.10 -0.15
C LEU E 126 -27.02 -4.14 -0.44
N ASP E 127 -26.52 -5.27 -0.84
CA ASP E 127 -25.06 -5.37 -1.14
C ASP E 127 -24.71 -4.46 -2.33
N TYR E 128 -23.67 -4.78 -3.06
CA TYR E 128 -23.30 -3.92 -4.22
C TYR E 128 -23.12 -4.79 -5.48
N GLU E 129 -21.92 -4.89 -6.00
CA GLU E 129 -21.71 -5.71 -7.22
C GLU E 129 -21.57 -7.20 -6.85
N GLU E 130 -20.93 -7.49 -5.76
CA GLU E 130 -20.76 -8.92 -5.33
C GLU E 130 -22.07 -9.69 -5.44
N ARG E 131 -23.18 -9.02 -5.34
CA ARG E 131 -24.50 -9.72 -5.43
C ARG E 131 -24.88 -9.97 -6.89
N VAL E 132 -24.87 -8.95 -7.70
CA VAL E 132 -25.26 -9.12 -9.14
C VAL E 132 -24.10 -9.68 -9.98
N LEU E 133 -22.89 -9.55 -9.53
CA LEU E 133 -21.74 -10.06 -10.35
C LEU E 133 -21.82 -11.58 -10.55
N PRO E 134 -21.78 -12.32 -9.45
CA PRO E 134 -21.85 -13.80 -9.55
C PRO E 134 -23.26 -14.27 -9.90
N SER E 135 -24.26 -13.68 -9.29
CA SER E 135 -25.67 -14.11 -9.58
C SER E 135 -25.98 -13.99 -11.07
N ILE E 136 -25.58 -12.92 -11.69
CA ILE E 136 -25.87 -12.75 -13.15
C ILE E 136 -24.87 -13.56 -14.00
N VAL E 137 -23.65 -13.69 -13.55
CA VAL E 137 -22.65 -14.46 -14.33
C VAL E 137 -22.83 -15.97 -14.11
N ASN E 138 -22.80 -16.40 -12.87
CA ASN E 138 -22.98 -17.86 -12.60
C ASN E 138 -24.31 -18.36 -13.14
N GLU E 139 -25.35 -17.56 -13.05
CA GLU E 139 -26.68 -17.99 -13.56
C GLU E 139 -26.62 -18.23 -15.07
N VAL E 140 -26.40 -17.20 -15.84
CA VAL E 140 -26.32 -17.36 -17.32
C VAL E 140 -25.22 -18.34 -17.69
N LEU E 141 -24.15 -18.36 -16.93
CA LEU E 141 -23.03 -19.30 -17.25
C LEU E 141 -23.42 -20.73 -16.87
N LYS E 142 -24.03 -20.92 -15.74
CA LYS E 142 -24.42 -22.29 -15.32
C LYS E 142 -25.72 -22.72 -16.00
N SER E 143 -26.57 -21.80 -16.34
CA SER E 143 -27.86 -22.16 -17.01
C SER E 143 -27.63 -22.42 -18.50
N VAL E 144 -26.69 -21.76 -19.10
CA VAL E 144 -26.43 -21.97 -20.56
C VAL E 144 -25.61 -23.25 -20.78
N VAL E 145 -24.57 -23.45 -20.02
CA VAL E 145 -23.74 -24.69 -20.18
C VAL E 145 -24.63 -25.93 -20.13
N ALA E 146 -25.74 -25.86 -19.45
CA ALA E 146 -26.64 -27.04 -19.38
C ALA E 146 -27.42 -27.19 -20.69
N LYS E 147 -27.64 -26.10 -21.38
CA LYS E 147 -28.38 -26.17 -22.67
C LYS E 147 -27.44 -26.64 -23.80
N PHE E 148 -26.22 -26.16 -23.78
CA PHE E 148 -25.26 -26.56 -24.85
C PHE E 148 -24.69 -27.96 -24.54
N ASN E 149 -24.06 -28.57 -25.51
CA ASN E 149 -23.47 -29.92 -25.28
C ASN E 149 -21.98 -29.82 -24.98
N ALA E 150 -21.35 -30.92 -24.67
CA ALA E 150 -19.89 -30.89 -24.37
C ALA E 150 -19.08 -30.86 -25.67
N SER E 151 -19.46 -31.66 -26.63
CA SER E 151 -18.71 -31.67 -27.93
C SER E 151 -18.89 -30.34 -28.66
N GLN E 152 -19.99 -29.67 -28.43
CA GLN E 152 -20.21 -28.36 -29.10
C GLN E 152 -19.44 -27.25 -28.38
N LEU E 153 -19.26 -27.37 -27.09
CA LEU E 153 -18.51 -26.33 -26.34
C LEU E 153 -17.00 -26.51 -26.54
N ILE E 154 -16.52 -27.72 -26.39
CA ILE E 154 -15.06 -27.97 -26.57
C ILE E 154 -14.60 -27.49 -27.95
N THR E 155 -15.50 -27.43 -28.90
CA THR E 155 -15.11 -26.97 -30.27
C THR E 155 -14.56 -25.54 -30.21
N GLN E 156 -15.36 -24.60 -29.78
CA GLN E 156 -14.87 -23.20 -29.69
C GLN E 156 -15.53 -22.48 -28.51
N ARG E 157 -14.77 -22.18 -27.49
CA ARG E 157 -15.35 -21.48 -26.30
C ARG E 157 -15.99 -20.16 -26.72
N ALA E 158 -15.55 -19.59 -27.79
CA ALA E 158 -16.14 -18.29 -28.25
C ALA E 158 -17.48 -18.54 -28.96
N GLN E 159 -17.70 -19.72 -29.46
CA GLN E 159 -18.99 -20.02 -30.17
C GLN E 159 -20.16 -19.91 -29.19
N VAL E 160 -19.93 -20.16 -27.94
CA VAL E 160 -21.03 -20.08 -26.94
C VAL E 160 -21.27 -18.62 -26.53
N SER E 161 -20.28 -17.77 -26.69
CA SER E 161 -20.46 -16.34 -26.31
C SER E 161 -21.61 -15.72 -27.09
N LEU E 162 -21.97 -16.28 -28.21
CA LEU E 162 -23.09 -15.71 -29.01
C LEU E 162 -24.40 -15.78 -28.22
N LEU E 163 -24.65 -16.89 -27.55
CA LEU E 163 -25.90 -17.02 -26.76
C LEU E 163 -25.86 -16.12 -25.53
N ILE E 164 -24.71 -15.97 -24.93
CA ILE E 164 -24.60 -15.11 -23.71
C ILE E 164 -24.55 -13.63 -24.12
N ARG E 165 -24.08 -13.34 -25.30
CA ARG E 165 -24.01 -11.91 -25.75
C ARG E 165 -25.39 -11.27 -25.73
N ARG E 166 -26.39 -11.93 -26.26
CA ARG E 166 -27.76 -11.36 -26.27
C ARG E 166 -28.44 -11.57 -24.91
N GLU E 167 -28.00 -12.54 -24.16
CA GLU E 167 -28.61 -12.80 -22.83
C GLU E 167 -28.06 -11.82 -21.79
N LEU E 168 -26.77 -11.69 -21.70
CA LEU E 168 -26.17 -10.75 -20.71
C LEU E 168 -26.67 -9.33 -20.94
N THR E 169 -27.08 -9.02 -22.14
CA THR E 169 -27.59 -7.64 -22.43
C THR E 169 -28.85 -7.36 -21.61
N GLU E 170 -29.86 -8.18 -21.74
CA GLU E 170 -31.11 -7.96 -20.96
C GLU E 170 -30.85 -8.07 -19.46
N ARG E 171 -29.97 -8.96 -19.08
CA ARG E 171 -29.66 -9.12 -17.62
C ARG E 171 -28.95 -7.88 -17.09
N ALA E 172 -27.99 -7.38 -17.80
CA ALA E 172 -27.24 -6.17 -17.33
C ALA E 172 -28.15 -4.94 -17.41
N LYS E 173 -29.14 -4.96 -18.25
CA LYS E 173 -30.06 -3.79 -18.37
C LYS E 173 -31.04 -3.77 -17.19
N ASP E 174 -31.34 -4.92 -16.63
CA ASP E 174 -32.29 -4.97 -15.49
C ASP E 174 -31.75 -4.15 -14.31
N PHE E 175 -30.45 -4.00 -14.23
CA PHE E 175 -29.88 -3.21 -13.10
C PHE E 175 -29.23 -1.93 -13.63
N SER E 176 -29.85 -0.80 -13.39
CA SER E 176 -29.29 0.50 -13.88
C SER E 176 -29.01 0.43 -15.39
N LEU E 177 -28.50 1.49 -15.95
CA LEU E 177 -28.20 1.50 -17.42
C LEU E 177 -26.70 1.35 -17.64
N ILE E 178 -26.27 0.23 -18.16
CA ILE E 178 -24.80 0.03 -18.39
C ILE E 178 -24.61 -0.83 -19.64
N LEU E 179 -23.51 -0.66 -20.33
CA LEU E 179 -23.24 -1.47 -21.55
C LEU E 179 -22.23 -2.58 -21.23
N ASP E 180 -22.63 -3.82 -21.36
CA ASP E 180 -21.70 -4.94 -21.06
C ASP E 180 -21.17 -5.56 -22.35
N ASP E 181 -19.98 -6.11 -22.30
CA ASP E 181 -19.39 -6.73 -23.53
C ASP E 181 -19.51 -8.25 -23.45
N VAL E 182 -19.58 -8.92 -24.58
CA VAL E 182 -19.71 -10.41 -24.55
C VAL E 182 -18.37 -11.07 -24.86
N ALA E 183 -17.90 -11.89 -23.96
CA ALA E 183 -16.61 -12.60 -24.19
C ALA E 183 -16.51 -13.81 -23.27
N ILE E 184 -15.76 -14.81 -23.66
CA ILE E 184 -15.65 -16.01 -22.79
C ILE E 184 -14.25 -16.63 -22.84
N THR E 185 -13.52 -16.52 -21.76
CA THR E 185 -12.17 -17.16 -21.71
C THR E 185 -12.35 -18.44 -20.89
N GLU E 186 -12.28 -19.59 -21.50
CA GLU E 186 -12.51 -20.83 -20.72
C GLU E 186 -11.88 -22.07 -21.36
N LEU E 187 -11.55 -23.03 -20.55
CA LEU E 187 -10.97 -24.31 -21.06
C LEU E 187 -11.93 -25.44 -20.68
N SER E 188 -12.26 -26.29 -21.61
CA SER E 188 -13.24 -27.38 -21.30
C SER E 188 -12.55 -28.73 -21.08
N PHE E 189 -13.16 -29.59 -20.32
CA PHE E 189 -12.56 -30.93 -20.05
C PHE E 189 -13.22 -32.00 -20.93
N SER E 190 -12.49 -33.03 -21.26
CA SER E 190 -13.07 -34.11 -22.11
C SER E 190 -12.93 -35.48 -21.43
N MET F 1 -39.90 41.87 44.16
CA MET F 1 -38.62 42.19 43.48
C MET F 1 -38.02 40.94 42.83
N ALA F 2 -37.08 41.12 41.95
CA ALA F 2 -36.46 39.93 41.28
C ALA F 2 -34.94 40.13 41.15
N GLN F 3 -34.19 39.54 42.04
CA GLN F 3 -32.70 39.69 41.97
C GLN F 3 -32.12 38.76 40.90
N ASN F 4 -32.78 37.66 40.65
CA ASN F 4 -32.27 36.70 39.63
C ASN F 4 -32.32 37.33 38.24
N LEU F 5 -33.29 38.19 38.01
CA LEU F 5 -33.39 38.84 36.67
C LEU F 5 -32.40 40.01 36.56
N LYS F 6 -32.15 40.68 37.65
CA LYS F 6 -31.20 41.82 37.62
C LYS F 6 -29.78 41.32 37.35
N ASP F 7 -29.49 40.10 37.70
CA ASP F 7 -28.12 39.55 37.47
C ASP F 7 -27.93 39.23 35.99
N LEU F 8 -28.98 38.88 35.31
CA LEU F 8 -28.85 38.56 33.85
C LEU F 8 -28.48 39.82 33.06
N ALA F 9 -29.31 40.83 33.10
CA ALA F 9 -29.00 42.08 32.35
C ALA F 9 -27.69 42.69 32.87
N GLY F 10 -27.31 42.39 34.08
CA GLY F 10 -26.06 42.95 34.64
C GLY F 10 -24.86 42.16 34.11
N ARG F 11 -25.08 40.95 33.65
CA ARG F 11 -23.94 40.13 33.13
C ARG F 11 -23.21 40.86 31.99
N LEU F 12 -23.95 41.46 31.09
CA LEU F 12 -23.30 42.17 29.95
C LEU F 12 -22.46 43.35 30.46
N PRO F 13 -23.10 44.27 31.16
CA PRO F 13 -22.38 45.45 31.69
C PRO F 13 -21.48 45.04 32.87
N ALA F 14 -20.33 44.48 32.59
CA ALA F 14 -19.42 44.07 33.69
C ALA F 14 -18.02 43.78 33.14
N GLY F 15 -17.92 42.93 32.17
CA GLY F 15 -16.58 42.59 31.59
C GLY F 15 -16.43 43.26 30.22
N PRO F 16 -15.79 44.40 30.19
CA PRO F 16 -15.58 45.14 28.92
C PRO F 16 -14.58 44.40 28.03
N ARG F 17 -13.30 44.56 28.28
CA ARG F 17 -12.28 43.86 27.44
C ARG F 17 -12.49 42.35 27.49
N GLY F 18 -13.18 41.85 28.48
CA GLY F 18 -13.41 40.38 28.59
C GLY F 18 -13.95 39.83 27.27
N MET F 19 -14.63 40.65 26.50
CA MET F 19 -15.17 40.18 25.20
C MET F 19 -14.04 40.09 24.15
N GLY F 20 -13.03 40.90 24.29
CA GLY F 20 -11.90 40.86 23.32
C GLY F 20 -11.13 39.55 23.47
N THR F 21 -10.96 39.09 24.68
CA THR F 21 -10.22 37.81 24.89
C THR F 21 -11.06 36.63 24.40
N ALA F 22 -12.36 36.77 24.40
CA ALA F 22 -13.24 35.66 23.93
C ALA F 22 -12.95 35.34 22.46
N LEU F 23 -12.47 36.30 21.72
CA LEU F 23 -12.17 36.06 20.28
C LEU F 23 -11.11 34.95 20.14
N LYS F 24 -10.10 34.97 20.96
CA LYS F 24 -9.04 33.92 20.87
C LYS F 24 -9.66 32.53 20.98
N LEU F 25 -10.76 32.42 21.69
CA LEU F 25 -11.42 31.09 21.83
C LEU F 25 -12.01 30.63 20.49
N LEU F 26 -12.67 31.52 19.79
CA LEU F 26 -13.27 31.14 18.47
C LEU F 26 -12.18 30.64 17.53
N LEU F 27 -11.00 31.20 17.60
CA LEU F 27 -9.89 30.76 16.70
C LEU F 27 -9.38 29.39 17.12
N GLY F 28 -9.34 29.13 18.41
CA GLY F 28 -8.84 27.81 18.88
C GLY F 28 -9.85 26.72 18.53
N ALA F 29 -11.12 27.06 18.46
CA ALA F 29 -12.16 26.05 18.11
C ALA F 29 -11.88 25.45 16.73
N GLY F 30 -11.30 26.22 15.85
CA GLY F 30 -10.99 25.70 14.49
C GLY F 30 -9.87 24.67 14.56
N ALA F 31 -8.99 24.80 15.52
CA ALA F 31 -7.87 23.83 15.65
C ALA F 31 -8.36 22.52 16.27
N VAL F 32 -9.21 22.61 17.26
CA VAL F 32 -9.74 21.37 17.91
C VAL F 32 -10.55 20.55 16.91
N ALA F 33 -11.05 21.17 15.88
CA ALA F 33 -11.87 20.42 14.88
C ALA F 33 -10.96 19.64 13.93
N TYR F 34 -9.76 20.13 13.70
CA TYR F 34 -8.83 19.41 12.80
C TYR F 34 -8.52 18.01 13.33
N GLY F 35 -8.07 17.92 14.56
CA GLY F 35 -7.75 16.58 15.14
C GLY F 35 -8.98 15.68 15.07
N VAL F 36 -10.15 16.25 15.16
CA VAL F 36 -11.39 15.42 15.10
C VAL F 36 -11.74 15.08 13.64
N ARG F 37 -11.38 15.94 12.73
CA ARG F 37 -11.69 15.69 11.29
C ARG F 37 -11.16 14.31 10.85
N GLU F 38 -10.09 13.85 11.45
CA GLU F 38 -9.53 12.52 11.05
C GLU F 38 -10.31 11.37 11.71
N SER F 39 -10.92 11.59 12.86
CA SER F 39 -11.70 10.49 13.53
C SER F 39 -13.16 10.89 13.78
N VAL F 40 -14.00 9.94 14.18
CA VAL F 40 -15.45 10.26 14.44
C VAL F 40 -16.17 9.00 14.97
N PHE F 41 -17.39 9.15 15.47
CA PHE F 41 -18.14 7.96 16.00
C PHE F 41 -19.36 7.65 15.11
N THR F 42 -20.06 8.65 14.62
CA THR F 42 -21.26 8.37 13.75
C THR F 42 -20.83 7.51 12.56
N VAL F 43 -21.29 6.30 12.49
CA VAL F 43 -20.90 5.39 11.36
C VAL F 43 -21.13 6.09 10.01
N GLU F 44 -20.32 5.77 9.04
CA GLU F 44 -20.49 6.40 7.69
C GLU F 44 -20.31 5.34 6.60
N GLY F 45 -21.08 5.43 5.54
CA GLY F 45 -20.97 4.43 4.45
C GLY F 45 -21.73 3.16 4.83
N GLY F 46 -21.39 2.04 4.23
CA GLY F 46 -22.10 0.78 4.55
C GLY F 46 -21.42 0.09 5.73
N HIS F 47 -21.53 0.64 6.91
CA HIS F 47 -20.89 0.02 8.10
C HIS F 47 -21.86 0.05 9.29
N ARG F 48 -21.71 -0.89 10.19
CA ARG F 48 -22.62 -0.97 11.37
C ARG F 48 -21.86 -0.57 12.67
N ALA F 49 -22.56 -0.09 13.70
CA ALA F 49 -21.87 0.38 14.97
C ALA F 49 -21.87 -0.64 16.10
N ILE F 50 -20.91 -0.53 16.98
CA ILE F 50 -20.77 -1.49 18.13
C ILE F 50 -20.26 -0.74 19.38
N PHE F 51 -20.58 -1.21 20.58
CA PHE F 51 -20.14 -0.47 21.82
C PHE F 51 -19.38 -1.34 22.83
N PHE F 52 -18.50 -0.71 23.60
CA PHE F 52 -17.72 -1.42 24.66
C PHE F 52 -17.17 -0.39 25.66
N ASN F 53 -16.94 -0.78 26.90
CA ASN F 53 -16.41 0.18 27.92
C ASN F 53 -14.93 -0.11 28.23
N ARG F 54 -14.19 0.90 28.65
CA ARG F 54 -12.73 0.69 28.97
C ARG F 54 -12.56 -0.55 29.87
N ILE F 55 -13.57 -0.90 30.63
CA ILE F 55 -13.46 -2.10 31.52
C ILE F 55 -14.77 -2.89 31.48
N GLY F 56 -14.84 -3.91 30.66
CA GLY F 56 -16.08 -4.73 30.59
C GLY F 56 -15.90 -5.87 29.58
N GLY F 57 -16.79 -5.98 28.62
CA GLY F 57 -16.67 -7.06 27.61
C GLY F 57 -15.56 -6.72 26.61
N VAL F 58 -15.87 -6.65 25.35
CA VAL F 58 -14.82 -6.33 24.34
C VAL F 58 -15.46 -5.61 23.14
N GLN F 59 -16.26 -6.31 22.37
CA GLN F 59 -16.92 -5.67 21.18
C GLN F 59 -15.86 -5.05 20.28
N GLN F 60 -15.27 -5.83 19.41
CA GLN F 60 -14.23 -5.28 18.49
C GLN F 60 -14.61 -5.54 17.03
N ASP F 61 -14.68 -6.78 16.64
CA ASP F 61 -15.06 -7.10 15.23
C ASP F 61 -16.58 -7.30 15.13
N THR F 62 -17.33 -6.25 15.22
CA THR F 62 -18.81 -6.38 15.14
C THR F 62 -19.41 -5.27 14.24
N ILE F 63 -20.72 -5.14 14.22
CA ILE F 63 -21.37 -4.10 13.36
C ILE F 63 -22.91 -4.10 13.56
N LEU F 64 -23.48 -2.98 14.00
CA LEU F 64 -24.98 -2.87 14.19
C LEU F 64 -25.60 -1.90 13.14
N ALA F 65 -26.84 -2.10 12.76
CA ALA F 65 -27.50 -1.21 11.71
C ALA F 65 -27.13 0.28 11.90
N GLU F 66 -27.35 1.09 10.87
CA GLU F 66 -27.00 2.55 10.95
C GLU F 66 -28.01 3.32 11.81
N GLY F 67 -27.54 4.36 12.46
CA GLY F 67 -28.41 5.19 13.34
C GLY F 67 -27.73 6.55 13.54
N LEU F 68 -28.44 7.59 13.88
CA LEU F 68 -27.75 8.90 14.08
C LEU F 68 -27.47 9.03 15.58
N HIS F 69 -26.22 8.86 15.94
CA HIS F 69 -25.81 8.93 17.37
C HIS F 69 -24.30 9.18 17.46
N PHE F 70 -23.84 9.81 18.50
CA PHE F 70 -22.38 10.07 18.63
C PHE F 70 -21.82 9.40 19.89
N ARG F 71 -20.54 9.12 19.92
CA ARG F 71 -19.94 8.48 21.12
C ARG F 71 -19.69 9.55 22.17
N ILE F 72 -20.70 10.30 22.53
CA ILE F 72 -20.52 11.37 23.55
C ILE F 72 -21.45 11.18 24.77
N PRO F 73 -21.80 9.94 25.08
CA PRO F 73 -22.68 9.68 26.25
C PRO F 73 -21.88 9.84 27.55
N TRP F 74 -21.26 8.78 28.02
CA TRP F 74 -20.46 8.87 29.28
C TRP F 74 -19.30 7.87 29.25
N PHE F 75 -19.51 6.68 28.71
CA PHE F 75 -18.41 5.68 28.66
C PHE F 75 -18.59 4.73 27.47
N GLN F 76 -18.43 5.22 26.27
CA GLN F 76 -18.57 4.33 25.07
C GLN F 76 -17.25 4.34 24.27
N TYR F 77 -16.98 3.28 23.55
CA TYR F 77 -15.70 3.22 22.78
C TYR F 77 -15.96 3.07 21.28
N PRO F 78 -15.02 3.54 20.49
CA PRO F 78 -15.14 3.46 19.04
C PRO F 78 -14.34 2.27 18.48
N ILE F 79 -15.02 1.25 18.06
CA ILE F 79 -14.34 0.06 17.45
C ILE F 79 -15.41 -0.68 16.62
N ILE F 80 -15.31 -0.62 15.31
CA ILE F 80 -16.35 -1.29 14.45
C ILE F 80 -15.73 -2.19 13.39
N TYR F 81 -16.46 -3.16 12.92
CA TYR F 81 -15.92 -4.10 11.89
C TYR F 81 -16.39 -3.67 10.50
N ASP F 82 -15.62 -3.98 9.48
CA ASP F 82 -16.00 -3.57 8.10
C ASP F 82 -15.78 -4.74 7.13
N ILE F 83 -16.55 -4.79 6.07
CA ILE F 83 -16.39 -5.91 5.08
C ILE F 83 -15.03 -5.79 4.39
N ARG F 84 -14.32 -6.89 4.28
CA ARG F 84 -12.97 -6.84 3.62
C ARG F 84 -12.72 -8.14 2.86
N ALA F 85 -11.51 -8.36 2.42
CA ALA F 85 -11.18 -9.61 1.68
C ALA F 85 -10.45 -10.59 2.59
N ARG F 86 -10.70 -11.86 2.42
CA ARG F 86 -10.02 -12.87 3.28
C ARG F 86 -9.67 -14.12 2.46
N PRO F 87 -8.54 -14.73 2.76
CA PRO F 87 -8.09 -15.93 2.04
C PRO F 87 -8.45 -17.20 2.83
N ARG F 88 -9.27 -18.04 2.28
CA ARG F 88 -9.66 -19.29 3.01
C ARG F 88 -10.17 -20.34 1.99
N LYS F 89 -9.42 -21.41 1.78
CA LYS F 89 -9.82 -22.48 0.78
C LYS F 89 -9.33 -23.87 1.21
N ILE F 90 -9.95 -24.93 0.72
CA ILE F 90 -9.53 -26.33 1.13
C ILE F 90 -8.62 -26.99 0.11
N SER F 91 -7.80 -27.90 0.56
CA SER F 91 -6.91 -28.66 -0.36
C SER F 91 -6.46 -29.95 0.35
N SER F 92 -6.98 -31.08 -0.06
CA SER F 92 -6.59 -32.35 0.62
C SER F 92 -6.91 -33.57 -0.27
N PRO F 93 -5.97 -34.46 -0.39
CA PRO F 93 -6.17 -35.68 -1.19
C PRO F 93 -6.53 -36.85 -0.28
N THR F 94 -7.75 -37.33 -0.34
CA THR F 94 -8.16 -38.45 0.54
C THR F 94 -8.96 -39.50 -0.25
N GLY F 95 -8.89 -40.74 0.16
CA GLY F 95 -9.64 -41.81 -0.56
C GLY F 95 -9.90 -42.97 0.39
N SER F 96 -11.14 -43.24 0.71
CA SER F 96 -11.46 -44.36 1.63
C SER F 96 -12.91 -44.82 1.46
N LYS F 97 -13.82 -43.90 1.27
CA LYS F 97 -15.25 -44.28 1.08
C LYS F 97 -15.40 -45.30 -0.06
N ASP F 98 -14.45 -45.34 -0.96
CA ASP F 98 -14.54 -46.31 -2.08
C ASP F 98 -13.18 -46.98 -2.32
N LEU F 99 -12.34 -46.42 -3.17
CA LEU F 99 -11.01 -47.04 -3.43
C LEU F 99 -10.17 -46.13 -4.33
N GLN F 100 -10.32 -44.84 -4.19
CA GLN F 100 -9.53 -43.90 -5.05
C GLN F 100 -9.26 -42.61 -4.29
N MET F 101 -8.21 -41.91 -4.64
CA MET F 101 -7.91 -40.63 -3.93
C MET F 101 -8.30 -39.44 -4.81
N VAL F 102 -8.72 -38.36 -4.19
CA VAL F 102 -9.12 -37.16 -4.97
C VAL F 102 -8.86 -35.89 -4.16
N ASN F 103 -8.43 -34.84 -4.80
CA ASN F 103 -8.16 -33.58 -4.05
C ASN F 103 -9.29 -32.57 -4.28
N ILE F 104 -9.95 -32.18 -3.22
CA ILE F 104 -11.07 -31.20 -3.38
C ILE F 104 -10.73 -29.88 -2.68
N SER F 105 -11.25 -28.79 -3.17
CA SER F 105 -10.96 -27.47 -2.52
C SER F 105 -12.19 -26.57 -2.60
N LEU F 106 -12.47 -25.84 -1.55
CA LEU F 106 -13.67 -24.95 -1.55
C LEU F 106 -13.37 -23.62 -0.86
N ARG F 107 -13.84 -22.54 -1.42
CA ARG F 107 -13.58 -21.20 -0.80
C ARG F 107 -14.93 -20.57 -0.39
N VAL F 108 -14.96 -19.87 0.70
CA VAL F 108 -16.23 -19.23 1.15
C VAL F 108 -16.00 -17.76 1.52
N LEU F 109 -16.99 -16.93 1.35
CA LEU F 109 -16.84 -15.49 1.69
C LEU F 109 -17.81 -15.11 2.82
N SER F 110 -17.44 -14.16 3.63
CA SER F 110 -18.34 -13.74 4.75
C SER F 110 -18.97 -12.38 4.43
N ARG F 111 -20.27 -12.28 4.51
CA ARG F 111 -20.95 -10.98 4.22
C ARG F 111 -21.62 -10.43 5.49
N PRO F 112 -21.18 -9.28 5.92
CA PRO F 112 -21.76 -8.66 7.13
C PRO F 112 -23.17 -8.15 6.86
N ASN F 113 -24.17 -8.86 7.29
CA ASN F 113 -25.58 -8.41 7.04
C ASN F 113 -26.10 -7.65 8.26
N ALA F 114 -25.26 -6.88 8.90
CA ALA F 114 -25.68 -6.10 10.10
C ALA F 114 -26.39 -7.02 11.11
N GLN F 115 -27.70 -7.07 11.10
CA GLN F 115 -28.43 -7.96 12.06
C GLN F 115 -27.94 -7.72 13.50
N GLU F 116 -26.94 -8.45 13.94
CA GLU F 116 -26.42 -8.25 15.33
C GLU F 116 -25.06 -8.93 15.47
N LEU F 117 -24.00 -8.23 15.14
CA LEU F 117 -22.64 -8.83 15.26
C LEU F 117 -22.22 -9.01 16.73
N PRO F 118 -22.56 -8.07 17.58
CA PRO F 118 -22.15 -8.17 19.01
C PRO F 118 -22.82 -9.36 19.71
N SER F 119 -24.07 -9.65 19.41
CA SER F 119 -24.73 -10.82 20.08
C SER F 119 -23.89 -12.08 19.86
N MET F 120 -23.65 -12.41 18.62
CA MET F 120 -22.86 -13.64 18.31
C MET F 120 -21.35 -13.37 18.43
N TYR F 121 -20.93 -12.12 18.38
CA TYR F 121 -19.47 -11.82 18.46
C TYR F 121 -18.84 -12.50 19.69
N GLN F 122 -19.21 -12.09 20.88
CA GLN F 122 -18.62 -12.74 22.10
C GLN F 122 -18.83 -14.26 22.00
N ARG F 123 -19.86 -14.68 21.32
CA ARG F 123 -20.10 -16.15 21.15
C ARG F 123 -19.21 -16.68 20.02
N LEU F 124 -18.82 -15.81 19.11
CA LEU F 124 -17.95 -16.23 17.97
C LEU F 124 -16.55 -16.62 18.48
N GLY F 125 -16.13 -16.03 19.58
CA GLY F 125 -14.79 -16.35 20.12
C GLY F 125 -13.86 -15.15 19.98
N LEU F 126 -14.41 -13.97 19.79
CA LEU F 126 -13.55 -12.76 19.65
C LEU F 126 -12.48 -12.97 18.58
N ASP F 127 -12.74 -12.56 17.36
CA ASP F 127 -11.74 -12.75 16.27
C ASP F 127 -11.31 -14.21 16.17
N TYR F 128 -12.22 -15.09 15.83
CA TYR F 128 -11.86 -16.53 15.72
C TYR F 128 -12.61 -17.17 14.54
N GLU F 129 -12.57 -16.55 13.39
CA GLU F 129 -13.27 -17.12 12.21
C GLU F 129 -12.75 -18.53 11.89
N GLU F 130 -11.57 -18.84 12.35
CA GLU F 130 -11.00 -20.20 12.08
C GLU F 130 -11.99 -21.29 12.49
N ARG F 131 -12.27 -21.41 13.76
CA ARG F 131 -13.22 -22.45 14.23
C ARG F 131 -14.57 -22.30 13.51
N VAL F 132 -14.86 -21.13 13.02
CA VAL F 132 -16.17 -20.91 12.32
C VAL F 132 -16.15 -21.37 10.85
N LEU F 133 -15.33 -20.76 10.03
CA LEU F 133 -15.32 -21.13 8.56
C LEU F 133 -14.53 -22.40 8.24
N PRO F 134 -13.23 -22.36 8.40
CA PRO F 134 -12.38 -23.54 8.05
C PRO F 134 -12.63 -24.75 8.95
N SER F 135 -13.14 -24.55 10.13
CA SER F 135 -13.40 -25.72 11.02
C SER F 135 -14.71 -26.41 10.64
N ILE F 136 -15.76 -25.65 10.41
CA ILE F 136 -17.06 -26.27 10.03
C ILE F 136 -16.99 -26.85 8.62
N VAL F 137 -16.45 -26.11 7.68
CA VAL F 137 -16.37 -26.63 6.28
C VAL F 137 -15.55 -27.92 6.24
N ASN F 138 -14.48 -27.98 6.99
CA ASN F 138 -13.63 -29.21 7.01
C ASN F 138 -14.42 -30.38 7.62
N GLU F 139 -15.13 -30.12 8.69
CA GLU F 139 -15.91 -31.21 9.34
C GLU F 139 -16.98 -31.73 8.38
N VAL F 140 -17.73 -30.86 7.78
CA VAL F 140 -18.79 -31.31 6.82
C VAL F 140 -18.14 -31.87 5.55
N LEU F 141 -17.07 -31.27 5.10
CA LEU F 141 -16.39 -31.77 3.87
C LEU F 141 -15.88 -33.20 4.09
N LYS F 142 -14.98 -33.38 5.02
CA LYS F 142 -14.45 -34.74 5.29
C LYS F 142 -15.57 -35.68 5.73
N SER F 143 -16.64 -35.14 6.26
CA SER F 143 -17.78 -36.01 6.70
C SER F 143 -18.61 -36.43 5.50
N VAL F 144 -18.84 -35.52 4.58
CA VAL F 144 -19.64 -35.86 3.37
C VAL F 144 -18.80 -36.71 2.40
N VAL F 145 -17.54 -36.40 2.29
CA VAL F 145 -16.66 -37.18 1.37
C VAL F 145 -16.62 -38.65 1.82
N ALA F 146 -16.31 -38.89 3.06
CA ALA F 146 -16.26 -40.30 3.56
C ALA F 146 -17.62 -40.97 3.37
N LYS F 147 -18.67 -40.21 3.36
CA LYS F 147 -20.03 -40.81 3.17
C LYS F 147 -20.27 -41.09 1.69
N PHE F 148 -19.94 -40.17 0.83
CA PHE F 148 -20.15 -40.40 -0.63
C PHE F 148 -19.03 -41.28 -1.19
N ASN F 149 -19.15 -41.71 -2.41
CA ASN F 149 -18.09 -42.58 -3.01
C ASN F 149 -17.08 -41.71 -3.78
N ALA F 150 -15.99 -42.31 -4.21
CA ALA F 150 -14.97 -41.54 -4.96
C ALA F 150 -15.39 -41.36 -6.42
N SER F 151 -15.79 -42.42 -7.06
CA SER F 151 -16.22 -42.32 -8.49
C SER F 151 -17.37 -41.32 -8.62
N GLN F 152 -18.18 -41.19 -7.61
CA GLN F 152 -19.32 -40.23 -7.67
C GLN F 152 -18.82 -38.81 -7.39
N LEU F 153 -17.75 -38.68 -6.66
CA LEU F 153 -17.22 -37.32 -6.35
C LEU F 153 -16.49 -36.74 -7.57
N ILE F 154 -15.76 -37.54 -8.28
CA ILE F 154 -15.03 -37.04 -9.48
C ILE F 154 -16.00 -36.81 -10.64
N THR F 155 -17.16 -37.44 -10.61
CA THR F 155 -18.14 -37.25 -11.72
C THR F 155 -18.37 -35.76 -11.99
N GLN F 156 -18.90 -35.05 -11.04
CA GLN F 156 -19.14 -33.59 -11.23
C GLN F 156 -18.87 -32.84 -9.93
N ARG F 157 -17.98 -31.89 -9.95
CA ARG F 157 -17.68 -31.11 -8.70
C ARG F 157 -18.96 -30.46 -8.17
N ALA F 158 -19.95 -30.29 -9.00
CA ALA F 158 -21.22 -29.67 -8.54
C ALA F 158 -22.09 -30.69 -7.80
N GLN F 159 -22.06 -31.93 -8.21
CA GLN F 159 -22.89 -32.97 -7.54
C GLN F 159 -22.57 -33.00 -6.04
N VAL F 160 -21.33 -33.25 -5.69
CA VAL F 160 -20.95 -33.31 -4.25
C VAL F 160 -21.24 -31.95 -3.58
N SER F 161 -21.08 -30.88 -4.31
CA SER F 161 -21.34 -29.53 -3.72
C SER F 161 -22.83 -29.38 -3.38
N LEU F 162 -23.68 -29.96 -4.18
CA LEU F 162 -25.15 -29.86 -3.89
C LEU F 162 -25.47 -30.47 -2.54
N LEU F 163 -24.77 -31.51 -2.16
CA LEU F 163 -25.04 -32.15 -0.83
C LEU F 163 -24.34 -31.35 0.28
N ILE F 164 -23.15 -30.89 0.04
CA ILE F 164 -22.43 -30.10 1.08
C ILE F 164 -23.07 -28.72 1.22
N ARG F 165 -23.41 -28.09 0.13
CA ARG F 165 -24.04 -26.74 0.21
C ARG F 165 -25.34 -26.80 1.03
N ARG F 166 -25.99 -27.94 1.05
CA ARG F 166 -27.25 -28.07 1.84
C ARG F 166 -26.96 -27.89 3.33
N GLU F 167 -25.98 -28.59 3.84
CA GLU F 167 -25.64 -28.46 5.28
C GLU F 167 -24.83 -27.18 5.53
N LEU F 168 -24.10 -26.75 4.54
CA LEU F 168 -23.28 -25.50 4.70
C LEU F 168 -24.19 -24.30 5.01
N THR F 169 -25.45 -24.40 4.65
CA THR F 169 -26.39 -23.27 4.92
C THR F 169 -26.76 -23.22 6.41
N GLU F 170 -26.60 -24.32 7.10
CA GLU F 170 -26.95 -24.34 8.56
C GLU F 170 -25.83 -23.72 9.39
N ARG F 171 -24.59 -24.01 9.08
CA ARG F 171 -23.46 -23.43 9.86
C ARG F 171 -23.30 -21.94 9.54
N ALA F 172 -23.72 -21.52 8.37
CA ALA F 172 -23.58 -20.09 8.00
C ALA F 172 -24.42 -19.22 8.94
N LYS F 173 -25.53 -19.73 9.39
CA LYS F 173 -26.40 -18.95 10.32
C LYS F 173 -25.84 -19.01 11.75
N ASP F 174 -25.02 -19.99 12.04
CA ASP F 174 -24.44 -20.11 13.42
C ASP F 174 -23.87 -18.76 13.88
N PHE F 175 -23.22 -18.05 13.01
CA PHE F 175 -22.65 -16.73 13.39
C PHE F 175 -23.58 -15.61 12.93
N SER F 176 -24.56 -15.27 13.73
CA SER F 176 -25.52 -14.18 13.35
C SER F 176 -26.19 -14.51 12.02
N LEU F 177 -26.80 -13.53 11.39
CA LEU F 177 -27.48 -13.78 10.09
C LEU F 177 -26.62 -13.26 8.94
N ILE F 178 -26.09 -14.14 8.15
CA ILE F 178 -25.23 -13.71 7.00
C ILE F 178 -25.30 -14.73 5.87
N LEU F 179 -25.13 -14.30 4.65
CA LEU F 179 -25.19 -15.25 3.50
C LEU F 179 -23.77 -15.55 3.01
N ASP F 180 -23.35 -16.78 3.12
CA ASP F 180 -21.98 -17.14 2.67
C ASP F 180 -22.05 -17.87 1.32
N ASP F 181 -21.01 -17.77 0.53
CA ASP F 181 -21.00 -18.46 -0.79
C ASP F 181 -20.19 -19.75 -0.71
N VAL F 182 -20.82 -20.88 -0.89
CA VAL F 182 -20.09 -22.17 -0.81
C VAL F 182 -19.82 -22.72 -2.21
N ALA F 183 -18.57 -22.73 -2.61
CA ALA F 183 -18.22 -23.26 -3.96
C ALA F 183 -16.91 -24.04 -3.88
N ILE F 184 -16.81 -25.15 -4.57
CA ILE F 184 -15.57 -25.96 -4.51
C ILE F 184 -14.72 -25.74 -5.76
N THR F 185 -13.59 -25.09 -5.63
CA THR F 185 -12.72 -24.90 -6.83
C THR F 185 -11.56 -25.88 -6.76
N GLU F 186 -11.62 -26.96 -7.49
CA GLU F 186 -10.49 -27.94 -7.45
C GLU F 186 -10.61 -28.97 -8.56
N LEU F 187 -9.50 -29.45 -9.06
CA LEU F 187 -9.55 -30.53 -10.07
C LEU F 187 -8.33 -31.41 -9.90
N SER F 188 -8.51 -32.56 -9.28
CA SER F 188 -7.36 -33.49 -9.09
C SER F 188 -7.91 -34.85 -8.64
N PHE F 189 -7.85 -35.84 -9.49
CA PHE F 189 -8.37 -37.18 -9.06
C PHE F 189 -7.81 -38.28 -9.96
N SER F 190 -7.25 -39.30 -9.39
CA SER F 190 -6.70 -40.42 -10.21
C SER F 190 -7.53 -41.68 -10.03
N MET A 1 -13.93 28.79 59.81
CA MET A 1 -13.91 30.11 60.49
C MET A 1 -12.47 30.58 60.70
N ALA A 2 -11.68 30.53 59.67
CA ALA A 2 -10.25 30.97 59.79
C ALA A 2 -9.92 31.98 58.69
N GLN A 3 -9.18 33.00 59.02
CA GLN A 3 -8.82 34.03 58.00
C GLN A 3 -8.07 33.38 56.83
N ASN A 4 -7.40 32.29 57.07
CA ASN A 4 -6.65 31.61 55.98
C ASN A 4 -7.62 31.01 54.95
N LEU A 5 -8.72 30.47 55.41
CA LEU A 5 -9.71 29.87 54.47
C LEU A 5 -10.29 30.95 53.55
N LYS A 6 -10.49 32.13 54.07
CA LYS A 6 -11.06 33.23 53.23
C LYS A 6 -9.97 33.82 52.32
N ASP A 7 -8.73 33.76 52.76
CA ASP A 7 -7.62 34.32 51.92
C ASP A 7 -7.40 33.44 50.69
N LEU A 8 -7.35 32.14 50.88
CA LEU A 8 -7.13 31.23 49.72
C LEU A 8 -8.32 31.31 48.75
N ALA A 9 -9.52 31.22 49.27
CA ALA A 9 -10.72 31.29 48.39
C ALA A 9 -10.91 32.72 47.86
N GLY A 10 -10.44 33.69 48.58
CA GLY A 10 -10.58 35.10 48.12
C GLY A 10 -9.66 35.35 46.93
N ARG A 11 -8.67 34.53 46.75
CA ARG A 11 -7.72 34.72 45.61
C ARG A 11 -8.37 34.23 44.30
N LEU A 12 -9.34 33.36 44.40
CA LEU A 12 -10.01 32.84 43.16
C LEU A 12 -10.60 34.01 42.34
N PRO A 13 -11.46 34.78 42.97
CA PRO A 13 -12.09 35.92 42.26
C PRO A 13 -11.07 37.04 42.02
N ALA A 14 -9.94 36.98 42.66
CA ALA A 14 -8.91 38.04 42.47
C ALA A 14 -7.95 37.64 41.33
N GLY A 15 -8.48 37.24 40.21
CA GLY A 15 -7.60 36.85 39.07
C GLY A 15 -8.23 37.32 37.75
N PRO A 16 -8.20 38.61 37.54
CA PRO A 16 -8.78 39.18 36.30
C PRO A 16 -7.88 38.87 35.08
N ARG A 17 -6.82 39.61 34.90
CA ARG A 17 -5.91 39.35 33.74
C ARG A 17 -5.40 37.90 33.78
N GLY A 18 -5.37 37.31 34.95
CA GLY A 18 -4.89 35.90 35.05
C GLY A 18 -5.91 34.95 34.44
N MET A 19 -7.14 35.05 34.88
CA MET A 19 -8.20 34.15 34.33
C MET A 19 -8.38 34.39 32.83
N GLY A 20 -8.06 35.57 32.36
CA GLY A 20 -8.21 35.87 30.91
C GLY A 20 -7.23 35.02 30.10
N THR A 21 -5.95 35.11 30.39
CA THR A 21 -4.95 34.30 29.64
C THR A 21 -5.27 32.82 29.75
N ALA A 22 -5.94 32.42 30.79
CA ALA A 22 -6.28 30.96 30.96
C ALA A 22 -7.02 30.45 29.72
N LEU A 23 -7.69 31.31 29.00
CA LEU A 23 -8.43 30.86 27.80
C LEU A 23 -7.45 30.33 26.73
N LYS A 24 -6.39 31.04 26.50
CA LYS A 24 -5.38 30.58 25.48
C LYS A 24 -4.97 29.14 25.77
N LEU A 25 -4.95 28.75 27.01
CA LEU A 25 -4.54 27.36 27.36
C LEU A 25 -5.62 26.37 26.92
N LEU A 26 -6.87 26.69 27.13
CA LEU A 26 -7.97 25.76 26.72
C LEU A 26 -7.85 25.40 25.24
N LEU A 27 -7.74 26.38 24.39
CA LEU A 27 -7.62 26.09 22.93
C LEU A 27 -6.31 25.37 22.64
N GLY A 28 -5.27 25.68 23.38
CA GLY A 28 -3.96 25.01 23.14
C GLY A 28 -4.05 23.55 23.59
N ALA A 29 -4.88 23.26 24.56
CA ALA A 29 -5.02 21.85 25.04
C ALA A 29 -5.65 20.99 23.95
N GLY A 30 -6.72 21.46 23.36
CA GLY A 30 -7.39 20.66 22.29
C GLY A 30 -6.43 20.48 21.10
N ALA A 31 -5.55 21.42 20.90
CA ALA A 31 -4.58 21.31 19.76
C ALA A 31 -3.54 20.23 20.06
N VAL A 32 -3.04 20.20 21.26
CA VAL A 32 -2.02 19.17 21.62
C VAL A 32 -2.62 17.77 21.48
N ALA A 33 -3.91 17.64 21.63
CA ALA A 33 -4.55 16.30 21.50
C ALA A 33 -4.36 15.76 20.08
N TYR A 34 -4.33 16.64 19.11
CA TYR A 34 -4.16 16.18 17.69
C TYR A 34 -2.93 15.28 17.57
N GLY A 35 -1.80 15.72 18.07
CA GLY A 35 -0.57 14.89 17.98
C GLY A 35 -0.78 13.55 18.71
N VAL A 36 -1.57 13.56 19.74
CA VAL A 36 -1.83 12.30 20.50
C VAL A 36 -2.87 11.45 19.77
N ARG A 37 -3.78 12.07 19.07
CA ARG A 37 -4.83 11.30 18.34
C ARG A 37 -4.19 10.25 17.43
N GLU A 38 -3.01 10.50 16.93
CA GLU A 38 -2.35 9.51 16.03
C GLU A 38 -1.75 8.34 16.84
N SER A 39 -1.38 8.54 18.09
CA SER A 39 -0.80 7.41 18.89
C SER A 39 -1.48 7.27 20.27
N VAL A 40 -1.15 6.22 21.01
CA VAL A 40 -1.76 6.03 22.37
C VAL A 40 -1.15 4.79 23.08
N PHE A 41 -1.43 4.60 24.36
CA PHE A 41 -0.86 3.40 25.08
C PHE A 41 -1.97 2.41 25.45
N THR A 42 -3.08 2.89 25.96
CA THR A 42 -4.19 1.95 26.36
C THR A 42 -4.52 1.00 25.20
N VAL A 43 -4.31 -0.29 25.40
CA VAL A 43 -4.62 -1.26 24.31
C VAL A 43 -6.07 -1.11 23.85
N GLU A 44 -6.29 -1.09 22.57
CA GLU A 44 -7.68 -0.92 22.05
C GLU A 44 -8.42 -2.27 22.06
N GLY A 45 -8.18 -3.11 21.10
CA GLY A 45 -8.87 -4.43 21.06
C GLY A 45 -8.10 -5.39 20.15
N GLY A 46 -8.32 -6.67 20.32
CA GLY A 46 -7.60 -7.68 19.47
C GLY A 46 -6.09 -7.48 19.61
N HIS A 47 -5.66 -6.92 20.71
CA HIS A 47 -4.20 -6.69 20.92
C HIS A 47 -3.86 -6.71 22.41
N ARG A 48 -2.65 -7.06 22.75
CA ARG A 48 -2.24 -7.17 24.18
C ARG A 48 -1.10 -6.19 24.50
N ALA A 49 -0.93 -5.82 25.76
CA ALA A 49 0.14 -4.82 26.12
C ALA A 49 1.42 -5.49 26.67
N ILE A 50 2.55 -4.84 26.44
CA ILE A 50 3.89 -5.38 26.90
C ILE A 50 4.65 -4.22 27.59
N PHE A 51 5.54 -4.49 28.54
CA PHE A 51 6.23 -3.35 29.25
C PHE A 51 7.78 -3.40 29.16
N PHE A 52 8.39 -2.24 28.98
CA PHE A 52 9.89 -2.16 28.91
C PHE A 52 10.35 -0.71 29.17
N ASN A 53 11.55 -0.52 29.69
CA ASN A 53 12.05 0.86 29.97
C ASN A 53 13.39 1.13 29.26
N ARG A 54 13.71 2.38 28.96
CA ARG A 54 14.99 2.71 28.25
C ARG A 54 16.18 1.95 28.87
N ILE A 55 17.29 1.94 28.20
CA ILE A 55 18.49 1.21 28.73
C ILE A 55 18.13 -0.25 29.01
N GLY A 56 18.30 -1.11 28.05
CA GLY A 56 17.98 -2.55 28.26
C GLY A 56 17.52 -3.17 26.94
N GLY A 57 16.52 -4.03 27.00
CA GLY A 57 16.03 -4.68 25.75
C GLY A 57 15.12 -5.84 26.12
N VAL A 58 14.11 -5.59 26.90
CA VAL A 58 13.18 -6.69 27.31
C VAL A 58 11.76 -6.38 26.84
N GLN A 59 10.91 -7.38 26.82
CA GLN A 59 9.49 -7.17 26.38
C GLN A 59 9.43 -6.44 25.04
N GLN A 60 9.19 -7.16 23.97
CA GLN A 60 9.10 -6.51 22.63
C GLN A 60 8.49 -7.49 21.62
N ASP A 61 7.74 -6.99 20.66
CA ASP A 61 7.12 -7.89 19.65
C ASP A 61 6.37 -9.04 20.35
N THR A 62 5.55 -8.72 21.31
CA THR A 62 4.79 -9.79 22.03
C THR A 62 3.53 -9.20 22.71
N ILE A 63 2.46 -9.95 22.75
CA ILE A 63 1.18 -9.41 23.36
C ILE A 63 0.56 -10.37 24.41
N LEU A 64 0.11 -9.83 25.54
CA LEU A 64 -0.55 -10.66 26.62
C LEU A 64 -2.11 -10.62 26.55
N ALA A 65 -2.76 -9.62 27.14
CA ALA A 65 -4.27 -9.53 27.08
C ALA A 65 -4.73 -8.05 27.25
N GLU A 66 -6.04 -7.78 27.20
CA GLU A 66 -6.52 -6.35 27.34
C GLU A 66 -6.71 -5.95 28.80
N GLY A 67 -6.53 -4.68 29.07
CA GLY A 67 -6.68 -4.15 30.46
C GLY A 67 -6.91 -2.63 30.36
N LEU A 68 -7.53 -2.01 31.34
CA LEU A 68 -7.72 -0.52 31.23
C LEU A 68 -6.59 0.15 32.02
N HIS A 69 -5.63 0.70 31.30
CA HIS A 69 -4.47 1.37 31.95
C HIS A 69 -3.75 2.27 30.94
N PHE A 70 -3.09 3.31 31.39
CA PHE A 70 -2.37 4.21 30.44
C PHE A 70 -0.86 4.17 30.73
N ARG A 71 -0.04 4.44 29.73
CA ARG A 71 1.44 4.42 29.96
C ARG A 71 1.84 5.65 30.78
N ILE A 72 1.41 5.73 32.00
CA ILE A 72 1.77 6.89 32.85
C ILE A 72 2.52 6.47 34.13
N PRO A 73 3.25 5.37 34.06
CA PRO A 73 4.02 4.92 35.25
C PRO A 73 5.27 5.79 35.42
N TRP A 74 6.28 5.29 36.09
CA TRP A 74 7.51 6.09 36.27
C TRP A 74 8.55 5.72 35.19
N PHE A 75 8.40 4.59 34.56
CA PHE A 75 9.38 4.19 33.50
C PHE A 75 8.82 3.04 32.64
N GLN A 76 8.06 3.36 31.64
CA GLN A 76 7.49 2.29 30.75
C GLN A 76 7.55 2.74 29.28
N TYR A 77 7.63 1.80 28.37
CA TYR A 77 7.71 2.17 26.92
C TYR A 77 6.56 1.57 26.12
N PRO A 78 6.24 2.20 25.03
CA PRO A 78 5.14 1.72 24.17
C PRO A 78 5.68 0.89 23.00
N ILE A 79 5.47 -0.39 23.05
CA ILE A 79 5.90 -1.30 21.94
C ILE A 79 5.06 -2.58 22.08
N ILE A 80 4.14 -2.81 21.18
CA ILE A 80 3.24 -4.00 21.31
C ILE A 80 3.17 -4.81 20.01
N TYR A 81 2.84 -6.07 20.12
CA TYR A 81 2.76 -6.95 18.91
C TYR A 81 1.31 -7.08 18.42
N ASP A 82 1.12 -7.32 17.14
CA ASP A 82 -0.27 -7.43 16.62
C ASP A 82 -0.48 -8.81 15.97
N ILE A 83 -1.69 -9.31 15.98
CA ILE A 83 -1.95 -10.66 15.38
C ILE A 83 -2.68 -10.53 14.05
N ARG A 84 -2.48 -11.46 13.16
CA ARG A 84 -3.17 -11.40 11.83
C ARG A 84 -2.91 -12.70 11.06
N ALA A 85 -3.42 -12.79 9.86
CA ALA A 85 -3.22 -14.04 9.05
C ALA A 85 -1.71 -14.29 8.86
N ARG A 86 -1.34 -15.44 8.35
CA ARG A 86 0.10 -15.73 8.15
C ARG A 86 0.31 -16.74 7.02
N PRO A 87 0.83 -16.27 5.91
CA PRO A 87 1.11 -17.14 4.76
C PRO A 87 2.60 -17.50 4.72
N ARG A 88 2.93 -18.73 4.98
CA ARG A 88 4.38 -19.12 4.96
C ARG A 88 4.52 -20.66 4.77
N LYS A 89 4.95 -21.12 3.60
CA LYS A 89 5.08 -22.60 3.34
C LYS A 89 6.01 -22.91 2.13
N ILE A 90 6.62 -24.08 2.09
CA ILE A 90 7.53 -24.43 0.93
C ILE A 90 7.39 -25.89 0.49
N SER A 91 7.69 -26.16 -0.76
CA SER A 91 7.65 -27.56 -1.28
C SER A 91 9.09 -28.09 -1.35
N SER A 92 9.46 -29.01 -0.51
CA SER A 92 10.86 -29.52 -0.53
C SER A 92 10.89 -31.05 -0.66
N PRO A 93 11.61 -31.53 -1.65
CA PRO A 93 11.75 -32.98 -1.86
C PRO A 93 13.08 -33.49 -1.27
N THR A 94 13.01 -34.26 -0.22
CA THR A 94 14.27 -34.78 0.40
C THR A 94 14.27 -36.31 0.39
N GLY A 95 15.39 -36.91 0.13
CA GLY A 95 15.46 -38.41 0.11
C GLY A 95 16.40 -38.89 1.21
N SER A 96 16.03 -39.94 1.90
CA SER A 96 16.91 -40.48 2.98
C SER A 96 16.46 -41.88 3.40
N LYS A 97 15.31 -41.99 4.00
CA LYS A 97 14.81 -43.33 4.43
C LYS A 97 14.57 -44.23 3.21
N ASP A 98 14.14 -43.64 2.12
CA ASP A 98 13.88 -44.45 0.89
C ASP A 98 15.12 -44.46 0.00
N LEU A 99 15.00 -44.99 -1.19
CA LEU A 99 16.18 -45.03 -2.10
C LEU A 99 15.92 -44.13 -3.33
N GLN A 100 14.69 -43.97 -3.72
CA GLN A 100 14.39 -43.10 -4.90
C GLN A 100 14.32 -41.63 -4.47
N MET A 101 13.16 -41.14 -4.12
CA MET A 101 13.04 -39.72 -3.70
C MET A 101 11.79 -39.50 -2.86
N VAL A 102 11.89 -38.74 -1.81
CA VAL A 102 10.70 -38.49 -0.93
C VAL A 102 10.49 -36.98 -0.77
N ASN A 103 9.28 -36.55 -0.55
CA ASN A 103 9.02 -35.09 -0.38
C ASN A 103 8.01 -34.84 0.73
N ILE A 104 8.18 -33.80 1.49
CA ILE A 104 7.23 -33.50 2.59
C ILE A 104 7.29 -32.01 2.95
N SER A 105 6.26 -31.27 2.66
CA SER A 105 6.26 -29.81 2.99
C SER A 105 5.42 -29.58 4.24
N LEU A 106 5.72 -28.57 5.01
CA LEU A 106 4.94 -28.31 6.25
C LEU A 106 4.71 -26.81 6.46
N ARG A 107 3.63 -26.46 7.11
CA ARG A 107 3.33 -25.02 7.36
C ARG A 107 2.83 -24.83 8.80
N VAL A 108 3.05 -23.70 9.38
CA VAL A 108 2.59 -23.47 10.79
C VAL A 108 1.51 -22.38 10.81
N LEU A 109 0.59 -22.47 11.73
CA LEU A 109 -0.49 -21.44 11.82
C LEU A 109 -0.45 -20.74 13.18
N SER A 110 -0.88 -19.51 13.23
CA SER A 110 -0.86 -18.76 14.53
C SER A 110 -2.29 -18.60 15.05
N ARG A 111 -2.49 -18.83 16.32
CA ARG A 111 -3.86 -18.69 16.89
C ARG A 111 -3.82 -17.87 18.19
N PRO A 112 -4.43 -16.70 18.16
CA PRO A 112 -4.44 -15.83 19.36
C PRO A 112 -5.40 -16.41 20.41
N ASN A 113 -5.08 -17.57 20.93
CA ASN A 113 -5.97 -18.19 21.96
C ASN A 113 -5.22 -18.35 23.28
N ALA A 114 -4.29 -17.47 23.55
CA ALA A 114 -3.50 -17.57 24.82
C ALA A 114 -2.71 -16.27 25.06
N GLN A 115 -1.62 -16.36 25.78
CA GLN A 115 -0.81 -15.15 26.06
C GLN A 115 0.66 -15.54 26.34
N GLU A 116 1.22 -15.08 27.43
CA GLU A 116 2.65 -15.44 27.75
C GLU A 116 3.60 -14.89 26.67
N LEU A 117 3.29 -13.75 26.12
CA LEU A 117 4.19 -13.16 25.08
C LEU A 117 5.40 -12.45 25.73
N PRO A 118 5.22 -11.87 26.91
CA PRO A 118 6.35 -11.19 27.58
C PRO A 118 7.35 -12.22 28.15
N SER A 119 6.89 -13.15 28.96
CA SER A 119 7.84 -14.17 29.52
C SER A 119 8.51 -14.94 28.40
N MET A 120 7.79 -15.26 27.37
CA MET A 120 8.37 -16.03 26.24
C MET A 120 9.15 -15.11 25.30
N TYR A 121 8.92 -13.83 25.34
CA TYR A 121 9.65 -12.90 24.42
C TYR A 121 11.17 -13.01 24.63
N GLN A 122 11.66 -12.57 25.77
CA GLN A 122 13.14 -12.64 26.02
C GLN A 122 13.63 -14.07 25.83
N ARG A 123 12.80 -15.03 26.13
CA ARG A 123 13.21 -16.46 25.94
C ARG A 123 13.06 -16.86 24.48
N LEU A 124 12.25 -16.16 23.74
CA LEU A 124 12.05 -16.49 22.29
C LEU A 124 13.28 -16.08 21.48
N GLY A 125 14.00 -15.09 21.94
CA GLY A 125 15.22 -14.66 21.19
C GLY A 125 15.00 -13.24 20.65
N LEU A 126 15.78 -12.84 19.67
CA LEU A 126 15.63 -11.48 19.09
C LEU A 126 14.28 -11.36 18.36
N ASP A 127 14.12 -12.09 17.29
CA ASP A 127 12.83 -12.02 16.53
C ASP A 127 11.75 -12.84 17.23
N TYR A 128 10.60 -12.95 16.64
CA TYR A 128 9.50 -13.74 17.27
C TYR A 128 9.16 -14.96 16.41
N GLU A 129 8.33 -14.79 15.40
CA GLU A 129 7.97 -15.94 14.53
C GLU A 129 9.08 -16.20 13.50
N GLU A 130 9.57 -15.17 12.86
CA GLU A 130 10.64 -15.35 11.83
C GLU A 130 11.75 -16.27 12.37
N ARG A 131 11.92 -16.35 13.65
CA ARG A 131 13.00 -17.22 14.22
C ARG A 131 12.53 -18.68 14.27
N VAL A 132 11.54 -18.98 15.07
CA VAL A 132 11.06 -20.39 15.20
C VAL A 132 10.13 -20.79 14.05
N LEU A 133 9.42 -19.85 13.48
CA LEU A 133 8.47 -20.22 12.36
C LEU A 133 9.16 -21.05 11.27
N PRO A 134 10.30 -20.58 10.80
CA PRO A 134 11.02 -21.32 9.73
C PRO A 134 11.69 -22.57 10.31
N SER A 135 12.15 -22.49 11.54
CA SER A 135 12.81 -23.69 12.15
C SER A 135 11.85 -24.87 12.20
N ILE A 136 10.69 -24.69 12.78
CA ILE A 136 9.71 -25.81 12.86
C ILE A 136 9.30 -26.25 11.45
N VAL A 137 9.34 -25.36 10.50
CA VAL A 137 8.94 -25.72 9.11
C VAL A 137 10.08 -26.47 8.41
N ASN A 138 11.28 -26.00 8.55
CA ASN A 138 12.44 -26.68 7.90
C ASN A 138 12.89 -27.89 8.73
N GLU A 139 12.71 -27.83 10.02
CA GLU A 139 13.12 -28.98 10.88
C GLU A 139 12.18 -30.17 10.70
N VAL A 140 10.93 -30.00 11.05
CA VAL A 140 9.95 -31.13 10.90
C VAL A 140 9.88 -31.57 9.44
N LEU A 141 10.29 -30.74 8.53
CA LEU A 141 10.24 -31.12 7.08
C LEU A 141 11.43 -32.01 6.73
N LYS A 142 12.59 -31.71 7.26
CA LYS A 142 13.79 -32.54 6.95
C LYS A 142 13.82 -33.82 7.80
N SER A 143 13.60 -33.71 9.08
CA SER A 143 13.62 -34.91 9.96
C SER A 143 12.55 -35.93 9.53
N VAL A 144 11.35 -35.49 9.28
CA VAL A 144 10.27 -36.43 8.88
C VAL A 144 10.69 -37.25 7.65
N VAL A 145 11.57 -36.72 6.84
CA VAL A 145 12.02 -37.47 5.63
C VAL A 145 12.80 -38.72 6.03
N ALA A 146 13.88 -38.56 6.74
CA ALA A 146 14.68 -39.74 7.17
C ALA A 146 13.83 -40.71 7.99
N LYS A 147 12.80 -40.21 8.63
CA LYS A 147 11.92 -41.11 9.44
C LYS A 147 10.93 -41.84 8.54
N PHE A 148 10.18 -41.12 7.76
CA PHE A 148 9.18 -41.78 6.86
C PHE A 148 9.85 -42.22 5.55
N ASN A 149 9.13 -42.96 4.74
CA ASN A 149 9.71 -43.43 3.45
C ASN A 149 8.87 -42.91 2.28
N ALA A 150 9.31 -43.14 1.06
CA ALA A 150 8.53 -42.67 -0.12
C ALA A 150 7.37 -43.61 -0.43
N SER A 151 7.54 -44.89 -0.19
CA SER A 151 6.45 -45.86 -0.46
C SER A 151 5.17 -45.46 0.27
N GLN A 152 5.27 -45.21 1.54
CA GLN A 152 4.05 -44.81 2.33
C GLN A 152 3.74 -43.32 2.12
N LEU A 153 4.75 -42.50 2.05
CA LEU A 153 4.52 -41.04 1.86
C LEU A 153 3.85 -40.78 0.51
N ILE A 154 4.35 -41.37 -0.54
CA ILE A 154 3.73 -41.15 -1.89
C ILE A 154 2.30 -41.70 -1.92
N THR A 155 1.98 -42.61 -1.03
CA THR A 155 0.60 -43.19 -1.01
C THR A 155 -0.43 -42.08 -0.79
N GLN A 156 -0.15 -41.16 0.10
CA GLN A 156 -1.11 -40.05 0.37
C GLN A 156 -0.44 -38.98 1.23
N ARG A 157 -0.32 -37.78 0.72
CA ARG A 157 0.32 -36.69 1.52
C ARG A 157 -0.42 -36.49 2.84
N ALA A 158 -1.66 -36.91 2.91
CA ALA A 158 -2.44 -36.75 4.17
C ALA A 158 -2.08 -37.85 5.18
N GLN A 159 -1.68 -39.00 4.70
CA GLN A 159 -1.32 -40.11 5.64
C GLN A 159 -0.20 -39.68 6.58
N VAL A 160 0.90 -39.22 6.05
CA VAL A 160 2.03 -38.79 6.92
C VAL A 160 1.58 -37.64 7.84
N SER A 161 0.58 -36.90 7.44
CA SER A 161 0.10 -35.77 8.28
C SER A 161 -0.34 -36.27 9.67
N LEU A 162 -0.62 -37.54 9.79
CA LEU A 162 -1.05 -38.09 11.12
C LEU A 162 0.15 -38.22 12.05
N LEU A 163 1.31 -38.49 11.52
CA LEU A 163 2.52 -38.64 12.38
C LEU A 163 3.04 -37.26 12.83
N ILE A 164 3.25 -36.37 11.90
CA ILE A 164 3.76 -35.01 12.27
C ILE A 164 2.76 -34.31 13.19
N ARG A 165 1.52 -34.73 13.19
CA ARG A 165 0.51 -34.07 14.07
C ARG A 165 0.87 -34.27 15.54
N ARG A 166 1.47 -35.39 15.86
CA ARG A 166 1.85 -35.65 17.28
C ARG A 166 3.14 -34.88 17.63
N GLU A 167 4.02 -34.73 16.68
CA GLU A 167 5.29 -33.99 16.96
C GLU A 167 5.05 -32.48 16.89
N LEU A 168 4.29 -32.03 15.93
CA LEU A 168 4.02 -30.56 15.81
C LEU A 168 3.33 -30.04 17.08
N THR A 169 2.60 -30.88 17.75
CA THR A 169 1.90 -30.42 19.00
C THR A 169 2.93 -29.98 20.05
N GLU A 170 3.94 -30.77 20.28
CA GLU A 170 4.96 -30.40 21.29
C GLU A 170 5.96 -29.39 20.71
N ARG A 171 6.11 -29.37 19.41
CA ARG A 171 7.06 -28.40 18.79
C ARG A 171 6.58 -26.97 18.99
N ALA A 172 5.33 -26.70 18.67
CA ALA A 172 4.80 -25.31 18.85
C ALA A 172 4.52 -25.02 20.33
N LYS A 173 4.11 -26.02 21.06
CA LYS A 173 3.81 -25.81 22.52
C LYS A 173 5.08 -25.34 23.25
N ASP A 174 6.23 -25.65 22.71
CA ASP A 174 7.51 -25.23 23.39
C ASP A 174 7.52 -23.71 23.60
N PHE A 175 7.17 -22.96 22.60
CA PHE A 175 7.17 -21.47 22.75
C PHE A 175 5.78 -20.98 23.19
N SER A 176 5.65 -20.59 24.43
CA SER A 176 4.33 -20.09 24.93
C SER A 176 3.22 -21.12 24.65
N LEU A 177 2.01 -20.81 25.02
CA LEU A 177 0.88 -21.75 24.78
C LEU A 177 0.03 -21.28 23.59
N ILE A 178 -0.12 -22.10 22.59
CA ILE A 178 -0.92 -21.70 21.40
C ILE A 178 -1.56 -22.93 20.75
N LEU A 179 -2.69 -22.76 20.11
CA LEU A 179 -3.35 -23.92 19.44
C LEU A 179 -3.09 -23.87 17.94
N ASP A 180 -2.45 -24.87 17.40
CA ASP A 180 -2.15 -24.90 15.94
C ASP A 180 -2.76 -26.14 15.28
N ASP A 181 -3.07 -26.04 14.01
CA ASP A 181 -3.66 -27.21 13.30
C ASP A 181 -2.59 -27.91 12.47
N VAL A 182 -2.63 -29.21 12.38
CA VAL A 182 -1.57 -29.92 11.60
C VAL A 182 -2.10 -30.36 10.22
N ALA A 183 -1.63 -29.72 9.20
CA ALA A 183 -2.04 -30.08 7.81
C ALA A 183 -1.02 -29.50 6.84
N ILE A 184 -0.77 -30.14 5.73
CA ILE A 184 0.24 -29.58 4.78
C ILE A 184 -0.06 -29.94 3.34
N THR A 185 0.30 -29.07 2.42
CA THR A 185 0.10 -29.37 0.97
C THR A 185 1.46 -29.79 0.40
N GLU A 186 1.63 -31.05 0.06
CA GLU A 186 2.96 -31.49 -0.46
C GLU A 186 2.85 -32.32 -1.73
N LEU A 187 3.86 -32.27 -2.55
CA LEU A 187 3.89 -33.06 -3.80
C LEU A 187 5.14 -33.94 -3.77
N SER A 188 5.03 -35.18 -4.15
CA SER A 188 6.21 -36.08 -4.10
C SER A 188 6.84 -36.28 -5.47
N PHE A 189 8.12 -36.55 -5.52
CA PHE A 189 8.82 -36.76 -6.82
C PHE A 189 9.02 -38.26 -7.07
N SER A 190 8.53 -38.76 -8.18
CA SER A 190 8.70 -40.21 -8.50
C SER A 190 8.21 -41.07 -7.34
N MET B 1 29.70 41.92 49.25
CA MET B 1 29.73 40.47 49.58
C MET B 1 28.59 39.74 48.88
N ALA B 2 27.51 40.42 48.61
CA ALA B 2 26.36 39.77 47.93
C ALA B 2 25.47 40.82 47.26
N GLN B 3 26.06 41.85 46.71
CA GLN B 3 25.26 42.90 46.04
C GLN B 3 24.64 42.36 44.74
N ASN B 4 25.45 41.76 43.90
CA ASN B 4 24.91 41.21 42.62
C ASN B 4 23.90 40.09 42.91
N LEU B 5 24.04 39.40 44.01
CA LEU B 5 23.09 38.30 44.34
C LEU B 5 21.72 38.89 44.71
N LYS B 6 21.71 40.09 45.24
CA LYS B 6 20.41 40.71 45.62
C LYS B 6 19.79 41.41 44.42
N ASP B 7 20.59 41.91 43.53
CA ASP B 7 20.05 42.61 42.33
C ASP B 7 19.34 41.61 41.41
N LEU B 8 19.74 40.38 41.44
CA LEU B 8 19.09 39.35 40.58
C LEU B 8 17.75 38.92 41.19
N ALA B 9 17.75 38.62 42.46
CA ALA B 9 16.48 38.19 43.12
C ALA B 9 15.54 39.39 43.28
N GLY B 10 16.09 40.56 43.42
CA GLY B 10 15.22 41.78 43.59
C GLY B 10 14.62 42.17 42.24
N ARG B 11 15.30 41.87 41.17
CA ARG B 11 14.77 42.23 39.81
C ARG B 11 13.71 41.22 39.37
N LEU B 12 13.73 40.02 39.92
CA LEU B 12 12.73 38.99 39.53
C LEU B 12 11.30 39.52 39.75
N PRO B 13 11.02 39.92 40.97
CA PRO B 13 9.67 40.45 41.28
C PRO B 13 9.48 41.85 40.69
N ALA B 14 9.43 41.94 39.38
CA ALA B 14 9.24 43.27 38.73
C ALA B 14 8.81 43.10 37.28
N GLY B 15 7.58 43.37 36.97
CA GLY B 15 7.10 43.22 35.57
C GLY B 15 6.29 41.92 35.42
N PRO B 16 5.03 42.00 35.73
CA PRO B 16 4.14 40.82 35.63
C PRO B 16 3.85 40.49 34.17
N ARG B 17 3.94 41.46 33.30
CA ARG B 17 3.66 41.21 31.85
C ARG B 17 4.55 40.08 31.34
N GLY B 18 5.72 39.94 31.89
CA GLY B 18 6.64 38.84 31.44
C GLY B 18 6.01 37.49 31.78
N MET B 19 5.23 37.44 32.83
CA MET B 19 4.58 36.14 33.23
C MET B 19 3.35 35.89 32.36
N GLY B 20 2.66 36.93 31.96
CA GLY B 20 1.45 36.74 31.12
C GLY B 20 1.86 36.29 29.72
N THR B 21 2.95 36.79 29.21
CA THR B 21 3.41 36.38 27.85
C THR B 21 4.13 35.03 27.92
N ALA B 22 4.72 34.72 29.04
CA ALA B 22 5.46 33.42 29.17
C ALA B 22 4.50 32.24 28.90
N LEU B 23 3.23 32.45 29.12
CA LEU B 23 2.25 31.34 28.88
C LEU B 23 2.16 31.03 27.38
N LYS B 24 2.15 32.05 26.56
CA LYS B 24 2.06 31.82 25.09
C LYS B 24 3.14 30.83 24.64
N LEU B 25 4.25 30.81 25.32
CA LEU B 25 5.36 29.87 24.96
C LEU B 25 4.97 28.43 25.33
N LEU B 26 4.33 28.24 26.44
CA LEU B 26 3.93 26.87 26.87
C LEU B 26 3.02 26.23 25.81
N LEU B 27 2.20 27.02 25.17
CA LEU B 27 1.27 26.47 24.14
C LEU B 27 2.05 26.06 22.89
N GLY B 28 2.94 26.91 22.42
CA GLY B 28 3.73 26.57 21.20
C GLY B 28 4.55 25.31 21.46
N ALA B 29 5.00 25.13 22.67
CA ALA B 29 5.82 23.92 22.99
C ALA B 29 5.00 22.64 22.75
N GLY B 30 3.78 22.63 23.19
CA GLY B 30 2.92 21.42 22.99
C GLY B 30 2.65 21.23 21.50
N ALA B 31 2.63 22.29 20.74
CA ALA B 31 2.37 22.16 19.27
C ALA B 31 3.63 21.71 18.55
N VAL B 32 4.78 22.20 18.97
CA VAL B 32 6.05 21.80 18.30
C VAL B 32 6.30 20.31 18.49
N ALA B 33 5.80 19.75 19.57
CA ALA B 33 6.02 18.29 19.82
C ALA B 33 5.33 17.47 18.71
N TYR B 34 4.27 17.98 18.14
CA TYR B 34 3.56 17.22 17.07
C TYR B 34 4.51 16.90 15.91
N GLY B 35 5.22 17.88 15.42
CA GLY B 35 6.17 17.62 14.29
C GLY B 35 7.21 16.59 14.72
N VAL B 36 7.56 16.58 15.98
CA VAL B 36 8.57 15.60 16.47
C VAL B 36 7.93 14.22 16.67
N ARG B 37 6.66 14.19 16.99
CA ARG B 37 5.97 12.88 17.20
C ARG B 37 6.08 12.01 15.94
N GLU B 38 6.16 12.61 14.79
CA GLU B 38 6.27 11.82 13.54
C GLU B 38 7.70 11.23 13.39
N SER B 39 8.70 11.87 13.95
CA SER B 39 10.10 11.31 13.83
C SER B 39 10.97 11.68 15.06
N VAL B 40 11.91 10.83 15.42
CA VAL B 40 12.81 11.13 16.60
C VAL B 40 14.15 10.37 16.46
N PHE B 41 15.02 10.46 17.45
CA PHE B 41 16.34 9.74 17.36
C PHE B 41 16.75 9.13 18.71
N THR B 42 15.89 8.32 19.32
CA THR B 42 16.29 7.68 20.63
C THR B 42 16.19 6.16 20.51
N VAL B 43 16.55 5.62 19.38
CA VAL B 43 16.49 4.12 19.18
C VAL B 43 15.20 3.55 19.79
N GLU B 44 14.23 3.25 18.97
CA GLU B 44 12.93 2.72 19.50
C GLU B 44 12.63 1.30 18.97
N GLY B 45 12.73 0.30 19.80
CA GLY B 45 12.41 -1.09 19.36
C GLY B 45 13.58 -2.03 19.69
N GLY B 46 13.92 -2.90 18.77
CA GLY B 46 15.05 -3.86 19.00
C GLY B 46 16.02 -3.76 17.83
N HIS B 47 16.92 -2.81 17.88
CA HIS B 47 17.88 -2.61 16.76
C HIS B 47 19.12 -1.85 17.25
N ARG B 48 20.20 -1.96 16.54
CA ARG B 48 21.46 -1.27 16.95
C ARG B 48 21.59 0.06 16.20
N ALA B 49 22.26 1.05 16.77
CA ALA B 49 22.33 2.40 16.10
C ALA B 49 23.64 2.65 15.33
N ILE B 50 23.58 3.56 14.38
CA ILE B 50 24.75 3.89 13.50
C ILE B 50 25.05 5.42 13.53
N PHE B 51 26.29 5.81 13.29
CA PHE B 51 26.64 7.28 13.34
C PHE B 51 27.36 7.77 12.07
N PHE B 52 27.07 8.98 11.64
CA PHE B 52 27.74 9.56 10.44
C PHE B 52 27.59 11.10 10.43
N ASN B 53 28.51 11.81 9.82
CA ASN B 53 28.41 13.31 9.78
C ASN B 53 28.03 13.82 8.38
N ARG B 54 27.40 14.98 8.30
CA ARG B 54 26.98 15.54 6.96
C ARG B 54 28.09 15.34 5.91
N ILE B 55 29.21 15.98 6.08
CA ILE B 55 30.32 15.83 5.08
C ILE B 55 30.71 14.35 4.91
N GLY B 56 30.52 13.80 3.74
CA GLY B 56 30.88 12.38 3.51
C GLY B 56 29.68 11.62 2.95
N GLY B 57 29.74 10.30 2.95
CA GLY B 57 28.61 9.50 2.43
C GLY B 57 27.81 8.92 3.59
N VAL B 58 26.52 8.75 3.41
CA VAL B 58 25.68 8.19 4.51
C VAL B 58 26.17 6.79 4.92
N GLN B 59 25.34 6.03 5.58
CA GLN B 59 25.78 4.67 6.02
C GLN B 59 24.76 3.60 5.60
N GLN B 60 25.12 2.76 4.65
CA GLN B 60 24.17 1.69 4.20
C GLN B 60 24.24 0.52 5.18
N ASP B 61 23.24 -0.34 5.20
CA ASP B 61 23.25 -1.50 6.15
C ASP B 61 23.55 -0.98 7.55
N THR B 62 22.58 -0.36 8.18
CA THR B 62 22.80 0.22 9.54
C THR B 62 21.44 0.39 10.25
N ILE B 63 21.03 -0.55 11.10
CA ILE B 63 19.68 -0.45 11.79
C ILE B 63 19.73 0.37 13.11
N LEU B 64 18.63 0.43 13.86
CA LEU B 64 18.64 1.23 15.16
C LEU B 64 17.27 1.27 15.87
N ALA B 65 17.22 0.85 17.13
CA ALA B 65 15.94 0.96 17.93
C ALA B 65 16.01 0.14 19.25
N GLU B 66 16.18 0.79 20.40
CA GLU B 66 16.22 0.06 21.71
C GLU B 66 16.53 0.99 22.91
N GLY B 67 17.53 1.83 22.82
CA GLY B 67 17.90 2.73 23.97
C GLY B 67 17.74 4.21 23.61
N LEU B 68 17.56 5.08 24.59
CA LEU B 68 17.38 6.54 24.25
C LEU B 68 18.69 7.31 24.40
N HIS B 69 19.08 7.96 23.36
CA HIS B 69 20.30 8.79 23.35
C HIS B 69 20.16 9.79 22.22
N PHE B 70 20.29 11.07 22.49
CA PHE B 70 20.12 12.11 21.42
C PHE B 70 20.66 11.61 20.08
N ARG B 71 20.29 12.24 18.99
CA ARG B 71 20.81 11.79 17.65
C ARG B 71 22.32 12.00 17.58
N ILE B 72 23.05 11.51 18.56
CA ILE B 72 24.53 11.67 18.57
C ILE B 72 24.89 13.18 18.53
N PRO B 73 25.95 13.54 19.21
CA PRO B 73 26.36 14.98 19.27
C PRO B 73 26.75 15.55 17.89
N TRP B 74 27.30 16.73 17.87
CA TRP B 74 27.70 17.37 16.58
C TRP B 74 28.52 16.41 15.71
N PHE B 75 28.54 16.64 14.42
CA PHE B 75 29.33 15.77 13.50
C PHE B 75 28.77 14.33 13.50
N GLN B 76 27.48 14.18 13.62
CA GLN B 76 26.88 12.81 13.62
C GLN B 76 25.41 12.87 13.21
N TYR B 77 24.90 11.80 12.65
CA TYR B 77 23.48 11.79 12.17
C TYR B 77 22.86 10.41 12.34
N PRO B 78 21.56 10.38 12.47
CA PRO B 78 20.84 9.11 12.62
C PRO B 78 20.23 8.63 11.30
N ILE B 79 20.80 7.60 10.73
CA ILE B 79 20.23 6.99 9.49
C ILE B 79 20.25 5.48 9.77
N ILE B 80 19.12 4.88 10.01
CA ILE B 80 19.14 3.43 10.38
C ILE B 80 18.22 2.57 9.51
N TYR B 81 18.55 1.32 9.38
CA TYR B 81 17.77 0.35 8.55
C TYR B 81 16.87 -0.52 9.44
N ASP B 82 15.78 -1.00 8.91
CA ASP B 82 14.88 -1.87 9.73
C ASP B 82 15.00 -3.32 9.25
N ILE B 83 14.97 -4.28 10.14
CA ILE B 83 15.10 -5.71 9.74
C ILE B 83 13.76 -6.27 9.25
N ARG B 84 13.80 -7.35 8.51
CA ARG B 84 12.54 -7.98 7.99
C ARG B 84 12.89 -9.27 7.24
N ALA B 85 11.90 -10.07 6.91
CA ALA B 85 12.16 -11.33 6.17
C ALA B 85 12.90 -11.02 4.86
N ARG B 86 13.27 -12.03 4.11
CA ARG B 86 13.99 -11.79 2.83
C ARG B 86 13.67 -12.89 1.81
N PRO B 87 12.92 -12.53 0.78
CA PRO B 87 12.57 -13.50 -0.28
C PRO B 87 13.49 -13.29 -1.48
N ARG B 88 14.37 -14.22 -1.73
CA ARG B 88 15.32 -14.05 -2.88
C ARG B 88 15.87 -15.44 -3.31
N LYS B 89 15.47 -15.97 -4.46
CA LYS B 89 15.97 -17.33 -4.90
C LYS B 89 15.80 -17.56 -6.42
N ILE B 90 16.63 -18.40 -7.02
CA ILE B 90 16.50 -18.70 -8.50
C ILE B 90 17.13 -20.04 -8.86
N SER B 91 16.66 -20.64 -9.92
CA SER B 91 17.23 -21.95 -10.38
C SER B 91 18.17 -21.68 -11.56
N SER B 92 19.45 -21.86 -11.37
CA SER B 92 20.42 -21.60 -12.48
C SER B 92 21.08 -22.91 -12.95
N PRO B 93 21.03 -23.15 -14.24
CA PRO B 93 21.63 -24.36 -14.81
C PRO B 93 23.01 -24.05 -15.40
N THR B 94 23.90 -25.01 -15.42
CA THR B 94 25.26 -24.78 -15.99
C THR B 94 25.78 -26.06 -16.65
N GLY B 95 26.13 -25.98 -17.90
CA GLY B 95 26.64 -27.20 -18.61
C GLY B 95 28.18 -27.12 -18.72
N SER B 96 28.87 -28.01 -18.08
CA SER B 96 30.37 -27.99 -18.15
C SER B 96 30.94 -29.28 -17.57
N LYS B 97 30.78 -29.50 -16.29
CA LYS B 97 31.31 -30.73 -15.65
C LYS B 97 30.77 -31.99 -16.36
N ASP B 98 29.67 -31.86 -17.05
CA ASP B 98 29.08 -33.03 -17.77
C ASP B 98 28.54 -32.60 -19.14
N LEU B 99 28.11 -33.54 -19.93
CA LEU B 99 27.58 -33.18 -21.28
C LEU B 99 26.05 -33.19 -21.25
N GLN B 100 25.46 -32.88 -20.13
CA GLN B 100 23.97 -32.87 -20.04
C GLN B 100 23.48 -31.52 -19.53
N MET B 101 22.19 -31.32 -19.45
CA MET B 101 21.65 -30.03 -18.95
C MET B 101 21.05 -30.20 -17.55
N VAL B 102 21.50 -29.42 -16.60
CA VAL B 102 20.95 -29.54 -15.22
C VAL B 102 20.72 -28.15 -14.62
N ASN B 103 19.71 -28.01 -13.81
CA ASN B 103 19.43 -26.68 -13.18
C ASN B 103 19.79 -26.71 -11.69
N ILE B 104 20.79 -25.96 -11.31
CA ILE B 104 21.20 -25.93 -9.87
C ILE B 104 20.69 -24.65 -9.21
N SER B 105 20.44 -24.69 -7.92
CA SER B 105 19.95 -23.47 -7.21
C SER B 105 20.74 -23.26 -5.91
N LEU B 106 20.92 -22.03 -5.51
CA LEU B 106 21.67 -21.74 -4.26
C LEU B 106 21.31 -20.34 -3.74
N ARG B 107 20.80 -20.26 -2.54
CA ARG B 107 20.43 -18.92 -1.98
C ARG B 107 21.28 -18.58 -0.76
N VAL B 108 21.52 -17.33 -0.52
CA VAL B 108 22.33 -16.93 0.66
C VAL B 108 21.48 -16.12 1.64
N LEU B 109 21.50 -16.48 2.91
CA LEU B 109 20.68 -15.74 3.90
C LEU B 109 21.58 -15.02 4.91
N SER B 110 21.15 -13.90 5.41
CA SER B 110 21.97 -13.15 6.40
C SER B 110 21.06 -12.51 7.46
N ARG B 111 21.13 -12.99 8.67
CA ARG B 111 20.27 -12.41 9.75
C ARG B 111 21.12 -11.61 10.73
N PRO B 112 20.93 -10.30 10.73
CA PRO B 112 21.70 -9.43 11.64
C PRO B 112 21.20 -9.59 13.08
N ASN B 113 22.05 -10.06 13.95
CA ASN B 113 21.62 -10.26 15.37
C ASN B 113 22.41 -9.31 16.30
N ALA B 114 23.67 -9.14 16.04
CA ALA B 114 24.49 -8.24 16.90
C ALA B 114 24.97 -7.02 16.10
N GLN B 115 25.95 -6.31 16.60
CA GLN B 115 26.47 -5.12 15.87
C GLN B 115 27.12 -5.55 14.56
N GLU B 116 26.33 -5.75 13.53
CA GLU B 116 26.91 -6.17 12.21
C GLU B 116 26.65 -5.10 11.14
N LEU B 117 25.72 -4.21 11.37
CA LEU B 117 25.44 -3.16 10.36
C LEU B 117 26.41 -1.95 10.47
N PRO B 118 27.07 -1.78 11.60
CA PRO B 118 27.99 -0.61 11.76
C PRO B 118 29.33 -0.79 11.03
N SER B 119 30.18 -1.69 11.45
CA SER B 119 31.50 -1.85 10.76
C SER B 119 31.32 -2.37 9.33
N MET B 120 30.24 -3.04 9.08
CA MET B 120 30.01 -3.58 7.71
C MET B 120 29.47 -2.49 6.77
N TYR B 121 28.95 -1.42 7.30
CA TYR B 121 28.40 -0.34 6.42
C TYR B 121 29.41 0.02 5.31
N GLN B 122 30.57 0.50 5.66
CA GLN B 122 31.58 0.86 4.61
C GLN B 122 32.32 -0.39 4.11
N ARG B 123 32.39 -1.42 4.92
CA ARG B 123 33.10 -2.66 4.50
C ARG B 123 32.20 -3.50 3.58
N LEU B 124 30.91 -3.28 3.63
CA LEU B 124 29.98 -4.07 2.77
C LEU B 124 30.09 -3.60 1.31
N GLY B 125 29.76 -2.36 1.05
CA GLY B 125 29.84 -1.84 -0.35
C GLY B 125 28.96 -0.60 -0.49
N LEU B 126 28.63 -0.24 -1.70
CA LEU B 126 27.75 0.97 -1.90
C LEU B 126 26.32 0.65 -1.49
N ASP B 127 25.62 -0.13 -2.28
CA ASP B 127 24.21 -0.47 -1.93
C ASP B 127 24.19 -1.31 -0.65
N TYR B 128 23.24 -2.21 -0.51
CA TYR B 128 23.17 -3.04 0.72
C TYR B 128 23.35 -4.54 0.38
N GLU B 129 22.30 -5.33 0.51
CA GLU B 129 22.44 -6.78 0.19
C GLU B 129 22.34 -7.03 -1.31
N GLU B 130 21.65 -6.18 -2.02
CA GLU B 130 21.50 -6.36 -3.50
C GLU B 130 22.85 -6.66 -4.17
N ARG B 131 23.93 -6.26 -3.55
CA ARG B 131 25.27 -6.50 -4.17
C ARG B 131 25.74 -7.95 -3.93
N VAL B 132 25.86 -8.33 -2.68
CA VAL B 132 26.35 -9.72 -2.38
C VAL B 132 25.25 -10.78 -2.51
N LEU B 133 24.00 -10.39 -2.47
CA LEU B 133 22.91 -11.41 -2.57
C LEU B 133 22.94 -12.12 -3.94
N PRO B 134 22.75 -11.36 -4.99
CA PRO B 134 22.74 -11.96 -6.35
C PRO B 134 24.16 -12.35 -6.80
N SER B 135 25.16 -11.77 -6.18
CA SER B 135 26.56 -12.09 -6.59
C SER B 135 27.01 -13.42 -5.96
N ILE B 136 26.82 -13.58 -4.67
CA ILE B 136 27.25 -14.85 -4.00
C ILE B 136 26.38 -16.03 -4.47
N VAL B 137 25.09 -15.85 -4.49
CA VAL B 137 24.20 -16.97 -4.94
C VAL B 137 24.54 -17.40 -6.37
N ASN B 138 24.85 -16.47 -7.22
CA ASN B 138 25.20 -16.81 -8.63
C ASN B 138 26.65 -17.30 -8.73
N GLU B 139 27.49 -16.90 -7.81
CA GLU B 139 28.93 -17.34 -7.86
C GLU B 139 29.08 -18.76 -7.32
N VAL B 140 28.78 -18.96 -6.06
CA VAL B 140 28.91 -20.33 -5.46
C VAL B 140 28.19 -21.37 -6.32
N LEU B 141 27.21 -20.96 -7.07
CA LEU B 141 26.45 -21.94 -7.92
C LEU B 141 27.25 -22.25 -9.19
N LYS B 142 28.07 -21.32 -9.64
CA LYS B 142 28.86 -21.56 -10.87
C LYS B 142 30.11 -22.41 -10.58
N SER B 143 30.74 -22.17 -9.46
CA SER B 143 31.98 -22.96 -9.13
C SER B 143 31.62 -24.34 -8.57
N VAL B 144 30.49 -24.47 -7.94
CA VAL B 144 30.09 -25.79 -7.37
C VAL B 144 29.66 -26.75 -8.48
N VAL B 145 29.11 -26.24 -9.55
CA VAL B 145 28.66 -27.12 -10.66
C VAL B 145 29.85 -27.53 -11.53
N ALA B 146 30.91 -26.78 -11.52
CA ALA B 146 32.09 -27.12 -12.35
C ALA B 146 32.75 -28.41 -11.84
N LYS B 147 32.92 -28.53 -10.54
CA LYS B 147 33.56 -29.75 -9.98
C LYS B 147 32.54 -30.90 -9.90
N PHE B 148 31.39 -30.65 -9.35
CA PHE B 148 30.36 -31.72 -9.24
C PHE B 148 30.03 -32.30 -10.61
N ASN B 149 29.04 -33.15 -10.70
CA ASN B 149 28.69 -33.75 -12.02
C ASN B 149 27.16 -33.72 -12.20
N ALA B 150 26.71 -33.71 -13.43
CA ALA B 150 25.25 -33.67 -13.69
C ALA B 150 24.58 -34.96 -13.19
N SER B 151 25.20 -36.09 -13.43
CA SER B 151 24.60 -37.38 -12.97
C SER B 151 24.49 -37.40 -11.45
N GLN B 152 25.44 -36.81 -10.76
CA GLN B 152 25.39 -36.78 -9.27
C GLN B 152 24.44 -35.69 -8.79
N LEU B 153 24.30 -34.64 -9.56
CA LEU B 153 23.39 -33.53 -9.13
C LEU B 153 21.93 -33.97 -9.28
N ILE B 154 21.56 -34.48 -10.43
CA ILE B 154 20.15 -34.92 -10.64
C ILE B 154 19.78 -36.01 -9.62
N THR B 155 20.76 -36.66 -9.04
CA THR B 155 20.47 -37.74 -8.04
C THR B 155 19.62 -37.19 -6.90
N GLN B 156 20.15 -36.26 -6.15
CA GLN B 156 19.38 -35.69 -5.01
C GLN B 156 19.76 -34.22 -4.79
N ARG B 157 18.82 -33.32 -4.91
CA ARG B 157 19.13 -31.88 -4.71
C ARG B 157 19.68 -31.63 -3.30
N ALA B 158 19.43 -32.54 -2.38
CA ALA B 158 19.94 -32.36 -1.00
C ALA B 158 21.42 -32.76 -0.90
N GLN B 159 21.83 -33.74 -1.66
CA GLN B 159 23.26 -34.18 -1.62
C GLN B 159 24.19 -33.02 -1.97
N VAL B 160 23.77 -32.15 -2.85
CA VAL B 160 24.64 -31.00 -3.23
C VAL B 160 24.54 -29.89 -2.19
N SER B 161 23.45 -29.84 -1.47
CA SER B 161 23.29 -28.77 -0.43
C SER B 161 24.38 -28.91 0.65
N LEU B 162 24.89 -30.10 0.83
CA LEU B 162 25.96 -30.30 1.87
C LEU B 162 27.29 -29.76 1.36
N LEU B 163 27.54 -29.86 0.09
CA LEU B 163 28.84 -29.35 -0.46
C LEU B 163 28.82 -27.82 -0.55
N ILE B 164 27.74 -27.26 -1.02
CA ILE B 164 27.66 -25.77 -1.13
C ILE B 164 27.57 -25.13 0.25
N ARG B 165 27.07 -25.85 1.23
CA ARG B 165 26.96 -25.27 2.60
C ARG B 165 28.34 -24.91 3.13
N ARG B 166 29.36 -25.62 2.74
CA ARG B 166 30.74 -25.30 3.22
C ARG B 166 31.31 -24.11 2.46
N GLU B 167 31.10 -24.06 1.17
CA GLU B 167 31.63 -22.93 0.36
C GLU B 167 30.72 -21.70 0.51
N LEU B 168 29.46 -21.91 0.80
CA LEU B 168 28.52 -20.76 0.95
C LEU B 168 28.69 -20.12 2.33
N THR B 169 28.56 -20.90 3.38
CA THR B 169 28.71 -20.33 4.74
C THR B 169 30.06 -19.59 4.87
N GLU B 170 31.03 -19.99 4.10
CA GLU B 170 32.36 -19.31 4.17
C GLU B 170 32.29 -17.94 3.48
N ARG B 171 31.56 -17.85 2.40
CA ARG B 171 31.44 -16.55 1.68
C ARG B 171 30.43 -15.65 2.39
N ALA B 172 29.41 -16.21 2.97
CA ALA B 172 28.39 -15.40 3.67
C ALA B 172 29.02 -14.66 4.86
N LYS B 173 29.72 -15.38 5.69
CA LYS B 173 30.36 -14.72 6.87
C LYS B 173 31.54 -13.84 6.44
N ASP B 174 32.13 -14.17 5.31
CA ASP B 174 33.29 -13.36 4.81
C ASP B 174 32.92 -11.88 4.73
N PHE B 175 31.65 -11.58 4.59
CA PHE B 175 31.23 -10.15 4.49
C PHE B 175 30.80 -9.62 5.87
N SER B 176 30.47 -10.50 6.78
CA SER B 176 30.05 -10.05 8.14
C SER B 176 29.89 -11.26 9.06
N LEU B 177 29.59 -11.03 10.32
CA LEU B 177 29.42 -12.18 11.27
C LEU B 177 27.95 -12.29 11.69
N ILE B 178 27.28 -13.31 11.25
CA ILE B 178 25.84 -13.49 11.62
C ILE B 178 25.46 -14.97 11.59
N LEU B 179 24.50 -15.37 12.39
CA LEU B 179 24.08 -16.80 12.39
C LEU B 179 22.79 -16.97 11.58
N ASP B 180 22.85 -17.68 10.50
CA ASP B 180 21.63 -17.86 9.65
C ASP B 180 21.68 -19.19 8.90
N ASP B 181 20.54 -19.73 8.56
CA ASP B 181 20.51 -21.03 7.83
C ASP B 181 20.27 -20.77 6.34
N VAL B 182 20.76 -21.64 5.49
CA VAL B 182 20.57 -21.41 4.02
C VAL B 182 20.27 -22.72 3.27
N ALA B 183 19.27 -22.71 2.45
CA ALA B 183 18.91 -23.91 1.65
C ALA B 183 18.09 -23.47 0.43
N ILE B 184 18.15 -24.20 -0.65
CA ILE B 184 17.42 -23.78 -1.87
C ILE B 184 16.62 -24.93 -2.50
N THR B 185 15.61 -24.61 -3.26
CA THR B 185 14.81 -25.68 -3.92
C THR B 185 15.36 -25.87 -5.33
N GLU B 186 15.98 -27.00 -5.57
CA GLU B 186 16.60 -27.25 -6.91
C GLU B 186 15.75 -28.17 -7.78
N LEU B 187 15.89 -27.99 -9.06
CA LEU B 187 15.15 -28.84 -10.03
C LEU B 187 16.12 -29.17 -11.17
N SER B 188 16.24 -30.42 -11.54
CA SER B 188 17.21 -30.78 -12.61
C SER B 188 16.50 -31.00 -13.95
N PHE B 189 17.20 -30.77 -15.03
CA PHE B 189 16.58 -30.95 -16.37
C PHE B 189 17.06 -32.27 -17.00
N SER B 190 16.18 -32.98 -17.65
CA SER B 190 16.59 -34.27 -18.27
C SER B 190 17.53 -34.02 -19.45
N MET C 1 34.01 59.00 20.26
CA MET C 1 32.90 59.84 20.76
C MET C 1 31.77 59.89 19.74
N ALA C 2 31.61 58.85 18.95
CA ALA C 2 30.54 58.85 17.92
C ALA C 2 29.16 58.88 18.61
N GLN C 3 28.33 59.81 18.22
CA GLN C 3 26.98 59.89 18.84
C GLN C 3 26.03 58.87 18.21
N ASN C 4 26.23 58.56 16.96
CA ASN C 4 25.35 57.57 16.28
C ASN C 4 25.51 56.19 16.92
N LEU C 5 26.67 55.92 17.48
CA LEU C 5 26.89 54.58 18.11
C LEU C 5 26.02 54.43 19.35
N LYS C 6 25.92 55.47 20.15
CA LYS C 6 25.09 55.40 21.38
C LYS C 6 23.61 55.49 21.02
N ASP C 7 23.28 56.14 19.94
CA ASP C 7 21.86 56.26 19.53
C ASP C 7 21.30 54.91 19.07
N LEU C 8 22.13 54.12 18.42
CA LEU C 8 21.65 52.79 17.94
C LEU C 8 21.60 51.80 19.11
N ALA C 9 22.55 51.86 20.01
CA ALA C 9 22.56 50.93 21.16
C ALA C 9 21.30 51.13 22.02
N GLY C 10 20.92 52.36 22.22
CA GLY C 10 19.70 52.63 23.04
C GLY C 10 18.44 52.23 22.27
N ARG C 11 18.54 52.12 20.97
CA ARG C 11 17.35 51.73 20.16
C ARG C 11 17.05 50.24 20.34
N LEU C 12 18.04 49.45 20.67
CA LEU C 12 17.80 47.99 20.86
C LEU C 12 16.85 47.74 22.03
N PRO C 13 17.22 48.23 23.20
CA PRO C 13 16.37 48.04 24.39
C PRO C 13 15.14 48.95 24.32
N ALA C 14 15.25 50.05 23.64
CA ALA C 14 14.09 50.99 23.52
C ALA C 14 12.95 50.31 22.76
N GLY C 15 12.13 49.54 23.44
CA GLY C 15 11.00 48.85 22.76
C GLY C 15 10.57 47.63 23.59
N PRO C 16 9.80 47.88 24.62
CA PRO C 16 9.32 46.78 25.49
C PRO C 16 8.26 45.94 24.76
N ARG C 17 7.32 46.58 24.11
CA ARG C 17 6.27 45.82 23.39
C ARG C 17 6.88 45.08 22.19
N GLY C 18 7.84 45.68 21.54
CA GLY C 18 8.48 45.02 20.37
C GLY C 18 9.13 43.70 20.81
N MET C 19 9.59 43.64 22.03
CA MET C 19 10.23 42.40 22.53
C MET C 19 9.16 41.38 22.94
N GLY C 20 8.10 41.83 23.53
CA GLY C 20 7.03 40.88 23.96
C GLY C 20 6.36 40.27 22.73
N THR C 21 6.17 41.05 21.70
CA THR C 21 5.53 40.50 20.46
C THR C 21 6.51 39.60 19.70
N ALA C 22 7.79 39.83 19.86
CA ALA C 22 8.79 38.99 19.15
C ALA C 22 8.63 37.52 19.54
N LEU C 23 8.10 37.25 20.71
CA LEU C 23 7.92 35.84 21.15
C LEU C 23 6.92 35.13 20.24
N LYS C 24 5.86 35.79 19.88
CA LYS C 24 4.84 35.16 18.98
C LYS C 24 5.52 34.58 17.74
N LEU C 25 6.61 35.16 17.33
CA LEU C 25 7.34 34.65 16.12
C LEU C 25 8.12 33.38 16.48
N LEU C 26 8.61 33.30 17.68
CA LEU C 26 9.39 32.08 18.09
C LEU C 26 8.50 30.83 18.00
N LEU C 27 7.31 30.90 18.51
CA LEU C 27 6.40 29.70 18.45
C LEU C 27 6.03 29.40 17.00
N GLY C 28 5.89 30.41 16.18
CA GLY C 28 5.52 30.19 14.76
C GLY C 28 6.67 29.47 14.05
N ALA C 29 7.88 29.74 14.44
CA ALA C 29 9.05 29.08 13.78
C ALA C 29 8.97 27.56 13.98
N GLY C 30 8.65 27.13 15.17
CA GLY C 30 8.57 25.66 15.44
C GLY C 30 7.40 25.06 14.64
N ALA C 31 6.34 25.80 14.49
CA ALA C 31 5.17 25.28 13.73
C ALA C 31 5.50 25.23 12.23
N VAL C 32 6.16 26.23 11.72
CA VAL C 32 6.50 26.24 10.27
C VAL C 32 7.44 25.07 9.95
N ALA C 33 8.26 24.69 10.90
CA ALA C 33 9.20 23.55 10.66
C ALA C 33 8.41 22.26 10.41
N TYR C 34 7.24 22.15 10.99
CA TYR C 34 6.43 20.92 10.80
C TYR C 34 6.16 20.68 9.32
N GLY C 35 5.62 21.67 8.63
CA GLY C 35 5.34 21.49 7.18
C GLY C 35 6.63 21.17 6.43
N VAL C 36 7.73 21.67 6.91
CA VAL C 36 9.03 21.37 6.23
C VAL C 36 9.55 20.01 6.66
N ARG C 37 9.23 19.57 7.85
CA ARG C 37 9.71 18.24 8.33
C ARG C 37 9.32 17.14 7.34
N GLU C 38 8.23 17.30 6.64
CA GLU C 38 7.79 16.26 5.67
C GLU C 38 8.70 16.28 4.41
N SER C 39 9.29 17.41 4.07
CA SER C 39 10.17 17.46 2.85
C SER C 39 11.57 18.05 3.19
N VAL C 40 12.48 18.06 2.22
CA VAL C 40 13.86 18.61 2.48
C VAL C 40 14.69 18.60 1.18
N PHE C 41 15.84 19.24 1.17
CA PHE C 41 16.69 19.25 -0.08
C PHE C 41 18.03 18.52 0.15
N THR C 42 18.60 18.59 1.33
CA THR C 42 19.90 17.87 1.57
C THR C 42 19.70 16.36 1.37
N VAL C 43 20.32 15.80 0.37
CA VAL C 43 20.16 14.33 0.11
C VAL C 43 20.46 13.52 1.38
N GLU C 44 19.71 12.47 1.60
CA GLU C 44 19.95 11.62 2.81
C GLU C 44 19.99 10.15 2.40
N GLY C 45 20.50 9.30 3.26
CA GLY C 45 20.57 7.85 2.92
C GLY C 45 21.36 7.66 1.62
N GLY C 46 21.39 6.46 1.10
CA GLY C 46 22.13 6.21 -0.16
C GLY C 46 21.40 6.88 -1.33
N HIS C 47 21.51 8.17 -1.46
CA HIS C 47 20.81 8.88 -2.56
C HIS C 47 21.71 9.99 -3.13
N ARG C 48 21.54 10.32 -4.39
CA ARG C 48 22.41 11.36 -5.04
C ARG C 48 21.57 12.58 -5.45
N ALA C 49 22.20 13.73 -5.58
CA ALA C 49 21.43 14.98 -5.92
C ALA C 49 21.53 15.35 -7.41
N ILE C 50 20.51 16.04 -7.89
CA ILE C 50 20.45 16.46 -9.33
C ILE C 50 20.03 17.96 -9.40
N PHE C 51 20.43 18.70 -10.43
CA PHE C 51 20.08 20.17 -10.48
C PHE C 51 19.22 20.57 -11.70
N PHE C 52 18.23 21.42 -11.48
CA PHE C 52 17.35 21.92 -12.59
C PHE C 52 16.61 23.19 -12.14
N ASN C 53 16.23 24.05 -13.06
CA ASN C 53 15.51 25.32 -12.67
C ASN C 53 14.13 25.43 -13.36
N ARG C 54 13.20 26.14 -12.75
CA ARG C 54 11.82 26.29 -13.35
C ARG C 54 11.91 26.61 -14.85
N ILE C 55 12.90 27.38 -15.23
CA ILE C 55 13.05 27.73 -16.69
C ILE C 55 14.03 26.78 -17.36
N GLY C 56 13.85 25.50 -17.18
CA GLY C 56 14.78 24.51 -17.82
C GLY C 56 14.04 23.20 -18.07
N GLY C 57 14.63 22.10 -17.72
CA GLY C 57 13.96 20.79 -17.94
C GLY C 57 13.95 19.98 -16.64
N VAL C 58 13.49 18.76 -16.69
CA VAL C 58 13.46 17.93 -15.45
C VAL C 58 14.41 16.73 -15.59
N GLN C 59 15.06 16.35 -14.52
CA GLN C 59 16.01 15.21 -14.61
C GLN C 59 15.58 14.10 -13.64
N GLN C 60 15.69 12.85 -14.04
CA GLN C 60 15.29 11.73 -13.13
C GLN C 60 15.67 10.38 -13.74
N ASP C 61 16.69 9.75 -13.21
CA ASP C 61 17.11 8.41 -13.75
C ASP C 61 18.24 7.82 -12.87
N THR C 62 19.45 8.29 -13.04
CA THR C 62 20.58 7.77 -12.23
C THR C 62 20.77 8.63 -10.97
N ILE C 63 21.97 8.68 -10.43
CA ILE C 63 22.21 9.51 -9.21
C ILE C 63 23.73 9.52 -8.88
N LEU C 64 24.30 10.70 -8.64
CA LEU C 64 25.79 10.82 -8.35
C LEU C 64 26.19 10.36 -6.92
N ALA C 65 26.20 11.25 -5.94
CA ALA C 65 26.61 10.84 -4.54
C ALA C 65 26.07 11.82 -3.49
N GLU C 66 26.52 11.71 -2.26
CA GLU C 66 26.02 12.63 -1.17
C GLU C 66 26.96 13.84 -1.01
N GLY C 67 26.42 14.94 -0.54
CA GLY C 67 27.23 16.18 -0.36
C GLY C 67 26.50 17.11 0.63
N LEU C 68 27.21 18.01 1.29
CA LEU C 68 26.49 18.91 2.24
C LEU C 68 26.16 20.23 1.53
N HIS C 69 24.91 20.42 1.20
CA HIS C 69 24.47 21.65 0.49
C HIS C 69 22.95 21.82 0.66
N PHE C 70 22.44 23.02 0.62
CA PHE C 70 20.97 23.21 0.78
C PHE C 70 20.40 23.96 -0.43
N ARG C 71 19.21 23.61 -0.86
CA ARG C 71 18.59 24.30 -2.03
C ARG C 71 18.13 25.70 -1.61
N ILE C 72 19.04 26.54 -1.20
CA ILE C 72 18.65 27.91 -0.77
C ILE C 72 19.39 28.99 -1.58
N PRO C 73 19.71 28.72 -2.83
CA PRO C 73 20.41 29.73 -3.66
C PRO C 73 19.41 30.77 -4.19
N TRP C 74 18.69 30.44 -5.22
CA TRP C 74 17.70 31.39 -5.79
C TRP C 74 16.65 30.64 -6.62
N PHE C 75 17.08 29.85 -7.56
CA PHE C 75 16.11 29.07 -8.39
C PHE C 75 16.49 27.58 -8.39
N GLN C 76 16.49 26.97 -7.23
CA GLN C 76 16.85 25.51 -7.15
C GLN C 76 15.58 24.66 -7.01
N TYR C 77 15.62 23.44 -7.45
CA TYR C 77 14.41 22.57 -7.38
C TYR C 77 14.72 21.21 -6.76
N PRO C 78 13.71 20.62 -6.14
CA PRO C 78 13.86 19.31 -5.52
C PRO C 78 13.30 18.19 -6.42
N ILE C 79 14.17 17.40 -7.00
CA ILE C 79 13.74 16.24 -7.84
C ILE C 79 14.94 15.29 -7.94
N ILE C 80 14.88 14.15 -7.28
CA ILE C 80 16.04 13.20 -7.32
C ILE C 80 15.56 11.77 -7.58
N TYR C 81 16.43 10.95 -8.13
CA TYR C 81 16.05 9.55 -8.45
C TYR C 81 16.58 8.61 -7.37
N ASP C 82 15.76 7.72 -6.87
CA ASP C 82 16.21 6.77 -5.81
C ASP C 82 16.26 5.34 -6.35
N ILE C 83 17.11 4.51 -5.80
CA ILE C 83 17.21 3.10 -6.27
C ILE C 83 15.95 2.32 -5.85
N ARG C 84 15.68 1.23 -6.52
CA ARG C 84 14.48 0.42 -6.17
C ARG C 84 14.45 -0.87 -7.01
N ALA C 85 13.85 -1.91 -6.49
CA ALA C 85 13.79 -3.19 -7.26
C ALA C 85 13.17 -2.96 -8.64
N ARG C 86 13.62 -3.65 -9.65
CA ARG C 86 13.04 -3.45 -11.01
C ARG C 86 12.62 -4.79 -11.63
N PRO C 87 11.33 -5.00 -11.73
CA PRO C 87 10.79 -6.23 -12.34
C PRO C 87 10.38 -5.97 -13.79
N ARG C 88 11.09 -6.51 -14.74
CA ARG C 88 10.73 -6.28 -16.17
C ARG C 88 11.34 -7.39 -17.05
N LYS C 89 10.54 -8.32 -17.56
CA LYS C 89 11.08 -9.44 -18.41
C LYS C 89 9.96 -10.12 -19.25
N ILE C 90 10.29 -10.72 -20.38
CA ILE C 90 9.24 -11.41 -21.22
C ILE C 90 9.77 -12.69 -21.88
N SER C 91 8.88 -13.61 -22.15
CA SER C 91 9.27 -14.86 -22.85
C SER C 91 8.82 -14.73 -24.31
N SER C 92 9.74 -14.60 -25.23
CA SER C 92 9.34 -14.44 -26.66
C SER C 92 9.80 -15.64 -27.51
N PRO C 93 8.91 -16.11 -28.36
CA PRO C 93 9.22 -17.24 -29.25
C PRO C 93 9.58 -16.72 -30.64
N THR C 94 10.81 -16.85 -31.04
CA THR C 94 11.22 -16.36 -32.40
C THR C 94 12.17 -17.35 -33.06
N GLY C 95 11.86 -17.79 -34.24
CA GLY C 95 12.74 -18.76 -34.95
C GLY C 95 13.08 -18.22 -36.34
N SER C 96 14.34 -18.12 -36.67
CA SER C 96 14.73 -17.61 -38.01
C SER C 96 16.00 -18.31 -38.51
N LYS C 97 17.02 -18.36 -37.69
CA LYS C 97 18.29 -19.03 -38.12
C LYS C 97 18.02 -20.51 -38.41
N ASP C 98 17.01 -21.08 -37.81
CA ASP C 98 16.69 -22.52 -38.07
C ASP C 98 15.28 -22.65 -38.64
N LEU C 99 14.82 -23.86 -38.83
CA LEU C 99 13.45 -24.07 -39.39
C LEU C 99 12.45 -24.34 -38.26
N GLN C 100 12.89 -24.97 -37.21
CA GLN C 100 11.98 -25.28 -36.08
C GLN C 100 11.58 -23.99 -35.35
N MET C 101 11.01 -24.10 -34.18
CA MET C 101 10.60 -22.89 -33.43
C MET C 101 11.60 -22.59 -32.30
N VAL C 102 12.21 -21.45 -32.33
CA VAL C 102 13.20 -21.10 -31.26
C VAL C 102 12.63 -20.00 -30.36
N ASN C 103 13.04 -19.96 -29.12
CA ASN C 103 12.53 -18.92 -28.20
C ASN C 103 13.70 -18.16 -27.55
N ILE C 104 13.49 -16.93 -27.20
CA ILE C 104 14.58 -16.13 -26.56
C ILE C 104 13.99 -15.13 -25.56
N SER C 105 14.69 -14.85 -24.50
CA SER C 105 14.18 -13.88 -23.48
C SER C 105 15.34 -13.33 -22.67
N LEU C 106 15.22 -12.12 -22.18
CA LEU C 106 16.33 -11.54 -21.36
C LEU C 106 15.81 -10.40 -20.49
N ARG C 107 16.45 -10.18 -19.36
CA ARG C 107 16.01 -9.09 -18.45
C ARG C 107 17.15 -8.10 -18.23
N VAL C 108 16.86 -6.82 -18.21
CA VAL C 108 17.94 -5.81 -18.00
C VAL C 108 17.88 -5.28 -16.57
N LEU C 109 18.99 -5.34 -15.86
CA LEU C 109 19.00 -4.84 -14.45
C LEU C 109 19.70 -3.47 -14.39
N SER C 110 19.15 -2.57 -13.62
CA SER C 110 19.77 -1.21 -13.52
C SER C 110 20.36 -1.00 -12.12
N ARG C 111 21.63 -0.73 -12.04
CA ARG C 111 22.29 -0.53 -10.71
C ARG C 111 22.88 0.88 -10.61
N PRO C 112 22.70 1.52 -9.49
CA PRO C 112 23.24 2.88 -9.29
C PRO C 112 24.75 2.83 -9.09
N ASN C 113 25.50 2.65 -10.14
CA ASN C 113 26.98 2.58 -10.01
C ASN C 113 27.58 4.00 -10.01
N ALA C 114 28.88 4.10 -9.89
CA ALA C 114 29.52 5.45 -9.89
C ALA C 114 29.41 6.10 -11.26
N GLN C 115 28.59 7.10 -11.40
CA GLN C 115 28.43 7.78 -12.72
C GLN C 115 27.81 9.16 -12.53
N GLU C 116 27.10 9.65 -13.51
CA GLU C 116 26.46 10.99 -13.38
C GLU C 116 25.06 11.00 -13.98
N LEU C 117 24.06 11.32 -13.19
CA LEU C 117 22.67 11.35 -13.71
C LEU C 117 22.40 12.65 -14.51
N PRO C 118 23.02 13.75 -14.16
CA PRO C 118 22.77 15.01 -14.89
C PRO C 118 23.27 14.91 -16.34
N SER C 119 24.47 14.44 -16.54
CA SER C 119 24.99 14.31 -17.95
C SER C 119 24.06 13.40 -18.74
N MET C 120 23.73 12.27 -18.18
CA MET C 120 22.82 11.31 -18.89
C MET C 120 21.35 11.71 -18.73
N TYR C 121 21.03 12.53 -17.76
CA TYR C 121 19.60 12.93 -17.56
C TYR C 121 18.97 13.37 -18.89
N GLN C 122 19.53 14.37 -19.53
CA GLN C 122 18.94 14.84 -20.83
C GLN C 122 19.39 13.92 -21.98
N ARG C 123 20.59 13.40 -21.91
CA ARG C 123 21.07 12.50 -23.00
C ARG C 123 20.25 11.20 -23.00
N LEU C 124 19.83 10.77 -21.84
CA LEU C 124 19.02 9.51 -21.76
C LEU C 124 17.56 9.80 -22.11
N GLY C 125 17.10 10.99 -21.82
CA GLY C 125 15.68 11.33 -22.13
C GLY C 125 15.09 12.15 -21.00
N LEU C 126 14.51 11.50 -20.02
CA LEU C 126 13.90 12.23 -18.88
C LEU C 126 13.52 11.25 -17.77
N ASP C 127 12.51 10.45 -17.99
CA ASP C 127 12.08 9.47 -16.96
C ASP C 127 11.17 8.41 -17.60
N TYR C 128 11.60 7.80 -18.66
CA TYR C 128 10.76 6.77 -19.33
C TYR C 128 11.60 5.52 -19.65
N GLU C 129 12.22 4.93 -18.66
CA GLU C 129 13.05 3.71 -18.91
C GLU C 129 12.23 2.67 -19.68
N GLU C 130 10.92 2.72 -19.59
CA GLU C 130 10.08 1.73 -20.32
C GLU C 130 10.39 1.76 -21.82
N ARG C 131 10.95 2.85 -22.30
CA ARG C 131 11.28 2.94 -23.75
C ARG C 131 12.61 2.23 -24.05
N VAL C 132 13.62 2.51 -23.27
CA VAL C 132 14.96 1.87 -23.51
C VAL C 132 15.00 0.45 -22.94
N LEU C 133 14.19 0.16 -21.96
CA LEU C 133 14.20 -1.21 -21.36
C LEU C 133 13.96 -2.29 -22.43
N PRO C 134 12.82 -2.21 -23.09
CA PRO C 134 12.49 -3.20 -24.14
C PRO C 134 13.27 -2.92 -25.42
N SER C 135 13.48 -1.67 -25.74
CA SER C 135 14.23 -1.34 -27.00
C SER C 135 15.55 -2.09 -27.08
N ILE C 136 16.42 -1.89 -26.12
CA ILE C 136 17.74 -2.60 -26.15
C ILE C 136 17.54 -4.11 -25.96
N VAL C 137 16.71 -4.51 -25.03
CA VAL C 137 16.47 -5.96 -24.80
C VAL C 137 15.77 -6.59 -26.00
N ASN C 138 14.60 -6.11 -26.34
CA ASN C 138 13.86 -6.68 -27.50
C ASN C 138 14.73 -6.64 -28.77
N GLU C 139 15.39 -5.56 -29.03
CA GLU C 139 16.25 -5.46 -30.24
C GLU C 139 17.33 -6.55 -30.22
N VAL C 140 18.17 -6.53 -29.22
CA VAL C 140 19.25 -7.56 -29.14
C VAL C 140 18.63 -8.96 -29.10
N LEU C 141 17.56 -9.12 -28.36
CA LEU C 141 16.90 -10.46 -28.28
C LEU C 141 16.46 -10.93 -29.66
N LYS C 142 15.91 -10.03 -30.44
CA LYS C 142 15.45 -10.42 -31.81
C LYS C 142 16.64 -10.53 -32.77
N SER C 143 17.70 -9.80 -32.51
CA SER C 143 18.89 -9.86 -33.41
C SER C 143 19.73 -11.10 -33.10
N VAL C 144 19.67 -11.59 -31.88
CA VAL C 144 20.47 -12.81 -31.53
C VAL C 144 19.77 -14.07 -32.02
N VAL C 145 18.46 -14.05 -32.11
CA VAL C 145 17.72 -15.26 -32.58
C VAL C 145 18.19 -15.65 -33.99
N ALA C 146 17.98 -14.79 -34.96
CA ALA C 146 18.41 -15.10 -36.35
C ALA C 146 19.90 -15.43 -36.39
N LYS C 147 20.65 -14.97 -35.42
CA LYS C 147 22.12 -15.25 -35.40
C LYS C 147 22.38 -16.68 -34.90
N PHE C 148 21.90 -17.01 -33.73
CA PHE C 148 22.12 -18.38 -33.19
C PHE C 148 21.10 -19.36 -33.79
N ASN C 149 21.37 -20.63 -33.73
CA ASN C 149 20.42 -21.63 -34.29
C ASN C 149 19.56 -22.24 -33.18
N ALA C 150 18.62 -23.09 -33.54
CA ALA C 150 17.74 -23.71 -32.50
C ALA C 150 18.46 -24.87 -31.81
N SER C 151 19.21 -25.64 -32.54
CA SER C 151 19.93 -26.80 -31.92
C SER C 151 20.79 -26.34 -30.74
N GLN C 152 21.48 -25.25 -30.89
CA GLN C 152 22.35 -24.74 -29.77
C GLN C 152 21.51 -23.99 -28.74
N LEU C 153 20.34 -23.53 -29.12
CA LEU C 153 19.49 -22.78 -28.15
C LEU C 153 18.76 -23.75 -27.22
N ILE C 154 18.04 -24.69 -27.77
CA ILE C 154 17.30 -25.67 -26.91
C ILE C 154 18.27 -26.42 -25.99
N THR C 155 19.52 -26.50 -26.36
CA THR C 155 20.51 -27.21 -25.51
C THR C 155 20.55 -26.60 -24.10
N GLN C 156 20.62 -25.30 -24.02
CA GLN C 156 20.67 -24.63 -22.68
C GLN C 156 20.41 -23.13 -22.84
N ARG C 157 19.38 -22.63 -22.21
CA ARG C 157 19.07 -21.17 -22.31
C ARG C 157 20.21 -20.33 -21.71
N ALA C 158 21.08 -20.95 -20.95
CA ALA C 158 22.20 -20.18 -20.33
C ALA C 158 23.33 -19.98 -21.34
N GLN C 159 23.56 -20.93 -22.20
CA GLN C 159 24.67 -20.79 -23.20
C GLN C 159 24.36 -19.66 -24.18
N VAL C 160 23.13 -19.55 -24.62
CA VAL C 160 22.79 -18.46 -25.58
C VAL C 160 23.03 -17.08 -24.94
N SER C 161 23.07 -17.01 -23.64
CA SER C 161 23.31 -15.70 -22.97
C SER C 161 24.80 -15.33 -23.01
N LEU C 162 25.64 -16.31 -23.22
CA LEU C 162 27.12 -16.03 -23.27
C LEU C 162 27.43 -15.00 -24.36
N LEU C 163 26.85 -15.15 -25.52
CA LEU C 163 27.13 -14.19 -26.63
C LEU C 163 26.28 -12.91 -26.46
N ILE C 164 25.18 -13.00 -25.77
CA ILE C 164 24.32 -11.79 -25.59
C ILE C 164 24.93 -10.83 -24.56
N ARG C 165 25.72 -11.34 -23.65
CA ARG C 165 26.34 -10.45 -22.62
C ARG C 165 27.34 -9.49 -23.28
N ARG C 166 27.86 -9.86 -24.42
CA ARG C 166 28.84 -8.96 -25.11
C ARG C 166 28.14 -7.71 -25.64
N GLU C 167 27.17 -7.89 -26.50
CA GLU C 167 26.44 -6.70 -27.05
C GLU C 167 25.75 -5.93 -25.92
N LEU C 168 25.36 -6.61 -24.88
CA LEU C 168 24.68 -5.92 -23.75
C LEU C 168 25.67 -5.01 -23.02
N THR C 169 26.94 -5.36 -23.04
CA THR C 169 27.95 -4.52 -22.35
C THR C 169 28.00 -3.13 -22.98
N GLU C 170 28.05 -3.06 -24.28
CA GLU C 170 28.10 -1.73 -24.96
C GLU C 170 26.70 -1.12 -25.04
N ARG C 171 25.70 -1.92 -25.28
CA ARG C 171 24.31 -1.39 -25.37
C ARG C 171 23.90 -0.75 -24.04
N ALA C 172 24.03 -1.46 -22.96
CA ALA C 172 23.64 -0.88 -21.63
C ALA C 172 24.50 0.33 -21.31
N LYS C 173 25.80 0.21 -21.44
CA LYS C 173 26.70 1.35 -21.15
C LYS C 173 26.42 2.52 -22.11
N ASP C 174 25.80 2.23 -23.22
CA ASP C 174 25.51 3.31 -24.21
C ASP C 174 24.67 4.43 -23.58
N PHE C 175 23.46 4.14 -23.20
CA PHE C 175 22.58 5.18 -22.59
C PHE C 175 23.26 5.82 -21.37
N SER C 176 24.10 5.09 -20.68
CA SER C 176 24.78 5.66 -19.48
C SER C 176 25.83 4.69 -18.94
N LEU C 177 26.46 5.01 -17.85
CA LEU C 177 27.49 4.08 -17.29
C LEU C 177 26.89 3.31 -16.10
N ILE C 178 26.68 2.03 -16.28
CA ILE C 178 26.09 1.21 -15.19
C ILE C 178 26.60 -0.24 -15.28
N LEU C 179 26.63 -0.93 -14.17
CA LEU C 179 27.11 -2.34 -14.19
C LEU C 179 25.91 -3.29 -14.16
N ASP C 180 25.68 -3.98 -15.25
CA ASP C 180 24.51 -4.91 -15.31
C ASP C 180 24.99 -6.37 -15.38
N ASP C 181 24.17 -7.27 -14.92
CA ASP C 181 24.56 -8.71 -14.95
C ASP C 181 23.88 -9.40 -16.14
N VAL C 182 24.54 -10.34 -16.78
CA VAL C 182 23.91 -11.00 -17.96
C VAL C 182 23.37 -12.39 -17.61
N ALA C 183 22.08 -12.52 -17.56
CA ALA C 183 21.43 -13.83 -17.26
C ALA C 183 19.98 -13.77 -17.72
N ILE C 184 19.39 -14.88 -18.09
CA ILE C 184 17.98 -14.81 -18.58
C ILE C 184 17.21 -16.11 -18.30
N THR C 185 15.94 -15.99 -18.02
CA THR C 185 15.10 -17.20 -17.81
C THR C 185 14.31 -17.43 -19.11
N GLU C 186 14.62 -18.46 -19.85
CA GLU C 186 13.92 -18.67 -21.15
C GLU C 186 13.38 -20.08 -21.32
N LEU C 187 12.32 -20.20 -22.08
CA LEU C 187 11.72 -21.53 -22.37
C LEU C 187 11.68 -21.69 -23.90
N SER C 188 12.10 -22.81 -24.41
CA SER C 188 12.10 -22.98 -25.90
C SER C 188 10.91 -23.82 -26.37
N PHE C 189 10.47 -23.58 -27.58
CA PHE C 189 9.31 -24.35 -28.13
C PHE C 189 9.81 -25.42 -29.10
N SER C 190 9.64 -26.67 -28.76
CA SER C 190 10.10 -27.76 -29.67
C SER C 190 9.04 -28.04 -30.75
N MET D 1 2.79 72.16 -2.13
CA MET D 1 2.28 71.56 -3.40
C MET D 1 1.93 70.09 -3.19
N ALA D 2 1.16 69.52 -4.09
CA ALA D 2 0.77 68.08 -3.95
C ALA D 2 0.15 67.84 -2.57
N GLN D 3 -1.14 67.99 -2.44
CA GLN D 3 -1.80 67.75 -1.13
C GLN D 3 -2.05 66.25 -0.91
N ASN D 4 -2.23 65.52 -1.98
CA ASN D 4 -2.47 64.06 -1.84
C ASN D 4 -1.23 63.35 -1.29
N LEU D 5 -0.07 63.91 -1.54
CA LEU D 5 1.19 63.28 -1.02
C LEU D 5 1.42 63.66 0.43
N LYS D 6 0.93 64.80 0.84
CA LYS D 6 1.12 65.22 2.26
C LYS D 6 0.39 64.27 3.21
N ASP D 7 -0.82 63.91 2.87
CA ASP D 7 -1.59 62.99 3.76
C ASP D 7 -1.08 61.55 3.61
N LEU D 8 -0.54 61.22 2.47
CA LEU D 8 -0.02 59.83 2.27
C LEU D 8 1.17 59.57 3.20
N ALA D 9 2.01 60.56 3.39
CA ALA D 9 3.19 60.38 4.28
C ALA D 9 2.73 60.10 5.71
N GLY D 10 1.54 60.52 6.06
CA GLY D 10 1.02 60.28 7.44
C GLY D 10 0.52 58.85 7.58
N ARG D 11 0.24 58.20 6.48
CA ARG D 11 -0.26 56.79 6.55
C ARG D 11 0.79 55.88 7.18
N LEU D 12 2.03 56.06 6.84
CA LEU D 12 3.10 55.20 7.43
C LEU D 12 3.15 55.35 8.95
N PRO D 13 3.37 56.57 9.41
CA PRO D 13 3.43 56.83 10.87
C PRO D 13 2.03 56.73 11.49
N ALA D 14 1.89 57.14 12.72
CA ALA D 14 0.55 57.09 13.39
C ALA D 14 -0.04 55.68 13.27
N GLY D 15 0.79 54.67 13.34
CA GLY D 15 0.27 53.28 13.24
C GLY D 15 1.13 52.35 14.11
N PRO D 16 1.08 52.58 15.40
CA PRO D 16 1.86 51.75 16.35
C PRO D 16 1.23 50.36 16.50
N ARG D 17 -0.04 50.31 16.80
CA ARG D 17 -0.72 48.99 16.97
C ARG D 17 -0.88 48.32 15.60
N GLY D 18 -0.99 49.10 14.55
CA GLY D 18 -1.14 48.50 13.18
C GLY D 18 0.11 47.69 12.83
N MET D 19 1.25 48.13 13.28
CA MET D 19 2.51 47.39 12.97
C MET D 19 2.66 46.19 13.92
N GLY D 20 2.31 46.36 15.16
CA GLY D 20 2.44 45.23 16.14
C GLY D 20 1.51 44.09 15.71
N THR D 21 0.27 44.40 15.43
CA THR D 21 -0.68 43.33 15.00
C THR D 21 -0.27 42.76 13.63
N ALA D 22 0.43 43.54 12.84
CA ALA D 22 0.86 43.04 11.50
C ALA D 22 1.70 41.76 11.65
N LEU D 23 2.42 41.63 12.73
CA LEU D 23 3.26 40.41 12.93
C LEU D 23 2.37 39.17 12.98
N LYS D 24 1.24 39.26 13.63
CA LYS D 24 0.32 38.08 13.71
C LYS D 24 0.00 37.57 12.30
N LEU D 25 0.00 38.45 11.33
CA LEU D 25 -0.31 38.03 9.93
C LEU D 25 0.84 37.18 9.37
N LEU D 26 2.06 37.62 9.57
CA LEU D 26 3.22 36.84 9.03
C LEU D 26 3.27 35.45 9.69
N LEU D 27 2.74 35.33 10.88
CA LEU D 27 2.77 34.00 11.57
C LEU D 27 1.74 33.05 10.95
N GLY D 28 0.52 33.49 10.81
CA GLY D 28 -0.53 32.61 10.21
C GLY D 28 -0.14 32.25 8.78
N ALA D 29 0.51 33.15 8.09
CA ALA D 29 0.92 32.87 6.68
C ALA D 29 1.87 31.66 6.63
N GLY D 30 2.62 31.45 7.68
CA GLY D 30 3.56 30.29 7.70
C GLY D 30 2.79 29.00 7.90
N ALA D 31 1.67 29.06 8.60
CA ALA D 31 0.87 27.82 8.83
C ALA D 31 0.02 27.51 7.59
N VAL D 32 -0.50 28.51 6.94
CA VAL D 32 -1.33 28.28 5.73
C VAL D 32 -0.50 27.57 4.66
N ALA D 33 0.79 27.72 4.68
CA ALA D 33 1.65 27.06 3.66
C ALA D 33 1.67 25.55 3.89
N TYR D 34 1.49 25.12 5.10
CA TYR D 34 1.49 23.65 5.39
C TYR D 34 0.39 22.95 4.60
N GLY D 35 -0.81 23.45 4.67
CA GLY D 35 -1.94 22.83 3.92
C GLY D 35 -1.64 22.85 2.42
N VAL D 36 -0.96 23.87 1.96
CA VAL D 36 -0.63 23.94 0.50
C VAL D 36 0.58 23.06 0.20
N ARG D 37 1.47 22.89 1.15
CA ARG D 37 2.68 22.04 0.91
C ARG D 37 2.28 20.65 0.41
N GLU D 38 1.13 20.17 0.80
CA GLU D 38 0.69 18.82 0.34
C GLU D 38 0.25 18.86 -1.14
N SER D 39 -0.23 19.99 -1.64
CA SER D 39 -0.67 20.05 -3.08
C SER D 39 -0.03 21.25 -3.81
N VAL D 40 -0.28 21.38 -5.11
CA VAL D 40 0.32 22.51 -5.90
C VAL D 40 -0.20 22.51 -7.35
N PHE D 41 0.07 23.54 -8.12
CA PHE D 41 -0.41 23.58 -9.55
C PHE D 41 0.78 23.50 -10.53
N THR D 42 1.80 24.31 -10.35
CA THR D 42 2.97 24.25 -11.30
C THR D 42 3.49 22.83 -11.40
N VAL D 43 3.42 22.23 -12.57
CA VAL D 43 3.93 20.84 -12.73
C VAL D 43 5.38 20.74 -12.28
N GLU D 44 5.65 19.92 -11.30
CA GLU D 44 7.06 19.78 -10.80
C GLU D 44 7.99 19.36 -11.93
N GLY D 45 7.92 18.13 -12.35
CA GLY D 45 8.81 17.67 -13.46
C GLY D 45 8.42 16.25 -13.89
N GLY D 46 8.79 15.87 -15.08
CA GLY D 46 8.44 14.49 -15.56
C GLY D 46 6.92 14.37 -15.73
N HIS D 47 6.21 15.47 -15.72
CA HIS D 47 4.73 15.40 -15.88
C HIS D 47 4.24 16.62 -16.68
N ARG D 48 3.14 16.48 -17.36
CA ARG D 48 2.61 17.62 -18.20
C ARG D 48 1.31 18.19 -17.59
N ALA D 49 0.99 19.42 -17.91
CA ALA D 49 -0.22 20.07 -17.30
C ALA D 49 -1.44 20.03 -18.22
N ILE D 50 -2.61 20.05 -17.62
CA ILE D 50 -3.90 19.99 -18.38
C ILE D 50 -4.82 21.12 -17.87
N PHE D 51 -5.74 21.62 -18.70
CA PHE D 51 -6.61 22.76 -18.23
C PHE D 51 -8.12 22.48 -18.33
N PHE D 52 -8.86 22.88 -17.33
CA PHE D 52 -10.35 22.70 -17.32
C PHE D 52 -10.99 23.63 -16.28
N ASN D 53 -12.24 24.02 -16.47
CA ASN D 53 -12.91 24.92 -15.49
C ASN D 53 -14.26 24.34 -15.03
N ARG D 54 -14.71 24.68 -13.84
CA ARG D 54 -16.02 24.14 -13.34
C ARG D 54 -17.16 24.51 -14.29
N ILE D 55 -17.39 23.70 -15.30
CA ILE D 55 -18.49 23.98 -16.27
C ILE D 55 -19.12 22.68 -16.74
N GLY D 56 -18.37 21.86 -17.43
CA GLY D 56 -18.92 20.57 -17.93
C GLY D 56 -17.95 19.97 -18.96
N GLY D 57 -17.03 19.15 -18.52
CA GLY D 57 -16.06 18.54 -19.46
C GLY D 57 -14.67 18.51 -18.82
N VAL D 58 -14.50 17.71 -17.80
CA VAL D 58 -13.17 17.65 -17.11
C VAL D 58 -12.06 17.30 -18.12
N GLN D 59 -10.82 17.45 -17.73
CA GLN D 59 -9.70 17.13 -18.66
C GLN D 59 -8.66 16.27 -17.95
N GLN D 60 -8.11 15.29 -18.62
CA GLN D 60 -7.08 14.41 -17.99
C GLN D 60 -6.52 13.44 -19.02
N ASP D 61 -5.92 12.36 -18.58
CA ASP D 61 -5.34 11.36 -19.53
C ASP D 61 -4.24 12.00 -20.38
N THR D 62 -3.19 11.27 -20.66
CA THR D 62 -2.07 11.83 -21.50
C THR D 62 -1.50 13.11 -20.88
N ILE D 63 -0.32 13.51 -21.29
CA ILE D 63 0.29 14.75 -20.72
C ILE D 63 1.27 15.38 -21.76
N LEU D 64 1.31 16.71 -21.85
CA LEU D 64 2.20 17.41 -22.85
C LEU D 64 3.64 17.67 -22.34
N ALA D 65 3.92 18.83 -21.76
CA ALA D 65 5.33 19.14 -21.30
C ALA D 65 5.35 19.95 -19.99
N GLU D 66 6.51 20.43 -19.58
CA GLU D 66 6.62 21.24 -18.31
C GLU D 66 6.62 22.75 -18.63
N GLY D 67 6.18 23.55 -17.69
CA GLY D 67 6.14 25.03 -17.93
C GLY D 67 6.08 25.76 -16.57
N LEU D 68 6.50 27.01 -16.52
CA LEU D 68 6.44 27.74 -15.21
C LEU D 68 5.16 28.57 -15.18
N HIS D 69 4.19 28.15 -14.40
CA HIS D 69 2.89 28.88 -14.30
C HIS D 69 2.18 28.49 -13.00
N PHE D 70 1.36 29.36 -12.47
CA PHE D 70 0.63 29.03 -11.20
C PHE D 70 -0.88 29.12 -11.40
N ARG D 71 -1.62 28.19 -10.85
CA ARG D 71 -3.11 28.23 -11.01
C ARG D 71 -3.72 29.11 -9.91
N ILE D 72 -4.58 28.55 -9.08
CA ILE D 72 -5.23 29.35 -7.98
C ILE D 72 -5.58 30.78 -8.45
N PRO D 73 -6.21 30.89 -9.61
CA PRO D 73 -6.58 32.20 -10.15
C PRO D 73 -8.05 32.51 -9.80
N TRP D 74 -8.96 31.78 -10.39
CA TRP D 74 -10.41 32.02 -10.11
C TRP D 74 -11.27 30.93 -10.77
N PHE D 75 -10.87 30.45 -11.93
CA PHE D 75 -11.69 29.39 -12.61
C PHE D 75 -10.78 28.29 -13.19
N GLN D 76 -9.60 28.13 -12.66
CA GLN D 76 -8.69 27.06 -13.18
C GLN D 76 -8.70 25.86 -12.24
N TYR D 77 -8.44 24.68 -12.75
CA TYR D 77 -8.48 23.47 -11.88
C TYR D 77 -7.21 22.62 -12.02
N PRO D 78 -6.89 21.92 -10.95
CA PRO D 78 -5.72 21.03 -10.95
C PRO D 78 -6.12 19.57 -11.18
N ILE D 79 -5.82 19.04 -12.33
CA ILE D 79 -6.11 17.61 -12.64
C ILE D 79 -5.18 17.20 -13.79
N ILE D 80 -4.20 16.37 -13.52
CA ILE D 80 -3.23 15.99 -14.59
C ILE D 80 -3.02 14.46 -14.64
N TYR D 81 -2.61 13.96 -15.77
CA TYR D 81 -2.39 12.49 -15.92
C TYR D 81 -0.91 12.16 -15.73
N ASP D 82 -0.60 10.99 -15.26
CA ASP D 82 0.83 10.62 -15.05
C ASP D 82 1.16 9.29 -15.74
N ILE D 83 2.40 9.11 -16.14
CA ILE D 83 2.79 7.85 -16.82
C ILE D 83 3.03 6.73 -15.81
N ARG D 84 2.94 5.50 -16.22
CA ARG D 84 3.17 4.35 -15.28
C ARG D 84 3.11 3.03 -16.04
N ALA D 85 3.69 1.99 -15.49
CA ALA D 85 3.66 0.66 -16.18
C ALA D 85 2.21 0.23 -16.43
N ARG D 86 1.99 -0.61 -17.42
CA ARG D 86 0.59 -1.06 -17.70
C ARG D 86 0.56 -2.55 -18.06
N PRO D 87 0.03 -3.35 -17.18
CA PRO D 87 -0.08 -4.80 -17.40
C PRO D 87 -1.51 -5.13 -17.87
N ARG D 88 -1.68 -5.52 -19.11
CA ARG D 88 -3.05 -5.85 -19.60
C ARG D 88 -2.97 -6.75 -20.86
N LYS D 89 -3.30 -8.04 -20.74
CA LYS D 89 -3.23 -8.99 -21.91
C LYS D 89 -4.09 -10.26 -21.69
N ILE D 90 -4.56 -10.92 -22.73
CA ILE D 90 -5.40 -12.17 -22.55
C ILE D 90 -5.06 -13.27 -23.56
N SER D 91 -5.29 -14.50 -23.19
CA SER D 91 -5.07 -15.63 -24.12
C SER D 91 -6.43 -16.08 -24.67
N SER D 92 -6.69 -15.85 -25.94
CA SER D 92 -8.01 -16.25 -26.51
C SER D 92 -7.85 -17.09 -27.78
N PRO D 93 -8.52 -18.22 -27.81
CA PRO D 93 -8.47 -19.11 -28.98
C PRO D 93 -9.70 -18.89 -29.86
N THR D 94 -9.52 -18.34 -31.04
CA THR D 94 -10.67 -18.10 -31.95
C THR D 94 -10.35 -18.60 -33.36
N GLY D 95 -11.18 -19.45 -33.90
CA GLY D 95 -10.93 -19.97 -35.28
C GLY D 95 -11.97 -19.41 -36.23
N SER D 96 -11.59 -19.14 -37.46
CA SER D 96 -12.55 -18.58 -38.44
C SER D 96 -12.10 -18.90 -39.87
N LYS D 97 -10.94 -18.42 -40.24
CA LYS D 97 -10.42 -18.70 -41.62
C LYS D 97 -10.22 -20.21 -41.82
N ASP D 98 -9.58 -20.84 -40.88
CA ASP D 98 -9.34 -22.31 -41.01
C ASP D 98 -10.21 -23.09 -40.01
N LEU D 99 -10.68 -24.25 -40.38
CA LEU D 99 -11.54 -25.04 -39.46
C LEU D 99 -10.78 -25.36 -38.17
N GLN D 100 -9.48 -25.40 -38.23
CA GLN D 100 -8.68 -25.71 -37.01
C GLN D 100 -8.88 -24.62 -35.96
N MET D 101 -8.06 -24.58 -34.95
CA MET D 101 -8.20 -23.54 -33.89
C MET D 101 -7.06 -22.53 -33.98
N VAL D 102 -7.36 -21.26 -33.85
CA VAL D 102 -6.29 -20.23 -33.92
C VAL D 102 -6.40 -19.27 -32.73
N ASN D 103 -5.33 -19.09 -31.99
CA ASN D 103 -5.38 -18.17 -30.83
C ASN D 103 -4.62 -16.89 -31.14
N ILE D 104 -5.08 -15.78 -30.61
CA ILE D 104 -4.38 -14.49 -30.87
C ILE D 104 -4.31 -13.67 -29.59
N SER D 105 -3.14 -13.50 -29.04
CA SER D 105 -3.00 -12.72 -27.78
C SER D 105 -1.88 -11.69 -27.94
N LEU D 106 -2.22 -10.44 -28.01
CA LEU D 106 -1.17 -9.38 -28.16
C LEU D 106 -1.33 -8.32 -27.06
N ARG D 107 -0.24 -7.88 -26.50
CA ARG D 107 -0.31 -6.85 -25.43
C ARG D 107 0.06 -5.48 -26.00
N VAL D 108 -0.68 -4.46 -25.66
CA VAL D 108 -0.38 -3.10 -26.19
C VAL D 108 0.32 -2.27 -25.11
N LEU D 109 1.17 -1.36 -25.51
CA LEU D 109 1.88 -0.50 -24.51
C LEU D 109 1.25 0.89 -24.45
N SER D 110 1.26 1.51 -23.30
CA SER D 110 0.65 2.87 -23.17
C SER D 110 1.74 3.93 -23.01
N ARG D 111 1.76 4.91 -23.86
CA ARG D 111 2.80 5.97 -23.76
C ARG D 111 2.30 7.27 -24.43
N PRO D 112 2.09 8.28 -23.62
CA PRO D 112 1.63 9.58 -24.16
C PRO D 112 2.76 10.28 -24.91
N ASN D 113 2.55 11.50 -25.34
CA ASN D 113 3.61 12.23 -26.06
C ASN D 113 3.29 13.73 -26.12
N ALA D 114 3.92 14.44 -27.02
CA ALA D 114 3.66 15.91 -27.13
C ALA D 114 2.34 16.16 -27.87
N GLN D 115 1.56 17.11 -27.43
CA GLN D 115 0.27 17.41 -28.10
C GLN D 115 -0.59 16.15 -28.21
N GLU D 116 -1.34 15.84 -27.19
CA GLU D 116 -2.20 14.62 -27.23
C GLU D 116 -3.24 14.63 -26.11
N LEU D 117 -2.90 15.17 -24.97
CA LEU D 117 -3.89 15.20 -23.84
C LEU D 117 -4.91 16.35 -24.00
N PRO D 118 -4.53 17.42 -24.66
CA PRO D 118 -5.46 18.56 -24.81
C PRO D 118 -6.46 18.33 -25.95
N SER D 119 -5.96 18.12 -27.14
CA SER D 119 -6.86 17.92 -28.31
C SER D 119 -7.41 16.49 -28.38
N MET D 120 -6.59 15.51 -28.08
CA MET D 120 -7.06 14.10 -28.19
C MET D 120 -7.88 13.66 -26.97
N TYR D 121 -7.78 14.33 -25.85
CA TYR D 121 -8.57 13.89 -24.65
C TYR D 121 -10.08 13.94 -24.95
N GLN D 122 -10.64 15.11 -25.14
CA GLN D 122 -12.11 15.19 -25.41
C GLN D 122 -12.50 14.22 -26.52
N ARG D 123 -11.62 14.01 -27.47
CA ARG D 123 -11.92 13.05 -28.57
C ARG D 123 -11.67 11.63 -28.07
N LEU D 124 -10.79 11.48 -27.11
CA LEU D 124 -10.49 10.13 -26.56
C LEU D 124 -11.59 9.71 -25.58
N GLY D 125 -12.00 10.61 -24.72
CA GLY D 125 -13.06 10.27 -23.73
C GLY D 125 -12.62 10.73 -22.33
N LEU D 126 -13.14 10.11 -21.31
CA LEU D 126 -12.75 10.50 -19.92
C LEU D 126 -11.99 9.36 -19.24
N ASP D 127 -10.73 9.20 -19.58
CA ASP D 127 -9.92 8.11 -18.96
C ASP D 127 -10.64 6.77 -19.11
N TYR D 128 -10.97 6.40 -20.32
CA TYR D 128 -11.67 5.10 -20.54
C TYR D 128 -10.76 4.11 -21.28
N GLU D 129 -9.48 4.12 -20.99
CA GLU D 129 -8.54 3.19 -21.67
C GLU D 129 -8.99 1.74 -21.45
N GLU D 130 -9.72 1.48 -20.41
CA GLU D 130 -10.18 0.09 -20.14
C GLU D 130 -11.10 -0.39 -21.27
N ARG D 131 -11.98 0.45 -21.74
CA ARG D 131 -12.90 0.03 -22.83
C ARG D 131 -12.21 0.15 -24.21
N VAL D 132 -11.25 1.03 -24.32
CA VAL D 132 -10.56 1.21 -25.63
C VAL D 132 -9.49 0.12 -25.85
N LEU D 133 -8.71 -0.17 -24.85
CA LEU D 133 -7.64 -1.21 -24.99
C LEU D 133 -8.20 -2.49 -25.65
N PRO D 134 -9.24 -3.02 -25.07
CA PRO D 134 -9.85 -4.26 -25.61
C PRO D 134 -10.64 -3.95 -26.89
N SER D 135 -11.46 -2.93 -26.88
CA SER D 135 -12.26 -2.59 -28.10
C SER D 135 -11.36 -2.56 -29.34
N ILE D 136 -10.19 -1.99 -29.22
CA ILE D 136 -9.27 -1.95 -30.40
C ILE D 136 -8.55 -3.29 -30.57
N VAL D 137 -7.93 -3.78 -29.52
CA VAL D 137 -7.21 -5.08 -29.63
C VAL D 137 -8.19 -6.23 -29.81
N ASN D 138 -9.08 -6.44 -28.87
CA ASN D 138 -10.07 -7.54 -28.98
C ASN D 138 -10.74 -7.54 -30.36
N GLU D 139 -10.91 -6.38 -30.94
CA GLU D 139 -11.55 -6.31 -32.29
C GLU D 139 -10.55 -6.66 -33.38
N VAL D 140 -9.37 -6.11 -33.31
CA VAL D 140 -8.34 -6.40 -34.34
C VAL D 140 -7.90 -7.87 -34.25
N LEU D 141 -7.63 -8.34 -33.07
CA LEU D 141 -7.20 -9.77 -32.91
C LEU D 141 -8.30 -10.71 -33.43
N LYS D 142 -9.53 -10.39 -33.15
CA LYS D 142 -10.65 -11.26 -33.64
C LYS D 142 -10.95 -10.96 -35.11
N SER D 143 -10.70 -9.76 -35.54
CA SER D 143 -10.97 -9.40 -36.96
C SER D 143 -9.83 -9.88 -37.87
N VAL D 144 -8.63 -9.88 -37.37
CA VAL D 144 -7.47 -10.34 -38.21
C VAL D 144 -7.39 -11.87 -38.24
N VAL D 145 -7.60 -12.52 -37.13
CA VAL D 145 -7.53 -14.02 -37.11
C VAL D 145 -8.45 -14.60 -38.18
N ALA D 146 -9.58 -13.97 -38.41
CA ALA D 146 -10.52 -14.49 -39.44
C ALA D 146 -9.88 -14.41 -40.83
N LYS D 147 -9.12 -13.38 -41.09
CA LYS D 147 -8.47 -13.25 -42.42
C LYS D 147 -7.21 -14.11 -42.49
N PHE D 148 -6.46 -14.15 -41.41
CA PHE D 148 -5.21 -14.97 -41.41
C PHE D 148 -5.56 -16.47 -41.36
N ASN D 149 -4.60 -17.32 -41.63
CA ASN D 149 -4.88 -18.78 -41.61
C ASN D 149 -4.38 -19.40 -40.30
N ALA D 150 -4.80 -20.59 -39.99
CA ALA D 150 -4.37 -21.25 -38.73
C ALA D 150 -2.97 -21.86 -38.90
N SER D 151 -2.78 -22.63 -39.94
CA SER D 151 -1.44 -23.26 -40.17
C SER D 151 -0.35 -22.19 -40.26
N GLN D 152 -0.59 -21.15 -41.01
CA GLN D 152 0.43 -20.06 -41.14
C GLN D 152 0.68 -19.40 -39.78
N LEU D 153 -0.29 -19.43 -38.91
CA LEU D 153 -0.11 -18.80 -37.57
C LEU D 153 0.68 -19.72 -36.65
N ILE D 154 0.40 -21.00 -36.69
CA ILE D 154 1.15 -21.96 -35.82
C ILE D 154 2.63 -21.95 -36.16
N THR D 155 2.97 -21.70 -37.40
CA THR D 155 4.40 -21.69 -37.81
C THR D 155 5.17 -20.66 -36.98
N GLN D 156 4.54 -19.56 -36.65
CA GLN D 156 5.24 -18.52 -35.83
C GLN D 156 4.23 -17.48 -35.35
N ARG D 157 3.99 -17.41 -34.07
CA ARG D 157 3.02 -16.42 -33.53
C ARG D 157 3.46 -15.00 -33.90
N ALA D 158 4.73 -14.81 -34.17
CA ALA D 158 5.22 -13.45 -34.54
C ALA D 158 4.94 -13.15 -36.02
N GLN D 159 4.85 -14.16 -36.84
CA GLN D 159 4.60 -13.93 -38.30
C GLN D 159 3.34 -13.09 -38.49
N VAL D 160 2.30 -13.36 -37.75
CA VAL D 160 1.05 -12.56 -37.89
C VAL D 160 1.17 -11.21 -37.19
N SER D 161 2.10 -11.09 -36.27
CA SER D 161 2.27 -9.80 -35.55
C SER D 161 2.50 -8.64 -36.54
N LEU D 162 2.96 -8.94 -37.72
CA LEU D 162 3.20 -7.87 -38.73
C LEU D 162 1.88 -7.45 -39.41
N LEU D 163 1.16 -8.40 -39.93
CA LEU D 163 -0.12 -8.07 -40.62
C LEU D 163 -1.13 -7.49 -39.62
N ILE D 164 -1.11 -7.95 -38.40
CA ILE D 164 -2.07 -7.43 -37.39
C ILE D 164 -1.61 -6.07 -36.84
N ARG D 165 -0.32 -5.81 -36.87
CA ARG D 165 0.19 -4.52 -36.35
C ARG D 165 -0.09 -3.39 -37.35
N ARG D 166 -0.22 -3.73 -38.61
CA ARG D 166 -0.49 -2.68 -39.64
C ARG D 166 -1.81 -1.95 -39.32
N GLU D 167 -2.86 -2.69 -39.06
CA GLU D 167 -4.17 -2.06 -38.74
C GLU D 167 -4.19 -1.58 -37.29
N LEU D 168 -3.42 -2.21 -36.44
CA LEU D 168 -3.39 -1.80 -35.00
C LEU D 168 -2.67 -0.47 -34.84
N THR D 169 -1.62 -0.25 -35.59
CA THR D 169 -0.87 1.04 -35.48
C THR D 169 -1.78 2.22 -35.86
N GLU D 170 -2.71 2.00 -36.75
CA GLU D 170 -3.63 3.11 -37.15
C GLU D 170 -4.66 3.36 -36.06
N ARG D 171 -5.14 2.32 -35.43
CA ARG D 171 -6.17 2.51 -34.35
C ARG D 171 -5.51 3.09 -33.10
N ALA D 172 -4.23 2.87 -32.92
CA ALA D 172 -3.54 3.43 -31.72
C ALA D 172 -3.58 4.96 -31.74
N LYS D 173 -3.28 5.55 -32.87
CA LYS D 173 -3.31 7.03 -32.96
C LYS D 173 -4.73 7.56 -32.85
N ASP D 174 -5.70 6.74 -33.18
CA ASP D 174 -7.13 7.20 -33.09
C ASP D 174 -7.45 7.68 -31.67
N PHE D 175 -6.70 7.23 -30.69
CA PHE D 175 -6.96 7.67 -29.29
C PHE D 175 -5.74 8.39 -28.72
N SER D 176 -5.88 9.01 -27.58
CA SER D 176 -4.72 9.74 -26.97
C SER D 176 -3.68 8.74 -26.47
N LEU D 177 -2.99 8.07 -27.37
CA LEU D 177 -1.96 7.09 -26.95
C LEU D 177 -0.94 6.89 -28.06
N ILE D 178 0.28 7.33 -27.86
CA ILE D 178 1.33 7.17 -28.91
C ILE D 178 2.27 6.02 -28.52
N LEU D 179 2.23 4.93 -29.24
CA LEU D 179 3.11 3.78 -28.90
C LEU D 179 3.29 2.87 -30.12
N ASP D 180 4.47 2.84 -30.68
CA ASP D 180 4.70 1.95 -31.85
C ASP D 180 5.50 0.72 -31.42
N ASP D 181 4.87 -0.43 -31.42
CA ASP D 181 5.57 -1.67 -31.00
C ASP D 181 4.87 -2.91 -31.56
N VAL D 182 5.55 -3.69 -32.34
CA VAL D 182 4.90 -4.92 -32.90
C VAL D 182 5.37 -6.16 -32.14
N ALA D 183 4.49 -6.75 -31.37
CA ALA D 183 4.86 -7.96 -30.58
C ALA D 183 3.61 -8.73 -30.17
N ILE D 184 3.72 -10.01 -29.97
CA ILE D 184 2.53 -10.79 -29.56
C ILE D 184 2.91 -12.08 -28.83
N THR D 185 2.51 -12.20 -27.59
CA THR D 185 2.80 -13.45 -26.83
C THR D 185 1.52 -14.30 -26.85
N GLU D 186 1.51 -15.38 -27.57
CA GLU D 186 0.25 -16.18 -27.65
C GLU D 186 0.51 -17.64 -28.02
N LEU D 187 -0.36 -18.51 -27.58
CA LEU D 187 -0.22 -19.95 -27.91
C LEU D 187 -1.49 -20.38 -28.66
N SER D 188 -1.35 -21.07 -29.75
CA SER D 188 -2.56 -21.47 -30.54
C SER D 188 -2.94 -22.94 -30.30
N PHE D 189 -4.20 -23.25 -30.45
CA PHE D 189 -4.68 -24.65 -30.23
C PHE D 189 -4.87 -25.35 -31.58
N SER D 190 -4.58 -26.63 -31.64
CA SER D 190 -4.75 -27.36 -32.92
C SER D 190 -5.22 -28.80 -32.65
N MET E 1 -30.41 61.69 3.01
CA MET E 1 -29.78 61.78 4.36
C MET E 1 -30.82 61.47 5.44
N ALA E 2 -31.13 60.22 5.65
CA ALA E 2 -32.12 59.85 6.68
C ALA E 2 -31.44 59.69 8.05
N GLN E 3 -32.19 59.75 9.12
CA GLN E 3 -31.58 59.60 10.47
C GLN E 3 -31.01 58.19 10.63
N ASN E 4 -31.58 57.22 9.96
CA ASN E 4 -31.07 55.83 10.07
C ASN E 4 -29.63 55.75 9.58
N LEU E 5 -29.29 56.55 8.61
CA LEU E 5 -27.89 56.52 8.08
C LEU E 5 -26.92 57.14 9.09
N LYS E 6 -27.36 58.13 9.81
CA LYS E 6 -26.48 58.78 10.82
C LYS E 6 -26.09 57.77 11.91
N ASP E 7 -26.98 56.89 12.26
CA ASP E 7 -26.67 55.88 13.30
C ASP E 7 -25.78 54.77 12.72
N LEU E 8 -25.98 54.43 11.47
CA LEU E 8 -25.16 53.35 10.85
C LEU E 8 -23.71 53.82 10.70
N ALA E 9 -23.51 54.95 10.07
CA ALA E 9 -22.12 55.45 9.87
C ALA E 9 -21.46 55.72 11.22
N GLY E 10 -22.21 56.19 12.18
CA GLY E 10 -21.64 56.46 13.53
C GLY E 10 -21.19 55.16 14.18
N ARG E 11 -21.70 54.04 13.73
CA ARG E 11 -21.31 52.73 14.33
C ARG E 11 -19.82 52.45 14.08
N LEU E 12 -19.25 53.05 13.08
CA LEU E 12 -17.80 52.80 12.79
C LEU E 12 -16.91 53.52 13.81
N PRO E 13 -17.03 54.82 13.89
CA PRO E 13 -16.22 55.60 14.85
C PRO E 13 -16.70 55.35 16.29
N ALA E 14 -16.20 54.31 16.92
CA ALA E 14 -16.63 54.01 18.32
C ALA E 14 -15.71 52.95 18.94
N GLY E 15 -15.76 51.74 18.44
CA GLY E 15 -14.90 50.67 19.01
C GLY E 15 -13.86 50.24 17.97
N PRO E 16 -12.71 50.86 18.03
CA PRO E 16 -11.62 50.54 17.07
C PRO E 16 -11.01 49.17 17.42
N ARG E 17 -11.07 48.78 18.66
CA ARG E 17 -10.50 47.46 19.05
C ARG E 17 -11.16 46.33 18.25
N GLY E 18 -12.38 46.53 17.81
CA GLY E 18 -13.08 45.47 17.03
C GLY E 18 -12.33 45.24 15.72
N MET E 19 -11.66 46.24 15.21
CA MET E 19 -10.92 46.07 13.93
C MET E 19 -9.58 45.38 14.19
N GLY E 20 -8.90 45.76 15.24
CA GLY E 20 -7.58 45.12 15.55
C GLY E 20 -7.79 43.62 15.84
N THR E 21 -8.90 43.27 16.43
CA THR E 21 -9.16 41.83 16.74
C THR E 21 -9.62 41.09 15.48
N ALA E 22 -10.21 41.80 14.55
CA ALA E 22 -10.68 41.13 13.30
C ALA E 22 -9.52 40.43 12.59
N LEU E 23 -8.32 40.90 12.79
CA LEU E 23 -7.14 40.25 12.13
C LEU E 23 -7.01 38.80 12.59
N LYS E 24 -7.17 38.55 13.86
CA LYS E 24 -7.06 37.14 14.37
C LYS E 24 -8.03 36.23 13.62
N LEU E 25 -9.13 36.76 13.17
CA LEU E 25 -10.13 35.94 12.43
C LEU E 25 -9.57 35.54 11.06
N LEU E 26 -9.11 36.48 10.29
CA LEU E 26 -8.55 36.16 8.95
C LEU E 26 -7.42 35.12 9.06
N LEU E 27 -6.58 35.26 10.05
CA LEU E 27 -5.46 34.30 10.22
C LEU E 27 -6.00 32.91 10.62
N GLY E 28 -7.13 32.88 11.27
CA GLY E 28 -7.71 31.57 11.70
C GLY E 28 -8.39 30.90 10.50
N ALA E 29 -9.01 31.66 9.64
CA ALA E 29 -9.69 31.08 8.45
C ALA E 29 -8.70 30.27 7.61
N GLY E 30 -7.45 30.65 7.63
CA GLY E 30 -6.42 29.92 6.83
C GLY E 30 -6.11 28.58 7.51
N ALA E 31 -6.26 28.51 8.81
CA ALA E 31 -5.96 27.25 9.53
C ALA E 31 -7.14 26.27 9.38
N VAL E 32 -8.33 26.78 9.25
CA VAL E 32 -9.51 25.88 9.11
C VAL E 32 -9.55 25.28 7.69
N ALA E 33 -9.05 25.99 6.72
CA ALA E 33 -9.06 25.48 5.32
C ALA E 33 -8.20 24.22 5.23
N TYR E 34 -7.18 24.11 6.05
CA TYR E 34 -6.30 22.91 5.99
C TYR E 34 -7.10 21.64 6.29
N GLY E 35 -7.85 21.65 7.36
CA GLY E 35 -8.66 20.44 7.71
C GLY E 35 -9.64 20.12 6.57
N VAL E 36 -10.09 21.13 5.88
CA VAL E 36 -11.04 20.90 4.76
C VAL E 36 -10.29 20.46 3.50
N ARG E 37 -9.06 20.88 3.35
CA ARG E 37 -8.27 20.50 2.14
C ARG E 37 -8.25 18.98 1.96
N GLU E 38 -8.03 18.24 3.03
CA GLU E 38 -7.98 16.75 2.91
C GLU E 38 -9.33 16.20 2.37
N SER E 39 -10.43 16.89 2.60
CA SER E 39 -11.75 16.37 2.09
C SER E 39 -12.48 17.44 1.22
N VAL E 40 -13.64 17.09 0.67
CA VAL E 40 -14.40 18.07 -0.19
C VAL E 40 -15.73 17.43 -0.68
N PHE E 41 -16.63 18.22 -1.24
CA PHE E 41 -17.93 17.65 -1.75
C PHE E 41 -18.04 17.84 -3.27
N THR E 42 -17.70 19.00 -3.80
CA THR E 42 -17.81 19.20 -5.28
C THR E 42 -17.00 18.14 -6.02
N VAL E 43 -17.66 17.29 -6.77
CA VAL E 43 -16.93 16.22 -7.52
C VAL E 43 -15.79 16.83 -8.35
N GLU E 44 -14.57 16.51 -8.02
CA GLU E 44 -13.41 17.08 -8.77
C GLU E 44 -13.54 16.74 -10.26
N GLY E 45 -13.38 15.49 -10.62
CA GLY E 45 -13.49 15.12 -12.05
C GLY E 45 -13.31 13.60 -12.21
N GLY E 46 -13.68 13.06 -13.33
CA GLY E 46 -13.54 11.59 -13.56
C GLY E 46 -14.40 10.83 -12.54
N HIS E 47 -15.36 11.48 -11.95
CA HIS E 47 -16.24 10.79 -10.96
C HIS E 47 -17.62 11.46 -10.90
N ARG E 48 -18.62 10.70 -10.54
CA ARG E 48 -20.01 11.23 -10.49
C ARG E 48 -20.49 11.41 -9.01
N ALA E 49 -21.46 12.28 -8.76
CA ALA E 49 -21.91 12.54 -7.33
C ALA E 49 -23.18 11.78 -6.93
N ILE E 50 -23.31 11.53 -5.64
CA ILE E 50 -24.47 10.76 -5.09
C ILE E 50 -25.07 11.49 -3.87
N PHE E 51 -26.35 11.30 -3.56
CA PHE E 51 -26.95 12.04 -2.40
C PHE E 51 -27.68 11.12 -1.39
N PHE E 52 -27.55 11.42 -0.11
CA PHE E 52 -28.24 10.61 0.96
C PHE E 52 -28.31 11.41 2.27
N ASN E 53 -29.28 11.16 3.11
CA ASN E 53 -29.38 11.90 4.40
C ASN E 53 -29.26 10.94 5.60
N ARG E 54 -28.79 11.41 6.73
CA ARG E 54 -28.65 10.51 7.92
C ARG E 54 -29.96 9.75 8.18
N ILE E 55 -29.91 8.69 8.95
CA ILE E 55 -31.15 7.91 9.23
C ILE E 55 -31.81 7.48 7.92
N GLY E 56 -31.30 6.45 7.29
CA GLY E 56 -31.91 5.98 6.02
C GLY E 56 -30.98 4.96 5.36
N GLY E 57 -31.11 4.75 4.08
CA GLY E 57 -30.24 3.77 3.38
C GLY E 57 -29.02 4.48 2.81
N VAL E 58 -27.85 4.17 3.29
CA VAL E 58 -26.61 4.84 2.78
C VAL E 58 -26.49 4.63 1.26
N GLN E 59 -25.68 5.43 0.63
CA GLN E 59 -25.50 5.29 -0.85
C GLN E 59 -24.01 5.28 -1.20
N GLN E 60 -23.29 4.26 -0.77
CA GLN E 60 -21.83 4.19 -1.07
C GLN E 60 -21.59 3.33 -2.32
N ASP E 61 -22.28 3.61 -3.39
CA ASP E 61 -22.09 2.82 -4.64
C ASP E 61 -22.88 3.48 -5.78
N THR E 62 -22.77 4.77 -5.90
CA THR E 62 -23.52 5.48 -6.98
C THR E 62 -22.63 6.52 -7.67
N ILE E 63 -23.16 7.23 -8.65
CA ILE E 63 -22.32 8.26 -9.36
C ILE E 63 -23.20 9.08 -10.36
N LEU E 64 -23.33 10.37 -10.15
CA LEU E 64 -24.13 11.25 -11.08
C LEU E 64 -23.18 12.19 -11.88
N ALA E 65 -23.54 12.55 -13.10
CA ALA E 65 -22.65 13.44 -13.94
C ALA E 65 -22.02 14.59 -13.11
N GLU E 66 -20.98 15.21 -13.64
CA GLU E 66 -20.30 16.33 -12.89
C GLU E 66 -21.16 17.60 -12.87
N GLY E 67 -21.04 18.36 -11.82
CA GLY E 67 -21.82 19.62 -11.67
C GLY E 67 -21.12 20.49 -10.63
N LEU E 68 -21.31 21.79 -10.64
CA LEU E 68 -20.63 22.61 -9.60
C LEU E 68 -21.61 22.81 -8.44
N HIS E 69 -21.37 22.11 -7.36
CA HIS E 69 -22.26 22.19 -6.17
C HIS E 69 -21.52 21.67 -4.93
N PHE E 70 -21.86 22.16 -3.77
CA PHE E 70 -21.17 21.66 -2.53
C PHE E 70 -21.86 20.38 -2.05
N ARG E 71 -21.51 19.88 -0.90
CA ARG E 71 -22.16 18.64 -0.39
C ARG E 71 -23.65 18.91 -0.13
N ILE E 72 -24.06 20.16 -0.15
CA ILE E 72 -25.49 20.47 0.10
C ILE E 72 -25.90 19.86 1.45
N PRO E 73 -25.30 20.37 2.49
CA PRO E 73 -25.55 19.86 3.87
C PRO E 73 -26.95 20.22 4.38
N TRP E 74 -27.15 20.11 5.69
CA TRP E 74 -28.48 20.40 6.32
C TRP E 74 -29.43 19.20 6.14
N PHE E 75 -29.09 18.29 5.27
CA PHE E 75 -29.95 17.07 5.04
C PHE E 75 -29.37 16.24 3.88
N GLN E 76 -28.06 16.15 3.81
CA GLN E 76 -27.42 15.37 2.71
C GLN E 76 -26.01 14.92 3.12
N TYR E 77 -25.54 13.84 2.57
CA TYR E 77 -24.19 13.31 2.95
C TYR E 77 -23.30 13.09 1.73
N PRO E 78 -22.01 13.14 1.94
CA PRO E 78 -21.05 12.94 0.84
C PRO E 78 -20.52 11.50 0.84
N ILE E 79 -20.93 10.74 -0.14
CA ILE E 79 -20.45 9.32 -0.29
C ILE E 79 -20.62 8.96 -1.77
N ILE E 80 -19.54 8.82 -2.49
CA ILE E 80 -19.65 8.54 -3.97
C ILE E 80 -18.92 7.25 -4.37
N TYR E 81 -19.30 6.67 -5.48
CA TYR E 81 -18.66 5.41 -5.95
C TYR E 81 -17.58 5.74 -7.00
N ASP E 82 -16.38 5.28 -6.80
CA ASP E 82 -15.29 5.57 -7.78
C ASP E 82 -14.97 4.34 -8.63
N ILE E 83 -14.52 4.55 -9.83
CA ILE E 83 -14.18 3.39 -10.72
C ILE E 83 -12.74 2.93 -10.47
N ARG E 84 -12.46 1.68 -10.73
CA ARG E 84 -11.07 1.17 -10.50
C ARG E 84 -10.93 -0.24 -11.11
N ALA E 85 -9.86 -0.92 -10.82
CA ALA E 85 -9.67 -2.30 -11.37
C ALA E 85 -10.78 -3.21 -10.86
N ARG E 86 -10.83 -4.42 -11.35
CA ARG E 86 -11.90 -5.36 -10.90
C ARG E 86 -11.47 -6.82 -11.17
N PRO E 87 -11.24 -7.56 -10.12
CA PRO E 87 -10.84 -8.97 -10.25
C PRO E 87 -12.07 -9.87 -10.08
N ARG E 88 -12.49 -10.51 -11.13
CA ARG E 88 -13.69 -11.40 -11.04
C ARG E 88 -13.66 -12.41 -12.21
N LYS E 89 -13.45 -13.68 -11.93
CA LYS E 89 -13.38 -14.72 -13.01
C LYS E 89 -13.89 -16.09 -12.51
N ILE E 90 -14.33 -16.95 -13.40
CA ILE E 90 -14.87 -18.29 -12.98
C ILE E 90 -13.87 -19.43 -13.16
N SER E 91 -14.03 -20.46 -12.39
CA SER E 91 -13.14 -21.65 -12.49
C SER E 91 -13.85 -22.84 -11.85
N SER E 92 -14.33 -23.78 -12.63
CA SER E 92 -15.03 -24.95 -12.04
C SER E 92 -15.11 -26.11 -13.04
N PRO E 93 -15.12 -27.32 -12.51
CA PRO E 93 -15.22 -28.52 -13.36
C PRO E 93 -16.67 -29.00 -13.37
N THR E 94 -17.36 -28.90 -14.48
CA THR E 94 -18.78 -29.34 -14.52
C THR E 94 -19.04 -30.22 -15.75
N GLY E 95 -19.96 -31.15 -15.62
CA GLY E 95 -20.30 -32.04 -16.77
C GLY E 95 -21.69 -32.63 -16.54
N SER E 96 -22.65 -32.23 -17.33
CA SER E 96 -24.04 -32.77 -17.14
C SER E 96 -24.64 -33.19 -18.49
N LYS E 97 -24.40 -32.46 -19.53
CA LYS E 97 -24.97 -32.83 -20.86
C LYS E 97 -24.02 -33.74 -21.64
N ASP E 98 -23.30 -34.58 -20.95
CA ASP E 98 -22.35 -35.51 -21.65
C ASP E 98 -21.74 -36.50 -20.65
N LEU E 99 -20.58 -37.02 -20.95
CA LEU E 99 -19.94 -37.99 -20.01
C LEU E 99 -18.76 -37.34 -19.29
N GLN E 100 -17.69 -37.10 -19.98
CA GLN E 100 -16.50 -36.46 -19.33
C GLN E 100 -16.88 -35.11 -18.72
N MET E 101 -16.01 -34.53 -17.95
CA MET E 101 -16.33 -33.21 -17.31
C MET E 101 -15.59 -32.08 -18.04
N VAL E 102 -16.30 -31.07 -18.47
CA VAL E 102 -15.64 -29.94 -19.18
C VAL E 102 -15.48 -28.75 -18.22
N ASN E 103 -14.46 -27.97 -18.39
CA ASN E 103 -14.25 -26.81 -17.49
C ASN E 103 -14.68 -25.51 -18.19
N ILE E 104 -15.75 -24.91 -17.73
CA ILE E 104 -16.22 -23.64 -18.35
C ILE E 104 -16.20 -22.51 -17.31
N SER E 105 -15.79 -21.34 -17.71
CA SER E 105 -15.75 -20.21 -16.74
C SER E 105 -15.88 -18.87 -17.48
N LEU E 106 -16.95 -18.16 -17.25
CA LEU E 106 -17.15 -16.85 -17.95
C LEU E 106 -16.99 -15.68 -16.96
N ARG E 107 -16.33 -14.63 -17.37
CA ARG E 107 -16.15 -13.46 -16.48
C ARG E 107 -16.95 -12.26 -16.99
N VAL E 108 -17.38 -11.38 -16.12
CA VAL E 108 -18.16 -10.20 -16.56
C VAL E 108 -17.52 -8.90 -16.05
N LEU E 109 -17.70 -7.82 -16.76
CA LEU E 109 -17.11 -6.52 -16.30
C LEU E 109 -18.22 -5.56 -15.89
N SER E 110 -17.94 -4.67 -14.98
CA SER E 110 -18.98 -3.68 -14.53
C SER E 110 -18.51 -2.25 -14.82
N ARG E 111 -19.15 -1.59 -15.74
CA ARG E 111 -18.75 -0.19 -16.08
C ARG E 111 -19.82 0.80 -15.59
N PRO E 112 -19.36 1.88 -15.01
CA PRO E 112 -20.31 2.92 -14.50
C PRO E 112 -20.87 3.75 -15.67
N ASN E 113 -20.02 4.42 -16.39
CA ASN E 113 -20.50 5.25 -17.55
C ASN E 113 -21.58 6.24 -17.08
N ALA E 114 -21.61 6.55 -15.81
CA ALA E 114 -22.64 7.51 -15.30
C ALA E 114 -24.04 7.14 -15.81
N GLN E 115 -24.34 5.87 -15.83
CA GLN E 115 -25.69 5.43 -16.32
C GLN E 115 -26.71 5.51 -15.18
N GLU E 116 -26.88 6.67 -14.59
CA GLU E 116 -27.88 6.81 -13.47
C GLU E 116 -27.62 5.75 -12.39
N LEU E 117 -26.68 6.00 -11.52
CA LEU E 117 -26.38 5.01 -10.44
C LEU E 117 -27.39 5.12 -9.26
N PRO E 118 -27.90 6.31 -8.99
CA PRO E 118 -28.83 6.49 -7.84
C PRO E 118 -30.16 5.75 -8.06
N SER E 119 -30.89 6.09 -9.10
CA SER E 119 -32.20 5.42 -9.34
C SER E 119 -32.02 3.89 -9.27
N MET E 120 -31.00 3.39 -9.90
CA MET E 120 -30.77 1.91 -9.89
C MET E 120 -30.05 1.45 -8.61
N TYR E 121 -29.41 2.34 -7.90
CA TYR E 121 -28.68 1.92 -6.66
C TYR E 121 -29.61 1.18 -5.69
N GLN E 122 -30.57 1.85 -5.12
CA GLN E 122 -31.48 1.14 -4.16
C GLN E 122 -32.14 -0.06 -4.84
N ARG E 123 -32.33 0.02 -6.13
CA ARG E 123 -32.94 -1.12 -6.87
C ARG E 123 -31.87 -2.20 -7.12
N LEU E 124 -30.62 -1.81 -7.07
CA LEU E 124 -29.52 -2.79 -7.31
C LEU E 124 -29.26 -3.62 -6.06
N GLY E 125 -29.59 -3.09 -4.91
CA GLY E 125 -29.37 -3.86 -3.64
C GLY E 125 -28.71 -2.94 -2.61
N LEU E 126 -27.47 -3.19 -2.28
CA LEU E 126 -26.78 -2.32 -1.28
C LEU E 126 -25.28 -2.65 -1.26
N ASP E 127 -24.56 -2.26 -2.29
CA ASP E 127 -23.10 -2.54 -2.34
C ASP E 127 -22.83 -4.03 -2.12
N TYR E 128 -23.19 -4.85 -3.07
CA TYR E 128 -22.96 -6.31 -2.91
C TYR E 128 -22.73 -6.96 -4.29
N GLU E 129 -21.85 -6.41 -5.08
CA GLU E 129 -21.58 -7.00 -6.43
C GLU E 129 -21.20 -8.47 -6.30
N GLU E 130 -20.34 -8.80 -5.38
CA GLU E 130 -19.93 -10.23 -5.20
C GLU E 130 -21.16 -11.12 -5.02
N ARG E 131 -22.25 -10.57 -4.59
CA ARG E 131 -23.49 -11.38 -4.39
C ARG E 131 -24.20 -11.61 -5.72
N VAL E 132 -24.51 -10.55 -6.42
CA VAL E 132 -25.23 -10.69 -7.72
C VAL E 132 -24.26 -11.07 -8.86
N LEU E 133 -22.98 -10.83 -8.69
CA LEU E 133 -22.01 -11.18 -9.77
C LEU E 133 -22.11 -12.67 -10.12
N PRO E 134 -21.88 -13.53 -9.14
CA PRO E 134 -21.95 -14.98 -9.39
C PRO E 134 -23.42 -15.41 -9.56
N SER E 135 -24.31 -14.76 -8.88
CA SER E 135 -25.76 -15.12 -8.99
C SER E 135 -26.21 -15.05 -10.45
N ILE E 136 -25.89 -13.98 -11.13
CA ILE E 136 -26.30 -13.86 -12.56
C ILE E 136 -25.34 -14.64 -13.47
N VAL E 137 -24.07 -14.66 -13.14
CA VAL E 137 -23.09 -15.39 -13.99
C VAL E 137 -23.14 -16.90 -13.69
N ASN E 138 -22.79 -17.29 -12.49
CA ASN E 138 -22.81 -18.74 -12.14
C ASN E 138 -24.14 -19.39 -12.52
N GLU E 139 -25.24 -18.75 -12.21
CA GLU E 139 -26.57 -19.33 -12.56
C GLU E 139 -26.68 -19.52 -14.07
N VAL E 140 -26.70 -18.45 -14.82
CA VAL E 140 -26.81 -18.58 -16.31
C VAL E 140 -25.64 -19.40 -16.86
N LEU E 141 -24.53 -19.42 -16.16
CA LEU E 141 -23.36 -20.19 -16.64
C LEU E 141 -23.62 -21.69 -16.50
N LYS E 142 -23.77 -22.16 -15.29
CA LYS E 142 -24.01 -23.62 -15.08
C LYS E 142 -25.36 -24.04 -15.69
N SER E 143 -26.26 -23.12 -15.88
CA SER E 143 -27.58 -23.48 -16.46
C SER E 143 -27.49 -23.60 -17.99
N VAL E 144 -26.68 -22.79 -18.62
CA VAL E 144 -26.54 -22.88 -20.10
C VAL E 144 -25.62 -24.03 -20.49
N VAL E 145 -24.50 -24.15 -19.82
CA VAL E 145 -23.54 -25.26 -20.14
C VAL E 145 -24.26 -26.62 -20.06
N ALA E 146 -25.32 -26.69 -19.30
CA ALA E 146 -26.05 -27.98 -19.17
C ALA E 146 -26.95 -28.20 -20.39
N LYS E 147 -27.30 -27.15 -21.09
CA LYS E 147 -28.18 -27.31 -22.29
C LYS E 147 -27.35 -27.83 -23.46
N PHE E 148 -26.25 -27.21 -23.76
CA PHE E 148 -25.40 -27.67 -24.89
C PHE E 148 -24.58 -28.89 -24.47
N ASN E 149 -23.95 -29.55 -25.40
CA ASN E 149 -23.13 -30.75 -25.06
C ASN E 149 -21.67 -30.36 -24.85
N ALA E 150 -20.84 -31.30 -24.48
CA ALA E 150 -19.40 -30.97 -24.25
C ALA E 150 -18.65 -30.92 -25.60
N SER E 151 -18.91 -31.86 -26.47
CA SER E 151 -18.21 -31.87 -27.79
C SER E 151 -18.51 -30.57 -28.54
N GLN E 152 -19.66 -29.99 -28.32
CA GLN E 152 -20.02 -28.73 -29.03
C GLN E 152 -19.34 -27.54 -28.35
N LEU E 153 -19.17 -27.60 -27.06
CA LEU E 153 -18.52 -26.46 -26.33
C LEU E 153 -17.00 -26.54 -26.48
N ILE E 154 -16.44 -27.72 -26.39
CA ILE E 154 -14.96 -27.87 -26.52
C ILE E 154 -14.52 -27.41 -27.92
N THR E 155 -15.40 -27.46 -28.89
CA THR E 155 -15.02 -27.04 -30.26
C THR E 155 -14.52 -25.58 -30.25
N GLN E 156 -15.38 -24.66 -29.94
CA GLN E 156 -14.95 -23.23 -29.90
C GLN E 156 -15.59 -22.51 -28.72
N ARG E 157 -14.80 -22.04 -27.79
CA ARG E 157 -15.38 -21.33 -26.61
C ARG E 157 -16.15 -20.08 -27.06
N ALA E 158 -15.88 -19.59 -28.23
CA ALA E 158 -16.60 -18.39 -28.73
C ALA E 158 -18.00 -18.76 -29.21
N GLN E 159 -18.23 -20.00 -29.51
CA GLN E 159 -19.58 -20.44 -29.99
C GLN E 159 -20.60 -20.31 -28.85
N VAL E 160 -20.34 -20.94 -27.73
CA VAL E 160 -21.30 -20.86 -26.59
C VAL E 160 -21.30 -19.44 -26.00
N SER E 161 -20.23 -18.71 -26.17
CA SER E 161 -20.17 -17.33 -25.62
C SER E 161 -21.34 -16.50 -26.15
N LEU E 162 -21.73 -16.72 -27.37
CA LEU E 162 -22.87 -15.95 -27.95
C LEU E 162 -24.19 -16.38 -27.29
N LEU E 163 -24.25 -17.61 -26.83
CA LEU E 163 -25.50 -18.09 -26.17
C LEU E 163 -25.56 -17.57 -24.73
N ILE E 164 -24.43 -17.59 -24.05
CA ILE E 164 -24.41 -17.10 -22.64
C ILE E 164 -24.54 -15.58 -22.61
N ARG E 165 -23.86 -14.90 -23.51
CA ARG E 165 -23.94 -13.41 -23.55
C ARG E 165 -25.37 -12.98 -23.86
N ARG E 166 -26.04 -13.67 -24.74
CA ARG E 166 -27.44 -13.28 -25.08
C ARG E 166 -28.32 -13.37 -23.83
N GLU E 167 -28.17 -14.42 -23.06
CA GLU E 167 -29.00 -14.56 -21.83
C GLU E 167 -28.45 -13.65 -20.73
N LEU E 168 -27.18 -13.37 -20.76
CA LEU E 168 -26.58 -12.49 -19.72
C LEU E 168 -26.96 -11.03 -19.97
N THR E 169 -27.11 -10.65 -21.21
CA THR E 169 -27.49 -9.25 -21.53
C THR E 169 -28.87 -8.93 -20.95
N GLU E 170 -29.72 -9.92 -20.85
CA GLU E 170 -31.09 -9.68 -20.30
C GLU E 170 -31.03 -9.59 -18.77
N ARG E 171 -30.29 -10.46 -18.14
CA ARG E 171 -30.18 -10.43 -16.65
C ARG E 171 -29.22 -9.33 -16.22
N ALA E 172 -28.21 -9.06 -16.99
CA ALA E 172 -27.24 -7.99 -16.63
C ALA E 172 -27.94 -6.63 -16.57
N LYS E 173 -28.73 -6.33 -17.56
CA LYS E 173 -29.46 -5.02 -17.56
C LYS E 173 -30.37 -4.92 -16.35
N ASP E 174 -30.79 -6.04 -15.81
CA ASP E 174 -31.70 -6.02 -14.62
C ASP E 174 -31.08 -5.17 -13.51
N PHE E 175 -29.88 -5.49 -13.10
CA PHE E 175 -29.21 -4.71 -12.03
C PHE E 175 -28.68 -3.38 -12.59
N SER E 176 -29.45 -2.33 -12.49
CA SER E 176 -29.00 -1.00 -13.03
C SER E 176 -28.68 -1.11 -14.52
N LEU E 177 -28.44 0.00 -15.16
CA LEU E 177 -28.12 -0.03 -16.62
C LEU E 177 -26.61 0.14 -16.83
N ILE E 178 -25.94 -0.89 -17.28
CA ILE E 178 -24.47 -0.79 -17.51
C ILE E 178 -24.07 -1.62 -18.73
N LEU E 179 -23.02 -1.24 -19.40
CA LEU E 179 -22.58 -2.00 -20.60
C LEU E 179 -21.40 -2.90 -20.24
N ASP E 180 -21.60 -4.19 -20.23
CA ASP E 180 -20.50 -5.13 -19.87
C ASP E 180 -20.20 -6.07 -21.05
N ASP E 181 -19.00 -6.55 -21.15
CA ASP E 181 -18.65 -7.46 -22.27
C ASP E 181 -18.65 -8.91 -21.77
N VAL E 182 -19.11 -9.82 -22.58
CA VAL E 182 -19.16 -11.25 -22.14
C VAL E 182 -18.00 -12.05 -22.76
N ALA E 183 -17.14 -12.56 -21.94
CA ALA E 183 -15.98 -13.35 -22.46
C ALA E 183 -15.72 -14.53 -21.52
N ILE E 184 -15.18 -15.61 -22.04
CA ILE E 184 -14.92 -16.78 -21.17
C ILE E 184 -13.48 -17.29 -21.35
N THR E 185 -12.65 -17.13 -20.35
CA THR E 185 -11.25 -17.65 -20.49
C THR E 185 -11.08 -18.90 -19.61
N GLU E 186 -11.11 -20.06 -20.21
CA GLU E 186 -10.94 -21.31 -19.41
C GLU E 186 -10.67 -22.51 -20.31
N LEU E 187 -9.70 -23.33 -19.99
CA LEU E 187 -9.48 -24.53 -20.84
C LEU E 187 -8.75 -25.62 -20.03
N SER E 188 -9.48 -26.63 -19.62
CA SER E 188 -8.86 -27.75 -18.87
C SER E 188 -9.84 -28.93 -18.79
N PHE E 189 -9.61 -30.00 -19.50
CA PHE E 189 -10.55 -31.14 -19.43
C PHE E 189 -9.89 -32.42 -19.94
N SER E 190 -9.79 -33.43 -19.12
CA SER E 190 -9.15 -34.70 -19.55
C SER E 190 -9.67 -35.87 -18.71
N MET F 1 -42.13 43.60 35.37
CA MET F 1 -40.65 43.66 35.15
C MET F 1 -39.91 43.36 36.45
N ALA F 2 -39.52 42.13 36.66
CA ALA F 2 -38.79 41.78 37.92
C ALA F 2 -37.37 42.35 37.87
N GLN F 3 -37.05 43.24 38.77
CA GLN F 3 -35.69 43.83 38.78
C GLN F 3 -34.65 42.76 39.10
N ASN F 4 -35.02 41.75 39.85
CA ASN F 4 -34.05 40.67 40.20
C ASN F 4 -33.65 39.91 38.93
N LEU F 5 -34.50 39.87 37.95
CA LEU F 5 -34.18 39.14 36.69
C LEU F 5 -33.33 40.02 35.77
N LYS F 6 -33.67 41.28 35.67
CA LYS F 6 -32.89 42.20 34.79
C LYS F 6 -31.49 42.41 35.37
N ASP F 7 -31.35 42.31 36.66
CA ASP F 7 -30.02 42.51 37.29
C ASP F 7 -29.03 41.44 36.79
N LEU F 8 -29.52 40.27 36.52
CA LEU F 8 -28.62 39.17 36.03
C LEU F 8 -28.06 39.54 34.65
N ALA F 9 -28.86 40.15 33.82
CA ALA F 9 -28.38 40.53 32.46
C ALA F 9 -27.34 41.65 32.57
N GLY F 10 -27.39 42.43 33.61
CA GLY F 10 -26.42 43.54 33.77
C GLY F 10 -25.08 42.99 34.30
N ARG F 11 -25.14 42.14 35.28
CA ARG F 11 -23.88 41.56 35.85
C ARG F 11 -23.37 40.42 34.97
N LEU F 12 -24.23 39.85 34.16
CA LEU F 12 -23.79 38.72 33.28
C LEU F 12 -22.57 39.14 32.43
N PRO F 13 -22.70 40.23 31.72
CA PRO F 13 -21.57 40.71 30.89
C PRO F 13 -20.43 41.25 31.76
N ALA F 14 -19.57 40.39 32.23
CA ALA F 14 -18.44 40.85 33.09
C ALA F 14 -17.47 41.71 32.27
N GLY F 15 -17.80 42.96 32.07
CA GLY F 15 -16.90 43.85 31.27
C GLY F 15 -16.93 43.43 29.80
N PRO F 16 -16.67 44.39 28.94
CA PRO F 16 -16.68 44.11 27.48
C PRO F 16 -15.43 43.30 27.09
N ARG F 17 -14.38 43.37 27.87
CA ARG F 17 -13.15 42.61 27.55
C ARG F 17 -13.47 41.11 27.44
N GLY F 18 -14.47 40.65 28.14
CA GLY F 18 -14.84 39.21 28.07
C GLY F 18 -15.31 38.87 26.66
N MET F 19 -15.87 39.82 25.96
CA MET F 19 -16.36 39.55 24.58
C MET F 19 -15.19 39.51 23.61
N GLY F 20 -14.14 40.25 23.88
CA GLY F 20 -12.97 40.26 22.98
C GLY F 20 -12.25 38.90 23.04
N THR F 21 -11.95 38.44 24.22
CA THR F 21 -11.25 37.13 24.37
C THR F 21 -12.13 36.00 23.82
N ALA F 22 -13.43 36.19 23.84
CA ALA F 22 -14.34 35.12 23.32
C ALA F 22 -14.03 34.83 21.85
N LEU F 23 -13.49 35.77 21.14
CA LEU F 23 -13.17 35.54 19.70
C LEU F 23 -12.08 34.48 19.56
N LYS F 24 -11.06 34.54 20.38
CA LYS F 24 -9.97 33.52 20.29
C LYS F 24 -10.55 32.11 20.37
N LEU F 25 -11.65 31.96 21.05
CA LEU F 25 -12.28 30.60 21.17
C LEU F 25 -12.88 30.17 19.83
N LEU F 26 -13.56 31.06 19.16
CA LEU F 26 -14.17 30.71 17.85
C LEU F 26 -13.09 30.27 16.85
N LEU F 27 -11.88 30.74 17.02
CA LEU F 27 -10.79 30.35 16.09
C LEU F 27 -10.19 29.00 16.50
N GLY F 28 -10.00 28.79 17.78
CA GLY F 28 -9.43 27.50 18.25
C GLY F 28 -10.44 26.37 18.04
N ALA F 29 -11.71 26.69 18.07
CA ALA F 29 -12.76 25.64 17.86
C ALA F 29 -12.63 25.03 16.47
N GLY F 30 -12.25 25.82 15.50
CA GLY F 30 -12.12 25.29 14.11
C GLY F 30 -10.90 24.37 14.02
N ALA F 31 -9.83 24.74 14.65
CA ALA F 31 -8.59 23.88 14.61
C ALA F 31 -8.86 22.55 15.30
N VAL F 32 -9.59 22.56 16.39
CA VAL F 32 -9.88 21.29 17.11
C VAL F 32 -10.66 20.32 16.20
N ALA F 33 -11.38 20.85 15.24
CA ALA F 33 -12.16 19.98 14.32
C ALA F 33 -11.21 19.21 13.39
N TYR F 34 -10.08 19.78 13.08
CA TYR F 34 -9.11 19.09 12.17
C TYR F 34 -8.73 17.72 12.73
N GLY F 35 -8.21 17.67 13.93
CA GLY F 35 -7.82 16.37 14.53
C GLY F 35 -9.02 15.43 14.55
N VAL F 36 -10.21 15.97 14.68
CA VAL F 36 -11.42 15.10 14.73
C VAL F 36 -11.82 14.69 13.30
N ARG F 37 -11.53 15.52 12.33
CA ARG F 37 -11.89 15.18 10.92
C ARG F 37 -11.28 13.84 10.51
N GLU F 38 -10.14 13.49 11.05
CA GLU F 38 -9.50 12.20 10.68
C GLU F 38 -10.32 11.00 11.23
N SER F 39 -11.05 11.18 12.30
CA SER F 39 -11.85 10.03 12.86
C SER F 39 -13.30 10.46 13.17
N VAL F 40 -14.14 9.53 13.60
CA VAL F 40 -15.57 9.87 13.93
C VAL F 40 -16.30 8.65 14.51
N PHE F 41 -17.50 8.82 15.04
CA PHE F 41 -18.26 7.66 15.62
C PHE F 41 -19.49 7.33 14.76
N THR F 42 -20.30 8.31 14.42
CA THR F 42 -21.51 8.02 13.58
C THR F 42 -21.11 7.25 12.33
N VAL F 43 -21.50 6.01 12.23
CA VAL F 43 -21.13 5.19 11.03
C VAL F 43 -21.45 5.96 9.75
N GLU F 44 -20.45 6.48 9.09
CA GLU F 44 -20.67 7.26 7.84
C GLU F 44 -21.64 6.54 6.90
N GLY F 45 -21.50 5.24 6.76
CA GLY F 45 -22.41 4.48 5.86
C GLY F 45 -21.66 3.31 5.25
N GLY F 46 -22.37 2.40 4.62
CA GLY F 46 -21.69 1.23 4.00
C GLY F 46 -21.01 0.39 5.08
N HIS F 47 -21.38 0.59 6.31
CA HIS F 47 -20.76 -0.20 7.41
C HIS F 47 -21.68 -0.21 8.64
N ARG F 48 -21.57 -1.23 9.44
CA ARG F 48 -22.45 -1.37 10.64
C ARG F 48 -21.68 -0.99 11.94
N ALA F 49 -22.38 -0.57 12.99
CA ALA F 49 -21.68 -0.12 14.27
C ALA F 49 -21.65 -1.19 15.37
N ILE F 50 -20.66 -1.07 16.24
CA ILE F 50 -20.45 -2.06 17.35
C ILE F 50 -20.21 -1.31 18.70
N PHE F 51 -20.51 -1.92 19.84
CA PHE F 51 -20.31 -1.18 21.15
C PHE F 51 -19.48 -1.96 22.20
N PHE F 52 -18.63 -1.26 22.93
CA PHE F 52 -17.80 -1.90 24.01
C PHE F 52 -17.26 -0.82 24.97
N ASN F 53 -17.00 -1.16 26.21
CA ASN F 53 -16.47 -0.16 27.18
C ASN F 53 -15.07 -0.56 27.70
N ARG F 54 -14.26 0.40 28.11
CA ARG F 54 -12.88 0.07 28.61
C ARG F 54 -12.91 -1.14 29.55
N ILE F 55 -14.01 -1.36 30.23
CA ILE F 55 -14.09 -2.52 31.16
C ILE F 55 -15.22 -3.46 30.73
N GLY F 56 -14.89 -4.56 30.07
CA GLY F 56 -15.94 -5.51 29.63
C GLY F 56 -15.38 -6.43 28.54
N GLY F 57 -16.14 -6.67 27.50
CA GLY F 57 -15.65 -7.56 26.40
C GLY F 57 -15.37 -6.73 25.15
N VAL F 58 -14.12 -6.60 24.79
CA VAL F 58 -13.76 -5.79 23.57
C VAL F 58 -14.64 -6.18 22.38
N GLN F 59 -14.60 -5.40 21.33
CA GLN F 59 -15.43 -5.73 20.13
C GLN F 59 -14.90 -4.98 18.90
N GLN F 60 -14.33 -5.71 17.97
CA GLN F 60 -13.78 -5.05 16.75
C GLN F 60 -14.32 -5.73 15.49
N ASP F 61 -14.40 -7.04 15.50
CA ASP F 61 -14.92 -7.76 14.30
C ASP F 61 -16.44 -7.86 14.37
N THR F 62 -17.11 -6.76 14.55
CA THR F 62 -18.60 -6.80 14.64
C THR F 62 -19.21 -5.77 13.68
N ILE F 63 -20.52 -5.58 13.70
CA ILE F 63 -21.16 -4.60 12.77
C ILE F 63 -22.71 -4.61 12.92
N LEU F 64 -23.29 -3.48 13.26
CA LEU F 64 -24.79 -3.37 13.41
C LEU F 64 -25.36 -2.36 12.37
N ALA F 65 -26.58 -2.55 11.92
CA ALA F 65 -27.20 -1.63 10.89
C ALA F 65 -26.86 -0.14 11.12
N GLU F 66 -27.07 0.69 10.12
CA GLU F 66 -26.75 2.16 10.24
C GLU F 66 -27.76 2.89 11.13
N GLY F 67 -27.30 3.90 11.81
CA GLY F 67 -28.19 4.70 12.71
C GLY F 67 -27.52 6.05 12.95
N LEU F 68 -28.26 7.08 13.30
CA LEU F 68 -27.57 8.38 13.55
C LEU F 68 -27.31 8.49 15.05
N HIS F 69 -26.08 8.31 15.43
CA HIS F 69 -25.71 8.36 16.88
C HIS F 69 -24.19 8.59 17.00
N PHE F 70 -23.74 9.21 18.06
CA PHE F 70 -22.28 9.44 18.22
C PHE F 70 -21.64 8.18 18.82
N ARG F 71 -20.41 8.27 19.26
CA ARG F 71 -19.74 7.07 19.86
C ARG F 71 -20.40 6.76 21.21
N ILE F 72 -21.28 7.62 21.68
CA ILE F 72 -21.95 7.36 22.99
C ILE F 72 -20.86 7.16 24.06
N PRO F 73 -20.21 8.25 24.40
CA PRO F 73 -19.10 8.23 25.39
C PRO F 73 -19.58 7.90 26.81
N TRP F 74 -18.74 8.16 27.78
CA TRP F 74 -19.06 7.88 29.23
C TRP F 74 -18.89 6.38 29.54
N PHE F 75 -18.99 5.53 28.56
CA PHE F 75 -18.82 4.06 28.81
C PHE F 75 -18.98 3.28 27.49
N GLN F 76 -18.35 3.73 26.44
CA GLN F 76 -18.48 3.02 25.12
C GLN F 76 -17.30 3.37 24.22
N TYR F 77 -16.94 2.49 23.32
CA TYR F 77 -15.77 2.76 22.42
C TYR F 77 -16.13 2.49 20.96
N PRO F 78 -15.42 3.15 20.07
CA PRO F 78 -15.66 2.98 18.64
C PRO F 78 -14.66 1.98 18.02
N ILE F 79 -15.14 0.81 17.68
CA ILE F 79 -14.31 -0.23 17.02
C ILE F 79 -15.27 -1.06 16.16
N ILE F 80 -15.19 -0.92 14.85
CA ILE F 80 -16.19 -1.63 13.97
C ILE F 80 -15.51 -2.51 12.90
N TYR F 81 -16.21 -3.49 12.42
CA TYR F 81 -15.65 -4.39 11.37
C TYR F 81 -16.19 -3.95 9.99
N ASP F 82 -15.44 -4.18 8.94
CA ASP F 82 -15.92 -3.76 7.59
C ASP F 82 -16.17 -4.98 6.71
N ILE F 83 -17.08 -4.87 5.77
CA ILE F 83 -17.37 -6.03 4.86
C ILE F 83 -16.53 -5.95 3.60
N ARG F 84 -16.22 -7.08 3.01
CA ARG F 84 -15.40 -7.09 1.77
C ARG F 84 -15.35 -8.49 1.18
N ALA F 85 -14.80 -8.64 0.00
CA ALA F 85 -14.72 -10.00 -0.62
C ALA F 85 -13.96 -10.96 0.30
N ARG F 86 -14.30 -12.22 0.27
CA ARG F 86 -13.60 -13.20 1.15
C ARG F 86 -13.04 -14.37 0.33
N PRO F 87 -11.74 -14.42 0.20
CA PRO F 87 -11.08 -15.50 -0.56
C PRO F 87 -10.54 -16.56 0.41
N ARG F 88 -11.13 -17.72 0.42
CA ARG F 88 -10.63 -18.79 1.34
C ARG F 88 -11.08 -20.19 0.83
N LYS F 89 -10.16 -20.98 0.29
CA LYS F 89 -10.53 -22.34 -0.24
C LYS F 89 -9.29 -23.26 -0.40
N ILE F 90 -9.45 -24.56 -0.34
CA ILE F 90 -8.27 -25.49 -0.52
C ILE F 90 -8.65 -26.82 -1.17
N SER F 91 -7.70 -27.43 -1.83
CA SER F 91 -7.95 -28.76 -2.45
C SER F 91 -7.33 -29.84 -1.55
N SER F 92 -8.13 -30.64 -0.90
CA SER F 92 -7.57 -31.68 0.01
C SER F 92 -7.70 -33.08 -0.61
N PRO F 93 -6.63 -33.84 -0.56
CA PRO F 93 -6.62 -35.20 -1.10
C PRO F 93 -6.81 -36.22 0.04
N THR F 94 -7.94 -36.88 0.07
CA THR F 94 -8.19 -37.87 1.17
C THR F 94 -8.96 -39.08 0.63
N GLY F 95 -8.50 -40.26 0.91
CA GLY F 95 -9.20 -41.48 0.42
C GLY F 95 -9.46 -42.43 1.60
N SER F 96 -10.70 -42.76 1.85
CA SER F 96 -11.02 -43.68 2.97
C SER F 96 -12.14 -44.63 2.58
N LYS F 97 -13.23 -44.12 2.06
CA LYS F 97 -14.36 -45.00 1.65
C LYS F 97 -13.90 -45.98 0.56
N ASP F 98 -12.87 -45.63 -0.17
CA ASP F 98 -12.38 -46.54 -1.24
C ASP F 98 -10.88 -46.80 -1.06
N LEU F 99 -10.35 -47.74 -1.80
CA LEU F 99 -8.89 -48.05 -1.67
C LEU F 99 -8.06 -47.01 -2.43
N GLN F 100 -8.60 -46.48 -3.49
CA GLN F 100 -7.84 -45.46 -4.27
C GLN F 100 -7.79 -44.14 -3.51
N MET F 101 -7.26 -43.11 -4.13
CA MET F 101 -7.18 -41.79 -3.43
C MET F 101 -8.25 -40.84 -3.96
N VAL F 102 -9.00 -40.23 -3.07
CA VAL F 102 -10.07 -39.29 -3.52
C VAL F 102 -9.71 -37.86 -3.12
N ASN F 103 -10.15 -36.89 -3.87
CA ASN F 103 -9.83 -35.47 -3.53
C ASN F 103 -11.10 -34.73 -3.13
N ILE F 104 -10.97 -33.72 -2.30
CA ILE F 104 -12.17 -32.95 -1.86
C ILE F 104 -11.79 -31.50 -1.54
N SER F 105 -12.37 -30.56 -2.25
CA SER F 105 -12.05 -29.13 -1.99
C SER F 105 -13.32 -28.40 -1.58
N LEU F 106 -13.24 -27.46 -0.67
CA LEU F 106 -14.47 -26.74 -0.25
C LEU F 106 -14.14 -25.32 0.24
N ARG F 107 -15.08 -24.42 0.08
CA ARG F 107 -14.86 -23.01 0.53
C ARG F 107 -16.11 -22.50 1.25
N VAL F 108 -15.95 -21.59 2.17
CA VAL F 108 -17.15 -21.07 2.90
C VAL F 108 -17.36 -19.58 2.57
N LEU F 109 -18.60 -19.17 2.47
CA LEU F 109 -18.89 -17.73 2.17
C LEU F 109 -19.58 -17.08 3.37
N SER F 110 -19.11 -15.94 3.79
CA SER F 110 -19.73 -15.25 4.96
C SER F 110 -20.62 -14.10 4.49
N ARG F 111 -21.85 -14.06 4.95
CA ARG F 111 -22.76 -12.96 4.53
C ARG F 111 -23.90 -12.82 5.55
N PRO F 112 -23.90 -11.74 6.29
CA PRO F 112 -24.95 -11.51 7.30
C PRO F 112 -26.27 -11.11 6.62
N ASN F 113 -27.35 -11.10 7.35
CA ASN F 113 -28.67 -10.72 6.75
C ASN F 113 -28.99 -9.26 7.09
N ALA F 114 -28.91 -8.91 8.34
CA ALA F 114 -29.21 -7.50 8.73
C ALA F 114 -28.21 -7.02 9.80
N GLN F 115 -28.12 -7.73 10.89
CA GLN F 115 -27.17 -7.32 11.96
C GLN F 115 -27.02 -8.44 12.99
N GLU F 116 -26.01 -9.25 12.87
CA GLU F 116 -25.81 -10.36 13.85
C GLU F 116 -24.34 -10.45 14.28
N LEU F 117 -23.57 -9.43 14.03
CA LEU F 117 -22.13 -9.46 14.42
C LEU F 117 -21.95 -9.33 15.94
N PRO F 118 -22.73 -8.44 16.57
CA PRO F 118 -22.60 -8.24 18.04
C PRO F 118 -23.03 -9.46 18.85
N SER F 119 -24.28 -9.82 18.79
CA SER F 119 -24.75 -11.01 19.58
C SER F 119 -23.84 -12.22 19.31
N MET F 120 -23.48 -12.43 18.08
CA MET F 120 -22.61 -13.59 17.72
C MET F 120 -21.12 -13.28 17.97
N TYR F 121 -20.75 -12.03 18.07
CA TYR F 121 -19.30 -11.70 18.28
C TYR F 121 -18.71 -12.48 19.46
N GLN F 122 -19.15 -12.21 20.67
CA GLN F 122 -18.58 -12.94 21.84
C GLN F 122 -18.84 -14.45 21.69
N ARG F 123 -19.89 -14.81 21.03
CA ARG F 123 -20.19 -16.27 20.82
C ARG F 123 -19.34 -16.81 19.67
N LEU F 124 -18.85 -15.95 18.82
CA LEU F 124 -18.02 -16.42 17.67
C LEU F 124 -16.70 -17.02 18.17
N GLY F 125 -16.26 -16.62 19.33
CA GLY F 125 -14.98 -17.16 19.88
C GLY F 125 -13.95 -16.05 20.01
N LEU F 126 -12.78 -16.36 20.51
CA LEU F 126 -11.73 -15.31 20.67
C LEU F 126 -11.36 -14.74 19.30
N ASP F 127 -10.85 -15.55 18.42
CA ASP F 127 -10.47 -15.06 17.08
C ASP F 127 -11.71 -14.59 16.32
N TYR F 128 -11.68 -14.61 15.01
CA TYR F 128 -12.86 -14.16 14.23
C TYR F 128 -13.25 -15.24 13.20
N GLU F 129 -13.08 -14.96 11.93
CA GLU F 129 -13.44 -15.97 10.88
C GLU F 129 -12.33 -17.03 10.74
N GLU F 130 -11.09 -16.61 10.81
CA GLU F 130 -9.95 -17.57 10.65
C GLU F 130 -10.14 -18.81 11.54
N ARG F 131 -10.91 -18.69 12.58
CA ARG F 131 -11.13 -19.88 13.47
C ARG F 131 -12.19 -20.82 12.88
N VAL F 132 -13.36 -20.30 12.59
CA VAL F 132 -14.44 -21.17 12.03
C VAL F 132 -14.27 -21.42 10.52
N LEU F 133 -13.51 -20.59 9.85
CA LEU F 133 -13.34 -20.80 8.38
C LEU F 133 -12.69 -22.16 8.08
N PRO F 134 -11.48 -22.36 8.57
CA PRO F 134 -10.77 -23.64 8.32
C PRO F 134 -11.39 -24.78 9.12
N SER F 135 -12.07 -24.48 10.20
CA SER F 135 -12.68 -25.55 11.02
C SER F 135 -13.84 -26.23 10.28
N ILE F 136 -14.90 -25.51 10.02
CA ILE F 136 -16.06 -26.12 9.29
C ILE F 136 -15.64 -26.59 7.89
N VAL F 137 -14.60 -26.03 7.34
CA VAL F 137 -14.16 -26.45 5.98
C VAL F 137 -13.43 -27.80 6.04
N ASN F 138 -12.46 -27.93 6.92
CA ASN F 138 -11.73 -29.22 7.02
C ASN F 138 -12.56 -30.26 7.78
N GLU F 139 -13.53 -29.82 8.55
CA GLU F 139 -14.37 -30.79 9.31
C GLU F 139 -15.28 -31.57 8.36
N VAL F 140 -16.22 -30.91 7.74
CA VAL F 140 -17.14 -31.62 6.81
C VAL F 140 -16.36 -32.19 5.62
N LEU F 141 -15.35 -31.50 5.17
CA LEU F 141 -14.53 -32.01 4.03
C LEU F 141 -13.94 -33.38 4.37
N LYS F 142 -13.61 -33.59 5.61
CA LYS F 142 -13.03 -34.91 6.03
C LYS F 142 -14.13 -35.95 6.22
N SER F 143 -15.29 -35.53 6.64
CA SER F 143 -16.40 -36.52 6.85
C SER F 143 -17.07 -36.87 5.52
N VAL F 144 -16.99 -36.00 4.54
CA VAL F 144 -17.62 -36.29 3.23
C VAL F 144 -16.85 -37.40 2.51
N VAL F 145 -15.58 -37.19 2.25
CA VAL F 145 -14.77 -38.23 1.55
C VAL F 145 -14.92 -39.59 2.25
N ALA F 146 -15.08 -39.59 3.54
CA ALA F 146 -15.23 -40.88 4.27
C ALA F 146 -16.50 -41.60 3.80
N LYS F 147 -17.61 -40.91 3.76
CA LYS F 147 -18.87 -41.55 3.30
C LYS F 147 -18.91 -41.62 1.76
N PHE F 148 -18.46 -40.59 1.10
CA PHE F 148 -18.48 -40.59 -0.39
C PHE F 148 -17.48 -41.62 -0.93
N ASN F 149 -17.70 -42.11 -2.12
CA ASN F 149 -16.76 -43.12 -2.70
C ASN F 149 -15.84 -42.45 -3.72
N ALA F 150 -14.82 -43.14 -4.16
CA ALA F 150 -13.88 -42.55 -5.16
C ALA F 150 -14.57 -42.41 -6.52
N SER F 151 -15.13 -43.47 -7.02
CA SER F 151 -15.82 -43.39 -8.34
C SER F 151 -16.99 -42.40 -8.28
N GLN F 152 -17.83 -42.52 -7.28
CA GLN F 152 -18.99 -41.60 -7.16
C GLN F 152 -18.52 -40.14 -7.13
N LEU F 153 -17.31 -39.91 -6.69
CA LEU F 153 -16.80 -38.51 -6.63
C LEU F 153 -16.33 -38.06 -8.02
N ILE F 154 -15.42 -38.78 -8.62
CA ILE F 154 -14.92 -38.39 -9.98
C ILE F 154 -16.08 -38.34 -10.99
N THR F 155 -17.16 -39.02 -10.70
CA THR F 155 -18.32 -39.01 -11.65
C THR F 155 -18.79 -37.57 -11.88
N GLN F 156 -18.83 -36.78 -10.85
CA GLN F 156 -19.29 -35.37 -11.01
C GLN F 156 -18.93 -34.55 -9.77
N ARG F 157 -18.08 -33.57 -9.90
CA ARG F 157 -17.69 -32.74 -8.73
C ARG F 157 -18.93 -32.06 -8.12
N ALA F 158 -19.99 -31.96 -8.88
CA ALA F 158 -21.23 -31.31 -8.34
C ALA F 158 -22.02 -32.31 -7.48
N GLN F 159 -22.10 -33.55 -7.88
CA GLN F 159 -22.85 -34.55 -7.08
C GLN F 159 -22.37 -34.57 -5.63
N VAL F 160 -21.14 -34.19 -5.39
CA VAL F 160 -20.60 -34.18 -4.00
C VAL F 160 -21.08 -32.91 -3.26
N SER F 161 -21.31 -31.85 -3.97
CA SER F 161 -21.77 -30.58 -3.32
C SER F 161 -23.21 -30.73 -2.82
N LEU F 162 -23.96 -31.62 -3.41
CA LEU F 162 -25.38 -31.81 -2.98
C LEU F 162 -25.44 -32.26 -1.52
N LEU F 163 -24.46 -33.00 -1.08
CA LEU F 163 -24.46 -33.47 0.33
C LEU F 163 -24.06 -32.33 1.27
N ILE F 164 -23.03 -31.60 0.95
CA ILE F 164 -22.60 -30.48 1.83
C ILE F 164 -23.63 -29.35 1.80
N ARG F 165 -24.44 -29.30 0.77
CA ARG F 165 -25.47 -28.23 0.67
C ARG F 165 -26.36 -28.22 1.92
N ARG F 166 -26.86 -29.36 2.31
CA ARG F 166 -27.73 -29.42 3.52
C ARG F 166 -26.89 -29.41 4.80
N GLU F 167 -25.66 -29.85 4.72
CA GLU F 167 -24.79 -29.87 5.93
C GLU F 167 -24.26 -28.48 6.24
N LEU F 168 -23.75 -27.80 5.25
CA LEU F 168 -23.21 -26.42 5.48
C LEU F 168 -24.33 -25.48 5.96
N THR F 169 -25.55 -25.78 5.62
CA THR F 169 -26.68 -24.90 6.06
C THR F 169 -26.83 -24.94 7.57
N GLU F 170 -26.59 -26.07 8.17
CA GLU F 170 -26.73 -26.18 9.66
C GLU F 170 -25.49 -25.62 10.35
N ARG F 171 -24.32 -26.06 9.95
CA ARG F 171 -23.07 -25.56 10.58
C ARG F 171 -22.91 -24.05 10.35
N ALA F 172 -23.15 -23.60 9.16
CA ALA F 172 -23.02 -22.13 8.88
C ALA F 172 -23.99 -21.33 9.74
N LYS F 173 -25.20 -21.80 9.88
CA LYS F 173 -26.21 -21.06 10.71
C LYS F 173 -25.99 -21.33 12.20
N ASP F 174 -25.30 -22.40 12.52
CA ASP F 174 -25.06 -22.73 13.96
C ASP F 174 -24.29 -21.60 14.64
N PHE F 175 -23.16 -21.24 14.12
CA PHE F 175 -22.35 -20.15 14.75
C PHE F 175 -23.15 -18.84 14.78
N SER F 176 -23.97 -18.60 13.79
CA SER F 176 -24.77 -17.35 13.76
C SER F 176 -25.81 -17.40 12.63
N LEU F 177 -26.51 -16.32 12.40
CA LEU F 177 -27.53 -16.31 11.30
C LEU F 177 -26.96 -15.58 10.09
N ILE F 178 -26.69 -16.29 9.03
CA ILE F 178 -26.13 -15.64 7.81
C ILE F 178 -26.52 -16.44 6.56
N LEU F 179 -26.58 -15.80 5.43
CA LEU F 179 -26.96 -16.53 4.17
C LEU F 179 -25.71 -16.83 3.36
N ASP F 180 -25.46 -18.09 3.10
CA ASP F 180 -24.25 -18.48 2.30
C ASP F 180 -24.61 -19.53 1.26
N ASP F 181 -23.88 -19.59 0.17
CA ASP F 181 -24.18 -20.59 -0.88
C ASP F 181 -23.22 -21.78 -0.77
N VAL F 182 -23.66 -22.96 -1.12
CA VAL F 182 -22.76 -24.14 -1.00
C VAL F 182 -22.29 -24.62 -2.39
N ALA F 183 -21.04 -24.41 -2.68
CA ALA F 183 -20.47 -24.86 -3.98
C ALA F 183 -18.95 -24.94 -3.84
N ILE F 184 -18.30 -25.79 -4.58
CA ILE F 184 -16.82 -25.89 -4.43
C ILE F 184 -16.14 -26.28 -5.74
N THR F 185 -14.91 -25.88 -5.91
CA THR F 185 -14.16 -26.24 -7.14
C THR F 185 -13.23 -27.40 -6.76
N GLU F 186 -13.49 -28.58 -7.24
CA GLU F 186 -12.64 -29.75 -6.85
C GLU F 186 -12.16 -30.56 -8.04
N LEU F 187 -11.03 -31.18 -7.87
CA LEU F 187 -10.46 -32.06 -8.92
C LEU F 187 -10.06 -33.38 -8.23
N SER F 188 -10.40 -34.50 -8.80
CA SER F 188 -10.07 -35.79 -8.12
C SER F 188 -8.84 -36.45 -8.72
N PHE F 189 -8.13 -37.22 -7.93
CA PHE F 189 -6.90 -37.90 -8.43
C PHE F 189 -7.20 -39.37 -8.72
N SER F 190 -6.70 -39.88 -9.82
CA SER F 190 -6.97 -41.31 -10.15
C SER F 190 -5.67 -41.98 -10.64
N MET A 1 -9.56 26.06 59.56
CA MET A 1 -10.60 27.09 59.29
C MET A 1 -10.28 28.38 60.04
N ALA A 2 -9.78 29.38 59.36
CA ALA A 2 -9.45 30.67 60.04
C ALA A 2 -10.09 31.84 59.28
N GLN A 3 -9.84 33.04 59.73
CA GLN A 3 -10.43 34.23 59.05
C GLN A 3 -9.74 34.46 57.70
N ASN A 4 -8.49 34.07 57.59
CA ASN A 4 -7.76 34.27 56.30
C ASN A 4 -8.40 33.42 55.20
N LEU A 5 -9.02 32.34 55.56
CA LEU A 5 -9.66 31.46 54.53
C LEU A 5 -10.73 32.23 53.77
N LYS A 6 -11.43 33.11 54.44
CA LYS A 6 -12.50 33.90 53.75
C LYS A 6 -11.87 34.81 52.69
N ASP A 7 -10.66 35.22 52.88
CA ASP A 7 -9.99 36.10 51.88
C ASP A 7 -9.70 35.32 50.59
N LEU A 8 -9.47 34.04 50.70
CA LEU A 8 -9.18 33.22 49.49
C LEU A 8 -10.37 33.24 48.53
N ALA A 9 -11.57 33.17 49.06
CA ALA A 9 -12.77 33.19 48.20
C ALA A 9 -12.89 34.54 47.48
N GLY A 10 -12.45 35.60 48.12
CA GLY A 10 -12.54 36.94 47.49
C GLY A 10 -11.39 37.12 46.49
N ARG A 11 -10.35 36.35 46.61
CA ARG A 11 -9.19 36.48 45.66
C ARG A 11 -9.54 35.84 44.32
N LEU A 12 -10.46 34.91 44.30
CA LEU A 12 -10.83 34.25 43.01
C LEU A 12 -11.51 35.26 42.08
N PRO A 13 -12.59 35.84 42.54
CA PRO A 13 -13.32 36.83 41.70
C PRO A 13 -12.53 38.14 41.61
N ALA A 14 -11.97 38.41 40.46
CA ALA A 14 -11.18 39.67 40.29
C ALA A 14 -10.89 39.92 38.81
N GLY A 15 -10.54 38.88 38.09
CA GLY A 15 -10.24 39.06 36.64
C GLY A 15 -8.83 39.64 36.47
N PRO A 16 -7.86 38.94 37.00
CA PRO A 16 -6.46 39.40 36.91
C PRO A 16 -5.93 39.21 35.48
N ARG A 17 -4.68 39.51 35.26
CA ARG A 17 -4.10 39.34 33.90
C ARG A 17 -3.73 37.87 33.65
N GLY A 18 -3.37 37.16 34.68
CA GLY A 18 -3.01 35.73 34.51
C GLY A 18 -4.24 34.95 34.05
N MET A 19 -5.39 35.29 34.55
CA MET A 19 -6.64 34.57 34.13
C MET A 19 -6.91 34.79 32.64
N GLY A 20 -6.48 35.90 32.11
CA GLY A 20 -6.72 36.19 30.66
C GLY A 20 -5.78 35.33 29.82
N THR A 21 -4.59 35.08 30.30
CA THR A 21 -3.63 34.25 29.52
C THR A 21 -3.93 32.77 29.72
N ALA A 22 -4.53 32.41 30.82
CA ALA A 22 -4.86 30.97 31.08
C ALA A 22 -5.74 30.42 29.95
N LEU A 23 -6.47 31.28 29.28
CA LEU A 23 -7.34 30.80 28.17
C LEU A 23 -6.49 30.26 27.02
N LYS A 24 -5.41 30.94 26.69
CA LYS A 24 -4.54 30.46 25.58
C LYS A 24 -4.15 29.00 25.80
N LEU A 25 -3.99 28.61 27.04
CA LEU A 25 -3.62 27.20 27.33
C LEU A 25 -4.76 26.26 26.94
N LEU A 26 -5.97 26.58 27.36
CA LEU A 26 -7.13 25.71 27.00
C LEU A 26 -7.28 25.59 25.49
N LEU A 27 -7.01 26.65 24.78
CA LEU A 27 -7.13 26.59 23.29
C LEU A 27 -5.92 25.87 22.69
N GLY A 28 -4.74 26.15 23.18
CA GLY A 28 -3.52 25.47 22.65
C GLY A 28 -3.57 23.99 23.02
N ALA A 29 -4.21 23.65 24.11
CA ALA A 29 -4.29 22.22 24.53
C ALA A 29 -5.00 21.40 23.44
N GLY A 30 -5.96 21.98 22.78
CA GLY A 30 -6.69 21.23 21.72
C GLY A 30 -5.74 20.88 20.59
N ALA A 31 -4.72 21.68 20.39
CA ALA A 31 -3.74 21.40 19.30
C ALA A 31 -2.84 20.22 19.69
N VAL A 32 -2.42 20.17 20.93
CA VAL A 32 -1.54 19.05 21.37
C VAL A 32 -2.28 17.72 21.21
N ALA A 33 -3.59 17.73 21.33
CA ALA A 33 -4.37 16.47 21.18
C ALA A 33 -4.18 15.90 19.77
N TYR A 34 -3.95 16.75 18.82
CA TYR A 34 -3.74 16.26 17.42
C TYR A 34 -2.58 15.26 17.37
N GLY A 35 -1.45 15.63 17.92
CA GLY A 35 -0.28 14.70 17.92
C GLY A 35 -0.64 13.41 18.67
N VAL A 36 -1.46 13.52 19.67
CA VAL A 36 -1.86 12.31 20.46
C VAL A 36 -2.95 11.53 19.70
N ARG A 37 -3.76 12.21 18.94
CA ARG A 37 -4.84 11.50 18.19
C ARG A 37 -4.25 10.40 17.29
N GLU A 38 -3.04 10.58 16.84
CA GLU A 38 -2.41 9.55 15.96
C GLU A 38 -1.90 8.36 16.81
N SER A 39 -1.57 8.58 18.07
CA SER A 39 -1.07 7.45 18.93
C SER A 39 -1.97 7.23 20.17
N VAL A 40 -1.66 6.23 20.98
CA VAL A 40 -2.49 5.96 22.21
C VAL A 40 -1.85 4.85 23.07
N PHE A 41 -2.34 4.63 24.28
CA PHE A 41 -1.74 3.55 25.16
C PHE A 41 -2.84 2.68 25.80
N THR A 42 -4.10 2.94 25.54
CA THR A 42 -5.18 2.11 26.16
C THR A 42 -5.58 0.94 25.25
N VAL A 43 -4.77 0.62 24.27
CA VAL A 43 -5.13 -0.51 23.35
C VAL A 43 -6.51 -0.29 22.74
N GLU A 44 -6.91 -1.11 21.81
CA GLU A 44 -8.25 -0.93 21.18
C GLU A 44 -8.60 -2.16 20.32
N GLY A 45 -9.83 -2.56 20.30
CA GLY A 45 -10.23 -3.74 19.49
C GLY A 45 -9.85 -5.03 20.23
N GLY A 46 -9.32 -5.99 19.52
CA GLY A 46 -8.91 -7.27 20.19
C GLY A 46 -7.39 -7.30 20.36
N HIS A 47 -6.83 -6.23 20.86
CA HIS A 47 -5.35 -6.20 21.06
C HIS A 47 -5.01 -6.22 22.55
N ARG A 48 -3.84 -6.72 22.88
CA ARG A 48 -3.44 -6.83 24.32
C ARG A 48 -2.25 -5.88 24.62
N ALA A 49 -2.07 -5.49 25.88
CA ALA A 49 -0.95 -4.53 26.21
C ALA A 49 0.30 -5.23 26.80
N ILE A 50 1.45 -4.63 26.57
CA ILE A 50 2.75 -5.18 27.09
C ILE A 50 3.54 -4.03 27.76
N PHE A 51 4.40 -4.30 28.72
CA PHE A 51 5.12 -3.16 29.42
C PHE A 51 6.64 -3.25 29.37
N PHE A 52 7.30 -2.13 29.21
CA PHE A 52 8.81 -2.09 29.20
C PHE A 52 9.31 -0.65 29.46
N ASN A 53 10.49 -0.50 30.00
CA ASN A 53 11.03 0.88 30.29
C ASN A 53 12.38 1.11 29.58
N ARG A 54 12.72 2.35 29.27
CA ARG A 54 14.03 2.66 28.59
C ARG A 54 15.18 1.90 29.27
N ILE A 55 15.05 1.62 30.54
CA ILE A 55 16.13 0.89 31.26
C ILE A 55 16.14 -0.60 30.85
N GLY A 56 15.19 -1.35 31.32
CA GLY A 56 15.15 -2.81 30.96
C GLY A 56 14.42 -3.00 29.64
N GLY A 57 15.14 -2.98 28.55
CA GLY A 57 14.49 -3.16 27.22
C GLY A 57 13.90 -4.56 27.12
N VAL A 58 12.60 -4.67 27.04
CA VAL A 58 11.95 -6.01 26.95
C VAL A 58 10.47 -5.87 26.58
N GLN A 59 9.72 -6.93 26.70
CA GLN A 59 8.26 -6.86 26.34
C GLN A 59 8.07 -6.24 24.95
N GLN A 60 8.02 -7.06 23.93
CA GLN A 60 7.83 -6.54 22.55
C GLN A 60 7.20 -7.61 21.67
N ASP A 61 6.43 -7.21 20.68
CA ASP A 61 5.77 -8.22 19.79
C ASP A 61 5.05 -9.29 20.62
N THR A 62 4.22 -8.88 21.54
CA THR A 62 3.47 -9.86 22.39
C THR A 62 2.22 -9.20 23.01
N ILE A 63 1.09 -9.87 22.93
CA ILE A 63 -0.17 -9.27 23.51
C ILE A 63 -0.83 -10.16 24.60
N LEU A 64 -1.23 -9.56 25.73
CA LEU A 64 -1.90 -10.33 26.84
C LEU A 64 -3.45 -10.24 26.78
N ALA A 65 -4.06 -9.17 27.30
CA ALA A 65 -5.57 -9.02 27.27
C ALA A 65 -5.98 -7.53 27.36
N GLU A 66 -7.26 -7.21 27.25
CA GLU A 66 -7.69 -5.76 27.32
C GLU A 66 -7.88 -5.29 28.77
N GLY A 67 -7.68 -4.02 28.99
CA GLY A 67 -7.82 -3.44 30.35
C GLY A 67 -8.00 -1.92 30.21
N LEU A 68 -8.62 -1.26 31.15
CA LEU A 68 -8.78 0.22 30.99
C LEU A 68 -7.64 0.89 31.77
N HIS A 69 -6.68 1.41 31.06
CA HIS A 69 -5.50 2.06 31.70
C HIS A 69 -4.77 2.96 30.70
N PHE A 70 -4.10 3.98 31.16
CA PHE A 70 -3.36 4.88 30.22
C PHE A 70 -1.88 4.95 30.64
N ARG A 71 -0.97 4.84 29.70
CA ARG A 71 0.48 4.91 30.06
C ARG A 71 0.80 6.25 30.73
N ILE A 72 1.39 7.17 30.01
CA ILE A 72 1.74 8.50 30.61
C ILE A 72 2.09 8.39 32.10
N PRO A 73 2.95 7.43 32.43
CA PRO A 73 3.34 7.21 33.83
C PRO A 73 4.71 7.84 34.12
N TRP A 74 5.77 7.19 33.71
CA TRP A 74 7.14 7.74 33.95
C TRP A 74 8.20 6.80 33.38
N PHE A 75 7.93 5.51 33.36
CA PHE A 75 8.95 4.55 32.81
C PHE A 75 8.28 3.46 31.97
N GLN A 76 7.08 3.68 31.50
CA GLN A 76 6.40 2.63 30.66
C GLN A 76 6.49 3.03 29.19
N TYR A 77 6.47 2.08 28.30
CA TYR A 77 6.57 2.38 26.85
C TYR A 77 5.45 1.74 26.05
N PRO A 78 5.15 2.32 24.92
CA PRO A 78 4.10 1.79 24.05
C PRO A 78 4.69 0.90 22.95
N ILE A 79 4.47 -0.37 23.06
CA ILE A 79 4.95 -1.36 22.05
C ILE A 79 4.06 -2.59 22.22
N ILE A 80 3.18 -2.85 21.28
CA ILE A 80 2.24 -4.00 21.43
C ILE A 80 2.15 -4.83 20.13
N TYR A 81 1.73 -6.08 20.26
CA TYR A 81 1.63 -6.96 19.07
C TYR A 81 0.19 -6.99 18.54
N ASP A 82 0.01 -7.24 17.26
CA ASP A 82 -1.36 -7.25 16.68
C ASP A 82 -1.66 -8.62 16.03
N ILE A 83 -2.91 -9.00 15.99
CA ILE A 83 -3.26 -10.31 15.37
C ILE A 83 -3.61 -10.14 13.90
N ARG A 84 -3.45 -11.17 13.11
CA ARG A 84 -3.77 -11.09 11.65
C ARG A 84 -3.59 -12.46 11.00
N ALA A 85 -4.05 -12.61 9.78
CA ALA A 85 -3.90 -13.94 9.09
C ALA A 85 -2.42 -14.36 9.08
N ARG A 86 -2.14 -15.59 8.75
CA ARG A 86 -0.72 -16.04 8.74
C ARG A 86 -0.50 -17.11 7.66
N PRO A 87 0.21 -16.73 6.62
CA PRO A 87 0.52 -17.67 5.52
C PRO A 87 1.94 -18.19 5.69
N ARG A 88 2.10 -19.46 5.92
CA ARG A 88 3.49 -20.00 6.09
C ARG A 88 3.51 -21.54 5.82
N LYS A 89 4.09 -21.97 4.70
CA LYS A 89 4.13 -23.44 4.35
C LYS A 89 5.23 -23.74 3.29
N ILE A 90 5.74 -24.97 3.24
CA ILE A 90 6.82 -25.29 2.21
C ILE A 90 6.75 -26.75 1.72
N SER A 91 7.28 -26.98 0.55
CA SER A 91 7.33 -28.37 0.00
C SER A 91 8.75 -28.91 0.19
N SER A 92 8.93 -29.85 1.08
CA SER A 92 10.31 -30.38 1.34
C SER A 92 10.44 -31.83 0.85
N PRO A 93 11.43 -32.06 0.01
CA PRO A 93 11.67 -33.42 -0.53
C PRO A 93 12.79 -34.10 0.26
N THR A 94 12.48 -35.16 0.97
CA THR A 94 13.54 -35.87 1.75
C THR A 94 13.20 -37.35 1.89
N GLY A 95 14.15 -38.22 1.69
CA GLY A 95 13.89 -39.68 1.81
C GLY A 95 15.00 -40.34 2.63
N SER A 96 14.69 -41.37 3.36
CA SER A 96 15.73 -42.06 4.17
C SER A 96 15.23 -43.43 4.64
N LYS A 97 13.99 -43.51 5.05
CA LYS A 97 13.45 -44.83 5.52
C LYS A 97 13.30 -45.79 4.34
N ASP A 98 12.95 -45.27 3.19
CA ASP A 98 12.78 -46.16 2.00
C ASP A 98 13.87 -45.85 0.96
N LEU A 99 13.90 -46.59 -0.12
CA LEU A 99 14.93 -46.34 -1.17
C LEU A 99 14.35 -45.45 -2.28
N GLN A 100 13.38 -44.64 -1.96
CA GLN A 100 12.78 -43.74 -2.98
C GLN A 100 12.77 -42.30 -2.48
N MET A 101 12.06 -41.43 -3.14
CA MET A 101 12.01 -40.01 -2.69
C MET A 101 10.69 -39.73 -1.97
N VAL A 102 10.73 -38.97 -0.90
CA VAL A 102 9.49 -38.66 -0.15
C VAL A 102 9.43 -37.17 0.19
N ASN A 103 8.45 -36.47 -0.32
CA ASN A 103 8.35 -35.01 -0.03
C ASN A 103 7.17 -34.74 0.89
N ILE A 104 7.37 -33.91 1.88
CA ILE A 104 6.26 -33.59 2.83
C ILE A 104 6.21 -32.08 3.09
N SER A 105 5.05 -31.55 3.39
CA SER A 105 4.93 -30.10 3.66
C SER A 105 3.99 -29.86 4.86
N LEU A 106 4.53 -29.43 5.96
CA LEU A 106 3.69 -29.18 7.16
C LEU A 106 3.71 -27.70 7.56
N ARG A 107 2.63 -27.21 8.10
CA ARG A 107 2.59 -25.77 8.52
C ARG A 107 1.87 -25.64 9.86
N VAL A 108 2.20 -24.64 10.64
CA VAL A 108 1.53 -24.47 11.96
C VAL A 108 0.59 -23.26 11.92
N LEU A 109 -0.49 -23.31 12.65
CA LEU A 109 -1.44 -22.17 12.66
C LEU A 109 -1.27 -21.36 13.94
N SER A 110 -1.48 -20.07 13.88
CA SER A 110 -1.33 -19.22 15.09
C SER A 110 -2.69 -18.87 15.67
N ARG A 111 -2.92 -19.20 16.92
CA ARG A 111 -4.23 -18.88 17.54
C ARG A 111 -4.10 -17.66 18.46
N PRO A 112 -4.70 -16.57 18.07
CA PRO A 112 -4.63 -15.33 18.88
C PRO A 112 -5.48 -15.47 20.14
N ASN A 113 -4.92 -15.99 21.20
CA ASN A 113 -5.70 -16.14 22.46
C ASN A 113 -4.88 -15.62 23.65
N ALA A 114 -5.54 -15.06 24.63
CA ALA A 114 -4.81 -14.53 25.82
C ALA A 114 -3.99 -15.64 26.47
N GLN A 115 -2.70 -15.65 26.25
CA GLN A 115 -1.84 -16.71 26.86
C GLN A 115 -0.55 -16.11 27.40
N GLU A 116 -0.63 -14.98 28.06
CA GLU A 116 0.59 -14.33 28.63
C GLU A 116 1.66 -14.17 27.54
N LEU A 117 1.60 -13.10 26.80
CA LEU A 117 2.62 -12.86 25.74
C LEU A 117 3.93 -12.28 26.31
N PRO A 118 3.85 -11.55 27.42
CA PRO A 118 5.08 -10.97 28.00
C PRO A 118 5.95 -12.08 28.63
N SER A 119 5.35 -13.02 29.33
CA SER A 119 6.17 -14.11 29.94
C SER A 119 6.88 -14.91 28.84
N MET A 120 6.17 -15.16 27.77
CA MET A 120 6.77 -15.94 26.65
C MET A 120 7.65 -15.04 25.77
N TYR A 121 7.47 -13.74 25.82
CA TYR A 121 8.30 -12.85 24.96
C TYR A 121 9.80 -13.04 25.26
N GLN A 122 10.23 -12.64 26.43
CA GLN A 122 11.68 -12.80 26.76
C GLN A 122 12.09 -14.27 26.60
N ARG A 123 11.15 -15.17 26.74
CA ARG A 123 11.47 -16.61 26.56
C ARG A 123 11.49 -16.95 25.07
N LEU A 124 10.76 -16.20 24.29
CA LEU A 124 10.71 -16.44 22.82
C LEU A 124 12.06 -16.03 22.20
N GLY A 125 12.47 -14.81 22.42
CA GLY A 125 13.77 -14.34 21.86
C GLY A 125 13.84 -14.63 20.35
N LEU A 126 14.97 -14.36 19.75
CA LEU A 126 15.13 -14.63 18.28
C LEU A 126 13.98 -13.99 17.50
N ASP A 127 13.80 -14.37 16.27
CA ASP A 127 12.69 -13.78 15.45
C ASP A 127 11.34 -14.06 16.13
N TYR A 128 10.31 -13.36 15.73
CA TYR A 128 8.98 -13.58 16.35
C TYR A 128 8.43 -14.95 15.95
N GLU A 129 7.57 -15.01 14.98
CA GLU A 129 7.01 -16.33 14.55
C GLU A 129 8.01 -17.05 13.64
N GLU A 130 8.76 -16.31 12.86
CA GLU A 130 9.75 -16.94 11.94
C GLU A 130 10.72 -17.85 12.70
N ARG A 131 10.84 -17.67 13.98
CA ARG A 131 11.78 -18.53 14.77
C ARG A 131 11.13 -19.89 15.10
N VAL A 132 9.98 -19.87 15.71
CA VAL A 132 9.32 -21.15 16.11
C VAL A 132 8.58 -21.81 14.93
N LEU A 133 8.27 -21.08 13.89
CA LEU A 133 7.52 -21.70 12.75
C LEU A 133 8.40 -22.68 11.94
N PRO A 134 9.42 -22.18 11.29
CA PRO A 134 10.29 -23.06 10.46
C PRO A 134 11.15 -23.99 11.34
N SER A 135 11.76 -23.46 12.36
CA SER A 135 12.64 -24.30 13.24
C SER A 135 11.92 -25.59 13.67
N ILE A 136 10.73 -25.49 14.18
CA ILE A 136 10.00 -26.72 14.62
C ILE A 136 9.40 -27.45 13.41
N VAL A 137 8.65 -26.75 12.59
CA VAL A 137 8.03 -27.41 11.40
C VAL A 137 9.10 -28.12 10.57
N ASN A 138 10.25 -27.52 10.42
CA ASN A 138 11.34 -28.16 9.62
C ASN A 138 11.92 -29.35 10.38
N GLU A 139 11.82 -29.35 11.68
CA GLU A 139 12.36 -30.48 12.48
C GLU A 139 11.39 -31.67 12.46
N VAL A 140 10.20 -31.46 12.95
CA VAL A 140 9.20 -32.58 12.96
C VAL A 140 9.04 -33.15 11.55
N LEU A 141 9.13 -32.32 10.54
CA LEU A 141 8.99 -32.82 9.14
C LEU A 141 10.20 -33.64 8.74
N LYS A 142 11.35 -33.33 9.28
CA LYS A 142 12.59 -34.08 8.92
C LYS A 142 12.66 -35.40 9.70
N SER A 143 12.40 -35.37 10.98
CA SER A 143 12.46 -36.64 11.78
C SER A 143 11.41 -37.65 11.31
N VAL A 144 10.24 -37.18 10.96
CA VAL A 144 9.18 -38.13 10.50
C VAL A 144 9.60 -38.80 9.19
N VAL A 145 10.14 -38.05 8.27
CA VAL A 145 10.57 -38.66 6.97
C VAL A 145 11.52 -39.83 7.22
N ALA A 146 12.36 -39.73 8.21
CA ALA A 146 13.30 -40.84 8.52
C ALA A 146 12.58 -41.94 9.31
N LYS A 147 11.58 -41.57 10.08
CA LYS A 147 10.84 -42.58 10.88
C LYS A 147 9.83 -43.32 10.01
N PHE A 148 8.89 -42.62 9.44
CA PHE A 148 7.88 -43.29 8.57
C PHE A 148 8.50 -43.70 7.24
N ASN A 149 7.83 -44.56 6.51
CA ASN A 149 8.39 -45.00 5.19
C ASN A 149 7.66 -44.30 4.04
N ALA A 150 8.10 -44.52 2.83
CA ALA A 150 7.44 -43.85 1.67
C ALA A 150 6.16 -44.60 1.28
N SER A 151 6.10 -45.87 1.56
CA SER A 151 4.88 -46.66 1.20
C SER A 151 3.66 -46.10 1.94
N GLN A 152 3.66 -46.14 3.25
CA GLN A 152 2.50 -45.62 4.01
C GLN A 152 2.29 -44.13 3.73
N LEU A 153 3.33 -43.45 3.33
CA LEU A 153 3.19 -41.99 3.04
C LEU A 153 2.40 -41.78 1.74
N ILE A 154 2.82 -42.39 0.67
CA ILE A 154 2.09 -42.23 -0.62
C ILE A 154 0.68 -42.80 -0.50
N THR A 155 0.46 -43.72 0.41
CA THR A 155 -0.90 -44.30 0.57
C THR A 155 -1.92 -43.20 0.87
N GLN A 156 -1.50 -42.18 1.56
CA GLN A 156 -2.43 -41.05 1.89
C GLN A 156 -1.65 -39.92 2.57
N ARG A 157 -1.54 -38.79 1.92
CA ARG A 157 -0.80 -37.65 2.54
C ARG A 157 -1.41 -37.29 3.89
N ALA A 158 -2.64 -37.66 4.12
CA ALA A 158 -3.29 -37.33 5.43
C ALA A 158 -2.86 -38.33 6.50
N GLN A 159 -2.69 -39.58 6.15
CA GLN A 159 -2.28 -40.61 7.15
C GLN A 159 -1.01 -40.15 7.89
N VAL A 160 -0.22 -39.33 7.26
CA VAL A 160 1.03 -38.84 7.93
C VAL A 160 0.68 -37.81 9.02
N SER A 161 -0.46 -37.20 8.92
CA SER A 161 -0.86 -36.19 9.96
C SER A 161 -1.39 -36.88 11.22
N LEU A 162 -1.79 -38.12 11.11
CA LEU A 162 -2.30 -38.85 12.30
C LEU A 162 -1.28 -38.82 13.44
N LEU A 163 -0.05 -39.15 13.16
CA LEU A 163 0.99 -39.14 14.23
C LEU A 163 1.49 -37.71 14.48
N ILE A 164 1.56 -36.91 13.46
CA ILE A 164 2.03 -35.51 13.64
C ILE A 164 1.09 -34.75 14.58
N ARG A 165 -0.18 -35.04 14.52
CA ARG A 165 -1.15 -34.33 15.42
C ARG A 165 -0.74 -34.50 16.88
N ARG A 166 -0.03 -35.57 17.20
CA ARG A 166 0.40 -35.78 18.60
C ARG A 166 1.65 -34.95 18.91
N GLU A 167 2.71 -35.16 18.17
CA GLU A 167 3.96 -34.38 18.42
C GLU A 167 3.72 -32.89 18.16
N LEU A 168 2.96 -32.57 17.15
CA LEU A 168 2.69 -31.13 16.84
C LEU A 168 2.04 -30.44 18.04
N THR A 169 1.08 -31.08 18.66
CA THR A 169 0.42 -30.47 19.84
C THR A 169 1.41 -30.29 20.99
N GLU A 170 2.42 -31.12 21.04
CA GLU A 170 3.43 -31.00 22.13
C GLU A 170 4.43 -29.89 21.81
N ARG A 171 4.82 -29.77 20.57
CA ARG A 171 5.78 -28.70 20.18
C ARG A 171 5.11 -27.32 20.29
N ALA A 172 3.91 -27.20 19.79
CA ALA A 172 3.21 -25.88 19.86
C ALA A 172 3.02 -25.47 21.32
N LYS A 173 2.88 -26.43 22.20
CA LYS A 173 2.70 -26.09 23.65
C LYS A 173 3.93 -25.35 24.18
N ASP A 174 5.05 -25.47 23.51
CA ASP A 174 6.28 -24.77 23.98
C ASP A 174 6.00 -23.28 24.20
N PHE A 175 5.58 -22.59 23.16
CA PHE A 175 5.28 -21.14 23.32
C PHE A 175 3.96 -20.95 24.04
N SER A 176 3.98 -20.97 25.34
CA SER A 176 2.71 -20.80 26.14
C SER A 176 1.72 -21.91 25.79
N LEU A 177 0.48 -21.74 26.14
CA LEU A 177 -0.54 -22.78 25.83
C LEU A 177 -1.39 -22.36 24.63
N ILE A 178 -1.23 -23.04 23.52
CA ILE A 178 -2.02 -22.68 22.30
C ILE A 178 -2.56 -23.95 21.64
N LEU A 179 -3.67 -23.84 20.96
CA LEU A 179 -4.25 -25.04 20.28
C LEU A 179 -3.94 -25.00 18.78
N ASP A 180 -3.13 -25.92 18.32
CA ASP A 180 -2.75 -25.95 16.88
C ASP A 180 -3.53 -27.03 16.14
N ASP A 181 -3.75 -26.86 14.86
CA ASP A 181 -4.49 -27.88 14.08
C ASP A 181 -3.50 -28.75 13.30
N VAL A 182 -3.76 -30.03 13.19
CA VAL A 182 -2.81 -30.91 12.45
C VAL A 182 -3.32 -31.25 11.04
N ALA A 183 -2.64 -30.76 10.05
CA ALA A 183 -3.03 -31.05 8.65
C ALA A 183 -1.84 -30.81 7.74
N ILE A 184 -1.75 -31.50 6.64
CA ILE A 184 -0.57 -31.29 5.75
C ILE A 184 -0.94 -31.36 4.27
N THR A 185 -0.63 -30.34 3.53
CA THR A 185 -0.89 -30.36 2.06
C THR A 185 0.45 -30.67 1.39
N GLU A 186 0.60 -31.83 0.82
CA GLU A 186 1.93 -32.17 0.22
C GLU A 186 1.84 -33.23 -0.87
N LEU A 187 2.77 -33.17 -1.79
CA LEU A 187 2.84 -34.18 -2.88
C LEU A 187 4.20 -34.88 -2.77
N SER A 188 4.24 -36.17 -2.92
CA SER A 188 5.54 -36.89 -2.78
C SER A 188 6.13 -37.27 -4.13
N PHE A 189 7.44 -37.39 -4.19
CA PHE A 189 8.12 -37.75 -5.48
C PHE A 189 8.48 -39.23 -5.49
N SER A 190 7.84 -40.00 -6.35
CA SER A 190 8.15 -41.46 -6.42
C SER A 190 8.03 -42.10 -5.03
N MET B 1 25.38 36.75 51.52
CA MET B 1 24.69 37.96 50.96
C MET B 1 25.72 38.98 50.51
N ALA B 2 25.71 39.34 49.25
CA ALA B 2 26.69 40.34 48.74
C ALA B 2 26.01 41.29 47.75
N GLN B 3 26.74 42.23 47.23
CA GLN B 3 26.14 43.21 46.26
C GLN B 3 25.89 42.51 44.91
N ASN B 4 26.82 41.72 44.47
CA ASN B 4 26.64 41.01 43.16
C ASN B 4 25.46 40.04 43.24
N LEU B 5 25.20 39.51 44.41
CA LEU B 5 24.06 38.55 44.55
C LEU B 5 22.74 39.32 44.69
N LYS B 6 22.79 40.49 45.25
CA LYS B 6 21.54 41.28 45.41
C LYS B 6 21.18 41.98 44.10
N ASP B 7 22.15 42.25 43.27
CA ASP B 7 21.86 42.92 41.97
C ASP B 7 21.11 41.98 41.04
N LEU B 8 21.47 40.72 41.03
CA LEU B 8 20.78 39.75 40.13
C LEU B 8 19.38 39.43 40.68
N ALA B 9 19.24 39.40 41.99
CA ALA B 9 17.91 39.10 42.59
C ALA B 9 16.90 40.17 42.18
N GLY B 10 17.29 41.42 42.22
CA GLY B 10 16.35 42.52 41.84
C GLY B 10 15.95 42.35 40.37
N ARG B 11 16.71 41.63 39.60
CA ARG B 11 16.37 41.44 38.16
C ARG B 11 15.06 40.65 38.01
N LEU B 12 14.70 39.88 39.00
CA LEU B 12 13.43 39.09 38.91
C LEU B 12 12.21 40.02 39.02
N PRO B 13 12.11 40.72 40.13
CA PRO B 13 10.97 41.65 40.33
C PRO B 13 11.12 42.88 39.42
N ALA B 14 11.06 42.69 38.13
CA ALA B 14 11.20 43.85 37.21
C ALA B 14 10.52 43.56 35.87
N GLY B 15 9.54 44.34 35.52
CA GLY B 15 8.82 44.11 34.23
C GLY B 15 8.11 42.76 34.27
N PRO B 16 6.91 42.77 34.81
CA PRO B 16 6.11 41.51 34.91
C PRO B 16 5.59 41.11 33.52
N ARG B 17 5.61 42.00 32.58
CA ARG B 17 5.10 41.66 31.20
C ARG B 17 5.90 40.48 30.64
N GLY B 18 7.11 40.30 31.08
CA GLY B 18 7.93 39.16 30.56
C GLY B 18 7.33 37.84 31.04
N MET B 19 6.87 37.79 32.26
CA MET B 19 6.27 36.52 32.77
C MET B 19 4.96 36.22 32.03
N GLY B 20 4.21 37.22 31.70
CA GLY B 20 2.93 36.99 30.97
C GLY B 20 3.23 36.49 29.56
N THR B 21 4.02 37.22 28.82
CA THR B 21 4.35 36.79 27.43
C THR B 21 5.07 35.43 27.45
N ALA B 22 5.72 35.11 28.53
CA ALA B 22 6.44 33.81 28.63
C ALA B 22 5.46 32.65 28.47
N LEU B 23 4.23 32.84 28.87
CA LEU B 23 3.22 31.75 28.74
C LEU B 23 3.02 31.38 27.26
N LYS B 24 3.01 32.36 26.40
CA LYS B 24 2.83 32.07 24.95
C LYS B 24 3.90 31.08 24.47
N LEU B 25 5.04 31.10 25.09
CA LEU B 25 6.12 30.16 24.68
C LEU B 25 5.74 28.71 25.04
N LEU B 26 5.21 28.50 26.21
CA LEU B 26 4.80 27.12 26.61
C LEU B 26 3.82 26.54 25.60
N LEU B 27 2.80 27.27 25.25
CA LEU B 27 1.80 26.77 24.27
C LEU B 27 2.48 26.43 22.94
N GLY B 28 3.34 27.27 22.47
CA GLY B 28 4.04 27.01 21.17
C GLY B 28 4.88 25.74 21.29
N ALA B 29 5.46 25.51 22.45
CA ALA B 29 6.30 24.29 22.62
C ALA B 29 5.46 23.03 22.42
N GLY B 30 4.22 23.07 22.84
CA GLY B 30 3.33 21.87 22.66
C GLY B 30 3.09 21.62 21.17
N ALA B 31 3.15 22.65 20.37
CA ALA B 31 2.92 22.47 18.90
C ALA B 31 4.17 21.89 18.23
N VAL B 32 5.33 22.34 18.64
CA VAL B 32 6.59 21.81 18.03
C VAL B 32 6.76 20.33 18.37
N ALA B 33 6.24 19.91 19.49
CA ALA B 33 6.38 18.47 19.89
C ALA B 33 5.70 17.57 18.85
N TYR B 34 4.66 18.05 18.21
CA TYR B 34 3.96 17.23 17.19
C TYR B 34 4.93 16.84 16.06
N GLY B 35 5.68 17.79 15.57
CA GLY B 35 6.65 17.48 14.47
C GLY B 35 7.62 16.40 14.94
N VAL B 36 7.93 16.38 16.21
CA VAL B 36 8.88 15.35 16.74
C VAL B 36 8.14 14.01 16.93
N ARG B 37 6.87 14.06 17.20
CA ARG B 37 6.10 12.80 17.41
C ARG B 37 6.15 11.93 16.14
N GLU B 38 6.27 12.54 14.99
CA GLU B 38 6.33 11.74 13.73
C GLU B 38 7.71 11.08 13.58
N SER B 39 8.75 11.69 14.12
CA SER B 39 10.11 11.07 13.99
C SER B 39 11.01 11.42 15.19
N VAL B 40 11.89 10.51 15.58
CA VAL B 40 12.80 10.78 16.74
C VAL B 40 14.12 9.99 16.59
N PHE B 41 14.96 9.99 17.61
CA PHE B 41 16.25 9.23 17.52
C PHE B 41 16.37 8.17 18.63
N THR B 42 15.57 8.27 19.67
CA THR B 42 15.66 7.26 20.78
C THR B 42 15.52 5.84 20.20
N VAL B 43 16.20 4.89 20.77
CA VAL B 43 16.12 3.49 20.26
C VAL B 43 14.87 2.81 20.86
N GLU B 44 13.93 2.44 20.03
CA GLU B 44 12.68 1.77 20.56
C GLU B 44 13.02 0.44 21.25
N GLY B 45 12.92 -0.68 20.55
CA GLY B 45 13.24 -1.98 21.21
C GLY B 45 13.30 -3.11 20.18
N GLY B 46 14.34 -3.91 20.22
CA GLY B 46 14.47 -5.05 19.27
C GLY B 46 15.51 -4.76 18.19
N HIS B 47 16.31 -3.73 18.35
CA HIS B 47 17.34 -3.42 17.30
C HIS B 47 18.54 -2.66 17.90
N ARG B 48 19.68 -2.80 17.26
CA ARG B 48 20.92 -2.12 17.74
C ARG B 48 21.18 -0.83 16.94
N ALA B 49 21.87 0.13 17.50
CA ALA B 49 22.06 1.46 16.79
C ALA B 49 23.42 1.65 16.09
N ILE B 50 23.44 2.56 15.12
CA ILE B 50 24.67 2.88 14.30
C ILE B 50 25.01 4.38 14.38
N PHE B 51 26.26 4.76 14.18
CA PHE B 51 26.63 6.23 14.27
C PHE B 51 27.40 6.72 13.02
N PHE B 52 27.15 7.96 12.61
CA PHE B 52 27.87 8.54 11.43
C PHE B 52 27.77 10.08 11.43
N ASN B 53 28.72 10.76 10.83
CA ASN B 53 28.69 12.28 10.80
C ASN B 53 28.42 12.82 9.38
N ARG B 54 27.86 14.01 9.27
CA ARG B 54 27.57 14.60 7.91
C ARG B 54 28.75 14.39 6.96
N ILE B 55 29.94 14.32 7.48
CA ILE B 55 31.13 14.12 6.59
C ILE B 55 31.60 12.66 6.66
N GLY B 56 31.73 12.02 5.54
CA GLY B 56 32.19 10.60 5.53
C GLY B 56 31.19 9.74 4.74
N GLY B 57 31.27 8.44 4.88
CA GLY B 57 30.32 7.56 4.14
C GLY B 57 29.13 7.24 5.03
N VAL B 58 27.94 7.62 4.60
CA VAL B 58 26.73 7.35 5.43
C VAL B 58 26.57 5.84 5.65
N GLN B 59 25.92 5.46 6.71
CA GLN B 59 25.73 4.01 7.00
C GLN B 59 24.32 3.57 6.61
N GLN B 60 24.19 2.40 6.05
CA GLN B 60 22.83 1.91 5.64
C GLN B 60 22.70 0.42 5.94
N ASP B 61 21.57 -0.16 5.64
CA ASP B 61 21.35 -1.62 5.90
C ASP B 61 21.73 -1.96 7.35
N THR B 62 21.61 -1.02 8.24
CA THR B 62 21.97 -1.29 9.66
C THR B 62 20.68 -1.43 10.55
N ILE B 63 20.58 -0.87 11.75
CA ILE B 63 19.29 -1.05 12.57
C ILE B 63 19.33 -0.25 13.91
N LEU B 64 18.24 -0.23 14.69
CA LEU B 64 18.27 0.54 16.01
C LEU B 64 16.91 0.52 16.77
N ALA B 65 16.89 0.02 18.00
CA ALA B 65 15.62 0.06 18.83
C ALA B 65 15.78 -0.66 20.20
N GLU B 66 15.77 0.10 21.29
CA GLU B 66 15.87 -0.49 22.68
C GLU B 66 16.00 0.60 23.77
N GLY B 67 17.13 1.25 23.84
CA GLY B 67 17.35 2.33 24.89
C GLY B 67 17.21 3.71 24.25
N LEU B 68 16.98 4.76 25.00
CA LEU B 68 16.83 6.09 24.32
C LEU B 68 18.17 6.84 24.37
N HIS B 69 18.89 6.85 23.27
CA HIS B 69 20.20 7.56 23.20
C HIS B 69 20.69 7.71 21.75
N PHE B 70 20.71 8.90 21.18
CA PHE B 70 21.23 9.08 19.77
C PHE B 70 20.75 10.39 19.13
N ARG B 71 21.36 10.77 18.03
CA ARG B 71 20.98 12.03 17.31
C ARG B 71 20.83 13.20 18.30
N ILE B 72 21.54 13.15 19.39
CA ILE B 72 21.44 14.25 20.39
C ILE B 72 22.32 15.44 19.96
N PRO B 73 23.58 15.16 19.64
CA PRO B 73 24.49 16.25 19.21
C PRO B 73 24.15 16.69 17.78
N TRP B 74 25.05 17.37 17.13
CA TRP B 74 24.79 17.83 15.73
C TRP B 74 25.77 17.19 14.76
N PHE B 75 26.83 16.59 15.24
CA PHE B 75 27.81 15.95 14.31
C PHE B 75 27.59 14.44 14.23
N GLN B 76 26.72 13.91 15.06
CA GLN B 76 26.46 12.44 15.00
C GLN B 76 25.14 12.16 14.27
N TYR B 77 25.04 11.02 13.65
CA TYR B 77 23.79 10.68 12.91
C TYR B 77 23.64 9.17 12.79
N PRO B 78 22.60 8.64 13.37
CA PRO B 78 22.38 7.20 13.31
C PRO B 78 21.35 6.85 12.22
N ILE B 79 21.78 6.23 11.16
CA ILE B 79 20.82 5.82 10.11
C ILE B 79 20.61 4.31 10.32
N ILE B 80 19.45 3.93 10.79
CA ILE B 80 19.22 2.48 11.09
C ILE B 80 18.25 1.82 10.09
N TYR B 81 18.42 0.54 9.91
CA TYR B 81 17.56 -0.23 8.98
C TYR B 81 16.60 -1.13 9.78
N ASP B 82 15.44 -1.41 9.24
CA ASP B 82 14.48 -2.28 9.98
C ASP B 82 14.49 -3.70 9.39
N ILE B 83 14.21 -4.69 10.20
CA ILE B 83 14.23 -6.10 9.69
C ILE B 83 12.86 -6.49 9.11
N ARG B 84 12.83 -7.49 8.28
CA ARG B 84 11.55 -7.95 7.67
C ARG B 84 11.79 -9.22 6.84
N ALA B 85 10.79 -10.04 6.67
CA ALA B 85 10.98 -11.28 5.86
C ALA B 85 11.56 -10.95 4.49
N ARG B 86 12.02 -11.93 3.77
CA ARG B 86 12.61 -11.64 2.42
C ARG B 86 12.41 -12.84 1.48
N PRO B 87 11.55 -12.65 0.50
CA PRO B 87 11.29 -13.70 -0.50
C PRO B 87 12.11 -13.45 -1.76
N ARG B 88 13.09 -14.28 -2.02
CA ARG B 88 13.94 -14.06 -3.23
C ARG B 88 14.63 -15.39 -3.65
N LYS B 89 14.22 -15.99 -4.76
CA LYS B 89 14.84 -17.30 -5.21
C LYS B 89 14.59 -17.55 -6.72
N ILE B 90 15.47 -18.31 -7.37
CA ILE B 90 15.29 -18.61 -8.85
C ILE B 90 15.78 -20.00 -9.22
N SER B 91 15.26 -20.55 -10.28
CA SER B 91 15.70 -21.89 -10.76
C SER B 91 16.66 -21.68 -11.94
N SER B 92 17.92 -21.98 -11.76
CA SER B 92 18.90 -21.78 -12.88
C SER B 92 19.67 -23.07 -13.16
N PRO B 93 19.89 -23.36 -14.42
CA PRO B 93 20.63 -24.56 -14.83
C PRO B 93 22.08 -24.19 -15.16
N THR B 94 23.00 -25.10 -14.98
CA THR B 94 24.43 -24.81 -15.29
C THR B 94 24.99 -25.86 -16.24
N GLY B 95 25.96 -25.49 -17.04
CA GLY B 95 26.55 -26.46 -18.01
C GLY B 95 28.03 -26.69 -17.68
N SER B 96 28.37 -27.89 -17.28
CA SER B 96 29.80 -28.19 -16.96
C SER B 96 29.96 -29.69 -16.66
N LYS B 97 29.69 -30.11 -15.45
CA LYS B 97 29.82 -31.56 -15.11
C LYS B 97 28.85 -32.38 -15.96
N ASP B 98 28.97 -33.69 -15.91
CA ASP B 98 28.05 -34.56 -16.72
C ASP B 98 28.05 -34.11 -18.19
N LEU B 99 27.05 -34.49 -18.93
CA LEU B 99 27.00 -34.09 -20.37
C LEU B 99 25.54 -33.81 -20.79
N GLN B 100 24.80 -33.15 -19.94
CA GLN B 100 23.37 -32.84 -20.29
C GLN B 100 22.97 -31.49 -19.70
N MET B 101 21.69 -31.24 -19.55
CA MET B 101 21.24 -29.94 -18.99
C MET B 101 20.36 -30.18 -17.75
N VAL B 102 20.66 -29.49 -16.67
CA VAL B 102 19.85 -29.68 -15.44
C VAL B 102 19.55 -28.31 -14.80
N ASN B 103 18.44 -28.19 -14.14
CA ASN B 103 18.09 -26.88 -13.50
C ASN B 103 18.35 -26.94 -12.00
N ILE B 104 19.11 -26.01 -11.48
CA ILE B 104 19.42 -26.01 -10.02
C ILE B 104 18.96 -24.69 -9.39
N SER B 105 18.08 -24.76 -8.42
CA SER B 105 17.60 -23.51 -7.77
C SER B 105 18.29 -23.34 -6.41
N LEU B 106 18.76 -22.15 -6.11
CA LEU B 106 19.45 -21.93 -4.81
C LEU B 106 19.06 -20.58 -4.23
N ARG B 107 19.06 -20.46 -2.92
CA ARG B 107 18.68 -19.17 -2.28
C ARG B 107 19.43 -19.01 -0.95
N VAL B 108 19.68 -17.80 -0.54
CA VAL B 108 20.41 -17.58 0.75
C VAL B 108 19.49 -16.85 1.75
N LEU B 109 19.69 -17.08 3.02
CA LEU B 109 18.84 -16.40 4.03
C LEU B 109 19.69 -15.46 4.90
N SER B 110 19.21 -14.27 5.15
CA SER B 110 20.00 -13.30 5.97
C SER B 110 19.22 -12.95 7.24
N ARG B 111 19.89 -12.83 8.36
CA ARG B 111 19.19 -12.48 9.63
C ARG B 111 20.18 -11.89 10.64
N PRO B 112 20.03 -10.62 10.92
CA PRO B 112 20.92 -9.94 11.89
C PRO B 112 20.56 -10.37 13.32
N ASN B 113 21.33 -9.95 14.29
CA ASN B 113 21.04 -10.33 15.70
C ASN B 113 21.56 -9.26 16.66
N ALA B 114 22.85 -9.24 16.89
CA ALA B 114 23.43 -8.22 17.82
C ALA B 114 24.04 -7.06 17.02
N GLN B 115 25.00 -6.37 17.59
CA GLN B 115 25.63 -5.23 16.87
C GLN B 115 26.43 -5.75 15.66
N GLU B 116 25.76 -6.04 14.59
CA GLU B 116 26.46 -6.56 13.38
C GLU B 116 26.24 -5.63 12.18
N LEU B 117 25.38 -4.65 12.31
CA LEU B 117 25.13 -3.71 11.19
C LEU B 117 26.22 -2.63 11.07
N PRO B 118 26.84 -2.25 12.18
CA PRO B 118 27.87 -1.18 12.13
C PRO B 118 29.18 -1.67 11.49
N SER B 119 29.88 -2.59 12.12
CA SER B 119 31.17 -3.06 11.53
C SER B 119 30.94 -3.60 10.11
N MET B 120 29.80 -4.21 9.89
CA MET B 120 29.51 -4.77 8.53
C MET B 120 29.04 -3.65 7.58
N TYR B 121 28.57 -2.55 8.10
CA TYR B 121 28.09 -1.45 7.20
C TYR B 121 29.17 -1.12 6.17
N GLN B 122 30.36 -0.83 6.60
CA GLN B 122 31.45 -0.50 5.63
C GLN B 122 32.04 -1.79 5.03
N ARG B 123 32.00 -2.88 5.76
CA ARG B 123 32.56 -4.16 5.23
C ARG B 123 31.56 -4.84 4.29
N LEU B 124 30.31 -4.50 4.39
CA LEU B 124 29.27 -5.13 3.51
C LEU B 124 29.41 -4.58 2.08
N GLY B 125 29.94 -3.41 1.92
CA GLY B 125 30.09 -2.83 0.56
C GLY B 125 29.24 -1.57 0.41
N LEU B 126 29.09 -1.07 -0.79
CA LEU B 126 28.27 0.16 -1.00
C LEU B 126 26.81 -0.23 -1.28
N ASP B 127 26.59 -1.21 -2.12
CA ASP B 127 25.18 -1.63 -2.43
C ASP B 127 24.49 -2.11 -1.15
N TYR B 128 23.43 -2.86 -1.28
CA TYR B 128 22.72 -3.34 -0.06
C TYR B 128 22.47 -4.86 -0.16
N GLU B 129 21.23 -5.27 -0.19
CA GLU B 129 20.92 -6.72 -0.28
C GLU B 129 20.99 -7.19 -1.73
N GLU B 130 20.35 -6.48 -2.63
CA GLU B 130 20.36 -6.89 -4.08
C GLU B 130 21.77 -7.25 -4.56
N ARG B 131 22.79 -6.77 -3.90
CA ARG B 131 24.17 -7.09 -4.35
C ARG B 131 24.60 -8.47 -3.84
N VAL B 132 24.57 -8.69 -2.56
CA VAL B 132 25.00 -10.00 -2.00
C VAL B 132 23.91 -11.07 -2.11
N LEU B 133 22.66 -10.68 -2.23
CA LEU B 133 21.57 -11.70 -2.32
C LEU B 133 21.75 -12.59 -3.56
N PRO B 134 21.67 -12.01 -4.73
CA PRO B 134 21.82 -12.79 -5.98
C PRO B 134 23.27 -13.21 -6.21
N SER B 135 24.21 -12.34 -5.89
CA SER B 135 25.64 -12.69 -6.10
C SER B 135 26.01 -13.99 -5.40
N ILE B 136 25.96 -14.01 -4.09
CA ILE B 136 26.32 -15.26 -3.36
C ILE B 136 25.43 -16.43 -3.81
N VAL B 137 24.15 -16.23 -3.86
CA VAL B 137 23.23 -17.33 -4.30
C VAL B 137 23.57 -17.78 -5.72
N ASN B 138 23.84 -16.85 -6.60
CA ASN B 138 24.17 -17.22 -8.01
C ASN B 138 25.64 -17.66 -8.12
N GLU B 139 26.46 -17.30 -7.17
CA GLU B 139 27.90 -17.69 -7.22
C GLU B 139 28.09 -19.14 -6.75
N VAL B 140 27.75 -19.42 -5.51
CA VAL B 140 27.92 -20.81 -4.99
C VAL B 140 27.06 -21.79 -5.80
N LEU B 141 25.93 -21.36 -6.27
CA LEU B 141 25.05 -22.27 -7.07
C LEU B 141 25.81 -22.81 -8.29
N LYS B 142 26.52 -21.96 -8.97
CA LYS B 142 27.27 -22.41 -10.18
C LYS B 142 28.59 -23.09 -9.77
N SER B 143 29.14 -22.71 -8.65
CA SER B 143 30.44 -23.33 -8.21
C SER B 143 30.19 -24.69 -7.56
N VAL B 144 29.07 -24.87 -6.91
CA VAL B 144 28.80 -26.18 -6.24
C VAL B 144 28.42 -27.24 -7.30
N VAL B 145 27.46 -26.96 -8.13
CA VAL B 145 27.06 -27.95 -9.18
C VAL B 145 28.24 -28.27 -10.10
N ALA B 146 29.16 -27.35 -10.25
CA ALA B 146 30.32 -27.59 -11.14
C ALA B 146 31.01 -28.92 -10.80
N LYS B 147 31.26 -29.16 -9.55
CA LYS B 147 31.94 -30.44 -9.16
C LYS B 147 30.95 -31.60 -9.12
N PHE B 148 29.83 -31.43 -8.45
CA PHE B 148 28.81 -32.53 -8.38
C PHE B 148 28.47 -33.05 -9.78
N ASN B 149 27.70 -34.10 -9.85
CA ASN B 149 27.32 -34.66 -11.19
C ASN B 149 25.81 -34.54 -11.39
N ALA B 150 25.34 -34.84 -12.58
CA ALA B 150 23.88 -34.75 -12.84
C ALA B 150 23.15 -35.98 -12.30
N SER B 151 23.77 -37.14 -12.40
CA SER B 151 23.11 -38.38 -11.91
C SER B 151 22.87 -38.29 -10.40
N GLN B 152 23.88 -37.94 -9.64
CA GLN B 152 23.71 -37.82 -8.17
C GLN B 152 22.79 -36.65 -7.82
N LEU B 153 22.64 -35.70 -8.72
CA LEU B 153 21.76 -34.53 -8.44
C LEU B 153 20.29 -34.94 -8.59
N ILE B 154 19.93 -35.50 -9.71
CA ILE B 154 18.50 -35.91 -9.91
C ILE B 154 18.08 -36.91 -8.83
N THR B 155 19.02 -37.57 -8.21
CA THR B 155 18.67 -38.55 -7.15
C THR B 155 17.92 -37.85 -6.00
N GLN B 156 18.29 -36.63 -5.70
CA GLN B 156 17.60 -35.90 -4.60
C GLN B 156 18.01 -34.41 -4.63
N ARG B 157 17.08 -33.56 -5.00
CA ARG B 157 17.42 -32.10 -5.06
C ARG B 157 17.79 -31.58 -3.66
N ALA B 158 17.37 -32.26 -2.63
CA ALA B 158 17.70 -31.81 -1.25
C ALA B 158 19.12 -32.24 -0.87
N GLN B 159 19.57 -33.35 -1.38
CA GLN B 159 20.95 -33.83 -1.05
C GLN B 159 21.99 -32.78 -1.48
N VAL B 160 21.69 -32.00 -2.48
CA VAL B 160 22.66 -30.96 -2.94
C VAL B 160 22.80 -29.87 -1.87
N SER B 161 21.73 -29.55 -1.19
CA SER B 161 21.80 -28.49 -0.15
C SER B 161 22.81 -28.87 0.93
N LEU B 162 23.07 -30.14 1.09
CA LEU B 162 24.06 -30.58 2.12
C LEU B 162 25.42 -29.93 1.87
N LEU B 163 25.89 -29.97 0.65
CA LEU B 163 27.20 -29.35 0.33
C LEU B 163 27.08 -27.83 0.29
N ILE B 164 25.91 -27.33 -0.03
CA ILE B 164 25.71 -25.85 -0.09
C ILE B 164 25.68 -25.26 1.33
N ARG B 165 25.10 -25.98 2.26
CA ARG B 165 25.03 -25.48 3.66
C ARG B 165 26.45 -25.28 4.22
N ARG B 166 27.41 -26.01 3.70
CA ARG B 166 28.80 -25.87 4.21
C ARG B 166 29.49 -24.66 3.57
N GLU B 167 29.37 -24.51 2.28
CA GLU B 167 30.03 -23.35 1.60
C GLU B 167 29.19 -22.07 1.76
N LEU B 168 27.89 -22.17 1.60
CA LEU B 168 27.03 -20.97 1.74
C LEU B 168 27.27 -20.27 3.08
N THR B 169 27.29 -21.01 4.16
CA THR B 169 27.53 -20.39 5.49
C THR B 169 28.89 -19.69 5.53
N GLU B 170 29.78 -20.04 4.63
CA GLU B 170 31.12 -19.39 4.62
C GLU B 170 31.04 -17.98 4.04
N ARG B 171 30.60 -17.85 2.81
CA ARG B 171 30.50 -16.49 2.19
C ARG B 171 29.30 -15.73 2.75
N ALA B 172 28.23 -16.42 3.05
CA ALA B 172 27.01 -15.72 3.59
C ALA B 172 27.36 -14.98 4.89
N LYS B 173 28.12 -15.59 5.76
CA LYS B 173 28.47 -14.91 7.05
C LYS B 173 29.44 -13.76 6.80
N ASP B 174 30.15 -13.78 5.70
CA ASP B 174 31.11 -12.67 5.41
C ASP B 174 30.39 -11.32 5.40
N PHE B 175 29.09 -11.31 5.22
CA PHE B 175 28.35 -10.01 5.20
C PHE B 175 27.63 -9.79 6.54
N SER B 176 26.71 -8.85 6.57
CA SER B 176 25.97 -8.58 7.83
C SER B 176 24.71 -9.43 7.92
N LEU B 177 24.86 -10.72 8.10
CA LEU B 177 23.65 -11.61 8.19
C LEU B 177 24.02 -12.90 8.92
N ILE B 178 23.23 -13.29 9.90
CA ILE B 178 23.54 -14.55 10.63
C ILE B 178 22.29 -15.42 10.78
N LEU B 179 22.23 -16.51 10.08
CA LEU B 179 21.05 -17.42 10.18
C LEU B 179 21.44 -18.80 9.63
N ASP B 180 21.11 -19.85 10.32
CA ASP B 180 21.46 -21.20 9.78
C ASP B 180 20.23 -21.85 9.16
N ASP B 181 20.18 -21.88 7.86
CA ASP B 181 19.02 -22.50 7.16
C ASP B 181 19.41 -22.79 5.70
N VAL B 182 19.56 -24.03 5.32
CA VAL B 182 19.93 -24.31 3.90
C VAL B 182 18.94 -25.26 3.25
N ALA B 183 18.14 -24.76 2.36
CA ALA B 183 17.16 -25.60 1.63
C ALA B 183 16.71 -24.86 0.37
N ILE B 184 16.33 -25.55 -0.65
CA ILE B 184 15.91 -24.87 -1.90
C ILE B 184 14.92 -25.70 -2.70
N THR B 185 14.09 -25.07 -3.49
CA THR B 185 13.12 -25.82 -4.32
C THR B 185 13.74 -25.94 -5.73
N GLU B 186 14.16 -27.12 -6.10
CA GLU B 186 14.82 -27.29 -7.42
C GLU B 186 14.09 -28.28 -8.33
N LEU B 187 14.23 -28.07 -9.61
CA LEU B 187 13.62 -28.99 -10.60
C LEU B 187 14.71 -29.34 -11.62
N SER B 188 14.87 -30.58 -11.95
CA SER B 188 15.94 -30.94 -12.91
C SER B 188 15.38 -31.18 -14.32
N PHE B 189 16.17 -30.88 -15.31
CA PHE B 189 15.70 -31.05 -16.72
C PHE B 189 16.32 -32.32 -17.33
N SER B 190 15.53 -33.12 -17.99
CA SER B 190 16.07 -34.37 -18.60
C SER B 190 15.79 -34.37 -20.11
N MET C 1 33.34 57.94 20.40
CA MET C 1 31.89 57.78 20.69
C MET C 1 31.07 58.76 19.85
N ALA C 2 30.82 58.42 18.61
CA ALA C 2 30.03 59.34 17.74
C ALA C 2 28.55 59.33 18.16
N GLN C 3 27.78 60.28 17.70
CA GLN C 3 26.34 60.33 18.08
C GLN C 3 25.59 59.17 17.44
N ASN C 4 26.07 58.67 16.33
CA ASN C 4 25.38 57.53 15.65
C ASN C 4 25.51 56.26 16.49
N LEU C 5 26.55 56.15 17.27
CA LEU C 5 26.74 54.94 18.11
C LEU C 5 25.75 54.95 19.28
N LYS C 6 25.39 56.11 19.75
CA LYS C 6 24.43 56.20 20.89
C LYS C 6 22.99 56.05 20.38
N ASP C 7 22.73 56.51 19.18
CA ASP C 7 21.35 56.41 18.62
C ASP C 7 21.03 54.95 18.27
N LEU C 8 21.94 54.28 17.60
CA LEU C 8 21.70 52.85 17.23
C LEU C 8 21.57 52.00 18.49
N ALA C 9 22.47 52.16 19.42
CA ALA C 9 22.40 51.35 20.67
C ALA C 9 21.23 51.83 21.54
N GLY C 10 20.82 53.06 21.38
CA GLY C 10 19.69 53.58 22.20
C GLY C 10 18.37 52.99 21.68
N ARG C 11 18.36 52.51 20.47
CA ARG C 11 17.10 51.92 19.91
C ARG C 11 16.86 50.51 20.49
N LEU C 12 17.90 49.87 20.97
CA LEU C 12 17.73 48.50 21.54
C LEU C 12 16.72 48.52 22.69
N PRO C 13 16.97 49.33 23.68
CA PRO C 13 16.04 49.42 24.84
C PRO C 13 14.76 50.16 24.44
N ALA C 14 14.87 51.10 23.53
CA ALA C 14 13.66 51.86 23.10
C ALA C 14 12.68 50.92 22.37
N GLY C 15 11.41 51.20 22.45
CA GLY C 15 10.41 50.33 21.77
C GLY C 15 10.31 48.99 22.49
N PRO C 16 9.83 49.03 23.70
CA PRO C 16 9.68 47.79 24.50
C PRO C 16 8.55 46.92 23.96
N ARG C 17 7.57 47.54 23.34
CA ARG C 17 6.43 46.75 22.79
C ARG C 17 6.88 45.93 21.58
N GLY C 18 7.82 46.44 20.82
CA GLY C 18 8.31 45.69 19.63
C GLY C 18 8.96 44.38 20.09
N MET C 19 9.54 44.37 21.26
CA MET C 19 10.19 43.13 21.76
C MET C 19 9.14 42.11 22.20
N GLY C 20 8.00 42.59 22.65
CA GLY C 20 6.93 41.64 23.10
C GLY C 20 6.37 40.90 21.89
N THR C 21 6.19 41.59 20.79
CA THR C 21 5.65 40.93 19.57
C THR C 21 6.70 39.99 18.95
N ALA C 22 7.95 40.27 19.18
CA ALA C 22 9.03 39.40 18.60
C ALA C 22 8.86 37.96 19.08
N LEU C 23 8.33 37.78 20.27
CA LEU C 23 8.14 36.39 20.79
C LEU C 23 7.17 35.62 19.89
N LYS C 24 6.07 36.22 19.53
CA LYS C 24 5.08 35.53 18.65
C LYS C 24 5.79 35.00 17.40
N LEU C 25 6.80 35.69 16.94
CA LEU C 25 7.53 35.23 15.72
C LEU C 25 8.29 33.93 16.02
N LEU C 26 8.95 33.85 17.14
CA LEU C 26 9.71 32.62 17.48
C LEU C 26 8.76 31.42 17.55
N LEU C 27 7.65 31.56 18.21
CA LEU C 27 6.68 30.42 18.30
C LEU C 27 6.12 30.08 16.93
N GLY C 28 5.96 31.08 16.09
CA GLY C 28 5.41 30.82 14.72
C GLY C 28 6.48 30.10 13.88
N ALA C 29 7.72 30.38 14.13
CA ALA C 29 8.81 29.72 13.35
C ALA C 29 8.79 28.22 13.58
N GLY C 30 8.52 27.80 14.79
CA GLY C 30 8.47 26.33 15.09
C GLY C 30 7.35 25.69 14.28
N ALA C 31 6.26 26.39 14.09
CA ALA C 31 5.12 25.81 13.30
C ALA C 31 5.54 25.64 11.84
N VAL C 32 6.24 26.58 11.29
CA VAL C 32 6.68 26.46 9.87
C VAL C 32 7.70 25.33 9.72
N ALA C 33 8.43 25.05 10.77
CA ALA C 33 9.45 23.96 10.70
C ALA C 33 8.76 22.60 10.52
N TYR C 34 7.57 22.46 11.04
CA TYR C 34 6.85 21.16 10.90
C TYR C 34 6.56 20.87 9.41
N GLY C 35 6.07 21.86 8.70
CA GLY C 35 5.78 21.64 7.25
C GLY C 35 7.07 21.26 6.52
N VAL C 36 8.18 21.79 6.95
CA VAL C 36 9.48 21.47 6.30
C VAL C 36 10.00 20.11 6.78
N ARG C 37 9.67 19.74 7.99
CA ARG C 37 10.13 18.43 8.54
C ARG C 37 9.79 17.28 7.58
N GLU C 38 8.59 17.29 7.04
CA GLU C 38 8.19 16.20 6.10
C GLU C 38 9.17 16.13 4.90
N SER C 39 9.79 17.23 4.53
CA SER C 39 10.74 17.19 3.36
C SER C 39 12.13 17.73 3.76
N VAL C 40 13.09 17.68 2.84
CA VAL C 40 14.48 18.18 3.15
C VAL C 40 15.36 18.08 1.88
N PHE C 41 16.53 18.70 1.87
CA PHE C 41 17.41 18.62 0.66
C PHE C 41 18.74 17.90 0.98
N THR C 42 19.30 18.07 2.18
CA THR C 42 20.59 17.35 2.49
C THR C 42 20.40 15.84 2.30
N VAL C 43 21.05 15.27 1.32
CA VAL C 43 20.90 13.80 1.07
C VAL C 43 21.09 13.00 2.36
N GLU C 44 20.32 11.95 2.53
CA GLU C 44 20.45 11.11 3.76
C GLU C 44 20.53 9.63 3.39
N GLY C 45 21.02 8.81 4.28
CA GLY C 45 21.12 7.35 3.99
C GLY C 45 22.14 7.12 2.88
N GLY C 46 21.98 6.06 2.11
CA GLY C 46 22.95 5.78 1.01
C GLY C 46 22.39 6.30 -0.31
N HIS C 47 21.80 7.47 -0.29
CA HIS C 47 21.23 8.04 -1.55
C HIS C 47 22.16 9.12 -2.11
N ARG C 48 22.11 9.33 -3.39
CA ARG C 48 23.01 10.32 -4.04
C ARG C 48 22.23 11.56 -4.56
N ALA C 49 22.87 12.70 -4.74
CA ALA C 49 22.15 13.95 -5.17
C ALA C 49 22.28 14.27 -6.67
N ILE C 50 21.30 14.99 -7.16
CA ILE C 50 21.25 15.39 -8.60
C ILE C 50 20.89 16.90 -8.68
N PHE C 51 21.28 17.60 -9.73
CA PHE C 51 20.99 19.09 -9.76
C PHE C 51 20.22 19.55 -11.03
N PHE C 52 19.28 20.46 -10.83
CA PHE C 52 18.49 21.03 -11.99
C PHE C 52 17.81 22.34 -11.54
N ASN C 53 17.54 23.24 -12.46
CA ASN C 53 16.88 24.54 -12.08
C ASN C 53 15.59 24.76 -12.89
N ARG C 54 14.64 25.49 -12.36
CA ARG C 54 13.36 25.74 -13.10
C ARG C 54 13.69 26.20 -14.54
N ILE C 55 13.19 25.50 -15.52
CA ILE C 55 13.47 25.88 -16.94
C ILE C 55 14.99 25.93 -17.18
N GLY C 56 15.56 24.84 -17.62
CA GLY C 56 17.03 24.80 -17.88
C GLY C 56 17.59 23.45 -17.42
N GLY C 57 17.75 22.52 -18.33
CA GLY C 57 18.28 21.18 -17.95
C GLY C 57 17.12 20.28 -17.51
N VAL C 58 17.40 19.21 -16.83
CA VAL C 58 16.31 18.31 -16.38
C VAL C 58 16.83 17.26 -15.39
N GLN C 59 15.96 16.41 -14.93
CA GLN C 59 16.38 15.36 -13.95
C GLN C 59 15.22 14.38 -13.71
N GLN C 60 15.51 13.19 -13.24
CA GLN C 60 14.42 12.20 -12.98
C GLN C 60 15.00 10.92 -12.35
N ASP C 61 16.14 10.47 -12.82
CA ASP C 61 16.74 9.23 -12.24
C ASP C 61 18.26 9.36 -12.14
N THR C 62 18.76 10.07 -11.15
CA THR C 62 20.23 10.22 -11.03
C THR C 62 20.69 10.14 -9.55
N ILE C 63 21.95 9.88 -9.31
CA ILE C 63 22.48 9.78 -7.92
C ILE C 63 24.04 9.76 -7.92
N LEU C 64 24.67 10.71 -7.24
CA LEU C 64 26.18 10.74 -7.16
C LEU C 64 26.67 10.16 -5.79
N ALA C 65 27.05 11.00 -4.84
CA ALA C 65 27.51 10.46 -3.49
C ALA C 65 26.89 11.30 -2.35
N GLU C 66 27.41 11.24 -1.13
CA GLU C 66 26.79 12.04 0.00
C GLU C 66 27.69 13.17 0.49
N GLY C 67 27.10 14.32 0.71
CA GLY C 67 27.82 15.54 1.20
C GLY C 67 26.76 16.49 1.76
N LEU C 68 27.08 17.42 2.62
CA LEU C 68 25.97 18.30 3.10
C LEU C 68 25.92 19.52 2.16
N HIS C 69 25.05 19.43 1.18
CA HIS C 69 24.87 20.52 0.18
C HIS C 69 23.62 20.24 -0.67
N PHE C 70 22.60 21.04 -0.62
CA PHE C 70 21.41 20.74 -1.48
C PHE C 70 20.33 21.81 -1.35
N ARG C 71 19.78 22.23 -2.46
CA ARG C 71 18.70 23.25 -2.44
C ARG C 71 19.08 24.43 -1.52
N ILE C 72 19.95 25.29 -2.00
CA ILE C 72 20.36 26.46 -1.17
C ILE C 72 20.60 27.68 -2.08
N PRO C 73 21.57 27.58 -2.96
CA PRO C 73 21.85 28.71 -3.88
C PRO C 73 20.73 28.84 -4.91
N TRP C 74 20.97 29.56 -5.98
CA TRP C 74 19.91 29.72 -7.02
C TRP C 74 20.13 28.73 -8.16
N PHE C 75 19.16 28.57 -9.03
CA PHE C 75 19.29 27.62 -10.17
C PHE C 75 19.59 26.20 -9.66
N GLN C 76 18.73 25.68 -8.81
CA GLN C 76 18.93 24.30 -8.29
C GLN C 76 17.60 23.74 -7.78
N TYR C 77 17.44 22.44 -7.81
CA TYR C 77 16.14 21.85 -7.36
C TYR C 77 16.36 20.46 -6.74
N PRO C 78 15.44 20.06 -5.89
CA PRO C 78 15.56 18.76 -5.22
C PRO C 78 14.75 17.68 -5.95
N ILE C 79 15.45 16.78 -6.58
CA ILE C 79 14.82 15.62 -7.30
C ILE C 79 15.92 14.55 -7.42
N ILE C 80 15.82 13.46 -6.70
CA ILE C 80 16.92 12.45 -6.72
C ILE C 80 16.40 11.02 -6.99
N TYR C 81 17.28 10.17 -7.47
CA TYR C 81 16.88 8.76 -7.77
C TYR C 81 17.28 7.84 -6.60
N ASP C 82 16.57 6.76 -6.43
CA ASP C 82 16.89 5.82 -5.31
C ASP C 82 16.97 4.39 -5.81
N ILE C 83 17.76 3.56 -5.18
CA ILE C 83 17.88 2.15 -5.63
C ILE C 83 16.86 1.27 -4.91
N ARG C 84 16.49 0.16 -5.50
CA ARG C 84 15.50 -0.75 -4.86
C ARG C 84 15.45 -2.09 -5.59
N ALA C 85 14.94 -2.10 -6.81
CA ALA C 85 14.87 -3.37 -7.58
C ALA C 85 14.38 -3.10 -9.00
N ARG C 86 14.85 -3.84 -9.97
CA ARG C 86 14.39 -3.61 -11.36
C ARG C 86 13.97 -4.94 -12.02
N PRO C 87 12.68 -5.09 -12.23
CA PRO C 87 12.15 -6.30 -12.86
C PRO C 87 11.85 -6.04 -14.34
N ARG C 88 12.60 -6.63 -15.24
CA ARG C 88 12.34 -6.40 -16.69
C ARG C 88 12.95 -7.57 -17.51
N LYS C 89 12.11 -8.45 -18.06
CA LYS C 89 12.63 -9.62 -18.87
C LYS C 89 11.51 -10.22 -19.77
N ILE C 90 11.87 -10.85 -20.88
CA ILE C 90 10.82 -11.45 -21.78
C ILE C 90 11.30 -12.72 -22.49
N SER C 91 10.38 -13.57 -22.87
CA SER C 91 10.73 -14.81 -23.61
C SER C 91 10.42 -14.57 -25.09
N SER C 92 11.43 -14.46 -25.93
CA SER C 92 11.16 -14.20 -27.38
C SER C 92 11.53 -15.40 -28.25
N PRO C 93 10.62 -15.81 -29.10
CA PRO C 93 10.85 -16.94 -30.00
C PRO C 93 11.26 -16.42 -31.39
N THR C 94 12.49 -16.64 -31.78
CA THR C 94 12.94 -16.16 -33.12
C THR C 94 13.71 -17.26 -33.85
N GLY C 95 13.38 -17.51 -35.09
CA GLY C 95 14.08 -18.58 -35.85
C GLY C 95 14.76 -17.96 -37.08
N SER C 96 16.07 -18.01 -37.12
CA SER C 96 16.80 -17.43 -38.28
C SER C 96 18.17 -18.10 -38.43
N LYS C 97 18.28 -19.34 -38.02
CA LYS C 97 19.58 -20.06 -38.13
C LYS C 97 19.37 -21.57 -38.05
N ASP C 98 18.37 -22.02 -37.33
CA ASP C 98 18.12 -23.48 -37.21
C ASP C 98 16.62 -23.77 -37.42
N LEU C 99 16.05 -24.67 -36.64
CA LEU C 99 14.60 -24.98 -36.80
C LEU C 99 13.76 -23.71 -36.78
N GLN C 100 12.47 -23.83 -36.91
CA GLN C 100 11.60 -22.62 -36.89
C GLN C 100 11.09 -22.34 -35.47
N MET C 101 11.75 -22.87 -34.47
CA MET C 101 11.30 -22.61 -33.07
C MET C 101 12.51 -22.45 -32.14
N VAL C 102 12.73 -21.27 -31.67
CA VAL C 102 13.89 -21.03 -30.74
C VAL C 102 13.56 -19.85 -29.82
N ASN C 103 13.55 -20.06 -28.53
CA ASN C 103 13.23 -18.94 -27.59
C ASN C 103 14.50 -18.40 -26.95
N ILE C 104 14.78 -17.14 -27.17
CA ILE C 104 16.00 -16.52 -26.56
C ILE C 104 15.60 -15.30 -25.74
N SER C 105 15.90 -15.30 -24.47
CA SER C 105 15.52 -14.14 -23.62
C SER C 105 16.74 -13.56 -22.89
N LEU C 106 16.72 -12.29 -22.59
CA LEU C 106 17.87 -11.68 -21.87
C LEU C 106 17.44 -10.39 -21.17
N ARG C 107 18.08 -10.06 -20.07
CA ARG C 107 17.72 -8.82 -19.32
C ARG C 107 18.97 -8.12 -18.81
N VAL C 108 18.92 -6.82 -18.66
CA VAL C 108 20.12 -6.06 -18.17
C VAL C 108 19.88 -5.54 -16.75
N LEU C 109 20.92 -5.37 -15.98
CA LEU C 109 20.75 -4.87 -14.59
C LEU C 109 21.44 -3.51 -14.43
N SER C 110 20.92 -2.67 -13.56
CA SER C 110 21.54 -1.33 -13.35
C SER C 110 22.30 -1.31 -12.03
N ARG C 111 23.59 -1.13 -12.07
CA ARG C 111 24.38 -1.11 -10.81
C ARG C 111 24.99 0.28 -10.57
N PRO C 112 24.65 0.87 -9.44
CA PRO C 112 25.18 2.21 -9.10
C PRO C 112 26.65 2.10 -8.69
N ASN C 113 27.45 3.09 -9.01
CA ASN C 113 28.89 3.04 -8.63
C ASN C 113 29.25 4.23 -7.74
N ALA C 114 29.16 5.43 -8.26
CA ALA C 114 29.49 6.62 -7.45
C ALA C 114 28.97 7.90 -8.13
N GLN C 115 29.66 8.36 -9.13
CA GLN C 115 29.20 9.60 -9.84
C GLN C 115 29.03 9.33 -11.34
N GLU C 116 27.98 8.66 -11.70
CA GLU C 116 27.76 8.36 -13.16
C GLU C 116 26.33 8.71 -13.58
N LEU C 117 25.47 9.05 -12.65
CA LEU C 117 24.07 9.40 -13.02
C LEU C 117 23.95 10.80 -13.64
N PRO C 118 24.72 11.75 -13.15
CA PRO C 118 24.64 13.13 -13.70
C PRO C 118 25.12 13.16 -15.15
N SER C 119 26.32 12.72 -15.41
CA SER C 119 26.83 12.73 -16.82
C SER C 119 25.79 12.09 -17.75
N MET C 120 25.24 10.98 -17.35
CA MET C 120 24.22 10.29 -18.19
C MET C 120 22.82 10.92 -18.00
N TYR C 121 22.62 11.71 -16.97
CA TYR C 121 21.26 12.30 -16.74
C TYR C 121 20.66 12.86 -18.05
N GLN C 122 21.36 13.74 -18.74
CA GLN C 122 20.81 14.27 -20.02
C GLN C 122 21.09 13.28 -21.16
N ARG C 123 22.27 12.73 -21.21
CA ARG C 123 22.59 11.75 -22.30
C ARG C 123 21.63 10.57 -22.24
N LEU C 124 21.54 9.92 -21.10
CA LEU C 124 20.62 8.76 -20.96
C LEU C 124 19.17 9.21 -21.21
N GLY C 125 18.69 10.15 -20.44
CA GLY C 125 17.29 10.63 -20.63
C GLY C 125 16.50 10.42 -19.35
N LEU C 126 15.37 11.09 -19.23
CA LEU C 126 14.55 10.92 -17.99
C LEU C 126 14.15 9.45 -17.81
N ASP C 127 13.52 8.88 -18.80
CA ASP C 127 13.11 7.46 -18.70
C ASP C 127 13.51 6.71 -19.98
N TYR C 128 14.77 6.75 -20.33
CA TYR C 128 15.23 6.05 -21.56
C TYR C 128 15.38 4.56 -21.29
N GLU C 129 15.71 4.20 -20.07
CA GLU C 129 15.89 2.74 -19.74
C GLU C 129 14.64 1.95 -20.16
N GLU C 130 13.50 2.60 -20.21
CA GLU C 130 12.26 1.89 -20.62
C GLU C 130 12.39 1.38 -22.06
N ARG C 131 12.60 2.28 -22.99
CA ARG C 131 12.74 1.86 -24.42
C ARG C 131 14.16 1.35 -24.67
N VAL C 132 15.14 1.91 -24.01
CA VAL C 132 16.55 1.45 -24.23
C VAL C 132 16.74 0.02 -23.72
N LEU C 133 15.89 -0.45 -22.86
CA LEU C 133 16.05 -1.84 -22.33
C LEU C 133 15.72 -2.87 -23.42
N PRO C 134 14.52 -2.84 -23.92
CA PRO C 134 14.11 -3.80 -24.99
C PRO C 134 14.78 -3.45 -26.31
N SER C 135 15.09 -2.19 -26.51
CA SER C 135 15.75 -1.77 -27.78
C SER C 135 17.07 -2.52 -27.98
N ILE C 136 17.93 -2.49 -27.00
CA ILE C 136 19.23 -3.21 -27.13
C ILE C 136 19.05 -4.71 -26.87
N VAL C 137 18.15 -5.06 -25.99
CA VAL C 137 17.93 -6.51 -25.69
C VAL C 137 17.22 -7.19 -26.87
N ASN C 138 16.12 -6.66 -27.31
CA ASN C 138 15.38 -7.28 -28.45
C ASN C 138 16.29 -7.34 -29.69
N GLU C 139 17.26 -6.47 -29.78
CA GLU C 139 18.16 -6.48 -30.97
C GLU C 139 19.23 -7.57 -30.83
N VAL C 140 20.11 -7.44 -29.87
CA VAL C 140 21.19 -8.45 -29.68
C VAL C 140 20.59 -9.86 -29.55
N LEU C 141 19.35 -9.96 -29.15
CA LEU C 141 18.73 -11.31 -29.02
C LEU C 141 18.36 -11.86 -30.40
N LYS C 142 18.03 -11.00 -31.32
CA LYS C 142 17.66 -11.46 -32.69
C LYS C 142 18.92 -11.74 -33.51
N SER C 143 19.99 -11.05 -33.25
CA SER C 143 21.25 -11.26 -34.03
C SER C 143 22.00 -12.49 -33.52
N VAL C 144 22.09 -12.65 -32.23
CA VAL C 144 22.83 -13.84 -31.67
C VAL C 144 22.28 -15.14 -32.26
N VAL C 145 21.01 -15.18 -32.56
CA VAL C 145 20.41 -16.43 -33.14
C VAL C 145 20.83 -16.56 -34.60
N ALA C 146 20.49 -15.60 -35.43
CA ALA C 146 20.88 -15.67 -36.87
C ALA C 146 22.39 -15.84 -37.01
N LYS C 147 23.12 -15.51 -35.98
CA LYS C 147 24.62 -15.63 -36.05
C LYS C 147 25.04 -17.08 -36.34
N PHE C 148 24.76 -18.00 -35.45
CA PHE C 148 25.18 -19.42 -35.68
C PHE C 148 23.99 -20.38 -35.54
N ASN C 149 24.24 -21.65 -35.67
CA ASN C 149 23.14 -22.66 -35.56
C ASN C 149 22.72 -22.86 -34.10
N ALA C 150 21.56 -23.41 -33.88
CA ALA C 150 21.07 -23.64 -32.49
C ALA C 150 21.68 -24.90 -31.88
N SER C 151 22.18 -25.80 -32.70
CA SER C 151 22.79 -27.05 -32.15
C SER C 151 23.78 -26.73 -31.02
N GLN C 152 24.65 -25.78 -31.24
CA GLN C 152 25.64 -25.41 -30.19
C GLN C 152 24.99 -24.49 -29.15
N LEU C 153 23.89 -23.85 -29.50
CA LEU C 153 23.22 -22.94 -28.53
C LEU C 153 22.38 -23.75 -27.53
N ILE C 154 21.39 -24.46 -28.01
CA ILE C 154 20.52 -25.26 -27.08
C ILE C 154 21.37 -26.16 -26.19
N THR C 155 22.56 -26.50 -26.61
CA THR C 155 23.43 -27.39 -25.78
C THR C 155 23.57 -26.81 -24.35
N GLN C 156 23.42 -25.52 -24.21
CA GLN C 156 23.53 -24.91 -22.86
C GLN C 156 23.01 -23.47 -22.89
N ARG C 157 21.94 -23.19 -22.20
CA ARG C 157 21.39 -21.80 -22.18
C ARG C 157 22.46 -20.81 -21.70
N ALA C 158 23.46 -21.29 -20.99
CA ALA C 158 24.52 -20.37 -20.50
C ALA C 158 25.54 -20.07 -21.62
N GLN C 159 25.80 -21.03 -22.48
CA GLN C 159 26.78 -20.80 -23.58
C GLN C 159 26.36 -19.59 -24.42
N VAL C 160 25.12 -19.56 -24.85
CA VAL C 160 24.65 -18.41 -25.67
C VAL C 160 24.77 -17.10 -24.87
N SER C 161 24.72 -17.18 -23.57
CA SER C 161 24.84 -15.95 -22.75
C SER C 161 26.29 -15.53 -22.61
N LEU C 162 27.21 -16.43 -22.82
CA LEU C 162 28.66 -16.09 -22.70
C LEU C 162 29.13 -15.35 -23.96
N LEU C 163 28.72 -15.80 -25.11
CA LEU C 163 29.14 -15.12 -26.37
C LEU C 163 28.51 -13.73 -26.46
N ILE C 164 27.25 -13.62 -26.14
CA ILE C 164 26.58 -12.28 -26.20
C ILE C 164 27.14 -11.37 -25.10
N ARG C 165 27.59 -11.94 -24.02
CA ARG C 165 28.14 -11.11 -22.90
C ARG C 165 29.21 -10.14 -23.44
N ARG C 166 29.83 -10.47 -24.53
CA ARG C 166 30.88 -9.57 -25.10
C ARG C 166 30.23 -8.35 -25.75
N GLU C 167 29.18 -8.55 -26.50
CA GLU C 167 28.50 -7.40 -27.17
C GLU C 167 27.60 -6.67 -26.18
N LEU C 168 27.12 -7.35 -25.17
CA LEU C 168 26.24 -6.70 -24.16
C LEU C 168 27.01 -5.61 -23.42
N THR C 169 28.18 -5.91 -22.95
CA THR C 169 28.98 -4.89 -22.21
C THR C 169 29.18 -3.64 -23.07
N GLU C 170 29.11 -3.78 -24.36
CA GLU C 170 29.28 -2.60 -25.26
C GLU C 170 28.00 -1.78 -25.31
N ARG C 171 26.89 -2.40 -25.64
CA ARG C 171 25.60 -1.66 -25.71
C ARG C 171 25.21 -1.17 -24.31
N ALA C 172 25.56 -1.91 -23.29
CA ALA C 172 25.21 -1.49 -21.91
C ALA C 172 25.81 -0.12 -21.58
N LYS C 173 27.11 0.01 -21.73
CA LYS C 173 27.76 1.32 -21.43
C LYS C 173 27.51 2.31 -22.57
N ASP C 174 27.16 1.83 -23.72
CA ASP C 174 26.90 2.75 -24.88
C ASP C 174 25.91 3.85 -24.48
N PHE C 175 25.06 3.59 -23.53
CA PHE C 175 24.08 4.63 -23.11
C PHE C 175 24.62 5.43 -21.92
N SER C 176 25.48 4.83 -21.14
CA SER C 176 26.05 5.55 -19.96
C SER C 176 27.17 4.72 -19.32
N LEU C 177 27.57 5.06 -18.13
CA LEU C 177 28.65 4.27 -17.46
C LEU C 177 28.08 3.48 -16.29
N ILE C 178 28.02 2.17 -16.40
CA ILE C 178 27.46 1.35 -15.30
C ILE C 178 27.97 -0.10 -15.41
N LEU C 179 28.04 -0.79 -14.30
CA LEU C 179 28.52 -2.20 -14.33
C LEU C 179 27.32 -3.16 -14.27
N ASP C 180 27.07 -3.87 -15.32
CA ASP C 180 25.91 -4.81 -15.35
C ASP C 180 26.39 -6.26 -15.54
N ASP C 181 25.63 -7.20 -15.07
CA ASP C 181 26.02 -8.64 -15.22
C ASP C 181 25.25 -9.26 -16.38
N VAL C 182 25.86 -10.18 -17.09
CA VAL C 182 25.15 -10.80 -18.26
C VAL C 182 24.68 -12.22 -17.92
N ALA C 183 23.40 -12.40 -17.80
CA ALA C 183 22.83 -13.74 -17.51
C ALA C 183 21.35 -13.73 -17.91
N ILE C 184 20.81 -14.86 -18.28
CA ILE C 184 19.37 -14.86 -18.70
C ILE C 184 18.68 -16.17 -18.37
N THR C 185 17.40 -16.11 -18.08
CA THR C 185 16.61 -17.34 -17.78
C THR C 185 15.81 -17.67 -19.04
N GLU C 186 16.13 -18.72 -19.74
CA GLU C 186 15.38 -19.00 -21.00
C GLU C 186 15.26 -20.50 -21.31
N LEU C 187 14.21 -20.84 -22.00
CA LEU C 187 14.00 -22.25 -22.43
C LEU C 187 13.69 -22.22 -23.94
N SER C 188 14.25 -23.12 -24.70
CA SER C 188 14.01 -23.08 -26.18
C SER C 188 12.97 -24.14 -26.60
N PHE C 189 12.28 -23.88 -27.68
CA PHE C 189 11.25 -24.83 -28.17
C PHE C 189 11.80 -25.64 -29.35
N SER C 190 11.51 -26.91 -29.40
CA SER C 190 12.01 -27.76 -30.52
C SER C 190 11.09 -27.63 -31.74
N MET D 1 5.82 69.26 -3.66
CA MET D 1 4.83 68.76 -2.67
C MET D 1 3.43 69.31 -2.99
N ALA D 2 2.40 68.67 -2.51
CA ALA D 2 1.01 69.15 -2.78
C ALA D 2 0.05 68.57 -1.76
N GLN D 3 -1.14 69.10 -1.69
CA GLN D 3 -2.15 68.58 -0.71
C GLN D 3 -2.48 67.12 -1.04
N ASN D 4 -2.38 66.74 -2.28
CA ASN D 4 -2.70 65.33 -2.65
C ASN D 4 -1.75 64.37 -1.94
N LEU D 5 -0.50 64.71 -1.86
CA LEU D 5 0.49 63.82 -1.17
C LEU D 5 0.40 64.01 0.34
N LYS D 6 0.00 65.16 0.79
CA LYS D 6 -0.10 65.42 2.26
C LYS D 6 -1.13 64.46 2.88
N ASP D 7 -2.21 64.22 2.20
CA ASP D 7 -3.25 63.30 2.76
C ASP D 7 -2.74 61.86 2.75
N LEU D 8 -1.94 61.51 1.78
CA LEU D 8 -1.41 60.11 1.70
C LEU D 8 -0.35 59.90 2.79
N ALA D 9 0.59 60.80 2.88
CA ALA D 9 1.66 60.64 3.92
C ALA D 9 1.05 60.67 5.31
N GLY D 10 0.11 61.55 5.55
CA GLY D 10 -0.53 61.63 6.89
C GLY D 10 -1.34 60.37 7.16
N ARG D 11 -1.68 59.64 6.12
CA ARG D 11 -2.48 58.39 6.32
C ARG D 11 -1.58 57.26 6.83
N LEU D 12 -0.30 57.33 6.58
CA LEU D 12 0.62 56.26 7.05
C LEU D 12 0.62 56.18 8.58
N PRO D 13 0.92 57.29 9.22
CA PRO D 13 0.95 57.31 10.71
C PRO D 13 -0.48 57.28 11.26
N ALA D 14 -1.20 56.22 11.02
CA ALA D 14 -2.61 56.13 11.52
C ALA D 14 -2.60 55.71 12.99
N GLY D 15 -1.60 54.96 13.40
CA GLY D 15 -1.54 54.50 14.82
C GLY D 15 -0.47 53.42 14.97
N PRO D 16 0.17 53.40 16.11
CA PRO D 16 1.23 52.39 16.37
C PRO D 16 0.61 51.01 16.60
N ARG D 17 -0.60 50.97 17.08
CA ARG D 17 -1.27 49.66 17.34
C ARG D 17 -1.55 48.94 16.01
N GLY D 18 -1.73 49.68 14.95
CA GLY D 18 -2.01 49.04 13.63
C GLY D 18 -0.75 48.30 13.15
N MET D 19 0.40 48.87 13.40
CA MET D 19 1.66 48.20 12.95
C MET D 19 1.97 47.00 13.84
N GLY D 20 1.57 47.05 15.09
CA GLY D 20 1.85 45.91 16.01
C GLY D 20 1.01 44.70 15.59
N THR D 21 -0.28 44.88 15.46
CA THR D 21 -1.16 43.73 15.06
C THR D 21 -0.75 43.21 13.68
N ALA D 22 -0.15 44.05 12.87
CA ALA D 22 0.27 43.60 11.51
C ALA D 22 1.21 42.40 11.61
N LEU D 23 1.91 42.26 12.71
CA LEU D 23 2.84 41.10 12.87
C LEU D 23 2.04 39.79 12.96
N LYS D 24 0.95 39.80 13.70
CA LYS D 24 0.14 38.56 13.84
C LYS D 24 -0.23 38.02 12.46
N LEU D 25 -0.36 38.88 11.49
CA LEU D 25 -0.73 38.42 10.11
C LEU D 25 0.45 37.68 9.48
N LEU D 26 1.65 38.15 9.70
CA LEU D 26 2.85 37.49 9.11
C LEU D 26 2.97 36.05 9.63
N LEU D 27 2.67 35.84 10.88
CA LEU D 27 2.77 34.46 11.46
C LEU D 27 1.77 33.52 10.78
N GLY D 28 0.65 34.05 10.34
CA GLY D 28 -0.37 33.18 9.68
C GLY D 28 0.11 32.79 8.28
N ALA D 29 0.81 33.69 7.62
CA ALA D 29 1.31 33.38 6.25
C ALA D 29 2.21 32.13 6.28
N GLY D 30 3.02 32.00 7.29
CA GLY D 30 3.92 30.82 7.38
C GLY D 30 3.09 29.57 7.67
N ALA D 31 2.00 29.72 8.37
CA ALA D 31 1.14 28.54 8.68
C ALA D 31 0.32 28.14 7.46
N VAL D 32 -0.27 29.09 6.78
CA VAL D 32 -1.09 28.77 5.57
C VAL D 32 -0.22 28.06 4.53
N ALA D 33 1.07 28.21 4.61
CA ALA D 33 1.97 27.55 3.62
C ALA D 33 2.05 26.04 3.88
N TYR D 34 1.90 25.63 5.12
CA TYR D 34 1.97 24.18 5.43
C TYR D 34 0.87 23.42 4.68
N GLY D 35 -0.37 23.82 4.86
CA GLY D 35 -1.49 23.13 4.16
C GLY D 35 -1.21 23.10 2.65
N VAL D 36 -0.59 24.14 2.15
CA VAL D 36 -0.28 24.18 0.69
C VAL D 36 0.99 23.36 0.41
N ARG D 37 1.88 23.27 1.36
CA ARG D 37 3.13 22.49 1.14
C ARG D 37 2.81 21.07 0.67
N GLU D 38 1.67 20.54 1.06
CA GLU D 38 1.31 19.16 0.63
C GLU D 38 0.95 19.14 -0.87
N SER D 39 0.48 20.24 -1.41
CA SER D 39 0.11 20.26 -2.87
C SER D 39 0.76 21.46 -3.61
N VAL D 40 0.66 21.49 -4.92
CA VAL D 40 1.26 22.62 -5.72
C VAL D 40 0.94 22.45 -7.22
N PHE D 41 1.19 23.45 -8.04
CA PHE D 41 0.88 23.30 -9.50
C PHE D 41 2.16 23.25 -10.36
N THR D 42 3.24 23.89 -9.96
CA THR D 42 4.49 23.86 -10.81
C THR D 42 4.89 22.40 -11.07
N VAL D 43 4.80 21.97 -12.30
CA VAL D 43 5.17 20.55 -12.63
C VAL D 43 6.55 20.21 -12.08
N GLU D 44 6.62 19.24 -11.21
CA GLU D 44 7.94 18.85 -10.63
C GLU D 44 8.43 17.53 -11.23
N GLY D 45 9.69 17.43 -11.53
CA GLY D 45 10.22 16.17 -12.12
C GLY D 45 10.03 16.17 -13.63
N GLY D 46 9.91 15.01 -14.23
CA GLY D 46 9.72 14.94 -15.71
C GLY D 46 8.24 14.77 -16.02
N HIS D 47 7.39 15.49 -15.33
CA HIS D 47 5.93 15.37 -15.60
C HIS D 47 5.44 16.56 -16.43
N ARG D 48 4.39 16.37 -17.18
CA ARG D 48 3.86 17.44 -18.07
C ARG D 48 2.60 18.10 -17.46
N ALA D 49 2.30 19.33 -17.84
CA ALA D 49 1.11 20.05 -17.27
C ALA D 49 -0.10 20.03 -18.22
N ILE D 50 -1.27 20.14 -17.64
CA ILE D 50 -2.53 20.11 -18.43
C ILE D 50 -3.47 21.24 -17.93
N PHE D 51 -4.36 21.76 -18.78
CA PHE D 51 -5.23 22.91 -18.30
C PHE D 51 -6.75 22.67 -18.52
N PHE D 52 -7.55 23.10 -17.58
CA PHE D 52 -9.03 22.96 -17.70
C PHE D 52 -9.74 23.92 -16.69
N ASN D 53 -10.93 24.36 -16.99
CA ASN D 53 -11.65 25.31 -16.06
C ASN D 53 -12.91 24.64 -15.46
N ARG D 54 -13.34 25.07 -14.28
CA ARG D 54 -14.56 24.47 -13.64
C ARG D 54 -15.72 24.39 -14.66
N ILE D 55 -15.71 25.25 -15.64
CA ILE D 55 -16.80 25.23 -16.65
C ILE D 55 -16.22 25.17 -18.06
N GLY D 56 -16.45 24.09 -18.77
CA GLY D 56 -15.90 23.96 -20.15
C GLY D 56 -15.63 22.48 -20.46
N GLY D 57 -14.60 22.21 -21.20
CA GLY D 57 -14.28 20.79 -21.54
C GLY D 57 -13.16 20.28 -20.63
N VAL D 58 -13.42 19.23 -19.90
CA VAL D 58 -12.37 18.68 -18.98
C VAL D 58 -11.07 18.39 -19.73
N GLN D 59 -9.96 18.40 -19.05
CA GLN D 59 -8.65 18.11 -19.71
C GLN D 59 -7.76 17.30 -18.77
N GLN D 60 -8.10 16.05 -18.55
CA GLN D 60 -7.29 15.21 -17.64
C GLN D 60 -6.52 14.16 -18.45
N ASP D 61 -5.79 13.29 -17.78
CA ASP D 61 -5.01 12.24 -18.51
C ASP D 61 -4.17 12.88 -19.63
N THR D 62 -3.35 13.85 -19.30
CA THR D 62 -2.53 14.52 -20.36
C THR D 62 -1.16 14.96 -19.81
N ILE D 63 -0.18 15.05 -20.68
CA ILE D 63 1.18 15.48 -20.27
C ILE D 63 2.02 15.93 -21.50
N LEU D 64 2.20 17.23 -21.67
CA LEU D 64 3.01 17.76 -22.81
C LEU D 64 4.50 17.89 -22.42
N ALA D 65 4.89 18.94 -21.71
CA ALA D 65 6.35 19.09 -21.31
C ALA D 65 6.48 19.94 -20.01
N GLU D 66 7.68 20.30 -19.62
CA GLU D 66 7.86 21.11 -18.36
C GLU D 66 7.95 22.61 -18.66
N GLY D 67 7.53 23.43 -17.71
CA GLY D 67 7.58 24.91 -17.89
C GLY D 67 7.50 25.58 -16.51
N LEU D 68 7.98 26.80 -16.36
CA LEU D 68 7.88 27.44 -15.00
C LEU D 68 6.64 28.33 -14.99
N HIS D 69 5.61 27.87 -14.32
CA HIS D 69 4.33 28.65 -14.24
C HIS D 69 3.48 28.14 -13.08
N PHE D 70 2.79 29.02 -12.39
CA PHE D 70 1.92 28.56 -11.27
C PHE D 70 0.77 27.74 -11.88
N ARG D 71 -0.41 27.82 -11.31
CA ARG D 71 -1.55 27.04 -11.92
C ARG D 71 -2.28 27.92 -12.92
N ILE D 72 -1.56 28.82 -13.58
CA ILE D 72 -2.21 29.72 -14.58
C ILE D 72 -3.34 30.53 -13.92
N PRO D 73 -3.58 31.71 -14.42
CA PRO D 73 -4.64 32.60 -13.85
C PRO D 73 -6.03 31.96 -13.93
N TRP D 74 -7.05 32.76 -13.76
CA TRP D 74 -8.46 32.23 -13.78
C TRP D 74 -8.69 31.25 -14.93
N PHE D 75 -9.78 30.54 -14.88
CA PHE D 75 -10.13 29.55 -15.95
C PHE D 75 -9.05 28.46 -16.07
N GLN D 76 -8.69 27.85 -14.96
CA GLN D 76 -7.67 26.76 -15.02
C GLN D 76 -7.79 25.86 -13.78
N TYR D 77 -7.40 24.61 -13.91
CA TYR D 77 -7.50 23.66 -12.77
C TYR D 77 -6.28 22.75 -12.73
N PRO D 78 -6.01 22.21 -11.56
CA PRO D 78 -4.84 21.32 -11.41
C PRO D 78 -5.24 19.84 -11.55
N ILE D 79 -4.87 19.26 -12.65
CA ILE D 79 -5.13 17.81 -12.90
C ILE D 79 -4.14 17.37 -13.99
N ILE D 80 -3.17 16.56 -13.64
CA ILE D 80 -2.14 16.15 -14.65
C ILE D 80 -1.98 14.63 -14.73
N TYR D 81 -1.49 14.14 -15.85
CA TYR D 81 -1.31 12.66 -16.03
C TYR D 81 0.14 12.27 -15.71
N ASP D 82 0.35 11.05 -15.28
CA ASP D 82 1.74 10.61 -14.94
C ASP D 82 2.07 9.30 -15.68
N ILE D 83 3.32 9.09 -15.96
CA ILE D 83 3.73 7.84 -16.68
C ILE D 83 4.10 6.75 -15.68
N ARG D 84 3.94 5.50 -16.05
CA ARG D 84 4.30 4.39 -15.12
C ARG D 84 4.13 3.03 -15.82
N ALA D 85 4.58 1.98 -15.21
CA ALA D 85 4.45 0.63 -15.84
C ALA D 85 2.98 0.30 -16.08
N ARG D 86 2.67 -0.27 -17.21
CA ARG D 86 1.24 -0.62 -17.50
C ARG D 86 1.10 -2.13 -17.75
N PRO D 87 0.47 -2.81 -16.82
CA PRO D 87 0.24 -4.26 -16.95
C PRO D 87 -1.18 -4.53 -17.46
N ARG D 88 -1.30 -5.01 -18.66
CA ARG D 88 -2.65 -5.29 -19.21
C ARG D 88 -2.53 -6.30 -20.40
N LYS D 89 -2.95 -7.55 -20.19
CA LYS D 89 -2.84 -8.59 -21.28
C LYS D 89 -3.77 -9.80 -21.00
N ILE D 90 -4.20 -10.51 -22.02
CA ILE D 90 -5.10 -11.71 -21.80
C ILE D 90 -4.85 -12.84 -22.78
N SER D 91 -5.15 -14.05 -22.38
CA SER D 91 -5.01 -15.22 -23.29
C SER D 91 -6.40 -15.60 -23.80
N SER D 92 -6.68 -15.38 -25.06
CA SER D 92 -8.04 -15.71 -25.59
C SER D 92 -7.99 -16.92 -26.53
N PRO D 93 -8.95 -17.80 -26.39
CA PRO D 93 -9.03 -19.00 -27.24
C PRO D 93 -10.03 -18.78 -28.38
N THR D 94 -9.55 -18.70 -29.59
CA THR D 94 -10.48 -18.48 -30.74
C THR D 94 -9.88 -19.10 -32.03
N GLY D 95 -10.54 -20.08 -32.58
CA GLY D 95 -10.02 -20.73 -33.81
C GLY D 95 -11.05 -20.57 -34.94
N SER D 96 -10.59 -20.27 -36.13
CA SER D 96 -11.53 -20.10 -37.27
C SER D 96 -10.77 -20.12 -38.60
N LYS D 97 -9.72 -20.88 -38.68
CA LYS D 97 -8.93 -20.94 -39.95
C LYS D 97 -8.09 -22.22 -40.00
N ASP D 98 -8.45 -23.23 -39.23
CA ASP D 98 -7.67 -24.49 -39.24
C ASP D 98 -8.37 -25.54 -38.36
N LEU D 99 -8.42 -25.30 -37.07
CA LEU D 99 -9.08 -26.28 -36.16
C LEU D 99 -10.12 -25.58 -35.29
N GLN D 100 -10.39 -26.11 -34.13
CA GLN D 100 -11.41 -25.46 -33.23
C GLN D 100 -10.77 -25.07 -31.90
N MET D 101 -9.49 -24.84 -31.87
CA MET D 101 -8.81 -24.45 -30.60
C MET D 101 -7.55 -23.66 -30.88
N VAL D 102 -7.54 -22.39 -30.56
CA VAL D 102 -6.33 -21.55 -30.79
C VAL D 102 -6.28 -20.44 -29.75
N ASN D 103 -5.21 -20.34 -29.02
CA ASN D 103 -5.11 -19.28 -27.97
C ASN D 103 -4.23 -18.12 -28.47
N ILE D 104 -4.76 -16.92 -28.43
CA ILE D 104 -3.97 -15.75 -28.90
C ILE D 104 -3.91 -14.68 -27.79
N SER D 105 -2.73 -14.41 -27.30
CA SER D 105 -2.59 -13.39 -26.22
C SER D 105 -1.74 -12.22 -26.73
N LEU D 106 -1.94 -11.04 -26.19
CA LEU D 106 -1.14 -9.87 -26.65
C LEU D 106 -1.05 -8.80 -25.55
N ARG D 107 0.01 -8.03 -25.55
CA ARG D 107 0.19 -6.97 -24.53
C ARG D 107 0.79 -5.72 -25.17
N VAL D 108 0.13 -4.60 -25.06
CA VAL D 108 0.67 -3.35 -25.69
C VAL D 108 1.30 -2.45 -24.62
N LEU D 109 2.26 -1.65 -25.01
CA LEU D 109 2.93 -0.74 -24.03
C LEU D 109 2.41 0.69 -24.19
N SER D 110 2.28 1.41 -23.10
CA SER D 110 1.78 2.82 -23.21
C SER D 110 2.93 3.80 -22.99
N ARG D 111 3.15 4.69 -23.93
CA ARG D 111 4.26 5.68 -23.79
C ARG D 111 3.88 7.00 -24.46
N PRO D 112 3.78 8.04 -23.67
CA PRO D 112 3.42 9.37 -24.20
C PRO D 112 4.61 9.96 -24.97
N ASN D 113 4.37 10.54 -26.12
CA ASN D 113 5.49 11.13 -26.90
C ASN D 113 5.75 12.58 -26.47
N ALA D 114 5.14 13.02 -25.40
CA ALA D 114 5.35 14.42 -24.92
C ALA D 114 5.10 15.41 -26.06
N GLN D 115 4.30 15.04 -27.02
CA GLN D 115 4.02 15.97 -28.16
C GLN D 115 2.76 16.78 -27.88
N GLU D 116 1.68 16.13 -27.56
CA GLU D 116 0.42 16.87 -27.27
C GLU D 116 -0.65 15.93 -26.69
N LEU D 117 -0.71 15.82 -25.38
CA LEU D 117 -1.73 14.92 -24.76
C LEU D 117 -3.11 15.60 -24.69
N PRO D 118 -3.15 16.91 -24.55
CA PRO D 118 -4.46 17.61 -24.45
C PRO D 118 -5.19 17.59 -25.79
N SER D 119 -4.53 18.00 -26.85
CA SER D 119 -5.20 17.99 -28.20
C SER D 119 -5.78 16.60 -28.46
N MET D 120 -5.02 15.58 -28.19
CA MET D 120 -5.50 14.19 -28.43
C MET D 120 -6.38 13.71 -27.27
N TYR D 121 -6.29 14.32 -26.11
CA TYR D 121 -7.12 13.86 -24.95
C TYR D 121 -8.62 13.92 -25.29
N GLN D 122 -9.16 15.10 -25.46
CA GLN D 122 -10.63 15.20 -25.77
C GLN D 122 -10.96 14.30 -26.96
N ARG D 123 -10.04 14.14 -27.88
CA ARG D 123 -10.30 13.26 -29.05
C ARG D 123 -10.07 11.79 -28.64
N LEU D 124 -9.25 11.59 -27.64
CA LEU D 124 -8.97 10.19 -27.16
C LEU D 124 -10.12 9.71 -26.26
N GLY D 125 -10.70 10.61 -25.51
CA GLY D 125 -11.81 10.21 -24.60
C GLY D 125 -11.30 10.18 -23.16
N LEU D 126 -12.18 10.30 -22.20
CA LEU D 126 -11.74 10.28 -20.77
C LEU D 126 -11.00 8.98 -20.47
N ASP D 127 -9.69 9.02 -20.46
CA ASP D 127 -8.88 7.79 -20.18
C ASP D 127 -9.24 6.67 -21.16
N TYR D 128 -10.27 5.92 -20.89
CA TYR D 128 -10.66 4.81 -21.83
C TYR D 128 -9.46 3.90 -22.10
N GLU D 129 -8.49 3.87 -21.24
CA GLU D 129 -7.31 3.01 -21.46
C GLU D 129 -7.68 1.54 -21.26
N GLU D 130 -8.76 1.28 -20.57
CA GLU D 130 -9.18 -0.14 -20.35
C GLU D 130 -9.85 -0.70 -21.59
N ARG D 131 -10.74 0.04 -22.20
CA ARG D 131 -11.44 -0.46 -23.41
C ARG D 131 -10.58 -0.27 -24.67
N VAL D 132 -10.02 0.90 -24.85
CA VAL D 132 -9.19 1.16 -26.07
C VAL D 132 -8.13 0.08 -26.28
N LEU D 133 -7.40 -0.29 -25.26
CA LEU D 133 -6.33 -1.32 -25.42
C LEU D 133 -6.89 -2.60 -26.08
N PRO D 134 -7.84 -3.22 -25.42
CA PRO D 134 -8.44 -4.47 -25.98
C PRO D 134 -9.34 -4.17 -27.18
N SER D 135 -10.20 -3.19 -27.08
CA SER D 135 -11.11 -2.86 -28.22
C SER D 135 -10.32 -2.72 -29.53
N ILE D 136 -9.16 -2.13 -29.47
CA ILE D 136 -8.34 -1.96 -30.71
C ILE D 136 -7.61 -3.26 -31.06
N VAL D 137 -7.00 -3.89 -30.09
CA VAL D 137 -6.26 -5.16 -30.37
C VAL D 137 -7.23 -6.34 -30.48
N ASN D 138 -8.01 -6.57 -29.47
CA ASN D 138 -8.99 -7.71 -29.49
C ASN D 138 -9.81 -7.68 -30.79
N GLU D 139 -9.97 -6.53 -31.38
CA GLU D 139 -10.76 -6.44 -32.64
C GLU D 139 -9.93 -6.95 -33.83
N VAL D 140 -8.75 -6.40 -34.01
CA VAL D 140 -7.89 -6.85 -35.14
C VAL D 140 -7.28 -8.22 -34.82
N LEU D 141 -7.11 -8.52 -33.56
CA LEU D 141 -6.51 -9.83 -33.19
C LEU D 141 -7.33 -10.98 -33.77
N LYS D 142 -8.59 -11.05 -33.42
CA LYS D 142 -9.46 -12.14 -33.96
C LYS D 142 -9.53 -12.05 -35.49
N SER D 143 -9.27 -10.89 -36.03
CA SER D 143 -9.33 -10.73 -37.52
C SER D 143 -8.05 -11.26 -38.16
N VAL D 144 -6.92 -11.00 -37.55
CA VAL D 144 -5.62 -11.49 -38.13
C VAL D 144 -5.51 -13.01 -37.95
N VAL D 145 -5.69 -13.49 -36.76
CA VAL D 145 -5.58 -14.96 -36.51
C VAL D 145 -6.55 -15.72 -37.42
N ALA D 146 -7.64 -15.10 -37.80
CA ALA D 146 -8.62 -15.78 -38.69
C ALA D 146 -8.07 -15.87 -40.11
N LYS D 147 -7.16 -14.98 -40.47
CA LYS D 147 -6.59 -15.01 -41.85
C LYS D 147 -5.51 -16.08 -41.95
N PHE D 148 -4.47 -15.97 -41.16
CA PHE D 148 -3.38 -16.99 -41.21
C PHE D 148 -3.92 -18.38 -40.87
N ASN D 149 -3.07 -19.31 -40.57
CA ASN D 149 -3.55 -20.68 -40.24
C ASN D 149 -2.95 -21.15 -38.91
N ALA D 150 -3.38 -22.27 -38.41
CA ALA D 150 -2.85 -22.78 -37.11
C ALA D 150 -1.48 -23.43 -37.32
N SER D 151 -1.29 -24.10 -38.43
CA SER D 151 0.02 -24.76 -38.70
C SER D 151 1.14 -23.71 -38.68
N GLN D 152 0.89 -22.55 -39.23
CA GLN D 152 1.94 -21.49 -39.24
C GLN D 152 2.00 -20.78 -37.88
N LEU D 153 0.89 -20.72 -37.18
CA LEU D 153 0.89 -20.04 -35.86
C LEU D 153 1.77 -20.81 -34.87
N ILE D 154 1.51 -22.08 -34.68
CA ILE D 154 2.32 -22.89 -33.74
C ILE D 154 3.79 -22.88 -34.14
N THR D 155 4.07 -22.71 -35.42
CA THR D 155 5.48 -22.70 -35.89
C THR D 155 6.25 -21.58 -35.18
N GLN D 156 5.60 -20.47 -34.93
CA GLN D 156 6.29 -19.34 -34.24
C GLN D 156 5.26 -18.28 -33.82
N ARG D 157 5.16 -18.03 -32.54
CA ARG D 157 4.18 -17.00 -32.08
C ARG D 157 4.68 -15.58 -32.40
N ALA D 158 5.89 -15.47 -32.91
CA ALA D 158 6.44 -14.13 -33.25
C ALA D 158 5.89 -13.66 -34.60
N GLN D 159 5.82 -14.54 -35.57
CA GLN D 159 5.30 -14.14 -36.91
C GLN D 159 3.92 -13.47 -36.77
N VAL D 160 3.16 -13.87 -35.80
CA VAL D 160 1.80 -13.25 -35.61
C VAL D 160 1.94 -11.76 -35.27
N SER D 161 2.96 -11.41 -34.53
CA SER D 161 3.16 -9.98 -34.16
C SER D 161 3.55 -9.16 -35.40
N LEU D 162 4.19 -9.80 -36.36
CA LEU D 162 4.61 -9.06 -37.58
C LEU D 162 3.38 -8.54 -38.33
N LEU D 163 2.30 -9.27 -38.30
CA LEU D 163 1.06 -8.83 -39.02
C LEU D 163 0.32 -7.77 -38.19
N ILE D 164 0.30 -7.94 -36.89
CA ILE D 164 -0.41 -6.94 -36.03
C ILE D 164 0.34 -5.61 -36.05
N ARG D 165 1.64 -5.64 -36.03
CA ARG D 165 2.43 -4.37 -36.04
C ARG D 165 2.04 -3.52 -37.25
N ARG D 166 1.48 -4.12 -38.27
CA ARG D 166 1.08 -3.34 -39.48
C ARG D 166 -0.24 -2.62 -39.22
N GLU D 167 -1.25 -3.33 -38.82
CA GLU D 167 -2.58 -2.69 -38.57
C GLU D 167 -2.58 -2.01 -37.19
N LEU D 168 -1.92 -2.58 -36.22
CA LEU D 168 -1.90 -1.96 -34.86
C LEU D 168 -1.36 -0.54 -34.93
N THR D 169 -0.29 -0.32 -35.67
CA THR D 169 0.28 1.05 -35.78
C THR D 169 -0.76 2.02 -36.34
N GLU D 170 -1.72 1.53 -37.07
CA GLU D 170 -2.76 2.43 -37.65
C GLU D 170 -3.81 2.77 -36.60
N ARG D 171 -4.36 1.78 -35.94
CA ARG D 171 -5.39 2.04 -34.90
C ARG D 171 -4.73 2.51 -33.59
N ALA D 172 -3.49 2.17 -33.38
CA ALA D 172 -2.81 2.59 -32.13
C ALA D 172 -2.82 4.12 -31.99
N LYS D 173 -2.16 4.80 -32.90
CA LYS D 173 -2.12 6.30 -32.83
C LYS D 173 -3.51 6.88 -33.15
N ASP D 174 -4.35 6.11 -33.79
CA ASP D 174 -5.71 6.61 -34.16
C ASP D 174 -6.39 7.26 -32.95
N PHE D 175 -6.04 6.84 -31.75
CA PHE D 175 -6.67 7.44 -30.54
C PHE D 175 -5.83 8.63 -30.05
N SER D 176 -4.54 8.57 -30.25
CA SER D 176 -3.67 9.70 -29.79
C SER D 176 -2.25 9.52 -30.32
N LEU D 177 -1.30 10.25 -29.78
CA LEU D 177 0.11 10.11 -30.26
C LEU D 177 0.95 9.41 -29.19
N ILE D 178 1.37 8.20 -29.44
CA ILE D 178 2.20 7.46 -28.44
C ILE D 178 3.09 6.43 -29.15
N LEU D 179 4.22 6.11 -28.56
CA LEU D 179 5.13 5.12 -29.19
C LEU D 179 4.99 3.76 -28.50
N ASP D 180 4.44 2.79 -29.20
CA ASP D 180 4.26 1.44 -28.57
C ASP D 180 4.96 0.36 -29.41
N ASP D 181 5.38 -0.70 -28.79
CA ASP D 181 6.07 -1.80 -29.54
C ASP D 181 5.10 -2.94 -29.80
N VAL D 182 5.28 -3.68 -30.86
CA VAL D 182 4.34 -4.80 -31.15
C VAL D 182 4.97 -6.15 -30.79
N ALA D 183 4.48 -6.76 -29.74
CA ALA D 183 5.02 -8.09 -29.32
C ALA D 183 3.98 -8.76 -28.41
N ILE D 184 3.92 -10.07 -28.38
CA ILE D 184 2.90 -10.72 -27.51
C ILE D 184 3.39 -12.05 -26.92
N THR D 185 2.96 -12.34 -25.72
CA THR D 185 3.32 -13.63 -25.08
C THR D 185 2.11 -14.56 -25.22
N GLU D 186 2.19 -15.58 -26.04
CA GLU D 186 0.98 -16.45 -26.22
C GLU D 186 1.32 -17.92 -26.47
N LEU D 187 0.42 -18.78 -26.09
CA LEU D 187 0.59 -20.23 -26.32
C LEU D 187 -0.68 -20.74 -26.99
N SER D 188 -0.57 -21.52 -28.02
CA SER D 188 -1.81 -21.99 -28.72
C SER D 188 -2.17 -23.43 -28.33
N PHE D 189 -3.44 -23.75 -28.40
CA PHE D 189 -3.89 -25.13 -28.03
C PHE D 189 -4.14 -25.96 -29.29
N SER D 190 -3.34 -26.97 -29.52
CA SER D 190 -3.53 -27.82 -30.73
C SER D 190 -3.41 -29.29 -30.37
N MET E 1 -36.82 61.15 11.53
CA MET E 1 -36.58 61.00 10.07
C MET E 1 -35.59 59.87 9.81
N ALA E 2 -34.39 59.99 10.30
CA ALA E 2 -33.36 58.92 10.08
C ALA E 2 -32.20 59.11 11.05
N GLN E 3 -32.47 59.07 12.33
CA GLN E 3 -31.37 59.24 13.33
C GLN E 3 -30.58 57.93 13.48
N ASN E 4 -31.24 56.81 13.32
CA ASN E 4 -30.53 55.50 13.45
C ASN E 4 -29.55 55.32 12.29
N LEU E 5 -29.85 55.88 11.15
CA LEU E 5 -28.93 55.73 9.98
C LEU E 5 -27.58 56.38 10.28
N LYS E 6 -27.59 57.58 10.80
CA LYS E 6 -26.30 58.26 11.12
C LYS E 6 -25.66 57.62 12.36
N ASP E 7 -26.44 57.33 13.37
CA ASP E 7 -25.88 56.71 14.60
C ASP E 7 -25.31 55.34 14.28
N LEU E 8 -25.86 54.65 13.31
CA LEU E 8 -25.34 53.30 12.94
C LEU E 8 -24.03 53.43 12.18
N ALA E 9 -23.88 54.47 11.41
CA ALA E 9 -22.61 54.65 10.64
C ALA E 9 -21.49 55.10 11.57
N GLY E 10 -21.81 55.83 12.60
CA GLY E 10 -20.76 56.29 13.56
C GLY E 10 -20.24 55.10 14.36
N ARG E 11 -21.00 54.04 14.44
CA ARG E 11 -20.54 52.85 15.21
C ARG E 11 -19.53 52.04 14.40
N LEU E 12 -19.53 52.18 13.09
CA LEU E 12 -18.56 51.42 12.25
C LEU E 12 -17.12 51.73 12.67
N PRO E 13 -16.77 53.00 12.64
CA PRO E 13 -15.39 53.41 13.02
C PRO E 13 -15.20 53.30 14.53
N ALA E 14 -16.26 53.46 15.29
CA ALA E 14 -16.14 53.36 16.77
C ALA E 14 -15.72 51.94 17.17
N GLY E 15 -15.25 51.77 18.38
CA GLY E 15 -14.83 50.41 18.84
C GLY E 15 -13.49 50.04 18.17
N PRO E 16 -12.43 50.66 18.65
CA PRO E 16 -11.09 50.38 18.09
C PRO E 16 -10.60 49.01 18.53
N ARG E 17 -10.83 48.65 19.76
CA ARG E 17 -10.37 47.32 20.26
C ARG E 17 -11.09 46.20 19.50
N GLY E 18 -12.35 46.38 19.21
CA GLY E 18 -13.10 45.33 18.48
C GLY E 18 -12.49 45.13 17.08
N MET E 19 -11.93 46.17 16.52
CA MET E 19 -11.32 46.05 15.17
C MET E 19 -9.96 45.36 15.26
N GLY E 20 -9.21 45.64 16.29
CA GLY E 20 -7.87 45.01 16.45
C GLY E 20 -8.04 43.50 16.63
N THR E 21 -9.12 43.08 17.24
CA THR E 21 -9.35 41.62 17.44
C THR E 21 -9.87 40.98 16.16
N ALA E 22 -10.52 41.76 15.32
CA ALA E 22 -11.07 41.20 14.04
C ALA E 22 -9.94 40.55 13.23
N LEU E 23 -8.72 40.99 13.42
CA LEU E 23 -7.59 40.39 12.65
C LEU E 23 -7.37 38.94 13.08
N LYS E 24 -7.41 38.67 14.36
CA LYS E 24 -7.20 37.27 14.84
C LYS E 24 -8.18 36.33 14.13
N LEU E 25 -9.33 36.82 13.76
CA LEU E 25 -10.34 35.96 13.07
C LEU E 25 -9.86 35.63 11.65
N LEU E 26 -9.44 36.63 10.91
CA LEU E 26 -8.97 36.39 9.51
C LEU E 26 -7.82 35.37 9.51
N LEU E 27 -7.09 35.30 10.58
CA LEU E 27 -5.96 34.33 10.65
C LEU E 27 -6.48 32.91 10.89
N GLY E 28 -7.51 32.78 11.68
CA GLY E 28 -8.07 31.42 11.95
C GLY E 28 -8.65 30.84 10.67
N ALA E 29 -9.15 31.68 9.79
CA ALA E 29 -9.73 31.17 8.52
C ALA E 29 -8.66 30.48 7.68
N GLY E 30 -7.44 30.95 7.76
CA GLY E 30 -6.34 30.32 6.97
C GLY E 30 -5.98 28.97 7.58
N ALA E 31 -6.11 28.85 8.88
CA ALA E 31 -5.77 27.56 9.55
C ALA E 31 -6.92 26.56 9.38
N VAL E 32 -8.13 27.02 9.51
CA VAL E 32 -9.29 26.09 9.36
C VAL E 32 -9.32 25.49 7.95
N ALA E 33 -8.78 26.19 6.99
CA ALA E 33 -8.78 25.66 5.59
C ALA E 33 -7.85 24.44 5.49
N TYR E 34 -6.83 24.38 6.31
CA TYR E 34 -5.90 23.22 6.26
C TYR E 34 -6.66 21.91 6.48
N GLY E 35 -7.44 21.85 7.52
CA GLY E 35 -8.21 20.59 7.80
C GLY E 35 -9.12 20.28 6.62
N VAL E 36 -9.63 21.30 5.96
CA VAL E 36 -10.54 21.06 4.80
C VAL E 36 -9.70 20.76 3.55
N ARG E 37 -8.51 21.30 3.47
CA ARG E 37 -7.65 21.06 2.26
C ARG E 37 -7.52 19.56 1.98
N GLU E 38 -7.53 18.75 3.01
CA GLU E 38 -7.41 17.27 2.79
C GLU E 38 -8.70 16.72 2.15
N SER E 39 -9.83 17.35 2.38
CA SER E 39 -11.11 16.83 1.78
C SER E 39 -11.80 17.90 0.91
N VAL E 40 -12.89 17.56 0.26
CA VAL E 40 -13.63 18.55 -0.60
C VAL E 40 -14.93 17.92 -1.16
N PHE E 41 -15.80 18.71 -1.76
CA PHE E 41 -17.07 18.14 -2.33
C PHE E 41 -17.12 18.29 -3.86
N THR E 42 -16.75 19.44 -4.40
CA THR E 42 -16.78 19.61 -5.89
C THR E 42 -15.95 18.51 -6.57
N VAL E 43 -16.59 17.65 -7.31
CA VAL E 43 -15.85 16.54 -8.01
C VAL E 43 -14.65 17.12 -8.76
N GLU E 44 -13.51 16.49 -8.66
CA GLU E 44 -12.30 17.01 -9.35
C GLU E 44 -11.90 16.11 -10.52
N GLY E 45 -11.18 15.05 -10.27
CA GLY E 45 -10.76 14.14 -11.39
C GLY E 45 -11.98 13.69 -12.19
N GLY E 46 -11.76 12.94 -13.23
CA GLY E 46 -12.90 12.47 -14.08
C GLY E 46 -13.84 11.63 -13.21
N HIS E 47 -14.78 12.25 -12.56
CA HIS E 47 -15.72 11.49 -11.69
C HIS E 47 -17.06 12.22 -11.57
N ARG E 48 -18.10 11.49 -11.32
CA ARG E 48 -19.47 12.10 -11.21
C ARG E 48 -19.89 12.26 -9.73
N ALA E 49 -20.79 13.18 -9.43
CA ALA E 49 -21.19 13.41 -8.00
C ALA E 49 -22.51 12.70 -7.64
N ILE E 50 -22.67 12.38 -6.39
CA ILE E 50 -23.88 11.66 -5.90
C ILE E 50 -24.48 12.40 -4.68
N PHE E 51 -25.78 12.27 -4.43
CA PHE E 51 -26.39 13.03 -3.27
C PHE E 51 -27.17 12.15 -2.28
N PHE E 52 -27.02 12.43 -1.00
CA PHE E 52 -27.76 11.66 0.06
C PHE E 52 -27.76 12.46 1.38
N ASN E 53 -28.74 12.25 2.23
CA ASN E 53 -28.79 13.01 3.54
C ASN E 53 -28.86 12.05 4.74
N ARG E 54 -28.37 12.46 5.90
CA ARG E 54 -28.40 11.57 7.12
C ARG E 54 -29.78 10.91 7.27
N ILE E 55 -30.82 11.55 6.80
CA ILE E 55 -32.18 10.95 6.93
C ILE E 55 -32.63 10.36 5.58
N GLY E 56 -32.10 9.21 5.23
CA GLY E 56 -32.48 8.58 3.94
C GLY E 56 -31.81 7.22 3.81
N GLY E 57 -31.21 6.96 2.67
CA GLY E 57 -30.53 5.65 2.47
C GLY E 57 -29.01 5.85 2.56
N VAL E 58 -28.32 5.77 1.44
CA VAL E 58 -26.85 5.97 1.45
C VAL E 58 -26.29 5.96 0.02
N GLN E 59 -26.75 6.87 -0.81
CA GLN E 59 -26.26 6.91 -2.22
C GLN E 59 -24.73 6.93 -2.26
N GLN E 60 -24.11 5.79 -2.41
CA GLN E 60 -22.63 5.74 -2.46
C GLN E 60 -22.15 5.33 -3.86
N ASP E 61 -22.41 4.11 -4.25
CA ASP E 61 -21.96 3.66 -5.61
C ASP E 61 -22.76 4.38 -6.70
N THR E 62 -22.48 5.64 -6.91
CA THR E 62 -23.25 6.39 -7.96
C THR E 62 -22.34 7.44 -8.64
N ILE E 63 -22.80 8.06 -9.71
CA ILE E 63 -21.98 9.09 -10.43
C ILE E 63 -22.83 9.74 -11.56
N LEU E 64 -23.03 11.05 -11.50
CA LEU E 64 -23.83 11.75 -12.58
C LEU E 64 -22.89 12.37 -13.65
N ALA E 65 -22.36 13.55 -13.41
CA ALA E 65 -21.43 14.20 -14.40
C ALA E 65 -20.77 15.42 -13.73
N GLU E 66 -19.57 15.79 -14.14
CA GLU E 66 -18.87 16.96 -13.49
C GLU E 66 -19.75 18.22 -13.53
N GLY E 67 -19.68 19.00 -12.49
CA GLY E 67 -20.49 20.25 -12.39
C GLY E 67 -19.85 21.17 -11.35
N LEU E 68 -20.07 22.46 -11.40
CA LEU E 68 -19.43 23.34 -10.38
C LEU E 68 -20.45 23.58 -9.26
N HIS E 69 -20.23 22.95 -8.13
CA HIS E 69 -21.15 23.10 -6.97
C HIS E 69 -20.43 22.69 -5.69
N PHE E 70 -20.80 23.23 -4.56
CA PHE E 70 -20.13 22.84 -3.29
C PHE E 70 -21.14 22.19 -2.35
N ARG E 71 -20.78 21.11 -1.70
CA ARG E 71 -21.74 20.45 -0.77
C ARG E 71 -22.23 21.48 0.25
N ILE E 72 -21.58 21.58 1.39
CA ILE E 72 -22.01 22.58 2.43
C ILE E 72 -23.47 23.02 2.25
N PRO E 73 -24.35 22.04 2.20
CA PRO E 73 -25.79 22.29 1.98
C PRO E 73 -26.56 22.20 3.30
N TRP E 74 -27.85 21.96 3.21
CA TRP E 74 -28.68 21.82 4.44
C TRP E 74 -29.07 20.36 4.62
N PHE E 75 -28.83 19.52 3.63
CA PHE E 75 -29.19 18.08 3.76
C PHE E 75 -28.55 17.24 2.65
N GLN E 76 -27.24 17.33 2.49
CA GLN E 76 -26.56 16.53 1.43
C GLN E 76 -25.24 15.97 1.98
N TYR E 77 -24.78 14.87 1.46
CA TYR E 77 -23.53 14.25 1.98
C TYR E 77 -22.57 13.93 0.83
N PRO E 78 -21.29 13.88 1.14
CA PRO E 78 -20.28 13.59 0.12
C PRO E 78 -19.89 12.10 0.12
N ILE E 79 -20.30 11.40 -0.89
CA ILE E 79 -19.95 9.95 -1.04
C ILE E 79 -20.13 9.63 -2.53
N ILE E 80 -19.05 9.41 -3.25
CA ILE E 80 -19.16 9.18 -4.73
C ILE E 80 -18.46 7.89 -5.19
N TYR E 81 -18.87 7.37 -6.32
CA TYR E 81 -18.26 6.12 -6.86
C TYR E 81 -17.21 6.47 -7.92
N ASP E 82 -16.08 5.82 -7.89
CA ASP E 82 -15.02 6.12 -8.89
C ASP E 82 -14.74 4.89 -9.76
N ILE E 83 -14.31 5.10 -10.98
CA ILE E 83 -14.02 3.95 -11.89
C ILE E 83 -12.68 3.31 -11.51
N ARG E 84 -12.53 2.03 -11.79
CA ARG E 84 -11.25 1.35 -11.45
C ARG E 84 -11.21 -0.04 -12.09
N ALA E 85 -10.15 -0.77 -11.91
CA ALA E 85 -10.05 -2.14 -12.51
C ALA E 85 -11.22 -3.01 -12.02
N ARG E 86 -11.27 -4.24 -12.46
CA ARG E 86 -12.39 -5.14 -12.02
C ARG E 86 -11.99 -6.61 -12.19
N PRO E 87 -11.80 -7.29 -11.08
CA PRO E 87 -11.44 -8.72 -11.12
C PRO E 87 -12.69 -9.57 -10.91
N ARG E 88 -13.14 -10.25 -11.94
CA ARG E 88 -14.35 -11.10 -11.80
C ARG E 88 -14.39 -12.13 -12.95
N LYS E 89 -14.20 -13.41 -12.65
CA LYS E 89 -14.18 -14.47 -13.74
C LYS E 89 -14.88 -15.77 -13.27
N ILE E 90 -15.35 -16.57 -14.21
CA ILE E 90 -16.09 -17.84 -13.84
C ILE E 90 -15.22 -19.09 -13.96
N SER E 91 -15.58 -20.11 -13.22
CA SER E 91 -14.87 -21.42 -13.30
C SER E 91 -15.79 -22.50 -12.73
N SER E 92 -16.33 -23.35 -13.56
CA SER E 92 -17.26 -24.41 -13.05
C SER E 92 -17.40 -25.54 -14.06
N PRO E 93 -17.57 -26.75 -13.55
CA PRO E 93 -17.74 -27.92 -14.42
C PRO E 93 -19.24 -28.27 -14.50
N THR E 94 -19.84 -28.08 -15.66
CA THR E 94 -21.29 -28.39 -15.79
C THR E 94 -21.51 -29.48 -16.85
N GLY E 95 -22.45 -30.35 -16.62
CA GLY E 95 -22.73 -31.43 -17.61
C GLY E 95 -24.18 -31.91 -17.45
N SER E 96 -25.00 -31.64 -18.43
CA SER E 96 -26.43 -32.06 -18.34
C SER E 96 -26.99 -32.35 -19.74
N LYS E 97 -26.71 -31.49 -20.68
CA LYS E 97 -27.23 -31.71 -22.07
C LYS E 97 -26.19 -32.45 -22.91
N ASP E 98 -25.65 -33.52 -22.38
CA ASP E 98 -24.63 -34.29 -23.15
C ASP E 98 -24.25 -35.57 -22.39
N LEU E 99 -23.15 -36.18 -22.72
CA LEU E 99 -22.72 -37.42 -22.02
C LEU E 99 -21.33 -37.25 -21.41
N GLN E 100 -21.06 -36.11 -20.83
CA GLN E 100 -19.72 -35.88 -20.22
C GLN E 100 -19.72 -34.60 -19.38
N MET E 101 -18.57 -34.12 -18.99
CA MET E 101 -18.52 -32.88 -18.17
C MET E 101 -18.10 -31.69 -19.04
N VAL E 102 -18.90 -30.65 -19.08
CA VAL E 102 -18.55 -29.46 -19.90
C VAL E 102 -18.09 -28.32 -18.99
N ASN E 103 -17.04 -27.63 -19.37
CA ASN E 103 -16.54 -26.50 -18.53
C ASN E 103 -16.75 -25.17 -19.26
N ILE E 104 -17.54 -24.30 -18.69
CA ILE E 104 -17.78 -22.97 -19.33
C ILE E 104 -17.66 -21.85 -18.29
N SER E 105 -17.07 -20.75 -18.67
CA SER E 105 -16.91 -19.62 -17.70
C SER E 105 -16.69 -18.31 -18.45
N LEU E 106 -17.41 -17.27 -18.08
CA LEU E 106 -17.24 -15.95 -18.79
C LEU E 106 -17.31 -14.79 -17.80
N ARG E 107 -16.53 -13.77 -18.02
CA ARG E 107 -16.54 -12.59 -17.09
C ARG E 107 -17.27 -11.40 -17.73
N VAL E 108 -17.86 -10.55 -16.93
CA VAL E 108 -18.58 -9.37 -17.48
C VAL E 108 -17.86 -8.07 -17.09
N LEU E 109 -17.98 -7.04 -17.89
CA LEU E 109 -17.30 -5.75 -17.57
C LEU E 109 -18.33 -4.69 -17.13
N SER E 110 -17.91 -3.77 -16.32
CA SER E 110 -18.86 -2.71 -15.86
C SER E 110 -18.34 -1.32 -16.27
N ARG E 111 -19.15 -0.55 -16.95
CA ARG E 111 -18.69 0.81 -17.38
C ARG E 111 -19.88 1.77 -17.43
N PRO E 112 -19.62 3.04 -17.22
CA PRO E 112 -20.68 4.06 -17.25
C PRO E 112 -21.09 4.37 -18.70
N ASN E 113 -20.39 5.27 -19.35
CA ASN E 113 -20.73 5.61 -20.76
C ASN E 113 -22.22 5.97 -20.89
N ALA E 114 -22.56 7.21 -20.67
CA ALA E 114 -23.99 7.63 -20.76
C ALA E 114 -24.88 6.70 -19.94
N GLN E 115 -25.16 7.07 -18.72
CA GLN E 115 -26.03 6.21 -17.86
C GLN E 115 -26.45 6.98 -16.60
N GLU E 116 -27.15 6.32 -15.71
CA GLU E 116 -27.60 6.99 -14.46
C GLU E 116 -27.27 6.12 -13.25
N LEU E 117 -26.25 6.47 -12.50
CA LEU E 117 -25.89 5.65 -11.32
C LEU E 117 -26.83 5.91 -10.13
N PRO E 118 -27.31 7.12 -9.97
CA PRO E 118 -28.20 7.44 -8.82
C PRO E 118 -29.56 6.74 -8.95
N SER E 119 -30.29 7.01 -9.99
CA SER E 119 -31.63 6.36 -10.15
C SER E 119 -31.47 4.83 -10.07
N MET E 120 -30.46 4.31 -10.71
CA MET E 120 -30.23 2.84 -10.68
C MET E 120 -29.53 2.38 -9.40
N TYR E 121 -28.89 3.29 -8.69
CA TYR E 121 -28.16 2.87 -7.45
C TYR E 121 -29.11 2.13 -6.48
N GLN E 122 -30.08 2.80 -5.92
CA GLN E 122 -31.01 2.11 -4.97
C GLN E 122 -31.69 0.94 -5.65
N ARG E 123 -31.92 1.03 -6.94
CA ARG E 123 -32.58 -0.09 -7.66
C ARG E 123 -31.55 -1.19 -7.97
N LEU E 124 -30.29 -0.84 -7.94
CA LEU E 124 -29.23 -1.85 -8.24
C LEU E 124 -29.02 -2.77 -7.02
N GLY E 125 -29.15 -2.24 -5.83
CA GLY E 125 -28.97 -3.07 -4.61
C GLY E 125 -27.74 -2.61 -3.84
N LEU E 126 -27.59 -1.31 -3.65
CA LEU E 126 -26.41 -0.78 -2.91
C LEU E 126 -25.11 -1.33 -3.50
N ASP E 127 -24.00 -1.09 -2.84
CA ASP E 127 -22.70 -1.61 -3.37
C ASP E 127 -22.60 -3.12 -3.14
N TYR E 128 -23.22 -3.90 -3.97
CA TYR E 128 -23.16 -5.39 -3.80
C TYR E 128 -23.19 -6.08 -5.17
N GLU E 129 -22.39 -5.61 -6.10
CA GLU E 129 -22.38 -6.25 -7.45
C GLU E 129 -21.94 -7.70 -7.34
N GLU E 130 -21.09 -8.01 -6.39
CA GLU E 130 -20.62 -9.41 -6.22
C GLU E 130 -21.81 -10.37 -6.06
N ARG E 131 -22.93 -9.87 -5.65
CA ARG E 131 -24.12 -10.75 -5.46
C ARG E 131 -24.82 -10.99 -6.80
N VAL E 132 -25.15 -9.95 -7.51
CA VAL E 132 -25.85 -10.12 -8.82
C VAL E 132 -24.86 -10.47 -9.94
N LEU E 133 -23.59 -10.19 -9.76
CA LEU E 133 -22.60 -10.50 -10.84
C LEU E 133 -22.61 -12.01 -11.17
N PRO E 134 -22.34 -12.82 -10.19
CA PRO E 134 -22.32 -14.29 -10.41
C PRO E 134 -23.74 -14.84 -10.56
N SER E 135 -24.72 -14.12 -10.09
CA SER E 135 -26.13 -14.61 -10.19
C SER E 135 -26.65 -14.52 -11.63
N ILE E 136 -26.36 -13.45 -12.31
CA ILE E 136 -26.85 -13.31 -13.72
C ILE E 136 -26.06 -14.22 -14.68
N VAL E 137 -24.79 -14.40 -14.43
CA VAL E 137 -23.98 -15.26 -15.34
C VAL E 137 -24.20 -16.75 -15.02
N ASN E 138 -24.24 -17.11 -13.77
CA ASN E 138 -24.44 -18.56 -13.43
C ASN E 138 -25.68 -19.12 -14.12
N GLU E 139 -26.78 -18.43 -14.05
CA GLU E 139 -28.02 -18.93 -14.72
C GLU E 139 -27.81 -19.03 -16.23
N VAL E 140 -27.62 -17.91 -16.89
CA VAL E 140 -27.41 -17.95 -18.37
C VAL E 140 -26.25 -18.89 -18.73
N LEU E 141 -25.36 -19.14 -17.81
CA LEU E 141 -24.21 -20.05 -18.12
C LEU E 141 -24.70 -21.49 -18.21
N LYS E 142 -25.27 -22.00 -17.16
CA LYS E 142 -25.77 -23.41 -17.17
C LYS E 142 -27.12 -23.51 -17.88
N SER E 143 -27.91 -22.48 -17.82
CA SER E 143 -29.25 -22.53 -18.49
C SER E 143 -29.08 -22.59 -20.02
N VAL E 144 -28.11 -21.88 -20.56
CA VAL E 144 -27.90 -21.90 -22.03
C VAL E 144 -27.19 -23.19 -22.45
N VAL E 145 -26.14 -23.55 -21.76
CA VAL E 145 -25.40 -24.80 -22.12
C VAL E 145 -26.32 -26.01 -21.99
N ALA E 146 -27.35 -25.91 -21.19
CA ALA E 146 -28.28 -27.05 -21.01
C ALA E 146 -29.15 -27.24 -22.26
N LYS E 147 -29.26 -26.22 -23.08
CA LYS E 147 -30.10 -26.34 -24.31
C LYS E 147 -29.50 -27.41 -25.24
N PHE E 148 -28.22 -27.36 -25.48
CA PHE E 148 -27.57 -28.36 -26.37
C PHE E 148 -26.06 -28.17 -26.36
N ASN E 149 -25.31 -29.21 -26.10
CA ASN E 149 -23.82 -29.06 -26.08
C ASN E 149 -23.13 -30.43 -25.99
N ALA E 150 -23.44 -31.34 -26.86
CA ALA E 150 -22.77 -32.68 -26.81
C ALA E 150 -21.38 -32.57 -27.43
N SER E 151 -21.31 -32.37 -28.73
CA SER E 151 -19.99 -32.22 -29.40
C SER E 151 -19.49 -30.78 -29.22
N GLN E 152 -20.40 -29.85 -29.16
CA GLN E 152 -20.02 -28.41 -28.98
C GLN E 152 -19.20 -28.21 -27.71
N LEU E 153 -19.22 -29.16 -26.80
CA LEU E 153 -18.46 -29.01 -25.52
C LEU E 153 -17.04 -28.46 -25.79
N ILE E 154 -16.35 -28.99 -26.76
CA ILE E 154 -14.98 -28.47 -27.05
C ILE E 154 -15.05 -27.18 -27.88
N THR E 155 -15.79 -27.19 -28.94
CA THR E 155 -15.90 -25.96 -29.79
C THR E 155 -16.56 -24.81 -29.02
N GLN E 156 -17.26 -25.12 -27.95
CA GLN E 156 -17.93 -24.05 -27.15
C GLN E 156 -16.96 -22.91 -26.82
N ARG E 157 -17.07 -21.80 -27.51
CA ARG E 157 -16.16 -20.66 -27.25
C ARG E 157 -16.57 -19.46 -28.11
N ALA E 158 -16.42 -19.57 -29.40
CA ALA E 158 -16.79 -18.43 -30.30
C ALA E 158 -18.30 -18.43 -30.56
N GLN E 159 -18.86 -19.56 -30.93
CA GLN E 159 -20.33 -19.61 -31.21
C GLN E 159 -21.12 -19.22 -29.95
N VAL E 160 -20.97 -19.95 -28.87
CA VAL E 160 -21.72 -19.63 -27.63
C VAL E 160 -21.44 -18.18 -27.20
N SER E 161 -20.33 -17.64 -27.59
CA SER E 161 -20.00 -16.23 -27.20
C SER E 161 -21.12 -15.28 -27.63
N LEU E 162 -21.62 -15.43 -28.82
CA LEU E 162 -22.72 -14.55 -29.30
C LEU E 162 -24.06 -14.99 -28.71
N LEU E 163 -24.18 -16.25 -28.37
CA LEU E 163 -25.47 -16.74 -27.79
C LEU E 163 -25.56 -16.37 -26.31
N ILE E 164 -24.49 -16.51 -25.57
CA ILE E 164 -24.52 -16.16 -24.12
C ILE E 164 -24.41 -14.65 -23.93
N ARG E 165 -23.79 -13.96 -24.85
CA ARG E 165 -23.63 -12.49 -24.71
C ARG E 165 -24.96 -11.80 -25.05
N ARG E 166 -25.66 -12.29 -26.02
CA ARG E 166 -26.97 -11.67 -26.41
C ARG E 166 -27.97 -11.81 -25.26
N GLU E 167 -28.09 -12.99 -24.72
CA GLU E 167 -29.05 -13.20 -23.59
C GLU E 167 -28.61 -12.39 -22.37
N LEU E 168 -27.34 -12.38 -22.08
CA LEU E 168 -26.83 -11.60 -20.91
C LEU E 168 -27.18 -10.12 -21.07
N THR E 169 -27.31 -9.66 -22.29
CA THR E 169 -27.64 -8.23 -22.51
C THR E 169 -28.96 -7.87 -21.81
N GLU E 170 -29.90 -8.78 -21.78
CA GLU E 170 -31.20 -8.49 -21.11
C GLU E 170 -31.01 -8.45 -19.59
N ARG E 171 -30.14 -9.28 -19.08
CA ARG E 171 -29.90 -9.29 -17.61
C ARG E 171 -28.99 -8.12 -17.22
N ALA E 172 -28.11 -7.72 -18.11
CA ALA E 172 -27.20 -6.58 -17.79
C ALA E 172 -28.01 -5.30 -17.57
N LYS E 173 -29.00 -5.07 -18.39
CA LYS E 173 -29.84 -3.85 -18.22
C LYS E 173 -30.68 -3.95 -16.96
N ASP E 174 -30.89 -5.15 -16.46
CA ASP E 174 -31.70 -5.31 -15.22
C ASP E 174 -31.16 -4.41 -14.10
N PHE E 175 -29.86 -4.32 -13.98
CA PHE E 175 -29.27 -3.45 -12.92
C PHE E 175 -28.47 -2.33 -13.57
N SER E 176 -28.93 -1.11 -13.44
CA SER E 176 -28.22 0.05 -14.06
C SER E 176 -28.17 -0.10 -15.58
N LEU E 177 -28.15 0.99 -16.30
CA LEU E 177 -28.11 0.89 -17.79
C LEU E 177 -26.69 1.18 -18.29
N ILE E 178 -26.03 0.18 -18.80
CA ILE E 178 -24.64 0.37 -19.30
C ILE E 178 -24.31 -0.65 -20.39
N LEU E 179 -23.43 -0.32 -21.29
CA LEU E 179 -23.06 -1.27 -22.37
C LEU E 179 -21.73 -1.94 -22.03
N ASP E 180 -21.76 -3.21 -21.74
CA ASP E 180 -20.51 -3.93 -21.38
C ASP E 180 -20.24 -5.07 -22.36
N ASP E 181 -18.99 -5.43 -22.53
CA ASP E 181 -18.65 -6.54 -23.47
C ASP E 181 -18.40 -7.82 -22.67
N VAL E 182 -19.12 -8.87 -22.97
CA VAL E 182 -18.93 -10.14 -22.22
C VAL E 182 -18.11 -11.13 -23.05
N ALA E 183 -17.33 -11.96 -22.40
CA ALA E 183 -16.51 -12.95 -23.14
C ALA E 183 -16.36 -14.21 -22.28
N ILE E 184 -16.18 -15.35 -22.91
CA ILE E 184 -16.04 -16.61 -22.13
C ILE E 184 -14.62 -17.16 -22.24
N THR E 185 -13.85 -17.12 -21.17
CA THR E 185 -12.48 -17.68 -21.23
C THR E 185 -12.40 -18.92 -20.34
N GLU E 186 -12.45 -20.09 -20.92
CA GLU E 186 -12.36 -21.33 -20.11
C GLU E 186 -12.11 -22.55 -21.00
N LEU E 187 -10.96 -23.17 -20.94
CA LEU E 187 -10.76 -24.38 -21.77
C LEU E 187 -10.19 -25.52 -20.92
N SER E 188 -11.04 -26.44 -20.54
CA SER E 188 -10.58 -27.61 -19.74
C SER E 188 -11.66 -28.69 -19.72
N PHE E 189 -11.46 -29.78 -20.39
CA PHE E 189 -12.51 -30.84 -20.38
C PHE E 189 -11.92 -32.19 -20.81
N SER E 190 -12.40 -33.26 -20.25
CA SER E 190 -11.87 -34.61 -20.61
C SER E 190 -12.99 -35.64 -20.63
N MET F 1 -38.79 40.20 45.03
CA MET F 1 -39.69 39.49 44.08
C MET F 1 -38.87 38.86 42.95
N ALA F 2 -38.22 39.68 42.16
CA ALA F 2 -37.38 39.13 41.04
C ALA F 2 -35.97 39.69 41.11
N GLN F 3 -35.11 39.08 41.89
CA GLN F 3 -33.71 39.57 42.01
C GLN F 3 -32.82 38.90 40.95
N ASN F 4 -33.19 37.72 40.52
CA ASN F 4 -32.36 37.00 39.49
C ASN F 4 -32.29 37.84 38.20
N LEU F 5 -33.38 38.46 37.83
CA LEU F 5 -33.37 39.28 36.57
C LEU F 5 -32.51 40.52 36.77
N LYS F 6 -32.39 41.00 37.99
CA LYS F 6 -31.56 42.21 38.24
C LYS F 6 -30.08 41.83 38.35
N ASP F 7 -29.80 40.70 38.94
CA ASP F 7 -28.37 40.27 39.08
C ASP F 7 -27.83 39.78 37.73
N LEU F 8 -28.69 39.30 36.88
CA LEU F 8 -28.22 38.80 35.55
C LEU F 8 -27.76 39.98 34.67
N ALA F 9 -28.54 41.02 34.60
CA ALA F 9 -28.15 42.20 33.77
C ALA F 9 -26.87 42.82 34.32
N GLY F 10 -26.64 42.70 35.61
CA GLY F 10 -25.41 43.29 36.20
C GLY F 10 -24.20 42.40 35.91
N ARG F 11 -24.43 41.16 35.57
CA ARG F 11 -23.29 40.24 35.27
C ARG F 11 -22.59 40.66 33.97
N LEU F 12 -23.32 41.24 33.06
CA LEU F 12 -22.69 41.66 31.77
C LEU F 12 -21.68 42.80 32.01
N PRO F 13 -22.14 43.88 32.57
CA PRO F 13 -21.25 45.03 32.86
C PRO F 13 -20.29 44.70 34.01
N ALA F 14 -19.41 43.76 33.81
CA ALA F 14 -18.46 43.38 34.89
C ALA F 14 -17.12 42.93 34.29
N GLY F 15 -16.54 43.74 33.44
CA GLY F 15 -15.25 43.36 32.80
C GLY F 15 -15.45 43.14 31.30
N PRO F 16 -15.21 44.17 30.54
CA PRO F 16 -15.37 44.07 29.06
C PRO F 16 -14.23 43.23 28.46
N ARG F 17 -13.13 43.12 29.16
CA ARG F 17 -11.99 42.31 28.62
C ARG F 17 -12.42 40.86 28.43
N GLY F 18 -13.43 40.42 29.14
CA GLY F 18 -13.91 39.01 28.99
C GLY F 18 -14.42 38.79 27.57
N MET F 19 -15.17 39.72 27.05
CA MET F 19 -15.71 39.56 25.66
C MET F 19 -14.59 39.74 24.64
N GLY F 20 -13.58 40.50 24.98
CA GLY F 20 -12.45 40.71 24.02
C GLY F 20 -11.60 39.46 23.96
N THR F 21 -11.49 38.74 25.05
CA THR F 21 -10.67 37.49 25.06
C THR F 21 -11.51 36.31 24.55
N ALA F 22 -12.81 36.38 24.70
CA ALA F 22 -13.68 35.26 24.23
C ALA F 22 -13.43 34.97 22.75
N LEU F 23 -12.98 35.95 22.01
CA LEU F 23 -12.72 35.73 20.56
C LEU F 23 -11.67 34.63 20.37
N LYS F 24 -10.61 34.66 21.14
CA LYS F 24 -9.56 33.61 21.01
C LYS F 24 -10.19 32.22 21.19
N LEU F 25 -11.23 32.13 21.96
CA LEU F 25 -11.90 30.81 22.19
C LEU F 25 -12.60 30.33 20.91
N LEU F 26 -13.04 31.25 20.09
CA LEU F 26 -13.75 30.85 18.84
C LEU F 26 -12.75 30.35 17.79
N LEU F 27 -11.58 30.94 17.75
CA LEU F 27 -10.56 30.50 16.74
C LEU F 27 -9.99 29.14 17.14
N GLY F 28 -9.99 28.83 18.41
CA GLY F 28 -9.44 27.52 18.85
C GLY F 28 -10.43 26.40 18.51
N ALA F 29 -11.70 26.72 18.45
CA ALA F 29 -12.72 25.69 18.12
C ALA F 29 -12.54 25.21 16.67
N GLY F 30 -12.05 26.07 15.82
CA GLY F 30 -11.86 25.67 14.40
C GLY F 30 -10.63 24.76 14.28
N ALA F 31 -9.59 25.05 15.02
CA ALA F 31 -8.37 24.21 14.96
C ALA F 31 -8.64 22.84 15.57
N VAL F 32 -9.36 22.79 16.65
CA VAL F 32 -9.66 21.48 17.30
C VAL F 32 -10.48 20.59 16.35
N ALA F 33 -11.09 21.16 15.35
CA ALA F 33 -11.89 20.35 14.40
C ALA F 33 -10.98 19.49 13.53
N TYR F 34 -9.78 19.94 13.27
CA TYR F 34 -8.84 19.13 12.43
C TYR F 34 -8.59 17.77 13.09
N GLY F 35 -8.13 17.76 14.31
CA GLY F 35 -7.86 16.46 15.00
C GLY F 35 -9.10 15.57 14.92
N VAL F 36 -10.26 16.17 14.97
CA VAL F 36 -11.52 15.36 14.89
C VAL F 36 -11.82 15.01 13.42
N ARG F 37 -11.41 15.84 12.50
CA ARG F 37 -11.67 15.56 11.07
C ARG F 37 -11.13 14.19 10.65
N GLU F 38 -9.89 13.91 11.00
CA GLU F 38 -9.29 12.59 10.61
C GLU F 38 -10.16 11.43 11.15
N SER F 39 -10.88 11.63 12.24
CA SER F 39 -11.74 10.52 12.79
C SER F 39 -13.22 10.95 12.91
N VAL F 40 -14.08 10.09 13.41
CA VAL F 40 -15.53 10.45 13.55
C VAL F 40 -16.32 9.27 14.13
N PHE F 41 -17.55 9.49 14.57
CA PHE F 41 -18.37 8.37 15.13
C PHE F 41 -19.63 8.13 14.29
N THR F 42 -20.27 9.16 13.79
CA THR F 42 -21.51 8.93 12.95
C THR F 42 -21.15 8.10 11.72
N VAL F 43 -21.67 6.90 11.62
CA VAL F 43 -21.37 6.04 10.44
C VAL F 43 -21.61 6.82 9.14
N GLU F 44 -20.55 7.13 8.41
CA GLU F 44 -20.71 7.89 7.14
C GLU F 44 -21.78 7.27 6.24
N GLY F 45 -21.44 6.21 5.55
CA GLY F 45 -22.44 5.56 4.65
C GLY F 45 -21.82 4.31 4.02
N GLY F 46 -22.56 3.23 3.96
CA GLY F 46 -22.02 1.98 3.37
C GLY F 46 -21.49 1.08 4.47
N HIS F 47 -21.13 1.63 5.60
CA HIS F 47 -20.61 0.80 6.71
C HIS F 47 -21.61 0.77 7.89
N ARG F 48 -21.57 -0.27 8.66
CA ARG F 48 -22.53 -0.45 9.79
C ARG F 48 -21.86 -0.12 11.17
N ALA F 49 -22.63 0.25 12.19
CA ALA F 49 -22.04 0.65 13.54
C ALA F 49 -22.09 -0.46 14.61
N ILE F 50 -21.19 -0.38 15.58
CA ILE F 50 -21.13 -1.37 16.70
C ILE F 50 -20.75 -0.64 18.02
N PHE F 51 -21.15 -1.17 19.17
CA PHE F 51 -20.85 -0.44 20.46
C PHE F 51 -20.10 -1.27 21.51
N PHE F 52 -19.30 -0.61 22.33
CA PHE F 52 -18.55 -1.30 23.43
C PHE F 52 -18.07 -0.25 24.47
N ASN F 53 -17.88 -0.64 25.70
CA ASN F 53 -17.42 0.35 26.74
C ASN F 53 -16.04 -0.01 27.32
N ARG F 54 -15.29 0.97 27.79
CA ARG F 54 -13.93 0.68 28.37
C ARG F 54 -14.02 -0.43 29.41
N ILE F 55 -15.16 -0.60 30.02
CA ILE F 55 -15.30 -1.67 31.06
C ILE F 55 -15.31 -3.06 30.40
N GLY F 56 -14.19 -3.72 30.38
CA GLY F 56 -14.13 -5.08 29.76
C GLY F 56 -13.16 -5.05 28.58
N GLY F 57 -13.52 -4.40 27.51
CA GLY F 57 -12.63 -4.33 26.32
C GLY F 57 -13.06 -5.38 25.30
N VAL F 58 -14.01 -5.04 24.47
CA VAL F 58 -14.48 -6.02 23.44
C VAL F 58 -14.79 -5.30 22.13
N GLN F 59 -15.65 -5.86 21.32
CA GLN F 59 -16.00 -5.21 20.01
C GLN F 59 -14.73 -4.95 19.19
N GLN F 60 -14.46 -5.78 18.22
CA GLN F 60 -13.23 -5.58 17.39
C GLN F 60 -13.50 -5.95 15.92
N ASP F 61 -14.73 -6.24 15.58
CA ASP F 61 -15.04 -6.61 14.15
C ASP F 61 -16.55 -6.83 13.95
N THR F 62 -17.29 -5.78 13.73
CA THR F 62 -18.76 -5.96 13.51
C THR F 62 -19.36 -4.78 12.71
N ILE F 63 -20.66 -4.76 12.50
CA ILE F 63 -21.29 -3.66 11.71
C ILE F 63 -22.86 -3.72 11.79
N LEU F 64 -23.51 -2.59 12.12
CA LEU F 64 -25.02 -2.54 12.19
C LEU F 64 -25.58 -1.41 11.24
N ALA F 65 -26.81 -1.56 10.77
CA ALA F 65 -27.43 -0.54 9.79
C ALA F 65 -27.02 0.93 10.08
N GLU F 66 -27.29 1.83 9.14
CA GLU F 66 -26.90 3.28 9.31
C GLU F 66 -27.97 4.13 10.01
N GLY F 67 -27.52 5.02 10.86
CA GLY F 67 -28.42 5.95 11.62
C GLY F 67 -27.54 7.09 12.12
N LEU F 68 -28.06 8.26 12.44
CA LEU F 68 -27.10 9.30 12.94
C LEU F 68 -27.08 9.16 14.47
N HIS F 69 -26.11 8.41 14.96
CA HIS F 69 -25.94 8.16 16.43
C HIS F 69 -24.61 7.46 16.68
N PHE F 70 -23.71 8.01 17.46
CA PHE F 70 -22.43 7.26 17.73
C PHE F 70 -21.48 8.04 18.63
N ARG F 71 -20.72 7.33 19.44
CA ARG F 71 -19.73 7.97 20.36
C ARG F 71 -20.28 9.28 20.95
N ILE F 72 -21.16 9.17 21.91
CA ILE F 72 -21.74 10.40 22.54
C ILE F 72 -21.98 10.15 24.04
N PRO F 73 -22.86 9.22 24.36
CA PRO F 73 -23.14 8.91 25.78
C PRO F 73 -21.97 8.17 26.40
N TRP F 74 -22.16 7.55 27.53
CA TRP F 74 -21.06 6.80 28.19
C TRP F 74 -21.15 5.31 27.85
N PHE F 75 -20.15 4.55 28.20
CA PHE F 75 -20.16 3.08 27.92
C PHE F 75 -20.32 2.82 26.42
N GLN F 76 -19.64 3.58 25.59
CA GLN F 76 -19.74 3.37 24.12
C GLN F 76 -18.39 3.70 23.47
N TYR F 77 -18.09 3.09 22.35
CA TYR F 77 -16.78 3.35 21.68
C TYR F 77 -16.88 3.13 20.18
N PRO F 78 -16.00 3.75 19.44
CA PRO F 78 -16.02 3.62 17.98
C PRO F 78 -15.01 2.56 17.51
N ILE F 79 -15.54 1.44 17.07
CA ILE F 79 -14.71 0.34 16.51
C ILE F 79 -15.65 -0.44 15.59
N ILE F 80 -15.49 -0.33 14.29
CA ILE F 80 -16.45 -1.02 13.37
C ILE F 80 -15.72 -1.86 12.31
N TYR F 81 -16.39 -2.87 11.80
CA TYR F 81 -15.77 -3.75 10.77
C TYR F 81 -16.24 -3.36 9.36
N ASP F 82 -15.31 -3.14 8.46
CA ASP F 82 -15.70 -2.76 7.06
C ASP F 82 -15.56 -3.97 6.13
N ILE F 83 -16.36 -4.03 5.10
CA ILE F 83 -16.27 -5.17 4.15
C ILE F 83 -15.07 -5.00 3.21
N ARG F 84 -14.54 -6.09 2.71
CA ARG F 84 -13.37 -6.00 1.79
C ARG F 84 -13.11 -7.36 1.13
N ALA F 85 -14.12 -7.93 0.52
CA ALA F 85 -13.94 -9.27 -0.14
C ALA F 85 -13.36 -10.27 0.85
N ARG F 86 -13.19 -11.50 0.43
CA ARG F 86 -12.62 -12.53 1.36
C ARG F 86 -12.01 -13.69 0.57
N PRO F 87 -10.70 -13.77 0.58
CA PRO F 87 -9.98 -14.84 -0.12
C PRO F 87 -9.57 -15.94 0.86
N ARG F 88 -10.17 -17.10 0.78
CA ARG F 88 -9.81 -18.19 1.73
C ARG F 88 -10.22 -19.56 1.14
N LYS F 89 -9.25 -20.38 0.70
CA LYS F 89 -9.59 -21.73 0.10
C LYS F 89 -8.36 -22.67 0.10
N ILE F 90 -8.58 -23.98 0.14
CA ILE F 90 -7.42 -24.95 0.14
C ILE F 90 -7.73 -26.22 -0.66
N SER F 91 -6.71 -26.88 -1.14
CA SER F 91 -6.90 -28.15 -1.88
C SER F 91 -6.57 -29.31 -0.92
N SER F 92 -7.55 -30.06 -0.51
CA SER F 92 -7.28 -31.18 0.45
C SER F 92 -7.38 -32.54 -0.24
N PRO F 93 -6.31 -33.30 -0.17
CA PRO F 93 -6.27 -34.64 -0.79
C PRO F 93 -6.55 -35.70 0.29
N THR F 94 -7.67 -36.36 0.22
CA THR F 94 -7.99 -37.40 1.25
C THR F 94 -8.85 -38.51 0.62
N GLY F 95 -8.53 -39.75 0.92
CA GLY F 95 -9.34 -40.88 0.35
C GLY F 95 -9.81 -41.78 1.49
N SER F 96 -10.94 -42.41 1.32
CA SER F 96 -11.45 -43.32 2.39
C SER F 96 -12.57 -44.21 1.83
N LYS F 97 -13.58 -43.62 1.24
CA LYS F 97 -14.70 -44.43 0.68
C LYS F 97 -14.18 -45.38 -0.40
N ASP F 98 -13.36 -44.89 -1.29
CA ASP F 98 -12.82 -45.75 -2.37
C ASP F 98 -11.45 -46.32 -1.96
N LEU F 99 -10.82 -47.08 -2.82
CA LEU F 99 -9.49 -47.65 -2.48
C LEU F 99 -8.37 -46.76 -3.01
N GLN F 100 -8.66 -45.51 -3.26
CA GLN F 100 -7.61 -44.59 -3.79
C GLN F 100 -7.62 -43.28 -2.99
N MET F 101 -7.02 -42.25 -3.51
CA MET F 101 -6.99 -40.95 -2.77
C MET F 101 -7.65 -39.85 -3.61
N VAL F 102 -8.69 -39.25 -3.10
CA VAL F 102 -9.38 -38.17 -3.86
C VAL F 102 -9.20 -36.83 -3.13
N ASN F 103 -9.18 -35.75 -3.87
CA ASN F 103 -8.99 -34.42 -3.23
C ASN F 103 -10.26 -33.57 -3.40
N ILE F 104 -10.84 -33.12 -2.31
CA ILE F 104 -12.06 -32.29 -2.40
C ILE F 104 -11.88 -31.00 -1.61
N SER F 105 -11.88 -29.88 -2.28
CA SER F 105 -11.71 -28.57 -1.58
C SER F 105 -13.06 -27.86 -1.43
N LEU F 106 -13.21 -27.06 -0.41
CA LEU F 106 -14.50 -26.35 -0.21
C LEU F 106 -14.31 -25.11 0.66
N ARG F 107 -15.12 -24.09 0.43
CA ARG F 107 -15.00 -22.84 1.24
C ARG F 107 -16.38 -22.19 1.37
N VAL F 108 -16.61 -21.47 2.45
CA VAL F 108 -17.94 -20.82 2.63
C VAL F 108 -17.79 -19.30 2.59
N LEU F 109 -18.81 -18.60 2.16
CA LEU F 109 -18.74 -17.11 2.11
C LEU F 109 -19.66 -16.51 3.16
N SER F 110 -19.33 -15.34 3.65
CA SER F 110 -20.19 -14.69 4.68
C SER F 110 -20.80 -13.40 4.13
N ARG F 111 -22.10 -13.38 3.97
CA ARG F 111 -22.76 -12.15 3.44
C ARG F 111 -23.62 -11.49 4.53
N PRO F 112 -23.28 -10.28 4.89
CA PRO F 112 -24.04 -9.55 5.94
C PRO F 112 -25.42 -9.15 5.41
N ASN F 113 -26.37 -8.99 6.30
CA ASN F 113 -27.74 -8.60 5.85
C ASN F 113 -28.14 -7.27 6.48
N ALA F 114 -28.17 -7.19 7.79
CA ALA F 114 -28.56 -5.92 8.46
C ALA F 114 -28.09 -5.93 9.92
N GLN F 115 -28.72 -6.72 10.75
CA GLN F 115 -28.32 -6.77 12.19
C GLN F 115 -27.85 -8.18 12.55
N GLU F 116 -26.56 -8.40 12.61
CA GLU F 116 -26.03 -9.74 12.97
C GLU F 116 -24.63 -9.63 13.58
N LEU F 117 -23.81 -8.76 13.05
CA LEU F 117 -22.43 -8.60 13.60
C LEU F 117 -22.44 -8.19 15.07
N PRO F 118 -23.34 -7.30 15.46
CA PRO F 118 -23.39 -6.87 16.89
C PRO F 118 -23.75 -8.06 17.80
N SER F 119 -24.82 -8.77 17.50
CA SER F 119 -25.18 -9.94 18.36
C SER F 119 -24.18 -11.06 18.13
N MET F 120 -23.63 -11.15 16.94
CA MET F 120 -22.64 -12.22 16.63
C MET F 120 -21.25 -11.84 17.16
N TYR F 121 -21.02 -10.59 17.44
CA TYR F 121 -19.67 -10.16 17.93
C TYR F 121 -19.17 -11.09 19.05
N GLN F 122 -19.86 -11.18 20.16
CA GLN F 122 -19.40 -12.07 21.26
C GLN F 122 -19.82 -13.52 20.99
N ARG F 123 -20.90 -13.72 20.29
CA ARG F 123 -21.35 -15.12 20.00
C ARG F 123 -20.45 -15.77 18.95
N LEU F 124 -19.78 -14.98 18.16
CA LEU F 124 -18.86 -15.55 17.13
C LEU F 124 -17.54 -15.98 17.76
N GLY F 125 -17.17 -15.35 18.85
CA GLY F 125 -15.89 -15.72 19.52
C GLY F 125 -14.93 -14.53 19.48
N LEU F 126 -13.77 -14.67 20.07
CA LEU F 126 -12.78 -13.55 20.06
C LEU F 126 -12.47 -13.12 18.63
N ASP F 127 -11.88 -13.99 17.85
CA ASP F 127 -11.55 -13.64 16.45
C ASP F 127 -12.85 -13.46 15.64
N TYR F 128 -12.91 -13.99 14.44
CA TYR F 128 -14.16 -13.85 13.63
C TYR F 128 -14.30 -15.02 12.63
N GLU F 129 -14.07 -14.80 11.36
CA GLU F 129 -14.20 -15.91 10.37
C GLU F 129 -13.16 -17.00 10.65
N GLU F 130 -11.94 -16.61 10.91
CA GLU F 130 -10.87 -17.61 11.19
C GLU F 130 -11.34 -18.68 12.17
N ARG F 131 -12.35 -18.40 12.95
CA ARG F 131 -12.84 -19.41 13.93
C ARG F 131 -13.78 -20.42 13.25
N VAL F 132 -14.94 -19.98 12.83
CA VAL F 132 -15.93 -20.90 12.19
C VAL F 132 -15.65 -21.12 10.69
N LEU F 133 -15.31 -20.10 9.96
CA LEU F 133 -15.08 -20.25 8.49
C LEU F 133 -14.18 -21.47 8.16
N PRO F 134 -12.99 -21.49 8.71
CA PRO F 134 -12.07 -22.61 8.43
C PRO F 134 -12.51 -23.90 9.13
N SER F 135 -13.28 -23.80 10.18
CA SER F 135 -13.75 -25.02 10.90
C SER F 135 -14.92 -25.67 10.16
N ILE F 136 -15.84 -24.88 9.68
CA ILE F 136 -17.02 -25.45 8.96
C ILE F 136 -16.61 -25.94 7.58
N VAL F 137 -15.81 -25.19 6.87
CA VAL F 137 -15.38 -25.61 5.50
C VAL F 137 -14.61 -26.94 5.57
N ASN F 138 -13.76 -27.10 6.53
CA ASN F 138 -12.97 -28.37 6.64
C ASN F 138 -13.84 -29.48 7.23
N GLU F 139 -14.76 -29.14 8.09
CA GLU F 139 -15.64 -30.19 8.70
C GLU F 139 -16.44 -30.90 7.61
N VAL F 140 -17.14 -30.17 6.79
CA VAL F 140 -17.94 -30.80 5.70
C VAL F 140 -17.01 -31.45 4.68
N LEU F 141 -15.86 -30.87 4.46
CA LEU F 141 -14.90 -31.44 3.46
C LEU F 141 -14.51 -32.86 3.87
N LYS F 142 -14.11 -33.05 5.10
CA LYS F 142 -13.71 -34.41 5.55
C LYS F 142 -14.94 -35.32 5.66
N SER F 143 -16.10 -34.76 5.86
CA SER F 143 -17.32 -35.60 5.96
C SER F 143 -17.82 -36.00 4.57
N VAL F 144 -17.61 -35.16 3.60
CA VAL F 144 -18.08 -35.48 2.21
C VAL F 144 -17.09 -36.43 1.52
N VAL F 145 -15.82 -36.17 1.63
CA VAL F 145 -14.80 -37.06 0.98
C VAL F 145 -15.04 -38.52 1.39
N ALA F 146 -15.42 -38.75 2.62
CA ALA F 146 -15.67 -40.16 3.06
C ALA F 146 -17.03 -40.64 2.56
N LYS F 147 -17.93 -39.74 2.31
CA LYS F 147 -19.28 -40.14 1.81
C LYS F 147 -19.23 -40.43 0.30
N PHE F 148 -18.84 -39.46 -0.49
CA PHE F 148 -18.76 -39.66 -1.96
C PHE F 148 -17.64 -40.64 -2.30
N ASN F 149 -17.46 -40.95 -3.56
CA ASN F 149 -16.38 -41.90 -3.96
C ASN F 149 -15.38 -41.21 -4.88
N ALA F 150 -14.38 -41.92 -5.33
CA ALA F 150 -13.37 -41.31 -6.23
C ALA F 150 -13.90 -41.25 -7.67
N SER F 151 -14.50 -42.31 -8.13
CA SER F 151 -15.05 -42.33 -9.52
C SER F 151 -16.09 -41.23 -9.69
N GLN F 152 -16.79 -40.90 -8.65
CA GLN F 152 -17.83 -39.82 -8.76
C GLN F 152 -17.18 -38.44 -8.68
N LEU F 153 -16.01 -38.34 -8.13
CA LEU F 153 -15.32 -37.02 -8.05
C LEU F 153 -14.69 -36.65 -9.39
N ILE F 154 -13.92 -37.55 -9.95
CA ILE F 154 -13.27 -37.26 -11.27
C ILE F 154 -14.33 -36.95 -12.34
N THR F 155 -15.45 -37.61 -12.27
CA THR F 155 -16.53 -37.36 -13.28
C THR F 155 -16.98 -35.89 -13.22
N GLN F 156 -17.23 -35.39 -12.04
CA GLN F 156 -17.67 -33.97 -11.92
C GLN F 156 -17.61 -33.52 -10.47
N ARG F 157 -16.77 -32.56 -10.17
CA ARG F 157 -16.66 -32.08 -8.76
C ARG F 157 -17.92 -31.32 -8.34
N ALA F 158 -18.79 -31.02 -9.28
CA ALA F 158 -20.04 -30.28 -8.93
C ALA F 158 -21.05 -31.21 -8.26
N GLN F 159 -21.18 -32.42 -8.73
CA GLN F 159 -22.16 -33.38 -8.11
C GLN F 159 -21.86 -33.53 -6.62
N VAL F 160 -20.66 -33.25 -6.20
CA VAL F 160 -20.30 -33.39 -4.76
C VAL F 160 -20.79 -32.17 -3.98
N SER F 161 -20.59 -30.99 -4.50
CA SER F 161 -21.04 -29.75 -3.79
C SER F 161 -22.56 -29.64 -3.81
N LEU F 162 -23.21 -30.31 -4.75
CA LEU F 162 -24.70 -30.23 -4.83
C LEU F 162 -25.34 -30.69 -3.52
N LEU F 163 -24.83 -31.75 -2.95
CA LEU F 163 -25.42 -32.26 -1.67
C LEU F 163 -24.88 -31.44 -0.49
N ILE F 164 -23.69 -30.92 -0.60
CA ILE F 164 -23.12 -30.12 0.52
C ILE F 164 -23.91 -28.82 0.70
N ARG F 165 -24.51 -28.32 -0.35
CA ARG F 165 -25.30 -27.06 -0.24
C ARG F 165 -26.41 -27.20 0.82
N ARG F 166 -26.88 -28.40 1.01
CA ARG F 166 -27.96 -28.62 2.02
C ARG F 166 -27.37 -28.66 3.43
N GLU F 167 -26.22 -29.27 3.58
CA GLU F 167 -25.59 -29.36 4.93
C GLU F 167 -24.88 -28.05 5.28
N LEU F 168 -24.19 -27.47 4.33
CA LEU F 168 -23.47 -26.18 4.61
C LEU F 168 -24.46 -25.12 5.09
N THR F 169 -25.67 -25.14 4.61
CA THR F 169 -26.68 -24.13 5.04
C THR F 169 -26.92 -24.26 6.55
N GLU F 170 -27.35 -25.41 6.99
CA GLU F 170 -27.61 -25.61 8.45
C GLU F 170 -26.33 -25.37 9.26
N ARG F 171 -25.19 -25.52 8.64
CA ARG F 171 -23.91 -25.31 9.36
C ARG F 171 -23.65 -23.81 9.55
N ALA F 172 -23.66 -23.06 8.48
CA ALA F 172 -23.42 -21.60 8.58
C ALA F 172 -24.65 -20.90 9.15
N LYS F 173 -25.83 -21.40 8.86
CA LYS F 173 -27.07 -20.76 9.38
C LYS F 173 -27.06 -20.76 10.92
N ASP F 174 -26.37 -21.70 11.51
CA ASP F 174 -26.32 -21.76 13.00
C ASP F 174 -25.75 -20.46 13.57
N PHE F 175 -24.74 -19.92 12.94
CA PHE F 175 -24.13 -18.66 13.44
C PHE F 175 -24.89 -17.45 12.86
N SER F 176 -25.80 -16.90 13.61
CA SER F 176 -26.58 -15.71 13.12
C SER F 176 -27.28 -16.05 11.80
N LEU F 177 -28.02 -15.11 11.26
CA LEU F 177 -28.74 -15.38 9.98
C LEU F 177 -27.99 -14.72 8.82
N ILE F 178 -27.51 -15.52 7.90
CA ILE F 178 -26.75 -14.95 6.73
C ILE F 178 -26.94 -15.84 5.50
N LEU F 179 -26.84 -15.27 4.33
CA LEU F 179 -27.01 -16.08 3.09
C LEU F 179 -25.65 -16.39 2.48
N ASP F 180 -25.42 -17.64 2.16
CA ASP F 180 -24.09 -18.03 1.57
C ASP F 180 -24.29 -18.89 0.32
N ASP F 181 -23.34 -18.86 -0.57
CA ASP F 181 -23.47 -19.68 -1.82
C ASP F 181 -22.61 -20.94 -1.68
N VAL F 182 -23.01 -22.02 -2.31
CA VAL F 182 -22.22 -23.29 -2.19
C VAL F 182 -21.59 -23.68 -3.52
N ALA F 183 -20.29 -23.55 -3.61
CA ALA F 183 -19.56 -23.94 -4.86
C ALA F 183 -18.09 -24.13 -4.51
N ILE F 184 -17.38 -24.95 -5.22
CA ILE F 184 -15.93 -25.15 -4.85
C ILE F 184 -15.07 -25.47 -6.08
N THR F 185 -13.84 -25.04 -6.05
CA THR F 185 -12.89 -25.34 -7.17
C THR F 185 -11.97 -26.46 -6.69
N GLU F 186 -12.10 -27.65 -7.23
CA GLU F 186 -11.24 -28.76 -6.73
C GLU F 186 -10.83 -29.75 -7.82
N LEU F 187 -9.71 -30.37 -7.64
CA LEU F 187 -9.22 -31.39 -8.61
C LEU F 187 -8.88 -32.66 -7.82
N SER F 188 -9.30 -33.81 -8.28
CA SER F 188 -9.03 -35.06 -7.51
C SER F 188 -7.86 -35.84 -8.12
N PHE F 189 -7.17 -36.60 -7.30
CA PHE F 189 -6.01 -37.40 -7.81
C PHE F 189 -6.42 -38.87 -7.98
N SER F 190 -5.84 -39.54 -8.93
CA SER F 190 -6.19 -40.99 -9.14
C SER F 190 -5.47 -41.87 -8.12
N MET A 1 -7.47 30.31 65.05
CA MET A 1 -6.66 31.27 64.24
C MET A 1 -6.37 30.69 62.85
N ALA A 2 -7.01 31.20 61.83
CA ALA A 2 -6.77 30.68 60.46
C ALA A 2 -6.15 31.77 59.59
N GLN A 3 -5.04 32.31 59.99
CA GLN A 3 -4.38 33.38 59.18
C GLN A 3 -3.91 32.81 57.84
N ASN A 4 -3.55 31.56 57.80
CA ASN A 4 -3.09 30.95 56.53
C ASN A 4 -4.24 30.89 55.53
N LEU A 5 -5.45 30.80 56.00
CA LEU A 5 -6.62 30.74 55.08
C LEU A 5 -6.88 32.11 54.46
N LYS A 6 -6.67 33.16 55.22
CA LYS A 6 -6.90 34.53 54.68
C LYS A 6 -5.94 34.81 53.51
N ASP A 7 -4.80 34.19 53.50
CA ASP A 7 -3.82 34.42 52.40
C ASP A 7 -4.30 33.71 51.12
N LEU A 8 -4.90 32.56 51.27
CA LEU A 8 -5.38 31.82 50.07
C LEU A 8 -6.72 32.40 49.58
N ALA A 9 -7.54 32.86 50.49
CA ALA A 9 -8.85 33.44 50.07
C ALA A 9 -8.64 34.77 49.34
N GLY A 10 -7.68 35.54 49.77
CA GLY A 10 -7.41 36.85 49.10
C GLY A 10 -6.66 36.62 47.78
N ARG A 11 -6.03 35.49 47.64
CA ARG A 11 -5.28 35.21 46.38
C ARG A 11 -6.21 35.25 45.17
N LEU A 12 -7.43 34.78 45.31
CA LEU A 12 -8.38 34.80 44.16
C LEU A 12 -8.71 36.24 43.75
N PRO A 13 -9.26 36.99 44.68
CA PRO A 13 -9.62 38.40 44.38
C PRO A 13 -8.36 39.26 44.26
N ALA A 14 -7.58 39.06 43.23
CA ALA A 14 -6.34 39.86 43.06
C ALA A 14 -5.81 39.71 41.63
N GLY A 15 -5.97 40.72 40.82
CA GLY A 15 -5.47 40.65 39.42
C GLY A 15 -6.50 39.91 38.55
N PRO A 16 -7.46 40.65 38.05
CA PRO A 16 -8.51 40.06 37.20
C PRO A 16 -7.95 39.73 35.82
N ARG A 17 -6.92 40.42 35.40
CA ARG A 17 -6.33 40.14 34.06
C ARG A 17 -5.80 38.71 33.99
N GLY A 18 -5.44 38.14 35.12
CA GLY A 18 -4.92 36.75 35.13
C GLY A 18 -5.98 35.79 34.58
N MET A 19 -7.24 36.12 34.75
CA MET A 19 -8.32 35.23 34.25
C MET A 19 -8.48 35.41 32.73
N GLY A 20 -8.26 36.60 32.24
CA GLY A 20 -8.40 36.84 30.78
C GLY A 20 -7.31 36.06 30.03
N THR A 21 -6.17 35.90 30.63
CA THR A 21 -5.07 35.15 29.97
C THR A 21 -5.30 33.64 30.08
N ALA A 22 -6.01 33.22 31.09
CA ALA A 22 -6.28 31.76 31.27
C ALA A 22 -7.02 31.21 30.04
N LEU A 23 -7.76 32.05 29.37
CA LEU A 23 -8.52 31.57 28.17
C LEU A 23 -7.55 31.08 27.09
N LYS A 24 -6.47 31.79 26.88
CA LYS A 24 -5.48 31.37 25.85
C LYS A 24 -5.06 29.92 26.10
N LEU A 25 -5.07 29.49 27.33
CA LEU A 25 -4.67 28.09 27.66
C LEU A 25 -5.78 27.11 27.25
N LEU A 26 -7.01 27.54 27.30
CA LEU A 26 -8.13 26.63 26.93
C LEU A 26 -7.99 26.20 25.47
N LEU A 27 -7.99 27.13 24.55
CA LEU A 27 -7.85 26.76 23.11
C LEU A 27 -6.56 25.98 22.88
N GLY A 28 -5.57 26.18 23.71
CA GLY A 28 -4.29 25.44 23.53
C GLY A 28 -4.46 23.99 24.00
N ALA A 29 -5.33 23.77 24.94
CA ALA A 29 -5.55 22.38 25.45
C ALA A 29 -6.17 21.51 24.36
N GLY A 30 -7.09 22.05 23.60
CA GLY A 30 -7.72 21.26 22.51
C GLY A 30 -6.68 20.92 21.44
N ALA A 31 -5.71 21.77 21.26
CA ALA A 31 -4.66 21.49 20.23
C ALA A 31 -3.78 20.31 20.68
N VAL A 32 -3.67 20.09 21.96
CA VAL A 32 -2.84 18.96 22.46
C VAL A 32 -3.57 17.63 22.27
N ALA A 33 -4.88 17.66 22.30
CA ALA A 33 -5.66 16.41 22.13
C ALA A 33 -5.39 15.82 20.75
N TYR A 34 -5.15 16.64 19.77
CA TYR A 34 -4.87 16.12 18.40
C TYR A 34 -3.64 15.23 18.41
N GLY A 35 -2.56 15.69 18.99
CA GLY A 35 -1.32 14.87 19.05
C GLY A 35 -1.63 13.50 19.65
N VAL A 36 -2.57 13.45 20.55
CA VAL A 36 -2.92 12.15 21.19
C VAL A 36 -3.83 11.34 20.25
N ARG A 37 -4.60 12.01 19.44
CA ARG A 37 -5.52 11.28 18.52
C ARG A 37 -4.72 10.36 17.59
N GLU A 38 -3.53 10.75 17.20
CA GLU A 38 -2.71 9.89 16.30
C GLU A 38 -2.11 8.71 17.09
N SER A 39 -1.87 8.88 18.38
CA SER A 39 -1.29 7.75 19.18
C SER A 39 -1.72 7.81 20.66
N VAL A 40 -1.83 6.66 21.31
CA VAL A 40 -2.24 6.63 22.76
C VAL A 40 -1.71 5.37 23.45
N PHE A 41 -2.10 5.13 24.68
CA PHE A 41 -1.60 3.89 25.40
C PHE A 41 -2.77 2.97 25.78
N THR A 42 -3.95 3.50 26.03
CA THR A 42 -5.10 2.61 26.41
C THR A 42 -5.28 1.53 25.33
N VAL A 43 -5.56 0.32 25.74
CA VAL A 43 -5.72 -0.78 24.73
C VAL A 43 -7.13 -0.73 24.11
N GLU A 44 -7.22 -0.94 22.82
CA GLU A 44 -8.57 -0.90 22.15
C GLU A 44 -9.44 -2.09 22.57
N GLY A 45 -9.46 -3.17 21.81
CA GLY A 45 -10.32 -4.32 22.21
C GLY A 45 -9.95 -5.59 21.43
N GLY A 46 -9.79 -6.69 22.13
CA GLY A 46 -9.46 -7.97 21.46
C GLY A 46 -7.96 -8.26 21.50
N HIS A 47 -7.26 -7.76 22.50
CA HIS A 47 -5.78 -8.01 22.58
C HIS A 47 -5.27 -7.81 24.01
N ARG A 48 -4.17 -8.46 24.33
CA ARG A 48 -3.59 -8.36 25.70
C ARG A 48 -2.39 -7.38 25.69
N ALA A 49 -2.09 -6.72 26.78
CA ALA A 49 -0.96 -5.70 26.76
C ALA A 49 0.37 -6.21 27.36
N ILE A 50 1.47 -5.58 26.95
CA ILE A 50 2.85 -5.96 27.43
C ILE A 50 3.55 -4.74 28.09
N PHE A 51 4.48 -4.96 29.00
CA PHE A 51 5.15 -3.79 29.69
C PHE A 51 6.69 -3.84 29.61
N PHE A 52 7.31 -2.69 29.46
CA PHE A 52 8.80 -2.60 29.40
C PHE A 52 9.27 -1.16 29.70
N ASN A 53 10.45 -0.99 30.24
CA ASN A 53 10.94 0.40 30.56
C ASN A 53 12.35 0.63 30.00
N ARG A 54 12.70 1.87 29.70
CA ARG A 54 14.06 2.15 29.15
C ARG A 54 15.13 1.52 30.05
N ILE A 55 16.07 0.82 29.46
CA ILE A 55 17.15 0.18 30.27
C ILE A 55 16.54 -0.66 31.39
N GLY A 56 16.35 -1.94 31.16
CA GLY A 56 15.76 -2.82 32.21
C GLY A 56 15.32 -4.14 31.58
N GLY A 57 14.18 -4.64 31.96
CA GLY A 57 13.70 -5.93 31.39
C GLY A 57 13.45 -5.75 29.89
N VAL A 58 12.57 -6.55 29.32
CA VAL A 58 12.28 -6.43 27.87
C VAL A 58 10.85 -6.91 27.58
N GLN A 59 10.20 -6.31 26.62
CA GLN A 59 8.81 -6.73 26.29
C GLN A 59 8.34 -6.06 24.99
N GLN A 60 8.58 -6.69 23.87
CA GLN A 60 8.15 -6.10 22.58
C GLN A 60 7.54 -7.19 21.69
N ASP A 61 6.88 -6.80 20.62
CA ASP A 61 6.27 -7.81 19.71
C ASP A 61 5.41 -8.80 20.51
N THR A 62 4.25 -8.38 20.92
CA THR A 62 3.36 -9.28 21.71
C THR A 62 1.85 -9.00 21.37
N ILE A 63 1.20 -8.00 21.95
CA ILE A 63 -0.27 -7.69 21.57
C ILE A 63 -0.92 -6.70 22.57
N LEU A 64 -2.08 -6.11 22.24
CA LEU A 64 -2.75 -5.15 23.21
C LEU A 64 -4.04 -4.47 22.68
N ALA A 65 -5.15 -4.61 23.41
CA ALA A 65 -6.46 -3.92 23.05
C ALA A 65 -7.64 -4.49 23.90
N GLU A 66 -8.35 -3.62 24.61
CA GLU A 66 -9.51 -4.05 25.47
C GLU A 66 -9.91 -2.94 26.48
N GLY A 67 -9.21 -2.85 27.59
CA GLY A 67 -9.54 -1.84 28.66
C GLY A 67 -8.56 -0.65 28.58
N LEU A 68 -8.89 0.49 29.14
CA LEU A 68 -7.92 1.63 29.04
C LEU A 68 -7.01 1.63 30.27
N HIS A 69 -5.81 1.14 30.09
CA HIS A 69 -4.80 1.10 31.18
C HIS A 69 -3.42 0.80 30.57
N PHE A 70 -2.51 1.74 30.55
CA PHE A 70 -1.17 1.44 29.94
C PHE A 70 -0.18 2.60 30.12
N ARG A 71 0.64 2.87 29.13
CA ARG A 71 1.65 3.98 29.22
C ARG A 71 1.17 5.11 30.13
N ILE A 72 1.66 5.15 31.33
CA ILE A 72 1.25 6.22 32.30
C ILE A 72 2.43 6.55 33.24
N PRO A 73 2.89 5.58 34.00
CA PRO A 73 4.03 5.81 34.92
C PRO A 73 5.31 6.05 34.13
N TRP A 74 6.45 5.89 34.74
CA TRP A 74 7.74 6.12 34.03
C TRP A 74 8.32 4.81 33.49
N PHE A 75 8.51 3.84 34.35
CA PHE A 75 9.08 2.54 33.88
C PHE A 75 8.03 1.73 33.11
N GLN A 76 7.58 2.25 32.00
CA GLN A 76 6.57 1.52 31.16
C GLN A 76 6.63 2.03 29.72
N TYR A 77 6.28 1.21 28.77
CA TYR A 77 6.33 1.66 27.35
C TYR A 77 5.28 0.94 26.51
N PRO A 78 4.88 1.58 25.44
CA PRO A 78 3.86 0.99 24.56
C PRO A 78 4.49 0.29 23.35
N ILE A 79 4.44 -1.01 23.33
CA ILE A 79 4.97 -1.81 22.19
C ILE A 79 4.17 -3.12 22.18
N ILE A 80 3.26 -3.30 21.25
CA ILE A 80 2.43 -4.55 21.24
C ILE A 80 2.29 -5.10 19.80
N TYR A 81 2.17 -6.40 19.67
CA TYR A 81 2.05 -7.02 18.31
C TYR A 81 0.60 -7.39 18.00
N ASP A 82 0.15 -7.18 16.80
CA ASP A 82 -1.26 -7.53 16.44
C ASP A 82 -1.32 -8.85 15.68
N ILE A 83 -2.40 -9.56 15.79
CA ILE A 83 -2.53 -10.87 15.07
C ILE A 83 -2.62 -10.65 13.56
N ARG A 84 -2.44 -11.70 12.80
CA ARG A 84 -2.51 -11.58 11.31
C ARG A 84 -2.36 -12.97 10.67
N ALA A 85 -2.92 -13.17 9.51
CA ALA A 85 -2.78 -14.51 8.84
C ALA A 85 -1.30 -14.88 8.73
N ARG A 86 -1.00 -16.12 8.49
CA ARG A 86 0.44 -16.52 8.37
C ARG A 86 0.63 -17.57 7.27
N PRO A 87 1.25 -17.16 6.20
CA PRO A 87 1.53 -18.08 5.08
C PRO A 87 2.98 -18.55 5.15
N ARG A 88 3.21 -19.79 5.48
CA ARG A 88 4.62 -20.29 5.57
C ARG A 88 4.65 -21.84 5.45
N LYS A 89 5.14 -22.37 4.34
CA LYS A 89 5.18 -23.88 4.16
C LYS A 89 6.19 -24.32 3.07
N ILE A 90 6.71 -25.53 3.16
CA ILE A 90 7.71 -26.02 2.13
C ILE A 90 7.64 -27.54 1.93
N SER A 91 8.04 -28.01 0.78
CA SER A 91 8.06 -29.47 0.52
C SER A 91 9.50 -29.97 0.68
N SER A 92 9.76 -30.74 1.71
CA SER A 92 11.15 -31.25 1.94
C SER A 92 11.24 -32.75 1.63
N PRO A 93 12.16 -33.10 0.76
CA PRO A 93 12.37 -34.51 0.39
C PRO A 93 13.54 -35.10 1.17
N THR A 94 13.34 -36.18 1.87
CA THR A 94 14.44 -36.79 2.65
C THR A 94 14.40 -38.32 2.53
N GLY A 95 15.52 -38.96 2.61
CA GLY A 95 15.55 -40.45 2.51
C GLY A 95 16.32 -41.04 3.68
N SER A 96 15.79 -42.07 4.30
CA SER A 96 16.49 -42.69 5.46
C SER A 96 15.84 -44.04 5.81
N LYS A 97 14.54 -44.09 5.83
CA LYS A 97 13.84 -45.37 6.17
C LYS A 97 13.79 -46.27 4.93
N ASP A 98 13.78 -45.70 3.76
CA ASP A 98 13.73 -46.53 2.52
C ASP A 98 14.98 -46.29 1.67
N LEU A 99 15.05 -46.88 0.50
CA LEU A 99 16.24 -46.68 -0.37
C LEU A 99 15.98 -45.55 -1.37
N GLN A 100 14.81 -45.52 -1.96
CA GLN A 100 14.51 -44.44 -2.95
C GLN A 100 14.36 -43.09 -2.23
N MET A 101 13.79 -42.12 -2.89
CA MET A 101 13.63 -40.78 -2.26
C MET A 101 12.14 -40.45 -2.10
N VAL A 102 11.81 -39.67 -1.10
CA VAL A 102 10.37 -39.31 -0.88
C VAL A 102 10.24 -37.81 -0.64
N ASN A 103 9.12 -37.23 -1.00
CA ASN A 103 8.92 -35.77 -0.80
C ASN A 103 7.82 -35.52 0.24
N ILE A 104 8.12 -34.79 1.28
CA ILE A 104 7.09 -34.50 2.32
C ILE A 104 7.14 -33.03 2.74
N SER A 105 6.02 -32.35 2.67
CA SER A 105 5.99 -30.91 3.06
C SER A 105 5.38 -30.76 4.46
N LEU A 106 5.75 -29.76 5.19
CA LEU A 106 5.18 -29.57 6.55
C LEU A 106 5.09 -28.09 6.90
N ARG A 107 4.14 -27.72 7.73
CA ARG A 107 3.98 -26.30 8.12
C ARG A 107 3.54 -26.19 9.59
N VAL A 108 3.88 -25.12 10.24
CA VAL A 108 3.48 -24.95 11.66
C VAL A 108 2.66 -23.66 11.82
N LEU A 109 1.54 -23.74 12.49
CA LEU A 109 0.69 -22.53 12.67
C LEU A 109 0.87 -21.96 14.08
N SER A 110 1.02 -20.67 14.20
CA SER A 110 1.20 -20.07 15.55
C SER A 110 0.43 -18.75 15.65
N ARG A 111 -0.62 -18.72 16.44
CA ARG A 111 -1.41 -17.47 16.59
C ARG A 111 -1.29 -16.95 18.03
N PRO A 112 -0.61 -15.83 18.19
CA PRO A 112 -0.43 -15.24 19.54
C PRO A 112 -1.73 -14.63 20.04
N ASN A 113 -2.57 -15.43 20.67
CA ASN A 113 -3.86 -14.90 21.20
C ASN A 113 -4.57 -15.97 22.02
N ALA A 114 -3.99 -16.35 23.13
CA ALA A 114 -4.64 -17.39 23.98
C ALA A 114 -3.97 -17.44 25.36
N GLN A 115 -2.67 -17.54 25.40
CA GLN A 115 -1.96 -17.59 26.71
C GLN A 115 -1.39 -16.21 27.07
N GLU A 116 -0.26 -15.85 26.51
CA GLU A 116 0.33 -14.52 26.81
C GLU A 116 1.58 -14.29 25.96
N LEU A 117 1.69 -13.13 25.35
CA LEU A 117 2.87 -12.83 24.50
C LEU A 117 4.10 -12.36 25.34
N PRO A 118 3.87 -11.89 26.55
CA PRO A 118 5.02 -11.39 27.37
C PRO A 118 5.86 -12.54 27.97
N SER A 119 5.30 -13.35 28.82
CA SER A 119 6.11 -14.46 29.44
C SER A 119 6.91 -15.20 28.38
N MET A 120 6.31 -15.47 27.25
CA MET A 120 7.03 -16.20 26.17
C MET A 120 7.93 -15.25 25.37
N TYR A 121 7.69 -13.96 25.42
CA TYR A 121 8.55 -13.02 24.63
C TYR A 121 10.03 -13.22 24.95
N GLN A 122 10.45 -12.90 26.16
CA GLN A 122 11.90 -13.07 26.51
C GLN A 122 12.37 -14.48 26.19
N ARG A 123 11.58 -15.47 26.50
CA ARG A 123 11.97 -16.87 26.19
C ARG A 123 11.93 -17.09 24.67
N LEU A 124 11.11 -16.33 23.99
CA LEU A 124 11.01 -16.47 22.51
C LEU A 124 12.19 -15.74 21.85
N GLY A 125 12.25 -14.45 21.97
CA GLY A 125 13.38 -13.68 21.36
C GLY A 125 12.83 -12.52 20.54
N LEU A 126 13.67 -11.89 19.74
CA LEU A 126 13.19 -10.74 18.92
C LEU A 126 12.06 -11.18 17.99
N ASP A 127 12.36 -12.00 17.03
CA ASP A 127 11.30 -12.48 16.10
C ASP A 127 11.01 -13.96 16.36
N TYR A 128 12.00 -14.80 16.21
CA TYR A 128 11.82 -16.28 16.45
C TYR A 128 10.92 -16.90 15.39
N GLU A 129 9.77 -16.32 15.12
CA GLU A 129 8.86 -16.90 14.09
C GLU A 129 9.62 -17.14 12.78
N GLU A 130 10.69 -16.43 12.57
CA GLU A 130 11.48 -16.62 11.32
C GLU A 130 12.39 -17.85 11.46
N ARG A 131 13.12 -17.93 12.54
CA ARG A 131 14.02 -19.09 12.75
C ARG A 131 13.26 -20.30 13.30
N VAL A 132 12.50 -20.11 14.34
CA VAL A 132 11.74 -21.25 14.94
C VAL A 132 10.78 -21.88 13.92
N LEU A 133 10.20 -21.09 13.06
CA LEU A 133 9.24 -21.67 12.05
C LEU A 133 9.92 -22.83 11.29
N PRO A 134 10.98 -22.53 10.56
CA PRO A 134 11.69 -23.58 9.81
C PRO A 134 12.47 -24.50 10.75
N SER A 135 13.01 -23.95 11.81
CA SER A 135 13.79 -24.79 12.78
C SER A 135 12.96 -26.00 13.23
N ILE A 136 11.81 -25.77 13.78
CA ILE A 136 10.96 -26.91 14.25
C ILE A 136 10.32 -27.62 13.05
N VAL A 137 9.79 -26.87 12.12
CA VAL A 137 9.14 -27.50 10.93
C VAL A 137 10.17 -28.35 10.16
N ASN A 138 11.39 -27.89 10.09
CA ASN A 138 12.44 -28.66 9.36
C ASN A 138 12.97 -29.79 10.24
N GLU A 139 12.89 -29.64 11.53
CA GLU A 139 13.40 -30.70 12.45
C GLU A 139 12.46 -31.91 12.42
N VAL A 140 11.20 -31.71 12.75
CA VAL A 140 10.23 -32.85 12.74
C VAL A 140 10.16 -33.48 11.35
N LEU A 141 10.18 -32.67 10.31
CA LEU A 141 10.11 -33.24 8.93
C LEU A 141 11.23 -34.27 8.72
N LYS A 142 12.34 -34.10 9.39
CA LYS A 142 13.46 -35.06 9.23
C LYS A 142 13.22 -36.31 10.08
N SER A 143 12.91 -36.14 11.33
CA SER A 143 12.67 -37.32 12.21
C SER A 143 11.45 -38.12 11.73
N VAL A 144 10.55 -37.48 11.04
CA VAL A 144 9.33 -38.22 10.54
C VAL A 144 9.69 -39.06 9.30
N VAL A 145 10.41 -38.50 8.37
CA VAL A 145 10.79 -39.26 7.15
C VAL A 145 11.61 -40.50 7.53
N ALA A 146 12.43 -40.39 8.55
CA ALA A 146 13.26 -41.56 8.97
C ALA A 146 12.38 -42.61 9.66
N LYS A 147 11.35 -42.18 10.34
CA LYS A 147 10.45 -43.14 11.04
C LYS A 147 9.47 -43.77 10.06
N PHE A 148 8.96 -43.00 9.13
CA PHE A 148 7.99 -43.57 8.14
C PHE A 148 8.72 -44.04 6.88
N ASN A 149 8.05 -44.75 6.01
CA ASN A 149 8.70 -45.23 4.77
C ASN A 149 8.01 -44.63 3.53
N ALA A 150 8.47 -44.98 2.36
CA ALA A 150 7.85 -44.43 1.12
C ALA A 150 6.58 -45.20 0.78
N SER A 151 6.51 -46.46 1.13
CA SER A 151 5.29 -47.27 0.81
C SER A 151 4.05 -46.61 1.41
N GLN A 152 3.95 -46.57 2.71
CA GLN A 152 2.76 -45.95 3.36
C GLN A 152 2.65 -44.46 2.97
N LEU A 153 3.74 -43.87 2.54
CA LEU A 153 3.71 -42.43 2.15
C LEU A 153 2.83 -42.25 0.90
N ILE A 154 3.20 -42.86 -0.20
CA ILE A 154 2.40 -42.72 -1.45
C ILE A 154 0.98 -43.25 -1.22
N THR A 155 0.79 -44.12 -0.27
CA THR A 155 -0.57 -44.68 0.00
C THR A 155 -1.54 -43.54 0.31
N GLN A 156 -1.28 -42.78 1.33
CA GLN A 156 -2.19 -41.65 1.69
C GLN A 156 -1.40 -40.55 2.39
N ARG A 157 -1.45 -39.35 1.87
CA ARG A 157 -0.71 -38.22 2.52
C ARG A 157 -1.35 -37.84 3.86
N ALA A 158 -2.51 -38.37 4.15
CA ALA A 158 -3.17 -38.04 5.45
C ALA A 158 -2.56 -38.84 6.60
N GLN A 159 -2.26 -40.09 6.38
CA GLN A 159 -1.67 -40.93 7.47
C GLN A 159 -0.43 -40.25 8.06
N VAL A 160 0.28 -39.50 7.27
CA VAL A 160 1.50 -38.80 7.78
C VAL A 160 1.11 -37.53 8.55
N SER A 161 -0.03 -36.97 8.24
CA SER A 161 -0.47 -35.73 8.95
C SER A 161 -0.90 -36.06 10.38
N LEU A 162 -1.37 -37.25 10.61
CA LEU A 162 -1.82 -37.63 11.99
C LEU A 162 -0.60 -37.81 12.90
N LEU A 163 0.53 -38.17 12.34
CA LEU A 163 1.76 -38.36 13.18
C LEU A 163 2.40 -37.01 13.50
N ILE A 164 2.66 -36.21 12.49
CA ILE A 164 3.28 -34.88 12.74
C ILE A 164 2.37 -34.00 13.59
N ARG A 165 1.09 -34.27 13.60
CA ARG A 165 0.15 -33.45 14.41
C ARG A 165 0.54 -33.51 15.89
N ARG A 166 0.61 -34.69 16.45
CA ARG A 166 0.98 -34.82 17.89
C ARG A 166 2.39 -34.27 18.12
N GLU A 167 3.29 -34.49 17.20
CA GLU A 167 4.68 -33.97 17.36
C GLU A 167 4.70 -32.45 17.19
N LEU A 168 3.90 -31.93 16.32
CA LEU A 168 3.88 -30.46 16.10
C LEU A 168 3.13 -29.77 17.25
N THR A 169 2.11 -30.39 17.77
CA THR A 169 1.34 -29.77 18.89
C THR A 169 2.25 -29.58 20.11
N GLU A 170 3.00 -30.59 20.47
CA GLU A 170 3.91 -30.47 21.64
C GLU A 170 5.00 -29.43 21.36
N ARG A 171 5.39 -29.30 20.12
CA ARG A 171 6.45 -28.30 19.78
C ARG A 171 5.85 -26.90 19.72
N ALA A 172 4.67 -26.77 19.18
CA ALA A 172 4.04 -25.42 19.10
C ALA A 172 3.79 -24.86 20.50
N LYS A 173 3.27 -25.67 21.38
CA LYS A 173 3.00 -25.20 22.78
C LYS A 173 4.31 -24.73 23.44
N ASP A 174 5.44 -25.16 22.91
CA ASP A 174 6.75 -24.76 23.52
C ASP A 174 6.97 -23.24 23.41
N PHE A 175 7.12 -22.73 22.22
CA PHE A 175 7.37 -21.26 22.07
C PHE A 175 6.23 -20.46 22.69
N SER A 176 5.07 -21.05 22.82
CA SER A 176 3.92 -20.31 23.42
C SER A 176 2.72 -21.26 23.59
N LEU A 177 1.76 -20.89 24.39
CA LEU A 177 0.57 -21.77 24.58
C LEU A 177 -0.62 -21.24 23.77
N ILE A 178 -1.00 -21.94 22.75
CA ILE A 178 -2.14 -21.47 21.90
C ILE A 178 -2.79 -22.67 21.19
N LEU A 179 -4.05 -22.56 20.86
CA LEU A 179 -4.73 -23.70 20.15
C LEU A 179 -4.81 -23.39 18.67
N ASP A 180 -4.09 -24.13 17.85
CA ASP A 180 -4.10 -23.88 16.39
C ASP A 180 -4.10 -25.21 15.63
N ASP A 181 -4.63 -25.22 14.42
CA ASP A 181 -4.66 -26.47 13.62
C ASP A 181 -3.51 -26.46 12.61
N VAL A 182 -2.98 -27.61 12.28
CA VAL A 182 -1.84 -27.64 11.31
C VAL A 182 -1.85 -28.89 10.43
N ALA A 183 -2.12 -28.72 9.16
CA ALA A 183 -2.10 -29.87 8.21
C ALA A 183 -1.12 -29.54 7.09
N ILE A 184 -0.54 -30.53 6.47
CA ILE A 184 0.46 -30.23 5.42
C ILE A 184 0.04 -30.74 4.04
N THR A 185 0.44 -30.06 3.00
CA THR A 185 0.13 -30.51 1.62
C THR A 185 1.40 -31.19 1.10
N GLU A 186 1.37 -32.49 0.95
CA GLU A 186 2.61 -33.20 0.51
C GLU A 186 2.42 -34.07 -0.72
N LEU A 187 3.47 -34.22 -1.46
CA LEU A 187 3.47 -35.09 -2.66
C LEU A 187 4.73 -35.95 -2.58
N SER A 188 4.64 -37.22 -2.84
CA SER A 188 5.87 -38.06 -2.71
C SER A 188 6.50 -38.35 -4.08
N PHE A 189 7.81 -38.45 -4.11
CA PHE A 189 8.52 -38.73 -5.38
C PHE A 189 8.93 -40.20 -5.44
N SER A 190 8.95 -40.77 -6.63
CA SER A 190 9.34 -42.20 -6.76
C SER A 190 10.36 -42.37 -7.88
N MET B 1 24.56 34.77 50.91
CA MET B 1 25.97 35.28 50.97
C MET B 1 25.98 36.80 51.11
N ALA B 2 25.31 37.49 50.23
CA ALA B 2 25.27 38.98 50.31
C ALA B 2 23.85 39.49 50.09
N GLN B 3 23.69 40.79 49.96
CA GLN B 3 22.32 41.35 49.74
C GLN B 3 21.82 40.99 48.34
N ASN B 4 22.71 40.78 47.40
CA ASN B 4 22.28 40.43 46.02
C ASN B 4 21.50 39.11 46.03
N LEU B 5 21.86 38.19 46.87
CA LEU B 5 21.13 36.89 46.93
C LEU B 5 19.70 37.12 47.42
N LYS B 6 19.49 38.10 48.25
CA LYS B 6 18.11 38.37 48.77
C LYS B 6 17.28 39.06 47.67
N ASP B 7 17.88 39.94 46.91
CA ASP B 7 17.13 40.64 45.83
C ASP B 7 16.67 39.64 44.77
N LEU B 8 17.30 38.50 44.70
CA LEU B 8 16.90 37.48 43.68
C LEU B 8 15.43 37.12 43.83
N ALA B 9 14.90 37.22 45.02
CA ALA B 9 13.46 36.88 45.23
C ALA B 9 12.57 37.82 44.41
N GLY B 10 12.79 39.10 44.52
CA GLY B 10 11.97 40.07 43.74
C GLY B 10 12.39 40.08 42.28
N ARG B 11 13.59 39.61 41.99
CA ARG B 11 14.06 39.59 40.58
C ARG B 11 13.38 38.46 39.80
N LEU B 12 12.92 37.44 40.48
CA LEU B 12 12.25 36.31 39.78
C LEU B 12 11.01 36.80 39.01
N PRO B 13 10.09 37.42 39.71
CA PRO B 13 8.87 37.94 39.06
C PRO B 13 9.19 39.18 38.22
N ALA B 14 9.05 39.08 36.93
CA ALA B 14 9.34 40.25 36.04
C ALA B 14 8.06 41.02 35.73
N GLY B 15 7.21 41.20 36.72
CA GLY B 15 5.94 41.94 36.48
C GLY B 15 4.87 40.97 35.97
N PRO B 16 3.64 41.45 35.92
CA PRO B 16 2.53 40.60 35.44
C PRO B 16 2.61 40.41 33.93
N ARG B 17 3.18 41.35 33.23
CA ARG B 17 3.29 41.21 31.75
C ARG B 17 4.36 40.18 31.40
N GLY B 18 5.41 40.11 32.16
CA GLY B 18 6.49 39.12 31.88
C GLY B 18 5.96 37.71 32.10
N MET B 19 5.35 37.47 33.23
CA MET B 19 4.82 36.10 33.51
C MET B 19 3.64 35.79 32.59
N GLY B 20 2.93 36.80 32.16
CA GLY B 20 1.76 36.58 31.25
C GLY B 20 2.26 35.98 29.94
N THR B 21 3.27 36.56 29.35
CA THR B 21 3.80 36.03 28.06
C THR B 21 4.32 34.61 28.24
N ALA B 22 4.73 34.26 29.44
CA ALA B 22 5.24 32.88 29.69
C ALA B 22 4.18 31.83 29.34
N LEU B 23 2.93 32.20 29.45
CA LEU B 23 1.84 31.23 29.13
C LEU B 23 1.85 30.89 27.63
N LYS B 24 2.00 31.89 26.80
CA LYS B 24 2.02 31.63 25.33
C LYS B 24 3.11 30.60 25.00
N LEU B 25 4.15 30.55 25.77
CA LEU B 25 5.24 29.56 25.51
C LEU B 25 4.75 28.15 25.82
N LEU B 26 4.11 27.97 26.95
CA LEU B 26 3.61 26.60 27.31
C LEU B 26 2.62 26.10 26.26
N LEU B 27 1.83 26.98 25.70
CA LEU B 27 0.85 26.55 24.67
C LEU B 27 1.56 26.14 23.38
N GLY B 28 2.53 26.91 22.96
CA GLY B 28 3.27 26.56 21.71
C GLY B 28 3.98 25.23 21.89
N ALA B 29 4.39 24.91 23.09
CA ALA B 29 5.09 23.62 23.32
C ALA B 29 4.19 22.44 22.94
N GLY B 30 2.93 22.54 23.25
CA GLY B 30 1.99 21.43 22.90
C GLY B 30 1.93 21.27 21.37
N ALA B 31 2.14 22.33 20.65
CA ALA B 31 2.09 22.25 19.16
C ALA B 31 3.41 21.67 18.62
N VAL B 32 4.53 22.17 19.10
CA VAL B 32 5.84 21.67 18.62
C VAL B 32 5.96 20.17 18.90
N ALA B 33 5.29 19.68 19.91
CA ALA B 33 5.36 18.23 20.23
C ALA B 33 4.86 17.39 19.05
N TYR B 34 3.84 17.85 18.38
CA TYR B 34 3.29 17.09 17.22
C TYR B 34 4.41 16.80 16.21
N GLY B 35 5.23 17.77 15.93
CA GLY B 35 6.34 17.54 14.95
C GLY B 35 7.26 16.43 15.47
N VAL B 36 7.44 16.36 16.76
CA VAL B 36 8.32 15.30 17.33
C VAL B 36 7.55 13.97 17.42
N ARG B 37 6.26 14.03 17.60
CA ARG B 37 5.46 12.78 17.71
C ARG B 37 5.60 11.95 16.42
N GLU B 38 5.79 12.59 15.30
CA GLU B 38 5.93 11.83 14.02
C GLU B 38 7.35 11.25 13.91
N SER B 39 8.33 11.87 14.51
CA SER B 39 9.74 11.33 14.42
C SER B 39 10.52 11.55 15.73
N VAL B 40 11.32 10.58 16.13
CA VAL B 40 12.12 10.73 17.39
C VAL B 40 13.40 9.87 17.31
N PHE B 41 14.31 10.03 18.25
CA PHE B 41 15.58 9.22 18.22
C PHE B 41 15.92 8.66 19.61
N THR B 42 15.19 7.68 20.08
CA THR B 42 15.50 7.07 21.42
C THR B 42 15.43 5.55 21.36
N VAL B 43 15.71 4.95 20.22
CA VAL B 43 15.65 3.46 20.09
C VAL B 43 14.38 2.92 20.78
N GLU B 44 13.41 2.49 20.01
CA GLU B 44 12.13 2.00 20.61
C GLU B 44 12.02 0.46 20.69
N GLY B 45 11.57 -0.17 19.64
CA GLY B 45 11.38 -1.66 19.65
C GLY B 45 12.65 -2.42 20.03
N GLY B 46 12.95 -3.48 19.32
CA GLY B 46 14.16 -4.30 19.62
C GLY B 46 15.12 -4.23 18.42
N HIS B 47 16.03 -3.30 18.44
CA HIS B 47 16.99 -3.12 17.33
C HIS B 47 18.22 -2.36 17.83
N ARG B 48 19.33 -2.49 17.16
CA ARG B 48 20.58 -1.79 17.63
C ARG B 48 20.75 -0.47 16.88
N ALA B 49 21.40 0.50 17.47
CA ALA B 49 21.50 1.85 16.80
C ALA B 49 22.81 2.10 16.04
N ILE B 50 22.74 3.01 15.10
CA ILE B 50 23.89 3.36 14.20
C ILE B 50 24.23 4.86 14.31
N PHE B 51 25.47 5.25 14.05
CA PHE B 51 25.84 6.71 14.17
C PHE B 51 26.61 7.21 12.93
N PHE B 52 26.35 8.43 12.52
CA PHE B 52 27.07 8.99 11.32
C PHE B 52 26.99 10.54 11.31
N ASN B 53 27.95 11.20 10.72
CA ASN B 53 27.94 12.71 10.68
C ASN B 53 27.57 13.24 9.27
N ARG B 54 27.01 14.42 9.20
CA ARG B 54 26.64 15.00 7.85
C ARG B 54 27.84 14.94 6.91
N ILE B 55 29.03 14.95 7.44
CA ILE B 55 30.25 14.90 6.58
C ILE B 55 30.38 13.52 5.93
N GLY B 56 31.24 13.39 4.97
CA GLY B 56 31.42 12.07 4.30
C GLY B 56 30.12 11.66 3.61
N GLY B 57 29.64 10.48 3.89
CA GLY B 57 28.37 10.01 3.25
C GLY B 57 27.30 9.83 4.32
N VAL B 58 26.47 8.83 4.19
CA VAL B 58 25.41 8.60 5.21
C VAL B 58 25.13 7.10 5.35
N GLN B 59 24.77 6.66 6.53
CA GLN B 59 24.48 5.21 6.74
C GLN B 59 23.07 4.88 6.24
N GLN B 60 22.70 3.63 6.25
CA GLN B 60 21.32 3.26 5.77
C GLN B 60 20.95 1.84 6.19
N ASP B 61 21.64 0.85 5.68
CA ASP B 61 21.32 -0.57 6.04
C ASP B 61 21.77 -0.89 7.47
N THR B 62 21.27 -0.17 8.44
CA THR B 62 21.66 -0.43 9.86
C THR B 62 20.46 -0.10 10.78
N ILE B 63 19.96 -1.07 11.54
CA ILE B 63 18.69 -0.88 12.40
C ILE B 63 18.89 -0.12 13.74
N LEU B 64 17.80 -0.03 14.56
CA LEU B 64 17.87 0.70 15.91
C LEU B 64 16.52 0.73 16.67
N ALA B 65 16.50 0.25 17.92
CA ALA B 65 15.23 0.34 18.77
C ALA B 65 15.36 -0.47 20.08
N GLU B 66 15.43 0.20 21.23
CA GLU B 66 15.51 -0.52 22.56
C GLU B 66 15.75 0.46 23.73
N GLY B 67 16.89 1.13 23.75
CA GLY B 67 17.22 2.06 24.89
C GLY B 67 17.01 3.52 24.47
N LEU B 68 16.79 4.42 25.40
CA LEU B 68 16.57 5.85 25.01
C LEU B 68 17.85 6.69 25.14
N HIS B 69 18.19 7.33 24.06
CA HIS B 69 19.38 8.21 24.03
C HIS B 69 19.17 9.18 22.85
N PHE B 70 19.24 10.47 23.10
CA PHE B 70 19.00 11.47 22.00
C PHE B 70 19.60 11.00 20.68
N ARG B 71 19.25 11.62 19.58
CA ARG B 71 19.82 11.19 18.27
C ARG B 71 21.33 11.42 18.26
N ILE B 72 22.03 10.85 19.21
CA ILE B 72 23.51 11.03 19.28
C ILE B 72 23.83 12.54 19.41
N PRO B 73 24.88 12.85 20.12
CA PRO B 73 25.25 14.29 20.34
C PRO B 73 25.55 15.03 19.03
N TRP B 74 25.86 16.29 19.11
CA TRP B 74 26.14 17.10 17.88
C TRP B 74 27.13 16.37 16.96
N PHE B 75 27.22 16.80 15.73
CA PHE B 75 28.16 16.16 14.76
C PHE B 75 27.89 14.65 14.64
N GLN B 76 26.68 14.23 14.86
CA GLN B 76 26.38 12.77 14.74
C GLN B 76 24.91 12.55 14.35
N TYR B 77 24.63 11.46 13.70
CA TYR B 77 23.23 11.18 13.26
C TYR B 77 22.97 9.68 13.17
N PRO B 78 21.84 9.25 13.69
CA PRO B 78 21.51 7.83 13.64
C PRO B 78 20.50 7.54 12.51
N ILE B 79 20.95 6.90 11.46
CA ILE B 79 20.01 6.50 10.37
C ILE B 79 19.82 4.99 10.55
N ILE B 80 18.65 4.57 10.97
CA ILE B 80 18.46 3.12 11.25
C ILE B 80 17.52 2.40 10.26
N TYR B 81 17.74 1.12 10.14
CA TYR B 81 16.95 0.25 9.23
C TYR B 81 15.90 -0.52 10.05
N ASP B 82 14.79 -0.89 9.45
CA ASP B 82 13.76 -1.66 10.22
C ASP B 82 13.75 -3.12 9.75
N ILE B 83 13.58 -4.04 10.67
CA ILE B 83 13.58 -5.49 10.28
C ILE B 83 12.39 -5.82 9.37
N ARG B 84 12.50 -6.87 8.61
CA ARG B 84 11.39 -7.27 7.69
C ARG B 84 11.77 -8.57 6.95
N ALA B 85 10.81 -9.40 6.65
CA ALA B 85 11.12 -10.68 5.92
C ALA B 85 11.84 -10.37 4.60
N ARG B 86 12.12 -11.38 3.82
CA ARG B 86 12.82 -11.13 2.53
C ARG B 86 12.58 -12.30 1.55
N PRO B 87 11.83 -12.02 0.52
CA PRO B 87 11.54 -13.05 -0.50
C PRO B 87 12.49 -12.85 -1.69
N ARG B 88 13.41 -13.77 -1.89
CA ARG B 88 14.38 -13.62 -3.01
C ARG B 88 14.93 -15.02 -3.42
N LYS B 89 14.53 -15.53 -4.59
CA LYS B 89 15.02 -16.90 -5.03
C LYS B 89 14.86 -17.09 -6.56
N ILE B 90 15.68 -17.93 -7.18
CA ILE B 90 15.55 -18.17 -8.67
C ILE B 90 15.88 -19.63 -9.02
N SER B 91 15.33 -20.09 -10.13
CA SER B 91 15.62 -21.48 -10.59
C SER B 91 16.61 -21.41 -11.75
N SER B 92 17.82 -21.87 -11.54
CA SER B 92 18.83 -21.81 -12.65
C SER B 92 19.12 -23.21 -13.22
N PRO B 93 18.77 -23.42 -14.46
CA PRO B 93 19.00 -24.70 -15.13
C PRO B 93 20.27 -24.65 -15.97
N THR B 94 21.30 -25.37 -15.56
CA THR B 94 22.57 -25.35 -16.33
C THR B 94 23.29 -26.70 -16.17
N GLY B 95 23.72 -27.28 -17.26
CA GLY B 95 24.43 -28.59 -17.16
C GLY B 95 25.94 -28.37 -17.32
N SER B 96 26.74 -29.22 -16.73
CA SER B 96 28.21 -29.06 -16.84
C SER B 96 28.93 -30.36 -16.46
N LYS B 97 28.45 -31.05 -15.46
CA LYS B 97 29.10 -32.32 -15.03
C LYS B 97 28.32 -33.53 -15.56
N ASP B 98 27.65 -33.39 -16.68
CA ASP B 98 26.87 -34.53 -17.24
C ASP B 98 26.37 -34.19 -18.64
N LEU B 99 26.10 -35.19 -19.45
CA LEU B 99 25.62 -34.94 -20.83
C LEU B 99 24.20 -34.34 -20.79
N GLN B 100 23.37 -34.82 -19.90
CA GLN B 100 21.98 -34.28 -19.80
C GLN B 100 22.01 -32.86 -19.24
N MET B 101 20.88 -32.34 -18.84
CA MET B 101 20.84 -30.96 -18.28
C MET B 101 20.45 -30.99 -16.80
N VAL B 102 21.33 -30.56 -15.94
CA VAL B 102 21.01 -30.57 -14.47
C VAL B 102 20.70 -29.14 -14.01
N ASN B 103 19.88 -29.01 -12.99
CA ASN B 103 19.53 -27.65 -12.49
C ASN B 103 19.80 -27.56 -10.99
N ILE B 104 20.52 -26.56 -10.56
CA ILE B 104 20.80 -26.40 -9.11
C ILE B 104 20.71 -24.92 -8.73
N SER B 105 19.71 -24.56 -7.97
CA SER B 105 19.56 -23.14 -7.57
C SER B 105 19.55 -23.03 -6.04
N LEU B 106 19.98 -21.92 -5.51
CA LEU B 106 19.99 -21.76 -4.02
C LEU B 106 19.73 -20.30 -3.64
N ARG B 107 19.06 -20.08 -2.53
CA ARG B 107 18.78 -18.69 -2.10
C ARG B 107 19.32 -18.46 -0.68
N VAL B 108 19.70 -17.25 -0.36
CA VAL B 108 20.24 -16.97 1.00
C VAL B 108 19.21 -16.18 1.83
N LEU B 109 19.11 -16.47 3.09
CA LEU B 109 18.14 -15.74 3.95
C LEU B 109 18.87 -14.70 4.80
N SER B 110 18.26 -13.56 5.01
CA SER B 110 18.92 -12.50 5.82
C SER B 110 18.34 -12.46 7.23
N ARG B 111 19.13 -12.10 8.20
CA ARG B 111 18.63 -12.03 9.60
C ARG B 111 19.50 -11.08 10.43
N PRO B 112 18.86 -10.21 11.16
CA PRO B 112 19.61 -9.24 12.02
C PRO B 112 20.22 -9.95 13.23
N ASN B 113 21.52 -10.01 13.30
CA ASN B 113 22.18 -10.70 14.46
C ASN B 113 23.27 -9.81 15.05
N ALA B 114 23.05 -8.52 15.09
CA ALA B 114 24.08 -7.60 15.64
C ALA B 114 25.42 -7.78 14.91
N GLN B 115 26.40 -6.97 15.23
CA GLN B 115 27.73 -7.10 14.56
C GLN B 115 27.56 -7.10 13.04
N GLU B 116 26.52 -6.49 12.54
CA GLU B 116 26.30 -6.46 11.07
C GLU B 116 26.00 -5.03 10.61
N LEU B 117 25.07 -4.37 11.25
CA LEU B 117 24.74 -2.97 10.84
C LEU B 117 25.72 -1.92 11.41
N PRO B 118 26.44 -2.24 12.48
CA PRO B 118 27.37 -1.24 13.05
C PRO B 118 28.71 -1.19 12.32
N SER B 119 29.51 -2.21 12.44
CA SER B 119 30.84 -2.23 11.75
C SER B 119 30.69 -2.67 10.30
N MET B 120 30.07 -3.80 10.09
CA MET B 120 29.90 -4.34 8.71
C MET B 120 29.22 -3.31 7.80
N TYR B 121 28.56 -2.32 8.35
CA TYR B 121 27.88 -1.30 7.48
C TYR B 121 28.81 -0.83 6.36
N GLN B 122 29.95 -0.28 6.70
CA GLN B 122 30.88 0.20 5.64
C GLN B 122 31.58 -0.99 4.97
N ARG B 123 31.65 -2.12 5.64
CA ARG B 123 32.28 -3.32 5.03
C ARG B 123 31.31 -4.00 4.07
N LEU B 124 30.03 -3.76 4.25
CA LEU B 124 29.01 -4.39 3.35
C LEU B 124 28.99 -3.69 2.00
N GLY B 125 29.32 -2.42 1.97
CA GLY B 125 29.33 -1.67 0.68
C GLY B 125 28.03 -0.86 0.55
N LEU B 126 27.68 -0.49 -0.65
CA LEU B 126 26.43 0.30 -0.86
C LEU B 126 25.28 -0.62 -1.29
N ASP B 127 25.59 -1.69 -1.96
CA ASP B 127 24.52 -2.63 -2.42
C ASP B 127 24.60 -3.94 -1.63
N TYR B 128 24.21 -3.92 -0.38
CA TYR B 128 24.27 -5.16 0.44
C TYR B 128 23.21 -6.17 -0.05
N GLU B 129 22.01 -6.10 0.44
CA GLU B 129 20.95 -7.05 0.00
C GLU B 129 20.77 -6.99 -1.52
N GLU B 130 21.21 -5.93 -2.15
CA GLU B 130 21.05 -5.82 -3.63
C GLU B 130 22.06 -6.72 -4.35
N ARG B 131 23.33 -6.44 -4.22
CA ARG B 131 24.36 -7.26 -4.93
C ARG B 131 24.69 -8.55 -4.16
N VAL B 132 24.93 -8.46 -2.88
CA VAL B 132 25.30 -9.69 -2.09
C VAL B 132 24.30 -10.84 -2.33
N LEU B 133 23.02 -10.58 -2.23
CA LEU B 133 22.03 -11.68 -2.42
C LEU B 133 22.27 -12.43 -3.74
N PRO B 134 22.18 -11.74 -4.84
CA PRO B 134 22.38 -12.37 -6.17
C PRO B 134 23.85 -12.77 -6.39
N SER B 135 24.77 -12.20 -5.65
CA SER B 135 26.20 -12.56 -5.83
C SER B 135 26.48 -13.97 -5.30
N ILE B 136 26.31 -14.18 -4.02
CA ILE B 136 26.58 -15.54 -3.45
C ILE B 136 25.60 -16.56 -4.02
N VAL B 137 24.42 -16.13 -4.37
CA VAL B 137 23.41 -17.09 -4.93
C VAL B 137 23.78 -17.44 -6.37
N ASN B 138 24.13 -16.46 -7.16
CA ASN B 138 24.51 -16.74 -8.59
C ASN B 138 25.94 -17.27 -8.66
N GLU B 139 26.77 -16.90 -7.71
CA GLU B 139 28.19 -17.39 -7.73
C GLU B 139 28.23 -18.86 -7.33
N VAL B 140 27.75 -19.18 -6.15
CA VAL B 140 27.76 -20.59 -5.69
C VAL B 140 26.93 -21.46 -6.64
N LEU B 141 25.83 -20.94 -7.13
CA LEU B 141 24.98 -21.73 -8.06
C LEU B 141 25.77 -22.11 -9.32
N LYS B 142 26.53 -21.19 -9.84
CA LYS B 142 27.33 -21.48 -11.07
C LYS B 142 28.50 -22.41 -10.74
N SER B 143 29.08 -22.26 -9.58
CA SER B 143 30.23 -23.13 -9.20
C SER B 143 29.73 -24.49 -8.71
N VAL B 144 28.57 -24.54 -8.11
CA VAL B 144 28.04 -25.84 -7.60
C VAL B 144 27.41 -26.64 -8.75
N VAL B 145 26.62 -26.00 -9.58
CA VAL B 145 25.96 -26.72 -10.71
C VAL B 145 27.00 -27.50 -11.54
N ALA B 146 28.22 -27.00 -11.59
CA ALA B 146 29.27 -27.70 -12.38
C ALA B 146 29.84 -28.87 -11.56
N LYS B 147 29.85 -28.74 -10.27
CA LYS B 147 30.40 -29.83 -9.40
C LYS B 147 29.36 -30.95 -9.21
N PHE B 148 28.11 -30.66 -9.44
CA PHE B 148 27.05 -31.70 -9.28
C PHE B 148 26.65 -32.28 -10.64
N ASN B 149 25.83 -33.29 -10.65
CA ASN B 149 25.40 -33.91 -11.93
C ASN B 149 23.87 -34.04 -11.98
N ALA B 150 23.34 -34.42 -13.11
CA ALA B 150 21.85 -34.56 -13.23
C ALA B 150 21.39 -35.89 -12.63
N SER B 151 22.25 -36.86 -12.59
CA SER B 151 21.86 -38.19 -12.02
C SER B 151 21.42 -38.03 -10.56
N GLN B 152 22.18 -37.32 -9.77
CA GLN B 152 21.81 -37.13 -8.33
C GLN B 152 20.74 -36.04 -8.21
N LEU B 153 20.63 -35.18 -9.19
CA LEU B 153 19.61 -34.09 -9.11
C LEU B 153 18.20 -34.69 -9.11
N ILE B 154 17.90 -35.55 -10.04
CA ILE B 154 16.54 -36.17 -10.09
C ILE B 154 16.29 -36.99 -8.82
N THR B 155 17.34 -37.49 -8.21
CA THR B 155 17.15 -38.30 -6.97
C THR B 155 16.50 -37.46 -5.87
N GLN B 156 17.03 -36.29 -5.62
CA GLN B 156 16.44 -35.41 -4.56
C GLN B 156 16.80 -33.95 -4.83
N ARG B 157 15.92 -33.05 -4.50
CA ARG B 157 16.22 -31.59 -4.74
C ARG B 157 17.02 -31.02 -3.57
N ALA B 158 16.77 -31.49 -2.38
CA ALA B 158 17.51 -30.98 -1.19
C ALA B 158 18.89 -31.64 -1.07
N GLN B 159 19.08 -32.78 -1.70
CA GLN B 159 20.39 -33.47 -1.61
C GLN B 159 21.53 -32.53 -2.05
N VAL B 160 21.30 -31.71 -3.05
CA VAL B 160 22.36 -30.77 -3.50
C VAL B 160 22.52 -29.61 -2.52
N SER B 161 21.51 -29.33 -1.74
CA SER B 161 21.61 -28.21 -0.75
C SER B 161 22.49 -28.61 0.43
N LEU B 162 22.69 -29.89 0.63
CA LEU B 162 23.54 -30.35 1.77
C LEU B 162 24.95 -29.78 1.64
N LEU B 163 25.66 -30.13 0.60
CA LEU B 163 27.05 -29.60 0.42
C LEU B 163 27.03 -28.09 0.26
N ILE B 164 26.02 -27.55 -0.38
CA ILE B 164 25.94 -26.07 -0.57
C ILE B 164 25.74 -25.37 0.79
N ARG B 165 25.20 -26.06 1.76
CA ARG B 165 24.98 -25.43 3.09
C ARG B 165 26.32 -25.12 3.76
N ARG B 166 27.34 -25.89 3.46
CA ARG B 166 28.68 -25.64 4.09
C ARG B 166 29.40 -24.49 3.36
N GLU B 167 29.14 -24.32 2.09
CA GLU B 167 29.82 -23.22 1.33
C GLU B 167 29.13 -21.88 1.61
N LEU B 168 27.83 -21.85 1.59
CA LEU B 168 27.11 -20.57 1.85
C LEU B 168 27.44 -20.05 3.26
N THR B 169 27.63 -20.92 4.20
CA THR B 169 27.96 -20.47 5.59
C THR B 169 29.27 -19.69 5.60
N GLU B 170 30.20 -20.07 4.76
CA GLU B 170 31.51 -19.35 4.72
C GLU B 170 31.38 -18.04 3.93
N ARG B 171 30.82 -18.11 2.75
CA ARG B 171 30.67 -16.88 1.93
C ARG B 171 29.70 -15.91 2.61
N ALA B 172 28.59 -16.40 3.10
CA ALA B 172 27.61 -15.50 3.77
C ALA B 172 28.26 -14.82 4.99
N LYS B 173 28.91 -15.58 5.82
CA LYS B 173 29.56 -14.98 7.02
C LYS B 173 30.75 -14.10 6.59
N ASP B 174 31.37 -14.42 5.49
CA ASP B 174 32.53 -13.61 5.01
C ASP B 174 32.08 -12.17 4.77
N PHE B 175 30.88 -11.98 4.28
CA PHE B 175 30.39 -10.60 4.01
C PHE B 175 30.03 -9.92 5.33
N SER B 176 29.28 -10.58 6.17
CA SER B 176 28.90 -9.97 7.47
C SER B 176 28.57 -11.07 8.49
N LEU B 177 28.20 -10.71 9.69
CA LEU B 177 27.86 -11.74 10.71
C LEU B 177 26.35 -11.85 10.85
N ILE B 178 25.77 -12.94 10.41
CA ILE B 178 24.30 -13.11 10.51
C ILE B 178 23.94 -14.60 10.53
N LEU B 179 22.83 -14.94 11.12
CA LEU B 179 22.42 -16.38 11.17
C LEU B 179 21.35 -16.64 10.11
N ASP B 180 21.68 -17.39 9.10
CA ASP B 180 20.70 -17.68 8.02
C ASP B 180 20.64 -19.17 7.71
N ASP B 181 19.53 -19.64 7.21
CA ASP B 181 19.40 -21.09 6.89
C ASP B 181 19.58 -21.29 5.38
N VAL B 182 20.06 -22.44 4.97
CA VAL B 182 20.28 -22.67 3.51
C VAL B 182 19.33 -23.73 2.95
N ALA B 183 18.40 -23.32 2.13
CA ALA B 183 17.45 -24.27 1.51
C ALA B 183 16.84 -23.62 0.26
N ILE B 184 16.44 -24.39 -0.71
CA ILE B 184 15.88 -23.79 -1.95
C ILE B 184 15.01 -24.79 -2.72
N THR B 185 14.10 -24.30 -3.51
CA THR B 185 13.23 -25.22 -4.31
C THR B 185 13.83 -25.33 -5.71
N GLU B 186 14.37 -26.48 -6.05
CA GLU B 186 15.02 -26.64 -7.38
C GLU B 186 14.22 -27.59 -8.28
N LEU B 187 14.33 -27.38 -9.56
CA LEU B 187 13.65 -28.26 -10.54
C LEU B 187 14.66 -28.61 -11.62
N SER B 188 14.78 -29.86 -11.99
CA SER B 188 15.79 -30.22 -13.01
C SER B 188 15.15 -30.42 -14.39
N PHE B 189 15.90 -30.15 -15.43
CA PHE B 189 15.37 -30.30 -16.81
C PHE B 189 15.89 -31.60 -17.44
N SER B 190 15.00 -32.48 -17.83
CA SER B 190 15.44 -33.76 -18.45
C SER B 190 15.67 -33.56 -19.95
N MET C 1 35.12 57.09 19.85
CA MET C 1 33.83 57.30 20.58
C MET C 1 32.92 58.23 19.77
N ALA C 2 31.73 57.80 19.46
CA ALA C 2 30.80 58.66 18.68
C ALA C 2 29.42 58.69 19.34
N GLN C 3 28.63 59.69 19.05
CA GLN C 3 27.27 59.77 19.66
C GLN C 3 26.34 58.73 19.03
N ASN C 4 26.57 58.39 17.78
CA ASN C 4 25.70 57.39 17.11
C ASN C 4 25.76 56.05 17.84
N LEU C 5 26.91 55.69 18.36
CA LEU C 5 27.04 54.40 19.08
C LEU C 5 26.16 54.39 20.33
N LYS C 6 26.18 55.46 21.07
CA LYS C 6 25.33 55.53 22.31
C LYS C 6 23.88 55.86 21.94
N ASP C 7 23.68 56.56 20.86
CA ASP C 7 22.29 56.92 20.45
C ASP C 7 21.55 55.68 19.95
N LEU C 8 22.22 54.83 19.22
CA LEU C 8 21.55 53.59 18.71
C LEU C 8 21.32 52.60 19.86
N ALA C 9 22.23 52.52 20.79
CA ALA C 9 22.06 51.59 21.93
C ALA C 9 20.85 52.00 22.78
N GLY C 10 20.55 53.26 22.81
CA GLY C 10 19.39 53.74 23.61
C GLY C 10 18.08 53.17 23.03
N ARG C 11 18.11 52.75 21.79
CA ARG C 11 16.87 52.19 21.16
C ARG C 11 16.60 50.78 21.70
N LEU C 12 17.61 50.09 22.15
CA LEU C 12 17.39 48.72 22.68
C LEU C 12 16.46 48.75 23.90
N PRO C 13 16.83 49.50 24.90
CA PRO C 13 15.99 49.60 26.13
C PRO C 13 14.75 50.45 25.83
N ALA C 14 13.95 50.70 26.85
CA ALA C 14 12.72 51.53 26.64
C ALA C 14 11.87 50.96 25.50
N GLY C 15 11.09 49.94 25.78
CA GLY C 15 10.25 49.34 24.70
C GLY C 15 10.06 47.85 24.99
N PRO C 16 9.28 47.55 26.00
CA PRO C 16 9.02 46.14 26.37
C PRO C 16 8.09 45.47 25.36
N ARG C 17 7.27 46.25 24.70
CA ARG C 17 6.33 45.67 23.69
C ARG C 17 7.11 44.94 22.59
N GLY C 18 8.23 45.46 22.20
CA GLY C 18 9.03 44.80 21.14
C GLY C 18 9.57 43.46 21.66
N MET C 19 9.89 43.39 22.93
CA MET C 19 10.41 42.12 23.51
C MET C 19 9.25 41.16 23.80
N GLY C 20 8.09 41.68 24.08
CA GLY C 20 6.93 40.79 24.39
C GLY C 20 6.44 40.13 23.09
N THR C 21 6.35 40.88 22.03
CA THR C 21 5.88 40.31 20.74
C THR C 21 6.95 39.39 20.14
N ALA C 22 8.19 39.64 20.47
CA ALA C 22 9.29 38.78 19.92
C ALA C 22 9.07 37.31 20.30
N LEU C 23 8.38 37.07 21.39
CA LEU C 23 8.13 35.65 21.81
C LEU C 23 7.17 34.97 20.84
N LYS C 24 6.15 35.67 20.41
CA LYS C 24 5.17 35.06 19.45
C LYS C 24 5.90 34.46 18.25
N LEU C 25 7.03 35.03 17.90
CA LEU C 25 7.80 34.50 16.74
C LEU C 25 8.46 33.16 17.09
N LEU C 26 9.03 33.06 18.26
CA LEU C 26 9.69 31.78 18.67
C LEU C 26 8.66 30.64 18.68
N LEU C 27 7.46 30.92 19.10
CA LEU C 27 6.41 29.86 19.14
C LEU C 27 5.93 29.52 17.72
N GLY C 28 6.03 30.45 16.81
CA GLY C 28 5.59 30.18 15.41
C GLY C 28 6.67 29.40 14.68
N ALA C 29 7.91 29.59 15.04
CA ALA C 29 9.01 28.85 14.35
C ALA C 29 8.86 27.35 14.60
N GLY C 30 8.46 26.96 15.79
CA GLY C 30 8.31 25.51 16.10
C GLY C 30 7.21 24.92 15.23
N ALA C 31 6.24 25.71 14.85
CA ALA C 31 5.13 25.19 14.00
C ALA C 31 5.57 25.11 12.54
N VAL C 32 6.27 26.11 12.06
CA VAL C 32 6.73 26.09 10.64
C VAL C 32 7.70 24.93 10.42
N ALA C 33 8.42 24.56 11.44
CA ALA C 33 9.40 23.43 11.29
C ALA C 33 8.65 22.13 10.95
N TYR C 34 7.42 22.01 11.40
CA TYR C 34 6.64 20.77 11.10
C TYR C 34 6.47 20.61 9.58
N GLY C 35 6.08 21.66 8.90
CA GLY C 35 5.88 21.57 7.43
C GLY C 35 7.20 21.13 6.77
N VAL C 36 8.31 21.55 7.32
CA VAL C 36 9.62 21.17 6.73
C VAL C 36 10.01 19.75 7.16
N ARG C 37 9.55 19.33 8.31
CA ARG C 37 9.88 17.96 8.80
C ARG C 37 9.38 16.90 7.81
N GLU C 38 8.32 17.18 7.11
CA GLU C 38 7.77 16.19 6.14
C GLU C 38 8.66 16.13 4.87
N SER C 39 9.33 17.21 4.52
CA SER C 39 10.20 17.18 3.29
C SER C 39 11.44 18.08 3.46
N VAL C 40 12.53 17.72 2.79
CA VAL C 40 13.78 18.56 2.90
C VAL C 40 14.63 18.43 1.62
N PHE C 41 15.86 18.93 1.63
CA PHE C 41 16.72 18.82 0.41
C PHE C 41 17.96 17.95 0.68
N THR C 42 18.57 18.07 1.84
CA THR C 42 19.79 17.24 2.13
C THR C 42 19.46 15.75 1.95
N VAL C 43 20.10 15.10 1.01
CA VAL C 43 19.82 13.65 0.77
C VAL C 43 20.10 12.84 2.05
N GLU C 44 19.39 11.76 2.23
CA GLU C 44 19.61 10.92 3.44
C GLU C 44 19.59 9.44 3.08
N GLY C 45 20.49 8.66 3.63
CA GLY C 45 20.53 7.21 3.31
C GLY C 45 21.28 6.99 2.00
N GLY C 46 21.22 5.80 1.46
CA GLY C 46 21.94 5.52 0.18
C GLY C 46 21.24 6.24 -0.97
N HIS C 47 21.37 7.54 -1.04
CA HIS C 47 20.71 8.30 -2.14
C HIS C 47 21.61 9.46 -2.59
N ARG C 48 21.50 9.85 -3.83
CA ARG C 48 22.38 10.95 -4.37
C ARG C 48 21.54 12.18 -4.76
N ALA C 49 22.14 13.35 -4.82
CA ALA C 49 21.36 14.58 -5.15
C ALA C 49 21.49 14.98 -6.63
N ILE C 50 20.47 15.63 -7.14
CA ILE C 50 20.43 16.05 -8.59
C ILE C 50 20.04 17.55 -8.66
N PHE C 51 20.45 18.27 -9.69
CA PHE C 51 20.12 19.74 -9.73
C PHE C 51 19.31 20.18 -10.98
N PHE C 52 18.32 21.00 -10.77
CA PHE C 52 17.47 21.53 -11.89
C PHE C 52 16.68 22.77 -11.41
N ASN C 53 16.33 23.67 -12.30
CA ASN C 53 15.57 24.90 -11.85
C ASN C 53 14.39 25.21 -12.80
N ARG C 54 13.35 25.87 -12.31
CA ARG C 54 12.17 26.22 -13.17
C ARG C 54 12.63 26.78 -14.52
N ILE C 55 11.79 26.73 -15.52
CA ILE C 55 12.18 27.27 -16.87
C ILE C 55 13.50 26.65 -17.33
N GLY C 56 13.51 25.36 -17.57
CA GLY C 56 14.76 24.69 -18.03
C GLY C 56 14.46 23.23 -18.38
N GLY C 57 15.18 22.31 -17.82
CA GLY C 57 14.93 20.87 -18.13
C GLY C 57 15.02 20.06 -16.84
N VAL C 58 13.93 19.45 -16.44
CA VAL C 58 13.93 18.63 -15.18
C VAL C 58 15.11 17.65 -15.18
N GLN C 59 15.40 17.06 -14.04
CA GLN C 59 16.54 16.10 -13.97
C GLN C 59 16.12 14.85 -13.18
N GLN C 60 16.24 13.69 -13.78
CA GLN C 60 15.86 12.44 -13.07
C GLN C 60 16.28 11.21 -13.87
N ASP C 61 17.18 10.42 -13.35
CA ASP C 61 17.63 9.20 -14.09
C ASP C 61 18.47 8.31 -13.16
N THR C 62 19.47 8.87 -12.53
CA THR C 62 20.33 8.06 -11.62
C THR C 62 20.67 8.87 -10.36
N ILE C 63 21.70 8.49 -9.65
CA ILE C 63 22.06 9.23 -8.40
C ILE C 63 23.61 9.28 -8.23
N LEU C 64 24.16 10.43 -7.89
CA LEU C 64 25.65 10.56 -7.72
C LEU C 64 26.14 10.10 -6.32
N ALA C 65 26.36 11.00 -5.38
CA ALA C 65 26.86 10.60 -4.02
C ALA C 65 26.28 11.50 -2.91
N GLU C 66 26.65 11.26 -1.66
CA GLU C 66 26.11 12.09 -0.54
C GLU C 66 27.02 13.31 -0.29
N GLY C 67 26.46 14.38 0.20
CA GLY C 67 27.27 15.62 0.46
C GLY C 67 26.52 16.50 1.47
N LEU C 68 27.20 17.37 2.18
CA LEU C 68 26.47 18.23 3.16
C LEU C 68 26.16 19.58 2.49
N HIS C 69 24.90 19.77 2.14
CA HIS C 69 24.48 21.02 1.45
C HIS C 69 22.96 21.21 1.58
N PHE C 70 22.48 22.43 1.55
CA PHE C 70 21.00 22.64 1.67
C PHE C 70 20.48 23.44 0.47
N ARG C 71 19.33 23.09 -0.06
CA ARG C 71 18.77 23.84 -1.22
C ARG C 71 18.17 25.17 -0.73
N ILE C 72 17.01 25.54 -1.21
CA ILE C 72 16.38 26.82 -0.79
C ILE C 72 17.33 28.01 -1.00
N PRO C 73 17.96 28.06 -2.16
CA PRO C 73 18.88 29.16 -2.48
C PRO C 73 18.14 30.29 -3.21
N TRP C 74 17.60 30.00 -4.36
CA TRP C 74 16.86 31.04 -5.13
C TRP C 74 16.20 30.39 -6.37
N PHE C 75 16.85 29.44 -6.98
CA PHE C 75 16.27 28.78 -8.18
C PHE C 75 16.67 27.30 -8.24
N GLN C 76 16.52 26.58 -7.17
CA GLN C 76 16.89 25.13 -7.17
C GLN C 76 15.64 24.27 -6.92
N TYR C 77 15.64 23.06 -7.41
CA TYR C 77 14.43 22.19 -7.23
C TYR C 77 14.79 20.87 -6.56
N PRO C 78 13.84 20.29 -5.87
CA PRO C 78 14.05 19.00 -5.21
C PRO C 78 13.47 17.84 -6.04
N ILE C 79 14.33 17.07 -6.63
CA ILE C 79 13.89 15.88 -7.44
C ILE C 79 15.09 14.92 -7.52
N ILE C 80 15.02 13.81 -6.84
CA ILE C 80 16.19 12.86 -6.84
C ILE C 80 15.74 11.44 -7.21
N TYR C 81 16.66 10.65 -7.71
CA TYR C 81 16.34 9.25 -8.09
C TYR C 81 16.76 8.31 -6.96
N ASP C 82 16.12 7.19 -6.83
CA ASP C 82 16.47 6.25 -5.72
C ASP C 82 16.77 4.85 -6.26
N ILE C 83 17.61 4.11 -5.59
CA ILE C 83 17.96 2.73 -6.06
C ILE C 83 16.94 1.71 -5.54
N ARG C 84 16.75 0.64 -6.25
CA ARG C 84 15.77 -0.40 -5.81
C ARG C 84 15.84 -1.62 -6.74
N ALA C 85 15.32 -2.74 -6.30
CA ALA C 85 15.35 -3.97 -7.16
C ALA C 85 14.64 -3.69 -8.49
N ARG C 86 14.92 -4.47 -9.50
CA ARG C 86 14.25 -4.24 -10.82
C ARG C 86 13.85 -5.57 -11.47
N PRO C 87 12.56 -5.82 -11.52
CA PRO C 87 12.04 -7.06 -12.14
C PRO C 87 11.55 -6.76 -13.56
N ARG C 88 12.22 -7.24 -14.56
CA ARG C 88 11.78 -6.98 -15.96
C ARG C 88 12.40 -8.02 -16.92
N LYS C 89 11.61 -8.96 -17.45
CA LYS C 89 12.18 -10.02 -18.38
C LYS C 89 11.07 -10.70 -19.23
N ILE C 90 11.41 -11.23 -20.39
CA ILE C 90 10.37 -11.91 -21.27
C ILE C 90 10.94 -13.11 -22.03
N SER C 91 10.08 -14.03 -22.40
CA SER C 91 10.53 -15.21 -23.21
C SER C 91 10.15 -14.95 -24.67
N SER C 92 11.11 -14.71 -25.53
CA SER C 92 10.78 -14.41 -26.95
C SER C 92 11.10 -15.59 -27.87
N PRO C 93 10.20 -15.87 -28.78
CA PRO C 93 10.40 -16.97 -29.75
C PRO C 93 10.91 -16.43 -31.08
N THR C 94 12.14 -16.71 -31.43
CA THR C 94 12.68 -16.20 -32.72
C THR C 94 13.78 -17.13 -33.23
N GLY C 95 13.77 -17.44 -34.50
CA GLY C 95 14.82 -18.34 -35.06
C GLY C 95 14.98 -18.07 -36.56
N SER C 96 16.09 -17.51 -36.95
CA SER C 96 16.30 -17.21 -38.40
C SER C 96 17.52 -17.98 -38.92
N LYS C 97 18.47 -18.25 -38.06
CA LYS C 97 19.70 -18.99 -38.51
C LYS C 97 19.35 -20.45 -38.81
N ASP C 98 18.21 -20.90 -38.39
CA ASP C 98 17.81 -22.32 -38.65
C ASP C 98 16.39 -22.40 -39.19
N LEU C 99 15.99 -23.55 -39.67
CA LEU C 99 14.60 -23.69 -40.22
C LEU C 99 13.69 -24.32 -39.16
N GLN C 100 13.98 -24.10 -37.90
CA GLN C 100 13.14 -24.69 -36.83
C GLN C 100 12.65 -23.59 -35.87
N MET C 101 12.22 -23.95 -34.70
CA MET C 101 11.73 -22.94 -33.72
C MET C 101 12.79 -22.67 -32.65
N VAL C 102 12.90 -21.45 -32.20
CA VAL C 102 13.90 -21.12 -31.15
C VAL C 102 13.38 -20.00 -30.24
N ASN C 103 13.73 -20.04 -28.98
CA ASN C 103 13.26 -18.96 -28.05
C ASN C 103 14.44 -18.39 -27.27
N ILE C 104 14.48 -17.09 -27.15
CA ILE C 104 15.61 -16.45 -26.40
C ILE C 104 15.06 -15.39 -25.43
N SER C 105 15.41 -15.50 -24.17
CA SER C 105 14.92 -14.50 -23.18
C SER C 105 16.12 -13.75 -22.58
N LEU C 106 15.92 -12.54 -22.15
CA LEU C 106 17.07 -11.76 -21.57
C LEU C 106 16.56 -10.68 -20.62
N ARG C 107 17.35 -10.34 -19.63
CA ARG C 107 16.94 -9.29 -18.66
C ARG C 107 18.13 -8.39 -18.30
N VAL C 108 17.89 -7.15 -17.95
CA VAL C 108 19.00 -6.24 -17.59
C VAL C 108 19.02 -5.96 -16.08
N LEU C 109 20.16 -5.69 -15.52
CA LEU C 109 20.24 -5.40 -14.06
C LEU C 109 20.49 -3.91 -13.82
N SER C 110 20.04 -3.41 -12.70
CA SER C 110 20.24 -1.95 -12.40
C SER C 110 21.10 -1.80 -11.14
N ARG C 111 22.26 -1.22 -11.28
CA ARG C 111 23.15 -1.04 -10.08
C ARG C 111 23.47 0.45 -9.88
N PRO C 112 23.51 0.86 -8.62
CA PRO C 112 23.81 2.27 -8.30
C PRO C 112 25.31 2.57 -8.49
N ASN C 113 26.12 2.29 -7.50
CA ASN C 113 27.58 2.56 -7.63
C ASN C 113 27.83 4.01 -8.07
N ALA C 114 29.06 4.38 -8.27
CA ALA C 114 29.36 5.77 -8.70
C ALA C 114 28.85 6.00 -10.13
N GLN C 115 27.57 6.23 -10.28
CA GLN C 115 27.01 6.46 -11.64
C GLN C 115 26.64 7.93 -11.82
N GLU C 116 27.39 8.65 -12.61
CA GLU C 116 27.09 10.09 -12.84
C GLU C 116 25.67 10.23 -13.43
N LEU C 117 24.73 10.64 -12.63
CA LEU C 117 23.34 10.79 -13.14
C LEU C 117 23.12 12.12 -13.90
N PRO C 118 23.90 13.14 -13.62
CA PRO C 118 23.69 14.44 -14.31
C PRO C 118 24.17 14.36 -15.76
N SER C 119 25.39 13.97 -15.99
CA SER C 119 25.90 13.87 -17.39
C SER C 119 24.97 12.96 -18.21
N MET C 120 24.63 11.82 -17.66
CA MET C 120 23.74 10.88 -18.40
C MET C 120 22.26 11.28 -18.25
N TYR C 121 21.94 12.09 -17.26
CA TYR C 121 20.50 12.48 -17.05
C TYR C 121 19.86 12.94 -18.38
N GLN C 122 20.38 13.98 -19.00
CA GLN C 122 19.78 14.46 -20.28
C GLN C 122 20.27 13.63 -21.46
N ARG C 123 21.42 13.01 -21.34
CA ARG C 123 21.95 12.18 -22.47
C ARG C 123 21.27 10.80 -22.48
N LEU C 124 20.82 10.35 -21.34
CA LEU C 124 20.15 9.02 -21.29
C LEU C 124 18.88 9.02 -22.15
N GLY C 125 18.33 10.17 -22.41
CA GLY C 125 17.10 10.23 -23.25
C GLY C 125 15.96 10.88 -22.45
N LEU C 126 14.84 11.12 -23.08
CA LEU C 126 13.70 11.75 -22.37
C LEU C 126 13.23 10.84 -21.21
N ASP C 127 12.74 9.68 -21.53
CA ASP C 127 12.27 8.75 -20.45
C ASP C 127 13.47 8.32 -19.58
N TYR C 128 13.36 7.19 -18.93
CA TYR C 128 14.49 6.72 -18.09
C TYR C 128 14.84 5.27 -18.44
N GLU C 129 14.64 4.33 -17.55
CA GLU C 129 14.97 2.91 -17.86
C GLU C 129 13.84 2.27 -18.67
N GLU C 130 12.64 2.73 -18.50
CA GLU C 130 11.48 2.15 -19.26
C GLU C 130 11.79 2.07 -20.77
N ARG C 131 12.41 3.08 -21.30
CA ARG C 131 12.73 3.06 -22.76
C ARG C 131 14.00 2.25 -23.06
N VAL C 132 15.02 2.43 -22.27
CA VAL C 132 16.30 1.68 -22.50
C VAL C 132 16.19 0.21 -22.08
N LEU C 133 15.23 -0.12 -21.25
CA LEU C 133 15.10 -1.53 -20.79
C LEU C 133 14.68 -2.48 -21.93
N PRO C 134 13.54 -2.22 -22.52
CA PRO C 134 13.03 -3.09 -23.61
C PRO C 134 13.84 -2.92 -24.90
N SER C 135 13.95 -1.72 -25.40
CA SER C 135 14.70 -1.50 -26.68
C SER C 135 16.06 -2.21 -26.67
N ILE C 136 16.97 -1.77 -25.83
CA ILE C 136 18.32 -2.41 -25.79
C ILE C 136 18.21 -3.94 -25.65
N VAL C 137 17.21 -4.41 -24.96
CA VAL C 137 17.06 -5.89 -24.79
C VAL C 137 16.42 -6.51 -26.04
N ASN C 138 15.23 -6.10 -26.38
CA ASN C 138 14.55 -6.65 -27.58
C ASN C 138 15.39 -6.42 -28.84
N GLU C 139 16.28 -5.47 -28.80
CA GLU C 139 17.13 -5.19 -30.01
C GLU C 139 18.27 -6.20 -30.10
N VAL C 140 19.19 -6.17 -29.17
CA VAL C 140 20.34 -7.12 -29.21
C VAL C 140 19.83 -8.56 -29.16
N LEU C 141 18.69 -8.78 -28.58
CA LEU C 141 18.13 -10.15 -28.50
C LEU C 141 17.73 -10.64 -29.89
N LYS C 142 17.19 -9.77 -30.70
CA LYS C 142 16.77 -10.17 -32.06
C LYS C 142 17.97 -10.23 -33.02
N SER C 143 18.98 -9.43 -32.77
CA SER C 143 20.18 -9.44 -33.67
C SER C 143 21.09 -10.62 -33.33
N VAL C 144 21.18 -10.98 -32.08
CA VAL C 144 22.06 -12.12 -31.69
C VAL C 144 21.36 -13.46 -31.97
N VAL C 145 20.10 -13.57 -31.66
CA VAL C 145 19.38 -14.85 -31.90
C VAL C 145 19.48 -15.26 -33.37
N ALA C 146 19.41 -14.31 -34.27
CA ALA C 146 19.49 -14.63 -35.72
C ALA C 146 20.86 -15.25 -36.04
N LYS C 147 21.88 -14.85 -35.33
CA LYS C 147 23.24 -15.41 -35.60
C LYS C 147 23.39 -16.79 -34.96
N PHE C 148 22.70 -17.03 -33.87
CA PHE C 148 22.82 -18.36 -33.19
C PHE C 148 21.92 -19.38 -33.89
N ASN C 149 22.16 -20.65 -33.66
CA ASN C 149 21.33 -21.70 -34.31
C ASN C 149 20.36 -22.30 -33.28
N ALA C 150 19.53 -23.21 -33.72
CA ALA C 150 18.56 -23.84 -32.77
C ALA C 150 19.25 -24.94 -31.94
N SER C 151 20.07 -25.74 -32.58
CA SER C 151 20.78 -26.82 -31.84
C SER C 151 21.68 -26.22 -30.77
N GLN C 152 22.50 -25.27 -31.13
CA GLN C 152 23.41 -24.64 -30.13
C GLN C 152 22.60 -24.00 -28.99
N LEU C 153 21.39 -23.61 -29.26
CA LEU C 153 20.54 -22.98 -28.21
C LEU C 153 20.06 -24.04 -27.22
N ILE C 154 19.40 -25.06 -27.71
CA ILE C 154 18.89 -26.14 -26.80
C ILE C 154 20.07 -26.80 -26.06
N THR C 155 21.24 -26.75 -26.62
CA THR C 155 22.41 -27.38 -25.94
C THR C 155 22.69 -26.68 -24.61
N GLN C 156 22.99 -25.40 -24.67
CA GLN C 156 23.27 -24.66 -23.41
C GLN C 156 22.72 -23.22 -23.50
N ARG C 157 21.73 -22.89 -22.72
CA ARG C 157 21.16 -21.52 -22.77
C ARG C 157 22.20 -20.50 -22.30
N ALA C 158 23.15 -20.92 -21.51
CA ALA C 158 24.19 -19.97 -21.02
C ALA C 158 25.25 -19.72 -22.09
N GLN C 159 25.48 -20.68 -22.96
CA GLN C 159 26.51 -20.50 -24.03
C GLN C 159 26.21 -19.24 -24.85
N VAL C 160 24.97 -18.85 -24.94
CA VAL C 160 24.62 -17.64 -25.73
C VAL C 160 24.90 -16.37 -24.91
N SER C 161 24.83 -16.47 -23.60
CA SER C 161 25.10 -15.28 -22.75
C SER C 161 26.54 -14.81 -22.92
N LEU C 162 27.42 -15.68 -23.34
CA LEU C 162 28.85 -15.28 -23.54
C LEU C 162 28.95 -14.21 -24.63
N LEU C 163 28.29 -14.42 -25.74
CA LEU C 163 28.35 -13.41 -26.84
C LEU C 163 27.58 -12.16 -26.43
N ILE C 164 26.45 -12.31 -25.80
CA ILE C 164 25.65 -11.13 -25.38
C ILE C 164 26.44 -10.31 -24.35
N ARG C 165 27.21 -10.97 -23.51
CA ARG C 165 28.00 -10.23 -22.49
C ARG C 165 28.90 -9.19 -23.14
N ARG C 166 29.34 -9.44 -24.35
CA ARG C 166 30.22 -8.46 -25.04
C ARG C 166 29.39 -7.33 -25.65
N GLU C 167 28.24 -7.65 -26.18
CA GLU C 167 27.37 -6.60 -26.79
C GLU C 167 26.60 -5.84 -25.71
N LEU C 168 26.33 -6.46 -24.59
CA LEU C 168 25.57 -5.77 -23.51
C LEU C 168 26.48 -4.79 -22.77
N THR C 169 27.74 -5.09 -22.67
CA THR C 169 28.67 -4.17 -21.95
C THR C 169 28.72 -2.81 -22.66
N GLU C 170 28.65 -2.80 -23.96
CA GLU C 170 28.69 -1.51 -24.70
C GLU C 170 27.32 -0.82 -24.68
N ARG C 171 26.27 -1.57 -24.90
CA ARG C 171 24.90 -0.96 -24.88
C ARG C 171 24.60 -0.38 -23.50
N ALA C 172 24.75 -1.16 -22.46
CA ALA C 172 24.46 -0.65 -21.10
C ALA C 172 25.35 0.56 -20.78
N LYS C 173 26.59 0.51 -21.20
CA LYS C 173 27.52 1.65 -20.92
C LYS C 173 27.25 2.80 -21.88
N ASP C 174 26.65 2.52 -23.01
CA ASP C 174 26.36 3.60 -24.00
C ASP C 174 25.48 4.69 -23.36
N PHE C 175 24.63 4.32 -22.44
CA PHE C 175 23.76 5.33 -21.78
C PHE C 175 24.49 6.01 -20.62
N SER C 176 25.37 5.30 -19.95
CA SER C 176 26.12 5.91 -18.82
C SER C 176 27.20 4.94 -18.32
N LEU C 177 27.77 5.22 -17.18
CA LEU C 177 28.83 4.31 -16.64
C LEU C 177 28.25 3.45 -15.52
N ILE C 178 28.11 2.16 -15.75
CA ILE C 178 27.54 1.27 -14.71
C ILE C 178 28.02 -0.17 -14.92
N LEU C 179 28.09 -0.94 -13.88
CA LEU C 179 28.55 -2.35 -14.01
C LEU C 179 27.34 -3.29 -13.99
N ASP C 180 27.04 -3.91 -15.10
CA ASP C 180 25.86 -4.83 -15.16
C ASP C 180 26.32 -6.27 -15.41
N ASP C 181 25.54 -7.22 -14.96
CA ASP C 181 25.91 -8.65 -15.18
C ASP C 181 25.11 -9.21 -16.36
N VAL C 182 25.69 -10.07 -17.14
CA VAL C 182 24.96 -10.62 -18.32
C VAL C 182 24.56 -12.07 -18.08
N ALA C 183 23.29 -12.31 -17.90
CA ALA C 183 22.78 -13.70 -17.69
C ALA C 183 21.29 -13.71 -18.00
N ILE C 184 20.75 -14.80 -18.46
CA ILE C 184 19.29 -14.80 -18.79
C ILE C 184 18.67 -16.19 -18.58
N THR C 185 17.39 -16.21 -18.27
CA THR C 185 16.69 -17.51 -18.10
C THR C 185 15.87 -17.74 -19.36
N GLU C 186 16.24 -18.70 -20.18
CA GLU C 186 15.49 -18.91 -21.45
C GLU C 186 15.24 -20.39 -21.74
N LEU C 187 14.17 -20.65 -22.45
CA LEU C 187 13.83 -22.03 -22.85
C LEU C 187 13.64 -22.04 -24.36
N SER C 188 14.17 -23.01 -25.05
CA SER C 188 14.03 -23.02 -26.53
C SER C 188 12.95 -23.99 -26.98
N PHE C 189 12.33 -23.71 -28.10
CA PHE C 189 11.25 -24.60 -28.62
C PHE C 189 11.78 -25.50 -29.75
N SER C 190 11.88 -26.78 -29.51
CA SER C 190 12.39 -27.70 -30.56
C SER C 190 13.73 -27.21 -31.11
N MET D 1 6.83 67.94 -6.31
CA MET D 1 5.44 67.96 -6.88
C MET D 1 4.44 68.41 -5.82
N ALA D 2 4.24 67.61 -4.81
CA ALA D 2 3.27 67.98 -3.74
C ALA D 2 3.73 67.43 -2.39
N GLN D 3 3.37 68.07 -1.31
CA GLN D 3 3.80 67.58 0.04
C GLN D 3 3.13 66.25 0.34
N ASN D 4 2.01 65.96 -0.29
CA ASN D 4 1.32 64.66 -0.02
C ASN D 4 2.24 63.48 -0.35
N LEU D 5 3.15 63.68 -1.25
CA LEU D 5 4.09 62.57 -1.63
C LEU D 5 4.95 62.18 -0.43
N LYS D 6 5.66 63.12 0.14
CA LYS D 6 6.53 62.80 1.31
C LYS D 6 5.66 62.48 2.53
N ASP D 7 4.51 63.08 2.62
CA ASP D 7 3.61 62.79 3.78
C ASP D 7 3.04 61.38 3.68
N LEU D 8 2.94 60.85 2.49
CA LEU D 8 2.38 59.47 2.33
C LEU D 8 3.24 58.46 3.10
N ALA D 9 4.48 58.78 3.35
CA ALA D 9 5.36 57.84 4.11
C ALA D 9 4.77 57.55 5.49
N GLY D 10 4.29 58.57 6.16
CA GLY D 10 3.70 58.36 7.52
C GLY D 10 2.29 57.77 7.38
N ARG D 11 1.67 57.95 6.24
CA ARG D 11 0.29 57.40 6.05
C ARG D 11 0.35 55.89 5.77
N LEU D 12 1.48 55.40 5.34
CA LEU D 12 1.59 53.94 5.04
C LEU D 12 1.26 53.11 6.28
N PRO D 13 1.95 53.35 7.36
CA PRO D 13 1.70 52.60 8.62
C PRO D 13 0.39 53.08 9.25
N ALA D 14 -0.28 52.19 9.96
CA ALA D 14 -1.57 52.58 10.60
C ALA D 14 -1.35 52.82 12.11
N GLY D 15 -0.42 53.67 12.45
CA GLY D 15 -0.16 53.95 13.89
C GLY D 15 0.94 53.01 14.40
N PRO D 16 1.30 53.21 15.65
CA PRO D 16 2.36 52.36 16.26
C PRO D 16 1.82 50.95 16.55
N ARG D 17 0.54 50.83 16.78
CA ARG D 17 -0.04 49.49 17.05
C ARG D 17 -0.12 48.67 15.76
N GLY D 18 -0.19 49.32 14.64
CA GLY D 18 -0.28 48.58 13.34
C GLY D 18 0.98 47.74 13.15
N MET D 19 2.10 48.20 13.64
CA MET D 19 3.36 47.41 13.50
C MET D 19 3.39 46.26 14.50
N GLY D 20 2.93 46.49 15.70
CA GLY D 20 2.93 45.42 16.72
C GLY D 20 1.97 44.30 16.29
N THR D 21 0.86 44.66 15.69
CA THR D 21 -0.11 43.62 15.24
C THR D 21 0.34 43.03 13.90
N ALA D 22 1.07 43.78 13.12
CA ALA D 22 1.53 43.26 11.79
C ALA D 22 2.38 42.00 11.98
N LEU D 23 3.09 41.92 13.08
CA LEU D 23 3.94 40.72 13.32
C LEU D 23 3.07 39.46 13.38
N LYS D 24 1.90 39.55 13.97
CA LYS D 24 1.01 38.37 14.07
C LYS D 24 0.72 37.82 12.66
N LEU D 25 0.71 38.67 11.68
CA LEU D 25 0.43 38.21 10.28
C LEU D 25 1.55 37.28 9.81
N LEU D 26 2.79 37.68 9.98
CA LEU D 26 3.92 36.81 9.54
C LEU D 26 3.88 35.47 10.26
N LEU D 27 3.33 35.44 11.45
CA LEU D 27 3.25 34.16 12.20
C LEU D 27 2.14 33.27 11.63
N GLY D 28 0.96 33.80 11.45
CA GLY D 28 -0.16 32.99 10.89
C GLY D 28 0.19 32.56 9.47
N ALA D 29 0.88 33.39 8.74
CA ALA D 29 1.24 33.03 7.34
C ALA D 29 2.11 31.76 7.32
N GLY D 30 2.88 31.55 8.36
CA GLY D 30 3.74 30.33 8.40
C GLY D 30 2.86 29.09 8.56
N ALA D 31 1.72 29.23 9.18
CA ALA D 31 0.83 28.05 9.37
C ALA D 31 0.06 27.76 8.07
N VAL D 32 -0.33 28.79 7.36
CA VAL D 32 -1.08 28.57 6.10
C VAL D 32 -0.16 27.94 5.03
N ALA D 33 1.10 28.25 5.07
CA ALA D 33 2.05 27.67 4.07
C ALA D 33 2.06 26.14 4.18
N TYR D 34 1.92 25.62 5.37
CA TYR D 34 1.91 24.14 5.53
C TYR D 34 0.77 23.52 4.72
N GLY D 35 -0.39 24.11 4.76
CA GLY D 35 -1.53 23.54 3.98
C GLY D 35 -1.17 23.52 2.50
N VAL D 36 -0.37 24.46 2.05
CA VAL D 36 0.03 24.49 0.61
C VAL D 36 1.16 23.48 0.36
N ARG D 37 1.96 23.23 1.35
CA ARG D 37 3.09 22.25 1.17
C ARG D 37 2.55 20.88 0.75
N GLU D 38 1.36 20.54 1.18
CA GLU D 38 0.80 19.21 0.81
C GLU D 38 0.27 19.23 -0.64
N SER D 39 -0.13 20.39 -1.15
CA SER D 39 -0.64 20.45 -2.57
C SER D 39 -0.32 21.80 -3.24
N VAL D 40 -0.09 21.80 -4.53
CA VAL D 40 0.22 23.09 -5.25
C VAL D 40 -0.17 22.98 -6.74
N PHE D 41 0.15 23.97 -7.55
CA PHE D 41 -0.21 23.91 -9.01
C PHE D 41 1.06 23.87 -9.90
N THR D 42 2.16 24.46 -9.46
CA THR D 42 3.40 24.43 -10.31
C THR D 42 3.70 22.99 -10.74
N VAL D 43 4.04 22.78 -11.99
CA VAL D 43 4.34 21.40 -12.44
C VAL D 43 5.67 20.94 -11.83
N GLU D 44 5.79 19.69 -11.46
CA GLU D 44 7.05 19.22 -10.82
C GLU D 44 7.58 17.91 -11.44
N GLY D 45 8.55 18.00 -12.30
CA GLY D 45 9.11 16.74 -12.91
C GLY D 45 9.12 16.84 -14.44
N GLY D 46 9.23 15.74 -15.12
CA GLY D 46 9.22 15.77 -16.62
C GLY D 46 7.83 15.37 -17.10
N HIS D 47 6.93 16.31 -17.16
CA HIS D 47 5.53 16.00 -17.59
C HIS D 47 4.86 17.24 -18.19
N ARG D 48 3.84 17.03 -18.98
CA ARG D 48 3.14 18.18 -19.65
C ARG D 48 1.86 18.55 -18.87
N ALA D 49 1.43 19.79 -18.93
CA ALA D 49 0.22 20.22 -18.14
C ALA D 49 -1.06 20.33 -18.98
N ILE D 50 -2.19 20.24 -18.31
CA ILE D 50 -3.53 20.27 -18.99
C ILE D 50 -4.43 21.38 -18.38
N PHE D 51 -5.37 21.91 -19.13
CA PHE D 51 -6.24 23.03 -18.58
C PHE D 51 -7.75 22.70 -18.63
N PHE D 52 -8.49 23.13 -17.63
CA PHE D 52 -9.98 22.89 -17.59
C PHE D 52 -10.66 23.87 -16.60
N ASN D 53 -11.92 24.18 -16.80
CA ASN D 53 -12.64 25.15 -15.88
C ASN D 53 -13.87 24.50 -15.19
N ARG D 54 -14.25 25.00 -14.03
CA ARG D 54 -15.44 24.43 -13.29
C ARG D 54 -16.62 24.21 -14.25
N ILE D 55 -16.71 25.00 -15.29
CA ILE D 55 -17.84 24.82 -16.26
C ILE D 55 -17.87 23.38 -16.78
N GLY D 56 -18.69 22.55 -16.18
CA GLY D 56 -18.77 21.13 -16.63
C GLY D 56 -17.48 20.40 -16.25
N GLY D 57 -17.39 19.14 -16.56
CA GLY D 57 -16.16 18.37 -16.20
C GLY D 57 -15.68 17.58 -17.42
N VAL D 58 -14.39 17.59 -17.67
CA VAL D 58 -13.87 16.84 -18.85
C VAL D 58 -12.45 16.31 -18.56
N GLN D 59 -11.62 17.09 -17.93
CA GLN D 59 -10.23 16.63 -17.63
C GLN D 59 -10.27 15.55 -16.54
N GLN D 60 -9.23 14.76 -16.42
CA GLN D 60 -9.21 13.69 -15.38
C GLN D 60 -7.82 13.05 -15.26
N ASP D 61 -7.17 12.81 -16.36
CA ASP D 61 -5.82 12.17 -16.29
C ASP D 61 -5.00 12.53 -17.55
N THR D 62 -4.13 13.50 -17.47
CA THR D 62 -3.33 13.88 -18.69
C THR D 62 -1.93 14.51 -18.33
N ILE D 63 -1.09 13.75 -17.62
CA ILE D 63 0.34 14.17 -17.21
C ILE D 63 0.54 15.65 -16.83
N LEU D 64 1.62 15.94 -16.08
CA LEU D 64 1.94 17.37 -15.67
C LEU D 64 3.12 17.47 -14.67
N ALA D 65 4.17 18.19 -15.03
CA ALA D 65 5.35 18.41 -14.10
C ALA D 65 6.58 18.97 -14.86
N GLU D 66 7.31 19.91 -14.25
CA GLU D 66 8.55 20.53 -14.89
C GLU D 66 8.74 22.02 -14.47
N GLY D 67 8.05 22.94 -15.11
CA GLY D 67 8.18 24.42 -14.79
C GLY D 67 7.02 24.89 -13.88
N LEU D 68 7.15 26.00 -13.20
CA LEU D 68 6.01 26.41 -12.30
C LEU D 68 5.04 27.38 -12.99
N HIS D 69 3.91 26.84 -13.40
CA HIS D 69 2.83 27.65 -14.04
C HIS D 69 1.55 26.80 -14.05
N PHE D 70 0.56 27.12 -13.25
CA PHE D 70 -0.69 26.28 -13.27
C PHE D 70 -1.70 26.78 -12.22
N ARG D 71 -2.93 26.35 -12.36
CA ARG D 71 -4.00 26.75 -11.38
C ARG D 71 -3.82 28.22 -10.93
N ILE D 72 -3.36 29.07 -11.81
CA ILE D 72 -3.14 30.50 -11.43
C ILE D 72 -4.48 31.27 -11.44
N PRO D 73 -5.18 31.24 -12.55
CA PRO D 73 -6.47 31.96 -12.65
C PRO D 73 -7.55 31.26 -11.82
N TRP D 74 -8.79 31.59 -12.05
CA TRP D 74 -9.88 30.93 -11.27
C TRP D 74 -10.67 29.95 -12.15
N PHE D 75 -10.65 30.14 -13.44
CA PHE D 75 -11.41 29.21 -14.34
C PHE D 75 -10.48 28.07 -14.81
N GLN D 76 -9.36 27.88 -14.17
CA GLN D 76 -8.45 26.77 -14.57
C GLN D 76 -8.32 25.76 -13.43
N TYR D 77 -8.06 24.52 -13.74
CA TYR D 77 -7.95 23.49 -12.66
C TYR D 77 -6.77 22.55 -12.92
N PRO D 78 -6.25 21.99 -11.86
CA PRO D 78 -5.13 21.07 -11.98
C PRO D 78 -5.60 19.61 -11.96
N ILE D 79 -5.54 18.95 -13.07
CA ILE D 79 -5.92 17.51 -13.15
C ILE D 79 -4.94 16.87 -14.14
N ILE D 80 -4.03 16.07 -13.65
CA ILE D 80 -3.01 15.46 -14.57
C ILE D 80 -2.81 13.96 -14.25
N TYR D 81 -2.40 13.21 -15.23
CA TYR D 81 -2.17 11.74 -15.04
C TYR D 81 -0.66 11.46 -14.90
N ASP D 82 -0.28 10.56 -14.01
CA ASP D 82 1.17 10.27 -13.86
C ASP D 82 1.52 8.95 -14.57
N ILE D 83 2.66 8.90 -15.21
CA ILE D 83 3.06 7.66 -15.94
C ILE D 83 3.24 6.50 -14.97
N ARG D 84 3.11 5.29 -15.46
CA ARG D 84 3.27 4.10 -14.58
C ARG D 84 3.21 2.81 -15.43
N ALA D 85 3.91 1.78 -15.02
CA ALA D 85 3.88 0.51 -15.80
C ALA D 85 2.45 0.05 -16.04
N ARG D 86 2.24 -0.83 -16.99
CA ARG D 86 0.86 -1.31 -17.28
C ARG D 86 0.88 -2.78 -17.73
N PRO D 87 0.37 -3.65 -16.88
CA PRO D 87 0.31 -5.08 -17.20
C PRO D 87 -1.09 -5.43 -17.70
N ARG D 88 -1.22 -5.76 -18.97
CA ARG D 88 -2.57 -6.08 -19.51
C ARG D 88 -2.42 -6.99 -20.76
N LYS D 89 -2.77 -8.27 -20.65
CA LYS D 89 -2.65 -9.21 -21.83
C LYS D 89 -3.55 -10.47 -21.64
N ILE D 90 -3.97 -11.10 -22.72
CA ILE D 90 -4.83 -12.33 -22.59
C ILE D 90 -4.49 -13.40 -23.63
N SER D 91 -4.77 -14.63 -23.30
CA SER D 91 -4.54 -15.74 -24.27
C SER D 91 -5.88 -16.13 -24.88
N SER D 92 -6.10 -15.84 -26.14
CA SER D 92 -7.40 -16.17 -26.77
C SER D 92 -7.27 -17.31 -27.79
N PRO D 93 -8.05 -18.35 -27.60
CA PRO D 93 -8.01 -19.50 -28.52
C PRO D 93 -9.18 -19.40 -29.52
N THR D 94 -8.88 -19.14 -30.77
CA THR D 94 -9.98 -19.02 -31.79
C THR D 94 -9.48 -19.49 -33.16
N GLY D 95 -10.25 -20.32 -33.83
CA GLY D 95 -9.83 -20.80 -35.17
C GLY D 95 -10.80 -20.30 -36.23
N SER D 96 -10.31 -19.83 -37.34
CA SER D 96 -11.21 -19.32 -38.41
C SER D 96 -10.49 -19.33 -39.76
N LYS D 97 -9.59 -20.25 -39.96
CA LYS D 97 -8.84 -20.32 -41.25
C LYS D 97 -8.06 -21.62 -41.34
N ASP D 98 -8.61 -22.69 -40.82
CA ASP D 98 -7.90 -24.00 -40.87
C ASP D 98 -8.85 -25.14 -40.48
N LEU D 99 -8.33 -26.28 -40.10
CA LEU D 99 -9.20 -27.41 -39.72
C LEU D 99 -9.07 -27.72 -38.21
N GLN D 100 -7.97 -27.34 -37.62
CA GLN D 100 -7.78 -27.59 -36.16
C GLN D 100 -8.11 -26.34 -35.35
N MET D 101 -7.57 -26.22 -34.17
CA MET D 101 -7.84 -25.01 -33.34
C MET D 101 -6.66 -24.05 -33.38
N VAL D 102 -6.91 -22.78 -33.52
CA VAL D 102 -5.81 -21.78 -33.56
C VAL D 102 -5.98 -20.76 -32.44
N ASN D 103 -4.90 -20.22 -31.93
CA ASN D 103 -5.01 -19.23 -30.83
C ASN D 103 -4.41 -17.89 -31.26
N ILE D 104 -4.94 -16.80 -30.76
CA ILE D 104 -4.40 -15.47 -31.15
C ILE D 104 -4.51 -14.51 -29.96
N SER D 105 -3.39 -14.02 -29.49
CA SER D 105 -3.42 -13.06 -28.34
C SER D 105 -2.53 -11.85 -28.67
N LEU D 106 -2.93 -10.68 -28.25
CA LEU D 106 -2.09 -9.47 -28.56
C LEU D 106 -2.41 -8.34 -27.58
N ARG D 107 -1.45 -7.49 -27.31
CA ARG D 107 -1.69 -6.37 -26.37
C ARG D 107 -1.01 -5.09 -26.88
N VAL D 108 -1.55 -3.94 -26.53
CA VAL D 108 -0.93 -2.67 -27.01
C VAL D 108 -0.26 -1.95 -25.82
N LEU D 109 0.76 -1.17 -26.10
CA LEU D 109 1.45 -0.44 -25.00
C LEU D 109 1.27 1.06 -25.16
N SER D 110 1.28 1.79 -24.08
CA SER D 110 1.13 3.27 -24.16
C SER D 110 2.39 3.97 -23.65
N ARG D 111 2.95 4.83 -24.44
CA ARG D 111 4.19 5.55 -24.00
C ARG D 111 3.97 7.06 -24.03
N PRO D 112 4.61 7.75 -23.11
CA PRO D 112 4.48 9.22 -23.03
C PRO D 112 5.26 9.89 -24.17
N ASN D 113 4.98 11.13 -24.45
CA ASN D 113 5.72 11.82 -25.55
C ASN D 113 5.64 13.35 -25.35
N ALA D 114 4.63 13.99 -25.87
CA ALA D 114 4.51 15.47 -25.71
C ALA D 114 3.17 15.96 -26.26
N GLN D 115 2.43 16.71 -25.47
CA GLN D 115 1.10 17.21 -25.93
C GLN D 115 0.24 16.07 -26.46
N GLU D 116 0.32 14.92 -25.83
CA GLU D 116 -0.50 13.77 -26.30
C GLU D 116 -1.68 13.53 -25.36
N LEU D 117 -1.56 13.94 -24.12
CA LEU D 117 -2.67 13.74 -23.16
C LEU D 117 -3.78 14.82 -23.31
N PRO D 118 -3.42 16.01 -23.70
CA PRO D 118 -4.44 17.10 -23.84
C PRO D 118 -5.37 16.88 -25.04
N SER D 119 -4.88 17.00 -26.24
CA SER D 119 -5.79 16.81 -27.42
C SER D 119 -6.44 15.42 -27.39
N MET D 120 -5.75 14.46 -26.83
CA MET D 120 -6.32 13.08 -26.76
C MET D 120 -7.30 12.96 -25.60
N TYR D 121 -7.24 13.85 -24.63
CA TYR D 121 -8.18 13.75 -23.48
C TYR D 121 -9.64 13.64 -23.97
N GLN D 122 -10.11 14.58 -24.74
CA GLN D 122 -11.52 14.50 -25.25
C GLN D 122 -11.61 13.56 -26.46
N ARG D 123 -10.55 13.43 -27.21
CA ARG D 123 -10.57 12.54 -28.40
C ARG D 123 -10.40 11.07 -28.00
N LEU D 124 -9.80 10.82 -26.87
CA LEU D 124 -9.60 9.41 -26.42
C LEU D 124 -10.95 8.75 -26.10
N GLY D 125 -11.95 9.53 -25.78
CA GLY D 125 -13.28 8.95 -25.47
C GLY D 125 -13.66 9.27 -24.02
N LEU D 126 -14.75 8.72 -23.55
CA LEU D 126 -15.18 8.99 -22.15
C LEU D 126 -14.17 8.38 -21.17
N ASP D 127 -14.08 7.08 -21.12
CA ASP D 127 -13.11 6.44 -20.18
C ASP D 127 -11.68 6.81 -20.58
N TYR D 128 -10.70 6.07 -20.10
CA TYR D 128 -9.29 6.38 -20.45
C TYR D 128 -8.73 5.28 -21.36
N GLU D 129 -7.79 4.49 -20.88
CA GLU D 129 -7.23 3.41 -21.74
C GLU D 129 -8.16 2.19 -21.75
N GLU D 130 -8.85 1.95 -20.67
CA GLU D 130 -9.77 0.77 -20.59
C GLU D 130 -10.66 0.68 -21.84
N ARG D 131 -10.92 1.80 -22.48
CA ARG D 131 -11.79 1.78 -23.69
C ARG D 131 -10.99 1.33 -24.92
N VAL D 132 -9.90 2.00 -25.21
CA VAL D 132 -9.09 1.66 -26.42
C VAL D 132 -8.18 0.46 -26.16
N LEU D 133 -7.89 0.13 -24.92
CA LEU D 133 -6.98 -1.02 -24.64
C LEU D 133 -7.58 -2.33 -25.14
N PRO D 134 -8.71 -2.72 -24.58
CA PRO D 134 -9.37 -3.99 -24.98
C PRO D 134 -10.00 -3.87 -26.37
N SER D 135 -10.25 -2.67 -26.83
CA SER D 135 -10.90 -2.51 -28.16
C SER D 135 -9.96 -2.92 -29.31
N ILE D 136 -8.87 -2.22 -29.49
CA ILE D 136 -7.94 -2.57 -30.61
C ILE D 136 -7.29 -3.95 -30.42
N VAL D 137 -6.94 -4.30 -29.21
CA VAL D 137 -6.28 -5.62 -29.00
C VAL D 137 -7.24 -6.77 -29.35
N ASN D 138 -8.47 -6.70 -28.92
CA ASN D 138 -9.43 -7.79 -29.22
C ASN D 138 -10.01 -7.64 -30.63
N GLU D 139 -9.93 -6.47 -31.20
CA GLU D 139 -10.49 -6.26 -32.57
C GLU D 139 -9.55 -6.82 -33.64
N VAL D 140 -8.39 -6.24 -33.80
CA VAL D 140 -7.43 -6.74 -34.82
C VAL D 140 -7.04 -8.19 -34.52
N LEU D 141 -7.16 -8.60 -33.29
CA LEU D 141 -6.78 -10.00 -32.92
C LEU D 141 -7.78 -10.99 -33.53
N LYS D 142 -9.05 -10.68 -33.47
CA LYS D 142 -10.07 -11.61 -34.03
C LYS D 142 -10.13 -11.47 -35.56
N SER D 143 -9.79 -10.33 -36.09
CA SER D 143 -9.84 -10.15 -37.57
C SER D 143 -8.59 -10.75 -38.22
N VAL D 144 -7.47 -10.69 -37.56
CA VAL D 144 -6.22 -11.26 -38.14
C VAL D 144 -6.18 -12.78 -37.97
N VAL D 145 -6.53 -13.27 -36.80
CA VAL D 145 -6.51 -14.75 -36.57
C VAL D 145 -7.30 -15.48 -37.68
N ALA D 146 -8.29 -14.83 -38.24
CA ALA D 146 -9.08 -15.48 -39.32
C ALA D 146 -8.35 -15.38 -40.65
N LYS D 147 -7.43 -14.44 -40.77
CA LYS D 147 -6.67 -14.30 -42.04
C LYS D 147 -5.54 -15.33 -42.11
N PHE D 148 -4.69 -15.35 -41.11
CA PHE D 148 -3.56 -16.32 -41.11
C PHE D 148 -4.10 -17.76 -40.96
N ASN D 149 -3.22 -18.73 -40.95
CA ASN D 149 -3.68 -20.14 -40.80
C ASN D 149 -3.19 -20.72 -39.47
N ALA D 150 -3.47 -21.97 -39.21
CA ALA D 150 -3.03 -22.60 -37.94
C ALA D 150 -1.56 -23.01 -38.03
N SER D 151 -1.23 -23.88 -38.96
CA SER D 151 0.18 -24.33 -39.10
C SER D 151 1.12 -23.12 -39.25
N GLN D 152 0.61 -22.03 -39.76
CA GLN D 152 1.47 -20.81 -39.93
C GLN D 152 1.68 -20.14 -38.57
N LEU D 153 0.70 -20.18 -37.72
CA LEU D 153 0.85 -19.55 -36.37
C LEU D 153 1.64 -20.47 -35.44
N ILE D 154 1.47 -21.76 -35.59
CA ILE D 154 2.20 -22.71 -34.71
C ILE D 154 3.71 -22.69 -35.04
N THR D 155 4.04 -22.39 -36.26
CA THR D 155 5.49 -22.36 -36.65
C THR D 155 6.24 -21.33 -35.79
N GLN D 156 5.65 -20.19 -35.56
CA GLN D 156 6.33 -19.15 -34.74
C GLN D 156 5.33 -18.06 -34.34
N ARG D 157 4.98 -17.99 -33.08
CA ARG D 157 4.01 -16.95 -32.62
C ARG D 157 4.50 -15.55 -33.01
N ALA D 158 5.78 -15.39 -33.24
CA ALA D 158 6.30 -14.05 -33.63
C ALA D 158 6.05 -13.77 -35.10
N GLN D 159 5.87 -14.81 -35.90
CA GLN D 159 5.62 -14.59 -37.36
C GLN D 159 4.31 -13.83 -37.56
N VAL D 160 3.23 -14.33 -37.05
CA VAL D 160 1.92 -13.64 -37.21
C VAL D 160 1.98 -12.22 -36.63
N SER D 161 2.85 -12.00 -35.69
CA SER D 161 2.96 -10.63 -35.08
C SER D 161 3.50 -9.63 -36.10
N LEU D 162 4.17 -10.11 -37.12
CA LEU D 162 4.74 -9.18 -38.14
C LEU D 162 3.62 -8.38 -38.81
N LEU D 163 2.63 -9.04 -39.34
CA LEU D 163 1.51 -8.31 -40.01
C LEU D 163 0.69 -7.53 -38.98
N ILE D 164 0.64 -8.01 -37.76
CA ILE D 164 -0.14 -7.29 -36.71
C ILE D 164 0.58 -6.00 -36.32
N ARG D 165 1.88 -5.98 -36.38
CA ARG D 165 2.64 -4.75 -36.01
C ARG D 165 2.24 -3.59 -36.93
N ARG D 166 1.92 -3.88 -38.17
CA ARG D 166 1.53 -2.80 -39.11
C ARG D 166 0.07 -2.40 -38.88
N GLU D 167 -0.75 -3.33 -38.45
CA GLU D 167 -2.18 -3.00 -38.21
C GLU D 167 -2.35 -2.30 -36.86
N LEU D 168 -1.56 -2.64 -35.90
CA LEU D 168 -1.66 -1.99 -34.56
C LEU D 168 -1.14 -0.56 -34.62
N THR D 169 -0.19 -0.30 -35.49
CA THR D 169 0.37 1.08 -35.60
C THR D 169 -0.70 2.05 -36.10
N GLU D 170 -1.44 1.66 -37.11
CA GLU D 170 -2.50 2.56 -37.65
C GLU D 170 -3.67 2.65 -36.66
N ARG D 171 -4.07 1.54 -36.11
CA ARG D 171 -5.21 1.56 -35.14
C ARG D 171 -4.84 2.35 -33.88
N ALA D 172 -3.69 2.07 -33.32
CA ALA D 172 -3.27 2.81 -32.09
C ALA D 172 -2.98 4.28 -32.43
N LYS D 173 -2.21 4.52 -33.46
CA LYS D 173 -1.89 5.92 -33.84
C LYS D 173 -3.17 6.69 -34.20
N ASP D 174 -4.21 5.99 -34.59
CA ASP D 174 -5.48 6.67 -34.95
C ASP D 174 -6.01 7.48 -33.75
N PHE D 175 -5.71 7.04 -32.55
CA PHE D 175 -6.20 7.79 -31.35
C PHE D 175 -5.28 8.98 -31.07
N SER D 176 -4.02 8.86 -31.41
CA SER D 176 -3.07 9.99 -31.17
C SER D 176 -1.71 9.67 -31.82
N LEU D 177 -0.75 10.54 -31.67
CA LEU D 177 0.58 10.29 -32.28
C LEU D 177 1.56 9.82 -31.19
N ILE D 178 1.95 8.57 -31.24
CA ILE D 178 2.90 8.04 -30.22
C ILE D 178 3.58 6.77 -30.73
N LEU D 179 4.75 6.47 -30.25
CA LEU D 179 5.46 5.24 -30.73
C LEU D 179 5.27 4.12 -29.70
N ASP D 180 4.52 3.12 -30.05
CA ASP D 180 4.27 1.98 -29.11
C ASP D 180 4.85 0.68 -29.65
N ASP D 181 5.19 -0.23 -28.78
CA ASP D 181 5.76 -1.53 -29.24
C ASP D 181 4.68 -2.61 -29.23
N VAL D 182 4.52 -3.32 -30.31
CA VAL D 182 3.46 -4.37 -30.38
C VAL D 182 4.06 -5.78 -30.29
N ALA D 183 3.81 -6.47 -29.20
CA ALA D 183 4.32 -7.85 -29.03
C ALA D 183 3.48 -8.57 -27.98
N ILE D 184 3.38 -9.87 -28.06
CA ILE D 184 2.54 -10.60 -27.07
C ILE D 184 2.96 -12.07 -26.98
N THR D 185 2.68 -12.70 -25.86
CA THR D 185 3.04 -14.13 -25.69
C THR D 185 1.80 -14.98 -26.00
N GLU D 186 1.81 -15.70 -27.08
CA GLU D 186 0.61 -16.51 -27.44
C GLU D 186 0.93 -18.01 -27.50
N LEU D 187 -0.06 -18.82 -27.24
CA LEU D 187 0.12 -20.28 -27.30
C LEU D 187 -1.01 -20.86 -28.16
N SER D 188 -0.70 -21.73 -29.08
CA SER D 188 -1.76 -22.27 -29.96
C SER D 188 -2.17 -23.69 -29.52
N PHE D 189 -3.40 -24.04 -29.74
CA PHE D 189 -3.89 -25.39 -29.33
C PHE D 189 -3.97 -26.32 -30.55
N SER D 190 -3.46 -27.51 -30.44
CA SER D 190 -3.51 -28.46 -31.59
C SER D 190 -4.19 -29.76 -31.18
N MET E 1 -31.13 60.86 3.36
CA MET E 1 -32.23 61.72 3.89
C MET E 1 -32.78 61.13 5.19
N ALA E 2 -31.91 60.65 6.04
CA ALA E 2 -32.38 60.06 7.34
C ALA E 2 -31.31 60.24 8.41
N GLN E 3 -31.70 60.65 9.59
CA GLN E 3 -30.70 60.85 10.69
C GLN E 3 -30.41 59.53 11.38
N ASN E 4 -31.31 58.58 11.32
CA ASN E 4 -31.08 57.27 11.98
C ASN E 4 -30.09 56.43 11.16
N LEU E 5 -30.06 56.64 9.87
CA LEU E 5 -29.13 55.85 9.00
C LEU E 5 -27.70 56.34 9.19
N LYS E 6 -27.51 57.62 9.36
CA LYS E 6 -26.14 58.17 9.55
C LYS E 6 -25.58 57.72 10.91
N ASP E 7 -26.43 57.52 11.87
CA ASP E 7 -25.95 57.08 13.22
C ASP E 7 -25.24 55.73 13.12
N LEU E 8 -25.65 54.90 12.20
CA LEU E 8 -25.00 53.57 12.04
C LEU E 8 -23.65 53.72 11.33
N ALA E 9 -23.53 54.71 10.49
CA ALA E 9 -22.24 54.92 9.78
C ALA E 9 -21.12 55.27 10.78
N GLY E 10 -21.48 55.89 11.87
CA GLY E 10 -20.45 56.25 12.88
C GLY E 10 -20.09 55.03 13.74
N ARG E 11 -20.95 54.04 13.76
CA ARG E 11 -20.65 52.82 14.58
C ARG E 11 -19.56 51.98 13.90
N LEU E 12 -19.46 52.06 12.61
CA LEU E 12 -18.41 51.26 11.89
C LEU E 12 -17.01 51.72 12.31
N PRO E 13 -16.73 52.99 12.11
CA PRO E 13 -15.41 53.55 12.48
C PRO E 13 -15.28 53.65 14.00
N ALA E 14 -16.38 53.80 14.70
CA ALA E 14 -16.32 53.90 16.18
C ALA E 14 -15.71 52.64 16.77
N GLY E 15 -14.80 52.79 17.71
CA GLY E 15 -14.16 51.59 18.33
C GLY E 15 -13.13 51.00 17.35
N PRO E 16 -11.98 51.60 17.32
CA PRO E 16 -10.90 51.12 16.43
C PRO E 16 -10.31 49.81 16.94
N ARG E 17 -10.51 49.50 18.20
CA ARG E 17 -9.96 48.23 18.76
C ARG E 17 -10.60 47.03 18.07
N GLY E 18 -11.82 47.16 17.63
CA GLY E 18 -12.50 46.02 16.95
C GLY E 18 -11.79 45.72 15.63
N MET E 19 -11.18 46.70 15.03
CA MET E 19 -10.47 46.48 13.73
C MET E 19 -9.11 45.81 13.99
N GLY E 20 -8.42 46.22 15.02
CA GLY E 20 -7.09 45.63 15.32
C GLY E 20 -7.27 44.16 15.68
N THR E 21 -8.12 43.86 16.62
CA THR E 21 -8.33 42.43 17.01
C THR E 21 -8.84 41.62 15.82
N ALA E 22 -9.48 42.26 14.87
CA ALA E 22 -9.99 41.52 13.68
C ALA E 22 -8.85 40.81 12.96
N LEU E 23 -7.64 41.29 13.09
CA LEU E 23 -6.49 40.64 12.42
C LEU E 23 -6.35 39.18 12.87
N LYS E 24 -6.53 38.93 14.15
CA LYS E 24 -6.42 37.53 14.66
C LYS E 24 -7.40 36.62 13.89
N LEU E 25 -8.50 37.17 13.45
CA LEU E 25 -9.50 36.35 12.70
C LEU E 25 -8.94 35.94 11.33
N LEU E 26 -8.39 36.88 10.60
CA LEU E 26 -7.84 36.55 9.25
C LEU E 26 -6.83 35.40 9.35
N LEU E 27 -5.88 35.52 10.24
CA LEU E 27 -4.86 34.43 10.38
C LEU E 27 -5.54 33.12 10.78
N GLY E 28 -6.69 33.20 11.39
CA GLY E 28 -7.41 31.95 11.80
C GLY E 28 -8.11 31.34 10.59
N ALA E 29 -8.58 32.17 9.68
CA ALA E 29 -9.27 31.63 8.48
C ALA E 29 -8.33 30.75 7.67
N GLY E 30 -7.05 31.03 7.71
CA GLY E 30 -6.07 30.20 6.95
C GLY E 30 -5.96 28.82 7.59
N ALA E 31 -6.11 28.75 8.89
CA ALA E 31 -6.02 27.43 9.59
C ALA E 31 -7.22 26.56 9.22
N VAL E 32 -8.40 27.13 9.23
CA VAL E 32 -9.62 26.33 8.89
C VAL E 32 -9.50 25.78 7.46
N ALA E 33 -8.70 26.40 6.64
CA ALA E 33 -8.55 25.91 5.24
C ALA E 33 -7.75 24.61 5.22
N TYR E 34 -6.86 24.44 6.15
CA TYR E 34 -6.03 23.20 6.19
C TYR E 34 -6.95 21.97 6.36
N GLY E 35 -7.87 22.03 7.27
CA GLY E 35 -8.79 20.88 7.49
C GLY E 35 -9.57 20.60 6.21
N VAL E 36 -9.87 21.63 5.45
CA VAL E 36 -10.64 21.43 4.18
C VAL E 36 -9.70 20.96 3.07
N ARG E 37 -8.46 21.35 3.13
CA ARG E 37 -7.49 20.94 2.07
C ARG E 37 -7.46 19.41 1.94
N GLU E 38 -7.72 18.70 3.01
CA GLU E 38 -7.71 17.22 2.95
C GLU E 38 -9.04 16.69 2.36
N SER E 39 -10.14 17.39 2.52
CA SER E 39 -11.44 16.90 1.97
C SER E 39 -12.28 18.03 1.34
N VAL E 40 -13.08 17.73 0.35
CA VAL E 40 -13.93 18.77 -0.32
C VAL E 40 -15.21 18.13 -0.90
N PHE E 41 -16.16 18.93 -1.37
CA PHE E 41 -17.41 18.33 -1.95
C PHE E 41 -17.53 18.63 -3.46
N THR E 42 -17.05 19.76 -3.93
CA THR E 42 -17.17 20.05 -5.41
C THR E 42 -16.49 18.93 -6.21
N VAL E 43 -17.25 18.19 -6.97
CA VAL E 43 -16.66 17.07 -7.78
C VAL E 43 -15.54 17.60 -8.67
N GLU E 44 -14.39 16.98 -8.60
CA GLU E 44 -13.25 17.43 -9.45
C GLU E 44 -13.51 17.05 -10.92
N GLY E 45 -12.49 16.73 -11.67
CA GLY E 45 -12.71 16.35 -13.09
C GLY E 45 -12.44 14.86 -13.29
N GLY E 46 -13.45 14.09 -13.63
CA GLY E 46 -13.24 12.63 -13.84
C GLY E 46 -14.09 11.82 -12.85
N HIS E 47 -15.10 12.43 -12.29
CA HIS E 47 -15.96 11.68 -11.33
C HIS E 47 -17.36 12.30 -11.26
N ARG E 48 -18.35 11.51 -10.94
CA ARG E 48 -19.75 12.01 -10.88
C ARG E 48 -20.26 12.11 -9.43
N ALA E 49 -21.24 12.96 -9.17
CA ALA E 49 -21.74 13.16 -7.75
C ALA E 49 -23.04 12.41 -7.42
N ILE E 50 -23.22 12.14 -6.14
CA ILE E 50 -24.44 11.43 -5.66
C ILE E 50 -24.96 12.12 -4.37
N PHE E 51 -26.25 12.05 -4.09
CA PHE E 51 -26.78 12.75 -2.88
C PHE E 51 -27.52 11.84 -1.89
N PHE E 52 -27.41 12.13 -0.61
CA PHE E 52 -28.12 11.33 0.43
C PHE E 52 -28.22 12.14 1.73
N ASN E 53 -29.21 11.88 2.54
CA ASN E 53 -29.36 12.64 3.82
C ASN E 53 -29.21 11.71 5.03
N ARG E 54 -28.75 12.23 6.15
CA ARG E 54 -28.58 11.37 7.37
C ARG E 54 -29.90 10.66 7.69
N ILE E 55 -29.92 9.86 8.73
CA ILE E 55 -31.17 9.13 9.09
C ILE E 55 -31.68 8.31 7.90
N GLY E 56 -31.27 7.07 7.81
CA GLY E 56 -31.72 6.22 6.67
C GLY E 56 -30.53 5.49 6.07
N GLY E 57 -30.73 4.77 4.99
CA GLY E 57 -29.60 4.04 4.35
C GLY E 57 -28.58 5.05 3.80
N VAL E 58 -27.98 4.74 2.69
CA VAL E 58 -26.96 5.68 2.10
C VAL E 58 -26.53 5.19 0.71
N GLN E 59 -26.19 6.09 -0.16
CA GLN E 59 -25.75 5.68 -1.52
C GLN E 59 -24.24 5.44 -1.54
N GLN E 60 -23.71 4.95 -2.64
CA GLN E 60 -22.24 4.68 -2.69
C GLN E 60 -21.78 4.40 -4.12
N ASP E 61 -22.25 3.33 -4.71
CA ASP E 61 -21.82 2.99 -6.10
C ASP E 61 -22.64 3.78 -7.14
N THR E 62 -22.53 5.09 -7.12
CA THR E 62 -23.31 5.90 -8.10
C THR E 62 -22.51 7.14 -8.57
N ILE E 63 -22.70 7.55 -9.80
CA ILE E 63 -21.98 8.73 -10.35
C ILE E 63 -22.78 9.39 -11.53
N LEU E 64 -23.08 10.69 -11.43
CA LEU E 64 -23.80 11.42 -12.55
C LEU E 64 -22.80 12.18 -13.47
N ALA E 65 -22.75 13.50 -13.42
CA ALA E 65 -21.77 14.27 -14.28
C ALA E 65 -20.99 15.30 -13.41
N GLU E 66 -20.35 16.30 -14.01
CA GLU E 66 -19.57 17.29 -13.16
C GLU E 66 -20.18 18.70 -13.20
N GLY E 67 -20.24 19.32 -12.05
CA GLY E 67 -20.80 20.71 -11.91
C GLY E 67 -20.28 21.25 -10.57
N LEU E 68 -20.24 22.55 -10.34
CA LEU E 68 -19.73 22.97 -9.00
C LEU E 68 -20.95 23.09 -8.08
N HIS E 69 -21.21 22.02 -7.34
CA HIS E 69 -22.36 21.95 -6.38
C HIS E 69 -22.21 20.71 -5.49
N PHE E 70 -22.11 20.83 -4.21
CA PHE E 70 -22.01 19.58 -3.38
C PHE E 70 -21.92 19.89 -1.89
N ARG E 71 -22.59 19.09 -1.10
CA ARG E 71 -22.55 19.28 0.39
C ARG E 71 -22.82 20.75 0.75
N ILE E 72 -23.62 21.43 -0.02
CA ILE E 72 -23.91 22.86 0.28
C ILE E 72 -25.02 22.99 1.33
N PRO E 73 -26.11 22.27 1.15
CA PRO E 73 -27.23 22.35 2.12
C PRO E 73 -26.87 21.62 3.42
N TRP E 74 -27.83 21.30 4.23
CA TRP E 74 -27.53 20.61 5.51
C TRP E 74 -27.93 19.12 5.45
N PHE E 75 -28.78 18.75 4.54
CA PHE E 75 -29.20 17.31 4.46
C PHE E 75 -28.47 16.62 3.30
N GLN E 76 -27.26 17.03 3.00
CA GLN E 76 -26.49 16.39 1.90
C GLN E 76 -25.25 15.70 2.46
N TYR E 77 -24.78 14.68 1.80
CA TYR E 77 -23.58 13.93 2.31
C TYR E 77 -22.60 13.63 1.17
N PRO E 78 -21.35 13.48 1.52
CA PRO E 78 -20.32 13.18 0.51
C PRO E 78 -20.01 11.68 0.44
N ILE E 79 -20.45 11.06 -0.62
CA ILE E 79 -20.19 9.60 -0.84
C ILE E 79 -20.36 9.36 -2.35
N ILE E 80 -19.29 9.11 -3.07
CA ILE E 80 -19.43 8.93 -4.56
C ILE E 80 -18.74 7.65 -5.08
N TYR E 81 -19.16 7.19 -6.24
CA TYR E 81 -18.59 5.94 -6.83
C TYR E 81 -17.50 6.29 -7.85
N ASP E 82 -16.32 5.74 -7.68
CA ASP E 82 -15.22 6.03 -8.64
C ASP E 82 -14.92 4.78 -9.48
N ILE E 83 -14.43 4.97 -10.68
CA ILE E 83 -14.13 3.80 -11.56
C ILE E 83 -12.80 3.16 -11.13
N ARG E 84 -12.64 1.89 -11.39
CA ARG E 84 -11.37 1.19 -11.01
C ARG E 84 -11.32 -0.20 -11.63
N ALA E 85 -10.15 -0.78 -11.75
CA ALA E 85 -10.04 -2.14 -12.34
C ALA E 85 -10.89 -3.14 -11.54
N ARG E 86 -11.13 -4.30 -12.08
CA ARG E 86 -11.96 -5.31 -11.35
C ARG E 86 -11.57 -6.73 -11.77
N PRO E 87 -11.18 -7.53 -10.81
CA PRO E 87 -10.80 -8.93 -11.09
C PRO E 87 -11.97 -9.86 -10.79
N ARG E 88 -12.55 -10.45 -11.79
CA ARG E 88 -13.72 -11.36 -11.57
C ARG E 88 -13.86 -12.33 -12.77
N LYS E 89 -13.60 -13.61 -12.56
CA LYS E 89 -13.69 -14.62 -13.69
C LYS E 89 -14.29 -15.95 -13.19
N ILE E 90 -14.85 -16.75 -14.08
CA ILE E 90 -15.49 -18.04 -13.66
C ILE E 90 -14.60 -19.27 -13.92
N SER E 91 -14.84 -20.31 -13.17
CA SER E 91 -14.10 -21.58 -13.36
C SER E 91 -14.92 -22.71 -12.74
N SER E 92 -15.51 -23.56 -13.54
CA SER E 92 -16.33 -24.67 -12.99
C SER E 92 -16.53 -25.79 -14.03
N PRO E 93 -16.62 -27.00 -13.54
CA PRO E 93 -16.83 -28.17 -14.42
C PRO E 93 -18.31 -28.55 -14.42
N THR E 94 -18.99 -28.42 -15.52
CA THR E 94 -20.44 -28.78 -15.57
C THR E 94 -20.75 -29.67 -16.77
N GLY E 95 -21.75 -30.50 -16.64
CA GLY E 95 -22.13 -31.40 -17.76
C GLY E 95 -23.59 -31.84 -17.60
N SER E 96 -24.46 -31.39 -18.46
CA SER E 96 -25.89 -31.78 -18.34
C SER E 96 -26.49 -32.09 -19.72
N LYS E 97 -26.46 -31.14 -20.62
CA LYS E 97 -27.02 -31.38 -21.98
C LYS E 97 -26.32 -32.56 -22.65
N ASP E 98 -25.10 -32.84 -22.26
CA ASP E 98 -24.36 -33.98 -22.88
C ASP E 98 -23.48 -34.66 -21.83
N LEU E 99 -22.99 -35.84 -22.14
CA LEU E 99 -22.11 -36.56 -21.16
C LEU E 99 -20.74 -35.89 -21.09
N GLN E 100 -19.72 -36.63 -20.74
CA GLN E 100 -18.35 -36.03 -20.64
C GLN E 100 -18.36 -34.82 -19.70
N MET E 101 -17.22 -34.21 -19.50
CA MET E 101 -17.17 -33.02 -18.59
C MET E 101 -16.97 -31.74 -19.40
N VAL E 102 -17.93 -30.86 -19.37
CA VAL E 102 -17.81 -29.58 -20.13
C VAL E 102 -17.47 -28.45 -19.16
N ASN E 103 -16.57 -27.59 -19.53
CA ASN E 103 -16.19 -26.46 -18.62
C ASN E 103 -16.51 -25.12 -19.28
N ILE E 104 -17.30 -24.30 -18.63
CA ILE E 104 -17.64 -22.97 -19.20
C ILE E 104 -17.38 -21.88 -18.16
N SER E 105 -16.69 -20.84 -18.53
CA SER E 105 -16.40 -19.75 -17.56
C SER E 105 -16.36 -18.40 -18.30
N LEU E 106 -17.14 -17.44 -17.83
CA LEU E 106 -17.16 -16.10 -18.49
C LEU E 106 -16.94 -14.99 -17.47
N ARG E 107 -16.38 -13.88 -17.88
CA ARG E 107 -16.15 -12.76 -16.93
C ARG E 107 -16.93 -11.52 -17.38
N VAL E 108 -17.35 -10.70 -16.45
CA VAL E 108 -18.13 -9.47 -16.82
C VAL E 108 -17.39 -8.22 -16.34
N LEU E 109 -17.58 -7.12 -17.03
CA LEU E 109 -16.90 -5.85 -16.62
C LEU E 109 -17.94 -4.79 -16.25
N SER E 110 -17.59 -3.88 -15.38
CA SER E 110 -18.55 -2.82 -14.97
C SER E 110 -18.01 -1.45 -15.36
N ARG E 111 -18.75 -0.70 -16.15
CA ARG E 111 -18.28 0.65 -16.57
C ARG E 111 -19.46 1.62 -16.65
N PRO E 112 -19.49 2.57 -15.73
CA PRO E 112 -20.59 3.56 -15.71
C PRO E 112 -20.42 4.55 -16.87
N ASN E 113 -20.82 4.18 -18.06
CA ASN E 113 -20.68 5.10 -19.22
C ASN E 113 -21.92 5.97 -19.37
N ALA E 114 -22.37 6.58 -18.29
CA ALA E 114 -23.57 7.46 -18.37
C ALA E 114 -23.77 8.20 -17.04
N GLN E 115 -24.92 8.77 -16.84
CA GLN E 115 -25.18 9.52 -15.57
C GLN E 115 -26.41 8.95 -14.86
N GLU E 116 -26.99 9.69 -13.96
CA GLU E 116 -28.20 9.21 -13.22
C GLU E 116 -27.94 7.84 -12.59
N LEU E 117 -26.91 7.73 -11.79
CA LEU E 117 -26.61 6.41 -11.15
C LEU E 117 -27.50 6.15 -9.91
N PRO E 118 -27.85 7.20 -9.18
CA PRO E 118 -28.69 7.01 -7.96
C PRO E 118 -30.13 6.62 -8.31
N SER E 119 -30.58 6.87 -9.51
CA SER E 119 -31.99 6.50 -9.86
C SER E 119 -32.18 4.99 -9.68
N MET E 120 -31.51 4.21 -10.47
CA MET E 120 -31.66 2.72 -10.37
C MET E 120 -30.80 2.15 -9.23
N TYR E 121 -29.81 2.89 -8.77
CA TYR E 121 -28.93 2.36 -7.68
C TYR E 121 -29.74 1.74 -6.54
N GLN E 122 -30.58 2.49 -5.88
CA GLN E 122 -31.37 1.88 -4.75
C GLN E 122 -32.03 0.59 -5.24
N ARG E 123 -32.42 0.56 -6.49
CA ARG E 123 -33.03 -0.67 -7.06
C ARG E 123 -31.91 -1.66 -7.44
N LEU E 124 -30.76 -1.14 -7.77
CA LEU E 124 -29.61 -2.00 -8.16
C LEU E 124 -29.19 -2.88 -6.97
N GLY E 125 -29.41 -2.40 -5.78
CA GLY E 125 -29.02 -3.21 -4.57
C GLY E 125 -27.70 -2.69 -4.01
N LEU E 126 -27.28 -3.21 -2.88
CA LEU E 126 -26.01 -2.75 -2.27
C LEU E 126 -24.85 -3.68 -2.68
N ASP E 127 -25.15 -4.91 -3.03
CA ASP E 127 -24.08 -5.85 -3.43
C ASP E 127 -24.05 -6.00 -4.96
N TYR E 128 -23.50 -5.05 -5.64
CA TYR E 128 -23.43 -5.12 -7.13
C TYR E 128 -22.28 -6.03 -7.56
N GLU E 129 -21.06 -5.55 -7.45
CA GLU E 129 -19.89 -6.39 -7.85
C GLU E 129 -19.87 -7.68 -7.03
N GLU E 130 -20.47 -7.70 -5.88
CA GLU E 130 -20.48 -8.94 -5.05
C GLU E 130 -21.56 -9.91 -5.52
N ARG E 131 -22.81 -9.55 -5.36
CA ARG E 131 -23.92 -10.47 -5.78
C ARG E 131 -24.25 -10.35 -7.27
N VAL E 132 -24.69 -9.19 -7.70
CA VAL E 132 -25.09 -9.00 -9.12
C VAL E 132 -24.03 -9.48 -10.12
N LEU E 133 -22.79 -9.61 -9.72
CA LEU E 133 -21.76 -10.07 -10.71
C LEU E 133 -21.78 -11.60 -10.88
N PRO E 134 -21.51 -12.33 -9.82
CA PRO E 134 -21.51 -13.82 -9.91
C PRO E 134 -22.94 -14.36 -10.00
N SER E 135 -23.91 -13.60 -9.56
CA SER E 135 -25.31 -14.09 -9.60
C SER E 135 -25.88 -14.02 -11.03
N ILE E 136 -25.61 -12.96 -11.74
CA ILE E 136 -26.15 -12.84 -13.13
C ILE E 136 -25.37 -13.74 -14.08
N VAL E 137 -24.08 -13.85 -13.90
CA VAL E 137 -23.26 -14.71 -14.82
C VAL E 137 -23.45 -16.18 -14.48
N ASN E 138 -23.50 -16.53 -13.22
CA ASN E 138 -23.68 -17.96 -12.85
C ASN E 138 -25.08 -18.44 -13.25
N GLU E 139 -26.09 -17.68 -12.94
CA GLU E 139 -27.48 -18.10 -13.31
C GLU E 139 -27.59 -18.24 -14.83
N VAL E 140 -26.99 -17.34 -15.56
CA VAL E 140 -27.06 -17.43 -17.05
C VAL E 140 -26.06 -18.46 -17.58
N LEU E 141 -24.97 -18.65 -16.87
CA LEU E 141 -23.94 -19.64 -17.33
C LEU E 141 -24.46 -21.07 -17.10
N LYS E 142 -24.60 -21.45 -15.86
CA LYS E 142 -25.09 -22.84 -15.56
C LYS E 142 -26.39 -23.14 -16.31
N SER E 143 -27.12 -22.12 -16.67
CA SER E 143 -28.40 -22.34 -17.42
C SER E 143 -28.11 -22.62 -18.89
N VAL E 144 -27.20 -21.89 -19.49
CA VAL E 144 -26.88 -22.13 -20.92
C VAL E 144 -26.09 -23.42 -21.07
N VAL E 145 -25.36 -23.81 -20.07
CA VAL E 145 -24.56 -25.08 -20.15
C VAL E 145 -25.50 -26.25 -20.45
N ALA E 146 -26.65 -26.27 -19.83
CA ALA E 146 -27.61 -27.38 -20.07
C ALA E 146 -28.37 -27.16 -21.39
N LYS E 147 -28.39 -25.96 -21.88
CA LYS E 147 -29.13 -25.67 -23.15
C LYS E 147 -28.32 -26.14 -24.37
N PHE E 148 -27.16 -25.56 -24.58
CA PHE E 148 -26.33 -25.96 -25.76
C PHE E 148 -25.69 -27.34 -25.53
N ASN E 149 -25.27 -27.98 -26.59
CA ASN E 149 -24.64 -29.33 -26.43
C ASN E 149 -23.14 -29.18 -26.14
N ALA E 150 -22.50 -30.25 -25.76
CA ALA E 150 -21.04 -30.18 -25.43
C ALA E 150 -20.20 -30.22 -26.72
N SER E 151 -20.55 -31.08 -27.64
CA SER E 151 -19.77 -31.17 -28.91
C SER E 151 -19.61 -29.79 -29.55
N GLN E 152 -20.54 -28.92 -29.32
CA GLN E 152 -20.45 -27.54 -29.91
C GLN E 152 -19.49 -26.67 -29.09
N LEU E 153 -19.27 -27.02 -27.84
CA LEU E 153 -18.35 -26.22 -26.99
C LEU E 153 -16.93 -26.24 -27.57
N ILE E 154 -16.36 -27.41 -27.72
CA ILE E 154 -14.98 -27.50 -28.27
C ILE E 154 -14.93 -26.96 -29.71
N THR E 155 -16.06 -26.91 -30.38
CA THR E 155 -16.08 -26.40 -31.77
C THR E 155 -15.53 -24.96 -31.82
N GLN E 156 -16.08 -24.09 -31.01
CA GLN E 156 -15.59 -22.68 -31.00
C GLN E 156 -16.16 -21.94 -29.79
N ARG E 157 -15.30 -21.47 -28.93
CA ARG E 157 -15.78 -20.73 -27.73
C ARG E 157 -16.58 -19.49 -28.14
N ALA E 158 -16.39 -19.03 -29.35
CA ALA E 158 -17.14 -17.83 -29.82
C ALA E 158 -18.60 -18.18 -30.11
N GLN E 159 -18.85 -19.38 -30.56
CA GLN E 159 -20.25 -19.79 -30.86
C GLN E 159 -21.12 -19.69 -29.61
N VAL E 160 -20.66 -20.23 -28.51
CA VAL E 160 -21.46 -20.16 -27.26
C VAL E 160 -21.32 -18.77 -26.62
N SER E 161 -20.22 -18.11 -26.85
CA SER E 161 -20.03 -16.75 -26.26
C SER E 161 -21.15 -15.82 -26.70
N LEU E 162 -21.53 -15.88 -27.96
CA LEU E 162 -22.62 -15.00 -28.45
C LEU E 162 -23.96 -15.44 -27.86
N LEU E 163 -24.10 -16.70 -27.58
CA LEU E 163 -25.38 -17.20 -27.00
C LEU E 163 -25.54 -16.70 -25.56
N ILE E 164 -24.62 -17.04 -24.69
CA ILE E 164 -24.72 -16.58 -23.28
C ILE E 164 -24.68 -15.05 -23.22
N ARG E 165 -23.97 -14.43 -24.12
CA ARG E 165 -23.89 -12.93 -24.12
C ARG E 165 -25.23 -12.34 -24.55
N ARG E 166 -25.99 -13.06 -25.32
CA ARG E 166 -27.31 -12.54 -25.78
C ARG E 166 -28.22 -12.31 -24.57
N GLU E 167 -28.25 -13.24 -23.64
CA GLU E 167 -29.10 -13.08 -22.44
C GLU E 167 -28.41 -12.17 -21.42
N LEU E 168 -27.11 -12.08 -21.46
CA LEU E 168 -26.39 -11.21 -20.50
C LEU E 168 -26.59 -9.73 -20.85
N THR E 169 -26.63 -9.43 -22.13
CA THR E 169 -26.83 -8.02 -22.55
C THR E 169 -28.16 -7.48 -22.00
N GLU E 170 -29.18 -8.29 -22.00
CA GLU E 170 -30.50 -7.85 -21.48
C GLU E 170 -30.50 -7.86 -19.95
N ARG E 171 -29.79 -8.80 -19.36
CA ARG E 171 -29.73 -8.87 -17.87
C ARG E 171 -28.76 -7.83 -17.32
N ALA E 172 -27.79 -7.44 -18.11
CA ALA E 172 -26.80 -6.43 -17.63
C ALA E 172 -27.47 -5.07 -17.43
N LYS E 173 -28.27 -4.66 -18.38
CA LYS E 173 -28.96 -3.34 -18.24
C LYS E 173 -30.15 -3.46 -17.28
N ASP E 174 -30.64 -4.65 -17.05
CA ASP E 174 -31.79 -4.84 -16.13
C ASP E 174 -31.46 -4.27 -14.74
N PHE E 175 -30.20 -4.25 -14.38
CA PHE E 175 -29.82 -3.70 -13.04
C PHE E 175 -29.59 -2.19 -13.14
N SER E 176 -28.98 -1.74 -14.20
CA SER E 176 -28.72 -0.28 -14.35
C SER E 176 -28.24 0.01 -15.78
N LEU E 177 -27.91 1.24 -16.08
CA LEU E 177 -27.43 1.56 -17.45
C LEU E 177 -25.91 1.71 -17.47
N ILE E 178 -25.23 0.77 -18.07
CA ILE E 178 -23.73 0.86 -18.12
C ILE E 178 -23.22 0.08 -19.35
N LEU E 179 -22.10 0.48 -19.88
CA LEU E 179 -21.54 -0.23 -21.07
C LEU E 179 -20.33 -1.07 -20.64
N ASP E 180 -20.31 -2.33 -21.00
CA ASP E 180 -19.17 -3.19 -20.60
C ASP E 180 -18.97 -4.33 -21.62
N ASP E 181 -17.76 -4.81 -21.75
CA ASP E 181 -17.50 -5.92 -22.71
C ASP E 181 -17.39 -7.24 -21.96
N VAL E 182 -17.95 -8.29 -22.52
CA VAL E 182 -17.89 -9.62 -21.83
C VAL E 182 -17.21 -10.66 -22.72
N ALA E 183 -16.54 -11.61 -22.13
CA ALA E 183 -15.85 -12.67 -22.93
C ALA E 183 -15.63 -13.90 -22.05
N ILE E 184 -15.57 -15.06 -22.65
CA ILE E 184 -15.36 -16.30 -21.85
C ILE E 184 -13.98 -16.90 -22.10
N THR E 185 -13.11 -16.86 -21.12
CA THR E 185 -11.76 -17.48 -21.32
C THR E 185 -11.66 -18.76 -20.49
N GLU E 186 -11.78 -19.89 -21.11
CA GLU E 186 -11.68 -21.17 -20.36
C GLU E 186 -11.54 -22.36 -21.33
N LEU E 187 -10.66 -23.29 -21.06
CA LEU E 187 -10.58 -24.48 -21.96
C LEU E 187 -10.07 -25.69 -21.17
N SER E 188 -10.96 -26.57 -20.82
CA SER E 188 -10.55 -27.81 -20.08
C SER E 188 -11.70 -28.82 -20.10
N PHE E 189 -11.56 -29.90 -20.80
CA PHE E 189 -12.67 -30.90 -20.82
C PHE E 189 -12.16 -32.27 -21.29
N SER E 190 -12.76 -33.33 -20.84
CA SER E 190 -12.31 -34.69 -21.26
C SER E 190 -13.51 -35.61 -21.47
N MET F 1 -39.57 41.02 42.97
CA MET F 1 -38.96 39.70 43.32
C MET F 1 -38.22 39.12 42.12
N ALA F 2 -37.67 39.96 41.29
CA ALA F 2 -36.93 39.45 40.09
C ALA F 2 -35.64 40.24 39.88
N GLN F 3 -34.86 40.39 40.92
CA GLN F 3 -33.58 41.16 40.79
C GLN F 3 -32.59 40.36 39.94
N ASN F 4 -32.69 39.07 39.94
CA ASN F 4 -31.75 38.24 39.13
C ASN F 4 -32.04 38.41 37.64
N LEU F 5 -33.28 38.63 37.28
CA LEU F 5 -33.63 38.81 35.84
C LEU F 5 -33.11 40.16 35.34
N LYS F 6 -33.17 41.17 36.17
CA LYS F 6 -32.68 42.51 35.75
C LYS F 6 -31.15 42.52 35.68
N ASP F 7 -30.50 41.81 36.55
CA ASP F 7 -29.01 41.77 36.55
C ASP F 7 -28.52 40.80 35.46
N LEU F 8 -29.29 39.78 35.16
CA LEU F 8 -28.87 38.82 34.11
C LEU F 8 -28.79 39.51 32.75
N ALA F 9 -29.80 40.26 32.40
CA ALA F 9 -29.78 40.96 31.08
C ALA F 9 -28.64 41.96 31.03
N GLY F 10 -28.26 42.51 32.15
CA GLY F 10 -27.14 43.50 32.18
C GLY F 10 -25.80 42.75 32.14
N ARG F 11 -25.79 41.50 32.53
CA ARG F 11 -24.50 40.74 32.51
C ARG F 11 -24.14 40.34 31.08
N LEU F 12 -25.10 40.22 30.21
CA LEU F 12 -24.80 39.84 28.80
C LEU F 12 -23.94 40.91 28.13
N PRO F 13 -24.43 42.13 28.10
CA PRO F 13 -23.67 43.24 27.47
C PRO F 13 -22.50 43.64 28.37
N ALA F 14 -21.56 42.75 28.58
CA ALA F 14 -20.38 43.08 29.43
C ALA F 14 -19.43 44.01 28.67
N GLY F 15 -18.31 44.32 29.26
CA GLY F 15 -17.33 45.22 28.59
C GLY F 15 -16.79 44.53 27.33
N PRO F 16 -16.23 45.32 26.44
CA PRO F 16 -15.67 44.78 25.19
C PRO F 16 -14.38 44.00 25.47
N ARG F 17 -13.78 44.21 26.61
CA ARG F 17 -12.52 43.47 26.93
C ARG F 17 -12.77 41.97 26.96
N GLY F 18 -13.76 41.54 27.70
CA GLY F 18 -14.06 40.08 27.77
C GLY F 18 -14.58 39.59 26.42
N MET F 19 -15.20 40.47 25.66
CA MET F 19 -15.74 40.05 24.32
C MET F 19 -14.59 39.92 23.33
N GLY F 20 -13.54 40.69 23.49
CA GLY F 20 -12.39 40.60 22.56
C GLY F 20 -11.74 39.23 22.67
N THR F 21 -11.66 38.69 23.85
CA THR F 21 -11.04 37.35 24.02
C THR F 21 -11.94 36.25 23.43
N ALA F 22 -13.23 36.51 23.37
CA ALA F 22 -14.16 35.49 22.81
C ALA F 22 -13.79 35.17 21.36
N LEU F 23 -13.15 36.08 20.67
CA LEU F 23 -12.76 35.82 19.26
C LEU F 23 -11.76 34.67 19.19
N LYS F 24 -10.79 34.66 20.06
CA LYS F 24 -9.78 33.55 20.06
C LYS F 24 -10.48 32.19 20.08
N LEU F 25 -11.60 32.10 20.76
CA LEU F 25 -12.34 30.81 20.83
C LEU F 25 -12.83 30.41 19.43
N LEU F 26 -13.49 31.31 18.75
CA LEU F 26 -14.00 30.98 17.38
C LEU F 26 -12.86 30.56 16.48
N LEU F 27 -11.67 31.06 16.72
CA LEU F 27 -10.51 30.69 15.87
C LEU F 27 -9.94 29.34 16.30
N GLY F 28 -9.83 29.11 17.58
CA GLY F 28 -9.29 27.81 18.07
C GLY F 28 -10.31 26.70 17.80
N ALA F 29 -11.57 27.04 17.77
CA ALA F 29 -12.61 26.00 17.51
C ALA F 29 -12.39 25.34 16.15
N GLY F 30 -11.95 26.10 15.18
CA GLY F 30 -11.70 25.52 13.83
C GLY F 30 -10.55 24.52 13.90
N ALA F 31 -9.63 24.72 14.81
CA ALA F 31 -8.48 23.78 14.93
C ALA F 31 -8.94 22.46 15.57
N VAL F 32 -9.85 22.53 16.51
CA VAL F 32 -10.34 21.28 17.17
C VAL F 32 -11.09 20.40 16.15
N ALA F 33 -11.65 21.00 15.13
CA ALA F 33 -12.39 20.21 14.11
C ALA F 33 -11.41 19.37 13.28
N TYR F 34 -10.20 19.83 13.13
CA TYR F 34 -9.20 19.07 12.33
C TYR F 34 -8.95 17.69 12.97
N GLY F 35 -8.76 17.66 14.26
CA GLY F 35 -8.52 16.35 14.95
C GLY F 35 -9.74 15.44 14.74
N VAL F 36 -10.91 16.01 14.73
CA VAL F 36 -12.14 15.18 14.53
C VAL F 36 -12.32 14.87 13.05
N ARG F 37 -11.88 15.74 12.19
CA ARG F 37 -12.02 15.50 10.72
C ARG F 37 -11.37 14.17 10.32
N GLU F 38 -10.35 13.77 11.03
CA GLU F 38 -9.66 12.49 10.69
C GLU F 38 -10.48 11.28 11.22
N SER F 39 -11.24 11.45 12.29
CA SER F 39 -12.04 10.30 12.82
C SER F 39 -13.38 10.77 13.44
N VAL F 40 -14.40 9.93 13.39
CA VAL F 40 -15.74 10.30 13.98
C VAL F 40 -16.52 9.03 14.37
N PHE F 41 -17.76 9.17 14.81
CA PHE F 41 -18.54 7.95 15.20
C PHE F 41 -19.75 7.74 14.26
N THR F 42 -20.48 8.79 13.92
CA THR F 42 -21.67 8.60 13.02
C THR F 42 -21.29 7.77 11.79
N VAL F 43 -21.84 6.58 11.69
CA VAL F 43 -21.52 5.71 10.52
C VAL F 43 -21.73 6.47 9.21
N GLU F 44 -20.68 6.83 8.54
CA GLU F 44 -20.81 7.60 7.26
C GLU F 44 -21.74 6.85 6.29
N GLY F 45 -21.25 5.82 5.66
CA GLY F 45 -22.10 5.06 4.70
C GLY F 45 -21.40 3.76 4.30
N GLY F 46 -22.14 2.82 3.78
CA GLY F 46 -21.52 1.53 3.36
C GLY F 46 -20.88 0.85 4.58
N HIS F 47 -21.29 1.21 5.77
CA HIS F 47 -20.70 0.60 6.98
C HIS F 47 -21.74 0.52 8.10
N ARG F 48 -21.60 -0.42 8.98
CA ARG F 48 -22.57 -0.62 10.09
C ARG F 48 -21.91 -0.27 11.47
N ALA F 49 -22.68 0.10 12.48
CA ALA F 49 -22.06 0.50 13.80
C ALA F 49 -22.08 -0.62 14.86
N ILE F 50 -21.13 -0.57 15.79
CA ILE F 50 -21.03 -1.59 16.88
C ILE F 50 -20.66 -0.88 18.20
N PHE F 51 -21.03 -1.40 19.35
CA PHE F 51 -20.72 -0.67 20.64
C PHE F 51 -20.02 -1.55 21.69
N PHE F 52 -19.21 -0.91 22.51
CA PHE F 52 -18.47 -1.63 23.60
C PHE F 52 -17.99 -0.60 24.65
N ASN F 53 -17.84 -1.01 25.88
CA ASN F 53 -17.40 -0.05 26.95
C ASN F 53 -16.05 -0.45 27.56
N ARG F 54 -15.28 0.51 28.05
CA ARG F 54 -13.95 0.18 28.66
C ARG F 54 -14.13 -0.70 29.91
N ILE F 55 -14.55 -1.92 29.72
CA ILE F 55 -14.75 -2.83 30.89
C ILE F 55 -14.29 -4.24 30.54
N GLY F 56 -14.89 -4.84 29.53
CA GLY F 56 -14.50 -6.22 29.14
C GLY F 56 -13.53 -6.16 27.96
N GLY F 57 -13.84 -5.37 26.97
CA GLY F 57 -12.94 -5.26 25.79
C GLY F 57 -13.44 -6.19 24.68
N VAL F 58 -14.35 -5.72 23.88
CA VAL F 58 -14.88 -6.58 22.78
C VAL F 58 -15.34 -5.70 21.60
N GLN F 59 -16.14 -6.24 20.73
CA GLN F 59 -16.63 -5.44 19.55
C GLN F 59 -15.44 -4.86 18.78
N GLN F 60 -14.67 -5.71 18.16
CA GLN F 60 -13.49 -5.21 17.39
C GLN F 60 -13.75 -5.37 15.88
N ASP F 61 -14.57 -6.32 15.50
CA ASP F 61 -14.86 -6.54 14.05
C ASP F 61 -16.33 -6.88 13.86
N THR F 62 -17.18 -5.88 13.81
CA THR F 62 -18.64 -6.14 13.63
C THR F 62 -19.28 -5.01 12.80
N ILE F 63 -20.61 -4.96 12.73
CA ILE F 63 -21.29 -3.89 11.93
C ILE F 63 -22.84 -3.98 12.07
N LEU F 64 -23.49 -2.90 12.45
CA LEU F 64 -24.99 -2.87 12.57
C LEU F 64 -25.59 -1.80 11.60
N ALA F 65 -26.77 -2.05 11.06
CA ALA F 65 -27.42 -1.09 10.07
C ALA F 65 -27.11 0.40 10.36
N GLU F 66 -27.29 1.25 9.37
CA GLU F 66 -26.99 2.72 9.54
C GLU F 66 -28.04 3.42 10.40
N GLY F 67 -27.63 4.47 11.08
CA GLY F 67 -28.55 5.24 11.95
C GLY F 67 -27.91 6.62 12.20
N LEU F 68 -28.67 7.63 12.53
CA LEU F 68 -28.02 8.96 12.78
C LEU F 68 -27.79 9.07 14.29
N HIS F 69 -26.54 8.92 14.68
CA HIS F 69 -26.19 8.98 16.13
C HIS F 69 -24.69 9.25 16.28
N PHE F 70 -24.29 9.86 17.37
CA PHE F 70 -22.84 10.14 17.59
C PHE F 70 -22.38 9.55 18.93
N ARG F 71 -21.14 9.15 19.03
CA ARG F 71 -20.64 8.59 20.32
C ARG F 71 -20.44 9.74 21.32
N ILE F 72 -21.49 10.45 21.61
CA ILE F 72 -21.41 11.61 22.55
C ILE F 72 -21.63 11.17 24.02
N PRO F 73 -22.45 10.17 24.25
CA PRO F 73 -22.72 9.72 25.64
C PRO F 73 -21.52 8.95 26.21
N TRP F 74 -21.69 8.31 27.34
CA TRP F 74 -20.56 7.55 27.95
C TRP F 74 -20.79 6.04 27.85
N PHE F 75 -19.87 5.26 28.36
CA PHE F 75 -20.01 3.77 28.31
C PHE F 75 -20.23 3.30 26.86
N GLN F 76 -19.41 3.75 25.95
CA GLN F 76 -19.53 3.32 24.52
C GLN F 76 -18.21 3.58 23.81
N TYR F 77 -17.90 2.82 22.79
CA TYR F 77 -16.60 3.01 22.08
C TYR F 77 -16.76 2.89 20.57
N PRO F 78 -15.85 3.51 19.85
CA PRO F 78 -15.90 3.47 18.39
C PRO F 78 -14.95 2.39 17.83
N ILE F 79 -15.52 1.33 17.32
CA ILE F 79 -14.73 0.22 16.70
C ILE F 79 -15.69 -0.50 15.75
N ILE F 80 -15.52 -0.34 14.45
CA ILE F 80 -16.47 -0.98 13.50
C ILE F 80 -15.74 -1.76 12.39
N TYR F 81 -16.40 -2.73 11.82
CA TYR F 81 -15.76 -3.55 10.75
C TYR F 81 -16.20 -3.06 9.36
N ASP F 82 -15.38 -3.25 8.37
CA ASP F 82 -15.75 -2.80 6.99
C ASP F 82 -15.87 -4.00 6.05
N ILE F 83 -16.69 -3.88 5.04
CA ILE F 83 -16.87 -5.02 4.08
C ILE F 83 -15.74 -5.02 3.04
N ARG F 84 -15.41 -6.16 2.51
CA ARG F 84 -14.33 -6.24 1.49
C ARG F 84 -14.29 -7.64 0.85
N ALA F 85 -13.63 -7.79 -0.26
CA ALA F 85 -13.56 -9.12 -0.93
C ALA F 85 -12.99 -10.16 0.04
N ARG F 86 -13.45 -11.38 -0.02
CA ARG F 86 -12.92 -12.41 0.91
C ARG F 86 -12.33 -13.59 0.12
N PRO F 87 -11.01 -13.70 0.16
CA PRO F 87 -10.31 -14.79 -0.53
C PRO F 87 -9.95 -15.90 0.47
N ARG F 88 -10.57 -17.04 0.37
CA ARG F 88 -10.24 -18.14 1.32
C ARG F 88 -10.69 -19.51 0.73
N LYS F 89 -9.75 -20.32 0.27
CA LYS F 89 -10.12 -21.67 -0.35
C LYS F 89 -8.91 -22.63 -0.41
N ILE F 90 -9.14 -23.94 -0.42
CA ILE F 90 -7.99 -24.92 -0.49
C ILE F 90 -8.30 -26.13 -1.38
N SER F 91 -7.28 -26.73 -1.92
CA SER F 91 -7.45 -27.96 -2.75
C SER F 91 -6.65 -29.09 -2.11
N SER F 92 -7.30 -30.07 -1.55
CA SER F 92 -6.55 -31.19 -0.88
C SER F 92 -6.92 -32.56 -1.46
N PRO F 93 -5.92 -33.39 -1.65
CA PRO F 93 -6.14 -34.75 -2.18
C PRO F 93 -6.16 -35.77 -1.03
N THR F 94 -7.28 -36.39 -0.80
CA THR F 94 -7.36 -37.39 0.31
C THR F 94 -8.18 -38.61 -0.11
N GLY F 95 -7.65 -39.79 0.04
CA GLY F 95 -8.41 -41.01 -0.34
C GLY F 95 -8.94 -41.69 0.92
N SER F 96 -10.11 -42.28 0.83
CA SER F 96 -10.69 -42.97 2.03
C SER F 96 -11.89 -43.83 1.62
N LYS F 97 -12.87 -43.23 0.99
CA LYS F 97 -14.07 -44.01 0.58
C LYS F 97 -13.93 -44.47 -0.88
N ASP F 98 -12.76 -44.90 -1.26
CA ASP F 98 -12.56 -45.37 -2.66
C ASP F 98 -11.17 -45.99 -2.83
N LEU F 99 -10.99 -46.83 -3.81
CA LEU F 99 -9.64 -47.46 -4.02
C LEU F 99 -8.60 -46.38 -4.30
N GLN F 100 -8.92 -45.42 -5.14
CA GLN F 100 -7.96 -44.34 -5.45
C GLN F 100 -8.06 -43.24 -4.38
N MET F 101 -7.81 -42.01 -4.74
CA MET F 101 -7.88 -40.91 -3.73
C MET F 101 -8.77 -39.77 -4.26
N VAL F 102 -9.63 -39.25 -3.42
CA VAL F 102 -10.52 -38.13 -3.86
C VAL F 102 -10.00 -36.79 -3.34
N ASN F 103 -10.26 -35.72 -4.05
CA ASN F 103 -9.77 -34.39 -3.58
C ASN F 103 -10.91 -33.58 -2.96
N ILE F 104 -10.59 -32.70 -2.04
CA ILE F 104 -11.64 -31.88 -1.38
C ILE F 104 -11.27 -30.40 -1.44
N SER F 105 -12.21 -29.56 -1.78
CA SER F 105 -11.91 -28.09 -1.87
C SER F 105 -13.21 -27.29 -1.76
N LEU F 106 -13.21 -26.22 -1.01
CA LEU F 106 -14.45 -25.41 -0.89
C LEU F 106 -14.12 -23.98 -0.43
N ARG F 107 -14.75 -23.00 -1.03
CA ARG F 107 -14.47 -21.59 -0.64
C ARG F 107 -15.69 -21.01 0.11
N VAL F 108 -15.45 -20.18 1.07
CA VAL F 108 -16.60 -19.59 1.84
C VAL F 108 -16.85 -18.15 1.38
N LEU F 109 -18.10 -17.81 1.15
CA LEU F 109 -18.42 -16.42 0.70
C LEU F 109 -19.28 -15.72 1.76
N SER F 110 -18.82 -14.61 2.28
CA SER F 110 -19.62 -13.88 3.32
C SER F 110 -20.32 -12.68 2.68
N ARG F 111 -21.52 -12.38 3.11
CA ARG F 111 -22.25 -11.22 2.51
C ARG F 111 -22.81 -10.32 3.61
N PRO F 112 -22.74 -9.03 3.39
CA PRO F 112 -23.25 -8.05 4.39
C PRO F 112 -24.78 -7.98 4.33
N ASN F 113 -25.40 -8.68 3.40
CA ASN F 113 -26.89 -8.64 3.30
C ASN F 113 -27.54 -8.92 4.65
N ALA F 114 -27.17 -9.99 5.30
CA ALA F 114 -27.76 -10.32 6.62
C ALA F 114 -26.99 -9.59 7.73
N GLN F 115 -27.27 -8.33 7.94
CA GLN F 115 -26.54 -7.57 9.00
C GLN F 115 -26.77 -8.22 10.36
N GLU F 116 -25.73 -8.72 10.97
CA GLU F 116 -25.89 -9.37 12.30
C GLU F 116 -24.51 -9.59 12.95
N LEU F 117 -23.66 -8.60 12.92
CA LEU F 117 -22.32 -8.75 13.53
C LEU F 117 -22.33 -8.55 15.07
N PRO F 118 -23.26 -7.77 15.58
CA PRO F 118 -23.30 -7.54 17.05
C PRO F 118 -23.66 -8.81 17.81
N SER F 119 -24.86 -9.31 17.67
CA SER F 119 -25.23 -10.57 18.40
C SER F 119 -24.17 -11.64 18.16
N MET F 120 -23.60 -11.64 16.99
CA MET F 120 -22.54 -12.63 16.66
C MET F 120 -21.18 -12.19 17.21
N TYR F 121 -21.01 -10.91 17.50
CA TYR F 121 -19.70 -10.43 18.02
C TYR F 121 -19.22 -11.31 19.20
N GLN F 122 -20.03 -11.49 20.20
CA GLN F 122 -19.59 -12.35 21.36
C GLN F 122 -19.80 -13.83 21.02
N ARG F 123 -20.89 -14.16 20.39
CA ARG F 123 -21.14 -15.59 20.03
C ARG F 123 -20.04 -16.09 19.09
N LEU F 124 -19.85 -15.42 17.99
CA LEU F 124 -18.79 -15.84 17.03
C LEU F 124 -17.40 -15.77 17.70
N GLY F 125 -17.27 -14.94 18.70
CA GLY F 125 -15.96 -14.82 19.40
C GLY F 125 -15.15 -13.68 18.79
N LEU F 126 -15.62 -12.47 18.93
CA LEU F 126 -14.90 -11.30 18.35
C LEU F 126 -14.58 -11.55 16.87
N ASP F 127 -15.58 -11.84 16.07
CA ASP F 127 -15.34 -12.11 14.62
C ASP F 127 -14.28 -13.21 14.46
N TYR F 128 -13.04 -12.85 14.20
CA TYR F 128 -11.98 -13.88 14.04
C TYR F 128 -12.43 -14.98 13.08
N GLU F 129 -12.99 -14.62 11.96
CA GLU F 129 -13.46 -15.66 10.98
C GLU F 129 -12.32 -16.62 10.65
N GLU F 130 -11.10 -16.15 10.67
CA GLU F 130 -9.94 -17.03 10.35
C GLU F 130 -10.00 -18.34 11.14
N ARG F 131 -10.65 -18.32 12.28
CA ARG F 131 -10.75 -19.56 13.11
C ARG F 131 -11.84 -20.49 12.58
N VAL F 132 -13.02 -19.97 12.37
CA VAL F 132 -14.14 -20.82 11.87
C VAL F 132 -14.05 -21.03 10.36
N LEU F 133 -13.36 -20.16 9.66
CA LEU F 133 -13.26 -20.31 8.17
C LEU F 133 -12.71 -21.69 7.80
N PRO F 134 -11.52 -21.99 8.28
CA PRO F 134 -10.90 -23.30 7.96
C PRO F 134 -11.57 -24.42 8.75
N SER F 135 -11.93 -24.17 9.98
CA SER F 135 -12.59 -25.23 10.81
C SER F 135 -13.85 -25.75 10.12
N ILE F 136 -14.83 -24.89 9.95
CA ILE F 136 -16.10 -25.33 9.29
C ILE F 136 -15.79 -25.93 7.91
N VAL F 137 -15.03 -25.25 7.10
CA VAL F 137 -14.69 -25.78 5.75
C VAL F 137 -14.02 -27.16 5.88
N ASN F 138 -12.85 -27.20 6.47
CA ASN F 138 -12.14 -28.51 6.62
C ASN F 138 -13.06 -29.55 7.28
N GLU F 139 -13.92 -29.12 8.16
CA GLU F 139 -14.84 -30.08 8.83
C GLU F 139 -15.77 -30.74 7.80
N VAL F 140 -16.43 -29.95 6.99
CA VAL F 140 -17.35 -30.53 5.98
C VAL F 140 -16.57 -31.01 4.75
N LEU F 141 -15.40 -30.46 4.52
CA LEU F 141 -14.60 -30.88 3.33
C LEU F 141 -14.35 -32.39 3.35
N LYS F 142 -13.66 -32.88 4.35
CA LYS F 142 -13.38 -34.34 4.42
C LYS F 142 -14.59 -35.12 4.93
N SER F 143 -15.51 -34.47 5.57
CA SER F 143 -16.71 -35.18 6.11
C SER F 143 -17.70 -35.49 4.98
N VAL F 144 -17.89 -34.59 4.06
CA VAL F 144 -18.85 -34.85 2.95
C VAL F 144 -18.21 -35.72 1.86
N VAL F 145 -16.92 -35.60 1.67
CA VAL F 145 -16.25 -36.42 0.62
C VAL F 145 -16.00 -37.85 1.13
N ALA F 146 -15.65 -38.00 2.38
CA ALA F 146 -15.40 -39.36 2.94
C ALA F 146 -16.63 -40.24 2.77
N LYS F 147 -17.79 -39.64 2.65
CA LYS F 147 -19.04 -40.44 2.49
C LYS F 147 -19.19 -40.90 1.03
N PHE F 148 -19.18 -39.98 0.11
CA PHE F 148 -19.33 -40.36 -1.33
C PHE F 148 -18.12 -41.17 -1.79
N ASN F 149 -18.03 -41.44 -3.07
CA ASN F 149 -16.89 -42.24 -3.59
C ASN F 149 -16.11 -41.43 -4.63
N ALA F 150 -15.02 -41.96 -5.13
CA ALA F 150 -14.22 -41.22 -6.14
C ALA F 150 -14.85 -41.36 -7.52
N SER F 151 -15.46 -42.48 -7.80
CA SER F 151 -16.10 -42.68 -9.14
C SER F 151 -17.07 -41.54 -9.44
N GLN F 152 -17.91 -41.21 -8.50
CA GLN F 152 -18.90 -40.10 -8.72
C GLN F 152 -18.22 -38.75 -8.54
N LEU F 153 -17.13 -38.70 -7.82
CA LEU F 153 -16.43 -37.39 -7.59
C LEU F 153 -15.63 -37.00 -8.84
N ILE F 154 -14.92 -37.93 -9.41
CA ILE F 154 -14.12 -37.60 -10.63
C ILE F 154 -15.04 -37.31 -11.82
N THR F 155 -16.21 -37.91 -11.83
CA THR F 155 -17.15 -37.65 -12.96
C THR F 155 -17.51 -36.16 -13.03
N GLN F 156 -17.57 -35.52 -11.90
CA GLN F 156 -17.91 -34.06 -11.88
C GLN F 156 -17.65 -33.48 -10.49
N ARG F 157 -16.77 -32.51 -10.39
CA ARG F 157 -16.48 -31.91 -9.06
C ARG F 157 -17.74 -31.20 -8.52
N ALA F 158 -18.64 -30.85 -9.38
CA ALA F 158 -19.89 -30.16 -8.93
C ALA F 158 -20.90 -31.18 -8.40
N GLN F 159 -20.84 -32.40 -8.86
CA GLN F 159 -21.80 -33.44 -8.38
C GLN F 159 -21.77 -33.55 -6.86
N VAL F 160 -20.60 -33.41 -6.27
CA VAL F 160 -20.51 -33.51 -4.78
C VAL F 160 -20.95 -32.19 -4.13
N SER F 161 -20.91 -31.11 -4.87
CA SER F 161 -21.33 -29.79 -4.29
C SER F 161 -22.83 -29.82 -3.95
N LEU F 162 -23.60 -30.62 -4.65
CA LEU F 162 -25.06 -30.68 -4.37
C LEU F 162 -25.30 -31.14 -2.93
N LEU F 163 -24.50 -32.05 -2.44
CA LEU F 163 -24.70 -32.54 -1.04
C LEU F 163 -24.09 -31.54 -0.05
N ILE F 164 -23.02 -30.89 -0.43
CA ILE F 164 -22.38 -29.90 0.49
C ILE F 164 -23.19 -28.60 0.51
N ARG F 165 -24.01 -28.37 -0.48
CA ARG F 165 -24.83 -27.12 -0.51
C ARG F 165 -25.68 -27.01 0.76
N ARG F 166 -26.58 -27.93 0.97
CA ARG F 166 -27.44 -27.88 2.19
C ARG F 166 -26.59 -28.02 3.46
N GLU F 167 -25.44 -28.64 3.36
CA GLU F 167 -24.57 -28.81 4.55
C GLU F 167 -23.91 -27.48 4.93
N LEU F 168 -23.70 -26.62 3.97
CA LEU F 168 -23.07 -25.30 4.27
C LEU F 168 -24.11 -24.32 4.82
N THR F 169 -25.29 -24.34 4.29
CA THR F 169 -26.35 -23.41 4.78
C THR F 169 -26.67 -23.71 6.25
N GLU F 170 -26.44 -24.91 6.69
CA GLU F 170 -26.74 -25.26 8.10
C GLU F 170 -25.61 -24.77 9.02
N ARG F 171 -24.38 -25.01 8.66
CA ARG F 171 -23.25 -24.56 9.51
C ARG F 171 -22.97 -23.07 9.29
N ALA F 172 -23.22 -22.58 8.11
CA ALA F 172 -22.96 -21.13 7.84
C ALA F 172 -23.97 -20.26 8.60
N LYS F 173 -25.21 -20.67 8.65
CA LYS F 173 -26.23 -19.87 9.36
C LYS F 173 -26.16 -20.15 10.88
N ASP F 174 -25.60 -21.26 11.26
CA ASP F 174 -25.50 -21.58 12.72
C ASP F 174 -24.54 -20.63 13.42
N PHE F 175 -23.29 -20.63 13.03
CA PHE F 175 -22.29 -19.73 13.67
C PHE F 175 -22.74 -18.27 13.57
N SER F 176 -23.49 -17.93 12.56
CA SER F 176 -23.97 -16.52 12.41
C SER F 176 -25.02 -16.43 11.30
N LEU F 177 -25.58 -15.28 11.09
CA LEU F 177 -26.61 -15.13 10.02
C LEU F 177 -26.00 -14.44 8.79
N ILE F 178 -25.83 -15.16 7.72
CA ILE F 178 -25.24 -14.57 6.49
C ILE F 178 -25.69 -15.34 5.25
N LEU F 179 -25.74 -14.70 4.11
CA LEU F 179 -26.17 -15.40 2.87
C LEU F 179 -24.95 -15.77 2.04
N ASP F 180 -24.67 -17.05 1.92
CA ASP F 180 -23.48 -17.48 1.13
C ASP F 180 -23.90 -18.50 0.06
N ASP F 181 -23.14 -18.58 -1.01
CA ASP F 181 -23.47 -19.55 -2.09
C ASP F 181 -22.59 -20.78 -1.97
N VAL F 182 -23.05 -21.93 -2.40
CA VAL F 182 -22.22 -23.16 -2.27
C VAL F 182 -21.63 -23.60 -3.62
N ALA F 183 -20.36 -23.43 -3.78
CA ALA F 183 -19.67 -23.85 -5.04
C ALA F 183 -18.17 -23.98 -4.76
N ILE F 184 -17.48 -24.82 -5.47
CA ILE F 184 -16.01 -24.96 -5.19
C ILE F 184 -15.22 -25.33 -6.44
N THR F 185 -13.97 -24.96 -6.48
CA THR F 185 -13.11 -25.34 -7.64
C THR F 185 -12.28 -26.54 -7.20
N GLU F 186 -12.55 -27.70 -7.74
CA GLU F 186 -11.82 -28.91 -7.28
C GLU F 186 -11.05 -29.62 -8.40
N LEU F 187 -10.01 -30.28 -8.02
CA LEU F 187 -9.19 -31.07 -8.99
C LEU F 187 -8.95 -32.44 -8.38
N SER F 188 -9.19 -33.49 -9.11
CA SER F 188 -9.01 -34.85 -8.51
C SER F 188 -7.69 -35.49 -8.94
N PHE F 189 -7.17 -36.36 -8.11
CA PHE F 189 -5.87 -37.03 -8.44
C PHE F 189 -6.13 -38.45 -8.93
N SER F 190 -5.81 -38.73 -10.17
CA SER F 190 -6.02 -40.10 -10.72
C SER F 190 -4.74 -40.92 -10.63
N MET A 1 -9.08 29.70 64.96
CA MET A 1 -7.73 29.95 64.39
C MET A 1 -7.74 29.66 62.88
N ALA A 2 -7.88 30.67 62.08
CA ALA A 2 -7.89 30.46 60.60
C ALA A 2 -7.55 31.76 59.87
N GLN A 3 -6.36 32.26 60.04
CA GLN A 3 -5.97 33.52 59.36
C GLN A 3 -5.45 33.23 57.96
N ASN A 4 -4.89 32.07 57.76
CA ASN A 4 -4.37 31.71 56.40
C ASN A 4 -5.52 31.37 55.46
N LEU A 5 -6.61 30.88 56.00
CA LEU A 5 -7.77 30.52 55.13
C LEU A 5 -8.32 31.78 54.44
N LYS A 6 -8.42 32.86 55.15
CA LYS A 6 -8.95 34.12 54.54
C LYS A 6 -8.02 34.57 53.39
N ASP A 7 -6.75 34.34 53.52
CA ASP A 7 -5.79 34.75 52.45
C ASP A 7 -5.82 33.74 51.31
N LEU A 8 -6.19 32.52 51.57
CA LEU A 8 -6.22 31.49 50.50
C LEU A 8 -7.18 31.90 49.39
N ALA A 9 -8.32 32.45 49.74
CA ALA A 9 -9.30 32.89 48.71
C ALA A 9 -8.77 34.12 47.97
N GLY A 10 -8.04 34.96 48.66
CA GLY A 10 -7.49 36.18 48.00
C GLY A 10 -6.34 35.79 47.07
N ARG A 11 -5.75 34.65 47.27
CA ARG A 11 -4.62 34.22 46.40
C ARG A 11 -5.14 33.70 45.06
N LEU A 12 -6.36 33.23 45.03
CA LEU A 12 -6.93 32.70 43.75
C LEU A 12 -6.98 33.82 42.69
N PRO A 13 -7.63 34.90 43.01
CA PRO A 13 -7.75 36.03 42.06
C PRO A 13 -6.41 36.77 41.97
N ALA A 14 -5.62 36.47 40.96
CA ALA A 14 -4.30 37.15 40.82
C ALA A 14 -4.29 37.99 39.54
N GLY A 15 -4.60 39.26 39.65
CA GLY A 15 -4.61 40.14 38.46
C GLY A 15 -5.68 39.67 37.47
N PRO A 16 -6.11 40.56 36.62
CA PRO A 16 -7.16 40.21 35.61
C PRO A 16 -6.57 39.32 34.52
N ARG A 17 -5.32 39.51 34.20
CA ARG A 17 -4.69 38.67 33.14
C ARG A 17 -4.56 37.22 33.61
N GLY A 18 -4.58 37.01 34.90
CA GLY A 18 -4.45 35.61 35.43
C GLY A 18 -5.56 34.73 34.84
N MET A 19 -6.80 35.11 35.02
CA MET A 19 -7.92 34.31 34.46
C MET A 19 -8.09 34.60 32.96
N GLY A 20 -7.68 35.76 32.53
CA GLY A 20 -7.82 36.11 31.09
C GLY A 20 -6.85 35.26 30.26
N THR A 21 -5.63 35.14 30.71
CA THR A 21 -4.63 34.32 29.95
C THR A 21 -4.99 32.83 30.04
N ALA A 22 -5.69 32.44 31.08
CA ALA A 22 -6.08 31.01 31.23
C ALA A 22 -6.81 30.53 29.97
N LEU A 23 -7.47 31.41 29.28
CA LEU A 23 -8.20 30.99 28.04
C LEU A 23 -7.21 30.44 27.01
N LYS A 24 -6.10 31.11 26.82
CA LYS A 24 -5.09 30.63 25.84
C LYS A 24 -4.69 29.19 26.17
N LEU A 25 -4.62 28.87 27.43
CA LEU A 25 -4.24 27.48 27.84
C LEU A 25 -5.24 26.47 27.29
N LEU A 26 -6.50 26.80 27.33
CA LEU A 26 -7.54 25.87 26.80
C LEU A 26 -7.33 25.61 25.32
N LEU A 27 -7.05 26.65 24.57
CA LEU A 27 -6.83 26.47 23.10
C LEU A 27 -5.55 25.67 22.85
N GLY A 28 -4.54 25.88 23.65
CA GLY A 28 -3.26 25.14 23.48
C GLY A 28 -3.49 23.65 23.74
N ALA A 29 -4.43 23.33 24.58
CA ALA A 29 -4.71 21.89 24.87
C ALA A 29 -5.40 21.24 23.68
N GLY A 30 -6.16 21.99 22.94
CA GLY A 30 -6.87 21.41 21.76
C GLY A 30 -5.83 20.98 20.71
N ALA A 31 -4.88 21.82 20.43
CA ALA A 31 -3.84 21.47 19.41
C ALA A 31 -3.05 20.24 19.87
N VAL A 32 -2.73 20.16 21.13
CA VAL A 32 -1.95 18.99 21.63
C VAL A 32 -2.80 17.71 21.52
N ALA A 33 -4.10 17.83 21.62
CA ALA A 33 -4.97 16.62 21.52
C ALA A 33 -4.85 16.01 20.13
N TYR A 34 -4.57 16.80 19.13
CA TYR A 34 -4.44 16.25 17.75
C TYR A 34 -3.26 15.27 17.68
N GLY A 35 -2.14 15.65 18.23
CA GLY A 35 -0.95 14.73 18.21
C GLY A 35 -1.30 13.42 18.90
N VAL A 36 -2.16 13.47 19.88
CA VAL A 36 -2.55 12.23 20.61
C VAL A 36 -3.55 11.41 19.78
N ARG A 37 -4.33 12.07 18.96
CA ARG A 37 -5.32 11.34 18.13
C ARG A 37 -4.63 10.26 17.28
N GLU A 38 -3.39 10.49 16.92
CA GLU A 38 -2.67 9.50 16.07
C GLU A 38 -2.11 8.32 16.94
N SER A 39 -1.84 8.55 18.21
CA SER A 39 -1.29 7.43 19.06
C SER A 39 -2.02 7.35 20.43
N VAL A 40 -1.78 6.29 21.18
CA VAL A 40 -2.44 6.14 22.53
C VAL A 40 -1.91 4.88 23.26
N PHE A 41 -2.24 4.71 24.53
CA PHE A 41 -1.76 3.50 25.28
C PHE A 41 -2.92 2.54 25.59
N THR A 42 -4.08 3.04 25.94
CA THR A 42 -5.22 2.11 26.25
C THR A 42 -5.48 1.18 25.05
N VAL A 43 -5.26 -0.09 25.23
CA VAL A 43 -5.47 -1.06 24.10
C VAL A 43 -6.88 -0.89 23.52
N GLU A 44 -7.03 -1.12 22.23
CA GLU A 44 -8.36 -0.97 21.60
C GLU A 44 -8.67 -2.18 20.72
N GLY A 45 -9.92 -2.44 20.45
CA GLY A 45 -10.28 -3.60 19.59
C GLY A 45 -9.94 -4.90 20.33
N GLY A 46 -9.45 -5.89 19.62
CA GLY A 46 -9.09 -7.19 20.28
C GLY A 46 -7.57 -7.30 20.39
N HIS A 47 -6.95 -6.43 21.14
CA HIS A 47 -5.47 -6.49 21.29
C HIS A 47 -5.09 -6.48 22.78
N ARG A 48 -3.96 -7.05 23.11
CA ARG A 48 -3.53 -7.14 24.53
C ARG A 48 -2.36 -6.18 24.83
N ALA A 49 -2.17 -5.77 26.08
CA ALA A 49 -1.07 -4.79 26.41
C ALA A 49 0.18 -5.47 26.98
N ILE A 50 1.32 -4.85 26.77
CA ILE A 50 2.62 -5.40 27.26
C ILE A 50 3.43 -4.23 27.89
N PHE A 51 4.30 -4.48 28.84
CA PHE A 51 5.03 -3.32 29.50
C PHE A 51 6.57 -3.45 29.46
N PHE A 52 7.25 -2.33 29.35
CA PHE A 52 8.74 -2.35 29.34
C PHE A 52 9.32 -0.94 29.63
N ASN A 53 10.52 -0.88 30.16
CA ASN A 53 11.15 0.46 30.48
C ASN A 53 12.31 0.79 29.52
N ARG A 54 12.59 2.07 29.32
CA ARG A 54 13.70 2.49 28.39
C ARG A 54 14.92 1.57 28.52
N ILE A 55 15.17 1.03 29.68
CA ILE A 55 16.36 0.14 29.86
C ILE A 55 15.98 -1.31 29.54
N GLY A 56 16.86 -2.02 28.86
CA GLY A 56 16.57 -3.45 28.52
C GLY A 56 16.07 -3.54 27.09
N GLY A 57 15.53 -4.68 26.72
CA GLY A 57 15.01 -4.85 25.33
C GLY A 57 13.84 -3.90 25.09
N VAL A 58 12.67 -4.41 24.79
CA VAL A 58 11.51 -3.52 24.54
C VAL A 58 10.17 -4.27 24.69
N GLN A 59 10.19 -5.57 24.83
CA GLN A 59 8.91 -6.33 24.97
C GLN A 59 8.02 -6.11 23.75
N GLN A 60 8.35 -6.72 22.64
CA GLN A 60 7.53 -6.54 21.41
C GLN A 60 6.88 -7.86 21.01
N ASP A 61 5.99 -7.84 20.05
CA ASP A 61 5.32 -9.10 19.61
C ASP A 61 4.69 -9.82 20.82
N THR A 62 3.97 -9.10 21.65
CA THR A 62 3.33 -9.76 22.83
C THR A 62 1.96 -9.14 23.14
N ILE A 63 1.01 -9.95 23.51
CA ILE A 63 -0.35 -9.45 23.86
C ILE A 63 -0.98 -10.35 24.95
N LEU A 64 -1.37 -9.79 26.08
CA LEU A 64 -2.01 -10.58 27.20
C LEU A 64 -3.57 -10.50 27.14
N ALA A 65 -4.17 -9.41 27.58
CA ALA A 65 -5.68 -9.29 27.55
C ALA A 65 -6.09 -7.80 27.63
N GLU A 66 -7.38 -7.51 27.51
CA GLU A 66 -7.82 -6.05 27.57
C GLU A 66 -8.04 -5.60 29.02
N GLY A 67 -7.82 -4.34 29.26
CA GLY A 67 -8.00 -3.77 30.64
C GLY A 67 -8.16 -2.25 30.52
N LEU A 68 -8.79 -1.60 31.47
CA LEU A 68 -8.92 -0.12 31.34
C LEU A 68 -7.79 0.53 32.14
N HIS A 69 -6.81 1.05 31.46
CA HIS A 69 -5.64 1.69 32.13
C HIS A 69 -4.91 2.61 31.14
N PHE A 70 -4.25 3.63 31.62
CA PHE A 70 -3.51 4.54 30.70
C PHE A 70 -2.03 4.61 31.08
N ARG A 71 -1.14 4.50 30.14
CA ARG A 71 0.32 4.56 30.47
C ARG A 71 0.67 5.96 31.02
N ILE A 72 1.47 6.72 30.32
CA ILE A 72 1.85 8.08 30.80
C ILE A 72 2.25 8.03 32.29
N PRO A 73 3.05 7.06 32.66
CA PRO A 73 3.49 6.91 34.06
C PRO A 73 4.86 7.55 34.26
N TRP A 74 5.91 6.87 33.83
CA TRP A 74 7.29 7.43 33.98
C TRP A 74 8.32 6.41 33.47
N PHE A 75 8.02 5.14 33.54
CA PHE A 75 9.00 4.12 33.06
C PHE A 75 8.33 3.03 32.21
N GLN A 76 7.11 3.25 31.76
CA GLN A 76 6.43 2.23 30.91
C GLN A 76 6.47 2.66 29.44
N TYR A 77 6.43 1.71 28.54
CA TYR A 77 6.50 2.05 27.10
C TYR A 77 5.36 1.40 26.31
N PRO A 78 5.01 2.01 25.21
CA PRO A 78 3.94 1.47 24.36
C PRO A 78 4.52 0.65 23.21
N ILE A 79 4.36 -0.64 23.29
CA ILE A 79 4.83 -1.56 22.21
C ILE A 79 3.98 -2.84 22.35
N ILE A 80 3.06 -3.08 21.45
CA ILE A 80 2.16 -4.27 21.60
C ILE A 80 2.03 -5.05 20.29
N TYR A 81 1.65 -6.30 20.37
CA TYR A 81 1.51 -7.15 19.15
C TYR A 81 0.05 -7.19 18.69
N ASP A 82 -0.18 -7.39 17.42
CA ASP A 82 -1.57 -7.43 16.90
C ASP A 82 -1.93 -8.85 16.45
N ILE A 83 -3.18 -9.22 16.53
CA ILE A 83 -3.59 -10.59 16.10
C ILE A 83 -3.90 -10.60 14.60
N ARG A 84 -3.50 -11.65 13.92
CA ARG A 84 -3.77 -11.73 12.46
C ARG A 84 -3.44 -13.13 11.93
N ALA A 85 -4.02 -13.51 10.82
CA ALA A 85 -3.75 -14.86 10.26
C ALA A 85 -2.26 -15.00 9.94
N ARG A 86 -1.78 -16.20 9.73
CA ARG A 86 -0.34 -16.40 9.43
C ARG A 86 -0.14 -17.53 8.40
N PRO A 87 0.25 -17.15 7.21
CA PRO A 87 0.49 -18.13 6.13
C PRO A 87 1.99 -18.43 6.01
N ARG A 88 2.39 -19.63 6.29
CA ARG A 88 3.85 -19.97 6.19
C ARG A 88 4.02 -21.51 6.03
N LYS A 89 4.41 -21.98 4.85
CA LYS A 89 4.58 -23.47 4.61
C LYS A 89 5.47 -23.76 3.38
N ILE A 90 6.14 -24.92 3.35
CA ILE A 90 7.02 -25.27 2.16
C ILE A 90 6.95 -26.76 1.82
N SER A 91 7.22 -27.10 0.58
CA SER A 91 7.23 -28.53 0.17
C SER A 91 8.69 -29.00 0.07
N SER A 92 9.12 -29.85 0.96
CA SER A 92 10.53 -30.34 0.92
C SER A 92 10.59 -31.84 0.63
N PRO A 93 11.47 -32.23 -0.26
CA PRO A 93 11.61 -33.66 -0.62
C PRO A 93 12.79 -34.27 0.13
N THR A 94 12.53 -35.16 1.05
CA THR A 94 13.63 -35.79 1.83
C THR A 94 13.45 -37.31 1.87
N GLY A 95 14.45 -38.05 1.47
CA GLY A 95 14.34 -39.54 1.49
C GLY A 95 15.49 -40.14 2.29
N SER A 96 15.22 -41.15 3.06
CA SER A 96 16.31 -41.79 3.87
C SER A 96 15.84 -43.13 4.42
N LYS A 97 14.62 -43.20 4.89
CA LYS A 97 14.10 -44.49 5.44
C LYS A 97 13.84 -45.49 4.31
N ASP A 98 13.56 -45.00 3.12
CA ASP A 98 13.31 -45.92 1.98
C ASP A 98 14.27 -45.62 0.83
N LEU A 99 14.22 -46.41 -0.22
CA LEU A 99 15.14 -46.17 -1.37
C LEU A 99 14.43 -45.36 -2.46
N GLN A 100 13.46 -44.57 -2.08
CA GLN A 100 12.72 -43.74 -3.09
C GLN A 100 12.75 -42.27 -2.69
N MET A 101 11.90 -41.47 -3.27
CA MET A 101 11.87 -40.02 -2.92
C MET A 101 10.60 -39.68 -2.13
N VAL A 102 10.75 -38.94 -1.07
CA VAL A 102 9.55 -38.57 -0.25
C VAL A 102 9.52 -37.05 -0.03
N ASN A 103 8.35 -36.49 0.13
CA ASN A 103 8.26 -35.01 0.35
C ASN A 103 7.10 -34.69 1.29
N ILE A 104 7.33 -33.84 2.26
CA ILE A 104 6.23 -33.48 3.21
C ILE A 104 6.22 -31.97 3.47
N SER A 105 5.15 -31.31 3.12
CA SER A 105 5.07 -29.83 3.35
C SER A 105 4.20 -29.55 4.58
N LEU A 106 4.78 -29.08 5.65
CA LEU A 106 3.98 -28.80 6.88
C LEU A 106 3.82 -27.29 7.09
N ARG A 107 2.73 -26.90 7.71
CA ARG A 107 2.48 -25.45 7.97
C ARG A 107 2.23 -25.23 9.46
N VAL A 108 2.56 -24.08 9.98
CA VAL A 108 2.34 -23.81 11.43
C VAL A 108 1.27 -22.74 11.63
N LEU A 109 0.41 -22.92 12.60
CA LEU A 109 -0.65 -21.91 12.87
C LEU A 109 -0.38 -21.23 14.22
N SER A 110 -0.17 -19.95 14.21
CA SER A 110 0.11 -19.23 15.50
C SER A 110 -1.12 -18.48 15.97
N ARG A 111 -1.48 -18.65 17.22
CA ARG A 111 -2.68 -17.95 17.75
C ARG A 111 -2.34 -17.27 19.09
N PRO A 112 -2.31 -15.96 19.07
CA PRO A 112 -1.98 -15.20 20.32
C PRO A 112 -3.17 -15.23 21.29
N ASN A 113 -3.53 -16.39 21.76
CA ASN A 113 -4.68 -16.48 22.72
C ASN A 113 -4.33 -15.72 24.00
N ALA A 114 -5.15 -15.87 25.02
CA ALA A 114 -4.87 -15.16 26.31
C ALA A 114 -3.93 -15.99 27.17
N GLN A 115 -2.81 -16.40 26.64
CA GLN A 115 -1.85 -17.22 27.44
C GLN A 115 -0.65 -16.38 27.88
N GLU A 116 -0.87 -15.11 28.11
CA GLU A 116 0.25 -14.22 28.55
C GLU A 116 1.40 -14.27 27.54
N LEU A 117 1.55 -13.25 26.74
CA LEU A 117 2.66 -13.23 25.74
C LEU A 117 4.01 -12.81 26.37
N PRO A 118 3.97 -11.98 27.40
CA PRO A 118 5.25 -11.53 28.03
C PRO A 118 5.94 -12.67 28.79
N SER A 119 5.20 -13.57 29.38
CA SER A 119 5.85 -14.70 30.13
C SER A 119 6.80 -15.46 29.19
N MET A 120 6.28 -15.97 28.12
CA MET A 120 7.14 -16.73 27.16
C MET A 120 7.90 -15.78 26.24
N TYR A 121 7.48 -14.55 26.12
CA TYR A 121 8.20 -13.60 25.21
C TYR A 121 9.71 -13.61 25.47
N GLN A 122 10.15 -13.15 26.63
CA GLN A 122 11.62 -13.13 26.91
C GLN A 122 12.22 -14.51 26.64
N ARG A 123 11.49 -15.57 26.91
CA ARG A 123 12.01 -16.94 26.64
C ARG A 123 11.82 -17.27 25.15
N LEU A 124 10.93 -16.59 24.50
CA LEU A 124 10.68 -16.85 23.05
C LEU A 124 11.75 -16.14 22.20
N GLY A 125 12.21 -15.00 22.63
CA GLY A 125 13.24 -14.27 21.85
C GLY A 125 12.87 -12.79 21.76
N LEU A 126 12.66 -12.28 20.58
CA LEU A 126 12.29 -10.85 20.43
C LEU A 126 11.62 -10.61 19.07
N ASP A 127 10.37 -10.96 18.94
CA ASP A 127 9.66 -10.75 17.65
C ASP A 127 10.45 -11.38 16.49
N TYR A 128 10.77 -12.64 16.61
CA TYR A 128 11.55 -13.32 15.52
C TYR A 128 10.89 -14.65 15.15
N GLU A 129 9.60 -14.65 14.91
CA GLU A 129 8.91 -15.91 14.53
C GLU A 129 9.61 -16.57 13.33
N GLU A 130 10.15 -15.77 12.44
CA GLU A 130 10.86 -16.35 11.25
C GLU A 130 12.00 -17.25 11.69
N ARG A 131 12.47 -17.10 12.90
CA ARG A 131 13.60 -17.95 13.39
C ARG A 131 13.06 -19.33 13.85
N VAL A 132 12.09 -19.34 14.72
CA VAL A 132 11.54 -20.63 15.22
C VAL A 132 10.55 -21.23 14.21
N LEU A 133 10.02 -20.44 13.31
CA LEU A 133 9.05 -20.99 12.33
C LEU A 133 9.69 -22.13 11.51
N PRO A 134 10.74 -21.82 10.78
CA PRO A 134 11.42 -22.85 9.96
C PRO A 134 12.20 -23.82 10.86
N SER A 135 12.59 -23.39 12.02
CA SER A 135 13.36 -24.28 12.93
C SER A 135 12.54 -25.52 13.29
N ILE A 136 11.33 -25.33 13.74
CA ILE A 136 10.48 -26.50 14.11
C ILE A 136 9.85 -27.13 12.86
N VAL A 137 9.68 -26.36 11.81
CA VAL A 137 9.07 -26.93 10.57
C VAL A 137 10.13 -27.68 9.76
N ASN A 138 11.28 -27.10 9.60
CA ASN A 138 12.37 -27.77 8.83
C ASN A 138 12.93 -28.97 9.60
N GLU A 139 12.83 -28.93 10.91
CA GLU A 139 13.35 -30.06 11.73
C GLU A 139 12.36 -31.22 11.74
N VAL A 140 11.12 -30.97 12.09
CA VAL A 140 10.11 -32.06 12.12
C VAL A 140 10.01 -32.74 10.75
N LEU A 141 10.06 -31.98 9.69
CA LEU A 141 9.97 -32.58 8.33
C LEU A 141 11.22 -33.43 8.05
N LYS A 142 12.34 -33.02 8.58
CA LYS A 142 13.60 -33.79 8.34
C LYS A 142 13.66 -35.00 9.28
N SER A 143 13.14 -34.88 10.47
CA SER A 143 13.18 -36.03 11.43
C SER A 143 12.07 -37.03 11.12
N VAL A 144 10.88 -36.56 10.89
CA VAL A 144 9.75 -37.49 10.59
C VAL A 144 10.06 -38.34 9.35
N VAL A 145 10.47 -37.71 8.28
CA VAL A 145 10.78 -38.48 7.03
C VAL A 145 11.86 -39.54 7.31
N ALA A 146 12.65 -39.33 8.33
CA ALA A 146 13.72 -40.33 8.65
C ALA A 146 13.10 -41.57 9.31
N LYS A 147 12.20 -41.37 10.23
CA LYS A 147 11.56 -42.54 10.92
C LYS A 147 10.45 -43.12 10.04
N PHE A 148 9.66 -42.28 9.44
CA PHE A 148 8.55 -42.79 8.57
C PHE A 148 9.12 -43.45 7.31
N ASN A 149 8.31 -44.18 6.59
CA ASN A 149 8.80 -44.85 5.35
C ASN A 149 8.28 -44.11 4.11
N ALA A 150 8.85 -44.38 2.97
CA ALA A 150 8.38 -43.69 1.73
C ALA A 150 7.11 -44.36 1.20
N SER A 151 7.14 -45.66 1.02
CA SER A 151 5.94 -46.38 0.51
C SER A 151 4.76 -46.19 1.47
N GLN A 152 5.05 -46.01 2.74
CA GLN A 152 3.94 -45.81 3.73
C GLN A 152 3.43 -44.36 3.68
N LEU A 153 4.30 -43.44 3.35
CA LEU A 153 3.87 -42.01 3.29
C LEU A 153 3.15 -41.73 1.97
N ILE A 154 3.68 -42.20 0.88
CA ILE A 154 3.03 -41.97 -0.44
C ILE A 154 1.59 -42.51 -0.43
N THR A 155 1.31 -43.45 0.45
CA THR A 155 -0.07 -44.02 0.51
C THR A 155 -1.09 -42.92 0.78
N GLN A 156 -0.83 -42.08 1.74
CA GLN A 156 -1.78 -40.98 2.05
C GLN A 156 -1.09 -39.89 2.88
N ARG A 157 -1.34 -38.65 2.58
CA ARG A 157 -0.70 -37.54 3.34
C ARG A 157 -1.38 -37.35 4.70
N ALA A 158 -2.42 -38.10 4.98
CA ALA A 158 -3.12 -37.95 6.29
C ALA A 158 -2.37 -38.70 7.39
N GLN A 159 -2.07 -39.96 7.19
CA GLN A 159 -1.34 -40.74 8.23
C GLN A 159 -0.07 -40.01 8.68
N VAL A 160 0.74 -39.56 7.76
CA VAL A 160 1.99 -38.84 8.13
C VAL A 160 1.67 -37.62 9.01
N SER A 161 0.49 -37.09 8.89
CA SER A 161 0.12 -35.89 9.71
C SER A 161 -0.29 -36.32 11.12
N LEU A 162 -0.70 -37.55 11.29
CA LEU A 162 -1.11 -38.04 12.64
C LEU A 162 0.12 -38.17 13.55
N LEU A 163 1.26 -38.43 12.97
CA LEU A 163 2.50 -38.58 13.80
C LEU A 163 2.99 -37.21 14.29
N ILE A 164 3.05 -36.25 13.40
CA ILE A 164 3.52 -34.89 13.82
C ILE A 164 2.56 -34.29 14.83
N ARG A 165 1.34 -34.77 14.88
CA ARG A 165 0.34 -34.21 15.84
C ARG A 165 0.85 -34.37 17.29
N ARG A 166 1.58 -35.42 17.56
CA ARG A 166 2.09 -35.62 18.95
C ARG A 166 3.34 -34.76 19.19
N GLU A 167 4.23 -34.72 18.24
CA GLU A 167 5.47 -33.90 18.41
C GLU A 167 5.16 -32.41 18.25
N LEU A 168 4.24 -32.08 17.39
CA LEU A 168 3.88 -30.64 17.18
C LEU A 168 3.33 -30.04 18.49
N THR A 169 2.46 -30.75 19.15
CA THR A 169 1.88 -30.23 20.42
C THR A 169 2.98 -30.01 21.46
N GLU A 170 3.99 -30.84 21.45
CA GLU A 170 5.10 -30.69 22.44
C GLU A 170 6.07 -29.61 21.97
N ARG A 171 6.20 -29.42 20.69
CA ARG A 171 7.14 -28.38 20.17
C ARG A 171 6.50 -27.00 20.24
N ALA A 172 5.26 -26.88 19.84
CA ALA A 172 4.57 -25.56 19.89
C ALA A 172 4.51 -25.05 21.33
N LYS A 173 4.16 -25.90 22.25
CA LYS A 173 4.09 -25.47 23.68
C LYS A 173 5.49 -25.23 24.24
N ASP A 174 6.50 -25.78 23.61
CA ASP A 174 7.89 -25.58 24.11
C ASP A 174 8.27 -24.10 24.13
N PHE A 175 8.31 -23.47 22.99
CA PHE A 175 8.68 -22.01 22.95
C PHE A 175 7.74 -21.20 23.85
N SER A 176 6.45 -21.40 23.73
CA SER A 176 5.49 -20.63 24.57
C SER A 176 4.19 -21.42 24.73
N LEU A 177 3.16 -20.80 25.23
CA LEU A 177 1.86 -21.51 25.41
C LEU A 177 0.89 -21.10 24.29
N ILE A 178 0.60 -22.00 23.39
CA ILE A 178 -0.34 -21.68 22.28
C ILE A 178 -1.02 -22.95 21.77
N LEU A 179 -2.20 -22.83 21.23
CA LEU A 179 -2.91 -24.03 20.71
C LEU A 179 -2.78 -24.10 19.18
N ASP A 180 -2.04 -25.06 18.69
CA ASP A 180 -1.84 -25.18 17.21
C ASP A 180 -2.50 -26.47 16.69
N ASP A 181 -2.90 -26.47 15.45
CA ASP A 181 -3.54 -27.68 14.87
C ASP A 181 -2.52 -28.45 14.02
N VAL A 182 -2.63 -29.75 13.96
CA VAL A 182 -1.65 -30.54 13.17
C VAL A 182 -2.25 -30.98 11.83
N ALA A 183 -1.79 -30.39 10.76
CA ALA A 183 -2.30 -30.77 9.41
C ALA A 183 -1.30 -30.29 8.37
N ILE A 184 -1.21 -30.94 7.24
CA ILE A 184 -0.20 -30.48 6.22
C ILE A 184 -0.65 -30.82 4.80
N THR A 185 -0.31 -29.97 3.86
CA THR A 185 -0.64 -30.26 2.43
C THR A 185 0.65 -30.77 1.78
N GLU A 186 0.71 -32.02 1.43
CA GLU A 186 1.99 -32.54 0.85
C GLU A 186 1.78 -33.48 -0.33
N LEU A 187 2.75 -33.51 -1.20
CA LEU A 187 2.73 -34.41 -2.37
C LEU A 187 4.07 -35.15 -2.39
N SER A 188 4.07 -36.43 -2.60
CA SER A 188 5.35 -37.19 -2.57
C SER A 188 5.86 -37.49 -3.98
N PHE A 189 7.16 -37.62 -4.13
CA PHE A 189 7.74 -37.90 -5.47
C PHE A 189 8.10 -39.39 -5.58
N SER A 190 7.42 -40.11 -6.44
CA SER A 190 7.70 -41.56 -6.61
C SER A 190 7.66 -42.28 -5.26
N MET B 1 25.16 39.94 54.25
CA MET B 1 25.35 38.56 53.70
C MET B 1 25.24 38.57 52.18
N ALA B 2 26.36 38.56 51.50
CA ALA B 2 26.33 38.57 50.00
C ALA B 2 25.48 39.73 49.49
N GLN B 3 26.08 40.87 49.24
CA GLN B 3 25.30 42.03 48.74
C GLN B 3 24.92 41.82 47.27
N ASN B 4 25.70 41.08 46.54
CA ASN B 4 25.38 40.83 45.10
C ASN B 4 24.29 39.76 44.98
N LEU B 5 24.27 38.81 45.88
CA LEU B 5 23.24 37.74 45.81
C LEU B 5 21.85 38.32 46.13
N LYS B 6 21.77 39.15 47.14
CA LYS B 6 20.45 39.75 47.50
C LYS B 6 19.94 40.64 46.36
N ASP B 7 20.84 41.19 45.58
CA ASP B 7 20.42 42.08 44.46
C ASP B 7 19.65 41.27 43.41
N LEU B 8 19.95 40.00 43.29
CA LEU B 8 19.24 39.15 42.28
C LEU B 8 17.79 38.93 42.72
N ALA B 9 17.51 39.02 43.99
CA ALA B 9 16.11 38.82 44.47
C ALA B 9 15.16 39.79 43.76
N GLY B 10 15.57 41.01 43.58
CA GLY B 10 14.70 42.00 42.90
C GLY B 10 14.77 41.80 41.38
N ARG B 11 15.82 41.18 40.90
CA ARG B 11 15.95 40.95 39.43
C ARG B 11 15.04 39.80 38.99
N LEU B 12 14.81 38.85 39.86
CA LEU B 12 13.92 37.69 39.48
C LEU B 12 12.53 38.20 39.07
N PRO B 13 11.88 38.93 39.94
CA PRO B 13 10.53 39.46 39.62
C PRO B 13 10.63 40.58 38.58
N ALA B 14 11.07 40.25 37.39
CA ALA B 14 11.19 41.29 36.33
C ALA B 14 9.81 41.88 36.01
N GLY B 15 9.64 42.43 34.84
CA GLY B 15 8.33 43.02 34.46
C GLY B 15 7.23 41.94 34.53
N PRO B 16 6.03 42.35 34.84
CA PRO B 16 4.90 41.39 34.94
C PRO B 16 4.50 40.90 33.54
N ARG B 17 4.75 41.70 32.53
CA ARG B 17 4.38 41.28 31.14
C ARG B 17 5.12 39.98 30.77
N GLY B 18 6.25 39.73 31.37
CA GLY B 18 7.01 38.49 31.04
C GLY B 18 6.25 37.27 31.55
N MET B 19 5.77 37.31 32.76
CA MET B 19 5.02 36.14 33.31
C MET B 19 3.77 35.86 32.48
N GLY B 20 3.07 36.89 32.08
CA GLY B 20 1.83 36.69 31.26
C GLY B 20 2.22 36.08 29.91
N THR B 21 3.35 36.46 29.38
CA THR B 21 3.78 35.91 28.05
C THR B 21 4.41 34.53 28.24
N ALA B 22 4.97 34.26 29.40
CA ALA B 22 5.61 32.94 29.64
C ALA B 22 4.64 31.80 29.30
N LEU B 23 3.36 32.04 29.41
CA LEU B 23 2.37 30.97 29.09
C LEU B 23 2.34 30.70 27.59
N LYS B 24 2.39 31.73 26.78
CA LYS B 24 2.37 31.54 25.30
C LYS B 24 3.48 30.56 24.89
N LEU B 25 4.55 30.52 25.64
CA LEU B 25 5.67 29.59 25.30
C LEU B 25 5.30 28.15 25.69
N LEU B 26 4.66 27.98 26.81
CA LEU B 26 4.27 26.60 27.25
C LEU B 26 3.38 25.94 26.20
N LEU B 27 2.37 26.64 25.74
CA LEU B 27 1.46 26.04 24.72
C LEU B 27 2.22 25.82 23.41
N GLY B 28 3.10 26.71 23.06
CA GLY B 28 3.87 26.55 21.79
C GLY B 28 4.72 25.29 21.87
N ALA B 29 5.16 24.92 23.06
CA ALA B 29 5.99 23.70 23.20
C ALA B 29 5.19 22.46 22.77
N GLY B 30 3.90 22.49 22.96
CA GLY B 30 3.06 21.32 22.57
C GLY B 30 3.07 21.18 21.05
N ALA B 31 2.95 22.27 20.33
CA ALA B 31 2.95 22.19 18.84
C ALA B 31 4.28 21.60 18.34
N VAL B 32 5.37 22.00 18.93
CA VAL B 32 6.69 21.45 18.48
C VAL B 32 6.75 19.94 18.74
N ALA B 33 5.98 19.45 19.68
CA ALA B 33 6.00 17.99 19.98
C ALA B 33 5.27 17.22 18.87
N TYR B 34 4.31 17.83 18.23
CA TYR B 34 3.56 17.12 17.14
C TYR B 34 4.52 16.78 15.99
N GLY B 35 5.32 17.73 15.57
CA GLY B 35 6.28 17.44 14.46
C GLY B 35 7.22 16.32 14.87
N VAL B 36 7.55 16.24 16.13
CA VAL B 36 8.46 15.15 16.61
C VAL B 36 7.69 13.84 16.77
N ARG B 37 6.43 13.93 17.08
CA ARG B 37 5.61 12.69 17.26
C ARG B 37 5.74 11.78 16.04
N GLU B 38 5.95 12.34 14.88
CA GLU B 38 6.08 11.50 13.65
C GLU B 38 7.50 10.91 13.56
N SER B 39 8.50 11.57 14.11
CA SER B 39 9.90 11.01 14.05
C SER B 39 10.68 11.30 15.35
N VAL B 40 11.52 10.38 15.78
CA VAL B 40 12.31 10.59 17.04
C VAL B 40 13.64 9.81 16.99
N PHE B 41 14.54 10.05 17.93
CA PHE B 41 15.85 9.33 17.95
C PHE B 41 16.11 8.68 19.33
N THR B 42 15.26 7.77 19.76
CA THR B 42 15.48 7.11 21.10
C THR B 42 15.36 5.59 20.97
N VAL B 43 15.75 5.03 19.84
CA VAL B 43 15.65 3.54 19.64
C VAL B 43 14.31 3.02 20.19
N GLU B 44 13.36 2.78 19.32
CA GLU B 44 12.03 2.29 19.78
C GLU B 44 11.70 0.91 19.21
N GLY B 45 11.74 -0.12 20.01
CA GLY B 45 11.40 -1.49 19.50
C GLY B 45 12.52 -2.47 19.86
N GLY B 46 12.77 -3.44 19.02
CA GLY B 46 13.85 -4.43 19.30
C GLY B 46 14.88 -4.37 18.16
N HIS B 47 15.79 -3.45 18.24
CA HIS B 47 16.81 -3.29 17.16
C HIS B 47 18.05 -2.57 17.70
N ARG B 48 19.16 -2.73 17.03
CA ARG B 48 20.43 -2.09 17.49
C ARG B 48 20.65 -0.77 16.72
N ALA B 49 21.36 0.17 17.29
CA ALA B 49 21.52 1.50 16.62
C ALA B 49 22.84 1.67 15.85
N ILE B 50 22.82 2.57 14.88
CA ILE B 50 24.00 2.85 13.99
C ILE B 50 24.48 4.31 14.18
N PHE B 51 25.74 4.59 13.94
CA PHE B 51 26.23 6.00 14.15
C PHE B 51 26.97 6.55 12.91
N PHE B 52 26.66 7.77 12.53
CA PHE B 52 27.35 8.41 11.37
C PHE B 52 27.20 9.95 11.43
N ASN B 53 28.13 10.68 10.87
CA ASN B 53 28.05 12.18 10.91
C ASN B 53 28.10 12.77 9.48
N ARG B 54 27.53 13.93 9.29
CA ARG B 54 27.53 14.57 7.91
C ARG B 54 28.96 14.77 7.39
N ILE B 55 29.60 13.72 6.94
CA ILE B 55 30.99 13.85 6.40
C ILE B 55 31.51 12.48 5.95
N GLY B 56 31.35 12.15 4.69
CA GLY B 56 31.83 10.84 4.19
C GLY B 56 30.65 9.94 3.84
N GLY B 57 30.90 8.71 3.49
CA GLY B 57 29.79 7.79 3.13
C GLY B 57 28.89 7.57 4.35
N VAL B 58 27.68 7.12 4.12
CA VAL B 58 26.74 6.91 5.27
C VAL B 58 26.53 5.41 5.52
N GLN B 59 25.91 5.06 6.62
CA GLN B 59 25.68 3.62 6.91
C GLN B 59 24.36 3.15 6.29
N GLN B 60 24.38 2.03 5.63
CA GLN B 60 23.12 1.51 4.99
C GLN B 60 22.80 0.12 5.51
N ASP B 61 21.54 -0.24 5.55
CA ASP B 61 21.14 -1.59 6.05
C ASP B 61 21.62 -1.78 7.50
N THR B 62 21.27 -0.87 8.36
CA THR B 62 21.70 -1.00 9.80
C THR B 62 20.53 -0.58 10.72
N ILE B 63 19.91 -1.54 11.38
CA ILE B 63 18.66 -1.29 12.24
C ILE B 63 18.87 -0.44 13.53
N LEU B 64 17.79 -0.30 14.33
CA LEU B 64 17.85 0.49 15.64
C LEU B 64 16.46 0.61 16.34
N ALA B 65 16.37 0.22 17.61
CA ALA B 65 15.09 0.39 18.39
C ALA B 65 15.09 -0.41 19.73
N GLU B 66 15.08 0.28 20.86
CA GLU B 66 15.03 -0.41 22.22
C GLU B 66 15.23 0.59 23.38
N GLY B 67 16.42 1.15 23.51
CA GLY B 67 16.73 2.11 24.63
C GLY B 67 16.70 3.55 24.11
N LEU B 68 16.55 4.54 24.96
CA LEU B 68 16.50 5.94 24.40
C LEU B 68 17.89 6.59 24.46
N HIS B 69 18.56 6.62 23.32
CA HIS B 69 19.90 7.26 23.21
C HIS B 69 20.27 7.40 21.73
N PHE B 70 20.30 8.57 21.16
CA PHE B 70 20.66 8.68 19.71
C PHE B 70 20.71 10.15 19.24
N ARG B 71 20.35 10.39 17.99
CA ARG B 71 20.38 11.78 17.41
C ARG B 71 20.16 12.86 18.48
N ILE B 72 21.24 13.36 19.03
CA ILE B 72 21.12 14.44 20.07
C ILE B 72 22.33 15.38 20.00
N PRO B 73 23.51 14.85 20.25
CA PRO B 73 24.74 15.70 20.20
C PRO B 73 25.06 16.11 18.76
N TRP B 74 26.26 16.56 18.52
CA TRP B 74 26.65 16.98 17.14
C TRP B 74 27.35 15.84 16.42
N PHE B 75 27.63 16.02 15.15
CA PHE B 75 28.33 14.94 14.37
C PHE B 75 27.61 13.60 14.54
N GLN B 76 26.30 13.61 14.50
CA GLN B 76 25.52 12.35 14.66
C GLN B 76 24.28 12.40 13.75
N TYR B 77 23.80 11.27 13.32
CA TYR B 77 22.62 11.26 12.41
C TYR B 77 21.74 10.04 12.65
N PRO B 78 20.47 10.18 12.34
CA PRO B 78 19.52 9.07 12.53
C PRO B 78 19.28 8.32 11.21
N ILE B 79 19.79 7.13 11.11
CA ILE B 79 19.56 6.29 9.90
C ILE B 79 19.61 4.82 10.36
N ILE B 80 18.49 4.15 10.40
CA ILE B 80 18.49 2.72 10.87
C ILE B 80 17.61 1.85 9.96
N TYR B 81 17.91 0.58 9.92
CA TYR B 81 17.16 -0.38 9.06
C TYR B 81 16.12 -1.15 9.89
N ASP B 82 15.05 -1.58 9.27
CA ASP B 82 14.02 -2.35 10.03
C ASP B 82 13.93 -3.78 9.48
N ILE B 83 13.57 -4.72 10.32
CA ILE B 83 13.49 -6.15 9.87
C ILE B 83 12.21 -6.40 9.08
N ARG B 84 12.20 -7.40 8.24
CA ARG B 84 10.99 -7.73 7.43
C ARG B 84 11.23 -9.01 6.63
N ALA B 85 10.18 -9.71 6.27
CA ALA B 85 10.36 -10.96 5.48
C ALA B 85 11.11 -10.67 4.18
N ARG B 86 11.58 -11.67 3.51
CA ARG B 86 12.32 -11.43 2.24
C ARG B 86 12.07 -12.56 1.23
N PRO B 87 11.33 -12.25 0.19
CA PRO B 87 11.04 -13.24 -0.86
C PRO B 87 11.99 -13.04 -2.04
N ARG B 88 12.89 -13.96 -2.24
CA ARG B 88 13.85 -13.80 -3.36
C ARG B 88 14.44 -15.18 -3.76
N LYS B 89 14.05 -15.74 -4.90
CA LYS B 89 14.57 -17.09 -5.33
C LYS B 89 14.35 -17.34 -6.85
N ILE B 90 15.18 -18.17 -7.47
CA ILE B 90 15.00 -18.45 -8.94
C ILE B 90 15.49 -19.86 -9.32
N SER B 91 14.95 -20.40 -10.37
CA SER B 91 15.38 -21.74 -10.84
C SER B 91 16.30 -21.56 -12.06
N SER B 92 17.57 -21.83 -11.92
CA SER B 92 18.50 -21.64 -13.06
C SER B 92 18.84 -22.98 -13.74
N PRO B 93 18.63 -23.04 -15.04
CA PRO B 93 18.93 -24.27 -15.81
C PRO B 93 20.30 -24.14 -16.49
N THR B 94 21.27 -24.89 -16.05
CA THR B 94 22.62 -24.81 -16.68
C THR B 94 23.32 -26.17 -16.64
N GLY B 95 23.87 -26.62 -17.74
CA GLY B 95 24.56 -27.92 -17.75
C GLY B 95 26.07 -27.70 -17.89
N SER B 96 26.87 -28.58 -17.33
CA SER B 96 28.35 -28.43 -17.43
C SER B 96 29.04 -29.75 -17.10
N LYS B 97 28.72 -30.33 -15.97
CA LYS B 97 29.36 -31.61 -15.58
C LYS B 97 28.90 -32.75 -16.51
N ASP B 98 27.71 -32.63 -17.06
CA ASP B 98 27.20 -33.69 -17.96
C ASP B 98 27.12 -33.16 -19.40
N LEU B 99 26.91 -34.03 -20.36
CA LEU B 99 26.82 -33.57 -21.77
C LEU B 99 25.43 -32.98 -22.05
N GLN B 100 24.45 -33.35 -21.26
CA GLN B 100 23.08 -32.81 -21.48
C GLN B 100 22.90 -31.51 -20.70
N MET B 101 21.70 -31.19 -20.30
CA MET B 101 21.47 -29.93 -19.53
C MET B 101 21.12 -30.26 -18.07
N VAL B 102 21.62 -29.49 -17.15
CA VAL B 102 21.33 -29.73 -15.71
C VAL B 102 20.69 -28.48 -15.10
N ASN B 103 19.84 -28.65 -14.13
CA ASN B 103 19.18 -27.47 -13.50
C ASN B 103 19.61 -27.31 -12.05
N ILE B 104 20.05 -26.14 -11.68
CA ILE B 104 20.49 -25.92 -10.27
C ILE B 104 19.77 -24.71 -9.68
N SER B 105 19.55 -24.70 -8.39
CA SER B 105 18.85 -23.55 -7.76
C SER B 105 19.34 -23.36 -6.32
N LEU B 106 19.56 -22.14 -5.91
CA LEU B 106 20.05 -21.89 -4.53
C LEU B 106 19.57 -20.52 -4.03
N ARG B 107 19.39 -20.38 -2.74
CA ARG B 107 18.93 -19.07 -2.19
C ARG B 107 19.75 -18.69 -0.96
N VAL B 108 20.13 -17.44 -0.85
CA VAL B 108 20.93 -17.00 0.33
C VAL B 108 20.06 -16.17 1.28
N LEU B 109 20.02 -16.54 2.54
CA LEU B 109 19.19 -15.77 3.51
C LEU B 109 20.10 -14.92 4.41
N SER B 110 19.60 -13.82 4.89
CA SER B 110 20.43 -12.93 5.77
C SER B 110 19.62 -12.50 7.00
N ARG B 111 20.17 -12.66 8.17
CA ARG B 111 19.45 -12.26 9.41
C ARG B 111 20.44 -11.86 10.50
N PRO B 112 20.45 -10.59 10.84
CA PRO B 112 21.37 -10.09 11.89
C PRO B 112 20.89 -10.54 13.27
N ASN B 113 21.75 -11.17 14.03
CA ASN B 113 21.35 -11.63 15.39
C ASN B 113 22.53 -11.51 16.36
N ALA B 114 23.43 -10.60 16.10
CA ALA B 114 24.61 -10.43 17.00
C ALA B 114 25.38 -9.16 16.64
N GLN B 115 25.91 -9.10 15.44
CA GLN B 115 26.67 -7.89 15.02
C GLN B 115 26.84 -7.88 13.49
N GLU B 116 26.27 -6.92 12.83
CA GLU B 116 26.39 -6.86 11.34
C GLU B 116 26.18 -5.43 10.84
N LEU B 117 25.24 -4.72 11.41
CA LEU B 117 24.98 -3.32 10.96
C LEU B 117 25.97 -2.30 11.58
N PRO B 118 26.63 -2.64 12.67
CA PRO B 118 27.57 -1.67 13.28
C PRO B 118 28.93 -1.68 12.58
N SER B 119 29.68 -2.74 12.71
CA SER B 119 31.03 -2.80 12.05
C SER B 119 30.91 -3.22 10.59
N MET B 120 30.46 -4.42 10.35
CA MET B 120 30.34 -4.95 8.95
C MET B 120 29.58 -3.97 8.03
N TYR B 121 28.86 -3.03 8.58
CA TYR B 121 28.08 -2.07 7.71
C TYR B 121 28.94 -1.57 6.53
N GLN B 122 30.14 -1.13 6.79
CA GLN B 122 31.00 -0.62 5.67
C GLN B 122 31.66 -1.80 4.94
N ARG B 123 31.91 -2.88 5.63
CA ARG B 123 32.54 -4.06 4.98
C ARG B 123 31.51 -4.88 4.18
N LEU B 124 30.25 -4.71 4.49
CA LEU B 124 29.20 -5.49 3.77
C LEU B 124 29.35 -5.33 2.24
N GLY B 125 29.20 -4.14 1.74
CA GLY B 125 29.34 -3.93 0.27
C GLY B 125 28.88 -2.52 -0.10
N LEU B 126 28.64 -2.27 -1.37
CA LEU B 126 28.18 -0.92 -1.80
C LEU B 126 26.70 -0.73 -1.46
N ASP B 127 25.82 -1.29 -2.25
CA ASP B 127 24.36 -1.13 -1.97
C ASP B 127 24.01 -1.80 -0.63
N TYR B 128 23.55 -3.03 -0.66
CA TYR B 128 23.20 -3.72 0.61
C TYR B 128 22.89 -5.21 0.34
N GLU B 129 21.63 -5.59 0.35
CA GLU B 129 21.28 -7.02 0.10
C GLU B 129 21.27 -7.30 -1.41
N GLU B 130 20.63 -6.46 -2.17
CA GLU B 130 20.55 -6.66 -3.65
C GLU B 130 21.93 -7.01 -4.24
N ARG B 131 22.98 -6.61 -3.61
CA ARG B 131 24.34 -6.92 -4.14
C ARG B 131 24.77 -8.34 -3.77
N VAL B 132 24.75 -8.67 -2.51
CA VAL B 132 25.18 -10.03 -2.06
C VAL B 132 24.08 -11.09 -2.25
N LEU B 133 22.84 -10.68 -2.37
CA LEU B 133 21.75 -11.70 -2.53
C LEU B 133 21.87 -12.46 -3.86
N PRO B 134 21.79 -11.75 -4.96
CA PRO B 134 21.88 -12.41 -6.28
C PRO B 134 23.31 -12.87 -6.59
N SER B 135 24.28 -12.03 -6.35
CA SER B 135 25.69 -12.41 -6.65
C SER B 135 26.04 -13.78 -6.04
N ILE B 136 26.01 -13.88 -4.74
CA ILE B 136 26.36 -15.19 -4.09
C ILE B 136 25.43 -16.30 -4.59
N VAL B 137 24.14 -16.09 -4.54
CA VAL B 137 23.19 -17.14 -5.01
C VAL B 137 23.50 -17.54 -6.45
N ASN B 138 23.65 -16.58 -7.33
CA ASN B 138 23.95 -16.91 -8.76
C ASN B 138 25.41 -17.34 -8.92
N GLU B 139 26.26 -17.00 -7.98
CA GLU B 139 27.69 -17.39 -8.09
C GLU B 139 27.88 -18.86 -7.68
N VAL B 140 27.64 -19.17 -6.43
CA VAL B 140 27.81 -20.58 -5.97
C VAL B 140 26.93 -21.52 -6.79
N LEU B 141 25.82 -21.03 -7.29
CA LEU B 141 24.91 -21.89 -8.10
C LEU B 141 25.55 -22.18 -9.47
N LYS B 142 26.37 -21.29 -9.95
CA LYS B 142 27.03 -21.53 -11.27
C LYS B 142 28.22 -22.47 -11.12
N SER B 143 28.89 -22.42 -10.00
CA SER B 143 30.07 -23.31 -9.78
C SER B 143 29.61 -24.72 -9.36
N VAL B 144 28.65 -24.80 -8.49
CA VAL B 144 28.17 -26.14 -8.03
C VAL B 144 27.51 -26.93 -9.17
N VAL B 145 26.74 -26.26 -10.00
CA VAL B 145 26.07 -26.98 -11.12
C VAL B 145 27.12 -27.62 -12.04
N ALA B 146 28.32 -27.10 -12.06
CA ALA B 146 29.38 -27.68 -12.93
C ALA B 146 30.00 -28.91 -12.25
N LYS B 147 30.07 -28.90 -10.94
CA LYS B 147 30.66 -30.07 -10.22
C LYS B 147 29.63 -31.21 -10.11
N PHE B 148 28.36 -30.87 -10.08
CA PHE B 148 27.31 -31.92 -9.96
C PHE B 148 26.86 -32.36 -11.35
N ASN B 149 26.44 -33.59 -11.49
CA ASN B 149 25.98 -34.09 -12.82
C ASN B 149 24.46 -34.08 -12.90
N ALA B 150 23.90 -34.50 -14.00
CA ALA B 150 22.42 -34.52 -14.15
C ALA B 150 21.83 -35.75 -13.45
N SER B 151 22.41 -36.89 -13.66
CA SER B 151 21.90 -38.13 -13.01
C SER B 151 21.98 -38.00 -11.48
N GLN B 152 22.95 -37.29 -10.99
CA GLN B 152 23.09 -37.11 -9.51
C GLN B 152 22.11 -36.04 -9.01
N LEU B 153 21.77 -35.10 -9.85
CA LEU B 153 20.82 -34.02 -9.43
C LEU B 153 19.38 -34.52 -9.47
N ILE B 154 19.01 -35.18 -10.54
CA ILE B 154 17.60 -35.69 -10.66
C ILE B 154 17.29 -36.62 -9.47
N THR B 155 18.28 -37.19 -8.87
CA THR B 155 18.04 -38.11 -7.71
C THR B 155 17.30 -37.36 -6.60
N GLN B 156 17.74 -36.19 -6.26
CA GLN B 156 17.05 -35.41 -5.18
C GLN B 156 17.54 -33.96 -5.18
N ARG B 157 16.64 -33.01 -5.25
CA ARG B 157 17.05 -31.58 -5.25
C ARG B 157 17.74 -31.22 -3.94
N ALA B 158 17.44 -31.94 -2.88
CA ALA B 158 18.08 -31.64 -1.57
C ALA B 158 19.49 -32.24 -1.50
N GLN B 159 19.71 -33.33 -2.18
CA GLN B 159 21.07 -33.97 -2.15
C GLN B 159 22.13 -32.98 -2.64
N VAL B 160 21.92 -32.39 -3.79
CA VAL B 160 22.92 -31.42 -4.31
C VAL B 160 23.08 -30.23 -3.35
N SER B 161 22.07 -29.95 -2.58
CA SER B 161 22.16 -28.80 -1.62
C SER B 161 23.04 -29.17 -0.41
N LEU B 162 23.24 -30.45 -0.18
CA LEU B 162 24.09 -30.86 0.97
C LEU B 162 25.50 -30.27 0.85
N LEU B 163 26.09 -30.34 -0.31
CA LEU B 163 27.46 -29.78 -0.50
C LEU B 163 27.38 -28.25 -0.63
N ILE B 164 26.33 -27.75 -1.22
CA ILE B 164 26.20 -26.27 -1.39
C ILE B 164 25.94 -25.60 -0.03
N ARG B 165 25.42 -26.33 0.91
CA ARG B 165 25.15 -25.74 2.26
C ARG B 165 26.46 -25.33 2.94
N ARG B 166 27.52 -26.06 2.70
CA ARG B 166 28.82 -25.72 3.34
C ARG B 166 29.50 -24.57 2.58
N GLU B 167 29.27 -24.47 1.30
CA GLU B 167 29.90 -23.37 0.52
C GLU B 167 29.14 -22.05 0.73
N LEU B 168 27.89 -22.13 1.09
CA LEU B 168 27.11 -20.88 1.31
C LEU B 168 27.44 -20.27 2.67
N THR B 169 27.72 -21.09 3.65
CA THR B 169 28.05 -20.55 5.00
C THR B 169 29.28 -19.66 4.94
N GLU B 170 30.29 -20.07 4.22
CA GLU B 170 31.53 -19.23 4.12
C GLU B 170 31.30 -18.08 3.14
N ARG B 171 30.36 -18.21 2.24
CA ARG B 171 30.10 -17.12 1.26
C ARG B 171 29.37 -15.95 1.93
N ALA B 172 28.29 -16.24 2.63
CA ALA B 172 27.53 -15.15 3.30
C ALA B 172 28.27 -14.68 4.56
N LYS B 173 28.79 -15.60 5.33
CA LYS B 173 29.53 -15.20 6.57
C LYS B 173 30.74 -14.34 6.22
N ASP B 174 31.32 -14.55 5.06
CA ASP B 174 32.50 -13.74 4.66
C ASP B 174 32.15 -12.25 4.65
N PHE B 175 30.90 -11.92 4.46
CA PHE B 175 30.50 -10.49 4.44
C PHE B 175 30.24 -10.01 5.87
N SER B 176 29.74 -10.86 6.73
CA SER B 176 29.46 -10.45 8.13
C SER B 176 29.11 -11.68 8.98
N LEU B 177 28.81 -11.47 10.24
CA LEU B 177 28.46 -12.62 11.12
C LEU B 177 26.95 -12.68 11.31
N ILE B 178 26.31 -13.68 10.77
CA ILE B 178 24.83 -13.80 10.91
C ILE B 178 24.41 -15.27 10.80
N LEU B 179 23.31 -15.62 11.42
CA LEU B 179 22.83 -17.04 11.34
C LEU B 179 21.71 -17.15 10.32
N ASP B 180 21.97 -17.81 9.22
CA ASP B 180 20.94 -17.94 8.15
C ASP B 180 20.80 -19.40 7.72
N ASP B 181 19.66 -19.77 7.22
CA ASP B 181 19.45 -21.18 6.77
C ASP B 181 19.58 -21.25 5.24
N VAL B 182 20.01 -22.37 4.73
CA VAL B 182 20.18 -22.49 3.24
C VAL B 182 19.30 -23.60 2.65
N ALA B 183 18.32 -23.21 1.89
CA ALA B 183 17.42 -24.23 1.24
C ALA B 183 16.73 -23.57 0.04
N ILE B 184 16.35 -24.35 -0.94
CA ILE B 184 15.72 -23.76 -2.14
C ILE B 184 14.90 -24.82 -2.90
N THR B 185 13.92 -24.40 -3.66
CA THR B 185 13.09 -25.39 -4.41
C THR B 185 13.68 -25.53 -5.82
N GLU B 186 14.27 -26.67 -6.10
CA GLU B 186 14.91 -26.87 -7.44
C GLU B 186 14.05 -27.72 -8.37
N LEU B 187 14.21 -27.50 -9.64
CA LEU B 187 13.45 -28.28 -10.65
C LEU B 187 14.42 -28.69 -11.76
N SER B 188 14.46 -29.95 -12.10
CA SER B 188 15.43 -30.40 -13.15
C SER B 188 14.73 -30.60 -14.49
N PHE B 189 15.46 -30.42 -15.56
CA PHE B 189 14.85 -30.59 -16.92
C PHE B 189 15.27 -31.95 -17.52
N SER B 190 14.32 -32.79 -17.82
CA SER B 190 14.66 -34.12 -18.40
C SER B 190 13.48 -34.67 -19.20
N MET C 1 32.51 62.10 19.52
CA MET C 1 32.55 61.80 18.06
C MET C 1 31.70 60.57 17.75
N ALA C 2 31.81 59.54 18.56
CA ALA C 2 31.01 58.31 18.31
C ALA C 2 29.68 58.38 19.07
N GLN C 3 28.98 59.47 18.97
CA GLN C 3 27.68 59.61 19.70
C GLN C 3 26.67 58.61 19.14
N ASN C 4 26.83 58.20 17.92
CA ASN C 4 25.87 57.23 17.31
C ASN C 4 25.89 55.91 18.10
N LEU C 5 27.02 55.54 18.64
CA LEU C 5 27.10 54.27 19.42
C LEU C 5 26.41 54.46 20.78
N LYS C 6 26.39 55.65 21.30
CA LYS C 6 25.73 55.89 22.61
C LYS C 6 24.21 55.91 22.44
N ASP C 7 23.73 56.32 21.30
CA ASP C 7 22.26 56.36 21.06
C ASP C 7 21.74 54.96 20.73
N LEU C 8 22.43 54.25 19.88
CA LEU C 8 21.98 52.87 19.51
C LEU C 8 21.92 51.98 20.75
N ALA C 9 22.96 51.99 21.54
CA ALA C 9 22.98 51.14 22.77
C ALA C 9 21.95 51.67 23.79
N GLY C 10 21.77 52.96 23.85
CA GLY C 10 20.79 53.53 24.81
C GLY C 10 19.37 53.34 24.28
N ARG C 11 19.22 53.12 23.01
CA ARG C 11 17.85 52.93 22.44
C ARG C 11 17.32 51.54 22.78
N LEU C 12 18.19 50.59 22.98
CA LEU C 12 17.74 49.21 23.32
C LEU C 12 16.97 49.21 24.65
N PRO C 13 17.61 49.68 25.68
CA PRO C 13 16.96 49.72 27.02
C PRO C 13 15.90 50.82 27.07
N ALA C 14 14.76 50.58 26.48
CA ALA C 14 13.68 51.61 26.48
C ALA C 14 12.32 50.94 26.61
N GLY C 15 12.28 49.73 27.11
CA GLY C 15 10.97 49.03 27.26
C GLY C 15 10.27 48.93 25.91
N PRO C 16 10.98 48.39 24.94
CA PRO C 16 10.40 48.24 23.58
C PRO C 16 9.36 47.12 23.56
N ARG C 17 8.35 47.22 22.74
CA ARG C 17 7.32 46.16 22.66
C ARG C 17 7.83 44.97 21.84
N GLY C 18 8.83 45.20 21.01
CA GLY C 18 9.37 44.09 20.17
C GLY C 18 9.77 42.91 21.06
N MET C 19 10.27 43.17 22.22
CA MET C 19 10.67 42.06 23.14
C MET C 19 9.43 41.26 23.56
N GLY C 20 8.31 41.90 23.66
CA GLY C 20 7.06 41.18 24.05
C GLY C 20 6.52 40.42 22.86
N THR C 21 6.60 40.99 21.69
CA THR C 21 6.09 40.29 20.47
C THR C 21 7.14 39.29 19.96
N ALA C 22 8.39 39.53 20.24
CA ALA C 22 9.45 38.59 19.77
C ALA C 22 9.13 37.16 20.22
N LEU C 23 8.40 37.01 21.28
CA LEU C 23 8.04 35.65 21.76
C LEU C 23 7.10 34.96 20.77
N LYS C 24 6.11 35.67 20.30
CA LYS C 24 5.16 35.07 19.33
C LYS C 24 5.92 34.56 18.10
N LEU C 25 7.00 35.21 17.77
CA LEU C 25 7.80 34.77 16.59
C LEU C 25 8.46 33.42 16.86
N LEU C 26 9.04 33.26 18.02
CA LEU C 26 9.69 31.96 18.35
C LEU C 26 8.68 30.82 18.29
N LEU C 27 7.46 31.08 18.69
CA LEU C 27 6.42 30.01 18.65
C LEU C 27 5.98 29.75 17.21
N GLY C 28 5.70 30.78 16.46
CA GLY C 28 5.27 30.58 15.04
C GLY C 28 6.42 29.99 14.24
N ALA C 29 7.64 30.33 14.58
CA ALA C 29 8.81 29.78 13.85
C ALA C 29 8.84 28.26 13.95
N GLY C 30 8.53 27.73 15.11
CA GLY C 30 8.53 26.25 15.29
C GLY C 30 7.45 25.63 14.40
N ALA C 31 6.34 26.30 14.25
CA ALA C 31 5.23 25.74 13.40
C ALA C 31 5.73 25.56 11.96
N VAL C 32 6.58 26.44 11.50
CA VAL C 32 7.10 26.32 10.11
C VAL C 32 7.98 25.08 9.98
N ALA C 33 8.56 24.64 11.06
CA ALA C 33 9.44 23.44 11.01
C ALA C 33 8.61 22.19 10.73
N TYR C 34 7.38 22.18 11.15
CA TYR C 34 6.51 20.98 10.92
C TYR C 34 6.36 20.73 9.42
N GLY C 35 6.05 21.74 8.66
CA GLY C 35 5.89 21.57 7.19
C GLY C 35 7.20 21.03 6.60
N VAL C 36 8.32 21.43 7.14
CA VAL C 36 9.62 20.94 6.62
C VAL C 36 9.92 19.54 7.17
N ARG C 37 9.42 19.26 8.35
CA ARG C 37 9.67 17.91 8.95
C ARG C 37 9.26 16.80 7.99
N GLU C 38 8.28 17.06 7.16
CA GLU C 38 7.84 16.01 6.18
C GLU C 38 8.80 15.94 4.99
N SER C 39 9.46 17.02 4.65
CA SER C 39 10.42 16.98 3.48
C SER C 39 11.62 17.94 3.69
N VAL C 40 12.77 17.60 3.16
CA VAL C 40 13.98 18.48 3.31
C VAL C 40 14.98 18.25 2.15
N PHE C 41 16.11 18.93 2.15
CA PHE C 41 17.10 18.75 1.03
C PHE C 41 18.55 18.72 1.56
N THR C 42 18.89 17.76 2.42
CA THR C 42 20.30 17.69 2.93
C THR C 42 20.91 16.33 2.59
N VAL C 43 20.41 15.68 1.57
CA VAL C 43 20.95 14.33 1.17
C VAL C 43 21.20 13.45 2.41
N GLU C 44 20.29 12.53 2.70
CA GLU C 44 20.48 11.64 3.89
C GLU C 44 21.79 10.84 3.78
N GLY C 45 21.77 9.68 3.16
CA GLY C 45 23.03 8.88 3.05
C GLY C 45 22.86 7.71 2.08
N GLY C 46 23.90 7.38 1.37
CA GLY C 46 23.85 6.23 0.41
C GLY C 46 23.24 6.67 -0.94
N HIS C 47 23.36 7.92 -1.31
CA HIS C 47 22.78 8.36 -2.62
C HIS C 47 23.45 9.65 -3.11
N ARG C 48 23.42 9.86 -4.40
CA ARG C 48 24.06 11.08 -5.00
C ARG C 48 22.99 12.14 -5.33
N ALA C 49 23.32 13.40 -5.31
CA ALA C 49 22.28 14.47 -5.58
C ALA C 49 22.31 15.03 -7.01
N ILE C 50 21.19 15.56 -7.44
CA ILE C 50 21.05 16.14 -8.82
C ILE C 50 20.63 17.63 -8.74
N PHE C 51 20.98 18.43 -9.73
CA PHE C 51 20.62 19.90 -9.67
C PHE C 51 19.86 20.39 -10.90
N PHE C 52 18.81 21.14 -10.69
CA PHE C 52 18.00 21.71 -11.83
C PHE C 52 17.16 22.90 -11.33
N ASN C 53 16.84 23.83 -12.20
CA ASN C 53 16.04 25.02 -11.76
C ASN C 53 14.84 25.25 -12.70
N ARG C 54 13.77 25.84 -12.20
CA ARG C 54 12.56 26.10 -13.07
C ARG C 54 12.98 26.62 -14.44
N ILE C 55 14.07 27.33 -14.52
CA ILE C 55 14.52 27.87 -15.84
C ILE C 55 16.00 27.55 -16.06
N GLY C 56 16.32 26.32 -16.39
CA GLY C 56 17.74 25.95 -16.63
C GLY C 56 17.94 24.46 -16.36
N GLY C 57 18.36 23.72 -17.36
CA GLY C 57 18.58 22.26 -17.18
C GLY C 57 17.24 21.57 -16.88
N VAL C 58 17.29 20.32 -16.53
CA VAL C 58 16.04 19.57 -16.22
C VAL C 58 16.32 18.44 -15.23
N GLN C 59 15.30 17.95 -14.57
CA GLN C 59 15.51 16.85 -13.58
C GLN C 59 14.20 16.09 -13.38
N GLN C 60 14.25 14.96 -12.70
CA GLN C 60 13.00 14.17 -12.48
C GLN C 60 13.27 13.00 -11.52
N ASP C 61 14.13 12.09 -11.89
CA ASP C 61 14.42 10.93 -11.02
C ASP C 61 15.92 10.59 -11.07
N THR C 62 16.70 11.03 -10.10
CA THR C 62 18.18 10.72 -10.16
C THR C 62 18.85 10.68 -8.74
N ILE C 63 18.38 9.77 -7.89
CA ILE C 63 18.94 9.54 -6.48
C ILE C 63 19.50 10.78 -5.73
N LEU C 64 19.61 10.67 -4.40
CA LEU C 64 20.17 11.79 -3.55
C LEU C 64 20.07 11.50 -2.04
N ALA C 65 21.21 11.35 -1.38
CA ALA C 65 21.23 11.14 0.12
C ALA C 65 22.65 10.83 0.61
N GLU C 66 23.34 11.80 1.21
CA GLU C 66 24.74 11.59 1.75
C GLU C 66 25.62 12.86 1.63
N GLY C 67 25.09 14.03 1.88
CA GLY C 67 25.93 15.26 1.76
C GLY C 67 25.27 16.42 2.51
N LEU C 68 26.02 17.38 2.99
CA LEU C 68 25.36 18.53 3.70
C LEU C 68 25.31 19.75 2.79
N HIS C 69 24.15 20.01 2.24
CA HIS C 69 23.96 21.19 1.36
C HIS C 69 22.45 21.41 1.21
N PHE C 70 21.91 22.45 1.77
CA PHE C 70 20.44 22.68 1.68
C PHE C 70 20.02 23.26 0.33
N ARG C 71 18.79 23.06 -0.05
CA ARG C 71 18.29 23.62 -1.35
C ARG C 71 17.81 25.05 -1.10
N ILE C 72 18.63 25.85 -0.47
CA ILE C 72 18.23 27.25 -0.18
C ILE C 72 19.21 28.26 -0.80
N PRO C 73 19.79 27.93 -1.95
CA PRO C 73 20.73 28.87 -2.60
C PRO C 73 19.97 30.01 -3.30
N TRP C 74 19.48 29.78 -4.49
CA TRP C 74 18.73 30.85 -5.21
C TRP C 74 18.03 30.26 -6.44
N PHE C 75 18.68 29.37 -7.14
CA PHE C 75 18.05 28.76 -8.35
C PHE C 75 18.35 27.26 -8.41
N GLN C 76 18.07 26.54 -7.34
CA GLN C 76 18.33 25.06 -7.33
C GLN C 76 17.06 24.31 -6.92
N TYR C 77 16.90 23.10 -7.37
CA TYR C 77 15.66 22.33 -7.01
C TYR C 77 15.99 20.92 -6.53
N PRO C 78 15.12 20.39 -5.70
CA PRO C 78 15.30 19.03 -5.17
C PRO C 78 14.43 18.01 -5.92
N ILE C 79 15.06 17.16 -6.69
CA ILE C 79 14.31 16.08 -7.41
C ILE C 79 15.26 14.88 -7.50
N ILE C 80 15.03 13.84 -6.75
CA ILE C 80 15.98 12.69 -6.78
C ILE C 80 15.20 11.34 -6.80
N TYR C 81 15.79 10.35 -7.42
CA TYR C 81 15.11 9.00 -7.53
C TYR C 81 15.70 8.03 -6.50
N ASP C 82 14.89 7.17 -5.94
CA ASP C 82 15.44 6.20 -4.93
C ASP C 82 15.63 4.83 -5.58
N ILE C 83 16.73 4.19 -5.29
CA ILE C 83 17.01 2.85 -5.90
C ILE C 83 15.89 1.84 -5.56
N ARG C 84 15.85 0.75 -6.28
CA ARG C 84 14.80 -0.28 -6.02
C ARG C 84 15.04 -1.49 -6.93
N ALA C 85 14.54 -2.65 -6.56
CA ALA C 85 14.76 -3.86 -7.41
C ALA C 85 14.29 -3.59 -8.84
N ARG C 86 14.91 -4.22 -9.81
CA ARG C 86 14.49 -3.98 -11.22
C ARG C 86 14.05 -5.30 -11.88
N PRO C 87 12.77 -5.44 -12.11
CA PRO C 87 12.23 -6.64 -12.76
C PRO C 87 11.95 -6.35 -14.24
N ARG C 88 12.71 -6.92 -15.13
CA ARG C 88 12.48 -6.68 -16.59
C ARG C 88 13.11 -7.82 -17.41
N LYS C 89 12.31 -8.72 -17.97
CA LYS C 89 12.89 -9.87 -18.78
C LYS C 89 11.81 -10.56 -19.66
N ILE C 90 12.21 -11.18 -20.76
CA ILE C 90 11.22 -11.90 -21.64
C ILE C 90 11.89 -13.04 -22.42
N SER C 91 11.12 -14.03 -22.77
CA SER C 91 11.66 -15.17 -23.56
C SER C 91 11.16 -15.01 -25.01
N SER C 92 12.04 -14.70 -25.93
CA SER C 92 11.60 -14.51 -27.35
C SER C 92 11.97 -15.72 -28.22
N PRO C 93 10.96 -16.33 -28.81
CA PRO C 93 11.18 -17.49 -29.68
C PRO C 93 11.19 -17.06 -31.16
N THR C 94 12.33 -17.13 -31.80
CA THR C 94 12.41 -16.71 -33.22
C THR C 94 13.47 -17.54 -33.96
N GLY C 95 13.08 -18.22 -35.01
CA GLY C 95 14.06 -19.05 -35.76
C GLY C 95 14.47 -18.32 -37.05
N SER C 96 15.74 -18.32 -37.37
CA SER C 96 16.19 -17.62 -38.61
C SER C 96 17.39 -18.36 -39.22
N LYS C 97 18.38 -18.64 -38.42
CA LYS C 97 19.58 -19.36 -38.95
C LYS C 97 19.26 -20.83 -39.17
N ASP C 98 19.03 -21.58 -38.13
CA ASP C 98 18.71 -23.03 -38.29
C ASP C 98 17.32 -23.19 -38.90
N LEU C 99 17.12 -24.22 -39.68
CA LEU C 99 15.78 -24.43 -40.31
C LEU C 99 14.71 -24.59 -39.23
N GLN C 100 15.09 -25.05 -38.07
CA GLN C 100 14.09 -25.23 -36.97
C GLN C 100 13.79 -23.87 -36.32
N MET C 101 13.17 -23.88 -35.16
CA MET C 101 12.85 -22.60 -34.47
C MET C 101 13.70 -22.45 -33.21
N VAL C 102 14.59 -21.50 -33.18
CA VAL C 102 15.44 -21.30 -31.97
C VAL C 102 14.91 -20.11 -31.16
N ASN C 103 15.10 -20.13 -29.88
CA ASN C 103 14.60 -19.00 -29.03
C ASN C 103 15.77 -18.24 -28.40
N ILE C 104 15.69 -16.94 -28.34
CA ILE C 104 16.79 -16.14 -27.74
C ILE C 104 16.20 -15.09 -26.79
N SER C 105 16.59 -15.10 -25.55
CA SER C 105 16.06 -14.09 -24.60
C SER C 105 17.18 -13.17 -24.12
N LEU C 106 16.90 -11.90 -24.00
CA LEU C 106 17.95 -10.94 -23.54
C LEU C 106 17.34 -9.89 -22.61
N ARG C 107 18.09 -9.43 -21.65
CA ARG C 107 17.57 -8.41 -20.70
C ARG C 107 18.68 -7.42 -20.34
N VAL C 108 18.35 -6.17 -20.18
CA VAL C 108 19.40 -5.15 -19.85
C VAL C 108 19.28 -4.74 -18.38
N LEU C 109 20.38 -4.72 -17.67
CA LEU C 109 20.34 -4.32 -16.24
C LEU C 109 21.17 -3.05 -16.03
N SER C 110 20.55 -1.99 -15.59
CA SER C 110 21.31 -0.72 -15.37
C SER C 110 21.20 -0.27 -13.92
N ARG C 111 22.28 -0.33 -13.19
CA ARG C 111 22.25 0.10 -11.76
C ARG C 111 23.23 1.27 -11.56
N PRO C 112 22.68 2.43 -11.25
CA PRO C 112 23.53 3.62 -11.04
C PRO C 112 24.34 3.50 -9.73
N ASN C 113 23.82 3.99 -8.63
CA ASN C 113 24.56 3.89 -7.34
C ASN C 113 26.01 4.39 -7.50
N ALA C 114 26.23 5.27 -8.45
CA ALA C 114 27.62 5.80 -8.65
C ALA C 114 27.57 7.18 -9.32
N GLN C 115 27.34 7.23 -10.60
CA GLN C 115 27.29 8.55 -11.30
C GLN C 115 26.56 8.42 -12.64
N GLU C 116 25.36 7.89 -12.63
CA GLU C 116 24.60 7.74 -13.91
C GLU C 116 23.36 8.63 -13.89
N LEU C 117 22.91 9.03 -12.74
CA LEU C 117 21.70 9.90 -12.66
C LEU C 117 22.05 11.39 -12.92
N PRO C 118 23.30 11.78 -12.70
CA PRO C 118 23.67 13.21 -12.91
C PRO C 118 23.91 13.55 -14.40
N SER C 119 24.94 13.00 -15.01
CA SER C 119 25.21 13.33 -16.45
C SER C 119 24.22 12.60 -17.36
N MET C 120 24.08 11.32 -17.19
CA MET C 120 23.15 10.55 -18.06
C MET C 120 21.72 11.11 -17.96
N TYR C 121 21.41 11.90 -16.96
CA TYR C 121 20.03 12.44 -16.85
C TYR C 121 19.56 13.00 -18.21
N GLN C 122 20.30 13.91 -18.79
CA GLN C 122 19.90 14.47 -20.12
C GLN C 122 20.34 13.52 -21.25
N ARG C 123 21.50 12.93 -21.12
CA ARG C 123 22.00 11.99 -22.18
C ARG C 123 21.09 10.75 -22.26
N LEU C 124 20.81 10.15 -21.14
CA LEU C 124 19.94 8.93 -21.13
C LEU C 124 18.63 9.21 -21.88
N GLY C 125 17.89 10.20 -21.46
CA GLY C 125 16.61 10.52 -22.14
C GLY C 125 15.54 10.81 -21.10
N LEU C 126 15.76 11.78 -20.26
CA LEU C 126 14.76 12.12 -19.21
C LEU C 126 14.40 10.89 -18.39
N ASP C 127 15.38 10.13 -17.97
CA ASP C 127 15.11 8.90 -17.16
C ASP C 127 14.10 8.00 -17.89
N TYR C 128 13.15 7.44 -17.19
CA TYR C 128 12.14 6.55 -17.86
C TYR C 128 12.84 5.42 -18.62
N GLU C 129 13.65 4.62 -17.95
CA GLU C 129 14.34 3.51 -18.64
C GLU C 129 13.34 2.63 -19.41
N GLU C 130 12.09 2.68 -19.03
CA GLU C 130 11.06 1.85 -19.74
C GLU C 130 11.14 2.07 -21.26
N ARG C 131 11.70 3.17 -21.69
CA ARG C 131 11.80 3.44 -23.15
C ARG C 131 12.96 2.64 -23.75
N VAL C 132 14.14 2.79 -23.21
CA VAL C 132 15.33 2.05 -23.75
C VAL C 132 15.34 0.61 -23.23
N LEU C 133 14.64 0.33 -22.15
CA LEU C 133 14.63 -1.06 -21.60
C LEU C 133 14.25 -2.07 -22.69
N PRO C 134 13.10 -1.89 -23.29
CA PRO C 134 12.64 -2.82 -24.34
C PRO C 134 13.44 -2.61 -25.63
N SER C 135 13.97 -1.44 -25.82
CA SER C 135 14.76 -1.17 -27.06
C SER C 135 15.99 -2.08 -27.12
N ILE C 136 16.92 -1.91 -26.22
CA ILE C 136 18.15 -2.76 -26.23
C ILE C 136 17.77 -4.24 -26.05
N VAL C 137 16.88 -4.53 -25.14
CA VAL C 137 16.48 -5.96 -24.93
C VAL C 137 15.88 -6.54 -26.20
N ASN C 138 14.97 -5.85 -26.83
CA ASN C 138 14.34 -6.39 -28.07
C ASN C 138 15.26 -6.17 -29.29
N GLU C 139 16.13 -5.19 -29.23
CA GLU C 139 17.03 -4.93 -30.39
C GLU C 139 18.22 -5.90 -30.39
N VAL C 140 19.04 -5.85 -29.37
CA VAL C 140 20.22 -6.77 -29.31
C VAL C 140 19.79 -8.23 -29.40
N LEU C 141 18.54 -8.51 -29.10
CA LEU C 141 18.06 -9.92 -29.16
C LEU C 141 17.77 -10.33 -30.60
N LYS C 142 17.01 -9.55 -31.33
CA LYS C 142 16.68 -9.91 -32.74
C LYS C 142 17.95 -9.99 -33.60
N SER C 143 19.00 -9.34 -33.20
CA SER C 143 20.26 -9.37 -33.99
C SER C 143 21.03 -10.67 -33.71
N VAL C 144 20.98 -11.15 -32.49
CA VAL C 144 21.70 -12.41 -32.16
C VAL C 144 20.90 -13.63 -32.62
N VAL C 145 19.61 -13.50 -32.74
CA VAL C 145 18.78 -14.66 -33.18
C VAL C 145 19.21 -15.12 -34.58
N ALA C 146 19.03 -14.28 -35.57
CA ALA C 146 19.42 -14.67 -36.96
C ALA C 146 20.90 -15.07 -37.01
N LYS C 147 21.70 -14.57 -36.12
CA LYS C 147 23.15 -14.92 -36.11
C LYS C 147 23.37 -16.29 -35.46
N PHE C 148 23.11 -16.40 -34.18
CA PHE C 148 23.32 -17.70 -33.48
C PHE C 148 22.46 -18.80 -34.10
N ASN C 149 22.62 -20.02 -33.66
CA ASN C 149 21.81 -21.13 -34.23
C ASN C 149 21.19 -21.96 -33.10
N ALA C 150 20.24 -22.81 -33.42
CA ALA C 150 19.59 -23.63 -32.35
C ALA C 150 20.46 -24.84 -31.99
N SER C 151 21.18 -25.38 -32.95
CA SER C 151 22.05 -26.56 -32.66
C SER C 151 22.97 -26.28 -31.46
N GLN C 152 23.65 -25.17 -31.47
CA GLN C 152 24.56 -24.84 -30.34
C GLN C 152 23.77 -24.28 -29.15
N LEU C 153 22.58 -23.79 -29.39
CA LEU C 153 21.77 -23.23 -28.26
C LEU C 153 21.13 -24.36 -27.45
N ILE C 154 20.49 -25.29 -28.09
CA ILE C 154 19.84 -26.41 -27.34
C ILE C 154 20.87 -27.14 -26.48
N THR C 155 22.12 -27.10 -26.87
CA THR C 155 23.18 -27.79 -26.08
C THR C 155 23.41 -27.05 -24.76
N GLN C 156 23.23 -25.76 -24.75
CA GLN C 156 23.43 -24.98 -23.50
C GLN C 156 22.93 -23.53 -23.68
N ARG C 157 21.85 -23.18 -23.03
CA ARG C 157 21.31 -21.80 -23.16
C ARG C 157 22.29 -20.78 -22.55
N ALA C 158 23.24 -21.26 -21.78
CA ALA C 158 24.23 -20.32 -21.15
C ALA C 158 25.31 -19.91 -22.17
N GLN C 159 25.56 -20.75 -23.15
CA GLN C 159 26.62 -20.42 -24.16
C GLN C 159 26.27 -19.10 -24.86
N VAL C 160 25.10 -19.00 -25.42
CA VAL C 160 24.70 -17.75 -26.13
C VAL C 160 24.68 -16.57 -25.14
N SER C 161 24.48 -16.84 -23.87
CA SER C 161 24.44 -15.75 -22.88
C SER C 161 25.77 -14.98 -22.87
N LEU C 162 26.83 -15.61 -23.30
CA LEU C 162 28.16 -14.92 -23.32
C LEU C 162 28.25 -13.99 -24.54
N LEU C 163 27.90 -14.48 -25.70
CA LEU C 163 27.97 -13.64 -26.92
C LEU C 163 27.08 -12.40 -26.78
N ILE C 164 25.85 -12.59 -26.36
CA ILE C 164 24.93 -11.43 -26.19
C ILE C 164 25.48 -10.47 -25.13
N ARG C 165 26.25 -10.97 -24.20
CA ARG C 165 26.81 -10.10 -23.14
C ARG C 165 27.75 -9.06 -23.76
N ARG C 166 28.51 -9.45 -24.76
CA ARG C 166 29.44 -8.49 -25.40
C ARG C 166 28.66 -7.31 -26.00
N GLU C 167 27.59 -7.60 -26.71
CA GLU C 167 26.79 -6.50 -27.31
C GLU C 167 25.96 -5.80 -26.24
N LEU C 168 25.44 -6.54 -25.30
CA LEU C 168 24.63 -5.92 -24.21
C LEU C 168 25.49 -4.97 -23.38
N THR C 169 26.66 -5.41 -22.98
CA THR C 169 27.55 -4.54 -22.16
C THR C 169 27.91 -3.28 -22.94
N GLU C 170 28.13 -3.40 -24.22
CA GLU C 170 28.49 -2.20 -25.04
C GLU C 170 27.25 -1.32 -25.24
N ARG C 171 26.09 -1.90 -25.29
CA ARG C 171 24.84 -1.10 -25.47
C ARG C 171 24.53 -0.34 -24.19
N ALA C 172 24.62 -1.00 -23.05
CA ALA C 172 24.32 -0.32 -21.76
C ALA C 172 25.38 0.74 -21.46
N LYS C 173 26.64 0.40 -21.66
CA LYS C 173 27.73 1.38 -21.38
C LYS C 173 27.50 2.67 -22.18
N ASP C 174 26.77 2.59 -23.27
CA ASP C 174 26.52 3.80 -24.09
C ASP C 174 25.47 4.70 -23.41
N PHE C 175 24.30 4.17 -23.17
CA PHE C 175 23.23 4.99 -22.51
C PHE C 175 23.60 5.26 -21.04
N SER C 176 24.60 4.59 -20.53
CA SER C 176 24.99 4.81 -19.11
C SER C 176 26.24 3.99 -18.77
N LEU C 177 27.13 4.53 -17.97
CA LEU C 177 28.36 3.76 -17.62
C LEU C 177 28.22 3.17 -16.21
N ILE C 178 28.07 1.88 -16.12
CA ILE C 178 27.92 1.23 -14.78
C ILE C 178 28.29 -0.25 -14.87
N LEU C 179 28.73 -0.84 -13.79
CA LEU C 179 29.11 -2.28 -13.83
C LEU C 179 27.99 -3.12 -13.21
N ASP C 180 27.43 -4.01 -13.98
CA ASP C 180 26.31 -4.86 -13.46
C ASP C 180 26.29 -6.22 -14.16
N ASP C 181 25.76 -7.22 -13.52
CA ASP C 181 25.71 -8.58 -14.14
C ASP C 181 24.31 -8.82 -14.72
N VAL C 182 24.24 -9.34 -15.91
CA VAL C 182 22.89 -9.57 -16.52
C VAL C 182 22.84 -10.89 -17.31
N ALA C 183 22.11 -11.85 -16.81
CA ALA C 183 21.97 -13.15 -17.53
C ALA C 183 20.49 -13.39 -17.81
N ILE C 184 20.18 -14.11 -18.85
CA ILE C 184 18.75 -14.34 -19.19
C ILE C 184 18.35 -15.81 -19.07
N THR C 185 17.09 -16.07 -18.83
CA THR C 185 16.61 -17.48 -18.73
C THR C 185 16.03 -17.84 -20.10
N GLU C 186 16.69 -18.72 -20.81
CA GLU C 186 16.23 -19.06 -22.19
C GLU C 186 15.49 -20.39 -22.27
N LEU C 187 14.61 -20.48 -23.23
CA LEU C 187 13.83 -21.71 -23.46
C LEU C 187 13.60 -21.85 -24.97
N SER C 188 13.96 -22.95 -25.56
CA SER C 188 13.79 -23.10 -27.04
C SER C 188 12.55 -23.93 -27.40
N PHE C 189 11.99 -23.68 -28.55
CA PHE C 189 10.77 -24.43 -28.98
C PHE C 189 11.16 -25.50 -29.99
N SER C 190 10.78 -26.73 -29.76
CA SER C 190 11.11 -27.83 -30.71
C SER C 190 9.93 -28.78 -30.86
N MET D 1 6.50 70.66 -1.26
CA MET D 1 6.10 69.22 -1.26
C MET D 1 4.72 69.06 -1.90
N ALA D 2 4.07 67.95 -1.69
CA ALA D 2 2.73 67.73 -2.28
C ALA D 2 1.83 66.97 -1.31
N GLN D 3 0.54 66.99 -1.53
CA GLN D 3 -0.39 66.26 -0.62
C GLN D 3 -0.31 64.75 -0.87
N ASN D 4 -0.24 64.36 -2.12
CA ASN D 4 -0.15 62.90 -2.43
C ASN D 4 1.16 62.32 -1.89
N LEU D 5 2.17 63.14 -1.76
CA LEU D 5 3.48 62.64 -1.24
C LEU D 5 3.44 62.53 0.28
N LYS D 6 2.68 63.39 0.92
CA LYS D 6 2.59 63.34 2.41
C LYS D 6 1.87 62.07 2.86
N ASP D 7 0.99 61.56 2.04
CA ASP D 7 0.25 60.31 2.42
C ASP D 7 1.18 59.10 2.40
N LEU D 8 2.23 59.17 1.62
CA LEU D 8 3.19 58.01 1.56
C LEU D 8 3.94 57.88 2.89
N ALA D 9 4.54 58.94 3.35
CA ALA D 9 5.30 58.87 4.63
C ALA D 9 4.34 58.96 5.81
N GLY D 10 3.23 59.62 5.65
CA GLY D 10 2.25 59.76 6.77
C GLY D 10 1.58 58.40 7.02
N ARG D 11 1.62 57.51 6.07
CA ARG D 11 0.98 56.18 6.25
C ARG D 11 1.82 55.32 7.22
N LEU D 12 3.08 55.62 7.36
CA LEU D 12 3.93 54.81 8.28
C LEU D 12 3.51 55.03 9.75
N PRO D 13 3.54 56.27 10.18
CA PRO D 13 3.16 56.59 11.58
C PRO D 13 1.64 56.47 11.76
N ALA D 14 0.90 56.36 10.68
CA ALA D 14 -0.58 56.24 10.80
C ALA D 14 -0.96 54.89 11.39
N GLY D 15 -1.31 54.85 12.64
CA GLY D 15 -1.70 53.56 13.28
C GLY D 15 -0.45 52.71 13.53
N PRO D 16 0.34 53.15 14.48
CA PRO D 16 1.59 52.41 14.82
C PRO D 16 1.26 51.13 15.58
N ARG D 17 0.13 51.10 16.26
CA ARG D 17 -0.25 49.88 17.03
C ARG D 17 -0.53 48.72 16.08
N GLY D 18 -0.81 49.00 14.83
CA GLY D 18 -1.08 47.90 13.86
C GLY D 18 0.21 47.17 13.53
N MET D 19 1.34 47.84 13.63
CA MET D 19 2.63 47.19 13.31
C MET D 19 2.85 45.95 14.20
N GLY D 20 2.32 45.98 15.39
CA GLY D 20 2.48 44.81 16.31
C GLY D 20 1.69 43.62 15.77
N THR D 21 0.42 43.80 15.52
CA THR D 21 -0.41 42.68 15.00
C THR D 21 0.15 42.19 13.66
N ALA D 22 0.85 43.03 12.95
CA ALA D 22 1.42 42.62 11.62
C ALA D 22 2.25 41.35 11.79
N LEU D 23 2.86 41.16 12.93
CA LEU D 23 3.68 39.93 13.15
C LEU D 23 2.80 38.69 13.09
N LYS D 24 1.67 38.73 13.76
CA LYS D 24 0.75 37.55 13.74
C LYS D 24 0.48 37.10 12.31
N LEU D 25 0.51 38.01 11.38
CA LEU D 25 0.26 37.65 9.96
C LEU D 25 1.47 36.91 9.37
N LEU D 26 2.66 37.37 9.68
CA LEU D 26 3.88 36.70 9.14
C LEU D 26 3.91 35.23 9.57
N LEU D 27 3.77 34.97 10.84
CA LEU D 27 3.78 33.56 11.33
C LEU D 27 2.64 32.77 10.70
N GLY D 28 1.50 33.38 10.54
CA GLY D 28 0.34 32.66 9.92
C GLY D 28 0.66 32.32 8.48
N ALA D 29 1.34 33.20 7.77
CA ALA D 29 1.69 32.91 6.35
C ALA D 29 2.55 31.66 6.26
N GLY D 30 3.39 31.42 7.25
CA GLY D 30 4.25 30.21 7.21
C GLY D 30 3.39 28.97 7.46
N ALA D 31 2.32 29.11 8.19
CA ALA D 31 1.45 27.93 8.46
C ALA D 31 0.64 27.56 7.21
N VAL D 32 0.17 28.54 6.49
CA VAL D 32 -0.61 28.24 5.25
C VAL D 32 0.26 27.48 4.25
N ALA D 33 1.55 27.69 4.28
CA ALA D 33 2.45 26.97 3.34
C ALA D 33 2.35 25.46 3.55
N TYR D 34 2.07 25.04 4.76
CA TYR D 34 1.95 23.58 5.03
C TYR D 34 0.82 22.97 4.20
N GLY D 35 -0.31 23.63 4.13
CA GLY D 35 -1.45 23.09 3.34
C GLY D 35 -1.01 22.96 1.87
N VAL D 36 -0.17 23.84 1.42
CA VAL D 36 0.29 23.77 -0.01
C VAL D 36 1.40 22.72 -0.14
N ARG D 37 2.17 22.51 0.89
CA ARG D 37 3.27 21.50 0.82
C ARG D 37 2.71 20.14 0.40
N GLU D 38 1.48 19.84 0.76
CA GLU D 38 0.89 18.53 0.38
C GLU D 38 0.40 18.56 -1.08
N SER D 39 0.04 19.72 -1.60
CA SER D 39 -0.43 19.80 -3.03
C SER D 39 -0.06 21.15 -3.69
N VAL D 40 0.20 21.14 -4.98
CA VAL D 40 0.57 22.40 -5.71
C VAL D 40 0.21 22.30 -7.21
N PHE D 41 0.55 23.29 -8.01
CA PHE D 41 0.22 23.21 -9.48
C PHE D 41 1.49 23.02 -10.33
N THR D 42 2.51 23.83 -10.14
CA THR D 42 3.76 23.69 -10.96
C THR D 42 4.16 22.22 -11.10
N VAL D 43 3.96 21.66 -12.27
CA VAL D 43 4.32 20.22 -12.48
C VAL D 43 5.77 19.98 -12.06
N GLU D 44 6.01 18.95 -11.30
CA GLU D 44 7.40 18.67 -10.85
C GLU D 44 7.91 17.36 -11.47
N GLY D 45 9.11 17.37 -12.01
CA GLY D 45 9.67 16.14 -12.63
C GLY D 45 9.50 16.20 -14.14
N GLY D 46 9.25 15.08 -14.76
CA GLY D 46 9.08 15.06 -16.25
C GLY D 46 7.60 14.88 -16.57
N HIS D 47 6.74 15.51 -15.83
CA HIS D 47 5.27 15.38 -16.09
C HIS D 47 4.75 16.62 -16.81
N ARG D 48 3.69 16.47 -17.56
CA ARG D 48 3.13 17.62 -18.32
C ARG D 48 1.87 18.18 -17.61
N ALA D 49 1.54 19.45 -17.82
CA ALA D 49 0.35 20.06 -17.12
C ALA D 49 -0.89 20.14 -18.03
N ILE D 50 -2.05 20.14 -17.42
CA ILE D 50 -3.33 20.19 -18.20
C ILE D 50 -4.30 21.21 -17.56
N PHE D 51 -5.20 21.80 -18.32
CA PHE D 51 -6.12 22.85 -17.74
C PHE D 51 -7.62 22.55 -17.93
N PHE D 52 -8.43 22.95 -16.97
CA PHE D 52 -9.90 22.76 -17.06
C PHE D 52 -10.59 23.72 -16.05
N ASN D 53 -11.81 24.13 -16.33
CA ASN D 53 -12.51 25.07 -15.39
C ASN D 53 -13.70 24.38 -14.69
N ARG D 54 -14.05 24.82 -13.51
CA ARG D 54 -15.21 24.20 -12.76
C ARG D 54 -16.41 24.01 -13.68
N ILE D 55 -16.55 24.84 -14.69
CA ILE D 55 -17.70 24.70 -15.62
C ILE D 55 -17.24 24.86 -17.07
N GLY D 56 -16.65 23.83 -17.63
CA GLY D 56 -16.19 23.91 -19.04
C GLY D 56 -15.92 22.50 -19.57
N GLY D 57 -14.87 22.32 -20.33
CA GLY D 57 -14.55 20.97 -20.87
C GLY D 57 -13.51 20.30 -19.99
N VAL D 58 -13.87 19.22 -19.34
CA VAL D 58 -12.91 18.50 -18.45
C VAL D 58 -11.56 18.29 -19.16
N GLN D 59 -10.51 18.11 -18.41
CA GLN D 59 -9.17 17.89 -19.03
C GLN D 59 -8.30 17.01 -18.14
N GLN D 60 -8.91 16.12 -17.40
CA GLN D 60 -8.11 15.23 -16.50
C GLN D 60 -7.44 14.12 -17.32
N ASP D 61 -6.63 13.32 -16.69
CA ASP D 61 -5.93 12.22 -17.42
C ASP D 61 -5.24 12.77 -18.67
N THR D 62 -4.31 13.69 -18.49
CA THR D 62 -3.60 14.26 -19.66
C THR D 62 -2.21 14.80 -19.27
N ILE D 63 -1.51 15.44 -20.18
CA ILE D 63 -0.15 15.98 -19.91
C ILE D 63 0.42 16.68 -21.17
N LEU D 64 0.73 17.97 -21.10
CA LEU D 64 1.29 18.70 -22.30
C LEU D 64 2.85 18.71 -22.26
N ALA D 65 3.45 19.61 -21.51
CA ALA D 65 4.95 19.67 -21.41
C ALA D 65 5.34 20.53 -20.17
N GLU D 66 6.60 20.56 -19.78
CA GLU D 66 6.97 21.36 -18.56
C GLU D 66 7.01 22.86 -18.84
N GLY D 67 6.63 23.65 -17.86
CA GLY D 67 6.62 25.13 -18.00
C GLY D 67 6.63 25.75 -16.60
N LEU D 68 7.09 26.97 -16.44
CA LEU D 68 7.08 27.56 -15.07
C LEU D 68 5.82 28.44 -14.94
N HIS D 69 4.85 27.95 -14.21
CA HIS D 69 3.56 28.70 -14.04
C HIS D 69 2.81 28.18 -12.79
N PHE D 70 2.01 29.01 -12.18
CA PHE D 70 1.25 28.54 -10.97
C PHE D 70 -0.27 28.59 -11.24
N ARG D 71 -1.02 27.69 -10.65
CA ARG D 71 -2.50 27.70 -10.88
C ARG D 71 -3.12 28.87 -10.09
N ILE D 72 -2.73 30.07 -10.41
CA ILE D 72 -3.29 31.24 -9.68
C ILE D 72 -3.87 32.29 -10.66
N PRO D 73 -4.45 31.82 -11.75
CA PRO D 73 -5.04 32.77 -12.74
C PRO D 73 -6.41 33.26 -12.25
N TRP D 74 -7.47 32.56 -12.58
CA TRP D 74 -8.82 32.97 -12.13
C TRP D 74 -9.80 31.78 -12.24
N PHE D 75 -9.63 30.95 -13.23
CA PHE D 75 -10.56 29.78 -13.39
C PHE D 75 -9.83 28.59 -14.02
N GLN D 76 -8.96 27.95 -13.28
CA GLN D 76 -8.23 26.77 -13.84
C GLN D 76 -8.07 25.69 -12.75
N TYR D 77 -7.98 24.46 -13.13
CA TYR D 77 -7.86 23.37 -12.12
C TYR D 77 -6.63 22.50 -12.37
N PRO D 78 -6.13 21.91 -11.31
CA PRO D 78 -4.96 21.03 -11.43
C PRO D 78 -5.37 19.56 -11.47
N ILE D 79 -5.25 18.94 -12.61
CA ILE D 79 -5.56 17.49 -12.76
C ILE D 79 -4.65 16.99 -13.87
N ILE D 80 -3.62 16.23 -13.55
CA ILE D 80 -2.67 15.76 -14.61
C ILE D 80 -2.48 14.23 -14.58
N TYR D 81 -2.07 13.67 -15.68
CA TYR D 81 -1.90 12.20 -15.75
C TYR D 81 -0.42 11.82 -15.54
N ASP D 82 -0.18 10.73 -14.86
CA ASP D 82 1.23 10.29 -14.60
C ASP D 82 1.38 8.79 -14.87
N ILE D 83 2.55 8.35 -15.25
CA ILE D 83 2.77 6.90 -15.53
C ILE D 83 2.72 6.09 -14.23
N ARG D 84 2.41 4.83 -14.30
CA ARG D 84 2.36 3.99 -13.08
C ARG D 84 2.15 2.52 -13.45
N ALA D 85 2.99 1.98 -14.29
CA ALA D 85 2.85 0.55 -14.70
C ALA D 85 1.47 0.30 -15.33
N ARG D 86 1.31 -0.80 -16.00
CA ARG D 86 -0.01 -1.09 -16.64
C ARG D 86 -0.17 -2.60 -16.90
N PRO D 87 -1.16 -3.19 -16.28
CA PRO D 87 -1.41 -4.63 -16.46
C PRO D 87 -2.51 -4.85 -17.50
N ARG D 88 -2.16 -5.37 -18.64
CA ARG D 88 -3.18 -5.60 -19.71
C ARG D 88 -2.67 -6.68 -20.69
N LYS D 89 -3.29 -7.86 -20.69
CA LYS D 89 -2.85 -8.97 -21.60
C LYS D 89 -4.04 -9.85 -22.05
N ILE D 90 -3.91 -10.54 -23.16
CA ILE D 90 -5.03 -11.39 -23.68
C ILE D 90 -4.86 -12.86 -23.34
N SER D 91 -5.96 -13.58 -23.27
CA SER D 91 -5.92 -15.04 -23.01
C SER D 91 -7.24 -15.64 -23.49
N SER D 92 -7.22 -16.37 -24.58
CA SER D 92 -8.48 -16.98 -25.09
C SER D 92 -8.19 -18.13 -26.05
N PRO D 93 -9.10 -19.07 -26.11
CA PRO D 93 -8.95 -20.23 -27.02
C PRO D 93 -9.78 -20.00 -28.29
N THR D 94 -9.13 -19.80 -29.41
CA THR D 94 -9.88 -19.57 -30.68
C THR D 94 -9.22 -20.29 -31.85
N GLY D 95 -9.99 -20.94 -32.68
CA GLY D 95 -9.42 -21.66 -33.85
C GLY D 95 -10.51 -21.86 -34.90
N SER D 96 -10.31 -21.35 -36.09
CA SER D 96 -11.34 -21.51 -37.15
C SER D 96 -10.69 -21.68 -38.53
N LYS D 97 -9.78 -20.79 -38.88
CA LYS D 97 -9.11 -20.91 -40.22
C LYS D 97 -8.49 -22.30 -40.39
N ASP D 98 -8.08 -22.91 -39.31
CA ASP D 98 -7.46 -24.27 -39.40
C ASP D 98 -7.36 -24.91 -38.02
N LEU D 99 -6.92 -26.14 -37.96
CA LEU D 99 -6.80 -26.84 -36.64
C LEU D 99 -8.13 -26.78 -35.88
N GLN D 100 -8.12 -27.16 -34.63
CA GLN D 100 -9.38 -27.14 -33.83
C GLN D 100 -9.47 -25.84 -33.03
N MET D 101 -8.63 -25.67 -32.04
CA MET D 101 -8.67 -24.42 -31.23
C MET D 101 -7.26 -23.92 -30.96
N VAL D 102 -6.95 -22.72 -31.39
CA VAL D 102 -5.58 -22.18 -31.16
C VAL D 102 -5.63 -21.06 -30.11
N ASN D 103 -4.58 -20.89 -29.35
CA ASN D 103 -4.58 -19.84 -28.30
C ASN D 103 -3.77 -18.62 -28.78
N ILE D 104 -4.43 -17.52 -29.03
CA ILE D 104 -3.70 -16.30 -29.49
C ILE D 104 -4.07 -15.11 -28.61
N SER D 105 -3.08 -14.43 -28.07
CA SER D 105 -3.36 -13.27 -27.20
C SER D 105 -2.24 -12.22 -27.35
N LEU D 106 -2.59 -10.98 -27.55
CA LEU D 106 -1.55 -9.92 -27.73
C LEU D 106 -1.64 -8.87 -26.63
N ARG D 107 -0.53 -8.26 -26.29
CA ARG D 107 -0.54 -7.20 -25.22
C ARG D 107 0.12 -5.92 -25.75
N VAL D 108 -0.27 -4.78 -25.25
CA VAL D 108 0.34 -3.50 -25.73
C VAL D 108 0.74 -2.62 -24.54
N LEU D 109 1.75 -1.80 -24.71
CA LEU D 109 2.19 -0.92 -23.60
C LEU D 109 1.87 0.55 -23.94
N SER D 110 1.65 1.36 -22.94
CA SER D 110 1.33 2.80 -23.20
C SER D 110 2.51 3.68 -22.79
N ARG D 111 3.02 4.48 -23.69
CA ARG D 111 4.17 5.37 -23.34
C ARG D 111 3.75 6.84 -23.46
N PRO D 112 4.18 7.63 -22.51
CA PRO D 112 3.83 9.08 -22.51
C PRO D 112 4.62 9.83 -23.59
N ASN D 113 5.92 9.65 -23.61
CA ASN D 113 6.76 10.35 -24.64
C ASN D 113 6.53 11.87 -24.58
N ALA D 114 5.56 12.38 -25.30
CA ALA D 114 5.30 13.85 -25.27
C ALA D 114 3.96 14.16 -25.97
N GLN D 115 4.00 14.68 -27.17
CA GLN D 115 2.73 15.00 -27.90
C GLN D 115 1.79 15.81 -27.00
N GLU D 116 0.54 15.89 -27.36
CA GLU D 116 -0.42 16.67 -26.54
C GLU D 116 -1.55 15.76 -26.02
N LEU D 117 -1.57 15.49 -24.74
CA LEU D 117 -2.64 14.61 -24.19
C LEU D 117 -4.02 15.29 -24.24
N PRO D 118 -4.08 16.56 -23.91
CA PRO D 118 -5.39 17.27 -23.90
C PRO D 118 -6.02 17.37 -25.30
N SER D 119 -5.24 17.59 -26.32
CA SER D 119 -5.85 17.69 -27.70
C SER D 119 -6.68 16.45 -27.99
N MET D 120 -6.06 15.29 -27.96
CA MET D 120 -6.79 14.03 -28.23
C MET D 120 -7.56 13.55 -26.99
N TYR D 121 -7.20 14.02 -25.82
CA TYR D 121 -7.89 13.55 -24.58
C TYR D 121 -9.43 13.58 -24.76
N GLN D 122 -10.01 14.73 -24.93
CA GLN D 122 -11.50 14.80 -25.10
C GLN D 122 -11.93 13.86 -26.23
N ARG D 123 -11.11 13.72 -27.24
CA ARG D 123 -11.45 12.79 -28.37
C ARG D 123 -11.14 11.35 -27.95
N LEU D 124 -10.32 11.18 -26.96
CA LEU D 124 -9.95 9.82 -26.48
C LEU D 124 -11.06 9.27 -25.57
N GLY D 125 -11.75 10.14 -24.88
CA GLY D 125 -12.85 9.68 -23.98
C GLY D 125 -12.33 9.61 -22.54
N LEU D 126 -12.82 8.68 -21.76
CA LEU D 126 -12.36 8.57 -20.35
C LEU D 126 -11.97 7.13 -20.03
N ASP D 127 -10.91 6.93 -19.29
CA ASP D 127 -10.47 5.54 -18.94
C ASP D 127 -10.32 4.70 -20.21
N TYR D 128 -9.69 5.23 -21.22
CA TYR D 128 -9.51 4.46 -22.49
C TYR D 128 -8.74 3.16 -22.22
N GLU D 129 -7.83 3.19 -21.29
CA GLU D 129 -7.02 1.97 -20.97
C GLU D 129 -7.94 0.76 -20.77
N GLU D 130 -9.16 0.98 -20.39
CA GLU D 130 -10.10 -0.15 -20.17
C GLU D 130 -10.70 -0.64 -21.49
N ARG D 131 -11.51 0.18 -22.13
CA ARG D 131 -12.16 -0.23 -23.40
C ARG D 131 -11.23 -0.04 -24.62
N VAL D 132 -10.75 1.17 -24.84
CA VAL D 132 -9.88 1.44 -26.02
C VAL D 132 -8.73 0.42 -26.16
N LEU D 133 -8.03 0.15 -25.10
CA LEU D 133 -6.87 -0.81 -25.20
C LEU D 133 -7.31 -2.13 -25.87
N PRO D 134 -8.23 -2.82 -25.25
CA PRO D 134 -8.72 -4.10 -25.82
C PRO D 134 -9.55 -3.84 -27.08
N SER D 135 -10.32 -2.79 -27.09
CA SER D 135 -11.16 -2.47 -28.28
C SER D 135 -10.29 -2.39 -29.54
N ILE D 136 -9.10 -1.87 -29.41
CA ILE D 136 -8.20 -1.76 -30.60
C ILE D 136 -7.52 -3.10 -30.89
N VAL D 137 -7.12 -3.80 -29.85
CA VAL D 137 -6.45 -5.11 -30.06
C VAL D 137 -7.49 -6.21 -30.34
N ASN D 138 -8.36 -6.48 -29.39
CA ASN D 138 -9.39 -7.54 -29.59
C ASN D 138 -10.09 -7.41 -30.95
N GLU D 139 -10.14 -6.21 -31.49
CA GLU D 139 -10.82 -6.03 -32.81
C GLU D 139 -9.99 -6.65 -33.94
N VAL D 140 -8.81 -6.14 -34.19
CA VAL D 140 -7.97 -6.71 -35.27
C VAL D 140 -7.31 -8.02 -34.82
N LEU D 141 -7.09 -8.18 -33.55
CA LEU D 141 -6.45 -9.43 -33.03
C LEU D 141 -7.26 -10.66 -33.45
N LYS D 142 -8.45 -10.79 -32.95
CA LYS D 142 -9.29 -11.97 -33.32
C LYS D 142 -9.69 -11.91 -34.80
N SER D 143 -9.64 -10.74 -35.39
CA SER D 143 -10.02 -10.63 -36.83
C SER D 143 -8.88 -11.12 -37.72
N VAL D 144 -7.66 -10.85 -37.35
CA VAL D 144 -6.50 -11.31 -38.18
C VAL D 144 -6.26 -12.80 -37.96
N VAL D 145 -6.54 -13.29 -36.78
CA VAL D 145 -6.33 -14.74 -36.51
C VAL D 145 -7.21 -15.59 -37.43
N ALA D 146 -8.44 -15.20 -37.60
CA ALA D 146 -9.36 -15.97 -38.49
C ALA D 146 -8.84 -15.95 -39.94
N LYS D 147 -8.10 -14.93 -40.29
CA LYS D 147 -7.57 -14.85 -41.68
C LYS D 147 -6.31 -15.71 -41.82
N PHE D 148 -5.36 -15.54 -40.94
CA PHE D 148 -4.11 -16.36 -41.03
C PHE D 148 -4.42 -17.84 -40.77
N ASN D 149 -3.45 -18.69 -40.95
CA ASN D 149 -3.67 -20.14 -40.72
C ASN D 149 -3.12 -20.55 -39.34
N ALA D 150 -3.53 -21.69 -38.85
CA ALA D 150 -3.04 -22.14 -37.51
C ALA D 150 -1.65 -22.76 -37.63
N SER D 151 -1.39 -23.48 -38.70
CA SER D 151 -0.05 -24.11 -38.87
C SER D 151 1.05 -23.03 -38.86
N GLN D 152 0.77 -21.88 -39.39
CA GLN D 152 1.79 -20.79 -39.41
C GLN D 152 1.87 -20.11 -38.04
N LEU D 153 0.86 -20.26 -37.23
CA LEU D 153 0.88 -19.62 -35.87
C LEU D 153 1.72 -20.46 -34.90
N ILE D 154 1.60 -21.76 -34.96
CA ILE D 154 2.39 -22.63 -34.04
C ILE D 154 3.87 -22.62 -34.43
N THR D 155 4.17 -22.23 -35.64
CA THR D 155 5.60 -22.20 -36.08
C THR D 155 6.31 -20.99 -35.49
N GLN D 156 5.84 -19.81 -35.79
CA GLN D 156 6.49 -18.58 -35.25
C GLN D 156 5.42 -17.58 -34.80
N ARG D 157 5.18 -17.48 -33.52
CA ARG D 157 4.14 -16.53 -33.02
C ARG D 157 4.51 -15.09 -33.42
N ALA D 158 5.77 -14.83 -33.65
CA ALA D 158 6.19 -13.46 -34.05
C ALA D 158 5.74 -13.16 -35.48
N GLN D 159 5.54 -14.18 -36.28
CA GLN D 159 5.10 -13.95 -37.68
C GLN D 159 3.71 -13.32 -37.71
N VAL D 160 2.88 -13.64 -36.74
CA VAL D 160 1.51 -13.07 -36.70
C VAL D 160 1.57 -11.61 -36.23
N SER D 161 2.38 -11.33 -35.24
CA SER D 161 2.48 -9.93 -34.73
C SER D 161 2.98 -9.00 -35.85
N LEU D 162 3.65 -9.55 -36.83
CA LEU D 162 4.17 -8.71 -37.95
C LEU D 162 2.99 -8.08 -38.72
N LEU D 163 2.03 -8.88 -39.09
CA LEU D 163 0.85 -8.33 -39.84
C LEU D 163 -0.05 -7.54 -38.89
N ILE D 164 -0.13 -7.95 -37.65
CA ILE D 164 -1.00 -7.22 -36.69
C ILE D 164 -0.32 -5.90 -36.27
N ARG D 165 0.95 -5.95 -35.99
CA ARG D 165 1.68 -4.71 -35.59
C ARG D 165 1.57 -3.64 -36.69
N ARG D 166 1.34 -4.05 -37.91
CA ARG D 166 1.22 -3.07 -39.03
C ARG D 166 -0.10 -2.30 -38.93
N GLU D 167 -1.17 -3.00 -38.69
CA GLU D 167 -2.49 -2.32 -38.57
C GLU D 167 -2.65 -1.69 -37.18
N LEU D 168 -2.01 -2.24 -36.19
CA LEU D 168 -2.12 -1.67 -34.82
C LEU D 168 -1.59 -0.24 -34.80
N THR D 169 -0.61 0.05 -35.60
CA THR D 169 -0.04 1.43 -35.64
C THR D 169 -1.07 2.40 -36.21
N GLU D 170 -2.02 1.91 -36.97
CA GLU D 170 -3.05 2.81 -37.56
C GLU D 170 -4.12 3.14 -36.52
N ARG D 171 -4.60 2.16 -35.81
CA ARG D 171 -5.65 2.41 -34.78
C ARG D 171 -5.01 2.95 -33.50
N ALA D 172 -3.89 2.42 -33.11
CA ALA D 172 -3.21 2.90 -31.87
C ALA D 172 -2.84 4.38 -32.02
N LYS D 173 -2.48 4.79 -33.21
CA LYS D 173 -2.09 6.22 -33.42
C LYS D 173 -3.35 7.09 -33.47
N ASP D 174 -4.45 6.55 -33.90
CA ASP D 174 -5.71 7.36 -33.96
C ASP D 174 -6.04 7.94 -32.58
N PHE D 175 -6.19 7.11 -31.60
CA PHE D 175 -6.51 7.62 -30.23
C PHE D 175 -5.26 8.25 -29.62
N SER D 176 -5.16 9.55 -29.68
CA SER D 176 -3.96 10.25 -29.11
C SER D 176 -2.68 9.75 -29.79
N LEU D 177 -1.60 10.45 -29.63
CA LEU D 177 -0.32 10.02 -30.26
C LEU D 177 0.59 9.36 -29.21
N ILE D 178 0.78 8.07 -29.32
CA ILE D 178 1.65 7.37 -28.33
C ILE D 178 2.45 6.27 -29.02
N LEU D 179 3.60 5.94 -28.51
CA LEU D 179 4.42 4.86 -29.14
C LEU D 179 4.27 3.57 -28.35
N ASP D 180 3.61 2.58 -28.93
CA ASP D 180 3.42 1.29 -28.22
C ASP D 180 4.17 0.17 -28.93
N ASP D 181 4.56 -0.84 -28.21
CA ASP D 181 5.29 -1.98 -28.84
C ASP D 181 4.33 -3.15 -29.07
N VAL D 182 4.50 -3.88 -30.14
CA VAL D 182 3.59 -5.03 -30.41
C VAL D 182 4.27 -6.35 -30.06
N ALA D 183 3.69 -7.10 -29.17
CA ALA D 183 4.28 -8.41 -28.77
C ALA D 183 3.19 -9.29 -28.16
N ILE D 184 3.31 -10.58 -28.26
CA ILE D 184 2.27 -11.48 -27.69
C ILE D 184 2.89 -12.63 -26.90
N THR D 185 2.38 -12.90 -25.73
CA THR D 185 2.94 -14.03 -24.94
C THR D 185 1.83 -15.06 -24.67
N GLU D 186 1.84 -16.15 -25.39
CA GLU D 186 0.79 -17.18 -25.17
C GLU D 186 1.15 -18.49 -25.85
N LEU D 187 0.91 -19.61 -25.23
CA LEU D 187 1.18 -20.90 -25.91
C LEU D 187 0.36 -22.02 -25.25
N SER D 188 -0.72 -22.42 -25.89
CA SER D 188 -1.56 -23.53 -25.34
C SER D 188 -2.53 -24.02 -26.42
N PHE D 189 -2.33 -25.18 -26.97
CA PHE D 189 -3.29 -25.66 -28.01
C PHE D 189 -3.15 -27.18 -28.20
N SER D 190 -4.26 -27.88 -28.23
CA SER D 190 -4.20 -29.35 -28.41
C SER D 190 -4.97 -29.77 -29.67
N MET E 1 -35.12 62.36 10.44
CA MET E 1 -34.52 62.26 9.08
C MET E 1 -33.52 61.09 9.04
N ALA E 2 -33.97 59.93 8.65
CA ALA E 2 -33.06 58.75 8.58
C ALA E 2 -32.33 58.57 9.91
N GLN E 3 -33.04 58.36 10.98
CA GLN E 3 -32.38 58.18 12.31
C GLN E 3 -31.69 56.81 12.37
N ASN E 4 -32.19 55.85 11.64
CA ASN E 4 -31.56 54.49 11.65
C ASN E 4 -30.14 54.56 11.09
N LEU E 5 -29.96 55.27 10.01
CA LEU E 5 -28.60 55.39 9.40
C LEU E 5 -27.63 56.06 10.39
N LYS E 6 -28.07 57.11 11.02
CA LYS E 6 -27.17 57.82 12.00
C LYS E 6 -26.84 56.88 13.16
N ASP E 7 -27.75 56.03 13.53
CA ASP E 7 -27.48 55.09 14.66
C ASP E 7 -26.53 53.98 14.21
N LEU E 8 -26.61 53.58 12.97
CA LEU E 8 -25.72 52.49 12.47
C LEU E 8 -24.33 53.07 12.15
N ALA E 9 -24.28 54.15 11.42
CA ALA E 9 -22.96 54.76 11.08
C ALA E 9 -22.33 55.40 12.32
N GLY E 10 -23.13 55.79 13.27
CA GLY E 10 -22.58 56.42 14.50
C GLY E 10 -22.05 55.34 15.44
N ARG E 11 -22.50 54.13 15.29
CA ARG E 11 -22.01 53.03 16.17
C ARG E 11 -20.62 52.56 15.73
N LEU E 12 -20.30 52.74 14.48
CA LEU E 12 -18.95 52.30 13.99
C LEU E 12 -17.83 53.06 14.72
N PRO E 13 -17.89 54.38 14.64
CA PRO E 13 -16.85 55.20 15.32
C PRO E 13 -17.07 55.19 16.83
N ALA E 14 -16.63 54.16 17.49
CA ALA E 14 -16.80 54.08 18.97
C ALA E 14 -15.88 53.00 19.56
N GLY E 15 -15.79 51.87 18.90
CA GLY E 15 -14.91 50.78 19.42
C GLY E 15 -13.88 50.39 18.35
N PRO E 16 -12.86 51.20 18.23
CA PRO E 16 -11.80 50.94 17.23
C PRO E 16 -10.93 49.76 17.69
N ARG E 17 -10.82 49.57 18.98
CA ARG E 17 -9.99 48.44 19.50
C ARG E 17 -10.50 47.10 18.94
N GLY E 18 -11.75 47.04 18.57
CA GLY E 18 -12.31 45.78 18.03
C GLY E 18 -11.59 45.42 16.72
N MET E 19 -11.11 46.40 16.02
CA MET E 19 -10.40 46.11 14.74
C MET E 19 -9.09 45.36 15.01
N GLY E 20 -8.50 45.58 16.17
CA GLY E 20 -7.24 44.88 16.50
C GLY E 20 -7.50 43.38 16.65
N THR E 21 -8.63 43.02 17.21
CA THR E 21 -8.96 41.58 17.37
C THR E 21 -9.44 40.98 16.04
N ALA E 22 -9.98 41.79 15.18
CA ALA E 22 -10.46 41.27 13.86
C ALA E 22 -9.30 40.65 13.08
N LEU E 23 -8.10 41.10 13.33
CA LEU E 23 -6.92 40.54 12.59
C LEU E 23 -6.71 39.08 13.00
N LYS E 24 -6.88 38.76 14.26
CA LYS E 24 -6.70 37.35 14.71
C LYS E 24 -7.63 36.42 13.94
N LEU E 25 -8.78 36.91 13.55
CA LEU E 25 -9.74 36.05 12.79
C LEU E 25 -9.14 35.62 11.45
N LEU E 26 -8.60 36.55 10.71
CA LEU E 26 -8.00 36.20 9.39
C LEU E 26 -6.87 35.18 9.57
N LEU E 27 -6.25 35.15 10.72
CA LEU E 27 -5.14 34.18 10.94
C LEU E 27 -5.71 32.77 11.18
N GLY E 28 -6.85 32.68 11.80
CA GLY E 28 -7.45 31.33 12.05
C GLY E 28 -8.15 30.83 10.78
N ALA E 29 -8.63 31.71 9.96
CA ALA E 29 -9.32 31.28 8.70
C ALA E 29 -8.33 30.56 7.78
N GLY E 30 -7.08 30.91 7.84
CA GLY E 30 -6.07 30.24 6.97
C GLY E 30 -5.73 28.86 7.53
N ALA E 31 -5.82 28.71 8.82
CA ALA E 31 -5.49 27.39 9.44
C ALA E 31 -6.65 26.40 9.22
N VAL E 32 -7.84 26.90 9.04
CA VAL E 32 -9.00 26.00 8.81
C VAL E 32 -9.00 25.46 7.37
N ALA E 33 -8.41 26.19 6.47
CA ALA E 33 -8.37 25.72 5.05
C ALA E 33 -7.63 24.39 4.94
N TYR E 34 -6.69 24.15 5.82
CA TYR E 34 -5.93 22.87 5.77
C TYR E 34 -6.87 21.68 5.99
N GLY E 35 -7.75 21.78 6.95
CA GLY E 35 -8.69 20.66 7.22
C GLY E 35 -9.54 20.39 5.97
N VAL E 36 -9.81 21.41 5.20
CA VAL E 36 -10.62 21.24 3.97
C VAL E 36 -9.76 20.66 2.84
N ARG E 37 -8.48 20.95 2.85
CA ARG E 37 -7.59 20.42 1.79
C ARG E 37 -7.63 18.88 1.74
N GLU E 38 -7.85 18.25 2.87
CA GLU E 38 -7.89 16.76 2.89
C GLU E 38 -9.27 16.24 2.42
N SER E 39 -10.33 16.99 2.60
CA SER E 39 -11.68 16.50 2.15
C SER E 39 -12.52 17.61 1.48
N VAL E 40 -13.52 17.25 0.70
CA VAL E 40 -14.37 18.28 0.03
C VAL E 40 -15.56 17.61 -0.71
N PHE E 41 -16.52 18.38 -1.17
CA PHE E 41 -17.69 17.76 -1.89
C PHE E 41 -17.63 18.05 -3.41
N THR E 42 -17.26 19.25 -3.80
CA THR E 42 -17.21 19.58 -5.28
C THR E 42 -16.50 18.48 -6.05
N VAL E 43 -17.24 17.71 -6.82
CA VAL E 43 -16.61 16.62 -7.63
C VAL E 43 -15.45 17.18 -8.46
N GLU E 44 -14.28 16.63 -8.32
CA GLU E 44 -13.09 17.13 -9.09
C GLU E 44 -13.43 17.27 -10.57
N GLY E 45 -13.66 16.18 -11.26
CA GLY E 45 -13.99 16.26 -12.71
C GLY E 45 -14.04 14.86 -13.32
N GLY E 46 -13.21 13.97 -12.84
CA GLY E 46 -13.21 12.58 -13.39
C GLY E 46 -14.08 11.67 -12.53
N HIS E 47 -15.06 12.23 -11.87
CA HIS E 47 -15.95 11.39 -11.00
C HIS E 47 -17.35 12.01 -10.93
N ARG E 48 -18.34 11.19 -10.71
CA ARG E 48 -19.76 11.69 -10.67
C ARG E 48 -20.27 11.82 -9.21
N ALA E 49 -21.27 12.65 -9.00
CA ALA E 49 -21.79 12.87 -7.60
C ALA E 49 -23.09 12.11 -7.29
N ILE E 50 -23.29 11.82 -6.02
CA ILE E 50 -24.50 11.05 -5.56
C ILE E 50 -25.07 11.77 -4.31
N PHE E 51 -26.37 11.67 -4.03
CA PHE E 51 -26.95 12.42 -2.86
C PHE E 51 -27.70 11.53 -1.85
N PHE E 52 -27.56 11.83 -0.57
CA PHE E 52 -28.28 11.06 0.50
C PHE E 52 -28.30 11.87 1.81
N ASN E 53 -29.28 11.66 2.65
CA ASN E 53 -29.36 12.43 3.95
C ASN E 53 -29.12 11.50 5.16
N ARG E 54 -28.64 12.04 6.27
CA ARG E 54 -28.37 11.20 7.49
C ARG E 54 -29.50 10.18 7.70
N ILE E 55 -30.70 10.64 7.95
CA ILE E 55 -31.83 9.69 8.18
C ILE E 55 -32.11 8.90 6.89
N GLY E 56 -32.02 7.60 6.97
CA GLY E 56 -32.29 6.77 5.76
C GLY E 56 -31.04 5.95 5.41
N GLY E 57 -30.92 5.54 4.17
CA GLY E 57 -29.74 4.75 3.75
C GLY E 57 -29.84 4.42 2.26
N VAL E 58 -29.47 5.33 1.41
CA VAL E 58 -29.56 5.07 -0.06
C VAL E 58 -28.44 5.81 -0.81
N GLN E 59 -27.25 5.24 -0.84
CA GLN E 59 -26.12 5.90 -1.56
C GLN E 59 -24.87 5.01 -1.53
N GLN E 60 -24.47 4.49 -2.65
CA GLN E 60 -23.26 3.62 -2.70
C GLN E 60 -23.00 3.14 -4.14
N ASP E 61 -21.77 3.06 -4.54
CA ASP E 61 -21.44 2.61 -5.92
C ASP E 61 -22.23 3.42 -6.95
N THR E 62 -22.28 4.72 -6.81
CA THR E 62 -23.05 5.55 -7.78
C THR E 62 -22.23 6.74 -8.31
N ILE E 63 -22.45 7.10 -9.55
CA ILE E 63 -21.75 8.26 -10.17
C ILE E 63 -22.49 8.70 -11.46
N LEU E 64 -23.02 9.90 -11.47
CA LEU E 64 -23.74 10.42 -12.68
C LEU E 64 -22.79 11.27 -13.59
N ALA E 65 -22.75 12.58 -13.42
CA ALA E 65 -21.82 13.43 -14.26
C ALA E 65 -21.21 14.57 -13.42
N GLU E 66 -20.33 15.37 -13.99
CA GLU E 66 -19.70 16.49 -13.19
C GLU E 66 -20.58 17.74 -13.22
N GLY E 67 -20.50 18.52 -12.18
CA GLY E 67 -21.32 19.77 -12.07
C GLY E 67 -20.66 20.67 -11.04
N LEU E 68 -20.86 21.96 -11.10
CA LEU E 68 -20.22 22.83 -10.07
C LEU E 68 -21.24 23.08 -8.94
N HIS E 69 -21.02 22.42 -7.84
CA HIS E 69 -21.94 22.55 -6.67
C HIS E 69 -21.21 22.08 -5.41
N PHE E 70 -21.57 22.60 -4.26
CA PHE E 70 -20.87 22.17 -3.00
C PHE E 70 -21.89 21.66 -1.98
N ARG E 71 -21.50 20.73 -1.14
CA ARG E 71 -22.46 20.21 -0.10
C ARG E 71 -22.61 21.27 0.99
N ILE E 72 -23.04 22.44 0.61
CA ILE E 72 -23.21 23.53 1.62
C ILE E 72 -24.62 23.54 2.26
N PRO E 73 -25.60 22.92 1.62
CA PRO E 73 -26.96 22.89 2.20
C PRO E 73 -27.07 21.80 3.26
N TRP E 74 -28.27 21.46 3.65
CA TRP E 74 -28.44 20.40 4.69
C TRP E 74 -29.16 19.17 4.09
N PHE E 75 -29.40 18.17 4.90
CA PHE E 75 -30.08 16.93 4.39
C PHE E 75 -29.35 16.35 3.17
N GLN E 76 -28.05 16.29 3.24
CA GLN E 76 -27.25 15.72 2.10
C GLN E 76 -25.92 15.19 2.61
N TYR E 77 -25.36 14.22 1.94
CA TYR E 77 -24.07 13.62 2.41
C TYR E 77 -23.13 13.35 1.24
N PRO E 78 -21.85 13.33 1.54
CA PRO E 78 -20.85 13.07 0.50
C PRO E 78 -20.41 11.60 0.51
N ILE E 79 -20.83 10.87 -0.49
CA ILE E 79 -20.45 9.44 -0.64
C ILE E 79 -20.55 9.15 -2.15
N ILE E 80 -19.43 8.97 -2.81
CA ILE E 80 -19.45 8.77 -4.30
C ILE E 80 -18.71 7.50 -4.73
N TYR E 81 -19.06 6.99 -5.88
CA TYR E 81 -18.40 5.75 -6.40
C TYR E 81 -17.33 6.13 -7.44
N ASP E 82 -16.26 5.38 -7.50
CA ASP E 82 -15.19 5.70 -8.50
C ASP E 82 -15.03 4.56 -9.50
N ILE E 83 -14.72 4.88 -10.73
CA ILE E 83 -14.56 3.81 -11.77
C ILE E 83 -13.18 3.15 -11.65
N ARG E 84 -13.07 1.93 -12.08
CA ARG E 84 -11.76 1.21 -11.99
C ARG E 84 -11.85 -0.14 -12.72
N ALA E 85 -10.73 -0.73 -13.02
CA ALA E 85 -10.74 -2.05 -13.73
C ALA E 85 -11.52 -3.07 -12.89
N ARG E 86 -11.81 -4.22 -13.45
CA ARG E 86 -12.57 -5.24 -12.69
C ARG E 86 -12.22 -6.66 -13.17
N PRO E 87 -11.52 -7.39 -12.33
CA PRO E 87 -11.13 -8.77 -12.66
C PRO E 87 -12.09 -9.74 -11.96
N ARG E 88 -12.92 -10.43 -12.71
CA ARG E 88 -13.88 -11.37 -12.06
C ARG E 88 -14.35 -12.45 -13.08
N LYS E 89 -13.91 -13.70 -12.93
CA LYS E 89 -14.30 -14.80 -13.88
C LYS E 89 -14.08 -16.20 -13.24
N ILE E 90 -14.81 -17.22 -13.68
CA ILE E 90 -14.63 -18.60 -13.06
C ILE E 90 -14.65 -19.72 -14.10
N SER E 91 -13.99 -20.82 -13.76
CA SER E 91 -13.99 -22.02 -14.65
C SER E 91 -14.78 -23.13 -13.95
N SER E 92 -15.94 -23.48 -14.44
CA SER E 92 -16.74 -24.54 -13.77
C SER E 92 -17.23 -25.59 -14.76
N PRO E 93 -17.33 -26.81 -14.31
CA PRO E 93 -17.79 -27.92 -15.16
C PRO E 93 -19.28 -28.20 -14.93
N THR E 94 -20.11 -27.96 -15.91
CA THR E 94 -21.56 -28.20 -15.76
C THR E 94 -22.22 -28.40 -17.13
N GLY E 95 -22.86 -29.52 -17.34
CA GLY E 95 -23.52 -29.76 -18.66
C GLY E 95 -24.61 -30.81 -18.49
N SER E 96 -25.64 -30.75 -19.31
CA SER E 96 -26.74 -31.75 -19.21
C SER E 96 -27.46 -31.89 -20.55
N LYS E 97 -26.73 -31.80 -21.64
CA LYS E 97 -27.37 -31.93 -22.98
C LYS E 97 -26.52 -32.82 -23.89
N ASP E 98 -25.72 -33.69 -23.32
CA ASP E 98 -24.87 -34.59 -24.15
C ASP E 98 -24.41 -35.81 -23.35
N LEU E 99 -25.11 -36.15 -22.29
CA LEU E 99 -24.74 -37.34 -21.46
C LEU E 99 -23.26 -37.27 -21.06
N GLN E 100 -22.68 -36.09 -21.01
CA GLN E 100 -21.25 -35.98 -20.62
C GLN E 100 -21.04 -34.71 -19.78
N MET E 101 -19.81 -34.28 -19.64
CA MET E 101 -19.54 -33.05 -18.83
C MET E 101 -19.21 -31.87 -19.74
N VAL E 102 -19.52 -30.67 -19.31
CA VAL E 102 -19.23 -29.47 -20.14
C VAL E 102 -18.87 -28.29 -19.24
N ASN E 103 -17.67 -27.76 -19.37
CA ASN E 103 -17.26 -26.61 -18.52
C ASN E 103 -17.34 -25.31 -19.31
N ILE E 104 -18.01 -24.32 -18.76
CA ILE E 104 -18.13 -23.02 -19.48
C ILE E 104 -17.70 -21.88 -18.54
N SER E 105 -17.18 -20.81 -19.07
CA SER E 105 -16.75 -19.67 -18.22
C SER E 105 -16.87 -18.36 -18.99
N LEU E 106 -17.80 -17.52 -18.60
CA LEU E 106 -17.97 -16.21 -19.30
C LEU E 106 -17.93 -15.06 -18.31
N ARG E 107 -17.22 -14.01 -18.62
CA ARG E 107 -17.14 -12.85 -17.69
C ARG E 107 -17.98 -11.68 -18.21
N VAL E 108 -18.52 -10.88 -17.34
CA VAL E 108 -19.35 -9.73 -17.78
C VAL E 108 -18.64 -8.41 -17.48
N LEU E 109 -18.89 -7.39 -18.26
CA LEU E 109 -18.22 -6.08 -18.02
C LEU E 109 -19.24 -5.05 -17.50
N SER E 110 -18.80 -4.12 -16.70
CA SER E 110 -19.73 -3.09 -16.17
C SER E 110 -19.24 -1.69 -16.55
N ARG E 111 -20.07 -0.92 -17.21
CA ARG E 111 -19.63 0.46 -17.61
C ARG E 111 -20.26 1.50 -16.66
N PRO E 112 -19.42 2.11 -15.86
CA PRO E 112 -19.91 3.14 -14.90
C PRO E 112 -20.22 4.46 -15.62
N ASN E 113 -19.53 4.72 -16.69
CA ASN E 113 -19.77 6.00 -17.44
C ASN E 113 -21.14 5.97 -18.14
N ALA E 114 -22.20 6.00 -17.38
CA ALA E 114 -23.56 5.97 -17.99
C ALA E 114 -24.40 7.15 -17.50
N GLN E 115 -23.92 7.89 -16.54
CA GLN E 115 -24.69 9.06 -16.02
C GLN E 115 -26.10 8.63 -15.57
N GLU E 116 -26.19 7.75 -14.63
CA GLU E 116 -27.54 7.29 -14.15
C GLU E 116 -27.38 6.28 -13.00
N LEU E 117 -26.45 6.52 -12.11
CA LEU E 117 -26.24 5.58 -10.98
C LEU E 117 -27.27 5.80 -9.84
N PRO E 118 -27.68 7.03 -9.62
CA PRO E 118 -28.65 7.29 -8.51
C PRO E 118 -30.05 6.73 -8.81
N SER E 119 -30.43 6.63 -10.06
CA SER E 119 -31.79 6.09 -10.36
C SER E 119 -31.82 4.56 -10.17
N MET E 120 -30.89 3.88 -10.75
CA MET E 120 -30.86 2.39 -10.62
C MET E 120 -30.22 1.95 -9.29
N TYR E 121 -29.47 2.82 -8.65
CA TYR E 121 -28.80 2.42 -7.38
C TYR E 121 -29.81 1.78 -6.40
N GLN E 122 -30.78 2.52 -5.91
CA GLN E 122 -31.76 1.90 -4.95
C GLN E 122 -32.33 0.62 -5.54
N ARG E 123 -32.43 0.55 -6.85
CA ARG E 123 -32.95 -0.69 -7.50
C ARG E 123 -31.84 -1.75 -7.59
N LEU E 124 -30.61 -1.30 -7.63
CA LEU E 124 -29.47 -2.27 -7.73
C LEU E 124 -29.35 -3.08 -6.43
N GLY E 125 -29.77 -2.51 -5.32
CA GLY E 125 -29.69 -3.25 -4.03
C GLY E 125 -28.37 -2.90 -3.32
N LEU E 126 -28.13 -1.63 -3.09
CA LEU E 126 -26.87 -1.23 -2.40
C LEU E 126 -25.64 -1.86 -3.07
N ASP E 127 -25.43 -1.55 -4.33
CA ASP E 127 -24.26 -2.13 -5.05
C ASP E 127 -24.27 -3.67 -4.95
N TYR E 128 -23.59 -4.23 -3.97
CA TYR E 128 -23.57 -5.71 -3.82
C TYR E 128 -23.16 -6.38 -5.13
N GLU E 129 -22.39 -5.72 -5.93
CA GLU E 129 -21.96 -6.32 -7.23
C GLU E 129 -21.30 -7.67 -7.00
N GLU E 130 -20.64 -7.84 -5.87
CA GLU E 130 -19.97 -9.14 -5.57
C GLU E 130 -20.98 -10.29 -5.68
N ARG E 131 -22.16 -10.11 -5.15
CA ARG E 131 -23.19 -11.19 -5.22
C ARG E 131 -23.91 -11.18 -6.56
N VAL E 132 -24.03 -10.03 -7.18
CA VAL E 132 -24.75 -9.94 -8.48
C VAL E 132 -23.86 -10.40 -9.65
N LEU E 133 -22.62 -9.99 -9.65
CA LEU E 133 -21.70 -10.37 -10.76
C LEU E 133 -21.76 -11.89 -11.04
N PRO E 134 -21.52 -12.66 -10.02
CA PRO E 134 -21.55 -14.14 -10.17
C PRO E 134 -22.99 -14.64 -10.28
N SER E 135 -23.92 -13.96 -9.65
CA SER E 135 -25.34 -14.40 -9.70
C SER E 135 -25.85 -14.38 -11.15
N ILE E 136 -25.83 -13.24 -11.78
CA ILE E 136 -26.32 -13.17 -13.19
C ILE E 136 -25.52 -14.13 -14.09
N VAL E 137 -24.27 -14.35 -13.77
CA VAL E 137 -23.45 -15.27 -14.61
C VAL E 137 -23.74 -16.72 -14.24
N ASN E 138 -23.59 -17.07 -12.99
CA ASN E 138 -23.87 -18.47 -12.54
C ASN E 138 -25.26 -18.91 -12.98
N GLU E 139 -26.20 -17.99 -13.06
CA GLU E 139 -27.58 -18.35 -13.48
C GLU E 139 -27.67 -18.48 -15.01
N VAL E 140 -27.31 -17.44 -15.71
CA VAL E 140 -27.38 -17.50 -17.20
C VAL E 140 -26.33 -18.48 -17.75
N LEU E 141 -25.11 -18.37 -17.30
CA LEU E 141 -24.04 -19.28 -17.81
C LEU E 141 -24.44 -20.74 -17.56
N LYS E 142 -24.98 -21.04 -16.41
CA LYS E 142 -25.38 -22.44 -16.10
C LYS E 142 -26.73 -22.76 -16.76
N SER E 143 -27.55 -21.77 -16.99
CA SER E 143 -28.87 -22.03 -17.63
C SER E 143 -28.71 -22.19 -19.14
N VAL E 144 -27.80 -21.46 -19.73
CA VAL E 144 -27.60 -21.58 -21.20
C VAL E 144 -26.79 -22.83 -21.54
N VAL E 145 -25.71 -23.06 -20.84
CA VAL E 145 -24.87 -24.27 -21.11
C VAL E 145 -25.73 -25.53 -21.02
N ALA E 146 -26.72 -25.53 -20.18
CA ALA E 146 -27.60 -26.73 -20.03
C ALA E 146 -28.36 -26.98 -21.33
N LYS E 147 -28.76 -25.93 -22.00
CA LYS E 147 -29.51 -26.10 -23.27
C LYS E 147 -28.55 -26.38 -24.43
N PHE E 148 -27.42 -25.73 -24.44
CA PHE E 148 -26.42 -25.96 -25.54
C PHE E 148 -25.97 -27.42 -25.55
N ASN E 149 -24.89 -27.70 -26.23
CA ASN E 149 -24.40 -29.11 -26.28
C ASN E 149 -22.86 -29.12 -26.27
N ALA E 150 -22.28 -30.24 -25.95
CA ALA E 150 -20.78 -30.32 -25.91
C ALA E 150 -20.22 -30.49 -27.32
N SER E 151 -20.95 -31.14 -28.19
CA SER E 151 -20.44 -31.35 -29.58
C SER E 151 -20.07 -30.01 -30.22
N GLN E 152 -20.95 -29.03 -30.13
CA GLN E 152 -20.65 -27.71 -30.74
C GLN E 152 -19.74 -26.89 -29.81
N LEU E 153 -19.77 -27.16 -28.53
CA LEU E 153 -18.90 -26.40 -27.59
C LEU E 153 -17.42 -26.62 -27.93
N ILE E 154 -17.01 -27.85 -28.04
CA ILE E 154 -15.58 -28.13 -28.37
C ILE E 154 -15.23 -27.52 -29.73
N THR E 155 -16.18 -27.46 -30.63
CA THR E 155 -15.90 -26.87 -31.98
C THR E 155 -15.48 -25.41 -31.83
N GLN E 156 -16.07 -24.70 -30.92
CA GLN E 156 -15.72 -23.26 -30.72
C GLN E 156 -16.39 -22.71 -29.46
N ARG E 157 -15.64 -22.50 -28.41
CA ARG E 157 -16.24 -21.97 -27.16
C ARG E 157 -16.85 -20.59 -27.40
N ALA E 158 -16.49 -19.94 -28.48
CA ALA E 158 -17.04 -18.59 -28.77
C ALA E 158 -18.44 -18.69 -29.38
N GLN E 159 -18.74 -19.78 -30.04
CA GLN E 159 -20.09 -19.94 -30.67
C GLN E 159 -21.19 -19.80 -29.60
N VAL E 160 -20.89 -20.13 -28.38
CA VAL E 160 -21.91 -20.01 -27.30
C VAL E 160 -22.04 -18.56 -26.84
N SER E 161 -20.99 -17.79 -26.98
CA SER E 161 -21.04 -16.36 -26.55
C SER E 161 -22.16 -15.61 -27.28
N LEU E 162 -22.62 -16.13 -28.39
CA LEU E 162 -23.71 -15.43 -29.15
C LEU E 162 -25.06 -15.59 -28.43
N LEU E 163 -25.44 -16.81 -28.13
CA LEU E 163 -26.75 -17.03 -27.44
C LEU E 163 -26.64 -16.75 -25.94
N ILE E 164 -25.63 -17.27 -25.30
CA ILE E 164 -25.47 -17.05 -23.82
C ILE E 164 -25.42 -15.55 -23.52
N ARG E 165 -25.02 -14.75 -24.47
CA ARG E 165 -24.95 -13.28 -24.23
C ARG E 165 -26.34 -12.66 -24.35
N ARG E 166 -27.22 -13.28 -25.10
CA ARG E 166 -28.60 -12.73 -25.25
C ARG E 166 -29.28 -12.59 -23.89
N GLU E 167 -29.19 -13.60 -23.07
CA GLU E 167 -29.83 -13.54 -21.72
C GLU E 167 -28.95 -12.75 -20.76
N LEU E 168 -27.66 -12.75 -20.96
CA LEU E 168 -26.75 -12.00 -20.05
C LEU E 168 -26.90 -10.49 -20.29
N THR E 169 -26.80 -10.06 -21.52
CA THR E 169 -26.94 -8.60 -21.81
C THR E 169 -28.32 -8.10 -21.38
N GLU E 170 -29.31 -8.97 -21.43
CA GLU E 170 -30.68 -8.55 -21.01
C GLU E 170 -30.72 -8.28 -19.50
N ARG E 171 -30.09 -9.13 -18.73
CA ARG E 171 -30.08 -8.93 -17.25
C ARG E 171 -29.06 -7.87 -16.85
N ALA E 172 -28.11 -7.59 -17.71
CA ALA E 172 -27.06 -6.57 -17.38
C ALA E 172 -27.71 -5.26 -16.95
N LYS E 173 -28.41 -4.61 -17.84
CA LYS E 173 -29.08 -3.32 -17.48
C LYS E 173 -30.06 -3.52 -16.32
N ASP E 174 -30.51 -4.72 -16.11
CA ASP E 174 -31.47 -4.98 -15.00
C ASP E 174 -30.86 -4.58 -13.65
N PHE E 175 -29.56 -4.52 -13.56
CA PHE E 175 -28.92 -4.13 -12.27
C PHE E 175 -28.44 -2.68 -12.31
N SER E 176 -27.27 -2.43 -12.83
CA SER E 176 -26.76 -1.03 -12.91
C SER E 176 -25.51 -0.96 -13.78
N LEU E 177 -25.56 -1.53 -14.95
CA LEU E 177 -24.37 -1.50 -15.84
C LEU E 177 -24.80 -1.72 -17.31
N ILE E 178 -24.31 -0.90 -18.20
CA ILE E 178 -24.69 -1.05 -19.63
C ILE E 178 -23.42 -1.08 -20.50
N LEU E 179 -23.13 -2.21 -21.10
CA LEU E 179 -21.93 -2.31 -21.96
C LEU E 179 -22.11 -3.42 -23.00
N ASP E 180 -21.60 -3.23 -24.20
CA ASP E 180 -21.75 -4.28 -25.25
C ASP E 180 -20.44 -5.06 -25.41
N ASP E 181 -20.42 -6.29 -25.00
CA ASP E 181 -19.18 -7.11 -25.14
C ASP E 181 -19.52 -8.60 -25.10
N VAL E 182 -19.37 -9.28 -26.21
CA VAL E 182 -19.68 -10.75 -26.23
C VAL E 182 -18.39 -11.56 -26.32
N ALA E 183 -18.03 -12.24 -25.27
CA ALA E 183 -16.78 -13.06 -25.29
C ALA E 183 -16.81 -14.10 -24.19
N ILE E 184 -16.11 -15.20 -24.38
CA ILE E 184 -16.10 -16.25 -23.32
C ILE E 184 -14.78 -17.01 -23.33
N THR E 185 -14.02 -16.93 -22.27
CA THR E 185 -12.74 -17.70 -22.20
C THR E 185 -13.02 -18.94 -21.35
N GLU E 186 -13.05 -20.09 -21.96
CA GLU E 186 -13.38 -21.30 -21.16
C GLU E 186 -12.87 -22.59 -21.82
N LEU E 187 -12.60 -23.58 -21.02
CA LEU E 187 -12.15 -24.90 -21.56
C LEU E 187 -13.14 -25.96 -21.10
N SER E 188 -13.58 -26.82 -21.98
CA SER E 188 -14.59 -27.85 -21.58
C SER E 188 -13.94 -29.22 -21.37
N PHE E 189 -14.53 -30.03 -20.54
CA PHE E 189 -13.96 -31.39 -20.26
C PHE E 189 -14.75 -32.44 -21.04
N SER E 190 -14.07 -33.31 -21.73
CA SER E 190 -14.77 -34.37 -22.51
C SER E 190 -14.03 -35.70 -22.39
N MET F 1 -39.94 43.73 35.90
CA MET F 1 -38.53 44.02 36.29
C MET F 1 -38.22 43.43 37.67
N ALA F 2 -37.95 42.16 37.73
CA ALA F 2 -37.64 41.52 39.05
C ALA F 2 -36.21 41.88 39.48
N GLN F 3 -36.00 42.04 40.76
CA GLN F 3 -34.63 42.38 41.25
C GLN F 3 -33.67 41.21 40.99
N ASN F 4 -34.12 40.01 41.21
CA ASN F 4 -33.23 38.83 40.96
C ASN F 4 -32.86 38.74 39.48
N LEU F 5 -33.71 39.23 38.61
CA LEU F 5 -33.41 39.17 37.16
C LEU F 5 -32.56 40.39 36.75
N LYS F 6 -32.72 41.48 37.45
CA LYS F 6 -31.93 42.71 37.10
C LYS F 6 -30.45 42.48 37.41
N ASP F 7 -30.15 41.64 38.35
CA ASP F 7 -28.73 41.38 38.71
C ASP F 7 -28.06 40.54 37.61
N LEU F 8 -28.76 39.59 37.07
CA LEU F 8 -28.16 38.74 35.99
C LEU F 8 -27.87 39.59 34.75
N ALA F 9 -28.71 40.54 34.46
CA ALA F 9 -28.47 41.40 33.27
C ALA F 9 -27.31 42.36 33.52
N GLY F 10 -27.11 42.75 34.76
CA GLY F 10 -25.99 43.68 35.08
C GLY F 10 -24.68 42.90 35.17
N ARG F 11 -24.75 41.60 35.38
CA ARG F 11 -23.51 40.80 35.49
C ARG F 11 -22.86 40.62 34.11
N LEU F 12 -23.63 40.70 33.06
CA LEU F 12 -23.05 40.53 31.69
C LEU F 12 -22.12 41.70 31.35
N PRO F 13 -22.66 42.90 31.40
CA PRO F 13 -21.84 44.10 31.09
C PRO F 13 -20.85 44.38 32.21
N ALA F 14 -19.90 43.50 32.42
CA ALA F 14 -18.89 43.71 33.49
C ALA F 14 -17.53 43.18 33.05
N GLY F 15 -17.14 43.47 31.83
CA GLY F 15 -15.83 42.98 31.33
C GLY F 15 -15.82 42.98 29.80
N PRO F 16 -15.39 44.08 29.23
CA PRO F 16 -15.35 44.21 27.76
C PRO F 16 -14.23 43.35 27.17
N ARG F 17 -13.11 43.27 27.87
CA ARG F 17 -11.99 42.44 27.35
C ARG F 17 -12.39 40.96 27.30
N GLY F 18 -13.31 40.56 28.14
CA GLY F 18 -13.75 39.13 28.13
C GLY F 18 -14.34 38.78 26.77
N MET F 19 -15.00 39.70 26.13
CA MET F 19 -15.60 39.42 24.80
C MET F 19 -14.51 39.33 23.74
N GLY F 20 -13.47 40.11 23.88
CA GLY F 20 -12.36 40.07 22.88
C GLY F 20 -11.68 38.70 22.92
N THR F 21 -11.39 38.20 24.09
CA THR F 21 -10.74 36.86 24.20
C THR F 21 -11.67 35.77 23.66
N ALA F 22 -12.95 36.00 23.69
CA ALA F 22 -13.91 34.97 23.19
C ALA F 22 -13.58 34.59 21.74
N LEU F 23 -13.07 35.52 20.97
CA LEU F 23 -12.71 35.21 19.56
C LEU F 23 -11.62 34.13 19.52
N LYS F 24 -10.63 34.23 20.36
CA LYS F 24 -9.53 33.22 20.39
C LYS F 24 -10.14 31.81 20.51
N LEU F 25 -11.26 31.70 21.13
CA LEU F 25 -11.91 30.36 21.30
C LEU F 25 -12.53 29.91 19.97
N LEU F 26 -13.17 30.79 19.26
CA LEU F 26 -13.80 30.42 17.96
C LEU F 26 -12.73 29.88 17.00
N LEU F 27 -11.68 30.62 16.79
CA LEU F 27 -10.61 30.16 15.86
C LEU F 27 -9.98 28.86 16.39
N GLY F 28 -9.90 28.71 17.69
CA GLY F 28 -9.31 27.48 18.27
C GLY F 28 -10.22 26.29 17.97
N ALA F 29 -11.50 26.51 17.94
CA ALA F 29 -12.45 25.39 17.66
C ALA F 29 -12.24 24.88 16.23
N GLY F 30 -11.84 25.74 15.33
CA GLY F 30 -11.61 25.30 13.93
C GLY F 30 -10.41 24.36 13.86
N ALA F 31 -9.39 24.64 14.65
CA ALA F 31 -8.19 23.75 14.64
C ALA F 31 -8.55 22.37 15.17
N VAL F 32 -9.29 22.31 16.25
CA VAL F 32 -9.66 20.99 16.83
C VAL F 32 -10.50 20.19 15.82
N ALA F 33 -11.20 20.87 14.95
CA ALA F 33 -12.04 20.16 13.93
C ALA F 33 -11.15 19.31 13.03
N TYR F 34 -9.94 19.75 12.79
CA TYR F 34 -9.02 18.97 11.91
C TYR F 34 -8.75 17.60 12.51
N GLY F 35 -8.46 17.55 13.79
CA GLY F 35 -8.19 16.23 14.44
C GLY F 35 -9.43 15.33 14.32
N VAL F 36 -10.60 15.92 14.31
CA VAL F 36 -11.84 15.10 14.18
C VAL F 36 -12.07 14.68 12.72
N ARG F 37 -11.62 15.46 11.79
CA ARG F 37 -11.81 15.11 10.35
C ARG F 37 -11.23 13.71 10.07
N GLU F 38 -10.22 13.31 10.79
CA GLU F 38 -9.60 11.97 10.55
C GLU F 38 -10.45 10.86 11.21
N SER F 39 -11.17 11.15 12.27
CA SER F 39 -11.99 10.07 12.92
C SER F 39 -13.46 10.51 13.15
N VAL F 40 -14.33 9.61 13.54
CA VAL F 40 -15.78 9.97 13.79
C VAL F 40 -16.57 8.76 14.33
N PHE F 41 -17.78 8.97 14.80
CA PHE F 41 -18.60 7.82 15.33
C PHE F 41 -19.83 7.57 14.46
N THR F 42 -20.54 8.60 14.06
CA THR F 42 -21.76 8.38 13.21
C THR F 42 -21.41 7.54 11.98
N VAL F 43 -21.98 6.36 11.87
CA VAL F 43 -21.68 5.50 10.70
C VAL F 43 -21.93 6.27 9.39
N GLU F 44 -20.87 6.55 8.66
CA GLU F 44 -21.04 7.30 7.38
C GLU F 44 -21.99 6.56 6.44
N GLY F 45 -21.58 5.45 5.91
CA GLY F 45 -22.46 4.68 4.98
C GLY F 45 -21.77 3.38 4.57
N GLY F 46 -22.50 2.46 4.01
CA GLY F 46 -21.88 1.17 3.58
C GLY F 46 -21.24 0.48 4.79
N HIS F 47 -21.68 0.79 5.97
CA HIS F 47 -21.10 0.15 7.19
C HIS F 47 -22.11 0.18 8.34
N ARG F 48 -22.00 -0.75 9.25
CA ARG F 48 -22.95 -0.83 10.39
C ARG F 48 -22.24 -0.49 11.73
N ALA F 49 -23.00 -0.09 12.74
CA ALA F 49 -22.36 0.31 14.05
C ALA F 49 -22.41 -0.79 15.12
N ILE F 50 -21.47 -0.74 16.03
CA ILE F 50 -21.36 -1.76 17.13
C ILE F 50 -21.08 -1.03 18.47
N PHE F 51 -21.46 -1.59 19.61
CA PHE F 51 -21.25 -0.84 20.91
C PHE F 51 -20.47 -1.65 21.99
N PHE F 52 -19.63 -0.96 22.74
CA PHE F 52 -18.85 -1.62 23.84
C PHE F 52 -18.31 -0.54 24.81
N ASN F 53 -18.08 -0.88 26.07
CA ASN F 53 -17.57 0.13 27.05
C ASN F 53 -16.19 -0.26 27.61
N ARG F 54 -15.39 0.72 28.02
CA ARG F 54 -14.01 0.41 28.56
C ARG F 54 -14.07 -0.73 29.58
N ILE F 55 -15.18 -0.92 30.24
CA ILE F 55 -15.27 -2.03 31.24
C ILE F 55 -15.01 -3.39 30.56
N GLY F 56 -15.85 -3.75 29.63
CA GLY F 56 -15.65 -5.06 28.93
C GLY F 56 -16.67 -5.20 27.80
N GLY F 57 -16.68 -6.33 27.13
CA GLY F 57 -17.65 -6.53 26.02
C GLY F 57 -16.91 -6.58 24.69
N VAL F 58 -15.75 -5.97 24.62
CA VAL F 58 -14.95 -5.98 23.34
C VAL F 58 -15.80 -5.45 22.18
N GLN F 59 -16.51 -6.32 21.50
CA GLN F 59 -17.35 -5.87 20.35
C GLN F 59 -16.51 -5.11 19.33
N GLN F 60 -16.07 -5.78 18.30
CA GLN F 60 -15.22 -5.09 17.26
C GLN F 60 -15.65 -5.54 15.86
N ASP F 61 -15.41 -6.76 15.51
CA ASP F 61 -15.80 -7.26 14.15
C ASP F 61 -17.33 -7.42 14.08
N THR F 62 -18.05 -6.34 13.94
CA THR F 62 -19.54 -6.43 13.88
C THR F 62 -20.14 -5.29 13.05
N ILE F 63 -21.33 -5.49 12.53
CA ILE F 63 -22.01 -4.44 11.73
C ILE F 63 -23.51 -4.78 11.53
N LEU F 64 -24.39 -3.97 12.07
CA LEU F 64 -25.87 -4.21 11.90
C LEU F 64 -26.44 -3.33 10.74
N ALA F 65 -26.85 -2.11 11.02
CA ALA F 65 -27.40 -1.22 9.93
C ALA F 65 -27.04 0.27 10.18
N GLU F 66 -27.45 1.17 9.32
CA GLU F 66 -27.11 2.63 9.54
C GLU F 66 -28.16 3.33 10.41
N GLY F 67 -27.74 4.34 11.12
CA GLY F 67 -28.67 5.11 12.00
C GLY F 67 -28.04 6.48 12.29
N LEU F 68 -28.80 7.48 12.63
CA LEU F 68 -28.17 8.79 12.92
C LEU F 68 -27.96 8.91 14.44
N HIS F 69 -26.74 8.76 14.86
CA HIS F 69 -26.40 8.83 16.32
C HIS F 69 -24.90 9.10 16.48
N PHE F 70 -24.50 9.72 17.56
CA PHE F 70 -23.04 10.00 17.76
C PHE F 70 -22.55 9.34 19.06
N ARG F 71 -21.28 9.00 19.12
CA ARG F 71 -20.74 8.37 20.36
C ARG F 71 -20.53 9.43 21.43
N ILE F 72 -21.57 10.12 21.81
CA ILE F 72 -21.43 11.17 22.85
C ILE F 72 -22.35 10.89 24.07
N PRO F 73 -22.64 9.62 24.34
CA PRO F 73 -23.50 9.29 25.50
C PRO F 73 -22.71 9.44 26.81
N TRP F 74 -22.01 8.41 27.23
CA TRP F 74 -21.22 8.50 28.49
C TRP F 74 -20.10 7.44 28.49
N PHE F 75 -20.36 6.26 27.97
CA PHE F 75 -19.31 5.21 27.97
C PHE F 75 -19.40 4.34 26.71
N GLN F 76 -19.54 4.93 25.55
CA GLN F 76 -19.61 4.12 24.29
C GLN F 76 -18.26 4.18 23.57
N TYR F 77 -17.94 3.17 22.81
CA TYR F 77 -16.62 3.16 22.11
C TYR F 77 -16.78 2.98 20.60
N PRO F 78 -15.81 3.46 19.86
CA PRO F 78 -15.85 3.33 18.40
C PRO F 78 -15.02 2.14 17.91
N ILE F 79 -15.69 1.12 17.46
CA ILE F 79 -15.01 -0.09 16.91
C ILE F 79 -16.05 -0.79 16.01
N ILE F 80 -15.86 -0.76 14.71
CA ILE F 80 -16.88 -1.36 13.80
C ILE F 80 -16.24 -2.25 12.72
N TYR F 81 -17.00 -3.16 12.17
CA TYR F 81 -16.47 -4.08 11.12
C TYR F 81 -16.83 -3.55 9.72
N ASP F 82 -16.04 -3.87 8.73
CA ASP F 82 -16.33 -3.38 7.36
C ASP F 82 -16.44 -4.55 6.37
N ILE F 83 -17.25 -4.40 5.36
CA ILE F 83 -17.42 -5.50 4.37
C ILE F 83 -16.47 -5.29 3.17
N ARG F 84 -16.09 -6.35 2.52
CA ARG F 84 -15.17 -6.21 1.34
C ARG F 84 -15.00 -7.57 0.65
N ALA F 85 -14.40 -7.58 -0.51
CA ALA F 85 -14.20 -8.88 -1.24
C ALA F 85 -13.42 -9.86 -0.34
N ARG F 86 -13.69 -11.13 -0.47
CA ARG F 86 -12.96 -12.12 0.38
C ARG F 86 -12.35 -13.24 -0.48
N PRO F 87 -11.04 -13.22 -0.58
CA PRO F 87 -10.32 -14.25 -1.35
C PRO F 87 -9.74 -15.30 -0.38
N ARG F 88 -10.27 -16.50 -0.39
CA ARG F 88 -9.73 -17.54 0.54
C ARG F 88 -10.12 -18.95 0.02
N LYS F 89 -9.16 -19.71 -0.50
CA LYS F 89 -9.47 -21.09 -1.03
C LYS F 89 -8.18 -21.96 -1.16
N ILE F 90 -8.29 -23.28 -1.10
CA ILE F 90 -7.06 -24.15 -1.24
C ILE F 90 -7.35 -25.48 -1.94
N SER F 91 -6.34 -26.03 -2.57
CA SER F 91 -6.49 -27.35 -3.23
C SER F 91 -5.81 -28.41 -2.35
N SER F 92 -6.57 -29.28 -1.74
CA SER F 92 -5.95 -30.30 -0.84
C SER F 92 -6.19 -31.72 -1.37
N PRO F 93 -5.26 -32.61 -1.06
CA PRO F 93 -5.37 -34.01 -1.50
C PRO F 93 -5.93 -34.88 -0.35
N THR F 94 -7.12 -35.37 -0.51
CA THR F 94 -7.73 -36.22 0.57
C THR F 94 -8.49 -37.39 -0.05
N GLY F 95 -8.42 -38.55 0.54
CA GLY F 95 -9.15 -39.73 -0.01
C GLY F 95 -9.40 -40.74 1.10
N SER F 96 -10.64 -41.01 1.42
CA SER F 96 -10.94 -42.00 2.49
C SER F 96 -12.13 -42.88 2.08
N LYS F 97 -12.32 -43.07 0.80
CA LYS F 97 -13.44 -43.92 0.33
C LYS F 97 -12.96 -44.90 -0.75
N ASP F 98 -12.14 -44.44 -1.66
CA ASP F 98 -11.64 -45.34 -2.73
C ASP F 98 -10.21 -45.79 -2.43
N LEU F 99 -9.74 -45.56 -1.22
CA LEU F 99 -8.35 -45.98 -0.86
C LEU F 99 -7.34 -45.46 -1.88
N GLN F 100 -7.66 -44.37 -2.53
CA GLN F 100 -6.72 -43.81 -3.55
C GLN F 100 -6.41 -42.35 -3.24
N MET F 101 -5.87 -41.62 -4.18
CA MET F 101 -5.54 -40.20 -3.93
C MET F 101 -6.52 -39.29 -4.68
N VAL F 102 -7.15 -38.38 -3.98
CA VAL F 102 -8.11 -37.46 -4.66
C VAL F 102 -7.96 -36.05 -4.10
N ASN F 103 -8.00 -35.06 -4.95
CA ASN F 103 -7.86 -33.65 -4.46
C ASN F 103 -9.23 -32.97 -4.40
N ILE F 104 -9.46 -32.18 -3.39
CA ILE F 104 -10.78 -31.49 -3.28
C ILE F 104 -10.59 -30.06 -2.75
N SER F 105 -10.90 -29.08 -3.55
CA SER F 105 -10.75 -27.67 -3.10
C SER F 105 -12.12 -27.11 -2.72
N LEU F 106 -12.19 -26.30 -1.70
CA LEU F 106 -13.50 -25.74 -1.30
C LEU F 106 -13.36 -24.31 -0.74
N ARG F 107 -14.35 -23.50 -0.95
CA ARG F 107 -14.30 -22.09 -0.43
C ARG F 107 -15.68 -21.70 0.11
N VAL F 108 -15.72 -20.81 1.07
CA VAL F 108 -17.04 -20.39 1.64
C VAL F 108 -17.20 -18.87 1.57
N LEU F 109 -18.41 -18.40 1.37
CA LEU F 109 -18.64 -16.93 1.30
C LEU F 109 -19.67 -16.51 2.36
N SER F 110 -19.40 -15.43 3.05
CA SER F 110 -20.36 -14.98 4.10
C SER F 110 -20.72 -13.50 3.91
N ARG F 111 -21.94 -13.23 3.52
CA ARG F 111 -22.35 -11.80 3.32
C ARG F 111 -23.21 -11.33 4.51
N PRO F 112 -22.71 -10.34 5.21
CA PRO F 112 -23.46 -9.80 6.37
C PRO F 112 -24.67 -8.97 5.90
N ASN F 113 -25.71 -9.64 5.48
CA ASN F 113 -26.93 -8.90 5.02
C ASN F 113 -27.89 -8.66 6.19
N ALA F 114 -28.00 -7.44 6.63
CA ALA F 114 -28.92 -7.13 7.76
C ALA F 114 -28.56 -8.00 8.99
N GLN F 115 -29.55 -8.44 9.72
CA GLN F 115 -29.26 -9.28 10.93
C GLN F 115 -28.43 -8.49 11.95
N GLU F 116 -28.07 -9.10 13.04
CA GLU F 116 -27.27 -8.39 14.07
C GLU F 116 -25.89 -9.04 14.23
N LEU F 117 -24.84 -8.28 14.07
CA LEU F 117 -23.47 -8.84 14.23
C LEU F 117 -23.06 -8.98 15.71
N PRO F 118 -23.50 -8.07 16.55
CA PRO F 118 -23.12 -8.15 17.99
C PRO F 118 -23.80 -9.34 18.67
N SER F 119 -25.02 -9.65 18.33
CA SER F 119 -25.70 -10.81 18.99
C SER F 119 -24.85 -12.06 18.82
N MET F 120 -24.52 -12.40 17.61
CA MET F 120 -23.68 -13.61 17.36
C MET F 120 -22.20 -13.31 17.57
N TYR F 121 -21.81 -12.06 17.54
CA TYR F 121 -20.36 -11.70 17.72
C TYR F 121 -19.76 -12.41 18.95
N GLN F 122 -20.19 -12.07 20.13
CA GLN F 122 -19.62 -12.73 21.35
C GLN F 122 -19.76 -14.25 21.23
N ARG F 123 -20.79 -14.70 20.55
CA ARG F 123 -20.98 -16.16 20.35
C ARG F 123 -20.08 -16.65 19.21
N LEU F 124 -19.64 -15.75 18.37
CA LEU F 124 -18.77 -16.14 17.22
C LEU F 124 -17.38 -16.52 17.73
N GLY F 125 -16.96 -15.96 18.83
CA GLY F 125 -15.61 -16.29 19.38
C GLY F 125 -14.66 -15.13 19.14
N LEU F 126 -13.43 -15.27 19.56
CA LEU F 126 -12.44 -14.16 19.36
C LEU F 126 -12.26 -13.88 17.88
N ASP F 127 -11.72 -14.81 17.14
CA ASP F 127 -11.53 -14.59 15.68
C ASP F 127 -12.87 -14.73 14.94
N TYR F 128 -13.27 -13.71 14.22
CA TYR F 128 -14.57 -13.79 13.50
C TYR F 128 -14.48 -14.82 12.36
N GLU F 129 -14.24 -14.40 11.15
CA GLU F 129 -14.15 -15.37 10.02
C GLU F 129 -12.77 -16.04 9.98
N GLU F 130 -11.80 -15.44 10.61
CA GLU F 130 -10.42 -16.02 10.61
C GLU F 130 -10.44 -17.51 10.99
N ARG F 131 -10.98 -17.83 12.13
CA ARG F 131 -11.02 -19.27 12.56
C ARG F 131 -12.18 -20.02 11.89
N VAL F 132 -13.21 -19.30 11.49
CA VAL F 132 -14.37 -19.98 10.84
C VAL F 132 -14.10 -20.28 9.37
N LEU F 133 -13.13 -19.61 8.77
CA LEU F 133 -12.84 -19.85 7.33
C LEU F 133 -12.17 -21.22 7.11
N PRO F 134 -11.03 -21.40 7.73
CA PRO F 134 -10.28 -22.67 7.57
C PRO F 134 -10.98 -23.82 8.30
N SER F 135 -11.77 -23.52 9.29
CA SER F 135 -12.47 -24.61 10.05
C SER F 135 -13.60 -25.21 9.21
N ILE F 136 -14.60 -24.43 8.89
CA ILE F 136 -15.74 -24.95 8.08
C ILE F 136 -15.25 -25.42 6.70
N VAL F 137 -14.21 -24.83 6.19
CA VAL F 137 -13.71 -25.23 4.84
C VAL F 137 -12.86 -26.51 4.95
N ASN F 138 -11.98 -26.57 5.91
CA ASN F 138 -11.12 -27.79 6.05
C ASN F 138 -11.90 -28.91 6.76
N GLU F 139 -12.95 -28.58 7.46
CA GLU F 139 -13.73 -29.64 8.17
C GLU F 139 -14.69 -30.33 7.20
N VAL F 140 -15.66 -29.62 6.70
CA VAL F 140 -16.63 -30.23 5.75
C VAL F 140 -15.90 -30.87 4.56
N LEU F 141 -14.79 -30.29 4.17
CA LEU F 141 -14.03 -30.84 3.01
C LEU F 141 -13.47 -32.23 3.35
N LYS F 142 -12.75 -32.35 4.43
CA LYS F 142 -12.17 -33.68 4.81
C LYS F 142 -13.26 -34.65 5.27
N SER F 143 -14.37 -34.14 5.76
CA SER F 143 -15.46 -35.05 6.22
C SER F 143 -16.27 -35.58 5.03
N VAL F 144 -16.43 -34.79 4.00
CA VAL F 144 -17.23 -35.26 2.83
C VAL F 144 -16.37 -36.18 1.94
N VAL F 145 -15.08 -35.98 1.92
CA VAL F 145 -14.21 -36.84 1.06
C VAL F 145 -14.35 -38.31 1.48
N ALA F 146 -14.27 -38.59 2.75
CA ALA F 146 -14.40 -40.00 3.22
C ALA F 146 -15.76 -40.57 2.80
N LYS F 147 -16.76 -39.74 2.73
CA LYS F 147 -18.11 -40.23 2.34
C LYS F 147 -18.20 -40.36 0.82
N PHE F 148 -17.77 -39.36 0.09
CA PHE F 148 -17.83 -39.43 -1.40
C PHE F 148 -16.78 -40.41 -1.92
N ASN F 149 -16.88 -40.80 -3.16
CA ASN F 149 -15.89 -41.76 -3.74
C ASN F 149 -14.94 -41.02 -4.68
N ALA F 150 -13.87 -41.67 -5.09
CA ALA F 150 -12.90 -41.02 -6.00
C ALA F 150 -13.40 -41.06 -7.45
N SER F 151 -13.89 -42.19 -7.88
CA SER F 151 -14.39 -42.30 -9.28
C SER F 151 -15.54 -41.32 -9.52
N GLN F 152 -16.29 -41.01 -8.49
CA GLN F 152 -17.44 -40.06 -8.66
C GLN F 152 -16.92 -38.62 -8.64
N LEU F 153 -15.85 -38.36 -7.93
CA LEU F 153 -15.30 -36.97 -7.87
C LEU F 153 -14.77 -36.54 -9.25
N ILE F 154 -13.95 -37.36 -9.86
CA ILE F 154 -13.39 -37.00 -11.19
C ILE F 154 -14.52 -36.90 -12.23
N THR F 155 -15.60 -37.59 -12.03
CA THR F 155 -16.73 -37.54 -13.01
C THR F 155 -17.25 -36.10 -13.15
N GLN F 156 -17.41 -35.41 -12.05
CA GLN F 156 -17.90 -34.00 -12.11
C GLN F 156 -17.53 -33.26 -10.82
N ARG F 157 -16.64 -32.31 -10.90
CA ARG F 157 -16.23 -31.55 -9.69
C ARG F 157 -17.42 -30.76 -9.14
N ALA F 158 -18.38 -30.46 -9.97
CA ALA F 158 -19.57 -29.68 -9.50
C ALA F 158 -20.57 -30.60 -8.78
N GLN F 159 -20.62 -31.85 -9.16
CA GLN F 159 -21.58 -32.80 -8.51
C GLN F 159 -21.35 -32.84 -7.00
N VAL F 160 -20.13 -32.65 -6.56
CA VAL F 160 -19.84 -32.69 -5.10
C VAL F 160 -20.30 -31.38 -4.43
N SER F 161 -20.40 -30.32 -5.20
CA SER F 161 -20.84 -29.01 -4.61
C SER F 161 -22.33 -29.07 -4.26
N LEU F 162 -23.06 -29.96 -4.85
CA LEU F 162 -24.53 -30.06 -4.55
C LEU F 162 -24.77 -30.72 -3.20
N LEU F 163 -24.12 -31.83 -2.94
CA LEU F 163 -24.33 -32.53 -1.64
C LEU F 163 -23.74 -31.70 -0.49
N ILE F 164 -22.56 -31.19 -0.65
CA ILE F 164 -21.93 -30.38 0.44
C ILE F 164 -22.72 -29.08 0.65
N ARG F 165 -23.43 -28.62 -0.34
CA ARG F 165 -24.21 -27.36 -0.19
C ARG F 165 -25.20 -27.49 0.97
N ARG F 166 -25.55 -28.69 1.34
CA ARG F 166 -26.51 -28.88 2.48
C ARG F 166 -25.78 -28.75 3.82
N GLU F 167 -24.58 -29.27 3.91
CA GLU F 167 -23.82 -29.17 5.19
C GLU F 167 -23.16 -27.80 5.32
N LEU F 168 -22.85 -27.17 4.22
CA LEU F 168 -22.21 -25.82 4.28
C LEU F 168 -23.22 -24.76 4.71
N THR F 169 -24.49 -25.02 4.52
CA THR F 169 -25.52 -24.02 4.92
C THR F 169 -25.76 -24.08 6.44
N GLU F 170 -25.76 -25.26 7.00
CA GLU F 170 -25.98 -25.38 8.47
C GLU F 170 -24.71 -25.03 9.25
N ARG F 171 -23.57 -25.12 8.61
CA ARG F 171 -22.29 -24.80 9.31
C ARG F 171 -22.11 -23.28 9.41
N ALA F 172 -22.12 -22.61 8.29
CA ALA F 172 -21.94 -21.12 8.30
C ALA F 172 -23.10 -20.46 9.05
N LYS F 173 -24.25 -21.07 9.05
CA LYS F 173 -25.42 -20.47 9.75
C LYS F 173 -25.25 -20.60 11.27
N ASP F 174 -24.48 -21.56 11.71
CA ASP F 174 -24.27 -21.73 13.19
C ASP F 174 -23.63 -20.49 13.79
N PHE F 175 -22.74 -19.85 13.06
CA PHE F 175 -22.07 -18.63 13.58
C PHE F 175 -23.03 -17.44 13.52
N SER F 176 -23.87 -17.38 12.52
CA SER F 176 -24.83 -16.25 12.40
C SER F 176 -25.82 -16.51 11.26
N LEU F 177 -26.62 -15.54 10.93
CA LEU F 177 -27.61 -15.73 9.82
C LEU F 177 -27.09 -15.03 8.56
N ILE F 178 -26.69 -15.79 7.58
CA ILE F 178 -26.17 -15.18 6.32
C ILE F 178 -26.41 -16.13 5.14
N LEU F 179 -26.51 -15.60 3.95
CA LEU F 179 -26.73 -16.48 2.77
C LEU F 179 -25.41 -16.68 2.03
N ASP F 180 -25.16 -17.88 1.58
CA ASP F 180 -23.87 -18.15 0.88
C ASP F 180 -24.09 -19.05 -0.35
N ASP F 181 -23.23 -18.94 -1.32
CA ASP F 181 -23.36 -19.79 -2.53
C ASP F 181 -22.36 -20.95 -2.43
N VAL F 182 -22.78 -22.14 -2.77
CA VAL F 182 -21.85 -23.30 -2.66
C VAL F 182 -21.29 -23.70 -4.02
N ALA F 183 -20.02 -23.43 -4.23
CA ALA F 183 -19.36 -23.80 -5.50
C ALA F 183 -17.85 -23.84 -5.25
N ILE F 184 -17.11 -24.66 -5.95
CA ILE F 184 -15.65 -24.71 -5.68
C ILE F 184 -14.85 -25.09 -6.93
N THR F 185 -13.63 -24.64 -7.00
CA THR F 185 -12.76 -24.99 -8.16
C THR F 185 -11.81 -26.10 -7.69
N GLU F 186 -11.99 -27.30 -8.19
CA GLU F 186 -11.12 -28.41 -7.70
C GLU F 186 -10.62 -29.30 -8.84
N LEU F 187 -9.47 -29.89 -8.63
CA LEU F 187 -8.89 -30.83 -9.62
C LEU F 187 -8.50 -32.10 -8.87
N SER F 188 -8.83 -33.25 -9.38
CA SER F 188 -8.50 -34.50 -8.64
C SER F 188 -7.26 -35.20 -9.21
N PHE F 189 -6.56 -35.93 -8.38
CA PHE F 189 -5.33 -36.64 -8.85
C PHE F 189 -5.63 -38.12 -9.08
N SER F 190 -5.62 -38.55 -10.32
CA SER F 190 -5.91 -39.98 -10.62
C SER F 190 -4.93 -40.51 -11.68
N MET A 1 -12.89 31.35 62.28
CA MET A 1 -12.07 30.76 63.37
C MET A 1 -10.64 30.50 62.87
N ALA A 2 -10.21 31.20 61.86
CA ALA A 2 -8.84 30.98 61.33
C ALA A 2 -8.50 32.06 60.29
N GLN A 3 -7.48 32.84 60.54
CA GLN A 3 -7.10 33.90 59.56
C GLN A 3 -6.38 33.28 58.35
N ASN A 4 -5.73 32.17 58.55
CA ASN A 4 -5.01 31.52 57.42
C ASN A 4 -6.01 31.12 56.32
N LEU A 5 -7.17 30.67 56.70
CA LEU A 5 -8.18 30.27 55.68
C LEU A 5 -8.65 31.50 54.91
N LYS A 6 -8.63 32.65 55.51
CA LYS A 6 -9.08 33.89 54.81
C LYS A 6 -8.02 34.34 53.81
N ASP A 7 -6.77 34.10 54.10
CA ASP A 7 -5.68 34.51 53.16
C ASP A 7 -5.64 33.55 51.96
N LEU A 8 -6.03 32.32 52.16
CA LEU A 8 -6.01 31.34 51.04
C LEU A 8 -6.95 31.80 49.92
N ALA A 9 -8.02 32.46 50.26
CA ALA A 9 -8.98 32.93 49.22
C ALA A 9 -8.36 34.09 48.42
N GLY A 10 -7.54 34.88 49.06
CA GLY A 10 -6.90 36.02 48.34
C GLY A 10 -5.91 35.49 47.29
N ARG A 11 -5.47 34.27 47.44
CA ARG A 11 -4.51 33.70 46.45
C ARG A 11 -5.24 33.26 45.19
N LEU A 12 -6.51 32.96 45.29
CA LEU A 12 -7.27 32.52 44.08
C LEU A 12 -7.26 33.61 43.00
N PRO A 13 -7.70 34.79 43.36
CA PRO A 13 -7.73 35.91 42.40
C PRO A 13 -6.32 36.44 42.15
N ALA A 14 -5.76 36.17 41.00
CA ALA A 14 -4.38 36.66 40.70
C ALA A 14 -4.42 37.71 39.58
N GLY A 15 -4.93 38.87 39.87
CA GLY A 15 -5.00 39.94 38.83
C GLY A 15 -6.01 39.54 37.75
N PRO A 16 -6.46 40.52 37.01
CA PRO A 16 -7.44 40.26 35.93
C PRO A 16 -6.76 39.56 34.74
N ARG A 17 -5.51 39.82 34.53
CA ARG A 17 -4.78 39.17 33.41
C ARG A 17 -4.52 37.70 33.73
N GLY A 18 -4.48 37.35 34.98
CA GLY A 18 -4.22 35.93 35.37
C GLY A 18 -5.34 35.05 34.81
N MET A 19 -6.54 35.24 35.27
CA MET A 19 -7.68 34.40 34.78
C MET A 19 -7.86 34.59 33.27
N GLY A 20 -7.49 35.73 32.76
CA GLY A 20 -7.64 35.98 31.29
C GLY A 20 -6.65 35.11 30.53
N THR A 21 -5.39 35.17 30.88
CA THR A 21 -4.37 34.34 30.18
C THR A 21 -4.65 32.85 30.41
N ALA A 22 -5.30 32.52 31.49
CA ALA A 22 -5.61 31.09 31.77
C ALA A 22 -6.46 30.49 30.65
N LEU A 23 -7.20 31.31 29.95
CA LEU A 23 -8.04 30.79 28.83
C LEU A 23 -7.15 30.26 27.71
N LYS A 24 -6.03 30.89 27.47
CA LYS A 24 -5.11 30.42 26.39
C LYS A 24 -4.71 28.96 26.65
N LEU A 25 -4.66 28.58 27.90
CA LEU A 25 -4.27 27.17 28.24
C LEU A 25 -5.33 26.20 27.74
N LEU A 26 -6.59 26.50 27.97
CA LEU A 26 -7.67 25.58 27.51
C LEU A 26 -7.61 25.40 25.99
N LEU A 27 -7.48 26.48 25.25
CA LEU A 27 -7.41 26.36 23.78
C LEU A 27 -6.19 25.53 23.36
N GLY A 28 -5.11 25.64 24.09
CA GLY A 28 -3.89 24.86 23.75
C GLY A 28 -4.15 23.37 24.00
N ALA A 29 -4.99 23.06 24.95
CA ALA A 29 -5.30 21.63 25.24
C ALA A 29 -5.87 20.94 24.00
N GLY A 30 -6.63 21.65 23.22
CA GLY A 30 -7.23 21.04 22.00
C GLY A 30 -6.12 20.65 21.02
N ALA A 31 -5.04 21.40 21.01
CA ALA A 31 -3.92 21.08 20.08
C ALA A 31 -3.16 19.86 20.58
N VAL A 32 -2.85 19.80 21.85
CA VAL A 32 -2.11 18.64 22.40
C VAL A 32 -2.93 17.35 22.21
N ALA A 33 -4.24 17.48 22.16
CA ALA A 33 -5.09 16.28 21.98
C ALA A 33 -4.86 15.66 20.59
N TYR A 34 -4.50 16.48 19.63
CA TYR A 34 -4.26 15.94 18.26
C TYR A 34 -3.13 14.90 18.28
N GLY A 35 -2.03 15.24 18.90
CA GLY A 35 -0.89 14.27 18.95
C GLY A 35 -1.34 12.98 19.65
N VAL A 36 -2.24 13.10 20.60
CA VAL A 36 -2.72 11.88 21.31
C VAL A 36 -3.60 11.04 20.39
N ARG A 37 -4.28 11.67 19.46
CA ARG A 37 -5.15 10.90 18.53
C ARG A 37 -4.31 9.92 17.70
N GLU A 38 -3.09 10.28 17.38
CA GLU A 38 -2.24 9.38 16.57
C GLU A 38 -1.60 8.28 17.46
N SER A 39 -1.40 8.55 18.73
CA SER A 39 -0.78 7.50 19.63
C SER A 39 -1.41 7.49 21.03
N VAL A 40 -1.33 6.38 21.73
CA VAL A 40 -1.92 6.29 23.11
C VAL A 40 -1.50 4.97 23.79
N PHE A 41 -1.77 4.80 25.07
CA PHE A 41 -1.37 3.53 25.76
C PHE A 41 -2.59 2.65 26.10
N THR A 42 -3.69 3.24 26.50
CA THR A 42 -4.89 2.40 26.87
C THR A 42 -5.21 1.37 25.76
N VAL A 43 -5.16 0.11 26.09
CA VAL A 43 -5.45 -0.93 25.05
C VAL A 43 -6.88 -0.76 24.55
N GLU A 44 -7.04 -0.56 23.26
CA GLU A 44 -8.41 -0.39 22.69
C GLU A 44 -9.29 -1.61 23.00
N GLY A 45 -8.95 -2.74 22.44
CA GLY A 45 -9.76 -3.97 22.70
C GLY A 45 -9.23 -5.12 21.85
N GLY A 46 -9.52 -6.34 22.24
CA GLY A 46 -9.04 -7.52 21.47
C GLY A 46 -7.51 -7.53 21.43
N HIS A 47 -6.88 -6.96 22.44
CA HIS A 47 -5.39 -6.94 22.47
C HIS A 47 -4.90 -6.81 23.91
N ARG A 48 -3.72 -7.31 24.18
CA ARG A 48 -3.18 -7.24 25.58
C ARG A 48 -2.05 -6.22 25.66
N ALA A 49 -1.80 -5.73 26.84
CA ALA A 49 -0.75 -4.72 27.04
C ALA A 49 0.54 -5.38 27.57
N ILE A 50 1.66 -4.91 27.14
CA ILE A 50 2.98 -5.48 27.57
C ILE A 50 3.76 -4.37 28.31
N PHE A 51 4.62 -4.71 29.25
CA PHE A 51 5.34 -3.63 30.02
C PHE A 51 6.87 -3.74 29.95
N PHE A 52 7.52 -2.60 29.74
CA PHE A 52 9.01 -2.57 29.69
C PHE A 52 9.50 -1.11 29.89
N ASN A 53 10.69 -0.90 30.41
CA ASN A 53 11.20 0.50 30.64
C ASN A 53 12.56 0.73 29.98
N ARG A 54 12.88 1.98 29.64
CA ARG A 54 14.20 2.30 28.98
C ARG A 54 15.31 1.36 29.48
N ILE A 55 16.04 0.77 28.57
CA ILE A 55 17.14 -0.17 28.98
C ILE A 55 16.58 -1.30 29.85
N GLY A 56 16.21 -2.40 29.25
CA GLY A 56 15.65 -3.54 30.05
C GLY A 56 15.24 -4.67 29.09
N GLY A 57 14.06 -5.19 29.25
CA GLY A 57 13.61 -6.30 28.36
C GLY A 57 12.41 -5.83 27.51
N VAL A 58 12.55 -5.84 26.21
CA VAL A 58 11.44 -5.38 25.33
C VAL A 58 10.47 -6.54 25.05
N GLN A 59 9.44 -6.69 25.85
CA GLN A 59 8.46 -7.80 25.61
C GLN A 59 7.40 -7.34 24.60
N GLN A 60 6.72 -8.26 23.95
CA GLN A 60 5.69 -7.86 22.96
C GLN A 60 4.90 -9.08 22.44
N ASP A 61 5.54 -9.94 21.68
CA ASP A 61 4.85 -11.15 21.11
C ASP A 61 3.75 -11.70 22.03
N THR A 62 2.71 -12.26 21.46
CA THR A 62 1.58 -12.83 22.28
C THR A 62 0.89 -11.72 23.10
N ILE A 63 -0.41 -11.82 23.29
CA ILE A 63 -1.15 -10.77 24.07
C ILE A 63 -2.41 -11.36 24.74
N LEU A 64 -2.49 -11.27 26.06
CA LEU A 64 -3.68 -11.81 26.81
C LEU A 64 -4.99 -11.02 26.53
N ALA A 65 -5.62 -10.45 27.55
CA ALA A 65 -6.93 -9.72 27.34
C ALA A 65 -6.79 -8.18 27.42
N GLU A 66 -7.89 -7.50 27.72
CA GLU A 66 -7.86 -6.00 27.82
C GLU A 66 -8.06 -5.53 29.27
N GLY A 67 -7.77 -4.28 29.53
CA GLY A 67 -7.92 -3.74 30.92
C GLY A 67 -8.01 -2.20 30.85
N LEU A 68 -8.59 -1.55 31.84
CA LEU A 68 -8.66 -0.05 31.78
C LEU A 68 -7.49 0.54 32.60
N HIS A 69 -6.50 1.03 31.91
CA HIS A 69 -5.31 1.63 32.59
C HIS A 69 -4.49 2.45 31.59
N PHE A 70 -3.76 3.45 32.05
CA PHE A 70 -2.96 4.28 31.09
C PHE A 70 -1.46 4.26 31.46
N ARG A 71 -0.60 4.55 30.52
CA ARG A 71 0.87 4.56 30.81
C ARG A 71 1.27 5.91 31.42
N ILE A 72 0.90 6.15 32.65
CA ILE A 72 1.26 7.45 33.28
C ILE A 72 1.97 7.23 34.65
N PRO A 73 2.72 6.15 34.78
CA PRO A 73 3.43 5.89 36.05
C PRO A 73 4.69 6.76 36.15
N TRP A 74 5.80 6.29 35.64
CA TRP A 74 7.06 7.11 35.69
C TRP A 74 8.02 6.65 34.60
N PHE A 75 8.12 5.36 34.37
CA PHE A 75 9.04 4.85 33.31
C PHE A 75 8.39 3.67 32.56
N GLN A 76 7.22 3.89 32.00
CA GLN A 76 6.53 2.80 31.25
C GLN A 76 6.67 3.03 29.73
N TYR A 77 6.64 1.98 28.95
CA TYR A 77 6.80 2.14 27.47
C TYR A 77 5.66 1.47 26.71
N PRO A 78 5.37 1.98 25.54
CA PRO A 78 4.30 1.42 24.70
C PRO A 78 4.85 0.52 23.59
N ILE A 79 4.67 -0.77 23.73
CA ILE A 79 5.11 -1.75 22.68
C ILE A 79 4.27 -3.02 22.89
N ILE A 80 3.35 -3.31 21.99
CA ILE A 80 2.46 -4.50 22.16
C ILE A 80 2.38 -5.36 20.90
N TYR A 81 2.02 -6.61 21.05
CA TYR A 81 1.92 -7.51 19.87
C TYR A 81 0.45 -7.59 19.40
N ASP A 82 0.22 -7.39 18.13
CA ASP A 82 -1.19 -7.41 17.60
C ASP A 82 -1.29 -8.25 16.32
N ILE A 83 -2.46 -8.79 16.06
CA ILE A 83 -2.69 -9.62 14.83
C ILE A 83 -2.03 -11.00 14.97
N ARG A 84 -2.70 -12.03 14.51
CA ARG A 84 -2.13 -13.41 14.59
C ARG A 84 -2.42 -14.18 13.30
N ALA A 85 -2.25 -15.47 13.32
CA ALA A 85 -2.51 -16.30 12.09
C ALA A 85 -1.61 -15.87 10.94
N ARG A 86 -1.01 -16.81 10.26
CA ARG A 86 -0.12 -16.44 9.11
C ARG A 86 0.05 -17.63 8.15
N PRO A 87 0.24 -17.31 6.89
CA PRO A 87 0.42 -18.35 5.86
C PRO A 87 1.92 -18.52 5.57
N ARG A 88 2.47 -19.68 5.86
CA ARG A 88 3.92 -19.89 5.62
C ARG A 88 4.22 -21.41 5.51
N LYS A 89 4.55 -21.90 4.31
CA LYS A 89 4.82 -23.39 4.14
C LYS A 89 5.67 -23.68 2.85
N ILE A 90 6.41 -24.78 2.81
CA ILE A 90 7.25 -25.10 1.60
C ILE A 90 7.16 -26.58 1.19
N SER A 91 7.39 -26.85 -0.07
CA SER A 91 7.40 -28.27 -0.55
C SER A 91 8.85 -28.73 -0.70
N SER A 92 9.29 -29.63 0.15
CA SER A 92 10.71 -30.08 0.05
C SER A 92 10.80 -31.62 0.12
N PRO A 93 11.75 -32.17 -0.60
CA PRO A 93 11.96 -33.63 -0.60
C PRO A 93 13.09 -34.01 0.36
N THR A 94 13.01 -35.17 0.95
CA THR A 94 14.08 -35.61 1.89
C THR A 94 14.12 -37.14 1.98
N GLY A 95 15.27 -37.71 1.77
CA GLY A 95 15.39 -39.20 1.84
C GLY A 95 16.35 -39.59 2.96
N SER A 96 16.03 -40.63 3.70
CA SER A 96 16.92 -41.07 4.81
C SER A 96 16.59 -42.51 5.21
N LYS A 97 15.40 -42.74 5.68
CA LYS A 97 15.01 -44.13 6.08
C LYS A 97 15.05 -45.06 4.87
N ASP A 98 14.28 -44.77 3.86
CA ASP A 98 14.26 -45.64 2.66
C ASP A 98 15.31 -45.17 1.65
N LEU A 99 15.74 -46.03 0.78
CA LEU A 99 16.76 -45.63 -0.24
C LEU A 99 16.21 -44.50 -1.13
N GLN A 100 14.92 -44.48 -1.32
CA GLN A 100 14.32 -43.40 -2.16
C GLN A 100 14.27 -42.08 -1.39
N MET A 101 13.42 -41.17 -1.79
CA MET A 101 13.34 -39.87 -1.07
C MET A 101 11.88 -39.41 -0.96
N VAL A 102 11.40 -39.18 0.22
CA VAL A 102 9.98 -38.73 0.40
C VAL A 102 9.94 -37.24 0.74
N ASN A 103 8.89 -36.57 0.37
CA ASN A 103 8.78 -35.11 0.66
C ASN A 103 7.78 -34.88 1.81
N ILE A 104 8.10 -33.99 2.71
CA ILE A 104 7.18 -33.72 3.85
C ILE A 104 7.07 -32.21 4.10
N SER A 105 5.93 -31.63 3.84
CA SER A 105 5.76 -30.16 4.06
C SER A 105 4.59 -29.90 5.01
N LEU A 106 4.81 -29.15 6.05
CA LEU A 106 3.70 -28.86 7.01
C LEU A 106 3.65 -27.36 7.33
N ARG A 107 2.46 -26.83 7.43
CA ARG A 107 2.33 -25.38 7.74
C ARG A 107 1.90 -25.19 9.19
N VAL A 108 2.48 -24.25 9.89
CA VAL A 108 2.10 -24.03 11.32
C VAL A 108 1.19 -22.80 11.44
N LEU A 109 0.19 -22.87 12.28
CA LEU A 109 -0.73 -21.71 12.46
C LEU A 109 -0.42 -20.98 13.76
N SER A 110 -0.68 -19.70 13.83
CA SER A 110 -0.40 -18.94 15.08
C SER A 110 -1.69 -18.39 15.68
N ARG A 111 -1.93 -18.66 16.94
CA ARG A 111 -3.18 -18.16 17.59
C ARG A 111 -2.95 -18.00 19.10
N PRO A 112 -3.54 -16.97 19.67
CA PRO A 112 -3.40 -16.73 21.11
C PRO A 112 -4.26 -17.71 21.92
N ASN A 113 -4.30 -17.56 23.22
CA ASN A 113 -5.12 -18.49 24.04
C ASN A 113 -5.21 -17.96 25.48
N ALA A 114 -4.11 -17.92 26.19
CA ALA A 114 -4.13 -17.42 27.59
C ALA A 114 -2.71 -17.17 28.09
N GLN A 115 -2.49 -17.26 29.37
CA GLN A 115 -1.12 -17.03 29.93
C GLN A 115 -0.62 -15.63 29.57
N GLU A 116 0.38 -15.16 30.26
CA GLU A 116 0.93 -13.80 29.96
C GLU A 116 1.95 -13.87 28.81
N LEU A 117 2.03 -12.85 28.01
CA LEU A 117 2.99 -12.86 26.86
C LEU A 117 4.43 -12.49 27.26
N PRO A 118 4.63 -11.85 28.40
CA PRO A 118 6.01 -11.45 28.80
C PRO A 118 6.78 -12.66 29.35
N SER A 119 6.15 -13.48 30.15
CA SER A 119 6.86 -14.67 30.70
C SER A 119 7.43 -15.52 29.57
N MET A 120 6.63 -15.78 28.56
CA MET A 120 7.11 -16.61 27.42
C MET A 120 7.95 -15.80 26.44
N TYR A 121 7.72 -14.51 26.35
CA TYR A 121 8.51 -13.69 25.38
C TYR A 121 10.00 -13.73 25.71
N GLN A 122 10.40 -13.22 26.85
CA GLN A 122 11.87 -13.23 27.21
C GLN A 122 12.44 -14.64 26.99
N ARG A 123 11.66 -15.66 27.27
CA ARG A 123 12.16 -17.05 27.06
C ARG A 123 12.02 -17.41 25.57
N LEU A 124 11.09 -16.78 24.89
CA LEU A 124 10.88 -17.07 23.45
C LEU A 124 12.04 -16.47 22.62
N GLY A 125 12.39 -15.24 22.89
CA GLY A 125 13.49 -14.60 22.12
C GLY A 125 12.95 -13.39 21.36
N LEU A 126 13.51 -13.09 20.22
CA LEU A 126 13.02 -11.92 19.43
C LEU A 126 12.77 -12.33 17.97
N ASP A 127 12.85 -13.59 17.66
CA ASP A 127 12.62 -14.04 16.26
C ASP A 127 11.63 -15.23 16.25
N TYR A 128 10.45 -15.02 16.78
CA TYR A 128 9.45 -16.12 16.80
C TYR A 128 8.97 -16.43 15.38
N GLU A 129 8.05 -15.65 14.86
CA GLU A 129 7.54 -15.91 13.47
C GLU A 129 8.70 -15.98 12.48
N GLU A 130 9.82 -15.38 12.80
CA GLU A 130 10.97 -15.42 11.86
C GLU A 130 11.76 -16.73 12.00
N ARG A 131 12.41 -16.95 13.11
CA ARG A 131 13.21 -18.20 13.29
C ARG A 131 12.36 -19.39 13.75
N VAL A 132 11.66 -19.24 14.85
CA VAL A 132 10.84 -20.38 15.38
C VAL A 132 9.91 -20.97 14.32
N LEU A 133 9.20 -20.16 13.58
CA LEU A 133 8.25 -20.71 12.56
C LEU A 133 8.94 -21.71 11.61
N PRO A 134 9.94 -21.26 10.90
CA PRO A 134 10.65 -22.15 9.94
C PRO A 134 11.51 -23.19 10.68
N SER A 135 12.06 -22.83 11.80
CA SER A 135 12.92 -23.80 12.54
C SER A 135 12.09 -25.00 13.04
N ILE A 136 11.12 -24.77 13.88
CA ILE A 136 10.30 -25.91 14.40
C ILE A 136 9.80 -26.78 13.24
N VAL A 137 9.46 -26.18 12.13
CA VAL A 137 8.98 -26.97 10.97
C VAL A 137 10.17 -27.59 10.22
N ASN A 138 11.03 -26.76 9.68
CA ASN A 138 12.21 -27.28 8.94
C ASN A 138 12.99 -28.28 9.81
N GLU A 139 12.88 -28.17 11.10
CA GLU A 139 13.63 -29.11 11.99
C GLU A 139 12.88 -30.45 12.10
N VAL A 140 11.62 -30.42 12.40
CA VAL A 140 10.85 -31.69 12.52
C VAL A 140 10.61 -32.32 11.14
N LEU A 141 10.16 -31.54 10.20
CA LEU A 141 9.90 -32.08 8.83
C LEU A 141 11.13 -32.85 8.31
N LYS A 142 12.30 -32.31 8.50
CA LYS A 142 13.53 -33.01 8.03
C LYS A 142 13.94 -34.11 9.00
N SER A 143 13.64 -33.95 10.26
CA SER A 143 14.02 -34.99 11.27
C SER A 143 13.02 -36.15 11.25
N VAL A 144 11.81 -35.90 10.84
CA VAL A 144 10.78 -36.98 10.82
C VAL A 144 10.99 -37.89 9.60
N VAL A 145 11.33 -37.32 8.48
CA VAL A 145 11.54 -38.15 7.25
C VAL A 145 12.61 -39.22 7.49
N ALA A 146 13.45 -39.01 8.48
CA ALA A 146 14.51 -40.01 8.77
C ALA A 146 13.94 -41.19 9.57
N LYS A 147 13.01 -40.91 10.45
CA LYS A 147 12.40 -42.01 11.26
C LYS A 147 11.33 -42.75 10.44
N PHE A 148 10.35 -42.04 9.94
CA PHE A 148 9.28 -42.70 9.13
C PHE A 148 9.87 -43.24 7.84
N ASN A 149 9.13 -44.05 7.13
CA ASN A 149 9.65 -44.62 5.85
C ASN A 149 8.94 -43.97 4.66
N ALA A 150 9.50 -44.10 3.48
CA ALA A 150 8.86 -43.50 2.28
C ALA A 150 7.72 -44.38 1.78
N SER A 151 7.86 -45.67 1.89
CA SER A 151 6.78 -46.60 1.42
C SER A 151 5.50 -46.33 2.20
N GLN A 152 5.60 -46.10 3.48
CA GLN A 152 4.38 -45.83 4.31
C GLN A 152 3.93 -44.38 4.12
N LEU A 153 4.85 -43.50 3.86
CA LEU A 153 4.49 -42.06 3.66
C LEU A 153 3.59 -41.91 2.44
N ILE A 154 3.81 -42.70 1.43
CA ILE A 154 2.97 -42.61 0.20
C ILE A 154 1.58 -43.20 0.46
N THR A 155 1.49 -44.13 1.38
CA THR A 155 0.16 -44.75 1.69
C THR A 155 -0.85 -43.66 2.06
N GLN A 156 -0.40 -42.62 2.70
CA GLN A 156 -1.33 -41.52 3.10
C GLN A 156 -0.52 -40.36 3.70
N ARG A 157 -0.47 -39.24 3.01
CA ARG A 157 0.29 -38.08 3.55
C ARG A 157 -0.26 -37.66 4.92
N ALA A 158 -1.48 -38.05 5.22
CA ALA A 158 -2.07 -37.69 6.54
C ALA A 158 -1.58 -38.64 7.64
N GLN A 159 -1.34 -39.88 7.30
CA GLN A 159 -0.86 -40.85 8.34
C GLN A 159 0.38 -40.30 9.06
N VAL A 160 1.16 -39.50 8.39
CA VAL A 160 2.37 -38.93 9.02
C VAL A 160 1.99 -37.73 9.90
N SER A 161 0.91 -37.07 9.59
CA SER A 161 0.48 -35.89 10.39
C SER A 161 0.21 -36.32 11.85
N LEU A 162 -0.24 -37.53 12.04
CA LEU A 162 -0.51 -38.01 13.43
C LEU A 162 0.79 -38.04 14.24
N LEU A 163 1.89 -38.30 13.59
CA LEU A 163 3.20 -38.34 14.33
C LEU A 163 3.69 -36.92 14.60
N ILE A 164 3.43 -36.01 13.71
CA ILE A 164 3.88 -34.60 13.92
C ILE A 164 2.97 -33.91 14.93
N ARG A 165 1.70 -34.23 14.92
CA ARG A 165 0.75 -33.60 15.89
C ARG A 165 1.24 -33.83 17.33
N ARG A 166 1.96 -34.90 17.55
CA ARG A 166 2.46 -35.20 18.94
C ARG A 166 3.71 -34.36 19.24
N GLU A 167 4.61 -34.27 18.29
CA GLU A 167 5.85 -33.47 18.52
C GLU A 167 5.58 -31.97 18.32
N LEU A 168 4.60 -31.65 17.52
CA LEU A 168 4.27 -30.21 17.29
C LEU A 168 3.53 -29.62 18.49
N THR A 169 2.82 -30.43 19.22
CA THR A 169 2.08 -29.91 20.40
C THR A 169 3.05 -29.54 21.53
N GLU A 170 4.07 -30.34 21.72
CA GLU A 170 5.05 -30.02 22.81
C GLU A 170 6.04 -28.95 22.32
N ARG A 171 6.24 -28.85 21.04
CA ARG A 171 7.19 -27.82 20.50
C ARG A 171 6.52 -26.45 20.45
N ALA A 172 5.27 -26.41 20.08
CA ALA A 172 4.55 -25.11 20.01
C ALA A 172 4.44 -24.49 21.42
N LYS A 173 4.11 -25.28 22.40
CA LYS A 173 3.98 -24.74 23.78
C LYS A 173 5.36 -24.35 24.33
N ASP A 174 6.42 -24.86 23.75
CA ASP A 174 7.78 -24.51 24.24
C ASP A 174 8.02 -23.00 24.18
N PHE A 175 7.60 -22.37 23.12
CA PHE A 175 7.81 -20.88 23.00
C PHE A 175 6.82 -20.14 23.89
N SER A 176 5.59 -20.56 23.91
CA SER A 176 4.57 -19.87 24.76
C SER A 176 3.28 -20.70 24.81
N LEU A 177 2.19 -20.11 25.22
CA LEU A 177 0.91 -20.87 25.26
C LEU A 177 0.03 -20.49 24.08
N ILE A 178 -0.14 -21.40 23.14
CA ILE A 178 -0.97 -21.10 21.95
C ILE A 178 -1.53 -22.40 21.36
N LEU A 179 -2.65 -22.34 20.70
CA LEU A 179 -3.23 -23.58 20.12
C LEU A 179 -2.92 -23.63 18.61
N ASP A 180 -2.08 -24.54 18.21
CA ASP A 180 -1.71 -24.65 16.77
C ASP A 180 -2.44 -25.82 16.11
N ASP A 181 -2.66 -25.74 14.83
CA ASP A 181 -3.35 -26.85 14.11
C ASP A 181 -2.32 -27.71 13.39
N VAL A 182 -2.39 -29.00 13.53
CA VAL A 182 -1.39 -29.88 12.85
C VAL A 182 -1.98 -30.53 11.60
N ALA A 183 -1.40 -30.25 10.47
CA ALA A 183 -1.88 -30.83 9.19
C ALA A 183 -0.75 -30.80 8.17
N ILE A 184 -0.75 -31.69 7.21
CA ILE A 184 0.36 -31.69 6.23
C ILE A 184 -0.13 -31.75 4.78
N THR A 185 0.12 -30.72 4.02
CA THR A 185 -0.26 -30.74 2.57
C THR A 185 1.03 -31.04 1.83
N GLU A 186 1.17 -32.23 1.27
CA GLU A 186 2.46 -32.54 0.60
C GLU A 186 2.36 -33.68 -0.41
N LEU A 187 3.23 -33.64 -1.38
CA LEU A 187 3.29 -34.71 -2.41
C LEU A 187 4.71 -35.29 -2.36
N SER A 188 4.86 -36.57 -2.32
CA SER A 188 6.24 -37.15 -2.21
C SER A 188 6.76 -37.66 -3.56
N PHE A 189 8.06 -37.67 -3.70
CA PHE A 189 8.68 -38.14 -4.98
C PHE A 189 9.21 -39.57 -4.80
N SER A 190 9.23 -40.34 -5.86
CA SER A 190 9.73 -41.74 -5.75
C SER A 190 10.58 -42.09 -6.97
N MET B 1 24.77 41.04 53.32
CA MET B 1 24.38 39.74 52.71
C MET B 1 24.69 39.75 51.20
N ALA B 2 25.90 40.10 50.84
CA ALA B 2 26.27 40.13 49.39
C ALA B 2 25.26 40.98 48.60
N GLN B 3 25.49 42.25 48.50
CA GLN B 3 24.55 43.13 47.74
C GLN B 3 24.49 42.71 46.27
N ASN B 4 25.54 42.09 45.78
CA ASN B 4 25.55 41.65 44.35
C ASN B 4 24.42 40.67 44.09
N LEU B 5 24.05 39.90 45.08
CA LEU B 5 22.94 38.91 44.89
C LEU B 5 21.62 39.63 44.59
N LYS B 6 21.49 40.85 45.08
CA LYS B 6 20.23 41.61 44.83
C LYS B 6 20.06 41.88 43.34
N ASP B 7 21.14 41.95 42.61
CA ASP B 7 21.04 42.21 41.15
C ASP B 7 20.25 41.09 40.45
N LEU B 8 20.34 39.90 40.97
CA LEU B 8 19.59 38.75 40.36
C LEU B 8 18.10 38.84 40.72
N ALA B 9 17.80 38.99 41.98
CA ALA B 9 16.37 39.08 42.40
C ALA B 9 15.71 40.30 41.76
N GLY B 10 16.44 41.37 41.57
CA GLY B 10 15.86 42.59 40.95
C GLY B 10 15.47 42.29 39.50
N ARG B 11 16.04 41.26 38.92
CA ARG B 11 15.70 40.93 37.50
C ARG B 11 14.28 40.37 37.40
N LEU B 12 13.77 39.79 38.47
CA LEU B 12 12.39 39.22 38.43
C LEU B 12 11.36 40.33 38.20
N PRO B 13 11.34 41.30 39.08
CA PRO B 13 10.37 42.42 38.95
C PRO B 13 10.78 43.34 37.79
N ALA B 14 10.61 42.88 36.57
CA ALA B 14 10.98 43.73 35.40
C ALA B 14 10.39 43.13 34.12
N GLY B 15 9.13 43.37 33.86
CA GLY B 15 8.50 42.83 32.63
C GLY B 15 7.47 41.77 33.02
N PRO B 16 6.26 42.21 33.25
CA PRO B 16 5.17 41.27 33.63
C PRO B 16 4.74 40.44 32.42
N ARG B 17 4.89 40.97 31.23
CA ARG B 17 4.50 40.21 30.02
C ARG B 17 5.35 38.94 29.88
N GLY B 18 6.48 38.90 30.53
CA GLY B 18 7.36 37.70 30.43
C GLY B 18 6.60 36.48 30.96
N MET B 19 6.11 36.55 32.16
CA MET B 19 5.37 35.39 32.74
C MET B 19 4.07 35.16 31.95
N GLY B 20 3.50 36.20 31.41
CA GLY B 20 2.24 36.05 30.63
C GLY B 20 2.56 35.41 29.27
N THR B 21 3.59 35.88 28.61
CA THR B 21 3.96 35.32 27.29
C THR B 21 4.57 33.92 27.47
N ALA B 22 5.17 33.65 28.59
CA ALA B 22 5.78 32.31 28.83
C ALA B 22 4.71 31.22 28.74
N LEU B 23 3.48 31.57 28.99
CA LEU B 23 2.39 30.55 28.92
C LEU B 23 2.27 29.99 27.50
N LYS B 24 2.31 30.83 26.50
CA LYS B 24 2.22 30.36 25.09
C LYS B 24 3.21 29.21 24.86
N LEU B 25 4.40 29.35 25.38
CA LEU B 25 5.43 28.28 25.19
C LEU B 25 4.88 26.93 25.69
N LEU B 26 4.24 26.92 26.82
CA LEU B 26 3.68 25.65 27.36
C LEU B 26 2.66 25.09 26.36
N LEU B 27 2.01 25.94 25.62
CA LEU B 27 1.01 25.47 24.63
C LEU B 27 1.71 25.06 23.34
N GLY B 28 2.61 25.88 22.86
CA GLY B 28 3.34 25.55 21.60
C GLY B 28 4.13 24.25 21.80
N ALA B 29 4.49 23.95 23.02
CA ALA B 29 5.27 22.69 23.28
C ALA B 29 4.49 21.48 22.77
N GLY B 30 3.18 21.51 22.87
CA GLY B 30 2.38 20.36 22.38
C GLY B 30 2.52 20.26 20.87
N ALA B 31 2.56 21.38 20.19
CA ALA B 31 2.72 21.36 18.70
C ALA B 31 4.10 20.81 18.34
N VAL B 32 5.13 21.28 19.00
CA VAL B 32 6.50 20.78 18.69
C VAL B 32 6.59 19.28 19.01
N ALA B 33 5.94 18.84 20.04
CA ALA B 33 5.98 17.40 20.40
C ALA B 33 5.35 16.57 19.28
N TYR B 34 4.40 17.14 18.57
CA TYR B 34 3.75 16.40 17.46
C TYR B 34 4.78 16.04 16.39
N GLY B 35 5.60 16.98 16.00
CA GLY B 35 6.64 16.69 14.97
C GLY B 35 7.57 15.60 15.48
N VAL B 36 7.80 15.56 16.77
CA VAL B 36 8.70 14.51 17.34
C VAL B 36 7.97 13.17 17.43
N ARG B 37 6.67 13.21 17.60
CA ARG B 37 5.90 11.93 17.69
C ARG B 37 6.07 11.12 16.40
N GLU B 38 6.27 11.79 15.29
CA GLU B 38 6.44 11.05 14.01
C GLU B 38 7.89 10.52 13.89
N SER B 39 8.84 11.18 14.52
CA SER B 39 10.26 10.69 14.44
C SER B 39 11.05 11.01 15.73
N VAL B 40 11.98 10.15 16.11
CA VAL B 40 12.77 10.41 17.36
C VAL B 40 14.17 9.77 17.29
N PHE B 41 14.89 9.74 18.37
CA PHE B 41 16.28 9.13 18.36
C PHE B 41 16.60 8.46 19.72
N THR B 42 15.69 7.70 20.27
CA THR B 42 15.97 7.02 21.58
C THR B 42 15.84 5.50 21.46
N VAL B 43 16.27 4.93 20.36
CA VAL B 43 16.16 3.44 20.17
C VAL B 43 14.80 2.95 20.69
N GLU B 44 13.81 2.89 19.85
CA GLU B 44 12.46 2.45 20.31
C GLU B 44 12.10 1.06 19.76
N GLY B 45 12.21 0.03 20.56
CA GLY B 45 11.85 -1.34 20.08
C GLY B 45 12.96 -2.33 20.43
N GLY B 46 13.21 -3.30 19.57
CA GLY B 46 14.28 -4.31 19.84
C GLY B 46 15.26 -4.32 18.67
N HIS B 47 16.19 -3.40 18.67
CA HIS B 47 17.19 -3.30 17.57
C HIS B 47 18.43 -2.54 18.07
N ARG B 48 19.54 -2.70 17.41
CA ARG B 48 20.80 -2.03 17.86
C ARG B 48 21.00 -0.71 17.09
N ALA B 49 21.67 0.26 17.67
CA ALA B 49 21.82 1.60 16.99
C ALA B 49 23.19 1.81 16.30
N ILE B 50 23.19 2.63 15.26
CA ILE B 50 24.44 2.91 14.47
C ILE B 50 24.69 4.43 14.39
N PHE B 51 25.93 4.86 14.28
CA PHE B 51 26.20 6.34 14.25
C PHE B 51 26.97 6.81 13.00
N PHE B 52 26.71 8.04 12.60
CA PHE B 52 27.41 8.64 11.40
C PHE B 52 27.28 10.17 11.45
N ASN B 53 28.20 10.90 10.85
CA ASN B 53 28.12 12.40 10.91
C ASN B 53 28.02 13.02 9.50
N ARG B 54 27.42 14.20 9.38
CA ARG B 54 27.28 14.87 8.03
C ARG B 54 28.60 14.79 7.25
N ILE B 55 29.70 14.75 7.95
CA ILE B 55 31.02 14.68 7.25
C ILE B 55 32.01 13.83 8.06
N GLY B 56 31.66 12.61 8.34
CA GLY B 56 32.56 11.72 9.13
C GLY B 56 32.57 10.31 8.52
N GLY B 57 32.12 9.34 9.27
CA GLY B 57 32.09 7.95 8.73
C GLY B 57 30.92 7.78 7.77
N VAL B 58 30.20 6.70 7.86
CA VAL B 58 29.05 6.48 6.94
C VAL B 58 28.00 5.59 7.60
N GLN B 59 26.78 5.64 7.14
CA GLN B 59 25.71 4.79 7.74
C GLN B 59 24.55 4.62 6.75
N GLN B 60 23.95 3.46 6.72
CA GLN B 60 22.82 3.22 5.78
C GLN B 60 22.14 1.90 6.12
N ASP B 61 20.85 1.91 6.37
CA ASP B 61 20.13 0.66 6.71
C ASP B 61 20.84 -0.05 7.87
N THR B 62 20.80 0.53 9.05
CA THR B 62 21.48 -0.11 10.22
C THR B 62 20.56 0.02 11.47
N ILE B 63 19.72 -0.99 11.67
CA ILE B 63 18.67 -1.05 12.79
C ILE B 63 18.94 -0.20 14.05
N LEU B 64 17.97 -0.19 14.97
CA LEU B 64 18.08 0.59 16.26
C LEU B 64 16.74 0.60 17.05
N ALA B 65 16.72 0.06 18.27
CA ALA B 65 15.45 0.08 19.09
C ALA B 65 15.62 -0.62 20.47
N GLU B 66 15.57 0.12 21.58
CA GLU B 66 15.69 -0.51 22.94
C GLU B 66 15.85 0.54 24.06
N GLY B 67 17.01 1.15 24.15
CA GLY B 67 17.28 2.17 25.23
C GLY B 67 17.18 3.59 24.66
N LEU B 68 16.98 4.60 25.48
CA LEU B 68 16.86 5.98 24.90
C LEU B 68 18.22 6.70 24.92
N HIS B 69 18.87 6.74 23.77
CA HIS B 69 20.18 7.45 23.67
C HIS B 69 20.56 7.62 22.19
N PHE B 70 20.51 8.82 21.64
CA PHE B 70 20.90 9.00 20.19
C PHE B 70 20.51 10.39 19.67
N ARG B 71 21.04 10.76 18.52
CA ARG B 71 20.75 12.08 17.88
C ARG B 71 20.55 13.18 18.94
N ILE B 72 21.63 13.68 19.49
CA ILE B 72 21.52 14.76 20.51
C ILE B 72 22.75 15.68 20.44
N PRO B 73 23.91 15.14 20.70
CA PRO B 73 25.15 15.96 20.63
C PRO B 73 25.49 16.31 19.18
N TRP B 74 26.70 16.73 18.91
CA TRP B 74 27.08 17.08 17.53
C TRP B 74 27.73 15.87 16.82
N PHE B 75 27.90 15.95 15.53
CA PHE B 75 28.51 14.82 14.77
C PHE B 75 27.77 13.51 15.08
N GLN B 76 26.50 13.45 14.76
CA GLN B 76 25.71 12.21 15.02
C GLN B 76 24.48 12.20 14.11
N TYR B 77 23.98 11.04 13.75
CA TYR B 77 22.80 11.01 12.84
C TYR B 77 21.94 9.77 13.09
N PRO B 78 20.66 9.89 12.80
CA PRO B 78 19.73 8.77 12.98
C PRO B 78 19.45 8.07 11.64
N ILE B 79 19.97 6.88 11.48
CA ILE B 79 19.71 6.09 10.25
C ILE B 79 19.77 4.61 10.64
N ILE B 80 18.64 3.95 10.73
CA ILE B 80 18.65 2.52 11.14
C ILE B 80 17.60 1.73 10.34
N TYR B 81 17.82 0.46 10.16
CA TYR B 81 16.89 -0.39 9.35
C TYR B 81 15.95 -1.22 10.25
N ASP B 82 14.79 -1.56 9.76
CA ASP B 82 13.83 -2.36 10.57
C ASP B 82 13.77 -3.80 10.02
N ILE B 83 13.48 -4.76 10.86
CA ILE B 83 13.42 -6.18 10.39
C ILE B 83 12.15 -6.43 9.57
N ARG B 84 12.18 -7.42 8.71
CA ARG B 84 10.98 -7.74 7.87
C ARG B 84 11.24 -9.00 7.04
N ALA B 85 10.20 -9.66 6.60
CA ALA B 85 10.40 -10.90 5.78
C ALA B 85 11.16 -10.57 4.50
N ARG B 86 11.40 -11.55 3.66
CA ARG B 86 12.14 -11.28 2.40
C ARG B 86 11.81 -12.35 1.34
N PRO B 87 11.08 -11.95 0.33
CA PRO B 87 10.72 -12.85 -0.76
C PRO B 87 11.64 -12.62 -1.96
N ARG B 88 12.51 -13.55 -2.25
CA ARG B 88 13.44 -13.37 -3.41
C ARG B 88 13.99 -14.74 -3.87
N LYS B 89 13.53 -15.26 -5.01
CA LYS B 89 14.02 -16.60 -5.50
C LYS B 89 13.74 -16.82 -7.00
N ILE B 90 14.53 -17.64 -7.67
CA ILE B 90 14.30 -17.91 -9.14
C ILE B 90 14.70 -19.33 -9.53
N SER B 91 14.08 -19.86 -10.56
CA SER B 91 14.45 -21.21 -11.05
C SER B 91 15.14 -21.07 -12.40
N SER B 92 16.43 -21.34 -12.47
CA SER B 92 17.15 -21.18 -13.77
C SER B 92 17.67 -22.52 -14.30
N PRO B 93 17.62 -22.68 -15.60
CA PRO B 93 18.10 -23.92 -16.23
C PRO B 93 19.52 -23.73 -16.78
N THR B 94 20.35 -24.73 -16.69
CA THR B 94 21.74 -24.60 -17.21
C THR B 94 22.34 -25.98 -17.50
N GLY B 95 22.70 -26.24 -18.72
CA GLY B 95 23.29 -27.57 -19.07
C GLY B 95 24.80 -27.41 -19.27
N SER B 96 25.58 -28.34 -18.77
CA SER B 96 27.05 -28.25 -18.93
C SER B 96 27.71 -29.59 -18.60
N LYS B 97 27.59 -30.04 -17.38
CA LYS B 97 28.22 -31.34 -17.01
C LYS B 97 27.63 -32.49 -17.84
N ASP B 98 26.36 -32.42 -18.13
CA ASP B 98 25.73 -33.50 -18.95
C ASP B 98 25.37 -32.98 -20.34
N LEU B 99 25.30 -33.85 -21.31
CA LEU B 99 24.95 -33.40 -22.69
C LEU B 99 23.57 -32.77 -22.71
N GLN B 100 22.69 -33.19 -21.83
CA GLN B 100 21.32 -32.61 -21.80
C GLN B 100 21.33 -31.27 -21.05
N MET B 101 20.19 -30.77 -20.67
CA MET B 101 20.14 -29.47 -19.94
C MET B 101 19.60 -29.68 -18.52
N VAL B 102 20.39 -29.38 -17.53
CA VAL B 102 19.93 -29.55 -16.12
C VAL B 102 19.59 -28.20 -15.51
N ASN B 103 18.68 -28.15 -14.57
CA ASN B 103 18.30 -26.85 -13.95
C ASN B 103 18.53 -26.88 -12.45
N ILE B 104 19.35 -26.00 -11.94
CA ILE B 104 19.62 -25.96 -10.48
C ILE B 104 19.31 -24.55 -9.95
N SER B 105 18.48 -24.45 -8.95
CA SER B 105 18.15 -23.10 -8.40
C SER B 105 18.91 -22.86 -7.09
N LEU B 106 19.18 -21.63 -6.77
CA LEU B 106 19.92 -21.32 -5.51
C LEU B 106 19.49 -19.96 -4.97
N ARG B 107 19.55 -19.77 -3.69
CA ARG B 107 19.14 -18.46 -3.10
C ARG B 107 19.92 -18.18 -1.82
N VAL B 108 20.11 -16.93 -1.51
CA VAL B 108 20.86 -16.56 -0.27
C VAL B 108 19.97 -15.73 0.66
N LEU B 109 20.11 -15.90 1.95
CA LEU B 109 19.27 -15.11 2.90
C LEU B 109 20.14 -14.54 4.02
N SER B 110 20.19 -13.24 4.14
CA SER B 110 21.02 -12.61 5.21
C SER B 110 20.12 -12.00 6.28
N ARG B 111 20.11 -12.56 7.46
CA ARG B 111 19.26 -12.01 8.56
C ARG B 111 20.14 -11.29 9.59
N PRO B 112 19.82 -10.04 9.84
CA PRO B 112 20.60 -9.24 10.82
C PRO B 112 20.28 -9.69 12.25
N ASN B 113 21.25 -10.25 12.93
CA ASN B 113 21.01 -10.70 14.33
C ASN B 113 21.54 -9.66 15.33
N ALA B 114 22.83 -9.45 15.33
CA ALA B 114 23.42 -8.45 16.28
C ALA B 114 24.82 -8.05 15.83
N GLN B 115 25.18 -6.80 15.97
CA GLN B 115 26.53 -6.35 15.56
C GLN B 115 26.76 -6.61 14.07
N GLU B 116 25.75 -6.40 13.26
CA GLU B 116 25.91 -6.65 11.79
C GLU B 116 25.70 -5.34 11.01
N LEU B 117 24.83 -4.49 11.50
CA LEU B 117 24.57 -3.21 10.79
C LEU B 117 25.63 -2.14 11.11
N PRO B 118 26.36 -2.27 12.21
CA PRO B 118 27.38 -1.25 12.55
C PRO B 118 28.70 -1.47 11.79
N SER B 119 29.42 -2.53 12.08
CA SER B 119 30.72 -2.78 11.38
C SER B 119 30.49 -3.43 10.03
N MET B 120 29.76 -4.50 10.00
CA MET B 120 29.50 -5.21 8.72
C MET B 120 28.86 -4.29 7.68
N TYR B 121 28.28 -3.19 8.10
CA TYR B 121 27.64 -2.27 7.11
C TYR B 121 28.66 -1.80 6.07
N GLN B 122 29.68 -1.07 6.47
CA GLN B 122 30.69 -0.59 5.47
C GLN B 122 31.33 -1.79 4.78
N ARG B 123 31.42 -2.91 5.45
CA ARG B 123 32.02 -4.13 4.83
C ARG B 123 30.98 -4.81 3.94
N LEU B 124 29.72 -4.53 4.16
CA LEU B 124 28.64 -5.15 3.33
C LEU B 124 28.51 -4.42 1.99
N GLY B 125 28.29 -3.14 2.03
CA GLY B 125 28.16 -2.36 0.76
C GLY B 125 27.54 -0.99 1.05
N LEU B 126 26.35 -0.75 0.58
CA LEU B 126 25.71 0.57 0.82
C LEU B 126 24.18 0.44 0.68
N ASP B 127 23.57 -0.32 1.55
CA ASP B 127 22.08 -0.50 1.47
C ASP B 127 21.66 -0.91 0.06
N TYR B 128 22.02 -2.10 -0.35
CA TYR B 128 21.64 -2.57 -1.72
C TYR B 128 21.61 -4.10 -1.77
N GLU B 129 20.88 -4.71 -0.88
CA GLU B 129 20.81 -6.22 -0.88
C GLU B 129 20.52 -6.74 -2.29
N GLU B 130 19.74 -6.01 -3.05
CA GLU B 130 19.41 -6.47 -4.44
C GLU B 130 20.69 -6.70 -5.25
N ARG B 131 21.78 -6.10 -4.84
CA ARG B 131 23.06 -6.29 -5.59
C ARG B 131 23.74 -7.60 -5.19
N VAL B 132 23.91 -7.84 -3.91
CA VAL B 132 24.59 -9.08 -3.46
C VAL B 132 23.64 -10.29 -3.46
N LEU B 133 22.36 -10.06 -3.34
CA LEU B 133 21.40 -11.21 -3.33
C LEU B 133 21.55 -12.06 -4.60
N PRO B 134 21.33 -11.45 -5.74
CA PRO B 134 21.45 -12.18 -7.02
C PRO B 134 22.92 -12.45 -7.36
N SER B 135 23.82 -11.66 -6.83
CA SER B 135 25.27 -11.88 -7.12
C SER B 135 25.68 -13.31 -6.74
N ILE B 136 25.65 -13.63 -5.47
CA ILE B 136 26.05 -15.00 -5.04
C ILE B 136 25.00 -16.02 -5.50
N VAL B 137 23.75 -15.68 -5.43
CA VAL B 137 22.67 -16.62 -5.87
C VAL B 137 22.84 -16.97 -7.35
N ASN B 138 23.03 -15.98 -8.18
CA ASN B 138 23.19 -16.25 -9.64
C ASN B 138 24.61 -16.76 -9.95
N GLU B 139 25.55 -16.51 -9.07
CA GLU B 139 26.94 -16.98 -9.31
C GLU B 139 27.07 -18.47 -8.97
N VAL B 140 26.93 -18.81 -7.72
CA VAL B 140 27.05 -20.24 -7.31
C VAL B 140 26.09 -21.12 -8.12
N LEU B 141 24.99 -20.56 -8.55
CA LEU B 141 24.01 -21.35 -9.35
C LEU B 141 24.63 -21.77 -10.68
N LYS B 142 25.28 -20.87 -11.34
CA LYS B 142 25.90 -21.21 -12.66
C LYS B 142 27.23 -21.94 -12.45
N SER B 143 27.89 -21.71 -11.35
CA SER B 143 29.19 -22.39 -11.10
C SER B 143 28.97 -23.82 -10.59
N VAL B 144 27.91 -24.06 -9.86
CA VAL B 144 27.66 -25.42 -9.33
C VAL B 144 27.10 -26.34 -10.42
N VAL B 145 26.27 -25.82 -11.29
CA VAL B 145 25.68 -26.67 -12.36
C VAL B 145 26.79 -27.39 -13.15
N ALA B 146 27.84 -26.69 -13.49
CA ALA B 146 28.96 -27.34 -14.25
C ALA B 146 29.49 -28.55 -13.48
N LYS B 147 29.46 -28.50 -12.17
CA LYS B 147 29.96 -29.64 -11.35
C LYS B 147 28.90 -30.75 -11.27
N PHE B 148 27.74 -30.45 -10.75
CA PHE B 148 26.68 -31.49 -10.64
C PHE B 148 26.35 -32.09 -12.01
N ASN B 149 25.60 -33.15 -12.02
CA ASN B 149 25.25 -33.80 -13.33
C ASN B 149 23.73 -33.83 -13.50
N ALA B 150 23.26 -34.31 -14.63
CA ALA B 150 21.79 -34.37 -14.87
C ALA B 150 21.18 -35.59 -14.16
N SER B 151 21.66 -36.77 -14.46
CA SER B 151 21.10 -37.99 -13.82
C SER B 151 21.14 -37.86 -12.29
N GLN B 152 22.14 -37.19 -11.78
CA GLN B 152 22.25 -37.01 -10.30
C GLN B 152 21.30 -35.91 -9.81
N LEU B 153 20.90 -35.03 -10.70
CA LEU B 153 19.99 -33.92 -10.28
C LEU B 153 18.56 -34.45 -10.10
N ILE B 154 18.03 -35.12 -11.08
CA ILE B 154 16.64 -35.65 -10.96
C ILE B 154 16.54 -36.61 -9.76
N THR B 155 17.64 -37.14 -9.31
CA THR B 155 17.60 -38.07 -8.15
C THR B 155 17.03 -37.37 -6.92
N GLN B 156 17.40 -36.13 -6.71
CA GLN B 156 16.86 -35.38 -5.53
C GLN B 156 17.20 -33.90 -5.65
N ARG B 157 16.20 -33.06 -5.75
CA ARG B 157 16.46 -31.60 -5.88
C ARG B 157 17.20 -31.09 -4.63
N ALA B 158 16.99 -31.72 -3.50
CA ALA B 158 17.67 -31.28 -2.26
C ALA B 158 19.10 -31.83 -2.20
N GLN B 159 19.36 -32.91 -2.88
CA GLN B 159 20.74 -33.50 -2.87
C GLN B 159 21.78 -32.47 -3.34
N VAL B 160 21.39 -31.58 -4.21
CA VAL B 160 22.36 -30.56 -4.71
C VAL B 160 22.54 -29.45 -3.67
N SER B 161 21.58 -29.28 -2.79
CA SER B 161 21.70 -28.22 -1.75
C SER B 161 22.77 -28.59 -0.72
N LEU B 162 23.10 -29.85 -0.62
CA LEU B 162 24.14 -30.28 0.37
C LEU B 162 25.43 -29.49 0.16
N LEU B 163 25.99 -29.54 -1.01
CA LEU B 163 27.26 -28.78 -1.28
C LEU B 163 26.98 -27.27 -1.28
N ILE B 164 25.85 -26.88 -1.80
CA ILE B 164 25.52 -25.42 -1.84
C ILE B 164 25.39 -24.87 -0.42
N ARG B 165 24.93 -25.69 0.51
CA ARG B 165 24.79 -25.21 1.92
C ARG B 165 26.13 -24.77 2.47
N ARG B 166 27.19 -25.42 2.06
CA ARG B 166 28.55 -25.03 2.55
C ARG B 166 29.07 -23.81 1.79
N GLU B 167 28.92 -23.81 0.49
CA GLU B 167 29.40 -22.64 -0.31
C GLU B 167 28.51 -21.42 -0.06
N LEU B 168 27.24 -21.63 0.11
CA LEU B 168 26.32 -20.49 0.35
C LEU B 168 26.63 -19.84 1.71
N THR B 169 26.74 -20.63 2.74
CA THR B 169 27.06 -20.06 4.08
C THR B 169 28.43 -19.38 4.06
N GLU B 170 29.36 -19.93 3.32
CA GLU B 170 30.72 -19.33 3.25
C GLU B 170 30.66 -18.00 2.50
N ARG B 171 29.98 -17.98 1.39
CA ARG B 171 29.87 -16.71 0.60
C ARG B 171 28.97 -15.71 1.33
N ALA B 172 27.86 -16.16 1.85
CA ALA B 172 26.95 -15.24 2.58
C ALA B 172 27.63 -14.68 3.82
N LYS B 173 28.43 -15.47 4.49
CA LYS B 173 29.14 -14.99 5.71
C LYS B 173 30.13 -13.89 5.33
N ASP B 174 30.55 -13.85 4.10
CA ASP B 174 31.54 -12.81 3.67
C ASP B 174 30.93 -11.41 3.88
N PHE B 175 29.80 -11.15 3.29
CA PHE B 175 29.17 -9.80 3.46
C PHE B 175 28.97 -9.49 4.94
N SER B 176 28.79 -10.50 5.76
CA SER B 176 28.58 -10.27 7.22
C SER B 176 28.50 -11.62 7.95
N LEU B 177 28.61 -11.60 9.25
CA LEU B 177 28.52 -12.88 10.02
C LEU B 177 27.15 -13.01 10.67
N ILE B 178 26.34 -13.92 10.19
CA ILE B 178 24.98 -14.11 10.77
C ILE B 178 24.49 -15.53 10.52
N LEU B 179 23.63 -16.04 11.35
CA LEU B 179 23.11 -17.43 11.16
C LEU B 179 21.71 -17.37 10.54
N ASP B 180 21.48 -18.12 9.50
CA ASP B 180 20.15 -18.10 8.84
C ASP B 180 19.91 -19.39 8.04
N ASP B 181 18.67 -19.75 7.86
CA ASP B 181 18.36 -20.99 7.09
C ASP B 181 17.96 -20.63 5.66
N VAL B 182 18.49 -21.31 4.68
CA VAL B 182 18.15 -20.97 3.27
C VAL B 182 18.08 -22.21 2.38
N ALA B 183 16.97 -22.40 1.72
CA ALA B 183 16.82 -23.56 0.79
C ALA B 183 16.04 -23.09 -0.44
N ILE B 184 16.25 -23.71 -1.57
CA ILE B 184 15.55 -23.26 -2.80
C ILE B 184 14.66 -24.36 -3.39
N THR B 185 13.66 -23.97 -4.13
CA THR B 185 12.76 -24.98 -4.78
C THR B 185 13.26 -25.18 -6.20
N GLU B 186 13.81 -26.33 -6.48
CA GLU B 186 14.38 -26.57 -7.84
C GLU B 186 13.48 -27.43 -8.72
N LEU B 187 13.58 -27.21 -10.00
CA LEU B 187 12.79 -28.00 -10.98
C LEU B 187 13.70 -28.30 -12.18
N SER B 188 13.78 -29.53 -12.59
CA SER B 188 14.69 -29.86 -13.73
C SER B 188 13.90 -30.04 -15.03
N PHE B 189 14.53 -29.76 -16.14
CA PHE B 189 13.83 -29.90 -17.46
C PHE B 189 14.29 -31.18 -18.15
N SER B 190 13.37 -32.00 -18.58
CA SER B 190 13.73 -33.27 -19.27
C SER B 190 13.55 -33.13 -20.78
N MET C 1 33.76 54.34 19.37
CA MET C 1 34.30 55.61 19.93
C MET C 1 33.65 56.81 19.25
N ALA C 2 32.35 56.89 19.28
CA ALA C 2 31.64 58.03 18.64
C ALA C 2 30.29 58.29 19.32
N GLN C 3 29.53 59.23 18.83
CA GLN C 3 28.21 59.53 19.44
C GLN C 3 27.15 58.56 18.91
N ASN C 4 27.29 58.13 17.68
CA ASN C 4 26.28 57.19 17.11
C ASN C 4 26.33 55.85 17.84
N LEU C 5 27.45 55.51 18.42
CA LEU C 5 27.56 54.22 19.16
C LEU C 5 26.56 54.19 20.32
N LYS C 6 26.55 55.20 21.13
CA LYS C 6 25.60 55.24 22.29
C LYS C 6 24.17 55.39 21.79
N ASP C 7 23.99 56.04 20.67
CA ASP C 7 22.61 56.23 20.12
C ASP C 7 22.10 54.90 19.52
N LEU C 8 22.99 54.03 19.14
CA LEU C 8 22.54 52.73 18.56
C LEU C 8 21.88 51.85 19.63
N ALA C 9 22.23 52.05 20.87
CA ALA C 9 21.62 51.24 21.96
C ALA C 9 20.12 51.47 22.02
N GLY C 10 19.68 52.66 21.72
CA GLY C 10 18.22 52.95 21.76
C GLY C 10 17.50 52.19 20.64
N ARG C 11 18.22 51.82 19.61
CA ARG C 11 17.58 51.06 18.49
C ARG C 11 17.39 49.59 18.87
N LEU C 12 18.16 49.10 19.80
CA LEU C 12 18.03 47.67 20.21
C LEU C 12 16.61 47.39 20.74
N PRO C 13 16.21 48.13 21.74
CA PRO C 13 14.86 47.93 22.32
C PRO C 13 13.78 48.47 21.37
N ALA C 14 13.94 49.70 20.92
CA ALA C 14 12.93 50.29 20.00
C ALA C 14 11.52 50.17 20.58
N GLY C 15 11.34 50.61 21.81
CA GLY C 15 9.99 50.53 22.44
C GLY C 15 9.87 49.22 23.23
N PRO C 16 9.05 49.25 24.25
CA PRO C 16 8.84 48.05 25.09
C PRO C 16 7.99 47.01 24.35
N ARG C 17 6.99 47.45 23.64
CA ARG C 17 6.13 46.49 22.89
C ARG C 17 6.96 45.65 21.92
N GLY C 18 8.11 46.14 21.53
CA GLY C 18 8.97 45.38 20.59
C GLY C 18 9.41 44.06 21.23
N MET C 19 9.93 44.12 22.43
CA MET C 19 10.37 42.87 23.12
C MET C 19 9.17 42.00 23.50
N GLY C 20 8.03 42.62 23.70
CA GLY C 20 6.82 41.83 24.08
C GLY C 20 6.36 40.98 22.89
N THR C 21 6.13 41.60 21.77
CA THR C 21 5.67 40.82 20.57
C THR C 21 6.78 39.88 20.10
N ALA C 22 8.02 40.21 20.36
CA ALA C 22 9.14 39.33 19.93
C ALA C 22 8.97 37.91 20.49
N LEU C 23 8.29 37.79 21.59
CA LEU C 23 8.09 36.43 22.19
C LEU C 23 7.04 35.65 21.40
N LYS C 24 5.95 36.28 21.04
CA LYS C 24 4.90 35.58 20.26
C LYS C 24 5.48 35.03 18.95
N LEU C 25 6.48 35.69 18.43
CA LEU C 25 7.11 35.21 17.16
C LEU C 25 7.88 33.92 17.37
N LEU C 26 8.48 33.75 18.52
CA LEU C 26 9.26 32.50 18.81
C LEU C 26 8.41 31.26 18.55
N LEU C 27 7.28 31.16 19.19
CA LEU C 27 6.40 29.97 19.00
C LEU C 27 6.10 29.74 17.52
N GLY C 28 5.94 30.80 16.77
CA GLY C 28 5.65 30.65 15.31
C GLY C 28 6.80 29.89 14.63
N ALA C 29 7.97 29.90 15.23
CA ALA C 29 9.12 29.18 14.61
C ALA C 29 8.98 27.67 14.83
N GLY C 30 8.34 27.26 15.89
CA GLY C 30 8.16 25.80 16.15
C GLY C 30 7.15 25.21 15.17
N ALA C 31 6.21 25.99 14.73
CA ALA C 31 5.18 25.46 13.78
C ALA C 31 5.77 25.35 12.37
N VAL C 32 6.76 26.13 12.07
CA VAL C 32 7.38 26.08 10.70
C VAL C 32 8.35 24.90 10.61
N ALA C 33 8.89 24.46 11.71
CA ALA C 33 9.83 23.31 11.69
C ALA C 33 9.11 22.02 11.33
N TYR C 34 7.89 21.87 11.78
CA TYR C 34 7.11 20.62 11.46
C TYR C 34 6.97 20.46 9.95
N GLY C 35 6.64 21.51 9.25
CA GLY C 35 6.48 21.41 7.77
C GLY C 35 7.80 20.95 7.14
N VAL C 36 8.91 21.31 7.74
CA VAL C 36 10.23 20.89 7.18
C VAL C 36 10.52 19.44 7.56
N ARG C 37 10.02 19.00 8.68
CA ARG C 37 10.27 17.60 9.13
C ARG C 37 9.75 16.60 8.08
N GLU C 38 8.67 16.92 7.43
CA GLU C 38 8.11 15.98 6.41
C GLU C 38 8.99 15.99 5.14
N SER C 39 9.67 17.07 4.84
CA SER C 39 10.53 17.10 3.60
C SER C 39 11.76 18.02 3.81
N VAL C 40 12.89 17.65 3.23
CA VAL C 40 14.13 18.49 3.37
C VAL C 40 15.10 18.24 2.18
N PHE C 41 16.26 18.88 2.19
CA PHE C 41 17.25 18.67 1.08
C PHE C 41 18.69 18.64 1.62
N THR C 42 19.07 17.59 2.33
CA THR C 42 20.47 17.52 2.87
C THR C 42 21.05 16.11 2.68
N VAL C 43 20.76 15.46 1.58
CA VAL C 43 21.29 14.08 1.32
C VAL C 43 21.29 13.25 2.62
N GLU C 44 20.37 12.32 2.75
CA GLU C 44 20.30 11.49 4.00
C GLU C 44 20.50 9.99 3.71
N GLY C 45 21.64 9.44 4.07
CA GLY C 45 21.87 7.98 3.84
C GLY C 45 23.15 7.76 3.03
N GLY C 46 23.14 6.81 2.13
CA GLY C 46 24.36 6.53 1.30
C GLY C 46 23.95 6.66 -0.17
N HIS C 47 24.00 7.85 -0.69
CA HIS C 47 23.57 8.07 -2.11
C HIS C 47 24.19 9.36 -2.65
N ARG C 48 24.30 9.47 -3.95
CA ARG C 48 24.91 10.67 -4.57
C ARG C 48 23.83 11.68 -5.00
N ALA C 49 24.13 12.96 -5.03
CA ALA C 49 23.06 13.98 -5.35
C ALA C 49 23.08 14.49 -6.82
N ILE C 50 21.94 15.00 -7.25
CA ILE C 50 21.74 15.50 -8.64
C ILE C 50 21.37 17.01 -8.65
N PHE C 51 21.66 17.72 -9.72
CA PHE C 51 21.35 19.19 -9.75
C PHE C 51 20.54 19.59 -11.02
N PHE C 52 19.52 20.41 -10.86
CA PHE C 52 18.72 20.86 -12.04
C PHE C 52 17.92 22.14 -11.69
N ASN C 53 17.62 22.96 -12.68
CA ASN C 53 16.85 24.24 -12.40
C ASN C 53 15.46 24.19 -13.06
N ARG C 54 14.51 24.92 -12.51
CA ARG C 54 13.11 24.93 -13.08
C ARG C 54 13.14 25.16 -14.59
N ILE C 55 12.00 25.17 -15.22
CA ILE C 55 11.93 25.39 -16.69
C ILE C 55 12.79 24.36 -17.43
N GLY C 56 12.18 23.30 -17.91
CA GLY C 56 12.96 22.25 -18.63
C GLY C 56 12.59 20.86 -18.11
N GLY C 57 13.48 20.23 -17.40
CA GLY C 57 13.19 18.87 -16.86
C GLY C 57 14.14 17.87 -17.50
N VAL C 58 14.84 17.09 -16.72
CA VAL C 58 15.79 16.10 -17.30
C VAL C 58 16.12 14.99 -16.30
N GLN C 59 17.11 15.20 -15.45
CA GLN C 59 17.49 14.15 -14.46
C GLN C 59 16.27 13.58 -13.73
N GLN C 60 16.14 12.28 -13.72
CA GLN C 60 14.97 11.65 -13.03
C GLN C 60 15.46 10.42 -12.25
N ASP C 61 16.20 9.55 -12.89
CA ASP C 61 16.70 8.33 -12.19
C ASP C 61 18.09 8.62 -11.61
N THR C 62 18.21 9.67 -10.84
CA THR C 62 19.53 10.03 -10.24
C THR C 62 19.38 10.17 -8.70
N ILE C 63 19.89 9.19 -7.95
CA ILE C 63 19.74 9.12 -6.43
C ILE C 63 20.42 10.25 -5.61
N LEU C 64 20.36 10.16 -4.26
CA LEU C 64 20.98 11.20 -3.35
C LEU C 64 20.72 10.94 -1.85
N ALA C 65 21.77 10.93 -1.03
CA ALA C 65 21.59 10.79 0.47
C ALA C 65 22.92 10.50 1.21
N GLU C 66 23.40 11.44 2.02
CA GLU C 66 24.67 11.24 2.82
C GLU C 66 25.12 12.56 3.50
N GLY C 67 25.46 13.57 2.74
CA GLY C 67 25.94 14.86 3.33
C GLY C 67 24.83 15.93 3.29
N LEU C 68 24.90 16.96 4.12
CA LEU C 68 23.80 17.98 4.09
C LEU C 68 24.22 19.17 3.20
N HIS C 69 23.66 19.25 2.01
CA HIS C 69 23.99 20.37 1.06
C HIS C 69 22.96 20.44 -0.08
N PHE C 70 22.81 21.61 -0.69
CA PHE C 70 21.87 21.80 -1.88
C PHE C 70 20.51 22.40 -1.50
N ARG C 71 19.77 22.82 -2.49
CA ARG C 71 18.42 23.45 -2.26
C ARG C 71 18.49 24.49 -1.15
N ILE C 72 19.59 25.19 -1.07
CA ILE C 72 19.74 26.24 -0.01
C ILE C 72 19.57 27.65 -0.62
N PRO C 73 20.41 27.99 -1.57
CA PRO C 73 20.33 29.33 -2.20
C PRO C 73 19.11 29.42 -3.13
N TRP C 74 19.27 29.14 -4.40
CA TRP C 74 18.11 29.21 -5.35
C TRP C 74 18.55 28.80 -6.76
N PHE C 75 17.65 28.89 -7.71
CA PHE C 75 17.99 28.52 -9.11
C PHE C 75 18.61 27.11 -9.18
N GLN C 76 18.24 26.26 -8.25
CA GLN C 76 18.78 24.87 -8.26
C GLN C 76 17.74 23.90 -7.69
N TYR C 77 17.78 22.67 -8.11
CA TYR C 77 16.79 21.68 -7.60
C TYR C 77 17.32 20.26 -7.76
N PRO C 78 17.43 19.55 -6.67
CA PRO C 78 17.92 18.18 -6.72
C PRO C 78 16.76 17.17 -6.68
N ILE C 79 16.48 16.54 -7.80
CA ILE C 79 15.43 15.49 -7.82
C ILE C 79 16.19 14.17 -7.81
N ILE C 80 16.13 13.44 -6.73
CA ILE C 80 16.96 12.20 -6.65
C ILE C 80 16.14 10.90 -6.83
N TYR C 81 16.80 9.89 -7.32
CA TYR C 81 16.17 8.57 -7.58
C TYR C 81 16.52 7.58 -6.46
N ASP C 82 15.55 6.92 -5.89
CA ASP C 82 15.89 5.97 -4.77
C ASP C 82 15.90 4.52 -5.29
N ILE C 83 16.69 3.68 -4.66
CA ILE C 83 16.81 2.25 -5.10
C ILE C 83 15.46 1.65 -5.49
N ARG C 84 15.49 0.67 -6.36
CA ARG C 84 14.23 0.01 -6.82
C ARG C 84 14.58 -1.16 -7.75
N ALA C 85 14.20 -2.37 -7.39
CA ALA C 85 14.52 -3.55 -8.26
C ALA C 85 14.03 -3.30 -9.69
N ARG C 86 14.66 -3.90 -10.65
CA ARG C 86 14.23 -3.71 -12.07
C ARG C 86 14.11 -5.06 -12.79
N PRO C 87 12.89 -5.45 -13.08
CA PRO C 87 12.64 -6.72 -13.77
C PRO C 87 12.39 -6.44 -15.26
N ARG C 88 13.30 -6.85 -16.12
CA ARG C 88 13.10 -6.59 -17.57
C ARG C 88 13.73 -7.73 -18.42
N LYS C 89 12.90 -8.59 -19.01
CA LYS C 89 13.42 -9.74 -19.85
C LYS C 89 12.30 -10.28 -20.78
N ILE C 90 12.65 -10.89 -21.91
CA ILE C 90 11.58 -11.42 -22.85
C ILE C 90 11.97 -12.75 -23.50
N SER C 91 10.98 -13.53 -23.86
CA SER C 91 11.22 -14.80 -24.58
C SER C 91 10.69 -14.66 -26.01
N SER C 92 11.55 -14.61 -26.99
CA SER C 92 11.07 -14.44 -28.39
C SER C 92 11.67 -15.51 -29.31
N PRO C 93 10.83 -16.14 -30.10
CA PRO C 93 11.30 -17.18 -31.04
C PRO C 93 11.47 -16.60 -32.44
N THR C 94 12.55 -16.92 -33.10
CA THR C 94 12.78 -16.39 -34.48
C THR C 94 13.76 -17.30 -35.23
N GLY C 95 13.65 -17.36 -36.53
CA GLY C 95 14.58 -18.23 -37.31
C GLY C 95 15.20 -17.42 -38.45
N SER C 96 16.49 -17.59 -38.67
CA SER C 96 17.16 -16.84 -39.78
C SER C 96 18.60 -17.35 -39.96
N LYS C 97 18.80 -18.63 -39.92
CA LYS C 97 20.18 -19.19 -40.10
C LYS C 97 20.15 -20.72 -40.15
N ASP C 98 19.19 -21.35 -39.51
CA ASP C 98 19.12 -22.84 -39.53
C ASP C 98 17.81 -23.31 -40.17
N LEU C 99 17.17 -22.48 -40.95
CA LEU C 99 15.89 -22.88 -41.59
C LEU C 99 14.90 -23.39 -40.52
N GLN C 100 15.09 -23.00 -39.29
CA GLN C 100 14.17 -23.46 -38.21
C GLN C 100 13.71 -22.25 -37.38
N MET C 101 13.50 -22.41 -36.10
CA MET C 101 13.06 -21.26 -35.26
C MET C 101 13.68 -21.36 -33.86
N VAL C 102 14.59 -20.48 -33.54
CA VAL C 102 15.23 -20.51 -32.19
C VAL C 102 14.74 -19.33 -31.36
N ASN C 103 14.65 -19.51 -30.06
CA ASN C 103 14.16 -18.41 -29.19
C ASN C 103 15.26 -17.97 -28.22
N ILE C 104 15.49 -16.68 -28.12
CA ILE C 104 16.53 -16.17 -27.20
C ILE C 104 15.91 -15.18 -26.22
N SER C 105 16.44 -15.08 -25.03
CA SER C 105 15.87 -14.14 -24.04
C SER C 105 16.97 -13.55 -23.16
N LEU C 106 17.25 -12.28 -23.29
CA LEU C 106 18.32 -11.65 -22.47
C LEU C 106 17.69 -10.64 -21.50
N ARG C 107 18.24 -10.55 -20.31
CA ARG C 107 17.69 -9.60 -19.31
C ARG C 107 18.59 -8.35 -19.23
N VAL C 108 18.03 -7.22 -18.88
CA VAL C 108 18.85 -5.98 -18.80
C VAL C 108 19.17 -5.67 -17.34
N LEU C 109 20.34 -5.12 -17.09
CA LEU C 109 20.72 -4.79 -15.69
C LEU C 109 20.87 -3.27 -15.53
N SER C 110 20.45 -2.74 -14.42
CA SER C 110 20.56 -1.26 -14.20
C SER C 110 21.19 -0.97 -12.83
N ARG C 111 22.38 -0.43 -12.82
CA ARG C 111 23.05 -0.12 -11.53
C ARG C 111 23.38 1.38 -11.44
N PRO C 112 22.68 2.07 -10.57
CA PRO C 112 22.90 3.52 -10.39
C PRO C 112 24.20 3.79 -9.62
N ASN C 113 24.85 2.76 -9.15
CA ASN C 113 26.12 2.96 -8.38
C ASN C 113 27.15 3.72 -9.22
N ALA C 114 28.35 3.86 -8.71
CA ALA C 114 29.42 4.59 -9.47
C ALA C 114 29.04 6.07 -9.66
N GLN C 115 28.04 6.54 -8.96
CA GLN C 115 27.63 7.98 -9.10
C GLN C 115 27.53 8.37 -10.58
N GLU C 116 26.93 7.53 -11.39
CA GLU C 116 26.80 7.85 -12.83
C GLU C 116 25.39 8.36 -13.14
N LEU C 117 24.68 8.87 -12.16
CA LEU C 117 23.30 9.37 -12.40
C LEU C 117 23.31 10.78 -13.03
N PRO C 118 24.31 11.59 -12.71
CA PRO C 118 24.35 12.96 -13.28
C PRO C 118 24.76 12.94 -14.77
N SER C 119 25.97 12.56 -15.09
CA SER C 119 26.39 12.54 -16.52
C SER C 119 25.34 11.80 -17.36
N MET C 120 24.74 10.77 -16.83
CA MET C 120 23.70 10.03 -17.59
C MET C 120 22.35 10.75 -17.54
N TYR C 121 22.15 11.62 -16.59
CA TYR C 121 20.84 12.34 -16.51
C TYR C 121 20.46 12.89 -17.90
N GLN C 122 21.32 13.65 -18.52
CA GLN C 122 21.00 14.17 -19.88
C GLN C 122 21.33 13.11 -20.93
N ARG C 123 22.45 12.44 -20.79
CA ARG C 123 22.84 11.38 -21.77
C ARG C 123 21.81 10.25 -21.78
N LEU C 124 21.68 9.53 -20.70
CA LEU C 124 20.70 8.41 -20.65
C LEU C 124 19.29 8.93 -20.94
N GLY C 125 18.99 10.12 -20.51
CA GLY C 125 17.63 10.69 -20.77
C GLY C 125 16.83 10.71 -19.47
N LEU C 126 15.80 11.52 -19.41
CA LEU C 126 14.98 11.59 -18.17
C LEU C 126 14.12 10.34 -18.01
N ASP C 127 14.63 9.35 -17.33
CA ASP C 127 13.84 8.08 -17.15
C ASP C 127 13.37 7.54 -18.50
N TYR C 128 12.18 7.00 -18.57
CA TYR C 128 11.66 6.46 -19.86
C TYR C 128 12.57 5.32 -20.36
N GLU C 129 13.15 4.58 -19.46
CA GLU C 129 14.05 3.46 -19.87
C GLU C 129 13.26 2.44 -20.70
N GLU C 130 11.95 2.44 -20.57
CA GLU C 130 11.12 1.47 -21.34
C GLU C 130 11.37 1.62 -22.85
N ARG C 131 11.90 2.73 -23.27
CA ARG C 131 12.17 2.93 -24.73
C ARG C 131 13.45 2.22 -25.15
N VAL C 132 14.54 2.48 -24.46
CA VAL C 132 15.83 1.82 -24.82
C VAL C 132 15.88 0.40 -24.28
N LEU C 133 15.07 0.08 -23.31
CA LEU C 133 15.09 -1.31 -22.73
C LEU C 133 14.88 -2.35 -23.85
N PRO C 134 13.75 -2.28 -24.52
CA PRO C 134 13.45 -3.25 -25.61
C PRO C 134 14.27 -2.91 -26.85
N SER C 135 14.61 -1.66 -27.03
CA SER C 135 15.40 -1.26 -28.23
C SER C 135 16.76 -1.95 -28.24
N ILE C 136 17.60 -1.67 -27.28
CA ILE C 136 18.95 -2.32 -27.24
C ILE C 136 18.82 -3.84 -27.13
N VAL C 137 17.75 -4.32 -26.55
CA VAL C 137 17.57 -5.80 -26.44
C VAL C 137 17.06 -6.37 -27.76
N ASN C 138 15.92 -5.92 -28.21
CA ASN C 138 15.35 -6.44 -29.49
C ASN C 138 16.37 -6.28 -30.62
N GLU C 139 17.29 -5.36 -30.49
CA GLU C 139 18.31 -5.15 -31.56
C GLU C 139 19.40 -6.22 -31.48
N VAL C 140 20.17 -6.22 -30.42
CA VAL C 140 21.25 -7.22 -30.28
C VAL C 140 20.66 -8.64 -30.19
N LEU C 141 19.49 -8.77 -29.64
CA LEU C 141 18.86 -10.12 -29.52
C LEU C 141 18.66 -10.75 -30.89
N LYS C 142 18.04 -10.04 -31.80
CA LYS C 142 17.81 -10.60 -33.16
C LYS C 142 19.07 -10.47 -34.02
N SER C 143 19.79 -9.38 -33.89
CA SER C 143 21.01 -9.18 -34.72
C SER C 143 22.06 -10.26 -34.39
N VAL C 144 22.16 -10.64 -33.15
CA VAL C 144 23.18 -11.67 -32.77
C VAL C 144 22.66 -13.08 -33.11
N VAL C 145 21.57 -13.48 -32.51
CA VAL C 145 21.02 -14.85 -32.79
C VAL C 145 20.85 -15.07 -34.29
N ALA C 146 20.48 -14.05 -35.02
CA ALA C 146 20.29 -14.21 -36.49
C ALA C 146 21.58 -14.73 -37.14
N LYS C 147 22.71 -14.32 -36.63
CA LYS C 147 24.00 -14.78 -37.21
C LYS C 147 24.34 -16.18 -36.70
N PHE C 148 24.17 -16.41 -35.42
CA PHE C 148 24.49 -17.76 -34.85
C PHE C 148 23.60 -18.83 -35.50
N ASN C 149 23.91 -20.08 -35.26
CA ASN C 149 23.09 -21.18 -35.85
C ASN C 149 22.15 -21.77 -34.79
N ALA C 150 21.12 -22.46 -35.21
CA ALA C 150 20.17 -23.06 -34.22
C ALA C 150 20.76 -24.34 -33.62
N SER C 151 21.27 -25.21 -34.45
CA SER C 151 21.86 -26.49 -33.94
C SER C 151 22.98 -26.17 -32.93
N GLN C 152 23.70 -25.11 -33.14
CA GLN C 152 24.80 -24.75 -32.20
C GLN C 152 24.23 -24.04 -30.97
N LEU C 153 23.07 -23.45 -31.09
CA LEU C 153 22.46 -22.75 -29.93
C LEU C 153 21.82 -23.76 -28.96
N ILE C 154 21.16 -24.76 -29.49
CA ILE C 154 20.52 -25.78 -28.61
C ILE C 154 21.58 -26.48 -27.76
N THR C 155 22.78 -26.59 -28.26
CA THR C 155 23.86 -27.27 -27.48
C THR C 155 24.14 -26.48 -26.19
N GLN C 156 23.95 -25.19 -26.23
CA GLN C 156 24.20 -24.36 -25.01
C GLN C 156 23.66 -22.95 -25.21
N ARG C 157 22.55 -22.62 -24.59
CA ARG C 157 21.99 -21.24 -24.75
C ARG C 157 23.00 -20.20 -24.30
N ALA C 158 23.97 -20.58 -23.51
CA ALA C 158 24.99 -19.61 -23.04
C ALA C 158 26.05 -19.36 -24.11
N GLN C 159 26.39 -20.37 -24.88
CA GLN C 159 27.43 -20.19 -25.93
C GLN C 159 27.06 -19.03 -26.87
N VAL C 160 25.89 -19.07 -27.45
CA VAL C 160 25.48 -17.96 -28.36
C VAL C 160 25.60 -16.61 -27.65
N SER C 161 25.49 -16.61 -26.35
CA SER C 161 25.60 -15.34 -25.59
C SER C 161 27.06 -14.87 -25.54
N LEU C 162 28.00 -15.77 -25.78
CA LEU C 162 29.44 -15.39 -25.76
C LEU C 162 29.68 -14.14 -26.60
N LEU C 163 29.11 -14.09 -27.78
CA LEU C 163 29.30 -12.89 -28.64
C LEU C 163 28.47 -11.72 -28.11
N ILE C 164 27.40 -12.01 -27.39
CA ILE C 164 26.55 -10.92 -26.84
C ILE C 164 27.21 -10.30 -25.60
N ARG C 165 28.13 -11.01 -24.99
CA ARG C 165 28.80 -10.44 -23.78
C ARG C 165 29.70 -9.27 -24.17
N ARG C 166 30.22 -9.29 -25.36
CA ARG C 166 31.11 -8.17 -25.81
C ARG C 166 30.27 -6.98 -26.27
N GLU C 167 29.14 -7.25 -26.88
CA GLU C 167 28.27 -6.13 -27.36
C GLU C 167 27.43 -5.55 -26.21
N LEU C 168 27.22 -6.31 -25.16
CA LEU C 168 26.40 -5.80 -24.03
C LEU C 168 26.98 -4.48 -23.51
N THR C 169 28.18 -4.49 -22.99
CA THR C 169 28.79 -3.24 -22.48
C THR C 169 28.95 -2.21 -23.61
N GLU C 170 28.96 -2.67 -24.83
CA GLU C 170 29.12 -1.72 -25.98
C GLU C 170 27.94 -0.75 -26.03
N ARG C 171 26.74 -1.26 -26.21
CA ARG C 171 25.55 -0.36 -26.27
C ARG C 171 25.11 0.06 -24.86
N ALA C 172 25.36 -0.78 -23.89
CA ALA C 172 24.94 -0.44 -22.49
C ALA C 172 25.64 0.85 -22.03
N LYS C 173 26.86 1.06 -22.45
CA LYS C 173 27.59 2.29 -22.04
C LYS C 173 27.14 3.49 -22.88
N ASP C 174 26.74 3.25 -24.10
CA ASP C 174 26.30 4.39 -24.97
C ASP C 174 25.15 5.15 -24.31
N PHE C 175 24.38 4.50 -23.49
CA PHE C 175 23.25 5.20 -22.81
C PHE C 175 23.68 5.69 -21.43
N SER C 176 24.95 5.86 -21.21
CA SER C 176 25.45 6.34 -19.89
C SER C 176 24.88 5.49 -18.76
N LEU C 177 25.45 4.32 -18.54
CA LEU C 177 24.95 3.45 -17.44
C LEU C 177 26.04 2.45 -17.04
N ILE C 178 26.33 2.35 -15.77
CA ILE C 178 27.40 1.40 -15.33
C ILE C 178 26.78 0.14 -14.73
N LEU C 179 26.88 -0.96 -15.42
CA LEU C 179 26.33 -2.24 -14.90
C LEU C 179 26.98 -3.41 -15.64
N ASP C 180 27.77 -4.21 -14.96
CA ASP C 180 28.40 -5.36 -15.67
C ASP C 180 27.65 -6.65 -15.32
N ASP C 181 26.87 -7.12 -16.26
CA ASP C 181 26.10 -8.38 -16.04
C ASP C 181 25.62 -8.93 -17.39
N VAL C 182 26.15 -10.01 -17.85
CA VAL C 182 25.68 -10.54 -19.16
C VAL C 182 25.32 -12.03 -19.07
N ALA C 183 24.06 -12.32 -19.14
CA ALA C 183 23.59 -13.73 -19.08
C ALA C 183 22.17 -13.80 -19.62
N ILE C 184 21.75 -14.90 -20.15
CA ILE C 184 20.36 -14.96 -20.69
C ILE C 184 19.67 -16.28 -20.34
N THR C 185 18.43 -16.20 -19.91
CA THR C 185 17.65 -17.43 -19.61
C THR C 185 16.74 -17.65 -20.81
N GLU C 186 17.00 -18.66 -21.60
CA GLU C 186 16.15 -18.84 -22.81
C GLU C 186 15.96 -20.31 -23.18
N LEU C 187 14.85 -20.59 -23.80
CA LEU C 187 14.55 -21.97 -24.27
C LEU C 187 14.22 -21.86 -25.76
N SER C 188 14.78 -22.69 -26.57
CA SER C 188 14.51 -22.59 -28.03
C SER C 188 13.49 -23.63 -28.49
N PHE C 189 12.77 -23.31 -29.54
CA PHE C 189 11.74 -24.25 -30.07
C PHE C 189 12.27 -25.01 -31.28
N SER C 190 12.10 -26.30 -31.31
CA SER C 190 12.59 -27.10 -32.47
C SER C 190 11.93 -28.49 -32.48
N MET D 1 -0.68 72.24 -2.70
CA MET D 1 -1.45 71.78 -1.52
C MET D 1 -1.23 70.29 -1.29
N ALA D 2 0.00 69.89 -1.08
CA ALA D 2 0.29 68.45 -0.85
C ALA D 2 0.70 68.22 0.60
N GLN D 3 0.01 68.81 1.53
CA GLN D 3 0.35 68.63 2.97
C GLN D 3 0.01 67.21 3.43
N ASN D 4 -0.96 66.60 2.80
CA ASN D 4 -1.35 65.21 3.19
C ASN D 4 -0.21 64.23 2.88
N LEU D 5 0.66 64.58 1.97
CA LEU D 5 1.80 63.66 1.63
C LEU D 5 2.59 63.30 2.89
N LYS D 6 2.75 64.24 3.79
CA LYS D 6 3.52 63.95 5.03
C LYS D 6 2.60 63.35 6.10
N ASP D 7 1.33 63.63 6.03
CA ASP D 7 0.37 63.08 7.03
C ASP D 7 0.08 61.61 6.72
N LEU D 8 -0.35 61.32 5.52
CA LEU D 8 -0.66 59.90 5.16
C LEU D 8 0.63 59.07 5.18
N ALA D 9 1.71 59.62 4.72
CA ALA D 9 3.00 58.86 4.71
C ALA D 9 3.41 58.49 6.14
N GLY D 10 2.90 59.20 7.12
CA GLY D 10 3.26 58.89 8.54
C GLY D 10 2.82 57.47 8.88
N ARG D 11 1.90 56.90 8.14
CA ARG D 11 1.43 55.53 8.44
C ARG D 11 2.58 54.52 8.33
N LEU D 12 3.59 54.83 7.56
CA LEU D 12 4.73 53.89 7.41
C LEU D 12 5.60 53.88 8.68
N PRO D 13 6.13 55.03 9.02
CA PRO D 13 6.98 55.14 10.23
C PRO D 13 6.13 55.00 11.49
N ALA D 14 6.66 55.42 12.63
CA ALA D 14 5.89 55.30 13.90
C ALA D 14 5.52 53.84 14.16
N GLY D 15 5.02 53.54 15.34
CA GLY D 15 4.64 52.14 15.66
C GLY D 15 3.21 52.09 16.18
N PRO D 16 2.27 52.10 15.26
CA PRO D 16 0.84 52.06 15.64
C PRO D 16 0.47 50.65 16.14
N ARG D 17 -0.79 50.35 16.23
CA ARG D 17 -1.21 49.00 16.71
C ARG D 17 -1.09 47.98 15.57
N GLY D 18 -1.23 48.43 14.35
CA GLY D 18 -1.13 47.49 13.19
C GLY D 18 0.27 46.86 13.17
N MET D 19 1.29 47.63 13.47
CA MET D 19 2.67 47.07 13.45
C MET D 19 2.80 45.96 14.51
N GLY D 20 2.15 46.12 15.63
CA GLY D 20 2.23 45.08 16.70
C GLY D 20 1.40 43.86 16.29
N THR D 21 0.25 44.09 15.70
CA THR D 21 -0.61 42.94 15.28
C THR D 21 -0.09 42.35 13.97
N ALA D 22 0.59 43.14 13.18
CA ALA D 22 1.13 42.62 11.88
C ALA D 22 1.95 41.36 12.12
N LEU D 23 2.49 41.20 13.30
CA LEU D 23 3.31 39.98 13.60
C LEU D 23 2.41 38.75 13.66
N LYS D 24 1.32 38.84 14.38
CA LYS D 24 0.39 37.67 14.48
C LYS D 24 0.00 37.19 13.08
N LEU D 25 -0.04 38.08 12.12
CA LEU D 25 -0.41 37.68 10.74
C LEU D 25 0.74 36.88 10.11
N LEU D 26 1.94 37.37 10.23
CA LEU D 26 3.11 36.64 9.64
C LEU D 26 3.19 35.22 10.23
N LEU D 27 2.98 35.08 11.50
CA LEU D 27 3.05 33.74 12.14
C LEU D 27 1.96 32.82 11.56
N GLY D 28 0.84 33.38 11.18
CA GLY D 28 -0.26 32.56 10.61
C GLY D 28 0.14 32.08 9.21
N ALA D 29 0.88 32.88 8.49
CA ALA D 29 1.31 32.46 7.12
C ALA D 29 2.17 31.21 7.19
N GLY D 30 2.96 31.08 8.22
CA GLY D 30 3.83 29.87 8.34
C GLY D 30 2.95 28.63 8.48
N ALA D 31 1.81 28.77 9.13
CA ALA D 31 0.90 27.60 9.30
C ALA D 31 0.27 27.24 7.96
N VAL D 32 -0.14 28.22 7.21
CA VAL D 32 -0.77 27.93 5.88
C VAL D 32 0.27 27.34 4.92
N ALA D 33 1.52 27.70 5.09
CA ALA D 33 2.58 27.15 4.20
C ALA D 33 2.71 25.64 4.39
N TYR D 34 2.43 25.16 5.59
CA TYR D 34 2.54 23.70 5.84
C TYR D 34 1.53 22.94 4.98
N GLY D 35 0.30 23.36 4.98
CA GLY D 35 -0.73 22.67 4.16
C GLY D 35 -0.28 22.64 2.69
N VAL D 36 0.44 23.63 2.27
CA VAL D 36 0.91 23.68 0.85
C VAL D 36 1.98 22.61 0.62
N ARG D 37 2.73 22.26 1.63
CA ARG D 37 3.79 21.23 1.46
C ARG D 37 3.19 19.90 1.00
N GLU D 38 1.96 19.63 1.36
CA GLU D 38 1.32 18.34 0.95
C GLU D 38 0.83 18.42 -0.51
N SER D 39 0.49 19.59 -1.00
CA SER D 39 0.00 19.70 -2.42
C SER D 39 0.82 20.72 -3.23
N VAL D 40 0.59 20.80 -4.52
CA VAL D 40 1.36 21.77 -5.38
C VAL D 40 0.84 21.74 -6.83
N PHE D 41 1.23 22.69 -7.65
CA PHE D 41 0.76 22.69 -9.08
C PHE D 41 1.95 22.58 -10.05
N THR D 42 3.10 23.14 -9.72
CA THR D 42 4.27 23.03 -10.66
C THR D 42 4.74 21.58 -10.74
N VAL D 43 4.60 20.96 -11.87
CA VAL D 43 5.03 19.54 -12.01
C VAL D 43 6.52 19.40 -11.72
N GLU D 44 6.98 18.20 -11.45
CA GLU D 44 8.42 17.99 -11.15
C GLU D 44 9.10 17.30 -12.34
N GLY D 45 10.34 16.90 -12.19
CA GLY D 45 11.05 16.22 -13.30
C GLY D 45 10.59 14.77 -13.39
N GLY D 46 10.01 14.39 -14.50
CA GLY D 46 9.53 12.99 -14.66
C GLY D 46 8.00 12.95 -14.65
N HIS D 47 7.37 14.02 -15.06
CA HIS D 47 5.88 14.05 -15.08
C HIS D 47 5.38 15.13 -16.05
N ARG D 48 4.21 14.94 -16.61
CA ARG D 48 3.68 15.93 -17.59
C ARG D 48 2.42 16.62 -17.02
N ALA D 49 2.14 17.84 -17.46
CA ALA D 49 0.94 18.57 -16.92
C ALA D 49 -0.25 18.55 -17.88
N ILE D 50 -1.43 18.65 -17.33
CA ILE D 50 -2.68 18.64 -18.15
C ILE D 50 -3.61 19.78 -17.66
N PHE D 51 -4.46 20.33 -18.52
CA PHE D 51 -5.33 21.48 -18.09
C PHE D 51 -6.83 21.16 -18.16
N PHE D 52 -7.60 21.73 -17.25
CA PHE D 52 -9.08 21.49 -17.25
C PHE D 52 -9.81 22.56 -16.41
N ASN D 53 -11.06 22.84 -16.70
CA ASN D 53 -11.82 23.88 -15.91
C ASN D 53 -13.04 23.26 -15.21
N ARG D 54 -13.47 23.81 -14.09
CA ARG D 54 -14.67 23.25 -13.37
C ARG D 54 -15.86 23.18 -14.33
N ILE D 55 -15.90 24.06 -15.30
CA ILE D 55 -17.04 24.05 -16.27
C ILE D 55 -16.64 24.77 -17.57
N GLY D 56 -15.71 24.21 -18.30
CA GLY D 56 -15.28 24.86 -19.57
C GLY D 56 -14.65 23.80 -20.48
N GLY D 57 -13.71 24.19 -21.31
CA GLY D 57 -13.07 23.22 -22.23
C GLY D 57 -12.34 22.16 -21.42
N VAL D 58 -11.90 21.10 -22.06
CA VAL D 58 -11.18 20.03 -21.31
C VAL D 58 -9.67 20.19 -21.49
N GLN D 59 -9.11 19.65 -22.55
CA GLN D 59 -7.64 19.79 -22.76
C GLN D 59 -7.31 19.79 -24.26
N GLN D 60 -6.06 19.71 -24.61
CA GLN D 60 -5.68 19.72 -26.05
C GLN D 60 -5.17 18.32 -26.47
N ASP D 61 -3.87 18.10 -26.43
CA ASP D 61 -3.34 16.77 -26.82
C ASP D 61 -1.82 16.71 -26.61
N THR D 62 -1.36 17.12 -25.45
CA THR D 62 0.11 17.09 -25.19
C THR D 62 0.38 17.05 -23.68
N ILE D 63 1.14 16.10 -23.22
CA ILE D 63 1.44 16.01 -21.76
C ILE D 63 2.26 17.23 -21.32
N LEU D 64 2.84 17.96 -22.26
CA LEU D 64 3.65 19.17 -21.91
C LEU D 64 4.82 18.78 -21.00
N ALA D 65 6.03 18.92 -21.49
CA ALA D 65 7.23 18.57 -20.67
C ALA D 65 7.23 19.35 -19.36
N GLU D 66 8.09 19.02 -18.44
CA GLU D 66 8.13 19.76 -17.14
C GLU D 66 8.40 21.24 -17.43
N GLY D 67 7.53 22.10 -16.97
CA GLY D 67 7.68 23.56 -17.23
C GLY D 67 7.36 24.34 -15.96
N LEU D 68 7.83 25.57 -15.85
CA LEU D 68 7.54 26.34 -14.61
C LEU D 68 6.28 27.18 -14.82
N HIS D 69 5.22 26.78 -14.20
CA HIS D 69 3.93 27.52 -14.33
C HIS D 69 3.03 27.14 -13.15
N PHE D 70 2.80 28.05 -12.25
CA PHE D 70 1.94 27.72 -11.07
C PHE D 70 0.46 27.78 -11.45
N ARG D 71 -0.36 27.01 -10.80
CA ARG D 71 -1.82 27.03 -11.12
C ARG D 71 -2.44 28.33 -10.59
N ILE D 72 -1.95 29.45 -11.04
CA ILE D 72 -2.50 30.75 -10.55
C ILE D 72 -2.87 31.67 -11.72
N PRO D 73 -3.44 31.11 -12.78
CA PRO D 73 -3.84 31.93 -13.94
C PRO D 73 -5.14 32.68 -13.64
N TRP D 74 -6.26 32.01 -13.69
CA TRP D 74 -7.56 32.66 -13.42
C TRP D 74 -8.68 31.62 -13.40
N PHE D 75 -8.58 30.61 -14.22
CA PHE D 75 -9.65 29.56 -14.25
C PHE D 75 -9.13 28.29 -14.94
N GLN D 76 -8.23 27.58 -14.31
CA GLN D 76 -7.70 26.33 -14.92
C GLN D 76 -7.35 25.32 -13.83
N TYR D 77 -7.40 24.05 -14.14
CA TYR D 77 -7.09 23.01 -13.12
C TYR D 77 -6.12 21.98 -13.67
N PRO D 78 -5.08 21.71 -12.94
CA PRO D 78 -4.11 20.70 -13.39
C PRO D 78 -4.38 19.36 -12.69
N ILE D 79 -4.92 18.41 -13.40
CA ILE D 79 -5.13 17.06 -12.81
C ILE D 79 -4.24 16.12 -13.65
N ILE D 80 -3.16 15.65 -13.09
CA ILE D 80 -2.25 14.78 -13.89
C ILE D 80 -2.50 13.31 -13.57
N TYR D 81 -2.35 12.47 -14.55
CA TYR D 81 -2.60 11.02 -14.34
C TYR D 81 -1.26 10.29 -14.17
N ASP D 82 -1.00 9.79 -12.98
CA ASP D 82 0.30 9.09 -12.73
C ASP D 82 0.12 7.95 -11.72
N ILE D 83 0.96 6.95 -11.80
CA ILE D 83 0.89 5.78 -10.86
C ILE D 83 -0.43 5.03 -11.03
N ARG D 84 -0.37 3.89 -11.69
CA ARG D 84 -1.61 3.07 -11.91
C ARG D 84 -1.26 1.82 -12.72
N ALA D 85 -1.41 0.65 -12.14
CA ALA D 85 -1.09 -0.60 -12.89
C ALA D 85 -1.84 -0.63 -14.22
N ARG D 86 -1.48 -1.53 -15.10
CA ARG D 86 -2.17 -1.60 -16.42
C ARG D 86 -2.54 -3.06 -16.74
N PRO D 87 -3.72 -3.25 -17.28
CA PRO D 87 -4.19 -4.60 -17.63
C PRO D 87 -3.96 -4.86 -19.12
N ARG D 88 -3.12 -5.81 -19.45
CA ARG D 88 -2.83 -6.10 -20.89
C ARG D 88 -2.29 -7.55 -21.05
N LYS D 89 -3.07 -8.44 -21.64
CA LYS D 89 -2.64 -9.88 -21.82
C LYS D 89 -3.46 -10.56 -22.94
N ILE D 90 -2.96 -11.65 -23.52
CA ILE D 90 -3.73 -12.31 -24.65
C ILE D 90 -4.56 -13.51 -24.17
N SER D 91 -5.86 -13.44 -24.34
CA SER D 91 -6.74 -14.58 -23.96
C SER D 91 -8.09 -14.43 -24.67
N SER D 92 -8.38 -15.27 -25.62
CA SER D 92 -9.70 -15.18 -26.33
C SER D 92 -10.03 -16.52 -27.01
N PRO D 93 -11.31 -16.78 -27.15
CA PRO D 93 -11.78 -18.01 -27.79
C PRO D 93 -12.16 -17.72 -29.25
N THR D 94 -11.40 -18.23 -30.18
CA THR D 94 -11.72 -17.97 -31.62
C THR D 94 -12.07 -19.28 -32.33
N GLY D 95 -13.06 -19.25 -33.17
CA GLY D 95 -13.47 -20.49 -33.91
C GLY D 95 -13.83 -20.13 -35.35
N SER D 96 -13.03 -20.55 -36.30
CA SER D 96 -13.34 -20.23 -37.72
C SER D 96 -12.40 -21.02 -38.65
N LYS D 97 -11.12 -20.94 -38.40
CA LYS D 97 -10.14 -21.67 -39.26
C LYS D 97 -9.95 -23.11 -38.74
N ASP D 98 -10.71 -23.51 -37.75
CA ASP D 98 -10.57 -24.89 -37.21
C ASP D 98 -11.80 -25.26 -36.38
N LEU D 99 -12.07 -26.53 -36.22
CA LEU D 99 -13.25 -26.96 -35.43
C LEU D 99 -12.81 -27.59 -34.11
N GLN D 100 -11.69 -27.17 -33.59
CA GLN D 100 -11.20 -27.74 -32.30
C GLN D 100 -11.05 -26.62 -31.26
N MET D 101 -10.02 -26.66 -30.44
CA MET D 101 -9.84 -25.59 -29.42
C MET D 101 -8.77 -24.59 -29.89
N VAL D 102 -9.17 -23.39 -30.21
CA VAL D 102 -8.18 -22.38 -30.68
C VAL D 102 -8.25 -21.12 -29.81
N ASN D 103 -7.18 -20.76 -29.17
CA ASN D 103 -7.18 -19.54 -28.30
C ASN D 103 -6.05 -18.59 -28.72
N ILE D 104 -6.39 -17.43 -29.22
CA ILE D 104 -5.35 -16.46 -29.63
C ILE D 104 -5.77 -15.03 -29.26
N SER D 105 -4.81 -14.21 -28.90
CA SER D 105 -5.15 -12.80 -28.52
C SER D 105 -3.90 -11.92 -28.67
N LEU D 106 -4.09 -10.64 -28.91
CA LEU D 106 -2.90 -9.75 -29.07
C LEU D 106 -2.81 -8.77 -27.90
N ARG D 107 -1.62 -8.34 -27.57
CA ARG D 107 -1.46 -7.37 -26.44
C ARG D 107 -1.07 -6.00 -26.99
N VAL D 108 -1.79 -4.97 -26.63
CA VAL D 108 -1.46 -3.62 -27.15
C VAL D 108 -1.36 -2.61 -25.99
N LEU D 109 -0.50 -1.64 -26.12
CA LEU D 109 -0.36 -0.63 -25.05
C LEU D 109 -0.44 0.78 -25.65
N SER D 110 -1.50 1.50 -25.36
CA SER D 110 -1.65 2.87 -25.92
C SER D 110 -1.30 3.92 -24.86
N ARG D 111 -0.44 4.83 -25.18
CA ARG D 111 -0.06 5.88 -24.18
C ARG D 111 0.50 7.11 -24.90
N PRO D 112 0.14 8.28 -24.40
CA PRO D 112 0.63 9.53 -25.01
C PRO D 112 2.09 9.75 -24.65
N ASN D 113 2.52 9.22 -23.55
CA ASN D 113 3.95 9.40 -23.13
C ASN D 113 4.32 8.35 -22.06
N ALA D 114 3.75 8.46 -20.90
CA ALA D 114 4.06 7.47 -19.81
C ALA D 114 3.13 7.69 -18.62
N GLN D 115 1.89 8.06 -18.87
CA GLN D 115 0.94 8.30 -17.75
C GLN D 115 -0.49 7.99 -18.22
N GLU D 116 -1.46 8.20 -17.36
CA GLU D 116 -2.87 7.94 -17.76
C GLU D 116 -3.50 9.21 -18.32
N LEU D 117 -2.80 9.88 -19.20
CA LEU D 117 -3.32 11.13 -19.82
C LEU D 117 -4.28 10.87 -21.01
N PRO D 118 -4.32 9.65 -21.57
CA PRO D 118 -5.20 9.39 -22.74
C PRO D 118 -6.67 9.75 -22.46
N SER D 119 -7.17 9.58 -21.27
CA SER D 119 -8.59 9.98 -21.04
C SER D 119 -8.63 11.52 -20.96
N MET D 120 -7.64 12.13 -20.33
CA MET D 120 -7.58 13.65 -20.32
C MET D 120 -7.58 14.07 -21.79
N TYR D 121 -6.93 13.25 -22.54
CA TYR D 121 -6.82 13.34 -24.01
C TYR D 121 -8.21 13.25 -24.66
N GLN D 122 -9.29 13.26 -23.88
CA GLN D 122 -10.68 12.99 -24.43
C GLN D 122 -10.82 13.30 -25.92
N ARG D 123 -10.03 14.15 -26.52
CA ARG D 123 -10.12 14.26 -28.01
C ARG D 123 -9.78 12.85 -28.55
N LEU D 124 -9.03 12.13 -27.76
CA LEU D 124 -8.61 10.74 -28.08
C LEU D 124 -9.85 9.89 -28.41
N GLY D 125 -10.70 9.66 -27.44
CA GLY D 125 -11.92 8.84 -27.71
C GLY D 125 -12.64 8.54 -26.40
N LEU D 126 -12.69 9.49 -25.50
CA LEU D 126 -13.38 9.25 -24.19
C LEU D 126 -12.90 7.96 -23.54
N ASP D 127 -13.55 7.55 -22.47
CA ASP D 127 -13.12 6.29 -21.78
C ASP D 127 -11.61 6.32 -21.48
N TYR D 128 -11.07 5.23 -21.03
CA TYR D 128 -9.61 5.20 -20.72
C TYR D 128 -8.94 4.07 -21.50
N GLU D 129 -8.39 3.09 -20.83
CA GLU D 129 -7.72 1.96 -21.55
C GLU D 129 -8.76 0.93 -22.01
N GLU D 130 -9.68 0.58 -21.14
CA GLU D 130 -10.71 -0.44 -21.50
C GLU D 130 -11.30 -0.19 -22.89
N ARG D 131 -11.29 1.03 -23.35
CA ARG D 131 -11.86 1.33 -24.69
C ARG D 131 -10.87 1.00 -25.81
N VAL D 132 -9.79 1.74 -25.88
CA VAL D 132 -8.79 1.52 -26.98
C VAL D 132 -7.79 0.38 -26.68
N LEU D 133 -7.60 -0.01 -25.45
CA LEU D 133 -6.59 -1.09 -25.17
C LEU D 133 -7.12 -2.51 -25.43
N PRO D 134 -8.10 -2.95 -24.67
CA PRO D 134 -8.61 -4.34 -24.84
C PRO D 134 -9.52 -4.46 -26.07
N SER D 135 -10.40 -3.52 -26.27
CA SER D 135 -11.33 -3.60 -27.44
C SER D 135 -10.54 -3.82 -28.73
N ILE D 136 -9.57 -2.99 -28.99
CA ILE D 136 -8.77 -3.14 -30.26
C ILE D 136 -7.78 -4.31 -30.12
N VAL D 137 -7.47 -4.72 -28.92
CA VAL D 137 -6.51 -5.85 -28.74
C VAL D 137 -7.02 -7.12 -29.44
N ASN D 138 -8.10 -7.69 -28.98
CA ASN D 138 -8.62 -8.93 -29.61
C ASN D 138 -9.43 -8.61 -30.88
N GLU D 139 -9.93 -7.41 -31.00
CA GLU D 139 -10.72 -7.06 -32.22
C GLU D 139 -9.87 -7.27 -33.48
N VAL D 140 -8.80 -6.52 -33.61
CA VAL D 140 -7.93 -6.68 -34.81
C VAL D 140 -7.43 -8.12 -34.91
N LEU D 141 -7.41 -8.83 -33.81
CA LEU D 141 -6.93 -10.24 -33.85
C LEU D 141 -8.03 -11.17 -34.36
N LYS D 142 -9.27 -10.88 -34.04
CA LYS D 142 -10.39 -11.76 -34.51
C LYS D 142 -10.25 -12.03 -36.01
N SER D 143 -9.79 -11.05 -36.76
CA SER D 143 -9.61 -11.24 -38.22
C SER D 143 -8.32 -12.00 -38.49
N VAL D 144 -7.36 -11.92 -37.59
CA VAL D 144 -6.07 -12.63 -37.80
C VAL D 144 -6.27 -14.14 -37.67
N VAL D 145 -6.68 -14.60 -36.51
CA VAL D 145 -6.90 -16.07 -36.32
C VAL D 145 -7.90 -16.58 -37.34
N ALA D 146 -8.81 -15.75 -37.78
CA ALA D 146 -9.80 -16.20 -38.80
C ALA D 146 -9.06 -16.70 -40.04
N LYS D 147 -7.99 -16.04 -40.38
CA LYS D 147 -7.18 -16.47 -41.56
C LYS D 147 -6.24 -17.62 -41.20
N PHE D 148 -5.52 -17.49 -40.10
CA PHE D 148 -4.57 -18.56 -39.70
C PHE D 148 -5.26 -19.61 -38.82
N ASN D 149 -4.50 -20.50 -38.22
CA ASN D 149 -5.11 -21.56 -37.35
C ASN D 149 -4.54 -21.49 -35.93
N ALA D 150 -4.73 -22.53 -35.16
CA ALA D 150 -4.22 -22.54 -33.76
C ALA D 150 -2.72 -22.86 -33.72
N SER D 151 -2.21 -23.52 -34.72
CA SER D 151 -0.76 -23.87 -34.74
C SER D 151 0.11 -22.61 -34.58
N GLN D 152 -0.46 -21.45 -34.82
CA GLN D 152 0.34 -20.18 -34.69
C GLN D 152 1.13 -20.16 -33.37
N LEU D 153 0.69 -20.91 -32.38
CA LEU D 153 1.42 -20.94 -31.08
C LEU D 153 2.64 -21.85 -31.18
N ILE D 154 2.46 -23.05 -31.68
CA ILE D 154 3.61 -24.00 -31.80
C ILE D 154 4.46 -23.65 -33.03
N THR D 155 3.84 -23.21 -34.09
CA THR D 155 4.62 -22.86 -35.31
C THR D 155 5.60 -21.72 -34.99
N GLN D 156 5.09 -20.60 -34.56
CA GLN D 156 5.98 -19.45 -34.23
C GLN D 156 5.17 -18.34 -33.57
N ARG D 157 5.11 -18.32 -32.26
CA ARG D 157 4.33 -17.25 -31.55
C ARG D 157 4.78 -15.86 -32.02
N ALA D 158 5.98 -15.74 -32.52
CA ALA D 158 6.47 -14.42 -32.98
C ALA D 158 5.94 -14.12 -34.40
N GLN D 159 5.88 -15.11 -35.24
CA GLN D 159 5.36 -14.88 -36.63
C GLN D 159 3.95 -14.26 -36.58
N VAL D 160 3.24 -14.45 -35.50
CA VAL D 160 1.87 -13.87 -35.40
C VAL D 160 1.96 -12.40 -35.01
N SER D 161 2.79 -12.08 -34.06
CA SER D 161 2.93 -10.66 -33.62
C SER D 161 3.25 -9.75 -34.82
N LEU D 162 3.80 -10.31 -35.87
CA LEU D 162 4.14 -9.48 -37.06
C LEU D 162 2.90 -9.25 -37.91
N LEU D 163 2.18 -10.30 -38.24
CA LEU D 163 0.96 -10.14 -39.08
C LEU D 163 -0.08 -9.28 -38.35
N ILE D 164 -0.22 -9.46 -37.07
CA ILE D 164 -1.22 -8.66 -36.30
C ILE D 164 -0.70 -7.23 -36.10
N ARG D 165 0.55 -7.09 -35.72
CA ARG D 165 1.11 -5.72 -35.51
C ARG D 165 0.89 -4.86 -36.76
N ARG D 166 0.81 -5.48 -37.91
CA ARG D 166 0.60 -4.70 -39.17
C ARG D 166 -0.82 -4.11 -39.18
N GLU D 167 -1.79 -4.90 -38.79
CA GLU D 167 -3.20 -4.39 -38.78
C GLU D 167 -3.45 -3.55 -37.52
N LEU D 168 -2.66 -3.76 -36.50
CA LEU D 168 -2.86 -2.98 -35.24
C LEU D 168 -2.25 -1.58 -35.36
N THR D 169 -1.11 -1.47 -35.99
CA THR D 169 -0.47 -0.12 -36.15
C THR D 169 -1.46 0.88 -36.74
N GLU D 170 -2.46 0.41 -37.43
CA GLU D 170 -3.46 1.33 -38.04
C GLU D 170 -4.47 1.80 -36.97
N ARG D 171 -4.78 0.95 -36.03
CA ARG D 171 -5.75 1.34 -34.96
C ARG D 171 -5.07 2.19 -33.89
N ALA D 172 -3.89 1.81 -33.46
CA ALA D 172 -3.19 2.60 -32.41
C ALA D 172 -3.04 4.07 -32.82
N LYS D 173 -2.64 4.31 -34.03
CA LYS D 173 -2.48 5.72 -34.51
C LYS D 173 -3.84 6.44 -34.56
N ASP D 174 -4.91 5.69 -34.57
CA ASP D 174 -6.27 6.32 -34.62
C ASP D 174 -6.40 7.48 -33.61
N PHE D 175 -6.28 7.18 -32.35
CA PHE D 175 -6.40 8.26 -31.32
C PHE D 175 -5.06 8.96 -31.09
N SER D 176 -4.94 10.18 -31.55
CA SER D 176 -3.65 10.94 -31.37
C SER D 176 -2.46 10.10 -31.84
N LEU D 177 -1.27 10.58 -31.62
CA LEU D 177 -0.06 9.82 -32.06
C LEU D 177 0.59 9.14 -30.85
N ILE D 178 0.54 7.83 -30.80
CA ILE D 178 1.15 7.10 -29.65
C ILE D 178 1.90 5.85 -30.16
N LEU D 179 2.91 5.43 -29.46
CA LEU D 179 3.67 4.22 -29.90
C LEU D 179 3.26 3.00 -29.07
N ASP D 180 2.65 2.03 -29.70
CA ASP D 180 2.21 0.81 -28.95
C ASP D 180 3.09 -0.38 -29.34
N ASP D 181 3.24 -1.33 -28.46
CA ASP D 181 4.07 -2.52 -28.77
C ASP D 181 3.18 -3.72 -29.11
N VAL D 182 3.69 -4.62 -29.92
CA VAL D 182 2.87 -5.81 -30.30
C VAL D 182 3.54 -7.10 -29.82
N ALA D 183 2.97 -7.74 -28.84
CA ALA D 183 3.56 -9.00 -28.32
C ALA D 183 2.51 -9.80 -27.54
N ILE D 184 2.65 -11.10 -27.49
CA ILE D 184 1.64 -11.92 -26.75
C ILE D 184 2.32 -13.04 -25.98
N THR D 185 1.87 -13.31 -24.77
CA THR D 185 2.49 -14.43 -23.99
C THR D 185 1.47 -15.56 -23.81
N GLU D 186 1.62 -16.62 -24.55
CA GLU D 186 0.65 -17.75 -24.40
C GLU D 186 1.19 -19.03 -25.07
N LEU D 187 0.79 -20.17 -24.58
CA LEU D 187 1.25 -21.44 -25.21
C LEU D 187 0.15 -22.50 -25.06
N SER D 188 -0.53 -22.81 -26.13
CA SER D 188 -1.62 -23.83 -26.06
C SER D 188 -1.94 -24.37 -27.45
N PHE D 189 -1.61 -25.61 -27.72
CA PHE D 189 -1.91 -26.19 -29.06
C PHE D 189 -1.92 -27.71 -28.98
N SER D 190 -2.89 -28.35 -29.60
CA SER D 190 -2.94 -29.84 -29.56
C SER D 190 -2.86 -30.41 -30.97
N MET E 1 -36.37 56.32 5.10
CA MET E 1 -35.11 55.53 5.13
C MET E 1 -33.92 56.45 5.45
N ALA E 2 -33.71 56.74 6.70
CA ALA E 2 -32.57 57.63 7.08
C ALA E 2 -31.57 56.88 7.96
N GLN E 3 -32.05 55.98 8.77
CA GLN E 3 -31.12 55.21 9.66
C GLN E 3 -30.18 54.34 8.82
N ASN E 4 -30.62 53.95 7.65
CA ASN E 4 -29.74 53.09 6.78
C ASN E 4 -28.43 53.81 6.47
N LEU E 5 -28.46 55.11 6.35
CA LEU E 5 -27.21 55.86 6.05
C LEU E 5 -26.52 56.27 7.35
N LYS E 6 -27.27 56.46 8.41
CA LYS E 6 -26.66 56.86 9.71
C LYS E 6 -25.92 55.67 10.34
N ASP E 7 -26.57 54.55 10.45
CA ASP E 7 -25.90 53.36 11.05
C ASP E 7 -24.76 52.88 10.16
N LEU E 8 -24.84 53.13 8.88
CA LEU E 8 -23.75 52.68 7.96
C LEU E 8 -22.44 53.39 8.32
N ALA E 9 -22.47 54.68 8.50
CA ALA E 9 -21.23 55.42 8.86
C ALA E 9 -20.92 55.26 10.35
N GLY E 10 -21.92 54.96 11.15
CA GLY E 10 -21.68 54.78 12.61
C GLY E 10 -21.06 53.40 12.88
N ARG E 11 -21.20 52.49 11.95
CA ARG E 11 -20.63 51.12 12.16
C ARG E 11 -19.10 51.18 12.21
N LEU E 12 -18.50 52.05 11.43
CA LEU E 12 -17.01 52.15 11.43
C LEU E 12 -16.51 52.58 12.81
N PRO E 13 -16.95 53.73 13.27
CA PRO E 13 -16.51 54.23 14.59
C PRO E 13 -17.17 53.41 15.71
N ALA E 14 -17.02 53.85 16.94
CA ALA E 14 -17.62 53.10 18.08
C ALA E 14 -17.10 51.67 18.13
N GLY E 15 -16.29 51.36 19.11
CA GLY E 15 -15.75 49.97 19.23
C GLY E 15 -14.51 49.83 18.34
N PRO E 16 -13.54 50.67 18.56
CA PRO E 16 -12.28 50.62 17.76
C PRO E 16 -11.44 49.41 18.15
N ARG E 17 -11.57 48.97 19.38
CA ARG E 17 -10.77 47.79 19.83
C ARG E 17 -11.29 46.51 19.18
N GLY E 18 -12.54 46.50 18.80
CA GLY E 18 -13.12 45.27 18.16
C GLY E 18 -12.41 45.01 16.83
N MET E 19 -11.97 46.05 16.16
CA MET E 19 -11.27 45.86 14.86
C MET E 19 -9.93 45.16 15.08
N GLY E 20 -9.25 45.47 16.15
CA GLY E 20 -7.93 44.84 16.42
C GLY E 20 -8.12 43.33 16.58
N THR E 21 -9.01 42.91 17.45
CA THR E 21 -9.25 41.46 17.64
C THR E 21 -9.69 40.80 16.33
N ALA E 22 -10.28 41.56 15.44
CA ALA E 22 -10.74 40.98 14.15
C ALA E 22 -9.58 40.26 13.45
N LEU E 23 -8.36 40.67 13.69
CA LEU E 23 -7.20 40.01 13.05
C LEU E 23 -7.08 38.57 13.54
N LYS E 24 -7.19 38.36 14.83
CA LYS E 24 -7.08 36.97 15.37
C LYS E 24 -8.13 36.07 14.71
N LEU E 25 -9.25 36.63 14.32
CA LEU E 25 -10.32 35.82 13.68
C LEU E 25 -9.89 35.40 12.27
N LEU E 26 -9.23 36.27 11.56
CA LEU E 26 -8.79 35.91 10.18
C LEU E 26 -7.71 34.82 10.22
N LEU E 27 -6.68 35.02 10.99
CA LEU E 27 -5.60 33.99 11.07
C LEU E 27 -6.18 32.62 11.44
N GLY E 28 -7.32 32.60 12.08
CA GLY E 28 -7.94 31.30 12.47
C GLY E 28 -8.54 30.62 11.23
N ALA E 29 -8.93 31.39 10.25
CA ALA E 29 -9.52 30.79 9.01
C ALA E 29 -8.44 30.07 8.20
N GLY E 30 -7.25 30.61 8.18
CA GLY E 30 -6.15 29.95 7.41
C GLY E 30 -5.85 28.59 8.01
N ALA E 31 -6.08 28.42 9.29
CA ALA E 31 -5.81 27.11 9.93
C ALA E 31 -6.92 26.11 9.61
N VAL E 32 -8.15 26.55 9.63
CA VAL E 32 -9.28 25.63 9.32
C VAL E 32 -9.17 25.13 7.87
N ALA E 33 -8.51 25.87 7.03
CA ALA E 33 -8.36 25.43 5.61
C ALA E 33 -7.46 24.19 5.51
N TYR E 34 -6.53 24.05 6.42
CA TYR E 34 -5.62 22.87 6.39
C TYR E 34 -6.43 21.57 6.51
N GLY E 35 -7.31 21.50 7.48
CA GLY E 35 -8.13 20.26 7.66
C GLY E 35 -8.96 20.01 6.40
N VAL E 36 -9.37 21.06 5.74
CA VAL E 36 -10.19 20.89 4.50
C VAL E 36 -9.31 20.35 3.37
N ARG E 37 -8.05 20.68 3.37
CA ARG E 37 -7.14 20.19 2.28
C ARG E 37 -7.19 18.66 2.17
N GLU E 38 -7.43 17.98 3.27
CA GLU E 38 -7.47 16.49 3.23
C GLU E 38 -8.84 15.98 2.69
N SER E 39 -9.91 16.73 2.86
CA SER E 39 -11.24 16.26 2.34
C SER E 39 -11.93 17.33 1.46
N VAL E 40 -13.03 16.97 0.81
CA VAL E 40 -13.76 17.96 -0.06
C VAL E 40 -15.06 17.32 -0.62
N PHE E 41 -15.93 18.12 -1.24
CA PHE E 41 -17.20 17.54 -1.79
C PHE E 41 -17.26 17.70 -3.32
N THR E 42 -16.83 18.82 -3.86
CA THR E 42 -16.88 19.00 -5.35
C THR E 42 -16.15 17.84 -6.04
N VAL E 43 -16.86 17.02 -6.77
CA VAL E 43 -16.22 15.87 -7.48
C VAL E 43 -15.03 16.37 -8.30
N GLU E 44 -13.83 16.03 -7.90
CA GLU E 44 -12.62 16.48 -8.66
C GLU E 44 -12.75 16.12 -10.15
N GLY E 45 -12.66 14.86 -10.48
CA GLY E 45 -12.79 14.46 -11.92
C GLY E 45 -12.74 12.94 -12.04
N GLY E 46 -13.11 12.41 -13.17
CA GLY E 46 -13.08 10.94 -13.35
C GLY E 46 -13.99 10.27 -12.31
N HIS E 47 -14.93 11.00 -11.77
CA HIS E 47 -15.83 10.40 -10.75
C HIS E 47 -17.19 11.11 -10.76
N ARG E 48 -18.22 10.41 -10.37
CA ARG E 48 -19.60 11.00 -10.37
C ARG E 48 -20.07 11.26 -8.91
N ALA E 49 -20.99 12.19 -8.69
CA ALA E 49 -21.43 12.52 -7.28
C ALA E 49 -22.76 11.84 -6.87
N ILE E 50 -22.93 11.64 -5.59
CA ILE E 50 -24.15 10.96 -5.05
C ILE E 50 -24.66 11.73 -3.80
N PHE E 51 -25.94 11.67 -3.48
CA PHE E 51 -26.46 12.47 -2.29
C PHE E 51 -27.25 11.62 -1.26
N PHE E 52 -27.09 11.94 0.01
CA PHE E 52 -27.83 11.25 1.10
C PHE E 52 -27.79 12.10 2.40
N ASN E 53 -28.77 11.95 3.27
CA ASN E 53 -28.79 12.77 4.54
C ASN E 53 -28.67 11.87 5.79
N ARG E 54 -28.14 12.40 6.88
CA ARG E 54 -27.99 11.58 8.14
C ARG E 54 -29.25 10.76 8.41
N ILE E 55 -30.40 11.30 8.10
CA ILE E 55 -31.67 10.55 8.34
C ILE E 55 -31.75 9.34 7.41
N GLY E 56 -31.70 8.15 7.96
CA GLY E 56 -31.78 6.93 7.11
C GLY E 56 -30.44 6.19 7.14
N GLY E 57 -29.97 5.75 6.01
CA GLY E 57 -28.67 5.02 5.96
C GLY E 57 -28.53 4.33 4.60
N VAL E 58 -28.12 5.07 3.59
CA VAL E 58 -27.97 4.47 2.24
C VAL E 58 -26.83 5.15 1.48
N GLN E 59 -26.89 5.19 0.18
CA GLN E 59 -25.82 5.85 -0.63
C GLN E 59 -24.47 5.16 -0.38
N GLN E 60 -23.96 4.47 -1.38
CA GLN E 60 -22.66 3.77 -1.21
C GLN E 60 -21.97 3.59 -2.57
N ASP E 61 -22.53 2.77 -3.42
CA ASP E 61 -21.91 2.55 -4.77
C ASP E 61 -22.70 3.29 -5.85
N THR E 62 -22.67 4.60 -5.81
CA THR E 62 -23.43 5.39 -6.83
C THR E 62 -22.48 6.40 -7.51
N ILE E 63 -22.97 7.12 -8.50
CA ILE E 63 -22.10 8.11 -9.20
C ILE E 63 -22.94 8.93 -10.23
N LEU E 64 -22.94 10.24 -10.10
CA LEU E 64 -23.70 11.13 -11.07
C LEU E 64 -22.71 12.03 -11.86
N ALA E 65 -23.03 12.34 -13.11
CA ALA E 65 -22.12 13.19 -13.97
C ALA E 65 -21.43 14.32 -13.18
N GLU E 66 -20.32 14.84 -13.69
CA GLU E 66 -19.59 15.94 -12.98
C GLU E 66 -20.38 17.25 -13.02
N GLY E 67 -20.23 18.05 -12.01
CA GLY E 67 -20.96 19.35 -11.93
C GLY E 67 -20.23 20.24 -10.93
N LEU E 68 -20.36 21.54 -11.02
CA LEU E 68 -19.65 22.39 -10.02
C LEU E 68 -20.64 22.70 -8.90
N HIS E 69 -20.44 22.07 -7.77
CA HIS E 69 -21.35 22.27 -6.60
C HIS E 69 -20.62 21.82 -5.33
N PHE E 70 -20.95 22.39 -4.21
CA PHE E 70 -20.27 21.98 -2.94
C PHE E 70 -21.28 21.43 -1.93
N ARG E 71 -20.85 20.55 -1.07
CA ARG E 71 -21.79 19.99 -0.05
C ARG E 71 -22.03 21.03 1.04
N ILE E 72 -22.54 22.18 0.66
CA ILE E 72 -22.78 23.25 1.66
C ILE E 72 -24.26 23.70 1.65
N PRO E 73 -25.17 22.78 1.38
CA PRO E 73 -26.61 23.15 1.36
C PRO E 73 -27.16 23.25 2.79
N TRP E 74 -27.42 22.12 3.41
CA TRP E 74 -27.95 22.15 4.80
C TRP E 74 -27.97 20.73 5.39
N PHE E 75 -28.28 19.75 4.59
CA PHE E 75 -28.31 18.35 5.11
C PHE E 75 -27.95 17.36 3.99
N GLN E 76 -26.70 17.00 3.89
CA GLN E 76 -26.28 16.04 2.83
C GLN E 76 -24.95 15.36 3.23
N TYR E 77 -24.71 14.17 2.75
CA TYR E 77 -23.48 13.44 3.11
C TYR E 77 -22.57 13.19 1.91
N PRO E 78 -21.29 13.06 2.18
CA PRO E 78 -20.31 12.80 1.12
C PRO E 78 -19.99 11.30 1.04
N ILE E 79 -20.44 10.65 0.00
CA ILE E 79 -20.17 9.20 -0.19
C ILE E 79 -20.35 8.91 -1.69
N ILE E 80 -19.29 8.64 -2.41
CA ILE E 80 -19.40 8.42 -3.88
C ILE E 80 -18.72 7.11 -4.33
N TYR E 81 -19.13 6.57 -5.45
CA TYR E 81 -18.51 5.30 -5.95
C TYR E 81 -17.46 5.62 -7.02
N ASP E 82 -16.47 4.78 -7.15
CA ASP E 82 -15.39 5.06 -8.15
C ASP E 82 -15.34 3.94 -9.21
N ILE E 83 -14.90 4.27 -10.39
CA ILE E 83 -14.82 3.24 -11.48
C ILE E 83 -13.40 2.67 -11.54
N ARG E 84 -13.26 1.45 -11.99
CA ARG E 84 -11.91 0.83 -12.09
C ARG E 84 -11.99 -0.52 -12.79
N ALA E 85 -10.86 -1.17 -12.99
CA ALA E 85 -10.88 -2.50 -13.68
C ALA E 85 -11.77 -3.48 -12.90
N ARG E 86 -12.46 -4.35 -13.59
CA ARG E 86 -13.34 -5.32 -12.89
C ARG E 86 -12.99 -6.76 -13.30
N PRO E 87 -12.40 -7.50 -12.38
CA PRO E 87 -12.02 -8.89 -12.64
C PRO E 87 -13.06 -9.83 -12.02
N ARG E 88 -13.84 -10.51 -12.82
CA ARG E 88 -14.86 -11.44 -12.26
C ARG E 88 -15.28 -12.48 -13.32
N LYS E 89 -14.85 -13.72 -13.19
CA LYS E 89 -15.21 -14.79 -14.21
C LYS E 89 -14.99 -16.22 -13.64
N ILE E 90 -15.73 -17.20 -14.14
CA ILE E 90 -15.54 -18.62 -13.62
C ILE E 90 -15.74 -19.67 -14.72
N SER E 91 -15.12 -20.81 -14.56
CA SER E 91 -15.30 -21.91 -15.54
C SER E 91 -16.26 -22.94 -14.94
N SER E 92 -17.45 -23.06 -15.47
CA SER E 92 -18.43 -24.03 -14.90
C SER E 92 -18.64 -25.24 -15.82
N PRO E 93 -18.32 -26.40 -15.31
CA PRO E 93 -18.48 -27.65 -16.08
C PRO E 93 -19.79 -28.35 -15.70
N THR E 94 -20.74 -28.39 -16.59
CA THR E 94 -22.04 -29.05 -16.27
C THR E 94 -22.68 -29.59 -17.55
N GLY E 95 -23.03 -30.84 -17.57
CA GLY E 95 -23.65 -31.43 -18.80
C GLY E 95 -25.08 -31.90 -18.48
N SER E 96 -25.97 -31.82 -19.42
CA SER E 96 -27.38 -32.25 -19.17
C SER E 96 -28.13 -32.44 -20.49
N LYS E 97 -28.01 -31.51 -21.39
CA LYS E 97 -28.72 -31.63 -22.70
C LYS E 97 -28.14 -32.79 -23.51
N ASP E 98 -26.88 -33.08 -23.33
CA ASP E 98 -26.25 -34.20 -24.09
C ASP E 98 -25.91 -35.36 -23.15
N LEU E 99 -25.14 -36.30 -23.61
CA LEU E 99 -24.77 -37.45 -22.74
C LEU E 99 -23.41 -37.20 -22.07
N GLN E 100 -22.54 -36.49 -22.75
CA GLN E 100 -21.20 -36.21 -22.16
C GLN E 100 -21.29 -35.00 -21.22
N MET E 101 -20.18 -34.38 -20.91
CA MET E 101 -20.20 -33.19 -20.01
C MET E 101 -20.04 -31.90 -20.82
N VAL E 102 -20.74 -30.87 -20.43
CA VAL E 102 -20.63 -29.57 -21.16
C VAL E 102 -20.10 -28.49 -20.22
N ASN E 103 -19.19 -27.67 -20.69
CA ASN E 103 -18.63 -26.60 -19.81
C ASN E 103 -18.88 -25.23 -20.44
N ILE E 104 -19.41 -24.30 -19.67
CA ILE E 104 -19.67 -22.95 -20.23
C ILE E 104 -19.29 -21.88 -19.19
N SER E 105 -18.33 -21.04 -19.51
CA SER E 105 -17.92 -19.97 -18.57
C SER E 105 -18.50 -18.63 -19.01
N LEU E 106 -18.74 -17.74 -18.09
CA LEU E 106 -19.32 -16.42 -18.50
C LEU E 106 -19.04 -15.36 -17.44
N ARG E 107 -18.95 -14.12 -17.84
CA ARG E 107 -18.68 -13.02 -16.89
C ARG E 107 -19.39 -11.74 -17.34
N VAL E 108 -19.79 -10.91 -16.42
CA VAL E 108 -20.49 -9.65 -16.82
C VAL E 108 -19.53 -8.45 -16.70
N LEU E 109 -19.73 -7.46 -17.54
CA LEU E 109 -18.83 -6.27 -17.48
C LEU E 109 -19.63 -5.04 -17.05
N SER E 110 -19.00 -4.12 -16.36
CA SER E 110 -19.74 -2.90 -15.91
C SER E 110 -19.08 -1.64 -16.48
N ARG E 111 -19.82 -0.86 -17.22
CA ARG E 111 -19.25 0.39 -17.81
C ARG E 111 -19.71 1.61 -17.01
N PRO E 112 -18.90 2.64 -17.01
CA PRO E 112 -19.23 3.87 -16.26
C PRO E 112 -20.37 4.63 -16.96
N ASN E 113 -20.17 4.99 -18.21
CA ASN E 113 -21.22 5.74 -18.96
C ASN E 113 -21.72 6.95 -18.14
N ALA E 114 -22.84 7.51 -18.50
CA ALA E 114 -23.36 8.69 -17.74
C ALA E 114 -24.89 8.64 -17.70
N GLN E 115 -25.44 7.93 -16.75
CA GLN E 115 -26.93 7.85 -16.65
C GLN E 115 -27.38 8.24 -15.23
N GLU E 116 -27.41 7.31 -14.31
CA GLU E 116 -27.84 7.64 -12.92
C GLU E 116 -27.65 6.43 -12.00
N LEU E 117 -26.57 6.38 -11.28
CA LEU E 117 -26.33 5.22 -10.37
C LEU E 117 -27.36 5.18 -9.23
N PRO E 118 -27.60 6.32 -8.61
CA PRO E 118 -28.54 6.39 -7.45
C PRO E 118 -30.01 6.08 -7.83
N SER E 119 -30.38 6.18 -9.08
CA SER E 119 -31.81 5.90 -9.42
C SER E 119 -32.25 4.52 -8.91
N MET E 120 -31.78 3.47 -9.54
CA MET E 120 -32.13 2.09 -9.09
C MET E 120 -31.19 1.63 -7.98
N TYR E 121 -30.07 2.30 -7.80
CA TYR E 121 -29.08 1.85 -6.76
C TYR E 121 -29.78 1.47 -5.45
N GLN E 122 -30.81 2.19 -5.04
CA GLN E 122 -31.51 1.80 -3.77
C GLN E 122 -32.09 0.39 -3.97
N ARG E 123 -32.52 0.10 -5.17
CA ARG E 123 -33.07 -1.26 -5.48
C ARG E 123 -31.90 -2.22 -5.72
N LEU E 124 -30.76 -1.71 -6.10
CA LEU E 124 -29.58 -2.58 -6.35
C LEU E 124 -29.03 -3.11 -5.02
N GLY E 125 -28.90 -2.26 -4.04
CA GLY E 125 -28.39 -2.72 -2.72
C GLY E 125 -26.96 -2.19 -2.52
N LEU E 126 -26.32 -2.57 -1.45
CA LEU E 126 -24.93 -2.09 -1.20
C LEU E 126 -24.00 -2.58 -2.31
N ASP E 127 -23.64 -3.83 -2.28
CA ASP E 127 -22.73 -4.38 -3.34
C ASP E 127 -23.55 -5.20 -4.34
N TYR E 128 -24.44 -4.57 -5.05
CA TYR E 128 -25.28 -5.31 -6.05
C TYR E 128 -24.37 -6.04 -7.05
N GLU E 129 -23.27 -5.46 -7.41
CA GLU E 129 -22.35 -6.12 -8.39
C GLU E 129 -21.81 -7.42 -7.80
N GLU E 130 -21.55 -7.45 -6.52
CA GLU E 130 -21.02 -8.69 -5.89
C GLU E 130 -22.11 -9.76 -5.80
N ARG E 131 -23.31 -9.38 -5.45
CA ARG E 131 -24.42 -10.37 -5.34
C ARG E 131 -25.00 -10.69 -6.71
N VAL E 132 -25.17 -9.69 -7.54
CA VAL E 132 -25.75 -9.94 -8.89
C VAL E 132 -24.74 -10.63 -9.82
N LEU E 133 -23.48 -10.56 -9.50
CA LEU E 133 -22.46 -11.21 -10.37
C LEU E 133 -22.65 -12.74 -10.41
N PRO E 134 -22.61 -13.36 -9.26
CA PRO E 134 -22.78 -14.84 -9.20
C PRO E 134 -24.24 -15.23 -9.44
N SER E 135 -25.17 -14.56 -8.81
CA SER E 135 -26.60 -14.89 -8.99
C SER E 135 -26.98 -14.89 -10.49
N ILE E 136 -26.55 -13.90 -11.22
CA ILE E 136 -26.89 -13.84 -12.68
C ILE E 136 -25.97 -14.76 -13.49
N VAL E 137 -24.68 -14.55 -13.41
CA VAL E 137 -23.72 -15.40 -14.19
C VAL E 137 -23.98 -16.89 -13.91
N ASN E 138 -24.14 -17.27 -12.67
CA ASN E 138 -24.37 -18.70 -12.35
C ASN E 138 -25.69 -19.18 -12.97
N GLU E 139 -26.64 -18.29 -13.12
CA GLU E 139 -27.95 -18.69 -13.72
C GLU E 139 -27.84 -18.76 -15.24
N VAL E 140 -27.46 -17.68 -15.87
CA VAL E 140 -27.35 -17.68 -17.36
C VAL E 140 -26.48 -18.85 -17.83
N LEU E 141 -25.50 -19.24 -17.03
CA LEU E 141 -24.63 -20.37 -17.43
C LEU E 141 -25.37 -21.69 -17.26
N LYS E 142 -26.26 -21.76 -16.30
CA LYS E 142 -27.02 -23.02 -16.07
C LYS E 142 -28.17 -23.13 -17.07
N SER E 143 -28.70 -22.02 -17.50
CA SER E 143 -29.83 -22.06 -18.47
C SER E 143 -29.30 -22.30 -19.89
N VAL E 144 -28.15 -21.77 -20.20
CA VAL E 144 -27.57 -21.97 -21.56
C VAL E 144 -26.98 -23.38 -21.69
N VAL E 145 -26.34 -23.86 -20.67
CA VAL E 145 -25.72 -25.22 -20.75
C VAL E 145 -26.82 -26.29 -20.87
N ALA E 146 -27.91 -26.11 -20.18
CA ALA E 146 -29.01 -27.12 -20.25
C ALA E 146 -29.66 -27.11 -21.65
N LYS E 147 -29.80 -25.94 -22.23
CA LYS E 147 -30.42 -25.86 -23.59
C LYS E 147 -29.40 -26.20 -24.66
N PHE E 148 -28.18 -25.75 -24.50
CA PHE E 148 -27.13 -26.02 -25.53
C PHE E 148 -26.53 -27.42 -25.31
N ASN E 149 -25.60 -27.81 -26.15
CA ASN E 149 -24.97 -29.16 -25.99
C ASN E 149 -23.45 -29.04 -26.10
N ALA E 150 -22.74 -30.09 -25.74
CA ALA E 150 -21.25 -30.04 -25.81
C ALA E 150 -20.77 -30.28 -27.25
N SER E 151 -21.52 -31.04 -28.00
CA SER E 151 -21.11 -31.32 -29.42
C SER E 151 -20.91 -30.02 -30.19
N GLN E 152 -21.88 -29.13 -30.13
CA GLN E 152 -21.75 -27.84 -30.86
C GLN E 152 -20.88 -26.86 -30.06
N LEU E 153 -20.77 -27.06 -28.77
CA LEU E 153 -19.94 -26.14 -27.93
C LEU E 153 -18.45 -26.35 -28.24
N ILE E 154 -17.97 -27.56 -28.10
CA ILE E 154 -16.53 -27.83 -28.36
C ILE E 154 -16.13 -27.32 -29.76
N THR E 155 -17.08 -27.21 -30.66
CA THR E 155 -16.75 -26.72 -32.02
C THR E 155 -16.25 -25.28 -31.96
N GLN E 156 -16.91 -24.45 -31.19
CA GLN E 156 -16.49 -23.02 -31.08
C GLN E 156 -16.91 -22.44 -29.74
N ARG E 157 -15.96 -22.07 -28.91
CA ARG E 157 -16.31 -21.49 -27.58
C ARG E 157 -17.02 -20.15 -27.76
N ALA E 158 -16.81 -19.49 -28.87
CA ALA E 158 -17.47 -18.17 -29.09
C ALA E 158 -18.92 -18.37 -29.55
N GLN E 159 -19.18 -19.45 -30.26
CA GLN E 159 -20.57 -19.71 -30.75
C GLN E 159 -21.55 -19.76 -29.57
N VAL E 160 -21.11 -20.25 -28.44
CA VAL E 160 -22.02 -20.33 -27.26
C VAL E 160 -22.40 -18.92 -26.80
N SER E 161 -21.57 -17.96 -27.05
CA SER E 161 -21.88 -16.56 -26.63
C SER E 161 -22.91 -15.93 -27.58
N LEU E 162 -23.04 -16.45 -28.77
CA LEU E 162 -24.02 -15.88 -29.74
C LEU E 162 -25.44 -15.94 -29.15
N LEU E 163 -25.79 -17.04 -28.54
CA LEU E 163 -27.16 -17.17 -27.96
C LEU E 163 -27.22 -16.42 -26.62
N ILE E 164 -26.11 -16.24 -25.97
CA ILE E 164 -26.11 -15.52 -24.66
C ILE E 164 -26.15 -14.01 -24.88
N ARG E 165 -25.67 -13.55 -26.00
CA ARG E 165 -25.70 -12.08 -26.29
C ARG E 165 -27.13 -11.54 -26.20
N ARG E 166 -28.10 -12.36 -26.50
CA ARG E 166 -29.52 -11.90 -26.44
C ARG E 166 -30.01 -11.92 -24.98
N GLU E 167 -29.56 -12.87 -24.20
CA GLU E 167 -30.00 -12.95 -22.78
C GLU E 167 -29.22 -11.97 -21.91
N LEU E 168 -27.94 -11.84 -22.16
CA LEU E 168 -27.11 -10.89 -21.35
C LEU E 168 -27.62 -9.46 -21.51
N THR E 169 -28.11 -9.11 -22.68
CA THR E 169 -28.63 -7.73 -22.89
C THR E 169 -29.80 -7.45 -21.95
N GLU E 170 -30.58 -8.46 -21.65
CA GLU E 170 -31.73 -8.25 -20.74
C GLU E 170 -31.28 -8.24 -19.28
N ARG E 171 -30.29 -9.04 -18.95
CA ARG E 171 -29.79 -9.06 -17.54
C ARG E 171 -28.92 -7.84 -17.26
N ALA E 172 -28.09 -7.47 -18.21
CA ALA E 172 -27.21 -6.28 -18.00
C ALA E 172 -28.05 -5.02 -17.78
N LYS E 173 -29.12 -4.87 -18.51
CA LYS E 173 -29.99 -3.67 -18.35
C LYS E 173 -30.85 -3.80 -17.08
N ASP E 174 -31.01 -5.00 -16.59
CA ASP E 174 -31.85 -5.20 -15.36
C ASP E 174 -31.42 -4.24 -14.25
N PHE E 175 -30.22 -4.36 -13.77
CA PHE E 175 -29.75 -3.45 -12.68
C PHE E 175 -29.30 -2.12 -13.26
N SER E 176 -29.98 -1.05 -12.93
CA SER E 176 -29.62 0.30 -13.46
C SER E 176 -29.44 0.26 -14.98
N LEU E 177 -29.04 1.35 -15.57
CA LEU E 177 -28.85 1.39 -17.04
C LEU E 177 -27.35 1.38 -17.36
N ILE E 178 -26.85 0.32 -17.91
CA ILE E 178 -25.40 0.24 -18.24
C ILE E 178 -25.18 -0.60 -19.49
N LEU E 179 -24.12 -0.34 -20.22
CA LEU E 179 -23.84 -1.12 -21.46
C LEU E 179 -22.78 -2.19 -21.16
N ASP E 180 -22.88 -3.33 -21.81
CA ASP E 180 -21.89 -4.41 -21.56
C ASP E 180 -21.69 -5.26 -22.81
N ASP E 181 -20.54 -5.87 -22.95
CA ASP E 181 -20.28 -6.71 -24.15
C ASP E 181 -20.46 -8.18 -23.78
N VAL E 182 -20.97 -8.99 -24.68
CA VAL E 182 -21.18 -10.42 -24.36
C VAL E 182 -20.09 -11.30 -24.99
N ALA E 183 -19.22 -11.83 -24.16
CA ALA E 183 -18.13 -12.71 -24.65
C ALA E 183 -17.62 -13.53 -23.47
N ILE E 184 -17.11 -14.71 -23.69
CA ILE E 184 -16.64 -15.52 -22.54
C ILE E 184 -15.49 -16.45 -22.92
N THR E 185 -14.62 -16.72 -21.99
CA THR E 185 -13.48 -17.66 -22.26
C THR E 185 -13.86 -19.01 -21.63
N GLU E 186 -14.13 -20.01 -22.43
CA GLU E 186 -14.56 -21.31 -21.84
C GLU E 186 -13.77 -22.51 -22.39
N LEU E 187 -13.65 -23.52 -21.59
CA LEU E 187 -12.96 -24.77 -22.02
C LEU E 187 -13.93 -25.93 -21.77
N SER E 188 -14.07 -26.83 -22.69
CA SER E 188 -15.04 -27.95 -22.49
C SER E 188 -14.34 -29.25 -22.08
N PHE E 189 -15.05 -30.08 -21.36
CA PHE E 189 -14.45 -31.38 -20.90
C PHE E 189 -14.95 -32.52 -21.77
N SER E 190 -14.09 -33.46 -22.09
CA SER E 190 -14.51 -34.61 -22.94
C SER E 190 -15.04 -35.75 -22.06
N MET F 1 -41.16 43.23 37.02
CA MET F 1 -40.47 41.94 36.71
C MET F 1 -39.22 41.79 37.58
N ALA F 2 -39.25 42.32 38.77
CA ALA F 2 -38.06 42.22 39.68
C ALA F 2 -36.84 42.91 39.05
N GLN F 3 -36.03 43.53 39.87
CA GLN F 3 -34.82 44.23 39.32
C GLN F 3 -33.75 43.21 38.94
N ASN F 4 -33.77 42.05 39.55
CA ASN F 4 -32.75 41.01 39.22
C ASN F 4 -32.85 40.63 37.74
N LEU F 5 -34.05 40.47 37.24
CA LEU F 5 -34.21 40.10 35.80
C LEU F 5 -33.75 41.25 34.91
N LYS F 6 -33.97 42.46 35.32
CA LYS F 6 -33.54 43.63 34.49
C LYS F 6 -32.01 43.77 34.53
N ASP F 7 -31.44 43.69 35.71
CA ASP F 7 -29.95 43.80 35.82
C ASP F 7 -29.27 42.65 35.09
N LEU F 8 -29.93 41.51 35.00
CA LEU F 8 -29.32 40.34 34.30
C LEU F 8 -29.06 40.68 32.84
N ALA F 9 -29.97 41.38 32.21
CA ALA F 9 -29.76 41.74 30.77
C ALA F 9 -28.60 42.74 30.64
N GLY F 10 -28.36 43.52 31.65
CA GLY F 10 -27.25 44.51 31.59
C GLY F 10 -25.92 43.81 31.88
N ARG F 11 -25.95 42.66 32.51
CA ARG F 11 -24.69 41.93 32.82
C ARG F 11 -24.14 41.23 31.58
N LEU F 12 -25.01 40.84 30.68
CA LEU F 12 -24.54 40.15 29.44
C LEU F 12 -23.61 41.06 28.63
N PRO F 13 -24.08 42.23 28.29
CA PRO F 13 -23.25 43.18 27.51
C PRO F 13 -22.15 43.78 28.39
N ALA F 14 -21.54 44.86 27.95
CA ALA F 14 -20.45 45.49 28.75
C ALA F 14 -19.33 44.49 29.02
N GLY F 15 -18.22 44.95 29.52
CA GLY F 15 -17.08 44.03 29.81
C GLY F 15 -16.40 43.63 28.49
N PRO F 16 -15.73 44.59 27.90
CA PRO F 16 -15.03 44.34 26.61
C PRO F 16 -13.78 43.49 26.84
N ARG F 17 -13.15 43.63 27.96
CA ARG F 17 -11.93 42.83 28.24
C ARG F 17 -12.28 41.34 28.30
N GLY F 18 -13.33 40.99 28.99
CA GLY F 18 -13.73 39.56 29.07
C GLY F 18 -14.30 39.10 27.73
N MET F 19 -15.24 39.82 27.19
CA MET F 19 -15.84 39.42 25.88
C MET F 19 -14.76 39.42 24.80
N GLY F 20 -13.74 40.21 24.95
CA GLY F 20 -12.67 40.26 23.92
C GLY F 20 -11.92 38.92 23.90
N THR F 21 -11.55 38.42 25.04
CA THR F 21 -10.81 37.12 25.09
C THR F 21 -11.72 35.98 24.60
N ALA F 22 -13.01 36.15 24.72
CA ALA F 22 -13.95 35.08 24.27
C ALA F 22 -13.70 34.75 22.79
N LEU F 23 -13.18 35.68 22.05
CA LEU F 23 -12.92 35.41 20.60
C LEU F 23 -11.91 34.28 20.45
N LYS F 24 -10.88 34.26 21.26
CA LYS F 24 -9.87 33.17 21.18
C LYS F 24 -10.55 31.80 21.27
N LEU F 25 -11.65 31.73 21.97
CA LEU F 25 -12.36 30.43 22.11
C LEU F 25 -12.93 29.99 20.75
N LEU F 26 -13.57 30.89 20.05
CA LEU F 26 -14.15 30.53 18.72
C LEU F 26 -13.05 30.01 17.79
N LEU F 27 -11.97 30.74 17.65
CA LEU F 27 -10.87 30.29 16.75
C LEU F 27 -10.30 28.95 17.25
N GLY F 28 -10.19 28.78 18.53
CA GLY F 28 -9.65 27.50 19.08
C GLY F 28 -10.54 26.34 18.65
N ALA F 29 -11.83 26.57 18.58
CA ALA F 29 -12.77 25.48 18.16
C ALA F 29 -12.43 25.01 16.74
N GLY F 30 -11.90 25.90 15.93
CA GLY F 30 -11.54 25.51 14.53
C GLY F 30 -10.34 24.57 14.56
N ALA F 31 -9.41 24.80 15.45
CA ALA F 31 -8.21 23.92 15.53
C ALA F 31 -8.60 22.53 16.04
N VAL F 32 -9.44 22.47 17.03
CA VAL F 32 -9.86 21.14 17.57
C VAL F 32 -10.63 20.35 16.50
N ALA F 33 -11.23 21.03 15.57
CA ALA F 33 -11.98 20.32 14.49
C ALA F 33 -11.03 19.50 13.63
N TYR F 34 -9.83 19.98 13.43
CA TYR F 34 -8.85 19.23 12.59
C TYR F 34 -8.58 17.85 13.19
N GLY F 35 -8.35 17.78 14.48
CA GLY F 35 -8.09 16.46 15.12
C GLY F 35 -9.29 15.55 14.93
N VAL F 36 -10.48 16.10 14.87
CA VAL F 36 -11.69 15.27 14.68
C VAL F 36 -11.81 14.83 13.22
N ARG F 37 -11.31 15.62 12.31
CA ARG F 37 -11.39 15.25 10.86
C ARG F 37 -10.79 13.85 10.63
N GLU F 38 -9.82 13.47 11.41
CA GLU F 38 -9.20 12.13 11.23
C GLU F 38 -10.06 11.01 11.87
N SER F 39 -10.82 11.31 12.90
CA SER F 39 -11.66 10.24 13.55
C SER F 39 -13.09 10.73 13.82
N VAL F 40 -14.00 9.82 14.17
CA VAL F 40 -15.41 10.23 14.46
C VAL F 40 -16.23 9.04 15.00
N PHE F 41 -17.43 9.27 15.49
CA PHE F 41 -18.26 8.15 16.04
C PHE F 41 -19.48 7.86 15.14
N THR F 42 -20.12 8.89 14.62
CA THR F 42 -21.32 8.66 13.74
C THR F 42 -20.93 7.78 12.55
N VAL F 43 -21.57 6.65 12.41
CA VAL F 43 -21.25 5.74 11.26
C VAL F 43 -21.58 6.43 9.92
N GLU F 44 -20.81 6.15 8.91
CA GLU F 44 -21.08 6.77 7.57
C GLU F 44 -21.97 5.83 6.74
N GLY F 45 -21.84 5.86 5.44
CA GLY F 45 -22.68 4.98 4.59
C GLY F 45 -21.91 3.70 4.24
N GLY F 46 -22.43 2.56 4.61
CA GLY F 46 -21.72 1.28 4.30
C GLY F 46 -21.01 0.76 5.55
N HIS F 47 -21.54 1.04 6.71
CA HIS F 47 -20.88 0.56 7.96
C HIS F 47 -21.90 0.52 9.12
N ARG F 48 -21.67 -0.33 10.08
CA ARG F 48 -22.63 -0.48 11.22
C ARG F 48 -21.94 -0.13 12.55
N ALA F 49 -22.70 0.27 13.55
CA ALA F 49 -22.09 0.68 14.86
C ALA F 49 -22.16 -0.42 15.94
N ILE F 50 -21.22 -0.37 16.86
CA ILE F 50 -21.15 -1.38 17.96
C ILE F 50 -20.94 -0.64 19.31
N PHE F 51 -21.37 -1.20 20.43
CA PHE F 51 -21.21 -0.47 21.73
C PHE F 51 -20.40 -1.25 22.79
N PHE F 52 -19.50 -0.58 23.46
CA PHE F 52 -18.68 -1.22 24.54
C PHE F 52 -18.04 -0.14 25.43
N ASN F 53 -17.77 -0.43 26.69
CA ASN F 53 -17.18 0.62 27.61
C ASN F 53 -15.83 0.16 28.22
N ARG F 54 -14.97 1.11 28.57
CA ARG F 54 -13.64 0.75 29.17
C ARG F 54 -13.78 -0.31 30.27
N ILE F 55 -14.90 -0.32 30.96
CA ILE F 55 -15.08 -1.34 32.05
C ILE F 55 -15.02 -2.76 31.47
N GLY F 56 -16.01 -3.16 30.73
CA GLY F 56 -15.99 -4.54 30.14
C GLY F 56 -17.12 -4.67 29.11
N GLY F 57 -17.15 -5.77 28.40
CA GLY F 57 -18.21 -5.97 27.37
C GLY F 57 -17.62 -5.73 25.98
N VAL F 58 -16.52 -6.35 25.67
CA VAL F 58 -15.89 -6.16 24.33
C VAL F 58 -16.93 -6.34 23.22
N GLN F 59 -16.69 -5.77 22.07
CA GLN F 59 -17.67 -5.90 20.95
C GLN F 59 -16.97 -5.69 19.60
N GLN F 60 -17.25 -6.54 18.64
CA GLN F 60 -16.62 -6.41 17.30
C GLN F 60 -17.17 -7.47 16.34
N ASP F 61 -16.54 -7.66 15.21
CA ASP F 61 -17.02 -8.68 14.23
C ASP F 61 -18.45 -8.37 13.78
N THR F 62 -18.77 -8.64 12.54
CA THR F 62 -20.16 -8.37 12.03
C THR F 62 -20.53 -6.89 12.25
N ILE F 63 -21.60 -6.44 11.64
CA ILE F 63 -22.00 -5.00 11.80
C ILE F 63 -23.54 -4.84 11.58
N LEU F 64 -24.20 -4.05 12.40
CA LEU F 64 -25.69 -3.85 12.27
C LEU F 64 -26.09 -2.95 11.09
N ALA F 65 -26.27 -1.66 11.29
CA ALA F 65 -26.67 -0.75 10.16
C ALA F 65 -26.29 0.72 10.45
N GLU F 66 -26.78 1.66 9.66
CA GLU F 66 -26.42 3.11 9.88
C GLU F 66 -27.49 3.80 10.75
N GLY F 67 -27.08 4.82 11.48
CA GLY F 67 -28.04 5.56 12.37
C GLY F 67 -27.45 6.93 12.71
N LEU F 68 -28.28 7.90 13.06
CA LEU F 68 -27.71 9.25 13.39
C LEU F 68 -27.55 9.35 14.91
N HIS F 69 -26.31 9.29 15.38
CA HIS F 69 -26.03 9.37 16.84
C HIS F 69 -24.56 9.75 17.06
N PHE F 70 -24.25 10.38 18.15
CA PHE F 70 -22.83 10.78 18.41
C PHE F 70 -22.37 10.23 19.76
N ARG F 71 -21.25 9.53 19.80
CA ARG F 71 -20.76 8.98 21.10
C ARG F 71 -20.35 10.12 22.02
N ILE F 72 -19.06 10.36 22.16
CA ILE F 72 -18.56 11.46 23.06
C ILE F 72 -19.48 11.63 24.29
N PRO F 73 -19.75 10.53 24.97
CA PRO F 73 -20.62 10.57 26.16
C PRO F 73 -19.76 10.63 27.43
N TRP F 74 -19.23 9.53 27.86
CA TRP F 74 -18.38 9.51 29.09
C TRP F 74 -17.77 8.11 29.29
N PHE F 75 -18.48 7.08 28.92
CA PHE F 75 -17.94 5.70 29.10
C PHE F 75 -18.20 4.85 27.85
N GLN F 76 -18.33 5.46 26.70
CA GLN F 76 -18.56 4.68 25.45
C GLN F 76 -17.27 4.57 24.65
N TYR F 77 -17.12 3.54 23.87
CA TYR F 77 -15.85 3.37 23.09
C TYR F 77 -16.12 3.27 21.59
N PRO F 78 -15.15 3.68 20.82
CA PRO F 78 -15.26 3.63 19.35
C PRO F 78 -14.53 2.39 18.80
N ILE F 79 -15.28 1.42 18.35
CA ILE F 79 -14.67 0.20 17.75
C ILE F 79 -15.74 -0.45 16.86
N ILE F 80 -15.57 -0.39 15.56
CA ILE F 80 -16.61 -0.95 14.64
C ILE F 80 -15.97 -1.92 13.64
N TYR F 81 -16.75 -2.83 13.11
CA TYR F 81 -16.21 -3.81 12.12
C TYR F 81 -16.55 -3.36 10.70
N ASP F 82 -15.57 -3.35 9.82
CA ASP F 82 -15.82 -2.91 8.42
C ASP F 82 -15.63 -4.06 7.43
N ILE F 83 -16.31 -4.02 6.32
CA ILE F 83 -16.17 -5.12 5.31
C ILE F 83 -15.35 -4.64 4.11
N ARG F 84 -14.75 -5.54 3.38
CA ARG F 84 -13.94 -5.14 2.19
C ARG F 84 -13.49 -6.38 1.42
N ALA F 85 -14.41 -7.05 0.77
CA ALA F 85 -14.04 -8.27 -0.02
C ALA F 85 -13.31 -9.28 0.88
N ARG F 86 -13.03 -10.45 0.36
CA ARG F 86 -12.32 -11.47 1.19
C ARG F 86 -11.63 -12.51 0.29
N PRO F 87 -10.31 -12.44 0.24
CA PRO F 87 -9.54 -13.39 -0.57
C PRO F 87 -8.99 -14.51 0.33
N ARG F 88 -9.50 -15.70 0.21
CA ARG F 88 -9.01 -16.82 1.06
C ARG F 88 -9.37 -18.18 0.41
N LYS F 89 -8.39 -18.91 -0.12
CA LYS F 89 -8.69 -20.24 -0.80
C LYS F 89 -7.42 -21.12 -0.91
N ILE F 90 -7.57 -22.45 -0.96
CA ILE F 90 -6.37 -23.36 -1.10
C ILE F 90 -6.63 -24.55 -2.03
N SER F 91 -5.58 -25.06 -2.62
CA SER F 91 -5.71 -26.26 -3.49
C SER F 91 -4.84 -27.38 -2.90
N SER F 92 -5.43 -28.42 -2.38
CA SER F 92 -4.61 -29.51 -1.77
C SER F 92 -5.11 -30.89 -2.20
N PRO F 93 -4.20 -31.84 -2.23
CA PRO F 93 -4.52 -33.22 -2.61
C PRO F 93 -4.72 -34.08 -1.36
N THR F 94 -5.93 -34.54 -1.13
CA THR F 94 -6.17 -35.39 0.09
C THR F 94 -6.77 -36.73 -0.31
N GLY F 95 -6.15 -37.81 0.07
CA GLY F 95 -6.68 -39.15 -0.28
C GLY F 95 -7.35 -39.78 0.96
N SER F 96 -8.50 -40.35 0.80
CA SER F 96 -9.20 -40.97 1.97
C SER F 96 -10.20 -42.03 1.50
N LYS F 97 -11.08 -41.66 0.59
CA LYS F 97 -12.09 -42.65 0.10
C LYS F 97 -11.60 -43.30 -1.20
N ASP F 98 -10.30 -43.44 -1.36
CA ASP F 98 -9.77 -44.07 -2.60
C ASP F 98 -8.26 -44.32 -2.46
N LEU F 99 -7.77 -45.40 -3.00
CA LEU F 99 -6.32 -45.71 -2.90
C LEU F 99 -5.50 -44.68 -3.71
N GLN F 100 -6.08 -44.16 -4.75
CA GLN F 100 -5.35 -43.15 -5.58
C GLN F 100 -5.18 -41.84 -4.80
N MET F 101 -5.00 -40.74 -5.49
CA MET F 101 -4.83 -39.44 -4.79
C MET F 101 -5.84 -38.42 -5.32
N VAL F 102 -6.80 -38.04 -4.52
CA VAL F 102 -7.82 -37.06 -4.97
C VAL F 102 -7.62 -35.73 -4.24
N ASN F 103 -7.98 -34.64 -4.86
CA ASN F 103 -7.81 -33.31 -4.20
C ASN F 103 -9.16 -32.74 -3.77
N ILE F 104 -9.18 -31.95 -2.74
CA ILE F 104 -10.46 -31.36 -2.28
C ILE F 104 -10.22 -29.95 -1.71
N SER F 105 -10.70 -28.95 -2.40
CA SER F 105 -10.52 -27.55 -1.92
C SER F 105 -11.89 -26.86 -1.78
N LEU F 106 -12.00 -25.91 -0.89
CA LEU F 106 -13.31 -25.21 -0.72
C LEU F 106 -13.09 -23.80 -0.17
N ARG F 107 -13.98 -22.88 -0.47
CA ARG F 107 -13.82 -21.50 0.03
C ARG F 107 -15.18 -20.90 0.41
N VAL F 108 -15.20 -19.98 1.34
CA VAL F 108 -16.49 -19.36 1.77
C VAL F 108 -16.48 -17.86 1.45
N LEU F 109 -17.64 -17.28 1.20
CA LEU F 109 -17.69 -15.82 0.88
C LEU F 109 -18.27 -15.04 2.07
N SER F 110 -17.88 -13.81 2.21
CA SER F 110 -18.40 -12.99 3.35
C SER F 110 -19.42 -11.97 2.83
N ARG F 111 -20.66 -12.12 3.20
CA ARG F 111 -21.70 -11.15 2.73
C ARG F 111 -22.28 -10.38 3.92
N PRO F 112 -22.29 -9.08 3.80
CA PRO F 112 -22.83 -8.22 4.90
C PRO F 112 -24.36 -8.31 4.93
N ASN F 113 -24.90 -9.47 5.20
CA ASN F 113 -26.38 -9.62 5.25
C ASN F 113 -26.82 -10.09 6.64
N ALA F 114 -26.98 -9.17 7.55
CA ALA F 114 -27.40 -9.55 8.93
C ALA F 114 -27.84 -8.31 9.71
N GLN F 115 -27.95 -8.42 11.01
CA GLN F 115 -28.38 -7.25 11.83
C GLN F 115 -28.18 -7.54 13.32
N GLU F 116 -27.07 -8.12 13.68
CA GLU F 116 -26.82 -8.43 15.12
C GLU F 116 -25.35 -8.83 15.33
N LEU F 117 -24.46 -7.88 15.28
CA LEU F 117 -23.01 -8.20 15.49
C LEU F 117 -22.65 -8.34 16.98
N PRO F 118 -23.41 -7.73 17.88
CA PRO F 118 -23.07 -7.84 19.31
C PRO F 118 -23.50 -9.18 19.87
N SER F 119 -24.76 -9.52 19.76
CA SER F 119 -25.22 -10.83 20.28
C SER F 119 -24.40 -11.97 19.65
N MET F 120 -24.04 -11.80 18.41
CA MET F 120 -23.24 -12.85 17.72
C MET F 120 -21.74 -12.72 18.06
N TYR F 121 -21.24 -11.52 18.21
CA TYR F 121 -19.79 -11.34 18.52
C TYR F 121 -19.40 -12.12 19.79
N GLN F 122 -19.88 -11.72 20.93
CA GLN F 122 -19.50 -12.44 22.19
C GLN F 122 -19.74 -13.94 22.02
N ARG F 123 -20.74 -14.31 21.27
CA ARG F 123 -21.01 -15.76 21.03
C ARG F 123 -20.05 -16.30 19.96
N LEU F 124 -19.58 -15.44 19.10
CA LEU F 124 -18.64 -15.89 18.03
C LEU F 124 -17.26 -16.17 18.62
N GLY F 125 -16.93 -15.54 19.72
CA GLY F 125 -15.60 -15.77 20.35
C GLY F 125 -14.61 -14.71 19.85
N LEU F 126 -13.40 -14.75 20.34
CA LEU F 126 -12.38 -13.75 19.90
C LEU F 126 -12.19 -13.84 18.38
N ASP F 127 -11.66 -12.80 17.78
CA ASP F 127 -11.43 -12.83 16.30
C ASP F 127 -12.73 -13.19 15.57
N TYR F 128 -12.64 -13.53 14.31
CA TYR F 128 -13.87 -13.90 13.56
C TYR F 128 -13.50 -14.61 12.24
N GLU F 129 -13.14 -13.86 11.24
CA GLU F 129 -12.77 -14.49 9.94
C GLU F 129 -11.62 -15.48 10.12
N GLU F 130 -10.45 -15.00 10.47
CA GLU F 130 -9.29 -15.92 10.68
C GLU F 130 -9.68 -17.12 11.55
N ARG F 131 -10.68 -16.97 12.37
CA ARG F 131 -11.10 -18.11 13.24
C ARG F 131 -12.01 -19.09 12.48
N VAL F 132 -13.21 -18.65 12.14
CA VAL F 132 -14.16 -19.57 11.44
C VAL F 132 -13.90 -19.67 9.93
N LEU F 133 -13.37 -18.63 9.31
CA LEU F 133 -13.15 -18.69 7.83
C LEU F 133 -12.32 -19.93 7.43
N PRO F 134 -11.21 -20.14 8.10
CA PRO F 134 -10.36 -21.31 7.77
C PRO F 134 -10.97 -22.60 8.34
N SER F 135 -11.53 -22.53 9.51
CA SER F 135 -12.15 -23.75 10.13
C SER F 135 -13.24 -24.32 9.21
N ILE F 136 -14.28 -23.55 8.97
CA ILE F 136 -15.39 -24.05 8.09
C ILE F 136 -14.83 -24.57 6.78
N VAL F 137 -13.74 -24.01 6.32
CA VAL F 137 -13.14 -24.48 5.03
C VAL F 137 -12.31 -25.74 5.27
N ASN F 138 -11.23 -25.63 5.98
CA ASN F 138 -10.37 -26.83 6.25
C ASN F 138 -11.18 -27.97 6.88
N GLU F 139 -12.27 -27.64 7.54
CA GLU F 139 -13.09 -28.70 8.18
C GLU F 139 -13.79 -29.55 7.11
N VAL F 140 -14.71 -28.95 6.38
CA VAL F 140 -15.43 -29.72 5.33
C VAL F 140 -14.48 -30.05 4.16
N LEU F 141 -13.44 -29.27 3.99
CA LEU F 141 -12.50 -29.53 2.87
C LEU F 141 -11.88 -30.92 3.01
N LYS F 142 -11.18 -31.17 4.09
CA LYS F 142 -10.53 -32.49 4.28
C LYS F 142 -11.55 -33.53 4.79
N SER F 143 -12.64 -33.08 5.36
CA SER F 143 -13.66 -34.04 5.88
C SER F 143 -14.56 -34.56 4.75
N VAL F 144 -14.81 -33.76 3.75
CA VAL F 144 -15.71 -34.21 2.64
C VAL F 144 -14.97 -35.17 1.70
N VAL F 145 -13.72 -34.92 1.42
CA VAL F 145 -12.96 -35.82 0.50
C VAL F 145 -13.02 -37.26 1.00
N ALA F 146 -13.25 -37.45 2.27
CA ALA F 146 -13.34 -38.84 2.82
C ALA F 146 -14.69 -39.47 2.45
N LYS F 147 -15.69 -38.65 2.22
CA LYS F 147 -17.03 -39.19 1.84
C LYS F 147 -17.05 -39.55 0.36
N PHE F 148 -16.84 -38.58 -0.50
CA PHE F 148 -16.85 -38.86 -1.97
C PHE F 148 -15.64 -39.71 -2.35
N ASN F 149 -15.63 -40.23 -3.55
CA ASN F 149 -14.47 -41.06 -4.00
C ASN F 149 -13.61 -40.28 -4.99
N ALA F 150 -12.45 -40.81 -5.32
CA ALA F 150 -11.55 -40.11 -6.30
C ALA F 150 -12.20 -40.10 -7.69
N SER F 151 -12.73 -41.22 -8.11
CA SER F 151 -13.37 -41.28 -9.45
C SER F 151 -14.51 -40.27 -9.53
N GLN F 152 -15.20 -40.05 -8.44
CA GLN F 152 -16.34 -39.08 -8.45
C GLN F 152 -15.81 -37.65 -8.33
N LEU F 153 -14.63 -37.48 -7.79
CA LEU F 153 -14.05 -36.12 -7.65
C LEU F 153 -13.46 -35.64 -8.98
N ILE F 154 -12.72 -36.50 -9.65
CA ILE F 154 -12.12 -36.09 -10.95
C ILE F 154 -13.20 -35.86 -12.01
N THR F 155 -14.34 -36.49 -11.86
CA THR F 155 -15.43 -36.30 -12.86
C THR F 155 -15.85 -34.84 -12.91
N GLN F 156 -15.99 -34.21 -11.77
CA GLN F 156 -16.40 -32.77 -11.76
C GLN F 156 -16.10 -32.15 -10.39
N ARG F 157 -15.36 -31.08 -10.36
CA ARG F 157 -15.04 -30.43 -9.05
C ARG F 157 -16.27 -29.70 -8.51
N ALA F 158 -17.16 -29.29 -9.37
CA ALA F 158 -18.38 -28.57 -8.91
C ALA F 158 -19.44 -29.56 -8.40
N GLN F 159 -19.51 -30.72 -9.01
CA GLN F 159 -20.53 -31.72 -8.56
C GLN F 159 -20.38 -32.02 -7.07
N VAL F 160 -19.16 -32.09 -6.59
CA VAL F 160 -18.95 -32.38 -5.15
C VAL F 160 -19.46 -31.21 -4.30
N SER F 161 -19.39 -30.01 -4.82
CA SER F 161 -19.87 -28.83 -4.06
C SER F 161 -21.40 -28.85 -3.93
N LEU F 162 -22.06 -29.57 -4.80
CA LEU F 162 -23.56 -29.63 -4.73
C LEU F 162 -24.01 -30.13 -3.35
N LEU F 163 -23.40 -31.18 -2.86
CA LEU F 163 -23.80 -31.72 -1.53
C LEU F 163 -23.17 -30.90 -0.42
N ILE F 164 -22.01 -30.35 -0.67
CA ILE F 164 -21.32 -29.53 0.39
C ILE F 164 -22.09 -28.24 0.64
N ARG F 165 -22.80 -27.75 -0.36
CA ARG F 165 -23.57 -26.48 -0.18
C ARG F 165 -24.65 -26.67 0.89
N ARG F 166 -25.15 -27.87 1.04
CA ARG F 166 -26.21 -28.11 2.07
C ARG F 166 -25.59 -28.14 3.47
N GLU F 167 -24.40 -28.65 3.58
CA GLU F 167 -23.74 -28.71 4.93
C GLU F 167 -23.15 -27.35 5.29
N LEU F 168 -22.71 -26.61 4.31
CA LEU F 168 -22.11 -25.26 4.59
C LEU F 168 -23.21 -24.28 5.03
N THR F 169 -24.43 -24.50 4.59
CA THR F 169 -25.53 -23.58 4.98
C THR F 169 -25.71 -23.58 6.50
N GLU F 170 -25.60 -24.73 7.12
CA GLU F 170 -25.76 -24.80 8.60
C GLU F 170 -24.48 -24.35 9.31
N ARG F 171 -23.34 -24.59 8.71
CA ARG F 171 -22.06 -24.18 9.34
C ARG F 171 -21.90 -22.65 9.30
N ALA F 172 -21.93 -22.08 8.14
CA ALA F 172 -21.78 -20.59 8.03
C ALA F 172 -22.93 -19.89 8.76
N LYS F 173 -24.10 -20.48 8.75
CA LYS F 173 -25.26 -19.85 9.43
C LYS F 173 -25.22 -20.14 10.94
N ASP F 174 -24.50 -21.17 11.34
CA ASP F 174 -24.42 -21.50 12.78
C ASP F 174 -23.84 -20.32 13.57
N PHE F 175 -22.84 -19.67 13.02
CA PHE F 175 -22.23 -18.51 13.74
C PHE F 175 -23.20 -17.33 13.75
N SER F 176 -23.92 -17.14 12.66
CA SER F 176 -24.90 -16.01 12.60
C SER F 176 -25.79 -16.15 11.37
N LEU F 177 -26.52 -15.13 11.04
CA LEU F 177 -27.42 -15.20 9.84
C LEU F 177 -26.78 -14.45 8.67
N ILE F 178 -26.35 -15.15 7.66
CA ILE F 178 -25.71 -14.49 6.48
C ILE F 178 -25.95 -15.32 5.23
N LEU F 179 -25.98 -14.69 4.07
CA LEU F 179 -26.21 -15.44 2.81
C LEU F 179 -24.88 -15.64 2.08
N ASP F 180 -24.39 -16.85 2.01
CA ASP F 180 -23.10 -17.10 1.32
C ASP F 180 -23.28 -18.10 0.18
N ASP F 181 -22.45 -18.02 -0.83
CA ASP F 181 -22.56 -18.96 -1.98
C ASP F 181 -21.50 -20.06 -1.86
N VAL F 182 -21.81 -21.26 -2.28
CA VAL F 182 -20.81 -22.36 -2.17
C VAL F 182 -20.20 -22.67 -3.55
N ALA F 183 -18.95 -22.32 -3.73
CA ALA F 183 -18.27 -22.59 -5.02
C ALA F 183 -16.76 -22.56 -4.80
N ILE F 184 -16.01 -23.30 -5.58
CA ILE F 184 -14.53 -23.30 -5.37
C ILE F 184 -13.79 -23.78 -6.62
N THR F 185 -12.56 -23.36 -6.77
CA THR F 185 -11.75 -23.81 -7.94
C THR F 185 -10.86 -24.97 -7.46
N GLU F 186 -11.13 -26.17 -7.91
CA GLU F 186 -10.33 -27.34 -7.43
C GLU F 186 -9.61 -28.06 -8.57
N LEU F 187 -8.52 -28.68 -8.25
CA LEU F 187 -7.75 -29.45 -9.26
C LEU F 187 -7.43 -30.83 -8.67
N SER F 188 -7.71 -31.89 -9.38
CA SER F 188 -7.46 -33.24 -8.81
C SER F 188 -6.18 -33.86 -9.37
N PHE F 189 -5.55 -34.72 -8.61
CA PHE F 189 -4.29 -35.37 -9.07
C PHE F 189 -4.58 -36.80 -9.55
N SER F 190 -4.46 -37.04 -10.83
CA SER F 190 -4.72 -38.40 -11.37
C SER F 190 -3.47 -39.27 -11.26
N MET A 1 -8.15 25.79 63.49
CA MET A 1 -8.78 27.11 63.23
C MET A 1 -9.26 27.18 61.77
N ALA A 2 -9.48 28.36 61.27
CA ALA A 2 -9.95 28.50 59.87
C ALA A 2 -9.47 29.83 59.27
N GLN A 3 -8.31 30.27 59.67
CA GLN A 3 -7.77 31.56 59.14
C GLN A 3 -7.33 31.38 57.68
N ASN A 4 -6.85 30.21 57.34
CA ASN A 4 -6.40 29.96 55.94
C ASN A 4 -7.57 30.13 54.97
N LEU A 5 -8.77 29.89 55.42
CA LEU A 5 -9.96 30.04 54.53
C LEU A 5 -10.16 31.51 54.14
N LYS A 6 -9.83 32.41 55.03
CA LYS A 6 -10.00 33.86 54.71
C LYS A 6 -8.87 34.33 53.80
N ASP A 7 -7.70 33.78 53.96
CA ASP A 7 -6.56 34.20 53.09
C ASP A 7 -6.74 33.65 51.67
N LEU A 8 -7.43 32.55 51.54
CA LEU A 8 -7.65 31.97 50.18
C LEU A 8 -8.66 32.81 49.39
N ALA A 9 -9.58 33.44 50.08
CA ALA A 9 -10.59 34.27 49.38
C ALA A 9 -9.98 35.62 48.98
N GLY A 10 -9.06 36.12 49.77
CA GLY A 10 -8.43 37.43 49.42
C GLY A 10 -7.38 37.22 48.33
N ARG A 11 -6.90 36.02 48.17
CA ARG A 11 -5.87 35.75 47.12
C ARG A 11 -6.53 35.66 45.74
N LEU A 12 -7.77 35.27 45.68
CA LEU A 12 -8.46 35.16 44.37
C LEU A 12 -8.48 36.51 43.65
N PRO A 13 -9.02 37.51 44.30
CA PRO A 13 -9.08 38.87 43.70
C PRO A 13 -7.68 39.51 43.67
N ALA A 14 -6.96 39.36 42.59
CA ALA A 14 -5.60 39.97 42.52
C ALA A 14 -5.45 40.76 41.21
N GLY A 15 -5.70 40.13 40.09
CA GLY A 15 -5.58 40.86 38.79
C GLY A 15 -6.61 40.31 37.81
N PRO A 16 -7.18 41.19 37.02
CA PRO A 16 -8.19 40.78 36.02
C PRO A 16 -7.52 40.05 34.84
N ARG A 17 -6.29 40.37 34.57
CA ARG A 17 -5.57 39.70 33.44
C ARG A 17 -5.33 38.23 33.76
N GLY A 18 -5.36 37.86 35.01
CA GLY A 18 -5.13 36.44 35.39
C GLY A 18 -6.21 35.55 34.77
N MET A 19 -7.45 35.93 34.90
CA MET A 19 -8.56 35.12 34.32
C MET A 19 -8.65 35.37 32.81
N GLY A 20 -8.28 36.53 32.36
CA GLY A 20 -8.35 36.83 30.90
C GLY A 20 -7.35 35.96 30.15
N THR A 21 -6.27 35.61 30.79
CA THR A 21 -5.24 34.75 30.11
C THR A 21 -5.63 33.27 30.22
N ALA A 22 -6.38 32.91 31.22
CA ALA A 22 -6.79 31.49 31.39
C ALA A 22 -7.46 30.97 30.11
N LEU A 23 -8.06 31.84 29.35
CA LEU A 23 -8.74 31.40 28.09
C LEU A 23 -7.70 30.86 27.10
N LYS A 24 -6.61 31.56 26.92
CA LYS A 24 -5.56 31.09 25.97
C LYS A 24 -5.14 29.66 26.33
N LEU A 25 -5.21 29.31 27.57
CA LEU A 25 -4.82 27.93 27.99
C LEU A 25 -5.87 26.91 27.54
N LEU A 26 -7.09 27.33 27.41
CA LEU A 26 -8.16 26.38 26.97
C LEU A 26 -8.07 26.13 25.45
N LEU A 27 -7.61 27.09 24.71
CA LEU A 27 -7.50 26.89 23.23
C LEU A 27 -6.29 26.03 22.89
N GLY A 28 -5.29 26.03 23.73
CA GLY A 28 -4.07 25.20 23.46
C GLY A 28 -4.36 23.74 23.81
N ALA A 29 -5.30 23.50 24.70
CA ALA A 29 -5.61 22.11 25.09
C ALA A 29 -6.28 21.37 23.92
N GLY A 30 -7.01 22.07 23.10
CA GLY A 30 -7.69 21.42 21.95
C GLY A 30 -6.68 21.11 20.85
N ALA A 31 -5.63 21.90 20.75
CA ALA A 31 -4.61 21.64 19.70
C ALA A 31 -3.68 20.50 20.12
N VAL A 32 -3.51 20.30 21.40
CA VAL A 32 -2.63 19.21 21.87
C VAL A 32 -3.31 17.85 21.70
N ALA A 33 -4.61 17.83 21.68
CA ALA A 33 -5.33 16.53 21.52
C ALA A 33 -5.10 15.96 20.12
N TYR A 34 -4.88 16.79 19.14
CA TYR A 34 -4.65 16.30 17.76
C TYR A 34 -3.41 15.39 17.72
N GLY A 35 -2.33 15.82 18.29
CA GLY A 35 -1.09 14.98 18.29
C GLY A 35 -1.38 13.64 18.98
N VAL A 36 -2.25 13.65 19.95
CA VAL A 36 -2.58 12.37 20.66
C VAL A 36 -3.58 11.55 19.85
N ARG A 37 -4.42 12.20 19.08
CA ARG A 37 -5.43 11.46 18.27
C ARG A 37 -4.75 10.39 17.40
N GLU A 38 -3.52 10.62 17.00
CA GLU A 38 -2.81 9.62 16.14
C GLU A 38 -2.29 8.43 16.98
N SER A 39 -2.01 8.65 18.25
CA SER A 39 -1.49 7.51 19.11
C SER A 39 -2.36 7.31 20.36
N VAL A 40 -2.12 6.25 21.12
CA VAL A 40 -2.93 6.00 22.36
C VAL A 40 -2.40 4.77 23.12
N PHE A 41 -2.88 4.54 24.33
CA PHE A 41 -2.41 3.33 25.12
C PHE A 41 -3.58 2.39 25.43
N THR A 42 -4.74 2.93 25.75
CA THR A 42 -5.90 2.03 26.06
C THR A 42 -6.21 1.12 24.87
N VAL A 43 -6.03 -0.17 25.03
CA VAL A 43 -6.31 -1.11 23.91
C VAL A 43 -7.73 -0.88 23.36
N GLU A 44 -7.85 -0.38 22.16
CA GLU A 44 -9.19 -0.13 21.57
C GLU A 44 -10.06 -1.39 21.66
N GLY A 45 -9.82 -2.35 20.81
CA GLY A 45 -10.64 -3.60 20.84
C GLY A 45 -10.04 -4.62 19.87
N GLY A 46 -10.24 -5.89 20.14
CA GLY A 46 -9.69 -6.94 19.23
C GLY A 46 -8.17 -7.02 19.38
N HIS A 47 -7.61 -6.37 20.39
CA HIS A 47 -6.14 -6.42 20.58
C HIS A 47 -5.80 -6.47 22.08
N ARG A 48 -4.69 -7.05 22.42
CA ARG A 48 -4.28 -7.18 23.85
C ARG A 48 -3.13 -6.21 24.20
N ALA A 49 -2.96 -5.87 25.47
CA ALA A 49 -1.87 -4.90 25.86
C ALA A 49 -0.63 -5.62 26.42
N ILE A 50 0.52 -4.98 26.28
CA ILE A 50 1.82 -5.57 26.77
C ILE A 50 2.60 -4.46 27.52
N PHE A 51 3.46 -4.80 28.48
CA PHE A 51 4.16 -3.69 29.25
C PHE A 51 5.70 -3.79 29.25
N PHE A 52 6.36 -2.65 29.19
CA PHE A 52 7.86 -2.60 29.22
C PHE A 52 8.33 -1.17 29.59
N ASN A 53 9.50 -1.01 30.16
CA ASN A 53 9.99 0.36 30.53
C ASN A 53 11.40 0.63 29.96
N ARG A 54 11.73 1.88 29.72
CA ARG A 54 13.09 2.22 29.17
C ARG A 54 14.19 1.49 29.95
N ILE A 55 13.97 1.23 31.20
CA ILE A 55 15.00 0.51 32.01
C ILE A 55 14.71 -1.00 32.02
N GLY A 56 14.98 -1.66 30.93
CA GLY A 56 14.72 -3.13 30.87
C GLY A 56 14.64 -3.58 29.40
N GLY A 57 13.47 -3.61 28.84
CA GLY A 57 13.32 -4.03 27.42
C GLY A 57 13.01 -5.52 27.35
N VAL A 58 11.79 -5.90 27.62
CA VAL A 58 11.42 -7.34 27.57
C VAL A 58 9.95 -7.50 27.17
N GLN A 59 9.43 -6.59 26.39
CA GLN A 59 8.00 -6.68 25.95
C GLN A 59 7.78 -5.84 24.69
N GLN A 60 7.22 -6.43 23.66
CA GLN A 60 6.96 -5.66 22.40
C GLN A 60 5.94 -6.40 21.53
N ASP A 61 6.39 -7.34 20.73
CA ASP A 61 5.44 -8.09 19.85
C ASP A 61 4.64 -9.09 20.69
N THR A 62 3.53 -8.69 21.26
CA THR A 62 2.71 -9.63 22.08
C THR A 62 1.31 -9.05 22.37
N ILE A 63 0.44 -9.86 22.91
CA ILE A 63 -0.95 -9.40 23.24
C ILE A 63 -1.69 -10.42 24.14
N LEU A 64 -2.16 -9.97 25.31
CA LEU A 64 -2.92 -10.88 26.25
C LEU A 64 -4.46 -10.68 26.11
N ALA A 65 -5.06 -9.75 26.84
CA ALA A 65 -6.56 -9.53 26.73
C ALA A 65 -6.92 -8.03 26.84
N GLU A 66 -8.20 -7.67 26.73
CA GLU A 66 -8.59 -6.21 26.82
C GLU A 66 -8.86 -5.78 28.27
N GLY A 67 -8.62 -4.54 28.56
CA GLY A 67 -8.86 -4.00 29.94
C GLY A 67 -8.98 -2.48 29.86
N LEU A 68 -9.64 -1.84 30.80
CA LEU A 68 -9.72 -0.36 30.72
C LEU A 68 -8.63 0.22 31.63
N HIS A 69 -7.58 0.73 31.04
CA HIS A 69 -6.45 1.29 31.83
C HIS A 69 -5.58 2.21 30.97
N PHE A 70 -4.93 3.17 31.56
CA PHE A 70 -4.06 4.09 30.77
C PHE A 70 -2.81 3.32 30.30
N ARG A 71 -1.73 4.00 29.98
CA ARG A 71 -0.51 3.27 29.53
C ARG A 71 0.30 2.80 30.75
N ILE A 72 -0.35 2.20 31.73
CA ILE A 72 0.39 1.72 32.93
C ILE A 72 1.11 2.89 33.63
N PRO A 73 1.30 2.78 34.92
CA PRO A 73 1.97 3.86 35.70
C PRO A 73 3.45 4.01 35.29
N TRP A 74 4.23 4.68 36.11
CA TRP A 74 5.68 4.90 35.76
C TRP A 74 6.32 3.62 35.22
N PHE A 75 7.38 3.76 34.45
CA PHE A 75 8.07 2.56 33.87
C PHE A 75 7.12 1.77 32.97
N GLN A 76 6.79 2.29 31.82
CA GLN A 76 5.87 1.58 30.88
C GLN A 76 6.03 2.11 29.46
N TYR A 77 5.73 1.30 28.48
CA TYR A 77 5.88 1.75 27.07
C TYR A 77 4.76 1.16 26.20
N PRO A 78 4.46 1.83 25.12
CA PRO A 78 3.40 1.36 24.23
C PRO A 78 3.98 0.54 23.07
N ILE A 79 3.76 -0.74 23.11
CA ILE A 79 4.24 -1.66 22.04
C ILE A 79 3.38 -2.93 22.13
N ILE A 80 2.51 -3.15 21.17
CA ILE A 80 1.60 -4.34 21.23
C ILE A 80 1.58 -5.10 19.90
N TYR A 81 1.22 -6.36 19.94
CA TYR A 81 1.20 -7.18 18.69
C TYR A 81 -0.22 -7.28 18.11
N ASP A 82 -0.37 -7.04 16.83
CA ASP A 82 -1.73 -7.12 16.21
C ASP A 82 -1.87 -8.44 15.44
N ILE A 83 -3.02 -9.05 15.51
CA ILE A 83 -3.23 -10.34 14.79
C ILE A 83 -3.43 -10.07 13.29
N ARG A 84 -3.03 -11.01 12.46
CA ARG A 84 -3.20 -10.82 10.99
C ARG A 84 -2.90 -12.13 10.25
N ALA A 85 -3.37 -12.27 9.05
CA ALA A 85 -3.11 -13.53 8.28
C ALA A 85 -1.59 -13.75 8.13
N ARG A 86 -1.19 -14.96 7.87
CA ARG A 86 0.27 -15.23 7.71
C ARG A 86 0.50 -16.29 6.63
N PRO A 87 1.06 -15.88 5.52
CA PRO A 87 1.36 -16.80 4.41
C PRO A 87 2.84 -17.19 4.45
N ARG A 88 3.13 -18.43 4.76
CA ARG A 88 4.56 -18.86 4.83
C ARG A 88 4.68 -20.39 4.58
N LYS A 89 5.20 -20.79 3.42
CA LYS A 89 5.32 -22.27 3.09
C LYS A 89 6.37 -22.51 1.96
N ILE A 90 6.98 -23.68 1.90
CA ILE A 90 7.99 -23.96 0.82
C ILE A 90 7.73 -25.28 0.10
N SER A 91 8.16 -25.37 -1.14
CA SER A 91 8.03 -26.63 -1.91
C SER A 91 9.42 -27.16 -2.23
N SER A 92 9.82 -28.25 -1.63
CA SER A 92 11.20 -28.78 -1.90
C SER A 92 11.27 -30.28 -1.63
N PRO A 93 12.07 -30.97 -2.42
CA PRO A 93 12.24 -32.42 -2.26
C PRO A 93 13.53 -32.71 -1.48
N THR A 94 13.53 -33.74 -0.68
CA THR A 94 14.75 -34.07 0.12
C THR A 94 15.16 -35.52 -0.13
N GLY A 95 16.42 -35.82 -0.02
CA GLY A 95 16.89 -37.22 -0.25
C GLY A 95 17.35 -37.84 1.07
N SER A 96 16.84 -39.01 1.39
CA SER A 96 17.25 -39.68 2.66
C SER A 96 16.81 -41.15 2.63
N LYS A 97 15.57 -41.42 2.91
CA LYS A 97 15.09 -42.83 2.88
C LYS A 97 14.66 -43.21 1.46
N ASP A 98 14.26 -44.43 1.24
CA ASP A 98 13.84 -44.86 -0.13
C ASP A 98 14.99 -44.67 -1.11
N LEU A 99 14.89 -45.25 -2.29
CA LEU A 99 15.98 -45.09 -3.29
C LEU A 99 15.67 -43.92 -4.22
N GLN A 100 14.41 -43.60 -4.40
CA GLN A 100 14.04 -42.46 -5.28
C GLN A 100 14.12 -41.14 -4.50
N MET A 101 13.40 -40.14 -4.94
CA MET A 101 13.43 -38.83 -4.22
C MET A 101 12.12 -38.61 -3.47
N VAL A 102 12.20 -38.11 -2.27
CA VAL A 102 10.97 -37.86 -1.46
C VAL A 102 10.79 -36.36 -1.23
N ASN A 103 9.58 -35.90 -1.07
CA ASN A 103 9.35 -34.44 -0.87
C ASN A 103 8.35 -34.21 0.26
N ILE A 104 8.46 -33.10 0.95
CA ILE A 104 7.51 -32.79 2.05
C ILE A 104 7.44 -31.28 2.28
N SER A 105 6.29 -30.70 2.11
CA SER A 105 6.14 -29.22 2.31
C SER A 105 4.93 -28.95 3.21
N LEU A 106 5.16 -28.43 4.39
CA LEU A 106 4.03 -28.15 5.32
C LEU A 106 4.01 -26.67 5.70
N ARG A 107 2.84 -26.14 5.99
CA ARG A 107 2.75 -24.70 6.39
C ARG A 107 2.21 -24.59 7.82
N VAL A 108 2.75 -23.70 8.60
CA VAL A 108 2.27 -23.55 10.00
C VAL A 108 1.44 -22.27 10.16
N LEU A 109 0.48 -22.29 11.04
CA LEU A 109 -0.37 -21.08 11.26
C LEU A 109 -0.12 -20.51 12.66
N SER A 110 -0.29 -19.22 12.82
CA SER A 110 -0.06 -18.60 14.16
C SER A 110 -1.33 -17.91 14.64
N ARG A 111 -1.78 -18.23 15.83
CA ARG A 111 -3.02 -17.58 16.35
C ARG A 111 -2.93 -17.40 17.87
N PRO A 112 -2.82 -16.16 18.30
CA PRO A 112 -2.72 -15.87 19.75
C PRO A 112 -4.12 -15.93 20.38
N ASN A 113 -4.30 -16.77 21.36
CA ASN A 113 -5.64 -16.86 22.02
C ASN A 113 -5.48 -17.26 23.49
N ALA A 114 -5.17 -18.51 23.74
CA ALA A 114 -5.01 -18.96 25.15
C ALA A 114 -3.63 -18.56 25.68
N GLN A 115 -3.26 -19.05 26.84
CA GLN A 115 -1.93 -18.71 27.42
C GLN A 115 -1.75 -17.18 27.49
N GLU A 116 -0.54 -16.72 27.58
CA GLU A 116 -0.30 -15.25 27.65
C GLU A 116 0.92 -14.87 26.80
N LEU A 117 0.81 -13.81 26.04
CA LEU A 117 1.96 -13.39 25.18
C LEU A 117 3.11 -12.81 26.03
N PRO A 118 2.79 -12.04 27.05
CA PRO A 118 3.85 -11.44 27.89
C PRO A 118 4.63 -12.50 28.66
N SER A 119 4.04 -13.64 28.91
CA SER A 119 4.77 -14.71 29.66
C SER A 119 5.73 -15.45 28.72
N MET A 120 5.22 -15.87 27.59
CA MET A 120 6.07 -16.62 26.62
C MET A 120 6.93 -15.67 25.77
N TYR A 121 6.59 -14.41 25.70
CA TYR A 121 7.39 -13.46 24.85
C TYR A 121 8.89 -13.58 25.16
N GLN A 122 9.31 -13.20 26.35
CA GLN A 122 10.77 -13.28 26.68
C GLN A 122 11.27 -14.71 26.46
N ARG A 123 10.40 -15.67 26.64
CA ARG A 123 10.81 -17.10 26.43
C ARG A 123 10.79 -17.41 24.93
N LEU A 124 10.06 -16.64 24.16
CA LEU A 124 9.98 -16.87 22.69
C LEU A 124 11.29 -16.44 22.02
N GLY A 125 11.76 -15.26 22.34
CA GLY A 125 13.02 -14.77 21.72
C GLY A 125 12.72 -13.54 20.86
N LEU A 126 12.09 -12.55 21.44
CA LEU A 126 11.76 -11.32 20.66
C LEU A 126 11.04 -11.68 19.37
N ASP A 127 9.96 -12.43 19.47
CA ASP A 127 9.20 -12.83 18.25
C ASP A 127 10.13 -13.51 17.24
N TYR A 128 10.71 -12.77 16.33
CA TYR A 128 11.63 -13.39 15.32
C TYR A 128 10.96 -14.58 14.63
N GLU A 129 9.66 -14.54 14.47
CA GLU A 129 8.95 -15.67 13.81
C GLU A 129 9.58 -15.97 12.44
N GLU A 130 10.22 -15.00 11.85
CA GLU A 130 10.87 -15.22 10.51
C GLU A 130 11.77 -16.46 10.55
N ARG A 131 12.75 -16.48 11.42
CA ARG A 131 13.66 -17.65 11.50
C ARG A 131 13.03 -18.79 12.32
N VAL A 132 12.15 -18.46 13.23
CA VAL A 132 11.52 -19.53 14.07
C VAL A 132 10.49 -20.32 13.26
N LEU A 133 9.83 -19.68 12.33
CA LEU A 133 8.80 -20.40 11.52
C LEU A 133 9.42 -21.59 10.78
N PRO A 134 10.43 -21.32 9.97
CA PRO A 134 11.09 -22.40 9.20
C PRO A 134 11.98 -23.25 10.12
N SER A 135 12.59 -22.65 11.10
CA SER A 135 13.48 -23.44 12.01
C SER A 135 12.72 -24.62 12.62
N ILE A 136 11.64 -24.35 13.31
CA ILE A 136 10.86 -25.46 13.94
C ILE A 136 10.23 -26.36 12.86
N VAL A 137 9.80 -25.78 11.76
CA VAL A 137 9.16 -26.60 10.69
C VAL A 137 10.23 -27.29 9.85
N ASN A 138 11.02 -26.53 9.13
CA ASN A 138 12.08 -27.13 8.26
C ASN A 138 12.89 -28.19 9.02
N GLU A 139 13.24 -27.91 10.26
CA GLU A 139 14.04 -28.90 11.03
C GLU A 139 13.33 -30.25 11.10
N VAL A 140 12.21 -30.31 11.77
CA VAL A 140 11.48 -31.60 11.87
C VAL A 140 10.92 -32.03 10.51
N LEU A 141 10.42 -31.09 9.74
CA LEU A 141 9.85 -31.42 8.40
C LEU A 141 10.87 -32.20 7.56
N LYS A 142 11.95 -31.57 7.19
CA LYS A 142 12.98 -32.27 6.36
C LYS A 142 13.64 -33.40 7.16
N SER A 143 13.54 -33.36 8.47
CA SER A 143 14.15 -34.44 9.30
C SER A 143 13.36 -35.74 9.18
N VAL A 144 12.07 -35.68 9.39
CA VAL A 144 11.24 -36.92 9.29
C VAL A 144 11.37 -37.55 7.90
N VAL A 145 11.81 -36.79 6.93
CA VAL A 145 11.97 -37.35 5.55
C VAL A 145 12.85 -38.60 5.59
N ALA A 146 13.89 -38.59 6.39
CA ALA A 146 14.79 -39.77 6.47
C ALA A 146 14.08 -40.92 7.20
N LYS A 147 13.12 -40.61 8.03
CA LYS A 147 12.40 -41.68 8.77
C LYS A 147 11.32 -42.32 7.87
N PHE A 148 10.47 -41.52 7.29
CA PHE A 148 9.41 -42.08 6.41
C PHE A 148 10.00 -42.51 5.06
N ASN A 149 9.16 -42.87 4.12
CA ASN A 149 9.67 -43.30 2.78
C ASN A 149 9.00 -42.48 1.68
N ALA A 150 9.51 -42.54 0.48
CA ALA A 150 8.92 -41.76 -0.64
C ALA A 150 7.68 -42.47 -1.19
N SER A 151 7.80 -43.74 -1.48
CA SER A 151 6.63 -44.50 -2.03
C SER A 151 5.42 -44.36 -1.10
N GLN A 152 5.65 -44.36 0.19
CA GLN A 152 4.50 -44.22 1.14
C GLN A 152 3.93 -42.80 1.10
N LEU A 153 4.72 -41.84 0.70
CA LEU A 153 4.22 -40.44 0.63
C LEU A 153 3.38 -40.23 -0.63
N ILE A 154 3.68 -40.94 -1.68
CA ILE A 154 2.90 -40.77 -2.94
C ILE A 154 1.44 -41.18 -2.71
N THR A 155 1.21 -42.15 -1.87
CA THR A 155 -0.19 -42.58 -1.59
C THR A 155 -0.99 -41.42 -1.00
N GLN A 156 -0.37 -40.62 -0.17
CA GLN A 156 -1.08 -39.45 0.43
C GLN A 156 -0.09 -38.56 1.19
N ARG A 157 0.31 -37.47 0.60
CA ARG A 157 1.28 -36.55 1.28
C ARG A 157 0.74 -36.12 2.65
N ALA A 158 -0.56 -36.20 2.85
CA ALA A 158 -1.14 -35.81 4.16
C ALA A 158 -0.97 -36.92 5.20
N GLN A 159 -0.81 -38.14 4.76
CA GLN A 159 -0.64 -39.27 5.73
C GLN A 159 0.48 -38.96 6.73
N VAL A 160 1.48 -38.26 6.30
CA VAL A 160 2.61 -37.91 7.22
C VAL A 160 2.23 -36.73 8.12
N SER A 161 1.24 -35.95 7.73
CA SER A 161 0.83 -34.78 8.56
C SER A 161 0.51 -35.21 10.00
N LEU A 162 0.15 -36.45 10.19
CA LEU A 162 -0.17 -36.91 11.57
C LEU A 162 1.11 -37.17 12.37
N LEU A 163 2.12 -37.69 11.73
CA LEU A 163 3.40 -37.97 12.44
C LEU A 163 4.23 -36.69 12.57
N ILE A 164 4.49 -36.02 11.48
CA ILE A 164 5.30 -34.76 11.53
C ILE A 164 4.65 -33.73 12.47
N ARG A 165 3.35 -33.78 12.61
CA ARG A 165 2.68 -32.80 13.51
C ARG A 165 2.89 -33.21 14.98
N ARG A 166 3.14 -34.47 15.23
CA ARG A 166 3.35 -34.93 16.63
C ARG A 166 4.54 -34.18 17.25
N GLU A 167 5.66 -34.18 16.58
CA GLU A 167 6.86 -33.48 17.12
C GLU A 167 6.75 -31.97 16.86
N LEU A 168 6.14 -31.60 15.77
CA LEU A 168 6.00 -30.14 15.46
C LEU A 168 5.13 -29.46 16.51
N THR A 169 3.93 -29.95 16.71
CA THR A 169 3.03 -29.33 17.73
C THR A 169 3.72 -29.27 19.09
N GLU A 170 4.48 -30.28 19.41
CA GLU A 170 5.19 -30.28 20.73
C GLU A 170 6.17 -29.12 20.81
N ARG A 171 6.93 -28.90 19.77
CA ARG A 171 7.92 -27.78 19.78
C ARG A 171 7.21 -26.45 19.48
N ALA A 172 6.12 -26.49 18.77
CA ALA A 172 5.38 -25.24 18.44
C ALA A 172 4.99 -24.51 19.72
N LYS A 173 4.75 -25.22 20.79
CA LYS A 173 4.36 -24.58 22.07
C LYS A 173 5.53 -23.78 22.64
N ASP A 174 6.74 -24.10 22.23
CA ASP A 174 7.93 -23.37 22.76
C ASP A 174 7.74 -21.85 22.61
N PHE A 175 7.52 -21.39 21.41
CA PHE A 175 7.33 -19.92 21.19
C PHE A 175 5.91 -19.52 21.60
N SER A 176 5.73 -18.28 21.97
CA SER A 176 4.37 -17.82 22.40
C SER A 176 3.40 -17.83 21.20
N LEU A 177 3.02 -19.00 20.75
CA LEU A 177 2.08 -19.09 19.60
C LEU A 177 1.17 -20.30 19.75
N ILE A 178 -0.11 -20.09 19.78
CA ILE A 178 -1.07 -21.22 19.92
C ILE A 178 -1.70 -21.55 18.57
N LEU A 179 -1.41 -22.70 18.03
CA LEU A 179 -1.99 -23.07 16.70
C LEU A 179 -1.99 -24.58 16.51
N ASP A 180 -3.15 -25.18 16.41
CA ASP A 180 -3.21 -26.66 16.21
C ASP A 180 -3.89 -26.97 14.87
N ASP A 181 -3.14 -27.45 13.92
CA ASP A 181 -3.72 -27.78 12.58
C ASP A 181 -2.82 -28.78 11.85
N VAL A 182 -3.35 -29.92 11.49
CA VAL A 182 -2.51 -30.93 10.76
C VAL A 182 -2.82 -30.93 9.27
N ALA A 183 -1.91 -30.46 8.46
CA ALA A 183 -2.16 -30.44 6.99
C ALA A 183 -0.84 -30.29 6.23
N ILE A 184 -0.78 -30.78 5.02
CA ILE A 184 0.48 -30.65 4.23
C ILE A 184 0.17 -30.53 2.74
N THR A 185 0.46 -29.39 2.15
CA THR A 185 0.24 -29.24 0.68
C THR A 185 1.60 -29.42 0.03
N GLU A 186 1.82 -30.52 -0.65
CA GLU A 186 3.16 -30.76 -1.25
C GLU A 186 3.13 -31.76 -2.39
N LEU A 187 4.06 -31.60 -3.30
CA LEU A 187 4.17 -32.56 -4.45
C LEU A 187 5.55 -33.21 -4.35
N SER A 188 5.70 -34.41 -4.83
CA SER A 188 7.04 -35.08 -4.70
C SER A 188 7.59 -35.50 -6.06
N PHE A 189 8.90 -35.58 -6.16
CA PHE A 189 9.55 -35.98 -7.44
C PHE A 189 9.97 -37.45 -7.40
N SER A 190 9.67 -38.19 -8.43
CA SER A 190 10.06 -39.64 -8.45
C SER A 190 10.06 -40.17 -9.89
N MET B 1 22.50 36.58 53.57
CA MET B 1 22.10 38.00 53.31
C MET B 1 23.19 38.72 52.51
N ALA B 2 22.98 38.88 51.23
CA ALA B 2 24.00 39.56 50.38
C ALA B 2 23.32 40.58 49.46
N GLN B 3 24.07 41.48 48.91
CA GLN B 3 23.47 42.51 48.01
C GLN B 3 23.27 41.93 46.60
N ASN B 4 24.08 40.97 46.23
CA ASN B 4 23.93 40.35 44.87
C ASN B 4 22.58 39.64 44.76
N LEU B 5 22.06 39.18 45.86
CA LEU B 5 20.73 38.48 45.81
C LEU B 5 19.59 39.50 45.77
N LYS B 6 19.76 40.61 46.45
CA LYS B 6 18.69 41.65 46.46
C LYS B 6 18.51 42.25 45.06
N ASP B 7 19.60 42.47 44.36
CA ASP B 7 19.50 43.05 43.00
C ASP B 7 18.86 42.04 42.04
N LEU B 8 19.11 40.77 42.25
CA LEU B 8 18.51 39.74 41.35
C LEU B 8 16.99 39.76 41.46
N ALA B 9 16.47 40.02 42.63
CA ALA B 9 14.98 40.06 42.79
C ALA B 9 14.42 41.36 42.22
N GLY B 10 15.21 42.40 42.20
CA GLY B 10 14.73 43.70 41.64
C GLY B 10 14.43 43.55 40.15
N ARG B 11 14.99 42.55 39.51
CA ARG B 11 14.74 42.35 38.06
C ARG B 11 13.36 41.69 37.83
N LEU B 12 12.86 40.99 38.81
CA LEU B 12 11.54 40.32 38.66
C LEU B 12 10.44 41.37 38.37
N PRO B 13 10.31 42.34 39.25
CA PRO B 13 9.30 43.39 39.06
C PRO B 13 9.72 44.35 37.94
N ALA B 14 9.72 43.88 36.73
CA ALA B 14 10.12 44.75 35.58
C ALA B 14 9.54 44.20 34.27
N GLY B 15 8.26 43.96 34.23
CA GLY B 15 7.63 43.42 32.99
C GLY B 15 6.62 42.33 33.37
N PRO B 16 5.38 42.73 33.55
CA PRO B 16 4.32 41.77 33.92
C PRO B 16 3.98 40.87 32.73
N ARG B 17 4.12 41.37 31.52
CA ARG B 17 3.80 40.55 30.32
C ARG B 17 4.65 39.28 30.31
N GLY B 18 5.78 39.31 30.95
CA GLY B 18 6.67 38.09 30.98
C GLY B 18 5.89 36.90 31.56
N MET B 19 5.18 37.12 32.63
CA MET B 19 4.41 36.00 33.25
C MET B 19 3.19 35.67 32.38
N GLY B 20 2.60 36.66 31.76
CA GLY B 20 1.41 36.40 30.91
C GLY B 20 1.85 35.73 29.61
N THR B 21 2.77 36.34 28.90
CA THR B 21 3.26 35.75 27.62
C THR B 21 3.88 34.36 27.89
N ALA B 22 4.36 34.14 29.08
CA ALA B 22 4.98 32.82 29.39
C ALA B 22 4.00 31.68 29.06
N LEU B 23 2.73 31.91 29.28
CA LEU B 23 1.72 30.86 28.97
C LEU B 23 1.74 30.52 27.48
N LYS B 24 1.83 31.53 26.65
CA LYS B 24 1.86 31.29 25.17
C LYS B 24 2.92 30.24 24.83
N LEU B 25 3.97 30.18 25.62
CA LEU B 25 5.05 29.19 25.36
C LEU B 25 4.60 27.79 25.80
N LEU B 26 3.97 27.69 26.94
CA LEU B 26 3.51 26.36 27.43
C LEU B 26 2.50 25.76 26.44
N LEU B 27 1.71 26.58 25.83
CA LEU B 27 0.70 26.06 24.85
C LEU B 27 1.39 25.73 23.52
N GLY B 28 2.29 26.56 23.08
CA GLY B 28 2.99 26.31 21.79
C GLY B 28 3.90 25.08 21.94
N ALA B 29 4.40 24.84 23.12
CA ALA B 29 5.28 23.65 23.32
C ALA B 29 4.51 22.37 23.03
N GLY B 30 3.23 22.36 23.30
CA GLY B 30 2.42 21.13 23.03
C GLY B 30 2.33 20.91 21.52
N ALA B 31 2.28 21.96 20.75
CA ALA B 31 2.18 21.81 19.28
C ALA B 31 3.50 21.26 18.72
N VAL B 32 4.61 21.73 19.24
CA VAL B 32 5.93 21.23 18.74
C VAL B 32 6.05 19.73 19.01
N ALA B 33 5.49 19.26 20.08
CA ALA B 33 5.57 17.80 20.40
C ALA B 33 4.91 16.98 19.30
N TYR B 34 3.93 17.54 18.64
CA TYR B 34 3.24 16.81 17.54
C TYR B 34 4.22 16.49 16.41
N GLY B 35 4.95 17.47 15.97
CA GLY B 35 5.94 17.23 14.87
C GLY B 35 6.92 16.14 15.29
N VAL B 36 7.23 16.07 16.56
CA VAL B 36 8.18 15.04 17.04
C VAL B 36 7.47 13.69 17.17
N ARG B 37 6.20 13.71 17.45
CA ARG B 37 5.44 12.43 17.60
C ARG B 37 5.61 11.56 16.34
N GLU B 38 5.79 12.17 15.20
CA GLU B 38 5.96 11.39 13.95
C GLU B 38 7.37 10.78 13.87
N SER B 39 8.36 11.41 14.49
CA SER B 39 9.75 10.84 14.45
C SER B 39 10.54 11.19 15.72
N VAL B 40 11.42 10.31 16.17
CA VAL B 40 12.21 10.59 17.41
C VAL B 40 13.57 9.85 17.38
N PHE B 41 14.27 9.82 18.50
CA PHE B 41 15.60 9.12 18.54
C PHE B 41 15.80 8.43 19.90
N THR B 42 14.85 7.63 20.35
CA THR B 42 15.02 6.94 21.67
C THR B 42 14.90 5.42 21.51
N VAL B 43 15.38 4.87 20.42
CA VAL B 43 15.30 3.38 20.20
C VAL B 43 13.95 2.83 20.70
N GLU B 44 13.05 2.53 19.80
CA GLU B 44 11.71 2.01 20.23
C GLU B 44 11.42 0.61 19.67
N GLY B 45 11.43 -0.40 20.52
CA GLY B 45 11.13 -1.79 20.04
C GLY B 45 12.24 -2.75 20.47
N GLY B 46 12.60 -3.67 19.61
CA GLY B 46 13.69 -4.64 19.94
C GLY B 46 14.74 -4.56 18.85
N HIS B 47 15.65 -3.63 18.97
CA HIS B 47 16.70 -3.45 17.93
C HIS B 47 17.90 -2.69 18.51
N ARG B 48 19.04 -2.83 17.89
CA ARG B 48 20.28 -2.16 18.40
C ARG B 48 20.51 -0.84 17.64
N ALA B 49 21.15 0.13 18.25
CA ALA B 49 21.33 1.46 17.56
C ALA B 49 22.72 1.64 16.90
N ILE B 50 22.75 2.54 15.93
CA ILE B 50 23.99 2.81 15.13
C ILE B 50 24.36 4.31 15.21
N PHE B 51 25.63 4.66 15.06
CA PHE B 51 26.03 6.11 15.17
C PHE B 51 26.81 6.63 13.94
N PHE B 52 26.54 7.86 13.53
CA PHE B 52 27.26 8.46 12.36
C PHE B 52 27.10 10.00 12.39
N ASN B 53 28.03 10.74 11.81
CA ASN B 53 27.93 12.26 11.83
C ASN B 53 28.00 12.87 10.42
N ARG B 54 27.41 14.04 10.24
CA ARG B 54 27.42 14.72 8.88
C ARG B 54 28.82 14.65 8.24
N ILE B 55 29.86 14.64 9.03
CA ILE B 55 31.24 14.58 8.46
C ILE B 55 31.58 13.14 8.09
N GLY B 56 30.94 12.62 7.07
CA GLY B 56 31.23 11.22 6.64
C GLY B 56 30.05 10.69 5.82
N GLY B 57 28.84 10.87 6.30
CA GLY B 57 27.65 10.38 5.56
C GLY B 57 27.77 8.87 5.35
N VAL B 58 27.65 8.11 6.40
CA VAL B 58 27.76 6.62 6.27
C VAL B 58 26.92 5.92 7.33
N GLN B 59 25.80 5.38 6.95
CA GLN B 59 24.94 4.67 7.94
C GLN B 59 23.75 4.00 7.24
N GLN B 60 23.73 2.69 7.21
CA GLN B 60 22.60 1.97 6.54
C GLN B 60 22.65 0.48 6.88
N ASP B 61 21.54 -0.20 6.77
CA ASP B 61 21.52 -1.67 7.09
C ASP B 61 21.93 -1.89 8.55
N THR B 62 21.62 -0.98 9.42
CA THR B 62 21.98 -1.12 10.86
C THR B 62 20.76 -0.74 11.74
N ILE B 63 20.09 -1.72 12.30
CA ILE B 63 18.80 -1.50 13.10
C ILE B 63 18.92 -0.59 14.35
N LEU B 64 17.80 -0.47 15.11
CA LEU B 64 17.76 0.38 16.35
C LEU B 64 16.35 0.49 16.97
N ALA B 65 16.17 0.04 18.22
CA ALA B 65 14.82 0.20 18.92
C ALA B 65 14.74 -0.57 20.26
N GLU B 66 14.71 0.14 21.38
CA GLU B 66 14.59 -0.53 22.73
C GLU B 66 14.72 0.48 23.89
N GLY B 67 15.88 1.06 24.07
CA GLY B 67 16.12 2.04 25.20
C GLY B 67 16.07 3.48 24.67
N LEU B 68 15.85 4.47 25.51
CA LEU B 68 15.81 5.88 24.97
C LEU B 68 17.17 6.55 25.12
N HIS B 69 17.91 6.63 24.04
CA HIS B 69 19.25 7.28 24.05
C HIS B 69 19.74 7.50 22.61
N PHE B 70 19.79 8.73 22.11
CA PHE B 70 20.32 8.95 20.71
C PHE B 70 19.98 10.34 20.17
N ARG B 71 20.50 10.66 19.01
CA ARG B 71 20.26 11.99 18.36
C ARG B 71 20.07 13.10 19.40
N ILE B 72 21.14 13.51 20.02
CA ILE B 72 21.05 14.61 21.03
C ILE B 72 22.28 15.53 20.93
N PRO B 73 23.46 14.99 21.20
CA PRO B 73 24.69 15.81 21.09
C PRO B 73 25.01 16.09 19.63
N TRP B 74 26.23 16.48 19.34
CA TRP B 74 26.60 16.77 17.92
C TRP B 74 27.27 15.54 17.29
N PHE B 75 27.56 15.60 16.01
CA PHE B 75 28.21 14.45 15.33
C PHE B 75 27.38 13.17 15.52
N GLN B 76 26.08 13.31 15.61
CA GLN B 76 25.20 12.11 15.79
C GLN B 76 24.04 12.16 14.79
N TYR B 77 23.52 11.02 14.41
CA TYR B 77 22.40 11.01 13.41
C TYR B 77 21.52 9.78 13.58
N PRO B 78 20.28 9.91 13.17
CA PRO B 78 19.34 8.79 13.27
C PRO B 78 19.20 8.05 11.93
N ILE B 79 19.74 6.88 11.85
CA ILE B 79 19.63 6.03 10.62
C ILE B 79 19.72 4.58 11.08
N ILE B 80 18.63 3.85 11.05
CA ILE B 80 18.66 2.44 11.54
C ILE B 80 17.88 1.51 10.61
N TYR B 81 18.22 0.25 10.63
CA TYR B 81 17.55 -0.76 9.75
C TYR B 81 16.50 -1.53 10.53
N ASP B 82 15.48 -2.03 9.87
CA ASP B 82 14.42 -2.79 10.61
C ASP B 82 14.36 -4.23 10.11
N ILE B 83 14.12 -5.17 10.99
CA ILE B 83 14.06 -6.60 10.58
C ILE B 83 13.01 -6.82 9.48
N ARG B 84 13.16 -7.85 8.70
CA ARG B 84 12.18 -8.13 7.61
C ARG B 84 12.53 -9.45 6.91
N ALA B 85 11.55 -10.23 6.57
CA ALA B 85 11.83 -11.53 5.88
C ALA B 85 12.63 -11.27 4.60
N ARG B 86 13.40 -12.23 4.16
CA ARG B 86 14.20 -12.01 2.93
C ARG B 86 13.91 -13.09 1.88
N PRO B 87 13.22 -12.71 0.84
CA PRO B 87 12.90 -13.64 -0.25
C PRO B 87 13.85 -13.40 -1.42
N ARG B 88 14.76 -14.31 -1.67
CA ARG B 88 15.70 -14.11 -2.81
C ARG B 88 16.33 -15.47 -3.23
N LYS B 89 15.92 -16.02 -4.36
CA LYS B 89 16.48 -17.36 -4.81
C LYS B 89 16.25 -17.62 -6.32
N ILE B 90 17.10 -18.41 -6.96
CA ILE B 90 16.91 -18.75 -8.42
C ILE B 90 17.56 -20.09 -8.77
N SER B 91 17.05 -20.75 -9.77
CA SER B 91 17.64 -22.02 -10.23
C SER B 91 18.45 -21.75 -11.51
N SER B 92 19.76 -21.83 -11.44
CA SER B 92 20.58 -21.53 -12.64
C SER B 92 21.11 -22.83 -13.28
N PRO B 93 21.16 -22.84 -14.60
CA PRO B 93 21.66 -24.01 -15.34
C PRO B 93 23.12 -23.80 -15.76
N THR B 94 23.91 -24.84 -15.76
CA THR B 94 25.33 -24.70 -16.16
C THR B 94 25.87 -26.05 -16.67
N GLY B 95 26.61 -26.03 -17.74
CA GLY B 95 27.15 -27.30 -18.29
C GLY B 95 28.67 -27.17 -18.46
N SER B 96 29.42 -28.09 -17.93
CA SER B 96 30.91 -28.02 -18.06
C SER B 96 31.55 -29.35 -17.65
N LYS B 97 31.06 -29.93 -16.58
CA LYS B 97 31.65 -31.23 -16.11
C LYS B 97 31.06 -32.40 -16.90
N ASP B 98 29.76 -32.46 -17.03
CA ASP B 98 29.13 -33.57 -17.79
C ASP B 98 28.99 -33.22 -19.27
N LEU B 99 29.53 -32.10 -19.69
CA LEU B 99 29.42 -31.70 -21.12
C LEU B 99 27.95 -31.67 -21.57
N GLN B 100 27.04 -31.52 -20.64
CA GLN B 100 25.59 -31.47 -21.01
C GLN B 100 24.92 -30.30 -20.30
N MET B 101 23.62 -30.35 -20.15
CA MET B 101 22.90 -29.24 -19.47
C MET B 101 22.44 -29.68 -18.08
N VAL B 102 22.76 -28.91 -17.07
CA VAL B 102 22.34 -29.27 -15.68
C VAL B 102 21.74 -28.05 -14.98
N ASN B 103 20.63 -28.21 -14.32
CA ASN B 103 20.01 -27.05 -13.62
C ASN B 103 20.29 -27.12 -12.12
N ILE B 104 21.02 -26.16 -11.61
CA ILE B 104 21.33 -26.16 -10.15
C ILE B 104 20.88 -24.83 -9.52
N SER B 105 20.54 -24.84 -8.26
CA SER B 105 20.08 -23.58 -7.61
C SER B 105 20.97 -23.24 -6.40
N LEU B 106 21.10 -21.97 -6.09
CA LEU B 106 21.93 -21.57 -4.91
C LEU B 106 21.48 -20.20 -4.40
N ARG B 107 21.63 -19.95 -3.13
CA ARG B 107 21.20 -18.63 -2.57
C ARG B 107 22.00 -18.28 -1.32
N VAL B 108 22.18 -17.02 -1.04
CA VAL B 108 22.96 -16.61 0.17
C VAL B 108 22.03 -15.91 1.17
N LEU B 109 22.32 -16.00 2.43
CA LEU B 109 21.46 -15.34 3.46
C LEU B 109 22.32 -14.55 4.45
N SER B 110 21.92 -13.34 4.77
CA SER B 110 22.71 -12.52 5.73
C SER B 110 21.78 -11.92 6.79
N ARG B 111 21.90 -12.35 8.02
CA ARG B 111 21.03 -11.80 9.09
C ARG B 111 21.85 -11.53 10.35
N PRO B 112 21.47 -10.51 11.08
CA PRO B 112 22.20 -10.16 12.33
C PRO B 112 21.87 -11.17 13.44
N ASN B 113 22.81 -11.41 14.31
CA ASN B 113 22.56 -12.38 15.42
C ASN B 113 23.51 -12.10 16.59
N ALA B 114 24.79 -12.30 16.39
CA ALA B 114 25.76 -12.06 17.49
C ALA B 114 26.62 -10.84 17.16
N GLN B 115 26.98 -10.67 15.91
CA GLN B 115 27.82 -9.49 15.53
C GLN B 115 27.02 -8.20 15.70
N GLU B 116 27.50 -7.11 15.15
CA GLU B 116 26.77 -5.82 15.30
C GLU B 116 26.56 -5.19 13.92
N LEU B 117 25.52 -4.40 13.77
CA LEU B 117 25.25 -3.75 12.44
C LEU B 117 26.27 -2.62 12.16
N PRO B 118 26.74 -1.92 13.17
CA PRO B 118 27.71 -0.83 12.93
C PRO B 118 29.04 -1.38 12.40
N SER B 119 29.73 -2.19 13.16
CA SER B 119 31.04 -2.74 12.67
C SER B 119 30.84 -3.34 11.28
N MET B 120 29.72 -3.98 11.06
CA MET B 120 29.45 -4.59 9.72
C MET B 120 28.91 -3.55 8.74
N TYR B 121 28.41 -2.44 9.23
CA TYR B 121 27.86 -1.39 8.31
C TYR B 121 28.91 -1.02 7.25
N GLN B 122 30.08 -0.62 7.65
CA GLN B 122 31.12 -0.24 6.67
C GLN B 122 31.81 -1.50 6.11
N ARG B 123 31.98 -2.50 6.94
CA ARG B 123 32.64 -3.76 6.45
C ARG B 123 31.75 -4.43 5.40
N LEU B 124 30.47 -4.45 5.62
CA LEU B 124 29.54 -5.08 4.63
C LEU B 124 29.60 -4.31 3.30
N GLY B 125 30.04 -3.08 3.33
CA GLY B 125 30.12 -2.29 2.07
C GLY B 125 29.32 -1.00 2.23
N LEU B 126 28.11 -0.97 1.72
CA LEU B 126 27.28 0.26 1.85
C LEU B 126 25.82 -0.06 1.45
N ASP B 127 25.16 -0.89 2.21
CA ASP B 127 23.75 -1.25 1.88
C ASP B 127 23.65 -1.74 0.42
N TYR B 128 22.48 -1.63 -0.17
CA TYR B 128 22.32 -2.08 -1.58
C TYR B 128 22.84 -3.51 -1.76
N GLU B 129 22.40 -4.43 -0.93
CA GLU B 129 22.87 -5.84 -1.05
C GLU B 129 22.61 -6.37 -2.47
N GLU B 130 21.71 -5.75 -3.19
CA GLU B 130 21.40 -6.22 -4.57
C GLU B 130 22.69 -6.34 -5.41
N ARG B 131 23.75 -5.70 -5.00
CA ARG B 131 25.02 -5.77 -5.78
C ARG B 131 25.77 -7.07 -5.44
N VAL B 132 26.13 -7.26 -4.19
CA VAL B 132 26.88 -8.49 -3.81
C VAL B 132 25.93 -9.69 -3.65
N LEU B 133 24.67 -9.45 -3.43
CA LEU B 133 23.72 -10.59 -3.26
C LEU B 133 23.77 -11.54 -4.48
N PRO B 134 23.54 -11.00 -5.65
CA PRO B 134 23.58 -11.83 -6.88
C PRO B 134 25.01 -12.20 -7.24
N SER B 135 25.91 -11.26 -7.16
CA SER B 135 27.34 -11.54 -7.51
C SER B 135 27.86 -12.76 -6.74
N ILE B 136 27.49 -12.91 -5.51
CA ILE B 136 27.98 -14.06 -4.71
C ILE B 136 27.20 -15.34 -5.06
N VAL B 137 25.91 -15.34 -4.83
CA VAL B 137 25.09 -16.55 -5.13
C VAL B 137 25.30 -17.01 -6.59
N ASN B 138 25.43 -16.08 -7.50
CA ASN B 138 25.63 -16.48 -8.93
C ASN B 138 27.08 -16.89 -9.19
N GLU B 139 28.00 -16.49 -8.35
CA GLU B 139 29.42 -16.86 -8.56
C GLU B 139 29.69 -18.29 -8.06
N VAL B 140 29.54 -18.51 -6.77
CA VAL B 140 29.80 -19.88 -6.21
C VAL B 140 28.98 -20.93 -6.98
N LEU B 141 27.91 -20.53 -7.60
CA LEU B 141 27.07 -21.51 -8.35
C LEU B 141 27.79 -21.93 -9.65
N LYS B 142 28.51 -21.03 -10.27
CA LYS B 142 29.23 -21.37 -11.53
C LYS B 142 30.54 -22.11 -11.21
N SER B 143 31.14 -21.81 -10.10
CA SER B 143 32.43 -22.48 -9.74
C SER B 143 32.17 -23.87 -9.15
N VAL B 144 31.07 -24.05 -8.48
CA VAL B 144 30.77 -25.38 -7.87
C VAL B 144 30.32 -26.39 -8.93
N VAL B 145 29.53 -25.95 -9.88
CA VAL B 145 29.05 -26.88 -10.94
C VAL B 145 30.22 -27.36 -11.81
N ALA B 146 31.26 -26.58 -11.90
CA ALA B 146 32.43 -26.98 -12.73
C ALA B 146 33.02 -28.29 -12.23
N LYS B 147 33.23 -28.41 -10.94
CA LYS B 147 33.80 -29.66 -10.38
C LYS B 147 32.72 -30.73 -10.24
N PHE B 148 31.58 -30.37 -9.69
CA PHE B 148 30.49 -31.37 -9.52
C PHE B 148 29.98 -31.85 -10.89
N ASN B 149 29.27 -32.94 -10.90
CA ASN B 149 28.74 -33.48 -12.19
C ASN B 149 27.23 -33.68 -12.12
N ALA B 150 26.59 -33.90 -13.24
CA ALA B 150 25.11 -34.12 -13.23
C ALA B 150 24.76 -35.44 -12.55
N SER B 151 25.50 -36.48 -12.83
CA SER B 151 25.21 -37.81 -12.19
C SER B 151 25.24 -37.66 -10.67
N GLN B 152 26.13 -36.86 -10.15
CA GLN B 152 26.21 -36.69 -8.67
C GLN B 152 25.13 -35.70 -8.21
N LEU B 153 24.72 -34.81 -9.06
CA LEU B 153 23.67 -33.83 -8.67
C LEU B 153 22.31 -34.52 -8.59
N ILE B 154 22.02 -35.38 -9.53
CA ILE B 154 20.71 -36.11 -9.50
C ILE B 154 20.65 -37.06 -8.30
N THR B 155 21.78 -37.51 -7.84
CA THR B 155 21.81 -38.44 -6.67
C THR B 155 21.15 -37.78 -5.45
N GLN B 156 21.39 -36.52 -5.25
CA GLN B 156 20.78 -35.81 -4.08
C GLN B 156 20.98 -34.30 -4.21
N ARG B 157 19.94 -33.58 -4.53
CA ARG B 157 20.05 -32.10 -4.67
C ARG B 157 20.54 -31.48 -3.35
N ALA B 158 20.32 -32.16 -2.25
CA ALA B 158 20.77 -31.62 -0.93
C ALA B 158 22.26 -31.88 -0.72
N GLN B 159 22.78 -32.93 -1.30
CA GLN B 159 24.23 -33.24 -1.14
C GLN B 159 25.08 -32.06 -1.65
N VAL B 160 24.76 -31.54 -2.81
CA VAL B 160 25.54 -30.40 -3.35
C VAL B 160 25.46 -29.21 -2.39
N SER B 161 24.34 -29.01 -1.77
CA SER B 161 24.19 -27.86 -0.82
C SER B 161 25.23 -27.97 0.30
N LEU B 162 25.52 -29.17 0.73
CA LEU B 162 26.53 -29.35 1.83
C LEU B 162 27.93 -29.07 1.29
N LEU B 163 28.26 -29.61 0.14
CA LEU B 163 29.62 -29.38 -0.43
C LEU B 163 29.82 -27.89 -0.72
N ILE B 164 28.85 -27.26 -1.32
CA ILE B 164 28.99 -25.80 -1.64
C ILE B 164 28.76 -24.97 -0.38
N ARG B 165 28.08 -25.51 0.60
CA ARG B 165 27.82 -24.73 1.85
C ARG B 165 29.14 -24.21 2.44
N ARG B 166 30.22 -24.91 2.22
CA ARG B 166 31.53 -24.46 2.76
C ARG B 166 31.97 -23.17 2.05
N GLU B 167 31.98 -23.17 0.75
CA GLU B 167 32.39 -21.94 0.01
C GLU B 167 31.24 -20.94 -0.06
N LEU B 168 30.02 -21.41 0.10
CA LEU B 168 28.86 -20.48 0.04
C LEU B 168 28.73 -19.69 1.35
N THR B 169 28.45 -20.36 2.43
CA THR B 169 28.31 -19.65 3.74
C THR B 169 29.59 -18.86 4.05
N GLU B 170 30.72 -19.34 3.58
CA GLU B 170 32.00 -18.61 3.84
C GLU B 170 31.99 -17.25 3.12
N ARG B 171 31.53 -17.23 1.90
CA ARG B 171 31.48 -15.94 1.15
C ARG B 171 30.62 -14.93 1.90
N ALA B 172 29.65 -15.40 2.64
CA ALA B 172 28.78 -14.47 3.41
C ALA B 172 29.57 -13.84 4.56
N LYS B 173 30.54 -14.55 5.07
CA LYS B 173 31.37 -14.00 6.19
C LYS B 173 32.09 -12.73 5.73
N ASP B 174 32.38 -12.63 4.46
CA ASP B 174 33.07 -11.40 3.95
C ASP B 174 32.26 -10.16 4.29
N PHE B 175 31.09 -10.03 3.73
CA PHE B 175 30.24 -8.84 4.03
C PHE B 175 29.46 -9.11 5.32
N SER B 176 29.88 -8.50 6.40
CA SER B 176 29.18 -8.72 7.71
C SER B 176 29.34 -10.18 8.15
N LEU B 177 29.73 -10.40 9.37
CA LEU B 177 29.91 -11.81 9.86
C LEU B 177 28.72 -12.24 10.73
N ILE B 178 27.93 -13.16 10.24
CA ILE B 178 26.75 -13.63 11.01
C ILE B 178 26.45 -15.10 10.66
N LEU B 179 25.87 -15.83 11.57
CA LEU B 179 25.55 -17.26 11.29
C LEU B 179 24.06 -17.41 10.96
N ASP B 180 23.74 -17.73 9.74
CA ASP B 180 22.32 -17.88 9.34
C ASP B 180 22.10 -19.21 8.61
N ASP B 181 20.91 -19.75 8.69
CA ASP B 181 20.62 -21.04 8.00
C ASP B 181 19.84 -20.78 6.71
N VAL B 182 20.31 -21.26 5.61
CA VAL B 182 19.59 -21.02 4.33
C VAL B 182 19.97 -22.06 3.26
N ALA B 183 19.01 -22.79 2.76
CA ALA B 183 19.30 -23.80 1.70
C ALA B 183 18.46 -23.49 0.47
N ILE B 184 18.94 -23.85 -0.69
CA ILE B 184 18.19 -23.55 -1.95
C ILE B 184 17.47 -24.79 -2.49
N THR B 185 16.45 -24.57 -3.28
CA THR B 185 15.70 -25.71 -3.87
C THR B 185 16.25 -25.96 -5.27
N GLU B 186 16.83 -27.12 -5.49
CA GLU B 186 17.45 -27.41 -6.82
C GLU B 186 16.57 -28.31 -7.69
N LEU B 187 16.72 -28.15 -8.98
CA LEU B 187 15.96 -28.97 -9.96
C LEU B 187 16.86 -29.21 -11.17
N SER B 188 17.05 -30.43 -11.57
CA SER B 188 17.97 -30.69 -12.73
C SER B 188 17.19 -30.95 -14.02
N PHE B 189 17.78 -30.65 -15.15
CA PHE B 189 17.09 -30.87 -16.45
C PHE B 189 17.64 -32.13 -17.12
N SER B 190 16.77 -32.94 -17.69
CA SER B 190 17.24 -34.18 -18.37
C SER B 190 16.34 -34.50 -19.57
N MET C 1 35.26 57.09 21.44
CA MET C 1 34.99 58.53 21.13
C MET C 1 33.94 58.65 20.03
N ALA C 2 32.78 58.08 20.23
CA ALA C 2 31.72 58.15 19.18
C ALA C 2 30.33 58.03 19.83
N GLN C 3 29.57 59.09 19.81
CA GLN C 3 28.21 59.04 20.42
C GLN C 3 27.29 58.16 19.58
N ASN C 4 27.55 58.04 18.31
CA ASN C 4 26.69 57.19 17.42
C ASN C 4 26.84 55.71 17.81
N LEU C 5 27.99 55.33 18.29
CA LEU C 5 28.20 53.91 18.70
C LEU C 5 27.44 53.60 19.98
N LYS C 6 27.50 54.48 20.94
CA LYS C 6 26.77 54.25 22.23
C LYS C 6 25.27 54.41 22.02
N ASP C 7 24.88 55.24 21.08
CA ASP C 7 23.43 55.45 20.83
C ASP C 7 22.77 54.15 20.38
N LEU C 8 23.52 53.28 19.76
CA LEU C 8 22.94 51.98 19.28
C LEU C 8 22.61 51.10 20.49
N ALA C 9 23.36 51.22 21.55
CA ALA C 9 23.08 50.38 22.77
C ALA C 9 21.73 50.76 23.36
N GLY C 10 21.37 52.00 23.30
CA GLY C 10 20.05 52.43 23.86
C GLY C 10 18.93 52.11 22.88
N ARG C 11 19.26 51.92 21.62
CA ARG C 11 18.21 51.61 20.61
C ARG C 11 17.77 50.14 20.74
N LEU C 12 18.65 49.30 21.21
CA LEU C 12 18.29 47.85 21.35
C LEU C 12 17.12 47.69 22.33
N PRO C 13 17.32 48.17 23.54
CA PRO C 13 16.24 48.06 24.57
C PRO C 13 15.10 49.03 24.26
N ALA C 14 15.36 50.05 23.48
CA ALA C 14 14.28 51.03 23.14
C ALA C 14 13.12 50.31 22.45
N GLY C 15 11.98 50.24 23.10
CA GLY C 15 10.81 49.55 22.48
C GLY C 15 10.20 48.58 23.49
N PRO C 16 9.25 49.07 24.25
CA PRO C 16 8.59 48.21 25.27
C PRO C 16 7.65 47.20 24.60
N ARG C 17 6.97 47.61 23.57
CA ARG C 17 6.05 46.66 22.86
C ARG C 17 6.83 45.76 21.91
N GLY C 18 7.97 46.21 21.45
CA GLY C 18 8.78 45.39 20.51
C GLY C 18 9.21 44.10 21.21
N MET C 19 9.53 44.18 22.48
CA MET C 19 9.96 42.95 23.22
C MET C 19 8.74 42.13 23.62
N GLY C 20 7.62 42.75 23.83
CA GLY C 20 6.39 42.00 24.22
C GLY C 20 5.89 41.17 23.04
N THR C 21 5.90 41.75 21.86
CA THR C 21 5.43 41.00 20.66
C THR C 21 6.54 40.08 20.15
N ALA C 22 7.78 40.41 20.41
CA ALA C 22 8.90 39.54 19.95
C ALA C 22 8.73 38.11 20.46
N LEU C 23 8.03 37.94 21.55
CA LEU C 23 7.83 36.57 22.10
C LEU C 23 6.89 35.77 21.19
N LYS C 24 5.85 36.40 20.68
CA LYS C 24 4.90 35.68 19.78
C LYS C 24 5.65 35.14 18.56
N LEU C 25 6.70 35.82 18.16
CA LEU C 25 7.48 35.36 16.98
C LEU C 25 8.19 34.04 17.28
N LEU C 26 8.57 33.83 18.52
CA LEU C 26 9.28 32.57 18.89
C LEU C 26 8.37 31.36 18.69
N LEU C 27 7.18 31.40 19.24
CA LEU C 27 6.25 30.24 19.07
C LEU C 27 5.88 30.06 17.59
N GLY C 28 5.63 31.13 16.91
CA GLY C 28 5.26 31.01 15.46
C GLY C 28 6.40 30.34 14.69
N ALA C 29 7.62 30.49 15.16
CA ALA C 29 8.77 29.86 14.45
C ALA C 29 8.77 28.35 14.67
N GLY C 30 8.24 27.90 15.78
CA GLY C 30 8.20 26.43 16.05
C GLY C 30 7.12 25.78 15.19
N ALA C 31 5.97 26.38 15.10
CA ALA C 31 4.87 25.80 14.28
C ALA C 31 5.33 25.66 12.83
N VAL C 32 6.15 26.55 12.35
CA VAL C 32 6.63 26.47 10.95
C VAL C 32 7.59 25.29 10.79
N ALA C 33 8.26 24.90 11.85
CA ALA C 33 9.21 23.75 11.75
C ALA C 33 8.44 22.46 11.46
N TYR C 34 7.22 22.37 11.90
CA TYR C 34 6.41 21.13 11.64
C TYR C 34 6.27 20.91 10.13
N GLY C 35 5.91 21.93 9.40
CA GLY C 35 5.76 21.77 7.93
C GLY C 35 7.09 21.33 7.32
N VAL C 36 8.19 21.76 7.91
CA VAL C 36 9.52 21.37 7.39
C VAL C 36 9.88 19.96 7.87
N ARG C 37 9.40 19.57 9.02
CA ARG C 37 9.72 18.20 9.55
C ARG C 37 9.37 17.12 8.52
N GLU C 38 8.39 17.37 7.69
CA GLU C 38 7.99 16.37 6.68
C GLU C 38 8.98 16.37 5.48
N SER C 39 9.59 17.49 5.20
CA SER C 39 10.56 17.54 4.04
C SER C 39 11.95 18.04 4.48
N VAL C 40 12.91 18.05 3.57
CA VAL C 40 14.29 18.53 3.93
C VAL C 40 15.20 18.50 2.67
N PHE C 41 16.37 19.10 2.74
CA PHE C 41 17.28 19.10 1.54
C PHE C 41 18.58 18.32 1.84
N THR C 42 19.15 18.44 3.02
CA THR C 42 20.42 17.67 3.30
C THR C 42 20.21 16.17 3.04
N VAL C 43 21.07 15.55 2.28
CA VAL C 43 20.91 14.10 1.98
C VAL C 43 20.92 13.29 3.27
N GLU C 44 20.21 12.19 3.30
CA GLU C 44 20.17 11.35 4.53
C GLU C 44 20.19 9.86 4.16
N GLY C 45 21.19 9.14 4.60
CA GLY C 45 21.27 7.69 4.28
C GLY C 45 22.26 7.48 3.13
N GLY C 46 22.51 6.25 2.77
CA GLY C 46 23.46 5.97 1.66
C GLY C 46 22.82 6.39 0.33
N HIS C 47 22.90 7.65 0.00
CA HIS C 47 22.30 8.12 -1.29
C HIS C 47 23.05 9.35 -1.80
N ARG C 48 23.08 9.55 -3.08
CA ARG C 48 23.80 10.73 -3.67
C ARG C 48 22.81 11.84 -4.03
N ALA C 49 23.31 13.03 -4.10
CA ALA C 49 22.46 14.18 -4.43
C ALA C 49 22.57 14.55 -5.91
N ILE C 50 21.53 15.12 -6.44
CA ILE C 50 21.52 15.51 -7.87
C ILE C 50 21.16 17.00 -7.97
N PHE C 51 21.62 17.70 -8.99
CA PHE C 51 21.32 19.17 -9.08
C PHE C 51 20.61 19.56 -10.38
N PHE C 52 19.61 20.40 -10.28
CA PHE C 52 18.87 20.88 -11.49
C PHE C 52 18.09 22.17 -11.15
N ASN C 53 17.84 23.02 -12.13
CA ASN C 53 17.13 24.32 -11.85
C ASN C 53 15.70 24.35 -12.46
N ARG C 54 14.82 25.17 -11.88
CA ARG C 54 13.40 25.28 -12.38
C ARG C 54 13.34 25.25 -13.91
N ILE C 55 14.36 25.74 -14.58
CA ILE C 55 14.35 25.74 -16.08
C ILE C 55 13.97 24.36 -16.62
N GLY C 56 14.22 23.32 -15.86
CA GLY C 56 13.88 21.95 -16.33
C GLY C 56 13.29 21.15 -15.16
N GLY C 57 14.03 20.18 -14.68
CA GLY C 57 13.53 19.36 -13.54
C GLY C 57 13.68 17.88 -13.89
N VAL C 58 14.84 17.32 -13.65
CA VAL C 58 15.05 15.88 -13.99
C VAL C 58 16.35 15.37 -13.32
N GLN C 59 17.12 14.54 -13.99
CA GLN C 59 18.38 14.01 -13.39
C GLN C 59 18.08 13.09 -12.22
N GLN C 60 18.14 11.80 -12.43
CA GLN C 60 17.86 10.83 -11.34
C GLN C 60 18.06 9.39 -11.81
N ASP C 61 19.08 8.73 -11.31
CA ASP C 61 19.36 7.31 -11.70
C ASP C 61 20.54 6.77 -10.89
N THR C 62 21.73 7.24 -11.16
CA THR C 62 22.92 6.77 -10.41
C THR C 62 23.08 7.58 -9.10
N ILE C 63 23.97 7.19 -8.21
CA ILE C 63 24.12 7.97 -6.93
C ILE C 63 25.56 7.83 -6.37
N LEU C 64 25.76 7.89 -5.06
CA LEU C 64 27.15 7.80 -4.48
C LEU C 64 27.14 7.84 -2.93
N ALA C 65 27.58 8.93 -2.32
CA ALA C 65 27.63 8.99 -0.82
C ALA C 65 26.73 10.11 -0.27
N GLU C 66 26.91 10.47 0.99
CA GLU C 66 26.04 11.53 1.61
C GLU C 66 26.87 12.71 2.18
N GLY C 67 26.27 13.89 2.21
CA GLY C 67 26.97 15.12 2.73
C GLY C 67 25.90 16.17 3.09
N LEU C 68 26.19 17.17 3.93
CA LEU C 68 25.09 18.15 4.23
C LEU C 68 25.22 19.36 3.28
N HIS C 69 24.45 19.33 2.21
CA HIS C 69 24.43 20.44 1.21
C HIS C 69 23.26 20.21 0.23
N PHE C 70 22.25 21.03 0.21
CA PHE C 70 21.14 20.77 -0.78
C PHE C 70 20.05 21.83 -0.74
N ARG C 71 19.42 22.07 -1.86
CA ARG C 71 18.31 23.07 -1.95
C ARG C 71 18.59 24.29 -1.06
N ILE C 72 19.82 24.70 -0.96
CA ILE C 72 20.16 25.88 -0.11
C ILE C 72 19.94 27.20 -0.87
N PRO C 73 20.59 27.34 -2.00
CA PRO C 73 20.46 28.59 -2.79
C PRO C 73 19.08 28.67 -3.44
N TRP C 74 18.88 29.59 -4.35
CA TRP C 74 17.55 29.73 -5.01
C TRP C 74 17.50 28.91 -6.31
N PHE C 75 18.53 29.00 -7.13
CA PHE C 75 18.52 28.23 -8.40
C PHE C 75 18.93 26.76 -8.15
N GLN C 76 18.21 26.10 -7.28
CA GLN C 76 18.54 24.66 -6.98
C GLN C 76 17.24 23.90 -6.70
N TYR C 77 17.21 22.62 -6.96
CA TYR C 77 15.96 21.85 -6.73
C TYR C 77 16.26 20.50 -6.06
N PRO C 78 15.28 20.01 -5.34
CA PRO C 78 15.45 18.71 -4.65
C PRO C 78 14.81 17.58 -5.44
N ILE C 79 15.62 16.73 -6.03
CA ILE C 79 15.10 15.56 -6.78
C ILE C 79 16.25 14.54 -6.88
N ILE C 80 16.16 13.44 -6.17
CA ILE C 80 17.26 12.42 -6.20
C ILE C 80 16.72 11.04 -6.55
N TYR C 81 17.57 10.18 -7.06
CA TYR C 81 17.12 8.82 -7.46
C TYR C 81 17.43 7.80 -6.36
N ASP C 82 16.43 7.07 -5.93
CA ASP C 82 16.66 6.05 -4.87
C ASP C 82 16.19 4.67 -5.35
N ILE C 83 16.79 3.62 -4.85
CA ILE C 83 16.39 2.24 -5.28
C ILE C 83 14.87 2.06 -5.17
N ARG C 84 14.25 1.48 -6.16
CA ARG C 84 12.78 1.28 -6.11
C ARG C 84 12.37 0.02 -6.88
N ALA C 85 13.30 -0.88 -7.11
CA ALA C 85 12.98 -2.14 -7.86
C ALA C 85 12.42 -1.81 -9.25
N ARG C 86 12.45 -2.76 -10.14
CA ARG C 86 11.93 -2.53 -11.52
C ARG C 86 11.57 -3.87 -12.19
N PRO C 87 10.30 -4.07 -12.43
CA PRO C 87 9.83 -5.32 -13.05
C PRO C 87 9.60 -5.14 -14.56
N ARG C 88 10.29 -5.90 -15.37
CA ARG C 88 10.13 -5.78 -16.85
C ARG C 88 10.63 -7.09 -17.53
N LYS C 89 9.74 -7.89 -18.09
CA LYS C 89 10.16 -9.21 -18.72
C LYS C 89 9.49 -9.44 -20.11
N ILE C 90 10.07 -10.29 -20.94
CA ILE C 90 9.53 -10.55 -22.32
C ILE C 90 8.69 -11.83 -22.41
N SER C 91 7.79 -11.87 -23.36
CA SER C 91 6.96 -13.09 -23.58
C SER C 91 6.45 -13.08 -25.02
N SER C 92 6.97 -13.95 -25.85
CA SER C 92 6.52 -13.98 -27.27
C SER C 92 6.85 -15.33 -27.93
N PRO C 93 6.04 -15.72 -28.87
CA PRO C 93 6.26 -16.98 -29.60
C PRO C 93 6.94 -16.69 -30.95
N THR C 94 8.19 -17.08 -31.09
CA THR C 94 8.90 -16.81 -32.37
C THR C 94 9.73 -18.02 -32.79
N GLY C 95 9.93 -18.19 -34.08
CA GLY C 95 10.75 -19.33 -34.57
C GLY C 95 11.28 -19.03 -35.97
N SER C 96 12.56 -18.83 -36.09
CA SER C 96 13.14 -18.51 -37.43
C SER C 96 14.09 -19.62 -37.87
N LYS C 97 15.25 -19.70 -37.29
CA LYS C 97 16.23 -20.76 -37.67
C LYS C 97 15.62 -22.14 -37.38
N ASP C 98 15.95 -23.12 -38.20
CA ASP C 98 15.39 -24.49 -37.99
C ASP C 98 13.86 -24.44 -37.99
N LEU C 99 13.22 -25.39 -37.36
CA LEU C 99 11.73 -25.40 -37.33
C LEU C 99 11.23 -25.31 -35.88
N GLN C 100 9.99 -25.66 -35.66
CA GLN C 100 9.41 -25.60 -34.27
C GLN C 100 9.46 -24.16 -33.74
N MET C 101 8.61 -23.85 -32.80
CA MET C 101 8.59 -22.46 -32.24
C MET C 101 9.09 -22.48 -30.80
N VAL C 102 9.68 -21.39 -30.35
CA VAL C 102 10.20 -21.35 -28.96
C VAL C 102 9.79 -20.03 -28.28
N ASN C 103 9.53 -20.06 -27.00
CA ASN C 103 9.13 -18.82 -26.29
C ASN C 103 10.32 -18.27 -25.50
N ILE C 104 10.45 -16.97 -25.43
CA ILE C 104 11.59 -16.38 -24.68
C ILE C 104 11.10 -15.26 -23.75
N SER C 105 11.66 -15.18 -22.58
CA SER C 105 11.25 -14.11 -21.62
C SER C 105 12.44 -13.72 -20.73
N LEU C 106 12.95 -12.53 -20.91
CA LEU C 106 14.13 -12.09 -20.09
C LEU C 106 13.80 -10.82 -19.31
N ARG C 107 14.38 -10.67 -18.14
CA ARG C 107 14.11 -9.45 -17.33
C ARG C 107 15.40 -8.63 -17.17
N VAL C 108 15.28 -7.34 -17.01
CA VAL C 108 16.50 -6.48 -16.85
C VAL C 108 16.50 -5.79 -15.48
N LEU C 109 17.65 -5.51 -14.95
CA LEU C 109 17.73 -4.83 -13.63
C LEU C 109 18.50 -3.51 -13.74
N SER C 110 18.21 -2.55 -12.90
CA SER C 110 18.93 -1.25 -12.97
C SER C 110 19.80 -1.05 -11.73
N ARG C 111 21.08 -0.85 -11.91
CA ARG C 111 21.99 -0.64 -10.75
C ARG C 111 22.54 0.79 -10.75
N PRO C 112 22.51 1.42 -9.61
CA PRO C 112 23.03 2.81 -9.50
C PRO C 112 24.56 2.81 -9.50
N ASN C 113 25.16 3.04 -10.64
CA ASN C 113 26.66 3.07 -10.70
C ASN C 113 27.19 4.24 -9.86
N ALA C 114 28.30 4.81 -10.26
CA ALA C 114 28.85 5.96 -9.48
C ALA C 114 29.28 7.09 -10.41
N GLN C 115 29.12 8.32 -9.99
CA GLN C 115 29.51 9.48 -10.85
C GLN C 115 28.89 9.37 -12.24
N GLU C 116 27.71 8.82 -12.33
CA GLU C 116 27.05 8.70 -13.67
C GLU C 116 25.61 9.21 -13.62
N LEU C 117 25.14 9.64 -12.48
CA LEU C 117 23.74 10.14 -12.39
C LEU C 117 23.65 11.61 -12.87
N PRO C 118 24.64 12.40 -12.57
CA PRO C 118 24.62 13.82 -13.00
C PRO C 118 25.04 13.97 -14.46
N SER C 119 26.21 13.53 -14.79
CA SER C 119 26.71 13.67 -16.19
C SER C 119 26.15 12.59 -17.14
N MET C 120 26.10 11.36 -16.71
CA MET C 120 25.63 10.27 -17.62
C MET C 120 24.09 10.20 -17.72
N TYR C 121 23.36 10.74 -16.79
CA TYR C 121 21.88 10.65 -16.89
C TYR C 121 21.36 11.40 -18.11
N GLN C 122 21.68 12.67 -18.26
CA GLN C 122 21.18 13.41 -19.46
C GLN C 122 21.55 12.63 -20.72
N ARG C 123 22.65 11.92 -20.68
CA ARG C 123 23.05 11.09 -21.85
C ARG C 123 22.26 9.78 -21.82
N LEU C 124 21.89 9.34 -20.64
CA LEU C 124 21.10 8.08 -20.52
C LEU C 124 19.75 8.24 -21.23
N GLY C 125 19.33 9.45 -21.46
CA GLY C 125 18.02 9.66 -22.16
C GLY C 125 16.92 9.91 -21.13
N LEU C 126 17.17 10.76 -20.16
CA LEU C 126 16.14 11.04 -19.11
C LEU C 126 15.64 9.75 -18.49
N ASP C 127 14.53 9.78 -17.81
CA ASP C 127 13.98 8.55 -17.18
C ASP C 127 13.01 7.86 -18.14
N TYR C 128 13.41 7.67 -19.37
CA TYR C 128 12.52 7.01 -20.36
C TYR C 128 12.94 5.56 -20.58
N GLU C 129 13.23 4.85 -19.51
CA GLU C 129 13.64 3.43 -19.65
C GLU C 129 12.54 2.61 -20.37
N GLU C 130 11.33 3.13 -20.38
CA GLU C 130 10.22 2.40 -21.06
C GLU C 130 10.63 1.92 -22.44
N ARG C 131 11.14 2.79 -23.27
CA ARG C 131 11.56 2.39 -24.64
C ARG C 131 12.97 1.78 -24.62
N VAL C 132 13.89 2.41 -23.94
CA VAL C 132 15.30 1.89 -23.90
C VAL C 132 15.36 0.45 -23.38
N LEU C 133 14.35 -0.02 -22.69
CA LEU C 133 14.41 -1.41 -22.16
C LEU C 133 14.07 -2.44 -23.25
N PRO C 134 12.87 -2.35 -23.79
CA PRO C 134 12.46 -3.31 -24.84
C PRO C 134 13.11 -2.98 -26.18
N SER C 135 13.01 -1.75 -26.63
CA SER C 135 13.62 -1.37 -27.94
C SER C 135 15.06 -1.88 -28.05
N ILE C 136 15.77 -1.93 -26.95
CA ILE C 136 17.18 -2.42 -26.99
C ILE C 136 17.23 -3.95 -27.02
N VAL C 137 16.64 -4.59 -26.05
CA VAL C 137 16.68 -6.08 -26.01
C VAL C 137 15.74 -6.69 -27.07
N ASN C 138 14.56 -6.15 -27.21
CA ASN C 138 13.60 -6.71 -28.22
C ASN C 138 14.24 -6.72 -29.62
N GLU C 139 15.18 -5.84 -29.85
CA GLU C 139 15.84 -5.81 -31.20
C GLU C 139 16.86 -6.95 -31.31
N VAL C 140 17.77 -7.04 -30.38
CA VAL C 140 18.79 -8.13 -30.43
C VAL C 140 18.18 -9.46 -29.98
N LEU C 141 17.10 -9.42 -29.24
CA LEU C 141 16.46 -10.68 -28.76
C LEU C 141 15.92 -11.47 -29.96
N LYS C 142 15.04 -10.89 -30.71
CA LYS C 142 14.46 -11.60 -31.89
C LYS C 142 15.54 -11.83 -32.95
N SER C 143 16.61 -11.08 -32.91
CA SER C 143 17.69 -11.26 -33.92
C SER C 143 18.60 -12.44 -33.55
N VAL C 144 19.20 -12.40 -32.38
CA VAL C 144 20.11 -13.51 -31.96
C VAL C 144 19.39 -14.86 -32.01
N VAL C 145 18.16 -14.91 -31.58
CA VAL C 145 17.43 -16.21 -31.61
C VAL C 145 17.25 -16.70 -33.05
N ALA C 146 17.21 -15.79 -33.98
CA ALA C 146 17.05 -16.20 -35.41
C ALA C 146 18.38 -16.77 -35.93
N LYS C 147 19.48 -16.38 -35.36
CA LYS C 147 20.80 -16.90 -35.82
C LYS C 147 21.04 -18.31 -35.26
N PHE C 148 20.91 -18.48 -33.98
CA PHE C 148 21.13 -19.82 -33.38
C PHE C 148 20.09 -20.81 -33.92
N ASN C 149 19.98 -21.96 -33.31
CA ASN C 149 18.98 -22.96 -33.79
C ASN C 149 17.88 -23.19 -32.75
N ALA C 150 16.87 -23.94 -33.08
CA ALA C 150 15.77 -24.20 -32.10
C ALA C 150 16.21 -25.24 -31.08
N SER C 151 16.81 -26.31 -31.52
CA SER C 151 17.27 -27.37 -30.58
C SER C 151 18.32 -26.80 -29.62
N GLN C 152 19.19 -25.97 -30.11
CA GLN C 152 20.25 -25.38 -29.23
C GLN C 152 19.60 -24.59 -28.09
N LEU C 153 18.42 -24.07 -28.31
CA LEU C 153 17.74 -23.28 -27.24
C LEU C 153 17.50 -24.17 -26.01
N ILE C 154 16.79 -25.25 -26.20
CA ILE C 154 16.50 -26.17 -25.05
C ILE C 154 17.79 -26.87 -24.60
N THR C 155 18.77 -26.94 -25.47
CA THR C 155 20.06 -27.61 -25.08
C THR C 155 20.70 -26.87 -23.92
N GLN C 156 20.52 -25.58 -23.85
CA GLN C 156 21.13 -24.79 -22.73
C GLN C 156 20.53 -23.38 -22.70
N ARG C 157 19.62 -23.14 -21.80
CA ARG C 157 19.00 -21.78 -21.71
C ARG C 157 20.06 -20.73 -21.34
N ALA C 158 21.12 -21.15 -20.69
CA ALA C 158 22.18 -20.18 -20.31
C ALA C 158 23.08 -19.88 -21.51
N GLN C 159 23.24 -20.83 -22.39
CA GLN C 159 24.11 -20.61 -23.58
C GLN C 159 23.63 -19.39 -24.38
N VAL C 160 22.38 -19.40 -24.79
CA VAL C 160 21.85 -18.24 -25.57
C VAL C 160 21.96 -16.95 -24.74
N SER C 161 21.96 -17.07 -23.44
CA SER C 161 22.06 -15.86 -22.57
C SER C 161 23.42 -15.19 -22.75
N LEU C 162 24.41 -15.93 -23.18
CA LEU C 162 25.77 -15.33 -23.37
C LEU C 162 25.77 -14.41 -24.59
N LEU C 163 25.22 -14.87 -25.69
CA LEU C 163 25.20 -14.02 -26.92
C LEU C 163 24.39 -12.75 -26.67
N ILE C 164 23.17 -12.89 -26.22
CA ILE C 164 22.34 -11.67 -25.95
C ILE C 164 23.02 -10.79 -24.91
N ARG C 165 23.67 -11.38 -23.94
CA ARG C 165 24.36 -10.56 -22.89
C ARG C 165 25.50 -9.76 -23.53
N ARG C 166 26.35 -10.40 -24.28
CA ARG C 166 27.48 -9.66 -24.93
C ARG C 166 26.95 -8.60 -25.89
N GLU C 167 25.88 -8.89 -26.58
CA GLU C 167 25.30 -7.89 -27.53
C GLU C 167 24.49 -6.85 -26.77
N LEU C 168 23.82 -7.24 -25.72
CA LEU C 168 23.00 -6.27 -24.93
C LEU C 168 23.91 -5.40 -24.05
N THR C 169 25.00 -5.96 -23.60
CA THR C 169 25.93 -5.17 -22.74
C THR C 169 26.44 -3.94 -23.49
N GLU C 170 26.53 -4.03 -24.79
CA GLU C 170 27.04 -2.87 -25.59
C GLU C 170 25.93 -1.84 -25.79
N ARG C 171 24.79 -2.26 -26.30
CA ARG C 171 23.67 -1.29 -26.51
C ARG C 171 23.23 -0.71 -25.16
N ALA C 172 23.42 -1.43 -24.09
CA ALA C 172 23.01 -0.92 -22.75
C ALA C 172 23.80 0.35 -22.41
N LYS C 173 25.10 0.30 -22.52
CA LYS C 173 25.93 1.49 -22.20
C LYS C 173 25.76 2.56 -23.29
N ASP C 174 25.31 2.18 -24.45
CA ASP C 174 25.12 3.17 -25.55
C ASP C 174 24.32 4.38 -25.05
N PHE C 175 23.49 4.17 -24.06
CA PHE C 175 22.69 5.30 -23.51
C PHE C 175 23.44 5.96 -22.35
N SER C 176 24.11 5.17 -21.56
CA SER C 176 24.88 5.74 -20.41
C SER C 176 25.89 4.70 -19.89
N LEU C 177 26.20 4.71 -18.62
CA LEU C 177 27.17 3.72 -18.09
C LEU C 177 26.67 3.16 -16.76
N ILE C 178 26.29 1.90 -16.75
CA ILE C 178 25.79 1.28 -15.49
C ILE C 178 26.01 -0.25 -15.54
N LEU C 179 26.19 -0.87 -14.41
CA LEU C 179 26.40 -2.35 -14.39
C LEU C 179 25.11 -3.05 -13.97
N ASP C 180 24.52 -3.82 -14.84
CA ASP C 180 23.25 -4.51 -14.49
C ASP C 180 23.35 -6.01 -14.80
N ASP C 181 22.62 -6.83 -14.08
CA ASP C 181 22.65 -8.29 -14.33
C ASP C 181 21.39 -8.70 -15.11
N VAL C 182 21.57 -9.30 -16.26
CA VAL C 182 20.39 -9.72 -17.07
C VAL C 182 20.35 -11.24 -17.25
N ALA C 183 19.18 -11.80 -17.36
CA ALA C 183 19.06 -13.28 -17.54
C ALA C 183 17.73 -13.61 -18.22
N ILE C 184 17.67 -14.69 -18.95
CA ILE C 184 16.41 -15.05 -19.66
C ILE C 184 15.64 -16.15 -18.92
N THR C 185 14.46 -15.85 -18.44
CA THR C 185 13.66 -16.90 -17.73
C THR C 185 12.46 -17.27 -18.58
N GLU C 186 12.50 -18.39 -19.27
CA GLU C 186 11.32 -18.79 -20.09
C GLU C 186 11.41 -20.24 -20.53
N LEU C 187 10.30 -20.92 -20.60
CA LEU C 187 10.33 -22.32 -21.11
C LEU C 187 8.96 -22.69 -21.69
N SER C 188 8.85 -22.67 -22.99
CA SER C 188 7.56 -23.03 -23.65
C SER C 188 7.78 -23.25 -25.13
N PHE C 189 7.74 -24.45 -25.61
CA PHE C 189 7.95 -24.67 -27.08
C PHE C 189 7.42 -26.04 -27.50
N SER C 190 6.99 -26.16 -28.73
CA SER C 190 6.45 -27.47 -29.22
C SER C 190 5.35 -27.98 -28.29
N MET D 1 7.52 67.22 -4.64
CA MET D 1 6.69 68.41 -5.00
C MET D 1 5.83 68.83 -3.80
N ALA D 2 5.06 67.92 -3.26
CA ALA D 2 4.19 68.27 -2.10
C ALA D 2 4.80 67.71 -0.81
N GLN D 3 4.46 68.28 0.32
CA GLN D 3 5.00 67.79 1.61
C GLN D 3 4.46 66.38 1.92
N ASN D 4 3.32 66.05 1.36
CA ASN D 4 2.74 64.69 1.61
C ASN D 4 3.73 63.59 1.22
N LEU D 5 4.65 63.90 0.34
CA LEU D 5 5.65 62.87 -0.08
C LEU D 5 6.44 62.37 1.13
N LYS D 6 6.66 63.22 2.10
CA LYS D 6 7.42 62.79 3.31
C LYS D 6 6.53 61.97 4.24
N ASP D 7 5.25 62.21 4.21
CA ASP D 7 4.32 61.43 5.09
C ASP D 7 4.31 59.96 4.67
N LEU D 8 4.51 59.69 3.41
CA LEU D 8 4.51 58.27 2.94
C LEU D 8 5.67 57.50 3.59
N ALA D 9 6.85 58.04 3.56
CA ALA D 9 8.01 57.34 4.19
C ALA D 9 7.88 57.34 5.71
N GLY D 10 7.33 58.40 6.26
CA GLY D 10 7.16 58.48 7.74
C GLY D 10 6.15 57.42 8.20
N ARG D 11 5.34 56.94 7.30
CA ARG D 11 4.32 55.90 7.70
C ARG D 11 5.01 54.56 7.96
N LEU D 12 6.15 54.34 7.37
CA LEU D 12 6.85 53.03 7.58
C LEU D 12 7.20 52.84 9.07
N PRO D 13 7.94 53.78 9.61
CA PRO D 13 8.32 53.70 11.05
C PRO D 13 7.12 53.99 11.94
N ALA D 14 6.40 55.05 11.65
CA ALA D 14 5.21 55.39 12.49
C ALA D 14 3.94 54.80 11.86
N GLY D 15 3.42 53.76 12.43
CA GLY D 15 2.18 53.14 11.87
C GLY D 15 1.17 52.91 13.01
N PRO D 16 0.00 52.46 12.63
CA PRO D 16 -1.06 52.19 13.63
C PRO D 16 -0.74 50.93 14.44
N ARG D 17 -1.71 50.40 15.14
CA ARG D 17 -1.45 49.18 15.96
C ARG D 17 -1.34 47.95 15.04
N GLY D 18 -1.86 48.04 13.84
CA GLY D 18 -1.80 46.88 12.90
C GLY D 18 -0.36 46.39 12.76
N MET D 19 0.60 47.25 12.95
CA MET D 19 2.02 46.83 12.84
C MET D 19 2.33 45.71 13.84
N GLY D 20 1.76 45.78 15.01
CA GLY D 20 2.01 44.71 16.02
C GLY D 20 1.28 43.43 15.60
N THR D 21 0.02 43.54 15.27
CA THR D 21 -0.75 42.33 14.86
C THR D 21 -0.19 41.77 13.55
N ALA D 22 0.43 42.61 12.75
CA ALA D 22 1.00 42.14 11.45
C ALA D 22 1.96 40.98 11.69
N LEU D 23 2.56 40.92 12.85
CA LEU D 23 3.52 39.82 13.15
C LEU D 23 2.81 38.46 13.07
N LYS D 24 1.62 38.37 13.64
CA LYS D 24 0.87 37.08 13.59
C LYS D 24 0.82 36.56 12.15
N LEU D 25 0.62 37.44 11.21
CA LEU D 25 0.55 37.02 9.78
C LEU D 25 1.86 36.35 9.37
N LEU D 26 2.98 36.93 9.71
CA LEU D 26 4.28 36.32 9.34
C LEU D 26 4.36 34.89 9.88
N LEU D 27 3.85 34.66 11.06
CA LEU D 27 3.89 33.29 11.65
C LEU D 27 2.74 32.45 11.07
N GLY D 28 1.59 33.04 10.91
CA GLY D 28 0.43 32.29 10.35
C GLY D 28 0.73 31.96 8.88
N ALA D 29 1.48 32.79 8.21
CA ALA D 29 1.80 32.52 6.78
C ALA D 29 2.52 31.17 6.67
N GLY D 30 3.38 30.87 7.59
CA GLY D 30 4.11 29.57 7.54
C GLY D 30 3.11 28.43 7.71
N ALA D 31 2.13 28.60 8.55
CA ALA D 31 1.11 27.53 8.75
C ALA D 31 0.36 27.28 7.45
N VAL D 32 0.02 28.32 6.74
CA VAL D 32 -0.71 28.14 5.45
C VAL D 32 0.17 27.37 4.46
N ALA D 33 1.46 27.57 4.51
CA ALA D 33 2.38 26.84 3.59
C ALA D 33 2.33 25.35 3.88
N TYR D 34 2.08 24.98 5.11
CA TYR D 34 2.02 23.54 5.46
C TYR D 34 0.95 22.83 4.62
N GLY D 35 -0.23 23.38 4.57
CA GLY D 35 -1.31 22.76 3.75
C GLY D 35 -0.88 22.69 2.29
N VAL D 36 -0.10 23.65 1.85
CA VAL D 36 0.37 23.65 0.43
C VAL D 36 1.55 22.69 0.26
N ARG D 37 2.34 22.51 1.30
CA ARG D 37 3.51 21.59 1.19
C ARG D 37 3.07 20.21 0.70
N GLU D 38 1.85 19.83 0.99
CA GLU D 38 1.36 18.49 0.54
C GLU D 38 1.00 18.52 -0.97
N SER D 39 0.62 19.66 -1.51
CA SER D 39 0.26 19.71 -2.97
C SER D 39 0.68 21.05 -3.62
N VAL D 40 0.96 21.04 -4.91
CA VAL D 40 1.36 22.31 -5.60
C VAL D 40 0.97 22.27 -7.10
N PHE D 41 1.45 23.20 -7.90
CA PHE D 41 1.08 23.19 -9.36
C PHE D 41 2.34 23.11 -10.24
N THR D 42 3.44 23.71 -9.84
CA THR D 42 4.68 23.64 -10.68
C THR D 42 5.07 22.17 -10.91
N VAL D 43 5.04 21.72 -12.13
CA VAL D 43 5.40 20.29 -12.42
C VAL D 43 6.76 19.94 -11.79
N GLU D 44 6.77 19.01 -10.87
CA GLU D 44 8.05 18.61 -10.22
C GLU D 44 8.50 17.25 -10.75
N GLY D 45 9.78 16.97 -10.68
CA GLY D 45 10.28 15.66 -11.19
C GLY D 45 10.13 15.59 -12.71
N GLY D 46 10.08 14.41 -13.26
CA GLY D 46 9.93 14.29 -14.74
C GLY D 46 8.45 14.11 -15.10
N HIS D 47 7.67 15.15 -14.98
CA HIS D 47 6.23 15.05 -15.30
C HIS D 47 5.77 16.26 -16.13
N ARG D 48 4.76 16.08 -16.92
CA ARG D 48 4.27 17.19 -17.82
C ARG D 48 2.98 17.84 -17.27
N ALA D 49 2.70 19.09 -17.61
CA ALA D 49 1.47 19.78 -17.07
C ALA D 49 0.31 19.83 -18.08
N ILE D 50 -0.89 19.91 -17.56
CA ILE D 50 -2.11 19.96 -18.41
C ILE D 50 -3.09 21.01 -17.84
N PHE D 51 -3.95 21.63 -18.65
CA PHE D 51 -4.85 22.71 -18.11
C PHE D 51 -6.35 22.45 -18.33
N PHE D 52 -7.17 22.88 -17.39
CA PHE D 52 -8.65 22.74 -17.51
C PHE D 52 -9.34 23.71 -16.52
N ASN D 53 -10.56 24.14 -16.79
CA ASN D 53 -11.26 25.10 -15.87
C ASN D 53 -12.58 24.52 -15.31
N ARG D 54 -13.00 24.97 -14.14
CA ARG D 54 -14.27 24.45 -13.52
C ARG D 54 -15.40 24.43 -14.56
N ILE D 55 -15.40 25.38 -15.45
CA ILE D 55 -16.48 25.43 -16.50
C ILE D 55 -16.41 24.18 -17.37
N GLY D 56 -17.08 23.13 -16.98
CA GLY D 56 -17.06 21.88 -17.79
C GLY D 56 -15.72 21.15 -17.59
N GLY D 57 -15.71 20.08 -16.85
CA GLY D 57 -14.44 19.34 -16.63
C GLY D 57 -14.13 18.50 -17.87
N VAL D 58 -12.88 18.36 -18.20
CA VAL D 58 -12.51 17.55 -19.40
C VAL D 58 -11.15 16.88 -19.21
N GLN D 59 -10.20 17.57 -18.65
CA GLN D 59 -8.85 16.97 -18.43
C GLN D 59 -8.96 15.76 -17.50
N GLN D 60 -8.05 14.83 -17.61
CA GLN D 60 -8.10 13.63 -16.73
C GLN D 60 -6.74 12.93 -16.70
N ASP D 61 -6.20 12.60 -17.84
CA ASP D 61 -4.88 11.90 -17.87
C ASP D 61 -4.06 12.35 -19.09
N THR D 62 -3.24 13.36 -18.93
CA THR D 62 -2.42 13.85 -20.09
C THR D 62 -1.20 14.65 -19.59
N ILE D 63 -0.04 14.42 -20.18
CA ILE D 63 1.19 15.17 -19.76
C ILE D 63 1.93 15.74 -21.02
N LEU D 64 2.30 17.00 -20.99
CA LEU D 64 3.05 17.64 -22.16
C LEU D 64 4.58 17.68 -21.92
N ALA D 65 5.07 18.63 -21.12
CA ALA D 65 6.55 18.73 -20.83
C ALA D 65 6.79 19.65 -19.62
N GLU D 66 8.02 19.80 -19.15
CA GLU D 66 8.27 20.68 -17.94
C GLU D 66 8.36 22.16 -18.32
N GLY D 67 7.95 23.01 -17.41
CA GLY D 67 7.99 24.49 -17.66
C GLY D 67 7.93 25.21 -16.30
N LEU D 68 8.42 26.43 -16.21
CA LEU D 68 8.34 27.13 -14.89
C LEU D 68 7.11 28.04 -14.88
N HIS D 69 6.10 27.64 -14.16
CA HIS D 69 4.84 28.44 -14.10
C HIS D 69 4.03 28.05 -12.84
N PHE D 70 3.25 28.96 -12.31
CA PHE D 70 2.45 28.62 -11.10
C PHE D 70 0.95 28.79 -11.41
N ARG D 71 0.15 27.81 -11.08
CA ARG D 71 -1.31 27.93 -11.37
C ARG D 71 -1.90 29.14 -10.61
N ILE D 72 -2.61 28.90 -9.53
CA ILE D 72 -3.21 30.04 -8.75
C ILE D 72 -3.60 31.21 -9.67
N PRO D 73 -4.29 30.91 -10.75
CA PRO D 73 -4.69 31.95 -11.71
C PRO D 73 -6.13 32.39 -11.46
N TRP D 74 -7.08 31.65 -11.98
CA TRP D 74 -8.52 32.01 -11.80
C TRP D 74 -9.41 30.92 -12.38
N PHE D 75 -8.99 30.29 -13.46
CA PHE D 75 -9.83 29.22 -14.08
C PHE D 75 -8.97 28.01 -14.48
N GLN D 76 -7.79 27.88 -13.93
CA GLN D 76 -6.93 26.71 -14.29
C GLN D 76 -6.98 25.67 -13.16
N TYR D 77 -6.77 24.42 -13.49
CA TYR D 77 -6.84 23.36 -12.44
C TYR D 77 -5.63 22.43 -12.49
N PRO D 78 -5.34 21.82 -11.37
CA PRO D 78 -4.20 20.89 -11.28
C PRO D 78 -4.67 19.44 -11.42
N ILE D 79 -4.35 18.84 -12.54
CA ILE D 79 -4.71 17.41 -12.80
C ILE D 79 -3.74 16.93 -13.87
N ILE D 80 -2.77 16.10 -13.53
CA ILE D 80 -1.76 15.67 -14.55
C ILE D 80 -1.61 14.14 -14.62
N TYR D 81 -1.14 13.65 -15.73
CA TYR D 81 -0.98 12.18 -15.91
C TYR D 81 0.48 11.77 -15.68
N ASP D 82 0.71 10.78 -14.88
CA ASP D 82 2.12 10.33 -14.61
C ASP D 82 2.43 9.06 -15.42
N ILE D 83 3.63 8.97 -15.94
CA ILE D 83 4.00 7.76 -16.75
C ILE D 83 3.88 6.49 -15.90
N ARG D 84 3.57 5.38 -16.53
CA ARG D 84 3.44 4.10 -15.76
C ARG D 84 3.28 2.93 -16.74
N ALA D 85 3.75 1.77 -16.36
CA ALA D 85 3.63 0.59 -17.26
C ALA D 85 2.16 0.30 -17.55
N ARG D 86 1.88 -0.44 -18.59
CA ARG D 86 0.46 -0.76 -18.93
C ARG D 86 0.29 -2.25 -19.25
N PRO D 87 -0.36 -2.95 -18.37
CA PRO D 87 -0.60 -4.40 -18.56
C PRO D 87 -2.03 -4.63 -19.08
N ARG D 88 -2.17 -5.04 -20.32
CA ARG D 88 -3.53 -5.29 -20.87
C ARG D 88 -3.43 -6.23 -22.10
N LYS D 89 -3.85 -7.48 -21.97
CA LYS D 89 -3.75 -8.46 -23.13
C LYS D 89 -4.65 -9.70 -22.95
N ILE D 90 -5.08 -10.33 -24.04
CA ILE D 90 -5.95 -11.56 -23.92
C ILE D 90 -5.70 -12.54 -25.07
N SER D 91 -5.94 -13.81 -24.82
CA SER D 91 -5.77 -14.83 -25.89
C SER D 91 -7.17 -15.27 -26.36
N SER D 92 -7.56 -14.92 -27.57
CA SER D 92 -8.92 -15.30 -28.05
C SER D 92 -8.84 -16.40 -29.11
N PRO D 93 -9.52 -17.49 -28.87
CA PRO D 93 -9.55 -18.61 -29.83
C PRO D 93 -10.82 -18.54 -30.68
N THR D 94 -10.70 -18.25 -31.95
CA THR D 94 -11.90 -18.17 -32.82
C THR D 94 -11.61 -18.77 -34.20
N GLY D 95 -12.51 -19.56 -34.71
CA GLY D 95 -12.28 -20.18 -36.05
C GLY D 95 -13.32 -19.64 -37.04
N SER D 96 -12.90 -19.31 -38.23
CA SER D 96 -13.86 -18.78 -39.25
C SER D 96 -13.37 -19.10 -40.66
N LYS D 97 -12.22 -18.61 -41.03
CA LYS D 97 -11.68 -18.88 -42.39
C LYS D 97 -11.43 -20.38 -42.58
N ASP D 98 -11.19 -21.09 -41.51
CA ASP D 98 -10.95 -22.56 -41.62
C ASP D 98 -11.87 -23.32 -40.68
N LEU D 99 -12.32 -24.48 -41.08
CA LEU D 99 -13.23 -25.28 -40.19
C LEU D 99 -12.50 -25.66 -38.90
N GLN D 100 -11.20 -25.74 -38.92
CA GLN D 100 -10.44 -26.10 -37.70
C GLN D 100 -10.61 -25.01 -36.63
N MET D 101 -9.69 -24.92 -35.71
CA MET D 101 -9.81 -23.88 -34.65
C MET D 101 -8.65 -22.89 -34.75
N VAL D 102 -8.94 -21.65 -35.03
CA VAL D 102 -7.86 -20.62 -35.14
C VAL D 102 -7.88 -19.71 -33.91
N ASN D 103 -6.76 -19.17 -33.54
CA ASN D 103 -6.72 -18.28 -32.35
C ASN D 103 -5.95 -16.99 -32.66
N ILE D 104 -6.50 -15.86 -32.30
CA ILE D 104 -5.80 -14.57 -32.56
C ILE D 104 -5.98 -13.63 -31.36
N SER D 105 -5.04 -12.76 -31.13
CA SER D 105 -5.16 -11.81 -29.99
C SER D 105 -4.31 -10.57 -30.24
N LEU D 106 -4.94 -9.44 -30.48
CA LEU D 106 -4.17 -8.19 -30.74
C LEU D 106 -4.19 -7.30 -29.49
N ARG D 107 -3.17 -6.51 -29.30
CA ARG D 107 -3.14 -5.62 -28.10
C ARG D 107 -2.73 -4.20 -28.51
N VAL D 108 -3.31 -3.21 -27.87
CA VAL D 108 -2.96 -1.79 -28.20
C VAL D 108 -2.07 -1.20 -27.12
N LEU D 109 -1.10 -0.42 -27.50
CA LEU D 109 -0.18 0.19 -26.48
C LEU D 109 -0.14 1.72 -26.65
N SER D 110 -0.17 2.45 -25.57
CA SER D 110 -0.11 3.93 -25.66
C SER D 110 1.13 4.46 -24.93
N ARG D 111 1.88 5.31 -25.58
CA ARG D 111 3.11 5.87 -24.92
C ARG D 111 3.25 7.36 -25.24
N PRO D 112 3.70 8.11 -24.26
CA PRO D 112 3.88 9.57 -24.46
C PRO D 112 5.12 9.84 -25.31
N ASN D 113 5.32 11.06 -25.71
CA ASN D 113 6.52 11.39 -26.54
C ASN D 113 6.76 12.90 -26.54
N ALA D 114 5.81 13.66 -26.99
CA ALA D 114 5.97 15.14 -27.03
C ALA D 114 4.63 15.83 -26.70
N GLN D 115 4.40 17.00 -27.23
CA GLN D 115 3.12 17.71 -26.96
C GLN D 115 1.95 16.96 -27.61
N GLU D 116 1.58 15.83 -27.08
CA GLU D 116 0.46 15.04 -27.68
C GLU D 116 -0.63 14.77 -26.64
N LEU D 117 -0.34 14.92 -25.38
CA LEU D 117 -1.39 14.67 -24.33
C LEU D 117 -2.38 15.84 -24.26
N PRO D 118 -1.90 17.05 -24.46
CA PRO D 118 -2.83 18.22 -24.42
C PRO D 118 -3.67 18.28 -25.69
N SER D 119 -3.12 17.86 -26.80
CA SER D 119 -3.90 17.88 -28.08
C SER D 119 -4.82 16.65 -28.14
N MET D 120 -4.32 15.52 -27.72
CA MET D 120 -5.15 14.28 -27.74
C MET D 120 -6.08 14.23 -26.53
N TYR D 121 -5.83 15.02 -25.52
CA TYR D 121 -6.69 15.00 -24.30
C TYR D 121 -8.19 15.00 -24.69
N GLN D 122 -8.60 15.89 -25.55
CA GLN D 122 -10.04 15.92 -25.96
C GLN D 122 -10.28 14.87 -27.06
N ARG D 123 -9.46 14.85 -28.07
CA ARG D 123 -9.63 13.85 -29.17
C ARG D 123 -9.66 12.43 -28.58
N LEU D 124 -8.70 12.11 -27.75
CA LEU D 124 -8.67 10.76 -27.13
C LEU D 124 -9.85 10.59 -26.16
N GLY D 125 -10.32 11.68 -25.60
CA GLY D 125 -11.47 11.59 -24.66
C GLY D 125 -10.95 11.63 -23.21
N LEU D 126 -11.78 11.25 -22.27
CA LEU D 126 -11.33 11.26 -20.84
C LEU D 126 -10.60 9.97 -20.51
N ASP D 127 -10.45 9.66 -19.25
CA ASP D 127 -9.75 8.40 -18.86
C ASP D 127 -10.61 7.19 -19.20
N TYR D 128 -10.80 6.91 -20.46
CA TYR D 128 -11.63 5.74 -20.86
C TYR D 128 -10.77 4.72 -21.62
N GLU D 129 -9.52 4.60 -21.27
CA GLU D 129 -8.63 3.62 -21.97
C GLU D 129 -9.23 2.22 -21.89
N GLU D 130 -9.75 1.85 -20.75
CA GLU D 130 -10.35 0.49 -20.61
C GLU D 130 -11.50 0.31 -21.61
N ARG D 131 -12.04 1.39 -22.11
CA ARG D 131 -13.16 1.28 -23.08
C ARG D 131 -12.62 1.02 -24.49
N VAL D 132 -11.68 1.82 -24.93
CA VAL D 132 -11.12 1.63 -26.31
C VAL D 132 -10.07 0.51 -26.34
N LEU D 133 -9.52 0.15 -25.21
CA LEU D 133 -8.48 -0.94 -25.21
C LEU D 133 -9.09 -2.26 -25.72
N PRO D 134 -10.09 -2.75 -25.01
CA PRO D 134 -10.73 -4.02 -25.42
C PRO D 134 -11.60 -3.82 -26.66
N SER D 135 -12.17 -2.65 -26.81
CA SER D 135 -13.05 -2.40 -27.99
C SER D 135 -12.26 -2.64 -29.28
N ILE D 136 -11.16 -1.94 -29.47
CA ILE D 136 -10.37 -2.13 -30.71
C ILE D 136 -9.70 -3.52 -30.70
N VAL D 137 -9.18 -3.92 -29.58
CA VAL D 137 -8.53 -5.26 -29.49
C VAL D 137 -9.55 -6.36 -29.80
N ASN D 138 -10.69 -6.29 -29.17
CA ASN D 138 -11.74 -7.34 -29.41
C ASN D 138 -12.31 -7.21 -30.83
N GLU D 139 -12.15 -6.07 -31.45
CA GLU D 139 -12.70 -5.88 -32.82
C GLU D 139 -11.75 -6.51 -33.86
N VAL D 140 -10.57 -5.97 -34.00
CA VAL D 140 -9.60 -6.53 -35.00
C VAL D 140 -9.31 -8.00 -34.69
N LEU D 141 -9.33 -8.36 -33.44
CA LEU D 141 -9.06 -9.78 -33.05
C LEU D 141 -10.06 -10.72 -33.75
N LYS D 142 -11.26 -10.26 -33.98
CA LYS D 142 -12.28 -11.12 -34.64
C LYS D 142 -12.07 -11.15 -36.16
N SER D 143 -12.10 -10.01 -36.80
CA SER D 143 -11.93 -9.97 -38.27
C SER D 143 -10.67 -10.72 -38.71
N VAL D 144 -9.56 -10.48 -38.06
CA VAL D 144 -8.30 -11.17 -38.44
C VAL D 144 -8.50 -12.69 -38.55
N VAL D 145 -9.25 -13.27 -37.65
CA VAL D 145 -9.49 -14.74 -37.70
C VAL D 145 -10.17 -15.12 -39.02
N ALA D 146 -11.34 -14.58 -39.27
CA ALA D 146 -12.07 -14.92 -40.53
C ALA D 146 -11.20 -14.55 -41.75
N LYS D 147 -10.25 -13.68 -41.58
CA LYS D 147 -9.37 -13.28 -42.72
C LYS D 147 -8.30 -14.35 -42.97
N PHE D 148 -7.41 -14.53 -42.03
CA PHE D 148 -6.33 -15.54 -42.22
C PHE D 148 -6.87 -16.94 -41.89
N ASN D 149 -6.09 -17.96 -42.16
CA ASN D 149 -6.54 -19.35 -41.87
C ASN D 149 -5.68 -19.98 -40.77
N ALA D 150 -6.00 -21.19 -40.38
CA ALA D 150 -5.19 -21.86 -39.32
C ALA D 150 -3.90 -22.43 -39.89
N SER D 151 -3.93 -22.89 -41.12
CA SER D 151 -2.70 -23.46 -41.74
C SER D 151 -1.56 -22.43 -41.71
N GLN D 152 -1.82 -21.23 -42.14
CA GLN D 152 -0.76 -20.18 -42.14
C GLN D 152 -0.57 -19.63 -40.72
N LEU D 153 -1.55 -19.79 -39.87
CA LEU D 153 -1.42 -19.26 -38.47
C LEU D 153 -0.46 -20.15 -37.66
N ILE D 154 -0.76 -21.41 -37.57
CA ILE D 154 0.13 -22.33 -36.78
C ILE D 154 1.58 -22.21 -37.27
N THR D 155 1.77 -21.82 -38.50
CA THR D 155 3.16 -21.68 -39.03
C THR D 155 3.94 -20.66 -38.20
N GLN D 156 3.30 -19.58 -37.82
CA GLN D 156 4.00 -18.54 -37.01
C GLN D 156 2.98 -17.50 -36.51
N ARG D 157 2.82 -17.37 -35.23
CA ARG D 157 1.86 -16.38 -34.69
C ARG D 157 2.31 -14.95 -35.05
N ALA D 158 3.54 -14.79 -35.45
CA ALA D 158 4.04 -13.42 -35.81
C ALA D 158 3.60 -13.05 -37.23
N GLN D 159 3.68 -13.97 -38.17
CA GLN D 159 3.27 -13.66 -39.58
C GLN D 159 1.86 -13.05 -39.60
N VAL D 160 1.05 -13.38 -38.63
CA VAL D 160 -0.33 -12.82 -38.61
C VAL D 160 -0.32 -11.39 -38.04
N SER D 161 0.34 -11.19 -36.94
CA SER D 161 0.40 -9.82 -36.34
C SER D 161 1.09 -8.84 -37.30
N LEU D 162 1.94 -9.35 -38.16
CA LEU D 162 2.64 -8.44 -39.12
C LEU D 162 1.62 -7.68 -39.98
N LEU D 163 0.70 -8.39 -40.59
CA LEU D 163 -0.32 -7.70 -41.43
C LEU D 163 -1.30 -6.92 -40.56
N ILE D 164 -1.50 -7.36 -39.35
CA ILE D 164 -2.45 -6.64 -38.45
C ILE D 164 -1.78 -5.38 -37.86
N ARG D 165 -0.47 -5.38 -37.77
CA ARG D 165 0.24 -4.20 -37.21
C ARG D 165 -0.10 -2.95 -38.03
N ARG D 166 -0.41 -3.11 -39.29
CA ARG D 166 -0.74 -1.92 -40.13
C ARG D 166 -2.05 -1.29 -39.65
N GLU D 167 -3.09 -2.07 -39.54
CA GLU D 167 -4.40 -1.52 -39.07
C GLU D 167 -4.24 -0.94 -37.66
N LEU D 168 -3.26 -1.38 -36.93
CA LEU D 168 -3.06 -0.85 -35.55
C LEU D 168 -2.84 0.66 -35.59
N THR D 169 -1.80 1.11 -36.24
CA THR D 169 -1.53 2.57 -36.32
C THR D 169 -2.75 3.31 -36.86
N GLU D 170 -3.58 2.64 -37.60
CA GLU D 170 -4.80 3.31 -38.17
C GLU D 170 -5.90 3.37 -37.10
N ARG D 171 -6.16 2.29 -36.43
CA ARG D 171 -7.23 2.28 -35.39
C ARG D 171 -6.72 2.91 -34.08
N ALA D 172 -5.50 2.64 -33.73
CA ALA D 172 -4.94 3.22 -32.46
C ALA D 172 -4.78 4.74 -32.59
N LYS D 173 -4.03 5.18 -33.57
CA LYS D 173 -3.83 6.65 -33.75
C LYS D 173 -5.18 7.35 -33.93
N ASP D 174 -6.19 6.63 -34.34
CA ASP D 174 -7.53 7.26 -34.54
C ASP D 174 -8.01 7.94 -33.25
N PHE D 175 -7.53 7.49 -32.12
CA PHE D 175 -7.96 8.11 -30.83
C PHE D 175 -6.97 9.18 -30.38
N SER D 176 -5.75 9.11 -30.83
CA SER D 176 -4.73 10.13 -30.43
C SER D 176 -3.44 9.94 -31.22
N LEU D 177 -2.51 10.87 -31.10
CA LEU D 177 -1.23 10.74 -31.84
C LEU D 177 -0.11 10.33 -30.88
N ILE D 178 0.38 9.13 -31.01
CA ILE D 178 1.47 8.66 -30.10
C ILE D 178 2.29 7.56 -30.78
N LEU D 179 3.53 7.42 -30.42
CA LEU D 179 4.39 6.37 -31.05
C LEU D 179 4.49 5.17 -30.10
N ASP D 180 4.00 4.03 -30.53
CA ASP D 180 4.05 2.82 -29.65
C ASP D 180 4.19 1.55 -30.50
N ASP D 181 4.75 0.51 -29.96
CA ASP D 181 4.91 -0.75 -30.73
C ASP D 181 3.80 -1.73 -30.33
N VAL D 182 3.39 -2.59 -31.23
CA VAL D 182 2.29 -3.54 -30.88
C VAL D 182 2.66 -4.98 -31.22
N ALA D 183 2.53 -5.86 -30.26
CA ALA D 183 2.83 -7.30 -30.48
C ALA D 183 2.02 -8.10 -29.46
N ILE D 184 1.69 -9.33 -29.77
CA ILE D 184 0.86 -10.12 -28.82
C ILE D 184 1.36 -11.56 -28.71
N THR D 185 1.07 -12.20 -27.61
CA THR D 185 1.49 -13.63 -27.43
C THR D 185 0.29 -14.50 -27.81
N GLU D 186 0.38 -15.19 -28.91
CA GLU D 186 -0.79 -16.01 -29.38
C GLU D 186 -0.54 -17.50 -29.25
N LEU D 187 -1.61 -18.23 -29.09
CA LEU D 187 -1.55 -19.71 -29.01
C LEU D 187 -2.73 -20.26 -29.81
N SER D 188 -2.49 -21.20 -30.68
CA SER D 188 -3.60 -21.73 -31.51
C SER D 188 -4.12 -23.07 -30.98
N PHE D 189 -5.40 -23.31 -31.14
CA PHE D 189 -5.99 -24.58 -30.65
C PHE D 189 -6.20 -25.55 -31.82
N SER D 190 -6.12 -26.83 -31.57
CA SER D 190 -6.32 -27.82 -32.67
C SER D 190 -7.77 -27.77 -33.17
N MET E 1 -35.14 63.30 6.87
CA MET E 1 -33.78 63.32 6.23
C MET E 1 -33.05 62.01 6.50
N ALA E 2 -33.77 60.93 6.64
CA ALA E 2 -33.12 59.61 6.90
C ALA E 2 -32.16 59.71 8.10
N GLN E 3 -32.69 59.68 9.29
CA GLN E 3 -31.82 59.77 10.50
C GLN E 3 -31.22 58.40 10.84
N ASN E 4 -31.95 57.35 10.55
CA ASN E 4 -31.44 55.98 10.86
C ASN E 4 -30.20 55.69 10.02
N LEU E 5 -30.12 56.24 8.83
CA LEU E 5 -28.93 56.00 7.97
C LEU E 5 -27.70 56.71 8.54
N LYS E 6 -27.90 57.78 9.26
CA LYS E 6 -26.76 58.52 9.84
C LYS E 6 -26.23 57.80 11.09
N ASP E 7 -27.08 57.06 11.75
CA ASP E 7 -26.64 56.32 12.98
C ASP E 7 -25.73 55.16 12.60
N LEU E 8 -25.90 54.61 11.43
CA LEU E 8 -25.04 53.47 11.01
C LEU E 8 -23.58 53.92 10.90
N ALA E 9 -23.34 55.05 10.28
CA ALA E 9 -21.95 55.55 10.14
C ALA E 9 -21.35 55.85 11.52
N GLY E 10 -22.18 56.22 12.47
CA GLY E 10 -21.67 56.53 13.83
C GLY E 10 -21.31 55.24 14.56
N ARG E 11 -21.83 54.12 14.12
CA ARG E 11 -21.52 52.82 14.78
C ARG E 11 -20.10 52.36 14.41
N LEU E 12 -19.60 52.81 13.30
CA LEU E 12 -18.22 52.38 12.88
C LEU E 12 -17.19 52.80 13.92
N PRO E 13 -17.12 54.09 14.20
CA PRO E 13 -16.16 54.60 15.20
C PRO E 13 -16.59 54.21 16.62
N ALA E 14 -17.82 53.81 16.80
CA ALA E 14 -18.29 53.43 18.16
C ALA E 14 -17.44 52.29 18.73
N GLY E 15 -16.85 51.50 17.87
CA GLY E 15 -15.99 50.38 18.36
C GLY E 15 -14.73 50.29 17.51
N PRO E 16 -13.76 51.09 17.85
CA PRO E 16 -12.47 51.09 17.10
C PRO E 16 -11.66 49.83 17.42
N ARG E 17 -11.84 49.29 18.60
CA ARG E 17 -11.08 48.06 18.97
C ARG E 17 -11.64 46.84 18.25
N GLY E 18 -12.89 46.89 17.86
CA GLY E 18 -13.50 45.74 17.14
C GLY E 18 -12.76 45.52 15.81
N MET E 19 -12.22 46.57 15.24
CA MET E 19 -11.49 46.42 13.96
C MET E 19 -10.08 45.86 14.20
N GLY E 20 -9.43 46.31 15.25
CA GLY E 20 -8.07 45.81 15.54
C GLY E 20 -8.13 44.31 15.85
N THR E 21 -9.05 43.90 16.67
CA THR E 21 -9.18 42.45 17.00
C THR E 21 -9.53 41.65 15.75
N ALA E 22 -10.16 42.27 14.79
CA ALA E 22 -10.54 41.54 13.54
C ALA E 22 -9.29 40.94 12.89
N LEU E 23 -8.15 41.51 13.13
CA LEU E 23 -6.90 40.95 12.52
C LEU E 23 -6.64 39.54 13.04
N LYS E 24 -6.77 39.33 14.32
CA LYS E 24 -6.54 37.96 14.88
C LYS E 24 -7.49 36.96 14.22
N LEU E 25 -8.65 37.41 13.81
CA LEU E 25 -9.62 36.49 13.15
C LEU E 25 -9.13 36.10 11.76
N LEU E 26 -8.40 36.97 11.12
CA LEU E 26 -7.89 36.66 9.75
C LEU E 26 -7.00 35.41 9.78
N LEU E 27 -6.01 35.40 10.63
CA LEU E 27 -5.11 34.21 10.71
C LEU E 27 -5.91 32.94 11.03
N GLY E 28 -6.90 33.04 11.87
CA GLY E 28 -7.72 31.84 12.22
C GLY E 28 -8.45 31.34 10.98
N ALA E 29 -8.72 32.20 10.04
CA ALA E 29 -9.43 31.75 8.80
C ALA E 29 -8.50 30.93 7.91
N GLY E 30 -7.22 31.20 7.97
CA GLY E 30 -6.26 30.44 7.13
C GLY E 30 -6.07 29.03 7.69
N ALA E 31 -6.01 28.90 8.99
CA ALA E 31 -5.82 27.55 9.60
C ALA E 31 -7.02 26.65 9.31
N VAL E 32 -8.17 27.24 9.06
CA VAL E 32 -9.38 26.41 8.78
C VAL E 32 -9.33 25.86 7.34
N ALA E 33 -8.52 26.45 6.50
CA ALA E 33 -8.44 25.96 5.10
C ALA E 33 -7.62 24.67 5.02
N TYR E 34 -6.66 24.51 5.90
CA TYR E 34 -5.83 23.27 5.88
C TYR E 34 -6.71 22.04 6.13
N GLY E 35 -7.55 22.10 7.12
CA GLY E 35 -8.44 20.93 7.42
C GLY E 35 -9.27 20.60 6.19
N VAL E 36 -9.63 21.59 5.42
CA VAL E 36 -10.45 21.34 4.19
C VAL E 36 -9.55 20.85 3.06
N ARG E 37 -8.31 21.26 3.05
CA ARG E 37 -7.38 20.82 1.96
C ARG E 37 -7.35 19.29 1.84
N GLU E 38 -7.57 18.60 2.93
CA GLU E 38 -7.55 17.11 2.88
C GLU E 38 -8.86 16.57 2.29
N SER E 39 -9.97 17.27 2.43
CA SER E 39 -11.25 16.76 1.86
C SER E 39 -12.14 17.91 1.32
N VAL E 40 -12.93 17.63 0.31
CA VAL E 40 -13.83 18.70 -0.27
C VAL E 40 -15.08 18.05 -0.92
N PHE E 41 -15.88 18.82 -1.62
CA PHE E 41 -17.10 18.23 -2.29
C PHE E 41 -17.02 18.37 -3.81
N THR E 42 -16.62 19.52 -4.33
CA THR E 42 -16.53 19.67 -5.83
C THR E 42 -15.72 18.51 -6.43
N VAL E 43 -16.35 17.67 -7.21
CA VAL E 43 -15.63 16.51 -7.82
C VAL E 43 -14.39 16.99 -8.58
N GLU E 44 -13.52 16.08 -8.94
CA GLU E 44 -12.29 16.47 -9.67
C GLU E 44 -11.85 15.34 -10.61
N GLY E 45 -10.99 15.64 -11.55
CA GLY E 45 -10.51 14.59 -12.50
C GLY E 45 -11.70 14.06 -13.31
N GLY E 46 -11.69 12.80 -13.62
CA GLY E 46 -12.82 12.22 -14.40
C GLY E 46 -13.80 11.52 -13.47
N HIS E 47 -14.09 12.10 -12.35
CA HIS E 47 -15.04 11.46 -11.39
C HIS E 47 -16.41 12.14 -11.47
N ARG E 48 -17.46 11.41 -11.16
CA ARG E 48 -18.84 11.97 -11.26
C ARG E 48 -19.49 12.15 -9.86
N ALA E 49 -20.49 12.99 -9.76
CA ALA E 49 -21.13 13.27 -8.42
C ALA E 49 -22.43 12.50 -8.18
N ILE E 50 -22.74 12.27 -6.92
CA ILE E 50 -23.98 11.55 -6.51
C ILE E 50 -24.61 12.28 -5.29
N PHE E 51 -25.90 12.20 -5.09
CA PHE E 51 -26.53 12.95 -3.93
C PHE E 51 -27.34 12.08 -2.96
N PHE E 52 -27.26 12.39 -1.68
CA PHE E 52 -28.04 11.64 -0.64
C PHE E 52 -28.12 12.47 0.66
N ASN E 53 -29.15 12.28 1.44
CA ASN E 53 -29.28 13.07 2.72
C ASN E 53 -29.29 12.14 3.95
N ARG E 54 -28.86 12.62 5.09
CA ARG E 54 -28.84 11.76 6.33
C ARG E 54 -30.25 11.22 6.62
N ILE E 55 -30.58 10.07 6.10
CA ILE E 55 -31.94 9.49 6.36
C ILE E 55 -32.00 8.02 5.94
N GLY E 56 -31.40 7.68 4.83
CA GLY E 56 -31.43 6.25 4.38
C GLY E 56 -31.18 6.18 2.87
N GLY E 57 -30.13 5.51 2.46
CA GLY E 57 -29.82 5.40 1.01
C GLY E 57 -28.46 6.03 0.72
N VAL E 58 -27.42 5.55 1.37
CA VAL E 58 -26.06 6.12 1.13
C VAL E 58 -25.61 5.86 -0.32
N GLN E 59 -25.86 6.78 -1.21
CA GLN E 59 -25.45 6.59 -2.63
C GLN E 59 -23.94 6.81 -2.78
N GLN E 60 -23.16 5.76 -2.69
CA GLN E 60 -21.69 5.91 -2.83
C GLN E 60 -21.15 4.99 -3.93
N ASP E 61 -22.01 4.50 -4.79
CA ASP E 61 -21.54 3.59 -5.88
C ASP E 61 -22.16 4.02 -7.22
N THR E 62 -22.07 5.29 -7.54
CA THR E 62 -22.66 5.78 -8.83
C THR E 62 -21.98 7.09 -9.29
N ILE E 63 -21.61 7.17 -10.55
CA ILE E 63 -20.95 8.43 -11.06
C ILE E 63 -21.46 8.84 -12.48
N LEU E 64 -21.96 10.06 -12.63
CA LEU E 64 -22.43 10.56 -13.98
C LEU E 64 -21.38 11.48 -14.67
N ALA E 65 -21.41 12.79 -14.47
CA ALA E 65 -20.40 13.69 -15.16
C ALA E 65 -19.88 14.82 -14.22
N GLU E 66 -19.21 15.84 -14.77
CA GLU E 66 -18.66 16.95 -13.89
C GLU E 66 -19.43 18.27 -14.05
N GLY E 67 -19.52 19.01 -12.98
CA GLY E 67 -20.23 20.33 -12.97
C GLY E 67 -19.73 21.09 -11.73
N LEU E 68 -19.81 22.41 -11.65
CA LEU E 68 -19.30 23.01 -10.38
C LEU E 68 -20.50 23.17 -9.43
N HIS E 69 -20.64 22.18 -8.57
CA HIS E 69 -21.73 22.15 -7.54
C HIS E 69 -21.44 21.00 -6.58
N PHE E 70 -21.60 21.16 -5.29
CA PHE E 70 -21.33 19.98 -4.39
C PHE E 70 -21.51 20.32 -2.91
N ARG E 71 -22.20 19.46 -2.21
CA ARG E 71 -22.44 19.66 -0.75
C ARG E 71 -22.75 21.12 -0.42
N ILE E 72 -23.52 21.77 -1.25
CA ILE E 72 -23.87 23.20 -0.99
C ILE E 72 -24.94 23.30 0.10
N PRO E 73 -26.02 22.57 -0.05
CA PRO E 73 -27.11 22.61 0.96
C PRO E 73 -26.67 21.90 2.25
N TRP E 74 -27.60 21.57 3.10
CA TRP E 74 -27.25 20.89 4.37
C TRP E 74 -27.72 19.43 4.36
N PHE E 75 -28.70 19.11 3.56
CA PHE E 75 -29.19 17.70 3.51
C PHE E 75 -28.45 16.90 2.43
N GLN E 76 -27.34 17.38 1.96
CA GLN E 76 -26.57 16.62 0.92
C GLN E 76 -25.37 15.93 1.56
N TYR E 77 -24.94 14.83 0.99
CA TYR E 77 -23.79 14.08 1.59
C TYR E 77 -22.70 13.83 0.55
N PRO E 78 -21.49 13.67 1.02
CA PRO E 78 -20.37 13.40 0.13
C PRO E 78 -20.06 11.90 0.06
N ILE E 79 -20.40 11.29 -1.04
CA ILE E 79 -20.13 9.83 -1.25
C ILE E 79 -20.18 9.60 -2.77
N ILE E 80 -19.05 9.35 -3.39
CA ILE E 80 -19.05 9.17 -4.89
C ILE E 80 -18.35 7.88 -5.32
N TYR E 81 -18.69 7.39 -6.49
CA TYR E 81 -18.09 6.12 -6.99
C TYR E 81 -16.93 6.38 -7.95
N ASP E 82 -15.77 5.86 -7.64
CA ASP E 82 -14.59 6.07 -8.54
C ASP E 82 -14.33 4.82 -9.38
N ILE E 83 -13.92 4.99 -10.61
CA ILE E 83 -13.65 3.81 -11.48
C ILE E 83 -12.40 3.08 -10.99
N ARG E 84 -12.30 1.80 -11.27
CA ARG E 84 -11.11 1.01 -10.81
C ARG E 84 -11.12 -0.38 -11.46
N ALA E 85 -9.96 -0.91 -11.75
CA ALA E 85 -9.89 -2.26 -12.37
C ALA E 85 -10.53 -3.30 -11.44
N ARG E 86 -11.51 -4.03 -11.91
CA ARG E 86 -12.16 -5.05 -11.05
C ARG E 86 -11.68 -6.46 -11.44
N PRO E 87 -10.90 -7.05 -10.57
CA PRO E 87 -10.38 -8.41 -10.82
C PRO E 87 -11.22 -9.44 -10.05
N ARG E 88 -11.99 -10.24 -10.74
CA ARG E 88 -12.82 -11.26 -10.05
C ARG E 88 -13.20 -12.38 -11.05
N LYS E 89 -12.60 -13.56 -10.93
CA LYS E 89 -12.91 -14.69 -11.89
C LYS E 89 -12.46 -16.07 -11.33
N ILE E 90 -13.08 -17.16 -11.75
CA ILE E 90 -12.65 -18.52 -11.25
C ILE E 90 -12.85 -19.62 -12.31
N SER E 91 -12.07 -20.66 -12.21
CA SER E 91 -12.22 -21.81 -13.14
C SER E 91 -12.97 -22.93 -12.41
N SER E 92 -14.19 -23.21 -12.79
CA SER E 92 -14.96 -24.26 -12.07
C SER E 92 -15.19 -25.49 -12.97
N PRO E 93 -15.10 -26.66 -12.36
CA PRO E 93 -15.32 -27.91 -13.10
C PRO E 93 -16.75 -28.42 -12.87
N THR E 94 -17.57 -28.38 -13.88
CA THR E 94 -18.98 -28.85 -13.70
C THR E 94 -19.51 -29.45 -15.01
N GLY E 95 -20.17 -30.58 -14.93
CA GLY E 95 -20.71 -31.21 -16.16
C GLY E 95 -22.02 -31.92 -15.83
N SER E 96 -23.12 -31.42 -16.32
CA SER E 96 -24.44 -32.06 -16.03
C SER E 96 -25.13 -32.49 -17.33
N LYS E 97 -24.47 -32.35 -18.44
CA LYS E 97 -25.09 -32.75 -19.74
C LYS E 97 -24.43 -34.03 -20.26
N ASP E 98 -23.17 -34.20 -20.01
CA ASP E 98 -22.47 -35.43 -20.49
C ASP E 98 -22.09 -36.32 -19.30
N LEU E 99 -21.58 -37.49 -19.57
CA LEU E 99 -21.19 -38.41 -18.46
C LEU E 99 -19.80 -38.04 -17.92
N GLN E 100 -18.91 -37.66 -18.79
CA GLN E 100 -17.54 -37.28 -18.33
C GLN E 100 -17.60 -35.99 -17.49
N MET E 101 -16.48 -35.39 -17.21
CA MET E 101 -16.49 -34.14 -16.40
C MET E 101 -16.28 -32.92 -17.30
N VAL E 102 -17.19 -31.98 -17.26
CA VAL E 102 -17.05 -30.76 -18.12
C VAL E 102 -16.56 -29.59 -17.27
N ASN E 103 -15.76 -28.73 -17.85
CA ASN E 103 -15.25 -27.55 -17.07
C ASN E 103 -15.90 -26.27 -17.57
N ILE E 104 -16.04 -25.29 -16.72
CA ILE E 104 -16.68 -24.01 -17.15
C ILE E 104 -16.14 -22.84 -16.33
N SER E 105 -16.01 -21.69 -16.93
CA SER E 105 -15.50 -20.50 -16.20
C SER E 105 -16.26 -19.25 -16.65
N LEU E 106 -16.97 -18.61 -15.76
CA LEU E 106 -17.74 -17.40 -16.16
C LEU E 106 -17.35 -16.19 -15.32
N ARG E 107 -17.45 -15.01 -15.86
CA ARG E 107 -17.09 -13.78 -15.11
C ARG E 107 -17.85 -12.58 -15.67
N VAL E 108 -18.11 -11.59 -14.85
CA VAL E 108 -18.85 -10.39 -15.33
C VAL E 108 -17.97 -9.14 -15.16
N LEU E 109 -18.16 -8.15 -15.99
CA LEU E 109 -17.35 -6.91 -15.88
C LEU E 109 -18.18 -5.77 -15.31
N SER E 110 -17.60 -4.93 -14.49
CA SER E 110 -18.36 -3.79 -13.90
C SER E 110 -17.97 -2.49 -14.60
N ARG E 111 -18.90 -1.88 -15.29
CA ARG E 111 -18.58 -0.60 -16.00
C ARG E 111 -19.24 0.59 -15.28
N PRO E 112 -18.54 1.69 -15.23
CA PRO E 112 -19.07 2.90 -14.56
C PRO E 112 -20.15 3.55 -15.43
N ASN E 113 -19.97 3.55 -16.72
CA ASN E 113 -20.98 4.17 -17.63
C ASN E 113 -21.26 5.62 -17.21
N ALA E 114 -22.10 6.30 -17.93
CA ALA E 114 -22.42 7.71 -17.59
C ALA E 114 -23.92 7.99 -17.80
N GLN E 115 -24.73 6.98 -17.71
CA GLN E 115 -26.20 7.17 -17.92
C GLN E 115 -26.92 7.22 -16.56
N GLU E 116 -26.80 8.32 -15.86
CA GLU E 116 -27.48 8.44 -14.52
C GLU E 116 -27.10 7.26 -13.62
N LEU E 117 -26.07 7.41 -12.84
CA LEU E 117 -25.65 6.30 -11.93
C LEU E 117 -26.52 6.25 -10.65
N PRO E 118 -27.06 7.38 -10.23
CA PRO E 118 -27.91 7.37 -9.01
C PRO E 118 -29.24 6.65 -9.27
N SER E 119 -29.88 6.92 -10.39
CA SER E 119 -31.16 6.21 -10.70
C SER E 119 -30.91 4.71 -10.71
N MET E 120 -29.80 4.31 -11.27
CA MET E 120 -29.47 2.86 -11.34
C MET E 120 -28.87 2.38 -10.02
N TYR E 121 -28.39 3.28 -9.19
CA TYR E 121 -27.78 2.84 -7.89
C TYR E 121 -28.80 2.06 -7.05
N GLN E 122 -29.83 2.71 -6.59
CA GLN E 122 -30.85 1.99 -5.75
C GLN E 122 -31.50 0.88 -6.59
N ARG E 123 -31.52 1.03 -7.89
CA ARG E 123 -32.12 -0.02 -8.75
C ARG E 123 -31.13 -1.17 -8.94
N LEU E 124 -29.86 -0.86 -8.90
CA LEU E 124 -28.82 -1.92 -9.06
C LEU E 124 -28.63 -2.67 -7.75
N GLY E 125 -28.34 -1.96 -6.69
CA GLY E 125 -28.14 -2.63 -5.38
C GLY E 125 -26.96 -1.97 -4.64
N LEU E 126 -27.02 -1.93 -3.33
CA LEU E 126 -25.92 -1.30 -2.56
C LEU E 126 -24.59 -2.02 -2.84
N ASP E 127 -24.43 -3.21 -2.32
CA ASP E 127 -23.17 -3.97 -2.56
C ASP E 127 -23.36 -4.96 -3.70
N TYR E 128 -23.61 -4.47 -4.89
CA TYR E 128 -23.82 -5.39 -6.05
C TYR E 128 -22.56 -6.22 -6.31
N GLU E 129 -21.40 -5.62 -6.17
CA GLU E 129 -20.14 -6.38 -6.42
C GLU E 129 -20.12 -7.67 -5.60
N GLU E 130 -20.50 -7.61 -4.35
CA GLU E 130 -20.49 -8.83 -3.51
C GLU E 130 -21.77 -9.67 -3.72
N ARG E 131 -22.90 -9.02 -3.87
CA ARG E 131 -24.17 -9.80 -4.01
C ARG E 131 -24.44 -10.30 -5.45
N VAL E 132 -24.69 -9.43 -6.38
CA VAL E 132 -25.03 -9.89 -7.78
C VAL E 132 -23.79 -10.26 -8.60
N LEU E 133 -22.68 -9.59 -8.41
CA LEU E 133 -21.47 -9.91 -9.24
C LEU E 133 -21.18 -11.43 -9.23
N PRO E 134 -21.11 -12.00 -8.06
CA PRO E 134 -20.82 -13.45 -7.95
C PRO E 134 -22.07 -14.28 -8.30
N SER E 135 -23.24 -13.75 -8.04
CA SER E 135 -24.48 -14.51 -8.36
C SER E 135 -24.56 -14.80 -9.86
N ILE E 136 -24.71 -13.78 -10.67
CA ILE E 136 -24.79 -13.99 -12.14
C ILE E 136 -23.55 -14.73 -12.65
N VAL E 137 -22.47 -14.69 -11.92
CA VAL E 137 -21.23 -15.38 -12.36
C VAL E 137 -21.32 -16.89 -12.04
N ASN E 138 -21.58 -17.23 -10.81
CA ASN E 138 -21.68 -18.67 -10.43
C ASN E 138 -23.05 -19.24 -10.82
N GLU E 139 -24.06 -18.42 -10.90
CA GLU E 139 -25.41 -18.92 -11.26
C GLU E 139 -25.41 -19.50 -12.69
N VAL E 140 -25.19 -18.67 -13.67
CA VAL E 140 -25.18 -19.16 -15.08
C VAL E 140 -24.10 -20.23 -15.26
N LEU E 141 -22.93 -20.00 -14.70
CA LEU E 141 -21.83 -20.99 -14.83
C LEU E 141 -22.32 -22.41 -14.46
N LYS E 142 -23.12 -22.51 -13.44
CA LYS E 142 -23.64 -23.84 -13.03
C LYS E 142 -24.79 -24.29 -13.93
N SER E 143 -25.60 -23.37 -14.37
CA SER E 143 -26.76 -23.75 -15.24
C SER E 143 -26.30 -23.96 -16.70
N VAL E 144 -25.19 -23.39 -17.08
CA VAL E 144 -24.71 -23.55 -18.49
C VAL E 144 -24.17 -24.97 -18.70
N VAL E 145 -23.26 -25.40 -17.88
CA VAL E 145 -22.68 -26.78 -18.04
C VAL E 145 -23.79 -27.82 -18.16
N ALA E 146 -24.92 -27.57 -17.56
CA ALA E 146 -26.04 -28.56 -17.64
C ALA E 146 -26.60 -28.62 -19.05
N LYS E 147 -26.81 -27.47 -19.66
CA LYS E 147 -27.37 -27.46 -21.05
C LYS E 147 -26.26 -27.72 -22.07
N PHE E 148 -25.08 -27.20 -21.84
CA PHE E 148 -23.96 -27.42 -22.81
C PHE E 148 -23.40 -28.83 -22.65
N ASN E 149 -22.87 -29.39 -23.71
CA ASN E 149 -22.30 -30.77 -23.62
C ASN E 149 -20.80 -30.71 -23.35
N ALA E 150 -20.19 -31.82 -23.06
CA ALA E 150 -18.72 -31.84 -22.78
C ALA E 150 -17.93 -31.82 -24.09
N SER E 151 -18.35 -32.58 -25.07
CA SER E 151 -17.62 -32.61 -26.38
C SER E 151 -17.51 -31.20 -26.96
N GLN E 152 -18.56 -30.42 -26.86
CA GLN E 152 -18.51 -29.03 -27.43
C GLN E 152 -17.66 -28.12 -26.54
N LEU E 153 -17.53 -28.46 -25.28
CA LEU E 153 -16.72 -27.60 -24.36
C LEU E 153 -15.23 -27.72 -24.70
N ILE E 154 -14.69 -28.91 -24.69
CA ILE E 154 -13.25 -29.09 -25.00
C ILE E 154 -12.94 -28.57 -26.42
N THR E 155 -13.92 -28.54 -27.29
CA THR E 155 -13.68 -28.05 -28.67
C THR E 155 -13.17 -26.60 -28.64
N GLN E 156 -13.79 -25.76 -27.85
CA GLN E 156 -13.34 -24.34 -27.78
C GLN E 156 -13.97 -23.65 -26.56
N ARG E 157 -13.22 -22.83 -25.89
CA ARG E 157 -13.79 -22.13 -24.69
C ARG E 157 -14.49 -20.83 -25.13
N ALA E 158 -14.23 -20.38 -26.32
CA ALA E 158 -14.89 -19.12 -26.79
C ALA E 158 -16.31 -19.43 -27.29
N GLN E 159 -16.50 -20.54 -27.94
CA GLN E 159 -17.86 -20.89 -28.46
C GLN E 159 -18.88 -20.92 -27.31
N VAL E 160 -18.54 -21.55 -26.22
CA VAL E 160 -19.49 -21.61 -25.07
C VAL E 160 -19.84 -20.19 -24.60
N SER E 161 -18.99 -19.24 -24.86
CA SER E 161 -19.27 -17.85 -24.42
C SER E 161 -20.39 -17.24 -25.27
N LEU E 162 -20.57 -17.74 -26.47
CA LEU E 162 -21.63 -17.19 -27.36
C LEU E 162 -23.01 -17.43 -26.73
N LEU E 163 -23.27 -18.63 -26.31
CA LEU E 163 -24.60 -18.93 -25.68
C LEU E 163 -24.78 -18.10 -24.40
N ILE E 164 -23.74 -17.94 -23.64
CA ILE E 164 -23.84 -17.16 -22.38
C ILE E 164 -23.93 -15.65 -22.70
N ARG E 165 -23.45 -15.25 -23.85
CA ARG E 165 -23.49 -13.81 -24.22
C ARG E 165 -24.94 -13.32 -24.24
N ARG E 166 -25.85 -14.16 -24.67
CA ARG E 166 -27.29 -13.74 -24.71
C ARG E 166 -27.92 -13.86 -23.32
N GLU E 167 -27.45 -14.79 -22.53
CA GLU E 167 -28.03 -14.96 -21.15
C GLU E 167 -27.45 -13.92 -20.20
N LEU E 168 -26.21 -13.56 -20.38
CA LEU E 168 -25.59 -12.54 -19.48
C LEU E 168 -26.20 -11.16 -19.73
N THR E 169 -26.59 -10.88 -20.95
CA THR E 169 -27.19 -9.56 -21.25
C THR E 169 -28.49 -9.37 -20.46
N GLU E 170 -29.39 -10.31 -20.56
CA GLU E 170 -30.68 -10.19 -19.81
C GLU E 170 -30.41 -10.23 -18.30
N ARG E 171 -29.46 -11.03 -17.88
CA ARG E 171 -29.16 -11.11 -16.42
C ARG E 171 -28.47 -9.82 -15.96
N ALA E 172 -27.46 -9.38 -16.67
CA ALA E 172 -26.76 -8.12 -16.29
C ALA E 172 -27.69 -6.92 -16.49
N LYS E 173 -28.40 -6.89 -17.58
CA LYS E 173 -29.33 -5.75 -17.84
C LYS E 173 -30.41 -5.70 -16.76
N ASP E 174 -30.75 -6.82 -16.19
CA ASP E 174 -31.80 -6.85 -15.13
C ASP E 174 -31.46 -5.84 -14.03
N PHE E 175 -30.22 -5.75 -13.64
CA PHE E 175 -29.83 -4.79 -12.58
C PHE E 175 -29.55 -3.42 -13.19
N SER E 176 -30.52 -2.54 -13.20
CA SER E 176 -30.33 -1.18 -13.79
C SER E 176 -29.81 -1.29 -15.23
N LEU E 177 -29.45 -0.19 -15.82
CA LEU E 177 -28.95 -0.22 -17.23
C LEU E 177 -27.42 -0.07 -17.24
N ILE E 178 -26.73 -0.99 -17.87
CA ILE E 178 -25.24 -0.91 -17.92
C ILE E 178 -24.72 -1.73 -19.10
N LEU E 179 -23.59 -1.35 -19.63
CA LEU E 179 -23.01 -2.11 -20.79
C LEU E 179 -21.89 -3.02 -20.30
N ASP E 180 -22.00 -4.30 -20.55
CA ASP E 180 -20.95 -5.26 -20.09
C ASP E 180 -20.49 -6.14 -21.25
N ASP E 181 -19.27 -6.60 -21.19
CA ASP E 181 -18.74 -7.48 -22.28
C ASP E 181 -18.79 -8.94 -21.83
N VAL E 182 -19.12 -9.85 -22.71
CA VAL E 182 -19.19 -11.28 -22.31
C VAL E 182 -17.99 -12.07 -22.86
N ALA E 183 -17.11 -12.47 -22.01
CA ALA E 183 -15.92 -13.27 -22.44
C ALA E 183 -15.36 -13.98 -21.22
N ILE E 184 -14.74 -15.11 -21.39
CA ILE E 184 -14.21 -15.84 -20.19
C ILE E 184 -12.98 -16.69 -20.55
N THR E 185 -12.11 -16.89 -19.59
CA THR E 185 -10.92 -17.75 -19.82
C THR E 185 -11.22 -19.11 -19.19
N GLU E 186 -11.42 -20.13 -19.98
CA GLU E 186 -11.79 -21.45 -19.39
C GLU E 186 -10.78 -22.55 -19.74
N LEU E 187 -10.69 -23.52 -18.88
CA LEU E 187 -9.80 -24.68 -19.12
C LEU E 187 -10.65 -25.95 -19.01
N SER E 188 -10.51 -26.87 -19.91
CA SER E 188 -11.35 -28.09 -19.85
C SER E 188 -10.59 -29.28 -19.26
N PHE E 189 -11.28 -30.17 -18.59
CA PHE E 189 -10.61 -31.35 -17.98
C PHE E 189 -10.84 -32.59 -18.85
N SER E 190 -9.80 -33.34 -19.13
CA SER E 190 -9.96 -34.56 -19.97
C SER E 190 -8.86 -35.57 -19.65
N MET F 1 -42.89 43.92 35.39
CA MET F 1 -41.44 44.26 35.26
C MET F 1 -40.65 43.73 36.45
N ALA F 2 -39.37 43.58 36.31
CA ALA F 2 -38.54 43.05 37.43
C ALA F 2 -37.06 43.34 37.19
N GLN F 3 -36.40 44.00 38.11
CA GLN F 3 -34.96 44.32 37.92
C GLN F 3 -34.14 43.02 37.81
N ASN F 4 -34.65 41.94 38.34
CA ASN F 4 -33.91 40.64 38.26
C ASN F 4 -33.62 40.28 36.81
N LEU F 5 -34.42 40.76 35.90
CA LEU F 5 -34.19 40.43 34.46
C LEU F 5 -33.04 41.28 33.90
N LYS F 6 -33.05 42.56 34.15
CA LYS F 6 -31.96 43.44 33.64
C LYS F 6 -30.65 43.13 34.37
N ASP F 7 -30.71 42.87 35.65
CA ASP F 7 -29.47 42.55 36.41
C ASP F 7 -28.82 41.28 35.87
N LEU F 8 -29.61 40.37 35.36
CA LEU F 8 -29.03 39.10 34.81
C LEU F 8 -28.43 39.36 33.42
N ALA F 9 -28.95 40.33 32.71
CA ALA F 9 -28.41 40.61 31.35
C ALA F 9 -26.95 41.04 31.44
N GLY F 10 -26.61 41.85 32.40
CA GLY F 10 -25.20 42.31 32.55
C GLY F 10 -24.32 41.14 33.00
N ARG F 11 -24.93 40.11 33.56
CA ARG F 11 -24.12 38.94 34.02
C ARG F 11 -23.71 38.07 32.83
N LEU F 12 -24.46 38.10 31.76
CA LEU F 12 -24.10 37.27 30.57
C LEU F 12 -22.71 37.65 30.04
N PRO F 13 -22.53 38.90 29.73
CA PRO F 13 -21.21 39.37 29.22
C PRO F 13 -20.18 39.41 30.35
N ALA F 14 -19.25 38.48 30.36
CA ALA F 14 -18.22 38.46 31.43
C ALA F 14 -17.31 39.68 31.31
N GLY F 15 -17.74 40.81 31.81
CA GLY F 15 -16.88 42.04 31.71
C GLY F 15 -16.91 42.57 30.28
N PRO F 16 -16.56 43.83 30.14
CA PRO F 16 -16.55 44.46 28.79
C PRO F 16 -15.37 43.94 27.97
N ARG F 17 -14.22 43.82 28.57
CA ARG F 17 -13.03 43.31 27.83
C ARG F 17 -13.19 41.81 27.54
N GLY F 18 -13.98 41.13 28.33
CA GLY F 18 -14.17 39.66 28.11
C GLY F 18 -14.73 39.42 26.71
N MET F 19 -15.45 40.37 26.17
CA MET F 19 -16.02 40.18 24.81
C MET F 19 -14.90 40.14 23.77
N GLY F 20 -13.82 40.81 24.03
CA GLY F 20 -12.69 40.81 23.06
C GLY F 20 -12.02 39.44 23.04
N THR F 21 -11.88 38.83 24.19
CA THR F 21 -11.24 37.47 24.25
C THR F 21 -12.16 36.42 23.63
N ALA F 22 -13.45 36.66 23.63
CA ALA F 22 -14.41 35.68 23.05
C ALA F 22 -14.01 35.33 21.61
N LEU F 23 -13.34 36.24 20.94
CA LEU F 23 -12.92 35.96 19.53
C LEU F 23 -11.85 34.86 19.51
N LYS F 24 -10.86 34.97 20.35
CA LYS F 24 -9.78 33.93 20.39
C LYS F 24 -10.41 32.54 20.52
N LEU F 25 -11.55 32.46 21.16
CA LEU F 25 -12.22 31.13 21.33
C LEU F 25 -12.89 30.71 20.02
N LEU F 26 -13.41 31.64 19.27
CA LEU F 26 -14.07 31.29 17.98
C LEU F 26 -13.07 30.63 17.03
N LEU F 27 -11.90 31.20 16.89
CA LEU F 27 -10.89 30.62 15.97
C LEU F 27 -10.46 29.23 16.47
N GLY F 28 -10.43 29.03 17.76
CA GLY F 28 -10.02 27.71 18.31
C GLY F 28 -11.06 26.65 17.92
N ALA F 29 -12.31 27.04 17.85
CA ALA F 29 -13.37 26.06 17.48
C ALA F 29 -13.11 25.51 16.07
N GLY F 30 -12.47 26.28 15.24
CA GLY F 30 -12.17 25.79 13.85
C GLY F 30 -10.98 24.83 13.90
N ALA F 31 -9.98 25.14 14.67
CA ALA F 31 -8.79 24.25 14.76
C ALA F 31 -9.19 22.90 15.37
N VAL F 32 -10.05 22.91 16.35
CA VAL F 32 -10.47 21.64 16.99
C VAL F 32 -11.16 20.73 15.97
N ALA F 33 -11.72 21.31 14.93
CA ALA F 33 -12.40 20.48 13.89
C ALA F 33 -11.38 19.72 13.06
N TYR F 34 -10.21 20.27 12.90
CA TYR F 34 -9.16 19.57 12.09
C TYR F 34 -8.85 18.19 12.69
N GLY F 35 -8.53 18.15 13.96
CA GLY F 35 -8.21 16.84 14.61
C GLY F 35 -9.40 15.89 14.45
N VAL F 36 -10.59 16.42 14.47
CA VAL F 36 -11.80 15.56 14.32
C VAL F 36 -12.03 15.21 12.85
N ARG F 37 -11.63 16.08 11.95
CA ARG F 37 -11.84 15.79 10.50
C ARG F 37 -11.26 14.43 10.11
N GLU F 38 -10.23 13.99 10.79
CA GLU F 38 -9.63 12.67 10.46
C GLU F 38 -10.51 11.52 11.00
N SER F 39 -11.27 11.74 12.05
CA SER F 39 -12.14 10.65 12.60
C SER F 39 -13.61 11.08 12.71
N VAL F 40 -14.51 10.17 13.05
CA VAL F 40 -15.96 10.53 13.18
C VAL F 40 -16.78 9.32 13.67
N PHE F 41 -18.02 9.52 14.06
CA PHE F 41 -18.85 8.35 14.54
C PHE F 41 -20.05 8.10 13.59
N THR F 42 -20.64 9.13 13.04
CA THR F 42 -21.81 8.90 12.11
C THR F 42 -21.34 8.02 10.94
N VAL F 43 -21.80 6.80 10.88
CA VAL F 43 -21.39 5.89 9.78
C VAL F 43 -21.56 6.55 8.41
N GLU F 44 -20.60 6.42 7.55
CA GLU F 44 -20.69 7.03 6.19
C GLU F 44 -20.55 5.95 5.11
N GLY F 45 -21.01 6.23 3.92
CA GLY F 45 -20.91 5.22 2.83
C GLY F 45 -21.80 4.01 3.15
N GLY F 46 -21.56 2.90 2.53
CA GLY F 46 -22.40 1.70 2.80
C GLY F 46 -21.81 0.91 3.98
N HIS F 47 -21.94 1.43 5.17
CA HIS F 47 -21.39 0.72 6.36
C HIS F 47 -22.42 0.73 7.50
N ARG F 48 -22.34 -0.25 8.36
CA ARG F 48 -23.31 -0.36 9.49
C ARG F 48 -22.63 0.00 10.84
N ALA F 49 -23.37 0.45 11.84
CA ALA F 49 -22.74 0.86 13.15
C ALA F 49 -22.83 -0.22 14.25
N ILE F 50 -21.89 -0.19 15.17
CA ILE F 50 -21.86 -1.19 16.29
C ILE F 50 -21.62 -0.46 17.64
N PHE F 51 -22.05 -1.01 18.76
CA PHE F 51 -21.88 -0.27 20.07
C PHE F 51 -21.15 -1.10 21.15
N PHE F 52 -20.32 -0.44 21.93
CA PHE F 52 -19.59 -1.13 23.05
C PHE F 52 -19.05 -0.08 24.05
N ASN F 53 -18.89 -0.45 25.30
CA ASN F 53 -18.37 0.53 26.32
C ASN F 53 -17.05 0.03 26.93
N ARG F 54 -16.19 0.92 27.39
CA ARG F 54 -14.89 0.48 28.00
C ARG F 54 -15.15 -0.53 29.12
N ILE F 55 -15.22 -1.80 28.79
CA ILE F 55 -15.46 -2.83 29.84
C ILE F 55 -14.62 -4.08 29.55
N GLY F 56 -14.97 -4.82 28.53
CA GLY F 56 -14.19 -6.04 28.19
C GLY F 56 -14.62 -6.57 26.83
N GLY F 57 -15.77 -7.19 26.75
CA GLY F 57 -16.26 -7.72 25.44
C GLY F 57 -16.44 -6.57 24.46
N VAL F 58 -15.42 -6.22 23.72
CA VAL F 58 -15.53 -5.11 22.75
C VAL F 58 -16.55 -5.45 21.65
N GLN F 59 -16.54 -4.73 20.58
CA GLN F 59 -17.50 -5.02 19.45
C GLN F 59 -17.09 -4.23 18.21
N GLN F 60 -16.14 -4.74 17.46
CA GLN F 60 -15.69 -4.03 16.24
C GLN F 60 -15.97 -4.87 14.98
N ASP F 61 -16.23 -6.15 15.14
CA ASP F 61 -16.50 -7.00 13.96
C ASP F 61 -18.01 -7.14 13.73
N THR F 62 -18.73 -6.04 13.68
CA THR F 62 -20.20 -6.13 13.46
C THR F 62 -20.68 -4.96 12.57
N ILE F 63 -21.98 -4.77 12.41
CA ILE F 63 -22.49 -3.67 11.54
C ILE F 63 -24.03 -3.54 11.64
N LEU F 64 -24.54 -2.36 12.00
CA LEU F 64 -26.02 -2.12 12.09
C LEU F 64 -26.48 -1.12 11.00
N ALA F 65 -27.70 -1.26 10.50
CA ALA F 65 -28.21 -0.34 9.41
C ALA F 65 -27.78 1.13 9.63
N GLU F 66 -27.82 1.94 8.59
CA GLU F 66 -27.40 3.38 8.73
C GLU F 66 -28.42 4.17 9.54
N GLY F 67 -27.96 5.17 10.26
CA GLY F 67 -28.87 5.99 11.10
C GLY F 67 -28.17 7.32 11.40
N LEU F 68 -28.89 8.37 11.70
CA LEU F 68 -28.19 9.65 12.00
C LEU F 68 -28.02 9.74 13.51
N HIS F 69 -26.81 9.54 13.97
CA HIS F 69 -26.51 9.59 15.43
C HIS F 69 -25.01 9.81 15.62
N PHE F 70 -24.62 10.42 16.71
CA PHE F 70 -23.17 10.66 16.95
C PHE F 70 -22.71 9.95 18.22
N ARG F 71 -21.46 9.59 18.30
CA ARG F 71 -20.96 8.91 19.53
C ARG F 71 -20.81 9.95 20.64
N ILE F 72 -21.88 10.62 20.97
CA ILE F 72 -21.82 11.66 22.03
C ILE F 72 -22.84 11.38 23.15
N PRO F 73 -23.11 10.12 23.44
CA PRO F 73 -24.08 9.79 24.51
C PRO F 73 -23.42 9.95 25.89
N TRP F 74 -22.62 8.99 26.29
CA TRP F 74 -21.94 9.08 27.61
C TRP F 74 -20.89 7.96 27.75
N PHE F 75 -21.10 6.83 27.12
CA PHE F 75 -20.11 5.72 27.24
C PHE F 75 -20.14 4.79 26.02
N GLN F 76 -20.26 5.33 24.83
CA GLN F 76 -20.27 4.46 23.61
C GLN F 76 -18.91 4.52 22.91
N TYR F 77 -18.54 3.48 22.22
CA TYR F 77 -17.21 3.47 21.54
C TYR F 77 -17.36 3.31 20.03
N PRO F 78 -16.39 3.80 19.30
CA PRO F 78 -16.42 3.71 17.84
C PRO F 78 -15.56 2.53 17.33
N ILE F 79 -16.22 1.51 16.84
CA ILE F 79 -15.52 0.32 16.26
C ILE F 79 -16.53 -0.38 15.35
N ILE F 80 -16.32 -0.31 14.05
CA ILE F 80 -17.30 -0.92 13.10
C ILE F 80 -16.62 -1.88 12.10
N TYR F 81 -17.37 -2.80 11.57
CA TYR F 81 -16.79 -3.78 10.60
C TYR F 81 -17.10 -3.34 9.16
N ASP F 82 -16.10 -3.32 8.31
CA ASP F 82 -16.33 -2.90 6.90
C ASP F 82 -16.40 -4.12 5.98
N ILE F 83 -17.18 -4.04 4.93
CA ILE F 83 -17.28 -5.20 3.99
C ILE F 83 -15.96 -5.39 3.23
N ARG F 84 -15.38 -6.56 3.34
CA ARG F 84 -14.09 -6.82 2.63
C ARG F 84 -14.01 -8.28 2.20
N ALA F 85 -13.74 -8.54 0.95
CA ALA F 85 -13.65 -9.95 0.47
C ALA F 85 -12.58 -10.71 1.25
N ARG F 86 -12.72 -12.00 1.37
CA ARG F 86 -11.71 -12.80 2.13
C ARG F 86 -11.42 -14.12 1.40
N PRO F 87 -10.20 -14.59 1.53
CA PRO F 87 -9.79 -15.85 0.88
C PRO F 87 -9.86 -17.02 1.87
N ARG F 88 -10.60 -18.04 1.56
CA ARG F 88 -10.71 -19.21 2.47
C ARG F 88 -11.18 -20.46 1.67
N LYS F 89 -10.30 -21.44 1.47
CA LYS F 89 -10.66 -22.67 0.67
C LYS F 89 -9.89 -23.91 1.17
N ILE F 90 -10.39 -25.11 0.89
CA ILE F 90 -9.71 -26.37 1.38
C ILE F 90 -8.83 -27.03 0.32
N SER F 91 -7.85 -27.76 0.77
CA SER F 91 -6.95 -28.50 -0.16
C SER F 91 -6.28 -29.64 0.60
N SER F 92 -6.68 -30.86 0.36
CA SER F 92 -6.07 -32.00 1.08
C SER F 92 -6.30 -33.32 0.33
N PRO F 93 -5.37 -34.23 0.48
CA PRO F 93 -5.47 -35.55 -0.16
C PRO F 93 -5.99 -36.58 0.85
N THR F 94 -7.18 -37.07 0.67
CA THR F 94 -7.73 -38.06 1.65
C THR F 94 -8.17 -39.33 0.92
N GLY F 95 -8.00 -40.46 1.56
CA GLY F 95 -8.42 -41.75 0.93
C GLY F 95 -8.63 -42.80 2.02
N SER F 96 -9.86 -43.20 2.24
CA SER F 96 -10.12 -44.23 3.30
C SER F 96 -11.37 -45.05 2.95
N LYS F 97 -12.45 -44.39 2.60
CA LYS F 97 -13.69 -45.13 2.26
C LYS F 97 -13.44 -46.09 1.08
N ASP F 98 -12.39 -45.83 0.31
CA ASP F 98 -12.09 -46.71 -0.85
C ASP F 98 -10.58 -46.72 -1.12
N LEU F 99 -10.12 -47.59 -1.99
CA LEU F 99 -8.68 -47.64 -2.30
C LEU F 99 -8.32 -46.60 -3.37
N GLN F 100 -8.35 -45.34 -3.01
CA GLN F 100 -8.02 -44.27 -4.00
C GLN F 100 -7.82 -42.94 -3.28
N MET F 101 -7.06 -42.04 -3.87
CA MET F 101 -6.84 -40.72 -3.23
C MET F 101 -7.65 -39.64 -3.93
N VAL F 102 -8.44 -38.90 -3.20
CA VAL F 102 -9.28 -37.83 -3.82
C VAL F 102 -9.00 -36.48 -3.14
N ASN F 103 -8.85 -35.44 -3.91
CA ASN F 103 -8.59 -34.10 -3.31
C ASN F 103 -9.82 -33.20 -3.45
N ILE F 104 -10.20 -32.53 -2.40
CA ILE F 104 -11.40 -31.64 -2.47
C ILE F 104 -11.05 -30.25 -1.95
N SER F 105 -11.68 -29.23 -2.48
CA SER F 105 -11.39 -27.85 -2.00
C SER F 105 -12.67 -26.99 -2.06
N LEU F 106 -13.19 -26.63 -0.92
CA LEU F 106 -14.43 -25.80 -0.90
C LEU F 106 -14.12 -24.39 -0.36
N ARG F 107 -14.69 -23.38 -0.98
CA ARG F 107 -14.42 -21.99 -0.50
C ARG F 107 -15.61 -21.48 0.32
N VAL F 108 -15.36 -20.61 1.26
CA VAL F 108 -16.47 -20.06 2.10
C VAL F 108 -16.51 -18.54 2.00
N LEU F 109 -17.68 -17.96 2.08
CA LEU F 109 -17.78 -16.47 2.01
C LEU F 109 -18.40 -15.91 3.28
N SER F 110 -18.07 -14.70 3.63
CA SER F 110 -18.64 -14.09 4.87
C SER F 110 -19.74 -13.10 4.49
N ARG F 111 -20.91 -13.26 5.04
CA ARG F 111 -22.04 -12.33 4.70
C ARG F 111 -22.24 -11.31 5.84
N PRO F 112 -22.17 -10.05 5.50
CA PRO F 112 -22.35 -8.98 6.51
C PRO F 112 -23.82 -8.90 6.94
N ASN F 113 -24.20 -9.62 7.96
CA ASN F 113 -25.62 -9.59 8.43
C ASN F 113 -26.01 -8.15 8.78
N ALA F 114 -26.79 -7.51 7.95
CA ALA F 114 -27.22 -6.12 8.24
C ALA F 114 -28.07 -6.07 9.51
N GLN F 115 -27.78 -5.16 10.40
CA GLN F 115 -28.57 -5.05 11.67
C GLN F 115 -28.59 -6.40 12.39
N GLU F 116 -27.63 -7.24 12.15
CA GLU F 116 -27.60 -8.58 12.83
C GLU F 116 -26.16 -8.98 13.19
N LEU F 117 -25.21 -8.09 13.01
CA LEU F 117 -23.80 -8.43 13.35
C LEU F 117 -23.51 -8.29 14.86
N PRO F 118 -24.19 -7.39 15.54
CA PRO F 118 -23.93 -7.21 16.99
C PRO F 118 -24.37 -8.46 17.78
N SER F 119 -25.60 -8.88 17.64
CA SER F 119 -26.04 -10.10 18.38
C SER F 119 -25.17 -11.28 17.98
N MET F 120 -24.77 -11.31 16.73
CA MET F 120 -23.90 -12.42 16.25
C MET F 120 -22.43 -12.17 16.62
N TYR F 121 -22.06 -10.95 16.90
CA TYR F 121 -20.62 -10.68 17.23
C TYR F 121 -20.17 -11.52 18.44
N GLN F 122 -20.71 -11.25 19.61
CA GLN F 122 -20.29 -12.03 20.81
C GLN F 122 -20.64 -13.51 20.62
N ARG F 123 -21.65 -13.81 19.85
CA ARG F 123 -22.04 -15.23 19.61
C ARG F 123 -21.07 -15.86 18.59
N LEU F 124 -20.56 -15.06 17.69
CA LEU F 124 -19.62 -15.59 16.66
C LEU F 124 -18.21 -15.71 17.25
N GLY F 125 -17.83 -14.78 18.09
CA GLY F 125 -16.47 -14.84 18.70
C GLY F 125 -15.60 -13.74 18.09
N LEU F 126 -14.78 -13.11 18.89
CA LEU F 126 -13.89 -12.02 18.35
C LEU F 126 -13.03 -12.57 17.21
N ASP F 127 -13.43 -12.31 15.99
CA ASP F 127 -12.64 -12.81 14.81
C ASP F 127 -12.39 -14.31 14.96
N TYR F 128 -13.35 -15.05 15.45
CA TYR F 128 -13.15 -16.52 15.62
C TYR F 128 -13.23 -17.23 14.27
N GLU F 129 -13.55 -16.52 13.21
CA GLU F 129 -13.63 -17.17 11.87
C GLU F 129 -12.33 -17.91 11.56
N GLU F 130 -11.25 -17.53 12.19
CA GLU F 130 -9.95 -18.21 11.93
C GLU F 130 -10.10 -19.72 12.10
N ARG F 131 -10.35 -20.18 13.29
CA ARG F 131 -10.50 -21.65 13.53
C ARG F 131 -11.90 -22.13 13.15
N VAL F 132 -12.91 -21.34 13.42
CA VAL F 132 -14.31 -21.76 13.09
C VAL F 132 -14.46 -22.12 11.61
N LEU F 133 -13.61 -21.61 10.76
CA LEU F 133 -13.73 -21.93 9.31
C LEU F 133 -13.19 -23.33 8.99
N PRO F 134 -11.92 -23.55 9.27
CA PRO F 134 -11.30 -24.87 9.00
C PRO F 134 -11.80 -25.92 9.98
N SER F 135 -12.33 -25.51 11.11
CA SER F 135 -12.82 -26.50 12.11
C SER F 135 -14.16 -27.11 11.69
N ILE F 136 -15.09 -26.30 11.28
CA ILE F 136 -16.42 -26.86 10.87
C ILE F 136 -16.37 -27.43 9.45
N VAL F 137 -15.53 -26.90 8.60
CA VAL F 137 -15.45 -27.42 7.20
C VAL F 137 -14.61 -28.70 7.15
N ASN F 138 -13.53 -28.76 7.89
CA ASN F 138 -12.67 -29.98 7.87
C ASN F 138 -13.41 -31.16 8.50
N GLU F 139 -14.02 -30.96 9.64
CA GLU F 139 -14.75 -32.07 10.31
C GLU F 139 -15.85 -32.61 9.38
N VAL F 140 -16.83 -31.79 9.07
CA VAL F 140 -17.93 -32.25 8.18
C VAL F 140 -17.36 -32.84 6.88
N LEU F 141 -16.46 -32.14 6.25
CA LEU F 141 -15.86 -32.66 4.99
C LEU F 141 -15.14 -33.99 5.24
N LYS F 142 -14.08 -33.95 6.01
CA LYS F 142 -13.32 -35.20 6.31
C LYS F 142 -14.26 -36.28 6.87
N SER F 143 -15.33 -35.88 7.51
CA SER F 143 -16.27 -36.90 8.08
C SER F 143 -17.21 -37.42 6.98
N VAL F 144 -17.73 -36.54 6.16
CA VAL F 144 -18.65 -37.00 5.06
C VAL F 144 -17.85 -37.79 4.01
N VAL F 145 -16.63 -37.40 3.76
CA VAL F 145 -15.81 -38.12 2.75
C VAL F 145 -15.65 -39.59 3.15
N ALA F 146 -15.25 -39.83 4.38
CA ALA F 146 -15.08 -41.25 4.83
C ALA F 146 -16.39 -42.03 4.62
N LYS F 147 -17.51 -41.37 4.70
CA LYS F 147 -18.81 -42.07 4.51
C LYS F 147 -19.09 -42.25 3.01
N PHE F 148 -18.67 -41.30 2.21
CA PHE F 148 -18.90 -41.41 0.74
C PHE F 148 -17.88 -42.37 0.10
N ASN F 149 -17.96 -42.57 -1.18
CA ASN F 149 -17.00 -43.49 -1.85
C ASN F 149 -16.09 -42.69 -2.79
N ALA F 150 -14.94 -43.23 -3.11
CA ALA F 150 -14.01 -42.51 -4.03
C ALA F 150 -14.55 -42.53 -5.46
N SER F 151 -15.16 -43.61 -5.86
CA SER F 151 -15.71 -43.69 -7.24
C SER F 151 -16.94 -42.80 -7.37
N GLN F 152 -17.65 -42.58 -6.30
CA GLN F 152 -18.87 -41.71 -6.36
C GLN F 152 -18.46 -40.24 -6.34
N LEU F 153 -17.37 -39.92 -5.70
CA LEU F 153 -16.92 -38.50 -5.64
C LEU F 153 -16.52 -38.01 -7.04
N ILE F 154 -15.78 -38.80 -7.76
CA ILE F 154 -15.36 -38.39 -9.13
C ILE F 154 -16.57 -38.35 -10.07
N THR F 155 -17.62 -39.05 -9.74
CA THR F 155 -18.83 -39.05 -10.62
C THR F 155 -19.29 -37.62 -10.90
N GLN F 156 -19.35 -36.80 -9.89
CA GLN F 156 -19.79 -35.38 -10.08
C GLN F 156 -19.53 -34.57 -8.82
N ARG F 157 -18.71 -33.55 -8.91
CA ARG F 157 -18.41 -32.72 -7.72
C ARG F 157 -19.70 -32.11 -7.16
N ALA F 158 -20.74 -32.04 -7.95
CA ALA F 158 -22.02 -31.45 -7.47
C ALA F 158 -22.80 -32.48 -6.64
N GLN F 159 -22.50 -33.74 -6.79
CA GLN F 159 -23.25 -34.78 -6.00
C GLN F 159 -22.91 -34.64 -4.52
N VAL F 160 -21.66 -34.79 -4.16
CA VAL F 160 -21.28 -34.68 -2.72
C VAL F 160 -21.62 -33.29 -2.19
N SER F 161 -21.67 -32.30 -3.05
CA SER F 161 -22.00 -30.92 -2.58
C SER F 161 -23.41 -30.89 -1.99
N LEU F 162 -24.33 -31.58 -2.60
CA LEU F 162 -25.73 -31.59 -2.08
C LEU F 162 -25.76 -32.18 -0.66
N LEU F 163 -25.07 -33.27 -0.45
CA LEU F 163 -25.05 -33.90 0.90
C LEU F 163 -24.29 -33.00 1.88
N ILE F 164 -23.26 -32.35 1.43
CA ILE F 164 -22.49 -31.45 2.34
C ILE F 164 -23.23 -30.13 2.55
N ARG F 165 -23.90 -29.65 1.54
CA ARG F 165 -24.66 -28.37 1.68
C ARG F 165 -25.73 -28.51 2.77
N ARG F 166 -26.28 -29.68 2.93
CA ARG F 166 -27.32 -29.89 3.97
C ARG F 166 -26.69 -29.78 5.37
N GLU F 167 -25.51 -30.33 5.53
CA GLU F 167 -24.84 -30.26 6.86
C GLU F 167 -24.20 -28.87 7.04
N LEU F 168 -23.79 -28.26 5.97
CA LEU F 168 -23.15 -26.91 6.07
C LEU F 168 -24.19 -25.87 6.48
N THR F 169 -25.39 -25.97 5.96
CA THR F 169 -26.45 -24.99 6.32
C THR F 169 -26.68 -25.00 7.83
N GLU F 170 -26.60 -26.15 8.44
CA GLU F 170 -26.79 -26.23 9.92
C GLU F 170 -25.55 -25.71 10.64
N ARG F 171 -24.40 -25.87 10.04
CA ARG F 171 -23.14 -25.38 10.68
C ARG F 171 -23.07 -23.85 10.58
N ALA F 172 -23.51 -23.29 9.48
CA ALA F 172 -23.47 -21.81 9.33
C ALA F 172 -24.33 -21.16 10.42
N LYS F 173 -25.52 -21.65 10.61
CA LYS F 173 -26.41 -21.06 11.67
C LYS F 173 -25.84 -21.35 13.06
N ASP F 174 -24.98 -22.35 13.16
CA ASP F 174 -24.38 -22.69 14.48
C ASP F 174 -23.72 -21.45 15.09
N PHE F 175 -22.69 -20.95 14.46
CA PHE F 175 -22.01 -19.74 14.99
C PHE F 175 -22.90 -18.51 14.75
N SER F 176 -23.90 -18.32 15.57
CA SER F 176 -24.83 -17.17 15.39
C SER F 176 -25.55 -17.28 14.05
N LEU F 177 -26.10 -16.20 13.57
CA LEU F 177 -26.83 -16.26 12.27
C LEU F 177 -25.98 -15.67 11.14
N ILE F 178 -25.68 -16.46 10.13
CA ILE F 178 -24.85 -15.96 9.00
C ILE F 178 -25.20 -16.72 7.72
N LEU F 179 -25.03 -16.09 6.58
CA LEU F 179 -25.35 -16.79 5.30
C LEU F 179 -24.05 -17.26 4.62
N ASP F 180 -23.84 -18.55 4.58
CA ASP F 180 -22.60 -19.08 3.94
C ASP F 180 -22.92 -19.73 2.59
N ASP F 181 -21.97 -19.74 1.69
CA ASP F 181 -22.22 -20.36 0.36
C ASP F 181 -21.57 -21.75 0.32
N VAL F 182 -22.29 -22.75 -0.13
CA VAL F 182 -21.71 -24.13 -0.19
C VAL F 182 -21.30 -24.48 -1.62
N ALA F 183 -20.03 -24.62 -1.85
CA ALA F 183 -19.53 -24.99 -3.21
C ALA F 183 -18.13 -25.60 -3.09
N ILE F 184 -17.80 -26.53 -3.94
CA ILE F 184 -16.46 -27.17 -3.84
C ILE F 184 -15.70 -27.05 -5.17
N THR F 185 -14.62 -26.30 -5.19
CA THR F 185 -13.84 -26.18 -6.45
C THR F 185 -12.55 -26.98 -6.33
N GLU F 186 -12.50 -28.15 -6.91
CA GLU F 186 -11.25 -28.95 -6.83
C GLU F 186 -11.24 -30.11 -7.81
N LEU F 187 -10.11 -30.40 -8.40
CA LEU F 187 -10.05 -31.59 -9.31
C LEU F 187 -8.63 -32.13 -9.33
N SER F 188 -8.40 -33.20 -8.61
CA SER F 188 -7.04 -33.84 -8.60
C SER F 188 -7.15 -35.22 -7.95
N PHE F 189 -7.02 -36.26 -8.71
CA PHE F 189 -7.11 -37.62 -8.08
C PHE F 189 -6.50 -38.67 -9.01
N SER F 190 -5.73 -39.57 -8.46
CA SER F 190 -5.10 -40.64 -9.31
C SER F 190 -4.67 -41.82 -8.43
N MET A 1 -15.11 30.53 59.77
CA MET A 1 -13.98 30.45 58.79
C MET A 1 -12.69 30.96 59.43
N ALA A 2 -11.67 31.15 58.63
CA ALA A 2 -10.37 31.65 59.19
C ALA A 2 -9.82 32.78 58.33
N GLN A 3 -8.64 33.24 58.63
CA GLN A 3 -8.03 34.34 57.82
C GLN A 3 -7.28 33.77 56.61
N ASN A 4 -6.73 32.60 56.75
CA ASN A 4 -5.97 31.99 55.62
C ASN A 4 -6.96 31.45 54.58
N LEU A 5 -8.05 30.89 55.01
CA LEU A 5 -9.06 30.34 54.05
C LEU A 5 -9.68 31.47 53.24
N LYS A 6 -9.96 32.58 53.87
CA LYS A 6 -10.58 33.72 53.14
C LYS A 6 -9.52 34.44 52.29
N ASP A 7 -8.29 34.40 52.72
CA ASP A 7 -7.22 35.08 51.93
C ASP A 7 -6.94 34.31 50.63
N LEU A 8 -7.17 33.03 50.63
CA LEU A 8 -6.92 32.22 49.40
C LEU A 8 -7.96 32.56 48.33
N ALA A 9 -9.15 32.93 48.74
CA ALA A 9 -10.21 33.26 47.75
C ALA A 9 -9.95 34.65 47.14
N GLY A 10 -9.30 35.51 47.88
CA GLY A 10 -9.00 36.88 47.34
C GLY A 10 -7.94 36.78 46.26
N ARG A 11 -7.09 35.78 46.32
CA ARG A 11 -6.02 35.64 45.29
C ARG A 11 -6.59 35.02 44.00
N LEU A 12 -7.72 34.35 44.11
CA LEU A 12 -8.32 33.72 42.89
C LEU A 12 -8.50 34.76 41.77
N PRO A 13 -9.20 35.83 42.08
CA PRO A 13 -9.42 36.89 41.07
C PRO A 13 -8.13 37.70 40.85
N ALA A 14 -7.22 37.16 40.08
CA ALA A 14 -5.94 37.88 39.81
C ALA A 14 -6.02 38.65 38.49
N GLY A 15 -6.81 39.69 38.44
CA GLY A 15 -6.95 40.47 37.18
C GLY A 15 -7.65 39.62 36.11
N PRO A 16 -8.30 40.29 35.20
CA PRO A 16 -9.03 39.58 34.11
C PRO A 16 -8.03 39.02 33.09
N ARG A 17 -6.87 39.61 32.98
CA ARG A 17 -5.86 39.10 32.00
C ARG A 17 -5.51 37.64 32.30
N GLY A 18 -5.55 37.25 33.54
CA GLY A 18 -5.22 35.85 33.90
C GLY A 18 -6.27 34.90 33.30
N MET A 19 -7.53 35.23 33.44
CA MET A 19 -8.59 34.35 32.88
C MET A 19 -8.65 34.47 31.35
N GLY A 20 -8.22 35.58 30.83
CA GLY A 20 -8.24 35.77 29.34
C GLY A 20 -7.20 34.84 28.70
N THR A 21 -6.18 34.49 29.42
CA THR A 21 -5.13 33.60 28.85
C THR A 21 -5.52 32.13 29.06
N ALA A 22 -6.31 31.84 30.06
CA ALA A 22 -6.72 30.43 30.32
C ALA A 22 -7.34 29.81 29.07
N LEU A 23 -8.14 30.55 28.35
CA LEU A 23 -8.78 30.00 27.13
C LEU A 23 -7.72 29.61 26.10
N LYS A 24 -6.66 30.36 26.00
CA LYS A 24 -5.58 30.04 25.02
C LYS A 24 -5.14 28.59 25.21
N LEU A 25 -5.22 28.09 26.42
CA LEU A 25 -4.81 26.69 26.70
C LEU A 25 -5.87 25.71 26.20
N LEU A 26 -7.12 26.00 26.43
CA LEU A 26 -8.20 25.08 25.97
C LEU A 26 -8.13 24.89 24.45
N LEU A 27 -7.81 25.94 23.73
CA LEU A 27 -7.72 25.82 22.24
C LEU A 27 -6.45 25.07 21.84
N GLY A 28 -5.36 25.33 22.53
CA GLY A 28 -4.09 24.63 22.20
C GLY A 28 -4.20 23.15 22.52
N ALA A 29 -5.05 22.79 23.46
CA ALA A 29 -5.22 21.36 23.82
C ALA A 29 -5.68 20.55 22.60
N GLY A 30 -6.47 21.15 21.75
CA GLY A 30 -6.95 20.43 20.54
C GLY A 30 -5.76 20.08 19.65
N ALA A 31 -4.77 20.92 19.61
CA ALA A 31 -3.58 20.63 18.76
C ALA A 31 -2.79 19.46 19.34
N VAL A 32 -2.64 19.41 20.64
CA VAL A 32 -1.88 18.29 21.26
C VAL A 32 -2.66 16.98 21.11
N ALA A 33 -3.97 17.06 21.03
CA ALA A 33 -4.78 15.82 20.89
C ALA A 33 -4.48 15.14 19.55
N TYR A 34 -4.10 15.90 18.56
CA TYR A 34 -3.79 15.29 17.23
C TYR A 34 -2.61 14.31 17.37
N GLY A 35 -1.57 14.73 18.04
CA GLY A 35 -0.38 13.82 18.23
C GLY A 35 -0.83 12.56 18.96
N VAL A 36 -1.74 12.69 19.89
CA VAL A 36 -2.22 11.50 20.65
C VAL A 36 -3.26 10.73 19.82
N ARG A 37 -3.98 11.43 18.99
CA ARG A 37 -5.01 10.75 18.14
C ARG A 37 -4.36 9.71 17.22
N GLU A 38 -3.14 9.96 16.81
CA GLU A 38 -2.44 8.99 15.91
C GLU A 38 -1.87 7.82 16.74
N SER A 39 -1.54 8.03 17.99
CA SER A 39 -0.98 6.89 18.82
C SER A 39 -1.41 6.99 20.30
N VAL A 40 -1.54 5.85 20.97
CA VAL A 40 -1.95 5.86 22.43
C VAL A 40 -1.44 4.60 23.15
N PHE A 41 -1.81 4.39 24.40
CA PHE A 41 -1.32 3.17 25.14
C PHE A 41 -2.50 2.24 25.49
N THR A 42 -3.64 2.77 25.89
CA THR A 42 -4.80 1.89 26.25
C THR A 42 -5.11 0.94 25.08
N VAL A 43 -4.88 -0.33 25.27
CA VAL A 43 -5.16 -1.32 24.18
C VAL A 43 -6.57 -1.13 23.63
N GLU A 44 -6.72 -1.17 22.33
CA GLU A 44 -8.08 -0.99 21.73
C GLU A 44 -8.46 -2.24 20.92
N GLY A 45 -9.72 -2.40 20.63
CA GLY A 45 -10.15 -3.60 19.85
C GLY A 45 -9.93 -4.86 20.68
N GLY A 46 -9.32 -5.87 20.10
CA GLY A 46 -9.07 -7.13 20.84
C GLY A 46 -7.57 -7.41 20.91
N HIS A 47 -6.79 -6.40 21.20
CA HIS A 47 -5.31 -6.60 21.27
C HIS A 47 -4.85 -6.57 22.74
N ARG A 48 -3.77 -7.24 23.03
CA ARG A 48 -3.26 -7.33 24.44
C ARG A 48 -2.08 -6.36 24.69
N ALA A 49 -1.85 -5.99 25.93
CA ALA A 49 -0.73 -5.03 26.25
C ALA A 49 0.53 -5.73 26.78
N ILE A 50 1.68 -5.11 26.55
CA ILE A 50 2.99 -5.68 27.01
C ILE A 50 3.82 -4.56 27.69
N PHE A 51 4.70 -4.90 28.61
CA PHE A 51 5.48 -3.81 29.32
C PHE A 51 7.00 -3.98 29.22
N PHE A 52 7.71 -2.89 29.15
CA PHE A 52 9.21 -2.93 29.08
C PHE A 52 9.80 -1.56 29.46
N ASN A 53 11.01 -1.53 29.97
CA ASN A 53 11.65 -0.23 30.38
C ASN A 53 12.77 0.15 29.39
N ARG A 54 13.06 1.43 29.25
CA ARG A 54 14.13 1.87 28.31
C ARG A 54 15.41 1.07 28.54
N ILE A 55 15.62 0.61 29.74
CA ILE A 55 16.85 -0.18 30.04
C ILE A 55 16.75 -1.58 29.42
N GLY A 56 17.70 -1.93 28.59
CA GLY A 56 17.66 -3.27 27.95
C GLY A 56 17.13 -3.14 26.51
N GLY A 57 16.34 -4.08 26.07
CA GLY A 57 15.80 -4.01 24.69
C GLY A 57 15.01 -5.28 24.38
N VAL A 58 13.77 -5.35 24.80
CA VAL A 58 12.95 -6.57 24.53
C VAL A 58 11.47 -6.21 24.41
N GLN A 59 10.60 -7.17 24.50
CA GLN A 59 9.13 -6.88 24.40
C GLN A 59 8.81 -6.21 23.06
N GLN A 60 8.68 -6.99 22.02
CA GLN A 60 8.37 -6.41 20.68
C GLN A 60 7.10 -7.05 20.10
N ASP A 61 6.98 -8.34 20.23
CA ASP A 61 5.77 -9.04 19.69
C ASP A 61 5.15 -9.94 20.76
N THR A 62 4.26 -9.41 21.56
CA THR A 62 3.64 -10.23 22.64
C THR A 62 2.31 -9.60 23.12
N ILE A 63 1.24 -10.35 23.17
CA ILE A 63 -0.07 -9.80 23.63
C ILE A 63 -0.76 -10.73 24.66
N LEU A 64 -1.12 -10.20 25.82
CA LEU A 64 -1.82 -11.01 26.89
C LEU A 64 -3.38 -10.81 26.83
N ALA A 65 -3.92 -9.85 27.57
CA ALA A 65 -5.43 -9.63 27.55
C ALA A 65 -5.77 -8.11 27.62
N GLU A 66 -7.05 -7.77 27.66
CA GLU A 66 -7.44 -6.30 27.71
C GLU A 66 -7.62 -5.83 29.16
N GLY A 67 -7.37 -4.56 29.39
CA GLY A 67 -7.50 -3.99 30.76
C GLY A 67 -7.63 -2.46 30.65
N LEU A 68 -8.22 -1.79 31.60
CA LEU A 68 -8.32 -0.31 31.47
C LEU A 68 -7.16 0.32 32.26
N HIS A 69 -6.17 0.81 31.55
CA HIS A 69 -4.98 1.43 32.20
C HIS A 69 -4.24 2.30 31.18
N PHE A 70 -3.54 3.32 31.63
CA PHE A 70 -2.79 4.19 30.67
C PHE A 70 -1.29 4.13 30.97
N ARG A 71 -0.46 4.23 29.95
CA ARG A 71 1.02 4.19 30.21
C ARG A 71 1.47 5.49 30.88
N ILE A 72 0.97 5.76 32.06
CA ILE A 72 1.36 7.01 32.76
C ILE A 72 1.96 6.72 34.15
N PRO A 73 2.62 5.60 34.31
CA PRO A 73 3.22 5.27 35.63
C PRO A 73 4.52 6.08 35.83
N TRP A 74 5.64 5.57 35.42
CA TRP A 74 6.92 6.32 35.58
C TRP A 74 7.98 5.80 34.59
N PHE A 75 7.93 4.53 34.23
CA PHE A 75 8.94 4.00 33.28
C PHE A 75 8.38 2.81 32.48
N GLN A 76 7.31 3.02 31.74
CA GLN A 76 6.73 1.91 30.91
C GLN A 76 6.74 2.32 29.44
N TYR A 77 6.81 1.36 28.55
CA TYR A 77 6.87 1.71 27.10
C TYR A 77 5.73 1.04 26.31
N PRO A 78 5.37 1.66 25.21
CA PRO A 78 4.28 1.13 24.36
C PRO A 78 4.84 0.34 23.16
N ILE A 79 4.66 -0.96 23.19
CA ILE A 79 5.11 -1.84 22.07
C ILE A 79 4.27 -3.13 22.19
N ILE A 80 3.33 -3.34 21.29
CA ILE A 80 2.43 -4.55 21.43
C ILE A 80 2.32 -5.33 20.11
N TYR A 81 1.95 -6.59 20.21
CA TYR A 81 1.82 -7.45 18.99
C TYR A 81 0.36 -7.50 18.52
N ASP A 82 0.15 -7.69 17.24
CA ASP A 82 -1.25 -7.73 16.71
C ASP A 82 -1.52 -9.03 15.95
N ILE A 83 -2.74 -9.48 15.92
CA ILE A 83 -3.08 -10.73 15.19
C ILE A 83 -2.98 -10.52 13.68
N ARG A 84 -2.72 -11.56 12.93
CA ARG A 84 -2.62 -11.40 11.44
C ARG A 84 -2.44 -12.77 10.79
N ALA A 85 -2.76 -12.89 9.53
CA ALA A 85 -2.60 -14.20 8.83
C ALA A 85 -1.14 -14.63 8.86
N ARG A 86 -0.85 -15.86 8.50
CA ARG A 86 0.57 -16.32 8.52
C ARG A 86 0.83 -17.35 7.41
N PRO A 87 1.57 -16.95 6.42
CA PRO A 87 1.92 -17.84 5.30
C PRO A 87 3.34 -18.39 5.50
N ARG A 88 3.47 -19.66 5.78
CA ARG A 88 4.83 -20.24 5.98
C ARG A 88 4.79 -21.78 5.77
N LYS A 89 5.33 -22.27 4.65
CA LYS A 89 5.31 -23.76 4.36
C LYS A 89 6.37 -24.15 3.29
N ILE A 90 6.84 -25.39 3.29
CA ILE A 90 7.87 -25.82 2.25
C ILE A 90 7.72 -27.29 1.83
N SER A 91 8.16 -27.60 0.63
CA SER A 91 8.14 -29.02 0.17
C SER A 91 9.55 -29.60 0.31
N SER A 92 9.76 -30.50 1.24
CA SER A 92 11.12 -31.08 1.42
C SER A 92 11.17 -32.55 0.98
N PRO A 93 12.01 -32.83 0.02
CA PRO A 93 12.18 -34.21 -0.49
C PRO A 93 13.39 -34.89 0.17
N THR A 94 13.17 -35.90 0.96
CA THR A 94 14.30 -36.60 1.62
C THR A 94 14.20 -38.11 1.41
N GLY A 95 15.33 -38.78 1.28
CA GLY A 95 15.29 -40.25 1.06
C GLY A 95 15.87 -40.97 2.29
N SER A 96 15.17 -41.96 2.79
CA SER A 96 15.68 -42.70 3.98
C SER A 96 15.01 -44.07 4.09
N LYS A 97 13.79 -44.11 4.58
CA LYS A 97 13.08 -45.41 4.70
C LYS A 97 12.29 -45.70 3.42
N ASP A 98 12.33 -46.92 2.93
CA ASP A 98 11.58 -47.27 1.69
C ASP A 98 12.13 -46.48 0.49
N LEU A 99 12.58 -47.16 -0.52
CA LEU A 99 13.13 -46.46 -1.72
C LEU A 99 14.17 -45.41 -1.31
N GLN A 100 14.42 -44.45 -2.16
CA GLN A 100 15.41 -43.39 -1.81
C GLN A 100 14.84 -42.00 -2.08
N MET A 101 13.53 -41.88 -2.03
CA MET A 101 12.90 -40.54 -2.28
C MET A 101 11.60 -40.41 -1.49
N VAL A 102 11.58 -39.56 -0.51
CA VAL A 102 10.34 -39.36 0.30
C VAL A 102 10.23 -37.89 0.72
N ASN A 103 9.23 -37.20 0.24
CA ASN A 103 9.09 -35.76 0.60
C ASN A 103 8.01 -35.57 1.67
N ILE A 104 8.29 -34.76 2.66
CA ILE A 104 7.30 -34.52 3.74
C ILE A 104 7.29 -33.02 4.11
N SER A 105 6.23 -32.34 3.79
CA SER A 105 6.15 -30.88 4.10
C SER A 105 5.25 -30.67 5.33
N LEU A 106 5.48 -29.62 6.08
CA LEU A 106 4.62 -29.38 7.28
C LEU A 106 4.57 -27.89 7.63
N ARG A 107 3.49 -27.46 8.24
CA ARG A 107 3.36 -26.03 8.62
C ARG A 107 2.58 -25.91 9.93
N VAL A 108 2.83 -24.89 10.71
CA VAL A 108 2.10 -24.74 12.00
C VAL A 108 1.36 -23.39 12.05
N LEU A 109 0.22 -23.36 12.71
CA LEU A 109 -0.55 -22.09 12.80
C LEU A 109 -0.42 -21.49 14.20
N SER A 110 0.01 -20.27 14.30
CA SER A 110 0.16 -19.62 15.64
C SER A 110 -1.00 -18.67 15.91
N ARG A 111 -1.80 -18.96 16.91
CA ARG A 111 -2.96 -18.07 17.21
C ARG A 111 -2.65 -17.20 18.43
N PRO A 112 -2.48 -15.92 18.20
CA PRO A 112 -2.18 -14.97 19.30
C PRO A 112 -3.44 -14.70 20.14
N ASN A 113 -4.57 -15.21 19.74
CA ASN A 113 -5.83 -14.97 20.52
C ASN A 113 -5.63 -15.35 21.99
N ALA A 114 -4.72 -16.25 22.26
CA ALA A 114 -4.48 -16.65 23.68
C ALA A 114 -4.00 -15.45 24.51
N GLN A 115 -3.74 -15.65 25.77
CA GLN A 115 -3.27 -14.52 26.62
C GLN A 115 -2.09 -14.97 27.49
N GLU A 116 -0.91 -15.01 26.94
CA GLU A 116 0.28 -15.43 27.73
C GLU A 116 1.57 -15.07 26.99
N LEU A 117 1.59 -13.94 26.31
CA LEU A 117 2.81 -13.55 25.58
C LEU A 117 3.86 -12.88 26.50
N PRO A 118 3.43 -12.26 27.60
CA PRO A 118 4.42 -11.60 28.49
C PRO A 118 5.31 -12.62 29.21
N SER A 119 4.85 -13.83 29.39
CA SER A 119 5.71 -14.85 30.07
C SER A 119 6.72 -15.42 29.08
N MET A 120 6.28 -15.77 27.91
CA MET A 120 7.19 -16.35 26.88
C MET A 120 7.97 -15.23 26.17
N TYR A 121 7.52 -14.00 26.29
CA TYR A 121 8.21 -12.87 25.59
C TYR A 121 9.75 -12.97 25.76
N GLN A 122 10.22 -13.26 26.94
CA GLN A 122 11.71 -13.37 27.12
C GLN A 122 12.17 -14.76 26.67
N ARG A 123 11.30 -15.74 26.73
CA ARG A 123 11.68 -17.12 26.31
C ARG A 123 11.76 -17.19 24.78
N LEU A 124 10.75 -16.74 24.10
CA LEU A 124 10.77 -16.79 22.61
C LEU A 124 11.68 -15.68 22.05
N GLY A 125 11.86 -14.62 22.79
CA GLY A 125 12.73 -13.50 22.31
C GLY A 125 11.85 -12.35 21.82
N LEU A 126 12.24 -11.70 20.76
CA LEU A 126 11.43 -10.56 20.23
C LEU A 126 10.63 -11.01 19.01
N ASP A 127 11.21 -11.85 18.18
CA ASP A 127 10.49 -12.32 16.96
C ASP A 127 11.22 -13.52 16.37
N TYR A 128 11.21 -14.64 17.06
CA TYR A 128 11.90 -15.85 16.53
C TYR A 128 10.97 -16.65 15.62
N GLU A 129 9.76 -16.20 15.40
CA GLU A 129 8.81 -16.95 14.53
C GLU A 129 9.46 -17.26 13.18
N GLU A 130 10.44 -16.49 12.79
CA GLU A 130 11.10 -16.75 11.48
C GLU A 130 12.08 -17.92 11.59
N ARG A 131 12.98 -17.88 12.54
CA ARG A 131 13.97 -18.99 12.69
C ARG A 131 13.36 -20.17 13.46
N VAL A 132 12.48 -19.92 14.40
CA VAL A 132 11.88 -21.04 15.18
C VAL A 132 10.92 -21.87 14.33
N LEU A 133 10.26 -21.27 13.38
CA LEU A 133 9.29 -22.04 12.53
C LEU A 133 10.02 -23.17 11.80
N PRO A 134 11.02 -22.82 11.03
CA PRO A 134 11.78 -23.85 10.26
C PRO A 134 12.66 -24.67 11.20
N SER A 135 13.28 -24.05 12.17
CA SER A 135 14.17 -24.81 13.11
C SER A 135 13.43 -26.03 13.67
N ILE A 136 12.24 -25.85 14.18
CA ILE A 136 11.49 -26.99 14.75
C ILE A 136 10.81 -27.80 13.64
N VAL A 137 10.10 -27.14 12.76
CA VAL A 137 9.40 -27.85 11.65
C VAL A 137 10.42 -28.63 10.80
N ASN A 138 11.53 -28.03 10.47
CA ASN A 138 12.55 -28.73 9.63
C ASN A 138 13.18 -29.90 10.41
N GLU A 139 13.14 -29.84 11.72
CA GLU A 139 13.74 -30.94 12.54
C GLU A 139 12.78 -32.13 12.61
N VAL A 140 11.57 -31.90 13.05
CA VAL A 140 10.59 -33.02 13.16
C VAL A 140 10.30 -33.62 11.77
N LEU A 141 10.47 -32.85 10.72
CA LEU A 141 10.21 -33.39 9.36
C LEU A 141 11.37 -34.27 8.91
N LYS A 142 12.56 -33.98 9.36
CA LYS A 142 13.73 -34.82 8.94
C LYS A 142 13.79 -36.11 9.76
N SER A 143 13.30 -36.08 10.97
CA SER A 143 13.33 -37.31 11.82
C SER A 143 12.17 -38.25 11.44
N VAL A 144 11.01 -37.71 11.18
CA VAL A 144 9.85 -38.58 10.81
C VAL A 144 10.09 -39.28 9.46
N VAL A 145 10.82 -38.65 8.57
CA VAL A 145 11.08 -39.28 7.25
C VAL A 145 11.80 -40.62 7.44
N ALA A 146 12.91 -40.62 8.12
CA ALA A 146 13.65 -41.90 8.35
C ALA A 146 12.78 -42.90 9.11
N LYS A 147 11.87 -42.42 9.92
CA LYS A 147 10.99 -43.34 10.69
C LYS A 147 9.84 -43.84 9.81
N PHE A 148 9.04 -42.96 9.30
CA PHE A 148 7.90 -43.38 8.44
C PHE A 148 8.39 -44.14 7.21
N ASN A 149 7.50 -44.60 6.37
CA ASN A 149 7.91 -45.35 5.16
C ASN A 149 7.20 -44.79 3.92
N ALA A 150 7.90 -44.68 2.82
CA ALA A 150 7.28 -44.14 1.57
C ALA A 150 6.02 -44.93 1.21
N SER A 151 6.13 -46.23 1.10
CA SER A 151 4.95 -47.07 0.73
C SER A 151 3.75 -46.72 1.63
N GLN A 152 3.97 -46.61 2.91
CA GLN A 152 2.85 -46.28 3.83
C GLN A 152 2.57 -44.77 3.82
N LEU A 153 3.55 -43.98 3.44
CA LEU A 153 3.34 -42.50 3.40
C LEU A 153 2.59 -42.10 2.12
N ILE A 154 3.03 -42.57 0.98
CA ILE A 154 2.34 -42.21 -0.29
C ILE A 154 0.87 -42.64 -0.24
N THR A 155 0.55 -43.64 0.53
CA THR A 155 -0.86 -44.10 0.63
C THR A 155 -1.74 -42.98 1.17
N GLN A 156 -1.21 -42.16 2.03
CA GLN A 156 -2.02 -41.04 2.61
C GLN A 156 -1.11 -40.04 3.33
N ARG A 157 -0.94 -38.87 2.79
CA ARG A 157 -0.06 -37.85 3.46
C ARG A 157 -0.68 -37.39 4.79
N ALA A 158 -1.93 -37.68 5.00
CA ALA A 158 -2.58 -37.26 6.27
C ALA A 158 -2.18 -38.20 7.42
N GLN A 159 -2.04 -39.47 7.14
CA GLN A 159 -1.65 -40.43 8.22
C GLN A 159 -0.33 -40.01 8.85
N VAL A 160 0.47 -39.24 8.15
CA VAL A 160 1.77 -38.79 8.72
C VAL A 160 1.55 -37.68 9.74
N SER A 161 0.65 -36.77 9.44
CA SER A 161 0.38 -35.65 10.40
C SER A 161 -0.13 -36.20 11.73
N LEU A 162 -0.83 -37.30 11.70
CA LEU A 162 -1.36 -37.89 12.97
C LEU A 162 -0.20 -38.25 13.91
N LEU A 163 0.76 -38.99 13.43
CA LEU A 163 1.92 -39.38 14.28
C LEU A 163 2.71 -38.13 14.68
N ILE A 164 2.90 -37.21 13.77
CA ILE A 164 3.67 -35.97 14.10
C ILE A 164 2.84 -35.05 14.99
N ARG A 165 1.55 -35.20 14.98
CA ARG A 165 0.68 -34.33 15.83
C ARG A 165 1.08 -34.46 17.31
N ARG A 166 1.67 -35.57 17.67
CA ARG A 166 2.07 -35.76 19.10
C ARG A 166 3.35 -34.97 19.38
N GLU A 167 4.28 -34.96 18.47
CA GLU A 167 5.55 -34.20 18.69
C GLU A 167 5.32 -32.71 18.48
N LEU A 168 4.41 -32.35 17.62
CA LEU A 168 4.13 -30.91 17.37
C LEU A 168 3.53 -30.26 18.62
N THR A 169 2.61 -30.93 19.28
CA THR A 169 2.00 -30.36 20.50
C THR A 169 3.06 -30.22 21.61
N GLU A 170 4.04 -31.08 21.61
CA GLU A 170 5.11 -31.00 22.65
C GLU A 170 6.06 -29.85 22.34
N ARG A 171 6.45 -29.71 21.11
CA ARG A 171 7.39 -28.61 20.73
C ARG A 171 6.63 -27.30 20.57
N ALA A 172 5.36 -27.37 20.23
CA ALA A 172 4.56 -26.12 20.06
C ALA A 172 4.51 -25.34 21.38
N LYS A 173 3.97 -25.92 22.41
CA LYS A 173 3.89 -25.22 23.72
C LYS A 173 5.29 -24.85 24.21
N ASP A 174 6.30 -25.52 23.71
CA ASP A 174 7.69 -25.23 24.16
C ASP A 174 8.05 -23.77 23.86
N PHE A 175 8.01 -23.38 22.61
CA PHE A 175 8.35 -21.96 22.26
C PHE A 175 7.50 -20.99 23.08
N SER A 176 6.23 -21.27 23.21
CA SER A 176 5.34 -20.36 24.00
C SER A 176 3.98 -21.02 24.23
N LEU A 177 3.02 -20.29 24.71
CA LEU A 177 1.67 -20.89 24.94
C LEU A 177 0.72 -20.47 23.81
N ILE A 178 0.36 -21.40 22.96
CA ILE A 178 -0.55 -21.06 21.82
C ILE A 178 -1.27 -22.32 21.33
N LEU A 179 -2.43 -22.17 20.76
CA LEU A 179 -3.19 -23.35 20.26
C LEU A 179 -3.01 -23.48 18.74
N ASP A 180 -2.30 -24.49 18.30
CA ASP A 180 -2.06 -24.67 16.84
C ASP A 180 -2.64 -26.02 16.36
N ASP A 181 -2.99 -26.10 15.11
CA ASP A 181 -3.55 -27.37 14.58
C ASP A 181 -2.47 -28.14 13.82
N VAL A 182 -2.55 -29.45 13.77
CA VAL A 182 -1.50 -30.23 13.06
C VAL A 182 -2.03 -30.81 11.74
N ALA A 183 -1.57 -30.28 10.64
CA ALA A 183 -1.99 -30.76 9.30
C ALA A 183 -0.97 -30.29 8.28
N ILE A 184 -0.78 -31.00 7.19
CA ILE A 184 0.23 -30.54 6.20
C ILE A 184 -0.14 -30.90 4.76
N THR A 185 0.21 -30.05 3.83
CA THR A 185 -0.05 -30.34 2.39
C THR A 185 1.27 -30.80 1.77
N GLU A 186 1.38 -32.05 1.41
CA GLU A 186 2.68 -32.54 0.85
C GLU A 186 2.50 -33.57 -0.26
N LEU A 187 3.46 -33.62 -1.15
CA LEU A 187 3.44 -34.62 -2.25
C LEU A 187 4.74 -35.42 -2.17
N SER A 188 4.66 -36.71 -2.28
CA SER A 188 5.90 -37.54 -2.17
C SER A 188 6.41 -37.97 -3.54
N PHE A 189 7.70 -38.18 -3.66
CA PHE A 189 8.29 -38.60 -4.96
C PHE A 189 8.59 -40.11 -4.94
N SER A 190 8.43 -40.76 -6.05
CA SER A 190 8.71 -42.23 -6.11
C SER A 190 9.13 -42.64 -7.52
N MET B 1 26.09 37.53 54.29
CA MET B 1 26.05 38.97 53.95
C MET B 1 26.31 39.16 52.45
N ALA B 2 25.27 39.42 51.69
CA ALA B 2 25.45 39.61 50.22
C ALA B 2 24.25 40.37 49.64
N GLN B 3 24.45 41.58 49.22
CA GLN B 3 23.32 42.38 48.65
C GLN B 3 23.08 41.95 47.19
N ASN B 4 24.07 41.40 46.55
CA ASN B 4 23.89 40.97 45.13
C ASN B 4 22.78 39.92 45.04
N LEU B 5 22.63 39.11 46.05
CA LEU B 5 21.56 38.07 46.03
C LEU B 5 20.17 38.73 46.00
N LYS B 6 20.00 39.79 46.75
CA LYS B 6 18.68 40.47 46.76
C LYS B 6 18.47 41.27 45.47
N ASP B 7 19.54 41.64 44.81
CA ASP B 7 19.40 42.41 43.54
C ASP B 7 18.81 41.53 42.44
N LEU B 8 19.18 40.28 42.40
CA LEU B 8 18.63 39.38 41.35
C LEU B 8 17.15 39.09 41.63
N ALA B 9 16.75 39.11 42.87
CA ALA B 9 15.32 38.84 43.20
C ALA B 9 14.45 40.02 42.77
N GLY B 10 14.99 41.21 42.76
CA GLY B 10 14.20 42.40 42.35
C GLY B 10 14.13 42.47 40.83
N ARG B 11 15.06 41.86 40.15
CA ARG B 11 15.03 41.88 38.65
C ARG B 11 13.99 40.89 38.12
N LEU B 12 13.65 39.90 38.89
CA LEU B 12 12.64 38.91 38.42
C LEU B 12 11.29 39.58 38.19
N PRO B 13 10.77 40.22 39.21
CA PRO B 13 9.46 40.92 39.10
C PRO B 13 9.61 42.19 38.25
N ALA B 14 9.82 42.04 36.97
CA ALA B 14 9.97 43.24 36.10
C ALA B 14 9.22 43.04 34.78
N GLY B 15 8.00 43.49 34.70
CA GLY B 15 7.22 43.32 33.45
C GLY B 15 6.07 42.33 33.69
N PRO B 16 4.86 42.82 33.56
CA PRO B 16 3.67 41.96 33.79
C PRO B 16 3.50 40.97 32.62
N ARG B 17 3.94 41.33 31.45
CA ARG B 17 3.80 40.42 30.29
C ARG B 17 4.77 39.22 30.43
N GLY B 18 5.79 39.36 31.23
CA GLY B 18 6.75 38.25 31.41
C GLY B 18 6.01 36.97 31.84
N MET B 19 5.18 37.08 32.84
CA MET B 19 4.42 35.89 33.31
C MET B 19 3.20 35.65 32.41
N GLY B 20 2.67 36.70 31.82
CA GLY B 20 1.50 36.53 30.93
C GLY B 20 1.92 35.86 29.63
N THR B 21 2.88 36.42 28.95
CA THR B 21 3.35 35.80 27.67
C THR B 21 4.02 34.45 27.94
N ALA B 22 4.54 34.28 29.12
CA ALA B 22 5.22 32.98 29.45
C ALA B 22 4.28 31.80 29.16
N LEU B 23 3.00 31.99 29.35
CA LEU B 23 2.04 30.88 29.08
C LEU B 23 1.94 30.63 27.57
N LYS B 24 1.92 31.68 26.78
CA LYS B 24 1.84 31.50 25.31
C LYS B 24 2.94 30.55 24.82
N LEU B 25 4.04 30.53 25.52
CA LEU B 25 5.16 29.62 25.11
C LEU B 25 4.83 28.18 25.51
N LEU B 26 4.02 27.99 26.51
CA LEU B 26 3.67 26.61 26.95
C LEU B 26 2.94 25.87 25.81
N LEU B 27 1.89 26.45 25.29
CA LEU B 27 1.15 25.77 24.18
C LEU B 27 2.09 25.45 23.02
N GLY B 28 3.13 26.23 22.86
CA GLY B 28 4.08 25.96 21.75
C GLY B 28 4.81 24.64 22.01
N ALA B 29 5.03 24.32 23.26
CA ALA B 29 5.73 23.04 23.58
C ALA B 29 4.92 21.85 23.08
N GLY B 30 3.62 21.93 23.19
CA GLY B 30 2.75 20.82 22.71
C GLY B 30 2.89 20.68 21.19
N ALA B 31 2.90 21.78 20.49
CA ALA B 31 3.02 21.73 19.01
C ALA B 31 4.35 21.09 18.62
N VAL B 32 5.40 21.39 19.34
CA VAL B 32 6.73 20.80 19.00
C VAL B 32 6.71 19.29 19.29
N ALA B 33 5.97 18.87 20.28
CA ALA B 33 5.92 17.42 20.61
C ALA B 33 5.39 16.63 19.39
N TYR B 34 4.56 17.24 18.60
CA TYR B 34 4.02 16.53 17.41
C TYR B 34 5.15 16.20 16.44
N GLY B 35 6.04 17.13 16.20
CA GLY B 35 7.17 16.87 15.28
C GLY B 35 7.96 15.67 15.79
N VAL B 36 8.01 15.48 17.07
CA VAL B 36 8.76 14.32 17.65
C VAL B 36 7.91 13.06 17.55
N ARG B 37 6.61 13.20 17.58
CA ARG B 37 5.73 12.00 17.48
C ARG B 37 5.92 11.31 16.13
N GLU B 38 6.05 12.06 15.07
CA GLU B 38 6.25 11.44 13.73
C GLU B 38 7.70 10.95 13.59
N SER B 39 8.66 11.55 14.28
CA SER B 39 10.08 11.09 14.17
C SER B 39 10.85 11.29 15.50
N VAL B 40 11.86 10.48 15.75
CA VAL B 40 12.65 10.63 17.02
C VAL B 40 13.91 9.73 16.99
N PHE B 41 14.81 9.87 17.95
CA PHE B 41 16.05 9.03 17.95
C PHE B 41 16.32 8.43 19.34
N THR B 42 15.73 7.29 19.64
CA THR B 42 15.98 6.63 20.97
C THR B 42 15.79 5.12 20.81
N VAL B 43 16.19 4.58 19.68
CA VAL B 43 16.03 3.11 19.43
C VAL B 43 14.66 2.61 19.93
N GLU B 44 13.71 2.47 19.04
CA GLU B 44 12.36 1.99 19.44
C GLU B 44 12.01 0.67 18.73
N GLY B 45 12.10 -0.44 19.43
CA GLY B 45 11.80 -1.75 18.77
C GLY B 45 13.00 -2.69 18.94
N GLY B 46 12.94 -3.87 18.39
CA GLY B 46 14.09 -4.83 18.53
C GLY B 46 15.10 -4.63 17.40
N HIS B 47 16.03 -3.70 17.57
CA HIS B 47 17.06 -3.43 16.51
C HIS B 47 18.29 -2.76 17.12
N ARG B 48 19.41 -2.87 16.48
CA ARG B 48 20.67 -2.25 17.02
C ARG B 48 20.94 -0.92 16.33
N ALA B 49 21.63 0.00 16.98
CA ALA B 49 21.83 1.37 16.36
C ALA B 49 23.18 1.56 15.65
N ILE B 50 23.20 2.52 14.75
CA ILE B 50 24.39 2.84 13.91
C ILE B 50 24.77 4.33 14.05
N PHE B 51 26.03 4.68 13.86
CA PHE B 51 26.45 6.12 14.03
C PHE B 51 27.15 6.69 12.78
N PHE B 52 26.78 7.89 12.39
CA PHE B 52 27.44 8.54 11.20
C PHE B 52 27.21 10.06 11.22
N ASN B 53 28.09 10.83 10.62
CA ASN B 53 27.92 12.33 10.63
C ASN B 53 27.98 12.90 9.20
N ARG B 54 27.35 14.04 8.96
CA ARG B 54 27.36 14.66 7.59
C ARG B 54 28.78 14.66 7.01
N ILE B 55 29.69 15.34 7.67
CA ILE B 55 31.09 15.38 7.17
C ILE B 55 31.79 14.05 7.43
N GLY B 56 31.91 13.22 6.44
CA GLY B 56 32.58 11.90 6.64
C GLY B 56 31.85 10.82 5.82
N GLY B 57 30.56 10.95 5.68
CA GLY B 57 29.79 9.95 4.89
C GLY B 57 28.39 9.78 5.49
N VAL B 58 27.74 8.70 5.20
CA VAL B 58 26.37 8.47 5.74
C VAL B 58 26.12 6.97 5.95
N GLN B 59 24.88 6.55 5.90
CA GLN B 59 24.56 5.10 6.09
C GLN B 59 23.16 4.81 5.57
N GLN B 60 22.63 3.63 5.84
CA GLN B 60 21.25 3.31 5.35
C GLN B 60 20.80 1.92 5.83
N ASP B 61 21.32 0.87 5.26
CA ASP B 61 20.89 -0.50 5.67
C ASP B 61 21.53 -0.92 6.99
N THR B 62 21.20 -0.24 8.07
CA THR B 62 21.79 -0.59 9.39
C THR B 62 20.75 -0.33 10.50
N ILE B 63 19.99 -1.35 10.87
CA ILE B 63 18.85 -1.23 11.88
C ILE B 63 19.14 -0.37 13.13
N LEU B 64 18.13 -0.25 14.00
CA LEU B 64 18.24 0.55 15.29
C LEU B 64 16.91 0.57 16.06
N ALA B 65 16.93 0.10 17.29
CA ALA B 65 15.69 0.15 18.14
C ALA B 65 16.01 -0.36 19.57
N GLU B 66 15.18 -0.03 20.53
CA GLU B 66 15.38 -0.49 21.94
C GLU B 66 16.72 -0.05 22.56
N GLY B 67 16.87 1.19 22.92
CA GLY B 67 18.13 1.65 23.57
C GLY B 67 17.91 2.99 24.27
N LEU B 68 18.64 3.30 25.31
CA LEU B 68 18.42 4.63 25.96
C LEU B 68 19.56 5.57 25.58
N HIS B 69 19.32 6.43 24.63
CA HIS B 69 20.34 7.41 24.18
C HIS B 69 19.64 8.44 23.28
N PHE B 70 20.15 9.65 23.20
CA PHE B 70 19.46 10.66 22.32
C PHE B 70 20.38 11.17 21.20
N ARG B 71 19.84 11.41 20.04
CA ARG B 71 20.67 11.94 18.90
C ARG B 71 20.72 13.46 18.98
N ILE B 72 20.90 13.99 20.16
CA ILE B 72 20.94 15.48 20.31
C ILE B 72 22.27 15.94 20.93
N PRO B 73 23.35 15.25 20.66
CA PRO B 73 24.67 15.65 21.21
C PRO B 73 25.23 16.86 20.44
N TRP B 74 25.80 16.63 19.29
CA TRP B 74 26.37 17.76 18.49
C TRP B 74 26.38 17.40 17.00
N PHE B 75 27.07 16.35 16.64
CA PHE B 75 27.11 15.95 15.20
C PHE B 75 26.81 14.46 15.05
N GLN B 76 25.55 14.10 14.96
CA GLN B 76 25.17 12.67 14.81
C GLN B 76 24.01 12.54 13.82
N TYR B 77 23.90 11.42 13.15
CA TYR B 77 22.80 11.27 12.16
C TYR B 77 21.91 10.06 12.46
N PRO B 78 20.65 10.18 12.12
CA PRO B 78 19.69 9.08 12.33
C PRO B 78 19.45 8.32 11.03
N ILE B 79 19.93 7.10 10.96
CA ILE B 79 19.70 6.27 9.73
C ILE B 79 19.74 4.80 10.14
N ILE B 80 18.63 4.11 10.14
CA ILE B 80 18.64 2.67 10.55
C ILE B 80 17.72 1.83 9.65
N TYR B 81 18.02 0.56 9.56
CA TYR B 81 17.24 -0.37 8.69
C TYR B 81 16.24 -1.18 9.52
N ASP B 82 15.15 -1.60 8.94
CA ASP B 82 14.14 -2.39 9.70
C ASP B 82 14.10 -3.83 9.18
N ILE B 83 13.76 -4.78 10.01
CA ILE B 83 13.70 -6.20 9.56
C ILE B 83 12.44 -6.46 8.73
N ARG B 84 12.47 -7.47 7.90
CA ARG B 84 11.28 -7.80 7.06
C ARG B 84 11.55 -9.09 6.26
N ALA B 85 10.52 -9.84 5.94
CA ALA B 85 10.74 -11.09 5.17
C ALA B 85 11.54 -10.79 3.89
N ARG B 86 11.85 -11.79 3.11
CA ARG B 86 12.63 -11.55 1.87
C ARG B 86 12.38 -12.66 0.85
N PRO B 87 11.70 -12.32 -0.22
CA PRO B 87 11.42 -13.29 -1.29
C PRO B 87 12.43 -13.12 -2.42
N ARG B 88 13.31 -14.07 -2.61
CA ARG B 88 14.33 -13.95 -3.69
C ARG B 88 14.86 -15.35 -4.08
N LYS B 89 14.51 -15.86 -5.25
CA LYS B 89 14.98 -17.24 -5.69
C LYS B 89 14.89 -17.43 -7.22
N ILE B 90 15.70 -18.29 -7.80
CA ILE B 90 15.63 -18.53 -9.29
C ILE B 90 15.93 -19.99 -9.65
N SER B 91 15.41 -20.44 -10.76
CA SER B 91 15.69 -21.82 -11.23
C SER B 91 16.66 -21.74 -12.41
N SER B 92 17.88 -22.18 -12.25
CA SER B 92 18.88 -22.09 -13.36
C SER B 92 19.20 -23.46 -13.94
N PRO B 93 19.07 -23.59 -15.24
CA PRO B 93 19.37 -24.86 -15.94
C PRO B 93 20.79 -24.80 -16.53
N THR B 94 21.65 -25.70 -16.14
CA THR B 94 23.03 -25.70 -16.69
C THR B 94 23.48 -27.11 -17.04
N GLY B 95 24.35 -27.25 -18.00
CA GLY B 95 24.81 -28.61 -18.40
C GLY B 95 26.34 -28.59 -18.62
N SER B 96 27.07 -29.25 -17.77
CA SER B 96 28.55 -29.27 -17.91
C SER B 96 29.12 -30.58 -17.38
N LYS B 97 29.08 -30.78 -16.08
CA LYS B 97 29.62 -32.03 -15.49
C LYS B 97 29.05 -33.27 -16.20
N ASP B 98 27.90 -33.13 -16.80
CA ASP B 98 27.29 -34.30 -17.51
C ASP B 98 26.85 -33.88 -18.92
N LEU B 99 26.44 -34.83 -19.72
CA LEU B 99 26.00 -34.51 -21.11
C LEU B 99 24.54 -34.05 -21.10
N GLN B 100 23.72 -34.67 -20.30
CA GLN B 100 22.28 -34.29 -20.24
C GLN B 100 22.16 -32.84 -19.76
N MET B 101 21.00 -32.46 -19.28
CA MET B 101 20.82 -31.06 -18.78
C MET B 101 20.25 -31.07 -17.37
N VAL B 102 21.03 -30.66 -16.40
CA VAL B 102 20.55 -30.64 -14.99
C VAL B 102 20.45 -29.20 -14.50
N ASN B 103 19.42 -28.89 -13.74
CA ASN B 103 19.28 -27.49 -13.23
C ASN B 103 19.63 -27.42 -11.76
N ILE B 104 20.54 -26.56 -11.40
CA ILE B 104 20.93 -26.43 -9.97
C ILE B 104 20.78 -24.97 -9.54
N SER B 105 19.85 -24.69 -8.67
CA SER B 105 19.65 -23.29 -8.21
C SER B 105 19.40 -23.25 -6.70
N LEU B 106 20.14 -22.44 -6.00
CA LEU B 106 19.95 -22.34 -4.51
C LEU B 106 19.84 -20.87 -4.11
N ARG B 107 19.13 -20.59 -3.05
CA ARG B 107 19.00 -19.17 -2.61
C ARG B 107 19.42 -19.01 -1.15
N VAL B 108 19.90 -17.86 -0.78
CA VAL B 108 20.32 -17.64 0.63
C VAL B 108 19.33 -16.73 1.36
N LEU B 109 19.07 -16.99 2.60
CA LEU B 109 18.10 -16.14 3.36
C LEU B 109 18.87 -15.17 4.26
N SER B 110 18.47 -13.93 4.29
CA SER B 110 19.17 -12.93 5.15
C SER B 110 18.36 -12.66 6.41
N ARG B 111 19.01 -12.62 7.55
CA ARG B 111 18.28 -12.36 8.83
C ARG B 111 19.21 -11.66 9.82
N PRO B 112 18.69 -10.63 10.47
CA PRO B 112 19.50 -9.88 11.46
C PRO B 112 19.68 -10.70 12.74
N ASN B 113 20.63 -10.34 13.56
CA ASN B 113 20.85 -11.09 14.82
C ASN B 113 21.49 -10.18 15.87
N ALA B 114 22.73 -9.80 15.66
CA ALA B 114 23.41 -8.91 16.64
C ALA B 114 23.89 -7.63 15.94
N GLN B 115 24.69 -6.84 16.61
CA GLN B 115 25.18 -5.59 15.98
C GLN B 115 26.13 -5.91 14.83
N GLU B 116 25.61 -6.09 13.65
CA GLU B 116 26.48 -6.41 12.49
C GLU B 116 26.21 -5.45 11.32
N LEU B 117 25.34 -4.49 11.51
CA LEU B 117 25.05 -3.52 10.41
C LEU B 117 26.12 -2.43 10.30
N PRO B 118 26.75 -2.05 11.41
CA PRO B 118 27.77 -0.99 11.36
C PRO B 118 29.07 -1.47 10.70
N SER B 119 29.78 -2.41 11.30
CA SER B 119 31.04 -2.89 10.68
C SER B 119 30.78 -3.36 9.25
N MET B 120 29.66 -4.00 9.02
CA MET B 120 29.34 -4.50 7.66
C MET B 120 28.79 -3.38 6.77
N TYR B 121 28.30 -2.31 7.33
CA TYR B 121 27.75 -1.21 6.48
C TYR B 121 28.76 -0.83 5.38
N GLN B 122 29.90 -0.33 5.75
CA GLN B 122 30.91 0.07 4.72
C GLN B 122 31.67 -1.15 4.20
N ARG B 123 31.73 -2.21 4.98
CA ARG B 123 32.46 -3.43 4.51
C ARG B 123 31.57 -4.25 3.56
N LEU B 124 30.36 -4.52 3.96
CA LEU B 124 29.43 -5.31 3.09
C LEU B 124 29.32 -4.65 1.71
N GLY B 125 29.31 -3.35 1.66
CA GLY B 125 29.19 -2.65 0.34
C GLY B 125 28.13 -1.55 0.43
N LEU B 126 28.20 -0.74 1.46
CA LEU B 126 27.19 0.36 1.61
C LEU B 126 25.76 -0.20 1.62
N ASP B 127 25.17 -0.37 0.46
CA ASP B 127 23.78 -0.91 0.41
C ASP B 127 23.49 -1.50 -0.98
N TYR B 128 23.77 -2.76 -1.16
CA TYR B 128 23.51 -3.40 -2.49
C TYR B 128 23.31 -4.91 -2.31
N GLU B 129 22.43 -5.32 -1.44
CA GLU B 129 22.20 -6.79 -1.23
C GLU B 129 21.91 -7.47 -2.57
N GLU B 130 21.15 -6.85 -3.43
CA GLU B 130 20.85 -7.46 -4.75
C GLU B 130 22.13 -7.83 -5.49
N ARG B 131 23.22 -7.18 -5.16
CA ARG B 131 24.52 -7.49 -5.84
C ARG B 131 25.17 -8.73 -5.22
N VAL B 132 25.30 -8.74 -3.92
CA VAL B 132 25.96 -9.91 -3.24
C VAL B 132 24.96 -11.07 -3.08
N LEU B 133 23.68 -10.79 -3.14
CA LEU B 133 22.68 -11.89 -2.98
C LEU B 133 22.90 -12.98 -4.04
N PRO B 134 22.88 -12.59 -5.29
CA PRO B 134 23.08 -13.57 -6.39
C PRO B 134 24.55 -13.99 -6.48
N SER B 135 25.45 -13.05 -6.41
CA SER B 135 26.91 -13.39 -6.51
C SER B 135 27.26 -14.56 -5.57
N ILE B 136 26.64 -14.61 -4.42
CA ILE B 136 26.95 -15.72 -3.47
C ILE B 136 26.20 -16.99 -3.85
N VAL B 137 24.89 -16.94 -3.84
CA VAL B 137 24.09 -18.16 -4.19
C VAL B 137 24.33 -18.60 -5.63
N ASN B 138 24.61 -17.67 -6.52
CA ASN B 138 24.83 -18.05 -7.94
C ASN B 138 26.25 -18.57 -8.15
N GLU B 139 27.24 -17.88 -7.66
CA GLU B 139 28.65 -18.35 -7.85
C GLU B 139 28.92 -19.63 -7.05
N VAL B 140 28.79 -19.57 -5.75
CA VAL B 140 29.04 -20.77 -4.91
C VAL B 140 28.24 -21.97 -5.42
N LEU B 141 27.12 -21.73 -6.04
CA LEU B 141 26.29 -22.86 -6.56
C LEU B 141 26.84 -23.33 -7.91
N LYS B 142 26.97 -22.45 -8.86
CA LYS B 142 27.49 -22.84 -10.20
C LYS B 142 28.79 -23.65 -10.07
N SER B 143 29.50 -23.46 -8.99
CA SER B 143 30.77 -24.23 -8.80
C SER B 143 30.47 -25.65 -8.33
N VAL B 144 29.35 -25.85 -7.68
CA VAL B 144 28.99 -27.22 -7.20
C VAL B 144 28.41 -28.05 -8.34
N VAL B 145 27.43 -27.52 -9.04
CA VAL B 145 26.81 -28.28 -10.17
C VAL B 145 27.89 -28.76 -11.15
N ALA B 146 28.99 -28.06 -11.22
CA ALA B 146 30.07 -28.47 -12.15
C ALA B 146 30.88 -29.63 -11.57
N LYS B 147 30.93 -29.73 -10.27
CA LYS B 147 31.70 -30.84 -9.63
C LYS B 147 30.89 -32.14 -9.64
N PHE B 148 29.76 -32.15 -8.98
CA PHE B 148 28.91 -33.38 -8.95
C PHE B 148 28.51 -33.78 -10.37
N ASN B 149 27.62 -34.74 -10.49
CA ASN B 149 27.18 -35.18 -11.85
C ASN B 149 25.67 -34.98 -12.01
N ALA B 150 25.14 -35.33 -13.15
CA ALA B 150 23.67 -35.16 -13.37
C ALA B 150 22.89 -36.32 -12.73
N SER B 151 23.35 -37.52 -12.92
CA SER B 151 22.63 -38.71 -12.35
C SER B 151 22.44 -38.53 -10.84
N GLN B 152 23.41 -38.01 -10.15
CA GLN B 152 23.29 -37.83 -8.68
C GLN B 152 22.46 -36.56 -8.36
N LEU B 153 22.51 -35.58 -9.22
CA LEU B 153 21.75 -34.32 -8.96
C LEU B 153 20.27 -34.51 -9.34
N ILE B 154 20.00 -35.16 -10.44
CA ILE B 154 18.59 -35.37 -10.86
C ILE B 154 17.86 -36.28 -9.87
N THR B 155 18.59 -37.13 -9.18
CA THR B 155 17.94 -38.05 -8.21
C THR B 155 17.11 -37.25 -7.18
N GLN B 156 17.66 -36.17 -6.69
CA GLN B 156 16.92 -35.35 -5.69
C GLN B 156 17.54 -33.96 -5.58
N ARG B 157 16.76 -32.93 -5.82
CA ARG B 157 17.31 -31.54 -5.73
C ARG B 157 17.77 -31.23 -4.30
N ALA B 158 17.35 -32.02 -3.35
CA ALA B 158 17.77 -31.77 -1.93
C ALA B 158 19.23 -32.19 -1.72
N GLN B 159 19.59 -33.36 -2.17
CA GLN B 159 21.01 -33.82 -1.98
C GLN B 159 21.99 -32.81 -2.56
N VAL B 160 21.54 -31.99 -3.49
CA VAL B 160 22.45 -30.98 -4.09
C VAL B 160 22.73 -29.85 -3.10
N SER B 161 21.72 -29.41 -2.39
CA SER B 161 21.92 -28.31 -1.41
C SER B 161 22.82 -28.77 -0.26
N LEU B 162 22.95 -30.06 -0.07
CA LEU B 162 23.81 -30.57 1.03
C LEU B 162 25.24 -30.01 0.90
N LEU B 163 25.81 -30.08 -0.27
CA LEU B 163 27.19 -29.56 -0.46
C LEU B 163 27.17 -28.04 -0.60
N ILE B 164 26.13 -27.50 -1.18
CA ILE B 164 26.06 -26.01 -1.34
C ILE B 164 25.81 -25.34 0.02
N ARG B 165 25.22 -26.03 0.94
CA ARG B 165 24.96 -25.43 2.28
C ARG B 165 26.28 -25.11 2.99
N ARG B 166 27.20 -26.04 2.98
CA ARG B 166 28.52 -25.79 3.64
C ARG B 166 29.32 -24.75 2.87
N GLU B 167 29.18 -24.72 1.57
CA GLU B 167 29.94 -23.74 0.75
C GLU B 167 29.26 -22.36 0.81
N LEU B 168 27.97 -22.33 1.03
CA LEU B 168 27.26 -21.02 1.10
C LEU B 168 27.47 -20.39 2.47
N THR B 169 27.62 -21.18 3.50
CA THR B 169 27.83 -20.63 4.87
C THR B 169 29.14 -19.84 4.92
N GLU B 170 30.09 -20.20 4.11
CA GLU B 170 31.40 -19.48 4.12
C GLU B 170 31.28 -18.17 3.32
N ARG B 171 30.73 -18.23 2.14
CA ARG B 171 30.60 -16.99 1.31
C ARG B 171 29.51 -16.09 1.90
N ALA B 172 28.44 -16.67 2.37
CA ALA B 172 27.34 -15.85 2.95
C ALA B 172 27.81 -15.14 4.23
N LYS B 173 28.55 -15.83 5.06
CA LYS B 173 29.05 -15.20 6.31
C LYS B 173 30.27 -14.32 6.02
N ASP B 174 30.97 -14.60 4.95
CA ASP B 174 32.16 -13.78 4.60
C ASP B 174 31.77 -12.30 4.49
N PHE B 175 30.57 -12.02 4.09
CA PHE B 175 30.13 -10.61 3.95
C PHE B 175 29.69 -10.06 5.31
N SER B 176 29.22 -10.92 6.19
CA SER B 176 28.77 -10.45 7.53
C SER B 176 28.42 -11.64 8.41
N LEU B 177 28.01 -11.39 9.63
CA LEU B 177 27.65 -12.51 10.55
C LEU B 177 26.12 -12.63 10.64
N ILE B 178 25.57 -13.68 10.10
CA ILE B 178 24.09 -13.86 10.16
C ILE B 178 23.74 -15.35 10.10
N LEU B 179 22.62 -15.73 10.67
CA LEU B 179 22.22 -17.16 10.64
C LEU B 179 21.17 -17.39 9.55
N ASP B 180 21.53 -18.08 8.51
CA ASP B 180 20.56 -18.32 7.40
C ASP B 180 20.47 -19.82 7.09
N ASP B 181 19.34 -20.25 6.58
CA ASP B 181 19.18 -21.70 6.24
C ASP B 181 19.36 -21.90 4.73
N VAL B 182 19.81 -23.06 4.32
CA VAL B 182 20.03 -23.28 2.87
C VAL B 182 19.02 -24.28 2.30
N ALA B 183 18.12 -23.80 1.48
CA ALA B 183 17.11 -24.69 0.85
C ALA B 183 16.54 -24.01 -0.40
N ILE B 184 16.11 -24.77 -1.37
CA ILE B 184 15.59 -24.13 -2.62
C ILE B 184 14.70 -25.10 -3.40
N THR B 185 13.81 -24.58 -4.21
CA THR B 185 12.93 -25.48 -5.02
C THR B 185 13.57 -25.64 -6.41
N GLU B 186 14.07 -26.81 -6.69
CA GLU B 186 14.76 -27.03 -7.99
C GLU B 186 13.94 -27.87 -8.96
N LEU B 187 14.16 -27.65 -10.22
CA LEU B 187 13.47 -28.43 -11.28
C LEU B 187 14.50 -28.79 -12.34
N SER B 188 14.64 -30.04 -12.67
CA SER B 188 15.69 -30.42 -13.67
C SER B 188 15.08 -30.64 -15.06
N PHE B 189 15.87 -30.41 -16.09
CA PHE B 189 15.37 -30.59 -17.48
C PHE B 189 15.86 -31.92 -18.05
N SER B 190 14.98 -32.86 -18.25
CA SER B 190 15.40 -34.17 -18.81
C SER B 190 15.01 -34.28 -20.28
N MET C 1 35.42 55.55 21.44
CA MET C 1 34.02 55.96 21.74
C MET C 1 33.40 56.65 20.51
N ALA C 2 32.41 56.05 19.92
CA ALA C 2 31.76 56.65 18.73
C ALA C 2 30.26 56.85 18.97
N GLN C 3 29.71 57.92 18.46
CA GLN C 3 28.25 58.16 18.66
C GLN C 3 27.43 57.10 17.93
N ASN C 4 27.95 56.57 16.86
CA ASN C 4 27.20 55.53 16.09
C ASN C 4 27.16 54.22 16.89
N LEU C 5 28.13 53.98 17.72
CA LEU C 5 28.15 52.72 18.53
C LEU C 5 27.35 52.91 19.81
N LYS C 6 27.35 54.09 20.36
CA LYS C 6 26.58 54.33 21.63
C LYS C 6 25.10 54.56 21.31
N ASP C 7 24.81 55.16 20.19
CA ASP C 7 23.38 55.41 19.83
C ASP C 7 22.67 54.08 19.56
N LEU C 8 23.32 53.17 18.87
CA LEU C 8 22.68 51.85 18.59
C LEU C 8 22.40 51.10 19.89
N ALA C 9 23.22 51.31 20.89
CA ALA C 9 23.00 50.60 22.19
C ALA C 9 21.87 51.27 22.97
N GLY C 10 21.69 52.55 22.80
CA GLY C 10 20.60 53.27 23.52
C GLY C 10 19.26 52.99 22.84
N ARG C 11 19.29 52.59 21.60
CA ARG C 11 18.01 52.31 20.88
C ARG C 11 17.47 50.93 21.29
N LEU C 12 18.33 50.04 21.70
CA LEU C 12 17.86 48.69 22.11
C LEU C 12 16.87 48.79 23.29
N PRO C 13 17.31 49.41 24.36
CA PRO C 13 16.44 49.56 25.55
C PRO C 13 15.35 50.61 25.27
N ALA C 14 14.48 50.36 24.33
CA ALA C 14 13.41 51.33 24.02
C ALA C 14 12.32 50.67 23.16
N GLY C 15 11.83 49.54 23.57
CA GLY C 15 10.78 48.85 22.78
C GLY C 15 10.24 47.65 23.57
N PRO C 16 9.30 47.92 24.44
CA PRO C 16 8.70 46.84 25.27
C PRO C 16 7.78 45.96 24.42
N ARG C 17 7.05 46.56 23.50
CA ARG C 17 6.14 45.76 22.64
C ARG C 17 6.95 44.90 21.65
N GLY C 18 8.05 45.43 21.17
CA GLY C 18 8.88 44.66 20.21
C GLY C 18 9.38 43.36 20.86
N MET C 19 9.59 43.38 22.15
CA MET C 19 10.07 42.16 22.85
C MET C 19 8.91 41.21 23.12
N GLY C 20 7.77 41.74 23.48
CA GLY C 20 6.60 40.87 23.77
C GLY C 20 6.19 40.13 22.50
N THR C 21 6.44 40.70 21.35
CA THR C 21 6.07 40.03 20.07
C THR C 21 7.13 39.00 19.67
N ALA C 22 8.34 39.20 20.11
CA ALA C 22 9.43 38.23 19.77
C ALA C 22 9.04 36.81 20.20
N LEU C 23 8.25 36.70 21.24
CA LEU C 23 7.83 35.35 21.72
C LEU C 23 6.85 34.72 20.73
N LYS C 24 5.84 35.45 20.34
CA LYS C 24 4.84 34.91 19.37
C LYS C 24 5.56 34.39 18.12
N LEU C 25 6.67 34.97 17.79
CA LEU C 25 7.43 34.52 16.58
C LEU C 25 8.15 33.21 16.87
N LEU C 26 8.76 33.09 18.02
CA LEU C 26 9.49 31.83 18.37
C LEU C 26 8.55 30.63 18.28
N LEU C 27 7.30 30.83 18.59
CA LEU C 27 6.32 29.71 18.53
C LEU C 27 6.09 29.28 17.07
N GLY C 28 5.94 30.23 16.19
CA GLY C 28 5.72 29.89 14.76
C GLY C 28 6.90 29.10 14.21
N ALA C 29 8.08 29.34 14.75
CA ALA C 29 9.28 28.59 14.27
C ALA C 29 9.11 27.09 14.51
N GLY C 30 8.47 26.73 15.59
CA GLY C 30 8.27 25.28 15.90
C GLY C 30 7.26 24.69 14.91
N ALA C 31 6.37 25.50 14.41
CA ALA C 31 5.35 24.98 13.44
C ALA C 31 5.97 24.84 12.04
N VAL C 32 6.92 25.68 11.72
CA VAL C 32 7.57 25.59 10.38
C VAL C 32 8.46 24.35 10.30
N ALA C 33 9.02 23.94 11.42
CA ALA C 33 9.90 22.74 11.42
C ALA C 33 9.12 21.51 10.95
N TYR C 34 7.84 21.45 11.24
CA TYR C 34 7.03 20.28 10.83
C TYR C 34 6.99 20.19 9.30
N GLY C 35 6.80 21.29 8.63
CA GLY C 35 6.76 21.26 7.14
C GLY C 35 8.08 20.70 6.61
N VAL C 36 9.16 20.92 7.32
CA VAL C 36 10.48 20.41 6.87
C VAL C 36 10.61 18.92 7.23
N ARG C 37 9.96 18.50 8.29
CA ARG C 37 10.06 17.07 8.71
C ARG C 37 9.52 16.15 7.59
N GLU C 38 8.51 16.57 6.89
CA GLU C 38 7.95 15.71 5.81
C GLU C 38 8.84 15.78 4.54
N SER C 39 9.54 16.87 4.32
CA SER C 39 10.42 16.95 3.09
C SER C 39 11.71 17.78 3.37
N VAL C 40 12.78 17.50 2.65
CA VAL C 40 14.07 18.25 2.84
C VAL C 40 14.92 18.22 1.56
N PHE C 41 16.15 18.70 1.62
CA PHE C 41 17.03 18.70 0.39
C PHE C 41 18.33 17.91 0.63
N THR C 42 19.02 18.16 1.73
CA THR C 42 20.29 17.42 2.00
C THR C 42 20.07 15.91 1.88
N VAL C 43 20.64 15.30 0.86
CA VAL C 43 20.48 13.83 0.68
C VAL C 43 20.84 13.09 1.98
N GLU C 44 19.86 12.51 2.63
CA GLU C 44 20.14 11.78 3.92
C GLU C 44 21.25 10.75 3.73
N GLY C 45 20.95 9.60 3.18
CA GLY C 45 22.00 8.57 2.98
C GLY C 45 21.50 7.49 2.02
N GLY C 46 22.38 6.68 1.50
CA GLY C 46 21.95 5.61 0.56
C GLY C 46 21.28 6.23 -0.67
N HIS C 47 21.52 7.49 -0.92
CA HIS C 47 20.90 8.14 -2.10
C HIS C 47 21.83 9.24 -2.65
N ARG C 48 21.73 9.51 -3.91
CA ARG C 48 22.61 10.54 -4.55
C ARG C 48 21.78 11.80 -4.93
N ALA C 49 22.40 12.97 -5.04
CA ALA C 49 21.61 14.24 -5.35
C ALA C 49 21.67 14.65 -6.83
N ILE C 50 20.65 15.37 -7.26
CA ILE C 50 20.53 15.82 -8.68
C ILE C 50 20.11 17.32 -8.73
N PHE C 51 20.46 18.03 -9.80
CA PHE C 51 20.10 19.50 -9.85
C PHE C 51 19.31 19.89 -11.13
N PHE C 52 18.41 20.85 -11.01
CA PHE C 52 17.61 21.34 -12.19
C PHE C 52 16.99 22.72 -11.90
N ASN C 53 16.74 23.50 -12.93
CA ASN C 53 16.13 24.86 -12.73
C ASN C 53 14.70 24.90 -13.29
N ARG C 54 13.84 25.76 -12.77
CA ARG C 54 12.43 25.84 -13.28
C ARG C 54 12.42 26.27 -14.75
N ILE C 55 12.90 25.43 -15.63
CA ILE C 55 12.92 25.78 -17.09
C ILE C 55 13.45 24.60 -17.92
N GLY C 56 12.63 24.05 -18.77
CA GLY C 56 13.09 22.90 -19.61
C GLY C 56 12.57 21.59 -19.01
N GLY C 57 13.23 20.50 -19.29
CA GLY C 57 12.79 19.18 -18.75
C GLY C 57 13.42 18.96 -17.38
N VAL C 58 12.61 18.63 -16.39
CA VAL C 58 13.16 18.41 -15.02
C VAL C 58 14.25 17.33 -15.05
N GLN C 59 15.17 17.38 -14.12
CA GLN C 59 16.25 16.35 -14.09
C GLN C 59 15.90 15.23 -13.11
N GLN C 60 15.09 14.31 -13.53
CA GLN C 60 14.71 13.18 -12.63
C GLN C 60 15.51 11.93 -12.98
N ASP C 61 15.28 10.85 -12.28
CA ASP C 61 16.02 9.58 -12.58
C ASP C 61 17.53 9.82 -12.53
N THR C 62 17.99 10.61 -11.59
CA THR C 62 19.46 10.89 -11.49
C THR C 62 19.94 10.67 -10.04
N ILE C 63 21.24 10.74 -9.81
CA ILE C 63 21.77 10.53 -8.42
C ILE C 63 23.29 10.84 -8.37
N LEU C 64 23.70 11.78 -7.55
CA LEU C 64 25.16 12.11 -7.40
C LEU C 64 25.65 11.78 -5.97
N ALA C 65 26.91 11.41 -5.81
CA ALA C 65 27.46 11.04 -4.44
C ALA C 65 26.92 11.94 -3.32
N GLU C 66 27.03 11.48 -2.08
CA GLU C 66 26.52 12.29 -0.92
C GLU C 66 27.40 13.52 -0.66
N GLY C 67 26.80 14.56 -0.15
CA GLY C 67 27.55 15.82 0.15
C GLY C 67 26.73 16.62 1.16
N LEU C 68 27.33 17.50 1.92
CA LEU C 68 26.49 18.27 2.90
C LEU C 68 26.11 19.60 2.24
N HIS C 69 24.89 19.71 1.80
CA HIS C 69 24.41 20.94 1.12
C HIS C 69 22.87 20.96 1.12
N PHE C 70 22.28 22.10 1.39
CA PHE C 70 20.78 22.17 1.36
C PHE C 70 20.32 21.96 -0.09
N ARG C 71 19.27 22.61 -0.51
CA ARG C 71 18.82 22.43 -1.93
C ARG C 71 19.58 23.41 -2.83
N ILE C 72 20.77 23.79 -2.44
CA ILE C 72 21.58 24.74 -3.29
C ILE C 72 20.80 26.07 -3.41
N PRO C 73 21.46 27.07 -3.94
CA PRO C 73 20.81 28.41 -4.08
C PRO C 73 19.61 28.36 -5.03
N TRP C 74 18.97 29.49 -5.24
CA TRP C 74 17.77 29.54 -6.13
C TRP C 74 18.08 28.94 -7.51
N PHE C 75 17.15 29.07 -8.43
CA PHE C 75 17.36 28.53 -9.81
C PHE C 75 17.69 27.03 -9.76
N GLN C 76 17.36 26.36 -8.70
CA GLN C 76 17.65 24.89 -8.61
C GLN C 76 16.50 24.17 -7.92
N TYR C 77 16.30 22.90 -8.22
CA TYR C 77 15.18 22.14 -7.59
C TYR C 77 15.64 20.78 -7.08
N PRO C 78 14.94 20.27 -6.11
CA PRO C 78 15.28 18.97 -5.53
C PRO C 78 14.41 17.85 -6.11
N ILE C 79 14.99 17.01 -6.93
CA ILE C 79 14.27 15.83 -7.51
C ILE C 79 15.34 14.76 -7.70
N ILE C 80 15.30 13.71 -6.91
CA ILE C 80 16.37 12.67 -6.99
C ILE C 80 15.83 11.27 -7.30
N TYR C 81 16.67 10.42 -7.85
CA TYR C 81 16.24 9.02 -8.18
C TYR C 81 16.69 8.07 -7.06
N ASP C 82 15.94 7.04 -6.82
CA ASP C 82 16.31 6.07 -5.75
C ASP C 82 16.42 4.65 -6.30
N ILE C 83 17.25 3.84 -5.71
CA ILE C 83 17.41 2.44 -6.19
C ILE C 83 16.36 1.52 -5.54
N ARG C 84 15.96 0.49 -6.21
CA ARG C 84 14.94 -0.43 -5.62
C ARG C 84 14.81 -1.70 -6.48
N ALA C 85 15.90 -2.38 -6.72
CA ALA C 85 15.86 -3.63 -7.54
C ALA C 85 15.25 -3.33 -8.91
N ARG C 86 15.28 -4.29 -9.81
CA ARG C 86 14.70 -4.05 -11.16
C ARG C 86 14.33 -5.38 -11.82
N PRO C 87 13.05 -5.63 -11.94
CA PRO C 87 12.56 -6.87 -12.57
C PRO C 87 12.14 -6.60 -14.01
N ARG C 88 12.89 -7.09 -14.97
CA ARG C 88 12.52 -6.86 -16.39
C ARG C 88 13.20 -7.93 -17.29
N LYS C 89 12.44 -8.88 -17.82
CA LYS C 89 13.05 -9.96 -18.69
C LYS C 89 11.98 -10.68 -19.55
N ILE C 90 12.37 -11.22 -20.70
CA ILE C 90 11.38 -11.95 -21.58
C ILE C 90 12.04 -13.12 -22.31
N SER C 91 11.26 -14.10 -22.68
CA SER C 91 11.79 -15.25 -23.45
C SER C 91 11.44 -15.06 -24.92
N SER C 92 12.40 -14.79 -25.77
CA SER C 92 12.08 -14.55 -27.21
C SER C 92 12.47 -15.76 -28.07
N PRO C 93 11.51 -16.28 -28.80
CA PRO C 93 11.75 -17.42 -29.69
C PRO C 93 11.94 -16.93 -31.13
N THR C 94 12.99 -17.34 -31.79
CA THR C 94 13.22 -16.89 -33.19
C THR C 94 13.88 -17.99 -34.02
N GLY C 95 13.62 -18.02 -35.30
CA GLY C 95 14.23 -19.07 -36.17
C GLY C 95 14.90 -18.40 -37.37
N SER C 96 16.17 -18.63 -37.56
CA SER C 96 16.87 -18.01 -38.73
C SER C 96 18.10 -18.84 -39.11
N LYS C 97 19.05 -18.97 -38.23
CA LYS C 97 20.27 -19.76 -38.54
C LYS C 97 19.89 -21.22 -38.81
N ASP C 98 19.03 -21.77 -38.01
CA ASP C 98 18.62 -23.20 -38.21
C ASP C 98 17.14 -23.28 -38.61
N LEU C 99 16.80 -24.19 -39.48
CA LEU C 99 15.38 -24.31 -39.91
C LEU C 99 14.49 -24.66 -38.72
N GLN C 100 15.03 -25.31 -37.72
CA GLN C 100 14.21 -25.68 -36.53
C GLN C 100 13.79 -24.42 -35.78
N MET C 101 13.36 -24.56 -34.55
CA MET C 101 12.92 -23.38 -33.77
C MET C 101 13.97 -23.02 -32.71
N VAL C 102 14.61 -21.89 -32.85
CA VAL C 102 15.65 -21.47 -31.86
C VAL C 102 15.07 -20.42 -30.91
N ASN C 103 15.57 -20.35 -29.70
CA ASN C 103 15.04 -19.35 -28.74
C ASN C 103 16.19 -18.58 -28.08
N ILE C 104 16.33 -17.33 -28.38
CA ILE C 104 17.43 -16.51 -27.77
C ILE C 104 16.83 -15.39 -26.91
N SER C 105 17.16 -15.37 -25.65
CA SER C 105 16.61 -14.31 -24.76
C SER C 105 17.72 -13.71 -23.90
N LEU C 106 17.64 -12.44 -23.60
CA LEU C 106 18.69 -11.80 -22.77
C LEU C 106 18.14 -10.52 -22.11
N ARG C 107 18.60 -10.20 -20.93
CA ARG C 107 18.10 -8.98 -20.25
C ARG C 107 19.27 -8.17 -19.68
N VAL C 108 19.11 -6.88 -19.57
CA VAL C 108 20.20 -6.03 -19.03
C VAL C 108 19.88 -5.61 -17.59
N LEU C 109 20.89 -5.39 -16.79
CA LEU C 109 20.64 -4.97 -15.36
C LEU C 109 21.14 -3.55 -15.13
N SER C 110 20.41 -2.76 -14.40
CA SER C 110 20.84 -1.36 -14.13
C SER C 110 21.42 -1.24 -12.72
N ARG C 111 22.69 -0.96 -12.61
CA ARG C 111 23.32 -0.83 -11.27
C ARG C 111 23.76 0.62 -11.03
N PRO C 112 23.08 1.28 -10.12
CA PRO C 112 23.43 2.69 -9.81
C PRO C 112 24.75 2.77 -9.05
N ASN C 113 25.84 2.43 -9.70
CA ASN C 113 27.16 2.48 -9.02
C ASN C 113 27.83 3.84 -9.27
N ALA C 114 28.75 4.23 -8.42
CA ALA C 114 29.43 5.54 -8.59
C ALA C 114 28.41 6.67 -8.72
N GLN C 115 28.76 7.75 -9.37
CA GLN C 115 27.81 8.88 -9.52
C GLN C 115 27.90 9.45 -10.94
N GLU C 116 27.07 8.99 -11.83
CA GLU C 116 27.11 9.51 -13.23
C GLU C 116 25.69 9.59 -13.81
N LEU C 117 24.71 9.82 -12.97
CA LEU C 117 23.31 9.90 -13.49
C LEU C 117 23.02 11.27 -14.13
N PRO C 118 23.60 12.34 -13.61
CA PRO C 118 23.33 13.68 -14.17
C PRO C 118 23.97 13.86 -15.56
N SER C 119 25.23 13.56 -15.69
CA SER C 119 25.88 13.72 -17.04
C SER C 119 25.11 12.94 -18.09
N MET C 120 24.82 11.70 -17.82
CA MET C 120 24.06 10.86 -18.80
C MET C 120 22.56 11.12 -18.73
N TYR C 121 22.07 11.69 -17.66
CA TYR C 121 20.60 11.93 -17.54
C TYR C 121 20.01 12.56 -18.82
N GLN C 122 20.44 13.74 -19.20
CA GLN C 122 19.87 14.36 -20.45
C GLN C 122 20.25 13.50 -21.66
N ARG C 123 21.33 12.77 -21.57
CA ARG C 123 21.74 11.90 -22.72
C ARG C 123 20.92 10.60 -22.70
N LEU C 124 20.41 10.23 -21.55
CA LEU C 124 19.60 8.97 -21.46
C LEU C 124 18.18 9.22 -21.97
N GLY C 125 17.71 10.43 -21.88
CA GLY C 125 16.33 10.74 -22.36
C GLY C 125 15.56 11.47 -21.26
N LEU C 126 14.54 10.85 -20.73
CA LEU C 126 13.74 11.51 -19.66
C LEU C 126 12.85 10.48 -18.96
N ASP C 127 13.39 9.75 -18.01
CA ASP C 127 12.58 8.72 -17.30
C ASP C 127 11.90 7.79 -18.30
N TYR C 128 12.63 7.29 -19.25
CA TYR C 128 12.03 6.38 -20.26
C TYR C 128 12.85 5.08 -20.39
N GLU C 129 13.22 4.50 -19.28
CA GLU C 129 14.03 3.24 -19.34
C GLU C 129 13.25 2.16 -20.10
N GLU C 130 11.95 2.13 -19.94
CA GLU C 130 11.13 1.11 -20.64
C GLU C 130 11.34 1.19 -22.15
N ARG C 131 11.84 2.30 -22.63
CA ARG C 131 12.06 2.44 -24.10
C ARG C 131 13.38 1.77 -24.52
N VAL C 132 14.46 2.10 -23.85
CA VAL C 132 15.78 1.50 -24.22
C VAL C 132 15.95 0.10 -23.64
N LEU C 133 15.27 -0.21 -22.57
CA LEU C 133 15.41 -1.57 -21.96
C LEU C 133 15.11 -2.67 -22.99
N PRO C 134 13.92 -2.61 -23.55
CA PRO C 134 13.52 -3.63 -24.55
C PRO C 134 14.22 -3.37 -25.89
N SER C 135 14.25 -2.14 -26.32
CA SER C 135 14.91 -1.82 -27.63
C SER C 135 16.32 -2.43 -27.70
N ILE C 136 17.04 -2.45 -26.61
CA ILE C 136 18.41 -3.03 -26.64
C ILE C 136 18.35 -4.57 -26.57
N VAL C 137 17.79 -5.10 -25.52
CA VAL C 137 17.71 -6.58 -25.38
C VAL C 137 16.93 -7.19 -26.56
N ASN C 138 15.86 -6.56 -26.97
CA ASN C 138 15.06 -7.11 -28.11
C ASN C 138 15.92 -7.16 -29.38
N GLU C 139 16.83 -6.23 -29.53
CA GLU C 139 17.69 -6.24 -30.75
C GLU C 139 18.82 -7.25 -30.60
N VAL C 140 19.31 -7.45 -29.41
CA VAL C 140 20.42 -8.42 -29.19
C VAL C 140 19.99 -9.82 -29.66
N LEU C 141 19.03 -10.41 -28.99
CA LEU C 141 18.57 -11.78 -29.40
C LEU C 141 18.19 -11.82 -30.87
N LYS C 142 17.68 -10.74 -31.39
CA LYS C 142 17.27 -10.71 -32.83
C LYS C 142 18.49 -11.01 -33.73
N SER C 143 19.58 -10.34 -33.50
CA SER C 143 20.79 -10.58 -34.34
C SER C 143 21.54 -11.83 -33.87
N VAL C 144 21.32 -12.26 -32.66
CA VAL C 144 22.02 -13.47 -32.15
C VAL C 144 21.39 -14.75 -32.71
N VAL C 145 20.09 -14.82 -32.78
CA VAL C 145 19.43 -16.05 -33.32
C VAL C 145 19.99 -16.39 -34.71
N ALA C 146 20.20 -15.40 -35.52
CA ALA C 146 20.75 -15.66 -36.89
C ALA C 146 22.20 -16.13 -36.80
N LYS C 147 22.91 -15.74 -35.77
CA LYS C 147 24.33 -16.15 -35.63
C LYS C 147 24.43 -17.57 -35.08
N PHE C 148 23.99 -17.78 -33.87
CA PHE C 148 24.06 -19.15 -33.27
C PHE C 148 22.95 -20.05 -33.84
N ASN C 149 22.93 -21.30 -33.45
CA ASN C 149 21.89 -22.24 -33.96
C ASN C 149 21.16 -22.89 -32.79
N ALA C 150 20.13 -23.67 -33.06
CA ALA C 150 19.37 -24.32 -31.96
C ALA C 150 20.11 -25.58 -31.48
N SER C 151 20.73 -26.30 -32.37
CA SER C 151 21.46 -27.54 -31.98
C SER C 151 22.45 -27.23 -30.85
N GLN C 152 23.23 -26.20 -31.01
CA GLN C 152 24.22 -25.85 -29.94
C GLN C 152 23.54 -25.10 -28.79
N LEU C 153 22.37 -24.55 -29.04
CA LEU C 153 21.66 -23.80 -27.96
C LEU C 153 20.95 -24.78 -27.02
N ILE C 154 20.32 -25.80 -27.55
CA ILE C 154 19.60 -26.77 -26.68
C ILE C 154 20.57 -27.41 -25.68
N THR C 155 21.85 -27.36 -25.94
CA THR C 155 22.83 -27.97 -25.00
C THR C 155 22.91 -27.14 -23.72
N GLN C 156 22.83 -25.84 -23.85
CA GLN C 156 22.89 -24.96 -22.65
C GLN C 156 22.45 -23.53 -23.00
N ARG C 157 21.65 -22.92 -22.18
CA ARG C 157 21.19 -21.53 -22.47
C ARG C 157 22.24 -20.50 -22.05
N ALA C 158 23.21 -20.92 -21.25
CA ALA C 158 24.27 -19.98 -20.80
C ALA C 158 25.33 -19.78 -21.89
N GLN C 159 25.65 -20.82 -22.63
CA GLN C 159 26.67 -20.69 -23.71
C GLN C 159 26.29 -19.59 -24.69
N VAL C 160 25.02 -19.24 -24.76
CA VAL C 160 24.59 -18.17 -25.71
C VAL C 160 25.05 -16.80 -25.20
N SER C 161 24.63 -16.42 -24.02
CA SER C 161 25.05 -15.11 -23.47
C SER C 161 26.57 -15.04 -23.31
N LEU C 162 27.22 -16.17 -23.27
CA LEU C 162 28.71 -16.17 -23.12
C LEU C 162 29.37 -15.30 -24.17
N LEU C 163 29.24 -15.66 -25.42
CA LEU C 163 29.88 -14.85 -26.51
C LEU C 163 29.14 -13.53 -26.69
N ILE C 164 27.88 -13.48 -26.35
CA ILE C 164 27.11 -12.20 -26.51
C ILE C 164 27.41 -11.24 -25.35
N ARG C 165 27.92 -11.76 -24.26
CA ARG C 165 28.23 -10.87 -23.08
C ARG C 165 29.10 -9.69 -23.52
N ARG C 166 29.84 -9.83 -24.59
CA ARG C 166 30.71 -8.72 -25.06
C ARG C 166 29.85 -7.61 -25.68
N GLU C 167 28.89 -7.97 -26.48
CA GLU C 167 28.01 -6.94 -27.12
C GLU C 167 27.18 -6.22 -26.05
N LEU C 168 26.76 -6.94 -25.04
CA LEU C 168 25.93 -6.30 -23.97
C LEU C 168 26.72 -5.17 -23.30
N THR C 169 27.96 -5.42 -22.97
CA THR C 169 28.79 -4.36 -22.31
C THR C 169 28.92 -3.15 -23.22
N GLU C 170 28.93 -3.36 -24.51
CA GLU C 170 29.04 -2.20 -25.46
C GLU C 170 27.69 -1.52 -25.63
N ARG C 171 26.62 -2.27 -25.64
CA ARG C 171 25.27 -1.66 -25.80
C ARG C 171 24.79 -1.05 -24.48
N ALA C 172 24.99 -1.75 -23.40
CA ALA C 172 24.54 -1.22 -22.07
C ALA C 172 25.29 0.08 -21.73
N LYS C 173 26.58 0.10 -21.97
CA LYS C 173 27.36 1.32 -21.66
C LYS C 173 27.17 2.39 -22.74
N ASP C 174 26.72 1.99 -23.91
CA ASP C 174 26.51 2.98 -25.01
C ASP C 174 25.48 4.03 -24.58
N PHE C 175 24.48 3.64 -23.83
CA PHE C 175 23.45 4.62 -23.40
C PHE C 175 23.96 5.45 -22.22
N SER C 176 24.82 4.89 -21.41
CA SER C 176 25.36 5.65 -20.24
C SER C 176 26.50 4.87 -19.59
N LEU C 177 27.00 5.34 -18.47
CA LEU C 177 28.10 4.62 -17.78
C LEU C 177 27.55 3.84 -16.58
N ILE C 178 27.54 2.54 -16.66
CA ILE C 178 27.01 1.73 -15.54
C ILE C 178 27.57 0.29 -15.60
N LEU C 179 27.68 -0.36 -14.48
CA LEU C 179 28.20 -1.75 -14.47
C LEU C 179 27.05 -2.76 -14.36
N ASP C 180 26.88 -3.59 -15.35
CA ASP C 180 25.77 -4.57 -15.32
C ASP C 180 26.28 -5.96 -15.76
N ASP C 181 25.64 -6.99 -15.29
CA ASP C 181 26.07 -8.37 -15.67
C ASP C 181 25.16 -8.93 -16.77
N VAL C 182 25.68 -9.76 -17.64
CA VAL C 182 24.82 -10.31 -18.73
C VAL C 182 24.40 -11.75 -18.43
N ALA C 183 23.16 -11.96 -18.15
CA ALA C 183 22.65 -13.33 -17.86
C ALA C 183 21.14 -13.37 -18.05
N ILE C 184 20.60 -14.49 -18.41
CA ILE C 184 19.12 -14.57 -18.64
C ILE C 184 18.62 -16.02 -18.56
N THR C 185 17.36 -16.20 -18.27
CA THR C 185 16.81 -17.59 -18.20
C THR C 185 16.17 -17.89 -19.55
N GLU C 186 16.77 -18.77 -20.32
CA GLU C 186 16.24 -19.07 -21.68
C GLU C 186 15.51 -20.40 -21.75
N LEU C 187 14.57 -20.48 -22.66
CA LEU C 187 13.80 -21.73 -22.87
C LEU C 187 13.72 -21.99 -24.38
N SER C 188 14.09 -23.16 -24.82
CA SER C 188 14.05 -23.42 -26.29
C SER C 188 12.82 -24.25 -26.68
N PHE C 189 12.36 -24.09 -27.90
CA PHE C 189 11.17 -24.85 -28.36
C PHE C 189 11.61 -26.02 -29.26
N SER C 190 10.88 -27.10 -29.23
CA SER C 190 11.25 -28.28 -30.08
C SER C 190 10.03 -29.17 -30.31
N MET D 1 1.08 72.41 -2.88
CA MET D 1 2.39 71.74 -2.70
C MET D 1 2.23 70.22 -2.76
N ALA D 2 3.28 69.48 -2.48
CA ALA D 2 3.19 68.00 -2.53
C ALA D 2 3.86 67.39 -1.30
N GLN D 3 3.59 67.93 -0.13
CA GLN D 3 4.22 67.38 1.10
C GLN D 3 3.54 66.06 1.50
N ASN D 4 2.31 65.87 1.12
CA ASN D 4 1.59 64.61 1.47
C ASN D 4 2.34 63.39 0.90
N LEU D 5 3.12 63.59 -0.13
CA LEU D 5 3.87 62.44 -0.73
C LEU D 5 4.81 61.85 0.31
N LYS D 6 5.38 62.66 1.16
CA LYS D 6 6.32 62.14 2.20
C LYS D 6 5.53 61.64 3.42
N ASP D 7 4.45 62.28 3.73
CA ASP D 7 3.63 61.84 4.91
C ASP D 7 2.97 60.49 4.62
N LEU D 8 2.65 60.23 3.38
CA LEU D 8 2.00 58.94 3.03
C LEU D 8 3.05 57.82 2.99
N ALA D 9 4.29 58.15 2.73
CA ALA D 9 5.36 57.12 2.68
C ALA D 9 5.67 56.60 4.10
N GLY D 10 5.42 57.41 5.09
CA GLY D 10 5.70 56.98 6.49
C GLY D 10 4.64 55.98 6.95
N ARG D 11 3.51 55.95 6.31
CA ARG D 11 2.43 55.00 6.70
C ARG D 11 2.76 53.58 6.21
N LEU D 12 3.53 53.47 5.17
CA LEU D 12 3.88 52.12 4.63
C LEU D 12 4.68 51.32 5.68
N PRO D 13 5.79 51.89 6.10
CA PRO D 13 6.64 51.20 7.11
C PRO D 13 5.96 51.22 8.49
N ALA D 14 6.70 50.94 9.52
CA ALA D 14 6.11 50.95 10.90
C ALA D 14 5.42 52.28 11.18
N GLY D 15 4.22 52.24 11.70
CA GLY D 15 3.48 53.49 12.00
C GLY D 15 2.36 53.20 13.00
N PRO D 16 1.22 52.83 12.48
CA PRO D 16 0.05 52.51 13.35
C PRO D 16 0.27 51.18 14.07
N ARG D 17 -0.71 50.74 14.81
CA ARG D 17 -0.58 49.44 15.55
C ARG D 17 -0.36 48.29 14.57
N GLY D 18 -0.72 48.49 13.32
CA GLY D 18 -0.56 47.40 12.30
C GLY D 18 0.86 46.81 12.38
N MET D 19 1.81 47.58 12.82
CA MET D 19 3.21 47.07 12.91
C MET D 19 3.28 45.97 13.99
N GLY D 20 2.58 46.15 15.07
CA GLY D 20 2.62 45.12 16.15
C GLY D 20 1.78 43.90 15.73
N THR D 21 0.62 44.13 15.18
CA THR D 21 -0.24 43.00 14.74
C THR D 21 0.31 42.38 13.45
N ALA D 22 1.03 43.15 12.66
CA ALA D 22 1.58 42.62 11.39
C ALA D 22 2.34 41.31 11.63
N LEU D 23 2.88 41.15 12.80
CA LEU D 23 3.63 39.89 13.11
C LEU D 23 2.68 38.70 13.13
N LYS D 24 1.56 38.83 13.79
CA LYS D 24 0.58 37.70 13.84
C LYS D 24 0.26 37.22 12.42
N LEU D 25 0.32 38.11 11.47
CA LEU D 25 0.02 37.72 10.06
C LEU D 25 1.20 36.96 9.45
N LEU D 26 2.41 37.36 9.78
CA LEU D 26 3.60 36.66 9.22
C LEU D 26 3.60 35.18 9.64
N LEU D 27 3.38 34.91 10.90
CA LEU D 27 3.35 33.49 11.38
C LEU D 27 2.30 32.69 10.62
N GLY D 28 1.25 33.35 10.19
CA GLY D 28 0.17 32.63 9.44
C GLY D 28 0.71 32.17 8.08
N ALA D 29 1.55 32.96 7.47
CA ALA D 29 2.12 32.56 6.15
C ALA D 29 2.93 31.27 6.28
N GLY D 30 3.76 31.18 7.27
CA GLY D 30 4.58 29.95 7.46
C GLY D 30 3.65 28.76 7.74
N ALA D 31 2.52 29.02 8.35
CA ALA D 31 1.57 27.92 8.66
C ALA D 31 0.82 27.50 7.39
N VAL D 32 0.41 28.44 6.59
CA VAL D 32 -0.33 28.10 5.34
C VAL D 32 0.58 27.34 4.38
N ALA D 33 1.88 27.52 4.50
CA ALA D 33 2.83 26.81 3.60
C ALA D 33 2.64 25.30 3.73
N TYR D 34 2.26 24.83 4.89
CA TYR D 34 2.06 23.35 5.07
C TYR D 34 0.98 22.84 4.12
N GLY D 35 -0.12 23.53 4.03
CA GLY D 35 -1.22 23.09 3.12
C GLY D 35 -0.70 23.03 1.69
N VAL D 36 0.23 23.90 1.36
CA VAL D 36 0.79 23.91 -0.02
C VAL D 36 1.80 22.77 -0.19
N ARG D 37 2.45 22.39 0.87
CA ARG D 37 3.45 21.28 0.78
C ARG D 37 2.75 19.98 0.38
N GLU D 38 1.55 19.77 0.84
CA GLU D 38 0.82 18.52 0.48
C GLU D 38 0.25 18.62 -0.94
N SER D 39 -0.04 19.81 -1.42
CA SER D 39 -0.60 19.94 -2.81
C SER D 39 -0.12 21.24 -3.49
N VAL D 40 0.06 21.24 -4.80
CA VAL D 40 0.51 22.48 -5.52
C VAL D 40 0.02 22.47 -6.98
N PHE D 41 0.51 23.36 -7.81
CA PHE D 41 0.08 23.39 -9.25
C PHE D 41 1.29 23.31 -10.19
N THR D 42 2.41 23.88 -9.84
CA THR D 42 3.61 23.81 -10.75
C THR D 42 4.01 22.34 -10.92
N VAL D 43 3.83 21.80 -12.11
CA VAL D 43 4.18 20.37 -12.36
C VAL D 43 5.59 20.06 -11.84
N GLU D 44 5.73 19.06 -11.03
CA GLU D 44 7.07 18.69 -10.48
C GLU D 44 7.46 17.29 -10.95
N GLY D 45 8.69 17.10 -11.35
CA GLY D 45 9.14 15.75 -11.80
C GLY D 45 8.78 15.57 -13.28
N GLY D 46 8.91 14.38 -13.79
CA GLY D 46 8.57 14.13 -15.23
C GLY D 46 7.06 14.04 -15.39
N HIS D 47 6.39 15.15 -15.51
CA HIS D 47 4.91 15.12 -15.68
C HIS D 47 4.45 16.35 -16.47
N ARG D 48 3.34 16.24 -17.14
CA ARG D 48 2.82 17.36 -17.99
C ARG D 48 1.57 18.00 -17.33
N ALA D 49 1.29 19.26 -17.63
CA ALA D 49 0.11 19.95 -16.98
C ALA D 49 -1.13 20.02 -17.90
N ILE D 50 -2.28 20.12 -17.27
CA ILE D 50 -3.57 20.15 -18.03
C ILE D 50 -4.49 21.27 -17.46
N PHE D 51 -5.40 21.83 -18.25
CA PHE D 51 -6.27 22.95 -17.71
C PHE D 51 -7.79 22.69 -17.86
N PHE D 52 -8.56 23.14 -16.89
CA PHE D 52 -10.05 22.98 -16.96
C PHE D 52 -10.74 23.95 -15.97
N ASN D 53 -11.98 24.34 -16.23
CA ASN D 53 -12.71 25.28 -15.32
C ASN D 53 -13.82 24.56 -14.53
N ARG D 54 -14.19 25.06 -13.36
CA ARG D 54 -15.27 24.41 -12.53
C ARG D 54 -16.43 23.91 -13.41
N ILE D 55 -16.68 24.57 -14.51
CA ILE D 55 -17.80 24.13 -15.39
C ILE D 55 -17.26 23.68 -16.76
N GLY D 56 -17.85 22.69 -17.35
CA GLY D 56 -17.38 22.20 -18.68
C GLY D 56 -17.00 20.72 -18.57
N GLY D 57 -16.08 20.28 -19.40
CA GLY D 57 -15.67 18.85 -19.35
C GLY D 57 -14.41 18.71 -18.48
N VAL D 58 -14.49 17.94 -17.43
CA VAL D 58 -13.31 17.76 -16.53
C VAL D 58 -12.11 17.21 -17.32
N GLN D 59 -10.93 17.47 -16.85
CA GLN D 59 -9.71 16.97 -17.56
C GLN D 59 -8.70 16.43 -16.54
N GLN D 60 -8.57 15.14 -16.43
CA GLN D 60 -7.60 14.57 -15.46
C GLN D 60 -6.56 13.70 -16.19
N ASP D 61 -7.02 12.73 -16.95
CA ASP D 61 -6.06 11.85 -17.68
C ASP D 61 -5.40 12.62 -18.83
N THR D 62 -4.64 13.65 -18.51
CA THR D 62 -3.98 14.44 -19.59
C THR D 62 -2.55 14.84 -19.17
N ILE D 63 -1.79 15.43 -20.08
CA ILE D 63 -0.38 15.84 -19.76
C ILE D 63 0.27 16.49 -21.01
N LEU D 64 0.64 17.75 -20.95
CA LEU D 64 1.32 18.43 -22.12
C LEU D 64 2.86 18.41 -21.95
N ALA D 65 3.45 19.42 -21.34
CA ALA D 65 4.95 19.44 -21.13
C ALA D 65 5.27 20.32 -19.90
N GLU D 66 6.49 20.30 -19.40
CA GLU D 66 6.82 21.13 -18.18
C GLU D 66 6.93 22.62 -18.51
N GLY D 67 6.52 23.45 -17.60
CA GLY D 67 6.58 24.92 -17.79
C GLY D 67 6.50 25.60 -16.42
N LEU D 68 6.99 26.82 -16.28
CA LEU D 68 6.90 27.47 -14.93
C LEU D 68 5.65 28.35 -14.90
N HIS D 69 4.64 27.91 -14.20
CA HIS D 69 3.36 28.66 -14.12
C HIS D 69 2.55 28.20 -12.90
N PHE D 70 1.73 29.06 -12.34
CA PHE D 70 0.91 28.65 -11.17
C PHE D 70 -0.22 27.71 -11.64
N ARG D 71 -1.30 27.64 -10.91
CA ARG D 71 -2.43 26.75 -11.36
C ARG D 71 -3.34 27.51 -12.33
N ILE D 72 -2.91 28.65 -12.81
CA ILE D 72 -3.76 29.44 -13.75
C ILE D 72 -5.10 29.74 -13.05
N PRO D 73 -5.16 30.89 -12.41
CA PRO D 73 -6.37 31.29 -11.65
C PRO D 73 -7.55 31.68 -12.56
N TRP D 74 -8.74 31.65 -12.02
CA TRP D 74 -9.97 32.00 -12.79
C TRP D 74 -10.10 31.19 -14.09
N PHE D 75 -11.11 30.36 -14.16
CA PHE D 75 -11.34 29.52 -15.39
C PHE D 75 -10.26 28.46 -15.58
N GLN D 76 -9.71 27.92 -14.52
CA GLN D 76 -8.65 26.87 -14.67
C GLN D 76 -8.53 26.04 -13.39
N TYR D 77 -8.10 24.81 -13.53
CA TYR D 77 -7.96 23.92 -12.33
C TYR D 77 -6.82 22.93 -12.53
N PRO D 78 -6.28 22.44 -11.44
CA PRO D 78 -5.16 21.50 -11.51
C PRO D 78 -5.62 20.04 -11.39
N ILE D 79 -5.56 19.33 -12.48
CA ILE D 79 -5.90 17.86 -12.50
C ILE D 79 -4.99 17.28 -13.60
N ILE D 80 -3.99 16.52 -13.24
CA ILE D 80 -3.03 16.01 -14.27
C ILE D 80 -2.85 14.48 -14.23
N TYR D 81 -2.43 13.91 -15.33
CA TYR D 81 -2.22 12.45 -15.41
C TYR D 81 -0.73 12.13 -15.21
N ASP D 82 -0.43 10.97 -14.67
CA ASP D 82 1.01 10.62 -14.45
C ASP D 82 1.42 9.44 -15.33
N ILE D 83 2.67 9.36 -15.69
CA ILE D 83 3.14 8.24 -16.55
C ILE D 83 3.99 7.26 -15.73
N ARG D 84 3.86 5.99 -15.99
CA ARG D 84 4.67 4.99 -15.23
C ARG D 84 4.54 3.60 -15.86
N ALA D 85 5.10 2.60 -15.24
CA ALA D 85 5.01 1.22 -15.82
C ALA D 85 3.55 0.78 -15.93
N ARG D 86 3.15 0.29 -17.07
CA ARG D 86 1.73 -0.15 -17.23
C ARG D 86 1.66 -1.67 -17.42
N PRO D 87 1.16 -2.35 -16.42
CA PRO D 87 1.03 -3.82 -16.50
C PRO D 87 -0.41 -4.19 -16.86
N ARG D 88 -0.63 -4.68 -18.05
CA ARG D 88 -2.01 -5.05 -18.45
C ARG D 88 -1.96 -6.04 -19.65
N LYS D 89 -2.25 -7.32 -19.42
CA LYS D 89 -2.18 -8.32 -20.56
C LYS D 89 -2.97 -9.61 -20.25
N ILE D 90 -3.46 -10.29 -21.27
CA ILE D 90 -4.22 -11.58 -21.07
C ILE D 90 -4.26 -12.40 -22.36
N SER D 91 -4.42 -13.68 -22.25
CA SER D 91 -4.50 -14.53 -23.47
C SER D 91 -5.97 -14.87 -23.75
N SER D 92 -6.52 -14.33 -24.82
CA SER D 92 -7.96 -14.61 -25.15
C SER D 92 -8.06 -15.49 -26.41
N PRO D 93 -8.90 -16.49 -26.34
CA PRO D 93 -9.09 -17.40 -27.50
C PRO D 93 -10.32 -17.01 -28.32
N THR D 94 -10.29 -17.30 -29.60
CA THR D 94 -11.45 -16.96 -30.48
C THR D 94 -11.59 -18.03 -31.58
N GLY D 95 -12.80 -18.39 -31.92
CA GLY D 95 -13.00 -19.42 -32.97
C GLY D 95 -13.40 -18.74 -34.28
N SER D 96 -12.75 -19.08 -35.36
CA SER D 96 -13.09 -18.46 -36.68
C SER D 96 -12.38 -19.19 -37.81
N LYS D 97 -11.08 -19.27 -37.77
CA LYS D 97 -10.33 -19.96 -38.87
C LYS D 97 -10.33 -21.47 -38.63
N ASP D 98 -9.66 -21.93 -37.61
CA ASP D 98 -9.61 -23.39 -37.33
C ASP D 98 -10.64 -23.77 -36.27
N LEU D 99 -11.00 -25.02 -36.19
CA LEU D 99 -12.00 -25.45 -35.18
C LEU D 99 -11.30 -26.04 -33.95
N GLN D 100 -10.09 -26.50 -34.11
CA GLN D 100 -9.35 -27.08 -32.95
C GLN D 100 -8.09 -26.27 -32.66
N MET D 101 -8.17 -24.97 -32.75
CA MET D 101 -6.99 -24.12 -32.47
C MET D 101 -7.29 -23.12 -31.36
N VAL D 102 -6.29 -22.73 -30.61
CA VAL D 102 -6.54 -21.75 -29.52
C VAL D 102 -5.44 -20.70 -29.52
N ASN D 103 -5.78 -19.49 -29.90
CA ASN D 103 -4.77 -18.39 -29.90
C ASN D 103 -5.15 -17.41 -28.80
N ILE D 104 -4.36 -17.34 -27.77
CA ILE D 104 -4.72 -16.43 -26.64
C ILE D 104 -3.53 -15.56 -26.21
N SER D 105 -3.59 -14.28 -26.51
CA SER D 105 -2.49 -13.36 -26.10
C SER D 105 -2.94 -11.89 -26.20
N LEU D 106 -2.55 -11.05 -25.28
CA LEU D 106 -2.95 -9.62 -25.34
C LEU D 106 -2.00 -8.74 -24.53
N ARG D 107 -1.63 -7.59 -25.06
CA ARG D 107 -0.72 -6.67 -24.32
C ARG D 107 -0.86 -5.24 -24.84
N VAL D 108 -0.60 -4.26 -24.01
CA VAL D 108 -0.74 -2.85 -24.46
C VAL D 108 0.47 -2.01 -23.99
N LEU D 109 0.81 -0.99 -24.74
CA LEU D 109 1.96 -0.12 -24.34
C LEU D 109 1.73 1.31 -24.83
N SER D 110 1.54 2.23 -23.93
CA SER D 110 1.31 3.65 -24.34
C SER D 110 2.58 4.47 -24.17
N ARG D 111 2.82 5.40 -25.07
CA ARG D 111 4.04 6.25 -24.95
C ARG D 111 3.71 7.71 -25.30
N PRO D 112 3.75 8.56 -24.31
CA PRO D 112 3.45 9.99 -24.54
C PRO D 112 4.60 10.68 -25.29
N ASN D 113 4.33 11.17 -26.47
CA ASN D 113 5.40 11.84 -27.26
C ASN D 113 5.25 13.37 -27.15
N ALA D 114 5.75 14.09 -28.11
CA ALA D 114 5.63 15.58 -28.06
C ALA D 114 4.18 16.01 -28.26
N GLN D 115 3.32 15.10 -28.65
CA GLN D 115 1.88 15.47 -28.87
C GLN D 115 1.28 16.01 -27.57
N GLU D 116 -0.04 16.10 -27.51
CA GLU D 116 -0.69 16.62 -26.27
C GLU D 116 -1.79 15.66 -25.80
N LEU D 117 -1.92 15.50 -24.51
CA LEU D 117 -2.97 14.58 -23.98
C LEU D 117 -4.37 15.23 -23.98
N PRO D 118 -4.43 16.53 -23.71
CA PRO D 118 -5.76 17.21 -23.66
C PRO D 118 -6.43 17.28 -25.04
N SER D 119 -5.68 17.56 -26.08
CA SER D 119 -6.32 17.63 -27.44
C SER D 119 -7.07 16.33 -27.70
N MET D 120 -6.41 15.21 -27.53
CA MET D 120 -7.07 13.90 -27.77
C MET D 120 -7.89 13.49 -26.54
N TYR D 121 -7.63 14.06 -25.39
CA TYR D 121 -8.40 13.67 -24.16
C TYR D 121 -9.92 13.72 -24.39
N GLN D 122 -10.48 14.89 -24.59
CA GLN D 122 -11.95 14.98 -24.80
C GLN D 122 -12.35 14.06 -25.97
N ARG D 123 -11.49 13.90 -26.93
CA ARG D 123 -11.79 13.00 -28.08
C ARG D 123 -11.54 11.55 -27.67
N LEU D 124 -10.76 11.34 -26.64
CA LEU D 124 -10.46 9.96 -26.17
C LEU D 124 -11.72 9.32 -25.57
N GLY D 125 -12.67 10.12 -25.18
CA GLY D 125 -13.92 9.56 -24.60
C GLY D 125 -13.94 9.83 -23.08
N LEU D 126 -14.98 9.42 -22.41
CA LEU D 126 -15.05 9.65 -20.93
C LEU D 126 -13.85 9.00 -20.25
N ASP D 127 -13.80 7.69 -20.26
CA ASP D 127 -12.64 6.99 -19.61
C ASP D 127 -11.38 7.21 -20.43
N TYR D 128 -10.24 6.88 -19.89
CA TYR D 128 -8.97 7.09 -20.65
C TYR D 128 -8.58 5.78 -21.37
N GLU D 129 -7.58 5.08 -20.91
CA GLU D 129 -7.17 3.82 -21.58
C GLU D 129 -8.09 2.65 -21.18
N GLU D 130 -8.72 2.76 -20.04
CA GLU D 130 -9.62 1.66 -19.57
C GLU D 130 -10.58 1.18 -20.67
N ARG D 131 -11.17 2.09 -21.39
CA ARG D 131 -12.12 1.67 -22.47
C ARG D 131 -11.39 1.25 -23.74
N VAL D 132 -10.55 2.09 -24.27
CA VAL D 132 -9.82 1.75 -25.53
C VAL D 132 -8.79 0.64 -25.30
N LEU D 133 -8.40 0.41 -24.07
CA LEU D 133 -7.37 -0.65 -23.79
C LEU D 133 -7.70 -1.97 -24.52
N PRO D 134 -8.79 -2.61 -24.16
CA PRO D 134 -9.15 -3.90 -24.81
C PRO D 134 -9.72 -3.67 -26.22
N SER D 135 -10.40 -2.57 -26.41
CA SER D 135 -11.02 -2.30 -27.75
C SER D 135 -9.97 -2.33 -28.88
N ILE D 136 -8.83 -1.73 -28.68
CA ILE D 136 -7.82 -1.71 -29.78
C ILE D 136 -7.03 -3.03 -29.83
N VAL D 137 -6.56 -3.53 -28.71
CA VAL D 137 -5.78 -4.81 -28.74
C VAL D 137 -6.71 -6.03 -28.77
N ASN D 138 -7.50 -6.21 -27.74
CA ASN D 138 -8.41 -7.40 -27.70
C ASN D 138 -9.21 -7.55 -29.00
N GLU D 139 -9.42 -6.48 -29.71
CA GLU D 139 -10.20 -6.58 -30.98
C GLU D 139 -9.31 -7.11 -32.12
N VAL D 140 -8.08 -6.69 -32.18
CA VAL D 140 -7.17 -7.18 -33.25
C VAL D 140 -7.04 -8.70 -33.19
N LEU D 141 -6.93 -9.24 -32.00
CA LEU D 141 -6.79 -10.72 -31.86
C LEU D 141 -7.99 -11.42 -32.48
N LYS D 142 -9.18 -10.96 -32.21
CA LYS D 142 -10.39 -11.61 -32.79
C LYS D 142 -10.38 -11.49 -34.31
N SER D 143 -9.91 -10.38 -34.84
CA SER D 143 -9.88 -10.21 -36.32
C SER D 143 -8.66 -10.93 -36.92
N VAL D 144 -7.57 -10.99 -36.20
CA VAL D 144 -6.35 -11.66 -36.74
C VAL D 144 -6.46 -13.19 -36.58
N VAL D 145 -6.94 -13.65 -35.46
CA VAL D 145 -7.08 -15.13 -35.25
C VAL D 145 -7.88 -15.77 -36.39
N ALA D 146 -8.71 -14.99 -37.05
CA ALA D 146 -9.52 -15.55 -38.16
C ALA D 146 -8.66 -15.73 -39.42
N LYS D 147 -7.64 -14.93 -39.56
CA LYS D 147 -6.75 -15.04 -40.77
C LYS D 147 -5.76 -16.18 -40.58
N PHE D 148 -4.85 -16.05 -39.66
CA PHE D 148 -3.84 -17.13 -39.42
C PHE D 148 -4.53 -18.42 -38.99
N ASN D 149 -3.86 -19.54 -39.12
CA ASN D 149 -4.47 -20.84 -38.71
C ASN D 149 -3.74 -21.40 -37.49
N ALA D 150 -3.95 -22.66 -37.20
CA ALA D 150 -3.28 -23.26 -36.01
C ALA D 150 -1.83 -23.62 -36.35
N SER D 151 -1.62 -24.44 -37.35
CA SER D 151 -0.24 -24.83 -37.73
C SER D 151 0.60 -23.59 -38.07
N GLN D 152 -0.04 -22.53 -38.49
CA GLN D 152 0.72 -21.30 -38.84
C GLN D 152 1.07 -20.51 -37.57
N LEU D 153 0.20 -20.52 -36.60
CA LEU D 153 0.49 -19.77 -35.33
C LEU D 153 1.44 -20.57 -34.43
N ILE D 154 1.22 -21.85 -34.32
CA ILE D 154 2.11 -22.68 -33.44
C ILE D 154 3.57 -22.54 -33.85
N THR D 155 3.83 -22.14 -35.07
CA THR D 155 5.24 -21.99 -35.53
C THR D 155 6.02 -21.09 -34.57
N GLN D 156 5.43 -20.00 -34.16
CA GLN D 156 6.13 -19.07 -33.22
C GLN D 156 5.14 -18.03 -32.68
N ARG D 157 5.00 -17.97 -31.37
CA ARG D 157 4.04 -16.98 -30.78
C ARG D 157 4.40 -15.57 -31.24
N ALA D 158 5.65 -15.31 -31.51
CA ALA D 158 6.05 -13.94 -31.98
C ALA D 158 5.76 -13.77 -33.47
N GLN D 159 5.74 -14.85 -34.21
CA GLN D 159 5.47 -14.75 -35.67
C GLN D 159 4.09 -14.13 -35.93
N VAL D 160 3.07 -14.66 -35.31
CA VAL D 160 1.69 -14.10 -35.51
C VAL D 160 1.64 -12.63 -35.11
N SER D 161 2.55 -12.19 -34.26
CA SER D 161 2.55 -10.77 -33.83
C SER D 161 3.19 -9.88 -34.90
N LEU D 162 3.99 -10.44 -35.76
CA LEU D 162 4.66 -9.61 -36.82
C LEU D 162 3.60 -8.96 -37.72
N LEU D 163 2.63 -9.71 -38.16
CA LEU D 163 1.58 -9.13 -39.04
C LEU D 163 0.70 -8.16 -38.24
N ILE D 164 0.50 -8.43 -36.98
CA ILE D 164 -0.35 -7.52 -36.15
C ILE D 164 0.38 -6.18 -35.90
N ARG D 165 1.67 -6.16 -36.05
CA ARG D 165 2.43 -4.90 -35.82
C ARG D 165 1.94 -3.81 -36.78
N ARG D 166 1.45 -4.19 -37.93
CA ARG D 166 0.96 -3.17 -38.90
C ARG D 166 -0.42 -2.67 -38.50
N GLU D 167 -1.24 -3.53 -37.93
CA GLU D 167 -2.60 -3.10 -37.51
C GLU D 167 -2.54 -2.36 -36.17
N LEU D 168 -1.68 -2.79 -35.28
CA LEU D 168 -1.57 -2.10 -33.96
C LEU D 168 -1.06 -0.67 -34.15
N THR D 169 -0.20 -0.45 -35.10
CA THR D 169 0.32 0.93 -35.33
C THR D 169 -0.81 1.87 -35.76
N GLU D 170 -1.72 1.39 -36.54
CA GLU D 170 -2.86 2.26 -37.00
C GLU D 170 -3.91 2.37 -35.89
N ARG D 171 -4.14 1.32 -35.16
CA ARG D 171 -5.15 1.37 -34.07
C ARG D 171 -4.70 2.33 -32.97
N ALA D 172 -3.55 2.10 -32.41
CA ALA D 172 -3.05 3.01 -31.32
C ALA D 172 -2.87 4.43 -31.86
N LYS D 173 -2.56 4.57 -33.11
CA LYS D 173 -2.37 5.94 -33.69
C LYS D 173 -3.73 6.57 -34.01
N ASP D 174 -4.74 5.77 -34.16
CA ASP D 174 -6.10 6.33 -34.47
C ASP D 174 -6.59 7.22 -33.33
N PHE D 175 -6.61 6.68 -32.13
CA PHE D 175 -7.08 7.49 -30.96
C PHE D 175 -6.21 8.75 -30.80
N SER D 176 -4.94 8.62 -31.03
CA SER D 176 -4.04 9.80 -30.89
C SER D 176 -2.66 9.48 -31.46
N LEU D 177 -1.68 10.33 -31.21
CA LEU D 177 -0.32 10.07 -31.74
C LEU D 177 0.59 9.54 -30.63
N ILE D 178 0.98 8.29 -30.71
CA ILE D 178 1.86 7.71 -29.65
C ILE D 178 2.74 6.61 -30.25
N LEU D 179 3.89 6.38 -29.68
CA LEU D 179 4.79 5.32 -30.20
C LEU D 179 4.69 4.07 -29.32
N ASP D 180 4.13 3.02 -29.84
CA ASP D 180 3.98 1.77 -29.02
C ASP D 180 4.66 0.59 -29.74
N ASP D 181 5.10 -0.38 -28.98
CA ASP D 181 5.76 -1.57 -29.60
C ASP D 181 4.78 -2.73 -29.68
N VAL D 182 4.86 -3.54 -30.71
CA VAL D 182 3.90 -4.67 -30.84
C VAL D 182 4.57 -5.99 -30.43
N ALA D 183 4.18 -6.52 -29.31
CA ALA D 183 4.76 -7.82 -28.84
C ALA D 183 3.83 -8.44 -27.80
N ILE D 184 3.81 -9.74 -27.68
CA ILE D 184 2.90 -10.38 -26.70
C ILE D 184 3.40 -11.76 -26.30
N THR D 185 3.03 -12.21 -25.13
CA THR D 185 3.44 -13.57 -24.68
C THR D 185 2.28 -14.51 -24.97
N GLU D 186 2.43 -15.39 -25.94
CA GLU D 186 1.30 -16.28 -26.34
C GLU D 186 1.44 -17.70 -25.82
N LEU D 187 0.32 -18.34 -25.63
CA LEU D 187 0.31 -19.76 -25.17
C LEU D 187 -0.74 -20.52 -25.99
N SER D 188 -0.38 -21.62 -26.58
CA SER D 188 -1.36 -22.37 -27.42
C SER D 188 -1.93 -23.58 -26.67
N PHE D 189 -3.13 -23.98 -27.03
CA PHE D 189 -3.76 -25.15 -26.35
C PHE D 189 -3.66 -26.39 -27.24
N SER D 190 -3.54 -27.55 -26.65
CA SER D 190 -3.43 -28.80 -27.45
C SER D 190 -4.45 -29.83 -26.98
N MET E 1 -36.53 59.17 5.89
CA MET E 1 -35.48 59.97 6.57
C MET E 1 -34.12 59.31 6.39
N ALA E 2 -33.15 59.71 7.17
CA ALA E 2 -31.78 59.11 7.05
C ALA E 2 -31.12 59.03 8.43
N GLN E 3 -31.88 58.70 9.44
CA GLN E 3 -31.29 58.59 10.81
C GLN E 3 -30.49 57.30 10.95
N ASN E 4 -30.85 56.29 10.21
CA ASN E 4 -30.12 54.99 10.30
C ASN E 4 -28.82 55.06 9.50
N LEU E 5 -28.84 55.74 8.38
CA LEU E 5 -27.60 55.85 7.55
C LEU E 5 -26.50 56.59 8.33
N LYS E 6 -26.86 57.64 9.01
CA LYS E 6 -25.83 58.40 9.79
C LYS E 6 -25.40 57.59 11.03
N ASP E 7 -26.31 56.85 11.61
CA ASP E 7 -25.95 56.04 12.81
C ASP E 7 -25.03 54.87 12.41
N LEU E 8 -25.36 54.21 11.33
CA LEU E 8 -24.51 53.06 10.88
C LEU E 8 -23.14 53.56 10.45
N ALA E 9 -23.09 54.52 9.56
CA ALA E 9 -21.77 55.05 9.10
C ALA E 9 -21.00 55.65 10.28
N GLY E 10 -21.69 56.36 11.14
CA GLY E 10 -20.99 56.97 12.31
C GLY E 10 -20.54 55.86 13.28
N ARG E 11 -21.11 54.70 13.18
CA ARG E 11 -20.71 53.59 14.10
C ARG E 11 -19.33 53.06 13.73
N LEU E 12 -18.93 53.21 12.49
CA LEU E 12 -17.59 52.70 12.06
C LEU E 12 -16.48 53.47 12.80
N PRO E 13 -16.46 54.76 12.64
CA PRO E 13 -15.43 55.59 13.32
C PRO E 13 -15.72 55.68 14.82
N ALA E 14 -15.68 54.58 15.51
CA ALA E 14 -15.96 54.61 16.97
C ALA E 14 -15.27 53.43 17.67
N GLY E 15 -15.35 52.26 17.11
CA GLY E 15 -14.70 51.07 17.74
C GLY E 15 -13.66 50.50 16.78
N PRO E 16 -12.57 51.20 16.63
CA PRO E 16 -11.48 50.74 15.73
C PRO E 16 -10.72 49.57 16.36
N ARG E 17 -10.89 49.36 17.64
CA ARG E 17 -10.16 48.23 18.31
C ARG E 17 -10.59 46.89 17.71
N GLY E 18 -11.78 46.83 17.17
CA GLY E 18 -12.26 45.55 16.56
C GLY E 18 -11.43 45.23 15.32
N MET E 19 -10.93 46.23 14.65
CA MET E 19 -10.12 45.98 13.43
C MET E 19 -8.87 45.16 13.78
N GLY E 20 -8.33 45.37 14.96
CA GLY E 20 -7.11 44.60 15.36
C GLY E 20 -7.47 43.13 15.53
N THR E 21 -8.58 42.85 16.17
CA THR E 21 -8.99 41.43 16.36
C THR E 21 -9.42 40.82 15.03
N ALA E 22 -9.88 41.62 14.11
CA ALA E 22 -10.31 41.07 12.78
C ALA E 22 -9.17 40.31 12.11
N LEU E 23 -7.94 40.64 12.44
CA LEU E 23 -6.79 39.94 11.82
C LEU E 23 -6.72 38.50 12.33
N LYS E 24 -6.89 38.30 13.61
CA LYS E 24 -6.84 36.91 14.17
C LYS E 24 -7.83 36.00 13.41
N LEU E 25 -8.89 36.56 12.91
CA LEU E 25 -9.88 35.74 12.16
C LEU E 25 -9.31 35.31 10.81
N LEU E 26 -8.75 36.23 10.07
CA LEU E 26 -8.17 35.88 8.74
C LEU E 26 -7.03 34.87 8.93
N LEU E 27 -6.30 34.97 10.00
CA LEU E 27 -5.18 34.02 10.25
C LEU E 27 -5.73 32.63 10.57
N GLY E 28 -6.78 32.56 11.35
CA GLY E 28 -7.37 31.24 11.71
C GLY E 28 -7.90 30.57 10.45
N ALA E 29 -8.38 31.34 9.51
CA ALA E 29 -8.92 30.76 8.25
C ALA E 29 -7.82 29.99 7.50
N GLY E 30 -6.61 30.44 7.58
CA GLY E 30 -5.49 29.75 6.88
C GLY E 30 -5.24 28.40 7.54
N ALA E 31 -5.43 28.31 8.83
CA ALA E 31 -5.19 27.01 9.54
C ALA E 31 -6.34 26.04 9.25
N VAL E 32 -7.53 26.56 9.06
CA VAL E 32 -8.69 25.66 8.78
C VAL E 32 -8.63 25.16 7.33
N ALA E 33 -7.98 25.89 6.47
CA ALA E 33 -7.88 25.46 5.04
C ALA E 33 -7.23 24.08 4.95
N TYR E 34 -6.38 23.75 5.89
CA TYR E 34 -5.71 22.40 5.85
C TYR E 34 -6.76 21.29 6.00
N GLY E 35 -7.68 21.45 6.90
CA GLY E 35 -8.73 20.40 7.09
C GLY E 35 -9.51 20.23 5.78
N VAL E 36 -9.66 21.29 5.04
CA VAL E 36 -10.41 21.19 3.75
C VAL E 36 -9.53 20.55 2.66
N ARG E 37 -8.24 20.72 2.76
CA ARG E 37 -7.33 20.13 1.74
C ARG E 37 -7.46 18.60 1.73
N GLU E 38 -7.70 18.01 2.88
CA GLU E 38 -7.83 16.52 2.94
C GLU E 38 -9.24 16.08 2.48
N SER E 39 -10.26 16.91 2.65
CA SER E 39 -11.65 16.49 2.22
C SER E 39 -12.47 17.68 1.66
N VAL E 40 -13.52 17.40 0.90
CA VAL E 40 -14.38 18.48 0.33
C VAL E 40 -15.59 17.88 -0.42
N PHE E 41 -16.56 18.67 -0.83
CA PHE E 41 -17.75 18.10 -1.56
C PHE E 41 -17.61 18.26 -3.08
N THR E 42 -17.21 19.40 -3.58
CA THR E 42 -17.09 19.57 -5.07
C THR E 42 -16.33 18.39 -5.68
N VAL E 43 -17.03 17.50 -6.33
CA VAL E 43 -16.38 16.30 -6.95
C VAL E 43 -15.16 16.72 -7.78
N GLU E 44 -14.21 15.83 -7.94
CA GLU E 44 -13.00 16.16 -8.74
C GLU E 44 -12.32 14.89 -9.24
N GLY E 45 -11.79 14.93 -10.44
CA GLY E 45 -11.11 13.72 -10.99
C GLY E 45 -12.10 12.90 -11.82
N GLY E 46 -12.96 13.57 -12.54
CA GLY E 46 -13.97 12.82 -13.38
C GLY E 46 -14.83 11.95 -12.46
N HIS E 47 -15.83 12.52 -11.85
CA HIS E 47 -16.71 11.72 -10.94
C HIS E 47 -18.06 12.43 -10.76
N ARG E 48 -19.08 11.67 -10.48
CA ARG E 48 -20.45 12.25 -10.32
C ARG E 48 -20.81 12.38 -8.82
N ALA E 49 -21.70 13.30 -8.47
CA ALA E 49 -22.06 13.51 -7.02
C ALA E 49 -23.36 12.80 -6.63
N ILE E 50 -23.48 12.47 -5.36
CA ILE E 50 -24.68 11.75 -4.84
C ILE E 50 -25.19 12.46 -3.57
N PHE E 51 -26.47 12.37 -3.25
CA PHE E 51 -27.00 13.10 -2.03
C PHE E 51 -27.77 12.20 -1.05
N PHE E 52 -27.61 12.46 0.24
CA PHE E 52 -28.34 11.68 1.29
C PHE E 52 -28.32 12.47 2.63
N ASN E 53 -29.30 12.27 3.48
CA ASN E 53 -29.33 13.02 4.79
C ASN E 53 -29.23 12.07 6.00
N ARG E 54 -28.71 12.55 7.11
CA ARG E 54 -28.58 11.68 8.34
C ARG E 54 -29.92 11.01 8.64
N ILE E 55 -31.01 11.71 8.44
CA ILE E 55 -32.35 11.10 8.73
C ILE E 55 -32.69 10.04 7.67
N GLY E 56 -31.93 8.98 7.62
CA GLY E 56 -32.20 7.91 6.62
C GLY E 56 -31.12 6.83 6.72
N GLY E 57 -30.74 6.25 5.60
CA GLY E 57 -29.69 5.20 5.63
C GLY E 57 -29.46 4.67 4.21
N VAL E 58 -28.93 5.48 3.34
CA VAL E 58 -28.69 5.02 1.94
C VAL E 58 -27.46 5.73 1.35
N GLN E 59 -27.38 5.83 0.05
CA GLN E 59 -26.22 6.50 -0.61
C GLN E 59 -24.91 5.80 -0.25
N GLN E 60 -24.25 5.25 -1.24
CA GLN E 60 -22.96 4.53 -0.97
C GLN E 60 -22.23 4.30 -2.29
N ASP E 61 -22.94 3.91 -3.32
CA ASP E 61 -22.31 3.67 -4.64
C ASP E 61 -23.13 4.33 -5.74
N THR E 62 -23.06 5.64 -5.84
CA THR E 62 -23.84 6.35 -6.88
C THR E 62 -22.97 7.40 -7.60
N ILE E 63 -23.55 8.13 -8.54
CA ILE E 63 -22.77 9.18 -9.29
C ILE E 63 -23.69 9.84 -10.36
N LEU E 64 -23.96 11.13 -10.24
CA LEU E 64 -24.82 11.84 -11.27
C LEU E 64 -23.94 12.41 -12.41
N ALA E 65 -23.44 13.63 -12.27
CA ALA E 65 -22.57 14.24 -13.33
C ALA E 65 -21.85 15.47 -12.74
N GLU E 66 -20.69 15.83 -13.26
CA GLU E 66 -19.93 17.00 -12.69
C GLU E 66 -20.79 18.26 -12.63
N GLY E 67 -20.66 19.02 -11.57
CA GLY E 67 -21.45 20.28 -11.40
C GLY E 67 -20.74 21.18 -10.38
N LEU E 68 -20.96 22.48 -10.43
CA LEU E 68 -20.29 23.35 -9.43
C LEU E 68 -21.27 23.63 -8.29
N HIS E 69 -21.02 23.05 -7.14
CA HIS E 69 -21.91 23.24 -5.96
C HIS E 69 -21.16 22.88 -4.67
N PHE E 70 -21.53 23.48 -3.57
CA PHE E 70 -20.82 23.16 -2.28
C PHE E 70 -21.81 22.57 -1.27
N ARG E 71 -21.45 21.50 -0.61
CA ARG E 71 -22.38 20.90 0.39
C ARG E 71 -22.34 21.73 1.69
N ILE E 72 -21.84 21.18 2.77
CA ILE E 72 -21.80 21.94 4.06
C ILE E 72 -23.11 22.72 4.28
N PRO E 73 -24.23 22.05 4.08
CA PRO E 73 -25.54 22.70 4.24
C PRO E 73 -26.10 22.41 5.64
N TRP E 74 -26.76 21.29 5.82
CA TRP E 74 -27.33 20.95 7.14
C TRP E 74 -27.96 19.55 7.11
N PHE E 75 -28.43 19.11 5.97
CA PHE E 75 -29.06 17.76 5.90
C PHE E 75 -28.49 16.91 4.74
N GLN E 76 -27.52 17.42 4.02
CA GLN E 76 -26.95 16.60 2.89
C GLN E 76 -25.60 16.01 3.32
N TYR E 77 -25.23 14.90 2.75
CA TYR E 77 -23.95 14.24 3.13
C TYR E 77 -23.07 13.97 1.91
N PRO E 78 -21.78 13.89 2.14
CA PRO E 78 -20.84 13.62 1.06
C PRO E 78 -20.45 12.12 1.02
N ILE E 79 -20.92 11.44 0.01
CA ILE E 79 -20.60 9.99 -0.17
C ILE E 79 -20.83 9.69 -1.66
N ILE E 80 -19.76 9.47 -2.41
CA ILE E 80 -19.91 9.25 -3.89
C ILE E 80 -19.19 7.98 -4.37
N TYR E 81 -19.59 7.46 -5.49
CA TYR E 81 -18.96 6.23 -6.04
C TYR E 81 -17.93 6.62 -7.12
N ASP E 82 -16.89 5.86 -7.26
CA ASP E 82 -15.85 6.18 -8.28
C ASP E 82 -15.64 5.00 -9.23
N ILE E 83 -15.25 5.27 -10.45
CA ILE E 83 -15.03 4.17 -11.43
C ILE E 83 -13.60 3.63 -11.31
N ARG E 84 -13.44 2.35 -11.08
CA ARG E 84 -12.08 1.77 -10.96
C ARG E 84 -12.03 0.39 -11.61
N ALA E 85 -10.91 -0.28 -11.56
CA ALA E 85 -10.82 -1.64 -12.17
C ALA E 85 -11.87 -2.57 -11.55
N ARG E 86 -11.95 -3.78 -12.03
CA ARG E 86 -12.95 -4.73 -11.47
C ARG E 86 -12.55 -6.19 -11.74
N PRO E 87 -12.29 -6.93 -10.70
CA PRO E 87 -11.90 -8.35 -10.85
C PRO E 87 -13.13 -9.23 -10.62
N ARG E 88 -13.61 -9.86 -11.66
CA ARG E 88 -14.82 -10.74 -11.51
C ARG E 88 -14.87 -11.75 -12.69
N LYS E 89 -14.65 -13.03 -12.42
CA LYS E 89 -14.65 -14.07 -13.52
C LYS E 89 -15.26 -15.40 -13.04
N ILE E 90 -15.75 -16.22 -13.96
CA ILE E 90 -16.39 -17.52 -13.58
C ILE E 90 -15.46 -18.73 -13.75
N SER E 91 -15.74 -19.77 -13.00
CA SER E 91 -14.94 -21.02 -13.12
C SER E 91 -15.78 -22.18 -12.56
N SER E 92 -16.31 -23.03 -13.41
CA SER E 92 -17.14 -24.16 -12.91
C SER E 92 -17.27 -25.26 -13.99
N PRO E 93 -17.38 -26.48 -13.54
CA PRO E 93 -17.54 -27.61 -14.46
C PRO E 93 -19.03 -28.01 -14.54
N THR E 94 -19.67 -27.78 -15.65
CA THR E 94 -21.11 -28.11 -15.76
C THR E 94 -21.37 -29.06 -16.94
N GLY E 95 -22.24 -30.01 -16.77
CA GLY E 95 -22.55 -30.96 -17.87
C GLY E 95 -23.92 -31.58 -17.64
N SER E 96 -24.85 -31.36 -18.54
CA SER E 96 -26.22 -31.94 -18.37
C SER E 96 -26.87 -32.17 -19.73
N LYS E 97 -27.03 -31.13 -20.51
CA LYS E 97 -27.67 -31.27 -21.85
C LYS E 97 -27.05 -32.44 -22.64
N ASP E 98 -25.82 -32.77 -22.36
CA ASP E 98 -25.15 -33.89 -23.09
C ASP E 98 -24.66 -34.96 -22.10
N LEU E 99 -23.70 -35.75 -22.51
CA LEU E 99 -23.16 -36.81 -21.61
C LEU E 99 -21.69 -36.54 -21.29
N GLN E 100 -21.39 -35.39 -20.75
CA GLN E 100 -19.96 -35.07 -20.42
C GLN E 100 -19.91 -33.82 -19.54
N MET E 101 -18.73 -33.45 -19.09
CA MET E 101 -18.61 -32.24 -18.24
C MET E 101 -18.04 -31.07 -19.05
N VAL E 102 -18.85 -30.07 -19.30
CA VAL E 102 -18.36 -28.89 -20.09
C VAL E 102 -18.05 -27.73 -19.15
N ASN E 103 -17.02 -27.00 -19.43
CA ASN E 103 -16.66 -25.85 -18.55
C ASN E 103 -17.10 -24.54 -19.20
N ILE E 104 -18.09 -23.89 -18.62
CA ILE E 104 -18.57 -22.60 -19.19
C ILE E 104 -18.46 -21.49 -18.15
N SER E 105 -17.57 -20.56 -18.33
CA SER E 105 -17.41 -19.46 -17.35
C SER E 105 -17.23 -18.12 -18.07
N LEU E 106 -18.20 -17.24 -17.98
CA LEU E 106 -18.08 -15.92 -18.67
C LEU E 106 -18.15 -14.77 -17.66
N ARG E 107 -17.45 -13.70 -17.92
CA ARG E 107 -17.47 -12.54 -16.99
C ARG E 107 -18.30 -11.39 -17.58
N VAL E 108 -18.89 -10.58 -16.75
CA VAL E 108 -19.70 -9.44 -17.27
C VAL E 108 -19.11 -8.11 -16.79
N LEU E 109 -19.29 -7.06 -17.55
CA LEU E 109 -18.73 -5.74 -17.15
C LEU E 109 -19.86 -4.82 -16.64
N SER E 110 -19.53 -3.91 -15.76
CA SER E 110 -20.57 -2.99 -15.21
C SER E 110 -20.19 -1.55 -15.54
N ARG E 111 -21.11 -0.80 -16.09
CA ARG E 111 -20.81 0.62 -16.44
C ARG E 111 -22.04 1.51 -16.19
N PRO E 112 -21.80 2.67 -15.62
CA PRO E 112 -22.92 3.61 -15.34
C PRO E 112 -23.38 4.29 -16.63
N ASN E 113 -22.46 4.76 -17.43
CA ASN E 113 -22.83 5.44 -18.71
C ASN E 113 -23.84 6.56 -18.45
N ALA E 114 -24.70 6.83 -19.39
CA ALA E 114 -25.71 7.92 -19.20
C ALA E 114 -26.62 7.59 -18.02
N GLN E 115 -27.83 8.09 -18.03
CA GLN E 115 -28.77 7.82 -16.90
C GLN E 115 -28.18 8.35 -15.58
N GLU E 116 -28.67 7.85 -14.47
CA GLU E 116 -28.14 8.33 -13.16
C GLU E 116 -27.96 7.15 -12.20
N LEU E 117 -26.97 7.20 -11.36
CA LEU E 117 -26.74 6.09 -10.40
C LEU E 117 -27.80 6.07 -9.28
N PRO E 118 -28.20 7.23 -8.79
CA PRO E 118 -29.20 7.29 -7.70
C PRO E 118 -30.56 6.74 -8.13
N SER E 119 -30.95 6.94 -9.35
CA SER E 119 -32.28 6.42 -9.80
C SER E 119 -32.35 4.91 -9.55
N MET E 120 -31.46 4.16 -10.14
CA MET E 120 -31.46 2.68 -9.95
C MET E 120 -30.75 2.30 -8.65
N TYR E 121 -29.93 3.17 -8.10
CA TYR E 121 -29.20 2.83 -6.84
C TYR E 121 -30.13 2.19 -5.79
N GLN E 122 -31.08 2.94 -5.27
CA GLN E 122 -32.00 2.35 -4.24
C GLN E 122 -32.60 1.04 -4.75
N ARG E 123 -32.83 0.95 -6.04
CA ARG E 123 -33.40 -0.30 -6.61
C ARG E 123 -32.28 -1.34 -6.79
N LEU E 124 -31.05 -0.89 -6.80
CA LEU E 124 -29.90 -1.83 -6.97
C LEU E 124 -29.57 -2.50 -5.63
N GLY E 125 -29.11 -1.74 -4.68
CA GLY E 125 -28.77 -2.34 -3.35
C GLY E 125 -27.44 -1.75 -2.86
N LEU E 126 -26.82 -2.36 -1.89
CA LEU E 126 -25.53 -1.83 -1.38
C LEU E 126 -24.36 -2.50 -2.11
N ASP E 127 -24.05 -3.72 -1.77
CA ASP E 127 -22.92 -4.43 -2.45
C ASP E 127 -23.46 -5.35 -3.54
N TYR E 128 -24.34 -4.85 -4.37
CA TYR E 128 -24.92 -5.70 -5.46
C TYR E 128 -23.81 -6.29 -6.33
N GLU E 129 -22.79 -5.52 -6.61
CA GLU E 129 -21.67 -6.03 -7.47
C GLU E 129 -21.14 -7.37 -6.94
N GLU E 130 -21.37 -7.65 -5.69
CA GLU E 130 -20.89 -8.93 -5.11
C GLU E 130 -21.80 -10.10 -5.48
N ARG E 131 -23.03 -10.07 -5.04
CA ARG E 131 -23.99 -11.18 -5.35
C ARG E 131 -24.60 -11.04 -6.75
N VAL E 132 -25.11 -9.89 -7.08
CA VAL E 132 -25.76 -9.70 -8.41
C VAL E 132 -24.86 -10.16 -9.56
N LEU E 133 -23.63 -9.70 -9.61
CA LEU E 133 -22.71 -10.12 -10.73
C LEU E 133 -22.74 -11.64 -10.94
N PRO E 134 -22.35 -12.38 -9.92
CA PRO E 134 -22.35 -13.86 -10.03
C PRO E 134 -23.77 -14.40 -10.07
N SER E 135 -24.73 -13.64 -9.61
CA SER E 135 -26.14 -14.10 -9.61
C SER E 135 -26.73 -14.07 -11.03
N ILE E 136 -26.57 -12.97 -11.73
CA ILE E 136 -27.12 -12.86 -13.10
C ILE E 136 -26.33 -13.76 -14.06
N VAL E 137 -25.06 -13.95 -13.81
CA VAL E 137 -24.24 -14.82 -14.71
C VAL E 137 -24.51 -16.29 -14.41
N ASN E 138 -24.21 -16.73 -13.22
CA ASN E 138 -24.45 -18.17 -12.86
C ASN E 138 -25.89 -18.57 -13.19
N GLU E 139 -26.79 -17.64 -13.22
CA GLU E 139 -28.22 -17.96 -13.54
C GLU E 139 -28.37 -18.25 -15.04
N VAL E 140 -28.16 -17.24 -15.86
CA VAL E 140 -28.29 -17.44 -17.33
C VAL E 140 -27.19 -18.37 -17.85
N LEU E 141 -26.02 -18.32 -17.26
CA LEU E 141 -24.91 -19.20 -17.72
C LEU E 141 -25.31 -20.67 -17.60
N LYS E 142 -25.55 -21.14 -16.41
CA LYS E 142 -25.94 -22.57 -16.22
C LYS E 142 -27.32 -22.84 -16.86
N SER E 143 -28.10 -21.81 -17.07
CA SER E 143 -29.45 -22.01 -17.69
C SER E 143 -29.32 -22.15 -19.21
N VAL E 144 -28.40 -21.44 -19.81
CA VAL E 144 -28.24 -21.52 -21.29
C VAL E 144 -27.44 -22.78 -21.66
N VAL E 145 -26.35 -23.04 -20.99
CA VAL E 145 -25.53 -24.24 -21.31
C VAL E 145 -26.40 -25.50 -21.28
N ALA E 146 -27.42 -25.51 -20.48
CA ALA E 146 -28.31 -26.70 -20.40
C ALA E 146 -29.20 -26.77 -21.64
N LYS E 147 -29.41 -25.67 -22.30
CA LYS E 147 -30.28 -25.66 -23.52
C LYS E 147 -29.48 -26.17 -24.73
N PHE E 148 -28.34 -25.60 -24.99
CA PHE E 148 -27.53 -26.06 -26.16
C PHE E 148 -26.95 -27.45 -25.89
N ASN E 149 -25.89 -27.80 -26.57
CA ASN E 149 -25.28 -29.14 -26.36
C ASN E 149 -23.80 -29.00 -26.00
N ALA E 150 -23.15 -30.07 -25.63
CA ALA E 150 -21.70 -30.00 -25.27
C ALA E 150 -20.85 -29.98 -26.55
N SER E 151 -21.10 -30.89 -27.45
CA SER E 151 -20.30 -30.94 -28.70
C SER E 151 -20.41 -29.61 -29.47
N GLN E 152 -21.50 -28.91 -29.28
CA GLN E 152 -21.67 -27.62 -30.00
C GLN E 152 -20.86 -26.51 -29.32
N LEU E 153 -20.60 -26.65 -28.04
CA LEU E 153 -19.82 -25.60 -27.32
C LEU E 153 -18.34 -25.67 -27.71
N ILE E 154 -17.78 -26.86 -27.71
CA ILE E 154 -16.34 -27.00 -28.09
C ILE E 154 -16.10 -26.49 -29.51
N THR E 155 -17.14 -26.42 -30.31
CA THR E 155 -16.98 -25.94 -31.71
C THR E 155 -16.49 -24.49 -31.72
N GLN E 156 -17.29 -23.58 -31.23
CA GLN E 156 -16.87 -22.14 -31.22
C GLN E 156 -17.46 -21.44 -30.00
N ARG E 157 -16.63 -21.13 -29.03
CA ARG E 157 -17.15 -20.44 -27.81
C ARG E 157 -17.78 -19.09 -28.18
N ALA E 158 -17.44 -18.56 -29.32
CA ALA E 158 -18.02 -17.25 -29.74
C ALA E 158 -19.49 -17.42 -30.13
N GLN E 159 -19.86 -18.57 -30.60
CA GLN E 159 -21.28 -18.80 -30.98
C GLN E 159 -22.19 -18.70 -29.76
N VAL E 160 -22.02 -19.59 -28.81
CA VAL E 160 -22.87 -19.55 -27.59
C VAL E 160 -22.63 -18.25 -26.81
N SER E 161 -21.47 -17.63 -27.01
CA SER E 161 -21.18 -16.37 -26.28
C SER E 161 -22.19 -15.28 -26.66
N LEU E 162 -22.66 -15.31 -27.89
CA LEU E 162 -23.66 -14.29 -28.32
C LEU E 162 -25.05 -14.66 -27.83
N LEU E 163 -25.30 -15.93 -27.63
CA LEU E 163 -26.65 -16.35 -27.14
C LEU E 163 -26.78 -16.09 -25.63
N ILE E 164 -25.79 -16.48 -24.88
CA ILE E 164 -25.86 -16.26 -23.40
C ILE E 164 -25.85 -14.75 -23.10
N ARG E 165 -25.28 -13.96 -23.97
CA ARG E 165 -25.24 -12.48 -23.74
C ARG E 165 -26.59 -11.85 -24.08
N ARG E 166 -27.34 -12.47 -24.96
CA ARG E 166 -28.67 -11.90 -25.32
C ARG E 166 -29.54 -11.70 -24.08
N GLU E 167 -29.65 -12.69 -23.25
CA GLU E 167 -30.47 -12.56 -22.01
C GLU E 167 -29.70 -11.79 -20.93
N LEU E 168 -28.39 -11.82 -21.00
CA LEU E 168 -27.59 -11.10 -19.98
C LEU E 168 -27.59 -9.59 -20.26
N THR E 169 -27.51 -9.21 -21.51
CA THR E 169 -27.50 -7.76 -21.86
C THR E 169 -28.82 -7.11 -21.43
N GLU E 170 -29.88 -7.88 -21.35
CA GLU E 170 -31.19 -7.30 -20.94
C GLU E 170 -31.24 -7.14 -19.42
N ARG E 171 -30.68 -8.06 -18.68
CA ARG E 171 -30.70 -7.95 -17.20
C ARG E 171 -29.61 -6.98 -16.71
N ALA E 172 -28.62 -6.73 -17.53
CA ALA E 172 -27.53 -5.80 -17.12
C ALA E 172 -28.12 -4.43 -16.72
N LYS E 173 -28.81 -3.79 -17.63
CA LYS E 173 -29.40 -2.46 -17.31
C LYS E 173 -30.35 -2.56 -16.11
N ASP E 174 -30.83 -3.73 -15.82
CA ASP E 174 -31.76 -3.90 -14.67
C ASP E 174 -31.10 -3.42 -13.36
N PHE E 175 -29.80 -3.40 -13.32
CA PHE E 175 -29.09 -2.95 -12.09
C PHE E 175 -28.23 -1.73 -12.39
N SER E 176 -28.79 -0.74 -13.03
CA SER E 176 -28.01 0.51 -13.36
C SER E 176 -26.71 0.14 -14.07
N LEU E 177 -26.66 -0.99 -14.71
CA LEU E 177 -25.42 -1.40 -15.42
C LEU E 177 -25.68 -1.49 -16.93
N ILE E 178 -25.04 -0.64 -17.70
CA ILE E 178 -25.26 -0.67 -19.18
C ILE E 178 -23.91 -0.78 -19.91
N LEU E 179 -23.66 -1.90 -20.52
CA LEU E 179 -22.37 -2.08 -21.26
C LEU E 179 -22.51 -3.21 -22.28
N ASP E 180 -22.01 -3.01 -23.47
CA ASP E 180 -22.12 -4.08 -24.51
C ASP E 180 -20.78 -4.80 -24.65
N ASP E 181 -20.70 -6.03 -24.21
CA ASP E 181 -19.42 -6.78 -24.31
C ASP E 181 -19.69 -8.29 -24.23
N VAL E 182 -19.51 -9.00 -25.31
CA VAL E 182 -19.74 -10.47 -25.28
C VAL E 182 -18.40 -11.21 -25.23
N ALA E 183 -18.11 -11.84 -24.12
CA ALA E 183 -16.81 -12.55 -24.00
C ALA E 183 -16.88 -13.62 -22.91
N ILE E 184 -16.09 -14.66 -23.03
CA ILE E 184 -16.11 -15.73 -22.01
C ILE E 184 -14.79 -16.50 -22.04
N THR E 185 -13.98 -16.40 -21.01
CA THR E 185 -12.69 -17.15 -21.02
C THR E 185 -12.82 -18.40 -20.15
N GLU E 186 -12.99 -19.54 -20.77
CA GLU E 186 -13.11 -20.81 -20.00
C GLU E 186 -12.94 -22.03 -20.90
N LEU E 187 -11.88 -22.78 -20.77
CA LEU E 187 -11.76 -23.99 -21.63
C LEU E 187 -11.10 -25.13 -20.85
N SER E 188 -11.88 -26.07 -20.40
CA SER E 188 -11.32 -27.24 -19.67
C SER E 188 -12.37 -28.33 -19.55
N PHE E 189 -12.22 -29.42 -20.24
CA PHE E 189 -13.23 -30.51 -20.13
C PHE E 189 -12.65 -31.85 -20.62
N SER E 190 -12.71 -32.87 -19.81
CA SER E 190 -12.16 -34.19 -20.23
C SER E 190 -13.13 -35.32 -19.86
N MET F 1 -41.97 44.00 38.68
CA MET F 1 -40.65 44.68 38.73
C MET F 1 -39.53 43.66 39.01
N ALA F 2 -39.25 42.81 38.07
CA ALA F 2 -38.18 41.79 38.29
C ALA F 2 -36.83 42.33 37.80
N GLN F 3 -36.03 42.84 38.69
CA GLN F 3 -34.71 43.39 38.28
C GLN F 3 -33.84 42.28 37.68
N ASN F 4 -34.11 41.05 38.01
CA ASN F 4 -33.30 39.92 37.45
C ASN F 4 -33.34 39.95 35.92
N LEU F 5 -34.49 40.16 35.35
CA LEU F 5 -34.58 40.20 33.86
C LEU F 5 -33.79 41.39 33.32
N LYS F 6 -33.69 42.44 34.08
CA LYS F 6 -32.93 43.64 33.60
C LYS F 6 -31.44 43.46 33.87
N ASP F 7 -31.10 42.82 34.96
CA ASP F 7 -29.66 42.61 35.28
C ASP F 7 -29.04 41.59 34.33
N LEU F 8 -29.83 40.68 33.82
CA LEU F 8 -29.30 39.66 32.88
C LEU F 8 -28.99 40.31 31.52
N ALA F 9 -29.95 40.99 30.96
CA ALA F 9 -29.72 41.65 29.63
C ALA F 9 -28.59 42.69 29.75
N GLY F 10 -28.51 43.36 30.86
CA GLY F 10 -27.45 44.39 31.04
C GLY F 10 -26.09 43.70 31.19
N ARG F 11 -26.08 42.45 31.58
CA ARG F 11 -24.79 41.73 31.74
C ARG F 11 -24.25 41.27 30.37
N LEU F 12 -25.11 41.10 29.41
CA LEU F 12 -24.64 40.65 28.06
C LEU F 12 -23.62 41.66 27.50
N PRO F 13 -24.01 42.91 27.41
CA PRO F 13 -23.10 43.95 26.88
C PRO F 13 -21.99 44.26 27.89
N ALA F 14 -22.24 44.02 29.14
CA ALA F 14 -21.20 44.31 30.18
C ALA F 14 -19.94 43.50 29.90
N GLY F 15 -18.79 44.10 30.03
CA GLY F 15 -17.51 43.37 29.78
C GLY F 15 -17.21 43.38 28.27
N PRO F 16 -16.86 44.54 27.78
CA PRO F 16 -16.53 44.68 26.34
C PRO F 16 -15.18 44.04 26.03
N ARG F 17 -14.24 44.13 26.94
CA ARG F 17 -12.90 43.53 26.69
C ARG F 17 -13.02 42.00 26.58
N GLY F 18 -13.99 41.43 27.24
CA GLY F 18 -14.16 39.94 27.15
C GLY F 18 -14.72 39.57 25.79
N MET F 19 -15.56 40.39 25.23
CA MET F 19 -16.13 40.08 23.89
C MET F 19 -15.02 39.98 22.84
N GLY F 20 -14.01 40.80 22.96
CA GLY F 20 -12.89 40.76 21.97
C GLY F 20 -12.14 39.44 22.12
N THR F 21 -11.82 39.05 23.32
CA THR F 21 -11.08 37.77 23.54
C THR F 21 -11.96 36.58 23.16
N ALA F 22 -13.25 36.73 23.23
CA ALA F 22 -14.17 35.60 22.87
C ALA F 22 -13.90 35.12 21.44
N LEU F 23 -13.40 35.99 20.61
CA LEU F 23 -13.10 35.59 19.19
C LEU F 23 -12.05 34.48 19.17
N LYS F 24 -11.08 34.56 20.03
CA LYS F 24 -10.01 33.51 20.06
C LYS F 24 -10.65 32.13 20.18
N LEU F 25 -11.79 32.05 20.81
CA LEU F 25 -12.47 30.72 20.96
C LEU F 25 -13.03 30.26 19.62
N LEU F 26 -13.65 31.14 18.88
CA LEU F 26 -14.22 30.75 17.56
C LEU F 26 -13.12 30.24 16.63
N LEU F 27 -11.99 30.90 16.62
CA LEU F 27 -10.88 30.45 15.74
C LEU F 27 -10.32 29.11 16.22
N GLY F 28 -10.17 28.95 17.50
CA GLY F 28 -9.64 27.66 18.05
C GLY F 28 -10.58 26.51 17.69
N ALA F 29 -11.85 26.81 17.55
CA ALA F 29 -12.83 25.73 17.20
C ALA F 29 -12.46 25.09 15.85
N GLY F 30 -11.85 25.84 14.98
CA GLY F 30 -11.46 25.29 13.65
C GLY F 30 -10.28 24.33 13.82
N ALA F 31 -9.36 24.66 14.67
CA ALA F 31 -8.17 23.77 14.87
C ALA F 31 -8.63 22.45 15.51
N VAL F 32 -9.69 22.47 16.27
CA VAL F 32 -10.19 21.22 16.91
C VAL F 32 -10.94 20.36 15.89
N ALA F 33 -11.55 20.98 14.91
CA ALA F 33 -12.30 20.21 13.88
C ALA F 33 -11.36 19.26 13.14
N TYR F 34 -10.11 19.62 13.02
CA TYR F 34 -9.14 18.74 12.30
C TYR F 34 -9.03 17.38 13.01
N GLY F 35 -8.89 17.39 14.30
CA GLY F 35 -8.78 16.10 15.05
C GLY F 35 -10.03 15.26 14.80
N VAL F 36 -11.16 15.90 14.65
CA VAL F 36 -12.42 15.14 14.39
C VAL F 36 -12.50 14.74 12.92
N ARG F 37 -11.91 15.53 12.05
CA ARG F 37 -11.95 15.20 10.60
C ARG F 37 -11.25 13.87 10.32
N GLU F 38 -10.21 13.57 11.06
CA GLU F 38 -9.49 12.27 10.84
C GLU F 38 -10.25 11.11 11.51
N SER F 39 -11.00 11.37 12.56
CA SER F 39 -11.76 10.27 13.24
C SER F 39 -13.12 10.75 13.78
N VAL F 40 -14.11 9.88 13.81
CA VAL F 40 -15.47 10.27 14.32
C VAL F 40 -16.24 9.04 14.84
N PHE F 41 -17.49 9.19 15.22
CA PHE F 41 -18.27 8.02 15.75
C PHE F 41 -19.58 7.82 14.94
N THR F 42 -20.23 8.88 14.52
CA THR F 42 -21.50 8.71 13.73
C THR F 42 -21.24 7.86 12.49
N VAL F 43 -21.84 6.70 12.41
CA VAL F 43 -21.63 5.82 11.21
C VAL F 43 -21.90 6.60 9.92
N GLU F 44 -20.87 6.86 9.16
CA GLU F 44 -21.05 7.62 7.89
C GLU F 44 -22.06 6.91 6.97
N GLY F 45 -21.66 5.82 6.35
CA GLY F 45 -22.58 5.10 5.45
C GLY F 45 -21.94 3.78 5.01
N GLY F 46 -22.72 2.86 4.50
CA GLY F 46 -22.17 1.55 4.06
C GLY F 46 -21.48 0.86 5.24
N HIS F 47 -21.83 1.23 6.44
CA HIS F 47 -21.21 0.60 7.64
C HIS F 47 -22.20 0.59 8.80
N ARG F 48 -22.04 -0.34 9.70
CA ARG F 48 -22.98 -0.46 10.86
C ARG F 48 -22.24 -0.17 12.19
N ALA F 49 -22.97 0.22 13.23
CA ALA F 49 -22.30 0.58 14.53
C ALA F 49 -22.36 -0.55 15.57
N ILE F 50 -21.41 -0.52 16.48
CA ILE F 50 -21.30 -1.56 17.54
C ILE F 50 -21.03 -0.86 18.91
N PHE F 51 -21.40 -1.45 20.03
CA PHE F 51 -21.20 -0.74 21.35
C PHE F 51 -20.40 -1.53 22.41
N PHE F 52 -19.46 -0.86 23.05
CA PHE F 52 -18.66 -1.49 24.15
C PHE F 52 -17.98 -0.38 24.99
N ASN F 53 -17.69 -0.63 26.26
CA ASN F 53 -17.06 0.43 27.11
C ASN F 53 -15.81 -0.10 27.84
N ARG F 54 -14.87 0.76 28.17
CA ARG F 54 -13.62 0.32 28.88
C ARG F 54 -13.94 -0.68 30.00
N ILE F 55 -15.10 -0.56 30.60
CA ILE F 55 -15.47 -1.51 31.69
C ILE F 55 -16.68 -2.36 31.29
N GLY F 56 -16.62 -3.02 30.17
CA GLY F 56 -17.77 -3.86 29.72
C GLY F 56 -17.26 -4.98 28.80
N GLY F 57 -18.14 -5.57 28.04
CA GLY F 57 -17.72 -6.67 27.12
C GLY F 57 -17.31 -6.09 25.77
N VAL F 58 -16.13 -6.41 25.30
CA VAL F 58 -15.66 -5.88 23.98
C VAL F 58 -16.72 -6.13 22.90
N GLN F 59 -16.61 -5.46 21.78
CA GLN F 59 -17.60 -5.65 20.68
C GLN F 59 -16.97 -5.26 19.34
N GLN F 60 -15.96 -5.98 18.93
CA GLN F 60 -15.30 -5.67 17.62
C GLN F 60 -15.83 -6.59 16.52
N ASP F 61 -15.46 -6.35 15.29
CA ASP F 61 -15.94 -7.21 14.17
C ASP F 61 -17.47 -7.31 14.18
N THR F 62 -18.16 -6.19 14.11
CA THR F 62 -19.65 -6.22 14.13
C THR F 62 -20.23 -5.04 13.35
N ILE F 63 -21.41 -5.20 12.80
CA ILE F 63 -22.07 -4.11 12.03
C ILE F 63 -23.59 -4.39 11.88
N LEU F 64 -24.42 -3.62 12.55
CA LEU F 64 -25.91 -3.78 12.45
C LEU F 64 -26.49 -2.91 11.29
N ALA F 65 -26.70 -1.62 11.53
CA ALA F 65 -27.27 -0.74 10.44
C ALA F 65 -26.91 0.76 10.72
N GLU F 66 -27.27 1.66 9.83
CA GLU F 66 -26.93 3.11 10.05
C GLU F 66 -27.95 3.79 10.97
N GLY F 67 -27.51 4.78 11.70
CA GLY F 67 -28.41 5.53 12.63
C GLY F 67 -27.77 6.87 12.95
N LEU F 68 -28.54 7.87 13.33
CA LEU F 68 -27.90 9.18 13.65
C LEU F 68 -27.67 9.25 15.16
N HIS F 69 -26.43 9.12 15.57
CA HIS F 69 -26.08 9.15 17.02
C HIS F 69 -24.58 9.44 17.18
N PHE F 70 -24.19 10.05 18.26
CA PHE F 70 -22.74 10.34 18.47
C PHE F 70 -22.24 9.65 19.74
N ARG F 71 -21.02 9.19 19.75
CA ARG F 71 -20.48 8.52 20.97
C ARG F 71 -20.23 9.56 22.06
N ILE F 72 -21.26 10.24 22.47
CA ILE F 72 -21.08 11.28 23.52
C ILE F 72 -22.03 11.02 24.72
N PRO F 73 -22.35 9.77 24.99
CA PRO F 73 -23.24 9.46 26.14
C PRO F 73 -22.47 9.60 27.46
N TRP F 74 -21.80 8.57 27.89
CA TRP F 74 -21.04 8.66 29.18
C TRP F 74 -19.79 7.77 29.12
N PHE F 75 -19.86 6.64 28.46
CA PHE F 75 -18.66 5.75 28.39
C PHE F 75 -18.79 4.71 27.27
N GLN F 76 -19.02 5.14 26.05
CA GLN F 76 -19.13 4.18 24.92
C GLN F 76 -17.83 4.18 24.11
N TYR F 77 -17.50 3.09 23.47
CA TYR F 77 -16.23 3.03 22.69
C TYR F 77 -16.48 2.92 21.18
N PRO F 78 -15.52 3.39 20.42
CA PRO F 78 -15.64 3.34 18.96
C PRO F 78 -14.85 2.16 18.37
N ILE F 79 -15.55 1.17 17.88
CA ILE F 79 -14.89 -0.02 17.26
C ILE F 79 -15.95 -0.68 16.36
N ILE F 80 -15.80 -0.59 15.06
CA ILE F 80 -16.85 -1.16 14.14
C ILE F 80 -16.24 -2.04 13.05
N TYR F 81 -17.04 -2.92 12.48
CA TYR F 81 -16.52 -3.84 11.40
C TYR F 81 -16.84 -3.25 10.03
N ASP F 82 -16.03 -3.57 9.04
CA ASP F 82 -16.29 -3.03 7.67
C ASP F 82 -16.31 -4.18 6.65
N ILE F 83 -17.03 -4.01 5.58
CA ILE F 83 -17.10 -5.08 4.54
C ILE F 83 -16.02 -4.86 3.47
N ARG F 84 -15.55 -5.92 2.87
CA ARG F 84 -14.50 -5.77 1.82
C ARG F 84 -14.27 -7.11 1.12
N ALA F 85 -13.45 -7.12 0.10
CA ALA F 85 -13.18 -8.41 -0.62
C ALA F 85 -12.57 -9.43 0.34
N ARG F 86 -12.76 -10.70 0.09
CA ARG F 86 -12.19 -11.73 1.00
C ARG F 86 -11.78 -12.98 0.21
N PRO F 87 -10.48 -13.20 0.12
CA PRO F 87 -9.94 -14.36 -0.60
C PRO F 87 -9.57 -15.46 0.41
N ARG F 88 -10.19 -16.61 0.31
CA ARG F 88 -9.87 -17.70 1.28
C ARG F 88 -10.25 -19.08 0.67
N LYS F 89 -9.27 -19.88 0.27
CA LYS F 89 -9.56 -21.24 -0.35
C LYS F 89 -8.32 -22.18 -0.27
N ILE F 90 -8.52 -23.49 -0.28
CA ILE F 90 -7.34 -24.44 -0.18
C ILE F 90 -7.34 -25.49 -1.30
N SER F 91 -6.16 -25.99 -1.62
CA SER F 91 -6.05 -27.08 -2.63
C SER F 91 -5.29 -28.24 -1.99
N SER F 92 -5.96 -29.34 -1.72
CA SER F 92 -5.28 -30.50 -1.08
C SER F 92 -5.96 -31.82 -1.46
N PRO F 93 -5.16 -32.86 -1.59
CA PRO F 93 -5.70 -34.18 -1.95
C PRO F 93 -5.89 -35.04 -0.71
N THR F 94 -7.07 -35.59 -0.53
CA THR F 94 -7.34 -36.45 0.65
C THR F 94 -8.03 -37.74 0.21
N GLY F 95 -7.83 -38.81 0.93
CA GLY F 95 -8.48 -40.10 0.55
C GLY F 95 -9.21 -40.69 1.76
N SER F 96 -10.48 -40.98 1.61
CA SER F 96 -11.25 -41.55 2.76
C SER F 96 -12.47 -42.32 2.25
N LYS F 97 -12.42 -42.80 1.03
CA LYS F 97 -13.58 -43.55 0.47
C LYS F 97 -13.17 -44.28 -0.80
N ASP F 98 -11.91 -44.61 -0.95
CA ASP F 98 -11.44 -45.32 -2.17
C ASP F 98 -9.96 -45.69 -2.03
N LEU F 99 -9.37 -46.19 -3.08
CA LEU F 99 -7.92 -46.56 -3.00
C LEU F 99 -7.06 -45.36 -3.40
N GLN F 100 -7.56 -44.50 -4.25
CA GLN F 100 -6.76 -43.31 -4.68
C GLN F 100 -7.06 -42.12 -3.75
N MET F 101 -6.68 -40.94 -4.15
CA MET F 101 -6.93 -39.74 -3.30
C MET F 101 -7.49 -38.59 -4.13
N VAL F 102 -8.53 -37.95 -3.66
CA VAL F 102 -9.12 -36.82 -4.44
C VAL F 102 -8.84 -35.48 -3.74
N ASN F 103 -8.73 -34.42 -4.49
CA ASN F 103 -8.45 -33.10 -3.87
C ASN F 103 -9.65 -32.16 -4.08
N ILE F 104 -10.12 -31.56 -3.02
CA ILE F 104 -11.28 -30.62 -3.13
C ILE F 104 -10.86 -29.22 -2.68
N SER F 105 -11.48 -28.21 -3.22
CA SER F 105 -11.12 -26.82 -2.83
C SER F 105 -12.34 -25.90 -2.93
N LEU F 106 -12.85 -25.43 -1.82
CA LEU F 106 -14.05 -24.54 -1.86
C LEU F 106 -13.71 -23.17 -1.25
N ARG F 107 -14.26 -22.12 -1.81
CA ARG F 107 -13.98 -20.76 -1.27
C ARG F 107 -15.22 -20.24 -0.50
N VAL F 108 -15.00 -19.64 0.64
CA VAL F 108 -16.16 -19.13 1.43
C VAL F 108 -16.28 -17.61 1.26
N LEU F 109 -17.49 -17.11 1.18
CA LEU F 109 -17.67 -15.64 1.02
C LEU F 109 -18.22 -15.03 2.32
N SER F 110 -17.68 -13.91 2.73
CA SER F 110 -18.16 -13.27 3.98
C SER F 110 -19.07 -12.09 3.66
N ARG F 111 -20.26 -12.07 4.20
CA ARG F 111 -21.19 -10.94 3.91
C ARG F 111 -22.22 -10.80 5.05
N PRO F 112 -22.39 -9.59 5.53
CA PRO F 112 -23.35 -9.34 6.62
C PRO F 112 -24.78 -9.40 6.08
N ASN F 113 -25.76 -9.17 6.92
CA ASN F 113 -27.17 -9.22 6.45
C ASN F 113 -28.11 -8.65 7.53
N ALA F 114 -27.69 -7.62 8.21
CA ALA F 114 -28.56 -7.02 9.27
C ALA F 114 -29.01 -8.09 10.26
N GLN F 115 -28.21 -9.11 10.45
CA GLN F 115 -28.60 -10.19 11.39
C GLN F 115 -27.98 -9.94 12.77
N GLU F 116 -27.93 -8.70 13.18
CA GLU F 116 -27.34 -8.36 14.52
C GLU F 116 -25.93 -8.94 14.65
N LEU F 117 -24.93 -8.13 14.44
CA LEU F 117 -23.52 -8.62 14.58
C LEU F 117 -23.08 -8.68 16.05
N PRO F 118 -23.62 -7.82 16.89
CA PRO F 118 -23.21 -7.83 18.33
C PRO F 118 -23.78 -9.07 19.04
N SER F 119 -24.99 -9.46 18.73
CA SER F 119 -25.56 -10.68 19.39
C SER F 119 -24.70 -11.89 19.04
N MET F 120 -24.40 -12.05 17.78
CA MET F 120 -23.57 -13.20 17.34
C MET F 120 -22.07 -12.91 17.57
N TYR F 121 -21.71 -11.65 17.73
CA TYR F 121 -20.27 -11.31 17.95
C TYR F 121 -19.69 -12.12 19.12
N GLN F 122 -20.14 -11.88 20.32
CA GLN F 122 -19.60 -12.64 21.49
C GLN F 122 -19.82 -14.14 21.29
N ARG F 123 -20.84 -14.50 20.55
CA ARG F 123 -21.09 -15.95 20.29
C ARG F 123 -20.16 -16.44 19.18
N LEU F 124 -19.69 -15.54 18.36
CA LEU F 124 -18.78 -15.93 17.24
C LEU F 124 -17.35 -16.11 17.78
N GLY F 125 -16.89 -15.17 18.56
CA GLY F 125 -15.51 -15.29 19.12
C GLY F 125 -15.01 -13.91 19.54
N LEU F 126 -14.12 -13.34 18.77
CA LEU F 126 -13.59 -11.98 19.11
C LEU F 126 -13.13 -11.26 17.85
N ASP F 127 -12.09 -11.75 17.22
CA ASP F 127 -11.59 -11.09 15.98
C ASP F 127 -10.55 -11.98 15.30
N TYR F 128 -10.97 -13.04 14.66
CA TYR F 128 -10.01 -13.95 13.97
C TYR F 128 -10.75 -14.94 13.07
N GLU F 129 -11.50 -14.44 12.11
CA GLU F 129 -12.26 -15.35 11.20
C GLU F 129 -11.34 -16.46 10.65
N GLU F 130 -10.06 -16.20 10.59
CA GLU F 130 -9.11 -17.24 10.07
C GLU F 130 -9.30 -18.57 10.80
N ARG F 131 -9.83 -18.52 12.00
CA ARG F 131 -10.04 -19.78 12.78
C ARG F 131 -11.32 -20.49 12.32
N VAL F 132 -12.42 -19.79 12.28
CA VAL F 132 -13.71 -20.44 11.88
C VAL F 132 -13.81 -20.57 10.35
N LEU F 133 -13.07 -19.80 9.61
CA LEU F 133 -13.16 -19.89 8.11
C LEU F 133 -12.77 -21.29 7.64
N PRO F 134 -11.55 -21.69 7.96
CA PRO F 134 -11.07 -23.03 7.55
C PRO F 134 -11.69 -24.12 8.41
N SER F 135 -12.07 -23.80 9.62
CA SER F 135 -12.68 -24.83 10.52
C SER F 135 -13.92 -25.43 9.86
N ILE F 136 -14.82 -24.61 9.38
CA ILE F 136 -16.04 -25.14 8.72
C ILE F 136 -15.71 -25.72 7.34
N VAL F 137 -14.76 -25.15 6.66
CA VAL F 137 -14.38 -25.67 5.31
C VAL F 137 -13.47 -26.88 5.45
N ASN F 138 -12.31 -26.70 6.02
CA ASN F 138 -11.36 -27.85 6.20
C ASN F 138 -12.07 -29.07 6.79
N GLU F 139 -13.06 -28.83 7.62
CA GLU F 139 -13.79 -29.98 8.24
C GLU F 139 -14.82 -30.54 7.27
N VAL F 140 -15.79 -29.74 6.88
CA VAL F 140 -16.84 -30.24 5.94
C VAL F 140 -16.23 -30.62 4.60
N LEU F 141 -15.35 -29.80 4.07
CA LEU F 141 -14.72 -30.13 2.75
C LEU F 141 -14.12 -31.54 2.75
N LYS F 142 -13.24 -31.82 3.67
CA LYS F 142 -12.61 -33.18 3.72
C LYS F 142 -13.61 -34.20 4.30
N SER F 143 -14.61 -33.74 5.01
CA SER F 143 -15.60 -34.70 5.59
C SER F 143 -16.59 -35.16 4.53
N VAL F 144 -17.26 -34.24 3.88
CA VAL F 144 -18.24 -34.63 2.83
C VAL F 144 -17.58 -35.51 1.76
N VAL F 145 -16.30 -35.37 1.58
CA VAL F 145 -15.58 -36.18 0.56
C VAL F 145 -15.42 -37.62 1.06
N ALA F 146 -15.34 -37.80 2.35
CA ALA F 146 -15.18 -39.18 2.90
C ALA F 146 -16.42 -40.03 2.62
N LYS F 147 -17.54 -39.40 2.38
CA LYS F 147 -18.78 -40.20 2.10
C LYS F 147 -18.81 -40.68 0.65
N PHE F 148 -18.91 -39.77 -0.28
CA PHE F 148 -18.96 -40.18 -1.72
C PHE F 148 -17.63 -40.82 -2.14
N ASN F 149 -17.69 -41.87 -2.92
CA ASN F 149 -16.43 -42.54 -3.37
C ASN F 149 -15.61 -41.60 -4.24
N ALA F 150 -14.46 -42.03 -4.69
CA ALA F 150 -13.61 -41.17 -5.55
C ALA F 150 -14.11 -41.18 -7.00
N SER F 151 -14.46 -42.35 -7.51
CA SER F 151 -14.95 -42.42 -8.92
C SER F 151 -16.17 -41.52 -9.11
N GLN F 152 -17.01 -41.41 -8.12
CA GLN F 152 -18.21 -40.54 -8.25
C GLN F 152 -17.84 -39.07 -8.03
N LEU F 153 -16.78 -38.83 -7.31
CA LEU F 153 -16.36 -37.41 -7.06
C LEU F 153 -15.62 -36.85 -8.27
N ILE F 154 -14.65 -37.56 -8.78
CA ILE F 154 -13.89 -37.06 -9.96
C ILE F 154 -14.82 -36.81 -11.15
N THR F 155 -15.99 -37.43 -11.13
CA THR F 155 -16.94 -37.23 -12.26
C THR F 155 -17.18 -35.74 -12.50
N GLN F 156 -17.13 -34.94 -11.47
CA GLN F 156 -17.36 -33.48 -11.62
C GLN F 156 -17.08 -32.76 -10.30
N ARG F 157 -16.12 -31.87 -10.29
CA ARG F 157 -15.79 -31.14 -9.03
C ARG F 157 -17.02 -30.39 -8.52
N ALA F 158 -17.94 -30.06 -9.40
CA ALA F 158 -19.16 -29.32 -8.98
C ALA F 158 -20.18 -30.28 -8.36
N GLN F 159 -20.22 -31.50 -8.82
CA GLN F 159 -21.20 -32.49 -8.27
C GLN F 159 -21.07 -32.56 -6.74
N VAL F 160 -19.90 -32.24 -6.22
CA VAL F 160 -19.71 -32.29 -4.74
C VAL F 160 -20.30 -31.04 -4.09
N SER F 161 -20.15 -29.90 -4.70
CA SER F 161 -20.70 -28.64 -4.12
C SER F 161 -22.19 -28.80 -3.81
N LEU F 162 -22.88 -29.63 -4.55
CA LEU F 162 -24.34 -29.82 -4.29
C LEU F 162 -24.55 -30.37 -2.88
N LEU F 163 -23.79 -31.34 -2.49
CA LEU F 163 -23.94 -31.91 -1.11
C LEU F 163 -23.24 -31.03 -0.08
N ILE F 164 -22.12 -30.46 -0.44
CA ILE F 164 -21.38 -29.59 0.52
C ILE F 164 -22.25 -28.38 0.90
N ARG F 165 -22.88 -27.77 -0.06
CA ARG F 165 -23.75 -26.59 0.25
C ARG F 165 -24.77 -26.95 1.33
N ARG F 166 -25.33 -28.12 1.27
CA ARG F 166 -26.33 -28.53 2.29
C ARG F 166 -25.70 -28.54 3.69
N GLU F 167 -24.53 -29.11 3.82
CA GLU F 167 -23.86 -29.16 5.14
C GLU F 167 -23.17 -27.82 5.43
N LEU F 168 -22.78 -27.10 4.40
CA LEU F 168 -22.10 -25.79 4.62
C LEU F 168 -23.12 -24.71 4.97
N THR F 169 -24.23 -24.66 4.27
CA THR F 169 -25.26 -23.63 4.56
C THR F 169 -25.74 -23.77 6.02
N GLU F 170 -25.56 -24.92 6.61
CA GLU F 170 -26.00 -25.10 8.03
C GLU F 170 -24.97 -24.51 8.98
N ARG F 171 -23.71 -24.81 8.77
CA ARG F 171 -22.65 -24.27 9.67
C ARG F 171 -22.44 -22.78 9.39
N ALA F 172 -22.70 -22.34 8.20
CA ALA F 172 -22.52 -20.90 7.86
C ALA F 172 -23.40 -20.02 8.76
N LYS F 173 -24.55 -20.52 9.13
CA LYS F 173 -25.47 -19.73 10.01
C LYS F 173 -25.01 -19.84 11.48
N ASP F 174 -24.30 -20.87 11.81
CA ASP F 174 -23.82 -21.04 13.22
C ASP F 174 -23.03 -19.80 13.67
N PHE F 175 -22.04 -19.42 12.92
CA PHE F 175 -21.22 -18.23 13.31
C PHE F 175 -21.85 -16.95 12.73
N SER F 176 -21.42 -15.81 13.20
CA SER F 176 -21.98 -14.53 12.68
C SER F 176 -21.52 -14.29 11.24
N LEU F 177 -22.01 -15.07 10.31
CA LEU F 177 -21.60 -14.90 8.89
C LEU F 177 -22.74 -15.33 7.95
N ILE F 178 -23.31 -14.41 7.23
CA ILE F 178 -24.43 -14.77 6.30
C ILE F 178 -23.91 -14.83 4.86
N LEU F 179 -23.85 -16.00 4.28
CA LEU F 179 -23.37 -16.12 2.88
C LEU F 179 -23.86 -17.42 2.26
N ASP F 180 -24.75 -17.34 1.30
CA ASP F 180 -25.26 -18.57 0.65
C ASP F 180 -24.73 -18.66 -0.78
N ASP F 181 -23.85 -19.60 -1.03
CA ASP F 181 -23.29 -19.73 -2.42
C ASP F 181 -22.71 -21.14 -2.60
N VAL F 182 -23.16 -21.86 -3.60
CA VAL F 182 -22.63 -23.24 -3.83
C VAL F 182 -21.63 -23.22 -4.99
N ALA F 183 -20.38 -23.42 -4.70
CA ALA F 183 -19.34 -23.41 -5.78
C ALA F 183 -18.07 -24.12 -5.31
N ILE F 184 -17.32 -24.66 -6.22
CA ILE F 184 -16.07 -25.36 -5.81
C ILE F 184 -15.04 -25.39 -6.94
N THR F 185 -13.95 -24.68 -6.78
CA THR F 185 -12.88 -24.69 -7.83
C THR F 185 -11.80 -25.64 -7.33
N GLU F 186 -11.64 -26.78 -7.93
CA GLU F 186 -10.62 -27.74 -7.42
C GLU F 186 -10.18 -28.76 -8.48
N LEU F 187 -8.97 -29.23 -8.35
CA LEU F 187 -8.45 -30.27 -9.27
C LEU F 187 -8.09 -31.51 -8.44
N SER F 188 -8.61 -32.66 -8.79
CA SER F 188 -8.33 -33.87 -7.99
C SER F 188 -7.27 -34.77 -8.64
N PHE F 189 -6.58 -35.54 -7.83
CA PHE F 189 -5.52 -36.45 -8.37
C PHE F 189 -6.06 -37.88 -8.47
N SER F 190 -5.60 -38.63 -9.44
CA SER F 190 -6.08 -40.03 -9.61
C SER F 190 -5.18 -40.79 -10.57
N MET A 1 -14.37 31.85 61.08
CA MET A 1 -13.32 30.98 61.65
C MET A 1 -11.93 31.56 61.36
N ALA A 2 -11.49 31.46 60.13
CA ALA A 2 -10.16 32.01 59.76
C ALA A 2 -10.25 32.87 58.51
N GLN A 3 -9.52 33.95 58.45
CA GLN A 3 -9.56 34.84 57.26
C GLN A 3 -8.79 34.21 56.10
N ASN A 4 -7.80 33.40 56.39
CA ASN A 4 -7.01 32.75 55.31
C ASN A 4 -7.92 31.87 54.44
N LEU A 5 -8.97 31.34 55.02
CA LEU A 5 -9.89 30.48 54.23
C LEU A 5 -10.54 31.28 53.11
N LYS A 6 -10.89 32.51 53.37
CA LYS A 6 -11.53 33.35 52.32
C LYS A 6 -10.47 33.86 51.33
N ASP A 7 -9.37 34.35 51.83
CA ASP A 7 -8.30 34.86 50.93
C ASP A 7 -7.76 33.73 50.05
N LEU A 8 -7.91 32.51 50.49
CA LEU A 8 -7.41 31.35 49.69
C LEU A 8 -8.07 31.33 48.30
N ALA A 9 -9.31 31.72 48.23
CA ALA A 9 -10.02 31.73 46.92
C ALA A 9 -9.34 32.70 45.95
N GLY A 10 -8.83 33.80 46.46
CA GLY A 10 -8.15 34.79 45.58
C GLY A 10 -6.73 34.32 45.28
N ARG A 11 -6.20 33.43 46.08
CA ARG A 11 -4.81 32.95 45.83
C ARG A 11 -4.78 31.99 44.63
N LEU A 12 -5.89 31.36 44.33
CA LEU A 12 -5.92 30.42 43.17
C LEU A 12 -5.73 31.19 41.86
N PRO A 13 -6.61 32.14 41.61
CA PRO A 13 -6.52 32.94 40.37
C PRO A 13 -5.33 33.90 40.44
N ALA A 14 -4.74 34.22 39.32
CA ALA A 14 -3.58 35.16 39.33
C ALA A 14 -4.00 36.52 38.77
N GLY A 15 -4.44 37.40 39.62
CA GLY A 15 -4.87 38.74 39.13
C GLY A 15 -6.19 38.62 38.36
N PRO A 16 -6.89 39.72 38.24
CA PRO A 16 -8.18 39.73 37.51
C PRO A 16 -7.95 39.60 36.01
N ARG A 17 -7.06 40.38 35.46
CA ARG A 17 -6.79 40.31 34.00
C ARG A 17 -6.14 38.96 33.64
N GLY A 18 -5.48 38.35 34.60
CA GLY A 18 -4.82 37.04 34.32
C GLY A 18 -5.86 36.01 33.86
N MET A 19 -7.09 36.15 34.29
CA MET A 19 -8.14 35.19 33.88
C MET A 19 -8.36 35.26 32.36
N GLY A 20 -8.08 36.39 31.77
CA GLY A 20 -8.26 36.52 30.29
C GLY A 20 -7.23 35.67 29.56
N THR A 21 -5.97 35.81 29.92
CA THR A 21 -4.91 35.01 29.25
C THR A 21 -5.18 33.50 29.43
N ALA A 22 -5.89 33.14 30.45
CA ALA A 22 -6.18 31.70 30.68
C ALA A 22 -6.85 31.09 29.45
N LEU A 23 -7.51 31.89 28.66
CA LEU A 23 -8.19 31.35 27.45
C LEU A 23 -7.14 30.85 26.45
N LYS A 24 -6.07 31.59 26.28
CA LYS A 24 -4.99 31.15 25.32
C LYS A 24 -4.56 29.71 25.65
N LEU A 25 -4.64 29.33 26.89
CA LEU A 25 -4.23 27.95 27.28
C LEU A 25 -5.27 26.95 26.80
N LEU A 26 -6.52 27.22 27.02
CA LEU A 26 -7.59 26.28 26.58
C LEU A 26 -7.52 26.06 25.06
N LEU A 27 -7.08 27.05 24.34
CA LEU A 27 -6.98 26.91 22.86
C LEU A 27 -5.78 26.04 22.48
N GLY A 28 -4.70 26.17 23.19
CA GLY A 28 -3.49 25.34 22.89
C GLY A 28 -3.77 23.88 23.27
N ALA A 29 -4.57 23.67 24.28
CA ALA A 29 -4.87 22.26 24.70
C ALA A 29 -5.57 21.50 23.57
N GLY A 30 -6.36 22.19 22.78
CA GLY A 30 -7.07 21.52 21.66
C GLY A 30 -6.04 21.05 20.61
N ALA A 31 -4.96 21.77 20.48
CA ALA A 31 -3.93 21.37 19.48
C ALA A 31 -3.19 20.12 19.97
N VAL A 32 -2.86 20.06 21.23
CA VAL A 32 -2.13 18.87 21.77
C VAL A 32 -3.03 17.63 21.67
N ALA A 33 -4.32 17.82 21.73
CA ALA A 33 -5.25 16.65 21.63
C ALA A 33 -5.10 15.96 20.27
N TYR A 34 -4.74 16.71 19.26
CA TYR A 34 -4.58 16.10 17.90
C TYR A 34 -3.45 15.06 17.93
N GLY A 35 -2.30 15.42 18.43
CA GLY A 35 -1.16 14.46 18.49
C GLY A 35 -1.61 13.19 19.23
N VAL A 36 -2.49 13.33 20.17
CA VAL A 36 -2.97 12.15 20.93
C VAL A 36 -4.02 11.39 20.11
N ARG A 37 -4.73 12.08 19.27
CA ARG A 37 -5.78 11.40 18.45
C ARG A 37 -5.14 10.33 17.55
N GLU A 38 -3.90 10.52 17.16
CA GLU A 38 -3.24 9.51 16.28
C GLU A 38 -2.73 8.31 17.10
N SER A 39 -2.41 8.49 18.38
CA SER A 39 -1.90 7.33 19.19
C SER A 39 -2.60 7.24 20.56
N VAL A 40 -2.42 6.14 21.27
CA VAL A 40 -3.07 5.98 22.62
C VAL A 40 -2.60 4.65 23.28
N PHE A 41 -2.92 4.43 24.54
CA PHE A 41 -2.48 3.16 25.21
C PHE A 41 -3.67 2.24 25.52
N THR A 42 -4.78 2.79 25.98
CA THR A 42 -5.95 1.91 26.33
C THR A 42 -6.25 0.92 25.20
N VAL A 43 -6.06 -0.36 25.45
CA VAL A 43 -6.32 -1.37 24.39
C VAL A 43 -7.76 -1.22 23.86
N GLU A 44 -7.90 -0.78 22.65
CA GLU A 44 -9.26 -0.59 22.06
C GLU A 44 -10.07 -1.88 22.16
N GLY A 45 -9.83 -2.81 21.27
CA GLY A 45 -10.58 -4.10 21.31
C GLY A 45 -9.94 -5.11 20.36
N GLY A 46 -10.20 -6.37 20.55
CA GLY A 46 -9.60 -7.40 19.65
C GLY A 46 -8.08 -7.36 19.77
N HIS A 47 -7.56 -6.82 20.85
CA HIS A 47 -6.08 -6.75 21.02
C HIS A 47 -5.72 -6.83 22.51
N ARG A 48 -4.55 -7.32 22.80
CA ARG A 48 -4.11 -7.49 24.22
C ARG A 48 -2.94 -6.52 24.55
N ALA A 49 -2.75 -6.17 25.81
CA ALA A 49 -1.66 -5.18 26.18
C ALA A 49 -0.40 -5.88 26.73
N ILE A 50 0.73 -5.23 26.54
CA ILE A 50 2.05 -5.79 27.01
C ILE A 50 2.81 -4.67 27.77
N PHE A 51 3.69 -5.02 28.70
CA PHE A 51 4.38 -3.92 29.50
C PHE A 51 5.93 -3.97 29.42
N PHE A 52 6.55 -2.82 29.32
CA PHE A 52 8.05 -2.73 29.28
C PHE A 52 8.49 -1.29 29.60
N ASN A 53 9.69 -1.11 30.15
CA ASN A 53 10.16 0.28 30.49
C ASN A 53 11.54 0.55 29.87
N ARG A 54 11.86 1.79 29.58
CA ARG A 54 13.20 2.12 28.98
C ARG A 54 14.32 1.46 29.79
N ILE A 55 14.08 1.19 31.05
CA ILE A 55 15.12 0.55 31.89
C ILE A 55 14.49 -0.55 32.75
N GLY A 56 13.97 -1.58 32.14
CA GLY A 56 13.34 -2.68 32.92
C GLY A 56 13.60 -4.02 32.23
N GLY A 57 12.56 -4.73 31.89
CA GLY A 57 12.75 -6.05 31.22
C GLY A 57 12.61 -5.88 29.71
N VAL A 58 11.61 -6.48 29.12
CA VAL A 58 11.42 -6.35 27.64
C VAL A 58 10.06 -6.93 27.23
N GLN A 59 9.36 -6.28 26.34
CA GLN A 59 8.04 -6.79 25.90
C GLN A 59 7.54 -6.01 24.69
N GLN A 60 7.19 -6.70 23.62
CA GLN A 60 6.70 -6.00 22.40
C GLN A 60 5.77 -6.91 21.62
N ASP A 61 6.31 -7.86 20.89
CA ASP A 61 5.45 -8.79 20.11
C ASP A 61 4.66 -9.71 21.05
N THR A 62 3.65 -9.19 21.71
CA THR A 62 2.86 -10.05 22.64
C THR A 62 1.45 -9.46 22.86
N ILE A 63 0.57 -10.23 23.43
CA ILE A 63 -0.83 -9.76 23.70
C ILE A 63 -1.50 -10.69 24.76
N LEU A 64 -1.98 -10.11 25.85
CA LEU A 64 -2.67 -10.91 26.92
C LEU A 64 -4.23 -10.87 26.77
N ALA A 65 -4.85 -9.77 27.16
CA ALA A 65 -6.35 -9.64 27.03
C ALA A 65 -6.77 -8.16 27.18
N GLU A 66 -8.05 -7.85 27.09
CA GLU A 66 -8.48 -6.41 27.21
C GLU A 66 -8.70 -6.00 28.67
N GLY A 67 -8.46 -4.75 28.96
CA GLY A 67 -8.64 -4.22 30.35
C GLY A 67 -8.78 -2.70 30.27
N LEU A 68 -9.39 -2.06 31.23
CA LEU A 68 -9.51 -0.58 31.16
C LEU A 68 -8.38 0.05 31.98
N HIS A 69 -7.40 0.57 31.30
CA HIS A 69 -6.23 1.19 31.98
C HIS A 69 -5.46 2.10 31.01
N PHE A 70 -4.79 3.10 31.50
CA PHE A 70 -4.03 4.01 30.57
C PHE A 70 -2.53 4.02 30.93
N ARG A 71 -1.68 4.20 29.94
CA ARG A 71 -0.21 4.22 30.23
C ARG A 71 0.15 5.53 30.95
N ILE A 72 -0.35 5.70 32.14
CA ILE A 72 -0.03 6.95 32.89
C ILE A 72 0.60 6.64 34.27
N PRO A 73 1.34 5.54 34.36
CA PRO A 73 2.00 5.20 35.65
C PRO A 73 3.22 6.09 35.88
N TRP A 74 4.32 5.79 35.24
CA TRP A 74 5.55 6.62 35.41
C TRP A 74 6.61 6.22 34.39
N PHE A 75 6.69 4.96 34.03
CA PHE A 75 7.72 4.52 33.04
C PHE A 75 7.25 3.31 32.23
N GLN A 76 6.03 3.31 31.76
CA GLN A 76 5.55 2.15 30.94
C GLN A 76 5.56 2.53 29.45
N TYR A 77 5.72 1.56 28.59
CA TYR A 77 5.78 1.86 27.13
C TYR A 77 4.65 1.17 26.36
N PRO A 78 4.30 1.76 25.24
CA PRO A 78 3.23 1.19 24.40
C PRO A 78 3.83 0.39 23.24
N ILE A 79 3.71 -0.91 23.32
CA ILE A 79 4.20 -1.81 22.23
C ILE A 79 3.39 -3.11 22.34
N ILE A 80 2.50 -3.36 21.41
CA ILE A 80 1.64 -4.57 21.51
C ILE A 80 1.62 -5.37 20.20
N TYR A 81 1.32 -6.64 20.28
CA TYR A 81 1.30 -7.50 19.07
C TYR A 81 -0.13 -7.67 18.53
N ASP A 82 -0.33 -7.49 17.25
CA ASP A 82 -1.71 -7.64 16.69
C ASP A 82 -1.83 -8.98 15.96
N ILE A 83 -3.01 -9.53 15.92
CA ILE A 83 -3.19 -10.85 15.23
C ILE A 83 -3.55 -10.62 13.75
N ARG A 84 -3.31 -11.60 12.92
CA ARG A 84 -3.62 -11.47 11.47
C ARG A 84 -3.42 -12.81 10.76
N ALA A 85 -3.86 -12.91 9.53
CA ALA A 85 -3.70 -14.19 8.78
C ALA A 85 -2.21 -14.54 8.68
N ARG A 86 -1.89 -15.81 8.67
CA ARG A 86 -0.45 -16.21 8.59
C ARG A 86 -0.22 -17.18 7.42
N PRO A 87 0.43 -16.70 6.40
CA PRO A 87 0.73 -17.55 5.22
C PRO A 87 2.18 -18.03 5.30
N ARG A 88 2.40 -19.30 5.54
CA ARG A 88 3.79 -19.81 5.64
C ARG A 88 3.81 -21.35 5.42
N LYS A 89 4.32 -21.81 4.29
CA LYS A 89 4.34 -23.30 4.00
C LYS A 89 5.38 -23.66 2.90
N ILE A 90 5.92 -24.87 2.91
CA ILE A 90 6.93 -25.28 1.86
C ILE A 90 6.82 -26.75 1.50
N SER A 91 7.24 -27.09 0.31
CA SER A 91 7.24 -28.52 -0.11
C SER A 91 8.67 -29.06 0.02
N SER A 92 8.92 -29.94 0.97
CA SER A 92 10.32 -30.45 1.15
C SER A 92 10.48 -31.87 0.60
N PRO A 93 11.54 -32.07 -0.15
CA PRO A 93 11.84 -33.39 -0.73
C PRO A 93 12.88 -34.12 0.12
N THR A 94 12.51 -35.22 0.73
CA THR A 94 13.48 -35.97 1.58
C THR A 94 13.24 -37.47 1.48
N GLY A 95 14.29 -38.25 1.40
CA GLY A 95 14.12 -39.73 1.30
C GLY A 95 15.17 -40.42 2.16
N SER A 96 14.74 -41.31 3.02
CA SER A 96 15.72 -42.02 3.90
C SER A 96 15.15 -43.37 4.32
N LYS A 97 13.97 -43.39 4.87
CA LYS A 97 13.36 -44.69 5.31
C LYS A 97 13.23 -45.65 4.12
N ASP A 98 13.13 -45.11 2.93
CA ASP A 98 12.99 -45.98 1.73
C ASP A 98 14.10 -45.67 0.72
N LEU A 99 14.34 -46.56 -0.20
CA LEU A 99 15.41 -46.31 -1.22
C LEU A 99 14.99 -45.17 -2.15
N GLN A 100 13.73 -45.12 -2.50
CA GLN A 100 13.25 -44.03 -3.40
C GLN A 100 13.23 -42.70 -2.66
N MET A 101 12.71 -41.67 -3.28
CA MET A 101 12.65 -40.34 -2.60
C MET A 101 11.19 -39.94 -2.37
N VAL A 102 10.93 -39.16 -1.35
CA VAL A 102 9.53 -38.74 -1.06
C VAL A 102 9.50 -37.29 -0.59
N ASN A 103 8.47 -36.56 -0.92
CA ASN A 103 8.38 -35.14 -0.49
C ASN A 103 7.37 -34.99 0.65
N ILE A 104 7.83 -34.64 1.82
CA ILE A 104 6.90 -34.48 2.97
C ILE A 104 6.97 -33.05 3.52
N SER A 105 5.86 -32.36 3.52
CA SER A 105 5.85 -30.96 4.03
C SER A 105 4.89 -30.86 5.23
N LEU A 106 5.14 -29.95 6.13
CA LEU A 106 4.24 -29.80 7.32
C LEU A 106 4.10 -28.32 7.72
N ARG A 107 2.93 -27.92 8.14
CA ARG A 107 2.73 -26.49 8.55
C ARG A 107 2.17 -26.44 9.98
N VAL A 108 2.47 -25.38 10.69
CA VAL A 108 1.95 -25.25 12.08
C VAL A 108 1.24 -23.90 12.28
N LEU A 109 0.28 -23.86 13.17
CA LEU A 109 -0.45 -22.58 13.41
C LEU A 109 -0.46 -22.24 14.90
N SER A 110 -0.52 -20.98 15.24
CA SER A 110 -0.53 -20.59 16.68
C SER A 110 -1.79 -19.78 16.99
N ARG A 111 -2.69 -20.34 17.77
CA ARG A 111 -3.93 -19.60 18.12
C ARG A 111 -3.92 -19.22 19.61
N PRO A 112 -3.81 -17.96 19.89
CA PRO A 112 -3.80 -17.48 21.29
C PRO A 112 -5.18 -17.61 21.93
N ASN A 113 -5.41 -18.67 22.66
CA ASN A 113 -6.73 -18.86 23.31
C ASN A 113 -6.80 -18.10 24.64
N ALA A 114 -5.71 -18.05 25.35
CA ALA A 114 -5.70 -17.32 26.66
C ALA A 114 -4.61 -16.24 26.65
N GLN A 115 -4.43 -15.56 27.75
CA GLN A 115 -3.39 -14.50 27.80
C GLN A 115 -2.08 -15.06 28.39
N GLU A 116 -1.01 -14.99 27.64
CA GLU A 116 0.30 -15.51 28.14
C GLU A 116 1.42 -15.14 27.16
N LEU A 117 1.30 -14.01 26.50
CA LEU A 117 2.35 -13.60 25.53
C LEU A 117 3.57 -12.96 26.23
N PRO A 118 3.37 -12.30 27.36
CA PRO A 118 4.51 -11.65 28.05
C PRO A 118 5.47 -12.69 28.64
N SER A 119 4.99 -13.56 29.49
CA SER A 119 5.89 -14.60 30.08
C SER A 119 6.59 -15.36 28.96
N MET A 120 5.86 -15.68 27.92
CA MET A 120 6.45 -16.42 26.78
C MET A 120 7.22 -15.48 25.84
N TYR A 121 6.96 -14.20 25.90
CA TYR A 121 7.68 -13.26 24.99
C TYR A 121 9.20 -13.40 25.15
N GLN A 122 9.74 -13.04 26.29
CA GLN A 122 11.23 -13.16 26.48
C GLN A 122 11.64 -14.63 26.41
N ARG A 123 10.75 -15.54 26.72
CA ARG A 123 11.10 -16.99 26.65
C ARG A 123 11.01 -17.48 25.20
N LEU A 124 10.18 -16.85 24.40
CA LEU A 124 10.04 -17.28 22.98
C LEU A 124 11.37 -17.08 22.24
N GLY A 125 12.24 -16.25 22.76
CA GLY A 125 13.55 -16.02 22.08
C GLY A 125 13.59 -14.60 21.51
N LEU A 126 14.75 -14.15 21.11
CA LEU A 126 14.86 -12.77 20.54
C LEU A 126 13.94 -12.63 19.33
N ASP A 127 14.05 -13.52 18.38
CA ASP A 127 13.17 -13.45 17.17
C ASP A 127 11.70 -13.57 17.59
N TYR A 128 10.82 -13.79 16.64
CA TYR A 128 9.38 -13.91 16.99
C TYR A 128 8.81 -15.23 16.45
N GLU A 129 7.95 -15.20 15.47
CA GLU A 129 7.38 -16.46 14.91
C GLU A 129 8.36 -17.11 13.94
N GLU A 130 9.11 -16.32 13.21
CA GLU A 130 10.09 -16.88 12.24
C GLU A 130 11.04 -17.88 12.93
N ARG A 131 11.15 -17.82 14.22
CA ARG A 131 12.08 -18.76 14.93
C ARG A 131 11.42 -20.14 15.13
N VAL A 132 10.26 -20.17 15.74
CA VAL A 132 9.58 -21.47 15.99
C VAL A 132 8.84 -21.99 14.75
N LEU A 133 8.55 -21.13 13.81
CA LEU A 133 7.81 -21.59 12.59
C LEU A 133 8.63 -22.62 11.78
N PRO A 134 9.77 -22.19 11.29
CA PRO A 134 10.63 -23.09 10.48
C PRO A 134 11.29 -24.15 11.36
N SER A 135 11.83 -23.76 12.48
CA SER A 135 12.50 -24.75 13.38
C SER A 135 11.58 -25.94 13.67
N ILE A 136 10.31 -25.69 13.89
CA ILE A 136 9.38 -26.81 14.16
C ILE A 136 8.95 -27.49 12.85
N VAL A 137 8.63 -26.72 11.85
CA VAL A 137 8.21 -27.32 10.54
C VAL A 137 9.36 -28.12 9.92
N ASN A 138 10.43 -27.46 9.55
CA ASN A 138 11.57 -28.17 8.92
C ASN A 138 12.01 -29.37 9.76
N GLU A 139 11.74 -29.35 11.04
CA GLU A 139 12.16 -30.48 11.91
C GLU A 139 11.17 -31.65 11.77
N VAL A 140 9.95 -31.37 11.44
CA VAL A 140 8.94 -32.47 11.29
C VAL A 140 9.22 -33.27 10.01
N LEU A 141 9.13 -32.64 8.87
CA LEU A 141 9.38 -33.37 7.59
C LEU A 141 10.75 -34.05 7.63
N LYS A 142 11.65 -33.58 8.44
CA LYS A 142 13.00 -34.21 8.51
C LYS A 142 12.95 -35.49 9.34
N SER A 143 12.38 -35.44 10.51
CA SER A 143 12.32 -36.67 11.36
C SER A 143 11.16 -37.57 10.92
N VAL A 144 10.20 -37.04 10.21
CA VAL A 144 9.05 -37.88 9.76
C VAL A 144 9.44 -38.73 8.55
N VAL A 145 10.05 -38.13 7.55
CA VAL A 145 10.44 -38.92 6.34
C VAL A 145 11.27 -40.14 6.76
N ALA A 146 12.02 -40.03 7.82
CA ALA A 146 12.85 -41.18 8.28
C ALA A 146 11.97 -42.17 9.06
N LYS A 147 10.88 -41.71 9.61
CA LYS A 147 9.98 -42.62 10.39
C LYS A 147 9.11 -43.45 9.43
N PHE A 148 8.25 -42.80 8.69
CA PHE A 148 7.37 -43.54 7.74
C PHE A 148 8.13 -43.90 6.47
N ASN A 149 7.50 -44.58 5.56
CA ASN A 149 8.18 -44.96 4.29
C ASN A 149 7.59 -44.17 3.11
N ALA A 150 8.18 -44.28 1.95
CA ALA A 150 7.66 -43.54 0.77
C ALA A 150 6.42 -44.24 0.20
N SER A 151 6.46 -45.54 0.15
CA SER A 151 5.28 -46.31 -0.39
C SER A 151 4.06 -46.07 0.49
N GLN A 152 4.27 -45.90 1.78
CA GLN A 152 3.12 -45.67 2.70
C GLN A 152 2.68 -44.20 2.64
N LEU A 153 3.56 -43.32 2.27
CA LEU A 153 3.19 -41.87 2.19
C LEU A 153 2.36 -41.61 0.92
N ILE A 154 2.73 -42.22 -0.17
CA ILE A 154 1.97 -42.00 -1.43
C ILE A 154 0.53 -42.50 -1.26
N THR A 155 0.31 -43.42 -0.36
CA THR A 155 -1.08 -43.95 -0.14
C THR A 155 -2.01 -42.80 0.25
N GLN A 156 -1.64 -42.02 1.22
CA GLN A 156 -2.50 -40.87 1.64
C GLN A 156 -1.68 -39.87 2.44
N ARG A 157 -1.57 -38.67 1.96
CA ARG A 157 -0.77 -37.63 2.70
C ARG A 157 -1.41 -37.35 4.06
N ALA A 158 -2.65 -37.71 4.25
CA ALA A 158 -3.33 -37.46 5.56
C ALA A 158 -2.93 -38.52 6.58
N GLN A 159 -2.66 -39.73 6.13
CA GLN A 159 -2.27 -40.81 7.08
C GLN A 159 -1.08 -40.37 7.94
N VAL A 160 -0.14 -39.68 7.35
CA VAL A 160 1.05 -39.23 8.11
C VAL A 160 0.69 -38.02 9.00
N SER A 161 -0.37 -37.33 8.68
CA SER A 161 -0.77 -36.15 9.49
C SER A 161 -1.38 -36.61 10.82
N LEU A 162 -1.93 -37.79 10.86
CA LEU A 162 -2.54 -38.30 12.13
C LEU A 162 -1.46 -38.64 13.15
N LEU A 163 -0.36 -39.20 12.71
CA LEU A 163 0.74 -39.56 13.66
C LEU A 163 1.57 -38.32 13.99
N ILE A 164 1.79 -37.45 13.03
CA ILE A 164 2.60 -36.22 13.30
C ILE A 164 1.80 -35.25 14.17
N ARG A 165 0.50 -35.30 14.09
CA ARG A 165 -0.34 -34.37 14.92
C ARG A 165 -0.06 -34.60 16.41
N ARG A 166 0.21 -35.82 16.79
CA ARG A 166 0.50 -36.12 18.22
C ARG A 166 1.77 -35.39 18.66
N GLU A 167 2.80 -35.43 17.86
CA GLU A 167 4.07 -34.75 18.24
C GLU A 167 3.95 -33.24 18.01
N LEU A 168 3.12 -32.84 17.08
CA LEU A 168 2.96 -31.38 16.80
C LEU A 168 2.25 -30.70 17.97
N THR A 169 1.28 -31.36 18.56
CA THR A 169 0.55 -30.75 19.71
C THR A 169 1.52 -30.45 20.85
N GLU A 170 2.53 -31.26 21.02
CA GLU A 170 3.51 -31.02 22.11
C GLU A 170 4.51 -29.94 21.69
N ARG A 171 5.03 -30.04 20.48
CA ARG A 171 6.02 -29.02 20.01
C ARG A 171 5.36 -27.64 19.97
N ALA A 172 4.20 -27.55 19.38
CA ALA A 172 3.50 -26.22 19.30
C ALA A 172 3.17 -25.72 20.70
N LYS A 173 2.96 -26.63 21.63
CA LYS A 173 2.64 -26.21 23.02
C LYS A 173 3.88 -25.62 23.71
N ASP A 174 5.05 -25.92 23.20
CA ASP A 174 6.29 -25.38 23.83
C ASP A 174 6.20 -23.86 23.99
N PHE A 175 5.46 -23.21 23.14
CA PHE A 175 5.31 -21.73 23.25
C PHE A 175 3.93 -21.38 23.81
N SER A 176 3.87 -21.10 25.09
CA SER A 176 2.55 -20.74 25.72
C SER A 176 1.54 -21.87 25.52
N LEU A 177 0.34 -21.68 26.02
CA LEU A 177 -0.71 -22.72 25.86
C LEU A 177 -1.68 -22.31 24.76
N ILE A 178 -1.68 -23.03 23.66
CA ILE A 178 -2.59 -22.66 22.53
C ILE A 178 -3.02 -23.93 21.77
N LEU A 179 -4.18 -23.89 21.16
CA LEU A 179 -4.65 -25.08 20.40
C LEU A 179 -4.40 -24.87 18.91
N ASP A 180 -3.49 -25.62 18.35
CA ASP A 180 -3.17 -25.47 16.90
C ASP A 180 -3.66 -26.69 16.11
N ASP A 181 -3.96 -26.52 14.85
CA ASP A 181 -4.44 -27.66 14.03
C ASP A 181 -3.29 -28.18 13.16
N VAL A 182 -3.15 -29.48 13.06
CA VAL A 182 -2.02 -30.03 12.24
C VAL A 182 -2.53 -30.51 10.89
N ALA A 183 -2.18 -29.81 9.84
CA ALA A 183 -2.60 -30.23 8.47
C ALA A 183 -1.67 -29.55 7.46
N ILE A 184 -1.45 -30.16 6.33
CA ILE A 184 -0.54 -29.55 5.33
C ILE A 184 -0.79 -30.11 3.93
N THR A 185 -0.46 -29.35 2.92
CA THR A 185 -0.66 -29.83 1.52
C THR A 185 0.68 -30.35 1.02
N GLU A 186 0.80 -31.64 0.83
CA GLU A 186 2.10 -32.22 0.37
C GLU A 186 1.92 -33.16 -0.80
N LEU A 187 2.93 -33.26 -1.62
CA LEU A 187 2.90 -34.19 -2.78
C LEU A 187 4.20 -34.98 -2.77
N SER A 188 4.15 -36.27 -2.97
CA SER A 188 5.40 -37.07 -2.93
C SER A 188 5.91 -37.39 -4.34
N PHE A 189 7.20 -37.56 -4.48
CA PHE A 189 7.78 -37.87 -5.82
C PHE A 189 8.10 -39.37 -5.92
N SER A 190 7.61 -40.02 -6.94
CA SER A 190 7.90 -41.48 -7.09
C SER A 190 7.90 -41.86 -8.57
N MET B 1 30.99 38.85 50.56
CA MET B 1 29.69 39.56 50.73
C MET B 1 28.70 39.13 49.64
N ALA B 2 27.47 39.56 49.73
CA ALA B 2 26.46 39.18 48.69
C ALA B 2 25.69 40.42 48.23
N GLN B 3 26.39 41.39 47.71
CA GLN B 3 25.70 42.63 47.23
C GLN B 3 25.09 42.39 45.85
N ASN B 4 25.70 41.55 45.06
CA ASN B 4 25.15 41.26 43.70
C ASN B 4 23.99 40.26 43.78
N LEU B 5 23.99 39.42 44.78
CA LEU B 5 22.89 38.42 44.91
C LEU B 5 21.53 39.14 45.06
N LYS B 6 21.45 40.06 45.98
CA LYS B 6 20.16 40.80 46.18
C LYS B 6 19.80 41.58 44.91
N ASP B 7 20.78 41.88 44.09
CA ASP B 7 20.50 42.66 42.84
C ASP B 7 19.91 41.73 41.77
N LEU B 8 20.53 40.59 41.58
CA LEU B 8 20.01 39.64 40.55
C LEU B 8 18.62 39.13 40.94
N ALA B 9 18.38 38.97 42.22
CA ALA B 9 17.04 38.50 42.68
C ALA B 9 15.96 39.50 42.31
N GLY B 10 16.31 40.76 42.22
CA GLY B 10 15.29 41.80 41.87
C GLY B 10 15.07 41.79 40.36
N ARG B 11 15.98 41.25 39.59
CA ARG B 11 15.80 41.21 38.12
C ARG B 11 14.82 40.12 37.72
N LEU B 12 14.71 39.09 38.51
CA LEU B 12 13.76 37.98 38.17
C LEU B 12 12.32 38.51 38.14
N PRO B 13 11.88 39.08 39.23
CA PRO B 13 10.50 39.64 39.29
C PRO B 13 10.40 40.90 38.45
N ALA B 14 10.58 40.79 37.17
CA ALA B 14 10.48 41.99 36.28
C ALA B 14 9.09 42.62 36.39
N GLY B 15 8.10 41.82 36.70
CA GLY B 15 6.71 42.36 36.82
C GLY B 15 5.70 41.25 36.56
N PRO B 16 4.47 41.50 36.94
CA PRO B 16 3.40 40.49 36.74
C PRO B 16 3.04 40.38 35.25
N ARG B 17 3.34 41.39 34.48
CA ARG B 17 3.02 41.35 33.03
C ARG B 17 4.05 40.50 32.27
N GLY B 18 5.24 40.41 32.79
CA GLY B 18 6.28 39.60 32.11
C GLY B 18 5.94 38.11 32.22
N MET B 19 5.76 37.63 33.41
CA MET B 19 5.43 36.18 33.60
C MET B 19 4.15 35.83 32.84
N GLY B 20 3.29 36.79 32.61
CA GLY B 20 2.02 36.51 31.89
C GLY B 20 2.34 36.08 30.45
N THR B 21 3.14 36.85 29.75
CA THR B 21 3.49 36.50 28.35
C THR B 21 4.15 35.11 28.30
N ALA B 22 4.76 34.69 29.38
CA ALA B 22 5.43 33.36 29.40
C ALA B 22 4.44 32.25 29.00
N LEU B 23 3.16 32.48 29.22
CA LEU B 23 2.15 31.44 28.85
C LEU B 23 2.25 31.12 27.36
N LYS B 24 2.38 32.12 26.53
CA LYS B 24 2.49 31.88 25.06
C LYS B 24 3.64 30.90 24.76
N LEU B 25 4.65 30.90 25.58
CA LEU B 25 5.80 29.99 25.36
C LEU B 25 5.38 28.54 25.61
N LEU B 26 4.70 28.28 26.69
CA LEU B 26 4.26 26.89 26.98
C LEU B 26 3.35 26.36 25.87
N LEU B 27 2.46 27.17 25.37
CA LEU B 27 1.55 26.71 24.29
C LEU B 27 2.36 26.39 23.03
N GLY B 28 3.47 27.04 22.84
CA GLY B 28 4.31 26.77 21.65
C GLY B 28 5.11 25.48 21.85
N ALA B 29 5.55 25.24 23.05
CA ALA B 29 6.34 24.00 23.33
C ALA B 29 5.46 22.76 23.09
N GLY B 30 4.23 22.81 23.53
CA GLY B 30 3.33 21.65 23.33
C GLY B 30 3.08 21.44 21.85
N ALA B 31 3.07 22.50 21.08
CA ALA B 31 2.84 22.36 19.62
C ALA B 31 3.94 21.51 18.99
N VAL B 32 5.15 21.68 19.43
CA VAL B 32 6.28 20.89 18.86
C VAL B 32 6.04 19.39 19.10
N ALA B 33 5.41 19.05 20.20
CA ALA B 33 5.15 17.61 20.49
C ALA B 33 4.41 16.94 19.33
N TYR B 34 3.62 17.69 18.61
CA TYR B 34 2.88 17.09 17.46
C TYR B 34 3.87 16.60 16.40
N GLY B 35 4.81 17.44 16.01
CA GLY B 35 5.80 17.02 14.99
C GLY B 35 6.59 15.81 15.50
N VAL B 36 7.21 15.94 16.64
CA VAL B 36 8.01 14.80 17.21
C VAL B 36 7.14 13.54 17.30
N ARG B 37 5.86 13.70 17.48
CA ARG B 37 4.96 12.51 17.59
C ARG B 37 5.13 11.62 16.36
N GLU B 38 5.37 12.20 15.21
CA GLU B 38 5.54 11.38 13.98
C GLU B 38 6.97 10.79 13.90
N SER B 39 7.95 11.45 14.48
CA SER B 39 9.35 10.90 14.43
C SER B 39 10.11 11.14 15.75
N VAL B 40 11.05 10.29 16.08
CA VAL B 40 11.82 10.48 17.36
C VAL B 40 13.16 9.70 17.31
N PHE B 41 14.03 9.92 18.27
CA PHE B 41 15.36 9.20 18.28
C PHE B 41 15.59 8.52 19.64
N THR B 42 14.71 7.64 20.08
CA THR B 42 14.93 6.95 21.39
C THR B 42 14.83 5.44 21.24
N VAL B 43 15.24 4.90 20.12
CA VAL B 43 15.18 3.41 19.90
C VAL B 43 13.84 2.85 20.45
N GLU B 44 12.91 2.54 19.59
CA GLU B 44 11.59 2.02 20.07
C GLU B 44 11.33 0.57 19.60
N GLY B 45 11.38 -0.39 20.51
CA GLY B 45 11.09 -1.81 20.12
C GLY B 45 12.25 -2.72 20.52
N GLY B 46 12.58 -3.68 19.69
CA GLY B 46 13.71 -4.60 20.00
C GLY B 46 14.70 -4.54 18.84
N HIS B 47 15.59 -3.58 18.87
CA HIS B 47 16.57 -3.41 17.76
C HIS B 47 17.81 -2.66 18.24
N ARG B 48 18.90 -2.80 17.55
CA ARG B 48 20.17 -2.13 17.96
C ARG B 48 20.36 -0.82 17.19
N ALA B 49 21.03 0.16 17.75
CA ALA B 49 21.17 1.49 17.06
C ALA B 49 22.52 1.69 16.36
N ILE B 50 22.53 2.60 15.41
CA ILE B 50 23.73 2.91 14.58
C ILE B 50 24.16 4.39 14.75
N PHE B 51 25.42 4.72 14.54
CA PHE B 51 25.86 6.14 14.73
C PHE B 51 26.60 6.73 13.51
N PHE B 52 26.18 7.90 13.06
CA PHE B 52 26.86 8.59 11.91
C PHE B 52 26.50 10.09 11.92
N ASN B 53 27.35 10.94 11.38
CA ASN B 53 27.06 12.41 11.42
C ASN B 53 27.27 13.08 10.04
N ARG B 54 26.58 14.19 9.80
CA ARG B 54 26.69 14.92 8.48
C ARG B 54 28.10 14.85 7.88
N ILE B 55 29.12 14.87 8.69
CA ILE B 55 30.52 14.81 8.13
C ILE B 55 30.67 13.59 7.21
N GLY B 56 29.88 12.57 7.43
CA GLY B 56 29.96 11.36 6.58
C GLY B 56 28.70 11.25 5.71
N GLY B 57 27.55 11.38 6.33
CA GLY B 57 26.28 11.28 5.56
C GLY B 57 26.16 9.91 4.91
N VAL B 58 26.03 8.87 5.70
CA VAL B 58 25.92 7.49 5.12
C VAL B 58 24.97 6.64 5.99
N GLN B 59 25.32 5.40 6.22
CA GLN B 59 24.44 4.52 7.05
C GLN B 59 23.09 4.30 6.36
N GLN B 60 22.77 3.08 6.02
CA GLN B 60 21.48 2.80 5.33
C GLN B 60 21.16 1.31 5.40
N ASP B 61 21.65 0.63 6.41
CA ASP B 61 21.38 -0.83 6.55
C ASP B 61 21.74 -1.29 7.97
N THR B 62 21.31 -0.55 8.95
CA THR B 62 21.63 -0.93 10.36
C THR B 62 20.42 -0.55 11.27
N ILE B 63 19.73 -1.54 11.79
CA ILE B 63 18.46 -1.35 12.61
C ILE B 63 18.60 -0.52 13.91
N LEU B 64 17.50 -0.40 14.69
CA LEU B 64 17.52 0.39 15.99
C LEU B 64 16.12 0.50 16.66
N ALA B 65 16.00 0.09 17.92
CA ALA B 65 14.68 0.25 18.67
C ALA B 65 14.66 -0.51 20.03
N GLU B 66 14.66 0.21 21.14
CA GLU B 66 14.59 -0.45 22.51
C GLU B 66 14.77 0.58 23.66
N GLY B 67 15.94 1.14 23.79
CA GLY B 67 16.21 2.14 24.90
C GLY B 67 16.17 3.57 24.35
N LEU B 68 15.97 4.57 25.18
CA LEU B 68 15.90 5.96 24.60
C LEU B 68 17.27 6.66 24.68
N HIS B 69 17.96 6.68 23.57
CA HIS B 69 19.29 7.36 23.47
C HIS B 69 19.69 7.47 22.00
N PHE B 70 19.70 8.63 21.41
CA PHE B 70 20.10 8.72 19.97
C PHE B 70 20.12 10.18 19.47
N ARG B 71 19.75 10.40 18.23
CA ARG B 71 19.75 11.78 17.64
C ARG B 71 19.61 12.86 18.71
N ILE B 72 20.71 13.40 19.17
CA ILE B 72 20.65 14.47 20.22
C ILE B 72 21.77 15.50 20.00
N PRO B 73 23.01 15.08 20.07
CA PRO B 73 24.13 16.02 19.88
C PRO B 73 24.19 16.51 18.43
N TRP B 74 25.30 17.10 18.02
CA TRP B 74 25.41 17.61 16.63
C TRP B 74 26.01 16.55 15.71
N PHE B 75 27.15 16.00 16.06
CA PHE B 75 27.79 14.97 15.19
C PHE B 75 27.09 13.62 15.36
N GLN B 76 25.82 13.55 15.03
CA GLN B 76 25.06 12.27 15.14
C GLN B 76 23.83 12.33 14.23
N TYR B 77 23.37 11.20 13.76
CA TYR B 77 22.19 11.22 12.85
C TYR B 77 21.29 10.00 13.07
N PRO B 78 20.04 10.15 12.71
CA PRO B 78 19.08 9.04 12.87
C PRO B 78 18.91 8.27 11.55
N ILE B 79 19.43 7.08 11.49
CA ILE B 79 19.26 6.23 10.27
C ILE B 79 19.37 4.77 10.73
N ILE B 80 18.27 4.04 10.73
CA ILE B 80 18.33 2.61 11.19
C ILE B 80 17.55 1.71 10.19
N TYR B 81 17.92 0.46 10.12
CA TYR B 81 17.27 -0.49 9.17
C TYR B 81 16.24 -1.37 9.89
N ASP B 82 15.06 -1.52 9.35
CA ASP B 82 14.04 -2.38 10.03
C ASP B 82 13.97 -3.76 9.35
N ILE B 83 13.69 -4.79 10.11
CA ILE B 83 13.62 -6.17 9.54
C ILE B 83 12.33 -6.37 8.74
N ARG B 84 12.28 -7.41 7.95
CA ARG B 84 11.06 -7.70 7.15
C ARG B 84 11.24 -9.04 6.41
N ALA B 85 10.18 -9.71 6.05
CA ALA B 85 10.31 -11.01 5.33
C ALA B 85 11.20 -10.83 4.10
N ARG B 86 12.00 -11.81 3.77
CA ARG B 86 12.88 -11.68 2.57
C ARG B 86 12.50 -12.70 1.49
N PRO B 87 11.91 -12.20 0.44
CA PRO B 87 11.54 -13.07 -0.70
C PRO B 87 12.57 -12.91 -1.81
N ARG B 88 13.38 -13.90 -2.04
CA ARG B 88 14.40 -13.77 -3.12
C ARG B 88 14.91 -15.18 -3.55
N LYS B 89 14.52 -15.66 -4.73
CA LYS B 89 14.98 -17.03 -5.18
C LYS B 89 14.80 -17.21 -6.72
N ILE B 90 15.60 -18.06 -7.35
CA ILE B 90 15.45 -18.28 -8.84
C ILE B 90 15.81 -19.72 -9.22
N SER B 91 15.24 -20.20 -10.30
CA SER B 91 15.58 -21.55 -10.80
C SER B 91 16.53 -21.39 -11.99
N SER B 92 17.77 -21.77 -11.84
CA SER B 92 18.75 -21.57 -12.96
C SER B 92 19.01 -22.88 -13.71
N PRO B 93 19.14 -22.77 -15.01
CA PRO B 93 19.40 -23.95 -15.85
C PRO B 93 20.90 -24.02 -16.20
N THR B 94 21.59 -24.99 -15.68
CA THR B 94 23.05 -25.12 -15.97
C THR B 94 23.52 -26.57 -15.81
N GLY B 95 24.20 -27.09 -16.79
CA GLY B 95 24.68 -28.51 -16.70
C GLY B 95 26.02 -28.64 -17.43
N SER B 96 26.84 -29.57 -17.01
CA SER B 96 28.16 -29.76 -17.68
C SER B 96 28.83 -31.04 -17.18
N LYS B 97 28.73 -31.30 -15.90
CA LYS B 97 29.37 -32.54 -15.34
C LYS B 97 28.68 -33.79 -15.90
N ASP B 98 27.51 -33.65 -16.48
CA ASP B 98 26.80 -34.83 -17.03
C ASP B 98 26.22 -34.51 -18.42
N LEU B 99 26.83 -33.60 -19.13
CA LEU B 99 26.31 -33.23 -20.49
C LEU B 99 24.83 -32.89 -20.43
N GLN B 100 24.17 -32.80 -21.57
CA GLN B 100 22.72 -32.46 -21.60
C GLN B 100 22.47 -31.14 -20.86
N MET B 101 21.24 -30.84 -20.55
CA MET B 101 20.94 -29.57 -19.84
C MET B 101 20.36 -29.86 -18.44
N VAL B 102 21.12 -29.56 -17.42
CA VAL B 102 20.63 -29.81 -16.03
C VAL B 102 20.26 -28.47 -15.38
N ASN B 103 19.23 -28.45 -14.58
CA ASN B 103 18.84 -27.16 -13.94
C ASN B 103 19.07 -27.23 -12.42
N ILE B 104 19.59 -26.18 -11.86
CA ILE B 104 19.84 -26.17 -10.38
C ILE B 104 19.47 -24.81 -9.80
N SER B 105 19.08 -24.78 -8.55
CA SER B 105 18.69 -23.48 -7.92
C SER B 105 19.32 -23.36 -6.53
N LEU B 106 19.59 -22.16 -6.09
CA LEU B 106 20.21 -21.98 -4.74
C LEU B 106 19.87 -20.60 -4.18
N ARG B 107 19.78 -20.48 -2.88
CA ARG B 107 19.46 -19.16 -2.27
C ARG B 107 20.17 -19.00 -0.93
N VAL B 108 20.50 -17.79 -0.57
CA VAL B 108 21.20 -17.57 0.74
C VAL B 108 20.39 -16.59 1.59
N LEU B 109 20.18 -16.92 2.84
CA LEU B 109 19.40 -16.03 3.74
C LEU B 109 20.33 -15.24 4.65
N SER B 110 20.33 -13.94 4.55
CA SER B 110 21.21 -13.11 5.42
C SER B 110 20.39 -12.37 6.47
N ARG B 111 20.60 -12.66 7.72
CA ARG B 111 19.83 -11.98 8.80
C ARG B 111 20.78 -11.43 9.87
N PRO B 112 20.56 -10.20 10.27
CA PRO B 112 21.42 -9.58 11.30
C PRO B 112 21.12 -10.16 12.68
N ASN B 113 21.61 -9.54 13.72
CA ASN B 113 21.34 -10.06 15.09
C ASN B 113 21.38 -8.91 16.11
N ALA B 114 22.55 -8.39 16.40
CA ALA B 114 22.65 -7.26 17.37
C ALA B 114 24.07 -6.68 17.37
N GLN B 115 24.19 -5.38 17.35
CA GLN B 115 25.55 -4.75 17.35
C GLN B 115 26.38 -5.29 16.18
N GLU B 116 25.73 -5.74 15.13
CA GLU B 116 26.48 -6.27 13.96
C GLU B 116 26.12 -5.48 12.70
N LEU B 117 25.21 -4.56 12.79
CA LEU B 117 24.83 -3.76 11.57
C LEU B 117 25.84 -2.63 11.31
N PRO B 118 26.36 -2.01 12.35
CA PRO B 118 27.33 -0.90 12.15
C PRO B 118 28.68 -1.40 11.64
N SER B 119 29.42 -2.15 12.42
CA SER B 119 30.76 -2.64 11.93
C SER B 119 30.59 -3.35 10.59
N MET B 120 29.48 -4.02 10.39
CA MET B 120 29.26 -4.74 9.11
C MET B 120 28.79 -3.78 8.02
N TYR B 121 28.16 -2.69 8.40
CA TYR B 121 27.67 -1.72 7.37
C TYR B 121 28.78 -1.35 6.39
N GLN B 122 29.79 -0.66 6.85
CA GLN B 122 30.90 -0.25 5.95
C GLN B 122 31.61 -1.50 5.39
N ARG B 123 31.67 -2.56 6.15
CA ARG B 123 32.33 -3.80 5.67
C ARG B 123 31.40 -4.55 4.71
N LEU B 124 30.13 -4.27 4.78
CA LEU B 124 29.14 -4.95 3.88
C LEU B 124 29.18 -4.30 2.48
N GLY B 125 29.60 -3.06 2.40
CA GLY B 125 29.65 -2.39 1.07
C GLY B 125 28.31 -1.71 0.79
N LEU B 126 28.19 -1.09 -0.35
CA LEU B 126 26.91 -0.40 -0.69
C LEU B 126 25.76 -1.41 -0.69
N ASP B 127 24.53 -0.93 -0.65
CA ASP B 127 23.36 -1.86 -0.65
C ASP B 127 23.51 -2.91 0.46
N TYR B 128 22.91 -4.06 0.30
CA TYR B 128 23.02 -5.12 1.33
C TYR B 128 22.57 -6.47 0.76
N GLU B 129 21.28 -6.67 0.65
CA GLU B 129 20.77 -7.96 0.12
C GLU B 129 21.08 -8.07 -1.38
N GLU B 130 20.54 -7.18 -2.17
CA GLU B 130 20.78 -7.23 -3.64
C GLU B 130 22.28 -7.35 -3.95
N ARG B 131 23.12 -6.95 -3.05
CA ARG B 131 24.59 -7.04 -3.31
C ARG B 131 25.13 -8.44 -3.01
N VAL B 132 25.14 -8.84 -1.77
CA VAL B 132 25.68 -10.19 -1.40
C VAL B 132 24.66 -11.32 -1.60
N LEU B 133 23.42 -11.10 -1.25
CA LEU B 133 22.40 -12.19 -1.38
C LEU B 133 22.46 -12.90 -2.75
N PRO B 134 22.41 -12.15 -3.81
CA PRO B 134 22.45 -12.78 -5.16
C PRO B 134 23.87 -13.22 -5.52
N SER B 135 24.87 -12.61 -4.95
CA SER B 135 26.27 -13.01 -5.26
C SER B 135 26.54 -14.44 -4.81
N ILE B 136 26.52 -14.69 -3.52
CA ILE B 136 26.78 -16.06 -3.02
C ILE B 136 25.77 -17.06 -3.60
N VAL B 137 24.63 -16.59 -4.03
CA VAL B 137 23.61 -17.51 -4.61
C VAL B 137 23.97 -17.84 -6.07
N ASN B 138 24.15 -16.84 -6.88
CA ASN B 138 24.49 -17.10 -8.32
C ASN B 138 25.95 -17.56 -8.44
N GLU B 139 26.75 -17.29 -7.43
CA GLU B 139 28.18 -17.72 -7.49
C GLU B 139 28.30 -19.22 -7.23
N VAL B 140 27.93 -19.67 -6.06
CA VAL B 140 28.03 -21.13 -5.75
C VAL B 140 27.17 -21.94 -6.71
N LEU B 141 26.01 -21.44 -7.06
CA LEU B 141 25.11 -22.20 -7.99
C LEU B 141 25.87 -22.58 -9.26
N LYS B 142 26.65 -21.67 -9.79
CA LYS B 142 27.42 -21.98 -11.04
C LYS B 142 28.68 -22.80 -10.70
N SER B 143 29.18 -22.66 -9.51
CA SER B 143 30.40 -23.43 -9.12
C SER B 143 30.04 -24.86 -8.73
N VAL B 144 28.93 -25.05 -8.07
CA VAL B 144 28.53 -26.43 -7.65
C VAL B 144 27.90 -27.21 -8.80
N VAL B 145 27.19 -26.55 -9.67
CA VAL B 145 26.55 -27.27 -10.81
C VAL B 145 27.62 -27.97 -11.67
N ALA B 146 28.81 -27.44 -11.67
CA ALA B 146 29.89 -28.07 -12.49
C ALA B 146 30.48 -29.27 -11.74
N LYS B 147 30.49 -29.22 -10.42
CA LYS B 147 31.04 -30.35 -9.63
C LYS B 147 30.00 -31.48 -9.52
N PHE B 148 28.86 -31.19 -8.96
CA PHE B 148 27.80 -32.24 -8.82
C PHE B 148 27.39 -32.76 -10.20
N ASN B 149 26.63 -33.82 -10.24
CA ASN B 149 26.19 -34.37 -11.55
C ASN B 149 24.65 -34.35 -11.65
N ALA B 150 24.12 -34.64 -12.81
CA ALA B 150 22.64 -34.63 -12.97
C ALA B 150 22.03 -35.88 -12.34
N SER B 151 22.68 -37.01 -12.49
CA SER B 151 22.15 -38.26 -11.90
C SER B 151 22.00 -38.11 -10.38
N GLN B 152 22.93 -37.44 -9.76
CA GLN B 152 22.85 -37.25 -8.28
C GLN B 152 21.86 -36.13 -7.94
N LEU B 153 21.67 -35.19 -8.84
CA LEU B 153 20.73 -34.08 -8.56
C LEU B 153 19.28 -34.54 -8.79
N ILE B 154 19.04 -35.28 -9.84
CA ILE B 154 17.65 -35.76 -10.11
C ILE B 154 17.20 -36.71 -8.99
N THR B 155 18.11 -37.46 -8.43
CA THR B 155 17.73 -38.40 -7.34
C THR B 155 17.13 -37.63 -6.16
N GLN B 156 17.62 -36.44 -5.91
CA GLN B 156 17.08 -35.63 -4.78
C GLN B 156 17.58 -34.18 -4.89
N ARG B 157 16.73 -33.29 -5.32
CA ARG B 157 17.15 -31.86 -5.45
C ARG B 157 17.67 -31.33 -4.11
N ALA B 158 17.25 -31.91 -3.02
CA ALA B 158 17.72 -31.44 -1.69
C ALA B 158 19.11 -32.02 -1.38
N GLN B 159 19.41 -33.17 -1.89
CA GLN B 159 20.76 -33.78 -1.62
C GLN B 159 21.87 -32.87 -2.15
N VAL B 160 21.62 -32.19 -3.24
CA VAL B 160 22.67 -31.29 -3.81
C VAL B 160 23.01 -30.19 -2.81
N SER B 161 22.02 -29.67 -2.12
CA SER B 161 22.27 -28.59 -1.13
C SER B 161 22.94 -29.17 0.13
N LEU B 162 22.83 -30.45 0.33
CA LEU B 162 23.45 -31.08 1.55
C LEU B 162 24.96 -30.77 1.60
N LEU B 163 25.67 -31.07 0.55
CA LEU B 163 27.14 -30.81 0.54
C LEU B 163 27.42 -29.33 0.25
N ILE B 164 26.57 -28.68 -0.50
CA ILE B 164 26.80 -27.24 -0.83
C ILE B 164 26.36 -26.36 0.33
N ARG B 165 25.51 -26.85 1.19
CA ARG B 165 25.03 -26.01 2.34
C ARG B 165 26.22 -25.57 3.20
N ARG B 166 27.31 -26.28 3.13
CA ARG B 166 28.51 -25.91 3.94
C ARG B 166 29.20 -24.68 3.33
N GLU B 167 29.39 -24.68 2.04
CA GLU B 167 30.06 -23.51 1.37
C GLU B 167 29.06 -22.36 1.20
N LEU B 168 27.80 -22.67 1.05
CA LEU B 168 26.78 -21.59 0.88
C LEU B 168 26.67 -20.77 2.17
N THR B 169 26.65 -21.43 3.30
CA THR B 169 26.54 -20.67 4.58
C THR B 169 27.91 -20.12 4.98
N GLU B 170 28.97 -20.73 4.53
CA GLU B 170 30.34 -20.23 4.88
C GLU B 170 30.52 -18.80 4.40
N ARG B 171 30.30 -18.56 3.13
CA ARG B 171 30.45 -17.18 2.58
C ARG B 171 29.60 -16.20 3.39
N ALA B 172 28.40 -16.58 3.71
CA ALA B 172 27.52 -15.67 4.51
C ALA B 172 28.15 -15.44 5.88
N LYS B 173 28.89 -16.40 6.37
CA LYS B 173 29.55 -16.22 7.70
C LYS B 173 30.66 -15.17 7.62
N ASP B 174 31.13 -14.89 6.44
CA ASP B 174 32.22 -13.87 6.28
C ASP B 174 31.67 -12.46 6.51
N PHE B 175 30.79 -12.00 5.66
CA PHE B 175 30.23 -10.63 5.84
C PHE B 175 29.58 -10.50 7.22
N SER B 176 29.11 -11.58 7.77
CA SER B 176 28.47 -11.52 9.12
C SER B 176 28.33 -12.93 9.70
N LEU B 177 28.41 -13.06 11.00
CA LEU B 177 28.29 -14.40 11.62
C LEU B 177 26.89 -14.58 12.23
N ILE B 178 26.10 -15.45 11.65
CA ILE B 178 24.73 -15.67 12.19
C ILE B 178 24.19 -17.04 11.74
N LEU B 179 23.33 -17.63 12.53
CA LEU B 179 22.78 -18.97 12.15
C LEU B 179 21.36 -18.80 11.58
N ASP B 180 21.19 -19.07 10.31
CA ASP B 180 19.84 -18.93 9.70
C ASP B 180 19.50 -20.16 8.85
N ASP B 181 18.24 -20.46 8.71
CA ASP B 181 17.83 -21.64 7.90
C ASP B 181 17.34 -21.18 6.53
N VAL B 182 17.81 -21.79 5.47
CA VAL B 182 17.36 -21.36 4.12
C VAL B 182 17.59 -22.47 3.08
N ALA B 183 16.52 -22.94 2.48
CA ALA B 183 16.64 -23.99 1.43
C ALA B 183 15.99 -23.49 0.15
N ILE B 184 16.44 -23.96 -0.99
CA ILE B 184 15.88 -23.49 -2.28
C ILE B 184 15.08 -24.60 -2.98
N THR B 185 14.15 -24.22 -3.82
CA THR B 185 13.36 -25.23 -4.57
C THR B 185 13.96 -25.39 -5.97
N GLU B 186 14.56 -26.51 -6.24
CA GLU B 186 15.23 -26.70 -7.57
C GLU B 186 14.38 -27.55 -8.52
N LEU B 187 14.55 -27.32 -9.78
CA LEU B 187 13.82 -28.11 -10.81
C LEU B 187 14.82 -28.56 -11.86
N SER B 188 14.84 -29.81 -12.21
CA SER B 188 15.84 -30.29 -13.21
C SER B 188 15.19 -30.46 -14.59
N PHE B 189 15.95 -30.25 -15.64
CA PHE B 189 15.40 -30.39 -17.02
C PHE B 189 15.83 -31.73 -17.62
N SER B 190 14.91 -32.46 -18.18
CA SER B 190 15.27 -33.77 -18.80
C SER B 190 16.22 -33.56 -19.98
N MET C 1 34.25 61.35 18.90
CA MET C 1 32.87 61.80 18.57
C MET C 1 32.00 60.63 18.15
N ALA C 2 31.96 59.60 18.96
CA ALA C 2 31.14 58.40 18.61
C ALA C 2 30.48 57.83 19.87
N GLN C 3 29.44 58.47 20.35
CA GLN C 3 28.76 57.96 21.58
C GLN C 3 27.72 56.90 21.20
N ASN C 4 27.23 56.94 19.99
CA ASN C 4 26.21 55.92 19.56
C ASN C 4 26.78 54.51 19.67
N LEU C 5 28.08 54.38 19.58
CA LEU C 5 28.70 53.02 19.69
C LEU C 5 28.42 52.42 21.07
N LYS C 6 28.63 53.18 22.10
CA LYS C 6 28.37 52.64 23.48
C LYS C 6 26.86 52.45 23.70
N ASP C 7 26.05 53.20 23.01
CA ASP C 7 24.58 53.07 23.18
C ASP C 7 24.06 51.83 22.41
N LEU C 8 24.77 51.42 21.39
CA LEU C 8 24.32 50.24 20.60
C LEU C 8 24.19 49.02 21.51
N ALA C 9 25.23 48.69 22.24
CA ALA C 9 25.17 47.52 23.15
C ALA C 9 24.10 47.73 24.23
N GLY C 10 23.81 48.97 24.55
CA GLY C 10 22.77 49.26 25.58
C GLY C 10 21.40 48.85 25.06
N ARG C 11 21.24 48.72 23.77
CA ARG C 11 19.92 48.33 23.21
C ARG C 11 19.60 46.87 23.55
N LEU C 12 20.59 46.07 23.84
CA LEU C 12 20.34 44.65 24.18
C LEU C 12 19.64 44.53 25.55
N PRO C 13 20.29 45.05 26.57
CA PRO C 13 19.70 44.99 27.93
C PRO C 13 18.52 45.96 28.05
N ALA C 14 17.60 45.69 28.93
CA ALA C 14 16.41 46.59 29.10
C ALA C 14 15.73 46.83 27.75
N GLY C 15 14.83 45.98 27.37
CA GLY C 15 14.13 46.15 26.07
C GLY C 15 12.75 46.79 26.31
N PRO C 16 12.28 47.51 25.31
CA PRO C 16 10.96 48.18 25.41
C PRO C 16 9.83 47.14 25.31
N ARG C 17 8.61 47.61 25.25
CA ARG C 17 7.46 46.66 25.14
C ARG C 17 7.55 45.85 23.84
N GLY C 18 8.27 46.36 22.86
CA GLY C 18 8.40 45.62 21.57
C GLY C 18 9.04 44.26 21.82
N MET C 19 9.85 44.14 22.85
CA MET C 19 10.50 42.83 23.15
C MET C 19 9.44 41.75 23.39
N GLY C 20 8.34 42.12 24.00
CA GLY C 20 7.27 41.13 24.27
C GLY C 20 6.73 40.58 22.95
N THR C 21 6.71 41.40 21.93
CA THR C 21 6.20 40.94 20.61
C THR C 21 7.20 39.97 19.97
N ALA C 22 8.45 40.10 20.28
CA ALA C 22 9.47 39.18 19.69
C ALA C 22 9.17 37.73 20.08
N LEU C 23 8.51 37.53 21.19
CA LEU C 23 8.19 36.13 21.63
C LEU C 23 7.26 35.47 20.61
N LYS C 24 6.23 36.15 20.19
CA LYS C 24 5.28 35.55 19.20
C LYS C 24 6.05 35.05 17.98
N LEU C 25 7.17 35.67 17.66
CA LEU C 25 7.96 35.22 16.48
C LEU C 25 8.68 33.92 16.79
N LEU C 26 9.11 33.73 18.02
CA LEU C 26 9.82 32.48 18.38
C LEU C 26 8.85 31.29 18.32
N LEU C 27 7.67 31.44 18.86
CA LEU C 27 6.68 30.32 18.83
C LEU C 27 6.28 30.00 17.39
N GLY C 28 6.17 31.01 16.56
CA GLY C 28 5.78 30.76 15.14
C GLY C 28 6.85 29.94 14.45
N ALA C 29 8.09 30.07 14.86
CA ALA C 29 9.18 29.30 14.23
C ALA C 29 9.05 27.81 14.57
N GLY C 30 8.47 27.50 15.70
CA GLY C 30 8.30 26.07 16.10
C GLY C 30 7.22 25.43 15.23
N ALA C 31 6.23 26.19 14.83
CA ALA C 31 5.14 25.62 13.99
C ALA C 31 5.65 25.38 12.57
N VAL C 32 6.53 26.21 12.10
CA VAL C 32 7.06 26.04 10.71
C VAL C 32 7.96 24.80 10.65
N ALA C 33 8.55 24.42 11.75
CA ALA C 33 9.43 23.21 11.75
C ALA C 33 8.63 21.95 11.42
N TYR C 34 7.37 21.95 11.78
CA TYR C 34 6.52 20.75 11.47
C TYR C 34 6.40 20.55 9.96
N GLY C 35 6.19 21.61 9.22
CA GLY C 35 6.08 21.47 7.75
C GLY C 35 7.37 20.89 7.17
N VAL C 36 8.47 21.19 7.80
CA VAL C 36 9.78 20.65 7.30
C VAL C 36 9.94 19.19 7.71
N ARG C 37 9.34 18.79 8.80
CA ARG C 37 9.45 17.38 9.25
C ARG C 37 8.95 16.43 8.15
N GLU C 38 7.98 16.83 7.39
CA GLU C 38 7.45 15.94 6.31
C GLU C 38 8.36 16.00 5.08
N SER C 39 9.06 17.10 4.85
CA SER C 39 9.96 17.17 3.64
C SER C 39 11.24 17.99 3.92
N VAL C 40 12.33 17.68 3.26
CA VAL C 40 13.61 18.43 3.47
C VAL C 40 14.48 18.39 2.20
N PHE C 41 15.73 18.84 2.27
CA PHE C 41 16.61 18.81 1.06
C PHE C 41 17.94 18.10 1.36
N THR C 42 18.48 18.23 2.55
CA THR C 42 19.78 17.53 2.85
C THR C 42 19.60 16.01 2.66
N VAL C 43 20.25 15.46 1.68
CA VAL C 43 20.12 13.98 1.43
C VAL C 43 20.33 13.18 2.72
N GLU C 44 19.54 12.17 2.93
CA GLU C 44 19.69 11.35 4.17
C GLU C 44 19.90 9.88 3.81
N GLY C 45 20.35 9.08 4.73
CA GLY C 45 20.57 7.64 4.44
C GLY C 45 21.67 7.49 3.40
N GLY C 46 21.48 6.63 2.43
CA GLY C 46 22.51 6.44 1.37
C GLY C 46 21.96 6.89 0.02
N HIS C 47 21.53 8.11 -0.07
CA HIS C 47 20.98 8.62 -1.37
C HIS C 47 21.80 9.81 -1.86
N ARG C 48 21.82 10.02 -3.15
CA ARG C 48 22.63 11.12 -3.75
C ARG C 48 21.74 12.33 -4.14
N ALA C 49 22.32 13.51 -4.23
CA ALA C 49 21.52 14.74 -4.56
C ALA C 49 21.61 15.16 -6.04
N ILE C 50 20.59 15.83 -6.52
CA ILE C 50 20.54 16.28 -7.94
C ILE C 50 20.05 17.76 -7.99
N PHE C 51 20.44 18.53 -8.99
CA PHE C 51 20.01 19.99 -9.01
C PHE C 51 19.30 20.41 -10.31
N PHE C 52 18.31 21.27 -10.20
CA PHE C 52 17.59 21.78 -11.41
C PHE C 52 16.84 23.08 -11.08
N ASN C 53 16.60 23.94 -12.06
CA ASN C 53 15.89 25.23 -11.79
C ASN C 53 14.47 25.20 -12.41
N ARG C 54 13.54 25.96 -11.83
CA ARG C 54 12.14 25.98 -12.38
C ARG C 54 12.15 26.14 -13.90
N ILE C 55 13.11 26.87 -14.43
CA ILE C 55 13.19 27.05 -15.91
C ILE C 55 14.63 26.95 -16.39
N GLY C 56 15.40 26.08 -15.78
CA GLY C 56 16.83 25.93 -16.20
C GLY C 56 17.22 24.45 -16.16
N GLY C 57 16.30 23.56 -16.41
CA GLY C 57 16.62 22.11 -16.38
C GLY C 57 15.45 21.33 -15.77
N VAL C 58 15.63 20.05 -15.55
CA VAL C 58 14.53 19.23 -14.95
C VAL C 58 15.11 18.29 -13.89
N GLN C 59 15.91 17.34 -14.29
CA GLN C 59 16.52 16.38 -13.31
C GLN C 59 15.43 15.68 -12.50
N GLN C 60 15.15 14.44 -12.81
CA GLN C 60 14.10 13.70 -12.05
C GLN C 60 14.47 12.22 -11.93
N ASP C 61 15.74 11.91 -11.99
CA ASP C 61 16.16 10.47 -11.88
C ASP C 61 17.70 10.37 -11.85
N THR C 62 18.32 10.89 -10.82
CA THR C 62 19.81 10.81 -10.74
C THR C 62 20.29 10.82 -9.28
N ILE C 63 21.51 10.38 -9.05
CA ILE C 63 22.09 10.35 -7.67
C ILE C 63 23.62 10.22 -7.72
N LEU C 64 24.34 11.21 -7.21
CA LEU C 64 25.84 11.16 -7.19
C LEU C 64 26.36 10.67 -5.80
N ALA C 65 26.58 11.57 -4.84
CA ALA C 65 27.08 11.14 -3.49
C ALA C 65 26.45 12.00 -2.35
N GLU C 66 26.86 11.79 -1.11
CA GLU C 66 26.27 12.59 0.03
C GLU C 66 27.11 13.83 0.35
N GLY C 67 26.47 14.85 0.84
CA GLY C 67 27.19 16.13 1.18
C GLY C 67 26.32 16.93 2.16
N LEU C 68 26.89 17.79 2.96
CA LEU C 68 26.03 18.58 3.89
C LEU C 68 25.70 19.92 3.24
N HIS C 69 24.49 20.06 2.79
CA HIS C 69 24.05 21.32 2.12
C HIS C 69 22.51 21.39 2.13
N PHE C 70 21.95 22.57 2.12
CA PHE C 70 20.47 22.69 2.13
C PHE C 70 20.00 23.42 0.87
N ARG C 71 18.83 23.10 0.38
CA ARG C 71 18.33 23.80 -0.84
C ARG C 71 17.91 25.22 -0.47
N ILE C 72 18.83 26.01 0.02
CA ILE C 72 18.49 27.40 0.40
C ILE C 72 19.36 28.43 -0.36
N PRO C 73 19.79 28.09 -1.56
CA PRO C 73 20.61 29.04 -2.34
C PRO C 73 19.73 30.17 -2.92
N TRP C 74 19.10 29.93 -4.06
CA TRP C 74 18.22 30.98 -4.65
C TRP C 74 17.38 30.38 -5.79
N PHE C 75 17.87 29.36 -6.47
CA PHE C 75 17.08 28.77 -7.59
C PHE C 75 17.35 27.26 -7.71
N GLN C 76 17.44 26.55 -6.61
CA GLN C 76 17.68 25.08 -6.68
C GLN C 76 16.41 24.33 -6.30
N TYR C 77 16.24 23.14 -6.80
CA TYR C 77 15.00 22.36 -6.49
C TYR C 77 15.32 20.97 -5.94
N PRO C 78 14.40 20.42 -5.18
CA PRO C 78 14.58 19.09 -4.60
C PRO C 78 13.88 18.00 -5.42
N ILE C 79 14.66 17.19 -6.08
CA ILE C 79 14.13 16.04 -6.88
C ILE C 79 15.30 15.06 -7.03
N ILE C 80 15.24 13.93 -6.35
CA ILE C 80 16.39 12.97 -6.39
C ILE C 80 15.97 11.54 -6.72
N TYR C 81 16.89 10.74 -7.21
CA TYR C 81 16.59 9.33 -7.57
C TYR C 81 17.01 8.39 -6.43
N ASP C 82 16.37 7.26 -6.29
CA ASP C 82 16.74 6.32 -5.19
C ASP C 82 17.11 4.96 -5.76
N ILE C 83 18.09 4.30 -5.17
CA ILE C 83 18.51 2.96 -5.69
C ILE C 83 17.62 1.86 -5.11
N ARG C 84 17.50 0.76 -5.80
CA ARG C 84 16.65 -0.36 -5.30
C ARG C 84 16.79 -1.57 -6.24
N ALA C 85 16.43 -2.74 -5.77
CA ALA C 85 16.53 -3.95 -6.64
C ALA C 85 15.78 -3.71 -7.95
N ARG C 86 16.08 -4.48 -8.98
CA ARG C 86 15.37 -4.27 -10.27
C ARG C 86 15.01 -5.62 -10.92
N PRO C 87 13.74 -5.92 -10.92
CA PRO C 87 13.24 -7.17 -11.54
C PRO C 87 12.69 -6.85 -12.93
N ARG C 88 13.35 -7.30 -13.97
CA ARG C 88 12.85 -7.00 -15.35
C ARG C 88 13.42 -8.03 -16.36
N LYS C 89 12.58 -8.92 -16.88
CA LYS C 89 13.05 -9.98 -17.86
C LYS C 89 11.87 -10.56 -18.68
N ILE C 90 12.13 -11.07 -19.88
CA ILE C 90 11.01 -11.63 -20.71
C ILE C 90 11.42 -12.88 -21.50
N SER C 91 10.45 -13.71 -21.82
CA SER C 91 10.73 -14.93 -22.64
C SER C 91 10.27 -14.63 -24.08
N SER C 92 11.20 -14.50 -25.00
CA SER C 92 10.80 -14.19 -26.41
C SER C 92 11.16 -15.33 -27.36
N PRO C 93 10.29 -15.60 -28.30
CA PRO C 93 10.50 -16.66 -29.29
C PRO C 93 11.04 -16.07 -30.60
N THR C 94 12.28 -16.33 -30.93
CA THR C 94 12.86 -15.77 -32.19
C THR C 94 13.75 -16.80 -32.88
N GLY C 95 13.78 -16.80 -34.19
CA GLY C 95 14.63 -17.78 -34.91
C GLY C 95 15.03 -17.20 -36.27
N SER C 96 16.28 -17.35 -36.64
CA SER C 96 16.73 -16.79 -37.96
C SER C 96 17.74 -17.76 -38.61
N LYS C 97 18.76 -18.13 -37.89
CA LYS C 97 19.77 -19.07 -38.47
C LYS C 97 19.12 -20.41 -38.82
N ASP C 98 18.51 -21.06 -37.86
CA ASP C 98 17.84 -22.36 -38.14
C ASP C 98 16.42 -22.13 -38.65
N LEU C 99 15.83 -23.13 -39.24
CA LEU C 99 14.44 -22.97 -39.77
C LEU C 99 13.43 -23.07 -38.61
N GLN C 100 13.74 -23.84 -37.60
CA GLN C 100 12.81 -23.98 -36.45
C GLN C 100 12.72 -22.65 -35.68
N MET C 101 12.23 -22.69 -34.48
CA MET C 101 12.12 -21.42 -33.68
C MET C 101 12.82 -21.59 -32.33
N VAL C 102 13.50 -20.57 -31.89
CA VAL C 102 14.22 -20.66 -30.58
C VAL C 102 13.77 -19.54 -29.65
N ASN C 103 13.64 -19.81 -28.38
CA ASN C 103 13.20 -18.76 -27.42
C ASN C 103 14.40 -18.22 -26.63
N ILE C 104 14.46 -16.94 -26.43
CA ILE C 104 15.62 -16.35 -25.67
C ILE C 104 15.09 -15.42 -24.57
N SER C 105 15.83 -15.30 -23.50
CA SER C 105 15.38 -14.41 -22.38
C SER C 105 16.58 -13.98 -21.54
N LEU C 106 16.79 -12.69 -21.39
CA LEU C 106 17.93 -12.20 -20.58
C LEU C 106 17.48 -11.05 -19.67
N ARG C 107 18.11 -10.92 -18.53
CA ARG C 107 17.73 -9.82 -17.60
C ARG C 107 18.95 -8.96 -17.29
N VAL C 108 18.78 -7.67 -17.19
CA VAL C 108 19.94 -6.77 -16.88
C VAL C 108 19.93 -6.36 -15.41
N LEU C 109 21.08 -6.12 -14.85
CA LEU C 109 21.16 -5.71 -13.41
C LEU C 109 21.44 -4.21 -13.32
N SER C 110 20.95 -3.57 -12.29
CA SER C 110 21.21 -2.11 -12.13
C SER C 110 22.06 -1.85 -10.88
N ARG C 111 23.28 -1.43 -11.07
CA ARG C 111 24.17 -1.17 -9.91
C ARG C 111 24.25 0.34 -9.65
N PRO C 112 24.38 0.70 -8.39
CA PRO C 112 24.47 2.14 -8.03
C PRO C 112 25.85 2.70 -8.39
N ASN C 113 26.89 2.14 -7.84
CA ASN C 113 28.28 2.64 -8.14
C ASN C 113 28.35 4.15 -7.93
N ALA C 114 29.47 4.74 -8.25
CA ALA C 114 29.60 6.22 -8.07
C ALA C 114 29.28 6.94 -9.39
N GLN C 115 30.24 7.10 -10.26
CA GLN C 115 29.99 7.79 -11.56
C GLN C 115 29.24 9.10 -11.34
N GLU C 116 28.52 9.57 -12.33
CA GLU C 116 27.76 10.84 -12.18
C GLU C 116 26.38 10.72 -12.83
N LEU C 117 25.33 10.81 -12.04
CA LEU C 117 23.96 10.71 -12.61
C LEU C 117 23.50 12.05 -13.24
N PRO C 118 23.99 13.17 -12.75
CA PRO C 118 23.58 14.46 -13.34
C PRO C 118 24.21 14.63 -14.73
N SER C 119 25.38 14.10 -14.95
CA SER C 119 26.02 14.23 -16.29
C SER C 119 25.24 13.38 -17.29
N MET C 120 24.97 12.15 -16.95
CA MET C 120 24.21 11.26 -17.87
C MET C 120 22.70 11.55 -17.76
N TYR C 121 22.28 12.21 -16.71
CA TYR C 121 20.83 12.51 -16.55
C TYR C 121 20.21 13.06 -17.86
N GLN C 122 20.76 14.10 -18.41
CA GLN C 122 20.19 14.66 -19.68
C GLN C 122 20.65 13.81 -20.86
N ARG C 123 21.86 13.34 -20.85
CA ARG C 123 22.36 12.50 -21.98
C ARG C 123 21.63 11.14 -21.98
N LEU C 124 21.06 10.77 -20.86
CA LEU C 124 20.33 9.47 -20.77
C LEU C 124 18.98 9.56 -21.48
N GLY C 125 18.41 10.74 -21.53
CA GLY C 125 17.09 10.90 -22.20
C GLY C 125 15.98 10.97 -21.15
N LEU C 126 14.74 10.82 -21.57
CA LEU C 126 13.62 10.88 -20.59
C LEU C 126 13.51 9.56 -19.83
N ASP C 127 13.03 8.53 -20.48
CA ASP C 127 12.90 7.21 -19.80
C ASP C 127 14.28 6.68 -19.38
N TYR C 128 14.47 6.43 -18.12
CA TYR C 128 15.80 5.92 -17.65
C TYR C 128 15.91 4.41 -17.90
N GLU C 129 15.58 3.60 -16.92
CA GLU C 129 15.68 2.13 -17.11
C GLU C 129 14.45 1.59 -17.86
N GLU C 130 13.38 2.35 -17.88
CA GLU C 130 12.15 1.88 -18.59
C GLU C 130 12.46 1.48 -20.03
N ARG C 131 12.82 2.43 -20.85
CA ARG C 131 13.12 2.11 -22.28
C ARG C 131 14.53 1.55 -22.46
N VAL C 132 15.50 2.11 -21.79
CA VAL C 132 16.91 1.62 -21.94
C VAL C 132 17.02 0.12 -21.60
N LEU C 133 16.08 -0.43 -20.88
CA LEU C 133 16.18 -1.88 -20.53
C LEU C 133 15.78 -2.78 -21.71
N PRO C 134 14.55 -2.66 -22.16
CA PRO C 134 14.07 -3.50 -23.29
C PRO C 134 14.72 -3.11 -24.61
N SER C 135 14.71 -1.84 -24.93
CA SER C 135 15.32 -1.39 -26.23
C SER C 135 16.73 -1.97 -26.42
N ILE C 136 17.50 -2.06 -25.37
CA ILE C 136 18.89 -2.60 -25.52
C ILE C 136 18.87 -4.14 -25.54
N VAL C 137 18.21 -4.76 -24.61
CA VAL C 137 18.18 -6.26 -24.57
C VAL C 137 17.31 -6.81 -25.70
N ASN C 138 16.19 -6.21 -25.97
CA ASN C 138 15.30 -6.72 -27.06
C ASN C 138 16.04 -6.74 -28.40
N GLU C 139 16.95 -5.82 -28.61
CA GLU C 139 17.68 -5.78 -29.91
C GLU C 139 18.83 -6.81 -29.91
N VAL C 140 19.73 -6.72 -28.96
CA VAL C 140 20.86 -7.68 -28.92
C VAL C 140 20.36 -9.13 -28.84
N LEU C 141 19.28 -9.34 -28.14
CA LEU C 141 18.74 -10.74 -28.02
C LEU C 141 18.52 -11.35 -29.42
N LYS C 142 17.90 -10.61 -30.30
CA LYS C 142 17.64 -11.14 -31.66
C LYS C 142 18.89 -11.02 -32.55
N SER C 143 19.59 -9.92 -32.46
CA SER C 143 20.81 -9.73 -33.30
C SER C 143 21.87 -10.77 -32.93
N VAL C 144 21.93 -11.17 -31.69
CA VAL C 144 22.95 -12.18 -31.27
C VAL C 144 22.50 -13.59 -31.67
N VAL C 145 21.34 -14.00 -31.24
CA VAL C 145 20.85 -15.37 -31.58
C VAL C 145 20.76 -15.54 -33.10
N ALA C 146 20.58 -14.46 -33.82
CA ALA C 146 20.49 -14.57 -35.31
C ALA C 146 21.73 -15.26 -35.87
N LYS C 147 22.89 -14.97 -35.33
CA LYS C 147 24.14 -15.61 -35.83
C LYS C 147 24.28 -17.02 -35.26
N PHE C 148 23.76 -17.26 -34.08
CA PHE C 148 23.86 -18.61 -33.47
C PHE C 148 22.84 -19.56 -34.10
N ASN C 149 22.86 -20.81 -33.73
CA ASN C 149 21.89 -21.78 -34.30
C ASN C 149 20.98 -22.34 -33.21
N ALA C 150 19.95 -23.06 -33.58
CA ALA C 150 19.03 -23.63 -32.56
C ALA C 150 19.63 -24.90 -31.95
N SER C 151 20.33 -25.67 -32.74
CA SER C 151 20.95 -26.92 -32.20
C SER C 151 22.02 -26.58 -31.16
N GLN C 152 22.71 -25.49 -31.33
CA GLN C 152 23.76 -25.10 -30.35
C GLN C 152 23.12 -24.45 -29.13
N LEU C 153 21.98 -23.83 -29.30
CA LEU C 153 21.31 -23.17 -28.14
C LEU C 153 20.64 -24.23 -27.24
N ILE C 154 19.87 -25.11 -27.81
CA ILE C 154 19.20 -26.16 -26.99
C ILE C 154 20.24 -26.97 -26.22
N THR C 155 21.44 -27.06 -26.72
CA THR C 155 22.50 -27.84 -26.00
C THR C 155 22.83 -27.16 -24.67
N GLN C 156 22.97 -25.86 -24.67
CA GLN C 156 23.29 -25.15 -23.40
C GLN C 156 22.96 -23.66 -23.54
N ARG C 157 21.90 -23.22 -22.91
CA ARG C 157 21.51 -21.77 -23.00
C ARG C 157 22.61 -20.90 -22.37
N ALA C 158 23.48 -21.48 -21.60
CA ALA C 158 24.57 -20.67 -20.97
C ALA C 158 25.67 -20.34 -22.00
N GLN C 159 25.85 -21.19 -22.98
CA GLN C 159 26.89 -20.93 -24.01
C GLN C 159 26.64 -19.59 -24.70
N VAL C 160 25.41 -19.14 -24.72
CA VAL C 160 25.09 -17.84 -25.37
C VAL C 160 25.47 -16.67 -24.44
N SER C 161 25.61 -16.93 -23.17
CA SER C 161 25.98 -15.84 -22.22
C SER C 161 27.26 -15.14 -22.67
N LEU C 162 28.30 -15.89 -22.94
CA LEU C 162 29.58 -15.26 -23.38
C LEU C 162 29.35 -14.41 -24.63
N LEU C 163 28.34 -14.72 -25.41
CA LEU C 163 28.07 -13.93 -26.64
C LEU C 163 27.49 -12.56 -26.27
N ILE C 164 26.47 -12.53 -25.47
CA ILE C 164 25.86 -11.24 -25.06
C ILE C 164 26.67 -10.58 -23.95
N ARG C 165 27.42 -11.36 -23.21
CA ARG C 165 28.24 -10.78 -22.10
C ARG C 165 29.12 -9.63 -22.63
N ARG C 166 29.69 -9.81 -23.80
CA ARG C 166 30.56 -8.73 -24.37
C ARG C 166 29.69 -7.63 -25.01
N GLU C 167 28.50 -7.98 -25.42
CA GLU C 167 27.61 -6.96 -26.05
C GLU C 167 26.93 -6.11 -24.97
N LEU C 168 26.45 -6.73 -23.93
CA LEU C 168 25.77 -5.97 -22.84
C LEU C 168 26.76 -4.98 -22.20
N THR C 169 27.99 -5.39 -22.02
CA THR C 169 29.00 -4.49 -21.40
C THR C 169 29.14 -3.21 -22.23
N GLU C 170 29.16 -3.34 -23.53
CA GLU C 170 29.29 -2.14 -24.40
C GLU C 170 27.96 -1.38 -24.45
N ARG C 171 26.86 -2.10 -24.41
CA ARG C 171 25.53 -1.43 -24.47
C ARG C 171 25.24 -0.73 -23.14
N ALA C 172 25.69 -1.28 -22.05
CA ALA C 172 25.44 -0.64 -20.72
C ALA C 172 26.12 0.73 -20.66
N LYS C 173 27.21 0.88 -21.38
CA LYS C 173 27.93 2.19 -21.37
C LYS C 173 27.01 3.31 -21.88
N ASP C 174 25.97 2.96 -22.58
CA ASP C 174 25.03 4.00 -23.12
C ASP C 174 24.66 5.01 -22.03
N PHE C 175 24.15 4.54 -20.93
CA PHE C 175 23.77 5.48 -19.83
C PHE C 175 24.91 5.55 -18.80
N SER C 176 25.59 6.66 -18.72
CA SER C 176 26.71 6.81 -17.75
C SER C 176 27.69 5.64 -17.91
N LEU C 177 28.70 5.58 -17.07
CA LEU C 177 29.68 4.46 -17.17
C LEU C 177 29.57 3.55 -15.94
N ILE C 178 29.09 2.36 -16.11
CA ILE C 178 28.96 1.42 -14.95
C ILE C 178 29.16 -0.01 -15.42
N LEU C 179 29.63 -0.87 -14.55
CA LEU C 179 29.85 -2.29 -14.93
C LEU C 179 28.72 -3.16 -14.37
N ASP C 180 27.88 -3.67 -15.21
CA ASP C 180 26.74 -4.51 -14.74
C ASP C 180 26.91 -5.96 -15.20
N ASP C 181 26.35 -6.88 -14.46
CA ASP C 181 26.46 -8.32 -14.84
C ASP C 181 25.16 -8.77 -15.51
N VAL C 182 25.24 -9.72 -16.41
CA VAL C 182 24.00 -10.17 -17.10
C VAL C 182 24.10 -11.63 -17.53
N ALA C 183 23.22 -12.46 -17.04
CA ALA C 183 23.21 -13.90 -17.42
C ALA C 183 21.93 -14.20 -18.19
N ILE C 184 21.92 -15.18 -19.03
CA ILE C 184 20.69 -15.46 -19.81
C ILE C 184 19.91 -16.65 -19.24
N THR C 185 18.77 -16.39 -18.66
CA THR C 185 17.91 -17.49 -18.15
C THR C 185 16.80 -17.67 -19.18
N GLU C 186 16.83 -18.75 -19.93
CA GLU C 186 15.80 -18.90 -20.99
C GLU C 186 15.57 -20.35 -21.41
N LEU C 187 14.38 -20.64 -21.88
CA LEU C 187 14.06 -22.00 -22.38
C LEU C 187 13.79 -21.89 -23.88
N SER C 188 14.34 -22.77 -24.67
CA SER C 188 14.14 -22.67 -26.15
C SER C 188 13.10 -23.68 -26.64
N PHE C 189 12.46 -23.37 -27.74
CA PHE C 189 11.43 -24.29 -28.32
C PHE C 189 12.03 -25.09 -29.47
N SER C 190 11.59 -26.30 -29.67
CA SER C 190 12.13 -27.13 -30.78
C SER C 190 11.02 -27.99 -31.38
N MET D 1 0.02 71.12 -4.86
CA MET D 1 -0.67 69.94 -4.27
C MET D 1 0.24 68.71 -4.32
N ALA D 2 1.11 68.57 -3.34
CA ALA D 2 2.02 67.40 -3.33
C ALA D 2 1.90 66.64 -2.00
N GLN D 3 0.72 66.18 -1.68
CA GLN D 3 0.53 65.44 -0.40
C GLN D 3 0.89 63.96 -0.59
N ASN D 4 0.83 63.47 -1.80
CA ASN D 4 1.16 62.04 -2.05
C ASN D 4 2.58 61.72 -1.55
N LEU D 5 3.45 62.69 -1.59
CA LEU D 5 4.85 62.46 -1.12
C LEU D 5 4.92 62.54 0.41
N LYS D 6 4.12 63.38 1.00
CA LYS D 6 4.13 63.51 2.50
C LYS D 6 3.66 62.20 3.14
N ASP D 7 2.76 61.50 2.50
CA ASP D 7 2.25 60.22 3.08
C ASP D 7 3.26 59.09 2.81
N LEU D 8 4.05 59.22 1.78
CA LEU D 8 5.05 58.15 1.47
C LEU D 8 6.01 57.96 2.64
N ALA D 9 6.48 59.04 3.22
CA ALA D 9 7.44 58.93 4.37
C ALA D 9 6.74 58.25 5.55
N GLY D 10 5.50 58.58 5.79
CA GLY D 10 4.77 57.95 6.93
C GLY D 10 4.27 56.55 6.54
N ARG D 11 4.19 56.27 5.27
CA ARG D 11 3.71 54.94 4.83
C ARG D 11 4.60 53.83 5.39
N LEU D 12 5.87 54.08 5.53
CA LEU D 12 6.79 53.03 6.07
C LEU D 12 6.59 52.85 7.59
N PRO D 13 6.77 53.92 8.33
CA PRO D 13 6.61 53.83 9.80
C PRO D 13 5.12 53.69 10.18
N ALA D 14 4.28 54.55 9.64
CA ALA D 14 2.83 54.47 9.96
C ALA D 14 2.61 54.45 11.47
N GLY D 15 1.51 53.91 11.92
CA GLY D 15 1.24 53.85 13.38
C GLY D 15 2.33 53.02 14.08
N PRO D 16 2.58 53.34 15.33
CA PRO D 16 3.61 52.60 16.10
C PRO D 16 3.10 51.21 16.47
N ARG D 17 1.91 51.13 17.02
CA ARG D 17 1.37 49.79 17.40
C ARG D 17 0.80 49.08 16.17
N GLY D 18 0.35 49.84 15.19
CA GLY D 18 -0.22 49.20 13.97
C GLY D 18 0.82 48.30 13.31
N MET D 19 2.08 48.63 13.46
CA MET D 19 3.15 47.79 12.85
C MET D 19 3.36 46.52 13.67
N GLY D 20 3.03 46.56 14.93
CA GLY D 20 3.21 45.35 15.79
C GLY D 20 2.27 44.24 15.31
N THR D 21 1.04 44.57 15.03
CA THR D 21 0.08 43.52 14.55
C THR D 21 0.57 42.92 13.24
N ALA D 22 1.35 43.64 12.48
CA ALA D 22 1.86 43.10 11.18
C ALA D 22 2.69 41.84 11.42
N LEU D 23 3.26 41.71 12.59
CA LEU D 23 4.09 40.50 12.89
C LEU D 23 3.21 39.25 12.87
N LYS D 24 2.05 39.30 13.48
CA LYS D 24 1.15 38.11 13.51
C LYS D 24 0.93 37.58 12.08
N LEU D 25 0.99 38.44 11.10
CA LEU D 25 0.79 38.00 9.69
C LEU D 25 2.01 37.20 9.21
N LEU D 26 3.19 37.69 9.49
CA LEU D 26 4.42 36.97 9.04
C LEU D 26 4.46 35.56 9.64
N LEU D 27 3.97 35.41 10.85
CA LEU D 27 3.98 34.06 11.49
C LEU D 27 2.89 33.17 10.88
N GLY D 28 1.73 33.72 10.62
CA GLY D 28 0.63 32.90 10.02
C GLY D 28 1.04 32.45 8.62
N ALA D 29 1.86 33.22 7.95
CA ALA D 29 2.29 32.83 6.58
C ALA D 29 3.00 31.48 6.60
N GLY D 30 3.70 31.17 7.66
CA GLY D 30 4.41 29.86 7.74
C GLY D 30 3.38 28.74 7.91
N ALA D 31 2.29 29.01 8.58
CA ALA D 31 1.26 27.96 8.78
C ALA D 31 0.51 27.69 7.47
N VAL D 32 0.21 28.71 6.73
CA VAL D 32 -0.51 28.51 5.43
C VAL D 32 0.34 27.66 4.47
N ALA D 33 1.64 27.70 4.62
CA ALA D 33 2.51 26.89 3.73
C ALA D 33 2.31 25.40 3.98
N TYR D 34 1.97 25.04 5.19
CA TYR D 34 1.75 23.60 5.51
C TYR D 34 0.59 23.04 4.68
N GLY D 35 -0.50 23.74 4.63
CA GLY D 35 -1.67 23.25 3.84
C GLY D 35 -1.26 23.12 2.37
N VAL D 36 -0.40 23.98 1.91
CA VAL D 36 0.06 23.92 0.49
C VAL D 36 1.13 22.83 0.32
N ARG D 37 1.89 22.58 1.35
CA ARG D 37 2.95 21.53 1.25
C ARG D 37 2.35 20.19 0.81
N GLU D 38 1.12 19.94 1.15
CA GLU D 38 0.49 18.65 0.75
C GLU D 38 0.00 18.71 -0.71
N SER D 39 -0.34 19.88 -1.21
CA SER D 39 -0.82 19.99 -2.64
C SER D 39 -0.41 21.32 -3.27
N VAL D 40 -0.19 21.33 -4.58
CA VAL D 40 0.20 22.59 -5.29
C VAL D 40 -0.22 22.55 -6.77
N PHE D 41 0.19 23.52 -7.56
CA PHE D 41 -0.19 23.51 -9.01
C PHE D 41 1.06 23.45 -9.91
N THR D 42 2.06 24.25 -9.65
CA THR D 42 3.29 24.22 -10.51
C THR D 42 3.83 22.79 -10.62
N VAL D 43 3.73 22.21 -11.79
CA VAL D 43 4.24 20.81 -11.97
C VAL D 43 5.68 20.70 -11.46
N GLU D 44 5.93 19.80 -10.56
CA GLU D 44 7.32 19.64 -10.00
C GLU D 44 8.35 19.55 -11.13
N GLY D 45 8.33 18.50 -11.90
CA GLY D 45 9.32 18.37 -13.02
C GLY D 45 9.17 17.01 -13.68
N GLY D 46 8.84 15.99 -12.93
CA GLY D 46 8.69 14.63 -13.54
C GLY D 46 7.22 14.39 -13.88
N HIS D 47 6.49 15.42 -14.23
CA HIS D 47 5.06 15.25 -14.58
C HIS D 47 4.59 16.39 -15.48
N ARG D 48 3.58 16.15 -16.28
CA ARG D 48 3.09 17.17 -17.25
C ARG D 48 1.78 17.84 -16.74
N ALA D 49 1.48 19.06 -17.19
CA ALA D 49 0.24 19.79 -16.69
C ALA D 49 -0.96 19.74 -17.66
N ILE D 50 -2.14 19.87 -17.10
CA ILE D 50 -3.40 19.83 -17.90
C ILE D 50 -4.35 20.97 -17.43
N PHE D 51 -5.25 21.47 -18.27
CA PHE D 51 -6.13 22.62 -17.84
C PHE D 51 -7.64 22.35 -18.00
N PHE D 52 -8.43 22.81 -17.04
CA PHE D 52 -9.93 22.65 -17.11
C PHE D 52 -10.61 23.64 -16.14
N ASN D 53 -11.83 24.03 -16.43
CA ASN D 53 -12.56 24.98 -15.52
C ASN D 53 -13.80 24.31 -14.90
N ARG D 54 -14.23 24.74 -13.73
CA ARG D 54 -15.43 24.11 -13.08
C ARG D 54 -16.58 23.94 -14.09
N ILE D 55 -16.63 24.78 -15.09
CA ILE D 55 -17.71 24.66 -16.11
C ILE D 55 -17.17 24.04 -17.40
N GLY D 56 -17.75 22.95 -17.83
CA GLY D 56 -17.27 22.30 -19.09
C GLY D 56 -16.99 20.82 -18.82
N GLY D 57 -16.16 20.21 -19.63
CA GLY D 57 -15.84 18.77 -19.42
C GLY D 57 -14.47 18.64 -18.74
N VAL D 58 -14.40 17.93 -17.66
CA VAL D 58 -13.10 17.78 -16.94
C VAL D 58 -12.05 17.13 -17.86
N GLN D 59 -10.79 17.27 -17.53
CA GLN D 59 -9.72 16.67 -18.39
C GLN D 59 -9.18 15.40 -17.72
N GLN D 60 -8.29 15.55 -16.77
CA GLN D 60 -7.71 14.35 -16.08
C GLN D 60 -7.07 13.40 -17.09
N ASP D 61 -6.28 12.46 -16.62
CA ASP D 61 -5.62 11.49 -17.54
C ASP D 61 -4.85 12.23 -18.64
N THR D 62 -4.33 13.39 -18.35
CA THR D 62 -3.58 14.15 -19.38
C THR D 62 -2.21 14.60 -18.84
N ILE D 63 -1.38 15.21 -19.66
CA ILE D 63 -0.04 15.66 -19.19
C ILE D 63 0.67 16.53 -20.26
N LEU D 64 1.02 17.76 -19.91
CA LEU D 64 1.75 18.67 -20.87
C LEU D 64 3.17 18.96 -20.34
N ALA D 65 4.15 19.08 -21.22
CA ALA D 65 5.58 19.33 -20.78
C ALA D 65 5.69 20.26 -19.54
N GLU D 66 6.80 20.22 -18.84
CA GLU D 66 6.97 21.09 -17.62
C GLU D 66 7.07 22.57 -18.00
N GLY D 67 6.63 23.43 -17.12
CA GLY D 67 6.67 24.89 -17.38
C GLY D 67 6.55 25.61 -16.03
N LEU D 68 7.01 26.84 -15.92
CA LEU D 68 6.88 27.52 -14.60
C LEU D 68 5.61 28.36 -14.63
N HIS D 69 4.60 27.90 -13.94
CA HIS D 69 3.29 28.62 -13.90
C HIS D 69 2.50 28.16 -12.67
N PHE D 70 1.65 29.00 -12.14
CA PHE D 70 0.86 28.59 -10.95
C PHE D 70 -0.64 28.68 -11.26
N ARG D 71 -1.44 27.84 -10.64
CA ARG D 71 -2.90 27.90 -10.89
C ARG D 71 -3.49 29.14 -10.24
N ILE D 72 -3.03 30.29 -10.64
CA ILE D 72 -3.54 31.55 -10.04
C ILE D 72 -4.12 32.50 -11.11
N PRO D 73 -4.67 31.95 -12.18
CA PRO D 73 -5.24 32.80 -13.24
C PRO D 73 -6.61 33.35 -12.81
N TRP D 74 -7.65 32.55 -12.89
CA TRP D 74 -9.00 33.02 -12.48
C TRP D 74 -9.99 31.85 -12.41
N PHE D 75 -9.81 30.85 -13.24
CA PHE D 75 -10.75 29.70 -13.22
C PHE D 75 -10.08 28.42 -13.75
N GLN D 76 -8.91 28.09 -13.25
CA GLN D 76 -8.23 26.84 -13.70
C GLN D 76 -8.32 25.77 -12.60
N TYR D 77 -8.29 24.52 -12.97
CA TYR D 77 -8.40 23.43 -11.95
C TYR D 77 -7.15 22.55 -11.94
N PRO D 78 -6.89 21.95 -10.81
CA PRO D 78 -5.73 21.07 -10.67
C PRO D 78 -6.11 19.60 -10.84
N ILE D 79 -5.73 19.03 -11.94
CA ILE D 79 -5.99 17.58 -12.22
C ILE D 79 -4.96 17.16 -13.28
N ILE D 80 -4.00 16.35 -12.90
CA ILE D 80 -2.92 15.95 -13.87
C ILE D 80 -2.70 14.42 -13.86
N TYR D 81 -2.20 13.89 -14.95
CA TYR D 81 -1.97 12.41 -15.03
C TYR D 81 -0.48 12.11 -14.78
N ASP D 82 -0.18 10.94 -14.27
CA ASP D 82 1.25 10.60 -14.00
C ASP D 82 1.67 9.39 -14.86
N ILE D 83 2.92 9.33 -15.23
CA ILE D 83 3.40 8.19 -16.06
C ILE D 83 3.80 7.01 -15.17
N ARG D 84 3.63 5.81 -15.65
CA ARG D 84 4.00 4.62 -14.83
C ARG D 84 3.98 3.36 -15.71
N ALA D 85 4.37 2.24 -15.16
CA ALA D 85 4.37 0.98 -15.96
C ALA D 85 2.95 0.68 -16.47
N ARG D 86 2.85 0.11 -17.64
CA ARG D 86 1.49 -0.19 -18.19
C ARG D 86 1.29 -1.71 -18.34
N PRO D 87 0.47 -2.27 -17.49
CA PRO D 87 0.19 -3.72 -17.55
C PRO D 87 -1.16 -3.96 -18.25
N ARG D 88 -1.13 -4.49 -19.44
CA ARG D 88 -2.41 -4.75 -20.17
C ARG D 88 -2.15 -5.80 -21.28
N LYS D 89 -2.61 -7.03 -21.13
CA LYS D 89 -2.37 -8.08 -22.18
C LYS D 89 -3.32 -9.28 -22.05
N ILE D 90 -3.63 -9.97 -23.14
CA ILE D 90 -4.54 -11.18 -23.07
C ILE D 90 -4.25 -12.16 -24.21
N SER D 91 -4.56 -13.41 -23.99
CA SER D 91 -4.37 -14.44 -25.05
C SER D 91 -5.75 -14.74 -25.66
N SER D 92 -5.92 -14.52 -26.93
CA SER D 92 -7.26 -14.77 -27.55
C SER D 92 -7.30 -16.09 -28.32
N PRO D 93 -8.30 -16.90 -28.05
CA PRO D 93 -8.46 -18.19 -28.73
C PRO D 93 -9.48 -18.07 -29.86
N THR D 94 -9.04 -18.16 -31.09
CA THR D 94 -9.99 -18.04 -32.24
C THR D 94 -9.52 -18.92 -33.41
N GLY D 95 -10.36 -19.83 -33.84
CA GLY D 95 -9.98 -20.72 -34.98
C GLY D 95 -10.92 -20.48 -36.16
N SER D 96 -10.39 -20.05 -37.27
CA SER D 96 -11.26 -19.81 -38.46
C SER D 96 -10.56 -20.25 -39.74
N LYS D 97 -9.30 -19.92 -39.88
CA LYS D 97 -8.55 -20.33 -41.11
C LYS D 97 -7.82 -21.66 -40.86
N ASP D 98 -8.48 -22.61 -40.25
CA ASP D 98 -7.83 -23.92 -39.98
C ASP D 98 -8.87 -24.95 -39.52
N LEU D 99 -8.46 -26.17 -39.32
CA LEU D 99 -9.42 -27.21 -38.87
C LEU D 99 -9.16 -27.58 -37.40
N GLN D 100 -8.61 -26.67 -36.65
CA GLN D 100 -8.34 -26.96 -35.21
C GLN D 100 -8.53 -25.70 -34.37
N MET D 101 -8.03 -25.70 -33.16
CA MET D 101 -8.18 -24.50 -32.29
C MET D 101 -6.84 -23.76 -32.15
N VAL D 102 -6.74 -22.58 -32.68
CA VAL D 102 -5.46 -21.82 -32.56
C VAL D 102 -5.67 -20.58 -31.69
N ASN D 103 -4.69 -20.21 -30.91
CA ASN D 103 -4.84 -19.02 -30.03
C ASN D 103 -3.92 -17.89 -30.49
N ILE D 104 -4.47 -16.73 -30.72
CA ILE D 104 -3.64 -15.57 -31.16
C ILE D 104 -3.67 -14.47 -30.10
N SER D 105 -2.63 -13.69 -30.01
CA SER D 105 -2.61 -12.60 -28.99
C SER D 105 -2.10 -11.30 -29.61
N LEU D 106 -2.57 -10.18 -29.13
CA LEU D 106 -2.13 -8.87 -29.68
C LEU D 106 -2.37 -7.75 -28.66
N ARG D 107 -1.58 -6.71 -28.71
CA ARG D 107 -1.76 -5.58 -27.75
C ARG D 107 -1.13 -4.29 -28.30
N VAL D 108 -1.67 -3.16 -27.95
CA VAL D 108 -1.10 -1.87 -28.45
C VAL D 108 -0.55 -1.05 -27.28
N LEU D 109 0.44 -0.23 -27.52
CA LEU D 109 1.01 0.59 -26.41
C LEU D 109 1.12 2.06 -26.83
N SER D 110 1.02 2.96 -25.90
CA SER D 110 1.12 4.41 -26.23
C SER D 110 1.96 5.14 -25.20
N ARG D 111 2.92 5.92 -25.64
CA ARG D 111 3.79 6.66 -24.67
C ARG D 111 3.62 8.18 -24.86
N PRO D 112 3.39 8.88 -23.78
CA PRO D 112 3.21 10.35 -23.85
C PRO D 112 4.55 11.04 -24.11
N ASN D 113 4.69 11.68 -25.24
CA ASN D 113 5.97 12.37 -25.56
C ASN D 113 6.12 13.64 -24.69
N ALA D 114 5.15 14.52 -24.76
CA ALA D 114 5.23 15.77 -23.95
C ALA D 114 3.88 16.48 -23.95
N GLN D 115 3.47 16.99 -25.08
CA GLN D 115 2.17 17.71 -25.16
C GLN D 115 1.21 16.95 -26.08
N GLU D 116 0.83 15.74 -25.70
CA GLU D 116 -0.09 14.94 -26.55
C GLU D 116 -1.35 14.57 -25.77
N LEU D 117 -1.35 14.72 -24.47
CA LEU D 117 -2.55 14.36 -23.68
C LEU D 117 -3.62 15.47 -23.70
N PRO D 118 -3.22 16.73 -23.79
CA PRO D 118 -4.23 17.82 -23.79
C PRO D 118 -5.11 17.77 -25.04
N SER D 119 -4.54 17.69 -26.21
CA SER D 119 -5.39 17.62 -27.44
C SER D 119 -6.21 16.32 -27.43
N MET D 120 -5.63 15.26 -26.93
CA MET D 120 -6.35 13.96 -26.88
C MET D 120 -7.30 13.88 -25.68
N TYR D 121 -7.13 14.74 -24.70
CA TYR D 121 -8.01 14.70 -23.50
C TYR D 121 -9.50 14.55 -23.91
N GLN D 122 -10.02 15.47 -24.68
CA GLN D 122 -11.45 15.35 -25.11
C GLN D 122 -11.56 14.38 -26.29
N ARG D 123 -10.70 14.51 -27.26
CA ARG D 123 -10.76 13.61 -28.44
C ARG D 123 -10.68 12.14 -27.99
N LEU D 124 -9.67 11.80 -27.25
CA LEU D 124 -9.53 10.40 -26.77
C LEU D 124 -10.73 10.03 -25.89
N GLY D 125 -11.35 11.00 -25.26
CA GLY D 125 -12.52 10.71 -24.40
C GLY D 125 -12.05 10.46 -22.96
N LEU D 126 -11.28 11.35 -22.41
CA LEU D 126 -10.78 11.17 -21.01
C LEU D 126 -10.16 9.77 -20.85
N ASP D 127 -10.37 9.11 -19.75
CA ASP D 127 -9.79 7.75 -19.55
C ASP D 127 -10.44 6.75 -20.51
N TYR D 128 -10.11 6.81 -21.77
CA TYR D 128 -10.71 5.87 -22.75
C TYR D 128 -9.67 4.81 -23.19
N GLU D 129 -8.51 4.81 -22.60
CA GLU D 129 -7.48 3.81 -22.97
C GLU D 129 -7.99 2.40 -22.66
N GLU D 130 -8.55 2.20 -21.50
CA GLU D 130 -9.06 0.85 -21.14
C GLU D 130 -10.11 0.40 -22.14
N ARG D 131 -10.92 1.30 -22.63
CA ARG D 131 -11.97 0.93 -23.62
C ARG D 131 -11.37 0.83 -25.03
N VAL D 132 -10.50 1.74 -25.39
CA VAL D 132 -9.90 1.71 -26.75
C VAL D 132 -8.77 0.67 -26.82
N LEU D 133 -8.19 0.32 -25.71
CA LEU D 133 -7.08 -0.68 -25.73
C LEU D 133 -7.55 -2.00 -26.37
N PRO D 134 -8.56 -2.60 -25.79
CA PRO D 134 -9.08 -3.88 -26.33
C PRO D 134 -9.83 -3.63 -27.64
N SER D 135 -10.32 -2.44 -27.85
CA SER D 135 -11.07 -2.14 -29.11
C SER D 135 -10.20 -2.48 -30.33
N ILE D 136 -9.05 -1.87 -30.44
CA ILE D 136 -8.16 -2.15 -31.61
C ILE D 136 -7.39 -3.46 -31.38
N VAL D 137 -7.06 -3.76 -30.14
CA VAL D 137 -6.31 -5.02 -29.85
C VAL D 137 -7.21 -6.22 -30.13
N ASN D 138 -8.43 -6.19 -29.69
CA ASN D 138 -9.36 -7.34 -29.92
C ASN D 138 -9.92 -7.31 -31.35
N GLU D 139 -9.89 -6.17 -31.99
CA GLU D 139 -10.42 -6.09 -33.38
C GLU D 139 -9.39 -6.61 -34.38
N VAL D 140 -8.27 -5.94 -34.49
CA VAL D 140 -7.21 -6.40 -35.44
C VAL D 140 -6.88 -7.87 -35.20
N LEU D 141 -6.95 -8.31 -33.97
CA LEU D 141 -6.63 -9.74 -33.66
C LEU D 141 -7.64 -10.66 -34.36
N LYS D 142 -8.89 -10.28 -34.37
CA LYS D 142 -9.93 -11.14 -35.03
C LYS D 142 -9.77 -11.09 -36.56
N SER D 143 -9.26 -10.00 -37.07
CA SER D 143 -9.09 -9.90 -38.56
C SER D 143 -7.82 -10.62 -39.00
N VAL D 144 -6.84 -10.72 -38.12
CA VAL D 144 -5.57 -11.42 -38.50
C VAL D 144 -5.76 -12.94 -38.44
N VAL D 145 -6.53 -13.42 -37.51
CA VAL D 145 -6.75 -14.89 -37.41
C VAL D 145 -7.43 -15.42 -38.67
N ALA D 146 -8.56 -14.88 -39.03
CA ALA D 146 -9.27 -15.35 -40.26
C ALA D 146 -8.36 -15.18 -41.49
N LYS D 147 -7.39 -14.31 -41.41
CA LYS D 147 -6.48 -14.09 -42.57
C LYS D 147 -5.41 -15.18 -42.60
N PHE D 148 -4.59 -15.24 -41.59
CA PHE D 148 -3.51 -16.28 -41.56
C PHE D 148 -4.09 -17.63 -41.13
N ASN D 149 -3.24 -18.62 -41.02
CA ASN D 149 -3.74 -19.98 -40.61
C ASN D 149 -3.16 -20.36 -39.24
N ALA D 150 -3.60 -21.47 -38.69
CA ALA D 150 -3.07 -21.90 -37.37
C ALA D 150 -1.72 -22.59 -37.53
N SER D 151 -1.58 -23.42 -38.54
CA SER D 151 -0.29 -24.13 -38.76
C SER D 151 0.86 -23.13 -38.89
N GLN D 152 0.71 -22.14 -39.73
CA GLN D 152 1.80 -21.12 -39.90
C GLN D 152 2.03 -20.38 -38.59
N LEU D 153 1.08 -20.39 -37.70
CA LEU D 153 1.25 -19.67 -36.40
C LEU D 153 2.11 -20.51 -35.44
N ILE D 154 1.96 -21.81 -35.50
CA ILE D 154 2.77 -22.69 -34.60
C ILE D 154 4.25 -22.60 -34.96
N THR D 155 4.56 -22.34 -36.20
CA THR D 155 5.99 -22.24 -36.63
C THR D 155 6.70 -21.15 -35.82
N GLN D 156 6.01 -20.08 -35.51
CA GLN D 156 6.63 -18.97 -34.73
C GLN D 156 5.58 -17.93 -34.34
N ARG D 157 5.28 -17.84 -33.07
CA ARG D 157 4.25 -16.85 -32.62
C ARG D 157 4.68 -15.42 -33.00
N ALA D 158 5.94 -15.22 -33.26
CA ALA D 158 6.43 -13.85 -33.63
C ALA D 158 6.13 -13.55 -35.11
N GLN D 159 6.00 -14.58 -35.92
CA GLN D 159 5.72 -14.35 -37.37
C GLN D 159 4.42 -13.56 -37.54
N VAL D 160 3.51 -13.68 -36.60
CA VAL D 160 2.22 -12.93 -36.71
C VAL D 160 2.40 -11.49 -36.28
N SER D 161 3.32 -11.24 -35.37
CA SER D 161 3.54 -9.84 -34.90
C SER D 161 3.96 -8.95 -36.07
N LEU D 162 4.87 -9.40 -36.88
CA LEU D 162 5.33 -8.59 -38.05
C LEU D 162 4.14 -8.16 -38.91
N LEU D 163 3.12 -8.97 -38.99
CA LEU D 163 1.94 -8.62 -39.82
C LEU D 163 1.03 -7.65 -39.06
N ILE D 164 0.61 -8.02 -37.88
CA ILE D 164 -0.29 -7.13 -37.09
C ILE D 164 0.46 -5.86 -36.64
N ARG D 165 1.76 -5.89 -36.62
CA ARG D 165 2.52 -4.69 -36.20
C ARG D 165 2.14 -3.48 -37.05
N ARG D 166 2.23 -3.60 -38.34
CA ARG D 166 1.86 -2.46 -39.24
C ARG D 166 0.36 -2.16 -39.14
N GLU D 167 -0.43 -3.16 -38.83
CA GLU D 167 -1.90 -2.94 -38.73
C GLU D 167 -2.26 -2.30 -37.37
N LEU D 168 -1.63 -2.75 -36.31
CA LEU D 168 -1.93 -2.18 -34.98
C LEU D 168 -1.31 -0.79 -34.83
N THR D 169 -0.06 -0.65 -35.18
CA THR D 169 0.61 0.68 -35.07
C THR D 169 -0.15 1.73 -35.88
N GLU D 170 -0.93 1.31 -36.85
CA GLU D 170 -1.70 2.27 -37.68
C GLU D 170 -2.94 2.74 -36.92
N ARG D 171 -3.74 1.83 -36.44
CA ARG D 171 -4.96 2.22 -35.69
C ARG D 171 -4.59 3.07 -34.48
N ALA D 172 -3.58 2.69 -33.75
CA ALA D 172 -3.17 3.49 -32.56
C ALA D 172 -2.81 4.91 -32.98
N LYS D 173 -2.32 5.07 -34.18
CA LYS D 173 -1.95 6.44 -34.66
C LYS D 173 -3.19 7.33 -34.74
N ASP D 174 -4.35 6.74 -34.81
CA ASP D 174 -5.61 7.55 -34.88
C ASP D 174 -5.90 8.20 -33.54
N PHE D 175 -6.16 7.42 -32.52
CA PHE D 175 -6.46 8.01 -31.18
C PHE D 175 -5.29 8.89 -30.72
N SER D 176 -4.11 8.63 -31.23
CA SER D 176 -2.93 9.46 -30.83
C SER D 176 -1.74 9.13 -31.73
N LEU D 177 -0.93 10.11 -32.05
CA LEU D 177 0.25 9.85 -32.93
C LEU D 177 1.52 9.76 -32.10
N ILE D 178 2.09 8.59 -32.00
CA ILE D 178 3.34 8.42 -31.20
C ILE D 178 4.08 7.15 -31.64
N LEU D 179 5.38 7.14 -31.50
CA LEU D 179 6.16 5.94 -31.90
C LEU D 179 6.52 5.11 -30.67
N ASP D 180 5.94 3.94 -30.53
CA ASP D 180 6.22 3.10 -29.34
C ASP D 180 6.36 1.63 -29.75
N ASP D 181 7.09 0.86 -28.99
CA ASP D 181 7.27 -0.58 -29.32
C ASP D 181 6.35 -1.43 -28.45
N VAL D 182 5.71 -2.42 -29.02
CA VAL D 182 4.80 -3.27 -28.21
C VAL D 182 4.57 -4.64 -28.88
N ALA D 183 5.08 -5.68 -28.28
CA ALA D 183 4.88 -7.04 -28.86
C ALA D 183 4.04 -7.87 -27.88
N ILE D 184 3.30 -8.81 -28.36
CA ILE D 184 2.45 -9.64 -27.46
C ILE D 184 3.00 -11.06 -27.31
N THR D 185 2.71 -11.70 -26.22
CA THR D 185 3.18 -13.09 -26.00
C THR D 185 2.02 -14.04 -26.35
N GLU D 186 2.15 -14.77 -27.42
CA GLU D 186 1.03 -15.67 -27.85
C GLU D 186 1.28 -17.13 -27.49
N LEU D 187 0.21 -17.85 -27.28
CA LEU D 187 0.30 -19.30 -26.97
C LEU D 187 -0.70 -20.03 -27.88
N SER D 188 -0.28 -21.06 -28.55
CA SER D 188 -1.21 -21.77 -29.46
C SER D 188 -1.74 -23.06 -28.84
N PHE D 189 -2.93 -23.46 -29.23
CA PHE D 189 -3.53 -24.71 -28.66
C PHE D 189 -3.38 -25.86 -29.65
N SER D 190 -2.99 -27.01 -29.19
CA SER D 190 -2.83 -28.18 -30.10
C SER D 190 -3.23 -29.47 -29.39
N MET E 1 -31.66 64.01 7.67
CA MET E 1 -32.69 62.95 7.49
C MET E 1 -32.04 61.58 7.44
N ALA E 2 -32.82 60.54 7.27
CA ALA E 2 -32.26 59.16 7.20
C ALA E 2 -31.34 58.90 8.41
N GLN E 3 -31.87 58.33 9.46
CA GLN E 3 -31.04 58.05 10.66
C GLN E 3 -30.34 56.69 10.51
N ASN E 4 -30.92 55.79 9.75
CA ASN E 4 -30.29 54.45 9.56
C ASN E 4 -28.91 54.60 8.91
N LEU E 5 -28.71 55.63 8.14
CA LEU E 5 -27.39 55.83 7.48
C LEU E 5 -26.38 56.39 8.48
N LYS E 6 -26.80 57.22 9.38
CA LYS E 6 -25.87 57.80 10.38
C LYS E 6 -25.50 56.74 11.43
N ASP E 7 -26.41 55.86 11.74
CA ASP E 7 -26.11 54.80 12.75
C ASP E 7 -25.12 53.78 12.17
N LEU E 8 -25.12 53.60 10.88
CA LEU E 8 -24.19 52.62 10.26
C LEU E 8 -22.73 53.04 10.53
N ALA E 9 -22.33 54.18 10.04
CA ALA E 9 -20.93 54.64 10.28
C ALA E 9 -20.65 54.77 11.77
N GLY E 10 -21.68 54.87 12.57
CA GLY E 10 -21.45 55.00 14.05
C GLY E 10 -20.78 53.74 14.58
N ARG E 11 -20.87 52.65 13.87
CA ARG E 11 -20.22 51.38 14.35
C ARG E 11 -18.72 51.40 14.03
N LEU E 12 -18.30 52.20 13.09
CA LEU E 12 -16.86 52.26 12.74
C LEU E 12 -16.03 52.74 13.94
N PRO E 13 -16.37 53.90 14.46
CA PRO E 13 -15.63 54.45 15.61
C PRO E 13 -15.97 53.67 16.90
N ALA E 14 -17.09 53.01 16.92
CA ALA E 14 -17.48 52.23 18.14
C ALA E 14 -16.55 51.02 18.30
N GLY E 15 -15.33 51.24 18.71
CA GLY E 15 -14.39 50.10 18.89
C GLY E 15 -13.50 49.97 17.65
N PRO E 16 -12.58 50.89 17.50
CA PRO E 16 -11.66 50.87 16.34
C PRO E 16 -10.64 49.73 16.48
N ARG E 17 -10.26 49.42 17.69
CA ARG E 17 -9.26 48.33 17.90
C ARG E 17 -9.86 46.98 17.51
N GLY E 18 -11.17 46.89 17.46
CA GLY E 18 -11.83 45.60 17.09
C GLY E 18 -11.32 45.15 15.72
N MET E 19 -10.87 46.06 14.90
CA MET E 19 -10.37 45.68 13.55
C MET E 19 -9.05 44.92 13.67
N GLY E 20 -8.29 45.19 14.70
CA GLY E 20 -6.99 44.49 14.89
C GLY E 20 -7.24 42.98 15.07
N THR E 21 -8.22 42.63 15.86
CA THR E 21 -8.52 41.18 16.08
C THR E 21 -8.98 40.53 14.77
N ALA E 22 -9.53 41.30 13.87
CA ALA E 22 -9.99 40.73 12.57
C ALA E 22 -8.81 40.05 11.85
N LEU E 23 -7.63 40.56 12.03
CA LEU E 23 -6.44 39.94 11.35
C LEU E 23 -6.25 38.51 11.85
N LYS E 24 -6.40 38.29 13.13
CA LYS E 24 -6.22 36.92 13.69
C LYS E 24 -7.08 35.92 12.90
N LEU E 25 -8.26 36.33 12.51
CA LEU E 25 -9.16 35.42 11.74
C LEU E 25 -8.51 35.04 10.41
N LEU E 26 -8.01 36.02 9.69
CA LEU E 26 -7.36 35.71 8.37
C LEU E 26 -6.24 34.69 8.55
N LEU E 27 -5.49 34.80 9.62
CA LEU E 27 -4.37 33.84 9.85
C LEU E 27 -4.93 32.51 10.39
N GLY E 28 -5.93 32.59 11.22
CA GLY E 28 -6.52 31.33 11.78
C GLY E 28 -7.29 30.59 10.69
N ALA E 29 -7.83 31.32 9.74
CA ALA E 29 -8.59 30.66 8.64
C ALA E 29 -7.67 29.74 7.84
N GLY E 30 -6.43 30.12 7.69
CA GLY E 30 -5.48 29.26 6.93
C GLY E 30 -5.32 27.91 7.62
N ALA E 31 -5.39 27.91 8.93
CA ALA E 31 -5.25 26.62 9.68
C ALA E 31 -6.49 25.75 9.46
N VAL E 32 -7.65 26.35 9.49
CA VAL E 32 -8.91 25.56 9.28
C VAL E 32 -8.97 25.05 7.84
N ALA E 33 -8.37 25.76 6.92
CA ALA E 33 -8.39 25.32 5.50
C ALA E 33 -7.68 23.96 5.36
N TYR E 34 -6.73 23.69 6.22
CA TYR E 34 -6.01 22.39 6.13
C TYR E 34 -6.98 21.23 6.34
N GLY E 35 -7.80 21.30 7.36
CA GLY E 35 -8.78 20.21 7.62
C GLY E 35 -9.70 20.06 6.40
N VAL E 36 -9.97 21.14 5.73
CA VAL E 36 -10.86 21.08 4.53
C VAL E 36 -10.06 20.60 3.32
N ARG E 37 -8.78 20.88 3.28
CA ARG E 37 -7.95 20.45 2.12
C ARG E 37 -8.00 18.92 1.97
N GLU E 38 -8.17 18.22 3.05
CA GLU E 38 -8.21 16.72 2.98
C GLU E 38 -9.57 16.23 2.43
N SER E 39 -10.64 16.97 2.62
CA SER E 39 -11.98 16.52 2.10
C SER E 39 -12.74 17.66 1.39
N VAL E 40 -13.83 17.33 0.70
CA VAL E 40 -14.62 18.39 -0.03
C VAL E 40 -15.90 17.78 -0.64
N PHE E 41 -16.81 18.60 -1.15
CA PHE E 41 -18.07 18.04 -1.75
C PHE E 41 -18.04 18.18 -3.28
N THR E 42 -17.60 19.31 -3.81
CA THR E 42 -17.57 19.46 -5.31
C THR E 42 -16.79 18.30 -5.95
N VAL E 43 -17.46 17.48 -6.69
CA VAL E 43 -16.76 16.31 -7.34
C VAL E 43 -15.54 16.79 -8.13
N GLU E 44 -14.47 16.05 -8.08
CA GLU E 44 -13.24 16.45 -8.84
C GLU E 44 -12.83 15.36 -9.82
N GLY E 45 -12.24 15.72 -10.93
CA GLY E 45 -11.82 14.70 -11.93
C GLY E 45 -13.04 14.24 -12.73
N GLY E 46 -13.14 12.97 -13.02
CA GLY E 46 -14.29 12.47 -13.81
C GLY E 46 -15.21 11.63 -12.90
N HIS E 47 -15.45 12.11 -11.71
CA HIS E 47 -16.33 11.34 -10.78
C HIS E 47 -17.73 11.99 -10.73
N ARG E 48 -18.73 11.20 -10.44
CA ARG E 48 -20.14 11.71 -10.40
C ARG E 48 -20.62 11.93 -8.93
N ALA E 49 -21.57 12.83 -8.69
CA ALA E 49 -22.03 13.12 -7.28
C ALA E 49 -23.35 12.42 -6.91
N ILE E 50 -23.54 12.16 -5.62
CA ILE E 50 -24.78 11.46 -5.13
C ILE E 50 -25.21 12.09 -3.78
N PHE E 51 -26.49 12.06 -3.43
CA PHE E 51 -26.94 12.73 -2.16
C PHE E 51 -27.74 11.80 -1.21
N PHE E 52 -27.65 12.08 0.07
CA PHE E 52 -28.42 11.29 1.10
C PHE E 52 -28.49 12.08 2.42
N ASN E 53 -29.50 11.85 3.23
CA ASN E 53 -29.63 12.62 4.52
C ASN E 53 -29.53 11.67 5.73
N ARG E 54 -29.07 12.16 6.87
CA ARG E 54 -28.96 11.28 8.09
C ARG E 54 -30.27 10.53 8.32
N ILE E 55 -30.24 9.22 8.25
CA ILE E 55 -31.48 8.42 8.45
C ILE E 55 -32.57 8.88 7.47
N GLY E 56 -32.65 8.26 6.32
CA GLY E 56 -33.69 8.66 5.33
C GLY E 56 -33.29 8.18 3.94
N GLY E 57 -33.26 6.89 3.73
CA GLY E 57 -32.88 6.34 2.39
C GLY E 57 -31.38 6.04 2.38
N VAL E 58 -30.76 6.14 1.23
CA VAL E 58 -29.30 5.85 1.14
C VAL E 58 -28.77 6.22 -0.25
N GLN E 59 -27.51 6.61 -0.34
CA GLN E 59 -26.94 6.99 -1.66
C GLN E 59 -25.42 7.15 -1.54
N GLN E 60 -24.70 6.06 -1.40
CA GLN E 60 -23.22 6.15 -1.27
C GLN E 60 -22.54 5.58 -2.52
N ASP E 61 -22.64 4.30 -2.72
CA ASP E 61 -22.00 3.67 -3.91
C ASP E 61 -22.74 4.08 -5.19
N THR E 62 -22.64 5.32 -5.57
CA THR E 62 -23.33 5.80 -6.80
C THR E 62 -22.51 6.91 -7.49
N ILE E 63 -23.09 7.59 -8.45
CA ILE E 63 -22.34 8.67 -9.17
C ILE E 63 -23.26 9.40 -10.18
N LEU E 64 -23.38 10.72 -10.08
CA LEU E 64 -24.22 11.51 -11.05
C LEU E 64 -23.33 12.51 -11.85
N ALA E 65 -23.69 12.83 -13.07
CA ALA E 65 -22.87 13.77 -13.93
C ALA E 65 -22.20 14.92 -13.13
N GLU E 66 -21.17 15.53 -13.69
CA GLU E 66 -20.47 16.64 -12.96
C GLU E 66 -21.27 17.94 -13.00
N GLY E 67 -21.11 18.75 -11.99
CA GLY E 67 -21.84 20.05 -11.89
C GLY E 67 -21.09 20.94 -10.90
N LEU E 68 -21.22 22.23 -10.97
CA LEU E 68 -20.49 23.07 -9.98
C LEU E 68 -21.46 23.37 -8.83
N HIS E 69 -21.25 22.71 -7.72
CA HIS E 69 -22.15 22.89 -6.55
C HIS E 69 -21.44 22.37 -5.28
N PHE E 70 -21.77 22.90 -4.13
CA PHE E 70 -21.11 22.42 -2.88
C PHE E 70 -22.15 21.84 -1.91
N ARG E 71 -21.73 20.98 -1.01
CA ARG E 71 -22.70 20.40 -0.03
C ARG E 71 -23.02 21.42 1.05
N ILE E 72 -23.58 22.54 0.67
CA ILE E 72 -23.90 23.58 1.68
C ILE E 72 -25.40 23.93 1.70
N PRO E 73 -26.26 22.98 1.36
CA PRO E 73 -27.71 23.25 1.38
C PRO E 73 -28.24 23.28 2.82
N TRP E 74 -28.54 22.14 3.39
CA TRP E 74 -29.05 22.10 4.79
C TRP E 74 -28.94 20.68 5.36
N PHE E 75 -29.08 19.67 4.53
CA PHE E 75 -28.98 18.27 5.04
C PHE E 75 -28.48 17.30 3.95
N GLN E 76 -27.44 17.66 3.25
CA GLN E 76 -26.89 16.75 2.18
C GLN E 76 -25.62 16.08 2.68
N TYR E 77 -25.30 14.90 2.17
CA TYR E 77 -24.09 14.18 2.65
C TYR E 77 -23.14 13.83 1.50
N PRO E 78 -21.87 13.70 1.84
CA PRO E 78 -20.86 13.36 0.84
C PRO E 78 -20.52 11.86 0.86
N ILE E 79 -20.93 11.16 -0.16
CA ILE E 79 -20.62 9.70 -0.29
C ILE E 79 -20.77 9.37 -1.78
N ILE E 80 -19.69 9.15 -2.47
CA ILE E 80 -19.78 8.91 -3.95
C ILE E 80 -18.97 7.68 -4.38
N TYR E 81 -19.33 7.10 -5.50
CA TYR E 81 -18.60 5.89 -5.99
C TYR E 81 -17.57 6.30 -7.05
N ASP E 82 -16.51 5.54 -7.18
CA ASP E 82 -15.46 5.90 -8.19
C ASP E 82 -15.36 4.82 -9.26
N ILE E 83 -14.95 5.19 -10.45
CA ILE E 83 -14.81 4.19 -11.54
C ILE E 83 -13.44 3.53 -11.50
N ARG E 84 -13.34 2.29 -11.90
CA ARG E 84 -12.02 1.60 -11.88
C ARG E 84 -12.13 0.23 -12.58
N ALA E 85 -11.02 -0.38 -12.88
CA ALA E 85 -11.05 -1.71 -13.56
C ALA E 85 -11.79 -2.72 -12.69
N ARG E 86 -12.21 -3.82 -13.26
CA ARG E 86 -12.94 -4.85 -12.46
C ARG E 86 -12.62 -6.26 -12.95
N PRO E 87 -11.89 -6.99 -12.15
CA PRO E 87 -11.51 -8.37 -12.48
C PRO E 87 -12.44 -9.36 -11.77
N ARG E 88 -13.28 -10.04 -12.50
CA ARG E 88 -14.21 -11.00 -11.85
C ARG E 88 -14.69 -12.07 -12.89
N LYS E 89 -14.23 -13.31 -12.77
CA LYS E 89 -14.62 -14.40 -13.74
C LYS E 89 -14.38 -15.82 -13.15
N ILE E 90 -15.12 -16.82 -13.59
CA ILE E 90 -14.92 -18.22 -13.04
C ILE E 90 -15.04 -19.31 -14.11
N SER E 91 -14.42 -20.44 -13.87
CA SER E 91 -14.54 -21.58 -14.81
C SER E 91 -15.54 -22.58 -14.23
N SER E 92 -16.70 -22.72 -14.83
CA SER E 92 -17.71 -23.66 -14.27
C SER E 92 -18.02 -24.81 -15.25
N PRO E 93 -18.06 -26.02 -14.74
CA PRO E 93 -18.35 -27.20 -15.57
C PRO E 93 -19.84 -27.58 -15.43
N THR E 94 -20.53 -27.70 -16.53
CA THR E 94 -21.97 -28.08 -16.46
C THR E 94 -22.35 -28.95 -17.66
N GLY E 95 -22.70 -30.19 -17.41
CA GLY E 95 -23.09 -31.10 -18.54
C GLY E 95 -24.58 -31.41 -18.45
N SER E 96 -25.29 -31.27 -19.54
CA SER E 96 -26.75 -31.56 -19.53
C SER E 96 -27.25 -31.85 -20.95
N LYS E 97 -26.88 -31.02 -21.89
CA LYS E 97 -27.33 -31.26 -23.30
C LYS E 97 -26.64 -32.49 -23.88
N ASP E 98 -25.33 -32.52 -23.85
CA ASP E 98 -24.60 -33.69 -24.39
C ASP E 98 -24.23 -34.66 -23.26
N LEU E 99 -23.65 -35.78 -23.59
CA LEU E 99 -23.28 -36.77 -22.54
C LEU E 99 -21.86 -36.47 -22.01
N GLN E 100 -21.06 -35.82 -22.79
CA GLN E 100 -19.67 -35.50 -22.33
C GLN E 100 -19.70 -34.37 -21.31
N MET E 101 -18.56 -33.81 -21.00
CA MET E 101 -18.52 -32.70 -20.00
C MET E 101 -18.10 -31.39 -20.68
N VAL E 102 -18.61 -30.29 -20.22
CA VAL E 102 -18.24 -28.97 -20.84
C VAL E 102 -18.35 -27.85 -19.81
N ASN E 103 -17.35 -27.01 -19.73
CA ASN E 103 -17.40 -25.89 -18.75
C ASN E 103 -17.28 -24.55 -19.47
N ILE E 104 -18.15 -23.63 -19.18
CA ILE E 104 -18.09 -22.30 -19.86
C ILE E 104 -17.74 -21.20 -18.85
N SER E 105 -16.93 -20.26 -19.25
CA SER E 105 -16.55 -19.15 -18.33
C SER E 105 -16.72 -17.81 -19.03
N LEU E 106 -17.69 -17.03 -18.61
CA LEU E 106 -17.91 -15.70 -19.27
C LEU E 106 -17.77 -14.57 -18.24
N ARG E 107 -16.98 -13.58 -18.57
CA ARG E 107 -16.79 -12.43 -17.63
C ARG E 107 -17.51 -11.20 -18.19
N VAL E 108 -18.36 -10.59 -17.39
CA VAL E 108 -19.09 -9.39 -17.87
C VAL E 108 -18.46 -8.11 -17.30
N LEU E 109 -18.49 -7.05 -18.05
CA LEU E 109 -17.89 -5.77 -17.56
C LEU E 109 -18.99 -4.83 -17.09
N SER E 110 -18.88 -4.33 -15.89
CA SER E 110 -19.92 -3.39 -15.37
C SER E 110 -19.42 -1.95 -15.45
N ARG E 111 -20.00 -1.16 -16.31
CA ARG E 111 -19.56 0.26 -16.45
C ARG E 111 -20.65 1.19 -15.92
N PRO E 112 -20.24 2.27 -15.31
CA PRO E 112 -21.21 3.25 -14.77
C PRO E 112 -21.86 4.05 -15.90
N ASN E 113 -21.38 3.92 -17.11
CA ASN E 113 -21.98 4.67 -18.25
C ASN E 113 -22.03 6.17 -17.92
N ALA E 114 -22.98 6.87 -18.50
CA ALA E 114 -23.08 8.34 -18.22
C ALA E 114 -23.27 8.59 -16.72
N GLN E 115 -24.37 8.13 -16.17
CA GLN E 115 -24.62 8.34 -14.72
C GLN E 115 -25.87 7.57 -14.27
N GLU E 116 -26.73 8.18 -13.48
CA GLU E 116 -27.97 7.49 -13.03
C GLU E 116 -27.65 6.34 -12.07
N LEU E 117 -26.61 6.47 -11.27
CA LEU E 117 -26.27 5.38 -10.32
C LEU E 117 -27.30 5.31 -9.17
N PRO E 118 -27.74 6.45 -8.68
CA PRO E 118 -28.71 6.46 -7.55
C PRO E 118 -30.07 5.90 -7.97
N SER E 119 -30.52 6.14 -9.18
CA SER E 119 -31.84 5.59 -9.61
C SER E 119 -31.85 4.08 -9.38
N MET E 120 -30.89 3.39 -9.94
CA MET E 120 -30.82 1.92 -9.76
C MET E 120 -30.17 1.57 -8.42
N TYR E 121 -29.44 2.49 -7.82
CA TYR E 121 -28.76 2.19 -6.52
C TYR E 121 -29.75 1.57 -5.50
N GLN E 122 -30.72 2.32 -5.05
CA GLN E 122 -31.68 1.75 -4.05
C GLN E 122 -32.26 0.44 -4.58
N ARG E 123 -32.41 0.33 -5.87
CA ARG E 123 -32.93 -0.95 -6.46
C ARG E 123 -31.80 -1.97 -6.56
N LEU E 124 -30.58 -1.49 -6.65
CA LEU E 124 -29.41 -2.41 -6.75
C LEU E 124 -29.02 -2.90 -5.35
N GLY E 125 -28.65 -2.01 -4.48
CA GLY E 125 -28.25 -2.42 -3.10
C GLY E 125 -26.97 -1.70 -2.71
N LEU E 126 -26.85 -1.31 -1.47
CA LEU E 126 -25.61 -0.58 -1.02
C LEU E 126 -24.36 -1.41 -1.34
N ASP E 127 -23.72 -1.12 -2.43
CA ASP E 127 -22.49 -1.89 -2.82
C ASP E 127 -22.78 -3.40 -2.82
N TYR E 128 -23.39 -3.88 -3.88
CA TYR E 128 -23.71 -5.33 -3.95
C TYR E 128 -23.41 -5.88 -5.35
N GLU E 129 -22.44 -5.34 -6.02
CA GLU E 129 -22.10 -5.83 -7.39
C GLU E 129 -21.79 -7.33 -7.35
N GLU E 130 -21.19 -7.79 -6.28
CA GLU E 130 -20.85 -9.25 -6.18
C GLU E 130 -22.08 -10.11 -6.45
N ARG E 131 -23.26 -9.57 -6.24
CA ARG E 131 -24.50 -10.37 -6.48
C ARG E 131 -24.87 -10.38 -7.97
N VAL E 132 -25.10 -9.22 -8.53
CA VAL E 132 -25.51 -9.15 -9.97
C VAL E 132 -24.34 -9.49 -10.92
N LEU E 133 -23.12 -9.42 -10.47
CA LEU E 133 -21.98 -9.72 -11.38
C LEU E 133 -21.96 -11.22 -11.77
N PRO E 134 -21.79 -12.08 -10.81
CA PRO E 134 -21.75 -13.54 -11.10
C PRO E 134 -23.16 -14.11 -11.33
N SER E 135 -24.08 -13.80 -10.46
CA SER E 135 -25.47 -14.33 -10.60
C SER E 135 -26.02 -14.11 -12.01
N ILE E 136 -26.03 -12.89 -12.49
CA ILE E 136 -26.56 -12.62 -13.86
C ILE E 136 -25.92 -13.55 -14.89
N VAL E 137 -24.65 -13.81 -14.75
CA VAL E 137 -23.95 -14.72 -15.71
C VAL E 137 -24.23 -16.18 -15.36
N ASN E 138 -23.97 -16.56 -14.13
CA ASN E 138 -24.21 -17.97 -13.71
C ASN E 138 -25.64 -18.41 -14.07
N GLU E 139 -26.57 -17.50 -14.07
CA GLU E 139 -27.97 -17.85 -14.41
C GLU E 139 -28.12 -18.00 -15.94
N VAL E 140 -27.67 -17.03 -16.68
CA VAL E 140 -27.78 -17.12 -18.16
C VAL E 140 -26.84 -18.21 -18.70
N LEU E 141 -25.62 -18.21 -18.25
CA LEU E 141 -24.64 -19.24 -18.72
C LEU E 141 -25.20 -20.65 -18.47
N LYS E 142 -25.59 -20.94 -17.26
CA LYS E 142 -26.14 -22.29 -16.94
C LYS E 142 -27.29 -22.63 -17.88
N SER E 143 -28.06 -21.65 -18.28
CA SER E 143 -29.20 -21.92 -19.21
C SER E 143 -28.70 -22.03 -20.65
N VAL E 144 -27.57 -21.43 -20.95
CA VAL E 144 -27.03 -21.51 -22.33
C VAL E 144 -26.34 -22.85 -22.56
N VAL E 145 -25.53 -23.28 -21.61
CA VAL E 145 -24.82 -24.58 -21.78
C VAL E 145 -25.83 -25.73 -21.89
N ALA E 146 -26.91 -25.65 -21.15
CA ALA E 146 -27.94 -26.73 -21.22
C ALA E 146 -28.63 -26.72 -22.58
N LYS E 147 -28.82 -25.55 -23.14
CA LYS E 147 -29.50 -25.47 -24.47
C LYS E 147 -28.49 -25.80 -25.59
N PHE E 148 -27.33 -25.23 -25.55
CA PHE E 148 -26.31 -25.51 -26.60
C PHE E 148 -25.74 -26.92 -26.41
N ASN E 149 -25.17 -27.49 -27.45
CA ASN E 149 -24.59 -28.86 -27.32
C ASN E 149 -23.11 -28.78 -26.96
N ALA E 150 -22.54 -29.89 -26.55
CA ALA E 150 -21.09 -29.89 -26.17
C ALA E 150 -20.21 -29.96 -27.43
N SER E 151 -20.65 -30.69 -28.41
CA SER E 151 -19.85 -30.82 -29.67
C SER E 151 -19.72 -29.45 -30.35
N GLN E 152 -20.74 -28.65 -30.30
CA GLN E 152 -20.68 -27.30 -30.95
C GLN E 152 -19.93 -26.31 -30.05
N LEU E 153 -19.92 -26.56 -28.76
CA LEU E 153 -19.21 -25.63 -27.84
C LEU E 153 -17.70 -25.87 -27.91
N ILE E 154 -17.29 -27.10 -27.85
CA ILE E 154 -15.82 -27.41 -27.90
C ILE E 154 -15.24 -26.94 -29.24
N THR E 155 -16.02 -26.99 -30.30
CA THR E 155 -15.51 -26.55 -31.63
C THR E 155 -14.97 -25.12 -31.56
N GLN E 156 -15.70 -24.23 -30.94
CA GLN E 156 -15.23 -22.82 -30.83
C GLN E 156 -15.85 -22.14 -29.60
N ARG E 157 -15.06 -21.88 -28.60
CA ARG E 157 -15.60 -21.23 -27.36
C ARG E 157 -16.25 -19.88 -27.72
N ALA E 158 -15.88 -19.30 -28.83
CA ALA E 158 -16.48 -18.00 -29.24
C ALA E 158 -17.86 -18.21 -29.87
N GLN E 159 -18.08 -19.36 -30.45
CA GLN E 159 -19.40 -19.62 -31.09
C GLN E 159 -20.53 -19.59 -30.05
N VAL E 160 -20.28 -20.13 -28.88
CA VAL E 160 -21.33 -20.14 -27.82
C VAL E 160 -21.58 -18.71 -27.30
N SER E 161 -20.65 -17.82 -27.50
CA SER E 161 -20.84 -16.42 -27.01
C SER E 161 -21.82 -15.68 -27.91
N LEU E 162 -22.00 -16.13 -29.11
CA LEU E 162 -22.95 -15.44 -30.04
C LEU E 162 -24.37 -15.48 -29.46
N LEU E 163 -24.78 -16.61 -28.95
CA LEU E 163 -26.15 -16.72 -28.37
C LEU E 163 -26.21 -15.96 -27.04
N ILE E 164 -25.14 -15.95 -26.30
CA ILE E 164 -25.14 -15.23 -24.99
C ILE E 164 -25.06 -13.72 -25.22
N ARG E 165 -24.39 -13.30 -26.26
CA ARG E 165 -24.28 -11.83 -26.54
C ARG E 165 -25.67 -11.22 -26.67
N ARG E 166 -26.65 -12.00 -27.07
CA ARG E 166 -28.03 -11.45 -27.21
C ARG E 166 -28.71 -11.38 -25.83
N GLU E 167 -28.47 -12.34 -24.99
CA GLU E 167 -29.10 -12.32 -23.64
C GLU E 167 -28.34 -11.37 -22.71
N LEU E 168 -27.05 -11.27 -22.87
CA LEU E 168 -26.25 -10.36 -22.00
C LEU E 168 -26.66 -8.91 -22.23
N THR E 169 -27.09 -8.59 -23.42
CA THR E 169 -27.51 -7.19 -23.72
C THR E 169 -28.75 -6.83 -22.89
N GLU E 170 -29.74 -7.69 -22.90
CA GLU E 170 -30.98 -7.41 -22.11
C GLU E 170 -30.71 -7.55 -20.61
N ARG E 171 -29.72 -8.32 -20.24
CA ARG E 171 -29.40 -8.50 -18.80
C ARG E 171 -28.61 -7.30 -18.29
N ALA E 172 -27.84 -6.67 -19.14
CA ALA E 172 -27.04 -5.49 -18.70
C ALA E 172 -27.94 -4.26 -18.61
N LYS E 173 -28.85 -4.10 -19.53
CA LYS E 173 -29.77 -2.93 -19.51
C LYS E 173 -30.75 -3.05 -18.33
N ASP E 174 -30.95 -4.24 -17.84
CA ASP E 174 -31.90 -4.42 -16.70
C ASP E 174 -31.47 -3.55 -15.52
N PHE E 175 -30.33 -3.83 -14.93
CA PHE E 175 -29.85 -3.01 -13.80
C PHE E 175 -29.43 -1.63 -14.29
N SER E 176 -30.35 -0.72 -14.41
CA SER E 176 -30.02 0.65 -14.90
C SER E 176 -29.46 0.59 -16.32
N LEU E 177 -28.94 1.68 -16.82
CA LEU E 177 -28.37 1.68 -18.20
C LEU E 177 -26.85 1.63 -18.14
N ILE E 178 -26.27 0.53 -18.56
CA ILE E 178 -24.79 0.41 -18.52
C ILE E 178 -24.28 -0.27 -19.81
N LEU E 179 -23.08 0.04 -20.21
CA LEU E 179 -22.52 -0.58 -21.45
C LEU E 179 -21.55 -1.70 -21.07
N ASP E 180 -21.51 -2.74 -21.85
CA ASP E 180 -20.59 -3.88 -21.54
C ASP E 180 -20.25 -4.67 -22.80
N ASP E 181 -19.11 -5.30 -22.83
CA ASP E 181 -18.71 -6.09 -24.05
C ASP E 181 -18.97 -7.58 -23.79
N VAL E 182 -19.40 -8.30 -24.78
CA VAL E 182 -19.68 -9.75 -24.58
C VAL E 182 -18.55 -10.61 -25.15
N ALA E 183 -17.90 -11.36 -24.31
CA ALA E 183 -16.79 -12.25 -24.77
C ALA E 183 -16.59 -13.35 -23.74
N ILE E 184 -16.10 -14.49 -24.14
CA ILE E 184 -15.92 -15.59 -23.15
C ILE E 184 -14.54 -16.23 -23.24
N THR E 185 -13.79 -16.20 -22.17
CA THR E 185 -12.46 -16.87 -22.15
C THR E 185 -12.65 -18.19 -21.42
N GLU E 186 -12.60 -19.30 -22.11
CA GLU E 186 -12.86 -20.59 -21.42
C GLU E 186 -12.28 -21.80 -22.14
N LEU E 187 -11.97 -22.82 -21.39
CA LEU E 187 -11.45 -24.08 -21.97
C LEU E 187 -12.45 -25.19 -21.63
N SER E 188 -12.76 -26.05 -22.55
CA SER E 188 -13.78 -27.11 -22.26
C SER E 188 -13.10 -28.47 -21.98
N PHE E 189 -13.77 -29.30 -21.22
CA PHE E 189 -13.19 -30.64 -20.88
C PHE E 189 -13.84 -31.72 -21.76
N SER E 190 -13.12 -32.78 -22.03
CA SER E 190 -13.67 -33.87 -22.87
C SER E 190 -13.26 -35.24 -22.32
N MET F 1 -41.86 40.33 40.21
CA MET F 1 -40.72 40.09 41.12
C MET F 1 -39.51 39.56 40.35
N ALA F 2 -38.70 40.45 39.82
CA ALA F 2 -37.51 40.00 39.04
C ALA F 2 -36.49 41.14 38.93
N GLN F 3 -35.79 41.43 40.01
CA GLN F 3 -34.79 42.54 39.97
C GLN F 3 -33.45 42.02 39.43
N ASN F 4 -33.04 40.86 39.88
CA ASN F 4 -31.75 40.29 39.41
C ASN F 4 -31.80 40.03 37.91
N LEU F 5 -32.98 39.90 37.35
CA LEU F 5 -33.11 39.64 35.88
C LEU F 5 -32.39 40.74 35.09
N LYS F 6 -32.44 41.95 35.56
CA LYS F 6 -31.76 43.07 34.83
C LYS F 6 -30.26 42.82 34.78
N ASP F 7 -29.69 42.29 35.82
CA ASP F 7 -28.22 42.01 35.83
C ASP F 7 -27.92 40.73 35.06
N LEU F 8 -28.86 39.83 34.96
CA LEU F 8 -28.63 38.56 34.22
C LEU F 8 -28.27 38.87 32.75
N ALA F 9 -28.96 39.78 32.14
CA ALA F 9 -28.66 40.12 30.72
C ALA F 9 -27.21 40.62 30.60
N GLY F 10 -26.74 41.33 31.59
CA GLY F 10 -25.34 41.86 31.54
C GLY F 10 -24.36 40.71 31.73
N ARG F 11 -24.80 39.61 32.29
CA ARG F 11 -23.88 38.45 32.51
C ARG F 11 -23.50 37.81 31.18
N LEU F 12 -24.35 37.91 30.18
CA LEU F 12 -24.02 37.30 28.87
C LEU F 12 -22.75 37.92 28.29
N PRO F 13 -22.76 39.22 28.10
CA PRO F 13 -21.58 39.93 27.55
C PRO F 13 -20.47 40.00 28.61
N ALA F 14 -19.59 39.04 28.63
CA ALA F 14 -18.49 39.04 29.64
C ALA F 14 -17.62 40.29 29.47
N GLY F 15 -18.00 41.38 30.10
CA GLY F 15 -17.20 42.63 29.98
C GLY F 15 -17.14 43.07 28.51
N PRO F 16 -16.73 44.30 28.31
CA PRO F 16 -16.63 44.84 26.93
C PRO F 16 -15.42 44.24 26.21
N ARG F 17 -14.32 44.10 26.90
CA ARG F 17 -13.10 43.53 26.26
C ARG F 17 -13.19 42.00 26.21
N GLY F 18 -13.89 41.41 27.15
CA GLY F 18 -14.02 39.93 27.16
C GLY F 18 -14.62 39.45 25.84
N MET F 19 -15.46 40.25 25.23
CA MET F 19 -16.08 39.84 23.93
C MET F 19 -15.01 39.79 22.84
N GLY F 20 -14.03 40.66 22.91
CA GLY F 20 -12.96 40.66 21.88
C GLY F 20 -12.14 39.37 22.00
N THR F 21 -11.76 39.02 23.19
CA THR F 21 -10.96 37.77 23.39
C THR F 21 -11.75 36.56 22.90
N ALA F 22 -13.06 36.65 22.91
CA ALA F 22 -13.90 35.50 22.45
C ALA F 22 -13.49 35.09 21.03
N LEU F 23 -12.95 35.99 20.26
CA LEU F 23 -12.53 35.65 18.87
C LEU F 23 -11.42 34.61 18.91
N LYS F 24 -10.44 34.81 19.76
CA LYS F 24 -9.32 33.82 19.86
C LYS F 24 -9.87 32.41 20.05
N LEU F 25 -11.01 32.30 20.69
CA LEU F 25 -11.62 30.96 20.91
C LEU F 25 -12.26 30.44 19.62
N LEU F 26 -12.79 31.32 18.82
CA LEU F 26 -13.43 30.88 17.54
C LEU F 26 -12.43 30.10 16.68
N LEU F 27 -11.32 30.71 16.34
CA LEU F 27 -10.31 30.01 15.51
C LEU F 27 -9.81 28.75 16.24
N GLY F 28 -9.70 28.81 17.53
CA GLY F 28 -9.23 27.61 18.29
C GLY F 28 -10.24 26.48 18.11
N ALA F 29 -11.49 26.81 17.92
CA ALA F 29 -12.52 25.76 17.73
C ALA F 29 -12.31 25.07 16.38
N GLY F 30 -11.94 25.81 15.37
CA GLY F 30 -11.72 25.21 14.03
C GLY F 30 -10.57 24.21 14.10
N ALA F 31 -9.53 24.55 14.82
CA ALA F 31 -8.36 23.62 14.94
C ALA F 31 -8.83 22.29 15.56
N VAL F 32 -9.66 22.36 16.56
CA VAL F 32 -10.15 21.10 17.21
C VAL F 32 -11.02 20.31 16.22
N ALA F 33 -11.65 20.99 15.30
CA ALA F 33 -12.52 20.29 14.32
C ALA F 33 -11.66 19.41 13.40
N TYR F 34 -10.47 19.84 13.09
CA TYR F 34 -9.58 19.02 12.21
C TYR F 34 -9.32 17.66 12.84
N GLY F 35 -9.06 17.63 14.12
CA GLY F 35 -8.80 16.33 14.81
C GLY F 35 -10.03 15.44 14.68
N VAL F 36 -11.19 16.02 14.63
CA VAL F 36 -12.44 15.21 14.50
C VAL F 36 -12.63 14.79 13.03
N ARG F 37 -12.16 15.58 12.11
CA ARG F 37 -12.31 15.22 10.66
C ARG F 37 -11.67 13.86 10.37
N GLU F 38 -10.65 13.51 11.10
CA GLU F 38 -9.98 12.20 10.86
C GLU F 38 -10.76 11.05 11.52
N SER F 39 -11.46 11.31 12.61
CA SER F 39 -12.24 10.21 13.28
C SER F 39 -13.64 10.69 13.71
N VAL F 40 -14.59 9.79 13.79
CA VAL F 40 -15.98 10.18 14.21
C VAL F 40 -16.78 8.94 14.64
N PHE F 41 -17.95 9.13 15.22
CA PHE F 41 -18.78 7.95 15.65
C PHE F 41 -20.10 7.87 14.86
N THR F 42 -20.56 8.96 14.30
CA THR F 42 -21.84 8.90 13.52
C THR F 42 -21.73 7.83 12.43
N VAL F 43 -22.67 6.92 12.39
CA VAL F 43 -22.62 5.84 11.35
C VAL F 43 -22.49 6.50 9.96
N GLU F 44 -21.36 6.34 9.30
CA GLU F 44 -21.16 6.99 7.96
C GLU F 44 -21.03 5.97 6.83
N GLY F 45 -22.05 5.79 6.02
CA GLY F 45 -21.95 4.82 4.88
C GLY F 45 -23.16 3.88 4.86
N GLY F 46 -22.94 2.64 4.55
CA GLY F 46 -24.06 1.64 4.52
C GLY F 46 -23.67 0.42 5.34
N HIS F 47 -23.83 0.50 6.63
CA HIS F 47 -23.46 -0.62 7.54
C HIS F 47 -24.21 -0.48 8.88
N ARG F 48 -24.33 -1.54 9.62
CA ARG F 48 -25.07 -1.48 10.92
C ARG F 48 -24.08 -1.27 12.08
N ALA F 49 -24.51 -0.66 13.17
CA ALA F 49 -23.56 -0.33 14.29
C ALA F 49 -23.56 -1.31 15.48
N ILE F 50 -22.46 -1.32 16.21
CA ILE F 50 -22.27 -2.23 17.39
C ILE F 50 -22.02 -1.43 18.69
N PHE F 51 -22.35 -2.00 19.83
CA PHE F 51 -22.16 -1.25 21.13
C PHE F 51 -21.35 -2.06 22.16
N PHE F 52 -20.42 -1.42 22.82
CA PHE F 52 -19.60 -2.10 23.87
C PHE F 52 -18.98 -1.04 24.82
N ASN F 53 -18.71 -1.39 26.06
CA ASN F 53 -18.15 -0.37 27.02
C ASN F 53 -16.77 -0.79 27.58
N ARG F 54 -15.96 0.18 27.98
CA ARG F 54 -14.59 -0.14 28.53
C ARG F 54 -14.69 -1.28 29.56
N ILE F 55 -15.68 -1.25 30.42
CA ILE F 55 -15.82 -2.34 31.43
C ILE F 55 -16.03 -3.68 30.72
N GLY F 56 -14.95 -4.36 30.41
CA GLY F 56 -15.09 -5.67 29.70
C GLY F 56 -15.19 -5.41 28.20
N GLY F 57 -14.32 -4.60 27.67
CA GLY F 57 -14.36 -4.29 26.21
C GLY F 57 -14.36 -5.59 25.40
N VAL F 58 -15.04 -5.61 24.29
CA VAL F 58 -15.09 -6.85 23.47
C VAL F 58 -15.64 -6.53 22.07
N GLN F 59 -14.83 -5.97 21.21
CA GLN F 59 -15.32 -5.64 19.84
C GLN F 59 -14.28 -6.01 18.79
N GLN F 60 -14.71 -6.58 17.70
CA GLN F 60 -13.76 -6.97 16.61
C GLN F 60 -14.46 -6.87 15.25
N ASP F 61 -15.24 -7.85 14.90
CA ASP F 61 -15.97 -7.80 13.60
C ASP F 61 -17.18 -6.85 13.75
N THR F 62 -18.30 -7.16 13.13
CA THR F 62 -19.50 -6.27 13.25
C THR F 62 -19.21 -4.86 12.70
N ILE F 63 -19.89 -4.48 11.63
CA ILE F 63 -19.64 -3.14 10.92
C ILE F 63 -20.53 -1.97 11.39
N LEU F 64 -20.59 -0.89 10.59
CA LEU F 64 -21.44 0.33 10.95
C LEU F 64 -21.29 1.49 9.93
N ALA F 65 -22.40 2.00 9.40
CA ALA F 65 -22.32 3.18 8.45
C ALA F 65 -23.71 3.58 7.87
N GLU F 66 -24.25 4.72 8.26
CA GLU F 66 -25.59 5.18 7.71
C GLU F 66 -26.14 6.42 8.48
N GLY F 67 -26.56 6.23 9.70
CA GLY F 67 -27.16 7.37 10.50
C GLY F 67 -26.14 7.92 11.51
N LEU F 68 -26.32 9.13 12.00
CA LEU F 68 -25.30 9.66 12.97
C LEU F 68 -25.80 9.44 14.42
N HIS F 69 -25.27 8.43 15.08
CA HIS F 69 -25.66 8.16 16.51
C HIS F 69 -24.69 7.16 17.17
N PHE F 70 -23.83 7.58 18.08
CA PHE F 70 -22.92 6.60 18.78
C PHE F 70 -21.73 7.32 19.44
N ARG F 71 -21.02 6.61 20.29
CA ARG F 71 -19.83 7.18 20.98
C ARG F 71 -20.16 8.57 21.56
N ILE F 72 -21.40 8.81 21.88
CA ILE F 72 -21.79 10.12 22.47
C ILE F 72 -21.47 10.16 23.97
N PRO F 73 -21.95 9.17 24.70
CA PRO F 73 -21.69 9.12 26.16
C PRO F 73 -20.24 8.68 26.42
N TRP F 74 -19.94 8.27 27.63
CA TRP F 74 -18.55 7.82 27.93
C TRP F 74 -18.53 6.33 28.28
N PHE F 75 -19.66 5.77 28.63
CA PHE F 75 -19.69 4.32 28.96
C PHE F 75 -20.14 3.49 27.75
N GLN F 76 -19.85 3.97 26.58
CA GLN F 76 -20.25 3.22 25.34
C GLN F 76 -19.15 3.32 24.29
N TYR F 77 -19.03 2.33 23.44
CA TYR F 77 -17.97 2.37 22.40
C TYR F 77 -18.37 1.51 21.20
N PRO F 78 -18.43 2.12 20.05
CA PRO F 78 -18.78 1.38 18.84
C PRO F 78 -17.53 1.02 18.04
N ILE F 79 -17.15 -0.23 18.05
CA ILE F 79 -15.99 -0.67 17.23
C ILE F 79 -16.59 -1.46 16.07
N ILE F 80 -16.57 -0.91 14.89
CA ILE F 80 -17.24 -1.60 13.73
C ILE F 80 -16.24 -2.20 12.74
N TYR F 81 -16.70 -3.19 12.04
CA TYR F 81 -15.89 -3.93 11.04
C TYR F 81 -16.21 -3.42 9.63
N ASP F 82 -15.28 -3.50 8.72
CA ASP F 82 -15.57 -3.01 7.33
C ASP F 82 -15.21 -4.09 6.30
N ILE F 83 -15.88 -4.10 5.17
CA ILE F 83 -15.63 -5.13 4.12
C ILE F 83 -14.12 -5.39 3.91
N ARG F 84 -13.77 -6.56 3.45
CA ARG F 84 -12.34 -6.90 3.21
C ARG F 84 -12.22 -8.29 2.59
N ALA F 85 -11.50 -8.42 1.50
CA ALA F 85 -11.35 -9.76 0.85
C ALA F 85 -10.20 -10.54 1.49
N ARG F 86 -10.05 -11.79 1.14
CA ARG F 86 -8.94 -12.61 1.73
C ARG F 86 -8.63 -13.83 0.85
N PRO F 87 -7.40 -14.26 0.89
CA PRO F 87 -6.96 -15.43 0.10
C PRO F 87 -6.96 -16.68 0.99
N ARG F 88 -7.77 -17.66 0.66
CA ARG F 88 -7.83 -18.90 1.49
C ARG F 88 -8.41 -20.07 0.64
N LYS F 89 -7.58 -21.06 0.30
CA LYS F 89 -8.06 -22.21 -0.55
C LYS F 89 -7.66 -23.58 0.06
N ILE F 90 -8.38 -24.63 -0.30
CA ILE F 90 -8.09 -26.00 0.29
C ILE F 90 -7.28 -26.89 -0.66
N SER F 91 -6.57 -27.83 -0.09
CA SER F 91 -5.79 -28.81 -0.89
C SER F 91 -5.51 -30.04 -0.03
N SER F 92 -6.16 -31.15 -0.31
CA SER F 92 -5.91 -32.37 0.51
C SER F 92 -6.37 -33.64 -0.22
N PRO F 93 -5.67 -34.71 -0.02
CA PRO F 93 -6.02 -36.00 -0.65
C PRO F 93 -6.78 -36.86 0.36
N THR F 94 -8.05 -37.08 0.15
CA THR F 94 -8.84 -37.92 1.11
C THR F 94 -9.27 -39.23 0.45
N GLY F 95 -9.46 -40.26 1.23
CA GLY F 95 -9.89 -41.56 0.66
C GLY F 95 -10.79 -42.27 1.66
N SER F 96 -12.06 -42.39 1.36
CA SER F 96 -13.00 -43.07 2.28
C SER F 96 -14.04 -43.87 1.50
N LYS F 97 -15.03 -43.21 0.95
CA LYS F 97 -16.06 -43.95 0.16
C LYS F 97 -15.41 -44.61 -1.05
N ASP F 98 -15.98 -45.69 -1.55
CA ASP F 98 -15.39 -46.38 -2.73
C ASP F 98 -13.97 -46.84 -2.41
N LEU F 99 -13.22 -47.24 -3.41
CA LEU F 99 -11.83 -47.70 -3.15
C LEU F 99 -10.83 -46.87 -3.98
N GLN F 100 -10.61 -45.64 -3.58
CA GLN F 100 -9.65 -44.77 -4.33
C GLN F 100 -9.40 -43.47 -3.56
N MET F 101 -8.57 -42.61 -4.07
CA MET F 101 -8.29 -41.33 -3.36
C MET F 101 -9.06 -40.18 -4.04
N VAL F 102 -9.98 -39.58 -3.34
CA VAL F 102 -10.74 -38.45 -3.94
C VAL F 102 -10.20 -37.13 -3.41
N ASN F 103 -9.80 -36.25 -4.28
CA ASN F 103 -9.24 -34.95 -3.83
C ASN F 103 -10.29 -33.84 -3.97
N ILE F 104 -10.60 -33.18 -2.89
CA ILE F 104 -11.61 -32.09 -2.95
C ILE F 104 -11.17 -30.92 -2.07
N SER F 105 -11.33 -29.72 -2.54
CA SER F 105 -10.91 -28.53 -1.75
C SER F 105 -11.85 -27.35 -2.05
N LEU F 106 -12.43 -26.77 -1.03
CA LEU F 106 -13.37 -25.62 -1.26
C LEU F 106 -12.89 -24.37 -0.52
N ARG F 107 -12.97 -23.23 -1.16
CA ARG F 107 -12.53 -21.97 -0.49
C ARG F 107 -13.75 -21.10 -0.17
N VAL F 108 -13.67 -20.30 0.87
CA VAL F 108 -14.83 -19.43 1.24
C VAL F 108 -14.37 -17.98 1.42
N LEU F 109 -15.18 -17.03 1.00
CA LEU F 109 -14.81 -15.61 1.16
C LEU F 109 -15.66 -14.95 2.25
N SER F 110 -15.13 -13.95 2.91
CA SER F 110 -15.91 -13.27 3.98
C SER F 110 -16.37 -11.89 3.52
N ARG F 111 -17.57 -11.51 3.86
CA ARG F 111 -18.09 -10.17 3.43
C ARG F 111 -19.22 -9.72 4.36
N PRO F 112 -18.97 -8.69 5.12
CA PRO F 112 -19.99 -8.16 6.06
C PRO F 112 -21.10 -7.45 5.28
N ASN F 113 -21.82 -8.17 4.46
CA ASN F 113 -22.92 -7.53 3.67
C ASN F 113 -24.26 -7.79 4.36
N ALA F 114 -24.38 -7.45 5.62
CA ALA F 114 -25.66 -7.67 6.34
C ALA F 114 -25.64 -6.94 7.69
N GLN F 115 -26.42 -7.39 8.64
CA GLN F 115 -26.44 -6.73 9.97
C GLN F 115 -26.46 -7.80 11.08
N GLU F 116 -26.98 -7.46 12.23
CA GLU F 116 -27.04 -8.44 13.35
C GLU F 116 -25.62 -8.96 13.67
N LEU F 117 -24.65 -8.08 13.67
CA LEU F 117 -23.25 -8.51 13.98
C LEU F 117 -23.02 -8.65 15.49
N PRO F 118 -23.71 -7.87 16.30
CA PRO F 118 -23.50 -7.95 17.78
C PRO F 118 -24.01 -9.28 18.36
N SER F 119 -25.26 -9.62 18.14
CA SER F 119 -25.79 -10.91 18.70
C SER F 119 -24.87 -12.06 18.30
N MET F 120 -24.50 -12.11 17.05
CA MET F 120 -23.61 -13.21 16.58
C MET F 120 -22.15 -12.92 16.93
N TYR F 121 -21.81 -11.68 17.19
CA TYR F 121 -20.39 -11.33 17.52
C TYR F 121 -19.84 -12.25 18.62
N GLN F 122 -20.37 -12.15 19.81
CA GLN F 122 -19.88 -13.01 20.92
C GLN F 122 -20.22 -14.48 20.65
N ARG F 123 -21.27 -14.73 19.92
CA ARG F 123 -21.64 -16.15 19.60
C ARG F 123 -20.75 -16.67 18.46
N LEU F 124 -20.15 -15.79 17.72
CA LEU F 124 -19.26 -16.21 16.60
C LEU F 124 -17.95 -16.78 17.14
N GLY F 125 -17.41 -16.18 18.17
CA GLY F 125 -16.13 -16.69 18.74
C GLY F 125 -15.02 -15.66 18.51
N LEU F 126 -13.80 -16.02 18.80
CA LEU F 126 -12.67 -15.07 18.59
C LEU F 126 -11.94 -15.38 17.28
N ASP F 127 -11.59 -16.62 17.07
CA ASP F 127 -10.87 -16.99 15.81
C ASP F 127 -11.88 -17.19 14.67
N TYR F 128 -12.32 -16.11 14.07
CA TYR F 128 -13.31 -16.23 12.96
C TYR F 128 -12.61 -16.69 11.67
N GLU F 129 -11.95 -15.79 10.98
CA GLU F 129 -11.25 -16.17 9.72
C GLU F 129 -10.24 -17.30 9.98
N GLU F 130 -9.83 -17.46 11.21
CA GLU F 130 -8.84 -18.54 11.51
C GLU F 130 -9.52 -19.90 11.64
N ARG F 131 -10.35 -20.08 12.64
CA ARG F 131 -11.03 -21.40 12.84
C ARG F 131 -12.29 -21.53 11.96
N VAL F 132 -13.27 -20.70 12.20
CA VAL F 132 -14.56 -20.79 11.43
C VAL F 132 -14.34 -20.93 9.92
N LEU F 133 -13.54 -20.08 9.33
CA LEU F 133 -13.34 -20.15 7.85
C LEU F 133 -13.00 -21.59 7.40
N PRO F 134 -11.87 -22.11 7.83
CA PRO F 134 -11.49 -23.48 7.42
C PRO F 134 -12.34 -24.53 8.15
N SER F 135 -12.73 -24.26 9.36
CA SER F 135 -13.55 -25.26 10.12
C SER F 135 -14.77 -25.69 9.30
N ILE F 136 -15.68 -24.79 9.04
CA ILE F 136 -16.91 -25.15 8.25
C ILE F 136 -16.50 -25.78 6.92
N VAL F 137 -15.31 -25.51 6.45
CA VAL F 137 -14.87 -26.10 5.15
C VAL F 137 -14.38 -27.53 5.36
N ASN F 138 -13.30 -27.70 6.07
CA ASN F 138 -12.76 -29.07 6.31
C ASN F 138 -13.80 -29.94 7.01
N GLU F 139 -14.62 -29.36 7.84
CA GLU F 139 -15.66 -30.17 8.56
C GLU F 139 -16.59 -30.87 7.56
N VAL F 140 -17.31 -30.11 6.78
CA VAL F 140 -18.24 -30.74 5.79
C VAL F 140 -17.46 -31.32 4.61
N LEU F 141 -16.31 -30.78 4.32
CA LEU F 141 -15.50 -31.30 3.18
C LEU F 141 -15.13 -32.77 3.42
N LYS F 142 -14.34 -33.03 4.42
CA LYS F 142 -13.93 -34.44 4.71
C LYS F 142 -15.16 -35.30 5.03
N SER F 143 -16.25 -34.68 5.43
CA SER F 143 -17.47 -35.47 5.77
C SER F 143 -18.23 -35.87 4.49
N VAL F 144 -18.52 -34.91 3.64
CA VAL F 144 -19.27 -35.24 2.39
C VAL F 144 -18.45 -36.17 1.49
N VAL F 145 -17.16 -36.24 1.70
CA VAL F 145 -16.30 -37.14 0.86
C VAL F 145 -16.52 -38.60 1.27
N ALA F 146 -16.74 -38.84 2.53
CA ALA F 146 -16.95 -40.24 3.00
C ALA F 146 -18.35 -40.72 2.60
N LYS F 147 -19.28 -39.82 2.43
CA LYS F 147 -20.66 -40.22 2.03
C LYS F 147 -20.73 -40.50 0.53
N PHE F 148 -20.38 -39.52 -0.28
CA PHE F 148 -20.43 -39.72 -1.76
C PHE F 148 -19.28 -40.62 -2.21
N ASN F 149 -19.40 -41.22 -3.37
CA ASN F 149 -18.31 -42.11 -3.88
C ASN F 149 -17.20 -41.30 -4.53
N ALA F 150 -16.08 -41.90 -4.79
CA ALA F 150 -14.95 -41.16 -5.42
C ALA F 150 -15.16 -41.03 -6.94
N SER F 151 -15.49 -42.11 -7.60
CA SER F 151 -15.71 -42.06 -9.07
C SER F 151 -16.79 -41.03 -9.41
N GLN F 152 -17.85 -41.00 -8.65
CA GLN F 152 -18.94 -40.01 -8.93
C GLN F 152 -18.41 -38.58 -8.81
N LEU F 153 -17.38 -38.39 -8.04
CA LEU F 153 -16.81 -37.01 -7.89
C LEU F 153 -15.97 -36.65 -9.11
N ILE F 154 -15.29 -37.61 -9.69
CA ILE F 154 -14.46 -37.31 -10.89
C ILE F 154 -15.34 -36.89 -12.06
N THR F 155 -16.59 -37.27 -12.05
CA THR F 155 -17.51 -36.89 -13.16
C THR F 155 -17.52 -35.37 -13.34
N GLN F 156 -18.00 -34.65 -12.35
CA GLN F 156 -18.04 -33.16 -12.46
C GLN F 156 -17.79 -32.53 -11.09
N ARG F 157 -16.78 -31.73 -10.96
CA ARG F 157 -16.48 -31.08 -9.65
C ARG F 157 -17.67 -30.22 -9.20
N ALA F 158 -18.54 -29.87 -10.11
CA ALA F 158 -19.71 -29.03 -9.73
C ALA F 158 -20.80 -29.89 -9.09
N GLN F 159 -20.92 -31.12 -9.50
CA GLN F 159 -21.96 -32.02 -8.91
C GLN F 159 -21.74 -32.15 -7.40
N VAL F 160 -20.54 -32.47 -6.99
CA VAL F 160 -20.27 -32.62 -5.54
C VAL F 160 -20.39 -31.26 -4.84
N SER F 161 -20.07 -30.20 -5.54
CA SER F 161 -20.16 -28.85 -4.93
C SER F 161 -21.60 -28.55 -4.51
N LEU F 162 -22.55 -29.10 -5.22
CA LEU F 162 -23.99 -28.86 -4.86
C LEU F 162 -24.29 -29.45 -3.48
N LEU F 163 -23.74 -30.59 -3.18
CA LEU F 163 -23.98 -31.22 -1.85
C LEU F 163 -23.33 -30.38 -0.75
N ILE F 164 -22.16 -29.85 -1.01
CA ILE F 164 -21.47 -29.02 0.02
C ILE F 164 -22.05 -27.60 0.03
N ARG F 165 -22.41 -27.09 -1.13
CA ARG F 165 -22.98 -25.72 -1.19
C ARG F 165 -24.26 -25.64 -0.36
N ARG F 166 -25.07 -26.66 -0.41
CA ARG F 166 -26.34 -26.64 0.38
C ARG F 166 -26.04 -26.89 1.86
N GLU F 167 -25.25 -27.90 2.14
CA GLU F 167 -24.92 -28.19 3.57
C GLU F 167 -24.15 -27.02 4.18
N LEU F 168 -23.34 -26.35 3.40
CA LEU F 168 -22.57 -25.19 3.95
C LEU F 168 -23.51 -24.01 4.22
N THR F 169 -24.58 -23.91 3.48
CA THR F 169 -25.53 -22.79 3.71
C THR F 169 -26.19 -22.91 5.08
N GLU F 170 -26.34 -24.12 5.56
CA GLU F 170 -26.97 -24.33 6.90
C GLU F 170 -26.04 -23.81 8.00
N ARG F 171 -24.80 -24.21 7.99
CA ARG F 171 -23.85 -23.75 9.03
C ARG F 171 -23.32 -22.34 8.70
N ALA F 172 -23.43 -21.94 7.46
CA ALA F 172 -22.93 -20.59 7.07
C ALA F 172 -23.65 -19.50 7.86
N LYS F 173 -24.92 -19.33 7.66
CA LYS F 173 -25.68 -18.28 8.41
C LYS F 173 -25.63 -18.55 9.91
N ASP F 174 -25.39 -19.76 10.30
CA ASP F 174 -25.33 -20.09 11.76
C ASP F 174 -24.25 -19.24 12.45
N PHE F 175 -23.23 -18.85 11.73
CA PHE F 175 -22.15 -18.02 12.33
C PHE F 175 -22.19 -16.61 11.75
N SER F 176 -22.74 -15.68 12.48
CA SER F 176 -22.81 -14.26 11.97
C SER F 176 -23.55 -14.22 10.63
N LEU F 177 -23.91 -13.03 10.19
CA LEU F 177 -24.62 -12.92 8.89
C LEU F 177 -23.66 -12.45 7.80
N ILE F 178 -23.35 -13.32 6.88
CA ILE F 178 -22.40 -12.93 5.78
C ILE F 178 -22.71 -13.75 4.53
N LEU F 179 -22.41 -13.22 3.38
CA LEU F 179 -22.67 -13.97 2.11
C LEU F 179 -21.37 -14.58 1.59
N ASP F 180 -21.26 -15.87 1.65
CA ASP F 180 -20.01 -16.54 1.17
C ASP F 180 -20.27 -17.28 -0.15
N ASP F 181 -19.26 -17.44 -0.96
CA ASP F 181 -19.44 -18.15 -2.26
C ASP F 181 -18.93 -19.59 -2.13
N VAL F 182 -19.65 -20.54 -2.66
CA VAL F 182 -19.20 -21.95 -2.57
C VAL F 182 -18.60 -22.41 -3.90
N ALA F 183 -17.32 -22.69 -3.92
CA ALA F 183 -16.67 -23.13 -5.18
C ALA F 183 -15.39 -23.90 -4.86
N ILE F 184 -15.01 -24.82 -5.70
CA ILE F 184 -13.77 -25.61 -5.42
C ILE F 184 -12.91 -25.75 -6.67
N THR F 185 -11.63 -25.56 -6.54
CA THR F 185 -10.72 -25.74 -7.72
C THR F 185 -9.67 -26.78 -7.39
N GLU F 186 -9.81 -27.96 -7.92
CA GLU F 186 -8.80 -29.02 -7.63
C GLU F 186 -8.92 -30.18 -8.60
N LEU F 187 -7.97 -30.35 -9.49
CA LEU F 187 -8.07 -31.53 -10.39
C LEU F 187 -6.85 -32.42 -10.17
N SER F 188 -7.03 -33.47 -9.42
CA SER F 188 -5.92 -34.41 -9.15
C SER F 188 -6.48 -35.70 -8.55
N PHE F 189 -6.50 -36.77 -9.27
CA PHE F 189 -7.05 -38.02 -8.69
C PHE F 189 -6.59 -39.25 -9.49
N SER F 190 -5.94 -40.18 -8.86
CA SER F 190 -5.46 -41.40 -9.58
C SER F 190 -6.64 -42.30 -9.93
N MET A 1 -10.33 28.08 63.39
CA MET A 1 -10.45 29.57 63.33
C MET A 1 -9.23 30.17 62.62
N ALA A 2 -9.38 30.58 61.39
CA ALA A 2 -8.22 31.17 60.65
C ALA A 2 -8.73 32.21 59.65
N GLN A 3 -8.30 33.44 59.80
CA GLN A 3 -8.75 34.51 58.86
C GLN A 3 -7.93 34.45 57.56
N ASN A 4 -6.71 34.00 57.64
CA ASN A 4 -5.86 33.91 56.41
C ASN A 4 -6.48 32.93 55.42
N LEU A 5 -7.26 31.99 55.89
CA LEU A 5 -7.89 30.99 54.97
C LEU A 5 -8.87 31.70 54.03
N LYS A 6 -9.57 32.69 54.52
CA LYS A 6 -10.54 33.42 53.66
C LYS A 6 -9.81 34.11 52.50
N ASP A 7 -8.55 34.38 52.67
CA ASP A 7 -7.78 35.05 51.57
C ASP A 7 -7.47 34.05 50.45
N LEU A 8 -7.18 32.83 50.80
CA LEU A 8 -6.88 31.82 49.74
C LEU A 8 -8.08 31.64 48.82
N ALA A 9 -9.24 31.40 49.37
CA ALA A 9 -10.46 31.21 48.53
C ALA A 9 -10.78 32.50 47.76
N GLY A 10 -10.37 33.62 48.29
CA GLY A 10 -10.66 34.91 47.59
C GLY A 10 -9.76 35.05 46.36
N ARG A 11 -8.68 34.32 46.31
CA ARG A 11 -7.77 34.42 45.14
C ARG A 11 -8.38 33.73 43.91
N LEU A 12 -9.21 32.74 44.13
CA LEU A 12 -9.83 32.02 42.98
C LEU A 12 -10.69 32.98 42.15
N PRO A 13 -11.66 33.59 42.80
CA PRO A 13 -12.55 34.55 42.10
C PRO A 13 -11.80 35.85 41.78
N ALA A 14 -10.86 36.21 42.61
CA ALA A 14 -10.09 37.47 42.36
C ALA A 14 -8.76 37.15 41.67
N GLY A 15 -8.81 36.84 40.40
CA GLY A 15 -7.54 36.51 39.66
C GLY A 15 -7.01 37.77 38.98
N PRO A 16 -5.73 37.78 38.73
CA PRO A 16 -5.09 38.93 38.07
C PRO A 16 -5.46 38.98 36.58
N ARG A 17 -4.74 39.73 35.80
CA ARG A 17 -5.05 39.82 34.34
C ARG A 17 -4.75 38.47 33.67
N GLY A 18 -3.95 37.64 34.29
CA GLY A 18 -3.61 36.31 33.69
C GLY A 18 -4.88 35.60 33.25
N MET A 19 -6.00 35.87 33.87
CA MET A 19 -7.27 35.19 33.47
C MET A 19 -7.53 35.42 31.98
N GLY A 20 -7.01 36.50 31.43
CA GLY A 20 -7.21 36.76 29.97
C GLY A 20 -6.29 35.86 29.15
N THR A 21 -5.17 35.49 29.72
CA THR A 21 -4.22 34.60 28.98
C THR A 21 -4.56 33.13 29.25
N ALA A 22 -5.17 32.85 30.37
CA ALA A 22 -5.52 31.43 30.69
C ALA A 22 -6.31 30.79 29.55
N LEU A 23 -7.11 31.55 28.85
CA LEU A 23 -7.90 30.97 27.72
C LEU A 23 -6.97 30.58 26.57
N LYS A 24 -5.90 31.31 26.38
CA LYS A 24 -4.95 30.96 25.27
C LYS A 24 -4.54 29.49 25.39
N LEU A 25 -4.52 28.98 26.59
CA LEU A 25 -4.15 27.55 26.80
C LEU A 25 -5.32 26.64 26.42
N LEU A 26 -6.52 27.04 26.73
CA LEU A 26 -7.71 26.20 26.39
C LEU A 26 -7.76 25.95 24.88
N LEU A 27 -7.31 26.90 24.09
CA LEU A 27 -7.32 26.71 22.61
C LEU A 27 -6.10 25.90 22.18
N GLY A 28 -4.97 26.13 22.81
CA GLY A 28 -3.74 25.37 22.43
C GLY A 28 -3.89 23.91 22.87
N ALA A 29 -4.65 23.67 23.91
CA ALA A 29 -4.84 22.26 24.38
C ALA A 29 -5.43 21.40 23.25
N GLY A 30 -6.27 21.97 22.44
CA GLY A 30 -6.87 21.19 21.33
C GLY A 30 -5.77 20.80 20.34
N ALA A 31 -4.85 21.69 20.08
CA ALA A 31 -3.75 21.37 19.12
C ALA A 31 -2.91 20.22 19.67
N VAL A 32 -2.67 20.19 20.95
CA VAL A 32 -1.86 19.08 21.54
C VAL A 32 -2.60 17.75 21.38
N ALA A 33 -3.90 17.77 21.46
CA ALA A 33 -4.68 16.51 21.30
C ALA A 33 -4.52 15.96 19.88
N TYR A 34 -4.31 16.83 18.92
CA TYR A 34 -4.15 16.37 17.51
C TYR A 34 -2.99 15.39 17.40
N GLY A 35 -1.84 15.74 17.92
CA GLY A 35 -0.66 14.83 17.85
C GLY A 35 -0.98 13.51 18.57
N VAL A 36 -1.70 13.58 19.65
CA VAL A 36 -2.06 12.34 20.41
C VAL A 36 -3.21 11.60 19.72
N ARG A 37 -4.07 12.32 19.05
CA ARG A 37 -5.22 11.65 18.36
C ARG A 37 -4.74 10.53 17.45
N GLU A 38 -3.54 10.63 16.92
CA GLU A 38 -3.01 9.56 16.02
C GLU A 38 -2.63 8.30 16.83
N SER A 39 -2.26 8.44 18.09
CA SER A 39 -1.86 7.22 18.89
C SER A 39 -2.46 7.24 20.32
N VAL A 40 -2.54 6.09 20.97
CA VAL A 40 -3.10 6.02 22.36
C VAL A 40 -2.55 4.79 23.12
N PHE A 41 -3.07 4.50 24.30
CA PHE A 41 -2.56 3.30 25.07
C PHE A 41 -3.72 2.34 25.43
N THR A 42 -4.84 2.85 25.91
CA THR A 42 -5.97 1.93 26.28
C THR A 42 -6.30 0.98 25.13
N VAL A 43 -6.13 -0.30 25.35
CA VAL A 43 -6.43 -1.29 24.26
C VAL A 43 -7.87 -1.10 23.75
N GLU A 44 -8.01 -0.70 22.52
CA GLU A 44 -9.38 -0.49 21.96
C GLU A 44 -10.20 -1.78 22.02
N GLY A 45 -9.90 -2.74 21.18
CA GLY A 45 -10.66 -4.02 21.20
C GLY A 45 -10.02 -5.01 20.24
N GLY A 46 -10.32 -6.28 20.38
CA GLY A 46 -9.73 -7.30 19.48
C GLY A 46 -8.20 -7.28 19.59
N HIS A 47 -7.69 -6.76 20.67
CA HIS A 47 -6.21 -6.70 20.85
C HIS A 47 -5.85 -6.79 22.34
N ARG A 48 -4.67 -7.28 22.63
CA ARG A 48 -4.24 -7.45 24.05
C ARG A 48 -3.09 -6.45 24.40
N ALA A 49 -2.93 -6.08 25.67
CA ALA A 49 -1.86 -5.06 26.04
C ALA A 49 -0.57 -5.70 26.62
N ILE A 50 0.56 -5.02 26.44
CA ILE A 50 1.87 -5.54 26.96
C ILE A 50 2.69 -4.39 27.59
N PHE A 51 3.55 -4.70 28.55
CA PHE A 51 4.35 -3.62 29.23
C PHE A 51 5.87 -3.82 29.09
N PHE A 52 6.62 -2.73 29.14
CA PHE A 52 8.10 -2.82 29.05
C PHE A 52 8.76 -1.55 29.62
N ASN A 53 9.96 -1.66 30.13
CA ASN A 53 10.64 -0.45 30.72
C ASN A 53 11.85 -0.05 29.88
N ARG A 54 12.21 1.22 29.88
CA ARG A 54 13.40 1.67 29.09
C ARG A 54 14.68 1.35 29.87
N ILE A 55 14.89 0.12 30.21
CA ILE A 55 16.12 -0.27 30.96
C ILE A 55 16.60 -1.65 30.52
N GLY A 56 15.90 -2.68 30.90
CA GLY A 56 16.30 -4.06 30.50
C GLY A 56 15.05 -4.88 30.20
N GLY A 57 15.16 -5.88 29.37
CA GLY A 57 13.97 -6.71 29.03
C GLY A 57 12.94 -5.85 28.31
N VAL A 58 12.68 -6.15 27.06
CA VAL A 58 11.68 -5.33 26.30
C VAL A 58 10.65 -6.22 25.63
N GLN A 59 9.66 -5.64 25.01
CA GLN A 59 8.60 -6.45 24.33
C GLN A 59 8.38 -5.92 22.91
N GLN A 60 8.41 -6.80 21.93
CA GLN A 60 8.20 -6.35 20.53
C GLN A 60 6.78 -6.72 20.06
N ASP A 61 6.51 -7.99 19.89
CA ASP A 61 5.16 -8.41 19.43
C ASP A 61 4.48 -9.27 20.50
N THR A 62 3.66 -8.67 21.33
CA THR A 62 2.98 -9.46 22.40
C THR A 62 1.51 -9.00 22.55
N ILE A 63 0.78 -9.53 23.51
CA ILE A 63 -0.66 -9.12 23.70
C ILE A 63 -1.29 -9.79 24.96
N LEU A 64 -1.84 -8.99 25.86
CA LEU A 64 -2.52 -9.55 27.11
C LEU A 64 -4.03 -9.14 27.14
N ALA A 65 -4.88 -9.96 27.74
CA ALA A 65 -6.38 -9.67 27.80
C ALA A 65 -6.73 -8.16 27.88
N GLU A 66 -7.95 -7.82 27.53
CA GLU A 66 -8.40 -6.37 27.56
C GLU A 66 -8.63 -5.88 29.00
N GLY A 67 -8.43 -4.61 29.20
CA GLY A 67 -8.63 -4.00 30.55
C GLY A 67 -8.81 -2.48 30.38
N LEU A 68 -9.45 -1.81 31.30
CA LEU A 68 -9.60 -0.33 31.12
C LEU A 68 -8.47 0.36 31.90
N HIS A 69 -7.48 0.84 31.18
CA HIS A 69 -6.32 1.51 31.84
C HIS A 69 -5.56 2.35 30.79
N PHE A 70 -5.01 3.47 31.19
CA PHE A 70 -4.22 4.27 30.21
C PHE A 70 -2.99 3.46 29.81
N ARG A 71 -1.92 4.08 29.39
CA ARG A 71 -0.72 3.28 29.02
C ARG A 71 -0.31 2.42 30.24
N ILE A 72 0.54 2.93 31.09
CA ILE A 72 0.95 2.15 32.30
C ILE A 72 1.75 3.05 33.24
N PRO A 73 2.07 2.55 34.41
CA PRO A 73 2.82 3.37 35.41
C PRO A 73 4.23 3.73 34.90
N TRP A 74 4.94 4.52 35.66
CA TRP A 74 6.31 4.95 35.25
C TRP A 74 7.16 3.75 34.83
N PHE A 75 8.17 3.98 34.02
CA PHE A 75 9.05 2.86 33.57
C PHE A 75 8.22 1.73 32.93
N GLN A 76 7.31 2.08 32.06
CA GLN A 76 6.47 1.01 31.40
C GLN A 76 5.88 1.55 30.10
N TYR A 77 6.10 0.86 29.00
CA TYR A 77 5.54 1.33 27.70
C TYR A 77 4.71 0.22 27.06
N PRO A 78 3.72 0.61 26.30
CA PRO A 78 2.87 -0.38 25.65
C PRO A 78 3.25 -0.58 24.17
N ILE A 79 3.85 -1.71 23.87
CA ILE A 79 4.16 -2.05 22.45
C ILE A 79 3.37 -3.33 22.22
N ILE A 80 2.29 -3.25 21.49
CA ILE A 80 1.41 -4.44 21.33
C ILE A 80 1.46 -5.07 19.93
N TYR A 81 1.12 -6.34 19.88
CA TYR A 81 1.10 -7.09 18.58
C TYR A 81 -0.34 -7.14 18.06
N ASP A 82 -0.54 -7.00 16.78
CA ASP A 82 -1.93 -7.02 16.24
C ASP A 82 -1.99 -7.63 14.83
N ILE A 83 -3.14 -8.17 14.46
CA ILE A 83 -3.34 -8.80 13.11
C ILE A 83 -2.95 -10.29 13.13
N ARG A 84 -3.71 -11.11 12.45
CA ARG A 84 -3.40 -12.58 12.43
C ARG A 84 -3.17 -13.03 10.98
N ALA A 85 -3.42 -14.29 10.70
CA ALA A 85 -3.22 -14.82 9.31
C ALA A 85 -1.75 -14.69 8.93
N ARG A 86 -1.17 -15.72 8.35
CA ARG A 86 0.26 -15.65 7.97
C ARG A 86 0.59 -16.70 6.89
N PRO A 87 1.18 -16.24 5.80
CA PRO A 87 1.55 -17.14 4.69
C PRO A 87 3.03 -17.51 4.75
N ARG A 88 3.33 -18.75 5.02
CA ARG A 88 4.75 -19.20 5.11
C ARG A 88 4.82 -20.74 4.93
N LYS A 89 5.35 -21.23 3.81
CA LYS A 89 5.37 -22.73 3.60
C LYS A 89 6.44 -23.20 2.56
N ILE A 90 6.89 -24.44 2.67
CA ILE A 90 7.90 -25.00 1.71
C ILE A 90 7.55 -26.43 1.31
N SER A 91 8.02 -26.87 0.17
CA SER A 91 7.75 -28.27 -0.28
C SER A 91 9.00 -29.12 -0.03
N SER A 92 8.88 -30.24 0.62
CA SER A 92 10.09 -31.08 0.89
C SER A 92 9.72 -32.54 1.17
N PRO A 93 10.08 -33.42 0.27
CA PRO A 93 9.81 -34.86 0.43
C PRO A 93 11.08 -35.58 0.92
N THR A 94 11.01 -36.26 2.02
CA THR A 94 12.23 -36.99 2.53
C THR A 94 11.83 -38.12 3.48
N GLY A 95 12.63 -39.15 3.55
CA GLY A 95 12.31 -40.30 4.46
C GLY A 95 13.62 -40.98 4.86
N SER A 96 14.01 -40.86 6.11
CA SER A 96 15.28 -41.50 6.56
C SER A 96 15.22 -43.02 6.36
N LYS A 97 14.05 -43.59 6.45
CA LYS A 97 13.92 -45.07 6.25
C LYS A 97 14.59 -45.49 4.94
N ASP A 98 14.67 -44.58 4.00
CA ASP A 98 15.33 -44.91 2.70
C ASP A 98 16.63 -44.10 2.56
N LEU A 99 16.78 -43.07 3.34
CA LEU A 99 18.03 -42.24 3.28
C LEU A 99 18.25 -41.70 1.85
N GLN A 100 19.37 -41.08 1.62
CA GLN A 100 19.67 -40.52 0.26
C GLN A 100 18.66 -39.43 -0.11
N MET A 101 17.93 -38.92 0.85
CA MET A 101 16.94 -37.85 0.55
C MET A 101 16.61 -37.04 1.80
N VAL A 102 16.91 -35.77 1.81
CA VAL A 102 16.61 -34.92 3.01
C VAL A 102 15.78 -33.70 2.60
N ASN A 103 14.70 -33.44 3.29
CA ASN A 103 13.84 -32.28 2.94
C ASN A 103 13.03 -31.79 4.15
N ILE A 104 12.69 -30.52 4.19
CA ILE A 104 11.91 -29.99 5.33
C ILE A 104 10.73 -29.12 4.84
N SER A 105 9.51 -29.59 4.99
CA SER A 105 8.33 -28.80 4.55
C SER A 105 7.13 -29.07 5.47
N LEU A 106 6.71 -28.10 6.22
CA LEU A 106 5.54 -28.31 7.12
C LEU A 106 4.91 -26.96 7.49
N ARG A 107 3.61 -26.92 7.59
CA ARG A 107 2.92 -25.64 7.95
C ARG A 107 2.28 -25.74 9.33
N VAL A 108 2.43 -24.74 10.14
CA VAL A 108 1.83 -24.77 11.51
C VAL A 108 1.18 -23.43 11.83
N LEU A 109 0.17 -23.43 12.66
CA LEU A 109 -0.51 -22.15 13.00
C LEU A 109 -0.53 -21.95 14.52
N SER A 110 -0.42 -20.72 14.96
CA SER A 110 -0.44 -20.45 16.43
C SER A 110 -1.74 -19.72 16.80
N ARG A 111 -2.20 -19.91 18.01
CA ARG A 111 -3.47 -19.23 18.43
C ARG A 111 -3.20 -18.16 19.49
N PRO A 112 -3.33 -16.92 19.10
CA PRO A 112 -3.10 -15.80 20.03
C PRO A 112 -4.36 -15.54 20.87
N ASN A 113 -4.35 -15.89 22.12
CA ASN A 113 -5.55 -15.65 22.98
C ASN A 113 -5.21 -15.87 24.45
N ALA A 114 -4.93 -17.08 24.84
CA ALA A 114 -4.59 -17.36 26.27
C ALA A 114 -3.29 -16.63 26.66
N GLN A 115 -2.87 -16.78 27.88
CA GLN A 115 -1.62 -16.11 28.33
C GLN A 115 -0.40 -16.71 27.62
N GLU A 116 0.04 -16.09 26.56
CA GLU A 116 1.22 -16.62 25.81
C GLU A 116 2.18 -15.48 25.46
N LEU A 117 1.65 -14.37 25.02
CA LEU A 117 2.53 -13.22 24.64
C LEU A 117 2.97 -12.39 25.87
N PRO A 118 2.26 -12.48 26.98
CA PRO A 118 2.65 -11.71 28.18
C PRO A 118 3.79 -12.41 28.95
N SER A 119 3.64 -13.67 29.26
CA SER A 119 4.70 -14.40 30.02
C SER A 119 5.83 -14.84 29.07
N MET A 120 5.50 -15.69 28.13
CA MET A 120 6.51 -16.20 27.16
C MET A 120 7.22 -15.06 26.42
N TYR A 121 6.70 -13.86 26.48
CA TYR A 121 7.32 -12.73 25.72
C TYR A 121 8.86 -12.76 25.85
N GLN A 122 9.39 -12.93 27.03
CA GLN A 122 10.88 -12.98 27.16
C GLN A 122 11.39 -14.39 26.83
N ARG A 123 10.68 -15.40 27.27
CA ARG A 123 11.11 -16.80 27.00
C ARG A 123 11.16 -17.09 25.49
N LEU A 124 10.20 -16.60 24.75
CA LEU A 124 10.21 -16.86 23.28
C LEU A 124 11.51 -16.34 22.66
N GLY A 125 12.20 -15.45 23.33
CA GLY A 125 13.49 -14.92 22.79
C GLY A 125 13.23 -13.77 21.83
N LEU A 126 14.26 -13.23 21.23
CA LEU A 126 14.06 -12.10 20.27
C LEU A 126 13.31 -12.59 19.04
N ASP A 127 13.68 -13.73 18.53
CA ASP A 127 12.99 -14.28 17.32
C ASP A 127 11.52 -14.55 17.66
N TYR A 128 10.85 -15.35 16.87
CA TYR A 128 9.41 -15.66 17.14
C TYR A 128 8.88 -16.67 16.11
N GLU A 129 8.16 -16.22 15.11
CA GLU A 129 7.62 -17.17 14.09
C GLU A 129 8.70 -17.52 13.06
N GLU A 130 9.60 -16.61 12.79
CA GLU A 130 10.67 -16.88 11.79
C GLU A 130 11.32 -18.24 12.00
N ARG A 131 11.92 -18.46 13.14
CA ARG A 131 12.59 -19.77 13.41
C ARG A 131 11.60 -20.85 13.88
N VAL A 132 10.83 -20.56 14.90
CA VAL A 132 9.87 -21.57 15.46
C VAL A 132 9.06 -22.29 14.35
N LEU A 133 8.83 -21.66 13.24
CA LEU A 133 8.00 -22.34 12.18
C LEU A 133 8.84 -23.34 11.36
N PRO A 134 9.83 -22.85 10.65
CA PRO A 134 10.67 -23.74 9.81
C PRO A 134 11.69 -24.53 10.65
N SER A 135 11.98 -24.09 11.84
CA SER A 135 13.00 -24.80 12.67
C SER A 135 12.43 -26.03 13.41
N ILE A 136 11.55 -25.82 14.36
CA ILE A 136 11.02 -26.98 15.15
C ILE A 136 9.89 -27.75 14.44
N VAL A 137 8.73 -27.15 14.29
CA VAL A 137 7.59 -27.90 13.66
C VAL A 137 7.93 -28.33 12.23
N ASN A 138 8.87 -27.71 11.60
CA ASN A 138 9.22 -28.11 10.21
C ASN A 138 10.15 -29.32 10.21
N GLU A 139 10.89 -29.52 11.26
CA GLU A 139 11.84 -30.67 11.31
C GLU A 139 11.12 -31.99 11.65
N VAL A 140 10.07 -31.91 12.42
CA VAL A 140 9.34 -33.17 12.80
C VAL A 140 8.95 -33.98 11.56
N LEU A 141 8.49 -33.34 10.53
CA LEU A 141 8.10 -34.09 9.29
C LEU A 141 9.29 -34.89 8.76
N LYS A 142 10.49 -34.46 9.05
CA LYS A 142 11.69 -35.20 8.56
C LYS A 142 11.98 -36.41 9.44
N SER A 143 11.91 -36.26 10.73
CA SER A 143 12.20 -37.42 11.64
C SER A 143 10.98 -38.34 11.76
N VAL A 144 9.80 -37.84 11.52
CA VAL A 144 8.59 -38.70 11.62
C VAL A 144 8.51 -39.67 10.43
N VAL A 145 8.46 -39.13 9.24
CA VAL A 145 8.38 -40.00 8.03
C VAL A 145 9.59 -40.95 7.98
N ALA A 146 10.65 -40.62 8.67
CA ALA A 146 11.86 -41.51 8.67
C ALA A 146 11.48 -42.94 9.09
N LYS A 147 10.39 -43.08 9.80
CA LYS A 147 9.98 -44.45 10.24
C LYS A 147 9.34 -45.20 9.07
N PHE A 148 8.78 -44.50 8.13
CA PHE A 148 8.14 -45.17 6.95
C PHE A 148 9.00 -44.98 5.71
N ASN A 149 8.75 -45.74 4.67
CA ASN A 149 9.55 -45.60 3.43
C ASN A 149 8.77 -44.77 2.39
N ALA A 150 9.07 -44.96 1.13
CA ALA A 150 8.36 -44.19 0.06
C ALA A 150 6.99 -44.80 -0.22
N SER A 151 6.92 -46.10 -0.33
CA SER A 151 5.60 -46.76 -0.61
C SER A 151 4.56 -46.34 0.43
N GLN A 152 4.96 -46.19 1.66
CA GLN A 152 4.00 -45.78 2.72
C GLN A 152 3.78 -44.26 2.67
N LEU A 153 4.76 -43.52 2.23
CA LEU A 153 4.60 -42.04 2.16
C LEU A 153 3.75 -41.67 0.94
N ILE A 154 4.11 -42.18 -0.22
CA ILE A 154 3.32 -41.85 -1.44
C ILE A 154 1.87 -42.33 -1.29
N THR A 155 1.62 -43.23 -0.38
CA THR A 155 0.22 -43.72 -0.17
C THR A 155 -0.76 -42.55 -0.08
N GLN A 156 -0.47 -41.59 0.76
CA GLN A 156 -1.36 -40.40 0.91
C GLN A 156 -0.73 -39.37 1.85
N ARG A 157 -0.47 -38.19 1.35
CA ARG A 157 0.13 -37.14 2.21
C ARG A 157 -0.80 -36.83 3.39
N ALA A 158 -2.05 -37.19 3.29
CA ALA A 158 -3.01 -36.91 4.40
C ALA A 158 -2.90 -37.99 5.50
N GLN A 159 -2.53 -39.19 5.15
CA GLN A 159 -2.44 -40.27 6.18
C GLN A 159 -1.33 -39.96 7.20
N VAL A 160 -0.30 -39.27 6.80
CA VAL A 160 0.80 -38.96 7.77
C VAL A 160 0.31 -37.97 8.84
N SER A 161 -0.75 -37.25 8.56
CA SER A 161 -1.27 -36.27 9.56
C SER A 161 -1.50 -36.96 10.91
N LEU A 162 -1.80 -38.23 10.89
CA LEU A 162 -2.03 -38.97 12.17
C LEU A 162 -0.79 -38.89 13.05
N LEU A 163 0.36 -39.19 12.51
CA LEU A 163 1.61 -39.13 13.32
C LEU A 163 2.10 -37.68 13.43
N ILE A 164 2.05 -36.94 12.36
CA ILE A 164 2.52 -35.52 12.39
C ILE A 164 1.67 -34.71 13.38
N ARG A 165 0.37 -34.78 13.25
CA ARG A 165 -0.53 -34.00 14.16
C ARG A 165 -0.17 -34.29 15.62
N ARG A 166 0.42 -35.42 15.90
CA ARG A 166 0.80 -35.75 17.30
C ARG A 166 2.09 -35.04 17.70
N GLU A 167 3.09 -35.12 16.88
CA GLU A 167 4.40 -34.45 17.22
C GLU A 167 4.33 -32.96 16.88
N LEU A 168 3.46 -32.58 15.97
CA LEU A 168 3.36 -31.14 15.61
C LEU A 168 2.63 -30.36 16.71
N THR A 169 1.59 -30.93 17.25
CA THR A 169 0.83 -30.22 18.33
C THR A 169 1.62 -30.24 19.65
N GLU A 170 2.50 -31.20 19.81
CA GLU A 170 3.29 -31.28 21.08
C GLU A 170 4.46 -30.29 21.05
N ARG A 171 5.07 -30.11 19.91
CA ARG A 171 6.24 -29.17 19.82
C ARG A 171 5.85 -27.77 20.31
N ALA A 172 4.59 -27.46 20.36
CA ALA A 172 4.14 -26.11 20.82
C ALA A 172 4.77 -25.74 22.16
N LYS A 173 5.23 -26.70 22.92
CA LYS A 173 5.86 -26.39 24.24
C LYS A 173 6.93 -25.30 24.11
N ASP A 174 7.48 -25.11 22.93
CA ASP A 174 8.51 -24.06 22.75
C ASP A 174 7.95 -22.69 23.10
N PHE A 175 7.00 -22.22 22.33
CA PHE A 175 6.40 -20.88 22.61
C PHE A 175 5.09 -21.08 23.40
N SER A 176 5.16 -21.03 24.71
CA SER A 176 3.93 -21.23 25.54
C SER A 176 3.23 -22.51 25.08
N LEU A 177 2.02 -22.76 25.53
CA LEU A 177 1.34 -24.00 25.06
C LEU A 177 0.03 -23.68 24.38
N ILE A 178 0.02 -23.73 23.07
CA ILE A 178 -1.22 -23.48 22.29
C ILE A 178 -1.02 -24.00 20.87
N LEU A 179 -1.63 -25.09 20.50
CA LEU A 179 -1.40 -25.58 19.10
C LEU A 179 -2.47 -26.57 18.66
N ASP A 180 -3.29 -26.19 17.73
CA ASP A 180 -4.30 -27.14 17.20
C ASP A 180 -4.39 -26.94 15.69
N ASP A 181 -3.81 -27.84 14.94
CA ASP A 181 -3.85 -27.70 13.47
C ASP A 181 -3.47 -29.02 12.79
N VAL A 182 -4.41 -29.67 12.17
CA VAL A 182 -4.08 -30.95 11.46
C VAL A 182 -3.97 -30.63 9.97
N ALA A 183 -2.80 -30.70 9.42
CA ALA A 183 -2.63 -30.34 7.98
C ALA A 183 -1.71 -31.25 7.23
N ILE A 184 -1.92 -31.36 5.95
CA ILE A 184 -1.01 -32.17 5.11
C ILE A 184 -0.92 -31.56 3.72
N THR A 185 0.19 -30.92 3.44
CA THR A 185 0.40 -30.35 2.09
C THR A 185 1.84 -30.68 1.71
N GLU A 186 2.03 -31.65 0.88
CA GLU A 186 3.41 -32.05 0.51
C GLU A 186 3.42 -32.89 -0.76
N LEU A 187 4.48 -32.84 -1.50
CA LEU A 187 4.57 -33.67 -2.72
C LEU A 187 5.75 -34.62 -2.56
N SER A 188 5.53 -35.90 -2.76
CA SER A 188 6.64 -36.87 -2.57
C SER A 188 7.25 -37.30 -3.91
N PHE A 189 8.53 -37.54 -3.92
CA PHE A 189 9.21 -37.95 -5.19
C PHE A 189 9.48 -39.46 -5.17
N SER A 190 8.88 -40.18 -6.08
CA SER A 190 9.09 -41.66 -6.12
C SER A 190 10.39 -41.99 -6.87
N MET B 1 26.35 33.84 50.00
CA MET B 1 25.35 34.39 50.97
C MET B 1 25.60 35.89 51.18
N ALA B 2 25.79 36.62 50.11
CA ALA B 2 26.03 38.09 50.24
C ALA B 2 24.70 38.83 50.41
N GLN B 3 24.71 39.93 51.11
CA GLN B 3 23.45 40.70 51.31
C GLN B 3 22.84 41.11 49.97
N ASN B 4 23.66 41.20 48.94
CA ASN B 4 23.14 41.60 47.61
C ASN B 4 22.52 40.40 46.90
N LEU B 5 23.01 39.22 47.18
CA LEU B 5 22.44 38.00 46.53
C LEU B 5 20.95 37.85 46.86
N LYS B 6 20.55 38.32 48.02
CA LYS B 6 19.10 38.20 48.40
C LYS B 6 18.23 38.97 47.40
N ASP B 7 18.77 39.99 46.79
CA ASP B 7 17.98 40.78 45.80
C ASP B 7 17.65 39.92 44.58
N LEU B 8 18.44 38.92 44.31
CA LEU B 8 18.18 38.05 43.13
C LEU B 8 16.80 37.39 43.25
N ALA B 9 16.44 36.97 44.44
CA ALA B 9 15.11 36.32 44.62
C ALA B 9 13.99 37.32 44.35
N GLY B 10 14.21 38.58 44.65
CA GLY B 10 13.17 39.61 44.41
C GLY B 10 13.00 39.84 42.90
N ARG B 11 13.99 39.46 42.12
CA ARG B 11 13.89 39.67 40.65
C ARG B 11 12.94 38.64 40.03
N LEU B 12 12.69 37.55 40.70
CA LEU B 12 11.77 36.51 40.15
C LEU B 12 10.37 37.09 39.92
N PRO B 13 9.78 37.62 40.96
CA PRO B 13 8.43 38.21 40.84
C PRO B 13 8.49 39.53 40.08
N ALA B 14 9.63 40.16 40.03
CA ALA B 14 9.76 41.46 39.31
C ALA B 14 9.35 41.29 37.84
N GLY B 15 8.82 42.32 37.24
CA GLY B 15 8.39 42.22 35.81
C GLY B 15 7.07 41.45 35.73
N PRO B 16 5.99 42.16 35.94
CA PRO B 16 4.65 41.52 35.88
C PRO B 16 4.26 41.20 34.43
N ARG B 17 4.70 42.02 33.50
CA ARG B 17 4.36 41.77 32.07
C ARG B 17 5.22 40.62 31.52
N GLY B 18 6.44 40.50 31.99
CA GLY B 18 7.32 39.42 31.49
C GLY B 18 6.69 38.06 31.78
N MET B 19 6.30 37.81 33.01
CA MET B 19 5.68 36.51 33.36
C MET B 19 4.38 36.32 32.58
N GLY B 20 3.73 37.40 32.22
CA GLY B 20 2.46 37.29 31.45
C GLY B 20 2.75 36.89 30.00
N THR B 21 3.84 37.37 29.45
CA THR B 21 4.19 37.02 28.05
C THR B 21 4.87 35.65 28.00
N ALA B 22 5.51 35.25 29.07
CA ALA B 22 6.19 33.92 29.08
C ALA B 22 5.17 32.80 28.86
N LEU B 23 3.94 33.02 29.25
CA LEU B 23 2.90 31.97 29.06
C LEU B 23 2.67 31.69 27.58
N LYS B 24 2.71 32.72 26.76
CA LYS B 24 2.50 32.51 25.29
C LYS B 24 3.54 31.53 24.75
N LEU B 25 4.70 31.49 25.36
CA LEU B 25 5.76 30.56 24.89
C LEU B 25 5.37 29.11 25.17
N LEU B 26 4.66 28.88 26.25
CA LEU B 26 4.24 27.48 26.59
C LEU B 26 3.39 26.90 25.46
N LEU B 27 2.36 27.60 25.06
CA LEU B 27 1.49 27.08 23.96
C LEU B 27 2.31 26.85 22.69
N GLY B 28 3.26 27.70 22.42
CA GLY B 28 4.09 27.54 21.19
C GLY B 28 4.90 26.24 21.30
N ALA B 29 5.22 25.82 22.49
CA ALA B 29 6.00 24.56 22.66
C ALA B 29 5.11 23.35 22.36
N GLY B 30 3.85 23.44 22.65
CA GLY B 30 2.94 22.30 22.39
C GLY B 30 2.83 22.04 20.89
N ALA B 31 3.00 23.06 20.09
CA ALA B 31 2.91 22.87 18.62
C ALA B 31 4.21 22.25 18.08
N VAL B 32 5.32 22.59 18.67
CA VAL B 32 6.62 22.03 18.20
C VAL B 32 6.72 20.56 18.60
N ALA B 33 6.07 20.16 19.65
CA ALA B 33 6.13 18.74 20.10
C ALA B 33 5.38 17.84 19.10
N TYR B 34 4.36 18.36 18.47
CA TYR B 34 3.59 17.54 17.50
C TYR B 34 4.50 17.12 16.33
N GLY B 35 5.24 18.05 15.78
CA GLY B 35 6.15 17.71 14.65
C GLY B 35 7.11 16.60 15.09
N VAL B 36 7.49 16.60 16.34
CA VAL B 36 8.42 15.54 16.84
C VAL B 36 7.65 14.25 17.12
N ARG B 37 6.41 14.35 17.47
CA ARG B 37 5.59 13.13 17.75
C ARG B 37 5.59 12.19 16.54
N GLU B 38 5.70 12.73 15.36
CA GLU B 38 5.70 11.85 14.14
C GLU B 38 7.03 11.08 14.04
N SER B 39 8.11 11.61 14.56
CA SER B 39 9.42 10.87 14.49
C SER B 39 10.33 11.20 15.69
N VAL B 40 11.13 10.25 16.13
CA VAL B 40 12.04 10.51 17.31
C VAL B 40 13.30 9.62 17.22
N PHE B 41 14.11 9.58 18.26
CA PHE B 41 15.35 8.74 18.23
C PHE B 41 15.64 8.10 19.59
N THR B 42 14.77 7.23 20.06
CA THR B 42 15.01 6.56 21.37
C THR B 42 14.88 5.05 21.21
N VAL B 43 15.28 4.52 20.08
CA VAL B 43 15.16 3.04 19.81
C VAL B 43 13.81 2.52 20.31
N GLU B 44 12.86 2.39 19.41
CA GLU B 44 11.50 1.89 19.82
C GLU B 44 11.21 0.53 19.18
N GLY B 45 11.08 -0.50 19.98
CA GLY B 45 10.78 -1.86 19.41
C GLY B 45 11.90 -2.84 19.77
N GLY B 46 12.23 -3.73 18.88
CA GLY B 46 13.32 -4.73 19.17
C GLY B 46 14.36 -4.68 18.06
N HIS B 47 15.25 -3.71 18.12
CA HIS B 47 16.31 -3.57 17.07
C HIS B 47 17.53 -2.84 17.66
N ARG B 48 18.67 -3.01 17.05
CA ARG B 48 19.91 -2.36 17.57
C ARG B 48 20.16 -1.03 16.86
N ALA B 49 20.83 -0.09 17.50
CA ALA B 49 21.01 1.26 16.87
C ALA B 49 22.36 1.46 16.17
N ILE B 50 22.38 2.39 15.23
CA ILE B 50 23.59 2.69 14.40
C ILE B 50 24.01 4.17 14.57
N PHE B 51 25.28 4.49 14.38
CA PHE B 51 25.73 5.93 14.56
C PHE B 51 26.51 6.44 13.33
N PHE B 52 26.25 7.67 12.93
CA PHE B 52 26.98 8.25 11.75
C PHE B 52 26.87 9.80 11.76
N ASN B 53 27.84 10.48 11.19
CA ASN B 53 27.81 11.99 11.16
C ASN B 53 27.73 12.53 9.72
N ARG B 54 27.16 13.71 9.54
CA ARG B 54 27.05 14.29 8.15
C ARG B 54 28.41 14.24 7.44
N ILE B 55 28.64 13.22 6.67
CA ILE B 55 29.94 13.11 5.93
C ILE B 55 29.71 12.46 4.56
N GLY B 56 29.15 11.28 4.53
CA GLY B 56 28.90 10.59 3.23
C GLY B 56 27.68 9.68 3.35
N GLY B 57 27.28 9.05 2.28
CA GLY B 57 26.10 8.15 2.34
C GLY B 57 26.52 6.80 2.92
N VAL B 58 26.14 6.52 4.14
CA VAL B 58 26.53 5.22 4.75
C VAL B 58 25.48 4.79 5.79
N GLN B 59 25.69 3.65 6.40
CA GLN B 59 24.72 3.16 7.43
C GLN B 59 23.29 3.18 6.87
N GLN B 60 22.90 2.15 6.18
CA GLN B 60 21.52 2.10 5.61
C GLN B 60 20.80 0.85 6.09
N ASP B 61 21.38 -0.31 5.87
CA ASP B 61 20.72 -1.57 6.32
C ASP B 61 21.11 -1.89 7.77
N THR B 62 21.01 -0.93 8.64
CA THR B 62 21.37 -1.15 10.07
C THR B 62 20.19 -0.73 10.97
N ILE B 63 19.47 -1.70 11.51
CA ILE B 63 18.20 -1.45 12.34
C ILE B 63 18.40 -0.66 13.64
N LEU B 64 17.32 -0.52 14.44
CA LEU B 64 17.38 0.25 15.75
C LEU B 64 16.04 0.26 16.52
N ALA B 65 16.06 -0.17 17.77
CA ALA B 65 14.82 -0.13 18.64
C ALA B 65 15.08 -0.85 19.98
N GLU B 66 14.84 -0.16 21.10
CA GLU B 66 15.03 -0.75 22.48
C GLU B 66 16.23 -0.15 23.23
N GLY B 67 16.28 1.15 23.40
CA GLY B 67 17.42 1.76 24.15
C GLY B 67 17.05 3.17 24.59
N LEU B 68 17.61 3.67 25.66
CA LEU B 68 17.29 5.07 26.06
C LEU B 68 18.50 5.96 25.77
N HIS B 69 18.45 6.68 24.69
CA HIS B 69 19.57 7.59 24.33
C HIS B 69 19.11 8.53 23.20
N PHE B 70 19.33 9.81 23.33
CA PHE B 70 18.88 10.75 22.24
C PHE B 70 19.42 10.29 20.88
N ARG B 71 19.09 11.00 19.82
CA ARG B 71 19.60 10.58 18.47
C ARG B 71 21.12 10.81 18.39
N ILE B 72 21.71 11.35 19.42
CA ILE B 72 23.18 11.60 19.41
C ILE B 72 23.51 12.63 18.32
N PRO B 73 23.34 13.89 18.68
CA PRO B 73 23.59 14.99 17.72
C PRO B 73 25.09 15.35 17.66
N TRP B 74 25.42 16.40 16.95
CA TRP B 74 26.84 16.84 16.82
C TRP B 74 27.74 15.66 16.41
N PHE B 75 28.11 15.60 15.15
CA PHE B 75 28.99 14.51 14.67
C PHE B 75 28.36 13.13 14.92
N GLN B 76 27.05 13.06 14.95
CA GLN B 76 26.39 11.73 15.18
C GLN B 76 24.95 11.74 14.66
N TYR B 77 24.49 10.64 14.12
CA TYR B 77 23.11 10.57 13.58
C TYR B 77 22.65 9.11 13.50
N PRO B 78 21.40 8.89 13.85
CA PRO B 78 20.86 7.51 13.81
C PRO B 78 20.03 7.24 12.55
N ILE B 79 20.55 6.44 11.65
CA ILE B 79 19.77 6.03 10.44
C ILE B 79 19.59 4.52 10.60
N ILE B 80 18.40 4.06 10.87
CA ILE B 80 18.24 2.60 11.15
C ILE B 80 17.41 1.85 10.08
N TYR B 81 17.67 0.57 9.99
CA TYR B 81 16.99 -0.32 9.01
C TYR B 81 15.89 -1.14 9.70
N ASP B 82 14.87 -1.53 8.99
CA ASP B 82 13.79 -2.34 9.64
C ASP B 82 13.59 -3.66 8.87
N ILE B 83 13.20 -4.71 9.55
CA ILE B 83 13.01 -6.03 8.88
C ILE B 83 11.94 -5.95 7.78
N ARG B 84 11.95 -6.89 6.87
CA ARG B 84 10.93 -6.89 5.77
C ARG B 84 11.10 -8.15 4.90
N ALA B 85 11.36 -9.28 5.51
CA ALA B 85 11.53 -10.55 4.72
C ALA B 85 12.62 -10.36 3.66
N ARG B 86 12.97 -11.41 2.97
CA ARG B 86 14.02 -11.29 1.91
C ARG B 86 13.74 -12.27 0.77
N PRO B 87 13.32 -11.75 -0.35
CA PRO B 87 13.03 -12.58 -1.53
C PRO B 87 14.20 -12.52 -2.52
N ARG B 88 14.92 -13.60 -2.66
CA ARG B 88 16.07 -13.59 -3.61
C ARG B 88 16.43 -15.05 -4.01
N LYS B 89 16.10 -15.45 -5.24
CA LYS B 89 16.40 -16.86 -5.70
C LYS B 89 16.34 -16.99 -7.25
N ILE B 90 17.05 -17.94 -7.83
CA ILE B 90 16.98 -18.12 -9.34
C ILE B 90 17.32 -19.54 -9.77
N SER B 91 16.82 -19.94 -10.91
CA SER B 91 17.12 -21.29 -11.45
C SER B 91 18.19 -21.14 -12.54
N SER B 92 19.37 -21.66 -12.32
CA SER B 92 20.46 -21.52 -13.34
C SER B 92 20.63 -22.80 -14.16
N PRO B 93 20.69 -22.65 -15.47
CA PRO B 93 20.87 -23.79 -16.37
C PRO B 93 22.34 -23.90 -16.79
N THR B 94 23.03 -24.92 -16.33
CA THR B 94 24.46 -25.07 -16.71
C THR B 94 24.83 -26.56 -16.84
N GLY B 95 25.80 -26.86 -17.66
CA GLY B 95 26.21 -28.28 -17.84
C GLY B 95 27.74 -28.37 -17.86
N SER B 96 28.31 -29.27 -17.09
CA SER B 96 29.79 -29.40 -17.07
C SER B 96 30.19 -30.88 -16.95
N LYS B 97 29.88 -31.50 -15.85
CA LYS B 97 30.24 -32.93 -15.68
C LYS B 97 29.50 -33.79 -16.70
N ASP B 98 28.40 -33.29 -17.22
CA ASP B 98 27.63 -34.08 -18.23
C ASP B 98 27.63 -33.35 -19.58
N LEU B 99 27.47 -34.07 -20.65
CA LEU B 99 27.46 -33.42 -22.00
C LEU B 99 26.14 -32.67 -22.20
N GLN B 100 25.07 -33.17 -21.65
CA GLN B 100 23.76 -32.49 -21.81
C GLN B 100 23.71 -31.23 -20.94
N MET B 101 22.54 -30.69 -20.71
CA MET B 101 22.44 -29.46 -19.87
C MET B 101 21.80 -29.80 -18.52
N VAL B 102 22.19 -29.11 -17.48
CA VAL B 102 21.60 -29.38 -16.14
C VAL B 102 21.12 -28.06 -15.51
N ASN B 103 19.94 -28.05 -14.97
CA ASN B 103 19.42 -26.79 -14.35
C ASN B 103 19.46 -26.89 -12.82
N ILE B 104 20.09 -25.94 -12.19
CA ILE B 104 20.18 -25.96 -10.70
C ILE B 104 19.96 -24.54 -10.15
N SER B 105 19.14 -24.41 -9.14
CA SER B 105 18.88 -23.06 -8.56
C SER B 105 19.67 -22.91 -7.25
N LEU B 106 20.05 -21.70 -6.90
CA LEU B 106 20.81 -21.51 -5.64
C LEU B 106 20.60 -20.09 -5.09
N ARG B 107 20.53 -19.95 -3.80
CA ARG B 107 20.32 -18.60 -3.19
C ARG B 107 20.86 -18.58 -1.75
N VAL B 108 21.28 -17.43 -1.29
CA VAL B 108 21.82 -17.33 0.10
C VAL B 108 20.90 -16.48 0.97
N LEU B 109 20.84 -16.78 2.24
CA LEU B 109 19.96 -15.99 3.16
C LEU B 109 20.81 -15.17 4.13
N SER B 110 20.53 -13.89 4.25
CA SER B 110 21.32 -13.04 5.18
C SER B 110 20.40 -12.35 6.20
N ARG B 111 20.71 -12.48 7.45
CA ARG B 111 19.86 -11.83 8.50
C ARG B 111 20.73 -11.39 9.69
N PRO B 112 20.34 -10.31 10.32
CA PRO B 112 21.11 -9.81 11.48
C PRO B 112 20.88 -10.69 12.71
N ASN B 113 19.63 -10.91 13.05
CA ASN B 113 19.32 -11.77 14.24
C ASN B 113 20.01 -11.23 15.50
N ALA B 114 21.24 -11.59 15.73
CA ALA B 114 21.95 -11.10 16.96
C ALA B 114 22.19 -9.58 16.86
N GLN B 115 23.32 -9.18 16.33
CA GLN B 115 23.62 -7.72 16.20
C GLN B 115 24.92 -7.51 15.44
N GLU B 116 24.86 -6.92 14.28
CA GLU B 116 26.10 -6.69 13.49
C GLU B 116 25.81 -5.78 12.28
N LEU B 117 24.89 -4.86 12.42
CA LEU B 117 24.57 -3.95 11.29
C LEU B 117 25.60 -2.81 11.17
N PRO B 118 26.16 -2.37 12.28
CA PRO B 118 27.15 -1.27 12.23
C PRO B 118 28.47 -1.74 11.63
N SER B 119 29.19 -2.60 12.31
CA SER B 119 30.50 -3.08 11.75
C SER B 119 30.32 -3.52 10.30
N MET B 120 29.21 -4.12 9.97
CA MET B 120 28.99 -4.56 8.57
C MET B 120 28.53 -3.37 7.70
N TYR B 121 28.04 -2.32 8.29
CA TYR B 121 27.58 -1.16 7.47
C TYR B 121 28.69 -0.74 6.49
N GLN B 122 29.88 -0.48 6.98
CA GLN B 122 31.00 -0.08 6.08
C GLN B 122 31.62 -1.31 5.43
N ARG B 123 31.66 -2.41 6.14
CA ARG B 123 32.25 -3.66 5.57
C ARG B 123 31.36 -4.23 4.48
N LEU B 124 30.09 -4.42 4.77
CA LEU B 124 29.15 -4.98 3.75
C LEU B 124 29.22 -4.15 2.46
N GLY B 125 29.23 -2.85 2.58
CA GLY B 125 29.30 -1.99 1.37
C GLY B 125 28.00 -1.18 1.24
N LEU B 126 28.09 0.02 0.75
CA LEU B 126 26.86 0.86 0.60
C LEU B 126 25.86 0.17 -0.31
N ASP B 127 24.83 -0.42 0.25
CA ASP B 127 23.81 -1.13 -0.59
C ASP B 127 24.50 -2.13 -1.52
N TYR B 128 25.20 -3.08 -0.97
CA TYR B 128 25.90 -4.08 -1.81
C TYR B 128 25.18 -5.44 -1.74
N GLU B 129 24.05 -5.51 -1.10
CA GLU B 129 23.33 -6.81 -1.00
C GLU B 129 23.06 -7.37 -2.40
N GLU B 130 22.26 -6.68 -3.17
CA GLU B 130 21.96 -7.16 -4.56
C GLU B 130 23.24 -7.55 -5.29
N ARG B 131 24.33 -6.92 -4.96
CA ARG B 131 25.62 -7.25 -5.63
C ARG B 131 26.27 -8.49 -5.01
N VAL B 132 26.34 -8.54 -3.70
CA VAL B 132 26.99 -9.71 -3.02
C VAL B 132 26.05 -10.92 -2.93
N LEU B 133 24.76 -10.69 -2.76
CA LEU B 133 23.81 -11.83 -2.65
C LEU B 133 24.01 -12.83 -3.80
N PRO B 134 23.87 -12.36 -5.01
CA PRO B 134 24.04 -13.24 -6.19
C PRO B 134 25.53 -13.54 -6.43
N SER B 135 26.40 -12.68 -5.97
CA SER B 135 27.86 -12.92 -6.19
C SER B 135 28.27 -14.29 -5.63
N ILE B 136 28.10 -14.50 -4.36
CA ILE B 136 28.48 -15.82 -3.76
C ILE B 136 27.48 -16.89 -4.19
N VAL B 137 26.23 -16.53 -4.33
CA VAL B 137 25.20 -17.52 -4.74
C VAL B 137 25.45 -17.99 -6.18
N ASN B 138 25.81 -17.08 -7.05
CA ASN B 138 26.06 -17.46 -8.48
C ASN B 138 27.45 -18.09 -8.62
N GLU B 139 28.38 -17.70 -7.78
CA GLU B 139 29.76 -18.26 -7.88
C GLU B 139 29.74 -19.77 -7.64
N VAL B 140 29.41 -20.20 -6.45
CA VAL B 140 29.39 -21.66 -6.15
C VAL B 140 28.37 -22.38 -7.06
N LEU B 141 27.41 -21.67 -7.57
CA LEU B 141 26.39 -22.31 -8.47
C LEU B 141 27.08 -22.94 -9.67
N LYS B 142 28.09 -22.30 -10.18
CA LYS B 142 28.81 -22.84 -11.37
C LYS B 142 29.80 -23.94 -10.95
N SER B 143 30.34 -23.84 -9.77
CA SER B 143 31.33 -24.86 -9.31
C SER B 143 30.62 -26.12 -8.81
N VAL B 144 29.46 -25.97 -8.22
CA VAL B 144 28.72 -27.16 -7.70
C VAL B 144 28.17 -28.00 -8.86
N VAL B 145 27.69 -27.38 -9.90
CA VAL B 145 27.14 -28.16 -11.05
C VAL B 145 28.22 -29.05 -11.66
N ALA B 146 29.37 -28.49 -11.93
CA ALA B 146 30.47 -29.31 -12.53
C ALA B 146 30.83 -30.48 -11.61
N LYS B 147 30.47 -30.40 -10.35
CA LYS B 147 30.80 -31.50 -9.40
C LYS B 147 29.80 -32.66 -9.57
N PHE B 148 28.54 -32.35 -9.63
CA PHE B 148 27.51 -33.42 -9.79
C PHE B 148 27.09 -33.55 -11.26
N ASN B 149 26.17 -34.44 -11.54
CA ASN B 149 25.71 -34.61 -12.95
C ASN B 149 24.20 -34.39 -13.04
N ALA B 150 23.62 -34.69 -14.18
CA ALA B 150 22.14 -34.49 -14.33
C ALA B 150 21.39 -35.67 -13.71
N SER B 151 21.91 -36.86 -13.84
CA SER B 151 21.22 -38.05 -13.26
C SER B 151 21.19 -37.96 -11.73
N GLN B 152 22.14 -37.27 -11.16
CA GLN B 152 22.17 -37.14 -9.67
C GLN B 152 21.12 -36.14 -9.19
N LEU B 153 20.71 -35.24 -10.04
CA LEU B 153 19.69 -34.23 -9.62
C LEU B 153 18.29 -34.87 -9.61
N ILE B 154 17.97 -35.66 -10.61
CA ILE B 154 16.63 -36.30 -10.64
C ILE B 154 16.44 -37.19 -9.41
N THR B 155 17.47 -37.89 -9.01
CA THR B 155 17.36 -38.77 -7.81
C THR B 155 17.37 -37.93 -6.54
N GLN B 156 18.10 -36.84 -6.55
CA GLN B 156 18.16 -35.97 -5.34
C GLN B 156 18.44 -34.52 -5.75
N ARG B 157 17.69 -33.59 -5.24
CA ARG B 157 17.92 -32.16 -5.58
C ARG B 157 18.45 -31.40 -4.37
N ALA B 158 18.00 -31.75 -3.19
CA ALA B 158 18.48 -31.05 -1.97
C ALA B 158 19.84 -31.61 -1.51
N GLN B 159 20.13 -32.83 -1.86
CA GLN B 159 21.43 -33.45 -1.44
C GLN B 159 22.61 -32.61 -1.94
N VAL B 160 22.62 -32.25 -3.19
CA VAL B 160 23.75 -31.44 -3.74
C VAL B 160 23.96 -30.18 -2.90
N SER B 161 22.92 -29.67 -2.30
CA SER B 161 23.06 -28.44 -1.46
C SER B 161 23.61 -28.80 -0.07
N LEU B 162 23.39 -30.01 0.37
CA LEU B 162 23.89 -30.41 1.72
C LEU B 162 25.41 -30.21 1.82
N LEU B 163 26.14 -30.68 0.86
CA LEU B 163 27.63 -30.52 0.92
C LEU B 163 28.02 -29.06 0.67
N ILE B 164 27.38 -28.41 -0.26
CA ILE B 164 27.72 -26.98 -0.55
C ILE B 164 27.19 -26.07 0.57
N ARG B 165 26.24 -26.54 1.35
CA ARG B 165 25.70 -25.71 2.45
C ARG B 165 26.83 -25.22 3.35
N ARG B 166 27.92 -25.94 3.41
CA ARG B 166 29.06 -25.52 4.26
C ARG B 166 29.89 -24.45 3.54
N GLU B 167 30.07 -24.59 2.25
CA GLU B 167 30.86 -23.60 1.49
C GLU B 167 30.06 -22.31 1.32
N LEU B 168 28.77 -22.42 1.14
CA LEU B 168 27.93 -21.19 0.97
C LEU B 168 28.01 -20.32 2.23
N THR B 169 27.66 -20.87 3.36
CA THR B 169 27.72 -20.07 4.62
C THR B 169 29.16 -19.63 4.89
N GLU B 170 30.13 -20.35 4.41
CA GLU B 170 31.55 -19.96 4.62
C GLU B 170 31.83 -18.60 3.98
N ARG B 171 31.61 -18.49 2.69
CA ARG B 171 31.87 -17.19 2.01
C ARG B 171 30.97 -16.10 2.59
N ALA B 172 29.77 -16.45 2.99
CA ALA B 172 28.85 -15.44 3.57
C ALA B 172 29.39 -14.93 4.91
N LYS B 173 30.13 -15.75 5.60
CA LYS B 173 30.69 -15.32 6.92
C LYS B 173 31.79 -14.26 6.72
N ASP B 174 32.33 -14.18 5.53
CA ASP B 174 33.41 -13.17 5.28
C ASP B 174 32.82 -11.77 5.20
N PHE B 175 31.96 -11.52 4.25
CA PHE B 175 31.36 -10.16 4.12
C PHE B 175 30.58 -9.80 5.38
N SER B 176 30.13 -10.77 6.12
CA SER B 176 29.36 -10.49 7.37
C SER B 176 29.17 -11.78 8.17
N LEU B 177 29.11 -11.68 9.47
CA LEU B 177 28.92 -12.90 10.31
C LEU B 177 27.47 -13.00 10.78
N ILE B 178 26.74 -13.97 10.28
CA ILE B 178 25.31 -14.13 10.68
C ILE B 178 24.87 -15.59 10.49
N LEU B 179 23.97 -16.06 11.31
CA LEU B 179 23.49 -17.46 11.16
C LEU B 179 22.12 -17.49 10.48
N ASP B 180 21.99 -18.24 9.42
CA ASP B 180 20.69 -18.30 8.69
C ASP B 180 20.56 -19.62 7.92
N ASP B 181 19.35 -20.08 7.72
CA ASP B 181 19.15 -21.36 6.97
C ASP B 181 18.69 -21.04 5.55
N VAL B 182 19.09 -21.85 4.59
CA VAL B 182 18.68 -21.56 3.18
C VAL B 182 18.74 -22.81 2.29
N ALA B 183 17.64 -23.16 1.69
CA ALA B 183 17.62 -24.34 0.77
C ALA B 183 17.20 -23.86 -0.62
N ILE B 184 17.60 -24.55 -1.64
CA ILE B 184 17.26 -24.09 -3.03
C ILE B 184 16.21 -24.99 -3.70
N THR B 185 15.41 -24.41 -4.54
CA THR B 185 14.39 -25.21 -5.29
C THR B 185 14.95 -25.42 -6.69
N GLU B 186 15.34 -26.62 -7.03
CA GLU B 186 15.95 -26.84 -8.38
C GLU B 186 15.28 -27.93 -9.20
N LEU B 187 15.35 -27.77 -10.49
CA LEU B 187 14.80 -28.77 -11.42
C LEU B 187 15.82 -28.91 -12.54
N SER B 188 16.11 -30.10 -12.98
CA SER B 188 17.16 -30.24 -14.04
C SER B 188 16.53 -30.44 -15.42
N PHE B 189 17.21 -30.01 -16.44
CA PHE B 189 16.68 -30.14 -17.83
C PHE B 189 17.35 -31.31 -18.55
N SER B 190 16.62 -32.36 -18.82
CA SER B 190 17.22 -33.54 -19.51
C SER B 190 16.52 -33.78 -20.84
N MET C 1 33.30 61.56 18.53
CA MET C 1 33.57 61.45 17.07
C MET C 1 32.77 60.29 16.48
N ALA C 2 32.94 59.10 17.00
CA ALA C 2 32.18 57.93 16.47
C ALA C 2 30.68 58.15 16.66
N GLN C 3 30.02 58.72 15.68
CA GLN C 3 28.55 58.95 15.81
C GLN C 3 27.78 57.65 15.56
N ASN C 4 28.34 56.76 14.77
CA ASN C 4 27.63 55.48 14.48
C ASN C 4 27.61 54.60 15.73
N LEU C 5 28.60 54.72 16.58
CA LEU C 5 28.63 53.90 17.82
C LEU C 5 27.74 54.52 18.90
N LYS C 6 27.57 55.81 18.86
CA LYS C 6 26.72 56.48 19.89
C LYS C 6 25.25 56.02 19.75
N ASP C 7 24.77 55.92 18.53
CA ASP C 7 23.36 55.49 18.34
C ASP C 7 23.23 53.97 18.57
N LEU C 8 24.23 53.23 18.19
CA LEU C 8 24.16 51.74 18.38
C LEU C 8 24.01 51.40 19.87
N ALA C 9 24.49 52.26 20.73
CA ALA C 9 24.39 51.99 22.19
C ALA C 9 22.96 52.31 22.68
N GLY C 10 22.42 53.41 22.26
CA GLY C 10 21.04 53.79 22.70
C GLY C 10 20.01 53.02 21.86
N ARG C 11 20.40 52.52 20.71
CA ARG C 11 19.44 51.78 19.85
C ARG C 11 18.78 50.63 20.62
N LEU C 12 19.49 50.01 21.53
CA LEU C 12 18.90 48.89 22.31
C LEU C 12 17.92 49.43 23.37
N PRO C 13 18.44 50.24 24.27
CA PRO C 13 17.58 50.81 25.34
C PRO C 13 16.67 51.90 24.77
N ALA C 14 15.50 51.54 24.31
CA ALA C 14 14.57 52.56 23.74
C ALA C 14 13.13 52.05 23.76
N GLY C 15 12.79 51.16 22.86
CA GLY C 15 11.39 50.63 22.83
C GLY C 15 11.38 49.17 23.33
N PRO C 16 11.12 49.00 24.59
CA PRO C 16 11.09 47.64 25.18
C PRO C 16 9.82 46.90 24.73
N ARG C 17 8.79 47.62 24.37
CA ARG C 17 7.53 46.97 23.92
C ARG C 17 7.80 46.10 22.69
N GLY C 18 8.73 46.49 21.87
CA GLY C 18 9.04 45.68 20.65
C GLY C 18 9.65 44.34 21.07
N MET C 19 10.33 44.31 22.18
CA MET C 19 10.95 43.04 22.65
C MET C 19 9.88 41.99 22.95
N GLY C 20 8.72 42.43 23.38
CA GLY C 20 7.62 41.46 23.68
C GLY C 20 7.12 40.84 22.39
N THR C 21 6.87 41.64 21.39
CA THR C 21 6.37 41.09 20.09
C THR C 21 7.42 40.15 19.48
N ALA C 22 8.67 40.35 19.80
CA ALA C 22 9.74 39.46 19.23
C ALA C 22 9.48 38.01 19.64
N LEU C 23 8.81 37.80 20.73
CA LEU C 23 8.54 36.40 21.17
C LEU C 23 7.48 35.76 20.29
N LYS C 24 6.41 36.47 20.01
CA LYS C 24 5.34 35.90 19.14
C LYS C 24 5.94 35.39 17.83
N LEU C 25 7.01 35.99 17.38
CA LEU C 25 7.66 35.55 16.11
C LEU C 25 8.42 34.24 16.34
N LEU C 26 9.07 34.10 17.46
CA LEU C 26 9.84 32.84 17.74
C LEU C 26 8.92 31.62 17.66
N LEU C 27 7.72 31.74 18.18
CA LEU C 27 6.78 30.57 18.14
C LEU C 27 6.34 30.30 16.70
N GLY C 28 6.10 31.33 15.93
CA GLY C 28 5.67 31.12 14.52
C GLY C 28 6.78 30.41 13.75
N ALA C 29 8.01 30.69 14.07
CA ALA C 29 9.14 30.02 13.35
C ALA C 29 9.09 28.51 13.57
N GLY C 30 8.64 28.08 14.72
CA GLY C 30 8.57 26.62 15.01
C GLY C 30 7.49 25.98 14.13
N ALA C 31 6.38 26.65 13.95
CA ALA C 31 5.29 26.08 13.11
C ALA C 31 5.78 25.90 11.67
N VAL C 32 6.66 26.75 11.22
CA VAL C 32 7.19 26.62 9.82
C VAL C 32 8.13 25.41 9.72
N ALA C 33 8.65 24.95 10.83
CA ALA C 33 9.57 23.78 10.79
C ALA C 33 8.78 22.48 10.65
N TYR C 34 7.59 22.44 11.17
CA TYR C 34 6.77 21.19 11.06
C TYR C 34 6.46 20.89 9.59
N GLY C 35 6.01 21.86 8.86
CA GLY C 35 5.69 21.63 7.42
C GLY C 35 6.96 21.16 6.70
N VAL C 36 8.09 21.62 7.13
CA VAL C 36 9.38 21.21 6.47
C VAL C 36 9.82 19.83 6.97
N ARG C 37 9.46 19.48 8.18
CA ARG C 37 9.87 18.15 8.72
C ARG C 37 9.46 17.02 7.77
N GLU C 38 8.29 17.12 7.17
CA GLU C 38 7.85 16.05 6.23
C GLU C 38 8.77 16.03 4.99
N SER C 39 9.38 17.13 4.64
CA SER C 39 10.28 17.15 3.43
C SER C 39 11.73 17.53 3.82
N VAL C 40 12.64 17.57 2.85
CA VAL C 40 14.07 17.93 3.16
C VAL C 40 14.92 17.94 1.87
N PHE C 41 16.13 18.48 1.93
CA PHE C 41 17.01 18.51 0.70
C PHE C 41 18.29 17.69 0.94
N THR C 42 18.88 17.78 2.11
CA THR C 42 20.13 16.98 2.38
C THR C 42 19.84 15.49 2.18
N VAL C 43 20.45 14.89 1.20
CA VAL C 43 20.20 13.43 0.95
C VAL C 43 20.49 12.62 2.21
N GLU C 44 19.55 11.79 2.60
CA GLU C 44 19.75 10.96 3.83
C GLU C 44 20.01 9.50 3.46
N GLY C 45 20.83 8.82 4.21
CA GLY C 45 21.12 7.39 3.90
C GLY C 45 22.21 7.30 2.84
N GLY C 46 22.11 6.36 1.95
CA GLY C 46 23.16 6.23 0.88
C GLY C 46 22.57 6.67 -0.47
N HIS C 47 21.87 7.76 -0.48
CA HIS C 47 21.27 8.25 -1.77
C HIS C 47 22.07 9.43 -2.32
N ARG C 48 22.02 9.62 -3.60
CA ARG C 48 22.80 10.73 -4.25
C ARG C 48 21.87 11.93 -4.58
N ALA C 49 22.41 13.14 -4.62
CA ALA C 49 21.56 14.36 -4.89
C ALA C 49 21.66 14.86 -6.33
N ILE C 50 20.63 15.53 -6.80
CA ILE C 50 20.61 16.05 -8.20
C ILE C 50 20.07 17.50 -8.22
N PHE C 51 20.48 18.31 -9.19
CA PHE C 51 20.00 19.75 -9.21
C PHE C 51 19.30 20.15 -10.52
N PHE C 52 18.33 21.04 -10.41
CA PHE C 52 17.60 21.55 -11.60
C PHE C 52 16.88 22.86 -11.21
N ASN C 53 16.66 23.76 -12.15
CA ASN C 53 15.98 25.06 -11.79
C ASN C 53 14.64 25.22 -12.53
N ARG C 54 13.71 25.95 -11.95
CA ARG C 54 12.38 26.15 -12.62
C ARG C 54 12.57 26.54 -14.09
N ILE C 55 13.66 27.19 -14.41
CA ILE C 55 13.90 27.59 -15.82
C ILE C 55 15.31 27.16 -16.26
N GLY C 56 15.71 25.97 -15.89
CA GLY C 56 17.07 25.49 -16.28
C GLY C 56 16.95 24.15 -17.02
N GLY C 57 16.26 23.21 -16.44
CA GLY C 57 16.10 21.88 -17.12
C GLY C 57 15.11 21.02 -16.33
N VAL C 58 15.58 19.97 -15.71
CA VAL C 58 14.66 19.08 -14.94
C VAL C 58 15.47 18.22 -13.95
N GLN C 59 16.42 17.48 -14.44
CA GLN C 59 17.25 16.62 -13.54
C GLN C 59 16.35 15.71 -12.68
N GLN C 60 15.27 15.24 -13.23
CA GLN C 60 14.35 14.35 -12.46
C GLN C 60 14.85 12.90 -12.51
N ASP C 61 14.52 12.12 -11.51
CA ASP C 61 14.97 10.69 -11.50
C ASP C 61 16.50 10.60 -11.70
N THR C 62 17.27 10.93 -10.68
CA THR C 62 18.76 10.87 -10.83
C THR C 62 19.43 10.65 -9.46
N ILE C 63 20.75 10.72 -9.41
CA ILE C 63 21.49 10.50 -8.10
C ILE C 63 23.03 10.54 -8.34
N LEU C 64 23.73 11.48 -7.71
CA LEU C 64 25.24 11.57 -7.88
C LEU C 64 26.00 10.93 -6.68
N ALA C 65 26.14 11.62 -5.57
CA ALA C 65 26.87 11.05 -4.36
C ALA C 65 26.47 11.84 -3.08
N GLU C 66 26.87 11.40 -1.90
CA GLU C 66 26.45 12.14 -0.64
C GLU C 66 27.33 13.36 -0.37
N GLY C 67 26.74 14.39 0.19
CA GLY C 67 27.49 15.63 0.52
C GLY C 67 26.68 16.41 1.56
N LEU C 68 27.29 17.27 2.36
CA LEU C 68 26.48 18.04 3.35
C LEU C 68 26.18 19.41 2.74
N HIS C 69 24.94 19.59 2.33
CA HIS C 69 24.52 20.89 1.68
C HIS C 69 22.99 21.02 1.76
N PHE C 70 22.49 22.23 1.78
CA PHE C 70 21.01 22.41 1.87
C PHE C 70 20.49 23.14 0.62
N ARG C 71 19.30 22.81 0.18
CA ARG C 71 18.72 23.47 -1.02
C ARG C 71 18.35 24.92 -0.65
N ILE C 72 19.33 25.75 -0.42
CA ILE C 72 19.03 27.16 -0.04
C ILE C 72 19.99 28.17 -0.72
N PRO C 73 20.48 27.85 -1.90
CA PRO C 73 21.39 28.79 -2.61
C PRO C 73 20.58 29.95 -3.22
N TRP C 74 20.12 29.81 -4.43
CA TRP C 74 19.33 30.91 -5.07
C TRP C 74 18.28 30.35 -6.04
N PHE C 75 18.59 29.30 -6.76
CA PHE C 75 17.57 28.73 -7.71
C PHE C 75 17.89 27.27 -8.09
N GLN C 76 17.34 26.33 -7.36
CA GLN C 76 17.56 24.89 -7.67
C GLN C 76 16.44 24.06 -7.02
N TYR C 77 16.13 22.92 -7.59
CA TYR C 77 15.02 22.09 -7.04
C TYR C 77 15.51 20.74 -6.50
N PRO C 78 14.75 20.20 -5.58
CA PRO C 78 15.10 18.90 -4.99
C PRO C 78 14.28 17.79 -5.65
N ILE C 79 14.92 16.98 -6.45
CA ILE C 79 14.23 15.83 -7.10
C ILE C 79 15.29 14.73 -7.29
N ILE C 80 15.22 13.67 -6.53
CA ILE C 80 16.27 12.61 -6.62
C ILE C 80 15.66 11.22 -6.83
N TYR C 81 16.42 10.33 -7.42
CA TYR C 81 15.93 8.94 -7.67
C TYR C 81 16.48 8.00 -6.59
N ASP C 82 15.79 6.93 -6.30
CA ASP C 82 16.28 6.00 -5.25
C ASP C 82 16.36 4.56 -5.78
N ILE C 83 17.25 3.76 -5.26
CA ILE C 83 17.38 2.36 -5.74
C ILE C 83 16.35 1.46 -5.05
N ARG C 84 16.00 0.36 -5.66
CA ARG C 84 15.01 -0.57 -5.05
C ARG C 84 14.90 -1.86 -5.87
N ALA C 85 15.99 -2.57 -6.00
CA ALA C 85 15.95 -3.85 -6.79
C ALA C 85 15.41 -3.60 -8.20
N ARG C 86 15.38 -4.59 -9.04
CA ARG C 86 14.84 -4.37 -10.42
C ARG C 86 14.39 -5.70 -11.05
N PRO C 87 13.08 -5.85 -11.17
CA PRO C 87 12.50 -7.06 -11.77
C PRO C 87 12.10 -6.76 -13.22
N ARG C 88 12.78 -7.33 -14.19
CA ARG C 88 12.42 -7.04 -15.60
C ARG C 88 12.96 -8.16 -16.54
N LYS C 89 12.08 -9.01 -17.07
CA LYS C 89 12.53 -10.14 -17.97
C LYS C 89 11.35 -10.68 -18.82
N ILE C 90 11.62 -11.25 -19.98
CA ILE C 90 10.50 -11.79 -20.83
C ILE C 90 10.96 -12.91 -21.77
N SER C 91 10.05 -13.76 -22.17
CA SER C 91 10.40 -14.86 -23.11
C SER C 91 9.96 -14.48 -24.52
N SER C 92 10.89 -14.22 -25.40
CA SER C 92 10.51 -13.82 -26.79
C SER C 92 11.06 -14.81 -27.83
N PRO C 93 10.24 -15.16 -28.79
CA PRO C 93 10.65 -16.08 -29.86
C PRO C 93 11.05 -15.30 -31.11
N THR C 94 11.93 -15.83 -31.91
CA THR C 94 12.35 -15.12 -33.14
C THR C 94 12.21 -16.02 -34.37
N GLY C 95 11.98 -15.46 -35.52
CA GLY C 95 11.82 -16.29 -36.74
C GLY C 95 12.86 -15.87 -37.79
N SER C 96 13.82 -16.73 -38.05
CA SER C 96 14.87 -16.40 -39.05
C SER C 96 15.78 -17.61 -39.27
N LYS C 97 16.67 -17.87 -38.35
CA LYS C 97 17.59 -19.04 -38.50
C LYS C 97 16.78 -20.34 -38.39
N ASP C 98 17.41 -21.46 -38.66
CA ASP C 98 16.69 -22.77 -38.57
C ASP C 98 15.39 -22.71 -39.40
N LEU C 99 14.41 -23.50 -39.04
CA LEU C 99 13.13 -23.48 -39.81
C LEU C 99 12.00 -24.12 -38.99
N GLN C 100 11.86 -23.73 -37.75
CA GLN C 100 10.78 -24.31 -36.90
C GLN C 100 10.39 -23.33 -35.79
N MET C 101 11.04 -23.38 -34.66
CA MET C 101 10.70 -22.44 -33.55
C MET C 101 11.89 -22.31 -32.59
N VAL C 102 12.20 -21.12 -32.17
CA VAL C 102 13.35 -20.94 -31.24
C VAL C 102 13.05 -19.78 -30.27
N ASN C 103 13.12 -20.04 -29.00
CA ASN C 103 12.85 -18.96 -27.99
C ASN C 103 14.15 -18.43 -27.41
N ILE C 104 14.33 -17.14 -27.39
CA ILE C 104 15.58 -16.55 -26.83
C ILE C 104 15.24 -15.28 -26.03
N SER C 105 15.74 -15.19 -24.83
CA SER C 105 15.44 -13.99 -23.99
C SER C 105 16.62 -13.66 -23.08
N LEU C 106 16.80 -12.41 -22.72
CA LEU C 106 17.93 -12.04 -21.83
C LEU C 106 17.52 -10.88 -20.90
N ARG C 107 18.11 -10.80 -19.75
CA ARG C 107 17.76 -9.69 -18.81
C ARG C 107 19.01 -8.93 -18.37
N VAL C 108 18.87 -7.67 -18.06
CA VAL C 108 20.06 -6.87 -17.63
C VAL C 108 19.88 -6.39 -16.18
N LEU C 109 20.96 -6.20 -15.48
CA LEU C 109 20.85 -5.73 -14.06
C LEU C 109 21.43 -4.32 -13.92
N SER C 110 20.79 -3.48 -13.15
CA SER C 110 21.30 -2.09 -12.98
C SER C 110 21.99 -1.95 -11.61
N ARG C 111 23.25 -1.63 -11.59
CA ARG C 111 23.97 -1.48 -10.29
C ARG C 111 24.42 -0.02 -10.10
N PRO C 112 24.23 0.47 -8.90
CA PRO C 112 24.63 1.87 -8.59
C PRO C 112 26.15 1.97 -8.44
N ASN C 113 26.63 3.06 -7.87
CA ASN C 113 28.10 3.24 -7.69
C ASN C 113 28.81 3.24 -9.05
N ALA C 114 29.93 3.92 -9.13
CA ALA C 114 30.68 3.97 -10.42
C ALA C 114 29.74 4.38 -11.56
N GLN C 115 28.71 5.12 -11.26
CA GLN C 115 27.75 5.56 -12.31
C GLN C 115 27.39 7.04 -12.14
N GLU C 116 26.86 7.65 -13.16
CA GLU C 116 26.50 9.09 -13.05
C GLU C 116 25.07 9.31 -13.55
N LEU C 117 24.11 9.37 -12.66
CA LEU C 117 22.70 9.57 -13.08
C LEU C 117 22.49 10.98 -13.68
N PRO C 118 23.11 11.98 -13.11
CA PRO C 118 22.92 13.37 -13.65
C PRO C 118 23.57 13.52 -15.03
N SER C 119 24.82 13.15 -15.19
CA SER C 119 25.48 13.31 -16.53
C SER C 119 24.67 12.57 -17.60
N MET C 120 24.34 11.33 -17.35
CA MET C 120 23.58 10.54 -18.34
C MET C 120 22.08 10.85 -18.28
N TYR C 121 21.62 11.43 -17.19
CA TYR C 121 20.15 11.73 -17.07
C TYR C 121 19.60 12.37 -18.37
N GLN C 122 20.06 13.55 -18.71
CA GLN C 122 19.55 14.21 -19.96
C GLN C 122 19.89 13.35 -21.18
N ARG C 123 20.94 12.58 -21.11
CA ARG C 123 21.32 11.70 -22.25
C ARG C 123 20.47 10.43 -22.25
N LEU C 124 19.91 10.08 -21.11
CA LEU C 124 19.08 8.86 -21.01
C LEU C 124 17.71 9.10 -21.64
N GLY C 125 17.19 10.30 -21.53
CA GLY C 125 15.86 10.61 -22.11
C GLY C 125 14.79 10.57 -21.02
N LEU C 126 14.69 11.61 -20.24
CA LEU C 126 13.67 11.65 -19.14
C LEU C 126 13.79 10.39 -18.26
N ASP C 127 12.81 10.14 -17.44
CA ASP C 127 12.86 8.94 -16.56
C ASP C 127 11.98 7.82 -17.13
N TYR C 128 12.57 6.80 -17.66
CA TYR C 128 11.77 5.68 -18.24
C TYR C 128 12.66 4.49 -18.58
N GLU C 129 13.37 3.95 -17.60
CA GLU C 129 14.26 2.79 -17.87
C GLU C 129 13.53 1.70 -18.66
N GLU C 130 12.23 1.65 -18.56
CA GLU C 130 11.46 0.61 -19.32
C GLU C 130 11.83 0.66 -20.80
N ARG C 131 12.29 1.78 -21.28
CA ARG C 131 12.67 1.89 -22.71
C ARG C 131 14.08 1.35 -22.96
N VAL C 132 15.07 1.93 -22.32
CA VAL C 132 16.48 1.48 -22.53
C VAL C 132 16.72 0.03 -22.06
N LEU C 133 15.86 -0.50 -21.23
CA LEU C 133 16.09 -1.90 -20.75
C LEU C 133 15.84 -2.92 -21.86
N PRO C 134 14.63 -2.99 -22.36
CA PRO C 134 14.30 -3.96 -23.43
C PRO C 134 14.84 -3.49 -24.79
N SER C 135 14.82 -2.22 -25.05
CA SER C 135 15.32 -1.71 -26.36
C SER C 135 16.72 -2.25 -26.68
N ILE C 136 17.63 -2.13 -25.76
CA ILE C 136 19.02 -2.63 -26.01
C ILE C 136 19.06 -4.16 -25.90
N VAL C 137 18.31 -4.72 -25.00
CA VAL C 137 18.31 -6.20 -24.83
C VAL C 137 17.56 -6.86 -25.99
N ASN C 138 16.30 -6.57 -26.15
CA ASN C 138 15.52 -7.18 -27.26
C ASN C 138 16.20 -6.93 -28.62
N GLU C 139 17.00 -5.90 -28.71
CA GLU C 139 17.70 -5.61 -30.00
C GLU C 139 18.91 -6.53 -30.18
N VAL C 140 19.89 -6.39 -29.33
CA VAL C 140 21.11 -7.25 -29.46
C VAL C 140 20.73 -8.73 -29.33
N LEU C 141 19.59 -9.02 -28.76
CA LEU C 141 19.17 -10.44 -28.60
C LEU C 141 18.62 -10.99 -29.92
N LYS C 142 17.82 -10.22 -30.61
CA LYS C 142 17.25 -10.71 -31.91
C LYS C 142 18.35 -10.82 -32.97
N SER C 143 19.45 -10.15 -32.78
CA SER C 143 20.55 -10.22 -33.79
C SER C 143 21.38 -11.50 -33.60
N VAL C 144 21.32 -12.08 -32.43
CA VAL C 144 22.11 -13.33 -32.17
C VAL C 144 21.39 -14.56 -32.75
N VAL C 145 20.12 -14.69 -32.50
CA VAL C 145 19.37 -15.88 -33.03
C VAL C 145 19.52 -15.97 -34.55
N ALA C 146 19.46 -14.88 -35.24
CA ALA C 146 19.61 -14.90 -36.73
C ALA C 146 21.03 -15.33 -37.11
N LYS C 147 21.97 -15.22 -36.20
CA LYS C 147 23.37 -15.60 -36.50
C LYS C 147 23.47 -17.00 -37.13
N PHE C 148 23.11 -18.02 -36.39
CA PHE C 148 23.21 -19.41 -36.95
C PHE C 148 21.97 -20.24 -36.59
N ASN C 149 21.99 -21.51 -36.91
CA ASN C 149 20.83 -22.39 -36.60
C ASN C 149 20.61 -22.52 -35.09
N ALA C 150 19.50 -23.07 -34.69
CA ALA C 150 19.21 -23.22 -33.23
C ALA C 150 19.93 -24.45 -32.66
N SER C 151 20.28 -25.39 -33.49
CA SER C 151 20.98 -26.61 -32.99
C SER C 151 22.17 -26.22 -32.10
N GLN C 152 22.87 -25.18 -32.47
CA GLN C 152 24.03 -24.73 -31.64
C GLN C 152 23.55 -23.91 -30.44
N LEU C 153 22.40 -23.31 -30.55
CA LEU C 153 21.87 -22.49 -29.42
C LEU C 153 21.23 -23.39 -28.35
N ILE C 154 20.58 -24.45 -28.75
CA ILE C 154 19.94 -25.36 -27.76
C ILE C 154 21.00 -26.25 -27.09
N THR C 155 22.13 -26.43 -27.72
CA THR C 155 23.20 -27.28 -27.11
C THR C 155 23.52 -26.81 -25.70
N GLN C 156 23.29 -25.55 -25.42
CA GLN C 156 23.58 -25.02 -24.06
C GLN C 156 23.01 -23.60 -23.92
N ARG C 157 21.88 -23.46 -23.28
CA ARG C 157 21.27 -22.11 -23.10
C ARG C 157 22.29 -21.13 -22.51
N ALA C 158 23.28 -21.64 -21.81
CA ALA C 158 24.31 -20.75 -21.21
C ALA C 158 25.35 -20.35 -22.26
N GLN C 159 25.68 -21.23 -23.17
CA GLN C 159 26.70 -20.89 -24.21
C GLN C 159 26.31 -19.61 -24.94
N VAL C 160 25.07 -19.50 -25.33
CA VAL C 160 24.63 -18.27 -26.05
C VAL C 160 24.71 -17.05 -25.13
N SER C 161 24.72 -17.26 -23.84
CA SER C 161 24.79 -16.11 -22.89
C SER C 161 26.14 -15.41 -23.02
N LEU C 162 27.21 -16.16 -23.06
CA LEU C 162 28.57 -15.54 -23.18
C LEU C 162 28.68 -14.77 -24.49
N LEU C 163 28.17 -15.33 -25.57
CA LEU C 163 28.24 -14.63 -26.88
C LEU C 163 27.44 -13.33 -26.83
N ILE C 164 26.28 -13.36 -26.23
CA ILE C 164 25.44 -12.12 -26.15
C ILE C 164 25.97 -11.20 -25.05
N ARG C 165 26.63 -11.75 -24.06
CA ARG C 165 27.16 -10.90 -22.95
C ARG C 165 28.10 -9.83 -23.52
N ARG C 166 28.77 -10.12 -24.60
CA ARG C 166 29.70 -9.13 -25.20
C ARG C 166 28.91 -8.04 -25.95
N GLU C 167 27.94 -8.44 -26.72
CA GLU C 167 27.13 -7.44 -27.48
C GLU C 167 26.28 -6.61 -26.50
N LEU C 168 25.88 -7.19 -25.40
CA LEU C 168 25.06 -6.44 -24.41
C LEU C 168 25.94 -5.46 -23.63
N THR C 169 27.08 -5.91 -23.18
CA THR C 169 28.00 -5.01 -22.41
C THR C 169 28.41 -3.81 -23.28
N GLU C 170 28.67 -4.05 -24.55
CA GLU C 170 29.08 -2.93 -25.44
C GLU C 170 27.95 -1.90 -25.54
N ARG C 171 26.75 -2.35 -25.75
CA ARG C 171 25.60 -1.40 -25.85
C ARG C 171 25.23 -0.87 -24.47
N ALA C 172 25.30 -1.71 -23.46
CA ALA C 172 24.94 -1.27 -22.08
C ALA C 172 25.91 -0.17 -21.63
N LYS C 173 27.13 -0.20 -22.12
CA LYS C 173 28.11 0.85 -21.71
C LYS C 173 27.61 2.23 -22.10
N ASP C 174 26.76 2.31 -23.11
CA ASP C 174 26.23 3.64 -23.53
C ASP C 174 25.56 4.34 -22.36
N PHE C 175 24.62 3.69 -21.72
CA PHE C 175 23.93 4.33 -20.56
C PHE C 175 24.87 4.35 -19.35
N SER C 176 25.65 5.39 -19.22
CA SER C 176 26.60 5.51 -18.07
C SER C 176 27.59 4.35 -18.09
N LEU C 177 28.66 4.45 -17.33
CA LEU C 177 29.67 3.36 -17.31
C LEU C 177 29.51 2.53 -16.05
N ILE C 178 29.08 1.29 -16.19
CA ILE C 178 28.89 0.43 -14.99
C ILE C 178 29.02 -1.05 -15.39
N LEU C 179 29.43 -1.88 -14.47
CA LEU C 179 29.57 -3.33 -14.79
C LEU C 179 28.37 -4.12 -14.26
N ASP C 180 27.56 -4.64 -15.13
CA ASP C 180 26.36 -5.40 -14.68
C ASP C 180 26.44 -6.85 -15.16
N ASP C 181 25.81 -7.76 -14.45
CA ASP C 181 25.84 -9.19 -14.85
C ASP C 181 24.53 -9.56 -15.54
N VAL C 182 24.61 -10.09 -16.74
CA VAL C 182 23.37 -10.45 -17.48
C VAL C 182 23.35 -11.95 -17.83
N ALA C 183 22.47 -12.69 -17.22
CA ALA C 183 22.39 -14.14 -17.53
C ALA C 183 21.02 -14.45 -18.12
N ILE C 184 20.92 -15.48 -18.91
CA ILE C 184 19.62 -15.79 -19.55
C ILE C 184 18.92 -17.01 -18.90
N THR C 185 17.73 -16.80 -18.38
CA THR C 185 16.95 -17.95 -17.83
C THR C 185 15.95 -18.26 -18.93
N GLU C 186 16.12 -19.35 -19.64
CA GLU C 186 15.20 -19.62 -20.77
C GLU C 186 15.14 -21.07 -21.21
N LEU C 187 14.02 -21.44 -21.75
CA LEU C 187 13.83 -22.81 -22.30
C LEU C 187 13.42 -22.66 -23.77
N SER C 188 13.93 -23.47 -24.65
CA SER C 188 13.58 -23.30 -26.10
C SER C 188 12.53 -24.31 -26.55
N PHE C 189 11.77 -23.94 -27.55
CA PHE C 189 10.71 -24.86 -28.07
C PHE C 189 11.18 -25.55 -29.35
N SER C 190 10.70 -26.72 -29.62
CA SER C 190 11.13 -27.45 -30.85
C SER C 190 10.00 -28.36 -31.35
N MET D 1 4.09 73.02 -5.49
CA MET D 1 4.25 72.47 -4.12
C MET D 1 3.32 71.26 -3.95
N ALA D 2 3.71 70.31 -3.12
CA ALA D 2 2.86 69.11 -2.90
C ALA D 2 2.85 68.72 -1.43
N GLN D 3 2.16 69.47 -0.61
CA GLN D 3 2.10 69.15 0.85
C GLN D 3 1.39 67.81 1.07
N ASN D 4 0.55 67.41 0.15
CA ASN D 4 -0.18 66.13 0.31
C ASN D 4 0.81 64.95 0.41
N LEU D 5 1.97 65.09 -0.17
CA LEU D 5 2.98 63.99 -0.09
C LEU D 5 3.36 63.71 1.36
N LYS D 6 3.51 64.75 2.15
CA LYS D 6 3.89 64.56 3.58
C LYS D 6 2.78 63.77 4.30
N ASP D 7 1.55 64.03 3.97
CA ASP D 7 0.43 63.30 4.64
C ASP D 7 0.45 61.83 4.22
N LEU D 8 0.55 61.57 2.94
CA LEU D 8 0.57 60.17 2.45
C LEU D 8 1.80 59.44 3.02
N ALA D 9 2.95 60.06 2.96
CA ALA D 9 4.18 59.41 3.50
C ALA D 9 4.02 59.16 5.01
N GLY D 10 3.11 59.84 5.64
CA GLY D 10 2.90 59.64 7.11
C GLY D 10 2.55 58.18 7.39
N ARG D 11 2.10 57.46 6.41
CA ARG D 11 1.73 56.03 6.62
C ARG D 11 2.92 55.26 7.25
N LEU D 12 4.12 55.69 6.98
CA LEU D 12 5.30 54.97 7.54
C LEU D 12 5.49 55.34 9.03
N PRO D 13 5.70 56.61 9.30
CA PRO D 13 5.88 57.05 10.70
C PRO D 13 4.55 56.99 11.47
N ALA D 14 4.58 57.28 12.74
CA ALA D 14 3.32 57.23 13.55
C ALA D 14 2.64 55.87 13.41
N GLY D 15 1.56 55.67 14.11
CA GLY D 15 0.83 54.36 14.01
C GLY D 15 1.75 53.24 14.50
N PRO D 16 2.19 53.35 15.72
CA PRO D 16 3.09 52.32 16.31
C PRO D 16 2.31 51.05 16.61
N ARG D 17 1.14 51.18 17.18
CA ARG D 17 0.33 49.96 17.50
C ARG D 17 -0.12 49.28 16.21
N GLY D 18 -0.31 50.04 15.16
CA GLY D 18 -0.75 49.44 13.86
C GLY D 18 0.36 48.55 13.30
N MET D 19 1.59 48.91 13.56
CA MET D 19 2.73 48.10 13.02
C MET D 19 2.95 46.87 13.91
N GLY D 20 2.65 46.97 15.18
CA GLY D 20 2.83 45.81 16.09
C GLY D 20 1.92 44.66 15.65
N THR D 21 0.77 44.97 15.11
CA THR D 21 -0.16 43.89 14.67
C THR D 21 0.35 43.27 13.36
N ALA D 22 1.11 44.00 12.60
CA ALA D 22 1.63 43.45 11.31
C ALA D 22 2.42 42.17 11.56
N LEU D 23 3.01 42.04 12.73
CA LEU D 23 3.79 40.81 13.05
C LEU D 23 2.86 39.59 13.06
N LYS D 24 1.73 39.70 13.70
CA LYS D 24 0.78 38.54 13.76
C LYS D 24 0.40 38.12 12.34
N LEU D 25 0.40 39.05 11.41
CA LEU D 25 0.03 38.70 10.00
C LEU D 25 1.12 37.81 9.38
N LEU D 26 2.36 38.20 9.52
CA LEU D 26 3.46 37.38 8.92
C LEU D 26 3.45 35.97 9.51
N LEU D 27 3.24 35.85 10.79
CA LEU D 27 3.22 34.49 11.41
C LEU D 27 2.05 33.68 10.86
N GLY D 28 0.89 34.27 10.77
CA GLY D 28 -0.30 33.53 10.24
C GLY D 28 -0.04 33.13 8.78
N ALA D 29 0.61 34.00 8.03
CA ALA D 29 0.89 33.67 6.60
C ALA D 29 1.76 32.41 6.51
N GLY D 30 2.76 32.31 7.35
CA GLY D 30 3.65 31.11 7.31
C GLY D 30 2.83 29.86 7.65
N ALA D 31 1.82 30.01 8.47
CA ALA D 31 0.98 28.83 8.84
C ALA D 31 0.28 28.27 7.61
N VAL D 32 -0.16 29.14 6.72
CA VAL D 32 -0.86 28.66 5.49
C VAL D 32 0.09 27.83 4.63
N ALA D 33 1.34 28.20 4.57
CA ALA D 33 2.31 27.42 3.75
C ALA D 33 2.26 25.93 4.09
N TYR D 34 1.91 25.60 5.31
CA TYR D 34 1.84 24.16 5.68
C TYR D 34 0.68 23.47 4.95
N GLY D 35 -0.48 24.06 4.98
CA GLY D 35 -1.64 23.43 4.29
C GLY D 35 -1.36 23.31 2.78
N VAL D 36 -0.66 24.26 2.23
CA VAL D 36 -0.35 24.22 0.76
C VAL D 36 0.84 23.29 0.46
N ARG D 37 1.75 23.14 1.38
CA ARG D 37 2.93 22.26 1.11
C ARG D 37 2.50 20.87 0.63
N GLU D 38 1.36 20.40 1.04
CA GLU D 38 0.90 19.04 0.61
C GLU D 38 0.41 19.10 -0.86
N SER D 39 -0.07 20.24 -1.31
CA SER D 39 -0.55 20.34 -2.74
C SER D 39 0.20 21.44 -3.51
N VAL D 40 -0.02 21.54 -4.81
CA VAL D 40 0.69 22.59 -5.62
C VAL D 40 0.19 22.58 -7.09
N PHE D 41 0.54 23.59 -7.87
CA PHE D 41 0.09 23.61 -9.30
C PHE D 41 1.30 23.54 -10.25
N THR D 42 2.31 24.34 -10.03
CA THR D 42 3.51 24.31 -10.93
C THR D 42 4.04 22.88 -11.06
N VAL D 43 4.02 22.34 -12.24
CA VAL D 43 4.54 20.95 -12.44
C VAL D 43 5.94 20.82 -11.85
N GLU D 44 6.12 19.94 -10.90
CA GLU D 44 7.46 19.76 -10.26
C GLU D 44 8.55 19.61 -11.33
N GLY D 45 8.64 18.45 -11.94
CA GLY D 45 9.68 18.23 -12.98
C GLY D 45 9.51 16.85 -13.60
N GLY D 46 9.41 16.78 -14.89
CA GLY D 46 9.22 15.45 -15.56
C GLY D 46 7.75 15.25 -15.90
N HIS D 47 6.87 15.93 -15.22
CA HIS D 47 5.41 15.76 -15.51
C HIS D 47 4.89 16.94 -16.33
N ARG D 48 3.87 16.71 -17.09
CA ARG D 48 3.29 17.77 -17.99
C ARG D 48 2.00 18.39 -17.37
N ALA D 49 1.66 19.64 -17.70
CA ALA D 49 0.43 20.29 -17.09
C ALA D 49 -0.79 20.34 -18.03
N ILE D 50 -1.95 20.42 -17.44
CA ILE D 50 -3.25 20.45 -18.21
C ILE D 50 -4.17 21.57 -17.67
N PHE D 51 -5.08 22.10 -18.46
CA PHE D 51 -5.97 23.23 -17.96
C PHE D 51 -7.47 22.96 -18.11
N PHE D 52 -8.28 23.39 -17.15
CA PHE D 52 -9.77 23.22 -17.23
C PHE D 52 -10.50 24.17 -16.26
N ASN D 53 -11.73 24.52 -16.54
CA ASN D 53 -12.50 25.45 -15.64
C ASN D 53 -13.50 24.66 -14.78
N ARG D 54 -13.86 25.21 -13.61
CA ARG D 54 -14.84 24.50 -12.70
C ARG D 54 -15.87 23.68 -13.50
N ILE D 55 -16.35 24.22 -14.59
CA ILE D 55 -17.34 23.46 -15.41
C ILE D 55 -16.77 22.10 -15.78
N GLY D 56 -17.11 21.08 -15.03
CA GLY D 56 -16.58 19.71 -15.31
C GLY D 56 -16.78 19.35 -16.79
N GLY D 57 -16.00 18.43 -17.29
CA GLY D 57 -16.14 18.03 -18.72
C GLY D 57 -14.76 17.67 -19.30
N VAL D 58 -14.13 18.59 -19.96
CA VAL D 58 -12.79 18.30 -20.55
C VAL D 58 -11.72 18.16 -19.46
N GLN D 59 -10.53 17.75 -19.83
CA GLN D 59 -9.42 17.60 -18.85
C GLN D 59 -9.75 16.57 -17.77
N GLN D 60 -8.76 15.84 -17.33
CA GLN D 60 -8.95 14.80 -16.26
C GLN D 60 -7.64 14.00 -16.13
N ASP D 61 -7.28 13.31 -17.17
CA ASP D 61 -6.01 12.52 -17.15
C ASP D 61 -5.16 12.95 -18.34
N THR D 62 -4.46 14.05 -18.21
CA THR D 62 -3.63 14.56 -19.36
C THR D 62 -2.22 14.98 -18.90
N ILE D 63 -1.51 15.70 -19.74
CA ILE D 63 -0.11 16.15 -19.40
C ILE D 63 0.52 16.88 -20.64
N LEU D 64 1.07 18.08 -20.46
CA LEU D 64 1.70 18.82 -21.63
C LEU D 64 3.06 19.49 -21.25
N ALA D 65 4.17 18.79 -21.47
CA ALA D 65 5.57 19.33 -21.18
C ALA D 65 5.67 20.17 -19.88
N GLU D 66 6.88 20.62 -19.53
CA GLU D 66 7.07 21.44 -18.27
C GLU D 66 7.12 22.94 -18.57
N GLY D 67 6.77 23.75 -17.60
CA GLY D 67 6.80 25.23 -17.77
C GLY D 67 6.80 25.87 -16.38
N LEU D 68 7.29 27.07 -16.23
CA LEU D 68 7.27 27.69 -14.87
C LEU D 68 6.02 28.58 -14.79
N HIS D 69 5.02 28.11 -14.09
CA HIS D 69 3.74 28.87 -13.97
C HIS D 69 2.95 28.36 -12.75
N PHE D 70 2.14 29.19 -12.16
CA PHE D 70 1.33 28.73 -10.98
C PHE D 70 -0.16 28.86 -11.31
N ARG D 71 -0.99 28.03 -10.72
CA ARG D 71 -2.46 28.13 -11.00
C ARG D 71 -3.02 29.37 -10.31
N ILE D 72 -2.54 30.52 -10.66
CA ILE D 72 -3.03 31.77 -10.02
C ILE D 72 -3.53 32.78 -11.07
N PRO D 73 -4.13 32.29 -12.14
CA PRO D 73 -4.65 33.20 -13.18
C PRO D 73 -5.97 33.86 -12.72
N TRP D 74 -7.07 33.17 -12.83
CA TRP D 74 -8.37 33.74 -12.39
C TRP D 74 -9.44 32.66 -12.38
N PHE D 75 -9.42 31.75 -13.33
CA PHE D 75 -10.45 30.67 -13.36
C PHE D 75 -9.96 29.46 -14.17
N GLN D 76 -8.99 28.74 -13.66
CA GLN D 76 -8.49 27.55 -14.39
C GLN D 76 -8.04 26.47 -13.40
N TYR D 77 -8.10 25.23 -13.78
CA TYR D 77 -7.69 24.13 -12.87
C TYR D 77 -6.94 23.07 -13.66
N PRO D 78 -5.76 22.75 -13.21
CA PRO D 78 -4.97 21.73 -13.91
C PRO D 78 -5.06 20.38 -13.20
N ILE D 79 -5.77 19.45 -13.78
CA ILE D 79 -5.82 18.08 -13.20
C ILE D 79 -4.87 17.27 -14.08
N ILE D 80 -3.74 16.90 -13.56
CA ILE D 80 -2.73 16.20 -14.42
C ILE D 80 -2.68 14.69 -14.20
N TYR D 81 -2.21 13.98 -15.20
CA TYR D 81 -2.14 12.49 -15.13
C TYR D 81 -0.70 12.03 -14.79
N ASP D 82 -0.54 11.19 -13.81
CA ASP D 82 0.83 10.72 -13.46
C ASP D 82 1.06 9.30 -14.02
N ILE D 83 2.29 8.98 -14.31
CA ILE D 83 2.59 7.63 -14.90
C ILE D 83 3.11 6.67 -13.82
N ARG D 84 3.29 5.42 -14.17
CA ARG D 84 3.79 4.42 -13.19
C ARG D 84 3.99 3.06 -13.89
N ALA D 85 2.91 2.41 -14.22
CA ALA D 85 3.01 1.09 -14.92
C ALA D 85 1.62 0.68 -15.42
N ARG D 86 1.55 -0.06 -16.51
CA ARG D 86 0.22 -0.47 -17.03
C ARG D 86 0.18 -1.96 -17.37
N PRO D 87 -0.53 -2.72 -16.56
CA PRO D 87 -0.68 -4.17 -16.78
C PRO D 87 -2.02 -4.45 -17.44
N ARG D 88 -2.04 -4.89 -18.68
CA ARG D 88 -3.35 -5.16 -19.34
C ARG D 88 -3.15 -6.18 -20.51
N LYS D 89 -3.61 -7.41 -20.34
CA LYS D 89 -3.46 -8.46 -21.42
C LYS D 89 -4.43 -9.64 -21.19
N ILE D 90 -4.83 -10.35 -22.23
CA ILE D 90 -5.78 -11.51 -22.04
C ILE D 90 -5.53 -12.67 -23.01
N SER D 91 -5.91 -13.85 -22.60
CA SER D 91 -5.78 -15.04 -23.49
C SER D 91 -7.18 -15.39 -24.03
N SER D 92 -7.41 -15.19 -25.30
CA SER D 92 -8.76 -15.48 -25.85
C SER D 92 -8.68 -16.45 -27.05
N PRO D 93 -9.75 -17.20 -27.24
CA PRO D 93 -9.81 -18.18 -28.34
C PRO D 93 -10.60 -17.58 -29.52
N THR D 94 -10.28 -17.98 -30.72
CA THR D 94 -11.01 -17.44 -31.91
C THR D 94 -11.19 -18.54 -32.96
N GLY D 95 -12.32 -18.58 -33.61
CA GLY D 95 -12.56 -19.62 -34.65
C GLY D 95 -12.84 -18.95 -35.99
N SER D 96 -11.99 -19.15 -36.96
CA SER D 96 -12.20 -18.53 -38.30
C SER D 96 -11.42 -19.30 -39.37
N LYS D 97 -10.12 -19.24 -39.31
CA LYS D 97 -9.29 -19.97 -40.33
C LYS D 97 -8.79 -21.30 -39.76
N ASP D 98 -8.57 -22.27 -40.61
CA ASP D 98 -8.09 -23.61 -40.12
C ASP D 98 -9.12 -24.26 -39.20
N LEU D 99 -10.34 -23.77 -39.19
CA LEU D 99 -11.38 -24.38 -38.32
C LEU D 99 -10.87 -24.53 -36.88
N GLN D 100 -11.46 -25.41 -36.12
CA GLN D 100 -11.00 -25.62 -34.70
C GLN D 100 -11.00 -24.28 -33.95
N MET D 101 -10.28 -24.20 -32.86
CA MET D 101 -10.23 -22.93 -32.08
C MET D 101 -8.79 -22.56 -31.73
N VAL D 102 -8.36 -21.39 -32.13
CA VAL D 102 -6.97 -20.96 -31.81
C VAL D 102 -7.00 -19.85 -30.76
N ASN D 103 -5.99 -19.76 -29.94
CA ASN D 103 -5.98 -18.71 -28.88
C ASN D 103 -5.00 -17.60 -29.24
N ILE D 104 -5.37 -16.37 -28.98
CA ILE D 104 -4.46 -15.22 -29.29
C ILE D 104 -4.40 -14.27 -28.10
N SER D 105 -3.22 -13.96 -27.64
CA SER D 105 -3.08 -13.05 -26.48
C SER D 105 -1.97 -12.03 -26.74
N LEU D 106 -2.28 -10.75 -26.66
CA LEU D 106 -1.24 -9.71 -26.92
C LEU D 106 -1.35 -8.59 -25.90
N ARG D 107 -0.24 -8.01 -25.52
CA ARG D 107 -0.26 -6.89 -24.53
C ARG D 107 0.07 -5.56 -25.22
N VAL D 108 -0.49 -4.49 -24.77
CA VAL D 108 -0.20 -3.17 -25.40
C VAL D 108 0.52 -2.24 -24.42
N LEU D 109 1.33 -1.35 -24.94
CA LEU D 109 2.06 -0.41 -24.05
C LEU D 109 1.53 1.02 -24.22
N SER D 110 1.39 1.76 -23.16
CA SER D 110 0.88 3.16 -23.27
C SER D 110 1.96 4.15 -22.84
N ARG D 111 2.30 5.08 -23.70
CA ARG D 111 3.35 6.08 -23.34
C ARG D 111 2.79 7.50 -23.44
N PRO D 112 2.62 8.13 -22.29
CA PRO D 112 2.09 9.51 -22.25
C PRO D 112 3.22 10.54 -22.44
N ASN D 113 4.44 10.07 -22.61
CA ASN D 113 5.57 11.03 -22.78
C ASN D 113 5.27 12.03 -23.90
N ALA D 114 4.58 11.60 -24.93
CA ALA D 114 4.25 12.54 -26.05
C ALA D 114 3.38 13.68 -25.53
N GLN D 115 3.79 14.90 -25.74
CA GLN D 115 2.98 16.06 -25.27
C GLN D 115 1.70 16.19 -26.10
N GLU D 116 0.77 15.30 -25.91
CA GLU D 116 -0.51 15.37 -26.68
C GLU D 116 -1.68 14.87 -25.83
N LEU D 117 -1.55 14.92 -24.54
CA LEU D 117 -2.66 14.44 -23.65
C LEU D 117 -3.88 15.37 -23.75
N PRO D 118 -3.67 16.67 -23.79
CA PRO D 118 -4.80 17.63 -23.86
C PRO D 118 -5.55 17.53 -25.19
N SER D 119 -4.93 17.88 -26.29
CA SER D 119 -5.65 17.81 -27.60
C SER D 119 -6.25 16.41 -27.81
N MET D 120 -5.52 15.40 -27.41
CA MET D 120 -6.04 14.01 -27.58
C MET D 120 -7.02 13.62 -26.48
N TYR D 121 -7.01 14.31 -25.36
CA TYR D 121 -7.96 13.91 -24.26
C TYR D 121 -9.42 14.04 -24.71
N GLN D 122 -9.90 15.23 -24.96
CA GLN D 122 -11.33 15.37 -25.39
C GLN D 122 -11.60 14.43 -26.57
N ARG D 123 -10.59 14.18 -27.36
CA ARG D 123 -10.75 13.24 -28.51
C ARG D 123 -10.66 11.80 -28.00
N LEU D 124 -9.94 11.61 -26.92
CA LEU D 124 -9.79 10.24 -26.34
C LEU D 124 -11.12 9.76 -25.78
N GLY D 125 -11.72 10.52 -24.90
CA GLY D 125 -13.03 10.11 -24.32
C GLY D 125 -12.90 10.00 -22.80
N LEU D 126 -12.46 11.05 -22.16
CA LEU D 126 -12.30 11.02 -20.67
C LEU D 126 -11.46 9.82 -20.25
N ASP D 127 -11.45 9.50 -18.98
CA ASP D 127 -10.64 8.34 -18.51
C ASP D 127 -11.35 7.03 -18.89
N TYR D 128 -11.22 6.62 -20.13
CA TYR D 128 -11.87 5.35 -20.56
C TYR D 128 -10.87 4.47 -21.30
N GLU D 129 -9.65 4.39 -20.81
CA GLU D 129 -8.62 3.55 -21.47
C GLU D 129 -9.09 2.09 -21.53
N GLU D 130 -9.70 1.61 -20.48
CA GLU D 130 -10.19 0.19 -20.48
C GLU D 130 -11.08 -0.08 -21.68
N ARG D 131 -11.68 0.95 -22.22
CA ARG D 131 -12.58 0.76 -23.40
C ARG D 131 -11.77 0.65 -24.70
N VAL D 132 -10.85 1.56 -24.92
CA VAL D 132 -10.05 1.53 -26.18
C VAL D 132 -8.90 0.51 -26.10
N LEU D 133 -8.41 0.23 -24.92
CA LEU D 133 -7.28 -0.75 -24.82
C LEU D 133 -7.64 -2.08 -25.48
N PRO D 134 -8.71 -2.68 -25.03
CA PRO D 134 -9.14 -3.98 -25.61
C PRO D 134 -9.87 -3.76 -26.94
N SER D 135 -10.70 -2.74 -27.02
CA SER D 135 -11.45 -2.48 -28.28
C SER D 135 -10.51 -2.45 -29.49
N ILE D 136 -9.29 -2.03 -29.30
CA ILE D 136 -8.33 -1.97 -30.44
C ILE D 136 -7.74 -3.35 -30.71
N VAL D 137 -7.11 -3.95 -29.73
CA VAL D 137 -6.49 -5.28 -29.93
C VAL D 137 -7.56 -6.37 -30.08
N ASN D 138 -8.59 -6.33 -29.27
CA ASN D 138 -9.66 -7.38 -29.39
C ASN D 138 -10.27 -7.35 -30.78
N GLU D 139 -10.25 -6.22 -31.44
CA GLU D 139 -10.82 -6.13 -32.81
C GLU D 139 -9.84 -6.67 -33.84
N VAL D 140 -8.63 -6.17 -33.84
CA VAL D 140 -7.62 -6.64 -34.83
C VAL D 140 -7.15 -8.06 -34.48
N LEU D 141 -7.22 -8.42 -33.22
CA LEU D 141 -6.77 -9.79 -32.81
C LEU D 141 -7.55 -10.86 -33.59
N LYS D 142 -8.84 -10.85 -33.49
CA LYS D 142 -9.65 -11.87 -34.22
C LYS D 142 -9.73 -11.53 -35.71
N SER D 143 -9.50 -10.29 -36.06
CA SER D 143 -9.56 -9.89 -37.50
C SER D 143 -8.35 -10.45 -38.25
N VAL D 144 -7.23 -10.57 -37.59
CA VAL D 144 -6.01 -11.10 -38.27
C VAL D 144 -6.11 -12.63 -38.40
N VAL D 145 -6.40 -13.31 -37.32
CA VAL D 145 -6.49 -14.80 -37.38
C VAL D 145 -7.54 -15.22 -38.42
N ALA D 146 -8.50 -14.37 -38.70
CA ALA D 146 -9.55 -14.72 -39.70
C ALA D 146 -8.90 -14.97 -41.07
N LYS D 147 -8.02 -14.11 -41.49
CA LYS D 147 -7.36 -14.30 -42.81
C LYS D 147 -6.22 -15.31 -42.69
N PHE D 148 -5.26 -15.04 -41.84
CA PHE D 148 -4.12 -15.99 -41.67
C PHE D 148 -4.63 -17.33 -41.15
N ASN D 149 -3.83 -18.36 -41.26
CA ASN D 149 -4.26 -19.70 -40.76
C ASN D 149 -3.55 -20.04 -39.45
N ALA D 150 -4.01 -21.06 -38.77
CA ALA D 150 -3.36 -21.45 -37.49
C ALA D 150 -2.06 -22.21 -37.76
N SER D 151 -2.02 -22.98 -38.82
CA SER D 151 -0.78 -23.75 -39.15
C SER D 151 0.41 -22.80 -39.24
N GLN D 152 0.27 -21.70 -39.91
CA GLN D 152 1.39 -20.72 -40.03
C GLN D 152 1.59 -19.99 -38.70
N LEU D 153 0.55 -19.88 -37.92
CA LEU D 153 0.67 -19.18 -36.61
C LEU D 153 1.48 -20.03 -35.63
N ILE D 154 1.14 -21.29 -35.50
CA ILE D 154 1.89 -22.18 -34.57
C ILE D 154 3.36 -22.30 -35.01
N THR D 155 3.62 -22.13 -36.28
CA THR D 155 5.02 -22.24 -36.78
C THR D 155 5.93 -21.29 -35.98
N GLN D 156 5.37 -20.22 -35.49
CA GLN D 156 6.17 -19.25 -34.69
C GLN D 156 5.24 -18.18 -34.09
N ARG D 157 4.97 -18.25 -32.82
CA ARG D 157 4.07 -17.23 -32.19
C ARG D 157 4.58 -15.82 -32.49
N ALA D 158 5.85 -15.68 -32.78
CA ALA D 158 6.40 -14.33 -33.08
C ALA D 158 6.09 -13.93 -34.53
N GLN D 159 5.79 -14.89 -35.38
CA GLN D 159 5.47 -14.56 -36.80
C GLN D 159 4.12 -13.86 -36.90
N VAL D 160 3.15 -14.32 -36.16
CA VAL D 160 1.80 -13.67 -36.22
C VAL D 160 1.89 -12.22 -35.73
N SER D 161 2.90 -11.89 -34.97
CA SER D 161 3.03 -10.50 -34.47
C SER D 161 3.29 -9.54 -35.64
N LEU D 162 4.02 -9.99 -36.64
CA LEU D 162 4.30 -9.11 -37.80
C LEU D 162 2.99 -8.66 -38.46
N LEU D 163 1.97 -9.47 -38.38
CA LEU D 163 0.66 -9.08 -38.99
C LEU D 163 -0.03 -8.03 -38.13
N ILE D 164 -0.37 -8.37 -36.91
CA ILE D 164 -1.05 -7.38 -36.02
C ILE D 164 -0.16 -6.16 -35.82
N ARG D 165 1.13 -6.34 -35.88
CA ARG D 165 2.07 -5.19 -35.69
C ARG D 165 1.76 -4.08 -36.70
N ARG D 166 1.17 -4.42 -37.82
CA ARG D 166 0.86 -3.39 -38.85
C ARG D 166 -0.42 -2.63 -38.48
N GLU D 167 -1.49 -3.34 -38.21
CA GLU D 167 -2.77 -2.65 -37.86
C GLU D 167 -2.76 -2.19 -36.39
N LEU D 168 -1.96 -2.80 -35.57
CA LEU D 168 -1.92 -2.39 -34.13
C LEU D 168 -1.33 -0.98 -33.99
N THR D 169 -0.26 -0.69 -34.68
CA THR D 169 0.36 0.66 -34.58
C THR D 169 -0.54 1.71 -35.27
N GLU D 170 -1.41 1.28 -36.14
CA GLU D 170 -2.30 2.25 -36.85
C GLU D 170 -3.36 2.80 -35.89
N ARG D 171 -4.08 1.93 -35.23
CA ARG D 171 -5.15 2.40 -34.29
C ARG D 171 -4.52 2.88 -32.98
N ALA D 172 -3.31 2.45 -32.69
CA ALA D 172 -2.66 2.88 -31.41
C ALA D 172 -2.53 4.40 -31.36
N LYS D 173 -2.24 5.03 -32.46
CA LYS D 173 -2.09 6.52 -32.47
C LYS D 173 -3.47 7.19 -32.45
N ASP D 174 -4.50 6.47 -32.82
CA ASP D 174 -5.87 7.07 -32.83
C ASP D 174 -6.24 7.59 -31.44
N PHE D 175 -5.62 7.09 -30.41
CA PHE D 175 -5.95 7.54 -29.04
C PHE D 175 -4.72 8.16 -28.36
N SER D 176 -4.85 8.55 -27.12
CA SER D 176 -3.69 9.17 -26.41
C SER D 176 -2.66 8.09 -26.06
N LEU D 177 -2.05 7.50 -27.05
CA LEU D 177 -1.03 6.45 -26.79
C LEU D 177 -0.08 6.32 -27.98
N ILE D 178 1.18 6.64 -27.81
CA ILE D 178 2.14 6.54 -28.93
C ILE D 178 3.41 5.79 -28.50
N LEU D 179 3.59 4.59 -28.99
CA LEU D 179 4.81 3.81 -28.63
C LEU D 179 5.04 2.71 -29.67
N ASP D 180 6.26 2.45 -30.03
CA ASP D 180 6.50 1.37 -31.04
C ASP D 180 6.97 0.10 -30.35
N ASP D 181 6.12 -0.89 -30.29
CA ASP D 181 6.50 -2.18 -29.65
C ASP D 181 5.53 -3.28 -30.11
N VAL D 182 6.00 -4.22 -30.88
CA VAL D 182 5.08 -5.30 -31.33
C VAL D 182 5.52 -6.66 -30.78
N ALA D 183 4.78 -7.17 -29.83
CA ALA D 183 5.12 -8.48 -29.22
C ALA D 183 3.91 -9.03 -28.48
N ILE D 184 3.80 -10.33 -28.36
CA ILE D 184 2.61 -10.88 -27.63
C ILE D 184 2.95 -12.22 -26.96
N THR D 185 2.42 -12.43 -25.77
CA THR D 185 2.66 -13.72 -25.07
C THR D 185 1.41 -14.56 -25.27
N GLU D 186 1.48 -15.61 -26.04
CA GLU D 186 0.23 -16.40 -26.29
C GLU D 186 0.52 -17.85 -26.70
N LEU D 187 -0.41 -18.71 -26.39
CA LEU D 187 -0.29 -20.14 -26.77
C LEU D 187 -1.61 -20.55 -27.43
N SER D 188 -1.56 -21.25 -28.53
CA SER D 188 -2.84 -21.62 -29.23
C SER D 188 -3.22 -23.07 -28.94
N PHE D 189 -4.50 -23.36 -29.00
CA PHE D 189 -4.98 -24.74 -28.73
C PHE D 189 -5.29 -25.46 -30.06
N SER D 190 -4.70 -26.61 -30.27
CA SER D 190 -4.95 -27.36 -31.53
C SER D 190 -5.01 -28.87 -31.25
N MET E 1 -28.68 60.52 1.75
CA MET E 1 -28.52 59.86 3.08
C MET E 1 -29.36 60.57 4.14
N ALA E 2 -30.00 59.83 5.00
CA ALA E 2 -30.84 60.47 6.06
C ALA E 2 -29.94 61.11 7.13
N GLN E 3 -30.53 61.62 8.18
CA GLN E 3 -29.71 62.25 9.26
C GLN E 3 -29.09 61.17 10.14
N ASN E 4 -29.78 60.08 10.35
CA ASN E 4 -29.23 58.99 11.21
C ASN E 4 -28.26 58.12 10.40
N LEU E 5 -28.41 58.10 9.11
CA LEU E 5 -27.49 57.27 8.26
C LEU E 5 -26.04 57.70 8.48
N LYS E 6 -25.80 58.98 8.58
CA LYS E 6 -24.40 59.45 8.81
C LYS E 6 -23.87 58.92 10.14
N ASP E 7 -24.74 58.67 11.08
CA ASP E 7 -24.28 58.14 12.39
C ASP E 7 -23.76 56.71 12.25
N LEU E 8 -24.50 55.87 11.59
CA LEU E 8 -24.05 54.45 11.41
C LEU E 8 -22.72 54.43 10.64
N ALA E 9 -22.65 55.14 9.55
CA ALA E 9 -21.38 55.16 8.76
C ALA E 9 -20.25 55.78 9.57
N GLY E 10 -20.56 56.71 10.43
CA GLY E 10 -19.51 57.36 11.25
C GLY E 10 -19.16 56.46 12.44
N ARG E 11 -20.06 55.59 12.84
CA ARG E 11 -19.77 54.68 13.98
C ARG E 11 -18.79 53.58 13.56
N LEU E 12 -18.74 53.26 12.29
CA LEU E 12 -17.81 52.19 11.82
C LEU E 12 -16.35 52.62 12.06
N PRO E 13 -15.97 53.74 11.49
CA PRO E 13 -14.59 54.24 11.65
C PRO E 13 -14.38 54.80 13.06
N ALA E 14 -14.50 53.97 14.06
CA ALA E 14 -14.31 54.46 15.46
C ALA E 14 -14.01 53.28 16.39
N GLY E 15 -12.75 53.05 16.68
CA GLY E 15 -12.38 51.92 17.58
C GLY E 15 -11.42 50.98 16.86
N PRO E 16 -10.15 51.30 16.94
CA PRO E 16 -9.11 50.47 16.28
C PRO E 16 -8.92 49.15 17.04
N ARG E 17 -9.30 49.11 18.29
CA ARG E 17 -9.15 47.85 19.08
C ARG E 17 -9.93 46.71 18.42
N GLY E 18 -11.10 47.01 17.92
CA GLY E 18 -11.92 45.95 17.27
C GLY E 18 -11.38 45.67 15.87
N MET E 19 -10.78 46.66 15.24
CA MET E 19 -10.23 46.45 13.88
C MET E 19 -8.88 45.73 13.95
N GLY E 20 -8.08 46.05 14.94
CA GLY E 20 -6.76 45.38 15.07
C GLY E 20 -6.97 43.88 15.33
N THR E 21 -7.97 43.55 16.10
CA THR E 21 -8.24 42.11 16.39
C THR E 21 -8.80 41.42 15.15
N ALA E 22 -9.46 42.16 14.29
CA ALA E 22 -10.04 41.55 13.06
C ALA E 22 -8.97 40.79 12.29
N LEU E 23 -7.73 41.19 12.41
CA LEU E 23 -6.64 40.48 11.68
C LEU E 23 -6.55 39.02 12.16
N LYS E 24 -6.70 38.81 13.44
CA LYS E 24 -6.63 37.40 13.96
C LYS E 24 -7.64 36.52 13.21
N LEU E 25 -8.72 37.10 12.76
CA LEU E 25 -9.74 36.30 12.02
C LEU E 25 -9.21 35.91 10.64
N LEU E 26 -8.69 36.85 9.89
CA LEU E 26 -8.14 36.54 8.54
C LEU E 26 -7.03 35.49 8.65
N LEU E 27 -6.25 35.55 9.68
CA LEU E 27 -5.15 34.56 9.85
C LEU E 27 -5.73 33.20 10.26
N GLY E 28 -6.71 33.19 11.12
CA GLY E 28 -7.32 31.91 11.56
C GLY E 28 -8.11 31.29 10.41
N ALA E 29 -8.62 32.11 9.52
CA ALA E 29 -9.40 31.57 8.38
C ALA E 29 -8.52 30.67 7.51
N GLY E 30 -7.26 31.00 7.39
CA GLY E 30 -6.34 30.17 6.56
C GLY E 30 -6.09 28.82 7.25
N ALA E 31 -6.08 28.82 8.55
CA ALA E 31 -5.86 27.54 9.29
C ALA E 31 -7.04 26.59 9.09
N VAL E 32 -8.23 27.12 8.97
CA VAL E 32 -9.42 26.25 8.77
C VAL E 32 -9.38 25.62 7.38
N ALA E 33 -8.73 26.25 6.44
CA ALA E 33 -8.65 25.68 5.07
C ALA E 33 -7.83 24.39 5.08
N TYR E 34 -6.89 24.28 5.98
CA TYR E 34 -6.05 23.05 6.05
C TYR E 34 -6.93 21.82 6.31
N GLY E 35 -7.79 21.90 7.29
CA GLY E 35 -8.69 20.74 7.60
C GLY E 35 -9.56 20.43 6.38
N VAL E 36 -9.97 21.44 5.66
CA VAL E 36 -10.83 21.20 4.46
C VAL E 36 -9.95 20.77 3.27
N ARG E 37 -8.72 21.22 3.24
CA ARG E 37 -7.81 20.84 2.11
C ARG E 37 -7.77 19.32 1.93
N GLU E 38 -7.96 18.57 3.00
CA GLU E 38 -7.93 17.09 2.89
C GLU E 38 -9.26 16.55 2.31
N SER E 39 -10.36 17.24 2.50
CA SER E 39 -11.67 16.74 1.95
C SER E 39 -12.56 17.88 1.43
N VAL E 40 -13.43 17.61 0.48
CA VAL E 40 -14.33 18.66 -0.08
C VAL E 40 -15.64 18.04 -0.64
N PHE E 41 -16.45 18.82 -1.32
CA PHE E 41 -17.73 18.28 -1.89
C PHE E 41 -17.78 18.48 -3.42
N THR E 42 -17.46 19.64 -3.92
CA THR E 42 -17.50 19.86 -5.40
C THR E 42 -16.70 18.76 -6.12
N VAL E 43 -17.35 18.00 -6.95
CA VAL E 43 -16.63 16.91 -7.68
C VAL E 43 -15.37 17.46 -8.35
N GLU E 44 -14.27 16.78 -8.22
CA GLU E 44 -12.99 17.29 -8.83
C GLU E 44 -12.61 16.46 -10.07
N GLY E 45 -11.78 15.46 -9.93
CA GLY E 45 -11.37 14.64 -11.10
C GLY E 45 -12.61 14.14 -11.86
N GLY E 46 -12.40 13.42 -12.93
CA GLY E 46 -13.56 12.90 -13.72
C GLY E 46 -14.44 12.02 -12.83
N HIS E 47 -15.39 12.60 -12.16
CA HIS E 47 -16.28 11.81 -11.27
C HIS E 47 -17.65 12.48 -11.16
N ARG E 48 -18.67 11.71 -10.89
CA ARG E 48 -20.06 12.25 -10.79
C ARG E 48 -20.49 12.41 -9.31
N ALA E 49 -21.42 13.30 -9.01
CA ALA E 49 -21.83 13.54 -7.56
C ALA E 49 -23.13 12.80 -7.18
N ILE E 50 -23.26 12.47 -5.91
CA ILE E 50 -24.46 11.73 -5.39
C ILE E 50 -24.98 12.43 -4.11
N PHE E 51 -26.26 12.34 -3.80
CA PHE E 51 -26.79 13.06 -2.57
C PHE E 51 -27.59 12.15 -1.62
N PHE E 52 -27.50 12.41 -0.34
CA PHE E 52 -28.27 11.60 0.66
C PHE E 52 -28.39 12.36 2.01
N ASN E 53 -29.42 12.10 2.77
CA ASN E 53 -29.62 12.81 4.08
C ASN E 53 -29.34 11.88 5.28
N ARG E 54 -28.93 12.44 6.42
CA ARG E 54 -28.65 11.58 7.63
C ARG E 54 -29.80 10.60 7.87
N ILE E 55 -31.02 11.08 7.79
CA ILE E 55 -32.19 10.18 8.03
C ILE E 55 -32.89 9.86 6.70
N GLY E 56 -33.31 8.64 6.52
CA GLY E 56 -33.99 8.27 5.24
C GLY E 56 -33.08 7.36 4.42
N GLY E 57 -33.37 7.20 3.16
CA GLY E 57 -32.52 6.33 2.30
C GLY E 57 -31.10 6.92 2.21
N VAL E 58 -30.11 6.09 2.08
CA VAL E 58 -28.71 6.60 1.98
C VAL E 58 -28.07 6.13 0.68
N GLN E 59 -27.06 6.83 0.23
CA GLN E 59 -26.38 6.43 -1.04
C GLN E 59 -24.95 5.98 -0.74
N GLN E 60 -24.25 5.49 -1.73
CA GLN E 60 -22.85 5.05 -1.50
C GLN E 60 -22.17 4.68 -2.82
N ASP E 61 -22.89 4.07 -3.72
CA ASP E 61 -22.28 3.67 -5.02
C ASP E 61 -23.04 4.31 -6.20
N THR E 62 -22.86 5.57 -6.43
CA THR E 62 -23.56 6.24 -7.56
C THR E 62 -22.70 7.39 -8.12
N ILE E 63 -23.20 8.12 -9.09
CA ILE E 63 -22.40 9.22 -9.69
C ILE E 63 -23.27 10.08 -10.66
N LEU E 64 -23.35 11.38 -10.43
CA LEU E 64 -24.14 12.30 -11.34
C LEU E 64 -23.18 13.25 -12.09
N ALA E 65 -23.45 13.54 -13.35
CA ALA E 65 -22.56 14.43 -14.19
C ALA E 65 -21.89 15.56 -13.37
N GLU E 66 -20.80 16.11 -13.88
CA GLU E 66 -20.08 17.21 -13.15
C GLU E 66 -20.89 18.49 -13.12
N GLY E 67 -20.72 19.26 -12.08
CA GLY E 67 -21.45 20.56 -11.94
C GLY E 67 -20.70 21.41 -10.92
N LEU E 68 -20.85 22.72 -10.95
CA LEU E 68 -20.12 23.54 -9.93
C LEU E 68 -21.07 23.80 -8.77
N HIS E 69 -20.84 23.14 -7.67
CA HIS E 69 -21.74 23.28 -6.49
C HIS E 69 -21.00 22.81 -5.22
N PHE E 70 -21.35 23.35 -4.08
CA PHE E 70 -20.68 22.91 -2.81
C PHE E 70 -21.70 22.36 -1.82
N ARG E 71 -21.34 21.34 -1.08
CA ARG E 71 -22.28 20.75 -0.09
C ARG E 71 -22.41 21.70 1.12
N ILE E 72 -21.88 21.34 2.26
CA ILE E 72 -21.97 22.21 3.47
C ILE E 72 -23.30 23.00 3.50
N PRO E 73 -24.40 22.30 3.27
CA PRO E 73 -25.71 22.94 3.25
C PRO E 73 -26.42 22.75 4.60
N TRP E 74 -26.96 21.59 4.84
CA TRP E 74 -27.67 21.32 6.13
C TRP E 74 -28.10 19.85 6.21
N PHE E 75 -28.38 19.23 5.09
CA PHE E 75 -28.82 17.81 5.14
C PHE E 75 -28.22 16.99 3.99
N GLN E 76 -27.21 17.49 3.31
CA GLN E 76 -26.59 16.71 2.20
C GLN E 76 -25.28 16.08 2.67
N TYR E 77 -24.89 14.97 2.09
CA TYR E 77 -23.65 14.29 2.53
C TYR E 77 -22.73 13.98 1.35
N PRO E 78 -21.45 13.85 1.64
CA PRO E 78 -20.47 13.55 0.59
C PRO E 78 -20.16 12.04 0.54
N ILE E 79 -20.64 11.39 -0.49
CA ILE E 79 -20.39 9.94 -0.70
C ILE E 79 -20.60 9.68 -2.20
N ILE E 80 -19.54 9.42 -2.93
CA ILE E 80 -19.68 9.25 -4.42
C ILE E 80 -18.94 8.00 -4.93
N TYR E 81 -19.34 7.50 -6.08
CA TYR E 81 -18.68 6.29 -6.65
C TYR E 81 -17.63 6.72 -7.69
N ASP E 82 -16.60 5.94 -7.88
CA ASP E 82 -15.53 6.33 -8.84
C ASP E 82 -14.77 5.10 -9.35
N ILE E 83 -14.22 5.18 -10.54
CA ILE E 83 -13.45 4.03 -11.12
C ILE E 83 -14.36 2.82 -11.33
N ARG E 84 -13.98 1.93 -12.21
CA ARG E 84 -14.83 0.73 -12.47
C ARG E 84 -13.97 -0.53 -12.64
N ALA E 85 -12.70 -0.47 -12.31
CA ALA E 85 -11.84 -1.68 -12.46
C ALA E 85 -12.37 -2.79 -11.55
N ARG E 86 -13.27 -3.59 -12.05
CA ARG E 86 -13.83 -4.68 -11.21
C ARG E 86 -13.23 -6.04 -11.59
N PRO E 87 -12.78 -6.78 -10.60
CA PRO E 87 -12.20 -8.11 -10.84
C PRO E 87 -13.26 -9.18 -10.58
N ARG E 88 -13.73 -9.82 -11.60
CA ARG E 88 -14.79 -10.86 -11.41
C ARG E 88 -14.78 -11.83 -12.62
N LYS E 89 -14.38 -13.07 -12.41
CA LYS E 89 -14.31 -14.08 -13.53
C LYS E 89 -14.90 -15.44 -13.09
N ILE E 90 -15.33 -16.25 -14.04
CA ILE E 90 -15.93 -17.58 -13.69
C ILE E 90 -14.95 -18.74 -13.87
N SER E 91 -15.17 -19.79 -13.13
CA SER E 91 -14.33 -21.01 -13.25
C SER E 91 -15.10 -22.19 -12.65
N SER E 92 -15.58 -23.09 -13.46
CA SER E 92 -16.35 -24.25 -12.92
C SER E 92 -16.42 -25.40 -13.95
N PRO E 93 -16.53 -26.61 -13.44
CA PRO E 93 -16.64 -27.78 -14.31
C PRO E 93 -18.11 -28.20 -14.43
N THR E 94 -18.70 -28.03 -15.58
CA THR E 94 -20.14 -28.40 -15.75
C THR E 94 -20.30 -29.59 -16.69
N GLY E 95 -21.26 -30.42 -16.43
CA GLY E 95 -21.50 -31.62 -17.30
C GLY E 95 -22.94 -32.09 -17.12
N SER E 96 -23.75 -31.95 -18.13
CA SER E 96 -25.18 -32.40 -18.01
C SER E 96 -25.83 -32.54 -19.39
N LYS E 97 -25.81 -31.50 -20.18
CA LYS E 97 -26.42 -31.57 -21.53
C LYS E 97 -25.76 -32.67 -22.37
N ASP E 98 -24.57 -33.09 -22.00
CA ASP E 98 -23.88 -34.16 -22.75
C ASP E 98 -23.31 -35.21 -21.80
N LEU E 99 -22.30 -35.93 -22.22
CA LEU E 99 -21.71 -36.97 -21.32
C LEU E 99 -20.22 -36.69 -21.10
N GLN E 100 -19.90 -35.55 -20.53
CA GLN E 100 -18.46 -35.22 -20.28
C GLN E 100 -18.35 -34.00 -19.36
N MET E 101 -17.16 -33.62 -18.99
CA MET E 101 -17.00 -32.44 -18.09
C MET E 101 -16.48 -31.23 -18.89
N VAL E 102 -17.30 -30.23 -19.05
CA VAL E 102 -16.86 -29.03 -19.81
C VAL E 102 -16.68 -27.85 -18.85
N ASN E 103 -15.79 -26.94 -19.16
CA ASN E 103 -15.57 -25.77 -18.27
C ASN E 103 -16.01 -24.48 -18.96
N ILE E 104 -17.07 -23.89 -18.50
CA ILE E 104 -17.55 -22.62 -19.12
C ILE E 104 -17.41 -21.48 -18.11
N SER E 105 -16.88 -20.37 -18.52
CA SER E 105 -16.71 -19.23 -17.56
C SER E 105 -16.70 -17.89 -18.30
N LEU E 106 -17.73 -17.10 -18.12
CA LEU E 106 -17.79 -15.78 -18.80
C LEU E 106 -17.49 -14.64 -17.83
N ARG E 107 -16.96 -13.54 -18.32
CA ARG E 107 -16.64 -12.40 -17.42
C ARG E 107 -17.61 -11.23 -17.69
N VAL E 108 -17.87 -10.41 -16.70
CA VAL E 108 -18.80 -9.26 -16.89
C VAL E 108 -18.06 -7.94 -16.65
N LEU E 109 -18.50 -6.87 -17.28
CA LEU E 109 -17.82 -5.55 -17.10
C LEU E 109 -18.74 -4.59 -16.34
N SER E 110 -18.17 -3.66 -15.62
CA SER E 110 -19.00 -2.68 -14.87
C SER E 110 -18.83 -1.28 -15.48
N ARG E 111 -19.85 -0.75 -16.10
CA ARG E 111 -19.74 0.60 -16.72
C ARG E 111 -20.70 1.58 -16.06
N PRO E 112 -20.18 2.71 -15.65
CA PRO E 112 -21.03 3.74 -14.99
C PRO E 112 -21.91 4.44 -16.03
N ASN E 113 -21.40 4.62 -17.23
CA ASN E 113 -22.20 5.30 -18.29
C ASN E 113 -22.69 6.67 -17.82
N ALA E 114 -23.30 7.43 -18.68
CA ALA E 114 -23.79 8.77 -18.28
C ALA E 114 -25.20 8.68 -17.67
N GLN E 115 -25.71 7.48 -17.51
CA GLN E 115 -27.07 7.33 -16.93
C GLN E 115 -27.08 7.82 -15.48
N GLU E 116 -28.23 7.85 -14.86
CA GLU E 116 -28.31 8.32 -13.45
C GLU E 116 -28.00 7.16 -12.49
N LEU E 117 -26.84 7.17 -11.90
CA LEU E 117 -26.48 6.08 -10.94
C LEU E 117 -27.48 6.04 -9.77
N PRO E 118 -27.81 7.19 -9.23
CA PRO E 118 -28.74 7.22 -8.07
C PRO E 118 -30.14 6.74 -8.47
N SER E 119 -30.52 6.87 -9.72
CA SER E 119 -31.88 6.38 -10.13
C SER E 119 -31.97 4.88 -9.91
N MET E 120 -31.13 4.13 -10.58
CA MET E 120 -31.15 2.65 -10.41
C MET E 120 -30.39 2.23 -9.15
N TYR E 121 -29.56 3.08 -8.61
CA TYR E 121 -28.78 2.70 -7.39
C TYR E 121 -29.67 2.05 -6.33
N GLN E 122 -30.61 2.77 -5.77
CA GLN E 122 -31.50 2.17 -4.73
C GLN E 122 -32.12 0.87 -5.25
N ARG E 123 -32.47 0.83 -6.52
CA ARG E 123 -33.07 -0.42 -7.08
C ARG E 123 -31.95 -1.43 -7.40
N LEU E 124 -30.73 -0.97 -7.52
CA LEU E 124 -29.60 -1.88 -7.82
C LEU E 124 -29.45 -2.93 -6.72
N GLY E 125 -29.83 -2.60 -5.52
CA GLY E 125 -29.71 -3.58 -4.40
C GLY E 125 -28.44 -3.29 -3.60
N LEU E 126 -28.38 -3.74 -2.38
CA LEU E 126 -27.16 -3.50 -1.55
C LEU E 126 -25.98 -4.30 -2.10
N ASP E 127 -26.03 -5.60 -1.99
CA ASP E 127 -24.91 -6.45 -2.51
C ASP E 127 -24.89 -6.39 -4.04
N TYR E 128 -24.25 -5.39 -4.59
CA TYR E 128 -24.19 -5.27 -6.08
C TYR E 128 -23.12 -6.22 -6.64
N GLU E 129 -21.88 -5.79 -6.66
CA GLU E 129 -20.80 -6.66 -7.20
C GLU E 129 -20.72 -7.98 -6.43
N GLU E 130 -21.27 -8.03 -5.24
CA GLU E 130 -21.22 -9.28 -4.44
C GLU E 130 -22.30 -10.29 -4.89
N ARG E 131 -23.55 -9.96 -4.67
CA ARG E 131 -24.65 -10.89 -5.05
C ARG E 131 -25.03 -10.79 -6.54
N VAL E 132 -25.47 -9.64 -6.97
CA VAL E 132 -25.90 -9.47 -8.40
C VAL E 132 -24.87 -10.02 -9.40
N LEU E 133 -23.62 -9.65 -9.26
CA LEU E 133 -22.59 -10.14 -10.24
C LEU E 133 -22.68 -11.66 -10.45
N PRO E 134 -22.43 -12.41 -9.40
CA PRO E 134 -22.49 -13.90 -9.51
C PRO E 134 -23.94 -14.38 -9.67
N SER E 135 -24.88 -13.60 -9.21
CA SER E 135 -26.31 -14.01 -9.31
C SER E 135 -26.78 -13.97 -10.78
N ILE E 136 -26.41 -12.96 -11.50
CA ILE E 136 -26.83 -12.85 -12.92
C ILE E 136 -25.95 -13.72 -13.82
N VAL E 137 -24.68 -13.80 -13.52
CA VAL E 137 -23.75 -14.63 -14.36
C VAL E 137 -23.96 -16.12 -14.08
N ASN E 138 -23.69 -16.55 -12.88
CA ASN E 138 -23.86 -18.00 -12.54
C ASN E 138 -25.24 -18.52 -12.97
N GLU E 139 -26.20 -17.65 -13.09
CA GLU E 139 -27.57 -18.10 -13.49
C GLU E 139 -27.64 -18.30 -15.01
N VAL E 140 -27.50 -17.25 -15.77
CA VAL E 140 -27.57 -17.39 -17.25
C VAL E 140 -26.39 -18.19 -17.78
N LEU E 141 -25.29 -18.19 -17.09
CA LEU E 141 -24.10 -18.95 -17.55
C LEU E 141 -24.33 -20.46 -17.41
N LYS E 142 -24.86 -20.88 -16.29
CA LYS E 142 -25.12 -22.34 -16.08
C LYS E 142 -26.41 -22.76 -16.79
N SER E 143 -27.30 -21.83 -17.05
CA SER E 143 -28.58 -22.19 -17.72
C SER E 143 -28.37 -22.33 -19.23
N VAL E 144 -27.60 -21.46 -19.83
CA VAL E 144 -27.36 -21.55 -21.30
C VAL E 144 -26.57 -22.82 -21.65
N VAL E 145 -25.66 -23.21 -20.81
CA VAL E 145 -24.84 -24.43 -21.10
C VAL E 145 -25.75 -25.66 -21.20
N ALA E 146 -26.55 -25.91 -20.20
CA ALA E 146 -27.46 -27.10 -20.23
C ALA E 146 -28.30 -27.12 -21.52
N LYS E 147 -28.47 -25.99 -22.15
CA LYS E 147 -29.28 -25.95 -23.41
C LYS E 147 -28.55 -26.66 -24.55
N PHE E 148 -27.44 -26.13 -24.99
CA PHE E 148 -26.69 -26.77 -26.12
C PHE E 148 -25.90 -27.98 -25.61
N ASN E 149 -25.13 -28.60 -26.47
CA ASN E 149 -24.34 -29.79 -26.05
C ASN E 149 -22.88 -29.39 -25.82
N ALA E 150 -22.05 -30.34 -25.44
CA ALA E 150 -20.61 -30.02 -25.21
C ALA E 150 -19.84 -29.96 -26.53
N SER E 151 -20.11 -30.89 -27.42
CA SER E 151 -19.39 -30.88 -28.73
C SER E 151 -19.63 -29.58 -29.48
N GLN E 152 -20.75 -28.95 -29.24
CA GLN E 152 -21.06 -27.66 -29.95
C GLN E 152 -20.33 -26.50 -29.26
N LEU E 153 -19.97 -26.65 -28.02
CA LEU E 153 -19.26 -25.54 -27.31
C LEU E 153 -17.78 -25.52 -27.68
N ILE E 154 -17.11 -26.65 -27.58
CA ILE E 154 -15.67 -26.70 -27.94
C ILE E 154 -15.45 -26.27 -29.40
N THR E 155 -16.46 -26.40 -30.21
CA THR E 155 -16.32 -26.01 -31.65
C THR E 155 -15.85 -24.55 -31.75
N GLN E 156 -16.38 -23.69 -30.93
CA GLN E 156 -15.97 -22.25 -30.97
C GLN E 156 -16.55 -21.51 -29.76
N ARG E 157 -15.73 -20.76 -29.07
CA ARG E 157 -16.23 -20.02 -27.88
C ARG E 157 -17.00 -18.76 -28.31
N ALA E 158 -17.06 -18.50 -29.60
CA ALA E 158 -17.79 -17.28 -30.08
C ALA E 158 -19.29 -17.54 -30.13
N GLN E 159 -19.71 -18.67 -30.66
CA GLN E 159 -21.17 -18.97 -30.73
C GLN E 159 -21.80 -18.88 -29.34
N VAL E 160 -21.25 -19.55 -28.37
CA VAL E 160 -21.83 -19.52 -26.99
C VAL E 160 -21.79 -18.08 -26.44
N SER E 161 -20.83 -17.29 -26.86
CA SER E 161 -20.74 -15.89 -26.36
C SER E 161 -21.87 -15.04 -26.96
N LEU E 162 -22.25 -15.34 -28.18
CA LEU E 162 -23.35 -14.54 -28.82
C LEU E 162 -24.70 -14.91 -28.20
N LEU E 163 -24.87 -16.14 -27.81
CA LEU E 163 -26.15 -16.56 -27.18
C LEU E 163 -26.21 -16.17 -25.71
N ILE E 164 -25.15 -16.40 -24.98
CA ILE E 164 -25.14 -16.05 -23.52
C ILE E 164 -25.26 -14.53 -23.32
N ARG E 165 -24.60 -13.75 -24.13
CA ARG E 165 -24.68 -12.27 -23.97
C ARG E 165 -26.11 -11.79 -24.26
N ARG E 166 -26.86 -12.54 -25.03
CA ARG E 166 -28.26 -12.13 -25.34
C ARG E 166 -29.07 -11.95 -24.05
N GLU E 167 -28.98 -12.89 -23.15
CA GLU E 167 -29.73 -12.77 -21.87
C GLU E 167 -28.99 -11.85 -20.90
N LEU E 168 -27.69 -11.82 -20.98
CA LEU E 168 -26.91 -10.94 -20.07
C LEU E 168 -27.11 -9.47 -20.43
N THR E 169 -27.14 -9.16 -21.70
CA THR E 169 -27.34 -7.75 -22.12
C THR E 169 -28.71 -7.24 -21.66
N GLU E 170 -29.69 -8.10 -21.62
CA GLU E 170 -31.04 -7.68 -21.16
C GLU E 170 -31.10 -7.61 -19.63
N ARG E 171 -30.45 -8.55 -18.97
CA ARG E 171 -30.47 -8.55 -17.48
C ARG E 171 -29.45 -7.53 -16.94
N ALA E 172 -28.46 -7.19 -17.72
CA ALA E 172 -27.43 -6.21 -17.25
C ALA E 172 -28.10 -4.89 -16.85
N LYS E 173 -28.74 -4.23 -17.78
CA LYS E 173 -29.42 -2.94 -17.44
C LYS E 173 -30.43 -3.13 -16.31
N ASP E 174 -30.87 -4.34 -16.09
CA ASP E 174 -31.86 -4.58 -14.99
C ASP E 174 -31.27 -4.17 -13.64
N PHE E 175 -29.97 -4.09 -13.54
CA PHE E 175 -29.34 -3.70 -12.24
C PHE E 175 -28.41 -2.51 -12.44
N SER E 176 -28.89 -1.45 -13.04
CA SER E 176 -28.03 -0.25 -13.25
C SER E 176 -26.72 -0.63 -13.94
N LEU E 177 -26.71 -1.72 -14.66
CA LEU E 177 -25.46 -2.14 -15.36
C LEU E 177 -25.65 -2.05 -16.88
N ILE E 178 -24.99 -1.12 -17.52
CA ILE E 178 -25.13 -0.99 -19.00
C ILE E 178 -23.76 -1.06 -19.67
N LEU E 179 -23.50 -2.14 -20.37
CA LEU E 179 -22.19 -2.27 -21.06
C LEU E 179 -22.28 -3.32 -22.17
N ASP E 180 -21.73 -3.05 -23.31
CA ASP E 180 -21.79 -4.04 -24.41
C ASP E 180 -20.44 -4.75 -24.51
N ASP E 181 -20.38 -6.00 -24.12
CA ASP E 181 -19.11 -6.75 -24.19
C ASP E 181 -19.38 -8.25 -24.15
N VAL E 182 -19.15 -8.94 -25.24
CA VAL E 182 -19.38 -10.41 -25.23
C VAL E 182 -18.04 -11.15 -25.25
N ALA E 183 -17.68 -11.76 -24.15
CA ALA E 183 -16.38 -12.47 -24.11
C ALA E 183 -16.37 -13.51 -22.97
N ILE E 184 -15.60 -14.55 -23.14
CA ILE E 184 -15.52 -15.60 -22.08
C ILE E 184 -14.12 -16.22 -22.11
N THR E 185 -13.35 -16.04 -21.07
CA THR E 185 -11.99 -16.65 -21.09
C THR E 185 -11.99 -17.93 -20.25
N GLU E 186 -12.06 -19.07 -20.89
CA GLU E 186 -12.04 -20.36 -20.14
C GLU E 186 -11.82 -21.52 -21.11
N LEU E 187 -10.92 -22.41 -20.81
CA LEU E 187 -10.74 -23.59 -21.72
C LEU E 187 -10.08 -24.75 -20.98
N SER E 188 -10.85 -25.74 -20.63
CA SER E 188 -10.29 -26.93 -19.93
C SER E 188 -11.29 -28.08 -19.96
N PHE E 189 -11.03 -29.12 -20.72
CA PHE E 189 -11.99 -30.25 -20.77
C PHE E 189 -11.31 -31.51 -21.29
N SER E 190 -11.61 -32.65 -20.72
CA SER E 190 -10.97 -33.92 -21.17
C SER E 190 -9.45 -33.78 -21.22
N MET F 1 -40.11 42.59 42.58
CA MET F 1 -39.09 43.32 41.77
C MET F 1 -37.94 42.38 41.38
N ALA F 2 -37.25 42.68 40.31
CA ALA F 2 -36.13 41.80 39.89
C ALA F 2 -35.06 42.62 39.14
N GLN F 3 -34.66 43.73 39.70
CA GLN F 3 -33.63 44.58 39.01
C GLN F 3 -32.24 43.99 39.23
N ASN F 4 -32.02 43.34 40.34
CA ASN F 4 -30.67 42.75 40.61
C ASN F 4 -30.41 41.58 39.66
N LEU F 5 -31.44 40.91 39.23
CA LEU F 5 -31.25 39.76 38.30
C LEU F 5 -30.94 40.28 36.89
N LYS F 6 -31.61 41.32 36.47
CA LYS F 6 -31.35 41.87 35.11
C LYS F 6 -29.91 42.40 35.02
N ASP F 7 -29.34 42.78 36.13
CA ASP F 7 -27.95 43.31 36.11
C ASP F 7 -26.98 42.23 35.59
N LEU F 8 -27.27 40.99 35.86
CA LEU F 8 -26.38 39.89 35.37
C LEU F 8 -26.36 39.87 33.84
N ALA F 9 -27.43 40.29 33.23
CA ALA F 9 -27.48 40.31 31.73
C ALA F 9 -26.74 41.52 31.19
N GLY F 10 -26.54 42.53 32.01
CA GLY F 10 -25.83 43.75 31.54
C GLY F 10 -24.46 43.37 30.95
N ARG F 11 -23.94 42.23 31.32
CA ARG F 11 -22.61 41.82 30.78
C ARG F 11 -22.71 41.49 29.28
N LEU F 12 -23.89 41.19 28.80
CA LEU F 12 -24.05 40.87 27.35
C LEU F 12 -23.80 42.12 26.48
N PRO F 13 -24.54 43.17 26.74
CA PRO F 13 -24.37 44.42 25.95
C PRO F 13 -23.02 45.06 26.26
N ALA F 14 -22.87 46.32 25.96
CA ALA F 14 -21.57 47.02 26.23
C ALA F 14 -20.45 46.35 25.42
N GLY F 15 -19.22 46.55 25.82
CA GLY F 15 -18.09 45.92 25.07
C GLY F 15 -16.83 45.92 25.94
N PRO F 16 -16.80 45.01 26.89
CA PRO F 16 -15.62 44.92 27.79
C PRO F 16 -14.43 44.29 27.05
N ARG F 17 -13.31 44.15 27.70
CA ARG F 17 -12.12 43.56 27.01
C ARG F 17 -12.25 42.02 26.97
N GLY F 18 -13.05 41.46 27.83
CA GLY F 18 -13.23 39.98 27.84
C GLY F 18 -13.90 39.54 26.54
N MET F 19 -14.74 40.38 25.98
CA MET F 19 -15.43 40.02 24.71
C MET F 19 -14.41 39.96 23.55
N GLY F 20 -13.41 40.80 23.60
CA GLY F 20 -12.39 40.79 22.52
C GLY F 20 -11.66 39.44 22.51
N THR F 21 -11.22 39.00 23.65
CA THR F 21 -10.50 37.68 23.72
C THR F 21 -11.40 36.57 23.18
N ALA F 22 -12.70 36.75 23.25
CA ALA F 22 -13.64 35.71 22.75
C ALA F 22 -13.29 35.32 21.31
N LEU F 23 -12.81 36.26 20.54
CA LEU F 23 -12.45 35.95 19.13
C LEU F 23 -11.39 34.85 19.09
N LYS F 24 -10.40 34.93 19.94
CA LYS F 24 -9.35 33.87 19.96
C LYS F 24 -9.99 32.48 20.10
N LEU F 25 -11.13 32.42 20.75
CA LEU F 25 -11.82 31.11 20.93
C LEU F 25 -12.44 30.66 19.61
N LEU F 26 -13.08 31.56 18.90
CA LEU F 26 -13.72 31.18 17.61
C LEU F 26 -12.66 30.66 16.63
N LEU F 27 -11.47 31.19 16.70
CA LEU F 27 -10.39 30.73 15.78
C LEU F 27 -9.84 29.37 16.24
N GLY F 28 -9.77 29.16 17.52
CA GLY F 28 -9.25 27.87 18.04
C GLY F 28 -10.23 26.74 17.70
N ALA F 29 -11.49 27.06 17.58
CA ALA F 29 -12.50 26.01 17.24
C ALA F 29 -12.20 25.40 15.88
N GLY F 30 -11.73 26.20 14.95
CA GLY F 30 -11.43 25.67 13.59
C GLY F 30 -10.25 24.69 13.67
N ALA F 31 -9.28 24.99 14.48
CA ALA F 31 -8.10 24.08 14.61
C ALA F 31 -8.51 22.78 15.32
N VAL F 32 -9.36 22.87 16.30
CA VAL F 32 -9.80 21.64 17.02
C VAL F 32 -10.65 20.76 16.11
N ALA F 33 -11.36 21.36 15.19
CA ALA F 33 -12.22 20.55 14.28
C ALA F 33 -11.35 19.67 13.37
N TYR F 34 -10.15 20.10 13.07
CA TYR F 34 -9.26 19.29 12.19
C TYR F 34 -9.07 17.89 12.78
N GLY F 35 -8.64 17.80 14.01
CA GLY F 35 -8.44 16.47 14.65
C GLY F 35 -9.72 15.64 14.54
N VAL F 36 -10.83 16.21 14.93
CA VAL F 36 -12.13 15.48 14.85
C VAL F 36 -12.45 15.15 13.39
N ARG F 37 -12.01 15.97 12.48
CA ARG F 37 -12.27 15.73 11.03
C ARG F 37 -11.66 14.39 10.59
N GLU F 38 -10.47 14.09 11.04
CA GLU F 38 -9.82 12.81 10.64
C GLU F 38 -10.68 11.61 11.08
N SER F 39 -11.45 11.73 12.14
CA SER F 39 -12.32 10.58 12.58
C SER F 39 -13.52 11.05 13.41
N VAL F 40 -14.67 10.42 13.24
CA VAL F 40 -15.89 10.82 14.02
C VAL F 40 -16.84 9.61 14.19
N PHE F 41 -17.87 9.73 15.02
CA PHE F 41 -18.82 8.57 15.21
C PHE F 41 -20.25 8.95 14.78
N THR F 42 -20.54 8.90 13.49
CA THR F 42 -21.94 9.21 13.03
C THR F 42 -22.39 8.22 11.96
N VAL F 43 -21.87 7.01 11.98
CA VAL F 43 -22.25 5.99 10.95
C VAL F 43 -22.25 6.64 9.57
N GLU F 44 -21.15 6.52 8.86
CA GLU F 44 -21.04 7.15 7.51
C GLU F 44 -20.96 6.11 6.38
N GLY F 45 -22.00 6.01 5.58
CA GLY F 45 -21.96 5.04 4.44
C GLY F 45 -23.18 4.10 4.50
N GLY F 46 -22.98 2.84 4.21
CA GLY F 46 -24.11 1.86 4.25
C GLY F 46 -23.70 0.66 5.11
N HIS F 47 -23.77 0.82 6.40
CA HIS F 47 -23.38 -0.29 7.34
C HIS F 47 -24.13 -0.14 8.66
N ARG F 48 -24.25 -1.20 9.41
CA ARG F 48 -25.01 -1.15 10.69
C ARG F 48 -24.06 -0.91 11.87
N ALA F 49 -24.54 -0.31 12.95
CA ALA F 49 -23.63 0.05 14.10
C ALA F 49 -23.67 -0.93 15.29
N ILE F 50 -22.61 -0.91 16.07
CA ILE F 50 -22.43 -1.83 17.25
C ILE F 50 -22.21 -1.04 18.55
N PHE F 51 -22.56 -1.59 19.70
CA PHE F 51 -22.37 -0.84 21.00
C PHE F 51 -21.57 -1.66 22.04
N PHE F 52 -20.62 -1.02 22.71
CA PHE F 52 -19.82 -1.72 23.77
C PHE F 52 -19.22 -0.67 24.72
N ASN F 53 -18.96 -1.02 25.96
CA ASN F 53 -18.38 -0.02 26.93
C ASN F 53 -17.09 -0.55 27.57
N ARG F 54 -16.20 0.34 27.97
CA ARG F 54 -14.92 -0.11 28.61
C ARG F 54 -15.21 -1.10 29.74
N ILE F 55 -14.21 -1.80 30.20
CA ILE F 55 -14.41 -2.78 31.31
C ILE F 55 -15.53 -3.78 30.96
N GLY F 56 -15.24 -4.71 30.08
CA GLY F 56 -16.29 -5.71 29.70
C GLY F 56 -16.62 -5.56 28.22
N GLY F 57 -16.48 -4.39 27.67
CA GLY F 57 -16.80 -4.19 26.24
C GLY F 57 -15.81 -4.98 25.37
N VAL F 58 -16.32 -5.74 24.42
CA VAL F 58 -15.41 -6.54 23.56
C VAL F 58 -15.17 -5.79 22.24
N GLN F 59 -16.22 -5.33 21.60
CA GLN F 59 -16.09 -4.57 20.31
C GLN F 59 -15.01 -5.19 19.41
N GLN F 60 -15.39 -6.03 18.50
CA GLN F 60 -14.38 -6.68 17.61
C GLN F 60 -14.83 -6.66 16.14
N ASP F 61 -14.63 -5.55 15.46
CA ASP F 61 -15.02 -5.47 14.01
C ASP F 61 -16.49 -5.86 13.80
N THR F 62 -17.37 -4.90 13.57
CA THR F 62 -18.82 -5.26 13.37
C THR F 62 -19.60 -4.15 12.58
N ILE F 63 -19.10 -3.77 11.40
CA ILE F 63 -19.74 -2.73 10.47
C ILE F 63 -20.45 -1.53 11.15
N LEU F 64 -20.64 -0.43 10.39
CA LEU F 64 -21.36 0.80 10.91
C LEU F 64 -21.28 2.00 9.94
N ALA F 65 -22.41 2.45 9.38
CA ALA F 65 -22.38 3.66 8.48
C ALA F 65 -23.74 3.95 7.80
N GLU F 66 -24.44 5.00 8.22
CA GLU F 66 -25.76 5.37 7.58
C GLU F 66 -26.46 6.54 8.32
N GLY F 67 -26.57 6.48 9.62
CA GLY F 67 -27.26 7.56 10.40
C GLY F 67 -26.29 8.17 11.41
N LEU F 68 -26.51 9.37 11.89
CA LEU F 68 -25.53 9.94 12.87
C LEU F 68 -26.00 9.71 14.32
N HIS F 69 -25.42 8.72 14.99
CA HIS F 69 -25.77 8.43 16.42
C HIS F 69 -24.77 7.45 17.03
N PHE F 70 -23.89 7.88 17.92
CA PHE F 70 -22.93 6.90 18.58
C PHE F 70 -21.73 7.63 19.19
N ARG F 71 -21.05 6.97 20.10
CA ARG F 71 -19.85 7.57 20.76
C ARG F 71 -20.17 8.95 21.34
N ILE F 72 -21.43 9.19 21.65
CA ILE F 72 -21.81 10.52 22.22
C ILE F 72 -21.64 10.51 23.75
N PRO F 73 -22.13 9.47 24.41
CA PRO F 73 -22.00 9.40 25.89
C PRO F 73 -20.58 9.00 26.28
N TRP F 74 -20.39 8.57 27.50
CA TRP F 74 -19.02 8.17 27.95
C TRP F 74 -18.98 6.68 28.32
N PHE F 75 -20.11 6.02 28.33
CA PHE F 75 -20.11 4.56 28.66
C PHE F 75 -20.49 3.73 27.43
N GLN F 76 -20.24 4.24 26.25
CA GLN F 76 -20.57 3.48 25.02
C GLN F 76 -19.44 3.63 23.99
N TYR F 77 -19.25 2.64 23.16
CA TYR F 77 -18.16 2.72 22.14
C TYR F 77 -18.50 1.85 20.93
N PRO F 78 -18.51 2.44 19.77
CA PRO F 78 -18.83 1.70 18.55
C PRO F 78 -17.55 1.28 17.80
N ILE F 79 -17.25 0.01 17.81
CA ILE F 79 -16.07 -0.49 17.05
C ILE F 79 -16.67 -1.23 15.84
N ILE F 80 -16.51 -0.71 14.66
CA ILE F 80 -17.17 -1.35 13.46
C ILE F 80 -16.15 -1.83 12.43
N TYR F 81 -16.54 -2.84 11.70
CA TYR F 81 -15.67 -3.44 10.63
C TYR F 81 -16.12 -2.95 9.24
N ASP F 82 -15.23 -2.89 8.30
CA ASP F 82 -15.63 -2.44 6.93
C ASP F 82 -15.60 -3.62 5.95
N ILE F 83 -16.56 -3.71 5.08
CA ILE F 83 -16.60 -4.85 4.12
C ILE F 83 -15.33 -4.90 3.26
N ARG F 84 -15.01 -6.04 2.73
CA ARG F 84 -13.79 -6.19 1.88
C ARG F 84 -13.73 -7.58 1.26
N ALA F 85 -13.10 -7.72 0.13
CA ALA F 85 -13.01 -9.07 -0.52
C ALA F 85 -12.30 -10.06 0.41
N ARG F 86 -12.41 -11.33 0.12
CA ARG F 86 -11.75 -12.35 0.99
C ARG F 86 -11.53 -13.66 0.23
N PRO F 87 -10.29 -13.97 -0.06
CA PRO F 87 -9.95 -15.20 -0.78
C PRO F 87 -9.51 -16.28 0.21
N ARG F 88 -10.26 -17.34 0.35
CA ARG F 88 -9.89 -18.40 1.31
C ARG F 88 -10.29 -19.81 0.75
N LYS F 89 -9.32 -20.61 0.35
CA LYS F 89 -9.63 -21.99 -0.23
C LYS F 89 -8.40 -22.93 -0.14
N ILE F 90 -8.60 -24.24 -0.09
CA ILE F 90 -7.42 -25.19 0.00
C ILE F 90 -7.62 -26.46 -0.82
N SER F 91 -6.53 -27.05 -1.24
CA SER F 91 -6.59 -28.34 -2.00
C SER F 91 -6.12 -29.46 -1.06
N SER F 92 -7.01 -30.34 -0.65
CA SER F 92 -6.58 -31.42 0.29
C SER F 92 -6.98 -32.81 -0.23
N PRO F 93 -6.19 -33.80 0.12
CA PRO F 93 -6.45 -35.18 -0.28
C PRO F 93 -7.12 -35.95 0.86
N THR F 94 -7.93 -36.92 0.55
CA THR F 94 -8.61 -37.70 1.63
C THR F 94 -9.04 -39.08 1.10
N GLY F 95 -9.11 -40.05 1.96
CA GLY F 95 -9.53 -41.41 1.51
C GLY F 95 -10.46 -42.03 2.55
N SER F 96 -11.71 -42.21 2.22
CA SER F 96 -12.67 -42.81 3.18
C SER F 96 -13.94 -43.27 2.45
N LYS F 97 -13.77 -44.02 1.39
CA LYS F 97 -14.97 -44.51 0.62
C LYS F 97 -14.52 -45.39 -0.56
N ASP F 98 -13.38 -45.10 -1.13
CA ASP F 98 -12.90 -45.92 -2.28
C ASP F 98 -11.52 -46.53 -1.96
N LEU F 99 -10.91 -47.16 -2.92
CA LEU F 99 -9.56 -47.76 -2.68
C LEU F 99 -8.47 -46.89 -3.30
N GLN F 100 -8.48 -45.62 -3.00
CA GLN F 100 -7.44 -44.71 -3.57
C GLN F 100 -7.43 -43.38 -2.81
N MET F 101 -6.78 -42.39 -3.36
CA MET F 101 -6.73 -41.06 -2.67
C MET F 101 -7.38 -39.98 -3.55
N VAL F 102 -8.47 -39.42 -3.10
CA VAL F 102 -9.15 -38.37 -3.91
C VAL F 102 -8.85 -36.98 -3.33
N ASN F 103 -8.60 -36.02 -4.17
CA ASN F 103 -8.28 -34.65 -3.67
C ASN F 103 -9.51 -33.74 -3.83
N ILE F 104 -9.90 -33.09 -2.77
CA ILE F 104 -11.09 -32.19 -2.84
C ILE F 104 -10.70 -30.77 -2.43
N SER F 105 -11.25 -29.78 -3.07
CA SER F 105 -10.92 -28.37 -2.72
C SER F 105 -12.13 -27.48 -2.96
N LEU F 106 -12.40 -26.56 -2.08
CA LEU F 106 -13.58 -25.66 -2.27
C LEU F 106 -13.37 -24.33 -1.54
N ARG F 107 -13.99 -23.28 -2.02
CA ARG F 107 -13.82 -21.94 -1.37
C ARG F 107 -15.05 -21.61 -0.53
N VAL F 108 -14.87 -20.83 0.50
CA VAL F 108 -16.04 -20.45 1.36
C VAL F 108 -16.28 -18.94 1.28
N LEU F 109 -17.50 -18.52 1.47
CA LEU F 109 -17.81 -17.05 1.40
C LEU F 109 -18.45 -16.57 2.70
N SER F 110 -18.26 -15.32 3.03
CA SER F 110 -18.86 -14.76 4.29
C SER F 110 -19.64 -13.48 3.95
N ARG F 111 -20.93 -13.48 4.16
CA ARG F 111 -21.74 -12.28 3.84
C ARG F 111 -22.50 -11.79 5.08
N PRO F 112 -22.65 -10.49 5.19
CA PRO F 112 -23.38 -9.90 6.33
C PRO F 112 -24.90 -10.04 6.12
N ASN F 113 -25.32 -10.46 4.94
CA ASN F 113 -26.77 -10.62 4.68
C ASN F 113 -27.43 -11.49 5.76
N ALA F 114 -28.48 -11.00 6.37
CA ALA F 114 -29.17 -11.79 7.43
C ALA F 114 -28.17 -12.19 8.53
N GLN F 115 -27.07 -11.49 8.63
CA GLN F 115 -26.06 -11.83 9.67
C GLN F 115 -25.54 -10.55 10.32
N GLU F 116 -26.26 -10.05 11.30
CA GLU F 116 -25.81 -8.80 11.98
C GLU F 116 -24.43 -9.01 12.62
N LEU F 117 -23.64 -7.97 12.68
CA LEU F 117 -22.28 -8.09 13.28
C LEU F 117 -22.33 -8.04 14.83
N PRO F 118 -23.33 -7.40 15.41
CA PRO F 118 -23.39 -7.32 16.89
C PRO F 118 -23.66 -8.68 17.53
N SER F 119 -24.82 -9.26 17.36
CA SER F 119 -25.08 -10.60 18.01
C SER F 119 -23.95 -11.56 17.65
N MET F 120 -23.29 -11.34 16.54
CA MET F 120 -22.17 -12.23 16.14
C MET F 120 -20.88 -11.82 16.87
N TYR F 121 -20.81 -10.61 17.37
CA TYR F 121 -19.58 -10.17 18.09
C TYR F 121 -19.22 -11.16 19.21
N GLN F 122 -20.15 -11.45 20.09
CA GLN F 122 -19.87 -12.41 21.19
C GLN F 122 -20.00 -13.86 20.71
N ARG F 123 -20.92 -14.10 19.80
CA ARG F 123 -21.10 -15.50 19.29
C ARG F 123 -20.05 -15.83 18.24
N LEU F 124 -20.04 -15.12 17.14
CA LEU F 124 -19.04 -15.39 16.07
C LEU F 124 -17.62 -15.33 16.63
N GLY F 125 -17.30 -14.31 17.37
CA GLY F 125 -15.93 -14.19 17.93
C GLY F 125 -14.95 -13.90 16.80
N LEU F 126 -14.96 -12.70 16.29
CA LEU F 126 -14.04 -12.34 15.17
C LEU F 126 -12.59 -12.37 15.63
N ASP F 127 -11.70 -11.82 14.84
CA ASP F 127 -10.23 -11.81 15.19
C ASP F 127 -9.59 -13.17 14.89
N TYR F 128 -10.38 -14.16 14.55
CA TYR F 128 -9.81 -15.50 14.22
C TYR F 128 -10.85 -16.35 13.51
N GLU F 129 -11.58 -15.78 12.59
CA GLU F 129 -12.62 -16.55 11.84
C GLU F 129 -11.98 -17.79 11.19
N GLU F 130 -10.70 -17.75 10.95
CA GLU F 130 -10.00 -18.91 10.32
C GLU F 130 -10.35 -20.23 11.03
N ARG F 131 -10.82 -20.17 12.24
CA ARG F 131 -11.16 -21.42 12.98
C ARG F 131 -12.51 -21.99 12.52
N VAL F 132 -13.56 -21.21 12.62
CA VAL F 132 -14.90 -21.72 12.20
C VAL F 132 -15.09 -21.65 10.68
N LEU F 133 -14.37 -20.78 10.01
CA LEU F 133 -14.54 -20.69 8.52
C LEU F 133 -14.34 -22.06 7.86
N PRO F 134 -13.19 -22.64 8.07
CA PRO F 134 -12.91 -23.97 7.47
C PRO F 134 -13.58 -25.07 8.28
N SER F 135 -13.51 -25.01 9.59
CA SER F 135 -14.13 -26.07 10.45
C SER F 135 -15.55 -26.38 9.99
N ILE F 136 -16.24 -25.42 9.43
CA ILE F 136 -17.64 -25.67 8.96
C ILE F 136 -17.61 -26.38 7.60
N VAL F 137 -16.81 -25.90 6.68
CA VAL F 137 -16.74 -26.54 5.34
C VAL F 137 -15.84 -27.79 5.39
N ASN F 138 -14.65 -27.66 5.92
CA ASN F 138 -13.72 -28.83 5.98
C ASN F 138 -14.41 -30.05 6.61
N GLU F 139 -15.10 -29.85 7.71
CA GLU F 139 -15.79 -30.99 8.38
C GLU F 139 -16.79 -31.65 7.42
N VAL F 140 -17.81 -30.94 7.02
CA VAL F 140 -18.81 -31.53 6.08
C VAL F 140 -18.14 -31.94 4.77
N LEU F 141 -17.27 -31.12 4.26
CA LEU F 141 -16.58 -31.45 2.98
C LEU F 141 -15.90 -32.82 3.09
N LYS F 142 -15.04 -32.99 4.06
CA LYS F 142 -14.36 -34.32 4.23
C LYS F 142 -15.38 -35.41 4.51
N SER F 143 -16.50 -35.07 5.08
CA SER F 143 -17.54 -36.09 5.38
C SER F 143 -18.34 -36.43 4.14
N VAL F 144 -18.70 -35.45 3.35
CA VAL F 144 -19.49 -35.72 2.11
C VAL F 144 -18.74 -36.70 1.21
N VAL F 145 -17.50 -36.41 0.88
CA VAL F 145 -16.73 -37.33 -0.01
C VAL F 145 -16.62 -38.72 0.64
N ALA F 146 -16.73 -38.79 1.94
CA ALA F 146 -16.65 -40.11 2.63
C ALA F 146 -17.88 -40.95 2.31
N LYS F 147 -18.99 -40.32 2.05
CA LYS F 147 -20.23 -41.09 1.73
C LYS F 147 -20.20 -41.55 0.27
N PHE F 148 -20.04 -40.64 -0.65
CA PHE F 148 -20.01 -41.02 -2.09
C PHE F 148 -18.75 -41.83 -2.40
N ASN F 149 -18.46 -42.04 -3.65
CA ASN F 149 -17.25 -42.82 -4.03
C ASN F 149 -16.23 -41.92 -4.73
N ALA F 150 -15.07 -42.45 -5.06
CA ALA F 150 -14.03 -41.63 -5.74
C ALA F 150 -14.34 -41.51 -7.24
N SER F 151 -14.70 -42.60 -7.87
CA SER F 151 -15.01 -42.56 -9.33
C SER F 151 -16.17 -41.59 -9.60
N GLN F 152 -17.02 -41.38 -8.62
CA GLN F 152 -18.17 -40.44 -8.82
C GLN F 152 -17.70 -38.99 -8.66
N LEU F 153 -16.72 -38.76 -7.83
CA LEU F 153 -16.22 -37.37 -7.62
C LEU F 153 -15.30 -36.96 -8.77
N ILE F 154 -14.52 -37.87 -9.28
CA ILE F 154 -13.61 -37.53 -10.41
C ILE F 154 -14.41 -37.21 -11.67
N THR F 155 -15.56 -37.81 -11.81
CA THR F 155 -16.40 -37.54 -13.03
C THR F 155 -16.79 -36.06 -13.08
N GLN F 156 -17.35 -35.55 -12.01
CA GLN F 156 -17.76 -34.12 -11.99
C GLN F 156 -17.50 -33.51 -10.61
N ARG F 157 -16.45 -32.73 -10.48
CA ARG F 157 -16.15 -32.11 -9.15
C ARG F 157 -17.32 -31.24 -8.70
N ALA F 158 -18.16 -30.81 -9.61
CA ALA F 158 -19.32 -29.96 -9.24
C ALA F 158 -20.48 -30.82 -8.71
N GLN F 159 -20.57 -32.06 -9.15
CA GLN F 159 -21.68 -32.94 -8.68
C GLN F 159 -21.69 -33.02 -7.15
N VAL F 160 -20.58 -33.38 -6.56
CA VAL F 160 -20.53 -33.48 -5.07
C VAL F 160 -20.94 -32.15 -4.44
N SER F 161 -20.78 -31.06 -5.15
CA SER F 161 -21.17 -29.73 -4.60
C SER F 161 -22.68 -29.64 -4.40
N LEU F 162 -23.43 -30.46 -5.11
CA LEU F 162 -24.91 -30.41 -4.97
C LEU F 162 -25.35 -30.91 -3.58
N LEU F 163 -24.64 -31.86 -3.05
CA LEU F 163 -25.00 -32.39 -1.70
C LEU F 163 -24.48 -31.48 -0.59
N ILE F 164 -23.22 -31.13 -0.62
CA ILE F 164 -22.65 -30.26 0.44
C ILE F 164 -23.30 -28.87 0.44
N ARG F 165 -23.55 -28.32 -0.72
CA ARG F 165 -24.17 -26.96 -0.79
C ARG F 165 -25.44 -26.90 0.09
N ARG F 166 -26.11 -28.00 0.25
CA ARG F 166 -27.34 -28.01 1.11
C ARG F 166 -26.96 -28.10 2.58
N GLU F 167 -25.96 -28.87 2.92
CA GLU F 167 -25.55 -29.01 4.34
C GLU F 167 -24.69 -27.81 4.76
N LEU F 168 -23.94 -27.26 3.85
CA LEU F 168 -23.08 -26.08 4.19
C LEU F 168 -23.94 -24.93 4.70
N THR F 169 -25.00 -24.62 4.02
CA THR F 169 -25.88 -23.51 4.47
C THR F 169 -26.46 -23.79 5.86
N GLU F 170 -26.52 -25.04 6.24
CA GLU F 170 -27.06 -25.39 7.59
C GLU F 170 -26.01 -25.11 8.67
N ARG F 171 -24.89 -25.79 8.61
CA ARG F 171 -23.83 -25.57 9.64
C ARG F 171 -23.31 -24.13 9.57
N ALA F 172 -23.33 -23.55 8.40
CA ALA F 172 -22.83 -22.14 8.26
C ALA F 172 -23.71 -21.19 9.09
N LYS F 173 -25.00 -21.24 8.92
CA LYS F 173 -25.90 -20.35 9.69
C LYS F 173 -26.05 -20.86 11.13
N ASP F 174 -25.85 -22.13 11.35
CA ASP F 174 -25.97 -22.70 12.72
C ASP F 174 -25.02 -21.98 13.68
N PHE F 175 -23.81 -21.75 13.26
CA PHE F 175 -22.83 -21.04 14.15
C PHE F 175 -23.21 -19.57 14.29
N SER F 176 -22.80 -18.74 13.35
CA SER F 176 -23.15 -17.29 13.43
C SER F 176 -22.68 -16.56 12.17
N LEU F 177 -23.03 -17.06 11.01
CA LEU F 177 -22.62 -16.39 9.75
C LEU F 177 -23.54 -16.79 8.60
N ILE F 178 -23.89 -15.85 7.76
CA ILE F 178 -24.78 -16.17 6.60
C ILE F 178 -24.05 -15.91 5.29
N LEU F 179 -24.00 -16.89 4.43
CA LEU F 179 -23.31 -16.71 3.12
C LEU F 179 -23.82 -17.74 2.11
N ASP F 180 -24.42 -17.29 1.04
CA ASP F 180 -24.92 -18.27 0.03
C ASP F 180 -23.96 -18.31 -1.16
N ASP F 181 -23.21 -19.37 -1.25
CA ASP F 181 -22.23 -19.50 -2.38
C ASP F 181 -21.83 -20.98 -2.51
N VAL F 182 -22.24 -21.64 -3.57
CA VAL F 182 -21.87 -23.08 -3.71
C VAL F 182 -21.03 -23.33 -4.97
N ALA F 183 -19.77 -23.63 -4.79
CA ALA F 183 -18.89 -23.89 -5.95
C ALA F 183 -17.63 -24.64 -5.49
N ILE F 184 -17.02 -25.39 -6.36
CA ILE F 184 -15.81 -26.14 -5.93
C ILE F 184 -14.76 -26.21 -7.05
N THR F 185 -13.62 -25.61 -6.85
CA THR F 185 -12.52 -25.72 -7.86
C THR F 185 -11.57 -26.77 -7.31
N GLU F 186 -11.53 -27.93 -7.91
CA GLU F 186 -10.66 -29.00 -7.34
C GLU F 186 -10.29 -30.06 -8.36
N LEU F 187 -9.15 -30.66 -8.15
CA LEU F 187 -8.69 -31.76 -9.04
C LEU F 187 -8.39 -32.97 -8.14
N SER F 188 -8.80 -34.14 -8.53
CA SER F 188 -8.57 -35.33 -7.66
C SER F 188 -7.40 -36.16 -8.15
N PHE F 189 -6.75 -36.87 -7.25
CA PHE F 189 -5.59 -37.72 -7.65
C PHE F 189 -6.01 -39.18 -7.74
N SER F 190 -5.35 -39.95 -8.56
CA SER F 190 -5.72 -41.39 -8.71
C SER F 190 -4.61 -42.15 -9.45
#